data_6R21
#
_entry.id   6R21
#
_cell.length_a   1.000
_cell.length_b   1.000
_cell.length_c   1.000
_cell.angle_alpha   90.00
_cell.angle_beta   90.00
_cell.angle_gamma   90.00
#
_symmetry.space_group_name_H-M   'P 1'
#
loop_
_entity.id
_entity.type
_entity.pdbx_description
1 polymer 'Portal protein'
2 polymer 'Tail tubular protein gp11'
3 polymer 'Tail tubular protein gp12'
#
loop_
_entity_poly.entity_id
_entity_poly.type
_entity_poly.pdbx_seq_one_letter_code
_entity_poly.pdbx_strand_id
1 'polypeptide(L)'
;MAEKRTGLAEDGAKSVYERLKNDRAPYETRAQNCAQYTIPSLFPKDSDNASTDYQTPWQAVGARGLNNLASKLMLALFPM
QTWMRLTISEYEAKQLLSDPDGLAKVDEGLSMVERIIMNYIESNSYRVTLFEALKQLVVAGNVLLYLPEPEGSNYNPMKL
YRLSSYVVQRDAFGNVLQMVTRDQIAFGALPEDIRKAVEGQGGEKKADETIDVYTHIYLDEDSGEYLRYEEVEGMEVQGS
DGTYPKEACPYIPIRMVRLDGESYGRSYIEEYLGDLRSLENLQEAIVKMSMISSKVIGLVNPAGITQPRRLTKAQTGDFV
TGRPEDISFLQLEKQADFTVAKAVSDAIEARLSFAFMLNSAVQRTGERVTAEEIRYVASELEDTLGGVYSILSQELQLPL
VRVLLKQLQATQQIPELPKEAVEPTISTGLEAIGRGQDLDKLERCVTAWAALAPMRDDPDINLAMIKLRIANAIGIDTSG
ILLTEEQKQQKMAQQSMQMGMDNGAAALAQGMAAQATASPEAMAAAADSVGLQPGI
;
A,B,C,D,E,F,G,H,I,J,K,L
2 'polypeptide(L)'
;MRGSHHHHHHGMASMTGGNNMGRDLYDDDDKDPSSMRSYDMNVETAAELSAVNDILASIGEPPVSTLEGDANADAANARR
ILNKINRQIQSRGWTFNIEEGITLLPDVYSNLIVYSDDYLSLMSTSGQSIYVNRGGYVYDRTSQSDRFDSGITVNIIRLR
DYDEMPECFRYWIVTKASRQFNNRFFGAPEVEGVLQEEEDEARRLCMEYEMDYGGYNMLDGDAFTSGLLTR
;
M,N,O,P,Q,R,S,T,U,V,W,X
3 'polypeptide(L)'
;MALISQSIKNLKGGISQQPDILRYPDQGSRQVNGWSSETEGLQKRPPLVFLNTLGDNGALGQAPYIHLINRDEHEQYYAV
FTGSGIRVFDLSGNEKQVRYPNGSNYIKTANPRNDLRMVTVADYTFIVNRNVVAQKNTKSVNLPNYNPNQDGLINVRGGQ
YGRELIVHINGKDVAKYKIPDGSQPEHVNNTDAQWLAEELAKQMRTNLSDWTVNVGQGFIHVTAPSGQQIDSFTTKDGYA
DQLINPVTHYAQSFSKLPPNAPNGYMVKIVGDASKSADQYYVRYDAERKVWTETLGWNTEDQVLWETMPHALVRAADGNF
DFKWLEWSPKSCGDVDTNPWPSFVGSSINDVFFFRNRLGFLSGENIILSRTAKYFNFYPASIANLSDDDPIDVAVSTNRI
AILKYAVPFSEELLIWSDEAQFVLTASGTLTSKSVELNLTTQFDVQDRARPFGIGRNVYFASPRSSFTSIHRYYAVQDVS
SVKNAEDITSHVPNYIPNGVFSICGSGTENFCSVLSHGDPSKIFMYKFLYLNEELRQQSWSHWDFGENVQVLACQSISSD
MYVILRNEFNTFLARISFTKNAIDLQGEPYRAFMDMKIRYTIPSGTYNDDTFTTSIHIPTIYGANFGRGKITVLEPDGKI
TVFEQPTAGWNSDPWLRLSGNLEGRMVYIGFNINFVYEFSKFLIKQTADDGSTSTEDIGRLQLRRAWVNYENSGTFDIYV
ENQSSNWKYTMAGARLGSNTLRAGRLNLGTGQYRFPVVGNAKFNTVYILSDETTPLNIIGCGWEGNYLRRSSGI
;
a,b,c,d,e,f
#
# COMPACT_ATOMS: atom_id res chain seq x y z
N GLU A 3 76.06 58.32 -59.74
CA GLU A 3 76.90 57.43 -58.89
C GLU A 3 76.39 57.45 -57.46
N LYS A 4 75.44 58.34 -57.19
CA LYS A 4 74.67 58.28 -55.96
C LYS A 4 73.20 58.02 -56.27
N ARG A 5 72.62 57.00 -55.65
CA ARG A 5 71.22 56.69 -55.78
C ARG A 5 70.38 57.72 -55.07
N THR A 6 69.48 58.34 -55.81
CA THR A 6 68.63 59.39 -55.26
C THR A 6 67.19 58.95 -55.40
N GLY A 7 66.26 59.84 -55.11
CA GLY A 7 64.86 59.50 -55.29
C GLY A 7 64.42 58.55 -54.21
N LEU A 8 63.79 57.45 -54.61
CA LEU A 8 63.18 56.54 -53.66
C LEU A 8 64.19 55.65 -52.99
N ALA A 9 65.37 55.54 -53.60
CA ALA A 9 66.40 54.62 -53.13
C ALA A 9 67.48 55.37 -52.37
N GLU A 10 67.07 56.32 -51.54
CA GLU A 10 67.98 57.28 -50.94
C GLU A 10 68.89 56.64 -49.91
N ASP A 11 68.41 55.61 -49.23
CA ASP A 11 69.23 55.02 -48.20
C ASP A 11 69.63 53.55 -48.32
N GLY A 12 69.80 53.04 -49.52
CA GLY A 12 70.21 51.62 -49.71
C GLY A 12 69.04 50.65 -49.53
N ALA A 13 69.26 49.41 -49.87
CA ALA A 13 68.20 48.41 -49.93
C ALA A 13 67.85 47.79 -48.59
N LYS A 14 68.84 47.56 -47.77
CA LYS A 14 68.61 47.04 -46.44
C LYS A 14 67.79 47.98 -45.58
N SER A 15 68.01 49.28 -45.72
CA SER A 15 67.25 50.26 -45.00
C SER A 15 65.80 50.27 -45.42
N VAL A 16 65.55 50.22 -46.71
CA VAL A 16 64.21 50.23 -47.20
C VAL A 16 63.50 48.95 -46.76
N TYR A 17 64.22 47.84 -46.80
CA TYR A 17 63.66 46.55 -46.43
C TYR A 17 63.25 46.52 -44.95
N GLU A 18 64.14 46.98 -44.09
CA GLU A 18 63.81 47.01 -42.68
C GLU A 18 62.75 48.03 -42.37
N ARG A 19 62.63 49.07 -43.19
CA ARG A 19 61.56 50.06 -42.93
C ARG A 19 60.20 49.53 -43.34
N LEU A 20 60.13 48.77 -44.42
CA LEU A 20 58.87 48.29 -44.89
C LEU A 20 58.47 46.94 -44.27
N LYS A 21 59.38 46.30 -43.52
CA LYS A 21 59.06 45.06 -42.88
C LYS A 21 57.91 45.21 -41.87
N ASN A 22 57.81 46.38 -41.24
CA ASN A 22 56.74 46.64 -40.30
C ASN A 22 55.37 46.56 -40.95
N ASP A 23 55.23 47.16 -42.12
CA ASP A 23 53.97 47.06 -42.82
C ASP A 23 53.82 45.72 -43.49
N ARG A 24 54.89 44.96 -43.66
CA ARG A 24 54.72 43.61 -44.16
C ARG A 24 54.12 42.74 -43.12
N ALA A 25 54.49 42.93 -41.88
CA ALA A 25 54.24 41.97 -40.78
C ALA A 25 52.83 41.36 -40.59
N PRO A 26 51.76 42.15 -40.70
CA PRO A 26 50.50 41.55 -40.42
C PRO A 26 50.07 40.53 -41.44
N TYR A 27 50.45 40.71 -42.69
CA TYR A 27 50.16 39.74 -43.69
C TYR A 27 50.88 38.45 -43.37
N GLU A 28 52.07 38.58 -42.82
CA GLU A 28 52.83 37.40 -42.44
C GLU A 28 52.15 36.67 -41.27
N THR A 29 51.55 37.43 -40.36
CA THR A 29 50.84 36.83 -39.26
C THR A 29 49.64 36.07 -39.74
N ARG A 30 48.92 36.66 -40.69
CA ARG A 30 47.77 35.97 -41.31
C ARG A 30 48.24 34.72 -41.98
N ALA A 31 49.38 34.78 -42.64
CA ALA A 31 49.91 33.61 -43.31
C ALA A 31 50.19 32.50 -42.31
N GLN A 32 50.72 32.87 -41.16
CA GLN A 32 51.03 31.86 -40.20
C GLN A 32 49.78 31.21 -39.68
N ASN A 33 48.75 31.99 -39.45
CA ASN A 33 47.51 31.44 -38.93
C ASN A 33 46.86 30.51 -39.96
N CYS A 34 46.80 30.94 -41.22
CA CYS A 34 46.21 30.13 -42.23
C CYS A 34 47.00 28.82 -42.42
N ALA A 35 48.27 28.92 -42.25
CA ALA A 35 49.10 27.74 -42.34
C ALA A 35 48.84 26.81 -41.15
N GLN A 36 48.60 27.36 -39.97
CA GLN A 36 48.40 26.53 -38.80
C GLN A 36 47.13 25.80 -38.87
N TYR A 37 46.19 26.32 -39.64
CA TYR A 37 44.91 25.58 -39.76
C TYR A 37 44.87 24.74 -40.98
N THR A 38 45.75 24.90 -41.97
CA THR A 38 45.64 24.08 -43.20
C THR A 38 46.65 23.06 -43.40
N ILE A 39 47.86 23.48 -43.55
CA ILE A 39 49.01 22.53 -43.66
C ILE A 39 50.19 23.31 -43.06
N PRO A 40 50.72 22.82 -41.96
CA PRO A 40 51.54 23.70 -41.13
C PRO A 40 52.86 23.96 -41.69
N SER A 41 53.41 23.07 -42.48
CA SER A 41 54.71 23.31 -42.99
C SER A 41 54.81 24.37 -44.04
N LEU A 42 53.69 24.71 -44.67
CA LEU A 42 53.67 25.48 -45.95
C LEU A 42 54.00 26.88 -45.74
N PHE A 43 54.03 27.36 -44.51
CA PHE A 43 54.58 28.71 -44.22
C PHE A 43 55.03 28.66 -42.78
N PRO A 44 56.32 28.54 -42.52
CA PRO A 44 56.83 28.54 -41.18
C PRO A 44 56.77 29.90 -40.56
N LYS A 45 57.02 29.95 -39.25
CA LYS A 45 57.28 31.26 -38.59
C LYS A 45 58.73 31.61 -38.72
N ASP A 46 59.07 32.85 -38.43
CA ASP A 46 60.43 33.25 -38.77
C ASP A 46 61.46 32.66 -37.79
N SER A 47 61.03 32.46 -36.56
CA SER A 47 61.88 31.79 -35.58
C SER A 47 61.76 30.29 -35.72
N ASP A 48 60.54 29.79 -35.91
CA ASP A 48 60.27 28.37 -35.86
C ASP A 48 60.74 27.67 -37.12
N ASN A 49 62.05 27.65 -37.28
CA ASN A 49 62.66 26.82 -38.28
C ASN A 49 63.59 25.81 -37.63
N ALA A 50 63.89 24.75 -38.38
CA ALA A 50 65.07 23.96 -38.12
C ALA A 50 64.71 23.19 -36.85
N SER A 51 64.03 22.10 -37.13
CA SER A 51 63.75 21.09 -36.10
C SER A 51 62.69 21.52 -35.11
N THR A 52 61.50 21.82 -35.66
CA THR A 52 60.44 22.40 -34.93
C THR A 52 59.22 21.58 -34.92
N ASP A 53 59.14 20.54 -35.73
CA ASP A 53 58.07 19.51 -35.55
C ASP A 53 56.70 20.07 -35.66
N TYR A 54 56.31 20.42 -36.87
CA TYR A 54 54.98 20.95 -37.14
C TYR A 54 53.92 19.92 -36.83
N GLN A 55 52.81 20.35 -36.27
CA GLN A 55 51.79 19.44 -35.82
C GLN A 55 50.64 19.45 -36.72
N THR A 56 49.98 18.34 -36.95
CA THR A 56 48.83 18.37 -37.93
C THR A 56 47.67 18.90 -37.35
N PRO A 57 46.86 19.49 -38.16
CA PRO A 57 45.73 20.16 -37.57
C PRO A 57 44.73 19.14 -37.27
N TRP A 58 43.80 19.46 -36.34
CA TRP A 58 42.85 18.49 -35.92
C TRP A 58 41.87 18.18 -36.99
N GLN A 59 41.57 19.20 -37.80
CA GLN A 59 40.69 19.04 -38.96
C GLN A 59 41.42 18.68 -40.19
N ALA A 60 40.74 17.97 -41.09
CA ALA A 60 41.39 17.56 -42.28
C ALA A 60 40.94 18.23 -43.58
N VAL A 61 39.93 19.08 -43.45
CA VAL A 61 39.37 19.73 -44.59
C VAL A 61 40.23 20.81 -45.07
N GLY A 62 40.98 21.42 -44.20
CA GLY A 62 41.91 22.45 -44.62
C GLY A 62 43.03 21.89 -45.44
N ALA A 63 43.57 20.79 -44.97
CA ALA A 63 44.71 20.20 -45.65
C ALA A 63 44.35 19.68 -47.04
N ARG A 64 43.19 19.05 -47.15
CA ARG A 64 42.72 18.58 -48.41
C ARG A 64 42.42 19.74 -49.30
N GLY A 65 41.83 20.75 -48.71
CA GLY A 65 41.27 21.87 -49.47
C GLY A 65 42.32 22.71 -50.11
N LEU A 66 43.45 22.96 -49.43
CA LEU A 66 44.49 23.82 -49.99
C LEU A 66 45.11 23.14 -51.17
N ASN A 67 45.41 21.84 -51.05
CA ASN A 67 46.02 21.16 -52.15
C ASN A 67 45.07 21.00 -53.31
N ASN A 68 43.79 20.76 -53.06
CA ASN A 68 42.82 20.60 -54.14
C ASN A 68 42.67 21.86 -54.88
N LEU A 69 42.67 22.99 -54.17
CA LEU A 69 42.44 24.29 -54.82
C LEU A 69 43.67 24.68 -55.63
N ALA A 70 44.85 24.41 -55.12
CA ALA A 70 46.05 24.69 -55.87
C ALA A 70 46.14 23.80 -57.12
N SER A 71 45.73 22.56 -57.00
CA SER A 71 45.78 21.66 -58.14
C SER A 71 44.78 22.07 -59.23
N LYS A 72 43.59 22.48 -58.85
CA LYS A 72 42.62 22.85 -59.84
C LYS A 72 42.99 24.14 -60.50
N LEU A 73 43.60 25.07 -59.74
CA LEU A 73 44.12 26.32 -60.34
C LEU A 73 45.23 26.02 -61.31
N MET A 74 46.05 25.02 -61.04
CA MET A 74 47.08 24.74 -62.00
C MET A 74 46.57 24.04 -63.22
N LEU A 75 45.55 23.17 -63.04
CA LEU A 75 44.89 22.49 -64.18
C LEU A 75 44.17 23.47 -65.08
N ALA A 76 43.77 24.61 -64.56
CA ALA A 76 43.12 25.56 -65.44
C ALA A 76 43.96 26.73 -65.84
N LEU A 77 45.13 26.87 -65.26
CA LEU A 77 45.94 28.03 -65.60
C LEU A 77 47.24 27.70 -66.33
N PHE A 78 47.79 26.49 -66.17
CA PHE A 78 48.96 26.13 -66.93
C PHE A 78 48.86 24.71 -67.40
N PRO A 79 48.02 24.44 -68.38
CA PRO A 79 47.85 23.05 -68.82
C PRO A 79 48.96 22.55 -69.78
N MET A 80 48.70 21.37 -70.35
CA MET A 80 49.58 20.77 -71.34
C MET A 80 49.52 21.54 -72.66
N GLN A 81 48.35 22.14 -72.91
CA GLN A 81 48.06 22.82 -74.19
C GLN A 81 48.74 24.14 -74.31
N THR A 82 48.48 24.82 -75.42
CA THR A 82 48.86 26.19 -75.55
C THR A 82 47.91 27.01 -74.74
N TRP A 83 48.44 27.83 -73.82
CA TRP A 83 47.58 28.61 -72.96
C TRP A 83 47.67 30.09 -73.11
N MET A 84 48.61 30.57 -73.95
CA MET A 84 48.61 31.99 -74.27
C MET A 84 48.14 32.16 -75.70
N ARG A 85 47.83 33.39 -76.07
CA ARG A 85 47.44 33.69 -77.43
C ARG A 85 48.12 34.96 -77.87
N LEU A 86 48.72 34.92 -79.04
CA LEU A 86 49.45 36.06 -79.61
C LEU A 86 48.73 36.56 -80.85
N THR A 87 48.22 37.80 -80.81
CA THR A 87 47.37 38.31 -81.89
C THR A 87 47.80 39.71 -82.28
N ILE A 88 47.07 40.30 -83.25
CA ILE A 88 47.45 41.56 -83.91
C ILE A 88 46.32 42.57 -83.82
N SER A 89 46.60 43.83 -83.53
CA SER A 89 45.51 44.81 -83.42
C SER A 89 45.90 46.17 -83.98
N GLU A 90 44.90 46.94 -84.44
CA GLU A 90 45.01 48.37 -84.91
C GLU A 90 45.85 48.72 -86.13
N TYR A 91 46.45 47.70 -86.72
CA TYR A 91 47.10 47.78 -88.02
C TYR A 91 46.71 46.57 -88.90
N GLU A 92 46.01 45.60 -88.31
CA GLU A 92 45.47 44.46 -89.04
C GLU A 92 44.27 44.87 -89.89
N ALA A 93 43.67 46.03 -89.59
CA ALA A 93 42.61 46.60 -90.42
C ALA A 93 43.11 46.99 -91.82
N LYS A 94 44.41 47.26 -91.91
CA LYS A 94 45.08 47.38 -93.20
C LYS A 94 45.15 45.98 -93.87
N GLN A 95 45.34 44.95 -93.05
CA GLN A 95 45.83 43.67 -93.53
C GLN A 95 44.72 42.65 -93.61
N LEU A 96 43.78 42.66 -92.67
CA LEU A 96 42.77 41.61 -92.59
C LEU A 96 41.60 41.88 -93.52
N LEU A 97 41.60 43.06 -94.15
CA LEU A 97 40.53 43.41 -95.09
C LEU A 97 40.59 42.50 -96.33
N SER A 98 41.77 42.44 -96.93
CA SER A 98 42.04 41.54 -98.04
C SER A 98 42.84 40.34 -97.51
N ASP A 99 43.18 39.45 -98.44
CA ASP A 99 44.04 38.29 -98.21
C ASP A 99 43.60 37.41 -97.03
N PRO A 100 42.51 36.61 -97.16
CA PRO A 100 42.29 35.58 -96.14
C PRO A 100 43.35 34.48 -96.21
N ASP A 101 44.03 34.37 -97.35
CA ASP A 101 45.25 33.57 -97.46
C ASP A 101 46.51 34.30 -96.97
N GLY A 102 46.36 35.55 -96.56
CA GLY A 102 47.53 36.35 -96.18
C GLY A 102 47.90 36.29 -94.72
N LEU A 103 46.90 36.19 -93.86
CA LEU A 103 47.13 36.08 -92.46
C LEU A 103 47.51 34.67 -92.03
N ALA A 104 47.54 33.73 -92.96
CA ALA A 104 47.93 32.36 -92.66
C ALA A 104 49.43 32.25 -92.32
N LYS A 105 50.25 33.06 -93.00
CA LYS A 105 51.67 33.14 -92.69
C LYS A 105 51.91 33.73 -91.29
N VAL A 106 51.07 34.70 -90.94
CA VAL A 106 51.12 35.33 -89.64
C VAL A 106 50.72 34.33 -88.54
N ASP A 107 49.73 33.50 -88.85
CA ASP A 107 49.29 32.46 -87.94
C ASP A 107 50.40 31.46 -87.73
N GLU A 108 51.09 31.08 -88.81
CA GLU A 108 52.17 30.10 -88.69
C GLU A 108 53.33 30.67 -87.86
N GLY A 109 53.66 31.95 -88.09
CA GLY A 109 54.77 32.60 -87.36
C GLY A 109 54.45 32.70 -85.86
N LEU A 110 53.22 33.12 -85.54
CA LEU A 110 52.86 33.26 -84.16
C LEU A 110 52.67 31.93 -83.44
N SER A 111 52.22 30.90 -84.16
CA SER A 111 52.16 29.57 -83.57
C SER A 111 53.58 29.01 -83.32
N MET A 112 54.52 29.39 -84.18
CA MET A 112 55.92 29.06 -83.94
C MET A 112 56.41 29.73 -82.65
N VAL A 113 56.06 31.00 -82.44
CA VAL A 113 56.51 31.71 -81.25
C VAL A 113 55.86 31.16 -79.99
N GLU A 114 54.59 30.79 -80.10
CA GLU A 114 53.89 30.17 -78.96
C GLU A 114 54.46 28.81 -78.60
N ARG A 115 54.83 28.06 -79.63
CA ARG A 115 55.43 26.78 -79.37
C ARG A 115 56.79 26.93 -78.71
N ILE A 116 57.55 27.96 -79.07
CA ILE A 116 58.87 28.11 -78.52
C ILE A 116 58.84 28.61 -77.08
N ILE A 117 57.85 29.44 -76.79
CA ILE A 117 57.65 29.83 -75.40
C ILE A 117 57.23 28.57 -74.56
N MET A 118 56.27 27.77 -75.07
CA MET A 118 55.84 26.56 -74.38
C MET A 118 56.97 25.57 -74.17
N ASN A 119 57.88 25.51 -75.14
CA ASN A 119 58.99 24.59 -74.99
C ASN A 119 59.90 25.03 -73.91
N TYR A 120 60.10 26.35 -73.83
CA TYR A 120 60.94 26.90 -72.74
C TYR A 120 60.26 26.72 -71.39
N ILE A 121 58.92 26.68 -71.36
CA ILE A 121 58.21 26.36 -70.16
C ILE A 121 58.50 24.91 -69.73
N GLU A 122 58.34 23.95 -70.65
CA GLU A 122 58.46 22.56 -70.27
C GLU A 122 59.87 22.20 -69.87
N SER A 123 60.85 22.86 -70.47
CA SER A 123 62.23 22.44 -70.27
C SER A 123 62.78 22.87 -68.95
N ASN A 124 62.51 24.07 -68.59
CA ASN A 124 63.16 24.64 -67.46
C ASN A 124 62.44 24.42 -66.16
N SER A 125 61.43 23.57 -66.15
CA SER A 125 60.67 23.26 -64.94
C SER A 125 60.05 24.51 -64.35
N TYR A 126 59.20 25.19 -65.11
CA TYR A 126 58.36 26.17 -64.50
C TYR A 126 57.13 25.53 -63.86
N ARG A 127 56.81 24.25 -64.17
CA ARG A 127 55.60 23.68 -63.63
C ARG A 127 55.71 23.45 -62.14
N VAL A 128 56.91 23.03 -61.73
CA VAL A 128 57.15 22.73 -60.32
C VAL A 128 57.11 24.05 -59.49
N THR A 129 57.78 25.09 -59.96
CA THR A 129 57.79 26.30 -59.22
C THR A 129 56.44 27.03 -59.27
N LEU A 130 55.69 26.84 -60.33
CA LEU A 130 54.41 27.43 -60.35
C LEU A 130 53.47 26.73 -59.43
N PHE A 131 53.60 25.42 -59.25
CA PHE A 131 52.71 24.74 -58.30
C PHE A 131 53.01 25.18 -56.90
N GLU A 132 54.28 25.35 -56.60
CA GLU A 132 54.69 25.88 -55.30
C GLU A 132 54.15 27.32 -55.11
N ALA A 133 54.21 28.12 -56.15
CA ALA A 133 53.75 29.46 -56.04
C ALA A 133 52.28 29.51 -55.85
N LEU A 134 51.54 28.59 -56.46
CA LEU A 134 50.09 28.58 -56.25
C LEU A 134 49.74 28.15 -54.83
N LYS A 135 50.47 27.19 -54.24
CA LYS A 135 50.20 26.84 -52.88
C LYS A 135 50.48 28.03 -51.96
N GLN A 136 51.55 28.80 -52.24
CA GLN A 136 51.82 29.99 -51.47
C GLN A 136 50.75 31.03 -51.65
N LEU A 137 50.23 31.15 -52.85
CA LEU A 137 49.26 32.19 -53.15
C LEU A 137 47.90 31.85 -52.61
N VAL A 138 47.65 30.59 -52.28
CA VAL A 138 46.39 30.25 -51.66
C VAL A 138 46.52 30.32 -50.16
N VAL A 139 47.59 29.83 -49.57
CA VAL A 139 47.66 29.91 -48.14
C VAL A 139 48.04 31.28 -47.67
N ALA A 140 48.92 31.98 -48.35
CA ALA A 140 49.29 33.30 -47.93
C ALA A 140 48.89 34.22 -49.05
N GLY A 141 49.16 35.49 -48.89
CA GLY A 141 48.54 36.44 -49.78
C GLY A 141 49.44 36.92 -50.86
N ASN A 142 50.72 36.62 -50.80
CA ASN A 142 51.60 37.28 -51.70
C ASN A 142 52.77 36.39 -52.08
N VAL A 143 53.07 36.28 -53.36
CA VAL A 143 54.23 35.53 -53.83
C VAL A 143 54.99 36.44 -54.74
N LEU A 144 56.28 36.18 -54.90
CA LEU A 144 57.12 37.03 -55.82
C LEU A 144 57.92 36.10 -56.69
N LEU A 145 57.59 36.03 -57.98
CA LEU A 145 58.37 35.22 -58.88
C LEU A 145 59.45 36.10 -59.50
N TYR A 146 60.58 35.46 -59.84
CA TYR A 146 61.61 36.14 -60.60
C TYR A 146 62.29 35.14 -61.48
N LEU A 147 62.16 35.40 -62.78
CA LEU A 147 62.84 34.66 -63.80
C LEU A 147 64.02 35.47 -64.33
N PRO A 148 65.24 34.90 -64.29
CA PRO A 148 66.42 35.64 -64.63
C PRO A 148 66.62 35.73 -66.13
N GLU A 149 67.73 36.34 -66.54
CA GLU A 149 68.13 36.25 -67.94
C GLU A 149 68.56 34.82 -68.23
N PRO A 150 68.22 34.29 -69.41
CA PRO A 150 68.55 32.88 -69.66
C PRO A 150 70.04 32.60 -69.85
N GLU A 151 70.74 33.47 -70.56
CA GLU A 151 72.22 33.36 -70.70
C GLU A 151 72.66 32.01 -71.25
N GLY A 152 71.84 31.44 -72.14
CA GLY A 152 72.12 30.17 -72.77
C GLY A 152 70.94 29.26 -72.65
N SER A 153 71.02 28.13 -73.35
CA SER A 153 69.96 27.14 -73.36
C SER A 153 70.19 26.04 -72.29
N ASN A 154 71.06 26.31 -71.35
CA ASN A 154 71.26 25.45 -70.18
C ASN A 154 70.09 25.60 -69.18
N TYR A 155 70.19 24.92 -68.05
CA TYR A 155 69.06 24.86 -67.13
C TYR A 155 68.90 26.17 -66.36
N ASN A 156 67.73 26.80 -66.48
CA ASN A 156 67.43 28.03 -65.77
C ASN A 156 66.04 27.99 -65.19
N PRO A 157 65.90 27.58 -63.94
CA PRO A 157 64.60 27.55 -63.31
C PRO A 157 64.22 28.92 -62.82
N MET A 158 63.06 29.03 -62.14
CA MET A 158 62.57 30.34 -61.72
C MET A 158 62.61 30.51 -60.22
N LYS A 159 63.29 31.55 -59.73
CA LYS A 159 63.46 31.71 -58.28
C LYS A 159 62.20 32.25 -57.68
N LEU A 160 61.65 31.51 -56.71
CA LEU A 160 60.43 31.92 -56.02
C LEU A 160 60.82 32.73 -54.80
N TYR A 161 59.90 33.54 -54.34
CA TYR A 161 60.12 34.23 -53.09
C TYR A 161 58.81 34.19 -52.33
N ARG A 162 58.84 33.45 -51.21
CA ARG A 162 57.70 33.48 -50.31
C ARG A 162 57.75 34.78 -49.49
N LEU A 163 56.67 35.03 -48.74
CA LEU A 163 56.35 36.36 -48.26
C LEU A 163 57.35 36.86 -47.29
N SER A 164 58.05 35.97 -46.63
CA SER A 164 59.01 36.39 -45.57
C SER A 164 60.25 37.08 -46.13
N SER A 165 60.55 36.91 -47.39
CA SER A 165 61.84 37.30 -47.86
C SER A 165 61.81 38.41 -48.87
N TYR A 166 60.68 39.08 -49.04
CA TYR A 166 60.65 40.25 -49.92
C TYR A 166 59.69 41.27 -49.39
N VAL A 167 59.60 42.40 -50.06
CA VAL A 167 58.71 43.40 -49.62
C VAL A 167 58.26 44.23 -50.82
N VAL A 168 57.05 44.79 -50.81
CA VAL A 168 56.51 45.57 -51.91
C VAL A 168 55.75 46.76 -51.41
N GLN A 169 56.08 47.95 -51.88
CA GLN A 169 55.31 49.15 -51.56
C GLN A 169 54.54 49.57 -52.81
N ARG A 170 53.27 49.92 -52.60
CA ARG A 170 52.40 50.36 -53.68
C ARG A 170 51.79 51.71 -53.33
N ASP A 171 51.10 52.29 -54.30
CA ASP A 171 50.25 53.45 -54.08
C ASP A 171 48.81 53.00 -53.96
N ALA A 172 47.87 53.93 -54.00
CA ALA A 172 46.48 53.49 -53.90
C ALA A 172 45.92 52.96 -55.21
N PHE A 173 46.64 53.12 -56.32
CA PHE A 173 46.29 52.35 -57.50
C PHE A 173 46.63 50.86 -57.36
N GLY A 174 47.91 50.58 -57.25
CA GLY A 174 48.41 49.25 -57.41
C GLY A 174 49.63 49.30 -58.28
N ASN A 175 50.07 50.53 -58.58
CA ASN A 175 51.35 50.70 -59.20
C ASN A 175 52.41 50.28 -58.22
N VAL A 176 53.26 49.35 -58.63
CA VAL A 176 54.35 48.94 -57.78
C VAL A 176 55.43 50.01 -57.77
N LEU A 177 55.63 50.67 -56.63
CA LEU A 177 56.66 51.68 -56.58
C LEU A 177 58.04 51.04 -56.38
N GLN A 178 58.15 50.16 -55.40
CA GLN A 178 59.42 49.54 -55.10
C GLN A 178 59.33 48.16 -54.51
N MET A 179 60.31 47.32 -54.79
CA MET A 179 60.40 46.05 -54.21
C MET A 179 61.87 45.85 -53.66
N VAL A 180 62.02 45.06 -52.60
CA VAL A 180 63.27 44.61 -52.18
C VAL A 180 63.21 43.13 -51.85
N THR A 181 64.13 42.31 -52.36
CA THR A 181 64.21 40.91 -52.01
C THR A 181 65.41 40.61 -51.16
N ARG A 182 65.39 39.54 -50.38
CA ARG A 182 66.33 39.32 -49.30
C ARG A 182 66.81 37.89 -49.37
N ASP A 183 67.37 37.53 -50.52
CA ASP A 183 67.99 36.21 -50.64
C ASP A 183 69.17 36.10 -49.67
N GLN A 184 69.27 34.90 -49.07
CA GLN A 184 70.37 34.57 -48.21
C GLN A 184 71.20 33.42 -48.85
N ILE A 185 72.31 33.76 -49.45
CA ILE A 185 73.10 32.77 -50.19
C ILE A 185 74.40 32.54 -49.47
N ALA A 186 74.95 31.35 -49.58
CA ALA A 186 76.31 31.12 -49.04
C ALA A 186 77.35 31.82 -49.89
N PHE A 187 78.49 32.15 -49.28
CA PHE A 187 79.62 32.78 -49.97
C PHE A 187 80.22 31.88 -51.02
N GLY A 188 80.08 30.58 -50.86
CA GLY A 188 80.65 29.65 -51.81
C GLY A 188 79.88 29.56 -53.09
N ALA A 189 78.57 29.65 -53.01
CA ALA A 189 77.73 29.47 -54.18
C ALA A 189 77.21 30.79 -54.75
N LEU A 190 77.94 31.87 -54.49
CA LEU A 190 77.56 33.15 -55.06
C LEU A 190 77.82 33.20 -56.55
N PRO A 191 77.12 34.07 -57.29
CA PRO A 191 77.63 34.47 -58.61
C PRO A 191 78.99 35.17 -58.50
N GLU A 192 79.77 35.08 -59.58
CA GLU A 192 81.18 35.40 -59.53
C GLU A 192 81.45 36.88 -59.33
N ASP A 193 80.59 37.72 -59.90
CA ASP A 193 80.76 39.16 -59.74
C ASP A 193 80.48 39.62 -58.30
N ILE A 194 79.58 38.93 -57.63
CA ILE A 194 79.23 39.33 -56.28
C ILE A 194 80.31 38.93 -55.28
N ARG A 195 81.03 37.85 -55.57
CA ARG A 195 82.11 37.40 -54.68
C ARG A 195 83.22 38.42 -54.60
N LYS A 196 83.57 39.01 -55.74
CA LYS A 196 84.61 40.01 -55.74
C LYS A 196 84.15 41.32 -55.08
N ALA A 197 82.86 41.64 -55.23
CA ALA A 197 82.30 42.82 -54.59
C ALA A 197 82.28 42.67 -53.06
N VAL A 198 81.98 41.47 -52.58
CA VAL A 198 82.01 41.24 -51.15
C VAL A 198 83.45 41.19 -50.65
N GLU A 199 84.32 40.55 -51.40
CA GLU A 199 85.71 40.40 -51.01
C GLU A 199 86.42 41.75 -50.94
N GLY A 200 85.99 42.69 -51.79
CA GLY A 200 86.54 44.05 -51.76
C GLY A 200 86.18 44.83 -50.51
N GLN A 201 85.10 44.43 -49.83
CA GLN A 201 84.69 45.08 -48.59
C GLN A 201 85.71 44.77 -47.49
N GLY A 202 86.31 43.59 -47.52
CA GLY A 202 87.39 43.29 -46.61
C GLY A 202 87.06 42.16 -45.66
N GLY A 203 88.13 41.62 -45.07
CA GLY A 203 88.06 40.44 -44.23
C GLY A 203 87.89 39.19 -45.09
N GLU A 204 88.65 38.14 -44.78
CA GLU A 204 88.42 36.84 -45.41
C GLU A 204 87.09 36.27 -44.92
N LYS A 205 86.53 35.37 -45.70
CA LYS A 205 85.25 34.78 -45.35
C LYS A 205 85.37 33.28 -45.40
N LYS A 206 84.57 32.60 -44.58
CA LYS A 206 84.50 31.14 -44.67
C LYS A 206 83.66 30.75 -45.87
N ALA A 207 83.64 29.47 -46.20
CA ALA A 207 82.82 29.08 -47.33
C ALA A 207 81.31 29.09 -46.97
N ASP A 208 80.89 28.54 -45.83
CA ASP A 208 79.49 28.44 -45.54
C ASP A 208 78.96 29.56 -44.75
N GLU A 209 79.73 30.65 -44.63
CA GLU A 209 79.24 31.83 -43.92
C GLU A 209 78.16 32.55 -44.75
N THR A 210 77.00 32.74 -44.16
CA THR A 210 75.87 33.23 -44.92
C THR A 210 76.05 34.68 -45.21
N ILE A 211 75.67 35.07 -46.43
CA ILE A 211 75.73 36.45 -46.87
C ILE A 211 74.36 36.83 -47.40
N ASP A 212 73.78 37.86 -46.82
CA ASP A 212 72.50 38.36 -47.24
C ASP A 212 72.64 39.42 -48.31
N VAL A 213 72.17 39.12 -49.50
CA VAL A 213 72.07 40.14 -50.52
C VAL A 213 70.73 40.82 -50.41
N TYR A 214 70.59 41.96 -51.05
CA TYR A 214 69.32 42.62 -51.15
C TYR A 214 69.17 43.12 -52.56
N THR A 215 68.04 42.86 -53.19
CA THR A 215 67.82 43.35 -54.53
C THR A 215 66.75 44.41 -54.46
N HIS A 216 67.04 45.58 -54.98
CA HIS A 216 66.12 46.71 -54.90
C HIS A 216 65.70 47.13 -56.30
N ILE A 217 64.38 47.30 -56.48
CA ILE A 217 63.77 47.72 -57.74
C ILE A 217 62.93 48.92 -57.39
N TYR A 218 63.10 50.05 -58.10
CA TYR A 218 62.38 51.27 -57.76
C TYR A 218 61.98 52.09 -58.93
N LEU A 219 60.86 52.81 -58.81
CA LEU A 219 60.45 53.81 -59.83
C LEU A 219 61.39 54.99 -59.81
N ASP A 220 61.68 55.48 -61.00
CA ASP A 220 62.56 56.62 -61.14
C ASP A 220 61.79 57.90 -60.88
N GLU A 221 62.49 58.89 -60.34
CA GLU A 221 61.96 60.22 -60.21
C GLU A 221 61.93 60.93 -61.56
N ASP A 222 62.73 60.47 -62.52
CA ASP A 222 62.83 61.11 -63.82
C ASP A 222 61.87 60.47 -64.83
N SER A 223 62.07 59.18 -65.08
CA SER A 223 61.32 58.52 -66.14
C SER A 223 60.41 57.45 -65.59
N GLY A 224 59.60 56.89 -66.48
CA GLY A 224 58.65 55.86 -66.10
C GLY A 224 59.15 54.45 -66.28
N GLU A 225 60.41 54.19 -65.92
CA GLU A 225 60.97 52.85 -66.04
C GLU A 225 61.64 52.47 -64.70
N TYR A 226 61.73 51.18 -64.41
CA TYR A 226 62.29 50.75 -63.15
C TYR A 226 63.83 50.78 -63.18
N LEU A 227 64.42 50.95 -62.01
CA LEU A 227 65.86 50.79 -61.83
C LEU A 227 66.14 49.73 -60.78
N ARG A 228 67.05 48.81 -61.04
CA ARG A 228 67.44 47.77 -60.06
C ARG A 228 68.90 47.80 -59.73
N TYR A 229 69.21 47.49 -58.46
CA TYR A 229 70.56 47.27 -58.02
C TYR A 229 70.60 46.27 -56.94
N GLU A 230 71.80 45.74 -56.70
CA GLU A 230 72.02 44.78 -55.61
C GLU A 230 72.83 45.43 -54.51
N GLU A 231 72.74 44.88 -53.32
CA GLU A 231 73.46 45.43 -52.21
C GLU A 231 73.87 44.32 -51.28
N VAL A 232 75.14 44.31 -50.89
CA VAL A 232 75.64 43.41 -49.88
C VAL A 232 76.40 44.20 -48.84
N GLU A 233 75.95 44.09 -47.59
CA GLU A 233 76.69 44.60 -46.46
C GLU A 233 76.73 46.15 -46.44
N GLY A 234 75.90 46.81 -47.26
CA GLY A 234 75.80 48.24 -47.21
C GLY A 234 76.52 48.96 -48.32
N MET A 235 76.51 48.37 -49.50
CA MET A 235 77.19 48.95 -50.65
C MET A 235 76.61 48.37 -51.91
N GLU A 236 76.39 49.22 -52.91
CA GLU A 236 75.84 48.78 -54.17
C GLU A 236 76.86 47.92 -54.94
N VAL A 237 76.42 46.76 -55.40
CA VAL A 237 77.30 45.78 -56.03
C VAL A 237 77.73 46.23 -57.40
N GLN A 238 79.03 46.36 -57.58
CA GLN A 238 79.61 46.81 -58.86
C GLN A 238 79.33 45.84 -59.95
N GLY A 239 78.97 46.37 -61.12
CA GLY A 239 78.57 45.58 -62.28
C GLY A 239 77.28 44.80 -62.12
N SER A 240 76.36 45.33 -61.32
CA SER A 240 75.05 44.71 -61.16
C SER A 240 73.90 45.66 -61.37
N ASP A 241 74.19 46.77 -62.06
CA ASP A 241 73.21 47.80 -62.37
C ASP A 241 72.18 47.25 -63.30
N GLY A 242 71.00 47.87 -63.26
CA GLY A 242 69.95 47.42 -64.16
C GLY A 242 68.90 48.48 -64.43
N THR A 243 68.47 48.52 -65.69
CA THR A 243 67.38 49.38 -66.09
C THR A 243 66.36 48.49 -66.73
N TYR A 244 65.12 48.60 -66.30
CA TYR A 244 64.09 47.76 -66.82
C TYR A 244 62.95 48.57 -67.39
N PRO A 245 62.38 48.15 -68.54
CA PRO A 245 61.21 48.83 -69.09
C PRO A 245 59.95 48.59 -68.25
N LYS A 246 58.94 49.38 -68.52
CA LYS A 246 57.77 49.47 -67.64
C LYS A 246 56.95 48.18 -67.65
N GLU A 247 56.92 47.49 -68.78
CA GLU A 247 56.03 46.36 -68.95
C GLU A 247 56.70 45.02 -68.83
N ALA A 248 58.03 45.00 -68.97
CA ALA A 248 58.75 43.72 -69.03
C ALA A 248 59.60 43.52 -67.77
N CYS A 249 58.97 43.80 -66.64
CA CYS A 249 59.67 43.73 -65.38
C CYS A 249 59.81 42.28 -64.99
N PRO A 250 61.04 41.81 -64.75
CA PRO A 250 61.21 40.39 -64.50
C PRO A 250 60.81 40.00 -63.10
N TYR A 251 60.69 40.97 -62.18
CA TYR A 251 60.21 40.65 -60.85
C TYR A 251 58.67 40.81 -60.89
N ILE A 252 57.94 39.70 -60.73
CA ILE A 252 56.53 39.72 -60.84
C ILE A 252 55.93 39.48 -59.43
N PRO A 253 55.31 40.51 -58.83
CA PRO A 253 54.63 40.31 -57.57
C PRO A 253 53.17 39.90 -57.76
N ILE A 254 52.76 38.77 -57.18
CA ILE A 254 51.43 38.24 -57.42
C ILE A 254 50.62 38.29 -56.16
N ARG A 255 49.42 38.84 -56.25
CA ARG A 255 48.43 38.84 -55.19
C ARG A 255 47.27 37.94 -55.57
N MET A 256 46.68 37.25 -54.61
CA MET A 256 45.51 36.44 -54.88
C MET A 256 44.26 37.32 -54.91
N VAL A 257 43.92 37.97 -53.80
CA VAL A 257 42.71 38.77 -53.75
C VAL A 257 43.07 40.18 -53.44
N ARG A 258 42.82 41.08 -54.38
CA ARG A 258 43.29 42.45 -54.22
C ARG A 258 42.33 43.27 -53.42
N LEU A 259 42.85 44.31 -52.78
CA LEU A 259 42.04 45.31 -52.05
C LEU A 259 42.55 46.68 -52.39
N ASP A 260 41.63 47.62 -52.32
CA ASP A 260 41.93 48.96 -52.71
C ASP A 260 42.84 49.63 -51.68
N GLY A 261 43.90 50.29 -52.16
CA GLY A 261 44.75 51.10 -51.32
C GLY A 261 45.48 50.29 -50.27
N GLU A 262 46.05 49.21 -50.72
CA GLU A 262 46.64 48.24 -49.85
C GLU A 262 47.71 47.47 -50.64
N SER A 263 48.93 47.47 -50.12
CA SER A 263 50.08 47.11 -50.94
C SER A 263 50.27 45.64 -51.16
N TYR A 264 49.49 44.82 -50.49
CA TYR A 264 49.73 43.37 -50.49
C TYR A 264 48.45 42.64 -50.84
N GLY A 265 48.49 41.34 -50.67
CA GLY A 265 47.33 40.52 -51.00
C GLY A 265 46.87 39.76 -49.82
N ARG A 266 45.60 39.37 -49.82
CA ARG A 266 45.08 38.52 -48.76
C ARG A 266 44.65 37.21 -49.30
N SER A 267 45.03 36.16 -48.64
CA SER A 267 44.85 34.83 -49.16
C SER A 267 43.38 34.44 -49.28
N TYR A 268 43.13 33.43 -50.06
CA TYR A 268 41.77 32.93 -50.25
C TYR A 268 41.37 32.13 -49.07
N ILE A 269 42.30 31.54 -48.31
CA ILE A 269 41.95 30.78 -47.13
C ILE A 269 41.51 31.69 -45.97
N GLU A 270 41.96 32.96 -46.02
CA GLU A 270 41.58 33.94 -45.00
C GLU A 270 40.07 34.18 -44.95
N GLU A 271 39.45 34.26 -46.09
CA GLU A 271 38.09 34.49 -46.15
C GLU A 271 37.29 33.37 -45.61
N TYR A 272 37.82 32.18 -45.57
CA TYR A 272 37.04 31.13 -44.91
C TYR A 272 37.82 30.60 -43.73
N LEU A 273 38.58 31.44 -43.06
CA LEU A 273 39.40 30.98 -41.93
C LEU A 273 38.61 30.60 -40.73
N GLY A 274 37.62 31.40 -40.41
CA GLY A 274 36.92 31.28 -39.14
C GLY A 274 36.08 29.98 -39.09
N ASP A 275 35.29 29.71 -40.11
CA ASP A 275 34.65 28.45 -40.19
C ASP A 275 35.62 27.35 -40.32
N LEU A 276 36.83 27.66 -40.70
CA LEU A 276 37.88 26.69 -40.66
C LEU A 276 38.21 26.45 -39.21
N ARG A 277 38.49 27.50 -38.45
CA ARG A 277 38.92 27.31 -37.04
C ARG A 277 37.77 26.85 -36.18
N SER A 278 36.57 27.19 -36.50
CA SER A 278 35.44 26.66 -35.76
C SER A 278 35.30 25.23 -36.03
N LEU A 279 35.76 24.74 -37.17
CA LEU A 279 35.80 23.31 -37.37
C LEU A 279 36.79 22.73 -36.51
N GLU A 280 37.96 23.38 -36.45
CA GLU A 280 39.15 22.88 -35.72
C GLU A 280 38.76 22.55 -34.31
N ASN A 281 38.24 23.55 -33.56
CA ASN A 281 37.86 23.35 -32.22
C ASN A 281 36.88 22.26 -32.12
N LEU A 282 35.87 22.33 -32.92
CA LEU A 282 34.73 21.41 -32.82
C LEU A 282 35.14 20.05 -33.17
N GLN A 283 36.22 19.93 -33.85
CA GLN A 283 36.65 18.62 -34.20
C GLN A 283 37.63 18.13 -33.15
N GLU A 284 38.42 19.05 -32.62
CA GLU A 284 39.48 18.75 -31.67
C GLU A 284 38.92 18.01 -30.53
N ALA A 285 37.89 18.59 -29.91
CA ALA A 285 37.18 18.03 -28.76
C ALA A 285 36.90 16.59 -28.98
N ILE A 286 36.37 16.31 -30.15
CA ILE A 286 35.82 15.00 -30.46
C ILE A 286 36.94 14.00 -30.30
N VAL A 287 38.10 14.31 -30.84
CA VAL A 287 39.21 13.42 -30.76
C VAL A 287 39.59 13.28 -29.29
N LYS A 288 39.65 14.40 -28.55
CA LYS A 288 39.95 14.36 -27.13
C LYS A 288 38.87 13.57 -26.38
N MET A 289 37.64 13.77 -26.78
CA MET A 289 36.59 13.06 -26.09
C MET A 289 36.61 11.66 -26.46
N SER A 290 37.31 11.27 -27.49
CA SER A 290 37.35 9.90 -27.78
C SER A 290 38.30 9.30 -26.85
N MET A 291 39.39 10.00 -26.59
CA MET A 291 40.52 9.36 -25.89
C MET A 291 40.07 9.03 -24.45
N ILE A 292 39.17 9.82 -23.83
CA ILE A 292 38.63 9.54 -22.54
C ILE A 292 37.96 8.21 -22.56
N SER A 293 37.28 7.92 -23.66
CA SER A 293 36.66 6.58 -23.81
C SER A 293 37.68 5.44 -23.85
N SER A 294 38.93 5.74 -24.16
CA SER A 294 39.87 4.71 -24.33
C SER A 294 40.67 4.51 -23.09
N LYS A 295 40.04 4.66 -21.95
CA LYS A 295 40.68 4.46 -20.63
C LYS A 295 39.66 3.60 -19.84
N VAL A 296 39.95 2.30 -19.74
CA VAL A 296 39.14 1.41 -19.02
C VAL A 296 39.46 1.62 -17.55
N ILE A 297 38.46 2.03 -16.75
CA ILE A 297 38.61 1.99 -15.30
C ILE A 297 37.53 1.09 -14.80
N GLY A 298 37.92 0.05 -14.10
CA GLY A 298 36.91 -0.78 -13.44
C GLY A 298 36.52 -0.24 -12.07
N LEU A 299 35.28 0.19 -11.94
CA LEU A 299 34.82 0.62 -10.66
C LEU A 299 34.27 -0.56 -9.86
N VAL A 300 34.93 -0.94 -8.74
CA VAL A 300 34.37 -1.96 -7.88
C VAL A 300 33.62 -1.41 -6.79
N ASN A 301 32.46 -1.93 -6.54
CA ASN A 301 31.51 -1.24 -5.56
C ASN A 301 31.82 -1.69 -4.20
N PRO A 302 32.25 -0.82 -3.33
CA PRO A 302 32.68 -1.22 -2.10
C PRO A 302 31.64 -1.85 -1.27
N ALA A 303 30.40 -1.62 -1.56
CA ALA A 303 29.37 -2.16 -0.70
C ALA A 303 29.10 -3.58 -0.95
N GLY A 304 29.77 -4.14 -1.91
CA GLY A 304 29.43 -5.49 -2.36
C GLY A 304 30.47 -6.50 -1.86
N ILE A 305 30.54 -7.62 -2.57
CA ILE A 305 31.29 -8.67 -2.12
C ILE A 305 32.49 -8.85 -2.96
N THR A 306 32.39 -8.63 -4.26
CA THR A 306 33.42 -9.08 -5.17
C THR A 306 34.65 -8.30 -5.05
N GLN A 307 35.83 -8.92 -5.09
CA GLN A 307 37.02 -8.12 -4.92
C GLN A 307 38.19 -8.43 -5.76
N PRO A 308 38.88 -7.46 -6.29
CA PRO A 308 39.76 -7.72 -7.33
C PRO A 308 41.09 -8.40 -6.99
N ARG A 309 41.28 -8.94 -5.81
CA ARG A 309 42.40 -9.88 -5.69
C ARG A 309 41.97 -11.22 -6.23
N ARG A 310 40.75 -11.37 -6.67
CA ARG A 310 40.29 -12.66 -7.10
C ARG A 310 39.86 -12.67 -8.51
N LEU A 311 39.48 -11.52 -9.08
CA LEU A 311 39.27 -11.51 -10.53
C LEU A 311 40.59 -11.64 -11.25
N THR A 312 41.62 -10.97 -10.80
CA THR A 312 42.64 -10.88 -11.62
C THR A 312 43.46 -12.11 -11.58
N LYS A 313 43.60 -12.75 -10.43
CA LYS A 313 44.59 -13.87 -10.33
C LYS A 313 44.07 -15.09 -10.91
N ALA A 314 42.80 -15.13 -11.19
CA ALA A 314 42.19 -16.38 -11.71
C ALA A 314 42.52 -16.62 -13.13
N GLN A 315 42.83 -17.88 -13.52
CA GLN A 315 43.10 -18.06 -14.95
C GLN A 315 41.83 -18.03 -15.69
N THR A 316 41.87 -18.24 -17.01
CA THR A 316 40.62 -18.10 -17.76
C THR A 316 39.78 -19.23 -17.52
N GLY A 317 38.50 -18.98 -17.33
CA GLY A 317 37.53 -19.96 -16.96
C GLY A 317 37.87 -20.57 -15.60
N ASP A 318 37.94 -19.64 -14.69
CA ASP A 318 38.07 -20.04 -13.29
C ASP A 318 36.91 -19.50 -12.54
N PHE A 319 36.21 -20.35 -11.80
CA PHE A 319 35.14 -19.85 -11.02
C PHE A 319 35.71 -19.00 -9.86
N VAL A 320 35.05 -17.91 -9.52
CA VAL A 320 35.45 -17.23 -8.43
C VAL A 320 34.35 -16.42 -7.83
N THR A 321 34.47 -15.99 -6.57
CA THR A 321 33.30 -15.55 -5.91
C THR A 321 32.94 -14.22 -6.06
N GLY A 322 31.69 -13.92 -6.32
CA GLY A 322 31.34 -12.48 -6.56
C GLY A 322 30.05 -12.27 -7.25
N ARG A 323 29.55 -11.10 -7.10
CA ARG A 323 28.35 -10.82 -7.74
C ARG A 323 28.63 -9.92 -8.93
N PRO A 324 27.80 -9.97 -9.96
CA PRO A 324 28.06 -9.21 -11.09
C PRO A 324 27.65 -7.78 -10.94
N GLU A 325 26.83 -7.41 -9.97
CA GLU A 325 26.47 -6.00 -9.93
C GLU A 325 27.50 -5.16 -9.23
N ASP A 326 28.62 -5.75 -8.82
CA ASP A 326 29.58 -5.00 -8.10
C ASP A 326 30.57 -4.34 -9.00
N ILE A 327 31.08 -5.03 -10.03
CA ILE A 327 32.05 -4.39 -10.89
C ILE A 327 31.30 -3.73 -11.97
N SER A 328 31.60 -2.48 -12.25
CA SER A 328 31.09 -1.85 -13.47
C SER A 328 32.24 -1.12 -14.09
N PHE A 329 31.99 -0.43 -15.18
CA PHE A 329 33.09 0.28 -15.79
C PHE A 329 32.69 1.68 -16.10
N LEU A 330 33.63 2.58 -15.96
CA LEU A 330 33.32 4.07 -16.02
C LEU A 330 33.13 4.44 -17.41
N GLN A 331 31.91 4.76 -17.88
CA GLN A 331 31.69 5.28 -19.24
C GLN A 331 31.72 6.78 -19.27
N LEU A 332 31.59 7.33 -20.45
CA LEU A 332 31.60 8.82 -20.60
C LEU A 332 30.32 9.15 -21.33
N GLU A 333 29.34 9.65 -20.60
CA GLU A 333 28.02 9.64 -21.12
C GLU A 333 27.63 10.85 -21.95
N LYS A 334 28.59 11.58 -22.54
CA LYS A 334 28.24 12.59 -23.53
C LYS A 334 27.72 11.88 -24.80
N GLN A 335 26.41 11.83 -24.95
CA GLN A 335 25.86 11.32 -26.16
C GLN A 335 25.14 12.38 -26.93
N ALA A 336 24.31 13.17 -26.25
CA ALA A 336 23.64 14.27 -26.93
C ALA A 336 24.64 15.34 -27.31
N ASP A 337 25.66 15.58 -26.47
CA ASP A 337 26.70 16.50 -26.86
C ASP A 337 27.51 15.97 -28.04
N PHE A 338 27.77 14.66 -28.08
CA PHE A 338 28.48 14.11 -29.18
C PHE A 338 27.71 14.19 -30.50
N THR A 339 26.39 13.96 -30.46
CA THR A 339 25.59 14.09 -31.69
C THR A 339 25.40 15.51 -32.17
N VAL A 340 25.33 16.47 -31.24
CA VAL A 340 25.24 17.84 -31.70
C VAL A 340 26.59 18.35 -32.18
N ALA A 341 27.66 17.86 -31.61
CA ALA A 341 28.98 18.31 -32.05
C ALA A 341 29.27 17.74 -33.42
N LYS A 342 28.92 16.49 -33.65
CA LYS A 342 29.15 15.86 -34.94
C LYS A 342 28.27 16.51 -36.00
N ALA A 343 27.07 16.92 -35.64
CA ALA A 343 26.17 17.55 -36.61
C ALA A 343 26.69 18.88 -37.07
N VAL A 344 27.16 19.68 -36.17
CA VAL A 344 27.67 20.96 -36.59
C VAL A 344 29.01 20.83 -37.26
N SER A 345 29.78 19.80 -36.91
CA SER A 345 31.01 19.53 -37.61
C SER A 345 30.76 19.18 -39.06
N ASP A 346 29.74 18.37 -39.30
CA ASP A 346 29.46 18.01 -40.66
C ASP A 346 28.95 19.20 -41.44
N ALA A 347 28.06 19.95 -40.83
CA ALA A 347 27.48 21.08 -41.52
C ALA A 347 28.48 22.16 -41.76
N ILE A 348 29.64 22.15 -41.09
CA ILE A 348 30.63 23.13 -41.41
C ILE A 348 31.62 22.59 -42.43
N GLU A 349 31.83 21.27 -42.45
CA GLU A 349 32.68 20.70 -43.52
C GLU A 349 31.96 20.82 -44.87
N ALA A 350 30.63 20.83 -44.88
CA ALA A 350 29.91 20.99 -46.12
C ALA A 350 30.19 22.34 -46.76
N ARG A 351 30.27 23.38 -45.93
CA ARG A 351 30.58 24.69 -46.44
C ARG A 351 32.00 24.72 -46.98
N LEU A 352 32.93 24.19 -46.22
CA LEU A 352 34.28 24.24 -46.66
C LEU A 352 34.48 23.30 -47.89
N SER A 353 33.65 22.31 -48.10
CA SER A 353 33.77 21.48 -49.28
C SER A 353 33.21 22.23 -50.53
N PHE A 354 32.04 22.91 -50.45
CA PHE A 354 31.62 23.78 -51.58
C PHE A 354 32.49 24.96 -51.76
N ALA A 355 33.39 25.22 -50.82
CA ALA A 355 34.23 26.41 -50.90
C ALA A 355 35.59 26.17 -51.34
N PHE A 356 36.08 24.96 -51.16
CA PHE A 356 37.45 24.65 -51.55
C PHE A 356 37.53 23.67 -52.72
N MET A 357 36.39 23.39 -53.34
CA MET A 357 36.26 22.46 -54.43
C MET A 357 36.66 21.03 -54.07
N LEU A 358 36.38 20.62 -52.86
CA LEU A 358 36.60 19.29 -52.46
C LEU A 358 35.50 18.54 -53.25
N ASN A 359 35.68 17.23 -53.43
CA ASN A 359 34.87 16.50 -54.38
C ASN A 359 33.44 16.32 -53.89
N SER A 360 32.54 17.01 -54.58
CA SER A 360 31.12 16.84 -54.39
C SER A 360 30.54 16.22 -55.67
N ALA A 361 31.19 15.14 -56.11
CA ALA A 361 30.91 14.39 -57.35
C ALA A 361 30.94 15.26 -58.62
N VAL A 362 32.10 15.88 -58.85
CA VAL A 362 32.33 16.62 -60.09
C VAL A 362 33.40 15.98 -60.98
N GLN A 363 34.59 15.78 -60.40
CA GLN A 363 35.74 15.38 -61.21
C GLN A 363 36.11 13.92 -61.04
N ARG A 364 35.32 13.18 -60.26
CA ARG A 364 35.66 11.78 -59.98
C ARG A 364 35.35 10.84 -61.16
N THR A 365 34.19 11.01 -61.78
CA THR A 365 33.64 10.05 -62.73
C THR A 365 34.42 10.01 -64.04
N GLY A 366 35.54 9.28 -64.01
CA GLY A 366 36.45 9.06 -65.16
C GLY A 366 37.05 10.34 -65.71
N GLU A 367 37.95 10.96 -64.92
CA GLU A 367 38.59 12.21 -65.34
C GLU A 367 39.53 11.95 -66.53
N ARG A 368 39.42 12.81 -67.55
CA ARG A 368 40.34 12.76 -68.69
C ARG A 368 41.08 14.09 -68.85
N VAL A 369 41.75 14.28 -69.99
CA VAL A 369 42.61 15.46 -70.22
C VAL A 369 42.13 16.16 -71.50
N THR A 370 42.25 17.49 -71.51
CA THR A 370 42.35 18.37 -72.70
C THR A 370 41.17 18.57 -73.61
N ALA A 371 40.16 17.71 -73.51
CA ALA A 371 38.97 17.82 -74.35
C ALA A 371 37.78 17.96 -73.41
N GLU A 372 37.21 19.18 -73.39
CA GLU A 372 36.09 19.61 -72.51
C GLU A 372 36.60 19.79 -71.05
N GLU A 373 37.80 19.32 -70.72
CA GLU A 373 38.24 19.26 -69.35
C GLU A 373 38.69 20.62 -68.82
N ILE A 374 39.51 21.32 -69.60
CA ILE A 374 40.04 22.58 -69.16
C ILE A 374 38.96 23.67 -69.16
N ARG A 375 38.03 23.54 -70.08
CA ARG A 375 36.86 24.38 -70.09
C ARG A 375 36.05 24.21 -68.83
N TYR A 376 35.81 22.95 -68.46
CA TYR A 376 34.97 22.66 -67.31
C TYR A 376 35.65 23.12 -66.03
N VAL A 377 36.96 22.91 -65.93
CA VAL A 377 37.68 23.31 -64.75
C VAL A 377 37.70 24.81 -64.58
N ALA A 378 37.92 25.53 -65.64
CA ALA A 378 37.97 26.96 -65.51
C ALA A 378 36.57 27.56 -65.27
N SER A 379 35.54 26.96 -65.85
CA SER A 379 34.20 27.48 -65.65
C SER A 379 33.75 27.24 -64.22
N GLU A 380 34.12 26.11 -63.65
CA GLU A 380 33.80 25.89 -62.25
C GLU A 380 34.67 26.77 -61.34
N LEU A 381 35.95 26.97 -61.66
CA LEU A 381 36.80 27.83 -60.85
C LEU A 381 36.39 29.30 -60.91
N GLU A 382 35.68 29.72 -61.94
CA GLU A 382 35.06 31.01 -61.84
C GLU A 382 33.69 30.95 -61.19
N ASP A 383 33.02 29.79 -61.21
CA ASP A 383 31.73 29.66 -60.52
C ASP A 383 31.94 29.84 -59.04
N THR A 384 32.72 28.97 -58.44
CA THR A 384 33.10 29.20 -57.06
C THR A 384 34.34 30.07 -57.08
N LEU A 385 34.98 30.20 -55.92
CA LEU A 385 36.20 30.97 -55.82
C LEU A 385 36.15 32.45 -56.20
N GLY A 386 35.01 32.94 -56.67
CA GLY A 386 34.93 34.36 -56.97
C GLY A 386 35.74 34.71 -58.18
N GLY A 387 36.53 35.78 -58.08
CA GLY A 387 37.34 36.13 -59.24
C GLY A 387 38.76 35.57 -59.27
N VAL A 388 39.03 34.37 -58.77
CA VAL A 388 40.38 33.92 -58.64
C VAL A 388 40.97 33.67 -60.00
N TYR A 389 40.18 33.03 -60.86
CA TYR A 389 40.73 32.59 -62.13
C TYR A 389 40.97 33.77 -63.09
N SER A 390 40.24 34.87 -62.94
CA SER A 390 40.42 35.96 -63.84
C SER A 390 41.42 36.94 -63.30
N ILE A 391 41.33 37.26 -62.01
CA ILE A 391 42.30 38.16 -61.38
C ILE A 391 43.68 37.55 -61.46
N LEU A 392 43.72 36.24 -61.26
CA LEU A 392 44.98 35.52 -61.32
C LEU A 392 45.52 35.49 -62.72
N SER A 393 44.66 35.49 -63.71
CA SER A 393 45.10 35.49 -65.10
C SER A 393 45.66 36.85 -65.51
N GLN A 394 45.06 37.92 -65.02
CA GLN A 394 45.61 39.23 -65.29
C GLN A 394 46.95 39.42 -64.53
N GLU A 395 47.03 38.98 -63.29
CA GLU A 395 48.21 39.28 -62.50
C GLU A 395 49.34 38.35 -62.79
N LEU A 396 49.05 37.08 -63.11
CA LEU A 396 50.10 36.08 -63.23
C LEU A 396 50.53 35.77 -64.66
N GLN A 397 49.56 35.43 -65.51
CA GLN A 397 49.90 34.98 -66.84
C GLN A 397 50.29 36.07 -67.80
N LEU A 398 49.81 37.31 -67.62
CA LEU A 398 50.26 38.36 -68.47
C LEU A 398 51.72 38.66 -68.29
N PRO A 399 52.20 38.81 -67.07
CA PRO A 399 53.63 39.02 -66.99
C PRO A 399 54.46 37.79 -67.28
N LEU A 400 53.96 36.59 -67.01
CA LEU A 400 54.79 35.40 -67.25
C LEU A 400 54.94 35.13 -68.73
N VAL A 401 53.97 35.51 -69.54
CA VAL A 401 54.15 35.47 -70.99
C VAL A 401 54.93 36.64 -71.45
N ARG A 402 54.78 37.77 -70.81
CA ARG A 402 55.36 39.01 -71.32
C ARG A 402 56.86 39.05 -71.11
N VAL A 403 57.33 38.60 -69.95
CA VAL A 403 58.76 38.55 -69.68
C VAL A 403 59.48 37.50 -70.55
N LEU A 404 58.82 36.34 -70.71
CA LEU A 404 59.32 35.36 -71.63
C LEU A 404 59.41 35.88 -73.07
N LEU A 405 58.33 36.50 -73.54
CA LEU A 405 58.22 36.96 -74.92
C LEU A 405 59.22 38.04 -75.16
N LYS A 406 59.62 38.74 -74.10
CA LYS A 406 60.63 39.78 -74.29
C LYS A 406 62.00 39.14 -74.40
N GLN A 407 62.35 38.36 -73.38
CA GLN A 407 63.73 37.87 -73.30
C GLN A 407 64.06 36.78 -74.35
N LEU A 408 63.15 35.84 -74.57
CA LEU A 408 63.41 34.80 -75.53
C LEU A 408 63.54 35.31 -76.98
N GLN A 409 62.62 36.16 -77.42
CA GLN A 409 62.71 36.69 -78.76
C GLN A 409 63.82 37.75 -78.83
N ALA A 410 64.23 38.29 -77.69
CA ALA A 410 65.48 39.09 -77.67
C ALA A 410 66.73 38.21 -77.77
N THR A 411 66.61 36.91 -77.54
CA THR A 411 67.71 35.99 -77.78
C THR A 411 67.58 35.23 -79.10
N GLN A 412 66.42 34.62 -79.34
CA GLN A 412 66.25 33.68 -80.46
C GLN A 412 65.87 34.39 -81.78
N GLN A 413 65.34 33.62 -82.74
CA GLN A 413 65.13 34.13 -84.10
C GLN A 413 63.73 34.64 -84.33
N ILE A 414 63.64 35.81 -84.98
CA ILE A 414 62.39 36.38 -85.41
C ILE A 414 62.08 35.80 -86.81
N PRO A 415 60.89 35.19 -87.00
CA PRO A 415 60.54 34.66 -88.34
C PRO A 415 60.03 35.73 -89.33
N GLU A 416 59.53 35.21 -90.47
CA GLU A 416 59.00 35.95 -91.62
C GLU A 416 57.97 37.11 -91.35
N LEU A 417 57.08 36.92 -90.36
CA LEU A 417 55.83 37.70 -90.13
C LEU A 417 56.01 39.22 -90.12
N PRO A 418 54.94 39.97 -90.50
CA PRO A 418 55.06 41.44 -90.77
C PRO A 418 55.36 42.31 -89.57
N LYS A 419 55.51 43.60 -89.84
CA LYS A 419 55.95 44.54 -88.80
C LYS A 419 54.84 44.93 -87.81
N GLU A 420 53.59 44.61 -88.13
CA GLU A 420 52.51 44.82 -87.17
C GLU A 420 52.33 43.63 -86.22
N ALA A 421 53.05 42.54 -86.50
CA ALA A 421 53.00 41.36 -85.64
C ALA A 421 54.35 41.04 -84.96
N VAL A 422 55.33 41.93 -85.05
CA VAL A 422 56.59 41.69 -84.35
C VAL A 422 56.41 41.90 -82.83
N GLU A 423 55.65 42.94 -82.49
CA GLU A 423 55.33 43.32 -81.11
C GLU A 423 53.83 43.06 -80.90
N PRO A 424 53.46 41.84 -80.51
CA PRO A 424 52.04 41.46 -80.57
C PRO A 424 51.26 41.78 -79.32
N THR A 425 50.00 41.45 -79.32
CA THR A 425 49.20 41.56 -78.12
C THR A 425 48.90 40.19 -77.60
N ILE A 426 48.67 40.09 -76.29
CA ILE A 426 48.59 38.82 -75.62
C ILE A 426 47.24 38.64 -74.98
N SER A 427 46.64 37.47 -75.15
CA SER A 427 45.43 37.09 -74.38
C SER A 427 45.75 35.88 -73.54
N THR A 428 45.12 35.77 -72.37
CA THR A 428 45.59 34.75 -71.41
C THR A 428 44.54 33.83 -70.82
N GLY A 429 43.39 34.35 -70.54
CA GLY A 429 42.45 33.59 -69.72
C GLY A 429 41.60 32.62 -70.53
N LEU A 430 40.30 32.56 -70.27
CA LEU A 430 39.40 31.73 -71.02
C LEU A 430 39.32 32.14 -72.48
N GLU A 431 39.69 33.39 -72.78
CA GLU A 431 39.74 33.84 -74.15
C GLU A 431 40.90 33.19 -74.91
N ALA A 432 41.84 32.64 -74.16
CA ALA A 432 43.02 32.08 -74.79
C ALA A 432 43.15 30.57 -74.62
N ILE A 433 42.18 29.91 -74.02
CA ILE A 433 42.26 28.48 -73.90
C ILE A 433 41.91 27.90 -75.24
N GLY A 434 42.70 26.93 -75.67
CA GLY A 434 42.64 26.54 -77.08
C GLY A 434 43.22 27.67 -77.90
N ARG A 435 42.83 27.78 -79.14
CA ARG A 435 43.14 28.98 -79.92
C ARG A 435 41.83 29.52 -80.43
N GLY A 436 41.03 28.61 -81.02
CA GLY A 436 39.65 28.84 -81.45
C GLY A 436 38.80 29.10 -80.23
N GLN A 437 37.56 29.51 -80.46
CA GLN A 437 36.70 29.80 -79.33
C GLN A 437 36.31 28.55 -78.53
N ASP A 438 35.62 27.59 -79.16
CA ASP A 438 35.05 26.44 -78.43
C ASP A 438 35.15 25.19 -79.25
N LEU A 439 35.63 24.10 -78.67
CA LEU A 439 35.68 22.81 -79.36
C LEU A 439 34.28 22.23 -79.60
N ASP A 440 33.40 22.44 -78.62
CA ASP A 440 32.04 21.96 -78.73
C ASP A 440 31.32 22.72 -79.87
N LYS A 441 31.68 23.99 -80.05
CA LYS A 441 31.13 24.84 -81.11
C LYS A 441 31.49 24.25 -82.47
N LEU A 442 32.77 23.96 -82.69
CA LEU A 442 33.22 23.43 -83.96
C LEU A 442 32.66 22.03 -84.22
N GLU A 443 32.57 21.22 -83.17
CA GLU A 443 32.05 19.86 -83.32
C GLU A 443 30.56 19.86 -83.69
N ARG A 444 29.76 20.58 -82.92
CA ARG A 444 28.32 20.66 -83.21
C ARG A 444 28.03 21.45 -84.48
N CYS A 445 28.93 22.35 -84.87
CA CYS A 445 28.77 23.07 -86.11
C CYS A 445 29.08 22.19 -87.32
N VAL A 446 30.07 21.31 -87.19
CA VAL A 446 30.36 20.35 -88.24
C VAL A 446 29.19 19.34 -88.37
N THR A 447 28.60 18.92 -87.25
CA THR A 447 27.43 18.04 -87.34
C THR A 447 26.21 18.77 -87.91
N ALA A 448 26.09 20.06 -87.63
CA ALA A 448 25.00 20.86 -88.20
C ALA A 448 25.19 21.05 -89.70
N TRP A 449 26.43 21.12 -90.15
CA TRP A 449 26.74 21.12 -91.58
C TRP A 449 26.46 19.77 -92.22
N ALA A 450 26.74 18.69 -91.50
CA ALA A 450 26.46 17.35 -91.97
C ALA A 450 24.96 17.09 -92.09
N ALA A 451 24.17 17.83 -91.30
CA ALA A 451 22.72 17.82 -91.44
C ALA A 451 22.25 18.47 -92.75
N LEU A 452 23.15 19.21 -93.43
CA LEU A 452 22.84 19.83 -94.72
C LEU A 452 23.34 18.96 -95.88
N ALA A 453 23.23 17.65 -95.69
CA ALA A 453 23.45 16.60 -96.68
C ALA A 453 22.70 16.76 -98.02
N PRO A 454 21.32 16.80 -98.03
CA PRO A 454 20.57 16.14 -99.13
C PRO A 454 20.88 16.56 -100.58
N MET A 455 21.00 17.88 -100.83
CA MET A 455 21.27 18.35 -102.17
C MET A 455 22.14 19.58 -102.17
N ARG A 456 23.13 19.60 -103.06
CA ARG A 456 23.93 20.80 -103.36
C ARG A 456 23.03 21.89 -103.96
N ASP A 457 22.57 21.63 -105.17
CA ASP A 457 21.72 22.58 -105.89
C ASP A 457 20.27 22.22 -105.62
N ASP A 458 19.85 22.41 -104.37
CA ASP A 458 18.47 22.17 -103.96
C ASP A 458 17.67 23.42 -104.32
N PRO A 459 16.59 23.26 -105.11
CA PRO A 459 15.83 24.46 -105.48
C PRO A 459 15.04 25.04 -104.32
N ASP A 460 14.60 26.28 -104.52
CA ASP A 460 13.76 27.05 -103.58
C ASP A 460 14.41 27.34 -102.23
N ILE A 461 15.74 27.42 -102.18
CA ILE A 461 16.46 27.58 -100.91
C ILE A 461 17.85 28.11 -101.21
N ASN A 462 18.50 28.67 -100.19
CA ASN A 462 19.91 29.05 -100.31
C ASN A 462 20.78 28.10 -99.51
N LEU A 463 22.05 28.05 -99.86
CA LEU A 463 23.02 27.26 -99.12
C LEU A 463 24.20 28.10 -98.65
N ALA A 464 24.50 29.19 -99.35
CA ALA A 464 25.67 30.01 -99.04
C ALA A 464 25.52 30.78 -97.75
N MET A 465 24.32 31.24 -97.47
CA MET A 465 24.10 32.06 -96.28
C MET A 465 23.71 31.24 -95.07
N ILE A 466 23.01 30.13 -95.25
CA ILE A 466 22.50 29.41 -94.09
C ILE A 466 23.58 28.61 -93.38
N LYS A 467 24.61 28.20 -94.12
CA LYS A 467 25.78 27.61 -93.50
C LYS A 467 26.48 28.67 -92.63
N LEU A 468 26.61 29.88 -93.16
CA LEU A 468 27.18 31.00 -92.43
C LEU A 468 26.34 31.34 -91.20
N ARG A 469 25.02 31.25 -91.33
CA ARG A 469 24.11 31.61 -90.22
C ARG A 469 24.09 30.56 -89.08
N ILE A 470 24.08 29.28 -89.44
CA ILE A 470 24.18 28.22 -88.46
C ILE A 470 25.57 28.25 -87.80
N ALA A 471 26.60 28.59 -88.57
CA ALA A 471 27.94 28.74 -87.98
C ALA A 471 28.03 30.00 -87.10
N ASN A 472 27.32 31.08 -87.50
CA ASN A 472 27.47 32.36 -86.85
C ASN A 472 26.57 32.51 -85.62
N ALA A 473 25.59 31.60 -85.48
CA ALA A 473 24.80 31.53 -84.25
C ALA A 473 25.64 30.96 -83.08
N ILE A 474 26.45 29.95 -83.36
CA ILE A 474 27.35 29.42 -82.35
C ILE A 474 28.66 30.19 -82.48
N GLY A 475 29.58 29.99 -81.54
CA GLY A 475 30.79 30.82 -81.44
C GLY A 475 31.87 30.50 -82.45
N ILE A 476 31.61 30.76 -83.74
CA ILE A 476 32.61 30.54 -84.78
C ILE A 476 32.98 31.91 -85.35
N ASP A 477 34.27 32.09 -85.63
CA ASP A 477 34.79 33.32 -86.26
C ASP A 477 34.15 33.64 -87.62
N THR A 478 33.94 32.61 -88.45
CA THR A 478 33.30 32.72 -89.77
C THR A 478 34.06 33.65 -90.71
N SER A 479 35.37 33.66 -90.59
CA SER A 479 36.21 34.59 -91.33
C SER A 479 37.41 33.85 -91.92
N GLY A 480 37.11 32.80 -92.68
CA GLY A 480 38.10 31.92 -93.27
C GLY A 480 37.56 30.52 -93.22
N ILE A 481 36.61 30.32 -92.30
CA ILE A 481 35.75 29.16 -92.24
C ILE A 481 34.87 29.07 -93.49
N LEU A 482 34.46 30.22 -94.03
CA LEU A 482 33.57 30.26 -95.17
C LEU A 482 34.24 30.96 -96.34
N LEU A 483 33.98 30.48 -97.54
CA LEU A 483 34.54 31.11 -98.73
C LEU A 483 33.81 32.43 -99.05
N THR A 484 34.59 33.44 -99.39
CA THR A 484 34.05 34.62 -100.06
C THR A 484 34.27 34.61 -101.58
N GLU A 485 35.53 34.61 -102.02
CA GLU A 485 35.85 34.60 -103.46
C GLU A 485 37.15 33.87 -103.72
N GLU B 3 97.77 19.52 -53.07
CA GLU B 3 98.03 18.25 -52.35
C GLU B 3 97.52 18.36 -50.92
N LYS B 4 97.11 19.58 -50.53
CA LYS B 4 96.35 19.78 -49.32
C LYS B 4 94.96 20.29 -49.65
N ARG B 5 93.94 19.62 -49.15
CA ARG B 5 92.57 20.06 -49.30
C ARG B 5 92.30 21.29 -48.47
N THR B 6 91.85 22.35 -49.13
CA THR B 6 91.59 23.61 -48.46
C THR B 6 90.13 23.94 -48.64
N GLY B 7 89.73 25.15 -48.24
CA GLY B 7 88.36 25.56 -48.44
C GLY B 7 87.46 24.83 -47.47
N LEU B 8 86.40 24.24 -47.99
CA LEU B 8 85.38 23.64 -47.15
C LEU B 8 85.78 22.31 -46.61
N ALA B 9 86.79 21.69 -47.22
CA ALA B 9 87.22 20.34 -46.88
C ALA B 9 88.48 20.40 -46.04
N GLU B 10 88.55 21.33 -45.11
CA GLU B 10 89.79 21.65 -44.40
C GLU B 10 90.21 20.55 -43.46
N ASP B 11 89.26 19.81 -42.90
CA ASP B 11 89.63 18.79 -41.95
C ASP B 11 89.26 17.33 -42.24
N GLY B 12 89.22 16.94 -43.50
CA GLY B 12 88.90 15.54 -43.86
C GLY B 12 87.40 15.25 -43.79
N ALA B 13 87.01 14.10 -44.27
CA ALA B 13 85.60 13.76 -44.44
C ALA B 13 84.92 13.25 -43.18
N LYS B 14 85.63 12.48 -42.39
CA LYS B 14 85.10 12.00 -41.13
C LYS B 14 84.81 13.13 -40.17
N SER B 15 85.65 14.16 -40.16
CA SER B 15 85.41 15.30 -39.31
C SER B 15 84.18 16.08 -39.72
N VAL B 16 84.01 16.28 -41.01
CA VAL B 16 82.87 17.00 -41.48
C VAL B 16 81.61 16.19 -41.19
N TYR B 17 81.70 14.88 -41.36
CA TYR B 17 80.55 14.01 -41.14
C TYR B 17 80.10 14.02 -39.67
N GLU B 18 81.07 13.90 -38.76
CA GLU B 18 80.72 13.94 -37.38
C GLU B 18 80.29 15.30 -36.93
N ARG B 19 80.72 16.34 -37.62
CA ARG B 19 80.26 17.70 -37.25
C ARG B 19 78.83 17.96 -37.69
N LEU B 20 78.46 17.44 -38.86
CA LEU B 20 77.16 17.69 -39.37
C LEU B 20 76.12 16.66 -38.92
N LYS B 21 76.56 15.58 -38.26
CA LYS B 21 75.63 14.59 -37.75
C LYS B 21 74.66 15.18 -36.73
N ASN B 22 75.12 16.18 -35.97
CA ASN B 22 74.25 16.83 -34.99
C ASN B 22 73.06 17.50 -35.64
N ASP B 23 73.29 18.21 -36.73
CA ASP B 23 72.18 18.81 -37.41
C ASP B 23 71.43 17.80 -38.24
N ARG B 24 71.99 16.63 -38.50
CA ARG B 24 71.21 15.59 -39.16
C ARG B 24 70.21 15.02 -38.23
N ALA B 25 70.57 14.88 -36.98
CA ALA B 25 69.83 14.06 -36.00
C ALA B 25 68.30 14.21 -35.86
N PRO B 26 67.75 15.41 -35.88
CA PRO B 26 66.35 15.50 -35.65
C PRO B 26 65.53 14.92 -36.78
N TYR B 27 66.01 15.03 -38.01
CA TYR B 27 65.33 14.44 -39.11
C TYR B 27 65.32 12.93 -38.95
N GLU B 28 66.39 12.40 -38.41
CA GLU B 28 66.46 10.97 -38.16
C GLU B 28 65.45 10.55 -37.08
N THR B 29 65.25 11.41 -36.09
CA THR B 29 64.29 11.11 -35.05
C THR B 29 62.89 11.09 -35.61
N ARG B 30 62.60 12.06 -36.48
CA ARG B 30 61.30 12.08 -37.17
C ARG B 30 61.12 10.85 -37.99
N ALA B 31 62.18 10.40 -38.64
CA ALA B 31 62.10 9.22 -39.45
C ALA B 31 61.76 8.01 -38.58
N GLN B 32 62.35 7.94 -37.41
CA GLN B 32 62.08 6.83 -36.57
C GLN B 32 60.65 6.82 -36.12
N ASN B 33 60.12 7.97 -35.78
CA ASN B 33 58.75 8.05 -35.33
C ASN B 33 57.76 7.67 -36.46
N CYS B 34 57.99 8.21 -37.66
CA CYS B 34 57.14 7.89 -38.75
C CYS B 34 57.18 6.39 -39.10
N ALA B 35 58.34 5.83 -38.93
CA ALA B 35 58.49 4.42 -39.16
C ALA B 35 57.76 3.62 -38.09
N GLN B 36 57.75 4.09 -36.85
CA GLN B 36 57.12 3.35 -35.78
C GLN B 36 55.66 3.34 -35.93
N TYR B 37 55.13 4.34 -36.62
CA TYR B 37 53.65 4.34 -36.81
C TYR B 37 53.27 3.76 -38.13
N THR B 38 54.18 3.56 -39.09
CA THR B 38 53.73 3.04 -40.42
C THR B 38 54.13 1.69 -40.74
N ILE B 39 55.39 1.47 -40.85
CA ILE B 39 55.95 0.10 -41.08
C ILE B 39 57.32 0.13 -40.40
N PRO B 40 57.48 -0.67 -39.37
CA PRO B 40 58.59 -0.40 -38.44
C PRO B 40 59.90 -0.76 -38.98
N SER B 41 59.99 -1.72 -39.88
CA SER B 41 61.27 -2.08 -40.37
C SER B 41 61.92 -1.11 -41.28
N LEU B 42 61.15 -0.21 -41.87
CA LEU B 42 61.56 0.61 -43.04
C LEU B 42 62.52 1.64 -42.68
N PHE B 43 62.72 1.91 -41.40
CA PHE B 43 63.84 2.78 -40.96
C PHE B 43 64.13 2.37 -39.54
N PRO B 44 65.18 1.59 -39.30
CA PRO B 44 65.56 1.21 -37.98
C PRO B 44 66.15 2.34 -37.20
N LYS B 45 66.33 2.13 -35.90
CA LYS B 45 67.15 3.06 -35.09
C LYS B 45 68.59 2.67 -35.20
N ASP B 46 69.48 3.55 -34.76
CA ASP B 46 70.88 3.27 -35.05
C ASP B 46 71.44 2.15 -34.15
N SER B 47 70.89 2.05 -32.96
CA SER B 47 71.26 0.97 -32.07
C SER B 47 70.45 -0.27 -32.38
N ASP B 48 69.14 -0.08 -32.63
CA ASP B 48 68.22 -1.19 -32.74
C ASP B 48 68.35 -1.88 -34.07
N ASN B 49 69.48 -2.53 -34.24
CA ASN B 49 69.66 -3.44 -35.35
C ASN B 49 69.95 -4.84 -34.83
N ALA B 50 69.73 -5.83 -35.68
CA ALA B 50 70.35 -7.11 -35.53
C ALA B 50 69.61 -7.73 -34.36
N SER B 51 68.50 -8.33 -34.75
CA SER B 51 67.71 -9.17 -33.86
C SER B 51 66.94 -8.38 -32.81
N THR B 52 66.09 -7.48 -33.31
CA THR B 52 65.42 -6.54 -32.50
C THR B 52 63.94 -6.65 -32.58
N ASP B 53 63.40 -7.42 -33.51
CA ASP B 53 61.96 -7.80 -33.45
C ASP B 53 61.06 -6.64 -33.48
N TYR B 54 60.95 -6.02 -34.64
CA TYR B 54 60.04 -4.89 -34.84
C TYR B 54 58.61 -5.29 -34.65
N GLN B 55 57.82 -4.43 -34.04
CA GLN B 55 56.45 -4.76 -33.67
C GLN B 55 55.51 -4.10 -34.56
N THR B 56 54.41 -4.72 -34.91
CA THR B 56 53.46 -4.03 -35.87
C THR B 56 52.69 -3.05 -35.23
N PRO B 57 52.31 -2.05 -35.95
CA PRO B 57 51.63 -1.00 -35.28
C PRO B 57 50.24 -1.42 -35.09
N TRP B 58 49.53 -0.78 -34.13
CA TRP B 58 48.22 -1.20 -33.82
C TRP B 58 47.26 -0.87 -34.92
N GLN B 59 47.54 0.25 -35.60
CA GLN B 59 46.75 0.65 -36.75
C GLN B 59 47.28 0.12 -38.03
N ALA B 60 46.38 -0.07 -39.01
CA ALA B 60 46.81 -0.61 -40.24
C ALA B 60 46.81 0.32 -41.43
N VAL B 61 46.34 1.54 -41.21
CA VAL B 61 46.22 2.48 -42.25
C VAL B 61 47.52 3.05 -42.62
N GLY B 62 48.43 3.13 -41.68
CA GLY B 62 49.77 3.60 -41.99
C GLY B 62 50.51 2.65 -42.88
N ALA B 63 50.42 1.39 -42.54
CA ALA B 63 51.17 0.39 -43.29
C ALA B 63 50.66 0.27 -44.73
N ARG B 64 49.35 0.30 -44.91
CA ARG B 64 48.78 0.25 -46.21
C ARG B 64 49.12 1.50 -46.95
N GLY B 65 49.07 2.61 -46.25
CA GLY B 65 49.17 3.93 -46.87
C GLY B 65 50.53 4.21 -47.42
N LEU B 66 51.59 3.80 -46.72
CA LEU B 66 52.95 4.09 -47.18
C LEU B 66 53.22 3.32 -48.44
N ASN B 67 52.84 2.05 -48.47
CA ASN B 67 53.10 1.26 -49.65
C ASN B 67 52.25 1.71 -50.81
N ASN B 68 51.00 2.11 -50.58
CA ASN B 68 50.14 2.56 -51.67
C ASN B 68 50.66 3.81 -52.25
N LEU B 69 51.17 4.71 -51.41
CA LEU B 69 51.63 6.01 -51.91
C LEU B 69 52.93 5.83 -52.67
N ALA B 70 53.81 4.97 -52.21
CA ALA B 70 55.03 4.71 -52.93
C ALA B 70 54.75 4.02 -54.28
N SER B 71 53.77 3.14 -54.30
CA SER B 71 53.44 2.46 -55.54
C SER B 71 52.82 3.40 -56.56
N LYS B 72 51.96 4.30 -56.13
CA LYS B 72 51.34 5.20 -57.07
C LYS B 72 52.34 6.21 -57.57
N LEU B 73 53.27 6.63 -56.70
CA LEU B 73 54.37 7.52 -57.17
C LEU B 73 55.24 6.82 -58.18
N MET B 74 55.45 5.54 -58.03
CA MET B 74 56.27 4.89 -59.02
C MET B 74 55.54 4.66 -60.31
N LEU B 75 54.23 4.39 -60.22
CA LEU B 75 53.37 4.23 -61.43
C LEU B 75 53.26 5.53 -62.22
N ALA B 76 53.45 6.66 -61.56
CA ALA B 76 53.39 7.89 -62.31
C ALA B 76 54.71 8.54 -62.58
N LEU B 77 55.76 8.02 -62.01
CA LEU B 77 57.06 8.66 -62.20
C LEU B 77 58.07 7.83 -62.98
N PHE B 78 57.95 6.49 -62.97
CA PHE B 78 58.83 5.68 -63.77
C PHE B 78 58.06 4.55 -64.40
N PRO B 79 57.25 4.84 -65.40
CA PRO B 79 56.46 3.77 -66.00
C PRO B 79 57.23 2.89 -67.02
N MET B 80 56.46 2.05 -67.71
CA MET B 80 56.98 1.21 -68.78
C MET B 80 57.37 2.05 -69.99
N GLN B 81 56.67 3.15 -70.17
CA GLN B 81 56.80 4.03 -71.36
C GLN B 81 58.05 4.85 -71.33
N THR B 82 58.20 5.68 -72.35
CA THR B 82 59.21 6.70 -72.32
C THR B 82 58.74 7.78 -71.41
N TRP B 83 59.55 8.14 -70.41
CA TRP B 83 59.14 9.15 -69.46
C TRP B 83 59.96 10.39 -69.43
N MET B 84 61.05 10.44 -70.23
CA MET B 84 61.76 11.70 -70.37
C MET B 84 61.50 12.23 -71.77
N ARG B 85 61.85 13.48 -71.99
CA ARG B 85 61.72 14.09 -73.31
C ARG B 85 62.95 14.89 -73.60
N LEU B 86 63.52 14.68 -74.77
CA LEU B 86 64.74 15.38 -75.21
C LEU B 86 64.42 16.29 -76.38
N THR B 87 64.57 17.61 -76.19
CA THR B 87 64.14 18.59 -77.20
C THR B 87 65.21 19.62 -77.43
N ILE B 88 64.91 20.59 -78.31
CA ILE B 88 65.89 21.56 -78.82
C ILE B 88 65.39 22.98 -78.61
N SER B 89 66.24 23.90 -78.18
CA SER B 89 65.77 25.28 -77.95
C SER B 89 66.79 26.33 -78.35
N GLU B 90 66.32 27.53 -78.71
CA GLU B 90 67.13 28.76 -79.01
C GLU B 90 68.10 28.78 -80.19
N TYR B 91 68.15 27.66 -80.89
CA TYR B 91 68.82 27.55 -82.18
C TYR B 91 67.94 26.79 -83.18
N GLU B 92 66.83 26.23 -82.71
CA GLU B 92 65.83 25.58 -83.57
C GLU B 92 65.03 26.62 -84.35
N ALA B 93 65.06 27.87 -83.91
CA ALA B 93 64.46 28.99 -84.66
C ALA B 93 65.15 29.23 -86.01
N LYS B 94 66.42 28.82 -86.08
CA LYS B 94 67.12 28.74 -87.36
C LYS B 94 66.54 27.57 -88.18
N GLN B 95 66.16 26.50 -87.49
CA GLN B 95 65.99 25.20 -88.11
C GLN B 95 64.53 24.86 -88.31
N LEU B 96 63.68 25.23 -87.37
CA LEU B 96 62.27 24.82 -87.40
C LEU B 96 61.43 25.72 -88.29
N LEU B 97 62.03 26.81 -88.78
CA LEU B 97 61.32 27.73 -89.66
C LEU B 97 61.00 27.05 -91.00
N SER B 98 62.02 26.47 -91.61
CA SER B 98 61.87 25.69 -92.82
C SER B 98 61.97 24.20 -92.44
N ASP B 99 61.88 23.35 -93.47
CA ASP B 99 62.04 21.90 -93.38
C ASP B 99 61.17 21.24 -92.30
N PRO B 100 59.84 21.09 -92.53
CA PRO B 100 59.09 20.21 -91.63
C PRO B 100 59.50 18.74 -91.82
N ASP B 101 60.09 18.43 -92.99
CA ASP B 101 60.76 17.16 -93.20
C ASP B 101 62.19 17.12 -92.63
N GLY B 102 62.65 18.23 -92.08
CA GLY B 102 64.04 18.31 -91.61
C GLY B 102 64.26 17.92 -90.18
N LEU B 103 63.30 18.23 -89.33
CA LEU B 103 63.38 17.88 -87.95
C LEU B 103 63.00 16.43 -87.69
N ALA B 104 62.61 15.71 -88.73
CA ALA B 104 62.27 14.29 -88.59
C ALA B 104 63.51 13.43 -88.28
N LYS B 105 64.66 13.80 -88.86
CA LYS B 105 65.92 13.14 -88.56
C LYS B 105 66.34 13.39 -87.11
N VAL B 106 66.06 14.60 -86.63
CA VAL B 106 66.35 14.98 -85.26
C VAL B 106 65.46 14.19 -84.29
N ASP B 107 64.21 14.00 -84.68
CA ASP B 107 63.26 13.21 -83.91
C ASP B 107 63.73 11.78 -83.83
N GLU B 108 64.21 11.23 -84.93
CA GLU B 108 64.67 9.85 -84.94
C GLU B 108 65.91 9.68 -84.07
N GLY B 109 66.84 10.64 -84.15
CA GLY B 109 68.08 10.60 -83.36
C GLY B 109 67.77 10.68 -81.85
N LEU B 110 66.89 11.61 -81.47
CA LEU B 110 66.58 11.76 -80.07
C LEU B 110 65.72 10.63 -79.53
N SER B 111 64.87 10.03 -80.35
CA SER B 111 64.15 8.85 -79.92
C SER B 111 65.09 7.65 -79.75
N MET B 112 66.13 7.59 -80.56
CA MET B 112 67.18 6.61 -80.38
C MET B 112 67.87 6.81 -79.02
N VAL B 113 68.17 8.06 -78.66
CA VAL B 113 68.86 8.32 -77.40
C VAL B 113 67.96 8.04 -76.21
N GLU B 114 66.68 8.35 -76.35
CA GLU B 114 65.71 8.04 -75.29
C GLU B 114 65.53 6.54 -75.10
N ARG B 115 65.53 5.81 -76.21
CA ARG B 115 65.41 4.39 -76.10
C ARG B 115 66.64 3.78 -75.44
N ILE B 116 67.82 4.34 -75.68
CA ILE B 116 69.03 3.76 -75.13
C ILE B 116 69.16 4.07 -73.63
N ILE B 117 68.69 5.23 -73.25
CA ILE B 117 68.63 5.52 -71.82
C ILE B 117 67.62 4.56 -71.13
N MET B 118 66.42 4.38 -71.71
CA MET B 118 65.42 3.48 -71.18
C MET B 118 65.90 2.05 -71.09
N ASN B 119 66.71 1.65 -72.06
CA ASN B 119 67.23 0.29 -72.03
C ASN B 119 68.20 0.12 -70.90
N TYR B 120 69.01 1.15 -70.68
CA TYR B 120 69.94 1.10 -69.54
C TYR B 120 69.20 1.13 -68.22
N ILE B 121 68.02 1.75 -68.19
CA ILE B 121 67.17 1.70 -67.01
C ILE B 121 66.69 0.26 -66.77
N GLU B 122 66.14 -0.40 -67.79
CA GLU B 122 65.54 -1.70 -67.58
C GLU B 122 66.58 -2.75 -67.22
N SER B 123 67.78 -2.59 -67.76
CA SER B 123 68.77 -3.65 -67.62
C SER B 123 69.39 -3.69 -66.27
N ASN B 124 69.72 -2.55 -65.76
CA ASN B 124 70.51 -2.50 -64.58
C ASN B 124 69.71 -2.47 -63.30
N SER B 125 68.41 -2.72 -63.39
CA SER B 125 67.55 -2.75 -62.23
C SER B 125 67.58 -1.42 -61.48
N TYR B 126 67.20 -0.33 -62.15
CA TYR B 126 66.92 0.86 -61.42
C TYR B 126 65.52 0.84 -60.85
N ARG B 127 64.62 -0.07 -61.32
CA ARG B 127 63.26 -0.04 -60.83
C ARG B 127 63.17 -0.45 -59.37
N VAL B 128 63.99 -1.44 -59.02
CA VAL B 128 63.99 -1.96 -57.67
C VAL B 128 64.55 -0.89 -56.69
N THR B 129 65.65 -0.27 -57.04
CA THR B 129 66.21 0.70 -56.16
C THR B 129 65.42 2.00 -56.11
N LEU B 130 64.71 2.31 -57.18
CA LEU B 130 63.89 3.45 -57.12
C LEU B 130 62.67 3.21 -56.29
N PHE B 131 62.14 1.99 -56.26
CA PHE B 131 60.99 1.74 -55.39
C PHE B 131 61.39 1.83 -53.94
N GLU B 132 62.56 1.31 -53.64
CA GLU B 132 63.11 1.43 -52.29
C GLU B 132 63.34 2.93 -51.93
N ALA B 133 63.83 3.71 -52.87
CA ALA B 133 64.08 5.07 -52.60
C ALA B 133 62.80 5.82 -52.40
N LEU B 134 61.75 5.44 -53.10
CA LEU B 134 60.47 6.13 -52.90
C LEU B 134 59.88 5.78 -51.52
N LYS B 135 60.02 4.52 -51.06
CA LYS B 135 59.54 4.21 -49.73
C LYS B 135 60.33 5.00 -48.70
N GLN B 136 61.64 5.18 -48.89
CA GLN B 136 62.42 6.00 -47.99
C GLN B 136 62.01 7.44 -48.04
N LEU B 137 61.67 7.93 -49.21
CA LEU B 137 61.34 9.33 -49.38
C LEU B 137 59.97 9.65 -48.87
N VAL B 138 59.12 8.64 -48.69
CA VAL B 138 57.82 8.91 -48.11
C VAL B 138 57.90 8.75 -46.61
N VAL B 139 58.56 7.74 -46.08
CA VAL B 139 58.59 7.61 -44.66
C VAL B 139 59.57 8.57 -44.03
N ALA B 140 60.71 8.81 -44.64
CA ALA B 140 61.66 9.73 -44.08
C ALA B 140 61.80 10.84 -45.07
N GLY B 141 62.66 11.79 -44.77
CA GLY B 141 62.62 13.01 -45.53
C GLY B 141 63.69 13.10 -46.56
N ASN B 142 64.66 12.21 -46.53
CA ASN B 142 65.79 12.43 -47.37
C ASN B 142 66.41 11.13 -47.85
N VAL B 143 66.67 11.03 -49.14
CA VAL B 143 67.35 9.85 -49.71
C VAL B 143 68.51 10.38 -50.51
N LEU B 144 69.51 9.54 -50.70
CA LEU B 144 70.69 9.96 -51.52
C LEU B 144 70.99 8.85 -52.51
N LEU B 145 70.73 9.09 -53.79
CA LEU B 145 71.06 8.10 -54.78
C LEU B 145 72.46 8.39 -55.31
N TYR B 146 73.14 7.32 -55.72
CA TYR B 146 74.42 7.49 -56.42
C TYR B 146 74.57 6.38 -57.41
N LEU B 147 74.65 6.81 -58.67
CA LEU B 147 74.93 5.95 -59.77
C LEU B 147 76.38 6.12 -60.21
N PRO B 148 77.17 5.03 -60.25
CA PRO B 148 78.58 5.12 -60.51
C PRO B 148 78.86 5.27 -61.99
N GLU B 149 80.16 5.30 -62.34
CA GLU B 149 80.54 5.16 -63.75
C GLU B 149 80.22 3.75 -64.20
N PRO B 150 79.73 3.58 -65.44
CA PRO B 150 79.33 2.22 -65.85
C PRO B 150 80.50 1.28 -66.08
N GLU B 151 81.58 1.75 -66.69
CA GLU B 151 82.82 0.94 -66.85
C GLU B 151 82.59 -0.38 -67.56
N GLY B 152 81.63 -0.37 -68.49
CA GLY B 152 81.29 -1.54 -69.28
C GLY B 152 79.81 -1.77 -69.25
N SER B 153 79.37 -2.71 -70.07
CA SER B 153 77.95 -3.05 -70.19
C SER B 153 77.57 -4.22 -69.27
N ASN B 154 78.41 -4.50 -68.30
CA ASN B 154 78.11 -5.48 -67.25
C ASN B 154 77.11 -4.89 -66.23
N TYR B 155 76.80 -5.64 -65.18
CA TYR B 155 75.75 -5.22 -64.27
C TYR B 155 76.19 -4.10 -63.35
N ASN B 156 75.50 -2.96 -63.40
CA ASN B 156 75.80 -1.84 -62.53
C ASN B 156 74.55 -1.25 -61.95
N PRO B 157 74.15 -1.67 -60.75
CA PRO B 157 72.97 -1.13 -60.13
C PRO B 157 73.29 0.20 -59.47
N MET B 158 72.30 0.78 -58.78
CA MET B 158 72.49 2.11 -58.20
C MET B 158 72.53 2.09 -56.70
N LYS B 159 73.60 2.60 -56.10
CA LYS B 159 73.75 2.51 -54.64
C LYS B 159 72.89 3.53 -53.97
N LEU B 160 72.00 3.04 -53.09
CA LEU B 160 71.11 3.94 -52.35
C LEU B 160 71.78 4.31 -51.06
N TYR B 161 71.35 5.42 -50.49
CA TYR B 161 71.80 5.78 -49.17
C TYR B 161 70.61 6.29 -48.41
N ARG B 162 70.21 5.54 -47.37
CA ARG B 162 69.19 6.02 -46.47
C ARG B 162 69.82 7.02 -45.50
N LEU B 163 68.98 7.70 -44.72
CA LEU B 163 69.31 8.96 -44.10
C LEU B 163 70.38 8.81 -43.09
N SER B 164 70.52 7.62 -42.53
CA SER B 164 71.51 7.41 -41.44
C SER B 164 72.95 7.45 -41.92
N SER B 165 73.19 7.28 -43.19
CA SER B 165 74.53 7.03 -43.63
C SER B 165 75.10 8.12 -44.50
N TYR B 166 74.45 9.28 -44.58
CA TYR B 166 75.03 10.40 -45.32
C TYR B 166 74.67 11.69 -44.66
N VAL B 167 75.18 12.79 -45.21
CA VAL B 167 74.87 14.04 -44.64
C VAL B 167 74.94 15.11 -45.73
N VAL B 168 74.15 16.18 -45.64
CA VAL B 168 74.13 17.24 -46.64
C VAL B 168 74.01 18.58 -46.00
N GLN B 169 74.91 19.50 -46.33
CA GLN B 169 74.81 20.87 -45.88
C GLN B 169 74.40 21.75 -47.06
N ARG B 170 73.46 22.66 -46.79
CA ARG B 170 72.96 23.58 -47.82
C ARG B 170 73.08 25.01 -47.31
N ASP B 171 72.80 25.95 -48.19
CA ASP B 171 72.62 27.36 -47.83
C ASP B 171 71.14 27.65 -47.76
N ALA B 172 70.77 28.92 -47.68
CA ALA B 172 69.34 29.22 -47.61
C ALA B 172 68.66 29.16 -48.97
N PHE B 173 69.42 29.07 -50.07
CA PHE B 173 68.81 28.70 -51.33
C PHE B 173 68.36 27.23 -51.36
N GLY B 174 69.35 26.34 -51.30
CA GLY B 174 69.12 24.97 -51.62
C GLY B 174 70.27 24.51 -52.49
N ASN B 175 71.26 25.37 -52.64
CA ASN B 175 72.49 24.96 -53.25
C ASN B 175 73.16 23.98 -52.34
N VAL B 176 73.48 22.80 -52.85
CA VAL B 176 74.18 21.83 -52.07
C VAL B 176 75.64 22.23 -51.94
N LEU B 177 76.08 22.58 -50.74
CA LEU B 177 77.47 22.93 -50.57
C LEU B 177 78.34 21.69 -50.46
N GLN B 178 77.97 20.76 -49.58
CA GLN B 178 78.75 19.59 -49.37
C GLN B 178 77.97 18.37 -48.95
N MET B 179 78.44 17.19 -49.33
CA MET B 179 77.87 15.98 -48.90
C MET B 179 79.01 15.03 -48.39
N VAL B 180 78.71 14.16 -47.43
CA VAL B 180 79.57 13.12 -47.08
C VAL B 180 78.78 11.84 -46.92
N THR B 181 79.19 10.73 -47.53
CA THR B 181 78.58 9.44 -47.34
C THR B 181 79.44 8.50 -46.55
N ARG B 182 78.85 7.51 -45.90
CA ARG B 182 79.50 6.75 -44.85
C ARG B 182 79.24 5.28 -45.09
N ASP B 183 79.61 4.82 -46.28
CA ASP B 183 79.51 3.38 -46.55
C ASP B 183 80.43 2.60 -45.62
N GLN B 184 79.91 1.45 -45.17
CA GLN B 184 80.66 0.54 -44.36
C GLN B 184 80.86 -0.79 -45.13
N ILE B 185 82.03 -0.99 -45.70
CA ILE B 185 82.27 -2.15 -46.56
C ILE B 185 83.26 -3.06 -45.88
N ALA B 186 83.16 -4.34 -46.13
CA ALA B 186 84.20 -5.28 -45.63
C ALA B 186 85.49 -5.09 -46.40
N PHE B 187 86.62 -5.42 -45.76
CA PHE B 187 87.94 -5.36 -46.38
C PHE B 187 88.09 -6.32 -47.53
N GLY B 188 87.32 -7.40 -47.53
CA GLY B 188 87.41 -8.38 -48.58
C GLY B 188 86.76 -7.94 -49.87
N ALA B 189 85.66 -7.23 -49.76
CA ALA B 189 84.89 -6.86 -50.94
C ALA B 189 85.11 -5.40 -51.35
N LEU B 190 86.25 -4.84 -50.97
CA LEU B 190 86.59 -3.48 -51.38
C LEU B 190 86.91 -3.42 -52.86
N PRO B 191 86.77 -2.24 -53.48
CA PRO B 191 87.47 -2.01 -54.76
C PRO B 191 89.00 -2.08 -54.58
N GLU B 192 89.68 -2.43 -55.66
CA GLU B 192 91.07 -2.84 -55.58
C GLU B 192 92.02 -1.71 -55.21
N ASP B 193 91.70 -0.52 -55.67
CA ASP B 193 92.53 0.63 -55.35
C ASP B 193 92.45 1.02 -53.86
N ILE B 194 91.29 0.79 -53.26
CA ILE B 194 91.12 1.16 -51.88
C ILE B 194 91.82 0.19 -50.94
N ARG B 195 91.93 -1.06 -51.36
CA ARG B 195 92.60 -2.08 -50.54
C ARG B 195 94.06 -1.75 -50.35
N LYS B 196 94.71 -1.30 -51.41
CA LYS B 196 96.12 -0.94 -51.30
C LYS B 196 96.31 0.35 -50.49
N ALA B 197 95.35 1.27 -50.60
CA ALA B 197 95.41 2.50 -49.82
C ALA B 197 95.23 2.22 -48.32
N VAL B 198 94.37 1.28 -47.98
CA VAL B 198 94.20 0.92 -46.59
C VAL B 198 95.41 0.12 -46.10
N GLU B 199 95.91 -0.79 -46.94
CA GLU B 199 97.02 -1.63 -46.56
C GLU B 199 98.29 -0.81 -46.36
N GLY B 200 98.42 0.29 -47.09
CA GLY B 200 99.55 1.20 -46.90
C GLY B 200 99.56 1.91 -45.55
N GLN B 201 98.39 2.04 -44.92
CA GLN B 201 98.29 2.65 -43.61
C GLN B 201 98.98 1.78 -42.57
N GLY B 202 98.93 0.46 -42.74
CA GLY B 202 99.67 -0.43 -41.88
C GLY B 202 98.79 -1.32 -41.06
N GLY B 203 99.43 -2.38 -40.55
CA GLY B 203 98.75 -3.47 -39.86
C GLY B 203 98.03 -4.38 -40.85
N GLU B 204 98.17 -5.69 -40.67
CA GLU B 204 97.36 -6.63 -41.45
C GLU B 204 95.90 -6.52 -41.02
N LYS B 205 95.01 -6.95 -41.89
CA LYS B 205 93.59 -6.88 -41.60
C LYS B 205 92.96 -8.22 -41.83
N LYS B 206 91.90 -8.50 -41.08
CA LYS B 206 91.13 -9.73 -41.34
C LYS B 206 90.27 -9.53 -42.57
N ALA B 207 89.65 -10.59 -43.06
CA ALA B 207 88.79 -10.40 -44.22
C ALA B 207 87.47 -9.69 -43.85
N ASP B 208 86.78 -10.08 -42.78
CA ASP B 208 85.49 -9.52 -42.49
C ASP B 208 85.55 -8.37 -41.57
N GLU B 209 86.73 -7.81 -41.33
CA GLU B 209 86.85 -6.62 -40.48
C GLU B 209 86.31 -5.40 -41.22
N THR B 210 85.35 -4.73 -40.59
CA THR B 210 84.64 -3.66 -41.29
C THR B 210 85.51 -2.47 -41.41
N ILE B 211 85.43 -1.82 -42.58
CA ILE B 211 86.18 -0.60 -42.84
C ILE B 211 85.20 0.46 -43.32
N ASP B 212 85.18 1.57 -42.63
CA ASP B 212 84.32 2.67 -42.96
C ASP B 212 85.01 3.63 -43.91
N VAL B 213 84.50 3.73 -45.13
CA VAL B 213 84.97 4.76 -46.01
C VAL B 213 84.12 6.00 -45.81
N TYR B 214 84.61 7.12 -46.32
CA TYR B 214 83.81 8.33 -46.33
C TYR B 214 84.00 8.98 -47.67
N THR B 215 82.93 9.38 -48.32
CA THR B 215 83.04 10.05 -49.59
C THR B 215 82.62 11.48 -49.38
N HIS B 216 83.47 12.42 -49.78
CA HIS B 216 83.21 13.83 -49.56
C HIS B 216 83.12 14.55 -50.89
N ILE B 217 82.06 15.36 -51.04
CA ILE B 217 81.81 16.15 -52.24
C ILE B 217 81.62 17.57 -51.75
N TYR B 218 82.37 18.53 -52.33
CA TYR B 218 82.31 19.92 -51.83
C TYR B 218 82.43 20.94 -52.90
N LEU B 219 81.79 22.10 -52.68
CA LEU B 219 81.97 23.26 -53.58
C LEU B 219 83.37 23.83 -53.44
N ASP B 220 83.92 24.24 -54.56
CA ASP B 220 85.24 24.81 -54.56
C ASP B 220 85.19 26.26 -54.15
N GLU B 221 86.26 26.72 -53.51
CA GLU B 221 86.43 28.12 -53.22
C GLU B 221 86.82 28.90 -54.49
N ASP B 222 87.34 28.20 -55.50
CA ASP B 222 87.81 28.85 -56.71
C ASP B 222 86.71 28.86 -57.77
N SER B 223 86.27 27.69 -58.18
CA SER B 223 85.35 27.58 -59.30
C SER B 223 84.01 27.05 -58.87
N GLY B 224 83.07 27.05 -59.82
CA GLY B 224 81.72 26.59 -59.55
C GLY B 224 81.49 25.14 -59.90
N GLU B 225 82.43 24.26 -59.59
CA GLU B 225 82.28 22.84 -59.85
C GLU B 225 82.61 22.04 -58.58
N TYR B 226 82.05 20.85 -58.45
CA TYR B 226 82.26 20.07 -57.24
C TYR B 226 83.61 19.35 -57.29
N LEU B 227 84.16 19.09 -56.11
CA LEU B 227 85.32 18.21 -55.96
C LEU B 227 85.00 17.06 -55.03
N ARG B 228 85.35 15.83 -55.42
CA ARG B 228 85.13 14.64 -54.57
C ARG B 228 86.41 13.93 -54.24
N TYR B 229 86.46 13.37 -53.02
CA TYR B 229 87.50 12.47 -52.62
C TYR B 229 87.00 11.46 -51.66
N GLU B 230 87.78 10.39 -51.50
CA GLU B 230 87.45 9.33 -50.54
C GLU B 230 88.41 9.40 -49.37
N GLU B 231 88.01 8.84 -48.25
CA GLU B 231 88.85 8.84 -47.08
C GLU B 231 88.61 7.58 -46.30
N VAL B 232 89.70 6.92 -45.92
CA VAL B 232 89.64 5.78 -45.02
C VAL B 232 90.65 5.99 -43.90
N GLU B 233 90.13 5.98 -42.67
CA GLU B 233 90.98 5.94 -41.49
C GLU B 233 91.75 7.26 -41.29
N GLY B 234 91.39 8.31 -42.03
CA GLY B 234 92.00 9.60 -41.81
C GLY B 234 93.05 9.99 -42.83
N MET B 235 92.80 9.62 -44.08
CA MET B 235 93.75 9.89 -45.15
C MET B 235 93.02 9.81 -46.47
N GLU B 236 93.29 10.77 -47.35
CA GLU B 236 92.65 10.79 -48.65
C GLU B 236 93.17 9.61 -49.54
N VAL B 237 92.24 8.88 -50.12
CA VAL B 237 92.56 7.67 -50.87
C VAL B 237 93.22 7.99 -52.18
N GLN B 238 94.43 7.49 -52.36
CA GLN B 238 95.22 7.72 -53.58
C GLN B 238 94.56 7.13 -54.77
N GLY B 239 94.57 7.90 -55.87
CA GLY B 239 93.89 7.54 -57.11
C GLY B 239 92.37 7.48 -57.04
N SER B 240 91.79 8.30 -56.16
CA SER B 240 90.34 8.39 -56.07
C SER B 240 89.81 9.80 -56.16
N ASP B 241 90.63 10.68 -56.72
CA ASP B 241 90.30 12.08 -56.90
C ASP B 241 89.18 12.22 -57.89
N GLY B 242 88.44 13.32 -57.76
CA GLY B 242 87.35 13.55 -58.70
C GLY B 242 86.97 15.00 -58.83
N THR B 243 86.69 15.39 -60.07
CA THR B 243 86.17 16.70 -60.37
C THR B 243 84.88 16.50 -61.10
N TYR B 244 83.83 17.16 -60.66
CA TYR B 244 82.55 16.98 -61.25
C TYR B 244 81.98 18.31 -61.72
N PRO B 245 81.34 18.34 -62.90
CA PRO B 245 80.68 19.57 -63.36
C PRO B 245 79.42 19.88 -62.55
N LYS B 246 78.93 21.10 -62.71
CA LYS B 246 77.92 21.64 -61.83
C LYS B 246 76.57 20.94 -61.97
N GLU B 247 76.28 20.47 -63.18
CA GLU B 247 74.95 19.95 -63.47
C GLU B 247 74.88 18.44 -63.51
N ALA B 248 76.03 17.79 -63.66
CA ALA B 248 76.04 16.34 -63.88
C ALA B 248 76.62 15.63 -62.66
N CYS B 249 76.15 16.04 -61.50
CA CYS B 249 76.66 15.52 -60.26
C CYS B 249 76.06 14.15 -60.04
N PRO B 250 76.88 13.11 -59.87
CA PRO B 250 76.34 11.78 -59.80
C PRO B 250 75.73 11.49 -58.44
N TYR B 251 76.05 12.28 -57.41
CA TYR B 251 75.40 12.11 -56.13
C TYR B 251 74.14 13.00 -56.12
N ILE B 252 72.96 12.38 -56.10
CA ILE B 252 71.74 13.10 -56.20
C ILE B 252 71.04 13.04 -54.82
N PRO B 253 70.97 14.16 -54.10
CA PRO B 253 70.21 14.19 -52.87
C PRO B 253 68.75 14.57 -53.10
N ILE B 254 67.82 13.74 -52.64
CA ILE B 254 66.41 13.96 -52.93
C ILE B 254 65.66 14.26 -51.67
N ARG B 255 64.88 15.34 -51.69
CA ARG B 255 63.97 15.73 -50.62
C ARG B 255 62.53 15.53 -51.10
N MET B 256 61.64 15.12 -50.21
CA MET B 256 60.24 15.02 -50.58
C MET B 256 59.57 16.41 -50.49
N VAL B 257 59.54 17.03 -49.32
CA VAL B 257 58.88 18.30 -49.16
C VAL B 257 59.85 19.32 -48.69
N ARG B 258 60.13 20.31 -49.52
CA ARG B 258 61.19 21.25 -49.20
C ARG B 258 60.71 22.35 -48.30
N LEU B 259 61.64 22.93 -47.55
CA LEU B 259 61.40 24.10 -46.71
C LEU B 259 62.51 25.08 -46.89
N ASP B 260 62.17 26.34 -46.70
CA ASP B 260 63.10 27.38 -46.94
C ASP B 260 64.17 27.41 -45.84
N GLY B 261 65.44 27.52 -46.25
CA GLY B 261 66.54 27.71 -45.32
C GLY B 261 66.72 26.55 -44.38
N GLU B 262 66.72 25.38 -44.96
CA GLU B 262 66.72 24.16 -44.21
C GLU B 262 67.31 23.06 -45.09
N SER B 263 68.34 22.40 -44.59
CA SER B 263 69.22 21.61 -45.44
C SER B 263 68.69 20.28 -45.83
N TYR B 264 67.57 19.87 -45.27
CA TYR B 264 67.07 18.51 -45.44
C TYR B 264 65.61 18.52 -45.86
N GLY B 265 65.00 17.36 -45.85
CA GLY B 265 63.61 17.27 -46.27
C GLY B 265 62.78 16.71 -45.18
N ARG B 266 61.49 17.00 -45.21
CA ARG B 266 60.56 16.39 -44.26
C ARG B 266 59.58 15.53 -44.95
N SER B 267 59.36 14.37 -44.40
CA SER B 267 58.59 13.35 -45.08
C SER B 267 57.12 13.76 -45.23
N TYR B 268 56.45 13.08 -46.12
CA TYR B 268 55.03 13.34 -46.35
C TYR B 268 54.23 12.71 -45.27
N ILE B 269 54.72 11.67 -44.59
CA ILE B 269 53.98 11.06 -43.51
C ILE B 269 53.98 11.93 -42.24
N GLU B 270 55.00 12.83 -42.15
CA GLU B 270 55.09 13.75 -41.02
C GLU B 270 53.89 14.70 -40.94
N GLU B 271 53.45 15.19 -42.05
CA GLU B 271 52.37 16.05 -42.07
C GLU B 271 51.10 15.42 -41.67
N TYR B 272 50.99 14.14 -41.77
CA TYR B 272 49.76 13.53 -41.24
C TYR B 272 50.12 12.56 -40.13
N LEU B 273 51.16 12.85 -39.37
CA LEU B 273 51.60 11.93 -38.31
C LEU B 273 50.66 11.87 -37.15
N GLY B 274 50.17 13.01 -36.73
CA GLY B 274 49.42 13.12 -35.49
C GLY B 274 48.07 12.39 -35.58
N ASP B 275 47.30 12.66 -36.62
CA ASP B 275 46.12 11.90 -36.83
C ASP B 275 46.44 10.47 -37.10
N LEU B 276 47.68 10.19 -37.45
CA LEU B 276 48.11 8.82 -37.53
C LEU B 276 48.21 8.31 -36.12
N ARG B 277 48.93 9.00 -35.24
CA ARG B 277 49.13 8.48 -33.88
C ARG B 277 47.87 8.54 -33.07
N SER B 278 47.00 9.47 -33.34
CA SER B 278 45.73 9.48 -32.65
C SER B 278 44.93 8.34 -33.08
N LEU B 279 45.14 7.81 -34.27
CA LEU B 279 44.49 6.57 -34.65
C LEU B 279 45.03 5.50 -33.87
N GLU B 280 46.35 5.48 -33.75
CA GLU B 280 47.11 4.39 -33.08
C GLU B 280 46.54 4.15 -31.71
N ASN B 281 46.54 5.18 -30.85
CA ASN B 281 46.05 5.07 -29.54
C ASN B 281 44.65 4.59 -29.56
N LEU B 282 43.84 5.23 -30.34
CA LEU B 282 42.40 4.97 -30.34
C LEU B 282 42.11 3.64 -30.85
N GLN B 283 43.03 3.07 -31.55
CA GLN B 283 42.79 1.77 -32.05
C GLN B 283 43.34 0.76 -31.07
N GLU B 284 44.45 1.11 -30.44
CA GLU B 284 45.18 0.23 -29.54
C GLU B 284 44.28 -0.27 -28.48
N ALA B 285 43.63 0.69 -27.81
CA ALA B 285 42.69 0.42 -26.72
C ALA B 285 41.75 -0.65 -27.10
N ILE B 286 41.22 -0.51 -28.29
CA ILE B 286 40.11 -1.35 -28.75
C ILE B 286 40.59 -2.78 -28.71
N VAL B 287 41.78 -3.03 -29.22
CA VAL B 287 42.32 -4.35 -29.26
C VAL B 287 42.50 -4.81 -27.82
N LYS B 288 43.06 -3.94 -26.96
CA LYS B 288 43.23 -4.28 -25.55
C LYS B 288 41.87 -4.51 -24.89
N MET B 289 40.91 -3.69 -25.25
CA MET B 289 39.61 -3.87 -24.64
C MET B 289 38.97 -5.05 -25.18
N SER B 290 39.44 -5.62 -26.25
CA SER B 290 38.82 -6.79 -26.70
C SER B 290 39.31 -7.88 -25.85
N MET B 291 40.59 -7.84 -25.51
CA MET B 291 41.23 -9.02 -24.90
C MET B 291 40.60 -9.23 -23.50
N ILE B 292 40.17 -8.18 -22.79
CA ILE B 292 39.49 -8.29 -21.54
C ILE B 292 38.28 -9.10 -21.70
N SER B 293 37.59 -8.92 -22.84
CA SER B 293 36.40 -9.75 -23.13
C SER B 293 36.74 -11.24 -23.33
N SER B 294 37.99 -11.56 -23.59
CA SER B 294 38.31 -12.89 -23.89
C SER B 294 38.85 -13.58 -22.69
N LYS B 295 38.32 -13.26 -21.53
CA LYS B 295 38.72 -13.88 -20.25
C LYS B 295 37.37 -14.22 -19.57
N VAL B 296 36.99 -15.49 -19.61
CA VAL B 296 35.81 -15.94 -18.99
C VAL B 296 36.11 -16.07 -17.51
N ILE B 297 35.40 -15.32 -16.66
CA ILE B 297 35.44 -15.57 -15.23
C ILE B 297 34.03 -15.88 -14.83
N GLY B 298 33.84 -17.04 -14.26
CA GLY B 298 32.51 -17.35 -13.70
C GLY B 298 32.37 -16.83 -12.27
N LEU B 299 31.49 -15.86 -12.07
CA LEU B 299 31.24 -15.39 -10.74
C LEU B 299 30.14 -16.23 -10.10
N VAL B 300 30.47 -17.00 -9.03
CA VAL B 300 29.44 -17.70 -8.29
C VAL B 300 29.00 -16.98 -7.14
N ASN B 301 27.72 -16.88 -6.94
CA ASN B 301 27.19 -15.93 -5.87
C ASN B 301 27.17 -16.61 -4.59
N PRO B 302 27.91 -16.15 -3.62
CA PRO B 302 28.04 -16.84 -2.46
C PRO B 302 26.79 -16.95 -1.69
N ALA B 303 25.83 -16.13 -1.94
CA ALA B 303 24.62 -16.18 -1.15
C ALA B 303 23.71 -17.26 -1.55
N GLY B 304 24.07 -17.96 -2.58
CA GLY B 304 23.14 -18.91 -3.19
C GLY B 304 23.53 -20.35 -2.81
N ILE B 305 23.07 -21.28 -3.64
CA ILE B 305 23.19 -22.61 -3.33
C ILE B 305 24.20 -23.25 -4.19
N THR B 306 24.28 -22.88 -5.46
CA THR B 306 25.00 -23.68 -6.43
C THR B 306 26.45 -23.62 -6.22
N GLN B 307 27.18 -24.73 -6.33
CA GLN B 307 28.61 -24.64 -6.09
C GLN B 307 29.51 -25.40 -6.97
N PRO B 308 30.61 -24.84 -7.38
CA PRO B 308 31.30 -25.38 -8.46
C PRO B 308 32.12 -26.65 -8.21
N ARG B 309 31.97 -27.34 -7.10
CA ARG B 309 32.48 -28.72 -7.10
C ARG B 309 31.48 -29.61 -7.79
N ARG B 310 30.36 -29.09 -8.23
CA ARG B 310 29.36 -29.94 -8.81
C ARG B 310 29.05 -29.59 -10.21
N LEU B 311 29.30 -28.35 -10.64
CA LEU B 311 29.19 -28.08 -12.07
C LEU B 311 30.32 -28.77 -12.81
N THR B 312 31.53 -28.73 -12.30
CA THR B 312 32.50 -29.08 -13.11
C THR B 312 32.60 -30.54 -13.22
N LYS B 313 32.36 -31.29 -12.16
CA LYS B 313 32.67 -32.74 -12.19
C LYS B 313 31.66 -33.50 -12.91
N ALA B 314 30.54 -32.88 -13.18
CA ALA B 314 29.43 -33.61 -13.83
C ALA B 314 29.67 -33.83 -15.27
N GLN B 315 29.35 -35.02 -15.81
CA GLN B 315 29.57 -35.17 -17.26
C GLN B 315 28.50 -34.44 -17.98
N THR B 316 28.51 -34.49 -19.30
CA THR B 316 27.53 -33.70 -20.03
C THR B 316 26.24 -34.28 -19.92
N GLY B 317 25.23 -33.46 -19.69
CA GLY B 317 23.89 -33.88 -19.44
C GLY B 317 23.82 -34.71 -18.15
N ASP B 318 24.29 -34.04 -17.14
CA ASP B 318 24.14 -34.60 -15.81
C ASP B 318 23.35 -33.64 -14.98
N PHE B 319 22.28 -34.10 -14.34
CA PHE B 319 21.55 -33.23 -13.49
C PHE B 319 22.41 -32.89 -12.26
N VAL B 320 22.34 -31.66 -11.79
CA VAL B 320 22.98 -31.39 -10.62
C VAL B 320 22.37 -30.21 -9.92
N THR B 321 22.63 -30.02 -8.63
CA THR B 321 21.79 -29.15 -7.90
C THR B 321 22.13 -27.81 -7.90
N GLY B 322 21.19 -26.90 -8.11
CA GLY B 322 21.60 -25.46 -8.18
C GLY B 322 20.63 -24.58 -8.83
N ARG B 323 20.75 -23.33 -8.54
CA ARG B 323 19.87 -22.44 -9.13
C ARG B 323 20.60 -21.66 -10.21
N PRO B 324 19.91 -21.19 -11.24
CA PRO B 324 20.57 -20.55 -12.27
C PRO B 324 20.90 -19.13 -11.96
N GLU B 325 20.32 -18.50 -10.95
CA GLU B 325 20.69 -17.11 -10.74
C GLU B 325 21.96 -16.96 -9.95
N ASP B 326 22.63 -18.06 -9.62
CA ASP B 326 23.80 -17.97 -8.83
C ASP B 326 25.04 -17.79 -9.64
N ILE B 327 25.18 -18.52 -10.76
CA ILE B 327 26.39 -18.35 -11.55
C ILE B 327 26.11 -17.30 -12.53
N SER B 328 26.99 -16.33 -12.67
CA SER B 328 26.91 -15.40 -13.81
C SER B 328 28.30 -15.27 -14.34
N PHE B 329 28.49 -14.43 -15.35
CA PHE B 329 29.81 -14.30 -15.87
C PHE B 329 30.16 -12.85 -16.02
N LEU B 330 31.42 -12.55 -15.79
CA LEU B 330 31.88 -11.10 -15.66
C LEU B 330 31.96 -10.55 -17.00
N GLN B 331 31.08 -9.63 -17.41
CA GLN B 331 31.21 -8.92 -18.72
C GLN B 331 31.96 -7.64 -18.56
N LEU B 332 32.18 -6.97 -19.67
CA LEU B 332 32.92 -5.68 -19.64
C LEU B 332 32.01 -4.68 -20.33
N GLU B 333 31.35 -3.85 -19.53
CA GLU B 333 30.23 -3.15 -20.04
C GLU B 333 30.51 -1.83 -20.71
N LYS B 334 31.74 -1.61 -21.22
CA LYS B 334 31.98 -0.46 -22.09
C LYS B 334 31.24 -0.68 -23.43
N GLN B 335 30.08 -0.06 -23.57
CA GLN B 335 29.42 -0.12 -24.84
C GLN B 335 29.34 1.24 -25.47
N ALA B 336 28.96 2.26 -24.69
CA ALA B 336 28.95 3.60 -25.23
C ALA B 336 30.37 4.08 -25.50
N ASP B 337 31.33 3.71 -24.64
CA ASP B 337 32.70 4.03 -24.94
C ASP B 337 33.21 3.30 -26.18
N PHE B 338 32.81 2.05 -26.36
CA PHE B 338 33.22 1.33 -27.53
C PHE B 338 32.65 1.92 -28.82
N THR B 339 31.39 2.36 -28.80
CA THR B 339 30.81 2.99 -29.99
C THR B 339 31.36 4.37 -30.31
N VAL B 340 31.73 5.13 -29.27
CA VAL B 340 32.33 6.41 -29.57
C VAL B 340 33.77 6.25 -30.00
N ALA B 341 34.45 5.24 -29.49
CA ALA B 341 35.84 5.03 -29.89
C ALA B 341 35.88 4.54 -31.32
N LYS B 342 34.98 3.65 -31.68
CA LYS B 342 34.95 3.13 -33.05
C LYS B 342 34.55 4.24 -34.02
N ALA B 343 33.68 5.13 -33.61
CA ALA B 343 33.25 6.23 -34.48
C ALA B 343 34.37 7.17 -34.80
N VAL B 344 35.13 7.54 -33.80
CA VAL B 344 36.22 8.44 -34.08
C VAL B 344 37.36 7.74 -34.77
N SER B 345 37.51 6.43 -34.55
CA SER B 345 38.49 5.67 -35.29
C SER B 345 38.17 5.66 -36.77
N ASP B 346 36.91 5.47 -37.09
CA ASP B 346 36.54 5.43 -38.49
C ASP B 346 36.71 6.81 -39.12
N ALA B 347 36.28 7.83 -38.41
CA ALA B 347 36.36 9.16 -38.96
C ALA B 347 37.77 9.62 -39.08
N ILE B 348 38.73 8.98 -38.44
CA ILE B 348 40.10 9.37 -38.63
C ILE B 348 40.74 8.53 -39.73
N GLU B 349 40.29 7.29 -39.90
CA GLU B 349 40.80 6.49 -41.02
C GLU B 349 40.30 7.10 -42.35
N ALA B 350 39.15 7.75 -42.35
CA ALA B 350 38.67 8.37 -43.56
C ALA B 350 39.60 9.47 -44.04
N ARG B 351 40.13 10.25 -43.10
CA ARG B 351 41.07 11.28 -43.45
C ARG B 351 42.35 10.68 -43.99
N LEU B 352 42.85 9.67 -43.31
CA LEU B 352 44.08 9.11 -43.75
C LEU B 352 43.87 8.33 -45.09
N SER B 353 42.67 7.88 -45.40
CA SER B 353 42.44 7.24 -46.67
C SER B 353 42.37 8.30 -47.83
N PHE B 354 41.68 9.45 -47.64
CA PHE B 354 41.79 10.53 -48.67
C PHE B 354 43.14 11.14 -48.72
N ALA B 355 43.99 10.83 -47.75
CA ALA B 355 45.32 11.45 -47.70
C ALA B 355 46.41 10.63 -48.19
N PHE B 356 46.24 9.32 -48.15
CA PHE B 356 47.30 8.43 -48.58
C PHE B 356 46.95 7.66 -49.85
N MET B 357 45.84 8.03 -50.50
CA MET B 357 45.34 7.41 -51.68
C MET B 357 44.98 5.94 -51.50
N LEU B 358 44.47 5.60 -50.35
CA LEU B 358 43.99 4.29 -50.11
C LEU B 358 42.71 4.27 -50.97
N ASN B 359 42.24 3.05 -51.29
CA ASN B 359 41.22 2.92 -52.33
C ASN B 359 39.86 3.42 -51.85
N SER B 360 39.45 4.53 -52.44
CA SER B 360 38.12 5.06 -52.26
C SER B 360 37.37 4.94 -53.61
N ALA B 361 37.44 3.74 -54.18
CA ALA B 361 36.90 3.35 -55.50
C ALA B 361 37.41 4.23 -56.65
N VAL B 362 38.73 4.22 -56.82
CA VAL B 362 39.35 4.88 -57.96
C VAL B 362 40.03 3.89 -58.92
N GLN B 363 40.92 3.07 -58.39
CA GLN B 363 41.78 2.26 -59.25
C GLN B 363 41.38 0.78 -59.25
N ARG B 364 40.29 0.45 -58.56
CA ARG B 364 39.90 -0.95 -58.43
C ARG B 364 39.23 -1.49 -59.72
N THR B 365 38.32 -0.71 -60.31
CA THR B 365 37.43 -1.17 -61.36
C THR B 365 38.16 -1.44 -62.67
N GLY B 366 38.78 -2.63 -62.74
CA GLY B 366 39.52 -3.15 -63.92
C GLY B 366 40.70 -2.28 -64.31
N GLU B 367 41.74 -2.26 -63.47
CA GLU B 367 42.93 -1.45 -63.73
C GLU B 367 43.68 -2.01 -64.96
N ARG B 368 44.06 -1.10 -65.86
CA ARG B 368 44.89 -1.48 -67.01
C ARG B 368 46.18 -0.67 -67.03
N VAL B 369 46.92 -0.72 -68.13
CA VAL B 369 48.25 -0.09 -68.23
C VAL B 369 48.25 0.88 -69.43
N THR B 370 48.99 1.98 -69.27
CA THR B 370 49.58 2.81 -70.36
C THR B 370 48.69 3.66 -71.23
N ALA B 371 47.39 3.41 -71.23
CA ALA B 371 46.45 4.16 -72.04
C ALA B 371 45.42 4.78 -71.08
N GLU B 372 45.53 6.11 -70.90
CA GLU B 372 44.72 6.93 -69.97
C GLU B 372 45.17 6.69 -68.50
N GLU B 373 45.97 5.66 -68.25
CA GLU B 373 46.26 5.25 -66.89
C GLU B 373 47.29 6.16 -66.22
N ILE B 374 48.39 6.43 -66.91
CA ILE B 374 49.43 7.22 -66.34
C ILE B 374 49.03 8.69 -66.19
N ARG B 375 48.20 9.13 -67.12
CA ARG B 375 47.60 10.43 -67.02
C ARG B 375 46.74 10.54 -65.79
N TYR B 376 45.89 9.54 -65.56
CA TYR B 376 44.96 9.57 -64.45
C TYR B 376 45.72 9.51 -63.13
N VAL B 377 46.76 8.67 -63.07
CA VAL B 377 47.51 8.54 -61.85
C VAL B 377 48.26 9.80 -61.50
N ALA B 378 48.84 10.44 -62.49
CA ALA B 378 49.58 11.64 -62.18
C ALA B 378 48.64 12.81 -61.86
N SER B 379 47.49 12.87 -62.51
CA SER B 379 46.56 13.95 -62.23
C SER B 379 45.98 13.81 -60.84
N GLU B 380 45.72 12.60 -60.40
CA GLU B 380 45.26 12.41 -59.04
C GLU B 380 46.40 12.65 -58.04
N LEU B 381 47.63 12.22 -58.34
CA LEU B 381 48.74 12.47 -57.44
C LEU B 381 49.12 13.94 -57.33
N GLU B 382 48.75 14.77 -58.30
CA GLU B 382 48.83 16.19 -58.05
C GLU B 382 47.57 16.73 -57.40
N ASP B 383 46.43 16.06 -57.54
CA ASP B 383 45.21 16.50 -56.86
C ASP B 383 45.40 16.40 -55.37
N THR B 384 45.63 15.20 -54.89
CA THR B 384 46.00 15.07 -53.49
C THR B 384 47.50 15.22 -53.42
N LEU B 385 48.08 14.90 -52.26
CA LEU B 385 49.52 14.95 -52.07
C LEU B 385 50.19 16.30 -52.28
N GLY B 386 49.48 17.33 -52.68
CA GLY B 386 50.10 18.64 -52.82
C GLY B 386 51.05 18.66 -53.98
N GLY B 387 52.25 19.19 -53.77
CA GLY B 387 53.18 19.23 -54.88
C GLY B 387 54.15 18.04 -54.99
N VAL B 388 53.77 16.82 -54.63
CA VAL B 388 54.73 15.75 -54.56
C VAL B 388 55.19 15.39 -55.95
N TYR B 389 54.23 15.31 -56.88
CA TYR B 389 54.56 14.81 -58.19
C TYR B 389 55.40 15.81 -59.01
N SER B 390 55.27 17.10 -58.73
CA SER B 390 56.02 18.04 -59.49
C SER B 390 57.34 18.35 -58.84
N ILE B 391 57.36 18.55 -57.53
CA ILE B 391 58.61 18.78 -56.80
C ILE B 391 59.51 17.57 -56.96
N LEU B 392 58.90 16.40 -56.91
CA LEU B 392 59.65 15.17 -57.08
C LEU B 392 60.18 15.03 -58.47
N SER B 393 59.48 15.55 -59.45
CA SER B 393 59.94 15.48 -60.83
C SER B 393 61.11 16.43 -61.08
N GLN B 394 61.08 17.60 -60.47
CA GLN B 394 62.20 18.50 -60.60
C GLN B 394 63.44 17.92 -59.82
N GLU B 395 63.24 17.37 -58.64
CA GLU B 395 64.36 16.97 -57.82
C GLU B 395 64.91 15.63 -58.24
N LEU B 396 64.05 14.71 -58.69
CA LEU B 396 64.49 13.35 -58.95
C LEU B 396 64.78 13.03 -60.41
N GLN B 397 63.81 13.29 -61.28
CA GLN B 397 63.95 12.88 -62.65
C GLN B 397 64.87 13.73 -63.49
N LEU B 398 65.06 15.02 -63.16
CA LEU B 398 66.01 15.79 -63.89
C LEU B 398 67.41 15.32 -63.69
N PRO B 399 67.84 15.09 -62.46
CA PRO B 399 69.19 14.56 -62.36
C PRO B 399 69.33 13.13 -62.79
N LEU B 400 68.30 12.30 -62.67
CA LEU B 400 68.46 10.89 -63.06
C LEU B 400 68.52 10.75 -64.55
N VAL B 401 67.90 11.63 -65.30
CA VAL B 401 68.11 11.66 -66.76
C VAL B 401 69.39 12.33 -67.08
N ARG B 402 69.77 13.32 -66.31
CA ARG B 402 70.91 14.16 -66.68
C ARG B 402 72.24 13.44 -66.47
N VAL B 403 72.36 12.71 -65.39
CA VAL B 403 73.57 11.93 -65.13
C VAL B 403 73.71 10.76 -66.12
N LEU B 404 72.60 10.10 -66.41
CA LEU B 404 72.60 9.10 -67.44
C LEU B 404 73.01 9.65 -68.81
N LEU B 405 72.38 10.77 -69.19
CA LEU B 405 72.59 11.36 -70.50
C LEU B 405 73.99 11.84 -70.63
N LYS B 406 74.63 12.14 -69.51
CA LYS B 406 76.03 12.55 -69.58
C LYS B 406 76.92 11.34 -69.77
N GLN B 407 76.79 10.39 -68.85
CA GLN B 407 77.75 9.29 -68.84
C GLN B 407 77.56 8.30 -70.01
N LEU B 408 76.32 7.95 -70.34
CA LEU B 408 76.08 7.02 -71.41
C LEU B 408 76.52 7.55 -72.79
N GLN B 409 76.16 8.78 -73.12
CA GLN B 409 76.56 9.34 -74.39
C GLN B 409 78.06 9.72 -74.34
N ALA B 410 78.62 9.87 -73.16
CA ALA B 410 80.09 9.95 -73.05
C ALA B 410 80.76 8.57 -73.27
N THR B 411 80.01 7.49 -73.19
CA THR B 411 80.53 6.18 -73.53
C THR B 411 80.11 5.73 -74.94
N GLN B 412 78.82 5.78 -75.24
CA GLN B 412 78.26 5.18 -76.46
C GLN B 412 78.34 6.12 -77.68
N GLN B 413 77.56 5.81 -78.72
CA GLN B 413 77.70 6.50 -80.01
C GLN B 413 76.73 7.65 -80.17
N ILE B 414 77.26 8.77 -80.68
CA ILE B 414 76.46 9.92 -81.04
C ILE B 414 75.99 9.73 -82.49
N PRO B 415 74.67 9.79 -82.74
CA PRO B 415 74.17 9.66 -84.13
C PRO B 415 74.28 10.93 -84.99
N GLU B 416 73.66 10.85 -86.17
CA GLU B 416 73.62 11.87 -87.22
C GLU B 416 73.27 13.35 -86.81
N LEU B 417 72.36 13.52 -85.84
CA LEU B 417 71.63 14.78 -85.51
C LEU B 417 72.52 16.01 -85.33
N PRO B 418 71.98 17.22 -85.62
CA PRO B 418 72.81 18.46 -85.72
C PRO B 418 73.44 18.95 -84.42
N LYS B 419 74.22 20.02 -84.53
CA LYS B 419 75.00 20.50 -83.40
C LYS B 419 74.18 21.28 -82.36
N GLU B 420 72.95 21.65 -82.71
CA GLU B 420 72.05 22.25 -81.72
C GLU B 420 71.28 21.21 -80.92
N ALA B 421 71.37 19.95 -81.33
CA ALA B 421 70.72 18.86 -80.61
C ALA B 421 71.71 17.84 -79.99
N VAL B 422 73.00 18.14 -79.98
CA VAL B 422 73.96 17.26 -79.31
C VAL B 422 73.82 17.36 -77.78
N GLU B 423 73.63 18.60 -77.31
CA GLU B 423 73.47 18.94 -75.90
C GLU B 423 72.04 19.43 -75.71
N PRO B 424 71.10 18.52 -75.46
CA PRO B 424 69.67 18.88 -75.56
C PRO B 424 69.09 19.41 -74.27
N THR B 425 67.82 19.74 -74.30
CA THR B 425 67.13 20.11 -73.08
C THR B 425 66.17 19.00 -72.73
N ILE B 426 65.85 18.90 -71.44
CA ILE B 426 65.13 17.77 -70.93
C ILE B 426 63.83 18.20 -70.29
N SER B 427 62.74 17.50 -70.59
CA SER B 427 61.47 17.68 -69.87
C SER B 427 61.12 16.40 -69.18
N THR B 428 60.46 16.48 -68.03
CA THR B 428 60.32 15.27 -67.19
C THR B 428 58.93 14.92 -66.71
N GLY B 429 58.16 15.91 -66.36
CA GLY B 429 56.93 15.63 -65.62
C GLY B 429 55.77 15.29 -66.54
N LEU B 430 54.58 15.85 -66.27
CA LEU B 430 53.43 15.65 -67.11
C LEU B 430 53.64 16.18 -68.51
N GLU B 431 54.58 17.13 -68.66
CA GLU B 431 54.92 17.64 -69.97
C GLU B 431 55.64 16.59 -70.81
N ALA B 432 56.16 15.57 -70.14
CA ALA B 432 56.95 14.57 -70.83
C ALA B 432 56.32 13.18 -70.85
N ILE B 433 55.12 13.03 -70.33
CA ILE B 433 54.49 11.73 -70.37
C ILE B 433 53.97 11.54 -71.76
N GLY B 434 54.21 10.35 -72.32
CA GLY B 434 54.04 10.20 -73.75
C GLY B 434 55.14 10.99 -74.45
N ARG B 435 54.90 11.40 -75.67
CA ARG B 435 55.79 12.37 -76.30
C ARG B 435 54.94 13.54 -76.74
N GLY B 436 53.83 13.19 -77.42
CA GLY B 436 52.77 14.12 -77.80
C GLY B 436 52.09 14.63 -76.55
N GLN B 437 51.23 15.61 -76.73
CA GLN B 437 50.55 16.17 -75.57
C GLN B 437 49.56 15.20 -74.91
N ASP B 438 48.53 14.77 -75.64
CA ASP B 438 47.44 13.98 -75.06
C ASP B 438 46.96 12.94 -76.02
N LEU B 439 46.81 11.68 -75.56
CA LEU B 439 46.26 10.62 -76.41
C LEU B 439 44.78 10.83 -76.70
N ASP B 440 44.06 11.34 -75.70
CA ASP B 440 42.64 11.61 -75.85
C ASP B 440 42.45 12.73 -76.89
N LYS B 441 43.40 13.68 -76.92
CA LYS B 441 43.38 14.78 -77.87
C LYS B 441 43.47 14.25 -79.30
N LEU B 442 44.46 13.39 -79.56
CA LEU B 442 44.65 12.85 -80.89
C LEU B 442 43.50 11.95 -81.30
N GLU B 443 42.97 11.17 -80.34
CA GLU B 443 41.87 10.27 -80.65
C GLU B 443 40.58 11.03 -81.01
N ARG B 444 40.19 11.98 -80.15
CA ARG B 444 39.00 12.76 -80.42
C ARG B 444 39.20 13.72 -81.60
N CYS B 445 40.44 14.11 -81.87
CA CYS B 445 40.71 14.94 -83.03
C CYS B 445 40.60 14.16 -84.33
N VAL B 446 41.04 12.90 -84.31
CA VAL B 446 40.87 12.03 -85.46
C VAL B 446 39.38 11.75 -85.70
N THR B 447 38.61 11.56 -84.65
CA THR B 447 37.16 11.38 -84.82
C THR B 447 36.47 12.66 -85.29
N ALA B 448 36.98 13.81 -84.86
CA ALA B 448 36.45 15.09 -85.33
C ALA B 448 36.78 15.32 -86.80
N TRP B 449 37.93 14.82 -87.25
CA TRP B 449 38.26 14.82 -88.67
C TRP B 449 37.39 13.86 -89.46
N ALA B 450 37.08 12.71 -88.87
CA ALA B 450 36.20 11.74 -89.50
C ALA B 450 34.78 12.27 -89.64
N ALA B 451 34.41 13.20 -88.76
CA ALA B 451 33.15 13.93 -88.88
C ALA B 451 33.12 14.85 -90.11
N LEU B 452 34.29 15.12 -90.70
CA LEU B 452 34.39 15.95 -91.91
C LEU B 452 34.47 15.07 -93.17
N ALA B 453 33.72 13.97 -93.12
CA ALA B 453 33.45 13.06 -94.24
C ALA B 453 32.95 13.71 -95.54
N PRO B 454 31.77 14.41 -95.53
CA PRO B 454 30.84 14.33 -96.70
C PRO B 454 31.40 14.70 -98.09
N MET B 455 32.15 15.80 -98.19
CA MET B 455 32.68 16.22 -99.48
C MET B 455 34.04 16.85 -99.32
N ARG B 456 34.96 16.48 -100.22
CA ARG B 456 36.26 17.16 -100.39
C ARG B 456 36.03 18.60 -100.84
N ASP B 457 35.56 18.73 -102.08
CA ASP B 457 35.33 20.05 -102.67
C ASP B 457 33.87 20.43 -102.43
N ASP B 458 33.53 20.65 -101.16
CA ASP B 458 32.20 21.08 -100.78
C ASP B 458 32.12 22.60 -100.99
N PRO B 459 31.15 23.07 -101.77
CA PRO B 459 31.09 24.52 -102.01
C PRO B 459 30.62 25.28 -100.78
N ASP B 460 30.84 26.60 -100.83
CA ASP B 460 30.45 27.58 -99.80
C ASP B 460 31.08 27.36 -98.43
N ILE B 461 32.28 26.78 -98.38
CA ILE B 461 32.92 26.43 -97.11
C ILE B 461 34.40 26.25 -97.35
N ASN B 462 35.20 26.30 -96.28
CA ASN B 462 36.61 25.96 -96.37
C ASN B 462 36.86 24.62 -95.69
N LEU B 463 37.97 23.98 -96.04
CA LEU B 463 38.39 22.76 -95.42
C LEU B 463 39.81 22.86 -94.86
N ALA B 464 40.64 23.73 -95.43
CA ALA B 464 42.05 23.83 -95.04
C ALA B 464 42.22 24.43 -93.66
N MET B 465 41.38 25.39 -93.32
CA MET B 465 41.53 26.08 -92.05
C MET B 465 40.73 25.43 -90.93
N ILE B 466 39.59 24.83 -91.23
CA ILE B 466 38.73 24.34 -90.17
C ILE B 466 39.25 23.05 -89.57
N LYS B 467 39.98 22.27 -90.35
CA LYS B 467 40.68 21.12 -89.81
C LYS B 467 41.77 21.59 -88.83
N LEU B 468 42.49 22.64 -89.22
CA LEU B 468 43.50 23.25 -88.36
C LEU B 468 42.88 23.83 -87.10
N ARG B 469 41.69 24.41 -87.22
CA ARG B 469 41.01 25.05 -86.07
C ARG B 469 40.43 24.03 -85.07
N ILE B 470 39.81 22.97 -85.58
CA ILE B 470 39.33 21.90 -84.72
C ILE B 470 40.53 21.16 -84.08
N ALA B 471 41.62 21.04 -84.80
CA ALA B 471 42.84 20.46 -84.21
C ALA B 471 43.49 21.41 -83.20
N ASN B 472 43.41 22.74 -83.45
CA ASN B 472 44.13 23.70 -82.67
C ASN B 472 43.36 24.13 -81.43
N ALA B 473 42.05 23.82 -81.38
CA ALA B 473 41.27 24.01 -80.16
C ALA B 473 41.67 22.99 -79.08
N ILE B 474 41.90 21.75 -79.47
CA ILE B 474 42.37 20.73 -78.54
C ILE B 474 43.90 20.78 -78.58
N GLY B 475 44.55 20.06 -77.68
CA GLY B 475 45.99 20.17 -77.50
C GLY B 475 46.84 19.46 -78.55
N ILE B 476 46.81 19.95 -79.79
CA ILE B 476 47.63 19.39 -80.87
C ILE B 476 48.64 20.45 -81.27
N ASP B 477 49.87 20.01 -81.54
CA ASP B 477 50.95 20.88 -82.02
C ASP B 477 50.63 21.61 -83.34
N THR B 478 49.98 20.92 -84.27
CA THR B 478 49.55 21.46 -85.57
C THR B 478 50.70 22.00 -86.40
N SER B 479 51.85 21.34 -86.29
CA SER B 479 53.08 21.82 -86.93
C SER B 479 53.79 20.66 -87.61
N GLY B 480 53.05 19.98 -88.48
CA GLY B 480 53.52 18.79 -89.17
C GLY B 480 52.35 17.83 -89.29
N ILE B 481 51.39 18.03 -88.38
CA ILE B 481 50.07 17.44 -88.45
C ILE B 481 49.32 17.92 -89.71
N LEU B 482 49.55 19.18 -90.09
CA LEU B 482 48.85 19.77 -91.22
C LEU B 482 49.84 20.18 -92.30
N LEU B 483 49.44 20.01 -93.56
CA LEU B 483 50.29 20.40 -94.67
C LEU B 483 50.32 21.93 -94.81
N THR B 484 51.50 22.47 -95.05
CA THR B 484 51.65 23.82 -95.58
C THR B 484 51.91 23.87 -97.09
N GLU B 485 53.03 23.30 -97.53
CA GLU B 485 53.38 23.29 -98.97
C GLU B 485 54.16 22.04 -99.32
N GLU C 3 97.54 -25.34 -50.98
CA GLU C 3 97.10 -26.64 -50.41
C GLU C 3 96.64 -26.45 -48.96
N LYS C 4 96.86 -25.24 -48.45
CA LYS C 4 96.22 -24.81 -47.22
C LYS C 4 95.28 -23.65 -47.47
N ARG C 5 94.03 -23.78 -47.05
CA ARG C 5 93.06 -22.71 -47.14
C ARG C 5 93.38 -21.61 -46.17
N THR C 6 93.54 -20.40 -46.70
CA THR C 6 93.89 -19.24 -45.89
C THR C 6 92.78 -18.22 -46.02
N GLY C 7 93.00 -17.03 -45.48
CA GLY C 7 92.02 -15.98 -45.64
C GLY C 7 90.83 -16.28 -44.75
N LEU C 8 89.64 -16.21 -45.34
CA LEU C 8 88.42 -16.32 -44.56
C LEU C 8 88.09 -17.73 -44.17
N ALA C 9 88.70 -18.68 -44.87
CA ALA C 9 88.41 -20.11 -44.67
C ALA C 9 89.48 -20.77 -43.84
N GLU C 10 89.95 -20.08 -42.81
CA GLU C 10 91.14 -20.49 -42.08
C GLU C 10 90.93 -21.74 -41.28
N ASP C 11 89.72 -21.97 -40.80
CA ASP C 11 89.50 -23.14 -39.97
C ASP C 11 88.48 -24.19 -40.43
N GLY C 12 88.33 -24.38 -41.73
CA GLY C 12 87.38 -25.40 -42.24
C GLY C 12 85.93 -24.93 -42.19
N ALA C 13 85.05 -25.69 -42.80
CA ALA C 13 83.67 -25.28 -43.00
C ALA C 13 82.76 -25.51 -41.81
N LYS C 14 82.97 -26.60 -41.12
CA LYS C 14 82.22 -26.90 -39.92
C LYS C 14 82.45 -25.87 -38.83
N SER C 15 83.68 -25.40 -38.70
CA SER C 15 84.00 -24.38 -37.74
C SER C 15 83.31 -23.06 -38.05
N VAL C 16 83.32 -22.66 -39.30
CA VAL C 16 82.70 -21.44 -39.67
C VAL C 16 81.20 -21.55 -39.48
N TYR C 17 80.65 -22.72 -39.80
CA TYR C 17 79.21 -22.94 -39.68
C TYR C 17 78.76 -22.86 -38.22
N GLU C 18 79.48 -23.52 -37.32
CA GLU C 18 79.13 -23.47 -35.94
C GLU C 18 79.38 -22.11 -35.34
N ARG C 19 80.31 -21.35 -35.91
CA ARG C 19 80.54 -19.99 -35.37
C ARG C 19 79.45 -19.03 -35.79
N LEU C 20 78.93 -19.16 -37.01
CA LEU C 20 77.94 -18.26 -37.48
C LEU C 20 76.52 -18.70 -37.14
N LYS C 21 76.35 -19.92 -36.61
CA LYS C 21 75.02 -20.38 -36.22
C LYS C 21 74.42 -19.50 -35.12
N ASN C 22 75.25 -18.93 -34.25
CA ASN C 22 74.77 -18.05 -33.20
C ASN C 22 74.08 -16.81 -33.77
N ASP C 23 74.69 -16.20 -34.77
CA ASP C 23 74.04 -15.07 -35.39
C ASP C 23 72.94 -15.49 -36.31
N ARG C 24 72.88 -16.76 -36.72
CA ARG C 24 71.73 -17.21 -37.49
C ARG C 24 70.54 -17.31 -36.62
N ALA C 25 70.71 -17.73 -35.38
CA ALA C 25 69.61 -18.19 -34.51
C ALA C 25 68.33 -17.33 -34.35
N PRO C 26 68.45 -16.01 -34.23
CA PRO C 26 67.25 -15.27 -33.98
C PRO C 26 66.31 -15.26 -35.17
N TYR C 27 66.86 -15.28 -36.38
CA TYR C 27 66.03 -15.33 -37.54
C TYR C 27 65.28 -16.65 -37.55
N GLU C 28 65.92 -17.70 -37.07
CA GLU C 28 65.28 -18.99 -36.99
C GLU C 28 64.15 -18.97 -35.96
N THR C 29 64.33 -18.23 -34.88
CA THR C 29 63.29 -18.13 -33.88
C THR C 29 62.09 -17.41 -34.44
N ARG C 30 62.35 -16.33 -35.19
CA ARG C 30 61.26 -15.60 -35.86
C ARG C 30 60.56 -16.50 -36.81
N ALA C 31 61.31 -17.34 -37.52
CA ALA C 31 60.70 -18.25 -38.45
C ALA C 31 59.76 -19.22 -37.73
N GLN C 32 60.18 -19.68 -36.57
CA GLN C 32 59.37 -20.61 -35.87
C GLN C 32 58.08 -19.96 -35.41
N ASN C 33 58.16 -18.74 -34.95
CA ASN C 33 56.98 -18.04 -34.48
C ASN C 33 56.00 -17.79 -35.64
N CYS C 34 56.52 -17.30 -36.78
CA CYS C 34 55.68 -17.05 -37.89
C CYS C 34 55.02 -18.33 -38.40
N ALA C 35 55.75 -19.40 -38.30
CA ALA C 35 55.20 -20.67 -38.71
C ALA C 35 54.11 -21.12 -37.73
N GLN C 36 54.28 -20.84 -36.44
CA GLN C 36 53.32 -21.28 -35.46
C GLN C 36 52.04 -20.55 -35.61
N TYR C 37 52.09 -19.37 -36.17
CA TYR C 37 50.82 -18.63 -36.36
C TYR C 37 50.27 -18.80 -37.73
N THR C 38 51.01 -19.32 -38.72
CA THR C 38 50.45 -19.42 -40.09
C THR C 38 50.15 -20.75 -40.57
N ILE C 39 51.15 -21.55 -40.70
CA ILE C 39 50.99 -22.98 -41.09
C ILE C 39 52.16 -23.69 -40.42
N PRO C 40 51.87 -24.57 -39.49
CA PRO C 40 52.91 -24.97 -38.55
C PRO C 40 53.90 -25.86 -39.12
N SER C 41 53.56 -26.65 -40.13
CA SER C 41 54.52 -27.54 -40.66
C SER C 41 55.61 -26.92 -41.47
N LEU C 42 55.42 -25.70 -41.94
CA LEU C 42 56.24 -25.08 -43.01
C LEU C 42 57.55 -24.69 -42.54
N PHE C 43 57.79 -24.68 -41.24
CA PHE C 43 59.17 -24.53 -40.70
C PHE C 43 59.15 -25.17 -39.34
N PRO C 44 59.68 -26.38 -39.19
CA PRO C 44 59.75 -27.03 -37.93
C PRO C 44 60.77 -26.41 -37.03
N LYS C 45 60.76 -26.81 -35.76
CA LYS C 45 61.89 -26.49 -34.85
C LYS C 45 62.97 -27.53 -35.01
N ASP C 46 64.14 -27.25 -34.49
CA ASP C 46 65.24 -28.14 -34.81
C ASP C 46 65.14 -29.47 -34.05
N SER C 47 64.55 -29.43 -32.88
CA SER C 47 64.31 -30.63 -32.12
C SER C 47 63.00 -31.27 -32.57
N ASP C 48 61.97 -30.44 -32.77
CA ASP C 48 60.63 -30.94 -33.01
C ASP C 48 60.47 -31.47 -34.43
N ASN C 49 61.16 -32.57 -34.66
CA ASN C 49 60.94 -33.33 -35.88
C ASN C 49 60.47 -34.74 -35.51
N ALA C 50 59.84 -35.40 -36.49
CA ALA C 50 59.77 -36.83 -36.48
C ALA C 50 58.75 -37.13 -35.38
N SER C 51 57.52 -37.06 -35.84
CA SER C 51 56.37 -37.48 -35.04
C SER C 51 56.03 -36.54 -33.92
N THR C 52 55.75 -35.30 -34.30
CA THR C 52 55.57 -34.24 -33.39
C THR C 52 54.24 -33.61 -33.47
N ASP C 53 53.45 -33.91 -34.48
CA ASP C 53 52.00 -33.55 -34.46
C ASP C 53 51.77 -32.09 -34.35
N TYR C 54 52.04 -31.38 -35.43
CA TYR C 54 51.82 -29.94 -35.48
C TYR C 54 50.36 -29.61 -35.33
N GLN C 55 50.05 -28.54 -34.62
CA GLN C 55 48.69 -28.21 -34.30
C GLN C 55 48.23 -27.06 -35.10
N THR C 56 46.98 -27.03 -35.52
CA THR C 56 46.53 -25.87 -36.38
C THR C 56 46.31 -24.72 -35.63
N PRO C 57 46.50 -23.59 -36.24
CA PRO C 57 46.38 -22.42 -35.44
C PRO C 57 44.95 -22.12 -35.29
N TRP C 58 44.60 -21.32 -34.26
CA TRP C 58 43.23 -21.09 -34.00
C TRP C 58 42.61 -20.21 -35.04
N GLN C 59 43.44 -19.31 -35.60
CA GLN C 59 43.00 -18.45 -36.69
C GLN C 59 43.27 -19.05 -38.02
N ALA C 60 42.44 -18.67 -39.00
CA ALA C 60 42.62 -19.23 -40.29
C ALA C 60 43.13 -18.28 -41.37
N VAL C 61 43.31 -17.03 -41.01
CA VAL C 61 43.71 -16.04 -41.94
C VAL C 61 45.14 -16.14 -42.24
N GLY C 62 45.92 -16.62 -41.31
CA GLY C 62 47.34 -16.82 -41.57
C GLY C 62 47.57 -17.92 -42.56
N ALA C 63 46.86 -19.01 -42.37
CA ALA C 63 47.07 -20.16 -43.24
C ALA C 63 46.65 -19.88 -44.68
N ARG C 64 45.52 -19.18 -44.84
CA ARG C 64 45.06 -18.82 -46.14
C ARG C 64 46.01 -17.83 -46.74
N GLY C 65 46.47 -16.92 -45.91
CA GLY C 65 47.23 -15.76 -46.37
C GLY C 65 48.58 -16.12 -46.89
N LEU C 66 49.28 -17.06 -46.24
CA LEU C 66 50.63 -17.43 -46.68
C LEU C 66 50.55 -18.10 -48.02
N ASN C 67 49.60 -19.01 -48.20
CA ASN C 67 49.51 -19.70 -49.46
C ASN C 67 49.05 -18.77 -50.56
N ASN C 68 48.14 -17.85 -50.27
CA ASN C 68 47.65 -16.93 -51.30
C ASN C 68 48.75 -16.04 -51.74
N LEU C 69 49.59 -15.59 -50.81
CA LEU C 69 50.65 -14.64 -51.16
C LEU C 69 51.74 -15.35 -51.93
N ALA C 70 52.06 -16.57 -51.58
CA ALA C 70 53.04 -17.32 -52.33
C ALA C 70 52.53 -17.64 -53.74
N SER C 71 51.25 -17.92 -53.87
CA SER C 71 50.69 -18.23 -55.18
C SER C 71 50.67 -17.00 -56.08
N LYS C 72 50.33 -15.85 -55.53
CA LYS C 72 50.27 -14.66 -56.37
C LYS C 72 51.66 -14.23 -56.76
N LEU C 73 52.63 -14.40 -55.85
CA LEU C 73 54.05 -14.12 -56.21
C LEU C 73 54.52 -15.05 -57.31
N MET C 74 54.08 -16.29 -57.31
CA MET C 74 54.52 -17.15 -58.36
C MET C 74 53.84 -16.85 -59.67
N LEU C 75 52.56 -16.45 -59.61
CA LEU C 75 51.80 -16.04 -60.83
C LEU C 75 52.37 -14.79 -61.45
N ALA C 76 53.06 -13.96 -60.67
CA ALA C 76 53.63 -12.79 -61.27
C ALA C 76 55.11 -12.86 -61.47
N LEU C 77 55.76 -13.87 -60.97
CA LEU C 77 57.22 -13.93 -61.09
C LEU C 77 57.72 -15.07 -61.96
N PHE C 78 56.97 -16.16 -62.11
CA PHE C 78 57.39 -17.21 -63.00
C PHE C 78 56.20 -17.75 -63.77
N PRO C 79 55.69 -17.01 -64.72
CA PRO C 79 54.51 -17.49 -65.43
C PRO C 79 54.81 -18.52 -66.55
N MET C 80 53.77 -18.80 -67.33
CA MET C 80 53.86 -19.68 -68.49
C MET C 80 54.68 -19.01 -69.60
N GLN C 81 54.61 -17.69 -69.65
CA GLN C 81 55.21 -16.88 -70.73
C GLN C 81 56.69 -16.78 -70.60
N THR C 82 57.28 -16.03 -71.53
CA THR C 82 58.67 -15.64 -71.39
C THR C 82 58.72 -14.57 -70.36
N TRP C 83 59.56 -14.75 -69.33
CA TRP C 83 59.63 -13.78 -68.26
C TRP C 83 60.95 -13.10 -68.10
N MET C 84 61.97 -13.51 -68.88
CA MET C 84 63.21 -12.74 -68.89
C MET C 84 63.31 -12.02 -70.21
N ARG C 85 64.24 -11.08 -70.28
CA ARG C 85 64.48 -10.37 -71.52
C ARG C 85 65.96 -10.23 -71.73
N LEU C 86 66.43 -10.57 -72.92
CA LEU C 86 67.84 -10.52 -73.29
C LEU C 86 68.07 -9.45 -74.34
N THR C 87 68.84 -8.41 -74.00
CA THR C 87 68.98 -7.25 -74.89
C THR C 87 70.44 -6.85 -75.00
N ILE C 88 70.69 -5.77 -75.76
CA ILE C 88 72.05 -5.36 -76.16
C ILE C 88 72.28 -3.90 -75.79
N SER C 89 73.46 -3.56 -75.25
CA SER C 89 73.69 -2.16 -74.87
C SER C 89 75.12 -1.71 -75.15
N GLU C 90 75.30 -0.40 -75.37
CA GLU C 90 76.63 0.29 -75.53
C GLU C 90 77.55 -0.04 -76.70
N TYR C 91 77.08 -0.96 -77.52
CA TYR C 91 77.69 -1.25 -78.82
C TYR C 91 76.60 -1.37 -79.90
N GLU C 92 75.32 -1.36 -79.49
CA GLU C 92 74.19 -1.35 -80.41
C GLU C 92 74.03 0.02 -81.07
N ALA C 93 74.64 1.05 -80.49
CA ALA C 93 74.69 2.38 -81.10
C ALA C 93 75.50 2.38 -82.42
N LYS C 94 76.42 1.43 -82.55
CA LYS C 94 77.05 1.14 -83.83
C LYS C 94 76.02 0.49 -84.78
N GLN C 95 75.13 -0.32 -84.20
CA GLN C 95 74.37 -1.30 -84.97
C GLN C 95 72.95 -0.86 -85.20
N LEU C 96 72.34 -0.21 -84.22
CA LEU C 96 70.92 0.11 -84.30
C LEU C 96 70.67 1.39 -85.07
N LEU C 97 71.74 2.10 -85.44
CA LEU C 97 71.62 3.34 -86.19
C LEU C 97 71.08 3.04 -87.60
N SER C 98 71.72 2.11 -88.28
CA SER C 98 71.27 1.62 -89.57
C SER C 98 70.61 0.25 -89.37
N ASP C 99 70.17 -0.34 -90.49
CA ASP C 99 69.61 -1.69 -90.57
C ASP C 99 68.48 -1.94 -89.57
N PRO C 100 67.26 -1.39 -89.80
CA PRO C 100 66.12 -1.89 -89.01
C PRO C 100 65.77 -3.34 -89.38
N ASP C 101 66.20 -3.78 -90.56
CA ASP C 101 66.18 -5.19 -90.92
C ASP C 101 67.38 -5.98 -90.37
N GLY C 102 68.29 -5.29 -89.69
CA GLY C 102 69.52 -5.94 -89.23
C GLY C 102 69.44 -6.54 -87.86
N LEU C 103 68.70 -5.89 -86.97
CA LEU C 103 68.54 -6.38 -85.64
C LEU C 103 67.49 -7.47 -85.54
N ALA C 104 66.85 -7.80 -86.67
CA ALA C 104 65.85 -8.88 -86.69
C ALA C 104 66.51 -10.27 -86.49
N LYS C 105 67.71 -10.45 -87.03
CA LYS C 105 68.48 -11.66 -86.81
C LYS C 105 68.90 -11.81 -85.33
N VAL C 106 69.22 -10.67 -84.73
CA VAL C 106 69.58 -10.63 -83.31
C VAL C 106 68.37 -10.96 -82.44
N ASP C 107 67.20 -10.47 -82.85
CA ASP C 107 65.96 -10.78 -82.16
C ASP C 107 65.67 -12.27 -82.24
N GLU C 108 65.87 -12.85 -83.42
CA GLU C 108 65.60 -14.28 -83.59
C GLU C 108 66.56 -15.13 -82.75
N GLY C 109 67.84 -14.73 -82.71
CA GLY C 109 68.86 -15.46 -81.94
C GLY C 109 68.56 -15.40 -80.43
N LEU C 110 68.22 -14.19 -79.95
CA LEU C 110 67.95 -14.06 -78.54
C LEU C 110 66.63 -14.68 -78.12
N SER C 111 65.64 -14.69 -79.00
CA SER C 111 64.40 -15.41 -78.71
C SER C 111 64.63 -16.93 -78.68
N MET C 112 65.56 -17.40 -79.50
CA MET C 112 65.99 -18.79 -79.44
C MET C 112 66.62 -19.09 -78.07
N VAL C 113 67.47 -18.19 -77.58
CA VAL C 113 68.13 -18.42 -76.29
C VAL C 113 67.15 -18.36 -75.14
N GLU C 114 66.19 -17.44 -75.23
CA GLU C 114 65.14 -17.35 -74.21
C GLU C 114 64.24 -18.58 -74.19
N ARG C 115 63.94 -19.10 -75.37
CA ARG C 115 63.14 -20.28 -75.44
C ARG C 115 63.89 -21.47 -74.85
N ILE C 116 65.21 -21.55 -75.03
CA ILE C 116 65.94 -22.69 -74.55
C ILE C 116 66.13 -22.65 -73.04
N ILE C 117 66.26 -21.44 -72.52
CA ILE C 117 66.28 -21.31 -71.06
C ILE C 117 64.89 -21.73 -70.49
N MET C 118 63.79 -21.23 -71.08
CA MET C 118 62.45 -21.58 -70.65
C MET C 118 62.18 -23.06 -70.73
N ASN C 119 62.75 -23.71 -71.74
CA ASN C 119 62.52 -25.15 -71.88
C ASN C 119 63.22 -25.88 -70.78
N TYR C 120 64.42 -25.40 -70.44
CA TYR C 120 65.16 -26.02 -69.33
C TYR C 120 64.46 -25.76 -68.01
N ILE C 121 63.73 -24.65 -67.89
CA ILE C 121 62.89 -24.41 -66.73
C ILE C 121 61.76 -25.45 -66.65
N GLU C 122 61.02 -25.64 -67.73
CA GLU C 122 59.86 -26.50 -67.67
C GLU C 122 60.24 -27.94 -67.45
N SER C 123 61.39 -28.35 -67.96
CA SER C 123 61.73 -29.76 -67.95
C SER C 123 62.19 -30.24 -66.62
N ASN C 124 63.01 -29.47 -65.97
CA ASN C 124 63.65 -29.93 -64.80
C ASN C 124 62.89 -29.64 -63.53
N SER C 125 61.65 -29.21 -63.64
CA SER C 125 60.83 -28.93 -62.48
C SER C 125 61.46 -27.87 -61.60
N TYR C 126 61.69 -26.69 -62.12
CA TYR C 126 61.99 -25.59 -61.27
C TYR C 126 60.71 -24.98 -60.70
N ARG C 127 59.52 -25.28 -61.26
CA ARG C 127 58.32 -24.64 -60.76
C ARG C 127 57.97 -25.09 -59.36
N VAL C 128 58.18 -26.39 -59.14
CA VAL C 128 57.86 -26.99 -57.85
C VAL C 128 58.83 -26.43 -56.76
N THR C 129 60.11 -26.39 -57.03
CA THR C 129 61.02 -25.92 -56.05
C THR C 129 60.94 -24.40 -55.85
N LEU C 130 60.54 -23.70 -56.88
CA LEU C 130 60.37 -22.29 -56.69
C LEU C 130 59.15 -22.01 -55.87
N PHE C 131 58.10 -22.80 -55.98
CA PHE C 131 56.92 -22.55 -55.14
C PHE C 131 57.24 -22.81 -53.70
N GLU C 132 58.00 -23.87 -53.46
CA GLU C 132 58.47 -24.16 -52.11
C GLU C 132 59.37 -23.02 -51.58
N ALA C 133 60.22 -22.49 -52.43
CA ALA C 133 61.09 -21.46 -52.01
C ALA C 133 60.34 -20.21 -51.71
N LEU C 134 59.27 -19.94 -52.46
CA LEU C 134 58.48 -18.75 -52.16
C LEU C 134 57.72 -18.90 -50.83
N LYS C 135 57.20 -20.11 -50.51
CA LYS C 135 56.56 -20.28 -49.23
C LYS C 135 57.59 -20.08 -48.12
N GLN C 136 58.83 -20.55 -48.30
CA GLN C 136 59.86 -20.32 -47.31
C GLN C 136 60.19 -18.86 -47.19
N LEU C 137 60.20 -18.15 -48.30
CA LEU C 137 60.60 -16.75 -48.30
C LEU C 137 59.53 -15.86 -47.76
N VAL C 138 58.30 -16.34 -47.68
CA VAL C 138 57.26 -15.55 -47.07
C VAL C 138 57.17 -15.87 -45.60
N VAL C 139 57.23 -17.13 -45.21
CA VAL C 139 57.12 -17.39 -43.79
C VAL C 139 58.40 -17.10 -43.07
N ALA C 140 59.55 -17.39 -43.65
CA ALA C 140 60.79 -17.11 -42.99
C ALA C 140 61.52 -16.12 -43.85
N GLY C 141 62.70 -15.75 -43.45
CA GLY C 141 63.30 -14.60 -44.06
C GLY C 141 64.33 -14.94 -45.08
N ASN C 142 64.75 -16.18 -45.16
CA ASN C 142 65.89 -16.45 -45.96
C ASN C 142 65.81 -17.82 -46.61
N VAL C 143 66.06 -17.91 -47.89
CA VAL C 143 66.11 -19.20 -48.59
C VAL C 143 67.42 -19.24 -49.34
N LEU C 144 67.90 -20.43 -49.63
CA LEU C 144 69.17 -20.56 -50.40
C LEU C 144 68.95 -21.57 -51.52
N LEU C 145 68.91 -21.09 -52.77
CA LEU C 145 68.77 -22.02 -53.86
C LEU C 145 70.16 -22.39 -54.35
N TYR C 146 70.26 -23.61 -54.90
CA TYR C 146 71.48 -24.02 -55.57
C TYR C 146 71.13 -24.95 -56.68
N LEU C 147 71.48 -24.49 -57.89
CA LEU C 147 71.36 -25.26 -59.08
C LEU C 147 72.73 -25.77 -59.50
N PRO C 148 72.90 -27.10 -59.67
CA PRO C 148 74.18 -27.68 -59.92
C PRO C 148 74.58 -27.54 -61.38
N GLU C 149 75.74 -28.11 -61.73
CA GLU C 149 76.08 -28.27 -63.14
C GLU C 149 75.15 -29.29 -63.75
N PRO C 150 74.69 -29.08 -65.00
CA PRO C 150 73.71 -30.01 -65.57
C PRO C 150 74.28 -31.38 -65.90
N GLU C 151 75.49 -31.43 -66.47
CA GLU C 151 76.18 -32.72 -66.73
C GLU C 151 75.36 -33.68 -67.58
N GLY C 152 74.59 -33.11 -68.50
CA GLY C 152 73.76 -33.87 -69.41
C GLY C 152 72.37 -33.35 -69.41
N SER C 153 71.57 -33.87 -70.34
CA SER C 153 70.17 -33.46 -70.48
C SER C 153 69.22 -34.38 -69.69
N ASN C 154 69.77 -35.14 -68.76
CA ASN C 154 68.97 -35.94 -67.84
C ASN C 154 68.33 -35.05 -66.75
N TYR C 155 67.65 -35.66 -65.80
CA TYR C 155 66.88 -34.88 -64.84
C TYR C 155 67.77 -34.21 -63.80
N ASN C 156 67.72 -32.89 -63.71
CA ASN C 156 68.48 -32.15 -62.72
C ASN C 156 67.64 -31.08 -62.08
N PRO C 157 67.04 -31.37 -60.93
CA PRO C 157 66.24 -30.39 -60.24
C PRO C 157 67.12 -29.47 -59.44
N MET C 158 66.50 -28.55 -58.67
CA MET C 158 67.28 -27.55 -57.95
C MET C 158 67.23 -27.74 -56.47
N LYS C 159 68.38 -27.89 -55.81
CA LYS C 159 68.40 -28.19 -54.38
C LYS C 159 68.10 -26.95 -53.59
N LEU C 160 67.05 -27.03 -52.76
CA LEU C 160 66.66 -25.90 -51.92
C LEU C 160 67.37 -26.03 -50.59
N TYR C 161 67.49 -24.93 -49.90
CA TYR C 161 68.00 -24.97 -48.55
C TYR C 161 67.16 -24.01 -47.73
N ARG C 162 66.40 -24.58 -46.80
CA ARG C 162 65.70 -23.76 -45.83
C ARG C 162 66.68 -23.29 -44.75
N LEU C 163 66.23 -22.38 -43.90
CA LEU C 163 67.11 -21.52 -43.14
C LEU C 163 67.90 -22.28 -42.15
N SER C 164 67.43 -23.44 -41.74
CA SER C 164 68.14 -24.21 -40.70
C SER C 164 69.44 -24.83 -41.17
N SER C 165 69.63 -24.97 -42.45
CA SER C 165 70.70 -25.78 -42.92
C SER C 165 71.77 -25.03 -43.66
N TYR C 166 71.76 -23.71 -43.61
CA TYR C 166 72.86 -22.94 -44.21
C TYR C 166 73.14 -21.70 -43.40
N VAL C 167 74.14 -20.94 -43.83
CA VAL C 167 74.45 -19.76 -43.12
C VAL C 167 75.09 -18.77 -44.09
N VAL C 168 74.92 -17.46 -43.87
CA VAL C 168 75.45 -16.44 -44.74
C VAL C 168 75.98 -15.27 -43.95
N GLN C 169 77.22 -14.88 -44.17
CA GLN C 169 77.79 -13.69 -43.55
C GLN C 169 77.91 -12.60 -44.63
N ARG C 170 77.51 -11.38 -44.26
CA ARG C 170 77.58 -10.25 -45.16
C ARG C 170 78.35 -9.11 -44.49
N ASP C 171 78.60 -8.07 -45.27
CA ASP C 171 79.12 -6.81 -44.75
C ASP C 171 77.96 -5.83 -44.63
N ALA C 172 78.25 -4.56 -44.41
CA ALA C 172 77.15 -3.61 -44.31
C ALA C 172 76.60 -3.19 -45.65
N PHE C 173 77.26 -3.53 -46.76
CA PHE C 173 76.63 -3.42 -48.04
C PHE C 173 75.52 -4.47 -48.25
N GLY C 174 75.95 -5.73 -48.29
CA GLY C 174 75.10 -6.79 -48.77
C GLY C 174 75.93 -7.65 -49.69
N ASN C 175 77.22 -7.36 -49.75
CA ASN C 175 78.12 -8.25 -50.40
C ASN C 175 78.18 -9.53 -49.61
N VAL C 176 77.91 -10.65 -50.27
CA VAL C 176 78.02 -11.92 -49.59
C VAL C 176 79.48 -12.30 -49.44
N LEU C 177 79.97 -12.34 -48.20
CA LEU C 177 81.35 -12.72 -48.00
C LEU C 177 81.50 -14.24 -48.04
N GLN C 178 80.67 -14.94 -47.28
CA GLN C 178 80.78 -16.38 -47.20
C GLN C 178 79.48 -17.09 -46.91
N MET C 179 79.33 -18.30 -47.43
CA MET C 179 78.23 -19.11 -47.14
C MET C 179 78.75 -20.55 -46.75
N VAL C 180 78.01 -21.26 -45.89
CA VAL C 180 78.23 -22.61 -45.67
C VAL C 180 76.91 -23.36 -45.65
N THR C 181 76.77 -24.45 -46.40
CA THR C 181 75.59 -25.29 -46.35
C THR C 181 75.84 -26.61 -45.68
N ARG C 182 74.81 -27.24 -45.14
CA ARG C 182 74.96 -28.33 -44.19
C ARG C 182 74.03 -29.45 -44.59
N ASP C 183 74.19 -29.92 -45.83
CA ASP C 183 73.42 -31.08 -46.27
C ASP C 183 73.81 -32.30 -45.43
N GLN C 184 72.77 -33.09 -45.12
CA GLN C 184 72.93 -34.34 -44.42
C GLN C 184 72.50 -35.50 -45.34
N ILE C 185 73.45 -36.19 -45.94
CA ILE C 185 73.15 -37.21 -46.92
C ILE C 185 73.53 -38.55 -46.35
N ALA C 186 72.84 -39.60 -46.76
CA ALA C 186 73.26 -40.96 -46.37
C ALA C 186 74.53 -41.35 -47.13
N PHE C 187 75.31 -42.25 -46.53
CA PHE C 187 76.53 -42.79 -47.14
C PHE C 187 76.25 -43.57 -48.40
N GLY C 188 75.06 -44.13 -48.52
CA GLY C 188 74.72 -44.93 -49.68
C GLY C 188 74.42 -44.10 -50.90
N ALA C 189 73.80 -42.94 -50.70
CA ALA C 189 73.37 -42.12 -51.82
C ALA C 189 74.30 -40.94 -52.07
N LEU C 190 75.55 -41.05 -51.64
CA LEU C 190 76.51 -39.99 -51.88
C LEU C 190 76.91 -39.94 -53.36
N PRO C 191 77.38 -38.79 -53.84
CA PRO C 191 78.18 -38.79 -55.07
C PRO C 191 79.46 -39.61 -54.91
N GLU C 192 79.95 -40.15 -56.04
CA GLU C 192 80.97 -41.19 -56.02
C GLU C 192 82.31 -40.71 -55.51
N ASP C 193 82.64 -39.46 -55.83
CA ASP C 193 83.92 -38.91 -55.39
C ASP C 193 83.95 -38.70 -53.86
N ILE C 194 82.80 -38.39 -53.29
CA ILE C 194 82.75 -38.11 -51.87
C ILE C 194 82.84 -39.41 -51.06
N ARG C 195 82.35 -40.50 -51.62
CA ARG C 195 82.41 -41.79 -50.92
C ARG C 195 83.83 -42.24 -50.71
N LYS C 196 84.67 -42.06 -51.71
CA LYS C 196 86.07 -42.44 -51.57
C LYS C 196 86.82 -41.50 -50.61
N ALA C 197 86.43 -40.22 -50.61
CA ALA C 197 87.04 -39.26 -49.69
C ALA C 197 86.67 -39.58 -48.23
N VAL C 198 85.44 -40.00 -48.00
CA VAL C 198 85.05 -40.39 -46.66
C VAL C 198 85.69 -41.72 -46.28
N GLU C 199 85.73 -42.66 -47.21
CA GLU C 199 86.27 -43.97 -46.94
C GLU C 199 87.76 -43.90 -46.64
N GLY C 200 88.45 -42.94 -47.24
CA GLY C 200 89.87 -42.72 -46.97
C GLY C 200 90.15 -42.24 -45.55
N GLN C 201 89.16 -41.63 -44.90
CA GLN C 201 89.31 -41.18 -43.52
C GLN C 201 89.43 -42.38 -42.59
N GLY C 202 88.75 -43.48 -42.92
CA GLY C 202 88.93 -44.69 -42.17
C GLY C 202 87.67 -45.14 -41.45
N GLY C 203 87.69 -46.41 -41.06
CA GLY C 203 86.54 -47.10 -40.50
C GLY C 203 85.52 -47.44 -41.59
N GLU C 204 84.99 -48.65 -41.57
CA GLU C 204 83.87 -48.99 -42.44
C GLU C 204 82.62 -48.23 -41.99
N LYS C 205 81.69 -48.08 -42.91
CA LYS C 205 80.47 -47.35 -42.60
C LYS C 205 79.29 -48.18 -42.97
N LYS C 206 78.18 -47.99 -42.27
CA LYS C 206 76.94 -48.64 -42.66
C LYS C 206 76.34 -47.93 -43.85
N ALA C 207 75.30 -48.50 -44.45
CA ALA C 207 74.71 -47.80 -45.58
C ALA C 207 73.88 -46.57 -45.13
N ASP C 208 73.02 -46.69 -44.10
CA ASP C 208 72.17 -45.59 -43.74
C ASP C 208 72.72 -44.71 -42.69
N GLU C 209 74.02 -44.84 -42.41
CA GLU C 209 74.65 -43.96 -41.42
C GLU C 209 74.81 -42.55 -42.01
N THR C 210 74.27 -41.57 -41.31
CA THR C 210 74.21 -40.22 -41.87
C THR C 210 75.56 -39.60 -41.86
N ILE C 211 75.86 -38.88 -42.94
CA ILE C 211 77.12 -38.17 -43.08
C ILE C 211 76.79 -36.73 -43.43
N ASP C 212 77.28 -35.82 -42.60
CA ASP C 212 77.09 -34.41 -42.80
C ASP C 212 78.20 -33.82 -43.65
N VAL C 213 77.88 -33.36 -44.83
CA VAL C 213 78.83 -32.60 -45.59
C VAL C 213 78.69 -31.14 -45.25
N TYR C 214 79.67 -30.34 -45.63
CA TYR C 214 79.57 -28.92 -45.50
C TYR C 214 80.13 -28.30 -46.76
N THR C 215 79.41 -27.37 -47.35
CA THR C 215 79.90 -26.70 -48.53
C THR C 215 80.22 -25.28 -48.17
N HIS C 216 81.43 -24.85 -48.45
CA HIS C 216 81.88 -23.52 -48.06
C HIS C 216 82.22 -22.71 -49.31
N ILE C 217 81.70 -21.49 -49.36
CA ILE C 217 81.92 -20.55 -50.46
C ILE C 217 82.44 -19.28 -49.81
N TYR C 218 83.57 -18.75 -50.28
CA TYR C 218 84.17 -17.58 -49.62
C TYR C 218 84.83 -16.64 -50.56
N LEU C 219 84.82 -15.34 -50.22
CA LEU C 219 85.58 -14.33 -50.97
C LEU C 219 87.08 -14.53 -50.77
N ASP C 220 87.82 -14.33 -51.85
CA ASP C 220 89.25 -14.48 -51.79
C ASP C 220 89.89 -13.24 -51.21
N GLU C 221 91.01 -13.43 -50.52
CA GLU C 221 91.82 -12.34 -50.08
C GLU C 221 92.60 -11.72 -51.25
N ASP C 222 92.77 -12.48 -52.34
CA ASP C 222 93.55 -12.02 -53.46
C ASP C 222 92.66 -11.36 -54.52
N SER C 223 91.72 -12.12 -55.05
CA SER C 223 90.93 -11.65 -56.18
C SER C 223 89.48 -11.50 -55.80
N GLY C 224 88.71 -10.94 -56.74
CA GLY C 224 87.30 -10.70 -56.53
C GLY C 224 86.40 -11.81 -57.03
N GLU C 225 86.78 -13.07 -56.83
CA GLU C 225 85.98 -14.19 -57.26
C GLU C 225 85.80 -15.18 -56.09
N TYR C 226 84.74 -15.96 -56.08
CA TYR C 226 84.48 -16.86 -54.98
C TYR C 226 85.32 -18.14 -55.11
N LEU C 227 85.60 -18.76 -53.98
CA LEU C 227 86.18 -20.10 -53.93
C LEU C 227 85.29 -21.04 -53.15
N ARG C 228 85.03 -22.23 -53.66
CA ARG C 228 84.21 -23.24 -52.96
C ARG C 228 84.95 -24.52 -52.72
N TYR C 229 84.67 -25.15 -51.59
CA TYR C 229 85.12 -26.48 -51.29
C TYR C 229 84.16 -27.21 -50.44
N GLU C 230 84.31 -28.53 -50.41
CA GLU C 230 83.45 -29.38 -49.58
C GLU C 230 84.26 -29.92 -48.42
N GLU C 231 83.58 -30.32 -47.36
CA GLU C 231 84.25 -30.85 -46.21
C GLU C 231 83.39 -31.91 -45.57
N VAL C 232 84.00 -33.06 -45.28
CA VAL C 232 83.35 -34.11 -44.53
C VAL C 232 84.27 -34.52 -43.40
N GLU C 233 83.76 -34.42 -42.17
CA GLU C 233 84.40 -34.97 -41.01
C GLU C 233 85.73 -34.24 -40.66
N GLY C 234 85.95 -33.07 -41.26
CA GLY C 234 87.10 -32.27 -40.89
C GLY C 234 88.25 -32.34 -41.88
N MET C 235 87.92 -32.42 -43.16
CA MET C 235 88.92 -32.53 -44.20
C MET C 235 88.32 -32.11 -45.51
N GLU C 236 89.08 -31.33 -46.28
CA GLU C 236 88.59 -30.86 -47.57
C GLU C 236 88.52 -32.03 -48.58
N VAL C 237 87.38 -32.16 -49.24
CA VAL C 237 87.12 -33.29 -50.12
C VAL C 237 87.92 -33.20 -51.39
N GLN C 238 88.74 -34.21 -51.63
CA GLN C 238 89.60 -34.26 -52.83
C GLN C 238 88.80 -34.33 -54.08
N GLY C 239 89.24 -33.55 -55.07
CA GLY C 239 88.54 -33.42 -56.35
C GLY C 239 87.18 -32.73 -56.28
N SER C 240 87.02 -31.82 -55.31
CA SER C 240 85.79 -31.05 -55.20
C SER C 240 86.02 -29.56 -55.13
N ASP C 241 87.20 -29.14 -55.58
CA ASP C 241 87.60 -27.74 -55.60
C ASP C 241 86.74 -26.97 -56.55
N GLY C 242 86.63 -25.67 -56.30
CA GLY C 242 85.84 -24.84 -57.20
C GLY C 242 86.21 -23.39 -57.17
N THR C 243 86.21 -22.79 -58.35
CA THR C 243 86.42 -21.37 -58.50
C THR C 243 85.23 -20.84 -59.23
N TYR C 244 84.62 -19.80 -58.71
CA TYR C 244 83.44 -19.27 -59.32
C TYR C 244 83.62 -17.79 -59.63
N PRO C 245 83.13 -17.33 -60.79
CA PRO C 245 83.18 -15.90 -61.11
C PRO C 245 82.19 -15.09 -60.26
N LYS C 246 82.37 -13.79 -60.28
CA LYS C 246 81.69 -12.90 -59.33
C LYS C 246 80.18 -12.84 -59.55
N GLU C 247 79.76 -12.98 -60.79
CA GLU C 247 78.37 -12.76 -61.15
C GLU C 247 77.58 -14.02 -61.36
N ALA C 248 78.27 -15.13 -61.59
CA ALA C 248 77.59 -16.37 -61.97
C ALA C 248 77.69 -17.40 -60.84
N CYS C 249 77.42 -16.93 -59.65
CA CYS C 249 77.54 -17.76 -58.47
C CYS C 249 76.34 -18.67 -58.41
N PRO C 250 76.55 -19.99 -58.37
CA PRO C 250 75.43 -20.89 -58.44
C PRO C 250 74.67 -20.98 -57.12
N TYR C 251 75.29 -20.56 -56.01
CA TYR C 251 74.58 -20.53 -54.75
C TYR C 251 73.90 -19.13 -54.65
N ILE C 252 72.57 -19.11 -54.68
CA ILE C 252 71.86 -17.87 -54.69
C ILE C 252 71.15 -17.72 -53.32
N PRO C 253 71.60 -16.79 -52.49
CA PRO C 253 70.89 -16.51 -51.26
C PRO C 253 69.81 -15.46 -51.42
N ILE C 254 68.56 -15.76 -51.06
CA ILE C 254 67.45 -14.86 -51.32
C ILE C 254 66.89 -14.36 -50.03
N ARG C 255 66.73 -13.05 -49.92
CA ARG C 255 66.06 -12.38 -48.81
C ARG C 255 64.74 -11.78 -49.31
N MET C 256 63.72 -11.80 -48.47
CA MET C 256 62.47 -11.16 -48.83
C MET C 256 62.55 -9.65 -48.59
N VAL C 257 62.76 -9.23 -47.34
CA VAL C 257 62.79 -7.80 -47.04
C VAL C 257 64.12 -7.46 -46.46
N ARG C 258 64.88 -6.64 -47.17
CA ARG C 258 66.25 -6.38 -46.75
C ARG C 258 66.32 -5.28 -45.73
N LEU C 259 67.37 -5.31 -44.93
CA LEU C 259 67.68 -4.25 -43.95
C LEU C 259 69.15 -3.94 -44.02
N ASP C 260 69.44 -2.70 -43.69
CA ASP C 260 70.78 -2.23 -43.81
C ASP C 260 71.67 -2.84 -42.72
N GLY C 261 72.85 -3.32 -43.12
CA GLY C 261 73.85 -3.78 -42.19
C GLY C 261 73.40 -4.98 -41.38
N GLU C 262 72.86 -5.93 -42.09
CA GLU C 262 72.23 -7.07 -41.48
C GLU C 262 72.25 -8.23 -42.49
N SER C 263 72.81 -9.34 -42.08
CA SER C 263 73.24 -10.37 -43.03
C SER C 263 72.14 -11.23 -43.56
N TYR C 264 70.94 -11.09 -43.04
CA TYR C 264 69.85 -12.02 -43.37
C TYR C 264 68.61 -11.24 -43.76
N GLY C 265 67.52 -11.95 -43.89
CA GLY C 265 66.29 -11.31 -44.30
C GLY C 265 65.22 -11.51 -43.28
N ARG C 266 64.24 -10.61 -43.28
CA ARG C 266 63.09 -10.78 -42.39
C ARG C 266 61.85 -10.98 -43.17
N SER C 267 61.06 -11.94 -42.77
CA SER C 267 59.94 -12.37 -43.55
C SER C 267 58.85 -11.29 -43.65
N TYR C 268 57.98 -11.45 -44.61
CA TYR C 268 56.88 -10.52 -44.81
C TYR C 268 55.83 -10.78 -43.80
N ILE C 269 55.72 -11.99 -43.24
CA ILE C 269 54.72 -12.26 -42.24
C ILE C 269 55.08 -11.64 -40.88
N GLU C 270 56.38 -11.38 -40.69
CA GLU C 270 56.86 -10.74 -39.47
C GLU C 270 56.27 -9.34 -39.26
N GLU C 271 56.18 -8.58 -40.32
CA GLU C 271 55.67 -7.31 -40.22
C GLU C 271 54.22 -7.28 -39.89
N TYR C 272 53.50 -8.32 -40.14
CA TYR C 272 52.12 -8.30 -39.67
C TYR C 272 51.89 -9.43 -38.69
N LEU C 273 52.91 -9.76 -37.91
CA LEU C 273 52.79 -10.88 -36.96
C LEU C 273 51.88 -10.60 -35.81
N GLY C 274 51.98 -9.42 -35.26
CA GLY C 274 51.32 -9.09 -34.01
C GLY C 274 49.80 -9.04 -34.18
N ASP C 275 49.31 -8.33 -35.17
CA ASP C 275 47.92 -8.40 -35.47
C ASP C 275 47.52 -9.76 -35.90
N LEU C 276 48.48 -10.57 -36.29
CA LEU C 276 48.20 -11.96 -36.52
C LEU C 276 47.97 -12.59 -35.18
N ARG C 277 48.88 -12.44 -34.23
CA ARG C 277 48.73 -13.13 -32.93
C ARG C 277 47.62 -12.54 -32.12
N SER C 278 47.33 -11.29 -32.28
CA SER C 278 46.18 -10.73 -31.59
C SER C 278 44.95 -11.28 -32.15
N LEU C 279 44.94 -11.72 -33.40
CA LEU C 279 43.79 -12.43 -33.90
C LEU C 279 43.70 -13.71 -33.26
N GLU C 280 44.84 -14.39 -33.14
CA GLU C 280 44.94 -15.77 -32.61
C GLU C 280 44.26 -15.83 -31.28
N ASN C 281 44.71 -15.03 -30.29
CA ASN C 281 44.16 -15.03 -29.01
C ASN C 281 42.70 -14.75 -29.08
N LEU C 282 42.35 -13.73 -29.77
CA LEU C 282 40.97 -13.24 -29.80
C LEU C 282 40.10 -14.21 -30.45
N GLN C 283 40.66 -15.07 -31.22
CA GLN C 283 39.84 -16.04 -31.86
C GLN C 283 39.78 -17.28 -31.02
N GLU C 284 40.89 -17.58 -30.35
CA GLU C 284 41.05 -18.80 -29.56
C GLU C 284 39.97 -18.89 -28.57
N ALA C 285 39.83 -17.82 -27.78
CA ALA C 285 38.82 -17.70 -26.73
C ALA C 285 37.50 -18.14 -27.22
N ILE C 286 37.17 -17.63 -28.39
CA ILE C 286 35.81 -17.77 -28.93
C ILE C 286 35.55 -19.25 -29.07
N VAL C 287 36.49 -19.99 -29.61
CA VAL C 287 36.31 -21.40 -29.80
C VAL C 287 36.18 -22.03 -28.42
N LYS C 288 37.03 -21.64 -27.46
CA LYS C 288 36.95 -22.15 -26.10
C LYS C 288 35.61 -21.77 -25.47
N MET C 289 35.19 -20.55 -25.73
CA MET C 289 33.94 -20.13 -25.14
C MET C 289 32.84 -20.79 -25.81
N SER C 290 33.03 -21.40 -26.95
CA SER C 290 31.95 -22.07 -27.51
C SER C 290 31.80 -23.34 -26.80
N MET C 291 32.92 -23.96 -26.47
CA MET C 291 32.87 -25.35 -26.00
C MET C 291 32.15 -25.38 -24.63
N ILE C 292 32.25 -24.33 -23.80
CA ILE C 292 31.55 -24.22 -22.57
C ILE C 292 30.09 -24.31 -22.82
N SER C 293 29.63 -23.70 -23.92
CA SER C 293 28.22 -23.81 -24.30
C SER C 293 27.80 -25.25 -24.66
N SER C 294 28.75 -26.11 -24.98
CA SER C 294 28.40 -27.39 -25.43
C SER C 294 28.46 -28.38 -24.31
N LYS C 295 28.09 -27.96 -23.13
CA LYS C 295 28.08 -28.83 -21.93
C LYS C 295 26.70 -28.53 -21.27
N VAL C 296 25.75 -29.44 -21.47
CA VAL C 296 24.48 -29.31 -20.91
C VAL C 296 24.60 -29.73 -19.45
N ILE C 297 24.30 -28.81 -18.51
CA ILE C 297 24.13 -29.20 -17.12
C ILE C 297 22.74 -28.83 -16.74
N GLY C 298 21.96 -29.79 -16.31
CA GLY C 298 20.64 -29.47 -15.79
C GLY C 298 20.69 -29.09 -14.31
N LEU C 299 20.39 -27.84 -14.00
CA LEU C 299 20.32 -27.45 -12.62
C LEU C 299 18.93 -27.71 -12.06
N VAL C 300 18.78 -28.64 -11.11
CA VAL C 300 17.50 -28.83 -10.44
C VAL C 300 17.42 -28.10 -9.21
N ASN C 301 16.33 -27.41 -9.00
CA ASN C 301 16.27 -26.44 -7.83
C ASN C 301 15.86 -27.16 -6.63
N PRO C 302 16.68 -27.23 -5.61
CA PRO C 302 16.39 -28.00 -4.54
C PRO C 302 15.20 -27.56 -3.79
N ALA C 303 14.79 -26.35 -3.93
CA ALA C 303 13.67 -25.90 -3.15
C ALA C 303 12.37 -26.33 -3.67
N GLY C 304 12.39 -27.02 -4.78
CA GLY C 304 11.15 -27.33 -5.48
C GLY C 304 10.78 -28.80 -5.28
N ILE C 305 9.97 -29.30 -6.21
CA ILE C 305 9.42 -30.54 -6.05
C ILE C 305 10.02 -31.51 -6.98
N THR C 306 10.35 -31.09 -8.20
CA THR C 306 10.64 -32.04 -9.26
C THR C 306 11.93 -32.72 -9.05
N GLN C 307 12.01 -34.02 -9.30
CA GLN C 307 13.29 -34.67 -9.04
C GLN C 307 13.76 -35.67 -10.01
N PRO C 308 15.02 -35.68 -10.36
CA PRO C 308 15.41 -36.38 -11.50
C PRO C 308 15.49 -37.91 -11.40
N ARG C 309 14.96 -38.54 -10.38
CA ARG C 309 14.75 -39.98 -10.54
C ARG C 309 13.48 -40.20 -11.33
N ARG C 310 12.77 -39.15 -11.70
CA ARG C 310 11.52 -39.34 -12.36
C ARG C 310 11.49 -38.75 -13.71
N LEU C 311 12.33 -37.75 -14.00
CA LEU C 311 12.45 -37.32 -15.40
C LEU C 311 13.13 -38.38 -16.21
N THR C 312 14.18 -39.00 -15.70
CA THR C 312 14.89 -39.69 -16.55
C THR C 312 14.29 -40.99 -16.83
N LYS C 313 13.65 -41.64 -15.86
CA LYS C 313 13.22 -43.05 -16.06
C LYS C 313 12.01 -43.13 -16.85
N ALA C 314 11.35 -42.02 -17.05
CA ALA C 314 10.06 -42.04 -17.78
C ALA C 314 10.24 -42.19 -19.24
N GLN C 315 9.41 -43.02 -19.90
CA GLN C 315 9.60 -43.12 -21.36
C GLN C 315 9.07 -41.88 -21.99
N THR C 316 9.12 -41.80 -23.32
CA THR C 316 8.68 -40.55 -23.93
C THR C 316 7.26 -40.44 -23.88
N GLY C 317 6.78 -39.26 -23.56
CA GLY C 317 5.39 -38.98 -23.34
C GLY C 317 4.86 -39.80 -22.17
N ASP C 318 5.53 -39.56 -21.09
CA ASP C 318 5.06 -40.11 -19.82
C ASP C 318 4.80 -38.98 -18.89
N PHE C 319 3.62 -38.93 -18.31
CA PHE C 319 3.35 -37.90 -17.36
C PHE C 319 4.20 -38.15 -16.10
N VAL C 320 4.72 -37.10 -15.49
CA VAL C 320 5.33 -37.29 -14.29
C VAL C 320 5.35 -36.06 -13.46
N THR C 321 5.60 -36.15 -12.16
CA THR C 321 5.25 -35.05 -11.34
C THR C 321 6.19 -34.06 -11.18
N GLY C 322 5.83 -32.80 -11.28
CA GLY C 322 6.89 -31.74 -11.19
C GLY C 322 6.51 -30.43 -11.72
N ARG C 323 7.19 -29.44 -11.30
CA ARG C 323 6.89 -28.17 -11.78
C ARG C 323 7.97 -27.75 -12.76
N PRO C 324 7.64 -26.89 -13.74
CA PRO C 324 8.59 -26.55 -14.69
C PRO C 324 9.55 -25.52 -14.21
N GLU C 325 9.29 -24.80 -13.13
CA GLU C 325 10.28 -23.80 -12.76
C GLU C 325 11.42 -24.37 -11.97
N ASP C 326 11.45 -25.68 -11.77
CA ASP C 326 12.48 -26.25 -10.98
C ASP C 326 13.69 -26.61 -11.77
N ILE C 327 13.52 -27.20 -12.96
CA ILE C 327 14.69 -27.57 -13.74
C ILE C 327 15.02 -26.42 -14.59
N SER C 328 16.26 -26.00 -14.62
CA SER C 328 16.71 -25.04 -15.64
C SER C 328 18.01 -25.54 -16.17
N PHE C 329 18.63 -24.81 -17.08
CA PHE C 329 19.88 -25.28 -17.58
C PHE C 329 20.89 -24.20 -17.56
N LEU C 330 22.12 -24.56 -17.30
CA LEU C 330 23.21 -23.54 -17.02
C LEU C 330 23.63 -22.97 -18.29
N GLN C 331 23.33 -21.70 -18.59
CA GLN C 331 23.86 -21.02 -19.79
C GLN C 331 25.12 -20.29 -19.49
N LEU C 332 25.70 -19.70 -20.53
CA LEU C 332 26.97 -18.94 -20.36
C LEU C 332 26.69 -17.57 -20.91
N GLU C 333 26.48 -16.61 -20.03
CA GLU C 333 25.87 -15.41 -20.44
C GLU C 333 26.79 -14.32 -20.96
N LYS C 334 28.00 -14.68 -21.45
CA LYS C 334 28.80 -13.71 -22.17
C LYS C 334 28.13 -13.41 -23.52
N GLN C 335 27.42 -12.29 -23.60
CA GLN C 335 26.88 -11.88 -24.86
C GLN C 335 27.51 -10.60 -25.33
N ALA C 336 27.63 -9.62 -24.45
CA ALA C 336 28.31 -8.39 -24.81
C ALA C 336 29.79 -8.64 -25.03
N ASP C 337 30.39 -9.52 -24.23
CA ASP C 337 31.78 -9.88 -24.49
C ASP C 337 31.92 -10.63 -25.80
N PHE C 338 30.97 -11.50 -26.14
CA PHE C 338 31.04 -12.21 -27.38
C PHE C 338 30.90 -11.28 -28.60
N THR C 339 30.01 -10.29 -28.52
CA THR C 339 29.88 -9.34 -29.63
C THR C 339 31.04 -8.38 -29.78
N VAL C 340 31.67 -8.01 -28.67
CA VAL C 340 32.85 -7.16 -28.81
C VAL C 340 34.04 -7.96 -29.27
N ALA C 341 34.12 -9.21 -28.88
CA ALA C 341 35.24 -10.04 -29.32
C ALA C 341 35.12 -10.33 -30.79
N LYS C 342 33.92 -10.63 -31.25
CA LYS C 342 33.71 -10.92 -32.66
C LYS C 342 33.95 -9.67 -33.50
N ALA C 343 33.61 -8.51 -32.98
CA ALA C 343 33.81 -7.27 -33.72
C ALA C 343 35.27 -6.96 -33.93
N VAL C 344 36.05 -7.11 -32.91
CA VAL C 344 37.45 -6.83 -33.09
C VAL C 344 38.14 -7.93 -33.86
N SER C 345 37.63 -9.16 -33.79
CA SER C 345 38.15 -10.22 -34.61
C SER C 345 37.94 -9.93 -36.08
N ASP C 346 36.77 -9.44 -36.42
CA ASP C 346 36.51 -9.14 -37.81
C ASP C 346 37.36 -7.98 -38.27
N ALA C 347 37.44 -6.96 -37.46
CA ALA C 347 38.18 -5.79 -37.85
C ALA C 347 39.65 -6.06 -37.92
N ILE C 348 40.14 -7.15 -37.36
CA ILE C 348 41.53 -7.46 -37.52
C ILE C 348 41.74 -8.39 -38.70
N GLU C 349 40.74 -9.23 -39.02
CA GLU C 349 40.87 -10.04 -40.23
C GLU C 349 40.79 -9.15 -41.47
N ALA C 350 40.11 -8.02 -41.39
CA ALA C 350 40.05 -7.11 -42.53
C ALA C 350 41.42 -6.58 -42.88
N ARG C 351 42.21 -6.25 -41.85
CA ARG C 351 43.55 -5.79 -42.09
C ARG C 351 44.41 -6.88 -42.71
N LEU C 352 44.32 -8.07 -42.15
CA LEU C 352 45.14 -9.11 -42.65
C LEU C 352 44.64 -9.53 -44.07
N SER C 353 43.39 -9.30 -44.42
CA SER C 353 42.95 -9.61 -45.76
C SER C 353 43.46 -8.55 -46.78
N PHE C 354 43.41 -7.24 -46.47
CA PHE C 354 44.08 -6.25 -47.36
C PHE C 354 45.56 -6.37 -47.34
N ALA C 355 46.11 -7.16 -46.43
CA ALA C 355 47.56 -7.26 -46.32
C ALA C 355 48.15 -8.46 -46.89
N PHE C 356 47.35 -9.52 -47.01
CA PHE C 356 47.87 -10.77 -47.54
C PHE C 356 47.26 -11.14 -48.90
N MET C 357 46.51 -10.20 -49.49
CA MET C 357 45.82 -10.38 -50.74
C MET C 357 44.78 -11.48 -50.72
N LEU C 358 44.11 -11.65 -49.61
CA LEU C 358 43.05 -12.58 -49.51
C LEU C 358 41.97 -11.88 -50.38
N ASN C 359 40.98 -12.67 -50.84
CA ASN C 359 40.09 -12.18 -51.87
C ASN C 359 39.11 -11.13 -51.32
N SER C 360 39.33 -9.91 -51.79
CA SER C 360 38.41 -8.82 -51.55
C SER C 360 37.78 -8.42 -52.89
N ALA C 361 37.29 -9.45 -53.60
CA ALA C 361 36.69 -9.37 -54.95
C ALA C 361 37.62 -8.75 -56.00
N VAL C 362 38.77 -9.38 -56.17
CA VAL C 362 39.69 -9.00 -57.23
C VAL C 362 39.86 -10.08 -58.30
N GLN C 363 40.22 -11.28 -57.88
CA GLN C 363 40.61 -12.32 -58.82
C GLN C 363 39.54 -13.40 -58.99
N ARG C 364 38.40 -13.23 -58.34
CA ARG C 364 37.37 -14.26 -58.38
C ARG C 364 36.59 -14.28 -59.71
N THR C 365 36.21 -13.10 -60.20
CA THR C 365 35.26 -12.95 -61.30
C THR C 365 35.83 -13.41 -62.63
N GLY C 366 35.80 -14.74 -62.84
CA GLY C 366 36.25 -15.42 -64.07
C GLY C 366 37.72 -15.21 -64.37
N GLU C 367 38.60 -15.79 -63.53
CA GLU C 367 40.05 -15.63 -63.71
C GLU C 367 40.49 -16.37 -65.00
N ARG C 368 41.30 -15.67 -65.80
CA ARG C 368 41.92 -16.28 -66.98
C ARG C 368 43.44 -16.22 -66.91
N VAL C 369 44.12 -16.49 -68.02
CA VAL C 369 45.59 -16.60 -68.05
C VAL C 369 46.12 -15.63 -69.12
N THR C 370 47.30 -15.06 -68.84
CA THR C 370 48.26 -14.51 -69.83
C THR C 370 47.95 -13.25 -70.61
N ALA C 371 46.69 -12.84 -70.61
CA ALA C 371 46.28 -11.64 -71.32
C ALA C 371 45.63 -10.70 -70.29
N GLU C 372 46.35 -9.62 -69.98
CA GLU C 372 46.00 -8.61 -68.95
C GLU C 372 46.20 -9.18 -67.53
N GLU C 373 46.40 -10.50 -67.40
CA GLU C 373 46.37 -11.13 -66.09
C GLU C 373 47.67 -10.91 -65.32
N ILE C 374 48.80 -11.14 -66.00
CA ILE C 374 50.07 -11.03 -65.33
C ILE C 374 50.42 -9.57 -65.02
N ARG C 375 49.97 -8.69 -65.88
CA ARG C 375 50.06 -7.28 -65.64
C ARG C 375 49.30 -6.89 -64.39
N TYR C 376 48.07 -7.37 -64.28
CA TYR C 376 47.21 -7.00 -63.16
C TYR C 376 47.77 -7.57 -61.86
N VAL C 377 48.26 -8.81 -61.90
CA VAL C 377 48.80 -9.41 -60.71
C VAL C 377 50.04 -8.71 -60.23
N ALA C 378 50.91 -8.35 -61.13
CA ALA C 378 52.12 -7.69 -60.69
C ALA C 378 51.87 -6.26 -60.24
N SER C 379 50.91 -5.58 -60.87
CA SER C 379 50.61 -4.22 -60.47
C SER C 379 49.97 -4.20 -59.10
N GLU C 380 49.13 -5.17 -58.80
CA GLU C 380 48.57 -5.25 -57.46
C GLU C 380 49.63 -5.69 -56.45
N LEU C 381 50.51 -6.64 -56.80
CA LEU C 381 51.54 -7.06 -55.90
C LEU C 381 52.58 -5.98 -55.60
N GLU C 382 52.72 -4.98 -56.47
CA GLU C 382 53.47 -3.82 -56.07
C GLU C 382 52.60 -2.81 -55.36
N ASP C 383 51.27 -2.80 -55.56
CA ASP C 383 50.40 -1.90 -54.83
C ASP C 383 50.43 -2.23 -53.37
N THR C 384 50.03 -3.44 -53.02
CA THR C 384 50.22 -3.87 -51.66
C THR C 384 51.59 -4.48 -51.57
N LEU C 385 51.88 -5.15 -50.46
CA LEU C 385 53.14 -5.84 -50.27
C LEU C 385 54.41 -4.98 -50.32
N GLY C 386 54.31 -3.69 -50.61
CA GLY C 386 55.50 -2.85 -50.60
C GLY C 386 56.39 -3.18 -51.75
N GLY C 387 57.68 -3.32 -51.48
CA GLY C 387 58.57 -3.64 -52.59
C GLY C 387 58.86 -5.11 -52.83
N VAL C 388 57.90 -6.03 -52.62
CA VAL C 388 58.22 -7.43 -52.67
C VAL C 388 58.51 -7.82 -54.10
N TYR C 389 57.70 -7.34 -55.02
CA TYR C 389 57.80 -7.79 -56.39
C TYR C 389 59.06 -7.25 -57.09
N SER C 390 59.57 -6.12 -56.67
CA SER C 390 60.71 -5.57 -57.32
C SER C 390 61.98 -6.02 -56.65
N ILE C 391 62.03 -6.00 -55.32
CA ILE C 391 63.19 -6.47 -54.58
C ILE C 391 63.40 -7.94 -54.88
N LEU C 392 62.29 -8.66 -54.96
CA LEU C 392 62.36 -10.09 -55.27
C LEU C 392 62.83 -10.32 -56.67
N SER C 393 62.52 -9.42 -57.59
CA SER C 393 62.96 -9.56 -58.97
C SER C 393 64.46 -9.30 -59.11
N GLN C 394 64.96 -8.32 -58.36
CA GLN C 394 66.39 -8.09 -58.40
C GLN C 394 67.15 -9.26 -57.70
N GLU C 395 66.64 -9.76 -56.59
CA GLU C 395 67.38 -10.74 -55.82
C GLU C 395 67.24 -12.13 -56.40
N LEU C 396 66.07 -12.46 -56.95
CA LEU C 396 65.80 -13.82 -57.36
C LEU C 396 65.97 -14.10 -58.85
N GLN C 397 65.31 -13.31 -59.68
CA GLN C 397 65.30 -13.59 -61.09
C GLN C 397 66.57 -13.22 -61.82
N LEU C 398 67.33 -12.23 -61.36
CA LEU C 398 68.56 -11.94 -62.00
C LEU C 398 69.55 -13.06 -61.85
N PRO C 399 69.75 -13.59 -60.67
CA PRO C 399 70.67 -14.72 -60.63
C PRO C 399 70.12 -15.99 -61.23
N LEU C 400 68.81 -16.21 -61.21
CA LEU C 400 68.28 -17.47 -61.75
C LEU C 400 68.34 -17.48 -63.24
N VAL C 401 68.26 -16.34 -63.89
CA VAL C 401 68.54 -16.26 -65.33
C VAL C 401 70.01 -16.27 -65.58
N ARG C 402 70.78 -15.68 -64.70
CA ARG C 402 72.20 -15.47 -64.98
C ARG C 402 72.99 -16.76 -64.86
N VAL C 403 72.68 -17.57 -63.86
CA VAL C 403 73.35 -18.86 -63.71
C VAL C 403 72.97 -19.85 -64.83
N LEU C 404 71.68 -19.84 -65.19
CA LEU C 404 71.25 -20.60 -66.32
C LEU C 404 71.95 -20.19 -67.63
N LEU C 405 71.97 -18.87 -67.87
CA LEU C 405 72.51 -18.32 -69.11
C LEU C 405 73.96 -18.58 -69.19
N LYS C 406 74.61 -18.75 -68.04
CA LYS C 406 76.04 -19.06 -68.08
C LYS C 406 76.23 -20.53 -68.39
N GLN C 407 75.61 -21.39 -67.60
CA GLN C 407 75.91 -22.81 -67.71
C GLN C 407 75.32 -23.46 -68.99
N LEU C 408 74.09 -23.11 -69.35
CA LEU C 408 73.49 -23.69 -70.53
C LEU C 408 74.20 -23.30 -71.83
N GLN C 409 74.49 -22.03 -72.03
CA GLN C 409 75.19 -21.61 -73.23
C GLN C 409 76.67 -22.02 -73.14
N ALA C 410 77.18 -22.28 -71.95
CA ALA C 410 78.49 -22.94 -71.84
C ALA C 410 78.42 -24.44 -72.21
N THR C 411 77.24 -25.02 -72.26
CA THR C 411 77.08 -26.38 -72.75
C THR C 411 76.56 -26.42 -74.20
N GLN C 412 75.47 -25.71 -74.49
CA GLN C 412 74.77 -25.84 -75.76
C GLN C 412 75.34 -24.94 -76.86
N GLN C 413 74.57 -24.71 -77.93
CA GLN C 413 75.10 -24.05 -79.13
C GLN C 413 74.82 -22.56 -79.16
N ILE C 414 75.85 -21.81 -79.54
CA ILE C 414 75.74 -20.37 -79.76
C ILE C 414 75.30 -20.17 -81.22
N PRO C 415 74.20 -19.43 -81.45
CA PRO C 415 73.77 -19.17 -82.84
C PRO C 415 74.53 -18.04 -83.56
N GLU C 416 74.00 -17.68 -84.73
CA GLU C 416 74.52 -16.66 -85.66
C GLU C 416 74.91 -15.25 -85.08
N LEU C 417 74.14 -14.76 -84.10
CA LEU C 417 74.11 -13.35 -83.62
C LEU C 417 75.47 -12.73 -83.30
N PRO C 418 75.60 -11.40 -83.44
CA PRO C 418 76.93 -10.71 -83.40
C PRO C 418 77.65 -10.73 -82.06
N LYS C 419 78.85 -10.17 -82.05
CA LYS C 419 79.72 -10.24 -80.88
C LYS C 419 79.32 -9.28 -79.75
N GLU C 420 78.44 -8.32 -80.05
CA GLU C 420 77.90 -7.47 -79.00
C GLU C 420 76.68 -8.07 -78.31
N ALA C 421 76.17 -9.17 -78.86
CA ALA C 421 75.04 -9.87 -78.27
C ALA C 421 75.37 -11.31 -77.77
N VAL C 422 76.65 -11.67 -77.74
CA VAL C 422 77.01 -12.98 -77.18
C VAL C 422 76.87 -12.97 -75.65
N GLU C 423 77.29 -11.86 -75.04
CA GLU C 423 77.24 -11.64 -73.60
C GLU C 423 76.21 -10.52 -73.35
N PRO C 424 74.93 -10.88 -73.20
CA PRO C 424 73.87 -9.85 -73.24
C PRO C 424 73.56 -9.25 -71.91
N THR C 425 72.61 -8.33 -71.90
CA THR C 425 72.11 -7.80 -70.64
C THR C 425 70.73 -8.33 -70.41
N ILE C 426 70.33 -8.40 -69.13
CA ILE C 426 69.13 -9.08 -68.75
C ILE C 426 68.18 -8.14 -68.07
N SER C 427 66.90 -8.18 -68.44
CA SER C 427 65.83 -7.48 -67.69
C SER C 427 64.87 -8.49 -67.15
N THR C 428 64.27 -8.22 -66.00
CA THR C 428 63.52 -9.28 -65.31
C THR C 428 62.11 -8.95 -64.86
N GLY C 429 61.91 -7.76 -64.40
CA GLY C 429 60.65 -7.48 -63.69
C GLY C 429 59.51 -7.11 -64.64
N LEU C 430 58.75 -6.07 -64.30
CA LEU C 430 57.69 -5.61 -65.15
C LEU C 430 58.21 -5.09 -66.47
N GLU C 431 59.48 -4.72 -66.52
CA GLU C 431 60.10 -4.32 -67.78
C GLU C 431 60.27 -5.49 -68.73
N ALA C 432 60.19 -6.68 -68.18
CA ALA C 432 60.42 -7.88 -69.00
C ALA C 432 59.21 -8.76 -69.17
N ILE C 433 58.06 -8.36 -68.65
CA ILE C 433 56.89 -9.17 -68.85
C ILE C 433 56.41 -8.94 -70.25
N GLY C 434 56.07 -10.03 -70.93
CA GLY C 434 55.92 -9.94 -72.39
C GLY C 434 57.29 -9.71 -72.98
N ARG C 435 57.36 -9.12 -74.14
CA ARG C 435 58.64 -8.65 -74.67
C ARG C 435 58.48 -7.18 -74.96
N GLY C 436 57.39 -6.86 -75.68
CA GLY C 436 56.92 -5.50 -75.95
C GLY C 436 56.51 -4.86 -74.64
N GLN C 437 56.25 -3.56 -74.70
CA GLN C 437 55.87 -2.87 -73.48
C GLN C 437 54.50 -3.30 -72.93
N ASP C 438 53.43 -3.09 -73.70
CA ASP C 438 52.06 -3.30 -73.20
C ASP C 438 51.18 -3.88 -74.28
N LEU C 439 50.44 -4.93 -73.98
CA LEU C 439 49.47 -5.50 -74.93
C LEU C 439 48.30 -4.56 -75.18
N ASP C 440 47.86 -3.87 -74.13
CA ASP C 440 46.77 -2.93 -74.25
C ASP C 440 47.20 -1.76 -75.14
N LYS C 441 48.48 -1.40 -75.06
CA LYS C 441 49.06 -0.34 -75.89
C LYS C 441 48.95 -0.70 -77.37
N LEU C 442 49.41 -1.89 -77.73
CA LEU C 442 49.38 -2.32 -79.12
C LEU C 442 47.95 -2.50 -79.62
N GLU C 443 47.08 -3.01 -78.76
CA GLU C 443 45.69 -3.23 -79.16
C GLU C 443 44.96 -1.89 -79.42
N ARG C 444 45.04 -0.98 -78.47
CA ARG C 444 44.38 0.31 -78.63
C ARG C 444 45.09 1.17 -79.68
N CYS C 445 46.37 0.93 -79.93
CA CYS C 445 47.08 1.63 -80.98
C CYS C 445 46.67 1.15 -82.36
N VAL C 446 46.43 -0.16 -82.49
CA VAL C 446 45.93 -0.71 -83.74
C VAL C 446 44.50 -0.21 -84.00
N THR C 447 43.67 -0.11 -82.96
CA THR C 447 42.34 0.47 -83.15
C THR C 447 42.38 1.97 -83.47
N ALA C 448 43.36 2.67 -82.91
CA ALA C 448 43.55 4.09 -83.23
C ALA C 448 44.03 4.28 -84.67
N TRP C 449 44.81 3.32 -85.17
CA TRP C 449 45.17 3.32 -86.59
C TRP C 449 43.99 2.98 -87.49
N ALA C 450 43.13 2.08 -87.02
CA ALA C 450 41.92 1.73 -87.76
C ALA C 450 40.93 2.90 -87.82
N ALA C 451 41.02 3.79 -86.84
CA ALA C 451 40.28 5.05 -86.88
C ALA C 451 40.77 6.00 -87.99
N LEU C 452 41.96 5.72 -88.55
CA LEU C 452 42.51 6.50 -89.66
C LEU C 452 42.21 5.84 -91.01
N ALA C 453 41.02 5.25 -91.09
CA ALA C 453 40.40 4.70 -92.29
C ALA C 453 40.35 5.64 -93.52
N PRO C 454 39.66 6.83 -93.42
CA PRO C 454 38.88 7.34 -94.59
C PRO C 454 39.61 7.52 -95.93
N MET C 455 40.80 8.12 -95.90
CA MET C 455 41.54 8.35 -97.13
C MET C 455 43.03 8.23 -96.92
N ARG C 456 43.70 7.55 -97.85
CA ARG C 456 45.17 7.52 -97.95
C ARG C 456 45.69 8.92 -98.24
N ASP C 457 45.41 9.40 -99.44
CA ASP C 457 45.88 10.71 -99.88
C ASP C 457 44.78 11.72 -99.60
N ASP C 458 44.52 11.96 -98.31
CA ASP C 458 43.54 12.94 -97.86
C ASP C 458 44.23 14.31 -97.91
N PRO C 459 43.64 15.28 -98.63
CA PRO C 459 44.31 16.59 -98.68
C PRO C 459 44.21 17.36 -97.38
N ASP C 460 45.05 18.39 -97.28
CA ASP C 460 45.12 19.33 -96.14
C ASP C 460 45.49 18.69 -94.80
N ILE C 461 46.26 17.59 -94.82
CA ILE C 461 46.58 16.84 -93.61
C ILE C 461 47.80 15.98 -93.88
N ASN C 462 48.47 15.53 -92.81
CA ASN C 462 49.54 14.56 -92.95
C ASN C 462 49.08 13.20 -92.42
N LEU C 463 49.75 12.14 -92.86
CA LEU C 463 49.49 10.81 -92.37
C LEU C 463 50.74 10.15 -91.82
N ALA C 464 51.92 10.56 -92.29
CA ALA C 464 53.18 9.92 -91.89
C ALA C 464 53.55 10.21 -90.46
N MET C 465 53.27 11.43 -90.00
CA MET C 465 53.66 11.83 -88.66
C MET C 465 52.60 11.53 -87.62
N ILE C 466 51.33 11.61 -87.99
CA ILE C 466 50.28 11.47 -86.99
C ILE C 466 50.08 10.05 -86.54
N LYS C 467 50.38 9.10 -87.40
CA LYS C 467 50.39 7.70 -87.00
C LYS C 467 51.52 7.47 -85.98
N LEU C 468 52.68 8.07 -86.25
CA LEU C 468 53.83 8.02 -85.33
C LEU C 468 53.49 8.70 -84.02
N ARG C 469 52.74 9.79 -84.06
CA ARG C 469 52.40 10.56 -82.85
C ARG C 469 51.36 9.86 -81.96
N ILE C 470 50.33 9.30 -82.59
CA ILE C 470 49.34 8.51 -81.85
C ILE C 470 49.99 7.22 -81.31
N ALA C 471 50.93 6.66 -82.04
CA ALA C 471 51.67 5.50 -81.54
C ALA C 471 52.64 5.90 -80.42
N ASN C 472 53.23 7.11 -80.52
CA ASN C 472 54.29 7.52 -79.63
C ASN C 472 53.76 8.15 -78.35
N ALA C 473 52.47 8.50 -78.33
CA ALA C 473 51.82 8.92 -77.10
C ALA C 473 51.61 7.74 -76.13
N ILE C 474 51.22 6.59 -76.67
CA ILE C 474 51.10 5.38 -75.87
C ILE C 474 52.46 4.68 -75.91
N GLY C 475 52.63 3.64 -75.10
CA GLY C 475 53.94 3.02 -74.92
C GLY C 475 54.39 2.10 -76.04
N ILE C 476 54.66 2.66 -77.22
CA ILE C 476 55.16 1.90 -78.35
C ILE C 476 56.58 2.36 -78.64
N ASP C 477 57.45 1.40 -78.96
CA ASP C 477 58.84 1.68 -79.34
C ASP C 477 58.98 2.61 -80.57
N THR C 478 58.13 2.42 -81.58
CA THR C 478 58.08 3.23 -82.80
C THR C 478 59.39 3.22 -83.56
N SER C 479 60.06 2.08 -83.54
CA SER C 479 61.40 1.96 -84.12
C SER C 479 61.50 0.66 -84.94
N GLY C 480 60.57 0.54 -85.88
CA GLY C 480 60.43 -0.66 -86.70
C GLY C 480 58.96 -0.90 -86.92
N ILE C 481 58.17 -0.36 -86.00
CA ILE C 481 56.73 -0.21 -86.13
C ILE C 481 56.38 0.70 -87.31
N LEU C 482 57.21 1.71 -87.56
CA LEU C 482 56.95 2.69 -88.61
C LEU C 482 58.06 2.67 -89.64
N LEU C 483 57.70 2.84 -90.90
CA LEU C 483 58.69 2.89 -91.96
C LEU C 483 59.46 4.21 -91.93
N THR C 484 60.78 4.13 -92.11
CA THR C 484 61.58 5.29 -92.47
C THR C 484 61.91 5.35 -93.98
N GLU C 485 62.64 4.36 -94.48
CA GLU C 485 63.01 4.32 -95.92
C GLU C 485 63.10 2.90 -96.41
N GLU D 3 75.37 -64.34 -54.19
CA GLU D 3 74.33 -65.32 -53.77
C GLU D 3 73.95 -65.06 -52.31
N LYS D 4 74.71 -64.18 -51.66
CA LYS D 4 74.29 -63.63 -50.38
C LYS D 4 74.05 -62.14 -50.50
N ARG D 5 72.88 -61.68 -50.08
CA ARG D 5 72.55 -60.27 -50.05
C ARG D 5 73.32 -59.58 -48.95
N THR D 6 74.07 -58.55 -49.35
CA THR D 6 74.90 -57.81 -48.40
C THR D 6 74.44 -56.37 -48.41
N GLY D 7 75.17 -55.51 -47.73
CA GLY D 7 74.84 -54.10 -47.76
C GLY D 7 73.61 -53.86 -46.90
N LEU D 8 72.63 -53.17 -47.47
CA LEU D 8 71.47 -52.74 -46.70
C LEU D 8 70.49 -53.85 -46.47
N ALA D 9 70.59 -54.90 -47.28
CA ALA D 9 69.63 -56.01 -47.26
C ALA D 9 70.20 -57.19 -46.51
N GLU D 10 70.89 -56.93 -45.42
CA GLU D 10 71.70 -57.94 -44.74
C GLU D 10 70.86 -59.01 -44.09
N ASP D 11 69.67 -58.67 -43.64
CA ASP D 11 68.87 -59.66 -42.95
C ASP D 11 67.50 -60.02 -43.52
N GLY D 12 67.33 -59.98 -44.82
CA GLY D 12 66.04 -60.35 -45.46
C GLY D 12 65.00 -59.23 -45.33
N ALA D 13 63.89 -59.39 -46.02
CA ALA D 13 62.89 -58.33 -46.17
C ALA D 13 61.93 -58.22 -45.01
N LYS D 14 61.54 -59.34 -44.45
CA LYS D 14 60.68 -59.35 -43.29
C LYS D 14 61.33 -58.70 -42.09
N SER D 15 62.63 -58.90 -41.92
CA SER D 15 63.34 -58.27 -40.84
C SER D 15 63.41 -56.76 -40.98
N VAL D 16 63.68 -56.29 -42.19
CA VAL D 16 63.75 -54.88 -42.41
C VAL D 16 62.38 -54.28 -42.22
N TYR D 17 61.35 -54.98 -42.67
CA TYR D 17 59.98 -54.48 -42.57
C TYR D 17 59.54 -54.34 -41.11
N GLU D 18 59.81 -55.37 -40.31
CA GLU D 18 59.46 -55.29 -38.91
C GLU D 18 60.31 -54.30 -38.16
N ARG D 19 61.52 -54.03 -38.64
CA ARG D 19 62.35 -53.03 -37.96
C ARG D 19 61.89 -51.62 -38.25
N LEU D 20 61.43 -51.36 -39.48
CA LEU D 20 61.03 -50.04 -39.83
C LEU D 20 59.55 -49.75 -39.53
N LYS D 21 58.79 -50.78 -39.14
CA LYS D 21 57.39 -50.57 -38.81
C LYS D 21 57.24 -49.63 -37.62
N ASN D 22 58.20 -49.64 -36.69
CA ASN D 22 58.16 -48.75 -35.54
C ASN D 22 58.18 -47.28 -35.96
N ASP D 23 59.05 -46.95 -36.88
CA ASP D 23 59.07 -45.59 -37.35
C ASP D 23 57.95 -45.32 -38.32
N ARG D 24 57.31 -46.34 -38.86
CA ARG D 24 56.13 -46.08 -39.68
C ARG D 24 54.99 -45.68 -38.82
N ALA D 25 54.88 -46.27 -37.64
CA ALA D 25 53.66 -46.21 -36.82
C ALA D 25 52.95 -44.86 -36.55
N PRO D 26 53.68 -43.78 -36.27
CA PRO D 26 52.99 -42.59 -35.94
C PRO D 26 52.23 -41.99 -37.11
N TYR D 27 52.76 -42.15 -38.31
CA TYR D 27 52.07 -41.68 -39.47
C TYR D 27 50.78 -42.44 -39.62
N GLU D 28 50.81 -43.72 -39.28
CA GLU D 28 49.61 -44.53 -39.35
C GLU D 28 48.57 -44.07 -38.32
N THR D 29 49.04 -43.64 -37.16
CA THR D 29 48.13 -43.14 -36.15
C THR D 29 47.47 -41.86 -36.61
N ARG D 30 48.25 -40.98 -37.22
CA ARG D 30 47.70 -39.75 -37.80
C ARG D 30 46.70 -40.09 -38.85
N ALA D 31 46.96 -41.10 -39.65
CA ALA D 31 46.04 -41.50 -40.68
C ALA D 31 44.72 -41.95 -40.08
N GLN D 32 44.81 -42.68 -38.99
CA GLN D 32 43.61 -43.15 -38.38
C GLN D 32 42.78 -42.01 -37.85
N ASN D 33 43.42 -41.04 -37.25
CA ASN D 33 42.70 -39.92 -36.70
C ASN D 33 42.03 -39.09 -37.81
N CYS D 34 42.78 -38.81 -38.88
CA CYS D 34 42.23 -38.06 -39.96
C CYS D 34 41.06 -38.79 -40.62
N ALA D 35 41.16 -40.08 -40.65
CA ALA D 35 40.09 -40.87 -41.19
C ALA D 35 38.88 -40.83 -40.26
N GLN D 36 39.08 -40.81 -38.96
CA GLN D 36 37.98 -40.81 -38.01
C GLN D 36 37.23 -39.56 -38.07
N TYR D 37 37.88 -38.49 -38.49
CA TYR D 37 37.14 -37.20 -38.59
C TYR D 37 36.65 -36.96 -39.96
N THR D 38 37.10 -37.65 -41.01
CA THR D 38 36.63 -37.31 -42.38
C THR D 38 35.75 -38.27 -43.01
N ILE D 39 36.24 -39.45 -43.25
CA ILE D 39 35.41 -40.56 -43.81
C ILE D 39 36.05 -41.82 -43.22
N PRO D 40 35.33 -42.54 -42.40
CA PRO D 40 36.00 -43.50 -41.52
C PRO D 40 36.45 -44.68 -42.20
N SER D 41 35.82 -45.10 -43.29
CA SER D 41 36.27 -46.29 -43.92
C SER D 41 37.56 -46.20 -44.66
N LEU D 42 37.99 -45.00 -44.99
CA LEU D 42 39.07 -44.75 -45.98
C LEU D 42 40.38 -45.10 -45.47
N PHE D 43 40.52 -45.36 -44.19
CA PHE D 43 41.77 -45.94 -43.64
C PHE D 43 41.38 -46.63 -42.36
N PRO D 44 41.24 -47.96 -42.37
CA PRO D 44 40.93 -48.69 -41.19
C PRO D 44 42.07 -48.75 -40.23
N LYS D 45 41.79 -49.22 -39.01
CA LYS D 45 42.89 -49.60 -38.09
C LYS D 45 43.34 -50.99 -38.36
N ASP D 46 44.47 -51.38 -37.81
CA ASP D 46 45.01 -52.67 -38.26
C ASP D 46 44.23 -53.85 -37.66
N SER D 47 43.69 -53.64 -36.48
CA SER D 47 42.85 -54.64 -35.87
C SER D 47 41.42 -54.51 -36.38
N ASP D 48 40.94 -53.27 -36.48
CA ASP D 48 39.54 -53.02 -36.76
C ASP D 48 39.22 -53.25 -38.23
N ASN D 49 39.29 -54.51 -38.60
CA ASN D 49 38.79 -54.94 -39.88
C ASN D 49 37.68 -55.97 -39.69
N ALA D 50 36.86 -56.13 -40.73
CA ALA D 50 36.10 -57.33 -40.88
C ALA D 50 35.01 -57.21 -39.82
N SER D 51 33.99 -56.49 -40.27
CA SER D 51 32.74 -56.39 -39.51
C SER D 51 32.85 -55.53 -38.28
N THR D 52 33.22 -54.27 -38.51
CA THR D 52 33.54 -53.36 -37.49
C THR D 52 32.70 -52.15 -37.49
N ASP D 53 31.90 -51.93 -38.52
CA ASP D 53 30.81 -50.91 -38.45
C ASP D 53 31.32 -49.54 -38.17
N TYR D 54 31.95 -48.95 -39.15
CA TYR D 54 32.46 -47.58 -39.04
C TYR D 54 31.34 -46.59 -38.85
N GLN D 55 31.56 -45.59 -38.01
CA GLN D 55 30.51 -44.67 -37.65
C GLN D 55 30.71 -43.38 -38.31
N THR D 56 29.66 -42.71 -38.70
CA THR D 56 29.88 -41.39 -39.43
C THR D 56 30.20 -40.36 -38.55
N PRO D 57 30.94 -39.41 -39.02
CA PRO D 57 31.38 -38.41 -38.08
C PRO D 57 30.27 -37.47 -37.90
N TRP D 58 30.30 -36.71 -36.78
CA TRP D 58 29.21 -35.87 -36.48
C TRP D 58 29.14 -34.70 -37.41
N GLN D 59 30.32 -34.26 -37.86
CA GLN D 59 30.43 -33.20 -38.84
C GLN D 59 30.45 -33.71 -40.24
N ALA D 60 29.95 -32.87 -41.17
CA ALA D 60 29.90 -33.30 -42.51
C ALA D 60 30.86 -32.63 -43.48
N VAL D 61 31.61 -31.66 -42.97
CA VAL D 61 32.49 -30.90 -43.78
C VAL D 61 33.70 -31.66 -44.10
N GLY D 62 34.10 -32.56 -43.24
CA GLY D 62 35.25 -33.40 -43.52
C GLY D 62 34.97 -34.36 -44.64
N ALA D 63 33.82 -34.97 -44.58
CA ALA D 63 33.48 -35.98 -45.57
C ALA D 63 33.32 -35.37 -46.97
N ARG D 64 32.69 -34.21 -47.05
CA ARG D 64 32.53 -33.53 -48.28
C ARG D 64 33.86 -33.07 -48.76
N GLY D 65 34.67 -32.60 -47.83
CA GLY D 65 35.92 -31.92 -48.17
C GLY D 65 36.95 -32.83 -48.75
N LEU D 66 37.07 -34.06 -48.21
CA LEU D 66 38.09 -34.99 -48.70
C LEU D 66 37.77 -35.40 -50.10
N ASN D 67 36.50 -35.71 -50.38
CA ASN D 67 36.15 -36.12 -51.72
C ASN D 67 36.25 -34.98 -52.70
N ASN D 68 35.89 -33.77 -52.30
CA ASN D 68 35.98 -32.62 -53.20
C ASN D 68 37.39 -32.34 -53.56
N LEU D 69 38.30 -32.47 -52.58
CA LEU D 69 39.70 -32.13 -52.82
C LEU D 69 40.35 -33.19 -53.68
N ALA D 70 40.01 -34.44 -53.47
CA ALA D 70 40.54 -35.49 -54.31
C ALA D 70 40.01 -35.36 -55.75
N SER D 71 38.76 -34.97 -55.90
CA SER D 71 38.20 -34.82 -57.22
C SER D 71 38.82 -33.66 -57.99
N LYS D 72 39.05 -32.55 -57.31
CA LYS D 72 39.63 -31.41 -57.99
C LYS D 72 41.06 -31.66 -58.33
N LEU D 73 41.78 -32.40 -57.47
CA LEU D 73 43.17 -32.80 -57.81
C LEU D 73 43.19 -33.72 -58.99
N MET D 74 42.20 -34.57 -59.14
CA MET D 74 42.22 -35.43 -60.29
C MET D 74 41.83 -34.69 -61.55
N LEU D 75 40.91 -33.74 -61.44
CA LEU D 75 40.51 -32.88 -62.59
C LEU D 75 41.66 -32.02 -63.07
N ALA D 76 42.61 -31.72 -62.20
CA ALA D 76 43.72 -30.92 -62.66
C ALA D 76 44.99 -31.68 -62.88
N LEU D 77 45.04 -32.92 -62.50
CA LEU D 77 46.28 -33.68 -62.65
C LEU D 77 46.21 -34.82 -63.64
N PHE D 78 45.03 -35.38 -63.91
CA PHE D 78 44.93 -36.40 -64.93
C PHE D 78 43.68 -36.21 -65.74
N PRO D 79 43.64 -35.21 -66.60
CA PRO D 79 42.41 -34.98 -67.35
C PRO D 79 42.23 -35.90 -68.58
N MET D 80 41.22 -35.55 -69.39
CA MET D 80 40.95 -36.24 -70.64
C MET D 80 42.02 -35.94 -71.68
N GLN D 81 42.62 -34.76 -71.57
CA GLN D 81 43.59 -34.24 -72.54
C GLN D 81 44.93 -34.89 -72.42
N THR D 82 45.85 -34.43 -73.25
CA THR D 82 47.24 -34.78 -73.07
C THR D 82 47.77 -33.99 -71.93
N TRP D 83 48.34 -34.67 -70.93
CA TRP D 83 48.83 -33.98 -69.75
C TRP D 83 50.30 -34.05 -69.53
N MET D 84 51.04 -34.82 -70.36
CA MET D 84 52.48 -34.77 -70.29
C MET D 84 52.99 -34.05 -71.52
N ARG D 85 54.26 -33.68 -71.49
CA ARG D 85 54.88 -33.05 -72.63
C ARG D 85 56.26 -33.64 -72.83
N LEU D 86 56.56 -34.03 -74.07
CA LEU D 86 57.84 -34.65 -74.43
C LEU D 86 58.60 -33.72 -75.34
N THR D 87 59.76 -33.22 -74.89
CA THR D 87 60.51 -32.19 -75.63
C THR D 87 61.97 -32.55 -75.71
N ILE D 88 62.76 -31.65 -76.34
CA ILE D 88 64.16 -31.92 -76.70
C ILE D 88 65.06 -30.82 -76.17
N SER D 89 66.21 -31.15 -75.60
CA SER D 89 67.09 -30.10 -75.05
C SER D 89 68.56 -30.38 -75.29
N GLU D 90 69.37 -29.31 -75.35
CA GLU D 90 70.88 -29.34 -75.45
C GLU D 90 71.57 -29.95 -76.66
N TYR D 91 70.77 -30.44 -77.58
CA TYR D 91 71.21 -30.85 -78.90
C TYR D 91 70.27 -30.31 -79.99
N GLU D 92 69.14 -29.72 -79.57
CA GLU D 92 68.20 -29.07 -80.47
C GLU D 92 68.76 -27.73 -80.96
N ALA D 93 69.77 -27.19 -80.27
CA ALA D 93 70.49 -26.00 -80.73
C ALA D 93 71.25 -26.25 -82.04
N LYS D 94 71.60 -27.51 -82.28
CA LYS D 94 72.08 -27.94 -83.59
C LYS D 94 70.92 -27.90 -84.61
N GLN D 95 69.72 -28.23 -84.12
CA GLN D 95 68.62 -28.62 -85.00
C GLN D 95 67.60 -27.51 -85.16
N LEU D 96 67.33 -26.77 -84.11
CA LEU D 96 66.25 -25.78 -84.14
C LEU D 96 66.70 -24.46 -84.76
N LEU D 97 68.00 -24.35 -85.04
CA LEU D 97 68.53 -23.13 -85.65
C LEU D 97 67.99 -22.97 -87.08
N SER D 98 68.13 -24.03 -87.87
CA SER D 98 67.56 -24.10 -89.21
C SER D 98 66.32 -24.98 -89.16
N ASP D 99 65.71 -25.16 -90.34
CA ASP D 99 64.57 -26.05 -90.57
C ASP D 99 63.40 -25.81 -89.61
N PRO D 100 62.62 -24.72 -89.76
CA PRO D 100 61.34 -24.68 -89.02
C PRO D 100 60.35 -25.73 -89.56
N ASP D 101 60.57 -26.18 -90.79
CA ASP D 101 59.88 -27.36 -91.31
C ASP D 101 60.51 -28.69 -90.86
N GLY D 102 61.62 -28.61 -90.11
CA GLY D 102 62.34 -29.83 -89.74
C GLY D 102 61.92 -30.46 -88.44
N LEU D 103 61.55 -29.62 -87.48
CA LEU D 103 61.09 -30.10 -86.21
C LEU D 103 59.64 -30.54 -86.24
N ALA D 104 58.98 -30.41 -87.39
CA ALA D 104 57.59 -30.84 -87.53
C ALA D 104 57.47 -32.39 -87.49
N LYS D 105 58.46 -33.07 -88.06
CA LYS D 105 58.53 -34.53 -87.98
C LYS D 105 58.75 -35.01 -86.55
N VAL D 106 59.55 -34.25 -85.82
CA VAL D 106 59.82 -34.53 -84.41
C VAL D 106 58.55 -34.32 -83.58
N ASP D 107 57.79 -33.29 -83.91
CA ASP D 107 56.52 -33.02 -83.25
C ASP D 107 55.55 -34.15 -83.51
N GLU D 108 55.50 -34.64 -84.75
CA GLU D 108 54.59 -35.72 -85.08
C GLU D 108 54.97 -37.01 -84.35
N GLY D 109 56.27 -37.30 -84.28
CA GLY D 109 56.77 -38.50 -83.60
C GLY D 109 56.46 -38.47 -82.09
N LEU D 110 56.72 -37.31 -81.47
CA LEU D 110 56.48 -37.21 -80.06
C LEU D 110 55.00 -37.14 -79.70
N SER D 111 54.18 -36.58 -80.58
CA SER D 111 52.74 -36.63 -80.35
C SER D 111 52.20 -38.06 -80.51
N MET D 112 52.82 -38.83 -81.38
CA MET D 112 52.51 -40.24 -81.49
C MET D 112 52.85 -40.96 -80.17
N VAL D 113 54.00 -40.65 -79.57
CA VAL D 113 54.40 -41.32 -78.33
C VAL D 113 53.52 -40.89 -77.17
N GLU D 114 53.13 -39.62 -77.15
CA GLU D 114 52.20 -39.14 -76.12
C GLU D 114 50.82 -39.76 -76.24
N ARG D 115 50.37 -39.94 -77.47
CA ARG D 115 49.10 -40.57 -77.67
C ARG D 115 49.14 -42.03 -77.24
N ILE D 116 50.27 -42.71 -77.43
CA ILE D 116 50.32 -44.12 -77.09
C ILE D 116 50.43 -44.34 -75.59
N ILE D 117 51.11 -43.41 -74.93
CA ILE D 117 51.11 -43.45 -73.46
C ILE D 117 49.66 -43.20 -72.94
N MET D 118 48.97 -42.17 -73.46
CA MET D 118 47.61 -41.86 -73.05
C MET D 118 46.66 -43.00 -73.32
N ASN D 119 46.89 -43.74 -74.40
CA ASN D 119 46.01 -44.85 -74.69
C ASN D 119 46.20 -45.94 -73.70
N TYR D 120 47.47 -46.15 -73.32
CA TYR D 120 47.76 -47.17 -72.28
C TYR D 120 47.20 -46.74 -70.94
N ILE D 121 47.09 -45.43 -70.69
CA ILE D 121 46.43 -44.93 -69.50
C ILE D 121 44.93 -45.29 -69.53
N GLU D 122 44.25 -44.98 -70.63
CA GLU D 122 42.80 -45.16 -70.66
C GLU D 122 42.43 -46.62 -70.61
N SER D 123 43.26 -47.48 -71.17
CA SER D 123 42.87 -48.87 -71.33
C SER D 123 42.96 -49.65 -70.06
N ASN D 124 44.02 -49.45 -69.35
CA ASN D 124 44.30 -50.28 -68.24
C ASN D 124 43.72 -49.80 -66.94
N SER D 125 42.84 -48.80 -66.98
CA SER D 125 42.20 -48.28 -65.79
C SER D 125 43.22 -47.77 -64.80
N TYR D 126 44.03 -46.80 -65.18
CA TYR D 126 44.78 -46.09 -64.21
C TYR D 126 43.94 -45.00 -63.57
N ARG D 127 42.78 -44.62 -64.14
CA ARG D 127 42.02 -43.52 -63.57
C ARG D 127 41.42 -43.89 -62.24
N VAL D 128 40.95 -45.14 -62.17
CA VAL D 128 40.32 -45.63 -60.95
C VAL D 128 41.37 -45.74 -59.81
N THR D 129 42.53 -46.31 -60.09
CA THR D 129 43.51 -46.45 -59.06
C THR D 129 44.17 -45.12 -58.68
N LEU D 130 44.22 -44.20 -59.61
CA LEU D 130 44.74 -42.93 -59.27
C LEU D 130 43.77 -42.16 -58.41
N PHE D 131 42.46 -42.33 -58.61
CA PHE D 131 41.52 -41.62 -57.74
C PHE D 131 41.60 -42.16 -56.34
N GLU D 132 41.73 -43.46 -56.22
CA GLU D 132 41.93 -44.09 -54.93
C GLU D 132 43.25 -43.60 -54.27
N ALA D 133 44.29 -43.47 -55.06
CA ALA D 133 45.53 -43.04 -54.51
C ALA D 133 45.46 -41.62 -54.09
N LEU D 134 44.70 -40.79 -54.78
CA LEU D 134 44.58 -39.40 -54.35
C LEU D 134 43.77 -39.30 -53.04
N LYS D 135 42.71 -40.13 -52.85
CA LYS D 135 42.01 -40.10 -51.61
C LYS D 135 42.94 -40.54 -50.47
N GLN D 136 43.81 -41.54 -50.73
CA GLN D 136 44.77 -41.94 -49.72
C GLN D 136 45.76 -40.86 -49.44
N LEU D 137 46.17 -40.14 -50.46
CA LEU D 137 47.20 -39.13 -50.29
C LEU D 137 46.67 -37.88 -49.64
N VAL D 138 45.36 -37.70 -49.61
CA VAL D 138 44.82 -36.57 -48.91
C VAL D 138 44.50 -36.96 -47.49
N VAL D 139 43.92 -38.12 -47.24
CA VAL D 139 43.62 -38.44 -45.87
C VAL D 139 44.85 -38.90 -45.13
N ALA D 140 45.74 -39.64 -45.73
CA ALA D 140 46.92 -40.09 -45.06
C ALA D 140 48.08 -39.49 -45.80
N GLY D 141 49.27 -39.79 -45.36
CA GLY D 141 50.39 -39.01 -45.84
C GLY D 141 51.18 -39.70 -46.90
N ASN D 142 50.94 -40.97 -47.14
CA ASN D 142 51.84 -41.69 -47.97
C ASN D 142 51.14 -42.78 -48.76
N VAL D 143 51.38 -42.84 -50.06
CA VAL D 143 50.83 -43.90 -50.90
C VAL D 143 51.99 -44.49 -51.66
N LEU D 144 51.84 -45.73 -52.10
CA LEU D 144 52.93 -46.39 -52.89
C LEU D 144 52.30 -47.03 -54.10
N LEU D 145 52.56 -46.47 -55.29
CA LEU D 145 52.04 -47.09 -56.48
C LEU D 145 53.10 -48.04 -57.02
N TYR D 146 52.62 -49.08 -57.70
CA TYR D 146 53.53 -49.97 -58.43
C TYR D 146 52.83 -50.49 -59.65
N LEU D 147 53.41 -50.12 -60.78
CA LEU D 147 52.99 -50.61 -62.06
C LEU D 147 53.97 -51.68 -62.54
N PRO D 148 53.48 -52.89 -62.88
CA PRO D 148 54.32 -54.00 -63.20
C PRO D 148 54.81 -53.92 -64.63
N GLU D 149 55.57 -54.95 -65.05
CA GLU D 149 55.86 -55.10 -66.47
C GLU D 149 54.58 -55.47 -67.19
N PRO D 150 54.36 -54.93 -68.40
CA PRO D 150 53.07 -55.19 -69.08
C PRO D 150 52.92 -56.62 -69.57
N GLU D 151 53.98 -57.20 -70.14
CA GLU D 151 53.98 -58.63 -70.55
C GLU D 151 52.84 -58.97 -71.51
N GLY D 152 52.48 -58.01 -72.36
CA GLY D 152 51.44 -58.17 -73.34
C GLY D 152 50.48 -57.03 -73.27
N SER D 153 49.57 -56.99 -74.24
CA SER D 153 48.56 -55.94 -74.33
C SER D 153 47.24 -56.35 -73.65
N ASN D 154 47.31 -57.38 -72.83
CA ASN D 154 46.17 -57.78 -71.99
C ASN D 154 46.00 -56.81 -70.80
N TYR D 155 45.05 -57.10 -69.92
CA TYR D 155 44.70 -56.15 -68.87
C TYR D 155 45.76 -56.13 -67.76
N ASN D 156 46.35 -54.95 -67.52
CA ASN D 156 47.33 -54.79 -66.46
C ASN D 156 47.08 -53.53 -65.69
N PRO D 157 46.35 -53.60 -64.58
CA PRO D 157 46.10 -52.43 -63.78
C PRO D 157 47.27 -52.14 -62.88
N MET D 158 47.14 -51.13 -62.01
CA MET D 158 48.28 -50.72 -61.18
C MET D 158 48.06 -51.02 -59.72
N LYS D 159 48.95 -51.77 -59.09
CA LYS D 159 48.74 -52.20 -57.70
C LYS D 159 49.05 -51.06 -56.78
N LEU D 160 48.06 -50.70 -55.97
CA LEU D 160 48.22 -49.62 -55.00
C LEU D 160 48.70 -50.22 -53.69
N TYR D 161 49.31 -49.39 -52.89
CA TYR D 161 49.67 -49.82 -51.55
C TYR D 161 49.36 -48.67 -50.61
N ARG D 162 48.37 -48.89 -49.74
CA ARG D 162 48.11 -47.93 -48.69
C ARG D 162 49.15 -48.13 -47.57
N LEU D 163 49.15 -47.19 -46.61
CA LEU D 163 50.29 -46.97 -45.76
C LEU D 163 50.56 -48.11 -44.87
N SER D 164 49.57 -48.93 -44.60
CA SER D 164 49.74 -50.06 -43.65
C SER D 164 50.61 -51.18 -44.21
N SER D 165 50.78 -51.25 -45.50
CA SER D 165 51.34 -52.44 -46.07
C SER D 165 52.68 -52.23 -46.71
N TYR D 166 53.32 -51.09 -46.52
CA TYR D 166 54.67 -50.90 -47.03
C TYR D 166 55.48 -50.05 -46.09
N VAL D 167 56.74 -49.84 -46.42
CA VAL D 167 57.55 -49.04 -45.59
C VAL D 167 58.63 -48.39 -46.43
N VAL D 168 59.11 -47.20 -46.06
CA VAL D 168 60.12 -46.48 -46.81
C VAL D 168 61.10 -45.82 -45.89
N GLN D 169 62.39 -46.06 -46.07
CA GLN D 169 63.43 -45.36 -45.33
C GLN D 169 64.12 -44.38 -46.27
N ARG D 170 64.36 -43.17 -45.76
CA ARG D 170 65.01 -42.13 -46.52
C ARG D 170 66.20 -41.58 -45.74
N ASP D 171 66.97 -40.73 -46.38
CA ASP D 171 68.01 -39.94 -45.72
C ASP D 171 67.47 -38.54 -45.49
N ALA D 172 68.32 -37.60 -45.12
CA ALA D 172 67.82 -36.25 -44.89
C ALA D 172 67.62 -35.48 -46.19
N PHE D 173 68.09 -35.98 -47.32
CA PHE D 173 67.64 -35.43 -48.58
C PHE D 173 66.19 -35.79 -48.90
N GLY D 174 65.94 -37.08 -49.09
CA GLY D 174 64.72 -37.53 -49.69
C GLY D 174 65.06 -38.58 -50.71
N ASN D 175 66.33 -38.96 -50.74
CA ASN D 175 66.73 -40.11 -51.50
C ASN D 175 66.11 -41.33 -50.86
N VAL D 176 65.36 -42.10 -51.64
CA VAL D 176 64.80 -43.32 -51.12
C VAL D 176 65.89 -44.38 -51.02
N LEU D 177 66.24 -44.78 -49.79
CA LEU D 177 67.24 -45.81 -49.65
C LEU D 177 66.64 -47.19 -49.87
N GLN D 178 65.53 -47.47 -49.19
CA GLN D 178 64.93 -48.78 -49.28
C GLN D 178 63.42 -48.79 -49.07
N MET D 179 62.75 -49.71 -49.72
CA MET D 179 61.36 -49.91 -49.52
C MET D 179 61.10 -51.44 -49.31
N VAL D 180 60.07 -51.78 -48.54
CA VAL D 180 59.59 -53.09 -48.48
C VAL D 180 58.07 -53.08 -48.53
N THR D 181 57.46 -53.90 -49.40
CA THR D 181 56.02 -54.04 -49.44
C THR D 181 55.56 -55.38 -48.93
N ARG D 182 54.32 -55.49 -48.46
CA ARG D 182 53.88 -56.59 -47.65
C ARG D 182 52.55 -57.06 -48.19
N ASP D 183 52.53 -57.42 -49.47
CA ASP D 183 51.31 -58.00 -50.03
C ASP D 183 51.01 -59.34 -49.34
N GLN D 184 49.70 -59.54 -49.12
CA GLN D 184 49.20 -60.78 -48.57
C GLN D 184 48.31 -61.48 -49.62
N ILE D 185 48.83 -62.47 -50.30
CA ILE D 185 48.12 -63.11 -51.38
C ILE D 185 47.77 -64.52 -50.98
N ALA D 186 46.68 -65.04 -51.50
CA ALA D 186 46.37 -66.48 -51.28
C ALA D 186 47.32 -67.36 -52.08
N PHE D 187 47.53 -68.58 -51.61
CA PHE D 187 48.36 -69.57 -52.29
C PHE D 187 47.80 -69.98 -53.62
N GLY D 188 46.50 -69.87 -53.80
CA GLY D 188 45.87 -70.27 -55.04
C GLY D 188 46.09 -69.29 -56.15
N ALA D 189 46.10 -68.00 -55.82
CA ALA D 189 46.19 -66.96 -56.84
C ALA D 189 47.58 -66.36 -56.94
N LEU D 190 48.59 -67.11 -56.54
CA LEU D 190 49.96 -66.65 -56.67
C LEU D 190 50.40 -66.63 -58.12
N PRO D 191 51.41 -65.83 -58.47
CA PRO D 191 52.15 -66.09 -59.70
C PRO D 191 52.87 -67.45 -59.64
N GLU D 192 53.09 -68.03 -60.82
CA GLU D 192 53.47 -69.43 -60.93
C GLU D 192 54.85 -69.72 -60.39
N ASP D 193 55.76 -68.77 -60.57
CA ASP D 193 57.12 -68.97 -60.06
C ASP D 193 57.17 -68.95 -58.53
N ILE D 194 56.28 -68.18 -57.91
CA ILE D 194 56.31 -68.07 -56.48
C ILE D 194 55.71 -69.31 -55.81
N ARG D 195 54.78 -69.97 -56.50
CA ARG D 195 54.17 -71.19 -55.96
C ARG D 195 55.18 -72.29 -55.79
N LYS D 196 56.06 -72.45 -56.78
CA LYS D 196 57.09 -73.46 -56.70
C LYS D 196 58.14 -73.13 -55.64
N ALA D 197 58.43 -71.83 -55.49
CA ALA D 197 59.39 -71.39 -54.47
C ALA D 197 58.84 -71.64 -53.05
N VAL D 198 57.54 -71.43 -52.85
CA VAL D 198 56.94 -71.70 -51.58
C VAL D 198 56.84 -73.22 -51.36
N GLU D 199 56.46 -73.95 -52.39
CA GLU D 199 56.28 -75.38 -52.28
C GLU D 199 57.60 -76.08 -51.98
N GLY D 200 58.70 -75.52 -52.47
CA GLY D 200 60.03 -76.06 -52.18
C GLY D 200 60.44 -75.93 -50.72
N GLN D 201 59.83 -74.98 -49.99
CA GLN D 201 60.11 -74.80 -48.58
C GLN D 201 59.57 -76.01 -47.79
N GLY D 202 58.48 -76.59 -48.24
CA GLY D 202 58.00 -77.81 -47.64
C GLY D 202 56.65 -77.66 -46.97
N GLY D 203 56.02 -78.80 -46.74
CA GLY D 203 54.66 -78.90 -46.25
C GLY D 203 53.66 -78.57 -47.37
N GLU D 204 52.61 -79.38 -47.47
CA GLU D 204 51.52 -79.04 -48.38
C GLU D 204 50.77 -77.81 -47.84
N LYS D 205 50.08 -77.12 -48.72
CA LYS D 205 49.35 -75.92 -48.33
C LYS D 205 47.94 -76.03 -48.78
N LYS D 206 47.03 -75.40 -48.05
CA LYS D 206 45.64 -75.31 -48.51
C LYS D 206 45.53 -74.27 -49.61
N ALA D 207 44.38 -74.20 -50.26
CA ALA D 207 44.26 -73.19 -51.30
C ALA D 207 44.11 -71.76 -50.71
N ASP D 208 43.26 -71.56 -49.70
CA ASP D 208 43.02 -70.22 -49.21
C ASP D 208 43.88 -69.85 -48.07
N GLU D 209 44.93 -70.61 -47.80
CA GLU D 209 45.86 -70.27 -46.72
C GLU D 209 46.72 -69.07 -47.14
N THR D 210 46.69 -68.02 -46.33
CA THR D 210 47.31 -66.78 -46.74
C THR D 210 48.80 -66.88 -46.66
N ILE D 211 49.47 -66.31 -47.65
CA ILE D 211 50.92 -66.29 -47.71
C ILE D 211 51.36 -64.84 -47.88
N ASP D 212 52.18 -64.39 -46.96
CA ASP D 212 52.71 -63.05 -47.00
C ASP D 212 54.01 -63.00 -47.76
N VAL D 213 54.01 -62.31 -48.89
CA VAL D 213 55.25 -62.04 -49.57
C VAL D 213 55.82 -60.74 -49.06
N TYR D 214 57.08 -60.49 -49.34
CA TYR D 214 57.68 -59.22 -49.04
C TYR D 214 58.53 -58.83 -50.23
N THR D 215 58.39 -57.61 -50.71
CA THR D 215 59.21 -57.15 -51.80
C THR D 215 60.16 -56.11 -51.28
N HIS D 216 61.43 -56.30 -51.52
CA HIS D 216 62.46 -55.40 -50.99
C HIS D 216 63.21 -54.75 -52.13
N ILE D 217 63.35 -53.42 -52.03
CA ILE D 217 64.06 -52.61 -53.02
C ILE D 217 65.09 -51.82 -52.22
N TYR D 218 66.37 -51.88 -52.62
CA TYR D 218 67.42 -51.22 -51.84
C TYR D 218 68.50 -50.63 -52.68
N LEU D 219 69.11 -49.55 -52.19
CA LEU D 219 70.31 -48.96 -52.82
C LEU D 219 71.49 -49.88 -52.65
N ASP D 220 72.29 -49.96 -53.71
CA ASP D 220 73.47 -50.80 -53.67
C ASP D 220 74.60 -50.09 -52.96
N GLU D 221 75.45 -50.88 -52.31
CA GLU D 221 76.67 -50.38 -51.74
C GLU D 221 77.71 -50.10 -52.83
N ASP D 222 77.55 -50.72 -54.01
CA ASP D 222 78.51 -50.59 -55.08
C ASP D 222 78.10 -49.48 -56.04
N SER D 223 76.95 -49.62 -56.66
CA SER D 223 76.54 -48.71 -57.71
C SER D 223 75.33 -47.90 -57.32
N GLY D 224 74.98 -46.95 -58.18
CA GLY D 224 73.85 -46.08 -57.92
C GLY D 224 72.56 -46.54 -58.56
N GLU D 225 72.27 -47.84 -58.49
CA GLU D 225 71.04 -48.37 -59.05
C GLU D 225 70.35 -49.27 -58.00
N TYR D 226 69.04 -49.41 -58.08
CA TYR D 226 68.32 -50.19 -57.10
C TYR D 226 68.43 -51.69 -57.38
N LEU D 227 68.32 -52.48 -56.32
CA LEU D 227 68.17 -53.93 -56.44
C LEU D 227 66.90 -54.39 -55.76
N ARG D 228 66.12 -55.25 -56.41
CA ARG D 228 64.88 -55.79 -55.82
C ARG D 228 64.90 -57.29 -55.75
N TYR D 229 64.27 -57.82 -54.68
CA TYR D 229 64.01 -59.23 -54.55
C TYR D 229 62.77 -59.47 -53.80
N GLU D 230 62.25 -60.69 -53.92
CA GLU D 230 61.05 -61.09 -53.17
C GLU D 230 61.43 -62.08 -52.10
N GLU D 231 60.59 -62.20 -51.09
CA GLU D 231 60.86 -63.10 -50.01
C GLU D 231 59.56 -63.68 -49.50
N VAL D 232 59.52 -64.99 -49.34
CA VAL D 232 58.40 -65.66 -48.71
C VAL D 232 58.95 -66.60 -47.64
N GLU D 233 58.48 -66.38 -46.41
CA GLU D 233 58.72 -67.30 -45.32
C GLU D 233 60.21 -67.34 -44.90
N GLY D 234 61.02 -66.39 -45.37
CA GLY D 234 62.38 -66.29 -44.91
C GLY D 234 63.41 -66.81 -45.91
N MET D 235 63.15 -66.59 -47.19
CA MET D 235 64.02 -67.06 -48.24
C MET D 235 63.77 -66.26 -49.50
N GLU D 236 64.84 -65.88 -50.17
CA GLU D 236 64.71 -65.10 -51.39
C GLU D 236 64.13 -65.98 -52.54
N VAL D 237 63.12 -65.46 -53.20
CA VAL D 237 62.38 -66.21 -54.20
C VAL D 237 63.18 -66.39 -55.46
N GLN D 238 63.43 -67.65 -55.82
CA GLN D 238 64.21 -67.98 -57.01
C GLN D 238 63.55 -67.53 -58.26
N GLY D 239 64.35 -66.96 -59.16
CA GLY D 239 63.87 -66.36 -60.41
C GLY D 239 63.02 -65.12 -60.25
N SER D 240 63.28 -64.35 -59.18
CA SER D 240 62.57 -63.10 -58.98
C SER D 240 63.50 -61.92 -58.73
N ASP D 241 64.75 -62.10 -59.14
CA ASP D 241 65.78 -61.07 -58.99
C ASP D 241 65.45 -59.88 -59.85
N GLY D 242 65.97 -58.74 -59.44
CA GLY D 242 65.74 -57.54 -60.24
C GLY D 242 66.77 -56.46 -60.03
N THR D 243 67.11 -55.82 -61.14
CA THR D 243 68.00 -54.67 -61.12
C THR D 243 67.26 -53.55 -61.78
N TYR D 244 67.20 -52.40 -61.13
CA TYR D 244 66.47 -51.30 -61.68
C TYR D 244 67.35 -50.09 -61.81
N PRO D 245 67.22 -49.33 -62.91
CA PRO D 245 67.97 -48.07 -63.05
C PRO D 245 67.45 -46.99 -62.12
N LYS D 246 68.24 -45.93 -61.98
CA LYS D 246 68.03 -44.94 -60.94
C LYS D 246 66.76 -44.13 -61.14
N GLU D 247 66.39 -43.91 -62.38
CA GLU D 247 65.30 -43.01 -62.69
C GLU D 247 64.01 -43.68 -63.05
N ALA D 248 64.08 -44.97 -63.42
CA ALA D 248 62.91 -45.66 -63.93
C ALA D 248 62.43 -46.72 -62.93
N CYS D 249 62.36 -46.31 -61.69
CA CYS D 249 62.01 -47.21 -60.61
C CYS D 249 60.52 -47.42 -60.65
N PRO D 250 60.05 -48.67 -60.77
CA PRO D 250 58.64 -48.88 -60.94
C PRO D 250 57.87 -48.74 -59.64
N TYR D 251 58.55 -48.78 -58.49
CA TYR D 251 57.88 -48.54 -57.23
C TYR D 251 57.97 -47.02 -56.96
N ILE D 252 56.83 -46.34 -56.98
CA ILE D 252 56.81 -44.92 -56.84
C ILE D 252 56.19 -44.58 -55.46
N PRO D 253 56.99 -44.09 -54.52
CA PRO D 253 56.43 -43.63 -53.27
C PRO D 253 56.02 -42.17 -53.30
N ILE D 254 54.77 -41.86 -52.96
CA ILE D 254 54.25 -40.52 -53.12
C ILE D 254 53.94 -39.94 -51.76
N ARG D 255 54.43 -38.73 -51.51
CA ARG D 255 54.12 -37.95 -50.33
C ARG D 255 53.29 -36.74 -50.74
N MET D 256 52.34 -36.34 -49.90
CA MET D 256 51.58 -35.13 -50.18
C MET D 256 52.37 -33.88 -49.75
N VAL D 257 52.70 -33.76 -48.47
CA VAL D 257 53.40 -32.57 -48.01
C VAL D 257 54.70 -32.98 -47.40
N ARG D 258 55.80 -32.57 -48.02
CA ARG D 258 57.09 -33.06 -47.58
C ARG D 258 57.63 -32.25 -46.43
N LEU D 259 58.49 -32.88 -45.65
CA LEU D 259 59.22 -32.22 -44.56
C LEU D 259 60.66 -32.65 -44.60
N ASP D 260 61.51 -31.76 -44.13
CA ASP D 260 62.91 -31.99 -44.21
C ASP D 260 63.34 -33.06 -43.19
N GLY D 261 64.15 -34.02 -43.66
CA GLY D 261 64.76 -35.01 -42.79
C GLY D 261 63.73 -35.91 -42.13
N GLU D 262 62.84 -36.39 -42.95
CA GLU D 262 61.70 -37.14 -42.46
C GLU D 262 61.22 -38.04 -43.61
N SER D 263 61.13 -39.32 -43.32
CA SER D 263 61.05 -40.32 -44.39
C SER D 263 59.71 -40.48 -45.01
N TYR D 264 58.71 -39.82 -44.47
CA TYR D 264 57.32 -40.06 -44.90
C TYR D 264 56.64 -38.74 -45.20
N GLY D 265 55.34 -38.80 -45.39
CA GLY D 265 54.60 -37.60 -45.72
C GLY D 265 53.52 -37.36 -44.72
N ARG D 266 53.10 -36.12 -44.61
CA ARG D 266 51.98 -35.78 -43.74
C ARG D 266 50.83 -35.27 -44.54
N SER D 267 49.65 -35.75 -44.24
CA SER D 267 48.51 -35.49 -45.06
C SER D 267 48.10 -34.02 -45.01
N TYR D 268 47.31 -33.63 -45.99
CA TYR D 268 46.81 -32.27 -46.07
C TYR D 268 45.72 -32.09 -45.09
N ILE D 269 44.99 -33.13 -44.68
CA ILE D 269 43.94 -32.98 -43.71
C ILE D 269 44.49 -32.77 -42.29
N GLU D 270 45.74 -33.20 -42.08
CA GLU D 270 46.41 -33.01 -40.79
C GLU D 270 46.56 -31.52 -40.42
N GLU D 271 46.90 -30.71 -41.37
CA GLU D 271 47.07 -29.37 -41.14
C GLU D 271 45.81 -28.67 -40.79
N TYR D 272 44.69 -29.20 -41.15
CA TYR D 272 43.47 -28.55 -40.68
C TYR D 272 42.67 -29.53 -39.83
N LEU D 273 43.36 -30.40 -39.10
CA LEU D 273 42.66 -31.40 -38.30
C LEU D 273 41.94 -30.83 -37.12
N GLY D 274 42.59 -29.92 -36.43
CA GLY D 274 42.10 -29.44 -35.14
C GLY D 274 40.80 -28.64 -35.29
N ASP D 275 40.77 -27.67 -36.20
CA ASP D 275 39.54 -27.02 -36.49
C ASP D 275 38.56 -27.96 -37.07
N LEU D 276 39.02 -29.09 -37.57
CA LEU D 276 38.11 -30.13 -37.96
C LEU D 276 37.52 -30.71 -36.70
N ARG D 277 38.35 -31.12 -35.75
CA ARG D 277 37.82 -31.79 -34.53
C ARG D 277 37.09 -30.82 -33.65
N SER D 278 37.46 -29.57 -33.66
CA SER D 278 36.69 -28.59 -32.90
C SER D 278 35.38 -28.41 -33.51
N LEU D 279 35.22 -28.66 -34.80
CA LEU D 279 33.89 -28.66 -35.38
C LEU D 279 33.17 -29.80 -34.88
N GLU D 280 33.83 -30.94 -34.86
CA GLU D 280 33.21 -32.25 -34.50
C GLU D 280 32.51 -32.11 -33.17
N ASN D 281 33.25 -31.75 -32.11
CA ASN D 281 32.70 -31.59 -30.82
C ASN D 281 31.57 -30.64 -30.85
N LEU D 282 31.81 -29.52 -31.43
CA LEU D 282 30.83 -28.41 -31.38
C LEU D 282 29.64 -28.76 -32.14
N GLN D 283 29.75 -29.70 -33.00
CA GLN D 283 28.59 -30.06 -33.76
C GLN D 283 27.89 -31.21 -33.05
N GLU D 284 28.68 -32.08 -32.43
CA GLU D 284 28.19 -33.29 -31.79
C GLU D 284 27.15 -32.95 -30.81
N ALA D 285 27.50 -32.03 -29.91
CA ALA D 285 26.63 -31.55 -28.83
C ALA D 285 25.29 -31.22 -29.38
N ILE D 286 25.30 -30.51 -30.46
CA ILE D 286 24.09 -29.90 -31.01
C ILE D 286 23.14 -31.03 -31.32
N VAL D 287 23.63 -32.08 -31.95
CA VAL D 287 22.80 -33.20 -32.30
C VAL D 287 22.31 -33.82 -31.01
N LYS D 288 23.20 -34.01 -30.01
CA LYS D 288 22.80 -34.56 -28.72
C LYS D 288 21.80 -33.64 -28.05
N MET D 289 22.03 -32.34 -28.16
CA MET D 289 21.12 -31.43 -27.51
C MET D 289 19.86 -31.39 -28.24
N SER D 290 19.79 -31.89 -29.44
CA SER D 290 18.55 -31.88 -30.08
C SER D 290 17.77 -32.98 -29.53
N MET D 291 18.43 -34.10 -29.28
CA MET D 291 17.69 -35.33 -28.97
C MET D 291 16.97 -35.15 -27.61
N ILE D 292 17.52 -34.37 -26.66
CA ILE D 292 16.90 -34.07 -25.43
C ILE D 292 15.60 -33.41 -25.68
N SER D 293 15.56 -32.54 -26.69
CA SER D 293 14.28 -31.90 -27.08
C SER D 293 13.24 -32.91 -27.60
N SER D 294 13.66 -34.08 -28.02
CA SER D 294 12.76 -34.97 -28.61
C SER D 294 12.28 -35.98 -27.62
N LYS D 295 12.10 -35.56 -26.39
CA LYS D 295 11.60 -36.43 -25.30
C LYS D 295 10.51 -35.57 -24.61
N VAL D 296 9.25 -35.87 -24.91
CA VAL D 296 8.18 -35.20 -24.32
C VAL D 296 8.00 -35.77 -22.93
N ILE D 297 8.14 -34.93 -21.88
CA ILE D 297 7.73 -35.33 -20.54
C ILE D 297 6.68 -34.36 -20.12
N GLY D 298 5.51 -34.87 -19.79
CA GLY D 298 4.49 -33.99 -19.22
C GLY D 298 4.64 -33.85 -17.72
N LEU D 299 4.96 -32.65 -17.26
CA LEU D 299 5.03 -32.42 -15.85
C LEU D 299 3.65 -32.02 -15.32
N VAL D 300 3.03 -32.86 -14.46
CA VAL D 300 1.79 -32.46 -13.82
C VAL D 300 1.99 -31.92 -12.52
N ASN D 301 1.39 -30.82 -12.22
CA ASN D 301 1.74 -30.06 -10.94
C ASN D 301 0.96 -30.61 -9.83
N PRO D 302 1.60 -31.18 -8.84
CA PRO D 302 0.91 -31.82 -7.86
C PRO D 302 0.06 -30.94 -7.06
N ALA D 303 0.29 -29.68 -7.05
CA ALA D 303 -0.51 -28.81 -6.21
C ALA D 303 -1.83 -28.50 -6.77
N GLY D 304 -2.09 -28.99 -7.96
CA GLY D 304 -3.28 -28.58 -8.68
C GLY D 304 -4.34 -29.69 -8.65
N ILE D 305 -5.24 -29.63 -9.63
CA ILE D 305 -6.33 -30.44 -9.60
C ILE D 305 -6.22 -31.48 -10.65
N THR D 306 -5.67 -31.16 -11.82
CA THR D 306 -5.82 -32.01 -12.98
C THR D 306 -5.05 -33.25 -12.86
N GLN D 307 -5.59 -34.39 -13.26
CA GLN D 307 -4.80 -35.61 -13.09
C GLN D 307 -4.83 -36.60 -14.17
N PRO D 308 -3.72 -37.19 -14.53
CA PRO D 308 -3.66 -37.87 -15.75
C PRO D 308 -4.33 -39.23 -15.82
N ARG D 309 -5.15 -39.64 -14.88
CA ARG D 309 -6.04 -40.77 -15.21
C ARG D 309 -7.21 -40.24 -16.00
N ARG D 310 -7.30 -38.95 -16.25
CA ARG D 310 -8.45 -38.43 -16.92
C ARG D 310 -8.11 -37.77 -18.19
N LEU D 311 -6.88 -37.29 -18.37
CA LEU D 311 -6.49 -36.81 -19.71
C LEU D 311 -6.38 -38.00 -20.64
N THR D 312 -5.79 -39.08 -20.21
CA THR D 312 -5.45 -39.95 -21.14
C THR D 312 -6.61 -40.75 -21.57
N LYS D 313 -7.52 -41.10 -20.67
CA LYS D 313 -8.58 -42.10 -21.04
C LYS D 313 -9.64 -41.49 -21.82
N ALA D 314 -9.66 -40.18 -21.88
CA ALA D 314 -10.75 -39.49 -22.60
C ALA D 314 -10.60 -39.56 -24.07
N GLN D 315 -11.70 -39.80 -24.82
CA GLN D 315 -11.50 -39.82 -26.28
C GLN D 315 -11.33 -38.42 -26.76
N THR D 316 -11.18 -38.24 -28.07
CA THR D 316 -10.91 -36.89 -28.54
C THR D 316 -12.10 -36.10 -28.46
N GLY D 317 -11.96 -34.87 -28.00
CA GLY D 317 -13.06 -33.98 -27.75
C GLY D 317 -13.98 -34.55 -26.67
N ASP D 318 -13.32 -34.79 -25.56
CA ASP D 318 -14.07 -35.16 -24.38
C ASP D 318 -13.79 -34.15 -23.32
N PHE D 319 -14.83 -33.59 -22.72
CA PHE D 319 -14.61 -32.67 -21.67
C PHE D 319 -14.07 -33.44 -20.44
N VAL D 320 -13.14 -32.85 -19.71
CA VAL D 320 -12.74 -33.44 -18.56
C VAL D 320 -12.18 -32.46 -17.60
N THR D 321 -12.08 -32.79 -16.31
CA THR D 321 -11.88 -31.76 -15.37
C THR D 321 -10.58 -31.38 -15.10
N GLY D 322 -10.28 -30.10 -15.05
CA GLY D 322 -8.85 -29.72 -14.83
C GLY D 322 -8.52 -28.33 -15.21
N ARG D 323 -7.46 -27.87 -14.68
CA ARG D 323 -7.08 -26.56 -15.01
C ARG D 323 -5.89 -26.63 -15.94
N PRO D 324 -5.70 -25.62 -16.81
CA PRO D 324 -4.66 -25.69 -17.71
C PRO D 324 -3.35 -25.31 -17.13
N GLU D 325 -3.28 -24.67 -15.97
CA GLU D 325 -1.95 -24.32 -15.49
C GLU D 325 -1.27 -25.47 -14.78
N ASP D 326 -1.89 -26.64 -14.73
CA ASP D 326 -1.31 -27.72 -14.02
C ASP D 326 -0.39 -28.54 -14.86
N ILE D 327 -0.77 -28.84 -16.11
CA ILE D 327 0.12 -29.65 -16.93
C ILE D 327 1.00 -28.72 -17.65
N SER D 328 2.30 -28.97 -17.63
CA SER D 328 3.20 -28.24 -18.54
C SER D 328 4.12 -29.26 -19.14
N PHE D 329 5.06 -28.83 -19.95
CA PHE D 329 5.95 -29.81 -20.53
C PHE D 329 7.37 -29.36 -20.38
N LEU D 330 8.25 -30.31 -20.17
CA LEU D 330 9.67 -29.99 -19.77
C LEU D 330 10.38 -29.57 -20.97
N GLN D 331 10.76 -28.28 -21.12
CA GLN D 331 11.60 -27.82 -22.24
C GLN D 331 13.05 -27.85 -21.86
N LEU D 332 13.90 -27.51 -22.82
CA LEU D 332 15.36 -27.49 -22.58
C LEU D 332 15.82 -26.11 -22.96
N GLU D 333 16.06 -25.26 -21.97
CA GLU D 333 16.13 -23.88 -22.24
C GLU D 333 17.49 -23.35 -22.64
N LYS D 334 18.39 -24.19 -23.16
CA LYS D 334 19.61 -23.67 -23.79
C LYS D 334 19.23 -22.94 -25.09
N GLN D 335 19.16 -21.61 -25.02
CA GLN D 335 18.95 -20.86 -26.22
C GLN D 335 20.15 -20.01 -26.54
N ALA D 336 20.68 -19.32 -25.56
CA ALA D 336 21.89 -18.53 -25.78
C ALA D 336 23.07 -19.46 -26.04
N ASP D 337 23.13 -20.61 -25.35
CA ASP D 337 24.18 -21.56 -25.66
C ASP D 337 24.01 -22.14 -27.05
N PHE D 338 22.77 -22.40 -27.47
CA PHE D 338 22.55 -22.91 -28.80
C PHE D 338 22.95 -21.91 -29.89
N THR D 339 22.65 -20.64 -29.69
CA THR D 339 23.05 -19.63 -30.68
C THR D 339 24.54 -19.35 -30.74
N VAL D 340 25.22 -19.45 -29.60
CA VAL D 340 26.66 -19.28 -29.64
C VAL D 340 27.33 -20.51 -30.19
N ALA D 341 26.77 -21.67 -29.96
CA ALA D 341 27.37 -22.88 -30.49
C ALA D 341 27.20 -22.93 -31.99
N LYS D 342 26.03 -22.55 -32.48
CA LYS D 342 25.78 -22.55 -33.91
C LYS D 342 26.63 -21.50 -34.60
N ALA D 343 26.87 -20.38 -33.94
CA ALA D 343 27.70 -19.33 -34.53
C ALA D 343 29.12 -19.76 -34.73
N VAL D 344 29.68 -20.38 -33.73
CA VAL D 344 31.05 -20.80 -33.87
C VAL D 344 31.16 -22.00 -34.78
N SER D 345 30.11 -22.82 -34.84
CA SER D 345 30.09 -23.91 -35.79
C SER D 345 30.13 -23.41 -37.21
N ASP D 346 29.36 -22.37 -37.48
CA ASP D 346 29.34 -21.84 -38.83
C ASP D 346 30.68 -21.20 -39.16
N ALA D 347 31.20 -20.43 -38.23
CA ALA D 347 32.44 -19.75 -38.48
C ALA D 347 33.59 -20.69 -38.61
N ILE D 348 33.46 -21.94 -38.17
CA ILE D 348 34.53 -22.87 -38.38
C ILE D 348 34.32 -23.65 -39.66
N GLU D 349 33.07 -23.87 -40.07
CA GLU D 349 32.84 -24.50 -41.37
C GLU D 349 33.27 -23.55 -42.50
N ALA D 350 33.23 -22.26 -42.28
CA ALA D 350 33.67 -21.33 -43.29
C ALA D 350 35.15 -21.49 -43.60
N ARG D 351 35.94 -21.70 -42.54
CA ARG D 351 37.35 -21.93 -42.74
C ARG D 351 37.59 -23.22 -43.48
N LEU D 352 36.91 -24.27 -43.05
CA LEU D 352 37.14 -25.52 -43.69
C LEU D 352 36.58 -25.51 -45.14
N SER D 353 35.62 -24.66 -45.46
CA SER D 353 35.15 -24.57 -46.82
C SER D 353 36.16 -23.79 -47.72
N PHE D 354 36.75 -22.65 -47.26
CA PHE D 354 37.86 -22.05 -48.02
C PHE D 354 39.09 -22.87 -48.04
N ALA D 355 39.13 -23.91 -47.22
CA ALA D 355 40.35 -24.73 -47.12
C ALA D 355 40.30 -26.00 -47.84
N PHE D 356 39.10 -26.50 -48.08
CA PHE D 356 38.97 -27.79 -48.76
C PHE D 356 38.33 -27.66 -50.15
N MET D 357 38.16 -26.42 -50.62
CA MET D 357 37.53 -26.11 -51.88
C MET D 357 36.09 -26.56 -51.97
N LEU D 358 35.37 -26.50 -50.89
CA LEU D 358 33.99 -26.79 -50.90
C LEU D 358 33.43 -25.57 -51.66
N ASN D 359 32.20 -25.73 -52.21
CA ASN D 359 31.71 -24.75 -53.17
C ASN D 359 31.35 -23.43 -52.50
N SER D 360 32.16 -22.42 -52.83
CA SER D 360 31.88 -21.06 -52.45
C SER D 360 31.58 -20.26 -53.73
N ALA D 361 30.68 -20.83 -54.55
CA ALA D 361 30.27 -20.34 -55.87
C ALA D 361 31.45 -20.14 -56.86
N VAL D 362 32.16 -21.23 -57.11
CA VAL D 362 33.20 -21.24 -58.12
C VAL D 362 32.87 -22.14 -59.31
N GLN D 363 32.57 -23.41 -59.03
CA GLN D 363 32.46 -24.40 -60.10
C GLN D 363 31.01 -24.80 -60.38
N ARG D 364 30.07 -24.15 -59.71
CA ARG D 364 28.66 -24.54 -59.86
C ARG D 364 28.05 -24.03 -61.19
N THR D 365 28.32 -22.77 -61.54
CA THR D 365 27.62 -22.06 -62.59
C THR D 365 27.96 -22.60 -63.97
N GLY D 366 27.30 -23.72 -64.34
CA GLY D 366 27.43 -24.40 -65.64
C GLY D 366 28.82 -24.91 -65.92
N GLU D 367 29.26 -25.92 -65.17
CA GLU D 367 30.61 -26.48 -65.33
C GLU D 367 30.71 -27.19 -66.70
N ARG D 368 31.80 -26.91 -67.42
CA ARG D 368 32.09 -27.62 -68.67
C ARG D 368 33.45 -28.30 -68.60
N VAL D 369 33.96 -28.77 -69.74
CA VAL D 369 35.20 -29.57 -69.80
C VAL D 369 36.18 -28.88 -70.75
N THR D 370 37.48 -28.98 -70.41
CA THR D 370 38.64 -28.88 -71.33
C THR D 370 39.03 -27.56 -71.95
N ALA D 371 38.12 -26.59 -71.91
CA ALA D 371 38.39 -25.27 -72.47
C ALA D 371 38.22 -24.25 -71.34
N GLU D 372 39.36 -23.70 -70.90
CA GLU D 372 39.50 -22.76 -69.76
C GLU D 372 39.31 -23.50 -68.41
N GLU D 373 38.83 -24.74 -68.43
CA GLU D 373 38.45 -25.43 -67.22
C GLU D 373 39.64 -25.96 -66.43
N ILE D 374 40.55 -26.64 -67.14
CA ILE D 374 41.68 -27.22 -66.47
C ILE D 374 42.67 -26.16 -66.00
N ARG D 375 42.75 -25.08 -66.75
CA ARG D 375 43.50 -23.93 -66.34
C ARG D 375 42.97 -23.36 -65.05
N TYR D 376 41.65 -23.18 -64.98
CA TYR D 376 41.03 -22.56 -63.83
C TYR D 376 41.17 -23.47 -62.61
N VAL D 377 41.00 -24.77 -62.79
CA VAL D 377 41.12 -25.68 -61.69
C VAL D 377 42.51 -25.74 -61.13
N ALA D 378 43.50 -25.76 -61.99
CA ALA D 378 44.85 -25.83 -61.49
C ALA D 378 45.29 -24.51 -60.87
N SER D 379 44.83 -23.38 -61.40
CA SER D 379 45.21 -22.11 -60.84
C SER D 379 44.59 -21.91 -59.48
N GLU D 380 43.37 -22.38 -59.30
CA GLU D 380 42.78 -22.31 -57.96
C GLU D 380 43.43 -23.32 -57.02
N LEU D 381 43.75 -24.52 -57.49
CA LEU D 381 44.41 -25.49 -56.65
C LEU D 381 45.83 -25.09 -56.23
N GLU D 382 46.48 -24.21 -56.98
CA GLU D 382 47.67 -23.61 -56.44
C GLU D 382 47.36 -22.39 -55.62
N ASP D 383 46.22 -21.72 -55.82
CA ASP D 383 45.86 -20.58 -54.98
C ASP D 383 45.66 -21.03 -53.56
N THR D 384 44.70 -21.92 -53.35
CA THR D 384 44.58 -22.54 -52.05
C THR D 384 45.48 -23.74 -52.05
N LEU D 385 45.35 -24.58 -51.03
CA LEU D 385 46.10 -25.81 -50.93
C LEU D 385 47.63 -25.68 -50.89
N GLY D 386 48.18 -24.49 -51.02
CA GLY D 386 49.62 -24.35 -50.92
C GLY D 386 50.30 -24.94 -52.11
N GLY D 387 51.35 -25.73 -51.86
CA GLY D 387 52.04 -26.32 -53.01
C GLY D 387 51.57 -27.71 -53.42
N VAL D 388 50.28 -28.06 -53.32
CA VAL D 388 49.89 -29.41 -53.54
C VAL D 388 50.02 -29.76 -55.00
N TYR D 389 49.59 -28.83 -55.85
CA TYR D 389 49.54 -29.14 -57.26
C TYR D 389 50.93 -29.21 -57.90
N SER D 390 51.91 -28.52 -57.35
CA SER D 390 53.21 -28.54 -57.95
C SER D 390 54.06 -29.62 -57.34
N ILE D 391 54.04 -29.76 -56.01
CA ILE D 391 54.78 -30.81 -55.35
C ILE D 391 54.27 -32.16 -55.82
N LEU D 392 52.96 -32.25 -55.98
CA LEU D 392 52.33 -33.47 -56.44
C LEU D 392 52.71 -33.76 -57.87
N SER D 393 52.92 -32.73 -58.66
CA SER D 393 53.31 -32.92 -60.06
C SER D 393 54.75 -33.41 -60.18
N GLN D 394 55.63 -32.89 -59.33
CA GLN D 394 56.99 -33.38 -59.35
C GLN D 394 57.04 -34.84 -58.80
N GLU D 395 56.29 -35.15 -57.75
CA GLU D 395 56.42 -36.44 -57.10
C GLU D 395 55.65 -37.52 -57.83
N LEU D 396 54.51 -37.16 -58.42
CA LEU D 396 53.62 -38.18 -58.98
C LEU D 396 53.72 -38.34 -60.49
N GLN D 397 53.57 -37.24 -61.22
CA GLN D 397 53.49 -37.33 -62.66
C GLN D 397 54.81 -37.55 -63.35
N LEU D 398 55.94 -37.11 -62.77
CA LEU D 398 57.19 -37.41 -63.38
C LEU D 398 57.51 -38.88 -63.39
N PRO D 399 57.35 -39.56 -62.27
CA PRO D 399 57.60 -40.99 -62.37
C PRO D 399 56.53 -41.76 -63.10
N LEU D 400 55.29 -41.31 -63.09
CA LEU D 400 54.24 -42.09 -63.79
C LEU D 400 54.36 -41.97 -65.27
N VAL D 401 54.89 -40.87 -65.78
CA VAL D 401 55.25 -40.79 -67.19
C VAL D 401 56.53 -41.48 -67.45
N ARG D 402 57.44 -41.45 -66.52
CA ARG D 402 58.80 -41.92 -66.78
C ARG D 402 58.85 -43.44 -66.82
N VAL D 403 58.15 -44.10 -65.92
CA VAL D 403 58.09 -45.56 -65.92
C VAL D 403 57.33 -46.11 -67.15
N LEU D 404 56.24 -45.44 -67.50
CA LEU D 404 55.55 -45.78 -68.70
C LEU D 404 56.43 -45.60 -69.96
N LEU D 405 57.09 -44.46 -70.05
CA LEU D 405 57.90 -44.12 -71.22
C LEU D 405 59.04 -45.04 -71.34
N LYS D 406 59.47 -45.62 -70.22
CA LYS D 406 60.57 -46.59 -70.30
C LYS D 406 60.04 -47.92 -70.79
N GLN D 407 59.04 -48.44 -70.09
CA GLN D 407 58.61 -49.82 -70.38
C GLN D 407 57.85 -49.95 -71.71
N LEU D 408 56.95 -49.02 -72.02
CA LEU D 408 56.21 -49.10 -73.25
C LEU D 408 57.09 -48.97 -74.52
N GLN D 409 57.97 -47.99 -74.56
CA GLN D 409 58.85 -47.85 -75.70
C GLN D 409 59.94 -48.93 -75.67
N ALA D 410 60.18 -49.53 -74.52
CA ALA D 410 61.00 -50.76 -74.51
C ALA D 410 60.24 -51.98 -75.05
N THR D 411 58.92 -51.90 -75.16
CA THR D 411 58.15 -52.95 -75.80
C THR D 411 57.75 -52.57 -77.25
N GLN D 412 57.16 -51.40 -77.44
CA GLN D 412 56.55 -51.03 -78.71
C GLN D 412 57.55 -50.43 -79.71
N GLN D 413 57.04 -49.73 -80.74
CA GLN D 413 57.88 -49.29 -81.86
C GLN D 413 58.36 -47.86 -81.71
N ILE D 414 59.65 -47.67 -82.01
CA ILE D 414 60.27 -46.36 -82.05
C ILE D 414 60.06 -45.81 -83.47
N PRO D 415 59.45 -44.61 -83.61
CA PRO D 415 59.28 -44.02 -84.96
C PRO D 415 60.54 -43.35 -85.54
N GLU D 416 60.31 -42.65 -86.67
CA GLU D 416 61.31 -41.93 -87.46
C GLU D 416 62.30 -40.96 -86.73
N LEU D 417 61.81 -40.26 -85.69
CA LEU D 417 62.46 -39.07 -85.06
C LEU D 417 63.92 -39.24 -84.68
N PRO D 418 64.70 -38.13 -84.66
CA PRO D 418 66.20 -38.19 -84.55
C PRO D 418 66.74 -38.71 -83.22
N LYS D 419 68.06 -38.81 -83.16
CA LYS D 419 68.71 -39.41 -82.01
C LYS D 419 68.78 -38.50 -80.78
N GLU D 420 68.50 -37.22 -80.96
CA GLU D 420 68.39 -36.32 -79.80
C GLU D 420 67.00 -36.32 -79.19
N ALA D 421 66.05 -36.95 -79.86
CA ALA D 421 64.68 -37.07 -79.34
C ALA D 421 64.25 -38.53 -79.02
N VAL D 422 65.18 -39.47 -79.03
CA VAL D 422 64.84 -40.84 -78.64
C VAL D 422 64.64 -40.93 -77.13
N GLU D 423 65.51 -40.24 -76.39
CA GLU D 423 65.50 -40.16 -74.93
C GLU D 423 65.13 -38.72 -74.54
N PRO D 424 63.83 -38.43 -74.43
CA PRO D 424 63.41 -37.02 -74.34
C PRO D 424 63.36 -36.48 -72.94
N THR D 425 62.99 -35.22 -72.82
CA THR D 425 62.75 -34.66 -71.50
C THR D 425 61.26 -34.46 -71.32
N ILE D 426 60.82 -34.46 -70.07
CA ILE D 426 59.42 -34.49 -69.77
C ILE D 426 59.02 -33.28 -68.96
N SER D 427 57.90 -32.66 -69.33
CA SER D 427 57.28 -31.61 -68.51
C SER D 427 55.91 -32.07 -68.09
N THR D 428 55.46 -31.67 -66.89
CA THR D 428 54.26 -32.30 -66.32
C THR D 428 53.16 -31.37 -65.83
N GLY D 429 53.54 -30.28 -65.23
CA GLY D 429 52.55 -29.50 -64.50
C GLY D 429 51.79 -28.52 -65.38
N LEU D 430 51.60 -27.28 -64.92
CA LEU D 430 50.95 -26.27 -65.71
C LEU D 430 51.72 -25.93 -66.97
N GLU D 431 53.02 -26.25 -66.98
CA GLU D 431 53.81 -26.05 -68.17
C GLU D 431 53.45 -27.06 -69.27
N ALA D 432 52.76 -28.11 -68.86
CA ALA D 432 52.44 -29.17 -69.80
C ALA D 432 50.96 -29.33 -70.07
N ILE D 433 50.11 -28.47 -69.51
CA ILE D 433 48.70 -28.58 -69.79
C ILE D 433 48.47 -28.00 -71.15
N GLY D 434 47.68 -28.70 -71.95
CA GLY D 434 47.68 -28.40 -73.38
C GLY D 434 49.01 -28.83 -73.96
N ARG D 435 49.41 -28.21 -75.04
CA ARG D 435 50.78 -28.38 -75.52
C ARG D 435 51.38 -27.00 -75.64
N GLY D 436 50.62 -26.11 -76.30
CA GLY D 436 50.89 -24.67 -76.42
C GLY D 436 50.77 -24.06 -75.05
N GLN D 437 51.18 -22.80 -74.94
CA GLN D 437 51.12 -22.14 -73.64
C GLN D 437 49.69 -21.91 -73.14
N ASP D 438 48.90 -21.10 -73.88
CA ASP D 438 47.57 -20.68 -73.40
C ASP D 438 46.59 -20.63 -74.53
N LEU D 439 45.41 -21.22 -74.34
CA LEU D 439 44.34 -21.13 -75.35
C LEU D 439 43.78 -19.72 -75.49
N ASP D 440 43.69 -19.02 -74.36
CA ASP D 440 43.20 -17.67 -74.36
C ASP D 440 44.19 -16.76 -75.11
N LYS D 441 45.48 -17.09 -75.00
CA LYS D 441 46.54 -16.36 -75.70
C LYS D 441 46.35 -16.46 -77.21
N LEU D 442 46.19 -17.68 -77.71
CA LEU D 442 46.03 -17.90 -79.14
C LEU D 442 44.71 -17.31 -79.65
N GLU D 443 43.66 -17.41 -78.85
CA GLU D 443 42.37 -16.87 -79.26
C GLU D 443 42.38 -15.33 -79.36
N ARG D 444 42.85 -14.68 -78.30
CA ARG D 444 42.92 -13.22 -78.33
C ARG D 444 44.00 -12.71 -79.28
N CYS D 445 45.02 -13.52 -79.54
CA CYS D 445 46.03 -13.15 -80.51
C CYS D 445 45.51 -13.24 -81.94
N VAL D 446 44.68 -14.24 -82.21
CA VAL D 446 44.03 -14.33 -83.51
C VAL D 446 43.04 -13.17 -83.71
N THR D 447 42.33 -12.78 -82.67
CA THR D 447 41.44 -11.62 -82.78
C THR D 447 42.22 -10.30 -82.92
N ALA D 448 43.40 -10.24 -82.29
CA ALA D 448 44.27 -9.07 -82.44
C ALA D 448 44.85 -8.99 -83.85
N TRP D 449 45.09 -10.13 -84.47
CA TRP D 449 45.48 -10.17 -85.88
C TRP D 449 44.33 -9.79 -86.79
N ALA D 450 43.12 -10.20 -86.44
CA ALA D 450 41.93 -9.84 -87.20
C ALA D 450 41.64 -8.34 -87.12
N ALA D 451 42.10 -7.71 -86.04
CA ALA D 451 42.07 -6.25 -85.93
C ALA D 451 43.02 -5.56 -86.94
N LEU D 452 43.94 -6.32 -87.52
CA LEU D 452 44.87 -5.80 -88.53
C LEU D 452 44.36 -6.07 -89.95
N ALA D 453 43.04 -6.00 -90.09
CA ALA D 453 42.29 -6.04 -91.35
C ALA D 453 42.76 -5.07 -92.45
N PRO D 454 42.73 -3.72 -92.22
CA PRO D 454 42.35 -2.78 -93.31
C PRO D 454 43.15 -2.83 -94.63
N MET D 455 44.48 -2.91 -94.54
CA MET D 455 45.31 -2.93 -95.74
C MET D 455 46.53 -3.79 -95.55
N ARG D 456 46.82 -4.61 -96.56
CA ARG D 456 48.10 -5.35 -96.67
C ARG D 456 49.26 -4.36 -96.79
N ASP D 457 49.31 -3.68 -97.93
CA ASP D 457 50.38 -2.72 -98.22
C ASP D 457 49.89 -1.34 -97.81
N ASP D 458 49.72 -1.16 -96.50
CA ASP D 458 49.31 0.13 -95.94
C ASP D 458 50.58 0.99 -95.82
N PRO D 459 50.59 2.19 -96.42
CA PRO D 459 51.81 3.00 -96.34
C PRO D 459 52.02 3.57 -94.94
N ASP D 460 53.26 4.05 -94.73
CA ASP D 460 53.72 4.70 -93.49
C ASP D 460 53.67 3.83 -92.24
N ILE D 461 53.80 2.52 -92.40
CA ILE D 461 53.65 1.59 -91.28
C ILE D 461 54.31 0.27 -91.65
N ASN D 462 54.61 -0.56 -90.66
CA ASN D 462 55.08 -1.91 -90.91
C ASN D 462 54.00 -2.92 -90.54
N LEU D 463 54.09 -4.11 -91.10
CA LEU D 463 53.19 -5.19 -90.78
C LEU D 463 53.93 -6.43 -90.31
N ALA D 464 55.19 -6.61 -90.73
CA ALA D 464 55.95 -7.82 -90.42
C ALA D 464 56.34 -7.89 -88.97
N MET D 465 56.65 -6.76 -88.38
CA MET D 465 57.13 -6.75 -87.00
C MET D 465 56.01 -6.59 -85.99
N ILE D 466 54.95 -5.87 -86.35
CA ILE D 466 53.92 -5.57 -85.35
C ILE D 466 53.03 -6.75 -85.07
N LYS D 467 52.88 -7.63 -86.04
CA LYS D 467 52.19 -8.89 -85.81
C LYS D 467 53.02 -9.75 -84.83
N LEU D 468 54.33 -9.78 -85.03
CA LEU D 468 55.25 -10.46 -84.14
C LEU D 468 55.22 -9.86 -82.74
N ARG D 469 55.10 -8.53 -82.66
CA ARG D 469 55.12 -7.83 -81.36
C ARG D 469 53.81 -8.02 -80.55
N ILE D 470 52.67 -7.94 -81.24
CA ILE D 470 51.39 -8.21 -80.60
C ILE D 470 51.31 -9.70 -80.21
N ALA D 471 51.88 -10.58 -81.01
CA ALA D 471 51.95 -12.00 -80.64
C ALA D 471 52.94 -12.23 -79.49
N ASN D 472 54.05 -11.47 -79.46
CA ASN D 472 55.12 -11.73 -78.54
C ASN D 472 54.90 -11.06 -77.18
N ALA D 473 53.94 -10.13 -77.11
CA ALA D 473 53.52 -9.57 -75.84
C ALA D 473 52.70 -10.59 -75.02
N ILE D 474 51.84 -11.35 -75.69
CA ILE D 474 51.10 -12.41 -75.03
C ILE D 474 51.95 -13.67 -75.15
N GLY D 475 51.55 -14.74 -74.48
CA GLY D 475 52.38 -15.95 -74.38
C GLY D 475 52.39 -16.85 -75.60
N ILE D 476 52.95 -16.36 -76.70
CA ILE D 476 53.08 -17.15 -77.93
C ILE D 476 54.56 -17.43 -78.17
N ASP D 477 54.87 -18.64 -78.61
CA ASP D 477 56.24 -19.05 -78.97
C ASP D 477 56.86 -18.18 -80.07
N THR D 478 56.08 -17.83 -81.09
CA THR D 478 56.50 -16.97 -82.21
C THR D 478 57.67 -17.53 -82.97
N SER D 479 57.71 -18.85 -83.09
CA SER D 479 58.85 -19.56 -83.69
C SER D 479 58.34 -20.63 -84.65
N GLY D 480 57.52 -20.19 -85.59
CA GLY D 480 56.87 -21.07 -86.55
C GLY D 480 55.47 -20.53 -86.79
N ILE D 481 55.00 -19.78 -85.80
CA ILE D 481 53.83 -18.93 -85.91
C ILE D 481 54.02 -17.86 -86.97
N LEU D 482 55.25 -17.36 -87.11
CA LEU D 482 55.55 -16.27 -88.02
C LEU D 482 56.56 -16.72 -89.06
N LEU D 483 56.40 -16.26 -90.30
CA LEU D 483 57.34 -16.59 -91.35
C LEU D 483 58.65 -15.83 -91.17
N THR D 484 59.77 -16.53 -91.37
CA THR D 484 61.06 -15.88 -91.60
C THR D 484 61.44 -15.83 -93.08
N GLU D 485 61.62 -17.00 -93.70
CA GLU D 485 62.01 -17.06 -95.14
C GLU D 485 61.42 -18.28 -95.79
N GLU E 3 37.32 -86.95 -61.64
CA GLU E 3 35.92 -87.34 -61.33
C GLU E 3 35.63 -87.09 -59.86
N LYS E 4 36.68 -86.75 -59.11
CA LYS E 4 36.52 -86.20 -57.77
C LYS E 4 37.04 -84.78 -57.72
N ARG E 5 36.21 -83.85 -57.24
CA ARG E 5 36.60 -82.48 -57.04
C ARG E 5 37.56 -82.36 -55.89
N THR E 6 38.74 -81.80 -56.16
CA THR E 6 39.77 -81.65 -55.15
C THR E 6 40.07 -80.18 -54.99
N GLY E 7 41.10 -79.86 -54.23
CA GLY E 7 41.48 -78.47 -54.09
C GLY E 7 40.48 -77.76 -53.20
N LEU E 8 40.00 -76.63 -53.68
CA LEU E 8 39.16 -75.77 -52.86
C LEU E 8 37.75 -76.27 -52.76
N ALA E 9 37.37 -77.14 -53.68
CA ALA E 9 36.00 -77.65 -53.78
C ALA E 9 35.88 -79.02 -53.18
N GLU E 10 36.55 -79.25 -52.06
CA GLU E 10 36.73 -80.59 -51.50
C GLU E 10 35.45 -81.17 -50.98
N ASP E 11 34.55 -80.34 -50.49
CA ASP E 11 33.34 -80.87 -49.91
C ASP E 11 31.99 -80.47 -50.50
N GLY E 12 31.93 -80.21 -51.80
CA GLY E 12 30.65 -79.83 -52.45
C GLY E 12 30.29 -78.37 -52.20
N ALA E 13 29.28 -77.90 -52.90
CA ALA E 13 28.94 -76.48 -52.92
C ALA E 13 28.08 -76.04 -51.74
N LYS E 14 27.17 -76.88 -51.32
CA LYS E 14 26.36 -76.58 -50.16
C LYS E 14 27.19 -76.45 -48.90
N SER E 15 28.21 -77.28 -48.75
CA SER E 15 29.08 -77.20 -47.62
C SER E 15 29.88 -75.90 -47.59
N VAL E 16 30.39 -75.50 -48.73
CA VAL E 16 31.17 -74.29 -48.80
C VAL E 16 30.25 -73.11 -48.53
N TYR E 17 29.03 -73.18 -49.05
CA TYR E 17 28.07 -72.09 -48.88
C TYR E 17 27.68 -71.91 -47.41
N GLU E 18 27.38 -73.01 -46.74
CA GLU E 18 27.04 -72.91 -45.35
C GLU E 18 28.22 -72.55 -44.50
N ARG E 19 29.43 -72.85 -44.95
CA ARG E 19 30.61 -72.47 -44.16
C ARG E 19 30.90 -70.98 -44.28
N LEU E 20 30.69 -70.41 -45.46
CA LEU E 20 31.01 -69.04 -45.67
C LEU E 20 29.84 -68.10 -45.33
N LYS E 21 28.66 -68.65 -45.06
CA LYS E 21 27.52 -67.83 -44.69
C LYS E 21 27.77 -67.06 -43.40
N ASN E 22 28.57 -67.63 -42.48
CA ASN E 22 28.90 -66.95 -41.24
C ASN E 22 29.65 -65.65 -41.48
N ASP E 23 30.63 -65.70 -42.37
CA ASP E 23 31.33 -64.48 -42.68
C ASP E 23 30.53 -63.59 -43.61
N ARG E 24 29.50 -64.11 -44.26
CA ARG E 24 28.64 -63.23 -45.03
C ARG E 24 27.80 -62.41 -44.12
N ALA E 25 27.35 -62.98 -43.03
CA ALA E 25 26.26 -62.42 -42.19
C ALA E 25 26.30 -60.94 -41.76
N PRO E 26 27.44 -60.39 -41.38
CA PRO E 26 27.40 -59.05 -40.90
C PRO E 26 27.09 -58.05 -41.99
N TYR E 27 27.54 -58.31 -43.20
CA TYR E 27 27.22 -57.45 -44.30
C TYR E 27 25.73 -57.47 -44.54
N GLU E 28 25.12 -58.62 -44.34
CA GLU E 28 23.69 -58.73 -44.49
C GLU E 28 22.95 -57.94 -43.42
N THR E 29 23.51 -57.90 -42.21
CA THR E 29 22.91 -57.14 -41.15
C THR E 29 22.97 -55.66 -41.45
N ARG E 30 24.12 -55.22 -41.97
CA ARG E 30 24.26 -53.82 -42.39
C ARG E 30 23.27 -53.52 -43.47
N ALA E 31 23.06 -54.44 -44.38
CA ALA E 31 22.11 -54.22 -45.45
C ALA E 31 20.71 -54.05 -44.89
N GLN E 32 20.37 -54.82 -43.90
CA GLN E 32 19.07 -54.72 -43.34
C GLN E 32 18.87 -53.38 -42.68
N ASN E 33 19.87 -52.91 -41.97
CA ASN E 33 19.76 -51.64 -41.29
C ASN E 33 19.64 -50.49 -42.29
N CYS E 34 20.47 -50.49 -43.34
CA CYS E 34 20.42 -49.46 -44.31
C CYS E 34 19.07 -49.46 -45.05
N ALA E 35 18.54 -50.62 -45.22
CA ALA E 35 17.25 -50.74 -45.85
C ALA E 35 16.16 -50.20 -44.92
N GLN E 36 16.28 -50.41 -43.62
CA GLN E 36 15.26 -49.98 -42.68
C GLN E 36 15.23 -48.51 -42.58
N TYR E 37 16.33 -47.86 -42.88
CA TYR E 37 16.31 -46.38 -42.82
C TYR E 37 16.07 -45.78 -44.16
N THR E 38 16.18 -46.50 -45.28
CA THR E 38 16.00 -45.84 -46.60
C THR E 38 14.80 -46.18 -47.34
N ILE E 39 14.68 -47.40 -47.71
CA ILE E 39 13.44 -47.92 -48.38
C ILE E 39 13.36 -49.38 -47.94
N PRO E 40 12.34 -49.73 -47.20
CA PRO E 40 12.41 -50.97 -46.44
C PRO E 40 12.27 -52.16 -47.27
N SER E 41 11.58 -52.11 -48.39
CA SER E 41 11.41 -53.28 -49.17
C SER E 41 12.61 -53.76 -49.89
N LEU E 42 13.60 -52.89 -50.07
CA LEU E 42 14.72 -53.10 -51.05
C LEU E 42 15.66 -54.10 -50.59
N PHE E 43 15.59 -54.52 -49.33
CA PHE E 43 16.37 -55.70 -48.87
C PHE E 43 15.63 -56.24 -47.69
N PRO E 44 14.87 -57.32 -47.84
CA PRO E 44 14.18 -57.91 -46.73
C PRO E 44 15.11 -58.62 -45.80
N LYS E 45 14.57 -59.03 -44.64
CA LYS E 45 15.30 -59.98 -43.77
C LYS E 45 15.02 -61.38 -44.22
N ASP E 46 15.79 -62.33 -43.72
CA ASP E 46 15.67 -63.66 -44.31
C ASP E 46 14.38 -64.37 -43.84
N SER E 47 13.95 -64.04 -42.64
CA SER E 47 12.70 -64.56 -42.15
C SER E 47 11.54 -63.69 -42.63
N ASP E 48 11.72 -62.38 -42.58
CA ASP E 48 10.64 -61.45 -42.84
C ASP E 48 10.31 -61.34 -44.31
N ASN E 49 9.79 -62.43 -44.82
CA ASN E 49 9.21 -62.43 -46.15
C ASN E 49 7.74 -62.80 -46.07
N ALA E 50 7.00 -62.44 -47.11
CA ALA E 50 5.75 -63.09 -47.40
C ALA E 50 4.81 -62.56 -46.33
N SER E 51 4.29 -61.40 -46.68
CA SER E 51 3.21 -60.78 -45.91
C SER E 51 3.67 -60.21 -44.59
N THR E 52 4.62 -59.27 -44.69
CA THR E 52 5.28 -58.74 -43.56
C THR E 52 5.13 -57.28 -43.41
N ASP E 53 4.58 -56.60 -44.41
CA ASP E 53 4.14 -55.19 -44.22
C ASP E 53 5.22 -54.28 -43.78
N TYR E 54 6.12 -53.98 -44.70
CA TYR E 54 7.22 -53.05 -44.43
C TYR E 54 6.71 -51.67 -44.12
N GLN E 55 7.34 -51.00 -43.18
CA GLN E 55 6.86 -49.71 -42.70
C GLN E 55 7.68 -48.63 -43.21
N THR E 56 7.12 -47.49 -43.53
CA THR E 56 7.99 -46.39 -44.10
C THR E 56 8.73 -45.73 -43.10
N PRO E 57 9.86 -45.22 -43.47
CA PRO E 57 10.67 -44.67 -42.43
C PRO E 57 10.16 -43.33 -42.14
N TRP E 58 10.49 -42.81 -40.94
CA TRP E 58 9.93 -41.57 -40.54
C TRP E 58 10.49 -40.43 -41.33
N GLN E 59 11.75 -40.58 -41.73
CA GLN E 59 12.41 -39.62 -42.58
C GLN E 59 12.25 -39.91 -44.02
N ALA E 60 12.27 -38.86 -44.86
CA ALA E 60 12.08 -39.07 -46.24
C ALA E 60 13.31 -38.85 -47.13
N VAL E 61 14.39 -38.43 -46.51
CA VAL E 61 15.58 -38.12 -47.23
C VAL E 61 16.28 -39.34 -47.65
N GLY E 62 16.14 -40.40 -46.90
CA GLY E 62 16.76 -41.65 -47.29
C GLY E 62 16.10 -42.24 -48.50
N ALA E 63 14.80 -42.21 -48.50
CA ALA E 63 14.07 -42.81 -49.60
C ALA E 63 14.29 -42.07 -50.92
N ARG E 64 14.30 -40.74 -50.86
CA ARG E 64 14.57 -39.96 -52.01
C ARG E 64 15.98 -40.16 -52.45
N GLY E 65 16.86 -40.24 -51.47
CA GLY E 65 18.31 -40.22 -51.73
C GLY E 65 18.79 -41.45 -52.42
N LEU E 66 18.26 -42.64 -52.03
CA LEU E 66 18.73 -43.90 -52.62
C LEU E 66 18.32 -43.94 -54.06
N ASN E 67 17.08 -43.56 -54.37
CA ASN E 67 16.65 -43.61 -55.74
C ASN E 67 17.34 -42.57 -56.58
N ASN E 68 17.59 -41.39 -56.05
CA ASN E 68 18.27 -40.35 -56.83
C ASN E 68 19.65 -40.76 -57.14
N LEU E 69 20.33 -41.40 -56.19
CA LEU E 69 21.74 -41.77 -56.39
C LEU E 69 21.83 -42.91 -57.38
N ALA E 70 20.91 -43.86 -57.31
CA ALA E 70 20.92 -44.94 -58.27
C ALA E 70 20.58 -44.42 -59.69
N SER E 71 19.68 -43.46 -59.78
CA SER E 71 19.33 -42.93 -61.07
C SER E 71 20.48 -42.14 -61.69
N LYS E 72 21.19 -41.36 -60.90
CA LYS E 72 22.29 -40.58 -61.46
C LYS E 72 23.42 -41.47 -61.83
N LEU E 73 23.66 -42.55 -61.06
CA LEU E 73 24.68 -43.54 -61.45
C LEU E 73 24.31 -44.22 -62.73
N MET E 74 23.04 -44.46 -62.97
CA MET E 74 22.72 -45.10 -64.21
C MET E 74 22.79 -44.15 -65.38
N LEU E 75 22.45 -42.87 -65.16
CA LEU E 75 22.57 -41.81 -66.19
C LEU E 75 24.02 -41.58 -66.58
N ALA E 76 24.95 -41.87 -65.69
CA ALA E 76 26.33 -41.68 -66.07
C ALA E 76 27.08 -42.93 -66.37
N LEU E 77 26.49 -44.07 -66.14
CA LEU E 77 27.22 -45.32 -66.38
C LEU E 77 26.66 -46.17 -67.50
N PHE E 78 25.37 -46.06 -67.83
CA PHE E 78 24.83 -46.79 -68.95
C PHE E 78 23.87 -45.93 -69.72
N PRO E 79 24.36 -44.95 -70.46
CA PRO E 79 23.45 -44.08 -71.18
C PRO E 79 22.91 -44.66 -72.50
N MET E 80 22.24 -43.78 -73.26
CA MET E 80 21.72 -44.11 -74.58
C MET E 80 22.86 -44.28 -75.58
N GLN E 81 23.95 -43.55 -75.33
CA GLN E 81 25.10 -43.48 -76.26
C GLN E 81 25.94 -44.71 -76.22
N THR E 82 27.02 -44.68 -77.00
CA THR E 82 28.05 -45.68 -76.87
C THR E 82 28.84 -45.36 -75.65
N TRP E 83 28.96 -46.34 -74.73
CA TRP E 83 29.67 -46.09 -73.49
C TRP E 83 30.91 -46.90 -73.28
N MET E 84 31.21 -47.83 -74.20
CA MET E 84 32.50 -48.51 -74.13
C MET E 84 33.35 -48.01 -75.28
N ARG E 85 34.63 -48.31 -75.21
CA ARG E 85 35.54 -47.94 -76.28
C ARG E 85 36.47 -49.11 -76.56
N LEU E 86 36.60 -49.47 -77.82
CA LEU E 86 37.44 -50.59 -78.25
C LEU E 86 38.61 -50.07 -79.08
N THR E 87 39.84 -50.25 -78.58
CA THR E 87 41.01 -49.64 -79.20
C THR E 87 42.13 -50.66 -79.31
N ILE E 88 43.27 -50.20 -79.86
CA ILE E 88 44.39 -51.08 -80.25
C ILE E 88 45.69 -50.61 -79.59
N SER E 89 46.50 -51.52 -79.08
CA SER E 89 47.75 -51.09 -78.42
C SER E 89 48.91 -52.03 -78.70
N GLU E 90 50.14 -51.50 -78.64
CA GLU E 90 51.44 -52.25 -78.74
C GLU E 90 51.81 -52.99 -80.02
N TYR E 91 50.93 -52.92 -80.98
CA TYR E 91 51.19 -53.36 -82.35
C TYR E 91 50.67 -52.32 -83.36
N GLU E 92 49.96 -51.30 -82.87
CA GLU E 92 49.50 -50.18 -83.69
C GLU E 92 50.66 -49.25 -84.03
N ALA E 93 51.76 -49.35 -83.28
CA ALA E 93 53.00 -48.63 -83.60
C ALA E 93 53.61 -49.07 -84.94
N LYS E 94 53.31 -50.32 -85.33
CA LYS E 94 53.58 -50.78 -86.68
C LYS E 94 52.64 -50.07 -87.68
N GLN E 95 51.41 -49.83 -87.23
CA GLN E 95 50.31 -49.54 -88.13
C GLN E 95 49.96 -48.08 -88.17
N LEU E 96 50.03 -47.40 -87.04
CA LEU E 96 49.58 -46.01 -86.95
C LEU E 96 50.64 -45.03 -87.41
N LEU E 97 51.84 -45.53 -87.69
CA LEU E 97 52.93 -44.67 -88.15
C LEU E 97 52.60 -44.12 -89.56
N SER E 98 52.26 -45.03 -90.46
CA SER E 98 51.80 -44.68 -91.79
C SER E 98 50.28 -44.84 -91.84
N ASP E 99 49.71 -44.58 -93.03
CA ASP E 99 48.30 -44.76 -93.36
C ASP E 99 47.34 -44.09 -92.36
N PRO E 100 47.20 -42.74 -92.39
CA PRO E 100 46.07 -42.16 -91.64
C PRO E 100 44.72 -42.52 -92.29
N ASP E 101 44.76 -42.91 -93.56
CA ASP E 101 43.62 -43.54 -94.21
C ASP E 101 43.50 -45.05 -93.92
N GLY E 102 44.45 -45.59 -93.18
CA GLY E 102 44.48 -47.03 -92.95
C GLY E 102 43.75 -47.51 -91.73
N LEU E 103 43.78 -46.70 -90.67
CA LEU E 103 43.08 -47.03 -89.47
C LEU E 103 41.60 -46.71 -89.54
N ALA E 104 41.14 -46.14 -90.65
CA ALA E 104 39.73 -45.83 -90.84
C ALA E 104 38.88 -47.11 -90.98
N LYS E 105 39.45 -48.13 -91.63
CA LYS E 105 38.79 -49.43 -91.72
C LYS E 105 38.67 -50.10 -90.35
N VAL E 106 39.70 -49.91 -89.54
CA VAL E 106 39.73 -50.43 -88.18
C VAL E 106 38.67 -49.72 -87.32
N ASP E 107 38.54 -48.41 -87.52
CA ASP E 107 37.52 -47.63 -86.83
C ASP E 107 36.15 -48.11 -87.21
N GLU E 108 35.93 -48.39 -88.50
CA GLU E 108 34.62 -48.84 -88.94
C GLU E 108 34.29 -50.22 -88.36
N GLY E 109 35.28 -51.11 -88.34
CA GLY E 109 35.10 -52.48 -87.81
C GLY E 109 34.77 -52.44 -86.30
N LEU E 110 35.53 -51.63 -85.56
CA LEU E 110 35.29 -51.56 -84.13
C LEU E 110 34.02 -50.83 -83.77
N SER E 111 33.62 -49.84 -84.57
CA SER E 111 32.32 -49.21 -84.35
C SER E 111 31.17 -50.17 -84.65
N MET E 112 31.38 -51.06 -85.62
CA MET E 112 30.43 -52.12 -85.88
C MET E 112 30.30 -53.03 -84.65
N VAL E 113 31.43 -53.39 -84.03
CA VAL E 113 31.40 -54.29 -82.88
C VAL E 113 30.77 -53.61 -81.67
N GLU E 114 31.05 -52.32 -81.50
CA GLU E 114 30.42 -51.56 -80.42
C GLU E 114 28.92 -51.41 -80.60
N ARG E 115 28.50 -51.22 -81.84
CA ARG E 115 27.09 -51.13 -82.10
C ARG E 115 26.41 -52.46 -81.84
N ILE E 116 27.07 -53.58 -82.12
CA ILE E 116 26.42 -54.86 -81.94
C ILE E 116 26.33 -55.26 -80.48
N ILE E 117 27.33 -54.85 -79.73
CA ILE E 117 27.24 -55.04 -78.27
C ILE E 117 26.08 -54.16 -77.70
N MET E 118 26.01 -52.89 -78.11
CA MET E 118 24.95 -51.99 -77.66
C MET E 118 23.57 -52.49 -78.05
N ASN E 119 23.47 -53.12 -79.20
CA ASN E 119 22.18 -53.64 -79.62
C ASN E 119 21.77 -54.79 -78.76
N TYR E 120 22.75 -55.62 -78.40
CA TYR E 120 22.45 -56.74 -77.50
C TYR E 120 22.11 -56.24 -76.11
N ILE E 121 22.64 -55.08 -75.71
CA ILE E 121 22.24 -54.44 -74.47
C ILE E 121 20.76 -54.02 -74.54
N GLU E 122 20.37 -53.31 -75.59
CA GLU E 122 19.02 -52.76 -75.63
C GLU E 122 17.98 -53.84 -75.74
N SER E 123 18.32 -54.94 -76.41
CA SER E 123 17.30 -55.93 -76.72
C SER E 123 16.95 -56.79 -75.55
N ASN E 124 17.94 -57.20 -74.83
CA ASN E 124 17.72 -58.17 -73.81
C ASN E 124 17.38 -57.60 -72.46
N SER E 125 17.10 -56.31 -72.39
CA SER E 125 16.73 -55.66 -71.15
C SER E 125 17.82 -55.82 -70.11
N TYR E 126 19.01 -55.34 -70.39
CA TYR E 126 19.97 -55.18 -69.33
C TYR E 126 19.73 -53.89 -68.57
N ARG E 127 18.93 -52.94 -69.10
CA ARG E 127 18.78 -51.68 -68.40
C ARG E 127 18.00 -51.84 -67.11
N VAL E 128 16.99 -52.71 -67.18
CA VAL E 128 16.13 -52.95 -66.02
C VAL E 128 16.94 -53.67 -64.90
N THR E 129 17.69 -54.69 -65.26
CA THR E 129 18.42 -55.40 -64.26
C THR E 129 19.63 -54.62 -63.74
N LEU E 130 20.16 -53.73 -64.56
CA LEU E 130 21.21 -52.93 -64.06
C LEU E 130 20.70 -51.88 -63.13
N PHE E 131 19.49 -51.37 -63.33
CA PHE E 131 18.97 -50.39 -62.39
C PHE E 131 18.70 -51.03 -61.05
N GLU E 132 18.18 -52.24 -61.09
CA GLU E 132 17.98 -53.01 -59.88
C GLU E 132 19.34 -53.30 -59.17
N ALA E 133 20.35 -53.61 -59.94
CA ALA E 133 21.62 -53.90 -59.37
C ALA E 133 22.22 -52.68 -58.78
N LEU E 134 21.99 -51.51 -59.36
CA LEU E 134 22.53 -50.30 -58.78
C LEU E 134 21.81 -49.95 -57.46
N LYS E 135 20.49 -50.17 -57.36
CA LYS E 135 19.83 -49.93 -56.12
C LYS E 135 20.36 -50.89 -55.05
N GLN E 136 20.64 -52.15 -55.42
CA GLN E 136 21.24 -53.07 -54.46
C GLN E 136 22.62 -52.65 -54.07
N LEU E 137 23.37 -52.10 -55.00
CA LEU E 137 24.76 -51.76 -54.74
C LEU E 137 24.87 -50.49 -53.94
N VAL E 138 23.81 -49.69 -53.89
CA VAL E 138 23.85 -48.51 -53.05
C VAL E 138 23.31 -48.84 -51.68
N VAL E 139 22.23 -49.59 -51.56
CA VAL E 139 21.75 -49.87 -50.24
C VAL E 139 22.55 -50.94 -49.56
N ALA E 140 23.00 -51.94 -50.25
CA ALA E 140 23.78 -52.99 -49.64
C ALA E 140 25.13 -52.95 -50.31
N GLY E 141 26.00 -53.84 -49.92
CA GLY E 141 27.37 -53.67 -50.32
C GLY E 141 27.77 -54.54 -51.46
N ASN E 142 26.96 -55.51 -51.83
CA ASN E 142 27.45 -56.47 -52.74
C ASN E 142 26.34 -56.99 -53.65
N VAL E 143 26.59 -57.03 -54.95
CA VAL E 143 25.64 -57.60 -55.91
C VAL E 143 26.40 -58.61 -56.72
N LEU E 144 25.70 -59.57 -57.30
CA LEU E 144 26.37 -60.58 -58.17
C LEU E 144 25.57 -60.70 -59.44
N LEU E 145 26.12 -60.23 -60.56
CA LEU E 145 25.43 -60.39 -61.82
C LEU E 145 25.93 -61.67 -62.48
N TYR E 146 25.04 -62.28 -63.26
CA TYR E 146 25.44 -63.40 -64.09
C TYR E 146 24.63 -63.39 -65.34
N LEU E 147 25.37 -63.24 -66.45
CA LEU E 147 24.84 -63.33 -67.76
C LEU E 147 25.20 -64.69 -68.38
N PRO E 148 24.19 -65.46 -68.83
CA PRO E 148 24.41 -66.80 -69.30
C PRO E 148 24.96 -66.83 -70.70
N GLU E 149 25.13 -68.04 -71.25
CA GLU E 149 25.38 -68.17 -72.69
C GLU E 149 24.13 -67.79 -73.44
N PRO E 150 24.25 -67.09 -74.57
CA PRO E 150 23.04 -66.63 -75.26
C PRO E 150 22.24 -67.75 -75.91
N GLU E 151 22.91 -68.70 -76.55
CA GLU E 151 22.23 -69.89 -77.12
C GLU E 151 21.12 -69.54 -78.11
N GLY E 152 21.33 -68.44 -78.84
CA GLY E 152 20.39 -67.97 -79.82
C GLY E 152 20.09 -66.52 -79.62
N SER E 153 19.37 -65.94 -80.58
CA SER E 153 19.00 -64.53 -80.54
C SER E 153 17.62 -64.31 -79.90
N ASN E 154 17.13 -65.32 -79.20
CA ASN E 154 15.90 -65.20 -78.41
C ASN E 154 16.16 -64.39 -77.12
N TYR E 155 15.15 -64.28 -76.27
CA TYR E 155 15.26 -63.40 -75.12
C TYR E 155 16.13 -63.99 -74.02
N ASN E 156 17.21 -63.29 -73.65
CA ASN E 156 18.09 -63.74 -72.58
C ASN E 156 18.44 -62.60 -71.67
N PRO E 157 17.71 -62.43 -70.58
CA PRO E 157 18.02 -61.37 -69.64
C PRO E 157 19.14 -61.79 -68.72
N MET E 158 19.48 -60.93 -67.75
CA MET E 158 20.62 -61.22 -66.87
C MET E 158 20.21 -61.52 -65.46
N LYS E 159 20.59 -62.68 -64.93
CA LYS E 159 20.13 -63.08 -63.60
C LYS E 159 20.91 -62.34 -62.55
N LEU E 160 20.18 -61.63 -61.70
CA LEU E 160 20.80 -60.87 -60.61
C LEU E 160 20.86 -61.76 -59.38
N TYR E 161 21.75 -61.42 -58.48
CA TYR E 161 21.79 -62.10 -57.22
C TYR E 161 22.03 -61.06 -56.15
N ARG E 162 21.01 -60.84 -55.31
CA ARG E 162 21.19 -60.00 -54.15
C ARG E 162 21.95 -60.79 -53.07
N LEU E 163 22.35 -60.08 -52.01
CA LEU E 163 23.42 -60.53 -51.14
C LEU E 163 23.06 -61.74 -50.39
N SER E 164 21.78 -61.99 -50.21
CA SER E 164 21.34 -63.16 -49.40
C SER E 164 21.57 -64.49 -50.08
N SER E 165 21.76 -64.51 -51.38
CA SER E 165 21.69 -65.75 -52.08
C SER E 165 23.00 -66.16 -52.70
N TYR E 166 24.10 -65.49 -52.38
CA TYR E 166 25.40 -65.93 -52.88
C TYR E 166 26.47 -65.69 -51.85
N VAL E 167 27.69 -66.09 -52.16
CA VAL E 167 28.73 -65.88 -51.25
C VAL E 167 30.05 -65.76 -52.02
N VAL E 168 31.02 -65.00 -51.52
CA VAL E 168 32.29 -64.79 -52.20
C VAL E 168 33.42 -64.79 -51.20
N GLN E 169 34.44 -65.61 -51.43
CA GLN E 169 35.65 -65.59 -50.61
C GLN E 169 36.78 -64.97 -51.43
N ARG E 170 37.54 -64.09 -50.79
CA ARG E 170 38.65 -63.42 -51.43
C ARG E 170 39.91 -63.62 -50.60
N ASP E 171 41.04 -63.19 -51.14
CA ASP E 171 42.29 -63.08 -50.41
C ASP E 171 42.49 -61.63 -50.01
N ALA E 172 43.68 -61.27 -49.54
CA ALA E 172 43.87 -59.87 -49.17
C ALA E 172 44.14 -58.97 -50.35
N PHE E 173 44.37 -59.52 -51.54
CA PHE E 173 44.31 -58.70 -52.73
C PHE E 173 42.88 -58.27 -53.07
N GLY E 174 42.06 -59.24 -53.42
CA GLY E 174 40.80 -58.98 -54.04
C GLY E 174 40.64 -59.95 -55.18
N ASN E 175 41.56 -60.91 -55.27
CA ASN E 175 41.39 -62.01 -56.16
C ASN E 175 40.23 -62.82 -55.65
N VAL E 176 39.24 -63.05 -56.51
CA VAL E 176 38.13 -63.89 -56.14
C VAL E 176 38.56 -65.35 -56.16
N LEU E 177 38.61 -65.99 -55.00
CA LEU E 177 38.98 -67.38 -54.97
C LEU E 177 37.78 -68.27 -55.34
N GLN E 178 36.66 -68.05 -54.69
CA GLN E 178 35.49 -68.87 -54.94
C GLN E 178 34.17 -68.17 -54.71
N MET E 179 33.15 -68.57 -55.47
CA MET E 179 31.86 -68.09 -55.29
C MET E 179 30.86 -69.32 -55.24
N VAL E 180 29.76 -69.18 -54.51
CA VAL E 180 28.70 -70.09 -54.60
C VAL E 180 27.39 -69.34 -54.64
N THR E 181 26.50 -69.65 -55.59
CA THR E 181 25.17 -69.08 -55.65
C THR E 181 24.10 -70.06 -55.28
N ARG E 182 22.95 -69.60 -54.83
CA ARG E 182 21.98 -70.43 -54.14
C ARG E 182 20.61 -70.13 -54.72
N ASP E 183 20.48 -70.30 -56.03
CA ASP E 183 19.16 -70.16 -56.64
C ASP E 183 18.23 -71.23 -56.12
N GLN E 184 16.97 -70.80 -55.90
CA GLN E 184 15.92 -71.68 -55.50
C GLN E 184 14.84 -71.74 -56.62
N ILE E 185 14.85 -72.80 -57.41
CA ILE E 185 13.97 -72.89 -58.57
C ILE E 185 12.97 -73.98 -58.32
N ALA E 186 11.78 -73.85 -58.89
CA ALA E 186 10.81 -74.96 -58.83
C ALA E 186 11.25 -76.11 -59.73
N PHE E 187 10.82 -77.32 -59.39
CA PHE E 187 11.10 -78.51 -60.19
C PHE E 187 10.48 -78.45 -61.56
N GLY E 188 9.40 -77.71 -61.72
CA GLY E 188 8.73 -77.62 -62.99
C GLY E 188 9.46 -76.76 -63.99
N ALA E 189 10.07 -75.69 -63.51
CA ALA E 189 10.69 -74.73 -64.40
C ALA E 189 12.20 -74.87 -64.45
N LEU E 190 12.71 -76.06 -64.14
CA LEU E 190 14.14 -76.30 -64.22
C LEU E 190 14.60 -76.37 -65.67
N PRO E 191 15.89 -76.11 -65.92
CA PRO E 191 16.49 -76.58 -67.18
C PRO E 191 16.43 -78.12 -67.29
N GLU E 192 16.42 -78.61 -68.53
CA GLU E 192 16.07 -79.99 -68.80
C GLU E 192 17.10 -80.98 -68.30
N ASP E 193 18.36 -80.59 -68.37
CA ASP E 193 19.43 -81.46 -67.90
C ASP E 193 19.41 -81.63 -66.37
N ILE E 194 18.98 -80.60 -65.68
CA ILE E 194 18.98 -80.66 -64.23
C ILE E 194 17.82 -81.52 -63.72
N ARG E 195 16.72 -81.56 -64.47
CA ARG E 195 15.57 -82.38 -64.06
C ARG E 195 15.91 -83.85 -64.04
N LYS E 196 16.65 -84.30 -65.03
CA LYS E 196 17.05 -85.70 -65.07
C LYS E 196 18.08 -86.01 -63.99
N ALA E 197 18.95 -85.06 -63.69
CA ALA E 197 19.95 -85.24 -62.63
C ALA E 197 19.28 -85.34 -61.25
N VAL E 198 18.24 -84.54 -61.03
CA VAL E 198 17.51 -84.62 -59.78
C VAL E 198 16.68 -85.90 -59.73
N GLU E 199 16.05 -86.24 -60.84
CA GLU E 199 15.19 -87.42 -60.90
C GLU E 199 15.99 -88.70 -60.69
N GLY E 200 17.25 -88.69 -61.12
CA GLY E 200 18.14 -89.83 -60.90
C GLY E 200 18.47 -90.08 -59.43
N GLN E 201 18.36 -89.03 -58.61
CA GLN E 201 18.63 -89.16 -57.17
C GLN E 201 17.54 -90.03 -56.53
N GLY E 202 16.31 -89.95 -57.04
CA GLY E 202 15.27 -90.84 -56.58
C GLY E 202 14.14 -90.10 -55.88
N GLY E 203 13.02 -90.82 -55.78
CA GLY E 203 11.76 -90.29 -55.30
C GLY E 203 11.11 -89.40 -56.36
N GLU E 204 9.81 -89.58 -56.55
CA GLU E 204 9.07 -88.65 -57.41
C GLU E 204 8.97 -87.28 -56.73
N LYS E 205 8.75 -86.26 -57.53
CA LYS E 205 8.69 -84.91 -57.00
C LYS E 205 7.41 -84.26 -57.46
N LYS E 206 6.90 -83.35 -56.65
CA LYS E 206 5.75 -82.54 -57.09
C LYS E 206 6.21 -81.48 -58.06
N ALA E 207 5.28 -80.79 -58.69
CA ALA E 207 5.72 -79.74 -59.61
C ALA E 207 6.24 -78.50 -58.85
N ASP E 208 5.55 -78.01 -57.82
CA ASP E 208 5.96 -76.79 -57.18
C ASP E 208 6.84 -77.00 -56.01
N GLU E 209 7.37 -78.20 -55.83
CA GLU E 209 8.30 -78.47 -54.74
C GLU E 209 9.65 -77.80 -55.02
N THR E 210 10.10 -76.96 -54.10
CA THR E 210 11.26 -76.14 -54.35
C THR E 210 12.50 -76.97 -54.29
N ILE E 211 13.41 -76.69 -55.23
CA ILE E 211 14.69 -77.38 -55.29
C ILE E 211 15.78 -76.32 -55.30
N ASP E 212 16.68 -76.42 -54.33
CA ASP E 212 17.79 -75.51 -54.23
C ASP E 212 18.99 -76.03 -54.99
N VAL E 213 19.39 -75.32 -56.03
CA VAL E 213 20.63 -75.63 -56.68
C VAL E 213 21.73 -74.82 -56.02
N TYR E 214 22.96 -75.20 -56.29
CA TYR E 214 24.09 -74.41 -55.85
C TYR E 214 25.08 -74.36 -56.99
N THR E 215 25.58 -73.19 -57.32
CA THR E 215 26.57 -73.09 -58.36
C THR E 215 27.87 -72.69 -57.72
N HIS E 216 28.91 -73.46 -57.99
CA HIS E 216 30.21 -73.24 -57.37
C HIS E 216 31.24 -72.91 -58.43
N ILE E 217 32.01 -71.85 -58.19
CA ILE E 217 33.07 -71.39 -59.07
C ILE E 217 34.31 -71.29 -58.20
N TYR E 218 35.42 -71.92 -58.62
CA TYR E 218 36.62 -71.95 -57.77
C TYR E 218 37.89 -71.87 -58.55
N LEU E 219 38.92 -71.28 -57.93
CA LEU E 219 40.28 -71.30 -58.51
C LEU E 219 40.86 -72.69 -58.44
N ASP E 220 41.58 -73.03 -59.51
CA ASP E 220 42.19 -74.34 -59.58
C ASP E 220 43.48 -74.35 -58.79
N GLU E 221 43.81 -75.51 -58.24
CA GLU E 221 45.09 -75.73 -57.63
C GLU E 221 46.19 -75.89 -58.68
N ASP E 222 45.81 -76.23 -59.92
CA ASP E 222 46.77 -76.48 -60.98
C ASP E 222 47.00 -75.22 -61.81
N SER E 223 45.95 -74.71 -62.43
CA SER E 223 46.10 -73.62 -63.37
C SER E 223 45.41 -72.37 -62.87
N GLY E 224 45.60 -71.28 -63.62
CA GLY E 224 45.03 -70.00 -63.25
C GLY E 224 43.71 -69.71 -63.93
N GLU E 225 42.83 -70.70 -64.03
CA GLU E 225 41.52 -70.50 -64.63
C GLU E 225 40.44 -71.05 -63.68
N TYR E 226 39.22 -70.53 -63.78
CA TYR E 226 38.17 -70.95 -62.88
C TYR E 226 37.55 -72.27 -63.33
N LEU E 227 37.01 -73.02 -62.37
CA LEU E 227 36.19 -74.19 -62.66
C LEU E 227 34.82 -74.04 -62.03
N ARG E 228 33.76 -74.33 -62.77
CA ARG E 228 32.38 -74.26 -62.24
C ARG E 228 31.66 -75.58 -62.33
N TYR E 229 30.82 -75.84 -61.33
CA TYR E 229 29.89 -76.94 -61.36
C TYR E 229 28.66 -76.63 -60.63
N GLU E 230 27.62 -77.42 -60.87
CA GLU E 230 26.33 -77.26 -60.19
C GLU E 230 26.14 -78.41 -59.23
N GLU E 231 25.29 -78.20 -58.24
CA GLU E 231 25.03 -79.23 -57.27
C GLU E 231 23.59 -79.15 -56.83
N VAL E 232 22.92 -80.29 -56.81
CA VAL E 232 21.58 -80.40 -56.26
C VAL E 232 21.54 -81.57 -55.30
N GLU E 233 21.19 -81.29 -54.05
CA GLU E 233 20.89 -82.31 -53.08
C GLU E 233 22.15 -83.12 -52.67
N GLY E 234 23.33 -82.63 -53.03
CA GLY E 234 24.56 -83.26 -52.58
C GLY E 234 25.25 -84.11 -53.63
N MET E 235 25.19 -83.66 -54.88
CA MET E 235 25.78 -84.39 -55.97
C MET E 235 26.01 -83.45 -57.14
N GLU E 236 27.17 -83.55 -57.76
CA GLU E 236 27.50 -82.70 -58.89
C GLU E 236 26.62 -83.05 -60.13
N VAL E 237 26.02 -82.05 -60.72
CA VAL E 237 25.06 -82.24 -61.80
C VAL E 237 25.74 -82.66 -63.07
N GLN E 238 25.36 -83.83 -63.57
CA GLN E 238 25.94 -84.39 -64.80
C GLN E 238 25.65 -83.53 -65.99
N GLY E 239 26.68 -83.35 -66.82
CA GLY E 239 26.60 -82.47 -67.99
C GLY E 239 26.46 -80.99 -67.68
N SER E 240 27.00 -80.55 -66.53
CA SER E 240 26.98 -79.14 -66.19
C SER E 240 28.34 -78.60 -65.82
N ASP E 241 29.38 -79.32 -66.25
CA ASP E 241 30.77 -78.95 -65.98
C ASP E 241 31.10 -77.67 -66.70
N GLY E 242 32.08 -76.97 -66.17
CA GLY E 242 32.50 -75.74 -66.82
C GLY E 242 33.92 -75.33 -66.50
N THR E 243 34.59 -74.82 -67.52
CA THR E 243 35.92 -74.27 -67.38
C THR E 243 35.85 -72.87 -67.92
N TYR E 244 36.32 -71.91 -67.14
CA TYR E 244 36.24 -70.55 -67.55
C TYR E 244 37.62 -69.91 -67.54
N PRO E 245 37.92 -69.07 -68.55
CA PRO E 245 39.18 -68.34 -68.56
C PRO E 245 39.22 -67.24 -67.49
N LYS E 246 40.41 -66.73 -67.24
CA LYS E 246 40.66 -65.87 -66.08
C LYS E 246 39.95 -64.52 -66.19
N GLU E 247 39.80 -64.03 -67.40
CA GLU E 247 39.30 -62.68 -67.60
C GLU E 247 37.86 -62.60 -68.03
N ALA E 248 37.32 -63.71 -68.53
CA ALA E 248 35.98 -63.69 -69.12
C ALA E 248 35.00 -64.47 -68.24
N CYS E 249 35.08 -64.22 -66.95
CA CYS E 249 34.29 -64.92 -66.00
C CYS E 249 32.88 -64.37 -66.05
N PRO E 250 31.88 -65.23 -66.31
CA PRO E 250 30.54 -64.71 -66.50
C PRO E 250 29.88 -64.34 -65.17
N TYR E 251 30.40 -64.83 -64.04
CA TYR E 251 29.86 -64.42 -62.76
C TYR E 251 30.67 -63.17 -62.31
N ILE E 252 30.01 -62.02 -62.26
CA ILE E 252 30.66 -60.80 -61.96
C ILE E 252 30.21 -60.35 -60.55
N PRO E 253 31.10 -60.40 -59.55
CA PRO E 253 30.78 -59.86 -58.25
C PRO E 253 31.14 -58.38 -58.12
N ILE E 254 30.18 -57.54 -57.74
CA ILE E 254 30.38 -56.11 -57.74
C ILE E 254 30.31 -55.59 -56.33
N ARG E 255 31.32 -54.81 -55.94
CA ARG E 255 31.37 -54.11 -54.67
C ARG E 255 31.24 -52.61 -54.93
N MET E 256 30.57 -51.88 -54.05
CA MET E 256 30.51 -50.45 -54.19
C MET E 256 31.78 -49.79 -53.63
N VAL E 257 32.07 -49.96 -52.35
CA VAL E 257 33.24 -49.33 -51.75
C VAL E 257 34.13 -50.37 -51.21
N ARG E 258 35.33 -50.49 -51.77
CA ARG E 258 36.20 -51.60 -51.40
C ARG E 258 37.01 -51.28 -50.18
N LEU E 259 37.41 -52.32 -49.48
CA LEU E 259 38.32 -52.21 -48.31
C LEU E 259 39.36 -53.29 -48.42
N ASP E 260 40.51 -52.98 -47.85
CA ASP E 260 41.63 -53.86 -47.96
C ASP E 260 41.43 -55.10 -47.09
N GLY E 261 41.69 -56.28 -47.66
CA GLY E 261 41.69 -57.53 -46.90
C GLY E 261 40.34 -57.87 -46.35
N GLU E 262 39.36 -57.77 -47.21
CA GLU E 262 37.98 -57.90 -46.82
C GLU E 262 37.18 -58.34 -48.04
N SER E 263 36.47 -59.44 -47.90
CA SER E 263 35.97 -60.15 -49.08
C SER E 263 34.76 -59.57 -49.71
N TYR E 264 34.16 -58.57 -49.09
CA TYR E 264 32.87 -58.05 -49.54
C TYR E 264 32.93 -56.54 -49.68
N GLY E 265 31.78 -55.95 -49.87
CA GLY E 265 31.73 -54.51 -50.06
C GLY E 265 30.85 -53.88 -49.04
N ARG E 266 31.08 -52.60 -48.78
CA ARG E 266 30.21 -51.85 -47.87
C ARG E 266 29.50 -50.77 -48.60
N SER E 267 28.23 -50.65 -48.34
CA SER E 267 27.39 -49.78 -49.13
C SER E 267 27.75 -48.30 -48.91
N TYR E 268 27.29 -47.49 -49.83
CA TYR E 268 27.53 -46.05 -49.75
C TYR E 268 26.61 -45.46 -48.75
N ILE E 269 25.45 -46.06 -48.46
CA ILE E 269 24.55 -45.52 -47.47
C ILE E 269 25.07 -45.74 -46.05
N GLU E 270 25.94 -46.75 -45.89
CA GLU E 270 26.56 -47.04 -44.59
C GLU E 270 27.39 -45.86 -44.05
N GLU E 271 28.13 -45.23 -44.91
CA GLU E 271 28.92 -44.17 -44.52
C GLU E 271 28.13 -42.99 -44.10
N TYR E 272 26.92 -42.86 -44.50
CA TYR E 272 26.14 -41.75 -43.95
C TYR E 272 24.94 -42.30 -43.21
N LEU E 273 25.07 -43.46 -42.59
CA LEU E 273 23.92 -44.07 -41.91
C LEU E 273 23.53 -43.35 -40.67
N GLY E 274 24.49 -42.95 -39.88
CA GLY E 274 24.24 -42.43 -38.55
C GLY E 274 23.50 -41.08 -38.60
N ASP E 275 23.98 -40.13 -39.39
CA ASP E 275 23.24 -38.94 -39.59
C ASP E 275 21.95 -39.22 -40.28
N LEU E 276 21.84 -40.37 -40.90
CA LEU E 276 20.56 -40.79 -41.40
C LEU E 276 19.71 -41.13 -40.21
N ARG E 277 20.18 -42.00 -39.32
CA ARG E 277 19.33 -42.43 -38.18
C ARG E 277 19.12 -41.33 -37.19
N SER E 278 20.05 -40.42 -37.06
CA SER E 278 19.81 -39.28 -36.19
C SER E 278 18.79 -38.42 -36.77
N LEU E 279 18.59 -38.42 -38.08
CA LEU E 279 17.46 -37.73 -38.64
C LEU E 279 16.26 -38.40 -38.28
N GLU E 280 16.27 -39.73 -38.39
CA GLU E 280 15.09 -40.59 -38.18
C GLU E 280 14.47 -40.26 -36.83
N ASN E 281 15.24 -40.41 -35.74
CA ASN E 281 14.76 -40.16 -34.44
C ASN E 281 14.25 -38.77 -34.37
N LEU E 282 15.01 -37.85 -34.80
CA LEU E 282 14.70 -36.42 -34.62
C LEU E 282 13.54 -36.06 -35.41
N GLN E 283 13.22 -36.84 -36.37
CA GLN E 283 12.07 -36.51 -37.16
C GLN E 283 10.87 -37.24 -36.59
N GLU E 284 11.10 -38.44 -36.08
CA GLU E 284 10.05 -39.32 -35.57
C GLU E 284 9.26 -38.62 -34.55
N ALA E 285 9.97 -38.09 -33.56
CA ALA E 285 9.39 -37.35 -32.43
C ALA E 285 8.40 -36.36 -32.91
N ILE E 286 8.81 -35.63 -33.92
CA ILE E 286 8.07 -34.46 -34.39
C ILE E 286 6.71 -34.95 -34.82
N VAL E 287 6.67 -36.03 -35.57
CA VAL E 287 5.43 -36.56 -36.04
C VAL E 287 4.63 -36.99 -34.82
N LYS E 288 5.25 -37.69 -33.87
CA LYS E 288 4.58 -38.10 -32.65
C LYS E 288 4.12 -36.87 -31.85
N MET E 289 4.96 -35.87 -31.82
CA MET E 289 4.56 -34.69 -31.07
C MET E 289 3.53 -33.98 -31.78
N SER E 290 3.29 -34.26 -33.04
CA SER E 290 2.23 -33.57 -33.66
C SER E 290 0.99 -34.20 -33.23
N MET E 291 1.01 -35.52 -33.11
CA MET E 291 -0.25 -36.25 -32.95
C MET E 291 -0.86 -35.89 -31.57
N ILE E 292 -0.04 -35.57 -30.54
CA ILE E 292 -0.51 -35.14 -29.27
C ILE E 292 -1.31 -33.91 -29.44
N SER E 293 -0.87 -33.03 -30.35
CA SER E 293 -1.64 -31.81 -30.65
C SER E 293 -3.02 -32.12 -31.27
N SER E 294 -3.19 -33.31 -31.83
CA SER E 294 -4.39 -33.57 -32.52
C SER E 294 -5.36 -34.32 -31.64
N LYS E 295 -5.36 -33.99 -30.38
CA LYS E 295 -6.27 -34.61 -29.39
C LYS E 295 -6.85 -33.41 -28.60
N VAL E 296 -8.08 -33.02 -28.92
CA VAL E 296 -8.72 -31.97 -28.25
C VAL E 296 -9.22 -32.53 -26.93
N ILE E 297 -8.74 -31.97 -25.80
CA ILE E 297 -9.36 -32.26 -24.51
C ILE E 297 -9.83 -30.95 -23.97
N GLY E 298 -11.11 -30.85 -23.70
CA GLY E 298 -11.61 -29.66 -23.04
C GLY E 298 -11.48 -29.75 -21.52
N LEU E 299 -10.64 -28.91 -20.93
CA LEU E 299 -10.55 -28.90 -19.50
C LEU E 299 -11.59 -27.93 -18.92
N VAL E 300 -12.58 -28.45 -18.17
CA VAL E 300 -13.50 -27.56 -17.48
C VAL E 300 -13.12 -27.33 -16.12
N ASN E 301 -13.14 -26.10 -15.69
CA ASN E 301 -12.53 -25.75 -14.34
C ASN E 301 -13.52 -25.97 -13.30
N PRO E 302 -13.29 -26.87 -12.37
CA PRO E 302 -14.26 -27.19 -11.48
C PRO E 302 -14.62 -26.09 -10.57
N ALA E 303 -13.80 -25.11 -10.43
CA ALA E 303 -14.12 -24.06 -9.49
C ALA E 303 -15.09 -23.09 -10.00
N GLY E 304 -15.49 -23.26 -11.23
CA GLY E 304 -16.31 -22.25 -11.90
C GLY E 304 -17.76 -22.71 -11.98
N ILE E 305 -18.47 -22.11 -12.95
CA ILE E 305 -19.82 -22.29 -13.01
C ILE E 305 -20.17 -23.14 -14.17
N THR E 306 -19.49 -22.99 -15.29
CA THR E 306 -19.96 -23.54 -16.54
C THR E 306 -19.89 -25.01 -16.57
N GLN E 307 -20.91 -25.70 -17.10
CA GLN E 307 -20.81 -27.16 -17.07
C GLN E 307 -21.27 -27.89 -18.26
N PRO E 308 -20.57 -28.90 -18.69
CA PRO E 308 -20.78 -29.39 -19.97
C PRO E 308 -22.03 -30.24 -20.21
N ARG E 309 -22.99 -30.29 -19.31
CA ARG E 309 -24.28 -30.80 -19.75
C ARG E 309 -25.02 -29.70 -20.48
N ARG E 310 -24.46 -28.51 -20.57
CA ARG E 310 -25.18 -27.43 -21.17
C ARG E 310 -24.50 -26.88 -22.37
N LEU E 311 -23.18 -27.05 -22.49
CA LEU E 311 -22.55 -26.70 -23.76
C LEU E 311 -22.96 -27.68 -24.84
N THR E 312 -23.00 -28.95 -24.54
CA THR E 312 -23.08 -29.77 -25.55
C THR E 312 -24.46 -29.86 -26.08
N LYS E 313 -25.47 -29.81 -25.21
CA LYS E 313 -26.85 -30.11 -25.69
C LYS E 313 -27.44 -29.00 -26.40
N ALA E 314 -26.83 -27.84 -26.29
CA ALA E 314 -27.42 -26.64 -26.93
C ALA E 314 -27.24 -26.62 -28.39
N GLN E 315 -28.27 -26.22 -29.17
CA GLN E 315 -28.04 -26.19 -30.61
C GLN E 315 -27.19 -25.01 -30.93
N THR E 316 -26.90 -24.78 -32.21
CA THR E 316 -26.00 -23.69 -32.53
C THR E 316 -26.65 -22.44 -32.35
N GLY E 317 -25.96 -21.48 -31.75
CA GLY E 317 -26.49 -20.21 -31.40
C GLY E 317 -27.63 -20.36 -30.38
N ASP E 318 -27.23 -21.00 -29.32
CA ASP E 318 -28.11 -21.09 -28.18
C ASP E 318 -27.44 -20.45 -27.01
N PHE E 319 -28.10 -19.52 -26.34
CA PHE E 319 -27.52 -18.94 -25.19
C PHE E 319 -27.47 -20.00 -24.08
N VAL E 320 -26.42 -20.01 -23.28
CA VAL E 320 -26.42 -20.84 -22.21
C VAL E 320 -25.49 -20.37 -21.14
N THR E 321 -25.64 -20.84 -19.90
CA THR E 321 -25.02 -20.13 -18.85
C THR E 321 -23.71 -20.46 -18.55
N GLY E 322 -22.83 -19.50 -18.36
CA GLY E 322 -21.39 -19.89 -18.11
C GLY E 322 -20.42 -18.81 -18.33
N ARG E 323 -19.29 -18.98 -17.75
CA ARG E 323 -18.32 -18.00 -17.93
C ARG E 323 -17.26 -18.54 -18.87
N PRO E 324 -16.56 -17.67 -19.62
CA PRO E 324 -15.64 -18.14 -20.54
C PRO E 324 -14.35 -18.52 -19.92
N GLU E 325 -14.03 -18.12 -18.70
CA GLU E 325 -12.73 -18.51 -18.19
C GLU E 325 -12.72 -19.91 -17.61
N ASP E 326 -13.84 -20.62 -17.69
CA ASP E 326 -13.90 -21.92 -17.11
C ASP E 326 -13.44 -22.99 -18.05
N ILE E 327 -13.86 -22.94 -19.33
CA ILE E 327 -13.43 -24.00 -20.24
C ILE E 327 -12.18 -23.55 -20.85
N SER E 328 -11.17 -24.39 -20.87
CA SER E 328 -9.98 -24.11 -21.69
C SER E 328 -9.64 -25.39 -22.41
N PHE E 329 -8.57 -25.39 -23.17
CA PHE E 329 -8.23 -26.60 -23.86
C PHE E 329 -6.80 -26.92 -23.67
N LEU E 330 -6.50 -28.20 -23.58
CA LEU E 330 -5.12 -28.65 -23.15
C LEU E 330 -4.23 -28.52 -24.30
N GLN E 331 -3.27 -27.57 -24.30
CA GLN E 331 -2.25 -27.46 -25.37
C GLN E 331 -1.02 -28.23 -25.00
N LEU E 332 -0.07 -28.25 -25.93
CA LEU E 332 1.21 -28.98 -25.69
C LEU E 332 2.29 -27.96 -25.92
N GLU E 333 2.86 -27.45 -24.83
CA GLU E 333 3.60 -26.25 -24.94
C GLU E 333 5.08 -26.42 -25.28
N LYS E 334 5.48 -27.53 -25.91
CA LYS E 334 6.82 -27.61 -26.48
C LYS E 334 6.92 -26.66 -27.68
N GLN E 335 7.50 -25.49 -27.46
CA GLN E 335 7.74 -24.61 -28.57
C GLN E 335 9.22 -24.42 -28.80
N ALA E 336 9.96 -24.18 -27.74
CA ALA E 336 11.41 -24.07 -27.89
C ALA E 336 12.01 -25.42 -28.25
N ASP E 337 11.47 -26.51 -27.70
CA ASP E 337 11.93 -27.82 -28.12
C ASP E 337 11.57 -28.10 -29.57
N PHE E 338 10.39 -27.67 -30.01
CA PHE E 338 10.02 -27.88 -31.39
C PHE E 338 10.90 -27.09 -32.36
N THR E 339 11.25 -25.86 -32.02
CA THR E 339 12.14 -25.07 -32.89
C THR E 339 13.58 -25.56 -32.91
N VAL E 340 14.06 -26.09 -31.79
CA VAL E 340 15.41 -26.64 -31.84
C VAL E 340 15.43 -27.98 -32.52
N ALA E 341 14.37 -28.74 -32.42
CA ALA E 341 14.33 -30.04 -33.09
C ALA E 341 14.22 -29.84 -34.59
N LYS E 342 13.41 -28.89 -35.02
CA LYS E 342 13.26 -28.62 -36.44
C LYS E 342 14.56 -28.05 -37.01
N ALA E 343 15.28 -27.26 -36.23
CA ALA E 343 16.54 -26.69 -36.71
C ALA E 343 17.58 -27.74 -36.95
N VAL E 344 17.72 -28.66 -36.03
CA VAL E 344 18.72 -29.67 -36.23
C VAL E 344 18.27 -30.68 -37.27
N SER E 345 16.97 -30.87 -37.42
CA SER E 345 16.47 -31.71 -38.49
C SER E 345 16.82 -31.14 -39.84
N ASP E 346 16.67 -29.84 -39.99
CA ASP E 346 16.97 -29.23 -41.26
C ASP E 346 18.47 -29.30 -41.53
N ALA E 347 19.25 -28.99 -40.53
CA ALA E 347 20.68 -28.96 -40.71
C ALA E 347 21.22 -30.33 -40.94
N ILE E 348 20.49 -31.39 -40.65
CA ILE E 348 20.99 -32.71 -40.97
C ILE E 348 20.49 -33.15 -42.33
N GLU E 349 19.31 -32.67 -42.75
CA GLU E 349 18.87 -32.99 -44.12
C GLU E 349 19.75 -32.26 -45.13
N ALA E 350 20.34 -31.13 -44.77
CA ALA E 350 21.22 -30.44 -45.67
C ALA E 350 22.45 -31.27 -46.00
N ARG E 351 22.99 -31.95 -44.98
CA ARG E 351 24.12 -32.82 -45.20
C ARG E 351 23.74 -33.98 -46.10
N LEU E 352 22.61 -34.61 -45.79
CA LEU E 352 22.24 -35.73 -46.57
C LEU E 352 21.83 -35.29 -48.00
N SER E 353 21.42 -34.05 -48.21
CA SER E 353 21.12 -33.62 -49.55
C SER E 353 22.43 -33.34 -50.36
N PHE E 354 23.47 -32.69 -49.78
CA PHE E 354 24.77 -32.62 -50.47
C PHE E 354 25.45 -33.94 -50.59
N ALA E 355 24.94 -34.95 -49.89
CA ALA E 355 25.59 -36.25 -49.90
C ALA E 355 24.97 -37.26 -50.76
N PHE E 356 23.70 -37.09 -51.05
CA PHE E 356 23.00 -38.06 -51.87
C PHE E 356 22.57 -37.50 -53.22
N MET E 357 23.04 -36.30 -53.55
CA MET E 357 22.72 -35.60 -54.76
C MET E 357 21.24 -35.27 -54.91
N LEU E 358 20.59 -34.98 -53.82
CA LEU E 358 19.24 -34.56 -53.85
C LEU E 358 19.38 -33.15 -54.46
N ASN E 359 18.27 -32.63 -55.02
CA ASN E 359 18.35 -31.44 -55.86
C ASN E 359 18.65 -30.19 -55.04
N SER E 360 19.85 -29.68 -55.26
CA SER E 360 20.25 -28.40 -54.72
C SER E 360 20.45 -27.43 -55.90
N ALA E 361 19.43 -27.41 -56.77
CA ALA E 361 19.38 -26.63 -58.03
C ALA E 361 20.56 -26.94 -58.99
N VAL E 362 20.65 -28.21 -59.37
CA VAL E 362 21.60 -28.61 -60.39
C VAL E 362 20.94 -29.11 -61.68
N GLN E 363 20.05 -30.10 -61.53
CA GLN E 363 19.53 -30.80 -62.70
C GLN E 363 18.08 -30.41 -63.03
N ARG E 364 17.54 -29.46 -62.28
CA ARG E 364 16.13 -29.09 -62.46
C ARG E 364 15.91 -28.21 -63.72
N THR E 365 16.79 -27.22 -63.92
CA THR E 365 16.55 -26.15 -64.89
C THR E 365 16.67 -26.64 -66.33
N GLY E 366 15.57 -27.25 -66.81
CA GLY E 366 15.41 -27.77 -68.19
C GLY E 366 16.41 -28.87 -68.53
N GLU E 367 16.26 -30.03 -67.90
CA GLU E 367 17.17 -31.15 -68.14
C GLU E 367 16.98 -31.68 -69.58
N ARG E 368 18.11 -31.89 -70.26
CA ARG E 368 18.09 -32.52 -71.59
C ARG E 368 18.93 -33.79 -71.61
N VAL E 369 19.21 -34.33 -72.79
CA VAL E 369 19.91 -35.62 -72.94
C VAL E 369 21.15 -35.41 -73.82
N THR E 370 22.21 -36.16 -73.51
CA THR E 370 23.32 -36.55 -74.42
C THR E 370 24.32 -35.51 -74.88
N ALA E 371 24.01 -34.23 -74.72
CA ALA E 371 24.91 -33.17 -75.13
C ALA E 371 25.20 -32.32 -73.89
N GLU E 372 26.44 -32.44 -73.40
CA GLU E 372 26.96 -31.81 -72.16
C GLU E 372 26.37 -32.50 -70.91
N GLU E 373 25.35 -33.35 -71.06
CA GLU E 373 24.61 -33.87 -69.92
C GLU E 373 25.37 -34.99 -69.22
N ILE E 374 25.86 -35.96 -70.00
CA ILE E 374 26.53 -37.09 -69.41
C ILE E 374 27.89 -36.71 -68.83
N ARG E 375 28.51 -35.73 -69.45
CA ARG E 375 29.71 -35.15 -68.92
C ARG E 375 29.46 -34.51 -67.56
N TYR E 376 28.39 -33.72 -67.48
CA TYR E 376 28.09 -33.00 -66.25
C TYR E 376 27.71 -33.97 -65.15
N VAL E 377 26.95 -35.01 -65.48
CA VAL E 377 26.54 -35.97 -64.48
C VAL E 377 27.71 -36.75 -63.94
N ALA E 378 28.61 -37.17 -64.81
CA ALA E 378 29.73 -37.93 -64.32
C ALA E 378 30.72 -37.06 -63.56
N SER E 379 30.89 -35.82 -63.97
CA SER E 379 31.80 -34.94 -63.26
C SER E 379 31.30 -34.62 -61.88
N GLU E 380 29.99 -34.44 -61.74
CA GLU E 380 29.45 -34.23 -60.42
C GLU E 380 29.48 -35.52 -59.59
N LEU E 381 29.19 -36.67 -60.19
CA LEU E 381 29.26 -37.92 -59.47
C LEU E 381 30.67 -38.32 -59.03
N GLU E 382 31.69 -37.78 -59.67
CA GLU E 382 33.00 -37.90 -59.07
C GLU E 382 33.29 -36.78 -58.11
N ASP E 383 32.63 -35.62 -58.23
CA ASP E 383 32.83 -34.55 -57.26
C ASP E 383 32.36 -34.99 -55.91
N THR E 384 31.08 -35.31 -55.79
CA THR E 384 30.61 -35.91 -54.58
C THR E 384 30.80 -37.40 -54.71
N LEU E 385 30.23 -38.16 -53.80
CA LEU E 385 30.30 -39.61 -53.84
C LEU E 385 31.69 -40.25 -53.79
N GLY E 386 32.75 -39.47 -53.79
CA GLY E 386 34.08 -40.06 -53.68
C GLY E 386 34.44 -40.79 -54.93
N GLY E 387 34.96 -42.00 -54.79
CA GLY E 387 35.33 -42.73 -55.99
C GLY E 387 34.27 -43.67 -56.57
N VAL E 388 32.97 -43.36 -56.49
CA VAL E 388 31.97 -44.31 -56.86
C VAL E 388 32.00 -44.53 -58.35
N TYR E 389 32.12 -43.43 -59.09
CA TYR E 389 31.99 -43.52 -60.54
C TYR E 389 33.21 -44.21 -61.18
N SER E 390 34.36 -44.13 -60.56
CA SER E 390 35.52 -44.73 -61.16
C SER E 390 35.71 -46.14 -60.68
N ILE E 391 35.56 -46.38 -59.38
CA ILE E 391 35.66 -47.73 -58.85
C ILE E 391 34.59 -48.61 -59.47
N LEU E 392 33.41 -48.02 -59.63
CA LEU E 392 32.29 -48.73 -60.22
C LEU E 392 32.55 -49.01 -61.68
N SER E 393 33.27 -48.15 -62.36
CA SER E 393 33.59 -48.36 -63.77
C SER E 393 34.62 -49.47 -63.94
N GLN E 394 35.59 -49.53 -63.05
CA GLN E 394 36.54 -50.62 -63.13
C GLN E 394 35.84 -51.97 -62.75
N GLU E 395 35.00 -51.98 -61.74
CA GLU E 395 34.45 -53.23 -61.25
C GLU E 395 33.30 -53.71 -62.09
N LEU E 396 32.49 -52.79 -62.62
CA LEU E 396 31.26 -53.17 -63.29
C LEU E 396 31.35 -53.20 -64.81
N GLN E 397 31.78 -52.10 -65.41
CA GLN E 397 31.74 -52.01 -66.84
C GLN E 397 32.82 -52.77 -67.57
N LEU E 398 33.99 -53.00 -66.95
CA LEU E 398 34.97 -53.79 -67.60
C LEU E 398 34.54 -55.23 -67.77
N PRO E 399 34.02 -55.86 -66.74
CA PRO E 399 33.54 -57.21 -67.00
C PRO E 399 32.28 -57.27 -67.81
N LEU E 400 31.40 -56.29 -67.74
CA LEU E 400 30.15 -56.37 -68.51
C LEU E 400 30.39 -56.18 -69.98
N VAL E 401 31.41 -55.43 -70.36
CA VAL E 401 31.83 -55.39 -71.75
C VAL E 401 32.63 -56.59 -72.10
N ARG E 402 33.39 -57.10 -71.18
CA ARG E 402 34.36 -58.15 -71.50
C ARG E 402 33.68 -59.49 -71.71
N VAL E 403 32.70 -59.81 -70.89
CA VAL E 403 31.93 -61.04 -71.06
C VAL E 403 31.06 -61.03 -72.33
N LEU E 404 30.45 -59.87 -72.59
CA LEU E 404 29.75 -59.70 -73.84
C LEU E 404 30.66 -59.86 -75.06
N LEU E 405 31.81 -59.17 -75.03
CA LEU E 405 32.73 -59.16 -76.16
C LEU E 405 33.28 -60.50 -76.38
N LYS E 406 33.32 -61.33 -75.34
CA LYS E 406 33.81 -62.69 -75.53
C LYS E 406 32.73 -63.54 -76.18
N GLN E 407 31.57 -63.58 -75.53
CA GLN E 407 30.54 -64.53 -75.98
C GLN E 407 29.88 -64.14 -77.31
N LEU E 408 29.57 -62.86 -77.51
CA LEU E 408 28.94 -62.44 -78.73
C LEU E 408 29.84 -62.64 -79.98
N GLN E 409 31.09 -62.21 -79.91
CA GLN E 409 31.97 -62.40 -81.04
C GLN E 409 32.41 -63.87 -81.14
N ALA E 410 32.27 -64.63 -80.07
CA ALA E 410 32.39 -66.09 -80.20
C ALA E 410 31.15 -66.73 -80.87
N THR E 411 30.05 -66.00 -80.95
CA THR E 411 28.90 -66.46 -81.71
C THR E 411 28.80 -65.80 -83.11
N GLN E 412 28.87 -64.47 -83.16
CA GLN E 412 28.58 -63.73 -84.38
C GLN E 412 29.80 -63.58 -85.31
N GLN E 413 29.74 -62.63 -86.25
CA GLN E 413 30.74 -62.54 -87.31
C GLN E 413 31.85 -61.56 -87.01
N ILE E 414 33.09 -61.99 -87.28
CA ILE E 414 34.26 -61.14 -87.18
C ILE E 414 34.42 -60.41 -88.53
N PRO E 415 34.48 -59.07 -88.53
CA PRO E 415 34.68 -58.34 -89.80
C PRO E 415 36.14 -58.30 -90.31
N GLU E 416 36.34 -57.48 -91.35
CA GLU E 416 37.59 -57.25 -92.06
C GLU E 416 38.89 -56.98 -91.24
N LEU E 417 38.76 -56.24 -90.12
CA LEU E 417 39.86 -55.58 -89.35
C LEU E 417 41.04 -56.49 -89.00
N PRO E 418 42.26 -55.91 -88.87
CA PRO E 418 43.52 -56.70 -88.77
C PRO E 418 43.68 -57.54 -87.52
N LYS E 419 44.79 -58.28 -87.47
CA LYS E 419 45.01 -59.25 -86.40
C LYS E 419 45.45 -58.62 -85.07
N GLU E 420 45.82 -57.35 -85.09
CA GLU E 420 46.11 -56.63 -83.85
C GLU E 420 44.86 -56.02 -83.23
N ALA E 421 43.75 -56.04 -83.97
CA ALA E 421 42.49 -55.53 -83.46
C ALA E 421 41.39 -56.61 -83.31
N VAL E 422 41.75 -57.89 -83.43
CA VAL E 422 40.76 -58.94 -83.19
C VAL E 422 40.46 -59.07 -81.70
N GLU E 423 41.53 -58.97 -80.89
CA GLU E 423 41.47 -59.06 -79.44
C GLU E 423 41.83 -57.67 -78.88
N PRO E 424 40.84 -56.80 -78.73
CA PRO E 424 41.15 -55.37 -78.48
C PRO E 424 41.30 -55.03 -77.02
N THR E 425 41.56 -53.76 -76.76
CA THR E 425 41.56 -53.29 -75.39
C THR E 425 40.36 -52.42 -75.18
N ILE E 426 39.92 -52.33 -73.93
CA ILE E 426 38.66 -51.71 -73.62
C ILE E 426 38.85 -50.54 -72.68
N SER E 427 38.20 -49.42 -72.97
CA SER E 427 38.11 -48.29 -72.03
C SER E 427 36.68 -48.06 -71.65
N THR E 428 36.43 -47.62 -70.43
CA THR E 428 35.05 -47.64 -69.92
C THR E 428 34.51 -46.35 -69.32
N GLY E 429 35.34 -45.64 -68.61
CA GLY E 429 34.81 -44.56 -67.77
C GLY E 429 34.67 -43.26 -68.54
N LEU E 430 35.08 -42.14 -67.94
CA LEU E 430 35.05 -40.86 -68.60
C LEU E 430 35.94 -40.81 -69.82
N GLU E 431 36.93 -41.72 -69.87
CA GLU E 431 37.79 -41.82 -71.04
C GLU E 431 37.02 -42.39 -72.23
N ALA E 432 35.89 -43.01 -71.95
CA ALA E 432 35.14 -43.68 -73.01
C ALA E 432 33.79 -43.06 -73.29
N ILE E 433 33.44 -41.98 -72.63
CA ILE E 433 32.17 -41.35 -72.90
C ILE E 433 32.32 -40.59 -74.19
N GLY E 434 31.33 -40.73 -75.07
CA GLY E 434 31.54 -40.32 -76.45
C GLY E 434 32.53 -41.28 -77.08
N ARG E 435 33.24 -40.84 -78.09
CA ARG E 435 34.38 -41.60 -78.59
C ARG E 435 35.58 -40.69 -78.56
N GLY E 436 35.37 -39.47 -79.10
CA GLY E 436 36.31 -38.35 -79.06
C GLY E 436 36.44 -37.90 -77.62
N GLN E 437 37.40 -37.02 -77.38
CA GLN E 437 37.60 -36.55 -76.02
C GLN E 437 36.44 -35.70 -75.49
N ASP E 438 36.17 -34.55 -76.11
CA ASP E 438 35.20 -33.58 -75.59
C ASP E 438 34.43 -32.94 -76.70
N LEU E 439 33.09 -32.89 -76.57
CA LEU E 439 32.26 -32.20 -77.56
C LEU E 439 32.47 -30.69 -77.53
N ASP E 440 32.66 -30.15 -76.33
CA ASP E 440 32.89 -28.73 -76.17
C ASP E 440 34.24 -28.35 -76.82
N LYS E 441 35.20 -29.27 -76.76
CA LYS E 441 36.51 -29.10 -77.37
C LYS E 441 36.37 -28.94 -78.88
N LEU E 442 35.66 -29.87 -79.52
CA LEU E 442 35.49 -29.83 -80.96
C LEU E 442 34.66 -28.62 -81.39
N GLU E 443 33.65 -28.27 -80.60
CA GLU E 443 32.80 -27.13 -80.95
C GLU E 443 33.57 -25.81 -80.87
N ARG E 444 34.24 -25.57 -79.75
CA ARG E 444 35.01 -24.34 -79.60
C ARG E 444 36.24 -24.33 -80.49
N CYS E 445 36.75 -25.50 -80.86
CA CYS E 445 37.87 -25.57 -81.78
C CYS E 445 37.45 -25.24 -83.21
N VAL E 446 36.25 -25.67 -83.60
CA VAL E 446 35.71 -25.31 -84.89
C VAL E 446 35.41 -23.80 -84.95
N THR E 447 34.92 -23.22 -83.86
CA THR E 447 34.72 -21.77 -83.83
C THR E 447 36.04 -21.00 -83.83
N ALA E 448 37.07 -21.58 -83.20
CA ALA E 448 38.40 -20.96 -83.22
C ALA E 448 39.02 -21.04 -84.61
N TRP E 449 38.70 -22.10 -85.36
CA TRP E 449 39.10 -22.17 -86.77
C TRP E 449 38.33 -21.19 -87.63
N ALA E 450 37.06 -20.99 -87.32
CA ALA E 450 36.23 -20.02 -88.03
C ALA E 450 36.70 -18.58 -87.78
N ALA E 451 37.36 -18.37 -86.63
CA ALA E 451 38.04 -17.10 -86.35
C ALA E 451 39.25 -16.87 -87.27
N LEU E 452 39.72 -17.91 -87.96
CA LEU E 452 40.83 -17.81 -88.91
C LEU E 452 40.32 -17.65 -90.34
N ALA E 453 39.20 -16.93 -90.46
CA ALA E 453 38.61 -16.48 -91.71
C ALA E 453 39.53 -15.75 -92.71
N PRO E 454 40.15 -14.58 -92.32
CA PRO E 454 40.34 -13.48 -93.29
C PRO E 454 41.08 -13.77 -94.61
N MET E 455 42.20 -14.50 -94.54
CA MET E 455 42.97 -14.80 -95.74
C MET E 455 43.61 -16.16 -95.65
N ARG E 456 43.53 -16.91 -96.75
CA ARG E 456 44.28 -18.16 -96.96
C ARG E 456 45.79 -17.86 -96.97
N ASP E 457 46.21 -17.18 -98.03
CA ASP E 457 47.62 -16.83 -98.21
C ASP E 457 47.84 -15.44 -97.65
N ASP E 458 47.72 -15.33 -96.31
CA ASP E 458 47.97 -14.08 -95.61
C ASP E 458 49.48 -13.97 -95.41
N PRO E 459 50.10 -12.86 -95.87
CA PRO E 459 51.55 -12.76 -95.70
C PRO E 459 51.94 -12.51 -94.24
N ASP E 460 53.25 -12.72 -93.98
CA ASP E 460 53.90 -12.51 -92.69
C ASP E 460 53.37 -13.38 -91.54
N ILE E 461 52.85 -14.56 -91.85
CA ILE E 461 52.22 -15.41 -90.84
C ILE E 461 52.18 -16.83 -91.36
N ASN E 462 51.98 -17.80 -90.47
CA ASN E 462 51.75 -19.18 -90.88
C ASN E 462 50.29 -19.55 -90.62
N LEU E 463 49.82 -20.58 -91.32
CA LEU E 463 48.50 -21.11 -91.12
C LEU E 463 48.52 -22.60 -90.80
N ALA E 464 49.55 -23.32 -91.25
CA ALA E 464 49.62 -24.76 -91.07
C ALA E 464 49.85 -25.18 -89.64
N MET E 465 50.64 -24.41 -88.92
CA MET E 465 51.00 -24.77 -87.56
C MET E 465 50.04 -24.18 -86.53
N ILE E 466 49.48 -23.01 -86.79
CA ILE E 466 48.69 -22.35 -85.77
C ILE E 466 47.30 -22.97 -85.63
N LYS E 467 46.79 -23.55 -86.69
CA LYS E 467 45.58 -24.34 -86.60
C LYS E 467 45.84 -25.58 -85.73
N LEU E 468 46.98 -26.22 -85.95
CA LEU E 468 47.40 -27.36 -85.13
C LEU E 468 47.60 -26.97 -83.68
N ARG E 469 48.13 -25.77 -83.44
CA ARG E 469 48.42 -25.31 -82.07
C ARG E 469 47.15 -24.92 -81.29
N ILE E 470 46.23 -24.22 -81.95
CA ILE E 470 44.95 -23.90 -81.33
C ILE E 470 44.13 -25.18 -81.12
N ALA E 471 44.25 -26.14 -82.02
CA ALA E 471 43.60 -27.44 -81.81
C ALA E 471 44.29 -28.25 -80.71
N ASN E 472 45.62 -28.13 -80.59
CA ASN E 472 46.39 -28.97 -79.71
C ASN E 472 46.45 -28.43 -78.29
N ALA E 473 46.06 -27.16 -78.11
CA ALA E 473 45.90 -26.59 -76.77
C ALA E 473 44.66 -27.17 -76.07
N ILE E 474 43.57 -27.34 -76.81
CA ILE E 474 42.38 -27.97 -76.28
C ILE E 474 42.51 -29.47 -76.56
N GLY E 475 41.61 -30.26 -76.00
CA GLY E 475 41.74 -31.72 -76.04
C GLY E 475 41.37 -32.38 -77.37
N ILE E 476 42.16 -32.12 -78.41
CA ILE E 476 41.94 -32.74 -79.72
C ILE E 476 43.11 -33.67 -79.99
N ASP E 477 42.82 -34.84 -80.57
CA ASP E 477 43.84 -35.81 -80.97
C ASP E 477 44.87 -35.26 -81.97
N THR E 478 44.41 -34.47 -82.95
CA THR E 478 45.24 -33.81 -83.96
C THR E 478 46.03 -34.80 -84.79
N SER E 479 45.44 -35.94 -85.06
CA SER E 479 46.11 -37.04 -85.75
C SER E 479 45.20 -37.64 -86.82
N GLY E 480 44.74 -36.76 -87.70
CA GLY E 480 43.80 -37.10 -88.75
C GLY E 480 42.84 -35.94 -88.91
N ILE E 481 42.75 -35.14 -87.84
CA ILE E 481 42.14 -33.83 -87.85
C ILE E 481 42.89 -32.88 -88.78
N LEU E 482 44.21 -33.03 -88.86
CA LEU E 482 45.05 -32.14 -89.66
C LEU E 482 45.75 -32.92 -90.75
N LEU E 483 45.90 -32.32 -91.91
CA LEU E 483 46.62 -32.96 -93.01
C LEU E 483 48.13 -32.96 -92.75
N THR E 484 48.77 -34.09 -93.03
CA THR E 484 50.22 -34.13 -93.19
C THR E 484 50.66 -34.12 -94.67
N GLU E 485 50.29 -35.15 -95.41
CA GLU E 485 50.66 -35.25 -96.85
C GLU E 485 49.58 -35.96 -97.64
N GLU F 3 -6.54 -87.13 -71.56
CA GLU F 3 -7.96 -86.81 -71.29
C GLU F 3 -8.17 -86.61 -69.80
N LYS F 4 -7.13 -86.91 -69.02
CA LYS F 4 -7.07 -86.50 -67.63
C LYS F 4 -5.93 -85.53 -67.41
N ARG F 5 -6.22 -84.37 -66.83
CA ARG F 5 -5.22 -83.40 -66.47
C ARG F 5 -4.39 -83.88 -65.31
N THR F 6 -3.08 -83.94 -65.53
CA THR F 6 -2.15 -84.42 -64.51
C THR F 6 -1.19 -83.32 -64.18
N GLY F 7 -0.17 -83.62 -63.39
CA GLY F 7 0.83 -82.63 -63.09
C GLY F 7 0.26 -81.61 -62.12
N LEU F 8 0.42 -80.34 -62.46
CA LEU F 8 0.06 -79.27 -61.54
C LEU F 8 -1.42 -79.02 -61.49
N ALA F 9 -2.13 -79.50 -62.50
CA ALA F 9 -3.56 -79.25 -62.65
C ALA F 9 -4.37 -80.46 -62.22
N GLU F 10 -3.95 -81.09 -61.14
CA GLU F 10 -4.48 -82.40 -60.74
C GLU F 10 -5.91 -82.33 -60.29
N ASP F 11 -6.32 -81.21 -59.69
CA ASP F 11 -7.67 -81.15 -59.18
C ASP F 11 -8.60 -80.07 -59.72
N GLY F 12 -8.47 -79.69 -60.97
CA GLY F 12 -9.35 -78.68 -61.57
C GLY F 12 -8.99 -77.26 -61.15
N ALA F 13 -9.60 -76.28 -61.78
CA ALA F 13 -9.21 -74.88 -61.63
C ALA F 13 -9.79 -74.20 -60.40
N LYS F 14 -11.02 -74.52 -60.08
CA LYS F 14 -11.65 -74.00 -58.89
C LYS F 14 -10.93 -74.42 -57.62
N SER F 15 -10.45 -75.65 -57.59
CA SER F 15 -9.71 -76.12 -56.45
C SER F 15 -8.38 -75.39 -56.27
N VAL F 16 -7.67 -75.19 -57.37
CA VAL F 16 -6.42 -74.51 -57.29
C VAL F 16 -6.65 -73.06 -56.88
N TYR F 17 -7.72 -72.47 -57.40
CA TYR F 17 -8.03 -71.08 -57.11
C TYR F 17 -8.36 -70.88 -55.62
N GLU F 18 -9.20 -71.75 -55.07
CA GLU F 18 -9.52 -71.66 -53.68
C GLU F 18 -8.36 -72.01 -52.80
N ARG F 19 -7.43 -72.81 -53.29
CA ARG F 19 -6.26 -73.13 -52.47
C ARG F 19 -5.27 -71.98 -52.41
N LEU F 20 -5.11 -71.26 -53.53
CA LEU F 20 -4.16 -70.21 -53.57
C LEU F 20 -4.73 -68.86 -53.11
N LYS F 21 -6.06 -68.78 -52.90
CA LYS F 21 -6.66 -67.56 -52.44
C LYS F 21 -6.14 -67.15 -51.06
N ASN F 22 -5.76 -68.12 -50.23
CA ASN F 22 -5.21 -67.84 -48.92
C ASN F 22 -3.91 -67.06 -49.00
N ASP F 23 -3.03 -67.48 -49.89
CA ASP F 23 -1.81 -66.73 -50.07
C ASP F 23 -2.03 -65.48 -50.88
N ARG F 24 -3.15 -65.35 -51.59
CA ARG F 24 -3.43 -64.09 -52.24
C ARG F 24 -3.81 -63.06 -51.24
N ALA F 25 -4.54 -63.45 -50.21
CA ALA F 25 -5.26 -62.52 -49.32
C ALA F 25 -4.52 -61.30 -48.72
N PRO F 26 -3.28 -61.43 -48.27
CA PRO F 26 -2.70 -60.29 -47.65
C PRO F 26 -2.42 -59.16 -48.60
N TYR F 27 -2.09 -59.48 -49.85
CA TYR F 27 -1.89 -58.46 -50.83
C TYR F 27 -3.19 -57.73 -51.06
N GLU F 28 -4.29 -58.45 -51.00
CA GLU F 28 -5.59 -57.82 -51.16
C GLU F 28 -5.90 -56.89 -49.99
N THR F 29 -5.46 -57.26 -48.79
CA THR F 29 -5.66 -56.42 -47.65
C THR F 29 -4.88 -55.14 -47.78
N ARG F 30 -3.64 -55.26 -48.24
CA ARG F 30 -2.81 -54.07 -48.50
C ARG F 30 -3.46 -53.22 -49.53
N ALA F 31 -4.05 -53.81 -50.55
CA ALA F 31 -4.72 -53.05 -51.57
C ALA F 31 -5.89 -52.27 -50.99
N GLN F 32 -6.61 -52.89 -50.09
CA GLN F 32 -7.72 -52.21 -49.52
C GLN F 32 -7.28 -51.02 -48.69
N ASN F 33 -6.21 -51.18 -47.95
CA ASN F 33 -5.73 -50.10 -47.12
C ASN F 33 -5.23 -48.93 -47.99
N CYS F 34 -4.44 -49.25 -49.02
CA CYS F 34 -3.94 -48.22 -49.87
C CYS F 34 -5.07 -47.48 -50.59
N ALA F 35 -6.09 -48.21 -50.90
CA ALA F 35 -7.24 -47.61 -51.52
C ALA F 35 -7.98 -46.71 -50.53
N GLN F 36 -8.03 -47.09 -49.26
CA GLN F 36 -8.77 -46.32 -48.29
C GLN F 36 -8.09 -45.04 -48.02
N TYR F 37 -6.79 -44.98 -48.24
CA TYR F 37 -6.09 -43.70 -48.01
C TYR F 37 -5.94 -42.92 -49.26
N THR F 38 -6.14 -43.48 -50.46
CA THR F 38 -5.90 -42.68 -51.70
C THR F 38 -7.08 -42.31 -52.47
N ILE F 39 -7.76 -43.27 -52.97
CA ILE F 39 -9.05 -43.04 -53.69
C ILE F 39 -9.85 -44.31 -53.44
N PRO F 40 -10.96 -44.19 -52.74
CA PRO F 40 -11.54 -45.38 -52.12
C PRO F 40 -12.20 -46.25 -53.08
N SER F 41 -12.72 -45.76 -54.19
CA SER F 41 -13.39 -46.61 -55.09
C SER F 41 -12.53 -47.54 -55.87
N LEU F 42 -11.24 -47.25 -55.96
CA LEU F 42 -10.32 -47.87 -56.96
C LEU F 42 -10.01 -49.25 -56.63
N PHE F 43 -10.34 -49.71 -55.43
CA PHE F 43 -10.25 -51.16 -55.11
C PHE F 43 -11.23 -51.39 -53.99
N PRO F 44 -12.41 -51.93 -54.26
CA PRO F 44 -13.36 -52.23 -53.24
C PRO F 44 -12.95 -53.39 -52.39
N LYS F 45 -13.67 -53.60 -51.29
CA LYS F 45 -13.54 -54.87 -50.54
C LYS F 45 -14.44 -55.91 -51.14
N ASP F 46 -14.26 -57.15 -50.77
CA ASP F 46 -14.99 -58.18 -51.51
C ASP F 46 -16.48 -58.22 -51.12
N SER F 47 -16.75 -57.85 -49.89
CA SER F 47 -18.14 -57.74 -49.45
C SER F 47 -18.69 -56.37 -49.82
N ASP F 48 -17.89 -55.33 -49.63
CA ASP F 48 -18.37 -53.97 -49.76
C ASP F 48 -18.52 -53.55 -51.21
N ASN F 49 -19.49 -54.20 -51.85
CA ASN F 49 -19.92 -53.76 -53.16
C ASN F 49 -21.39 -53.38 -53.11
N ALA F 50 -21.81 -52.59 -54.10
CA ALA F 50 -23.20 -52.51 -54.46
C ALA F 50 -23.81 -51.71 -53.33
N SER F 51 -23.68 -50.41 -53.53
CA SER F 51 -24.36 -49.42 -52.70
C SER F 51 -23.75 -49.29 -51.31
N THR F 52 -22.46 -48.93 -51.31
CA THR F 52 -21.69 -48.92 -50.13
C THR F 52 -21.12 -47.59 -49.82
N ASP F 53 -21.20 -46.64 -50.72
CA ASP F 53 -20.93 -45.22 -50.36
C ASP F 53 -19.56 -45.01 -49.83
N TYR F 54 -18.58 -45.08 -50.72
CA TYR F 54 -17.19 -44.85 -50.34
C TYR F 54 -16.98 -43.44 -49.87
N GLN F 55 -16.14 -43.27 -48.86
CA GLN F 55 -15.96 -41.97 -48.23
C GLN F 55 -14.69 -41.38 -48.62
N THR F 56 -14.61 -40.08 -48.78
CA THR F 56 -13.28 -39.49 -49.23
C THR F 56 -12.37 -39.40 -48.18
N PRO F 57 -11.12 -39.47 -48.48
CA PRO F 57 -10.19 -39.49 -47.40
C PRO F 57 -10.02 -38.11 -46.94
N TRP F 58 -9.53 -37.94 -45.69
CA TRP F 58 -9.44 -36.65 -45.14
C TRP F 58 -8.36 -35.85 -45.79
N GLN F 59 -7.31 -36.56 -46.22
CA GLN F 59 -6.21 -35.95 -46.96
C GLN F 59 -6.42 -35.99 -48.43
N ALA F 60 -5.84 -34.99 -49.12
CA ALA F 60 -6.03 -34.94 -50.52
C ALA F 60 -4.83 -35.26 -51.39
N VAL F 61 -3.70 -35.49 -50.73
CA VAL F 61 -2.48 -35.72 -51.42
C VAL F 61 -2.43 -37.08 -51.97
N GLY F 62 -3.11 -38.01 -51.35
CA GLY F 62 -3.17 -39.36 -51.89
C GLY F 62 -3.96 -39.41 -53.16
N ALA F 63 -5.08 -38.76 -53.16
CA ALA F 63 -5.96 -38.80 -54.32
C ALA F 63 -5.33 -38.13 -55.54
N ARG F 64 -4.67 -37.00 -55.32
CA ARG F 64 -4.00 -36.32 -56.38
C ARG F 64 -2.85 -37.15 -56.83
N GLY F 65 -2.17 -37.74 -55.89
CA GLY F 65 -0.89 -38.41 -56.15
C GLY F 65 -1.04 -39.65 -56.98
N LEU F 66 -2.08 -40.44 -56.72
CA LEU F 66 -2.26 -41.70 -57.46
C LEU F 66 -2.56 -41.39 -58.90
N ASN F 67 -3.44 -40.44 -59.15
CA ASN F 67 -3.78 -40.11 -60.52
C ASN F 67 -2.62 -39.46 -61.24
N ASN F 68 -1.86 -38.62 -60.56
CA ASN F 68 -0.72 -37.97 -61.22
C ASN F 68 0.31 -38.96 -61.59
N LEU F 69 0.53 -39.95 -60.72
CA LEU F 69 1.60 -40.94 -60.98
C LEU F 69 1.17 -41.88 -62.09
N ALA F 70 -0.09 -42.25 -62.13
CA ALA F 70 -0.57 -43.08 -63.22
C ALA F 70 -0.53 -42.33 -64.54
N SER F 71 -0.83 -41.05 -64.53
CA SER F 71 -0.82 -40.28 -65.74
C SER F 71 0.60 -40.09 -66.28
N LYS F 72 1.56 -39.85 -65.40
CA LYS F 72 2.92 -39.65 -65.87
C LYS F 72 3.50 -40.94 -66.35
N LEU F 73 3.15 -42.06 -65.71
CA LEU F 73 3.57 -43.39 -66.22
C LEU F 73 2.99 -43.66 -67.58
N MET F 74 1.78 -43.22 -67.83
CA MET F 74 1.24 -43.48 -69.13
C MET F 74 1.83 -42.58 -70.19
N LEU F 75 2.14 -41.33 -69.81
CA LEU F 75 2.81 -40.36 -70.72
C LEU F 75 4.21 -40.83 -71.08
N ALA F 76 4.84 -41.63 -70.23
CA ALA F 76 6.16 -42.10 -70.60
C ALA F 76 6.22 -43.52 -71.06
N LEU F 77 5.14 -44.24 -70.95
CA LEU F 77 5.19 -45.65 -71.33
C LEU F 77 4.34 -46.00 -72.55
N PHE F 78 3.28 -45.23 -72.85
CA PHE F 78 2.52 -45.49 -74.05
C PHE F 78 2.14 -44.19 -74.71
N PRO F 79 3.08 -43.51 -75.33
CA PRO F 79 2.75 -42.23 -75.94
C PRO F 79 2.07 -42.33 -77.32
N MET F 80 1.94 -41.16 -77.97
CA MET F 80 1.41 -41.06 -79.31
C MET F 80 2.37 -41.66 -80.33
N GLN F 81 3.66 -41.59 -80.01
CA GLN F 81 4.75 -41.99 -80.93
C GLN F 81 4.88 -43.47 -81.02
N THR F 82 5.88 -43.89 -81.81
CA THR F 82 6.28 -45.27 -81.81
C THR F 82 7.05 -45.52 -80.55
N TRP F 83 6.64 -46.51 -79.77
CA TRP F 83 7.31 -46.77 -78.51
C TRP F 83 7.98 -48.10 -78.40
N MET F 84 7.84 -48.96 -79.41
CA MET F 84 8.64 -50.19 -79.43
C MET F 84 9.69 -50.05 -80.52
N ARG F 85 10.65 -50.95 -80.49
CA ARG F 85 11.68 -50.97 -81.51
C ARG F 85 11.93 -52.39 -81.93
N LEU F 86 11.94 -52.64 -83.24
CA LEU F 86 12.15 -53.97 -83.80
C LEU F 86 13.46 -54.01 -84.56
N THR F 87 14.41 -54.82 -84.09
CA THR F 87 15.79 -54.80 -84.65
C THR F 87 16.26 -56.22 -84.89
N ILE F 88 17.51 -56.34 -85.38
CA ILE F 88 18.08 -57.60 -85.88
C ILE F 88 19.40 -57.89 -85.18
N SER F 89 19.64 -59.14 -84.78
CA SER F 89 20.90 -59.44 -84.08
C SER F 89 21.48 -60.79 -84.47
N GLU F 90 22.80 -60.95 -84.36
CA GLU F 90 23.58 -62.21 -84.56
C GLU F 90 23.61 -62.91 -85.91
N TYR F 91 22.92 -62.32 -86.86
CA TYR F 91 23.00 -62.68 -88.27
C TYR F 91 23.11 -61.42 -89.14
N GLU F 92 22.95 -60.23 -88.54
CA GLU F 92 23.15 -58.95 -89.22
C GLU F 92 24.63 -58.69 -89.45
N ALA F 93 25.51 -59.38 -88.73
CA ALA F 93 26.96 -59.33 -88.97
C ALA F 93 27.34 -59.88 -90.36
N LYS F 94 26.49 -60.77 -90.87
CA LYS F 94 26.58 -61.16 -92.28
C LYS F 94 26.15 -59.98 -93.17
N GLN F 95 25.17 -59.22 -92.70
CA GLN F 95 24.40 -58.34 -93.56
C GLN F 95 24.82 -56.90 -93.42
N LEU F 96 25.15 -56.46 -92.22
CA LEU F 96 25.42 -55.05 -91.96
C LEU F 96 26.85 -54.67 -92.31
N LEU F 97 27.67 -55.66 -92.66
CA LEU F 97 29.06 -55.40 -93.02
C LEU F 97 29.11 -54.62 -94.35
N SER F 98 28.42 -55.13 -95.35
CA SER F 98 28.26 -54.47 -96.63
C SER F 98 26.86 -53.86 -96.69
N ASP F 99 26.56 -53.24 -97.83
CA ASP F 99 25.26 -52.67 -98.17
C ASP F 99 24.69 -51.72 -97.10
N PRO F 100 25.23 -50.48 -96.97
CA PRO F 100 24.48 -49.50 -96.15
C PRO F 100 23.16 -49.09 -96.83
N ASP F 101 23.08 -49.30 -98.14
CA ASP F 101 21.81 -49.22 -98.85
C ASP F 101 20.95 -50.51 -98.74
N GLY F 102 21.48 -51.52 -98.08
CA GLY F 102 20.80 -52.81 -98.02
C GLY F 102 19.86 -52.98 -96.86
N LEU F 103 20.21 -52.41 -95.72
CA LEU F 103 19.40 -52.48 -94.55
C LEU F 103 18.26 -51.47 -94.58
N ALA F 104 18.20 -50.64 -95.62
CA ALA F 104 17.12 -49.66 -95.75
C ALA F 104 15.77 -50.34 -96.04
N LYS F 105 15.80 -51.42 -96.81
CA LYS F 105 14.60 -52.23 -97.05
C LYS F 105 14.10 -52.90 -95.77
N VAL F 106 15.05 -53.31 -94.94
CA VAL F 106 14.75 -53.92 -93.65
C VAL F 106 14.13 -52.89 -92.70
N ASP F 107 14.65 -51.66 -92.77
CA ASP F 107 14.11 -50.56 -91.99
C ASP F 107 12.70 -50.26 -92.40
N GLU F 108 12.44 -50.25 -93.71
CA GLU F 108 11.10 -49.96 -94.20
C GLU F 108 10.12 -51.06 -93.78
N GLY F 109 10.55 -52.33 -93.87
CA GLY F 109 9.69 -53.46 -93.50
C GLY F 109 9.35 -53.43 -92.00
N LEU F 110 10.36 -53.18 -91.17
CA LEU F 110 10.12 -53.16 -89.75
C LEU F 110 9.35 -51.93 -89.29
N SER F 111 9.52 -50.80 -89.96
CA SER F 111 8.69 -49.64 -89.67
C SER F 111 7.23 -49.87 -90.08
N MET F 112 7.02 -50.64 -91.14
CA MET F 112 5.69 -51.07 -91.53
C MET F 112 5.08 -51.93 -90.40
N VAL F 113 5.85 -52.86 -89.84
CA VAL F 113 5.32 -53.73 -88.80
C VAL F 113 5.04 -52.97 -87.51
N GLU F 114 5.90 -52.01 -87.21
CA GLU F 114 5.67 -51.15 -86.03
C GLU F 114 4.44 -50.27 -86.19
N ARG F 115 4.23 -49.77 -87.39
CA ARG F 115 3.07 -48.98 -87.63
C ARG F 115 1.81 -49.81 -87.52
N ILE F 116 1.86 -51.09 -87.94
CA ILE F 116 0.66 -51.89 -87.90
C ILE F 116 0.30 -52.35 -86.49
N ILE F 117 1.34 -52.57 -85.71
CA ILE F 117 1.09 -52.83 -84.29
C ILE F 117 0.47 -51.58 -83.62
N MET F 118 1.05 -50.38 -83.86
CA MET F 118 0.53 -49.14 -83.31
C MET F 118 -0.89 -48.86 -83.74
N ASN F 119 -1.22 -49.24 -84.97
CA ASN F 119 -2.57 -49.01 -85.44
C ASN F 119 -3.53 -49.88 -84.71
N TYR F 120 -3.10 -51.12 -84.46
CA TYR F 120 -3.95 -52.04 -83.69
C TYR F 120 -4.08 -51.58 -82.25
N ILE F 121 -3.07 -50.88 -81.73
CA ILE F 121 -3.18 -50.27 -80.42
C ILE F 121 -4.26 -49.18 -80.42
N GLU F 122 -4.20 -48.25 -81.39
CA GLU F 122 -5.10 -47.11 -81.36
C GLU F 122 -6.53 -47.52 -81.59
N SER F 123 -6.74 -48.58 -82.38
CA SER F 123 -8.08 -48.91 -82.80
C SER F 123 -8.87 -49.59 -81.74
N ASN F 124 -8.25 -50.52 -81.06
CA ASN F 124 -8.97 -51.36 -80.18
C ASN F 124 -9.07 -50.83 -78.77
N SER F 125 -8.68 -49.59 -78.55
CA SER F 125 -8.75 -48.97 -77.24
C SER F 125 -7.93 -49.75 -76.22
N TYR F 126 -6.64 -49.89 -76.45
CA TYR F 126 -5.79 -50.33 -75.39
C TYR F 126 -5.40 -49.18 -74.47
N ARG F 127 -5.61 -47.91 -74.89
CA ARG F 127 -5.18 -46.81 -74.04
C ARG F 127 -6.00 -46.71 -72.77
N VAL F 128 -7.29 -46.96 -72.94
CA VAL F 128 -8.22 -46.87 -71.82
C VAL F 128 -7.92 -48.01 -70.80
N THR F 129 -7.76 -49.23 -71.28
CA THR F 129 -7.51 -50.29 -70.37
C THR F 129 -6.11 -50.25 -69.77
N LEU F 130 -5.17 -49.67 -70.48
CA LEU F 130 -3.88 -49.54 -69.90
C LEU F 130 -3.88 -48.49 -68.85
N PHE F 131 -4.67 -47.42 -68.98
CA PHE F 131 -4.70 -46.42 -67.92
C PHE F 131 -5.31 -46.99 -66.67
N GLU F 132 -6.35 -47.77 -66.85
CA GLU F 132 -6.97 -48.47 -65.73
C GLU F 132 -5.96 -49.46 -65.07
N ALA F 133 -5.19 -50.14 -65.88
CA ALA F 133 -4.26 -51.08 -65.35
C ALA F 133 -3.17 -50.37 -64.62
N LEU F 134 -2.78 -49.20 -65.07
CA LEU F 134 -1.73 -48.46 -64.34
C LEU F 134 -2.26 -47.95 -63.00
N LYS F 135 -3.53 -47.50 -62.91
CA LYS F 135 -4.06 -47.10 -61.65
C LYS F 135 -4.12 -48.30 -60.70
N GLN F 136 -4.46 -49.49 -61.22
CA GLN F 136 -4.45 -50.68 -60.39
C GLN F 136 -3.05 -51.03 -59.94
N LEU F 137 -2.08 -50.83 -60.81
CA LEU F 137 -0.72 -51.24 -60.52
C LEU F 137 -0.05 -50.28 -59.58
N VAL F 138 -0.59 -49.08 -59.43
CA VAL F 138 -0.02 -48.16 -58.45
C VAL F 138 -0.72 -48.32 -57.13
N VAL F 139 -2.03 -48.46 -57.10
CA VAL F 139 -2.66 -48.60 -55.81
C VAL F 139 -2.52 -49.99 -55.26
N ALA F 140 -2.58 -51.01 -56.08
CA ALA F 140 -2.43 -52.35 -55.60
C ALA F 140 -1.21 -52.92 -56.27
N GLY F 141 -0.91 -54.15 -55.99
CA GLY F 141 0.40 -54.63 -56.37
C GLY F 141 0.38 -55.47 -57.60
N ASN F 142 -0.78 -55.87 -58.08
CA ASN F 142 -0.78 -56.85 -59.11
C ASN F 142 -1.94 -56.66 -60.07
N VAL F 143 -1.68 -56.68 -61.36
CA VAL F 143 -2.73 -56.61 -62.37
C VAL F 143 -2.51 -57.77 -63.30
N LEU F 144 -3.56 -58.19 -63.98
CA LEU F 144 -3.43 -59.31 -64.96
C LEU F 144 -4.12 -58.89 -66.25
N LEU F 145 -3.34 -58.63 -67.30
CA LEU F 145 -3.96 -58.30 -68.56
C LEU F 145 -4.11 -59.59 -69.36
N TYR F 146 -5.14 -59.59 -70.22
CA TYR F 146 -5.31 -60.68 -71.17
C TYR F 146 -5.93 -60.14 -72.42
N LEU F 147 -5.16 -60.26 -73.50
CA LEU F 147 -5.60 -59.94 -74.81
C LEU F 147 -5.91 -61.22 -75.58
N PRO F 148 -7.13 -61.35 -76.12
CA PRO F 148 -7.57 -62.57 -76.73
C PRO F 148 -7.04 -62.71 -78.15
N GLU F 149 -7.45 -63.79 -78.82
CA GLU F 149 -7.21 -63.87 -80.27
C GLU F 149 -8.08 -62.86 -80.96
N PRO F 150 -7.58 -62.19 -82.01
CA PRO F 150 -8.37 -61.13 -82.62
C PRO F 150 -9.58 -61.63 -83.41
N GLU F 151 -9.42 -62.72 -84.16
CA GLU F 151 -10.57 -63.36 -84.86
C GLU F 151 -11.31 -62.40 -85.79
N GLY F 152 -10.56 -61.48 -86.38
CA GLY F 152 -11.09 -60.51 -87.31
C GLY F 152 -10.66 -59.13 -86.94
N SER F 153 -10.96 -58.18 -87.81
CA SER F 153 -10.59 -56.78 -87.61
C SER F 153 -11.73 -55.98 -86.95
N ASN F 154 -12.68 -56.68 -86.36
CA ASN F 154 -13.73 -56.07 -85.56
C ASN F 154 -13.18 -55.63 -84.18
N TYR F 155 -14.05 -55.12 -83.32
CA TYR F 155 -13.59 -54.53 -82.07
C TYR F 155 -13.18 -55.59 -81.06
N ASN F 156 -11.92 -55.55 -80.62
CA ASN F 156 -11.43 -56.48 -79.61
C ASN F 156 -10.61 -55.76 -78.57
N PRO F 157 -11.22 -55.37 -77.45
CA PRO F 157 -10.49 -54.70 -76.40
C PRO F 157 -9.76 -55.71 -75.55
N MET F 158 -9.11 -55.23 -74.48
CA MET F 158 -8.30 -56.13 -73.66
C MET F 158 -8.87 -56.34 -72.29
N LYS F 159 -9.12 -57.59 -71.90
CA LYS F 159 -9.79 -57.85 -70.62
C LYS F 159 -8.81 -57.70 -69.49
N LEU F 160 -9.16 -56.81 -68.56
CA LEU F 160 -8.30 -56.57 -67.39
C LEU F 160 -8.74 -57.51 -66.29
N TYR F 161 -7.85 -57.74 -65.36
CA TYR F 161 -8.22 -58.48 -64.18
C TYR F 161 -7.55 -57.80 -63.00
N ARG F 162 -8.38 -57.21 -62.14
CA ARG F 162 -7.87 -56.70 -60.88
C ARG F 162 -7.65 -57.86 -59.90
N LEU F 163 -7.01 -57.55 -58.77
CA LEU F 163 -6.35 -58.56 -57.97
C LEU F 163 -7.29 -59.50 -57.37
N SER F 164 -8.54 -59.12 -57.21
CA SER F 164 -9.52 -59.99 -56.54
C SER F 164 -9.93 -61.19 -57.37
N SER F 165 -9.72 -61.16 -58.66
CA SER F 165 -10.34 -62.13 -59.50
C SER F 165 -9.37 -63.06 -60.17
N TYR F 166 -8.11 -63.06 -59.78
CA TYR F 166 -7.15 -64.03 -60.34
C TYR F 166 -6.17 -64.44 -59.29
N VAL F 167 -5.28 -65.35 -59.66
CA VAL F 167 -4.31 -65.78 -58.73
C VAL F 167 -3.06 -66.24 -59.49
N VAL F 168 -1.86 -66.11 -58.91
CA VAL F 168 -0.62 -66.48 -59.55
C VAL F 168 0.31 -67.13 -58.59
N GLN F 169 0.81 -68.32 -58.90
CA GLN F 169 1.83 -68.98 -58.10
C GLN F 169 3.16 -68.91 -58.85
N ARG F 170 4.22 -68.59 -58.11
CA ARG F 170 5.55 -68.50 -58.68
C ARG F 170 6.51 -69.37 -57.88
N ASP F 171 7.73 -69.48 -58.37
CA ASP F 171 8.83 -70.07 -57.64
C ASP F 171 9.69 -68.96 -57.08
N ALA F 172 10.87 -69.28 -56.57
CA ALA F 172 11.71 -68.21 -56.03
C ALA F 172 12.44 -67.43 -57.10
N PHE F 173 12.43 -67.90 -58.36
CA PHE F 173 12.84 -67.03 -59.44
C PHE F 173 11.83 -65.92 -59.72
N GLY F 174 10.65 -66.33 -60.17
CA GLY F 174 9.72 -65.42 -60.77
C GLY F 174 9.16 -66.06 -62.01
N ASN F 175 9.52 -67.33 -62.20
CA ASN F 175 8.87 -68.11 -63.22
C ASN F 175 7.44 -68.30 -62.81
N VAL F 176 6.51 -67.92 -63.68
CA VAL F 176 5.11 -68.14 -63.40
C VAL F 176 4.78 -69.61 -63.60
N LEU F 177 4.44 -70.31 -62.51
CA LEU F 177 4.09 -71.71 -62.66
C LEU F 177 2.64 -71.85 -63.12
N GLN F 178 1.72 -71.17 -62.45
CA GLN F 178 0.32 -71.29 -62.77
C GLN F 178 -0.50 -70.06 -62.47
N MET F 179 -1.54 -69.83 -63.26
CA MET F 179 -2.46 -68.79 -63.01
C MET F 179 -3.91 -69.37 -63.10
N VAL F 180 -4.85 -68.80 -62.36
CA VAL F 180 -6.21 -69.06 -62.55
C VAL F 180 -6.98 -67.76 -62.50
N THR F 181 -7.87 -67.50 -63.47
CA THR F 181 -8.73 -66.34 -63.45
C THR F 181 -10.17 -66.71 -63.20
N ARG F 182 -10.98 -65.79 -62.69
CA ARG F 182 -12.26 -66.10 -62.10
C ARG F 182 -13.28 -65.12 -62.62
N ASP F 183 -13.39 -65.06 -63.95
CA ASP F 183 -14.44 -64.23 -64.53
C ASP F 183 -15.82 -64.76 -64.13
N GLN F 184 -16.71 -63.79 -63.86
CA GLN F 184 -18.09 -64.08 -63.56
C GLN F 184 -18.99 -63.49 -64.67
N ILE F 185 -19.45 -64.33 -65.59
CA ILE F 185 -20.21 -63.85 -66.73
C ILE F 185 -21.63 -64.33 -66.62
N ALA F 186 -22.56 -63.57 -67.15
CA ALA F 186 -23.95 -64.06 -67.23
C ALA F 186 -24.08 -65.19 -68.26
N PHE F 187 -25.07 -66.05 -68.06
CA PHE F 187 -25.36 -67.14 -68.99
C PHE F 187 -25.81 -66.65 -70.34
N GLY F 188 -26.36 -65.46 -70.40
CA GLY F 188 -26.85 -64.92 -71.66
C GLY F 188 -25.74 -64.42 -72.55
N ALA F 189 -24.71 -63.84 -71.95
CA ALA F 189 -23.65 -63.22 -72.73
C ALA F 189 -22.40 -64.08 -72.81
N LEU F 190 -22.56 -65.39 -72.64
CA LEU F 190 -21.42 -66.29 -72.75
C LEU F 190 -20.97 -66.43 -74.19
N PRO F 191 -19.71 -66.81 -74.43
CA PRO F 191 -19.37 -67.38 -75.75
C PRO F 191 -20.14 -68.67 -76.02
N GLU F 192 -20.33 -68.95 -77.31
CA GLU F 192 -21.30 -69.95 -77.74
C GLU F 192 -20.90 -71.37 -77.37
N ASP F 193 -19.60 -71.64 -77.39
CA ASP F 193 -19.13 -72.96 -77.04
C ASP F 193 -19.31 -73.27 -75.55
N ILE F 194 -19.22 -72.23 -74.72
CA ILE F 194 -19.33 -72.44 -73.29
C ILE F 194 -20.78 -72.67 -72.88
N ARG F 195 -21.71 -72.09 -73.62
CA ARG F 195 -23.14 -72.27 -73.32
C ARG F 195 -23.56 -73.71 -73.46
N LYS F 196 -23.08 -74.37 -74.51
CA LYS F 196 -23.41 -75.76 -74.71
C LYS F 196 -22.72 -76.66 -73.69
N ALA F 197 -21.52 -76.28 -73.28
CA ALA F 197 -20.79 -77.05 -72.26
C ALA F 197 -21.50 -76.94 -70.88
N VAL F 198 -22.02 -75.77 -70.56
CA VAL F 198 -22.76 -75.62 -69.34
C VAL F 198 -24.11 -76.32 -69.44
N GLU F 199 -24.78 -76.20 -70.57
CA GLU F 199 -26.09 -76.78 -70.76
C GLU F 199 -26.03 -78.30 -70.71
N GLY F 200 -24.91 -78.87 -71.14
CA GLY F 200 -24.70 -80.32 -71.06
C GLY F 200 -24.60 -80.85 -69.63
N GLN F 201 -24.23 -79.98 -68.69
CA GLN F 201 -24.14 -80.35 -67.28
C GLN F 201 -25.54 -80.65 -66.73
N GLY F 202 -26.54 -79.92 -67.23
CA GLY F 202 -27.91 -80.23 -66.87
C GLY F 202 -28.58 -79.12 -66.09
N GLY F 203 -29.91 -79.21 -66.07
CA GLY F 203 -30.77 -78.17 -65.52
C GLY F 203 -30.85 -76.98 -66.47
N GLU F 204 -32.07 -76.47 -66.67
CA GLU F 204 -32.23 -75.22 -67.41
C GLU F 204 -31.67 -74.06 -66.58
N LYS F 205 -31.32 -72.98 -67.25
CA LYS F 205 -30.75 -71.83 -66.56
C LYS F 205 -31.52 -70.60 -66.93
N LYS F 206 -31.57 -69.64 -66.02
CA LYS F 206 -32.16 -68.34 -66.36
C LYS F 206 -31.18 -67.54 -67.19
N ALA F 207 -31.62 -66.42 -67.74
CA ALA F 207 -30.68 -65.64 -68.53
C ALA F 207 -29.66 -64.90 -67.63
N ASP F 208 -30.08 -64.24 -66.55
CA ASP F 208 -29.16 -63.46 -65.78
C ASP F 208 -28.56 -64.19 -64.63
N GLU F 209 -28.69 -65.51 -64.61
CA GLU F 209 -28.07 -66.30 -63.55
C GLU F 209 -26.55 -66.36 -63.76
N THR F 210 -25.81 -65.95 -62.75
CA THR F 210 -24.38 -65.79 -62.92
C THR F 210 -23.71 -67.12 -62.97
N ILE F 211 -22.73 -67.22 -63.86
CA ILE F 211 -21.94 -68.43 -64.01
C ILE F 211 -20.47 -68.06 -63.90
N ASP F 212 -19.79 -68.68 -62.96
CA ASP F 212 -18.39 -68.45 -62.75
C ASP F 212 -17.55 -69.40 -63.57
N VAL F 213 -16.80 -68.87 -64.53
CA VAL F 213 -15.84 -69.67 -65.22
C VAL F 213 -14.52 -69.58 -64.48
N TYR F 214 -13.61 -70.48 -64.79
CA TYR F 214 -12.27 -70.41 -64.27
C TYR F 214 -11.33 -70.74 -65.41
N THR F 215 -10.29 -69.92 -65.60
CA THR F 215 -9.33 -70.21 -66.62
C THR F 215 -8.04 -70.58 -65.96
N HIS F 216 -7.49 -71.72 -66.31
CA HIS F 216 -6.28 -72.23 -65.67
C HIS F 216 -5.17 -72.35 -66.69
N ILE F 217 -4.00 -71.82 -66.33
CA ILE F 217 -2.79 -71.85 -67.16
C ILE F 217 -1.72 -72.46 -66.29
N TYR F 218 -1.03 -73.51 -66.79
CA TYR F 218 -0.04 -74.20 -65.96
C TYR F 218 1.14 -74.69 -66.72
N LEU F 219 2.30 -74.73 -66.05
CA LEU F 219 3.51 -75.36 -66.62
C LEU F 219 3.33 -76.86 -66.74
N ASP F 220 3.84 -77.40 -67.84
CA ASP F 220 3.75 -78.83 -68.06
C ASP F 220 4.83 -79.55 -67.29
N GLU F 221 4.52 -80.77 -66.88
CA GLU F 221 5.50 -81.66 -66.30
C GLU F 221 6.44 -82.21 -67.38
N ASP F 222 6.00 -82.19 -68.64
CA ASP F 222 6.77 -82.77 -69.73
C ASP F 222 7.64 -81.70 -70.39
N SER F 223 6.99 -80.68 -70.96
CA SER F 223 7.71 -79.71 -71.76
C SER F 223 7.68 -78.34 -71.12
N GLY F 224 8.43 -77.41 -71.74
CA GLY F 224 8.54 -76.07 -71.22
C GLY F 224 7.56 -75.10 -71.85
N GLU F 225 6.31 -75.51 -72.05
CA GLU F 225 5.29 -74.64 -72.63
C GLU F 225 4.03 -74.68 -71.74
N TYR F 226 3.23 -73.62 -71.76
CA TYR F 226 2.07 -73.57 -70.92
C TYR F 226 0.90 -74.37 -71.52
N LEU F 227 0.02 -74.85 -70.65
CA LEU F 227 -1.25 -75.43 -71.07
C LEU F 227 -2.41 -74.70 -70.42
N ARG F 228 -3.43 -74.34 -71.18
CA ARG F 228 -4.62 -73.67 -70.63
C ARG F 228 -5.89 -74.45 -70.88
N TYR F 229 -6.81 -74.36 -69.91
CA TYR F 229 -8.15 -74.87 -70.07
C TYR F 229 -9.11 -74.05 -69.30
N GLU F 230 -10.39 -74.21 -69.64
CA GLU F 230 -11.48 -73.52 -68.92
C GLU F 230 -12.25 -74.53 -68.10
N GLU F 231 -12.95 -74.03 -67.09
CA GLU F 231 -13.72 -74.89 -66.25
C GLU F 231 -14.95 -74.17 -65.78
N VAL F 232 -16.10 -74.82 -65.91
CA VAL F 232 -17.35 -74.31 -65.36
C VAL F 232 -17.99 -75.42 -64.55
N GLU F 233 -18.24 -75.13 -63.28
CA GLU F 233 -19.05 -75.98 -62.42
C GLU F 233 -18.36 -77.33 -62.12
N GLY F 234 -17.08 -77.45 -62.43
CA GLY F 234 -16.34 -78.64 -62.06
C GLY F 234 -16.10 -79.60 -63.21
N MET F 235 -15.86 -79.06 -64.39
CA MET F 235 -15.63 -79.86 -65.58
C MET F 235 -14.92 -79.03 -66.62
N GLU F 236 -13.93 -79.63 -67.26
CA GLU F 236 -13.17 -78.94 -68.28
C GLU F 236 -14.04 -78.69 -69.54
N VAL F 237 -14.05 -77.46 -70.00
CA VAL F 237 -14.92 -77.04 -71.10
C VAL F 237 -14.46 -77.60 -72.42
N GLN F 238 -15.34 -78.38 -73.05
CA GLN F 238 -15.03 -79.01 -74.34
C GLN F 238 -14.82 -78.01 -75.41
N GLY F 239 -13.79 -78.26 -76.23
CA GLY F 239 -13.35 -77.35 -77.28
C GLY F 239 -12.78 -76.01 -76.80
N SER F 240 -12.16 -76.03 -75.62
CA SER F 240 -11.50 -74.83 -75.10
C SER F 240 -10.07 -75.07 -74.68
N ASP F 241 -9.50 -76.16 -75.19
CA ASP F 241 -8.12 -76.55 -74.90
C ASP F 241 -7.17 -75.53 -75.46
N GLY F 242 -6.00 -75.46 -74.86
CA GLY F 242 -5.00 -74.52 -75.37
C GLY F 242 -3.59 -74.90 -75.01
N THR F 243 -2.69 -74.69 -75.97
CA THR F 243 -1.28 -74.87 -75.78
C THR F 243 -0.63 -73.57 -76.13
N TYR F 244 0.20 -73.05 -75.25
CA TYR F 244 0.83 -71.80 -75.50
C TYR F 244 2.34 -71.91 -75.42
N PRO F 245 3.06 -71.23 -76.33
CA PRO F 245 4.52 -71.20 -76.25
C PRO F 245 5.03 -70.38 -75.07
N LYS F 246 6.30 -70.55 -74.78
CA LYS F 246 6.88 -70.05 -73.52
C LYS F 246 6.92 -68.53 -73.47
N GLU F 247 7.09 -67.90 -74.61
CA GLU F 247 7.33 -66.46 -74.64
C GLU F 247 6.13 -65.65 -75.06
N ALA F 248 5.14 -66.29 -75.69
CA ALA F 248 4.02 -65.57 -76.26
C ALA F 248 2.75 -65.85 -75.47
N CYS F 249 2.88 -65.80 -74.17
CA CYS F 249 1.77 -66.13 -73.29
C CYS F 249 0.82 -64.95 -73.28
N PRO F 250 -0.46 -65.18 -73.62
CA PRO F 250 -1.36 -64.05 -73.74
C PRO F 250 -1.83 -63.54 -72.38
N TYR F 251 -1.67 -64.34 -71.31
CA TYR F 251 -2.01 -63.86 -69.99
C TYR F 251 -0.72 -63.22 -69.42
N ILE F 252 -0.75 -61.90 -69.22
CA ILE F 252 0.41 -61.20 -68.77
C ILE F 252 0.17 -60.74 -67.32
N PRO F 253 0.87 -61.32 -66.35
CA PRO F 253 0.78 -60.84 -64.98
C PRO F 253 1.79 -59.74 -64.69
N ILE F 254 1.35 -58.59 -64.21
CA ILE F 254 2.23 -57.45 -64.04
C ILE F 254 2.35 -57.11 -62.58
N ARG F 255 3.58 -56.97 -62.10
CA ARG F 255 3.91 -56.51 -60.76
C ARG F 255 4.54 -55.13 -60.84
N MET F 256 4.25 -54.27 -59.88
CA MET F 256 4.91 -52.97 -59.85
C MET F 256 6.31 -53.09 -59.23
N VAL F 257 6.41 -53.52 -57.97
CA VAL F 257 7.69 -53.60 -57.31
C VAL F 257 7.94 -55.01 -56.90
N ARG F 258 8.96 -55.64 -57.49
CA ARG F 258 9.16 -57.05 -57.24
C ARG F 258 9.95 -57.29 -55.99
N LEU F 259 9.76 -58.47 -55.43
CA LEU F 259 10.54 -58.95 -54.27
C LEU F 259 10.94 -60.38 -54.50
N ASP F 260 12.06 -60.73 -53.90
CA ASP F 260 12.61 -62.02 -54.12
C ASP F 260 11.78 -63.09 -53.39
N GLY F 261 11.47 -64.18 -54.11
CA GLY F 261 10.83 -65.34 -53.50
C GLY F 261 9.45 -65.04 -52.98
N GLU F 262 8.69 -64.38 -53.82
CA GLU F 262 7.41 -63.87 -53.44
C GLU F 262 6.56 -63.71 -54.70
N SER F 263 5.40 -64.34 -54.70
CA SER F 263 4.67 -64.59 -55.95
C SER F 263 3.94 -63.42 -56.49
N TYR F 264 3.88 -62.33 -55.76
CA TYR F 264 3.02 -61.20 -56.13
C TYR F 264 3.81 -59.90 -56.10
N GLY F 265 3.10 -58.80 -56.21
CA GLY F 265 3.77 -57.53 -56.23
C GLY F 265 3.26 -56.65 -55.14
N ARG F 266 4.07 -55.69 -54.74
CA ARG F 266 3.63 -54.72 -53.74
C ARG F 266 3.58 -53.35 -54.33
N SER F 267 2.51 -52.65 -54.06
CA SER F 267 2.25 -51.41 -54.72
C SER F 267 3.27 -50.33 -54.35
N TYR F 268 3.32 -49.30 -55.15
CA TYR F 268 4.21 -48.18 -54.91
C TYR F 268 3.64 -47.32 -53.85
N ILE F 269 2.33 -47.30 -53.62
CA ILE F 269 1.75 -46.50 -52.57
C ILE F 269 2.02 -47.09 -51.18
N GLU F 270 2.29 -48.41 -51.15
CA GLU F 270 2.61 -49.10 -49.89
C GLU F 270 3.88 -48.55 -49.23
N GLU F 271 4.88 -48.28 -50.02
CA GLU F 271 6.06 -47.79 -49.51
C GLU F 271 5.93 -46.42 -48.94
N TYR F 272 4.95 -45.67 -49.32
CA TYR F 272 4.79 -44.38 -48.64
C TYR F 272 3.43 -44.34 -47.97
N LEU F 273 2.95 -45.47 -47.48
CA LEU F 273 1.62 -45.52 -46.87
C LEU F 273 1.56 -44.83 -45.55
N GLY F 274 2.55 -45.03 -44.73
CA GLY F 274 2.52 -44.60 -43.34
C GLY F 274 2.53 -43.07 -43.23
N ASP F 275 3.46 -42.41 -43.90
CA ASP F 275 3.40 -40.99 -43.97
C ASP F 275 2.18 -40.53 -44.68
N LEU F 276 1.55 -41.40 -45.42
CA LEU F 276 0.26 -41.08 -45.97
C LEU F 276 -0.72 -41.08 -44.82
N ARG F 277 -0.77 -42.17 -44.03
CA ARG F 277 -1.78 -42.24 -42.95
C ARG F 277 -1.48 -41.29 -41.84
N SER F 278 -0.24 -40.97 -41.61
CA SER F 278 0.06 -39.96 -40.61
C SER F 278 -0.38 -38.65 -41.07
N LEU F 279 -0.48 -38.43 -42.38
CA LEU F 279 -1.10 -37.21 -42.85
C LEU F 279 -2.50 -37.24 -42.56
N GLU F 280 -3.12 -38.38 -42.83
CA GLU F 280 -4.59 -38.56 -42.71
C GLU F 280 -5.03 -38.13 -41.34
N ASN F 281 -4.49 -38.75 -40.27
CA ASN F 281 -4.85 -38.43 -38.95
C ASN F 281 -4.64 -36.98 -38.71
N LEU F 282 -3.48 -36.52 -39.04
CA LEU F 282 -3.07 -35.15 -38.69
C LEU F 282 -3.88 -34.18 -39.42
N GLN F 283 -4.49 -34.59 -40.47
CA GLN F 283 -5.28 -33.67 -41.21
C GLN F 283 -6.72 -33.77 -40.72
N GLU F 284 -7.13 -34.98 -40.36
CA GLU F 284 -8.50 -35.29 -39.96
C GLU F 284 -8.90 -34.38 -38.85
N ALA F 285 -8.08 -34.39 -37.80
CA ALA F 285 -8.28 -33.58 -36.60
C ALA F 285 -8.64 -32.19 -36.96
N ILE F 286 -7.86 -31.65 -37.87
CA ILE F 286 -7.92 -30.23 -38.20
C ILE F 286 -9.31 -29.94 -38.67
N VAL F 287 -9.85 -30.78 -39.54
CA VAL F 287 -11.16 -30.57 -40.06
C VAL F 287 -12.14 -30.68 -38.90
N LYS F 288 -11.97 -31.70 -38.04
CA LYS F 288 -12.83 -31.86 -36.87
C LYS F 288 -12.68 -30.65 -35.95
N MET F 289 -11.46 -30.18 -35.80
CA MET F 289 -11.27 -29.06 -34.90
C MET F 289 -11.78 -27.86 -35.53
N SER F 290 -12.06 -27.84 -36.80
CA SER F 290 -12.61 -26.68 -37.34
C SER F 290 -14.03 -26.65 -36.97
N MET F 291 -14.66 -27.82 -37.01
CA MET F 291 -16.13 -27.86 -36.92
C MET F 291 -16.55 -27.39 -35.51
N ILE F 292 -15.74 -27.63 -34.46
CA ILE F 292 -15.99 -27.15 -33.15
C ILE F 292 -16.09 -25.68 -33.17
N SER F 293 -15.24 -25.04 -33.97
CA SER F 293 -15.30 -23.57 -34.13
C SER F 293 -16.62 -23.10 -34.78
N SER F 294 -17.32 -23.98 -35.46
CA SER F 294 -18.45 -23.55 -36.17
C SER F 294 -19.70 -23.82 -35.38
N LYS F 295 -19.62 -23.67 -34.09
CA LYS F 295 -20.77 -23.85 -33.17
C LYS F 295 -20.72 -22.61 -32.24
N VAL F 296 -21.59 -21.64 -32.50
CA VAL F 296 -21.67 -20.49 -31.73
C VAL F 296 -22.44 -20.87 -30.48
N ILE F 297 -21.83 -20.74 -29.29
CA ILE F 297 -22.57 -20.82 -28.04
C ILE F 297 -22.37 -19.51 -27.35
N GLY F 298 -23.45 -18.83 -27.06
CA GLY F 298 -23.34 -17.62 -26.25
C GLY F 298 -23.36 -17.92 -24.76
N LEU F 299 -22.26 -17.67 -24.08
CA LEU F 299 -22.24 -17.85 -22.66
C LEU F 299 -22.70 -16.58 -21.97
N VAL F 300 -23.85 -16.61 -21.28
CA VAL F 300 -24.27 -15.46 -20.48
C VAL F 300 -23.89 -15.59 -19.11
N ASN F 301 -23.33 -14.56 -18.54
CA ASN F 301 -22.70 -14.71 -17.16
C ASN F 301 -23.72 -14.52 -16.14
N PRO F 302 -24.02 -15.51 -15.33
CA PRO F 302 -25.06 -15.40 -14.47
C PRO F 302 -24.89 -14.37 -13.44
N ALA F 303 -23.70 -13.93 -13.19
CA ALA F 303 -23.51 -12.96 -12.14
C ALA F 303 -23.87 -11.60 -12.53
N GLY F 304 -24.24 -11.42 -13.76
CA GLY F 304 -24.42 -10.08 -14.29
C GLY F 304 -25.91 -9.75 -14.43
N ILE F 305 -26.18 -8.78 -15.31
CA ILE F 305 -27.45 -8.27 -15.40
C ILE F 305 -28.10 -8.71 -16.64
N THR F 306 -27.38 -8.81 -17.75
CA THR F 306 -27.99 -8.92 -19.04
C THR F 306 -28.65 -10.22 -19.25
N GLN F 307 -29.83 -10.27 -19.84
CA GLN F 307 -30.46 -11.57 -19.99
C GLN F 307 -31.15 -11.87 -21.25
N PRO F 308 -31.02 -13.03 -21.79
CA PRO F 308 -31.37 -13.22 -23.13
C PRO F 308 -32.86 -13.33 -23.46
N ARG F 309 -33.77 -12.99 -22.57
CA ARG F 309 -35.13 -12.74 -23.06
C ARG F 309 -35.19 -11.36 -23.65
N ARG F 310 -34.12 -10.60 -23.60
CA ARG F 310 -34.19 -9.25 -24.07
C ARG F 310 -33.27 -8.99 -25.19
N LEU F 311 -32.19 -9.75 -25.34
CA LEU F 311 -31.40 -9.63 -26.57
C LEU F 311 -32.18 -10.16 -27.75
N THR F 312 -32.86 -11.28 -27.61
CA THR F 312 -33.27 -11.84 -28.71
C THR F 312 -34.49 -11.19 -29.23
N LYS F 313 -35.39 -10.74 -28.36
CA LYS F 313 -36.71 -10.28 -28.86
C LYS F 313 -36.65 -8.94 -29.43
N ALA F 314 -35.56 -8.27 -29.21
CA ALA F 314 -35.45 -6.87 -29.69
C ALA F 314 -35.21 -6.79 -31.14
N GLN F 315 -35.88 -5.85 -31.84
CA GLN F 315 -35.57 -5.78 -33.29
C GLN F 315 -34.25 -5.15 -33.47
N THR F 316 -33.83 -4.96 -34.72
CA THR F 316 -32.48 -4.43 -34.91
C THR F 316 -32.45 -3.04 -34.58
N GLY F 317 -31.41 -2.61 -33.88
CA GLY F 317 -31.28 -1.28 -33.37
C GLY F 317 -32.40 -0.97 -32.39
N ASP F 318 -32.41 -1.82 -31.41
CA ASP F 318 -33.29 -1.58 -30.27
C ASP F 318 -32.46 -1.49 -29.04
N PHE F 319 -32.62 -0.42 -28.27
CA PHE F 319 -31.88 -0.33 -27.06
C PHE F 319 -32.42 -1.38 -26.07
N VAL F 320 -31.55 -2.00 -25.29
CA VAL F 320 -32.00 -2.82 -24.32
C VAL F 320 -31.03 -2.97 -23.21
N THR F 321 -31.44 -3.45 -22.03
CA THR F 321 -30.61 -3.25 -20.91
C THR F 321 -29.66 -4.21 -20.66
N GLY F 322 -28.43 -3.83 -20.36
CA GLY F 322 -27.39 -4.89 -20.16
C GLY F 322 -26.00 -4.41 -20.26
N ARG F 323 -25.13 -5.16 -19.71
CA ARG F 323 -23.79 -4.78 -19.78
C ARG F 323 -23.08 -5.67 -20.79
N PRO F 324 -22.01 -5.18 -21.43
CA PRO F 324 -21.39 -5.94 -22.40
C PRO F 324 -20.47 -6.97 -21.84
N GLU F 325 -20.07 -6.91 -20.58
CA GLU F 325 -19.15 -7.94 -20.13
C GLU F 325 -19.86 -9.20 -19.72
N ASP F 326 -21.17 -9.27 -19.88
CA ASP F 326 -21.88 -10.42 -19.46
C ASP F 326 -21.97 -11.46 -20.52
N ILE F 327 -22.23 -11.09 -21.78
CA ILE F 327 -22.33 -12.12 -22.80
C ILE F 327 -20.98 -12.29 -23.37
N SER F 328 -20.51 -13.51 -23.49
CA SER F 328 -19.30 -13.75 -24.28
C SER F 328 -19.59 -14.95 -25.13
N PHE F 329 -18.61 -15.40 -25.90
CA PHE F 329 -18.88 -16.55 -26.73
C PHE F 329 -17.78 -17.55 -26.59
N LEU F 330 -18.14 -18.80 -26.65
CA LEU F 330 -17.19 -19.92 -26.29
C LEU F 330 -16.28 -20.12 -27.41
N GLN F 331 -14.99 -19.77 -27.31
CA GLN F 331 -14.00 -20.07 -28.37
C GLN F 331 -13.31 -21.36 -28.10
N LEU F 332 -12.45 -21.76 -29.02
CA LEU F 332 -11.70 -23.03 -28.88
C LEU F 332 -10.24 -22.66 -28.99
N GLU F 333 -9.56 -22.60 -27.85
CA GLU F 333 -8.32 -21.93 -27.83
C GLU F 333 -7.10 -22.75 -28.20
N LYS F 334 -7.26 -23.84 -28.95
CA LYS F 334 -6.09 -24.51 -29.53
C LYS F 334 -5.48 -23.62 -30.61
N GLN F 335 -4.42 -22.90 -30.26
CA GLN F 335 -3.72 -22.14 -31.26
C GLN F 335 -2.33 -22.68 -31.48
N ALA F 336 -1.61 -22.95 -30.40
CA ALA F 336 -0.30 -23.55 -30.54
C ALA F 336 -0.42 -24.98 -31.06
N ASP F 337 -1.44 -25.71 -30.64
CA ASP F 337 -1.65 -27.03 -31.21
C ASP F 337 -2.03 -26.94 -32.69
N PHE F 338 -2.83 -25.94 -33.07
CA PHE F 338 -3.18 -25.80 -34.46
C PHE F 338 -1.98 -25.45 -35.33
N THR F 339 -1.09 -24.58 -34.84
CA THR F 339 0.12 -24.26 -35.62
C THR F 339 1.13 -25.37 -35.72
N VAL F 340 1.24 -26.19 -34.68
CA VAL F 340 2.15 -27.32 -34.78
C VAL F 340 1.55 -28.42 -35.62
N ALA F 341 0.25 -28.56 -35.60
CA ALA F 341 -0.38 -29.60 -36.42
C ALA F 341 -0.29 -29.22 -37.88
N LYS F 342 -0.52 -27.95 -38.20
CA LYS F 342 -0.44 -27.50 -39.58
C LYS F 342 1.00 -27.59 -40.08
N ALA F 343 1.96 -27.34 -39.22
CA ALA F 343 3.37 -27.40 -39.63
C ALA F 343 3.79 -28.80 -40.00
N VAL F 344 3.41 -29.76 -39.20
CA VAL F 344 3.79 -31.11 -39.52
C VAL F 344 2.97 -31.65 -40.67
N SER F 345 1.75 -31.16 -40.83
CA SER F 345 0.96 -31.52 -41.99
C SER F 345 1.61 -31.06 -43.27
N ASP F 346 2.12 -29.85 -43.26
CA ASP F 346 2.75 -29.34 -44.46
C ASP F 346 4.03 -30.10 -44.74
N ALA F 347 4.81 -30.31 -43.70
CA ALA F 347 6.08 -30.98 -43.89
C ALA F 347 5.90 -32.41 -44.29
N ILE F 348 4.72 -33.00 -44.12
CA ILE F 348 4.54 -34.34 -44.59
C ILE F 348 3.96 -34.34 -45.99
N GLU F 349 3.19 -33.31 -46.35
CA GLU F 349 2.72 -33.22 -47.74
C GLU F 349 3.91 -32.93 -48.67
N ALA F 350 4.94 -32.26 -48.18
CA ALA F 350 6.10 -32.00 -49.00
C ALA F 350 6.78 -33.30 -49.43
N ARG F 351 6.86 -34.24 -48.50
CA ARG F 351 7.45 -35.53 -48.83
C ARG F 351 6.60 -36.26 -49.85
N LEU F 352 5.29 -36.28 -49.61
CA LEU F 352 4.46 -36.99 -50.51
C LEU F 352 4.38 -36.26 -51.88
N SER F 353 4.65 -34.97 -51.94
CA SER F 353 4.67 -34.30 -53.22
C SER F 353 5.99 -34.61 -54.00
N PHE F 354 7.18 -34.63 -53.35
CA PHE F 354 8.39 -35.13 -54.04
C PHE F 354 8.34 -36.59 -54.31
N ALA F 355 7.37 -37.28 -53.74
CA ALA F 355 7.30 -38.73 -53.91
C ALA F 355 6.31 -39.20 -54.87
N PHE F 356 5.30 -38.41 -55.13
CA PHE F 356 4.26 -38.82 -56.05
C PHE F 356 4.23 -37.99 -57.34
N MET F 357 5.25 -37.15 -57.53
CA MET F 357 5.37 -36.24 -58.64
C MET F 357 4.25 -35.23 -58.73
N LEU F 358 3.76 -34.77 -57.61
CA LEU F 358 2.79 -33.74 -57.59
C LEU F 358 3.63 -32.53 -58.03
N ASN F 359 2.95 -31.47 -58.52
CA ASN F 359 3.65 -30.40 -59.22
C ASN F 359 4.47 -29.54 -58.26
N SER F 360 5.78 -29.67 -58.42
CA SER F 360 6.73 -28.81 -57.75
C SER F 360 7.43 -27.95 -58.80
N ALA F 361 6.60 -27.34 -59.66
CA ALA F 361 7.00 -26.52 -60.82
C ALA F 361 7.92 -27.25 -61.81
N VAL F 362 7.41 -28.36 -62.35
CA VAL F 362 8.10 -29.07 -63.40
C VAL F 362 7.34 -29.04 -64.73
N GLN F 363 6.08 -29.48 -64.71
CA GLN F 363 5.35 -29.70 -65.95
C GLN F 363 4.29 -28.63 -66.22
N ARG F 364 4.25 -27.61 -65.36
CA ARG F 364 3.21 -26.58 -65.49
C ARG F 364 3.51 -25.59 -66.63
N THR F 365 4.75 -25.13 -66.72
CA THR F 365 5.14 -24.00 -67.56
C THR F 365 5.06 -24.33 -69.05
N GLY F 366 3.84 -24.27 -69.59
CA GLY F 366 3.52 -24.49 -71.02
C GLY F 366 3.88 -25.89 -71.49
N GLU F 367 3.13 -26.90 -71.00
CA GLU F 367 3.41 -28.29 -71.37
C GLU F 367 3.05 -28.50 -72.86
N ARG F 368 3.97 -29.17 -73.57
CA ARG F 368 3.71 -29.55 -74.96
C ARG F 368 3.84 -31.07 -75.13
N VAL F 369 3.89 -31.54 -76.38
CA VAL F 369 3.87 -32.99 -76.69
C VAL F 369 5.10 -33.32 -77.53
N THR F 370 5.64 -34.52 -77.32
CA THR F 370 6.47 -35.31 -78.27
C THR F 370 7.88 -34.86 -78.62
N ALA F 371 8.21 -33.62 -78.31
CA ALA F 371 9.54 -33.09 -78.60
C ALA F 371 10.13 -32.63 -77.26
N GLU F 372 11.13 -33.40 -76.80
CA GLU F 372 11.83 -33.22 -75.50
C GLU F 372 10.91 -33.67 -74.32
N GLU F 373 9.62 -33.89 -74.58
CA GLU F 373 8.67 -34.10 -73.51
C GLU F 373 8.74 -35.51 -72.94
N ILE F 374 8.74 -36.51 -73.83
CA ILE F 374 8.74 -37.87 -73.38
C ILE F 374 10.08 -38.27 -72.76
N ARG F 375 11.14 -37.67 -73.27
CA ARG F 375 12.44 -37.80 -72.68
C ARG F 375 12.45 -37.27 -71.26
N TYR F 376 11.90 -36.08 -71.08
CA TYR F 376 11.93 -35.43 -69.77
C TYR F 376 11.07 -36.21 -68.79
N VAL F 377 9.91 -36.69 -69.23
CA VAL F 377 9.04 -37.43 -68.36
C VAL F 377 9.65 -38.73 -67.92
N ALA F 378 10.27 -39.43 -68.83
CA ALA F 378 10.85 -40.70 -68.44
C ALA F 378 12.10 -40.52 -67.58
N SER F 379 12.88 -39.47 -67.85
CA SER F 379 14.06 -39.25 -67.05
C SER F 379 13.70 -38.86 -65.63
N GLU F 380 12.65 -38.09 -65.47
CA GLU F 380 12.19 -37.77 -64.13
C GLU F 380 11.55 -38.99 -63.46
N LEU F 381 10.78 -39.79 -64.19
CA LEU F 381 10.18 -40.97 -63.62
C LEU F 381 11.20 -42.04 -63.23
N GLU F 382 12.39 -42.03 -63.82
CA GLU F 382 13.45 -42.83 -63.24
C GLU F 382 14.19 -42.10 -62.16
N ASP F 383 14.19 -40.76 -62.14
CA ASP F 383 14.83 -40.02 -61.05
C ASP F 383 14.14 -40.32 -59.76
N THR F 384 12.85 -39.99 -59.67
CA THR F 384 12.09 -40.40 -58.53
C THR F 384 11.54 -41.78 -58.84
N LEU F 385 10.62 -42.25 -58.02
CA LEU F 385 9.97 -43.53 -58.24
C LEU F 385 10.87 -44.77 -58.27
N GLY F 386 12.19 -44.62 -58.18
CA GLY F 386 13.05 -45.79 -58.15
C GLY F 386 13.08 -46.47 -59.48
N GLY F 387 12.93 -47.79 -59.48
CA GLY F 387 12.96 -48.47 -60.77
C GLY F 387 11.61 -48.70 -61.44
N VAL F 388 10.62 -47.81 -61.32
CA VAL F 388 9.31 -48.11 -61.79
C VAL F 388 9.31 -48.15 -63.30
N TYR F 389 9.99 -47.18 -63.90
CA TYR F 389 9.91 -47.04 -65.35
C TYR F 389 10.67 -48.17 -66.08
N SER F 390 11.68 -48.74 -65.46
CA SER F 390 12.43 -49.75 -66.13
C SER F 390 11.88 -51.11 -65.82
N ILE F 391 11.56 -51.39 -64.56
CA ILE F 391 10.96 -52.66 -64.18
C ILE F 391 9.64 -52.83 -64.89
N LEU F 392 8.91 -51.73 -64.99
CA LEU F 392 7.62 -51.73 -65.66
C LEU F 392 7.78 -51.95 -67.13
N SER F 393 8.87 -51.49 -67.70
CA SER F 393 9.11 -51.67 -69.13
C SER F 393 9.48 -53.12 -69.45
N GLN F 394 10.25 -53.75 -68.57
CA GLN F 394 10.55 -55.15 -68.78
C GLN F 394 9.27 -56.02 -68.56
N GLU F 395 8.48 -55.71 -67.54
CA GLU F 395 7.37 -56.58 -67.21
C GLU F 395 6.17 -56.34 -68.09
N LEU F 396 5.95 -55.09 -68.50
CA LEU F 396 4.72 -54.76 -69.21
C LEU F 396 4.85 -54.67 -70.73
N GLN F 397 5.80 -53.86 -71.20
CA GLN F 397 5.89 -53.61 -72.61
C GLN F 397 6.50 -54.72 -73.42
N LEU F 398 7.38 -55.56 -72.84
CA LEU F 398 7.87 -56.67 -73.59
C LEU F 398 6.81 -57.66 -73.91
N PRO F 399 6.00 -58.07 -72.96
CA PRO F 399 4.94 -58.97 -73.38
C PRO F 399 3.84 -58.33 -74.19
N LEU F 400 3.56 -57.05 -74.00
CA LEU F 400 2.46 -56.43 -74.76
C LEU F 400 2.84 -56.23 -76.20
N VAL F 401 4.12 -56.04 -76.50
CA VAL F 401 4.58 -56.06 -77.88
C VAL F 401 4.71 -57.46 -78.38
N ARG F 402 5.08 -58.37 -77.52
CA ARG F 402 5.42 -59.72 -77.97
C ARG F 402 4.19 -60.53 -78.33
N VAL F 403 3.13 -60.40 -77.55
CA VAL F 403 1.88 -61.08 -77.85
C VAL F 403 1.20 -60.51 -79.10
N LEU F 404 1.24 -59.18 -79.23
CA LEU F 404 0.78 -58.56 -80.44
C LEU F 404 1.55 -59.02 -81.68
N LEU F 405 2.89 -58.99 -81.58
CA LEU F 405 3.76 -59.31 -82.69
C LEU F 405 3.60 -60.73 -83.08
N LYS F 406 3.18 -61.56 -82.14
CA LYS F 406 2.95 -62.96 -82.49
C LYS F 406 1.63 -63.09 -83.23
N GLN F 407 0.57 -62.63 -82.60
CA GLN F 407 -0.77 -62.91 -83.14
C GLN F 407 -1.08 -62.11 -84.42
N LEU F 408 -0.72 -60.83 -84.46
CA LEU F 408 -1.00 -60.03 -85.62
C LEU F 408 -0.26 -60.50 -86.88
N GLN F 409 1.04 -60.75 -86.77
CA GLN F 409 1.79 -61.22 -87.93
C GLN F 409 1.45 -62.70 -88.20
N ALA F 410 0.90 -63.41 -87.22
CA ALA F 410 0.30 -64.72 -87.52
C ALA F 410 -1.05 -64.59 -88.25
N THR F 411 -1.65 -63.41 -88.25
CA THR F 411 -2.84 -63.17 -89.05
C THR F 411 -2.53 -62.41 -90.36
N GLN F 412 -1.82 -61.29 -90.25
CA GLN F 412 -1.65 -60.37 -91.38
C GLN F 412 -0.47 -60.75 -92.28
N GLN F 413 -0.01 -59.79 -93.11
CA GLN F 413 0.97 -60.10 -94.17
C GLN F 413 2.41 -59.82 -93.75
N ILE F 414 3.28 -60.77 -94.08
CA ILE F 414 4.71 -60.62 -93.89
C ILE F 414 5.27 -59.93 -95.14
N PRO F 415 5.98 -58.79 -94.99
CA PRO F 415 6.58 -58.13 -96.17
C PRO F 415 7.90 -58.76 -96.67
N GLU F 416 8.52 -58.03 -97.60
CA GLU F 416 9.77 -58.37 -98.30
C GLU F 416 10.99 -58.86 -97.45
N LEU F 417 11.17 -58.27 -96.26
CA LEU F 417 12.41 -58.32 -95.42
C LEU F 417 12.98 -59.72 -95.18
N PRO F 418 14.32 -59.83 -94.99
CA PRO F 418 15.03 -61.15 -95.00
C PRO F 418 14.70 -62.08 -93.85
N LYS F 419 15.29 -63.28 -93.89
CA LYS F 419 14.96 -64.33 -92.94
C LYS F 419 15.57 -64.13 -91.55
N GLU F 420 16.53 -63.21 -91.43
CA GLU F 420 17.06 -62.87 -90.11
C GLU F 420 16.24 -61.79 -89.42
N ALA F 421 15.30 -61.19 -90.15
CA ALA F 421 14.42 -60.17 -89.58
C ALA F 421 12.93 -60.60 -89.54
N VAL F 422 12.63 -61.86 -89.82
CA VAL F 422 11.24 -62.31 -89.70
C VAL F 422 10.84 -62.44 -88.22
N GLU F 423 11.76 -62.96 -87.43
CA GLU F 423 11.60 -63.16 -85.99
C GLU F 423 12.56 -62.19 -85.28
N PRO F 424 12.12 -60.97 -85.02
CA PRO F 424 13.07 -59.91 -84.61
C PRO F 424 13.29 -59.84 -83.12
N THR F 425 14.12 -58.91 -82.71
CA THR F 425 14.28 -58.64 -81.29
C THR F 425 13.64 -57.32 -80.98
N ILE F 426 13.24 -57.15 -79.72
CA ILE F 426 12.42 -56.03 -79.33
C ILE F 426 13.11 -55.21 -78.27
N SER F 427 13.10 -53.88 -78.43
CA SER F 427 13.53 -52.97 -77.35
C SER F 427 12.37 -52.11 -76.94
N THR F 428 12.30 -51.73 -75.67
CA THR F 428 11.07 -51.12 -75.17
C THR F 428 11.19 -49.80 -74.41
N GLY F 429 12.22 -49.67 -73.63
CA GLY F 429 12.25 -48.57 -72.67
C GLY F 429 12.79 -47.29 -73.28
N LEU F 430 13.67 -46.59 -72.56
CA LEU F 430 14.29 -45.39 -73.06
C LEU F 430 15.16 -45.67 -74.27
N GLU F 431 15.58 -46.93 -74.44
CA GLU F 431 16.34 -47.31 -75.62
C GLU F 431 15.46 -47.31 -76.86
N ALA F 432 14.15 -47.33 -76.65
CA ALA F 432 13.23 -47.42 -77.77
C ALA F 432 12.37 -46.19 -77.97
N ILE F 433 12.56 -45.15 -77.19
CA ILE F 433 11.77 -43.96 -77.38
C ILE F 433 12.34 -43.24 -78.57
N GLY F 434 11.45 -42.79 -79.44
CA GLY F 434 11.92 -42.39 -80.78
C GLY F 434 12.34 -43.64 -81.51
N ARG F 435 13.22 -43.49 -82.48
CA ARG F 435 13.86 -44.66 -83.06
C ARG F 435 15.36 -44.46 -82.93
N GLY F 436 15.81 -43.26 -83.34
CA GLY F 436 17.16 -42.75 -83.16
C GLY F 436 17.42 -42.57 -81.68
N GLN F 437 18.67 -42.30 -81.34
CA GLN F 437 19.01 -42.14 -79.94
C GLN F 437 18.38 -40.88 -79.31
N ASP F 438 18.74 -39.69 -79.80
CA ASP F 438 18.33 -38.44 -79.15
C ASP F 438 18.03 -37.39 -80.17
N LEU F 439 16.89 -36.71 -80.04
CA LEU F 439 16.55 -35.59 -80.92
C LEU F 439 17.47 -34.39 -80.73
N ASP F 440 17.84 -34.14 -79.47
CA ASP F 440 18.72 -33.04 -79.15
C ASP F 440 20.10 -33.31 -79.76
N LYS F 441 20.49 -34.58 -79.81
CA LYS F 441 21.76 -35.01 -80.40
C LYS F 441 21.79 -34.64 -81.88
N LEU F 442 20.75 -35.03 -82.62
CA LEU F 442 20.70 -34.77 -84.05
C LEU F 442 20.59 -33.27 -84.33
N GLU F 443 19.83 -32.55 -83.50
CA GLU F 443 19.67 -31.12 -83.71
C GLU F 443 20.97 -30.36 -83.48
N ARG F 444 21.62 -30.59 -82.34
CA ARG F 444 22.88 -29.92 -82.05
C ARG F 444 24.01 -30.42 -82.94
N CYS F 445 23.89 -31.65 -83.46
CA CYS F 445 24.89 -32.16 -84.38
C CYS F 445 24.75 -31.51 -85.75
N VAL F 446 23.52 -31.27 -86.18
CA VAL F 446 23.29 -30.56 -87.42
C VAL F 446 23.78 -29.10 -87.30
N THR F 447 23.56 -28.47 -86.15
CA THR F 447 24.10 -27.11 -85.95
C THR F 447 25.63 -27.10 -85.87
N ALA F 448 26.21 -28.17 -85.32
CA ALA F 448 27.67 -28.29 -85.27
C ALA F 448 28.25 -28.51 -86.67
N TRP F 449 27.50 -29.19 -87.53
CA TRP F 449 27.88 -29.30 -88.94
C TRP F 449 27.73 -27.97 -89.67
N ALA F 450 26.71 -27.21 -89.33
CA ALA F 450 26.49 -25.89 -89.92
C ALA F 450 27.59 -24.91 -89.51
N ALA F 451 28.20 -25.18 -88.35
CA ALA F 451 29.40 -24.43 -87.92
C ALA F 451 30.62 -24.72 -88.82
N LEU F 452 30.56 -25.79 -89.62
CA LEU F 452 31.62 -26.13 -90.56
C LEU F 452 31.33 -25.61 -91.97
N ALA F 453 30.72 -24.42 -92.00
CA ALA F 453 30.48 -23.61 -93.19
C ALA F 453 31.70 -23.33 -94.09
N PRO F 454 32.79 -22.67 -93.56
CA PRO F 454 33.54 -21.70 -94.41
C PRO F 454 34.10 -22.19 -95.75
N MET F 455 34.73 -23.36 -95.77
CA MET F 455 35.31 -23.88 -97.00
C MET F 455 35.21 -25.37 -97.08
N ARG F 456 34.82 -25.86 -98.26
CA ARG F 456 34.89 -27.29 -98.61
C ARG F 456 36.35 -27.77 -98.60
N ASP F 457 37.10 -27.27 -99.57
CA ASP F 457 38.51 -27.65 -99.72
C ASP F 457 39.35 -26.62 -98.99
N ASP F 458 39.23 -26.59 -97.67
CA ASP F 458 40.02 -25.71 -96.82
C ASP F 458 41.38 -26.37 -96.61
N PRO F 459 42.48 -25.67 -96.94
CA PRO F 459 43.79 -26.32 -96.77
C PRO F 459 44.17 -26.45 -95.30
N ASP F 460 45.19 -27.28 -95.07
CA ASP F 460 45.80 -27.56 -93.76
C ASP F 460 44.86 -28.16 -92.72
N ILE F 461 43.84 -28.91 -93.16
CA ILE F 461 42.82 -29.44 -92.26
C ILE F 461 42.12 -30.59 -92.95
N ASN F 462 41.44 -31.43 -92.17
CA ASN F 462 40.58 -32.47 -92.75
C ASN F 462 39.11 -32.11 -92.52
N LEU F 463 38.25 -32.69 -93.32
CA LEU F 463 36.83 -32.52 -93.18
C LEU F 463 36.10 -33.86 -93.03
N ALA F 464 36.67 -34.93 -93.57
CA ALA F 464 36.01 -36.24 -93.58
C ALA F 464 35.94 -36.87 -92.20
N MET F 465 36.97 -36.66 -91.40
CA MET F 465 37.02 -37.29 -90.09
C MET F 465 36.43 -36.41 -89.00
N ILE F 466 36.53 -35.11 -89.12
CA ILE F 466 36.10 -34.25 -88.02
C ILE F 466 34.59 -34.13 -87.93
N LYS F 467 33.91 -34.27 -89.06
CA LYS F 467 32.46 -34.37 -89.06
C LYS F 467 32.04 -35.65 -88.34
N LEU F 468 32.73 -36.75 -88.64
CA LEU F 468 32.51 -38.03 -87.96
C LEU F 468 32.80 -37.94 -86.47
N ARG F 469 33.82 -37.19 -86.10
CA ARG F 469 34.23 -37.07 -84.69
C ARG F 469 33.28 -36.19 -83.86
N ILE F 470 32.85 -35.07 -84.43
CA ILE F 470 31.85 -34.22 -83.77
C ILE F 470 30.50 -34.96 -83.70
N ALA F 471 30.19 -35.76 -84.71
CA ALA F 471 28.97 -36.58 -84.66
C ALA F 471 29.13 -37.74 -83.67
N ASN F 472 30.34 -38.30 -83.54
CA ASN F 472 30.55 -39.50 -82.76
C ASN F 472 30.79 -39.20 -81.28
N ALA F 473 31.07 -37.92 -80.96
CA ALA F 473 31.13 -37.51 -79.56
C ALA F 473 29.72 -37.47 -78.93
N ILE F 474 28.74 -37.00 -79.68
CA ILE F 474 27.36 -37.02 -79.22
C ILE F 474 26.76 -38.35 -79.67
N GLY F 475 25.56 -38.66 -79.20
CA GLY F 475 24.97 -39.98 -79.42
C GLY F 475 24.39 -40.23 -80.81
N ILE F 476 25.27 -40.29 -81.82
CA ILE F 476 24.84 -40.57 -83.18
C ILE F 476 25.42 -41.94 -83.57
N ASP F 477 24.64 -42.73 -84.29
CA ASP F 477 25.06 -44.03 -84.81
C ASP F 477 26.29 -43.95 -85.74
N THR F 478 26.32 -42.93 -86.61
CA THR F 478 27.42 -42.66 -87.54
C THR F 478 27.67 -43.83 -88.50
N SER F 479 26.60 -44.50 -88.88
CA SER F 479 26.70 -45.71 -89.71
C SER F 479 25.67 -45.66 -90.82
N GLY F 480 25.75 -44.58 -91.60
CA GLY F 480 24.81 -44.31 -92.68
C GLY F 480 24.55 -42.82 -92.70
N ILE F 481 24.80 -42.20 -91.54
CA ILE F 481 24.91 -40.76 -91.39
C ILE F 481 26.07 -40.21 -92.21
N LEU F 482 27.16 -40.98 -92.32
CA LEU F 482 28.37 -40.54 -93.01
C LEU F 482 28.66 -41.45 -94.19
N LEU F 483 29.14 -40.88 -95.28
CA LEU F 483 29.51 -41.66 -96.44
C LEU F 483 30.82 -42.43 -96.19
N THR F 484 30.84 -43.69 -96.61
CA THR F 484 32.09 -44.41 -96.77
C THR F 484 32.55 -44.47 -98.25
N GLU F 485 31.76 -45.11 -99.10
CA GLU F 485 32.12 -45.22 -100.55
C GLU F 485 30.88 -45.23 -101.41
N GLU G 3 -44.40 -64.91 -81.06
CA GLU G 3 -45.50 -63.96 -80.75
C GLU G 3 -45.66 -63.84 -79.23
N LYS G 4 -44.93 -64.69 -78.50
CA LYS G 4 -44.75 -64.50 -77.08
C LYS G 4 -43.30 -64.24 -76.75
N ARG G 5 -43.01 -63.16 -76.04
CA ARG G 5 -41.68 -62.83 -75.58
C ARG G 5 -41.25 -63.78 -74.50
N THR G 6 -40.13 -64.45 -74.72
CA THR G 6 -39.61 -65.43 -73.77
C THR G 6 -38.25 -64.97 -73.31
N GLY G 7 -37.55 -65.81 -72.57
CA GLY G 7 -36.21 -65.47 -72.18
C GLY G 7 -36.26 -64.42 -71.10
N LEU G 8 -35.48 -63.35 -71.28
CA LEU G 8 -35.33 -62.34 -70.25
C LEU G 8 -36.50 -61.41 -70.15
N ALA G 9 -37.30 -61.37 -71.22
CA ALA G 9 -38.42 -60.44 -71.32
C ALA G 9 -39.73 -61.14 -71.03
N GLU G 10 -39.74 -62.01 -70.02
CA GLU G 10 -40.84 -62.92 -69.79
C GLU G 10 -42.09 -62.21 -69.31
N ASP G 11 -41.93 -61.11 -68.59
CA ASP G 11 -43.10 -60.45 -68.06
C ASP G 11 -43.37 -59.00 -68.47
N GLY G 12 -42.99 -58.60 -69.67
CA GLY G 12 -43.25 -57.22 -70.15
C GLY G 12 -42.26 -56.22 -69.57
N ALA G 13 -42.28 -55.01 -70.08
CA ALA G 13 -41.28 -54.00 -69.77
C ALA G 13 -41.52 -53.25 -68.47
N LYS G 14 -42.76 -52.97 -68.17
CA LYS G 14 -43.12 -52.33 -66.93
C LYS G 14 -42.76 -53.18 -65.72
N SER G 15 -42.94 -54.49 -65.83
CA SER G 15 -42.57 -55.37 -64.77
C SER G 15 -41.07 -55.41 -64.52
N VAL G 16 -40.30 -55.46 -65.58
CA VAL G 16 -38.88 -55.49 -65.44
C VAL G 16 -38.41 -54.17 -64.87
N TYR G 17 -39.02 -53.08 -65.30
CA TYR G 17 -38.63 -51.75 -64.85
C TYR G 17 -38.90 -51.57 -63.35
N GLU G 18 -40.08 -51.98 -62.90
CA GLU G 18 -40.38 -51.88 -61.50
C GLU G 18 -39.58 -52.84 -60.67
N ARG G 19 -39.14 -53.95 -61.26
CA ARG G 19 -38.31 -54.88 -60.48
C ARG G 19 -36.89 -54.37 -60.31
N LEU G 20 -36.35 -53.71 -61.33
CA LEU G 20 -35.00 -53.26 -61.26
C LEU G 20 -34.87 -51.85 -60.65
N LYS G 21 -36.00 -51.17 -60.43
CA LYS G 21 -35.96 -49.85 -59.81
C LYS G 21 -35.37 -49.90 -58.40
N ASN G 22 -35.56 -51.01 -57.70
CA ASN G 22 -35.00 -51.16 -56.36
C ASN G 22 -33.49 -51.12 -56.36
N ASP G 23 -32.88 -51.81 -57.31
CA ASP G 23 -31.44 -51.74 -57.40
C ASP G 23 -30.98 -50.47 -58.07
N ARG G 24 -31.86 -49.74 -58.74
CA ARG G 24 -31.47 -48.44 -59.25
C ARG G 24 -31.35 -47.47 -58.14
N ALA G 25 -32.23 -47.56 -57.15
CA ALA G 25 -32.45 -46.50 -56.15
C ALA G 25 -31.24 -45.86 -55.42
N PRO G 26 -30.24 -46.61 -55.00
CA PRO G 26 -29.21 -45.98 -54.25
C PRO G 26 -28.37 -45.04 -55.08
N TYR G 27 -28.18 -45.35 -56.35
CA TYR G 27 -27.47 -44.46 -57.21
C TYR G 27 -28.23 -43.17 -57.35
N GLU G 28 -29.54 -43.26 -57.36
CA GLU G 28 -30.37 -42.07 -57.43
C GLU G 28 -30.24 -41.23 -56.17
N THR G 29 -30.09 -41.89 -55.03
CA THR G 29 -29.92 -41.18 -53.78
C THR G 29 -28.61 -40.44 -53.78
N ARG G 30 -27.56 -41.11 -54.26
CA ARG G 30 -26.25 -40.45 -54.38
C ARG G 30 -26.36 -39.28 -55.30
N ALA G 31 -27.11 -39.41 -56.38
CA ALA G 31 -27.27 -38.32 -57.31
C ALA G 31 -27.93 -37.13 -56.63
N GLN G 32 -28.91 -37.41 -55.79
CA GLN G 32 -29.58 -36.33 -55.15
C GLN G 32 -28.65 -35.61 -54.21
N ASN G 33 -27.85 -36.34 -53.48
CA ASN G 33 -26.94 -35.72 -52.53
C ASN G 33 -25.89 -34.87 -53.27
N CYS G 34 -25.30 -35.42 -54.34
CA CYS G 34 -24.33 -34.69 -55.07
C CYS G 34 -24.92 -33.41 -55.70
N ALA G 35 -26.15 -33.52 -56.08
CA ALA G 35 -26.83 -32.38 -56.62
C ALA G 35 -27.09 -31.34 -55.53
N GLN G 36 -27.39 -31.77 -54.31
CA GLN G 36 -27.69 -30.84 -53.24
C GLN G 36 -26.50 -30.09 -52.83
N TYR G 37 -25.33 -30.66 -53.07
CA TYR G 37 -24.10 -29.91 -52.69
C TYR G 37 -23.53 -29.19 -53.85
N THR G 38 -23.91 -29.45 -55.10
CA THR G 38 -23.25 -28.74 -56.24
C THR G 38 -24.07 -27.76 -56.94
N ILE G 39 -25.10 -28.21 -57.56
CA ILE G 39 -26.08 -27.30 -58.24
C ILE G 39 -27.41 -28.04 -58.12
N PRO G 40 -28.36 -27.47 -57.41
CA PRO G 40 -29.47 -28.28 -56.93
C PRO G 40 -30.43 -28.62 -57.97
N SER G 41 -30.57 -27.82 -59.01
CA SER G 41 -31.53 -28.14 -60.00
C SER G 41 -31.20 -29.28 -60.89
N LEU G 42 -29.93 -29.66 -60.96
CA LEU G 42 -29.37 -30.54 -62.02
C LEU G 42 -29.79 -31.91 -61.86
N PHE G 43 -30.36 -32.28 -60.72
CA PHE G 43 -31.00 -33.61 -60.57
C PHE G 43 -32.02 -33.45 -59.47
N PRO G 44 -33.30 -33.31 -59.79
CA PRO G 44 -34.32 -33.22 -58.81
C PRO G 44 -34.58 -34.51 -58.11
N LYS G 45 -35.36 -34.45 -57.03
CA LYS G 45 -35.90 -35.70 -56.43
C LYS G 45 -37.16 -36.09 -57.15
N ASP G 46 -37.63 -37.30 -56.92
CA ASP G 46 -38.72 -37.76 -57.76
C ASP G 46 -40.06 -37.11 -57.37
N SER G 47 -40.19 -36.77 -56.10
CA SER G 47 -41.35 -36.05 -55.64
C SER G 47 -41.16 -34.55 -55.86
N ASP G 48 -39.97 -34.06 -55.54
CA ASP G 48 -39.72 -32.64 -55.51
C ASP G 48 -39.59 -32.06 -56.91
N ASN G 49 -40.70 -32.08 -57.61
CA ASN G 49 -40.80 -31.35 -58.85
C ASN G 49 -41.90 -30.31 -58.76
N ALA G 50 -41.84 -29.31 -59.65
CA ALA G 50 -42.98 -28.53 -59.99
C ALA G 50 -43.20 -27.65 -58.77
N SER G 51 -42.44 -26.58 -58.82
CA SER G 51 -42.60 -25.48 -57.87
C SER G 51 -42.07 -25.79 -56.49
N THR G 52 -40.78 -26.12 -56.45
CA THR G 52 -40.14 -26.61 -55.29
C THR G 52 -39.03 -25.77 -54.83
N ASP G 53 -38.58 -24.80 -55.61
CA ASP G 53 -37.67 -23.74 -55.09
C ASP G 53 -36.40 -24.29 -54.55
N TYR G 54 -35.54 -24.73 -55.45
CA TYR G 54 -34.22 -25.24 -55.06
C TYR G 54 -33.38 -24.19 -54.43
N GLN G 55 -32.62 -24.54 -53.41
CA GLN G 55 -31.87 -23.57 -52.64
C GLN G 55 -30.45 -23.65 -52.97
N THR G 56 -29.74 -22.54 -52.99
CA THR G 56 -28.28 -22.63 -53.37
C THR G 56 -27.48 -23.09 -52.31
N PRO G 57 -26.41 -23.74 -52.64
CA PRO G 57 -25.68 -24.33 -51.56
C PRO G 57 -24.87 -23.27 -50.96
N TRP G 58 -24.43 -23.48 -49.70
CA TRP G 58 -23.74 -22.46 -49.01
C TRP G 58 -22.38 -22.23 -49.58
N GLN G 59 -21.78 -23.32 -50.09
CA GLN G 59 -20.50 -23.25 -50.76
C GLN G 59 -20.63 -23.02 -52.21
N ALA G 60 -19.60 -22.37 -52.80
CA ALA G 60 -19.67 -22.08 -54.17
C ALA G 60 -18.73 -22.86 -55.09
N VAL G 61 -17.89 -23.68 -54.47
CA VAL G 61 -16.91 -24.41 -55.19
C VAL G 61 -17.51 -25.54 -55.90
N GLY G 62 -18.57 -26.09 -55.38
CA GLY G 62 -19.25 -27.17 -56.07
C GLY G 62 -19.91 -26.70 -57.34
N ALA G 63 -20.57 -25.58 -57.24
CA ALA G 63 -21.30 -25.08 -58.39
C ALA G 63 -20.36 -24.67 -59.53
N ARG G 64 -19.24 -24.04 -59.19
CA ARG G 64 -18.28 -23.67 -60.17
C ARG G 64 -17.65 -24.89 -60.73
N GLY G 65 -17.39 -25.84 -59.86
CA GLY G 65 -16.58 -27.03 -60.20
C GLY G 65 -17.28 -27.93 -61.16
N LEU G 66 -18.59 -28.15 -61.00
CA LEU G 66 -19.31 -29.06 -61.87
C LEU G 66 -19.36 -28.51 -63.26
N ASN G 67 -19.64 -27.22 -63.40
CA ASN G 67 -19.72 -26.64 -64.71
C ASN G 67 -18.35 -26.56 -65.37
N ASN G 68 -17.31 -26.28 -64.61
CA ASN G 68 -15.97 -26.20 -65.18
C ASN G 68 -15.54 -27.53 -65.67
N LEU G 69 -15.87 -28.58 -64.93
CA LEU G 69 -15.40 -29.92 -65.30
C LEU G 69 -16.17 -30.41 -66.52
N ALA G 70 -17.46 -30.12 -66.59
CA ALA G 70 -18.22 -30.50 -67.76
C ALA G 70 -17.75 -29.73 -69.00
N SER G 71 -17.40 -28.47 -68.83
CA SER G 71 -16.95 -27.68 -69.95
C SER G 71 -15.60 -28.15 -70.47
N LYS G 72 -14.68 -28.51 -69.58
CA LYS G 72 -13.38 -28.95 -70.02
C LYS G 72 -13.47 -30.30 -70.66
N LEU G 73 -14.36 -31.17 -70.14
CA LEU G 73 -14.60 -32.48 -70.80
C LEU G 73 -15.18 -32.28 -72.18
N MET G 74 -16.02 -31.28 -72.38
CA MET G 74 -16.54 -31.12 -73.69
C MET G 74 -15.53 -30.51 -74.64
N LEU G 75 -14.68 -29.61 -74.12
CA LEU G 75 -13.58 -29.02 -74.93
C LEU G 75 -12.56 -30.06 -75.35
N ALA G 76 -12.45 -31.15 -74.61
CA ALA G 76 -11.51 -32.16 -75.02
C ALA G 76 -12.12 -33.38 -75.64
N LEU G 77 -13.42 -33.49 -75.62
CA LEU G 77 -14.05 -34.69 -76.16
C LEU G 77 -14.89 -34.45 -77.40
N PHE G 78 -15.43 -33.25 -77.61
CA PHE G 78 -16.15 -32.97 -78.82
C PHE G 78 -15.83 -31.60 -79.33
N PRO G 79 -14.65 -31.40 -79.87
CA PRO G 79 -14.28 -30.06 -80.32
C PRO G 79 -14.85 -29.67 -81.70
N MET G 80 -14.36 -28.54 -82.21
CA MET G 80 -14.71 -28.04 -83.53
C MET G 80 -14.10 -28.93 -84.61
N GLN G 81 -12.96 -29.53 -84.30
CA GLN G 81 -12.17 -30.31 -85.26
C GLN G 81 -12.76 -31.65 -85.54
N THR G 82 -12.06 -32.42 -86.36
CA THR G 82 -12.38 -33.82 -86.52
C THR G 82 -11.88 -34.53 -85.31
N TRP G 83 -12.77 -35.27 -84.64
CA TRP G 83 -12.38 -35.96 -83.42
C TRP G 83 -12.44 -37.45 -83.47
N MET G 84 -12.92 -38.02 -84.59
CA MET G 84 -12.83 -39.47 -84.75
C MET G 84 -11.78 -39.75 -85.82
N ARG G 85 -11.38 -41.01 -85.91
CA ARG G 85 -10.44 -41.42 -86.93
C ARG G 85 -10.90 -42.74 -87.50
N LEU G 86 -10.95 -42.81 -88.83
CA LEU G 86 -11.38 -44.02 -89.54
C LEU G 86 -10.21 -44.61 -90.31
N THR G 87 -9.79 -45.82 -89.94
CA THR G 87 -8.57 -46.42 -90.50
C THR G 87 -8.82 -47.86 -90.91
N ILE G 88 -7.76 -48.51 -91.41
CA ILE G 88 -7.86 -49.83 -92.06
C ILE G 88 -6.88 -50.80 -91.41
N SER G 89 -7.29 -52.05 -91.16
CA SER G 89 -6.38 -53.00 -90.50
C SER G 89 -6.51 -54.41 -91.06
N GLU G 90 -5.43 -55.20 -90.97
CA GLU G 90 -5.36 -56.65 -91.32
C GLU G 90 -5.61 -57.13 -92.75
N TYR G 91 -5.88 -56.18 -93.61
CA TYR G 91 -5.91 -56.39 -95.06
C TYR G 91 -5.16 -55.27 -95.78
N GLU G 92 -4.75 -54.23 -95.04
CA GLU G 92 -3.92 -53.14 -95.57
C GLU G 92 -2.49 -53.61 -95.78
N ALA G 93 -2.10 -54.72 -95.15
CA ALA G 93 -0.80 -55.35 -95.39
C ALA G 93 -0.66 -55.87 -96.84
N LYS G 94 -1.80 -56.17 -97.45
CA LYS G 94 -1.85 -56.41 -98.89
C LYS G 94 -1.60 -55.10 -99.64
N GLN G 95 -2.11 -53.99 -99.08
CA GLN G 95 -2.32 -52.77 -99.83
C GLN G 95 -1.26 -51.73 -99.52
N LEU G 96 -0.82 -51.64 -98.28
CA LEU G 96 0.09 -50.58 -97.87
C LEU G 96 1.54 -50.91 -98.18
N LEU G 97 1.79 -52.14 -98.64
CA LEU G 97 3.14 -52.55 -98.99
C LEU G 97 3.64 -51.76 -100.21
N SER G 98 2.83 -51.76 -101.26
CA SER G 98 3.09 -50.98 -102.46
C SER G 98 2.16 -49.76 -102.44
N ASP G 99 2.26 -48.96 -103.50
CA ASP G 99 1.41 -47.80 -103.77
C ASP G 99 1.33 -46.80 -102.59
N PRO G 100 2.39 -46.01 -102.32
CA PRO G 100 2.18 -44.88 -101.39
C PRO G 100 1.26 -43.82 -102.01
N ASP G 101 1.14 -43.81 -103.34
CA ASP G 101 0.11 -43.05 -104.03
C ASP G 101 -1.26 -43.76 -104.04
N GLY G 102 -1.33 -44.97 -103.51
CA GLY G 102 -2.56 -45.75 -103.60
C GLY G 102 -3.52 -45.57 -102.46
N LEU G 103 -2.98 -45.37 -101.26
CA LEU G 103 -3.79 -45.15 -100.09
C LEU G 103 -4.28 -43.71 -100.01
N ALA G 104 -3.89 -42.86 -100.94
CA ALA G 104 -4.35 -41.47 -100.96
C ALA G 104 -5.84 -41.37 -101.31
N LYS G 105 -6.31 -42.24 -102.19
CA LYS G 105 -7.73 -42.32 -102.52
C LYS G 105 -8.55 -42.80 -101.32
N VAL G 106 -7.97 -43.71 -100.55
CA VAL G 106 -8.59 -44.22 -99.34
C VAL G 106 -8.67 -43.11 -98.28
N ASP G 107 -7.63 -42.31 -98.20
CA ASP G 107 -7.60 -41.16 -97.29
C ASP G 107 -8.66 -40.17 -97.67
N GLU G 108 -8.82 -39.91 -98.96
CA GLU G 108 -9.82 -38.96 -99.40
C GLU G 108 -11.23 -39.47 -99.11
N GLY G 109 -11.47 -40.76 -99.35
CA GLY G 109 -12.79 -41.37 -99.11
C GLY G 109 -13.16 -41.33 -97.60
N LEU G 110 -12.19 -41.69 -96.76
CA LEU G 110 -12.47 -41.70 -95.34
C LEU G 110 -12.56 -40.30 -94.74
N SER G 111 -11.84 -39.34 -95.28
CA SER G 111 -12.01 -37.96 -94.85
C SER G 111 -13.37 -37.41 -95.28
N MET G 112 -13.87 -37.87 -96.42
CA MET G 112 -15.22 -37.56 -96.84
C MET G 112 -16.23 -38.12 -95.83
N VAL G 113 -16.03 -39.35 -95.37
CA VAL G 113 -16.97 -39.97 -94.44
C VAL G 113 -16.91 -39.30 -93.07
N GLU G 114 -15.71 -38.91 -92.66
CA GLU G 114 -15.55 -38.18 -91.39
C GLU G 114 -16.19 -36.80 -91.44
N ARG G 115 -16.07 -36.14 -92.58
CA ARG G 115 -16.69 -34.86 -92.72
C ARG G 115 -18.20 -34.99 -92.69
N ILE G 116 -18.75 -36.06 -93.25
CA ILE G 116 -20.20 -36.18 -93.31
C ILE G 116 -20.79 -36.55 -91.95
N ILE G 117 -20.03 -37.32 -91.20
CA ILE G 117 -20.46 -37.59 -89.82
C ILE G 117 -20.41 -36.25 -89.01
N MET G 118 -19.32 -35.48 -89.12
CA MET G 118 -19.19 -34.21 -88.43
C MET G 118 -20.27 -33.23 -88.81
N ASN G 119 -20.69 -33.27 -90.07
CA ASN G 119 -21.73 -32.35 -90.50
C ASN G 119 -23.04 -32.72 -89.87
N TYR G 120 -23.27 -34.03 -89.77
CA TYR G 120 -24.50 -34.49 -89.10
C TYR G 120 -24.47 -34.19 -87.62
N ILE G 121 -23.27 -34.12 -87.02
CA ILE G 121 -23.13 -33.67 -85.65
C ILE G 121 -23.54 -32.19 -85.53
N GLU G 122 -23.00 -31.33 -86.37
CA GLU G 122 -23.23 -29.90 -86.21
C GLU G 122 -24.67 -29.54 -86.48
N SER G 123 -25.31 -30.27 -87.38
CA SER G 123 -26.63 -29.86 -87.83
C SER G 123 -27.70 -30.18 -86.85
N ASN G 124 -27.65 -31.35 -86.29
CA ASN G 124 -28.72 -31.82 -85.50
C ASN G 124 -28.62 -31.46 -84.04
N SER G 125 -27.70 -30.59 -83.68
CA SER G 125 -27.52 -30.17 -82.30
C SER G 125 -27.24 -31.34 -81.39
N TYR G 126 -26.17 -32.07 -81.64
CA TYR G 126 -25.69 -32.98 -80.65
C TYR G 126 -24.84 -32.26 -79.61
N ARG G 127 -24.39 -31.01 -79.87
CA ARG G 127 -23.52 -30.36 -78.91
C ARG G 127 -24.24 -30.01 -77.63
N VAL G 128 -25.49 -29.57 -77.82
CA VAL G 128 -26.31 -29.15 -76.69
C VAL G 128 -26.66 -30.39 -75.81
N THR G 129 -27.08 -31.48 -76.41
CA THR G 129 -27.43 -32.62 -75.64
C THR G 129 -26.21 -33.33 -75.05
N LEU G 130 -25.08 -33.22 -75.70
CA LEU G 130 -23.92 -33.79 -75.11
C LEU G 130 -23.44 -32.98 -73.95
N PHE G 131 -23.62 -31.67 -73.96
CA PHE G 131 -23.21 -30.89 -72.79
C PHE G 131 -24.09 -31.21 -71.61
N GLU G 132 -25.36 -31.37 -71.87
CA GLU G 132 -26.29 -31.79 -70.83
C GLU G 132 -25.93 -33.19 -70.30
N ALA G 133 -25.54 -34.09 -71.19
CA ALA G 133 -25.22 -35.40 -70.78
C ALA G 133 -23.96 -35.40 -69.97
N LEU G 134 -23.02 -34.54 -70.29
CA LEU G 134 -21.79 -34.48 -69.48
C LEU G 134 -22.08 -33.92 -68.09
N LYS G 135 -22.97 -32.92 -67.95
CA LYS G 135 -23.30 -32.44 -66.64
C LYS G 135 -23.97 -33.55 -65.84
N GLN G 136 -24.84 -34.36 -66.48
CA GLN G 136 -25.43 -35.49 -65.79
C GLN G 136 -24.41 -36.51 -65.41
N LEU G 137 -23.43 -36.73 -66.25
CA LEU G 137 -22.45 -37.78 -66.01
C LEU G 137 -21.44 -37.37 -64.97
N VAL G 138 -21.34 -36.07 -64.68
CA VAL G 138 -20.44 -35.66 -63.61
C VAL G 138 -21.20 -35.60 -62.32
N VAL G 139 -22.42 -35.07 -62.29
CA VAL G 139 -23.10 -35.02 -61.02
C VAL G 139 -23.68 -36.35 -60.63
N ALA G 140 -24.19 -37.12 -61.57
CA ALA G 140 -24.73 -38.42 -61.24
C ALA G 140 -23.90 -39.43 -61.98
N GLY G 141 -24.25 -40.68 -61.84
CA GLY G 141 -23.33 -41.69 -62.29
C GLY G 141 -23.69 -42.28 -63.60
N ASN G 142 -24.87 -42.01 -64.12
CA ASN G 142 -25.29 -42.76 -65.25
C ASN G 142 -26.17 -41.93 -66.18
N VAL G 143 -25.89 -41.94 -67.46
CA VAL G 143 -26.72 -41.25 -68.45
C VAL G 143 -27.04 -42.27 -69.52
N LEU G 144 -28.14 -42.05 -70.24
CA LEU G 144 -28.50 -42.98 -71.34
C LEU G 144 -28.85 -42.16 -72.56
N LEU G 145 -27.98 -42.20 -73.58
CA LEU G 145 -28.30 -41.48 -74.79
C LEU G 145 -29.02 -42.43 -75.73
N TYR G 146 -29.88 -41.85 -76.58
CA TYR G 146 -30.50 -42.62 -77.65
C TYR G 146 -30.72 -41.71 -78.82
N LEU G 147 -30.05 -42.09 -79.91
CA LEU G 147 -30.21 -41.46 -81.18
C LEU G 147 -31.07 -42.34 -82.08
N PRO G 148 -32.18 -41.80 -82.63
CA PRO G 148 -33.12 -42.58 -83.37
C PRO G 148 -32.66 -42.81 -84.79
N GLU G 149 -33.50 -43.48 -85.59
CA GLU G 149 -33.26 -43.51 -87.03
C GLU G 149 -33.49 -42.13 -87.60
N PRO G 150 -32.67 -41.70 -88.56
CA PRO G 150 -32.82 -40.32 -89.06
C PRO G 150 -34.08 -40.09 -89.88
N GLU G 151 -34.43 -41.03 -90.76
CA GLU G 151 -35.71 -40.96 -91.52
C GLU G 151 -35.85 -39.67 -92.33
N GLY G 152 -34.72 -39.17 -92.82
CA GLY G 152 -34.67 -37.97 -93.62
C GLY G 152 -33.63 -37.03 -93.09
N SER G 153 -33.39 -35.97 -93.86
CA SER G 153 -32.40 -34.96 -93.49
C SER G 153 -33.04 -33.78 -92.73
N ASN G 154 -34.23 -33.99 -92.22
CA ASN G 154 -34.90 -33.02 -91.35
C ASN G 154 -34.28 -33.05 -89.94
N TYR G 155 -34.83 -32.28 -89.02
CA TYR G 155 -34.20 -32.12 -87.71
C TYR G 155 -34.41 -33.35 -86.83
N ASN G 156 -33.32 -33.97 -86.39
CA ASN G 156 -33.38 -35.11 -85.50
C ASN G 156 -32.37 -35.00 -84.40
N PRO G 157 -32.77 -34.48 -83.24
CA PRO G 157 -31.86 -34.37 -82.13
C PRO G 157 -31.76 -35.68 -81.40
N MET G 158 -31.01 -35.71 -80.28
CA MET G 158 -30.78 -36.96 -79.58
C MET G 158 -31.44 -37.00 -78.24
N LYS G 159 -32.30 -38.00 -77.99
CA LYS G 159 -33.08 -38.04 -76.75
C LYS G 159 -32.20 -38.50 -75.62
N LEU G 160 -32.11 -37.66 -74.58
CA LEU G 160 -31.31 -37.99 -73.40
C LEU G 160 -32.20 -38.69 -72.41
N TYR G 161 -31.58 -39.43 -71.51
CA TYR G 161 -32.33 -40.01 -70.42
C TYR G 161 -31.47 -39.88 -69.18
N ARG G 162 -31.96 -39.05 -68.25
CA ARG G 162 -31.32 -38.97 -66.95
C ARG G 162 -31.74 -40.19 -66.12
N LEU G 163 -31.09 -40.35 -64.96
CA LEU G 163 -31.04 -41.63 -64.28
C LEU G 163 -32.36 -42.06 -63.79
N SER G 164 -33.26 -41.13 -63.57
CA SER G 164 -34.58 -41.47 -63.00
C SER G 164 -35.48 -42.22 -63.96
N SER G 165 -35.21 -42.17 -65.24
CA SER G 165 -36.19 -42.63 -66.18
C SER G 165 -35.75 -43.83 -66.97
N TYR G 166 -34.67 -44.49 -66.58
CA TYR G 166 -34.28 -45.74 -67.25
C TYR G 166 -33.67 -46.68 -66.27
N VAL G 167 -33.31 -47.87 -66.75
CA VAL G 167 -32.73 -48.81 -65.88
C VAL G 167 -31.83 -49.73 -66.70
N VAL G 168 -30.75 -50.27 -66.11
CA VAL G 168 -29.82 -51.13 -66.80
C VAL G 168 -29.37 -52.25 -65.92
N GLN G 169 -29.48 -53.49 -66.38
CA GLN G 169 -28.95 -54.64 -65.65
C GLN G 169 -27.73 -55.16 -66.41
N ARG G 170 -26.68 -55.47 -65.64
CA ARG G 170 -25.45 -55.98 -66.21
C ARG G 170 -25.07 -57.29 -65.52
N ASP G 171 -24.04 -57.92 -66.03
CA ASP G 171 -23.39 -59.06 -65.38
C ASP G 171 -22.13 -58.57 -64.69
N ALA G 172 -21.28 -59.47 -64.23
CA ALA G 172 -20.06 -59.00 -63.58
C ALA G 172 -18.99 -58.58 -64.57
N PHE G 173 -19.16 -58.85 -65.86
CA PHE G 173 -18.33 -58.19 -66.85
C PHE G 173 -18.67 -56.70 -67.00
N GLY G 174 -19.86 -56.44 -67.48
CA GLY G 174 -20.21 -55.12 -67.95
C GLY G 174 -20.94 -55.28 -69.26
N ASN G 175 -21.24 -56.53 -69.61
CA ASN G 175 -22.13 -56.79 -70.70
C ASN G 175 -23.50 -56.31 -70.30
N VAL G 176 -24.08 -55.43 -71.12
CA VAL G 176 -25.41 -54.97 -70.85
C VAL G 176 -26.43 -56.06 -71.22
N LEU G 177 -27.10 -56.62 -70.21
CA LEU G 177 -28.08 -57.63 -70.52
C LEU G 177 -29.39 -57.01 -70.99
N GLN G 178 -29.89 -56.04 -70.23
CA GLN G 178 -31.16 -55.43 -70.56
C GLN G 178 -31.30 -53.99 -70.11
N MET G 179 -32.06 -53.20 -70.86
CA MET G 179 -32.36 -51.89 -70.49
C MET G 179 -33.91 -51.66 -70.64
N VAL G 180 -34.49 -50.79 -69.82
CA VAL G 180 -35.79 -50.33 -70.03
C VAL G 180 -35.84 -48.82 -69.83
N THR G 181 -36.43 -48.07 -70.76
CA THR G 181 -36.64 -46.65 -70.60
C THR G 181 -38.07 -46.30 -70.38
N ARG G 182 -38.36 -45.16 -69.76
CA ARG G 182 -39.66 -44.86 -69.21
C ARG G 182 -40.04 -43.46 -69.61
N ASP G 183 -40.05 -43.21 -70.91
CA ASP G 183 -40.53 -41.92 -71.40
C ASP G 183 -42.00 -41.74 -71.05
N GLN G 184 -42.33 -40.50 -70.67
CA GLN G 184 -43.69 -40.12 -70.39
C GLN G 184 -44.13 -39.04 -71.42
N ILE G 185 -44.89 -39.45 -72.42
CA ILE G 185 -45.27 -38.55 -73.50
C ILE G 185 -46.75 -38.29 -73.43
N ALA G 186 -47.17 -37.12 -73.87
CA ALA G 186 -48.62 -36.86 -73.98
C ALA G 186 -49.22 -37.67 -75.14
N PHE G 187 -50.51 -37.96 -75.04
CA PHE G 187 -51.26 -38.66 -76.08
C PHE G 187 -51.33 -37.87 -77.38
N GLY G 188 -51.25 -36.56 -77.29
CA GLY G 188 -51.34 -35.74 -78.47
C GLY G 188 -50.08 -35.75 -79.31
N ALA G 189 -48.94 -35.80 -78.66
CA ALA G 189 -47.67 -35.71 -79.36
C ALA G 189 -46.99 -37.06 -79.54
N LEU G 190 -47.77 -38.13 -79.52
CA LEU G 190 -47.22 -39.46 -79.75
C LEU G 190 -46.82 -39.64 -81.20
N PRO G 191 -45.89 -40.56 -81.50
CA PRO G 191 -45.79 -41.09 -82.86
C PRO G 191 -47.09 -41.80 -83.29
N GLU G 192 -47.33 -41.82 -84.59
CA GLU G 192 -48.63 -42.17 -85.12
C GLU G 192 -48.99 -43.63 -84.92
N ASP G 193 -47.99 -44.50 -84.99
CA ASP G 193 -48.24 -45.91 -84.79
C ASP G 193 -48.62 -46.24 -83.34
N ILE G 194 -48.08 -45.47 -82.40
CA ILE G 194 -48.34 -45.74 -81.01
C ILE G 194 -49.74 -45.27 -80.61
N ARG G 195 -50.24 -44.25 -81.28
CA ARG G 195 -51.59 -43.74 -80.99
C ARG G 195 -52.64 -44.77 -81.29
N LYS G 196 -52.49 -45.46 -82.41
CA LYS G 196 -53.45 -46.48 -82.76
C LYS G 196 -53.34 -47.71 -81.86
N ALA G 197 -52.12 -48.02 -81.42
CA ALA G 197 -51.91 -49.13 -80.49
C ALA G 197 -52.54 -48.84 -79.11
N VAL G 198 -52.46 -47.60 -78.66
CA VAL G 198 -53.08 -47.24 -77.42
C VAL G 198 -54.59 -47.17 -77.59
N GLU G 199 -55.05 -46.62 -78.70
CA GLU G 199 -56.48 -46.47 -78.95
C GLU G 199 -57.17 -47.82 -79.07
N GLY G 200 -56.44 -48.82 -79.57
CA GLY G 200 -56.97 -50.19 -79.65
C GLY G 200 -57.21 -50.83 -78.30
N GLN G 201 -56.50 -50.37 -77.27
CA GLN G 201 -56.69 -50.88 -75.91
C GLN G 201 -58.08 -50.51 -75.40
N GLY G 202 -58.58 -49.34 -75.79
CA GLY G 202 -59.93 -48.98 -75.46
C GLY G 202 -60.02 -47.77 -74.56
N GLY G 203 -61.22 -47.20 -74.53
CA GLY G 203 -61.50 -45.94 -73.86
C GLY G 203 -60.95 -44.76 -74.67
N GLU G 204 -61.75 -43.71 -74.81
CA GLU G 204 -61.23 -42.47 -75.39
C GLU G 204 -60.24 -41.83 -74.43
N LYS G 205 -59.38 -40.99 -74.98
CA LYS G 205 -58.36 -40.35 -74.16
C LYS G 205 -58.41 -38.86 -74.40
N LYS G 206 -58.03 -38.10 -73.37
CA LYS G 206 -57.90 -36.65 -73.56
C LYS G 206 -56.62 -36.35 -74.31
N ALA G 207 -56.43 -35.11 -74.72
CA ALA G 207 -55.19 -34.80 -75.42
C ALA G 207 -53.98 -34.76 -74.45
N ASP G 208 -54.09 -34.10 -73.29
CA ASP G 208 -52.94 -33.94 -72.44
C ASP G 208 -52.83 -34.98 -71.40
N GLU G 209 -53.58 -36.07 -71.52
CA GLU G 209 -53.48 -37.17 -70.57
C GLU G 209 -52.17 -37.94 -70.79
N THR G 210 -51.37 -38.05 -69.74
CA THR G 210 -50.04 -38.59 -69.91
C THR G 210 -50.10 -40.06 -70.11
N ILE G 211 -49.25 -40.55 -71.02
CA ILE G 211 -49.15 -41.97 -71.31
C ILE G 211 -47.68 -42.36 -71.17
N ASP G 212 -47.43 -43.33 -70.31
CA ASP G 212 -46.11 -43.84 -70.08
C ASP G 212 -45.80 -44.98 -71.02
N VAL G 213 -44.85 -44.79 -71.91
CA VAL G 213 -44.35 -45.89 -72.69
C VAL G 213 -43.20 -46.53 -71.96
N TYR G 214 -42.84 -47.73 -72.38
CA TYR G 214 -41.65 -48.37 -71.86
C TYR G 214 -40.92 -48.99 -73.02
N THR G 215 -39.63 -48.77 -73.13
CA THR G 215 -38.86 -49.38 -74.19
C THR G 215 -37.95 -50.40 -73.58
N HIS G 216 -38.01 -51.62 -74.07
CA HIS G 216 -37.24 -52.72 -73.50
C HIS G 216 -36.27 -53.25 -74.54
N ILE G 217 -35.01 -53.41 -74.12
CA ILE G 217 -33.93 -53.94 -74.96
C ILE G 217 -33.33 -55.08 -74.18
N TYR G 218 -33.21 -56.27 -74.80
CA TYR G 218 -32.73 -57.45 -74.06
C TYR G 218 -31.89 -58.36 -74.87
N LEU G 219 -30.94 -59.04 -74.22
CA LEU G 219 -30.16 -60.11 -74.87
C LEU G 219 -31.04 -61.31 -75.16
N ASP G 220 -30.80 -61.92 -76.31
CA ASP G 220 -31.56 -63.08 -76.70
C ASP G 220 -31.01 -64.32 -76.03
N GLU G 221 -31.89 -65.27 -75.76
CA GLU G 221 -31.50 -66.57 -75.28
C GLU G 221 -30.89 -67.40 -76.43
N ASP G 222 -31.20 -67.04 -77.68
CA ASP G 222 -30.76 -67.80 -78.83
C ASP G 222 -29.45 -67.23 -79.38
N SER G 223 -29.48 -65.98 -79.81
CA SER G 223 -28.35 -65.40 -80.50
C SER G 223 -27.73 -64.27 -79.71
N GLY G 224 -26.61 -63.76 -80.22
CA GLY G 224 -25.89 -62.70 -79.56
C GLY G 224 -26.24 -61.32 -80.07
N GLU G 225 -27.52 -61.05 -80.30
CA GLU G 225 -27.96 -59.74 -80.77
C GLU G 225 -29.12 -59.25 -79.88
N TYR G 226 -29.31 -57.94 -79.78
CA TYR G 226 -30.34 -57.41 -78.92
C TYR G 226 -31.71 -57.47 -79.60
N LEU G 227 -32.76 -57.55 -78.79
CA LEU G 227 -34.13 -57.39 -79.26
C LEU G 227 -34.81 -56.26 -78.52
N ARG G 228 -35.50 -55.37 -79.23
CA ARG G 228 -36.24 -54.26 -78.61
C ARG G 228 -37.71 -54.29 -78.93
N TYR G 229 -38.52 -53.87 -77.96
CA TYR G 229 -39.92 -53.64 -78.15
C TYR G 229 -40.41 -52.55 -77.29
N GLU G 230 -41.58 -52.03 -77.64
CA GLU G 230 -42.23 -50.97 -76.85
C GLU G 230 -43.43 -51.54 -76.14
N GLU G 231 -43.85 -50.89 -75.07
CA GLU G 231 -45.00 -51.34 -74.33
C GLU G 231 -45.74 -50.16 -73.78
N VAL G 232 -47.05 -50.15 -73.97
CA VAL G 232 -47.92 -49.16 -73.36
C VAL G 232 -49.06 -49.88 -72.68
N GLU G 233 -49.20 -49.64 -71.37
CA GLU G 233 -50.36 -50.07 -70.61
C GLU G 233 -50.44 -51.61 -70.48
N GLY G 234 -49.35 -52.31 -70.81
CA GLY G 234 -49.31 -53.74 -70.58
C GLY G 234 -49.50 -54.58 -71.83
N MET G 235 -48.97 -54.09 -72.94
CA MET G 235 -49.11 -54.78 -74.22
C MET G 235 -48.04 -54.31 -75.16
N GLU G 236 -47.42 -55.24 -75.88
CA GLU G 236 -46.38 -54.90 -76.82
C GLU G 236 -46.95 -54.13 -78.03
N VAL G 237 -46.34 -53.02 -78.35
CA VAL G 237 -46.84 -52.11 -79.38
C VAL G 237 -46.65 -52.69 -80.76
N GLN G 238 -47.75 -52.86 -81.47
CA GLN G 238 -47.73 -53.42 -82.82
C GLN G 238 -47.00 -52.55 -83.78
N GLY G 239 -46.18 -53.19 -84.62
CA GLY G 239 -45.31 -52.50 -85.57
C GLY G 239 -44.19 -51.68 -84.94
N SER G 240 -43.72 -52.12 -83.78
CA SER G 240 -42.59 -51.46 -83.13
C SER G 240 -41.48 -52.40 -82.75
N ASP G 241 -41.47 -53.58 -83.39
CA ASP G 241 -40.47 -54.61 -83.16
C ASP G 241 -39.12 -54.14 -83.60
N GLY G 242 -38.09 -54.71 -83.01
CA GLY G 242 -36.74 -54.34 -83.40
C GLY G 242 -35.71 -55.38 -83.10
N THR G 243 -34.78 -55.54 -84.04
CA THR G 243 -33.64 -56.41 -83.87
C THR G 243 -32.42 -55.56 -84.08
N TYR G 244 -31.49 -55.60 -83.16
CA TYR G 244 -30.32 -54.79 -83.25
C TYR G 244 -29.07 -55.63 -83.21
N PRO G 245 -28.06 -55.30 -84.03
CA PRO G 245 -26.78 -56.01 -83.97
C PRO G 245 -25.99 -55.67 -82.71
N LYS G 246 -24.98 -56.46 -82.44
CA LYS G 246 -24.30 -56.44 -81.15
C LYS G 246 -23.52 -55.15 -80.91
N GLU G 247 -23.01 -54.57 -81.98
CA GLU G 247 -22.10 -53.44 -81.85
C GLU G 247 -22.74 -52.10 -82.15
N ALA G 248 -23.88 -52.11 -82.84
CA ALA G 248 -24.47 -50.87 -83.32
C ALA G 248 -25.77 -50.58 -82.56
N CYS G 249 -25.70 -50.73 -81.27
CA CYS G 249 -26.87 -50.57 -80.43
C CYS G 249 -27.12 -49.10 -80.27
N PRO G 250 -28.32 -48.63 -80.63
CA PRO G 250 -28.57 -47.20 -80.61
C PRO G 250 -28.79 -46.68 -79.21
N TYR G 251 -29.10 -47.55 -78.23
CA TYR G 251 -29.23 -47.10 -76.86
C TYR G 251 -27.82 -47.23 -76.22
N ILE G 252 -27.21 -46.11 -75.87
CA ILE G 252 -25.88 -46.10 -75.36
C ILE G 252 -25.95 -45.73 -73.87
N PRO G 253 -25.66 -46.69 -72.97
CA PRO G 253 -25.58 -46.36 -71.56
C PRO G 253 -24.18 -45.94 -71.15
N ILE G 254 -24.03 -44.76 -70.54
CA ILE G 254 -22.72 -44.23 -70.24
C ILE G 254 -22.52 -44.15 -68.75
N ARG G 255 -21.40 -44.68 -68.28
CA ARG G 255 -20.96 -44.58 -66.89
C ARG G 255 -19.74 -43.68 -66.82
N MET G 256 -19.61 -42.89 -65.76
CA MET G 256 -18.40 -42.09 -65.59
C MET G 256 -17.28 -42.94 -64.99
N VAL G 257 -17.46 -43.49 -63.80
CA VAL G 257 -16.41 -44.25 -63.16
C VAL G 257 -16.89 -45.64 -62.91
N ARG G 258 -16.29 -46.62 -63.57
CA ARG G 258 -16.81 -47.97 -63.50
C ARG G 258 -16.30 -48.69 -62.29
N LEU G 259 -17.07 -49.69 -61.86
CA LEU G 259 -16.68 -50.60 -60.76
C LEU G 259 -17.01 -52.01 -61.16
N ASP G 260 -16.23 -52.92 -60.62
CA ASP G 260 -16.37 -54.29 -60.98
C ASP G 260 -17.65 -54.88 -60.38
N GLY G 261 -18.41 -55.61 -61.21
CA GLY G 261 -19.56 -56.35 -60.74
C GLY G 261 -20.65 -55.47 -60.19
N GLU G 262 -20.94 -54.45 -60.94
CA GLU G 262 -21.84 -53.41 -60.49
C GLU G 262 -22.45 -52.74 -61.72
N SER G 263 -23.76 -52.71 -61.77
CA SER G 263 -24.45 -52.45 -63.04
C SER G 263 -24.50 -51.02 -63.45
N TYR G 264 -24.06 -50.13 -62.59
CA TYR G 264 -24.24 -48.69 -62.82
C TYR G 264 -22.92 -47.96 -62.65
N GLY G 265 -23.01 -46.64 -62.63
CA GLY G 265 -21.80 -45.85 -62.51
C GLY G 265 -21.88 -44.96 -61.31
N ARG G 266 -20.72 -44.56 -60.82
CA ARG G 266 -20.68 -43.61 -59.71
C ARG G 266 -20.03 -42.35 -60.13
N SER G 267 -20.63 -41.24 -59.78
CA SER G 267 -20.23 -39.97 -60.30
C SER G 267 -18.83 -39.56 -59.80
N TYR G 268 -18.25 -38.61 -60.50
CA TYR G 268 -16.93 -38.11 -60.13
C TYR G 268 -17.07 -37.20 -58.96
N ILE G 269 -18.21 -36.57 -58.73
CA ILE G 269 -18.39 -35.70 -57.59
C ILE G 269 -18.51 -36.48 -56.29
N GLU G 270 -18.92 -37.76 -56.40
CA GLU G 270 -19.03 -38.64 -55.24
C GLU G 270 -17.69 -38.86 -54.52
N GLU G 271 -16.65 -39.02 -55.28
CA GLU G 271 -15.40 -39.22 -54.73
C GLU G 271 -14.88 -38.04 -54.01
N TYR G 272 -15.34 -36.87 -54.29
CA TYR G 272 -14.91 -35.75 -53.47
C TYR G 272 -16.10 -35.11 -52.78
N LEU G 273 -17.10 -35.92 -52.43
CA LEU G 273 -18.31 -35.37 -51.82
C LEU G 273 -18.10 -34.88 -50.42
N GLY G 274 -17.36 -35.63 -49.64
CA GLY G 274 -17.26 -35.37 -48.22
C GLY G 274 -16.51 -34.06 -47.93
N ASP G 275 -15.34 -33.87 -48.52
CA ASP G 275 -14.70 -32.61 -48.43
C ASP G 275 -15.50 -31.54 -49.07
N LEU G 276 -16.45 -31.92 -49.91
CA LEU G 276 -17.39 -30.95 -50.40
C LEU G 276 -18.31 -30.60 -49.25
N ARG G 277 -18.91 -31.59 -48.59
CA ARG G 277 -19.89 -31.27 -47.53
C ARG G 277 -19.21 -30.71 -46.31
N SER G 278 -17.99 -31.06 -46.06
CA SER G 278 -17.28 -30.44 -44.94
C SER G 278 -17.01 -29.04 -45.26
N LEU G 279 -16.93 -28.66 -46.53
CA LEU G 279 -16.85 -27.25 -46.85
C LEU G 279 -18.10 -26.62 -46.56
N GLU G 280 -19.19 -27.28 -46.95
CA GLU G 280 -20.57 -26.75 -46.84
C GLU G 280 -20.80 -26.29 -45.43
N ASN G 281 -20.69 -27.20 -44.45
CA ASN G 281 -20.91 -26.88 -43.10
C ASN G 281 -20.05 -25.76 -42.69
N LEU G 282 -18.80 -25.89 -42.96
CA LEU G 282 -17.78 -24.93 -42.47
C LEU G 282 -17.99 -23.62 -43.08
N GLN G 283 -18.66 -23.58 -44.17
CA GLN G 283 -18.88 -22.32 -44.79
C GLN G 283 -20.19 -21.75 -44.30
N GLU G 284 -21.16 -22.64 -44.08
CA GLU G 284 -22.52 -22.28 -43.70
C GLU G 284 -22.48 -21.42 -42.51
N ALA G 285 -21.82 -21.92 -41.47
CA ALA G 285 -21.67 -21.25 -40.18
C ALA G 285 -21.29 -19.83 -40.37
N ILE G 286 -20.31 -19.66 -41.23
CA ILE G 286 -19.65 -18.36 -41.38
C ILE G 286 -20.71 -17.38 -41.81
N VAL G 287 -21.54 -17.76 -42.77
CA VAL G 287 -22.55 -16.88 -43.26
C VAL G 287 -23.52 -16.62 -42.11
N LYS G 288 -23.91 -17.67 -41.36
CA LYS G 288 -24.79 -17.50 -40.21
C LYS G 288 -24.12 -16.63 -39.16
N MET G 289 -22.83 -16.84 -38.96
CA MET G 289 -22.17 -16.05 -37.96
C MET G 289 -22.01 -14.70 -38.44
N SER G 290 -22.19 -14.41 -39.70
CA SER G 290 -22.07 -13.08 -40.09
C SER G 290 -23.32 -12.41 -39.72
N MET G 291 -24.43 -13.10 -39.89
CA MET G 291 -25.73 -12.43 -39.79
C MET G 291 -25.94 -11.96 -38.33
N ILE G 292 -25.40 -12.68 -37.32
CA ILE G 292 -25.46 -12.27 -35.96
C ILE G 292 -24.82 -10.94 -35.81
N SER G 293 -23.73 -10.73 -36.54
CA SER G 293 -23.07 -9.41 -36.52
C SER G 293 -23.95 -8.28 -37.10
N SER G 294 -24.95 -8.63 -37.88
CA SER G 294 -25.71 -7.64 -38.53
C SER G 294 -26.96 -7.34 -37.77
N LYS G 295 -26.88 -7.39 -36.47
CA LYS G 295 -28.02 -7.08 -35.57
C LYS G 295 -27.42 -6.13 -34.50
N VAL G 296 -27.70 -4.84 -34.66
CA VAL G 296 -27.25 -3.88 -33.74
C VAL G 296 -28.18 -3.96 -32.54
N ILE G 297 -27.63 -4.26 -31.34
CA ILE G 297 -28.38 -4.10 -30.11
C ILE G 297 -27.60 -3.14 -29.28
N GLY G 298 -28.23 -2.04 -28.91
CA GLY G 298 -27.59 -1.14 -27.96
C GLY G 298 -27.82 -1.54 -26.52
N LEU G 299 -26.77 -1.94 -25.82
CA LEU G 299 -26.92 -2.26 -24.44
C LEU G 299 -26.74 -0.99 -23.59
N VAL G 300 -27.79 -0.53 -22.90
CA VAL G 300 -27.64 0.58 -21.98
C VAL G 300 -27.44 0.15 -20.63
N ASN G 301 -26.48 0.71 -19.95
CA ASN G 301 -26.06 0.13 -18.60
C ASN G 301 -26.93 0.69 -17.56
N PRO G 302 -27.70 -0.10 -16.87
CA PRO G 302 -28.60 0.40 -16.00
C PRO G 302 -28.00 1.11 -14.85
N ALA G 303 -26.76 0.88 -14.56
CA ALA G 303 -26.19 1.52 -13.41
C ALA G 303 -25.82 2.92 -13.64
N GLY G 304 -25.99 3.39 -14.84
CA GLY G 304 -25.47 4.69 -15.22
C GLY G 304 -26.59 5.71 -15.31
N ILE G 305 -26.32 6.77 -16.06
CA ILE G 305 -27.18 7.84 -16.08
C ILE G 305 -27.90 7.91 -17.37
N THR G 306 -27.26 7.58 -18.48
CA THR G 306 -27.79 7.93 -19.77
C THR G 306 -28.97 7.14 -20.12
N GLN G 307 -30.00 7.75 -20.71
CA GLN G 307 -31.18 6.92 -21.00
C GLN G 307 -31.87 7.15 -22.29
N PRO G 308 -32.29 6.12 -22.97
CA PRO G 308 -32.63 6.26 -24.30
C PRO G 308 -33.95 6.94 -24.63
N ARG G 309 -34.63 7.58 -23.71
CA ARG G 309 -35.67 8.51 -24.16
C ARG G 309 -35.02 9.80 -24.59
N ARG G 310 -33.72 9.93 -24.45
CA ARG G 310 -33.10 11.19 -24.76
C ARG G 310 -32.11 11.08 -25.85
N LEU G 311 -31.55 9.90 -26.11
CA LEU G 311 -30.73 9.76 -27.31
C LEU G 311 -31.61 9.79 -28.54
N THR G 312 -32.76 9.14 -28.51
CA THR G 312 -33.32 8.97 -29.68
C THR G 312 -34.05 10.18 -30.10
N LYS G 313 -34.66 10.92 -29.19
CA LYS G 313 -35.57 12.02 -29.63
C LYS G 313 -34.84 13.20 -30.03
N ALA G 314 -33.57 13.24 -29.74
CA ALA G 314 -32.77 14.44 -30.06
C ALA G 314 -32.45 14.55 -31.50
N GLN G 315 -32.54 15.76 -32.10
CA GLN G 315 -32.17 15.82 -33.51
C GLN G 315 -30.69 15.74 -33.63
N THR G 316 -30.17 15.83 -34.85
CA THR G 316 -28.72 15.65 -34.99
C THR G 316 -28.04 16.81 -34.51
N GLY G 317 -26.97 16.61 -33.77
CA GLY G 317 -26.23 17.63 -33.11
C GLY G 317 -27.11 18.34 -32.08
N ASP G 318 -27.58 17.51 -31.21
CA ASP G 318 -28.29 18.03 -30.06
C ASP G 318 -27.57 17.58 -28.83
N PHE G 319 -27.24 18.50 -27.93
CA PHE G 319 -26.61 18.10 -26.73
C PHE G 319 -27.64 17.34 -25.87
N VAL G 320 -27.21 16.30 -25.17
CA VAL G 320 -28.06 15.72 -24.29
C VAL G 320 -27.34 14.99 -23.22
N THR G 321 -27.99 14.66 -22.09
CA THR G 321 -27.24 14.31 -20.96
C THR G 321 -26.87 12.99 -20.83
N GLY G 322 -25.63 12.69 -20.50
CA GLY G 322 -25.24 11.24 -20.43
C GLY G 322 -23.79 10.99 -20.48
N ARG G 323 -23.42 9.85 -20.03
CA ARG G 323 -22.08 9.54 -20.07
C ARG G 323 -21.83 8.53 -21.17
N PRO G 324 -20.63 8.50 -21.76
CA PRO G 324 -20.41 7.63 -22.81
C PRO G 324 -20.14 6.24 -22.38
N GLU G 325 -19.81 5.96 -21.13
CA GLU G 325 -19.53 4.57 -20.79
C GLU G 325 -20.79 3.77 -20.54
N ASP G 326 -21.96 4.38 -20.69
CA ASP G 326 -23.16 3.68 -20.40
C ASP G 326 -23.68 2.93 -21.57
N ILE G 327 -23.68 3.51 -22.78
CA ILE G 327 -24.20 2.78 -23.91
C ILE G 327 -23.08 2.04 -24.50
N SER G 328 -23.25 0.76 -24.77
CA SER G 328 -22.28 0.03 -25.59
C SER G 328 -23.07 -0.77 -26.57
N PHE G 329 -22.39 -1.57 -27.40
CA PHE G 329 -23.14 -2.33 -28.34
C PHE G 329 -22.68 -3.76 -28.33
N LEU G 330 -23.61 -4.65 -28.52
CA LEU G 330 -23.33 -6.13 -28.31
C LEU G 330 -22.58 -6.63 -29.45
N GLN G 331 -21.28 -6.97 -29.32
CA GLN G 331 -20.52 -7.59 -30.41
C GLN G 331 -20.56 -9.09 -30.30
N LEU G 332 -19.94 -9.75 -31.26
CA LEU G 332 -19.92 -11.24 -31.27
C LEU G 332 -18.46 -11.61 -31.35
N GLU G 333 -17.90 -12.02 -30.23
CA GLU G 333 -16.49 -12.04 -30.13
C GLU G 333 -15.80 -13.30 -30.60
N LYS G 334 -16.44 -14.10 -31.47
CA LYS G 334 -15.71 -15.19 -32.13
C LYS G 334 -14.69 -14.60 -33.11
N GLN G 335 -13.44 -14.54 -32.69
CA GLN G 335 -12.41 -14.11 -33.59
C GLN G 335 -11.44 -15.23 -33.88
N ALA G 336 -11.01 -15.93 -32.84
CA ALA G 336 -10.14 -17.08 -33.07
C ALA G 336 -10.90 -18.20 -33.74
N ASP G 337 -12.18 -18.39 -33.40
CA ASP G 337 -12.97 -19.36 -34.12
C ASP G 337 -13.19 -18.95 -35.57
N PHE G 338 -13.38 -17.66 -35.83
CA PHE G 338 -13.55 -17.22 -37.19
C PHE G 338 -12.28 -17.41 -38.03
N THR G 339 -11.11 -17.14 -37.46
CA THR G 339 -9.86 -17.37 -38.19
C THR G 339 -9.51 -18.82 -38.42
N VAL G 340 -9.87 -19.70 -37.48
CA VAL G 340 -9.62 -21.10 -37.73
C VAL G 340 -10.64 -21.68 -38.68
N ALA G 341 -11.84 -21.16 -38.67
CA ALA G 341 -12.85 -21.67 -39.60
C ALA G 341 -12.52 -21.24 -41.01
N LYS G 342 -12.08 -20.00 -41.17
CA LYS G 342 -11.73 -19.49 -42.49
C LYS G 342 -10.50 -20.22 -43.01
N ALA G 343 -9.57 -20.57 -42.13
CA ALA G 343 -8.35 -21.27 -42.56
C ALA G 343 -8.65 -22.64 -43.09
N VAL G 344 -9.49 -23.37 -42.40
CA VAL G 344 -9.79 -24.68 -42.88
C VAL G 344 -10.71 -24.64 -44.07
N SER G 345 -11.53 -23.61 -44.18
CA SER G 345 -12.34 -23.42 -45.36
C SER G 345 -11.48 -23.21 -46.58
N ASP G 346 -10.46 -22.40 -46.44
CA ASP G 346 -9.60 -22.14 -47.57
C ASP G 346 -8.83 -23.41 -47.95
N ALA G 347 -8.31 -24.07 -46.95
CA ALA G 347 -7.51 -25.24 -47.22
C ALA G 347 -8.34 -26.36 -47.78
N ILE G 348 -9.66 -26.31 -47.67
CA ILE G 348 -10.45 -27.35 -48.29
C ILE G 348 -10.88 -26.91 -49.68
N GLU G 349 -11.04 -25.60 -49.91
CA GLU G 349 -11.34 -25.16 -51.27
C GLU G 349 -10.11 -25.38 -52.18
N ALA G 350 -8.92 -25.37 -51.62
CA ALA G 350 -7.73 -25.62 -52.41
C ALA G 350 -7.75 -27.03 -52.99
N ARG G 351 -8.18 -27.99 -52.17
CA ARG G 351 -8.29 -29.35 -52.66
C ARG G 351 -9.33 -29.46 -53.75
N LEU G 352 -10.48 -28.86 -53.50
CA LEU G 352 -11.51 -28.99 -54.48
C LEU G 352 -11.15 -28.17 -55.76
N SER G 353 -10.30 -27.17 -55.67
CA SER G 353 -9.89 -26.48 -56.87
C SER G 353 -8.85 -27.31 -57.68
N PHE G 354 -7.85 -27.97 -57.05
CA PHE G 354 -7.01 -28.92 -57.80
C PHE G 354 -7.74 -30.14 -58.23
N ALA G 355 -8.95 -30.32 -57.74
CA ALA G 355 -9.71 -31.53 -58.07
C ALA G 355 -10.75 -31.36 -59.08
N PHE G 356 -11.24 -30.16 -59.23
CA PHE G 356 -12.30 -29.90 -60.18
C PHE G 356 -11.86 -29.03 -61.37
N MET G 357 -10.55 -28.78 -61.46
CA MET G 357 -9.95 -27.95 -62.46
C MET G 357 -10.43 -26.51 -62.45
N LEU G 358 -10.69 -25.99 -61.27
CA LEU G 358 -11.03 -24.63 -61.13
C LEU G 358 -9.69 -23.93 -61.44
N ASN G 359 -9.75 -22.64 -61.79
CA ASN G 359 -8.58 -21.97 -62.37
C ASN G 359 -7.50 -21.73 -61.32
N SER G 360 -6.41 -22.48 -61.51
CA SER G 360 -5.20 -22.26 -60.74
C SER G 360 -4.12 -21.75 -61.70
N ALA G 361 -4.50 -20.72 -62.47
CA ALA G 361 -3.69 -20.08 -63.53
C ALA G 361 -3.20 -21.06 -64.62
N VAL G 362 -4.16 -21.72 -65.26
CA VAL G 362 -3.85 -22.56 -66.40
C VAL G 362 -4.43 -22.04 -67.71
N GLN G 363 -5.74 -21.80 -67.73
CA GLN G 363 -6.42 -21.51 -68.98
C GLN G 363 -6.81 -20.04 -69.12
N ARG G 364 -6.40 -19.21 -68.14
CA ARG G 364 -6.80 -17.80 -68.15
C ARG G 364 -6.01 -16.97 -69.17
N THR G 365 -4.68 -17.17 -69.23
CA THR G 365 -3.76 -16.28 -69.92
C THR G 365 -3.91 -16.39 -71.44
N GLY G 366 -4.92 -15.68 -71.97
CA GLY G 366 -5.23 -15.58 -73.40
C GLY G 366 -5.59 -16.91 -74.04
N GLU G 367 -6.75 -17.47 -73.66
CA GLU G 367 -7.17 -18.77 -74.19
C GLU G 367 -7.50 -18.63 -75.69
N ARG G 368 -6.99 -19.58 -76.48
CA ARG G 368 -7.34 -19.65 -77.91
C ARG G 368 -7.95 -21.01 -78.25
N VAL G 369 -8.08 -21.31 -79.54
CA VAL G 369 -8.78 -22.52 -80.01
C VAL G 369 -7.82 -23.33 -80.90
N THR G 370 -7.94 -24.66 -80.83
CA THR G 370 -7.55 -25.64 -81.87
C THR G 370 -6.09 -25.91 -82.17
N ALA G 371 -5.21 -25.02 -81.73
CA ALA G 371 -3.78 -25.18 -81.96
C ALA G 371 -3.10 -25.21 -80.59
N GLU G 372 -2.63 -26.42 -80.21
CA GLU G 372 -2.00 -26.74 -78.91
C GLU G 372 -3.08 -26.80 -77.79
N GLU G 373 -4.30 -26.33 -78.07
CA GLU G 373 -5.28 -26.15 -77.01
C GLU G 373 -5.94 -27.46 -76.62
N ILE G 374 -6.37 -28.24 -77.61
CA ILE G 374 -7.07 -29.47 -77.32
C ILE G 374 -6.12 -30.54 -76.76
N ARG G 375 -4.88 -30.48 -77.20
CA ARG G 375 -3.83 -31.29 -76.65
C ARG G 375 -3.63 -30.99 -75.17
N TYR G 376 -3.54 -29.69 -74.85
CA TYR G 376 -3.28 -29.28 -73.48
C TYR G 376 -4.44 -29.64 -72.59
N VAL G 377 -5.67 -29.45 -73.08
CA VAL G 377 -6.84 -29.75 -72.28
C VAL G 377 -6.96 -31.22 -72.00
N ALA G 378 -6.71 -32.05 -72.99
CA ALA G 378 -6.83 -33.46 -72.76
C ALA G 378 -5.70 -34.00 -71.90
N SER G 379 -4.51 -33.45 -72.03
CA SER G 379 -3.40 -33.91 -71.23
C SER G 379 -3.59 -33.55 -69.77
N GLU G 380 -4.14 -32.38 -69.52
CA GLU G 380 -4.45 -32.03 -68.15
C GLU G 380 -5.64 -32.84 -67.62
N LEU G 381 -6.67 -33.08 -68.43
CA LEU G 381 -7.79 -33.88 -67.99
C LEU G 381 -7.44 -35.35 -67.74
N GLU G 382 -6.37 -35.85 -68.33
CA GLU G 382 -5.86 -37.12 -67.86
C GLU G 382 -4.91 -36.96 -66.70
N ASP G 383 -4.28 -35.80 -66.53
CA ASP G 383 -3.41 -35.58 -65.36
C ASP G 383 -4.23 -35.63 -64.11
N THR G 384 -5.18 -34.73 -63.98
CA THR G 384 -6.11 -34.84 -62.88
C THR G 384 -7.23 -35.73 -63.35
N LEU G 385 -8.31 -35.78 -62.58
CA LEU G 385 -9.49 -36.55 -62.93
C LEU G 385 -9.31 -38.05 -63.12
N GLY G 386 -8.09 -38.57 -63.02
CA GLY G 386 -7.91 -40.00 -63.12
C GLY G 386 -8.14 -40.48 -64.53
N GLY G 387 -8.91 -41.54 -64.68
CA GLY G 387 -9.15 -42.02 -66.04
C GLY G 387 -10.42 -41.50 -66.72
N VAL G 388 -10.84 -40.25 -66.49
CA VAL G 388 -12.11 -39.82 -66.99
C VAL G 388 -12.06 -39.70 -68.49
N TYR G 389 -10.97 -39.12 -68.98
CA TYR G 389 -10.90 -38.82 -70.41
C TYR G 389 -10.74 -40.10 -71.27
N SER G 390 -10.17 -41.14 -70.72
CA SER G 390 -9.97 -42.31 -71.51
C SER G 390 -11.12 -43.26 -71.36
N ILE G 391 -11.60 -43.48 -70.13
CA ILE G 391 -12.76 -44.33 -69.90
C ILE G 391 -13.96 -43.75 -70.62
N LEU G 392 -14.06 -42.43 -70.57
CA LEU G 392 -15.15 -41.73 -71.23
C LEU G 392 -15.04 -41.85 -72.72
N SER G 393 -13.84 -41.92 -73.24
CA SER G 393 -13.65 -42.06 -74.69
C SER G 393 -14.01 -43.46 -75.17
N GLN G 394 -13.69 -44.47 -74.37
CA GLN G 394 -14.10 -45.80 -74.74
C GLN G 394 -15.65 -45.96 -74.61
N GLU G 395 -16.24 -45.41 -73.57
CA GLU G 395 -17.65 -45.65 -73.33
C GLU G 395 -18.53 -44.77 -74.18
N LEU G 396 -18.10 -43.54 -74.44
CA LEU G 396 -18.98 -42.57 -75.10
C LEU G 396 -18.73 -42.41 -76.59
N GLN G 397 -17.49 -42.12 -76.97
CA GLN G 397 -17.22 -41.80 -78.34
C GLN G 397 -17.19 -42.98 -79.28
N LEU G 398 -16.87 -44.19 -78.80
CA LEU G 398 -16.93 -45.31 -79.67
C LEU G 398 -18.32 -45.63 -80.11
N PRO G 399 -19.28 -45.67 -79.21
CA PRO G 399 -20.63 -45.91 -79.72
C PRO G 399 -21.23 -44.73 -80.44
N LEU G 400 -20.86 -43.50 -80.11
CA LEU G 400 -21.49 -42.36 -80.78
C LEU G 400 -20.98 -42.22 -82.18
N VAL G 401 -19.76 -42.64 -82.47
CA VAL G 401 -19.29 -42.75 -83.85
C VAL G 401 -19.84 -43.96 -84.50
N ARG G 402 -20.00 -45.03 -83.76
CA ARG G 402 -20.33 -46.31 -84.36
C ARG G 402 -21.79 -46.37 -84.80
N VAL G 403 -22.68 -45.84 -84.01
CA VAL G 403 -24.10 -45.78 -84.38
C VAL G 403 -24.35 -44.82 -85.56
N LEU G 404 -23.66 -43.67 -85.53
CA LEU G 404 -23.70 -42.79 -86.65
C LEU G 404 -23.18 -43.43 -87.95
N LEU G 405 -22.01 -44.07 -87.84
CA LEU G 405 -21.34 -44.66 -88.99
C LEU G 405 -22.15 -45.76 -89.55
N LYS G 406 -22.97 -46.39 -88.71
CA LYS G 406 -23.84 -47.45 -89.22
C LYS G 406 -25.02 -46.85 -89.94
N GLN G 407 -25.75 -45.99 -89.26
CA GLN G 407 -27.02 -45.53 -89.82
C GLN G 407 -26.85 -44.54 -91.00
N LEU G 408 -25.91 -43.61 -90.89
CA LEU G 408 -25.71 -42.66 -91.96
C LEU G 408 -25.22 -43.30 -93.27
N GLN G 409 -24.22 -44.16 -93.20
CA GLN G 409 -23.74 -44.81 -94.40
C GLN G 409 -24.74 -45.91 -94.84
N ALA G 410 -25.60 -46.35 -93.95
CA ALA G 410 -26.76 -47.16 -94.39
C ALA G 410 -27.83 -46.32 -95.10
N THR G 411 -27.79 -45.00 -94.95
CA THR G 411 -28.66 -44.14 -95.71
C THR G 411 -27.96 -43.49 -96.92
N GLN G 412 -26.81 -42.87 -96.70
CA GLN G 412 -26.14 -42.04 -97.71
C GLN G 412 -25.26 -42.85 -98.66
N GLN G 413 -24.35 -42.17 -99.38
CA GLN G 413 -23.59 -42.79 -100.46
C GLN G 413 -22.23 -43.30 -100.03
N ILE G 414 -21.90 -44.51 -100.47
CA ILE G 414 -20.60 -45.10 -100.28
C ILE G 414 -19.70 -44.65 -101.45
N PRO G 415 -18.55 -44.03 -101.17
CA PRO G 415 -17.64 -43.62 -102.27
C PRO G 415 -16.76 -44.76 -102.85
N GLU G 416 -15.83 -44.33 -103.69
CA GLU G 416 -14.87 -45.17 -104.43
C GLU G 416 -14.08 -46.27 -103.65
N LEU G 417 -13.70 -45.98 -102.40
CA LEU G 417 -12.68 -46.71 -101.59
C LEU G 417 -12.88 -48.23 -101.52
N PRO G 418 -11.77 -48.99 -101.34
CA PRO G 418 -11.79 -50.49 -101.50
C PRO G 418 -12.59 -51.24 -100.47
N LYS G 419 -12.64 -52.57 -100.65
CA LYS G 419 -13.49 -53.42 -99.83
C LYS G 419 -12.92 -53.69 -98.44
N GLU G 420 -11.66 -53.38 -98.22
CA GLU G 420 -11.10 -53.47 -96.86
C GLU G 420 -11.32 -52.20 -96.05
N ALA G 421 -11.81 -51.15 -96.70
CA ALA G 421 -12.11 -49.90 -96.01
C ALA G 421 -13.63 -49.54 -96.02
N VAL G 422 -14.49 -50.46 -96.43
CA VAL G 422 -15.93 -50.19 -96.36
C VAL G 422 -16.42 -50.26 -94.90
N GLU G 423 -15.89 -51.24 -94.17
CA GLU G 423 -16.20 -51.48 -92.76
C GLU G 423 -14.93 -51.19 -91.95
N PRO G 424 -14.74 -49.93 -91.55
CA PRO G 424 -13.42 -49.53 -91.04
C PRO G 424 -13.26 -49.73 -89.54
N THR G 425 -12.10 -49.37 -89.03
CA THR G 425 -11.90 -49.36 -87.60
C THR G 425 -11.84 -47.93 -87.13
N ILE G 426 -12.18 -47.72 -85.87
CA ILE G 426 -12.37 -46.38 -85.34
C ILE G 426 -11.42 -46.12 -84.20
N SER G 427 -10.77 -44.96 -84.20
CA SER G 427 -10.01 -44.49 -83.02
C SER G 427 -10.62 -43.21 -82.52
N THR G 428 -10.56 -42.98 -81.21
CA THR G 428 -11.38 -41.90 -80.63
C THR G 428 -10.66 -40.91 -79.74
N GLY G 429 -9.75 -41.38 -78.95
CA GLY G 429 -9.23 -40.53 -77.87
C GLY G 429 -8.10 -39.62 -78.33
N LEU G 430 -7.03 -39.52 -77.54
CA LEU G 430 -5.88 -38.74 -77.91
C LEU G 430 -5.20 -39.27 -79.15
N GLU G 431 -5.43 -40.54 -79.46
CA GLU G 431 -4.90 -41.13 -80.68
C GLU G 431 -5.60 -40.57 -81.91
N ALA G 432 -6.77 -39.97 -81.70
CA ALA G 432 -7.56 -39.48 -82.81
C ALA G 432 -7.70 -37.98 -82.86
N ILE G 433 -7.07 -37.25 -81.96
CA ILE G 433 -7.17 -35.81 -82.01
C ILE G 433 -6.26 -35.34 -83.11
N GLY G 434 -6.77 -34.43 -83.93
CA GLY G 434 -6.12 -34.17 -85.21
C GLY G 434 -6.31 -35.38 -86.09
N ARG G 435 -5.42 -35.59 -87.04
CA ARG G 435 -5.39 -36.86 -87.76
C ARG G 435 -4.00 -37.43 -87.62
N GLY G 436 -3.02 -36.55 -87.88
CA GLY G 436 -1.58 -36.80 -87.66
C GLY G 436 -1.35 -36.92 -86.17
N GLN G 437 -0.14 -37.33 -85.81
CA GLN G 437 0.16 -37.50 -84.40
C GLN G 437 0.19 -36.18 -83.62
N ASP G 438 1.11 -35.27 -83.97
CA ASP G 438 1.33 -34.05 -83.18
C ASP G 438 1.62 -32.88 -84.08
N LEU G 439 0.95 -31.75 -83.86
CA LEU G 439 1.24 -30.52 -84.61
C LEU G 439 2.61 -29.95 -84.28
N ASP G 440 3.00 -30.04 -83.01
CA ASP G 440 4.28 -29.56 -82.56
C ASP G 440 5.40 -30.40 -83.22
N LYS G 441 5.11 -31.69 -83.41
CA LYS G 441 6.04 -32.62 -84.06
C LYS G 441 6.32 -32.16 -85.49
N LEU G 442 5.27 -31.91 -86.26
CA LEU G 442 5.41 -31.51 -87.65
C LEU G 442 6.07 -30.13 -87.76
N GLU G 443 5.71 -29.23 -86.84
CA GLU G 443 6.27 -27.88 -86.88
C GLU G 443 7.77 -27.88 -86.58
N ARG G 444 8.16 -28.52 -85.48
CA ARG G 444 9.57 -28.58 -85.12
C ARG G 444 10.36 -29.48 -86.07
N CYS G 445 9.70 -30.43 -86.72
CA CYS G 445 10.36 -31.26 -87.70
C CYS G 445 10.62 -30.50 -89.00
N VAL G 446 9.69 -29.64 -89.39
CA VAL G 446 9.89 -28.78 -90.54
C VAL G 446 11.02 -27.76 -90.25
N THR G 447 11.09 -27.24 -89.03
CA THR G 447 12.20 -26.34 -88.69
C THR G 447 13.53 -27.08 -88.61
N ALA G 448 13.49 -28.35 -88.19
CA ALA G 448 14.71 -29.18 -88.16
C ALA G 448 15.18 -29.50 -89.58
N TRP G 449 14.23 -29.63 -90.51
CA TRP G 449 14.58 -29.77 -91.93
C TRP G 449 15.14 -28.48 -92.50
N ALA G 450 14.59 -27.35 -92.07
CA ALA G 450 15.08 -26.05 -92.51
C ALA G 450 16.49 -25.77 -91.99
N ALA G 451 16.84 -26.41 -90.87
CA ALA G 451 18.22 -26.40 -90.38
C ALA G 451 19.19 -27.15 -91.30
N LEU G 452 18.66 -27.96 -92.23
CA LEU G 452 19.47 -28.69 -93.20
C LEU G 452 19.54 -27.95 -94.53
N ALA G 453 19.58 -26.61 -94.42
CA ALA G 453 19.83 -25.66 -95.51
C ALA G 453 21.07 -25.93 -96.39
N PRO G 454 22.32 -25.94 -95.80
CA PRO G 454 23.49 -25.37 -96.53
C PRO G 454 23.81 -25.94 -97.92
N MET G 455 23.79 -27.26 -98.08
CA MET G 455 24.11 -27.87 -99.37
C MET G 455 23.30 -29.10 -99.62
N ARG G 456 22.77 -29.22 -100.85
CA ARG G 456 22.15 -30.45 -101.35
C ARG G 456 23.20 -31.57 -101.41
N ASP G 457 24.15 -31.42 -102.32
CA ASP G 457 25.20 -32.42 -102.52
C ASP G 457 26.41 -32.01 -101.69
N ASP G 458 26.24 -32.06 -100.36
CA ASP G 458 27.31 -31.76 -99.43
C ASP G 458 28.17 -33.03 -99.31
N PRO G 459 29.49 -32.93 -99.56
CA PRO G 459 30.31 -34.14 -99.47
C PRO G 459 30.51 -34.59 -98.03
N ASP G 460 30.98 -35.84 -97.91
CA ASP G 460 31.31 -36.51 -96.64
C ASP G 460 30.14 -36.68 -95.68
N ILE G 461 28.92 -36.78 -96.19
CA ILE G 461 27.72 -36.84 -95.34
C ILE G 461 26.59 -37.43 -96.15
N ASN G 462 25.54 -37.91 -95.48
CA ASN G 462 24.32 -38.33 -96.15
C ASN G 462 23.21 -37.32 -95.89
N LEU G 463 22.21 -37.32 -96.75
CA LEU G 463 21.04 -36.49 -96.58
C LEU G 463 19.75 -37.31 -96.58
N ALA G 464 19.76 -38.47 -97.24
CA ALA G 464 18.55 -39.28 -97.39
C ALA G 464 18.10 -39.92 -96.09
N MET G 465 19.07 -40.33 -95.28
CA MET G 465 18.75 -41.03 -94.05
C MET G 465 18.59 -40.10 -92.86
N ILE G 466 19.32 -39.01 -92.83
CA ILE G 466 19.30 -38.16 -91.64
C ILE G 466 18.05 -37.33 -91.53
N LYS G 467 17.44 -37.02 -92.66
CA LYS G 467 16.13 -36.38 -92.66
C LYS G 467 15.10 -37.37 -92.08
N LEU G 468 15.19 -38.63 -92.51
CA LEU G 468 14.33 -39.70 -91.99
C LEU G 468 14.56 -39.91 -90.50
N ARG G 469 15.80 -39.80 -90.06
CA ARG G 469 16.15 -40.05 -88.64
C ARG G 469 15.70 -38.90 -87.71
N ILE G 470 15.89 -37.66 -88.15
CA ILE G 470 15.40 -36.52 -87.39
C ILE G 470 13.87 -36.51 -87.39
N ALA G 471 13.25 -36.93 -88.49
CA ALA G 471 11.80 -37.06 -88.51
C ALA G 471 11.32 -38.24 -87.66
N ASN G 472 12.09 -39.33 -87.61
CA ASN G 472 11.66 -40.56 -86.97
C ASN G 472 11.94 -40.57 -85.48
N ALA G 473 12.78 -39.63 -85.01
CA ALA G 473 12.97 -39.44 -83.58
C ALA G 473 11.74 -38.79 -82.93
N ILE G 474 11.14 -37.82 -83.62
CA ILE G 474 9.90 -37.22 -83.15
C ILE G 474 8.76 -38.03 -83.75
N GLY G 475 7.53 -37.76 -83.31
CA GLY G 475 6.38 -38.59 -83.68
C GLY G 475 5.84 -38.39 -85.07
N ILE G 476 6.61 -38.76 -86.10
CA ILE G 476 6.18 -38.66 -87.48
C ILE G 476 6.05 -40.08 -88.02
N ASP G 477 5.00 -40.32 -88.82
CA ASP G 477 4.77 -41.59 -89.49
C ASP G 477 5.92 -42.03 -90.42
N THR G 478 6.49 -41.08 -91.17
CA THR G 478 7.62 -41.29 -92.07
C THR G 478 7.34 -42.31 -93.15
N SER G 479 6.09 -42.33 -93.61
CA SER G 479 5.62 -43.35 -94.56
C SER G 479 4.81 -42.69 -95.67
N GLY G 480 5.44 -41.71 -96.31
CA GLY G 480 4.81 -40.90 -97.34
C GLY G 480 5.31 -39.48 -97.18
N ILE G 481 5.77 -39.19 -95.98
CA ILE G 481 6.55 -38.01 -95.65
C ILE G 481 7.88 -38.01 -96.42
N LEU G 482 8.46 -39.20 -96.62
CA LEU G 482 9.76 -39.33 -97.26
C LEU G 482 9.63 -40.14 -98.53
N LEU G 483 10.38 -39.77 -99.56
CA LEU G 483 10.38 -40.51 -100.81
C LEU G 483 11.14 -41.84 -100.66
N THR G 484 10.56 -42.89 -101.22
CA THR G 484 11.32 -44.12 -101.47
C THR G 484 11.77 -44.25 -102.94
N GLU G 485 10.82 -44.32 -103.86
CA GLU G 485 11.14 -44.45 -105.31
C GLU G 485 10.10 -43.75 -106.16
N GLU H 3 -66.07 -26.11 -87.81
CA GLU H 3 -66.59 -24.78 -87.38
C GLU H 3 -66.74 -24.75 -85.86
N LYS H 4 -66.56 -25.92 -85.24
CA LYS H 4 -66.38 -26.00 -83.80
C LYS H 4 -65.01 -26.51 -83.46
N ARG H 5 -64.28 -25.78 -82.63
CA ARG H 5 -62.99 -26.20 -82.14
C ARG H 5 -63.13 -27.35 -81.17
N THR H 6 -62.46 -28.46 -81.48
CA THR H 6 -62.54 -29.65 -80.65
C THR H 6 -61.14 -29.97 -80.15
N GLY H 7 -60.99 -31.12 -79.52
CA GLY H 7 -59.66 -31.52 -79.09
C GLY H 7 -59.25 -30.69 -77.88
N LEU H 8 -58.06 -30.12 -77.96
CA LEU H 8 -57.48 -29.44 -76.82
C LEU H 8 -58.05 -28.07 -76.61
N ALA H 9 -58.68 -27.54 -77.66
CA ALA H 9 -59.20 -26.16 -77.64
C ALA H 9 -60.70 -26.17 -77.43
N GLU H 10 -61.17 -27.02 -76.54
CA GLU H 10 -62.60 -27.30 -76.40
C GLU H 10 -63.36 -26.12 -75.84
N ASP H 11 -62.73 -25.32 -75.00
CA ASP H 11 -63.45 -24.22 -74.39
C ASP H 11 -62.96 -22.80 -74.63
N GLY H 12 -62.38 -22.51 -75.77
CA GLY H 12 -61.91 -21.14 -76.09
C GLY H 12 -60.58 -20.82 -75.39
N ALA H 13 -60.00 -19.71 -75.77
CA ALA H 13 -58.64 -19.36 -75.34
C ALA H 13 -58.56 -18.73 -73.97
N LYS H 14 -59.52 -17.90 -73.64
CA LYS H 14 -59.58 -17.30 -72.32
C LYS H 14 -59.74 -18.34 -71.23
N SER H 15 -60.53 -19.37 -71.49
CA SER H 15 -60.70 -20.43 -70.52
C SER H 15 -59.43 -21.22 -70.29
N VAL H 16 -58.72 -21.53 -71.36
CA VAL H 16 -57.50 -22.26 -71.23
C VAL H 16 -56.47 -21.42 -70.50
N TYR H 17 -56.45 -20.12 -70.81
CA TYR H 17 -55.50 -19.21 -70.21
C TYR H 17 -55.72 -19.08 -68.70
N GLU H 18 -56.97 -18.89 -68.29
CA GLU H 18 -57.26 -18.81 -66.89
C GLU H 18 -57.08 -20.13 -66.18
N ARG H 19 -57.19 -21.23 -66.90
CA ARG H 19 -56.97 -22.53 -66.24
C ARG H 19 -55.50 -22.80 -66.01
N LEU H 20 -54.64 -22.39 -66.96
CA LEU H 20 -53.26 -22.65 -66.84
C LEU H 20 -52.49 -21.56 -66.07
N LYS H 21 -53.16 -20.44 -65.76
CA LYS H 21 -52.51 -19.39 -65.00
C LYS H 21 -52.08 -19.86 -63.62
N ASN H 22 -52.84 -20.80 -63.03
CA ASN H 22 -52.49 -21.34 -61.73
C ASN H 22 -51.14 -22.05 -61.74
N ASP H 23 -50.90 -22.85 -62.76
CA ASP H 23 -49.61 -23.48 -62.85
C ASP H 23 -48.57 -22.54 -63.35
N ARG H 24 -48.94 -21.41 -63.94
CA ARG H 24 -47.93 -20.42 -64.30
C ARG H 24 -47.41 -19.75 -63.08
N ALA H 25 -48.28 -19.51 -62.11
CA ALA H 25 -48.01 -18.58 -60.99
C ALA H 25 -46.68 -18.69 -60.20
N PRO H 26 -46.20 -19.89 -59.87
CA PRO H 26 -45.04 -19.92 -59.06
C PRO H 26 -43.80 -19.43 -59.78
N TYR H 27 -43.71 -19.65 -61.07
CA TYR H 27 -42.62 -19.15 -61.84
C TYR H 27 -42.64 -17.64 -61.81
N GLU H 28 -43.83 -17.08 -61.83
CA GLU H 28 -43.97 -15.64 -61.76
C GLU H 28 -43.52 -15.10 -60.40
N THR H 29 -43.77 -15.86 -59.35
CA THR H 29 -43.34 -15.46 -58.04
C THR H 29 -41.83 -15.46 -57.94
N ARG H 30 -41.22 -16.50 -58.51
CA ARG H 30 -39.75 -16.56 -58.56
C ARG H 30 -39.22 -15.40 -59.34
N ALA H 31 -39.89 -15.04 -60.42
CA ALA H 31 -39.45 -13.92 -61.22
C ALA H 31 -39.48 -12.64 -60.40
N GLN H 32 -40.50 -12.48 -59.60
CA GLN H 32 -40.61 -11.28 -58.83
C GLN H 32 -39.51 -11.21 -57.82
N ASN H 33 -39.19 -12.32 -57.19
CA ASN H 33 -38.15 -12.32 -56.18
C ASN H 33 -36.77 -12.02 -56.81
N CYS H 34 -36.47 -12.68 -57.95
CA CYS H 34 -35.24 -12.44 -58.59
C CYS H 34 -35.09 -10.99 -59.06
N ALA H 35 -36.19 -10.43 -59.45
CA ALA H 35 -36.21 -9.05 -59.85
C ALA H 35 -35.98 -8.15 -58.64
N GLN H 36 -36.52 -8.49 -57.49
CA GLN H 36 -36.40 -7.66 -56.31
C GLN H 36 -35.01 -7.62 -55.82
N TYR H 37 -34.25 -8.67 -56.13
CA TYR H 37 -32.84 -8.66 -55.66
C TYR H 37 -31.93 -8.19 -56.74
N THR H 38 -32.32 -8.10 -58.02
CA THR H 38 -31.34 -7.69 -59.07
C THR H 38 -31.54 -6.38 -59.64
N ILE H 39 -32.63 -6.19 -60.31
CA ILE H 39 -33.01 -4.86 -60.87
C ILE H 39 -34.54 -4.86 -60.83
N PRO H 40 -35.11 -3.97 -60.05
CA PRO H 40 -36.51 -4.18 -59.68
C PRO H 40 -37.44 -3.90 -60.74
N SER H 41 -37.13 -3.03 -61.68
CA SER H 41 -38.07 -2.74 -62.69
C SER H 41 -38.29 -3.80 -63.71
N LEU H 42 -37.36 -4.73 -63.82
CA LEU H 42 -37.25 -5.66 -64.99
C LEU H 42 -38.29 -6.67 -64.98
N PHE H 43 -39.03 -6.82 -63.88
CA PHE H 43 -40.25 -7.67 -63.89
C PHE H 43 -41.11 -7.15 -62.78
N PRO H 44 -42.15 -6.37 -63.08
CA PRO H 44 -43.05 -5.88 -62.08
C PRO H 44 -43.93 -6.96 -61.53
N LYS H 45 -44.64 -6.63 -60.46
CA LYS H 45 -45.75 -7.51 -60.00
C LYS H 45 -47.00 -7.16 -60.75
N ASP H 46 -48.00 -8.00 -60.66
CA ASP H 46 -49.14 -7.78 -61.55
C ASP H 46 -50.01 -6.60 -61.08
N SER H 47 -50.02 -6.38 -59.78
CA SER H 47 -50.72 -5.23 -59.23
C SER H 47 -49.81 -4.00 -59.27
N ASP H 48 -48.54 -4.19 -58.92
CA ASP H 48 -47.64 -3.08 -58.72
C ASP H 48 -47.17 -2.51 -60.04
N ASN H 49 -48.11 -1.90 -60.73
CA ASN H 49 -47.78 -1.10 -61.89
C ASN H 49 -48.23 0.33 -61.66
N ALA H 50 -47.65 1.26 -62.43
CA ALA H 50 -48.25 2.53 -62.67
C ALA H 50 -48.07 3.27 -61.35
N SER H 51 -46.88 3.83 -61.29
CA SER H 51 -46.53 4.77 -60.22
C SER H 51 -46.30 4.09 -58.88
N THR H 52 -45.33 3.17 -58.89
CA THR H 52 -45.09 2.31 -57.79
C THR H 52 -43.73 2.45 -57.24
N ASP H 53 -42.83 3.16 -57.91
CA ASP H 53 -41.55 3.57 -57.28
C ASP H 53 -40.73 2.42 -56.81
N TYR H 54 -40.15 1.70 -57.75
CA TYR H 54 -39.27 0.58 -57.44
C TYR H 54 -38.05 1.02 -56.70
N GLN H 55 -37.61 0.23 -55.73
CA GLN H 55 -36.53 0.63 -54.86
C GLN H 55 -35.31 -0.10 -55.19
N THR H 56 -34.16 0.51 -55.09
CA THR H 56 -32.90 -0.25 -55.48
C THR H 56 -32.50 -1.13 -54.49
N PRO H 57 -31.86 -2.19 -54.90
CA PRO H 57 -31.55 -3.17 -53.90
C PRO H 57 -30.38 -2.71 -53.17
N TRP H 58 -30.16 -3.24 -51.95
CA TRP H 58 -29.10 -2.76 -51.15
C TRP H 58 -27.77 -3.18 -51.69
N GLN H 59 -27.75 -4.35 -52.33
CA GLN H 59 -26.55 -4.85 -52.99
C GLN H 59 -26.48 -4.43 -54.41
N ALA H 60 -25.25 -4.32 -54.93
CA ALA H 60 -25.10 -3.89 -56.27
C ALA H 60 -24.60 -4.94 -57.26
N VAL H 61 -24.30 -6.12 -56.75
CA VAL H 61 -23.76 -7.15 -57.55
C VAL H 61 -24.79 -7.78 -58.38
N GLY H 62 -26.02 -7.78 -57.93
CA GLY H 62 -27.10 -8.31 -58.73
C GLY H 62 -27.38 -7.46 -59.93
N ALA H 63 -27.41 -6.17 -59.70
CA ALA H 63 -27.74 -5.26 -60.79
C ALA H 63 -26.67 -5.25 -61.88
N ARG H 64 -25.41 -5.28 -61.47
CA ARG H 64 -24.33 -5.33 -62.40
C ARG H 64 -24.35 -6.64 -63.10
N GLY H 65 -24.63 -7.68 -62.35
CA GLY H 65 -24.48 -9.05 -62.84
C GLY H 65 -25.48 -9.41 -63.89
N LEU H 66 -26.73 -8.97 -63.75
CA LEU H 66 -27.77 -9.32 -64.72
C LEU H 66 -27.46 -8.67 -66.03
N ASN H 67 -27.08 -7.40 -66.01
CA ASN H 67 -26.79 -6.73 -67.25
C ASN H 67 -25.53 -7.27 -67.90
N ASN H 68 -24.52 -7.60 -67.12
CA ASN H 68 -23.28 -8.13 -67.69
C ASN H 68 -23.53 -9.44 -68.33
N LEU H 69 -24.37 -10.28 -67.72
CA LEU H 69 -24.60 -11.62 -68.24
C LEU H 69 -25.44 -11.54 -69.50
N ALA H 70 -26.42 -10.66 -69.53
CA ALA H 70 -27.21 -10.49 -70.73
C ALA H 70 -26.36 -9.92 -71.88
N SER H 71 -25.45 -9.02 -71.56
CA SER H 71 -24.61 -8.44 -72.59
C SER H 71 -23.63 -9.47 -73.16
N LYS H 72 -23.05 -10.31 -72.33
CA LYS H 72 -22.11 -11.28 -72.83
C LYS H 72 -22.82 -12.34 -73.61
N LEU H 73 -24.04 -12.70 -73.21
CA LEU H 73 -24.85 -13.65 -74.01
C LEU H 73 -25.19 -13.06 -75.35
N MET H 74 -25.42 -11.77 -75.43
CA MET H 74 -25.73 -11.24 -76.71
C MET H 74 -24.51 -11.10 -77.58
N LEU H 75 -23.35 -10.80 -76.98
CA LEU H 75 -22.06 -10.74 -77.71
C LEU H 75 -21.66 -12.10 -78.25
N ALA H 76 -22.12 -13.18 -77.64
CA ALA H 76 -21.77 -14.46 -78.17
C ALA H 76 -22.87 -15.15 -78.92
N LEU H 77 -24.05 -14.61 -78.91
CA LEU H 77 -25.16 -15.29 -79.58
C LEU H 77 -25.72 -14.54 -80.78
N PHE H 78 -25.59 -13.22 -80.85
CA PHE H 78 -26.02 -12.50 -82.01
C PHE H 78 -25.04 -11.42 -82.37
N PRO H 79 -23.88 -11.77 -82.89
CA PRO H 79 -22.89 -10.74 -83.19
C PRO H 79 -23.13 -9.98 -84.51
N MET H 80 -22.13 -9.19 -84.88
CA MET H 80 -22.12 -8.46 -86.13
C MET H 80 -21.97 -9.40 -87.32
N GLN H 81 -21.28 -10.51 -87.07
CA GLN H 81 -20.91 -11.48 -88.12
C GLN H 81 -22.06 -12.32 -88.55
N THR H 82 -21.79 -13.25 -89.47
CA THR H 82 -22.74 -14.28 -89.78
C THR H 82 -22.72 -15.27 -88.67
N TRP H 83 -23.89 -15.55 -88.08
CA TRP H 83 -23.93 -16.46 -86.95
C TRP H 83 -24.71 -17.71 -87.18
N MET H 84 -25.36 -17.86 -88.34
CA MET H 84 -25.97 -19.14 -88.68
C MET H 84 -25.15 -19.78 -89.78
N ARG H 85 -25.40 -21.06 -90.01
CA ARG H 85 -24.72 -21.77 -91.07
C ARG H 85 -25.73 -22.63 -91.81
N LEU H 86 -25.74 -22.54 -93.13
CA LEU H 86 -26.66 -23.29 -93.97
C LEU H 86 -25.89 -24.30 -94.81
N THR H 87 -26.14 -25.59 -94.59
CA THR H 87 -25.33 -26.65 -95.22
C THR H 87 -26.24 -27.72 -95.78
N ILE H 88 -25.60 -28.76 -96.36
CA ILE H 88 -26.28 -29.79 -97.16
C ILE H 88 -25.95 -31.18 -96.64
N SER H 89 -26.93 -32.08 -96.53
CA SER H 89 -26.62 -33.41 -95.98
C SER H 89 -27.40 -34.52 -96.70
N GLU H 90 -26.84 -35.73 -96.70
CA GLU H 90 -27.48 -37.00 -97.22
C GLU H 90 -27.84 -37.14 -98.70
N TYR H 91 -27.57 -36.10 -99.45
CA TYR H 91 -27.62 -36.12 -100.91
C TYR H 91 -26.38 -35.44 -101.50
N GLU H 92 -25.56 -34.81 -100.65
CA GLU H 92 -24.30 -34.21 -101.05
C GLU H 92 -23.24 -35.30 -101.32
N ALA H 93 -23.49 -36.52 -100.82
CA ALA H 93 -22.64 -37.68 -101.15
C ALA H 93 -22.70 -38.05 -102.63
N LYS H 94 -23.81 -37.68 -103.28
CA LYS H 94 -23.89 -37.72 -104.73
C LYS H 94 -23.00 -36.62 -105.33
N GLN H 95 -22.93 -35.48 -104.64
CA GLN H 95 -22.48 -34.24 -105.24
C GLN H 95 -21.07 -33.90 -104.83
N LEU H 96 -20.70 -34.16 -103.57
CA LEU H 96 -19.41 -33.73 -103.05
C LEU H 96 -18.29 -34.69 -103.41
N LEU H 97 -18.66 -35.82 -104.01
CA LEU H 97 -17.65 -36.82 -104.40
C LEU H 97 -16.77 -36.25 -105.54
N SER H 98 -17.42 -35.75 -106.58
CA SER H 98 -16.75 -35.07 -107.67
C SER H 98 -16.97 -33.56 -107.50
N ASP H 99 -16.44 -32.80 -108.47
CA ASP H 99 -16.60 -31.35 -108.59
C ASP H 99 -16.25 -30.58 -107.31
N PRO H 100 -14.96 -30.43 -106.95
CA PRO H 100 -14.64 -29.45 -105.90
C PRO H 100 -14.89 -28.01 -106.38
N ASP H 101 -14.92 -27.82 -107.70
CA ASP H 101 -15.42 -26.58 -108.29
C ASP H 101 -16.95 -26.52 -108.39
N GLY H 102 -17.62 -27.59 -107.99
CA GLY H 102 -19.08 -27.66 -108.17
C GLY H 102 -19.88 -27.15 -107.01
N LEU H 103 -19.38 -27.36 -105.80
CA LEU H 103 -20.05 -26.89 -104.62
C LEU H 103 -19.78 -25.41 -104.36
N ALA H 104 -18.97 -24.78 -105.19
CA ALA H 104 -18.69 -23.34 -105.05
C ALA H 104 -19.93 -22.49 -105.37
N LYS H 105 -20.72 -22.93 -106.35
CA LYS H 105 -21.97 -22.28 -106.68
C LYS H 105 -22.99 -22.40 -105.53
N VAL H 106 -22.97 -23.56 -104.89
CA VAL H 106 -23.82 -23.82 -103.73
C VAL H 106 -23.40 -22.93 -102.55
N ASP H 107 -22.10 -22.75 -102.38
CA ASP H 107 -21.57 -21.88 -101.35
C ASP H 107 -22.00 -20.46 -101.61
N GLU H 108 -21.95 -20.02 -102.87
CA GLU H 108 -22.32 -18.64 -103.19
C GLU H 108 -23.82 -18.43 -102.95
N GLY H 109 -24.64 -19.41 -103.33
CA GLY H 109 -26.10 -19.32 -103.15
C GLY H 109 -26.48 -19.27 -101.65
N LEU H 110 -25.86 -20.14 -100.86
CA LEU H 110 -26.18 -20.15 -99.46
C LEU H 110 -25.62 -18.97 -98.69
N SER H 111 -24.49 -18.43 -99.13
CA SER H 111 -23.98 -17.19 -98.53
C SER H 111 -24.89 -16.00 -98.89
N MET H 112 -25.49 -16.04 -100.07
CA MET H 112 -26.48 -15.06 -100.45
C MET H 112 -27.69 -15.16 -99.50
N VAL H 113 -28.15 -16.37 -99.20
CA VAL H 113 -29.32 -16.54 -98.34
C VAL H 113 -29.01 -16.13 -96.90
N GLU H 114 -27.79 -16.43 -96.45
CA GLU H 114 -27.37 -16.01 -95.11
C GLU H 114 -27.25 -14.49 -94.99
N ARG H 115 -26.76 -13.87 -96.05
CA ARG H 115 -26.68 -12.44 -96.04
C ARG H 115 -28.06 -11.81 -96.03
N ILE H 116 -29.03 -12.41 -96.70
CA ILE H 116 -30.34 -11.80 -96.76
C ILE H 116 -31.11 -11.98 -95.46
N ILE H 117 -30.87 -13.09 -94.80
CA ILE H 117 -31.43 -13.25 -93.46
C ILE H 117 -30.80 -12.21 -92.49
N MET H 118 -29.46 -12.06 -92.52
CA MET H 118 -28.76 -11.09 -91.68
C MET H 118 -29.21 -9.68 -91.95
N ASN H 119 -29.53 -9.38 -93.20
CA ASN H 119 -29.98 -8.03 -93.52
C ASN H 119 -31.32 -7.77 -92.93
N TYR H 120 -32.17 -8.80 -92.99
CA TYR H 120 -33.50 -8.67 -92.36
C TYR H 120 -33.40 -8.57 -90.86
N ILE H 121 -32.35 -9.16 -90.26
CA ILE H 121 -32.09 -8.99 -88.85
C ILE H 121 -31.73 -7.52 -88.55
N GLU H 122 -30.78 -6.95 -89.30
CA GLU H 122 -30.32 -5.62 -88.97
C GLU H 122 -31.38 -4.58 -89.19
N SER H 123 -32.25 -4.79 -90.17
CA SER H 123 -33.17 -3.74 -90.56
C SER H 123 -34.31 -3.60 -89.61
N ASN H 124 -34.86 -4.70 -89.19
CA ASN H 124 -36.07 -4.65 -88.46
C ASN H 124 -35.89 -4.55 -86.97
N SER H 125 -34.68 -4.29 -86.51
CA SER H 125 -34.39 -4.15 -85.10
C SER H 125 -34.77 -5.40 -84.34
N TYR H 126 -34.17 -6.53 -84.67
CA TYR H 126 -34.24 -7.65 -83.79
C TYR H 126 -33.21 -7.54 -82.67
N ARG H 127 -32.19 -6.66 -82.79
CA ARG H 127 -31.17 -6.63 -81.77
C ARG H 127 -31.70 -6.09 -80.46
N VAL H 128 -32.56 -5.08 -80.58
CA VAL H 128 -33.14 -4.44 -79.41
C VAL H 128 -34.09 -5.44 -78.67
N THR H 129 -34.95 -6.11 -79.41
CA THR H 129 -35.85 -7.01 -78.77
C THR H 129 -35.17 -8.29 -78.27
N LEU H 130 -34.09 -8.67 -78.90
CA LEU H 130 -33.39 -9.80 -78.39
C LEU H 130 -32.65 -9.44 -77.14
N PHE H 131 -32.15 -8.22 -77.00
CA PHE H 131 -31.48 -7.87 -75.75
C PHE H 131 -32.45 -7.84 -74.61
N GLU H 132 -33.64 -7.32 -74.88
CA GLU H 132 -34.71 -7.34 -73.90
C GLU H 132 -35.10 -8.79 -73.54
N ALA H 133 -35.15 -9.65 -74.52
CA ALA H 133 -35.53 -11.00 -74.26
C ALA H 133 -34.48 -11.70 -73.48
N LEU H 134 -33.21 -11.37 -73.69
CA LEU H 134 -32.17 -12.01 -72.89
C LEU H 134 -32.21 -11.53 -71.43
N LYS H 135 -32.51 -10.24 -71.18
CA LYS H 135 -32.64 -9.80 -69.83
C LYS H 135 -33.81 -10.52 -69.15
N GLN H 136 -34.92 -10.73 -69.88
CA GLN H 136 -36.03 -11.48 -69.32
C GLN H 136 -35.66 -12.91 -69.07
N LEU H 137 -34.86 -13.49 -69.93
CA LEU H 137 -34.52 -14.90 -69.82
C LEU H 137 -33.50 -15.15 -68.74
N VAL H 138 -32.79 -14.11 -68.31
CA VAL H 138 -31.87 -14.29 -67.21
C VAL H 138 -32.58 -14.00 -65.90
N VAL H 139 -33.38 -12.96 -65.81
CA VAL H 139 -34.01 -12.72 -64.54
C VAL H 139 -35.19 -13.63 -64.31
N ALA H 140 -35.96 -13.95 -65.32
CA ALA H 140 -37.08 -14.83 -65.14
C ALA H 140 -36.81 -16.04 -66.00
N GLY H 141 -37.72 -16.97 -66.01
CA GLY H 141 -37.40 -18.25 -66.57
C GLY H 141 -37.92 -18.45 -67.94
N ASN H 142 -38.79 -17.58 -68.43
CA ASN H 142 -39.46 -17.90 -69.63
C ASN H 142 -39.79 -16.66 -70.45
N VAL H 143 -39.47 -16.68 -71.73
CA VAL H 143 -39.81 -15.58 -72.63
C VAL H 143 -40.53 -16.18 -73.81
N LEU H 144 -41.34 -15.39 -74.48
CA LEU H 144 -42.05 -15.90 -75.69
C LEU H 144 -41.88 -14.89 -76.80
N LEU H 145 -41.11 -15.24 -77.83
CA LEU H 145 -40.96 -14.34 -78.95
C LEU H 145 -42.02 -14.72 -79.99
N TYR H 146 -42.43 -13.70 -80.76
CA TYR H 146 -43.28 -13.95 -81.90
C TYR H 146 -42.98 -12.94 -82.96
N LEU H 147 -42.51 -13.48 -84.09
CA LEU H 147 -42.29 -12.73 -85.27
C LEU H 147 -43.42 -12.97 -86.28
N PRO H 148 -44.09 -11.90 -86.74
CA PRO H 148 -45.25 -12.04 -87.57
C PRO H 148 -44.88 -12.33 -89.01
N GLU H 149 -45.90 -12.42 -89.88
CA GLU H 149 -45.64 -12.42 -91.32
C GLU H 149 -45.14 -11.05 -91.72
N PRO H 150 -44.16 -10.97 -92.63
CA PRO H 150 -43.59 -9.65 -92.97
C PRO H 150 -44.53 -8.75 -93.74
N GLU H 151 -45.26 -9.30 -94.72
CA GLU H 151 -46.29 -8.54 -95.46
C GLU H 151 -45.75 -7.27 -96.12
N GLY H 152 -44.49 -7.35 -96.55
CA GLY H 152 -43.82 -6.24 -97.21
C GLY H 152 -42.49 -5.99 -96.58
N SER H 153 -41.72 -5.11 -97.21
CA SER H 153 -40.39 -4.76 -96.74
C SER H 153 -40.41 -3.50 -95.85
N ASN H 154 -41.58 -3.15 -95.36
CA ASN H 154 -41.73 -2.08 -94.38
C ASN H 154 -41.28 -2.55 -92.98
N TYR H 155 -41.43 -1.70 -91.98
CA TYR H 155 -40.87 -2.02 -90.67
C TYR H 155 -41.70 -3.07 -89.93
N ASN H 156 -41.07 -4.19 -89.58
CA ASN H 156 -41.74 -5.23 -88.83
C ASN H 156 -40.86 -5.74 -87.71
N PRO H 157 -41.02 -5.22 -86.51
CA PRO H 157 -40.23 -5.68 -85.39
C PRO H 157 -40.81 -6.94 -84.81
N MET H 158 -40.22 -7.44 -83.72
CA MET H 158 -40.67 -8.72 -83.16
C MET H 158 -41.36 -8.57 -81.83
N LYS H 159 -42.59 -9.04 -81.70
CA LYS H 159 -43.35 -8.82 -80.46
C LYS H 159 -42.88 -9.76 -79.40
N LEU H 160 -42.43 -9.19 -78.28
CA LEU H 160 -41.97 -9.99 -77.14
C LEU H 160 -43.14 -10.26 -76.23
N TYR H 161 -43.00 -11.30 -75.44
CA TYR H 161 -43.99 -11.55 -74.42
C TYR H 161 -43.24 -11.98 -73.17
N ARG H 162 -43.31 -11.12 -72.15
CA ARG H 162 -42.79 -11.50 -70.85
C ARG H 162 -43.79 -12.43 -70.16
N LEU H 163 -43.37 -13.02 -69.03
CA LEU H 163 -43.97 -14.22 -68.51
C LEU H 163 -45.36 -13.99 -68.06
N SER H 164 -45.71 -12.77 -67.74
CA SER H 164 -47.05 -12.48 -67.20
C SER H 164 -48.16 -12.60 -68.25
N SER H 165 -47.83 -12.55 -69.51
CA SER H 165 -48.85 -12.37 -70.49
C SER H 165 -49.02 -13.54 -71.41
N TYR H 166 -48.41 -14.68 -71.12
CA TYR H 166 -48.65 -15.88 -71.93
C TYR H 166 -48.62 -17.10 -71.06
N VAL H 167 -48.87 -18.25 -71.67
CA VAL H 167 -48.86 -19.44 -70.92
C VAL H 167 -48.48 -20.60 -71.84
N VAL H 168 -47.83 -21.65 -71.33
CA VAL H 168 -47.40 -22.78 -72.12
C VAL H 168 -47.59 -24.06 -71.38
N GLN H 169 -48.29 -25.03 -71.97
CA GLN H 169 -48.42 -26.36 -71.39
C GLN H 169 -47.56 -27.33 -72.20
N ARG H 170 -46.84 -28.19 -71.48
CA ARG H 170 -45.98 -29.18 -72.11
C ARG H 170 -46.32 -30.56 -71.57
N ASP H 171 -45.71 -31.57 -72.17
CA ASP H 171 -45.73 -32.94 -71.65
C ASP H 171 -44.43 -33.20 -70.92
N ALA H 172 -44.16 -34.44 -70.58
CA ALA H 172 -42.90 -34.71 -69.88
C ALA H 172 -41.70 -34.76 -70.82
N PHE H 173 -41.92 -34.78 -72.13
CA PHE H 173 -40.82 -34.51 -73.03
C PHE H 173 -40.38 -33.04 -73.01
N GLY H 174 -41.27 -32.18 -73.46
CA GLY H 174 -40.91 -30.83 -73.77
C GLY H 174 -41.56 -30.47 -75.08
N ASN H 175 -42.41 -31.36 -75.57
CA ASN H 175 -43.25 -31.04 -76.68
C ASN H 175 -44.23 -29.99 -76.23
N VAL H 176 -44.26 -28.86 -76.94
CA VAL H 176 -45.22 -27.84 -76.61
C VAL H 176 -46.60 -28.26 -77.09
N LEU H 177 -47.52 -28.51 -76.16
CA LEU H 177 -48.86 -28.88 -76.57
C LEU H 177 -49.67 -27.65 -76.96
N GLN H 178 -49.68 -26.65 -76.09
CA GLN H 178 -50.46 -25.46 -76.34
C GLN H 178 -49.91 -24.19 -75.73
N MET H 179 -50.15 -23.06 -76.38
CA MET H 179 -49.79 -21.81 -75.85
C MET H 179 -51.03 -20.84 -75.97
N VAL H 180 -51.15 -19.89 -75.06
CA VAL H 180 -52.06 -18.84 -75.21
C VAL H 180 -51.37 -17.53 -74.83
N THR H 181 -51.47 -16.49 -75.66
CA THR H 181 -50.96 -15.18 -75.34
C THR H 181 -52.06 -14.18 -75.08
N ARG H 182 -51.79 -13.13 -74.33
CA ARG H 182 -52.81 -12.29 -73.74
C ARG H 182 -52.44 -10.85 -73.97
N ASP H 183 -52.26 -10.50 -75.24
CA ASP H 183 -52.02 -9.08 -75.57
C ASP H 183 -53.24 -8.25 -75.19
N GLN H 184 -52.94 -7.05 -74.67
CA GLN H 184 -53.95 -6.08 -74.34
C GLN H 184 -53.76 -4.83 -75.24
N ILE H 185 -54.58 -4.71 -76.27
CA ILE H 185 -54.41 -3.64 -77.24
C ILE H 185 -55.56 -2.69 -77.14
N ALA H 186 -55.35 -1.43 -77.44
CA ALA H 186 -56.49 -0.49 -77.51
C ALA H 186 -57.33 -0.76 -78.74
N PHE H 187 -58.61 -0.40 -78.68
CA PHE H 187 -59.55 -0.53 -79.80
C PHE H 187 -59.15 0.31 -80.98
N GLY H 188 -58.45 1.40 -80.75
CA GLY H 188 -58.07 2.29 -81.82
C GLY H 188 -56.94 1.75 -82.66
N ALA H 189 -56.00 1.07 -82.03
CA ALA H 189 -54.81 0.60 -82.72
C ALA H 189 -54.87 -0.88 -83.06
N LEU H 190 -56.07 -1.43 -83.16
CA LEU H 190 -56.22 -2.83 -83.55
C LEU H 190 -55.88 -3.02 -85.01
N PRO H 191 -55.51 -4.25 -85.41
CA PRO H 191 -55.61 -4.61 -86.83
C PRO H 191 -57.06 -4.55 -87.33
N GLU H 192 -57.21 -4.32 -88.63
CA GLU H 192 -58.49 -3.93 -89.20
C GLU H 192 -59.53 -5.03 -89.15
N ASP H 193 -59.07 -6.26 -89.33
CA ASP H 193 -59.98 -7.40 -89.30
C ASP H 193 -60.55 -7.64 -87.89
N ILE H 194 -59.75 -7.34 -86.88
CA ILE H 194 -60.20 -7.59 -85.52
C ILE H 194 -61.20 -6.54 -85.07
N ARG H 195 -61.11 -5.34 -85.61
CA ARG H 195 -62.05 -4.27 -85.24
C ARG H 195 -63.46 -4.61 -85.67
N LYS H 196 -63.60 -5.16 -86.85
CA LYS H 196 -64.92 -5.55 -87.33
C LYS H 196 -65.46 -6.75 -86.56
N ALA H 197 -64.57 -7.66 -86.16
CA ALA H 197 -64.98 -8.82 -85.38
C ALA H 197 -65.46 -8.40 -83.98
N VAL H 198 -64.81 -7.42 -83.39
CA VAL H 198 -65.24 -6.93 -82.11
C VAL H 198 -66.53 -6.11 -82.27
N GLU H 199 -66.59 -5.30 -83.29
CA GLU H 199 -67.75 -4.45 -83.52
C GLU H 199 -69.00 -5.27 -83.80
N GLY H 200 -68.83 -6.44 -84.41
CA GLY H 200 -69.95 -7.35 -84.64
C GLY H 200 -70.54 -7.94 -83.38
N GLN H 201 -69.76 -7.99 -82.30
CA GLN H 201 -70.24 -8.48 -81.02
C GLN H 201 -71.29 -7.53 -80.45
N GLY H 202 -71.14 -6.24 -80.71
CA GLY H 202 -72.17 -5.29 -80.33
C GLY H 202 -71.70 -4.29 -79.29
N GLY H 203 -72.47 -3.21 -79.19
CA GLY H 203 -72.14 -2.05 -78.38
C GLY H 203 -71.05 -1.22 -79.05
N GLU H 204 -71.22 0.10 -79.07
CA GLU H 204 -70.15 0.97 -79.50
C GLU H 204 -69.00 0.95 -78.47
N LYS H 205 -67.82 1.31 -78.93
CA LYS H 205 -66.66 1.28 -78.06
C LYS H 205 -65.97 2.62 -78.11
N LYS H 206 -65.32 2.99 -77.01
CA LYS H 206 -64.49 4.19 -77.02
C LYS H 206 -63.19 3.91 -77.74
N ALA H 207 -62.40 4.93 -78.01
CA ALA H 207 -61.14 4.66 -78.66
C ALA H 207 -60.11 4.01 -77.71
N ASP H 208 -59.94 4.52 -76.48
CA ASP H 208 -58.91 4.00 -75.62
C ASP H 208 -59.37 2.93 -74.71
N GLU H 209 -60.55 2.38 -74.96
CA GLU H 209 -61.05 1.28 -74.14
C GLU H 209 -60.27 -0.01 -74.45
N THR H 210 -59.68 -0.60 -73.42
CA THR H 210 -58.78 -1.71 -73.66
C THR H 210 -59.53 -2.94 -74.03
N ILE H 211 -58.98 -3.68 -74.99
CA ILE H 211 -59.56 -4.92 -75.44
C ILE H 211 -58.49 -6.00 -75.36
N ASP H 212 -58.79 -7.04 -74.62
CA ASP H 212 -57.90 -8.16 -74.46
C ASP H 212 -58.13 -9.20 -75.52
N VAL H 213 -57.16 -9.41 -76.39
CA VAL H 213 -57.22 -10.52 -77.30
C VAL H 213 -56.57 -11.72 -76.64
N TYR H 214 -56.80 -12.89 -77.20
CA TYR H 214 -56.11 -14.08 -76.77
C TYR H 214 -55.72 -14.86 -78.01
N THR H 215 -54.48 -15.28 -78.10
CA THR H 215 -54.05 -16.07 -79.22
C THR H 215 -53.78 -17.47 -78.73
N HIS H 216 -54.41 -18.45 -79.36
CA HIS H 216 -54.30 -19.84 -78.92
C HIS H 216 -53.65 -20.67 -80.02
N ILE H 217 -52.65 -21.47 -79.63
CA ILE H 217 -51.93 -22.35 -80.53
C ILE H 217 -52.00 -23.72 -79.88
N TYR H 218 -52.45 -24.74 -80.63
CA TYR H 218 -52.63 -26.07 -80.04
C TYR H 218 -52.31 -27.20 -80.97
N LEU H 219 -51.84 -28.32 -80.40
CA LEU H 219 -51.65 -29.56 -81.17
C LEU H 219 -52.98 -30.14 -81.59
N ASP H 220 -53.00 -30.66 -82.81
CA ASP H 220 -54.22 -31.26 -83.32
C ASP H 220 -54.37 -32.66 -82.80
N GLU H 221 -55.62 -33.08 -82.64
CA GLU H 221 -55.94 -34.45 -82.33
C GLU H 221 -55.75 -35.35 -83.56
N ASP H 222 -55.78 -34.76 -84.76
CA ASP H 222 -55.69 -35.51 -85.99
C ASP H 222 -54.25 -35.61 -86.47
N SER H 223 -53.65 -34.46 -86.76
CA SER H 223 -52.34 -34.44 -87.39
C SER H 223 -51.29 -33.84 -86.47
N GLY H 224 -50.04 -33.91 -86.93
CA GLY H 224 -48.93 -33.40 -86.15
C GLY H 224 -48.53 -31.98 -86.49
N GLU H 225 -49.52 -31.10 -86.68
CA GLU H 225 -49.23 -29.70 -86.99
C GLU H 225 -50.06 -28.80 -86.05
N TYR H 226 -49.59 -27.59 -85.80
CA TYR H 226 -50.27 -26.71 -84.88
C TYR H 226 -51.47 -26.03 -85.57
N LEU H 227 -52.45 -25.67 -84.76
CA LEU H 227 -53.55 -24.80 -85.20
C LEU H 227 -53.63 -23.57 -84.33
N ARG H 228 -53.77 -22.40 -84.93
CA ARG H 228 -53.91 -21.13 -84.18
C ARG H 228 -55.18 -20.41 -84.49
N TYR H 229 -55.74 -19.75 -83.48
CA TYR H 229 -56.84 -18.84 -83.64
C TYR H 229 -56.78 -17.74 -82.66
N GLU H 230 -57.53 -16.68 -82.93
CA GLU H 230 -57.62 -15.53 -82.02
C GLU H 230 -58.98 -15.51 -81.38
N GLU H 231 -59.09 -14.84 -80.24
CA GLU H 231 -60.35 -14.76 -79.56
C GLU H 231 -60.45 -13.43 -78.86
N VAL H 232 -61.58 -12.76 -79.04
CA VAL H 232 -61.89 -11.54 -78.32
C VAL H 232 -63.27 -11.68 -77.72
N GLU H 233 -63.34 -11.54 -76.40
CA GLU H 233 -64.59 -11.42 -75.69
C GLU H 233 -65.42 -12.73 -75.73
N GLY H 234 -64.80 -13.83 -76.14
CA GLY H 234 -65.47 -15.12 -76.08
C GLY H 234 -65.99 -15.61 -77.43
N MET H 235 -65.22 -15.34 -78.48
CA MET H 235 -65.61 -15.74 -79.81
C MET H 235 -64.39 -15.76 -80.70
N GLU H 236 -64.29 -16.79 -81.53
CA GLU H 236 -63.15 -16.91 -82.42
C GLU H 236 -63.21 -15.83 -83.54
N VAL H 237 -62.12 -15.14 -83.73
CA VAL H 237 -62.06 -14.00 -84.65
C VAL H 237 -62.11 -14.46 -86.08
N GLN H 238 -63.12 -13.99 -86.80
CA GLN H 238 -63.30 -14.35 -88.22
C GLN H 238 -62.19 -13.86 -89.07
N GLY H 239 -61.74 -14.72 -89.98
CA GLY H 239 -60.59 -14.45 -90.85
C GLY H 239 -59.25 -14.35 -90.13
N SER H 240 -59.11 -15.08 -89.03
CA SER H 240 -57.84 -15.13 -88.32
C SER H 240 -57.35 -16.54 -88.05
N ASP H 241 -57.88 -17.48 -88.83
CA ASP H 241 -57.53 -18.89 -88.71
C ASP H 241 -56.10 -19.10 -89.11
N GLY H 242 -55.51 -20.16 -88.59
CA GLY H 242 -54.13 -20.46 -88.95
C GLY H 242 -53.76 -21.90 -88.78
N THR H 243 -52.97 -22.38 -89.73
CA THR H 243 -52.41 -23.72 -89.67
C THR H 243 -50.93 -23.55 -89.79
N TYR H 244 -50.18 -24.15 -88.87
CA TYR H 244 -48.77 -24.00 -88.89
C TYR H 244 -48.08 -25.35 -88.94
N PRO H 245 -46.99 -25.47 -89.72
CA PRO H 245 -46.22 -26.72 -89.75
C PRO H 245 -45.44 -26.94 -88.47
N LYS H 246 -44.95 -28.15 -88.29
CA LYS H 246 -44.42 -28.60 -87.01
C LYS H 246 -43.13 -27.88 -86.63
N GLU H 247 -42.34 -27.52 -87.62
CA GLU H 247 -41.01 -27.00 -87.36
C GLU H 247 -40.90 -25.51 -87.51
N ALA H 248 -41.86 -24.89 -88.20
CA ALA H 248 -41.75 -23.47 -88.53
C ALA H 248 -42.78 -22.66 -87.73
N CYS H 249 -42.86 -22.96 -86.46
CA CYS H 249 -43.84 -22.34 -85.60
C CYS H 249 -43.36 -20.95 -85.27
N PRO H 250 -44.16 -19.91 -85.57
CA PRO H 250 -43.67 -18.57 -85.38
C PRO H 250 -43.69 -18.14 -83.93
N TYR H 251 -44.44 -18.85 -83.06
CA TYR H 251 -44.40 -18.55 -81.65
C TYR H 251 -43.27 -19.41 -81.04
N ILE H 252 -42.21 -18.77 -80.56
CA ILE H 252 -41.08 -19.47 -80.06
C ILE H 252 -41.03 -19.27 -78.53
N PRO H 253 -41.30 -20.33 -77.75
CA PRO H 253 -41.13 -20.23 -76.32
C PRO H 253 -39.73 -20.60 -75.86
N ILE H 254 -39.06 -19.72 -75.12
CA ILE H 254 -37.67 -19.92 -74.77
C ILE H 254 -37.54 -20.11 -73.28
N ARG H 255 -36.85 -21.16 -72.88
CA ARG H 255 -36.49 -21.43 -71.49
C ARG H 255 -34.98 -21.26 -71.33
N MET H 256 -34.54 -20.75 -70.18
CA MET H 256 -33.12 -20.66 -69.92
C MET H 256 -32.58 -22.01 -69.43
N VAL H 257 -33.07 -22.52 -68.30
CA VAL H 257 -32.56 -23.77 -67.77
C VAL H 257 -33.67 -24.75 -67.68
N ARG H 258 -33.58 -25.82 -68.45
CA ARG H 258 -34.70 -26.75 -68.53
C ARG H 258 -34.67 -27.75 -67.42
N LEU H 259 -35.84 -28.28 -67.10
CA LEU H 259 -36.00 -29.38 -66.12
C LEU H 259 -36.96 -30.39 -66.67
N ASP H 260 -36.76 -31.62 -66.25
CA ASP H 260 -37.52 -32.69 -66.77
C ASP H 260 -38.94 -32.65 -66.23
N GLY H 261 -39.93 -32.82 -67.14
CA GLY H 261 -41.32 -32.95 -66.76
C GLY H 261 -41.86 -31.71 -66.09
N GLU H 262 -41.59 -30.61 -66.72
CA GLU H 262 -41.89 -29.31 -66.14
C GLU H 262 -42.02 -28.31 -67.30
N SER H 263 -43.16 -27.63 -67.34
CA SER H 263 -43.56 -26.94 -68.56
C SER H 263 -42.89 -25.64 -68.80
N TYR H 264 -42.11 -25.17 -67.84
CA TYR H 264 -41.56 -23.80 -67.92
C TYR H 264 -40.06 -23.83 -67.66
N GLY H 265 -39.50 -22.66 -67.48
CA GLY H 265 -38.06 -22.58 -67.28
C GLY H 265 -37.77 -21.90 -65.99
N ARG H 266 -36.59 -22.17 -65.45
CA ARG H 266 -36.15 -21.47 -64.24
C ARG H 266 -34.95 -20.65 -64.52
N SER H 267 -34.95 -19.43 -64.05
CA SER H 267 -33.95 -18.48 -64.41
C SER H 267 -32.57 -18.86 -63.88
N TYR H 268 -31.56 -18.25 -64.46
CA TYR H 268 -30.18 -18.50 -64.05
C TYR H 268 -29.93 -17.77 -62.78
N ILE H 269 -30.63 -16.67 -62.47
CA ILE H 269 -30.41 -15.96 -61.24
C ILE H 269 -30.96 -16.71 -60.03
N GLU H 270 -31.95 -17.61 -60.30
CA GLU H 270 -32.53 -18.43 -59.24
C GLU H 270 -31.50 -19.35 -58.56
N GLU H 271 -30.64 -19.93 -59.33
CA GLU H 271 -29.68 -20.77 -58.82
C GLU H 271 -28.68 -20.07 -57.96
N TYR H 272 -28.51 -18.80 -58.11
CA TYR H 272 -27.62 -18.13 -57.17
C TYR H 272 -28.39 -17.07 -56.40
N LEU H 273 -29.67 -17.31 -56.15
CA LEU H 273 -30.50 -16.31 -55.47
C LEU H 273 -30.13 -16.13 -54.03
N GLY H 274 -29.90 -17.22 -53.34
CA GLY H 274 -29.76 -17.19 -51.89
C GLY H 274 -28.48 -16.46 -51.46
N ASP H 275 -27.34 -16.80 -52.03
CA ASP H 275 -26.18 -16.03 -51.80
C ASP H 275 -26.33 -14.65 -52.30
N LEU H 276 -27.28 -14.43 -53.18
CA LEU H 276 -27.61 -13.08 -53.55
C LEU H 276 -28.30 -12.44 -52.37
N ARG H 277 -29.34 -13.07 -51.83
CA ARG H 277 -30.10 -12.43 -50.73
C ARG H 277 -29.30 -12.40 -49.45
N SER H 278 -28.42 -13.32 -49.25
CA SER H 278 -27.56 -13.25 -48.07
C SER H 278 -26.63 -12.14 -48.22
N LEU H 279 -26.30 -11.72 -49.44
CA LEU H 279 -25.53 -10.51 -49.60
C LEU H 279 -26.33 -9.38 -49.23
N GLU H 280 -27.58 -9.37 -49.69
CA GLU H 280 -28.53 -8.25 -49.52
C GLU H 280 -28.58 -7.88 -48.05
N ASN H 281 -28.99 -8.83 -47.19
CA ASN H 281 -29.09 -8.59 -45.80
C ASN H 281 -27.81 -8.08 -45.27
N LEU H 282 -26.76 -8.77 -45.57
CA LEU H 282 -25.45 -8.49 -44.98
C LEU H 282 -24.94 -7.20 -45.43
N GLN H 283 -25.46 -6.72 -46.50
CA GLN H 283 -25.01 -5.46 -46.97
C GLN H 283 -25.91 -4.37 -46.42
N GLU H 284 -27.19 -4.68 -46.29
CA GLU H 284 -28.22 -3.75 -45.87
C GLU H 284 -27.84 -3.15 -44.58
N ALA H 285 -27.56 -4.02 -43.61
CA ALA H 285 -27.17 -3.64 -42.25
C ALA H 285 -26.14 -2.59 -42.28
N ILE H 286 -25.15 -2.81 -43.12
CA ILE H 286 -23.93 -2.01 -43.13
C ILE H 286 -24.35 -0.59 -43.43
N VAL H 287 -25.21 -0.41 -44.42
CA VAL H 287 -25.65 0.89 -44.80
C VAL H 287 -26.42 1.47 -43.62
N LYS H 288 -27.31 0.68 -43.01
CA LYS H 288 -28.06 1.13 -41.84
C LYS H 288 -27.11 1.45 -40.69
N MET H 289 -26.10 0.62 -40.54
CA MET H 289 -25.19 0.88 -39.44
C MET H 289 -24.35 2.02 -39.76
N SER H 290 -24.31 2.48 -40.98
CA SER H 290 -23.54 3.62 -41.22
C SER H 290 -24.32 4.78 -40.76
N MET H 291 -25.62 4.73 -41.00
CA MET H 291 -26.43 5.95 -40.83
C MET H 291 -26.46 6.30 -39.32
N ILE H 292 -26.39 5.32 -38.40
CA ILE H 292 -26.33 5.56 -37.00
C ILE H 292 -25.13 6.38 -36.70
N SER H 293 -24.03 6.11 -37.40
CA SER H 293 -22.82 6.92 -37.24
C SER H 293 -23.01 8.39 -37.68
N SER H 294 -24.02 8.66 -38.49
CA SER H 294 -24.16 9.96 -39.02
C SER H 294 -25.14 10.74 -38.22
N LYS H 295 -25.16 10.54 -36.93
CA LYS H 295 -26.06 11.26 -36.01
C LYS H 295 -25.13 11.68 -34.83
N VAL H 296 -24.73 12.95 -34.83
CA VAL H 296 -23.92 13.47 -33.82
C VAL H 296 -24.82 13.73 -32.62
N ILE H 297 -24.56 13.07 -31.49
CA ILE H 297 -25.21 13.45 -30.24
C ILE H 297 -24.11 13.82 -29.30
N GLY H 298 -24.14 15.04 -28.81
CA GLY H 298 -23.19 15.41 -27.77
C GLY H 298 -23.67 15.02 -26.37
N LEU H 299 -22.98 14.10 -25.73
CA LEU H 299 -23.33 13.76 -24.39
C LEU H 299 -22.60 14.66 -23.41
N VAL H 300 -23.34 15.52 -22.67
CA VAL H 300 -22.70 16.31 -21.62
C VAL H 300 -22.81 15.70 -20.33
N ASN H 301 -21.75 15.65 -19.60
CA ASN H 301 -21.73 14.80 -18.32
C ASN H 301 -22.26 15.60 -17.22
N PRO H 302 -23.36 15.21 -16.62
CA PRO H 302 -23.95 16.00 -15.70
C PRO H 302 -23.14 16.21 -14.48
N ALA H 303 -22.19 15.37 -14.22
CA ALA H 303 -21.44 15.53 -13.00
C ALA H 303 -20.42 16.58 -13.07
N GLY H 304 -20.28 17.19 -14.21
CA GLY H 304 -19.17 18.10 -14.43
C GLY H 304 -19.66 19.54 -14.39
N ILE H 305 -18.86 20.42 -15.04
CA ILE H 305 -19.08 21.75 -14.92
C ILE H 305 -19.61 22.31 -16.19
N THR H 306 -19.16 21.82 -17.33
CA THR H 306 -19.38 22.51 -18.58
C THR H 306 -20.78 22.44 -19.01
N GLN H 307 -21.36 23.54 -19.52
CA GLN H 307 -22.77 23.43 -19.89
C GLN H 307 -23.19 24.09 -21.15
N PRO H 308 -24.01 23.48 -21.93
CA PRO H 308 -24.17 23.90 -23.25
C PRO H 308 -24.98 25.18 -23.49
N ARG H 309 -25.30 25.97 -22.48
CA ARG H 309 -25.74 27.32 -22.83
C ARG H 309 -24.53 28.17 -23.11
N ARG H 310 -23.33 27.64 -22.97
CA ARG H 310 -22.17 28.45 -23.13
C ARG H 310 -21.30 27.98 -24.23
N LEU H 311 -21.37 26.71 -24.62
CA LEU H 311 -20.66 26.31 -25.84
C LEU H 311 -21.34 26.90 -27.04
N THR H 312 -22.66 26.90 -27.09
CA THR H 312 -23.19 27.15 -28.27
C THR H 312 -23.20 28.60 -28.54
N LYS H 313 -23.42 29.44 -27.55
CA LYS H 313 -23.66 30.88 -27.85
C LYS H 313 -22.42 31.58 -28.13
N ALA H 314 -21.31 30.97 -27.83
CA ALA H 314 -20.01 31.66 -28.01
C ALA H 314 -19.60 31.74 -29.43
N GLN H 315 -19.07 32.89 -29.88
CA GLN H 315 -18.64 32.91 -31.29
C GLN H 315 -17.39 32.13 -31.42
N THR H 316 -16.82 32.07 -32.63
CA THR H 316 -15.64 31.24 -32.79
C THR H 316 -14.51 31.85 -32.18
N GLY H 317 -13.71 31.07 -31.48
CA GLY H 317 -12.60 31.54 -30.71
C GLY H 317 -13.07 32.48 -29.61
N ASP H 318 -13.94 31.89 -28.83
CA ASP H 318 -14.36 32.57 -27.61
C ASP H 318 -14.03 31.70 -26.45
N PHE H 319 -13.33 32.24 -25.46
CA PHE H 319 -13.04 31.47 -24.31
C PHE H 319 -14.35 31.23 -23.54
N VAL H 320 -14.52 30.04 -22.97
CA VAL H 320 -15.59 29.86 -22.16
C VAL H 320 -15.37 28.77 -21.18
N THR H 321 -16.16 28.69 -20.10
CA THR H 321 -15.73 27.89 -19.02
C THR H 321 -16.06 26.55 -19.04
N GLY H 322 -15.14 25.66 -18.75
CA GLY H 322 -15.52 24.20 -18.85
C GLY H 322 -14.37 23.28 -18.94
N ARG H 323 -14.63 22.07 -18.62
CA ARG H 323 -13.59 21.14 -18.71
C ARG H 323 -13.82 20.26 -19.93
N PRO H 324 -12.76 19.72 -20.51
CA PRO H 324 -12.93 18.96 -21.67
C PRO H 324 -13.39 17.57 -21.40
N GLU H 325 -13.31 17.06 -20.19
CA GLU H 325 -13.76 15.68 -20.03
C GLU H 325 -15.26 15.57 -19.85
N ASP H 326 -15.97 16.69 -19.94
CA ASP H 326 -17.38 16.64 -19.72
C ASP H 326 -18.14 16.36 -20.96
N ILE H 327 -17.79 16.99 -22.09
CA ILE H 327 -18.54 16.73 -23.30
C ILE H 327 -17.89 15.60 -23.98
N SER H 328 -18.66 14.60 -24.39
CA SER H 328 -18.12 13.58 -25.30
C SER H 328 -19.14 13.37 -26.36
N PHE H 329 -18.89 12.44 -27.27
CA PHE H 329 -19.87 12.24 -28.30
C PHE H 329 -20.16 10.78 -28.45
N LEU H 330 -21.40 10.48 -28.75
CA LEU H 330 -21.89 9.04 -28.71
C LEU H 330 -21.42 8.36 -29.90
N GLN H 331 -20.46 7.42 -29.81
CA GLN H 331 -20.03 6.60 -30.97
C GLN H 331 -20.80 5.33 -31.04
N LEU H 332 -20.54 4.55 -32.07
CA LEU H 332 -21.23 3.26 -32.25
C LEU H 332 -20.14 2.23 -32.39
N GLU H 333 -19.91 1.48 -31.31
CA GLU H 333 -18.69 0.76 -31.23
C GLU H 333 -18.69 -0.62 -31.84
N LYS H 334 -19.58 -0.91 -32.80
CA LYS H 334 -19.44 -2.14 -33.58
C LYS H 334 -18.21 -2.03 -34.49
N GLN H 335 -17.11 -2.63 -34.07
CA GLN H 335 -15.96 -2.67 -34.93
C GLN H 335 -15.65 -4.08 -35.35
N ALA H 336 -15.66 -5.01 -34.40
CA ALA H 336 -15.45 -6.41 -34.75
C ALA H 336 -16.63 -6.93 -35.56
N ASP H 337 -17.85 -6.50 -35.24
CA ASP H 337 -18.98 -6.88 -36.06
C ASP H 337 -18.89 -6.28 -37.45
N PHE H 338 -18.42 -5.04 -37.56
CA PHE H 338 -18.27 -4.43 -38.86
C PHE H 338 -17.22 -5.13 -39.71
N THR H 339 -16.10 -5.53 -39.12
CA THR H 339 -15.09 -6.26 -39.89
C THR H 339 -15.47 -7.67 -40.29
N VAL H 340 -16.26 -8.34 -39.45
CA VAL H 340 -16.71 -9.66 -39.86
C VAL H 340 -17.82 -9.56 -40.86
N ALA H 341 -18.63 -8.53 -40.79
CA ALA H 341 -19.71 -8.38 -41.76
C ALA H 341 -19.13 -8.03 -43.12
N LYS H 342 -18.14 -7.14 -43.14
CA LYS H 342 -17.51 -6.75 -44.39
C LYS H 342 -16.76 -7.93 -45.00
N ALA H 343 -16.17 -8.77 -44.17
CA ALA H 343 -15.44 -9.92 -44.68
C ALA H 343 -16.33 -10.92 -45.37
N VAL H 344 -17.45 -11.20 -44.77
CA VAL H 344 -18.34 -12.16 -45.39
C VAL H 344 -19.05 -11.54 -46.57
N SER H 345 -19.26 -10.22 -46.54
CA SER H 345 -19.81 -9.55 -47.69
C SER H 345 -18.89 -9.65 -48.89
N ASP H 346 -17.61 -9.48 -48.66
CA ASP H 346 -16.68 -9.56 -49.76
C ASP H 346 -16.60 -10.98 -50.28
N ALA H 347 -16.53 -11.93 -49.37
CA ALA H 347 -16.38 -13.30 -49.77
C ALA H 347 -17.62 -13.81 -50.46
N ILE H 348 -18.77 -13.13 -50.34
CA ILE H 348 -19.92 -13.57 -51.07
C ILE H 348 -20.01 -12.84 -52.40
N GLU H 349 -19.50 -11.61 -52.47
CA GLU H 349 -19.46 -10.93 -53.78
C GLU H 349 -18.47 -11.63 -54.70
N ALA H 350 -17.43 -12.26 -54.15
CA ALA H 350 -16.49 -12.98 -54.97
C ALA H 350 -17.16 -14.13 -55.72
N ARG H 351 -18.05 -14.84 -55.01
CA ARG H 351 -18.78 -15.91 -55.65
C ARG H 351 -19.68 -15.39 -56.74
N LEU H 352 -20.42 -14.33 -56.42
CA LEU H 352 -21.32 -13.83 -57.40
C LEU H 352 -20.53 -13.17 -58.57
N SER H 353 -19.31 -12.74 -58.38
CA SER H 353 -18.55 -12.21 -59.49
C SER H 353 -18.01 -13.36 -60.40
N PHE H 354 -17.50 -14.47 -59.85
CA PHE H 354 -17.18 -15.63 -60.71
C PHE H 354 -18.38 -16.29 -61.28
N ALA H 355 -19.56 -15.90 -60.80
CA ALA H 355 -20.79 -16.55 -61.26
C ALA H 355 -21.56 -15.79 -62.24
N PHE H 356 -21.39 -14.48 -62.26
CA PHE H 356 -22.15 -13.65 -63.17
C PHE H 356 -21.28 -12.99 -64.25
N MET H 357 -20.00 -13.40 -64.32
CA MET H 357 -19.03 -12.87 -65.23
C MET H 357 -18.75 -11.40 -65.03
N LEU H 358 -18.78 -10.94 -63.80
CA LEU H 358 -18.43 -9.60 -63.50
C LEU H 358 -16.90 -9.63 -63.73
N ASN H 359 -16.31 -8.44 -63.94
CA ASN H 359 -14.94 -8.38 -64.43
C ASN H 359 -13.93 -8.80 -63.38
N SER H 360 -13.33 -9.96 -63.65
CA SER H 360 -12.21 -10.45 -62.87
C SER H 360 -10.96 -10.43 -63.77
N ALA H 361 -10.76 -9.28 -64.42
CA ALA H 361 -9.69 -9.00 -65.40
C ALA H 361 -9.68 -9.99 -66.59
N VAL H 362 -10.80 -10.02 -67.30
CA VAL H 362 -10.89 -10.79 -68.53
C VAL H 362 -11.06 -9.91 -69.77
N GLN H 363 -12.08 -9.07 -69.75
CA GLN H 363 -12.48 -8.34 -70.96
C GLN H 363 -12.09 -6.87 -70.92
N ARG H 364 -11.39 -6.46 -69.87
CA ARG H 364 -11.05 -5.04 -69.71
C ARG H 364 -9.90 -4.61 -70.63
N THR H 365 -8.84 -5.42 -70.70
CA THR H 365 -7.57 -5.03 -71.31
C THR H 365 -7.67 -4.89 -72.82
N GLY H 366 -8.18 -3.72 -73.26
CA GLY H 366 -8.33 -3.34 -74.67
C GLY H 366 -9.25 -4.25 -75.46
N GLU H 367 -10.54 -4.21 -75.14
CA GLU H 367 -11.52 -5.08 -75.82
C GLU H 367 -11.66 -4.64 -77.29
N ARG H 368 -11.64 -5.63 -78.19
CA ARG H 368 -11.90 -5.37 -79.61
C ARG H 368 -13.08 -6.21 -80.10
N VAL H 369 -13.27 -6.27 -81.42
CA VAL H 369 -14.44 -6.94 -82.03
C VAL H 369 -13.94 -8.01 -83.01
N THR H 370 -14.71 -9.10 -83.08
CA THR H 370 -14.80 -10.04 -84.24
C THR H 370 -13.63 -10.95 -84.57
N ALA H 371 -12.45 -10.67 -84.03
CA ALA H 371 -11.27 -11.47 -84.29
C ALA H 371 -10.77 -11.98 -82.94
N GLU H 372 -10.96 -13.29 -82.71
CA GLU H 372 -10.64 -14.01 -81.46
C GLU H 372 -11.67 -13.65 -80.34
N GLU H 373 -12.49 -12.61 -80.55
CA GLU H 373 -13.32 -12.09 -79.49
C GLU H 373 -14.56 -12.96 -79.24
N ILE H 374 -15.25 -13.31 -80.32
CA ILE H 374 -16.47 -14.07 -80.17
C ILE H 374 -16.18 -15.51 -79.74
N ARG H 375 -15.05 -16.03 -80.18
CA ARG H 375 -14.56 -17.29 -79.72
C ARG H 375 -14.33 -17.28 -78.22
N TYR H 376 -13.64 -16.25 -77.76
CA TYR H 376 -13.27 -16.16 -76.35
C TYR H 376 -14.52 -15.98 -75.50
N VAL H 377 -15.46 -15.17 -75.95
CA VAL H 377 -16.67 -14.94 -75.20
C VAL H 377 -17.51 -16.18 -75.08
N ALA H 378 -17.64 -16.92 -76.16
CA ALA H 378 -18.46 -18.10 -76.10
C ALA H 378 -17.77 -19.22 -75.31
N SER H 379 -16.45 -19.32 -75.40
CA SER H 379 -15.76 -20.35 -74.65
C SER H 379 -15.83 -20.07 -73.16
N GLU H 380 -15.75 -18.83 -72.77
CA GLU H 380 -15.92 -18.51 -71.36
C GLU H 380 -17.37 -18.68 -70.92
N LEU H 381 -18.35 -18.31 -71.75
CA LEU H 381 -19.74 -18.50 -71.41
C LEU H 381 -20.16 -19.96 -71.32
N GLU H 382 -19.43 -20.86 -71.97
CA GLU H 382 -19.65 -22.26 -71.66
C GLU H 382 -18.80 -22.70 -70.49
N ASP H 383 -17.68 -22.03 -70.19
CA ASP H 383 -16.88 -22.39 -69.02
C ASP H 383 -17.68 -22.16 -67.77
N THR H 384 -18.08 -20.92 -67.53
CA THR H 384 -19.01 -20.67 -66.46
C THR H 384 -20.40 -20.85 -67.01
N LEU H 385 -21.40 -20.44 -66.25
CA LEU H 385 -22.78 -20.50 -66.68
C LEU H 385 -23.34 -21.87 -67.05
N GLY H 386 -22.54 -22.93 -67.01
CA GLY H 386 -23.07 -24.25 -67.29
C GLY H 386 -23.44 -24.40 -68.72
N GLY H 387 -24.62 -24.94 -69.00
CA GLY H 387 -24.99 -25.08 -70.41
C GLY H 387 -25.80 -23.94 -71.01
N VAL H 388 -25.58 -22.67 -70.64
CA VAL H 388 -26.45 -21.63 -71.08
C VAL H 388 -26.27 -21.40 -72.56
N TYR H 389 -25.01 -21.38 -72.99
CA TYR H 389 -24.73 -21.01 -74.36
C TYR H 389 -25.16 -22.10 -75.36
N SER H 390 -25.19 -23.34 -74.95
CA SER H 390 -25.56 -24.37 -75.87
C SER H 390 -27.04 -24.65 -75.82
N ILE H 391 -27.61 -24.72 -74.63
CA ILE H 391 -29.05 -24.91 -74.49
C ILE H 391 -29.78 -23.76 -75.13
N LEU H 392 -29.23 -22.56 -74.93
CA LEU H 392 -29.81 -21.37 -75.50
C LEU H 392 -29.70 -21.37 -77.00
N SER H 393 -28.65 -21.95 -77.53
CA SER H 393 -28.47 -22.02 -78.98
C SER H 393 -29.45 -23.01 -79.61
N GLN H 394 -29.70 -24.12 -78.94
CA GLN H 394 -30.68 -25.04 -79.47
C GLN H 394 -32.12 -24.43 -79.35
N GLU H 395 -32.42 -23.77 -78.25
CA GLU H 395 -33.78 -23.32 -78.03
C GLU H 395 -34.08 -22.04 -78.75
N LEU H 396 -33.09 -21.15 -78.88
CA LEU H 396 -33.35 -19.82 -79.41
C LEU H 396 -32.98 -19.63 -80.87
N GLN H 397 -31.74 -19.96 -81.23
CA GLN H 397 -31.27 -19.67 -82.56
C GLN H 397 -31.77 -20.61 -83.62
N LEU H 398 -32.10 -21.87 -83.30
CA LEU H 398 -32.65 -22.72 -84.29
C LEU H 398 -34.01 -22.26 -84.76
N PRO H 399 -34.91 -21.93 -83.86
CA PRO H 399 -36.17 -21.42 -84.39
C PRO H 399 -36.08 -20.04 -84.96
N LEU H 400 -35.18 -19.19 -84.49
CA LEU H 400 -35.13 -17.81 -85.02
C LEU H 400 -34.54 -17.80 -86.41
N VAL H 401 -33.67 -18.73 -86.75
CA VAL H 401 -33.25 -18.90 -88.13
C VAL H 401 -34.29 -19.62 -88.92
N ARG H 402 -34.98 -20.55 -88.30
CA ARG H 402 -35.87 -21.44 -89.04
C ARG H 402 -37.13 -20.73 -89.48
N VAL H 403 -37.70 -19.91 -88.62
CA VAL H 403 -38.89 -19.14 -88.98
C VAL H 403 -38.57 -18.05 -90.03
N LEU H 404 -37.43 -17.41 -89.88
CA LEU H 404 -36.97 -16.50 -90.90
C LEU H 404 -36.76 -17.19 -92.25
N LEU H 405 -36.05 -18.32 -92.24
CA LEU H 405 -35.70 -19.03 -93.46
C LEU H 405 -36.91 -19.54 -94.13
N LYS H 406 -37.97 -19.75 -93.35
CA LYS H 406 -39.22 -20.21 -93.99
C LYS H 406 -39.92 -19.03 -94.63
N GLN H 407 -40.18 -18.00 -93.85
CA GLN H 407 -41.03 -16.92 -94.35
C GLN H 407 -40.33 -16.03 -95.40
N LEU H 408 -39.07 -15.69 -95.19
CA LEU H 408 -38.38 -14.86 -96.14
C LEU H 408 -38.19 -15.51 -97.52
N GLN H 409 -37.74 -16.76 -97.56
CA GLN H 409 -37.58 -17.44 -98.83
C GLN H 409 -38.96 -17.84 -99.39
N ALA H 410 -39.97 -17.90 -98.55
CA ALA H 410 -41.35 -17.99 -99.08
C ALA H 410 -41.84 -16.67 -99.68
N THR H 411 -41.17 -15.56 -99.38
CA THR H 411 -41.48 -14.29 -100.03
C THR H 411 -40.47 -13.96 -101.16
N GLN H 412 -39.18 -14.01 -100.87
CA GLN H 412 -38.16 -13.52 -101.78
C GLN H 412 -37.72 -14.55 -102.84
N GLN H 413 -36.56 -14.34 -103.47
CA GLN H 413 -36.15 -15.13 -104.62
C GLN H 413 -35.23 -16.28 -104.25
N ILE H 414 -35.51 -17.45 -104.84
CA ILE H 414 -34.66 -18.61 -104.72
C ILE H 414 -33.61 -18.54 -105.83
N PRO H 415 -32.31 -18.60 -105.48
CA PRO H 415 -31.27 -18.57 -106.53
C PRO H 415 -31.03 -19.93 -107.24
N GLU H 416 -29.95 -19.92 -108.05
CA GLU H 416 -29.49 -21.04 -108.88
C GLU H 416 -29.38 -22.47 -108.23
N LEU H 417 -28.96 -22.53 -106.95
CA LEU H 417 -28.48 -23.74 -106.24
C LEU H 417 -29.38 -24.96 -106.35
N PRO H 418 -28.80 -26.19 -106.26
CA PRO H 418 -29.54 -27.46 -106.59
C PRO H 418 -30.67 -27.83 -105.66
N LYS H 419 -31.34 -28.93 -105.99
CA LYS H 419 -32.54 -29.33 -105.26
C LYS H 419 -32.26 -29.99 -103.92
N GLU H 420 -31.00 -30.36 -103.67
CA GLU H 420 -30.63 -30.86 -102.34
C GLU H 420 -30.25 -29.74 -101.39
N ALA H 421 -30.14 -28.52 -101.90
CA ALA H 421 -29.84 -27.36 -101.06
C ALA H 421 -30.97 -26.30 -101.02
N VAL H 422 -32.15 -26.63 -101.54
CA VAL H 422 -33.28 -25.71 -101.43
C VAL H 422 -33.81 -25.68 -100.00
N GLU H 423 -33.87 -26.86 -99.38
CA GLU H 423 -34.33 -27.07 -98.01
C GLU H 423 -33.12 -27.52 -97.18
N PRO H 424 -32.37 -26.56 -96.63
CA PRO H 424 -31.04 -26.91 -96.07
C PRO H 424 -31.09 -27.31 -94.63
N THR H 425 -29.92 -27.61 -94.09
CA THR H 425 -29.82 -27.86 -92.66
C THR H 425 -29.10 -26.71 -92.03
N ILE H 426 -29.36 -26.49 -90.74
CA ILE H 426 -28.90 -25.30 -90.07
C ILE H 426 -28.01 -25.65 -88.90
N SER H 427 -26.88 -24.96 -88.77
CA SER H 427 -26.04 -25.04 -87.56
C SER H 427 -25.99 -23.69 -86.91
N THR H 428 -25.89 -23.66 -85.58
CA THR H 428 -26.10 -22.39 -84.87
C THR H 428 -25.04 -21.96 -83.87
N GLY H 429 -24.51 -22.90 -83.14
CA GLY H 429 -23.71 -22.52 -81.99
C GLY H 429 -22.26 -22.25 -82.34
N LEU H 430 -21.31 -22.76 -81.55
CA LEU H 430 -19.92 -22.61 -81.83
C LEU H 430 -19.51 -23.28 -83.12
N GLU H 431 -20.32 -24.24 -83.58
CA GLU H 431 -20.07 -24.87 -84.87
C GLU H 431 -20.35 -23.93 -86.02
N ALA H 432 -21.09 -22.86 -85.72
CA ALA H 432 -21.48 -21.94 -86.78
C ALA H 432 -20.88 -20.55 -86.64
N ILE H 433 -20.02 -20.32 -85.67
CA ILE H 433 -19.40 -19.02 -85.56
C ILE H 433 -18.33 -18.95 -86.61
N GLY H 434 -18.28 -17.83 -87.31
CA GLY H 434 -17.51 -17.79 -88.55
C GLY H 434 -18.22 -18.65 -89.56
N ARG H 435 -17.50 -19.18 -90.54
CA ARG H 435 -18.06 -20.21 -91.39
C ARG H 435 -17.12 -21.40 -91.32
N GLY H 436 -15.83 -21.09 -91.49
CA GLY H 436 -14.71 -22.03 -91.30
C GLY H 436 -14.64 -22.41 -89.84
N GLN H 437 -13.81 -23.38 -89.54
CA GLN H 437 -13.70 -23.83 -88.15
C GLN H 437 -13.07 -22.77 -87.24
N ASP H 438 -11.82 -22.40 -87.48
CA ASP H 438 -11.07 -21.54 -86.56
C ASP H 438 -10.20 -20.58 -87.31
N LEU H 439 -10.24 -19.29 -86.96
CA LEU H 439 -9.36 -18.29 -87.56
C LEU H 439 -7.90 -18.50 -87.19
N ASP H 440 -7.68 -18.90 -85.93
CA ASP H 440 -6.35 -19.15 -85.44
C ASP H 440 -5.75 -20.36 -86.18
N LYS H 441 -6.61 -21.32 -86.53
CA LYS H 441 -6.22 -22.51 -87.29
C LYS H 441 -5.67 -22.11 -88.66
N LEU H 442 -6.44 -21.30 -89.38
CA LEU H 442 -6.04 -20.87 -90.72
C LEU H 442 -4.79 -19.98 -90.67
N GLU H 443 -4.72 -19.13 -89.66
CA GLU H 443 -3.57 -18.23 -89.54
C GLU H 443 -2.27 -19.00 -89.24
N ARG H 444 -2.30 -19.85 -88.22
CA ARG H 444 -1.12 -20.63 -87.89
C ARG H 444 -0.81 -21.69 -88.94
N CYS H 445 -1.83 -22.13 -89.69
CA CYS H 445 -1.60 -23.07 -90.77
C CYS H 445 -0.93 -22.41 -91.97
N VAL H 446 -1.30 -21.16 -92.25
CA VAL H 446 -0.65 -20.40 -93.29
C VAL H 446 0.81 -20.10 -92.90
N THR H 447 1.06 -19.80 -91.62
CA THR H 447 2.45 -19.61 -91.18
C THR H 447 3.25 -20.92 -91.19
N ALA H 448 2.58 -22.03 -90.92
CA ALA H 448 3.23 -23.34 -91.01
C ALA H 448 3.55 -23.71 -92.45
N TRP H 449 2.72 -23.27 -93.39
CA TRP H 449 3.03 -23.42 -94.81
C TRP H 449 4.17 -22.50 -95.24
N ALA H 450 4.22 -21.30 -94.67
CA ALA H 450 5.31 -20.37 -94.95
C ALA H 450 6.65 -20.87 -94.41
N ALA H 451 6.57 -21.72 -93.38
CA ALA H 451 7.76 -22.43 -92.90
C ALA H 451 8.29 -23.46 -93.91
N LEU H 452 7.48 -23.81 -94.92
CA LEU H 452 7.89 -24.74 -95.97
C LEU H 452 8.38 -23.98 -97.21
N ALA H 453 9.06 -22.86 -96.94
CA ALA H 453 9.79 -22.06 -97.92
C ALA H 453 10.80 -22.80 -98.81
N PRO H 454 11.84 -23.48 -98.24
CA PRO H 454 13.18 -23.49 -98.91
C PRO H 454 13.27 -23.98 -100.36
N MET H 455 12.60 -25.11 -100.67
CA MET H 455 12.66 -25.65 -102.02
C MET H 455 11.36 -26.30 -102.41
N ARG H 456 10.92 -26.02 -103.64
CA ARG H 456 9.80 -26.73 -104.28
C ARG H 456 10.17 -28.21 -104.47
N ASP H 457 11.12 -28.44 -105.36
CA ASP H 457 11.56 -29.80 -105.69
C ASP H 457 12.77 -30.13 -104.82
N ASP H 458 12.53 -30.23 -103.52
CA ASP H 458 13.56 -30.59 -102.55
C ASP H 458 13.69 -32.11 -102.58
N PRO H 459 14.90 -32.64 -102.83
CA PRO H 459 15.02 -34.10 -102.87
C PRO H 459 14.91 -34.75 -101.51
N ASP H 460 14.70 -36.07 -101.53
CA ASP H 460 14.59 -36.95 -100.35
C ASP H 460 13.44 -36.62 -99.41
N ILE H 461 12.35 -36.06 -99.93
CA ILE H 461 11.23 -35.61 -99.08
C ILE H 461 10.00 -35.48 -99.96
N ASN H 462 8.82 -35.45 -99.33
CA ASN H 462 7.59 -35.15 -100.05
C ASN H 462 7.09 -33.75 -99.65
N LEU H 463 6.26 -33.18 -100.51
CA LEU H 463 5.64 -31.91 -100.23
C LEU H 463 4.12 -31.98 -100.33
N ALA H 464 3.59 -32.92 -101.12
CA ALA H 464 2.15 -33.01 -101.35
C ALA H 464 1.39 -33.50 -100.13
N MET H 465 1.98 -34.41 -99.38
CA MET H 465 1.30 -34.98 -98.25
C MET H 465 1.55 -34.23 -96.95
N ILE H 466 2.72 -33.63 -96.80
CA ILE H 466 3.06 -33.02 -95.52
C ILE H 466 2.35 -31.69 -95.31
N LYS H 467 2.04 -31.00 -96.39
CA LYS H 467 1.21 -29.82 -96.30
C LYS H 467 -0.21 -30.23 -95.85
N LEU H 468 -0.72 -31.32 -96.42
CA LEU H 468 -2.01 -31.88 -96.03
C LEU H 468 -2.00 -32.33 -94.57
N ARG H 469 -0.87 -32.89 -94.11
CA ARG H 469 -0.77 -33.42 -92.74
C ARG H 469 -0.65 -32.30 -91.68
N ILE H 470 0.14 -31.28 -91.97
CA ILE H 470 0.23 -30.12 -91.09
C ILE H 470 -1.11 -29.36 -91.08
N ALA H 471 -1.79 -29.32 -92.22
CA ALA H 471 -3.13 -28.71 -92.25
C ALA H 471 -4.16 -29.58 -91.54
N ASN H 472 -4.02 -30.93 -91.62
CA ASN H 472 -5.03 -31.83 -91.13
C ASN H 472 -4.87 -32.13 -89.64
N ALA H 473 -3.70 -31.79 -89.07
CA ALA H 473 -3.52 -31.86 -87.63
C ALA H 473 -4.31 -30.75 -86.90
N ILE H 474 -4.32 -29.55 -87.47
CA ILE H 474 -5.14 -28.47 -86.94
C ILE H 474 -6.49 -28.55 -87.62
N GLY H 475 -7.46 -27.77 -87.14
CA GLY H 475 -8.84 -27.89 -87.59
C GLY H 475 -9.15 -27.30 -88.96
N ILE H 476 -8.60 -27.90 -90.02
CA ILE H 476 -8.87 -27.45 -91.39
C ILE H 476 -9.63 -28.56 -92.09
N ASP H 477 -10.62 -28.17 -92.91
CA ASP H 477 -11.41 -29.11 -93.72
C ASP H 477 -10.57 -29.94 -94.69
N THR H 478 -9.57 -29.32 -95.32
CA THR H 478 -8.63 -29.97 -96.25
C THR H 478 -9.32 -30.60 -97.45
N SER H 479 -10.39 -29.96 -97.89
CA SER H 479 -11.24 -30.51 -98.96
C SER H 479 -11.58 -29.42 -99.97
N GLY H 480 -10.52 -28.82 -100.50
CA GLY H 480 -10.62 -27.70 -101.43
C GLY H 480 -9.51 -26.74 -101.12
N ILE H 481 -9.03 -26.84 -99.87
CA ILE H 481 -7.78 -26.23 -99.43
C ILE H 481 -6.59 -26.81 -100.19
N LEU H 482 -6.65 -28.09 -100.53
CA LEU H 482 -5.55 -28.78 -101.20
C LEU H 482 -5.99 -29.28 -102.55
N LEU H 483 -5.09 -29.22 -103.53
CA LEU H 483 -5.40 -29.74 -104.85
C LEU H 483 -5.38 -31.27 -104.86
N THR H 484 -6.37 -31.85 -105.54
CA THR H 484 -6.29 -33.25 -105.94
C THR H 484 -5.89 -33.43 -107.42
N GLU H 485 -6.70 -32.93 -108.33
CA GLU H 485 -6.40 -33.06 -109.79
C GLU H 485 -6.93 -31.85 -110.55
N GLU I 3 -65.86 18.76 -89.81
CA GLU I 3 -65.68 20.11 -89.23
C GLU I 3 -65.89 20.06 -87.72
N LYS I 4 -66.32 18.89 -87.24
CA LYS I 4 -66.28 18.59 -85.82
C LYS I 4 -65.34 17.43 -85.55
N ARG I 5 -64.40 17.63 -84.63
CA ARG I 5 -63.50 16.57 -84.21
C ARG I 5 -64.22 15.55 -83.38
N THR I 6 -64.16 14.29 -83.82
CA THR I 6 -64.85 13.21 -83.13
C THR I 6 -63.82 12.21 -82.69
N GLY I 7 -64.27 11.07 -82.19
CA GLY I 7 -63.33 10.03 -81.82
C GLY I 7 -62.64 10.42 -80.53
N LEU I 8 -61.31 10.33 -80.55
CA LEU I 8 -60.54 10.53 -79.33
C LEU I 8 -60.38 11.97 -78.97
N ALA I 9 -60.62 12.85 -79.94
CA ALA I 9 -60.40 14.29 -79.77
C ALA I 9 -61.72 15.00 -79.55
N GLU I 10 -62.60 14.40 -78.75
CA GLU I 10 -63.98 14.84 -78.63
C GLU I 10 -64.10 16.17 -77.94
N ASP I 11 -63.21 16.47 -77.02
CA ASP I 11 -63.34 17.71 -76.28
C ASP I 11 -62.20 18.73 -76.35
N GLY I 12 -61.50 18.82 -77.46
CA GLY I 12 -60.41 19.80 -77.61
C GLY I 12 -59.13 19.36 -76.90
N ALA I 13 -58.05 20.08 -77.14
CA ALA I 13 -56.73 19.67 -76.69
C ALA I 13 -56.41 20.04 -75.26
N LYS I 14 -56.88 21.19 -74.83
CA LYS I 14 -56.70 21.60 -73.45
C LYS I 14 -57.40 20.67 -72.48
N SER I 15 -58.58 20.19 -72.85
CA SER I 15 -59.29 19.25 -72.02
C SER I 15 -58.57 17.92 -71.90
N VAL I 16 -58.06 17.41 -72.99
CA VAL I 16 -57.35 16.17 -72.95
C VAL I 16 -56.07 16.34 -72.14
N TYR I 17 -55.42 17.47 -72.29
CA TYR I 17 -54.16 17.73 -71.59
C TYR I 17 -54.39 17.80 -70.09
N GLU I 18 -55.41 18.53 -69.65
CA GLU I 18 -55.68 18.60 -68.25
C GLU I 18 -56.20 17.30 -67.70
N ARG I 19 -56.80 16.47 -68.54
CA ARG I 19 -57.27 15.16 -68.04
C ARG I 19 -56.12 14.18 -67.84
N LEU I 20 -55.14 14.22 -68.73
CA LEU I 20 -54.06 13.30 -68.66
C LEU I 20 -52.90 13.79 -67.78
N LYS I 21 -52.95 15.06 -67.34
CA LYS I 21 -51.91 15.58 -66.47
C LYS I 21 -51.85 14.81 -65.15
N ASN I 22 -52.99 14.30 -64.67
CA ASN I 22 -53.02 13.53 -63.44
C ASN I 22 -52.18 12.27 -63.54
N ASP I 23 -52.31 11.56 -64.65
CA ASP I 23 -51.49 10.39 -64.83
C ASP I 23 -50.09 10.75 -65.23
N ARG I 24 -49.84 11.97 -65.67
CA ARG I 24 -48.46 12.37 -65.91
C ARG I 24 -47.75 12.57 -64.63
N ALA I 25 -48.43 13.10 -63.64
CA ALA I 25 -47.80 13.66 -62.42
C ALA I 25 -46.73 12.84 -61.65
N PRO I 26 -46.91 11.54 -61.47
CA PRO I 26 -45.95 10.85 -60.68
C PRO I 26 -44.59 10.75 -61.34
N TYR I 27 -44.57 10.64 -62.66
CA TYR I 27 -43.33 10.62 -63.36
C TYR I 27 -42.61 11.95 -63.17
N GLU I 28 -43.38 13.02 -63.11
CA GLU I 28 -42.81 14.33 -62.87
C GLU I 28 -42.21 14.43 -61.46
N THR I 29 -42.87 13.78 -60.50
CA THR I 29 -42.35 13.78 -59.15
C THR I 29 -41.04 13.04 -59.07
N ARG I 30 -40.99 11.90 -59.77
CA ARG I 30 -39.74 11.13 -59.84
C ARG I 30 -38.67 11.96 -60.48
N ALA I 31 -39.02 12.71 -61.49
CA ALA I 31 -38.05 13.56 -62.16
C ALA I 31 -37.50 14.60 -61.20
N GLN I 32 -38.36 15.15 -60.38
CA GLN I 32 -37.91 16.15 -59.48
C GLN I 32 -36.96 15.58 -58.47
N ASN I 33 -37.25 14.40 -57.97
CA ASN I 33 -36.40 13.78 -56.98
C ASN I 33 -35.02 13.43 -57.59
N CYS I 34 -35.01 12.83 -58.78
CA CYS I 34 -33.78 12.50 -59.40
C CYS I 34 -32.95 13.75 -59.70
N ALA I 35 -33.62 14.80 -60.02
CA ALA I 35 -32.93 16.05 -60.26
C ALA I 35 -32.36 16.59 -58.96
N GLN I 36 -33.06 16.44 -57.85
CA GLN I 36 -32.60 16.97 -56.58
C GLN I 36 -31.40 16.27 -56.11
N TYR I 37 -31.22 15.03 -56.52
CA TYR I 37 -30.01 14.31 -56.08
C TYR I 37 -28.93 14.38 -57.11
N THR I 38 -29.17 14.78 -58.36
CA THR I 38 -28.06 14.77 -59.36
C THR I 38 -27.57 16.06 -59.78
N ILE I 39 -28.40 16.82 -60.41
CA ILE I 39 -28.05 18.22 -60.81
C ILE I 39 -29.39 18.95 -60.77
N PRO I 40 -29.50 19.93 -59.89
CA PRO I 40 -30.85 20.39 -59.52
C PRO I 40 -31.47 21.20 -60.54
N SER I 41 -30.72 21.91 -61.37
CA SER I 41 -31.34 22.73 -62.34
C SER I 41 -32.00 22.02 -63.47
N LEU I 42 -31.64 20.76 -63.70
CA LEU I 42 -31.94 20.03 -64.97
C LEU I 42 -33.34 19.66 -65.07
N PHE I 43 -34.11 19.77 -63.99
CA PHE I 43 -35.58 19.63 -64.09
C PHE I 43 -36.13 20.39 -62.92
N PRO I 44 -36.65 21.60 -63.12
CA PRO I 44 -37.25 22.36 -62.07
C PRO I 44 -38.57 21.80 -61.65
N LYS I 45 -39.09 22.31 -60.53
CA LYS I 45 -40.51 22.05 -60.16
C LYS I 45 -41.39 23.04 -60.86
N ASP I 46 -42.68 22.79 -60.86
CA ASP I 46 -43.52 23.63 -61.72
C ASP I 46 -43.73 25.03 -61.11
N SER I 47 -43.70 25.09 -59.79
CA SER I 47 -43.78 26.37 -59.11
C SER I 47 -42.39 26.99 -59.01
N ASP I 48 -41.39 26.17 -58.69
CA ASP I 48 -40.07 26.67 -58.37
C ASP I 48 -39.31 27.08 -59.62
N ASN I 49 -39.80 28.14 -60.23
CA ASN I 49 -39.07 28.79 -61.29
C ASN I 49 -38.77 30.23 -60.90
N ALA I 50 -37.78 30.82 -61.55
CA ALA I 50 -37.69 32.25 -61.64
C ALA I 50 -37.23 32.67 -60.24
N SER I 51 -35.92 32.57 -60.13
CA SER I 51 -35.23 33.10 -58.95
C SER I 51 -35.41 32.26 -57.71
N THR I 52 -35.01 30.99 -57.83
CA THR I 52 -35.27 30.02 -56.83
C THR I 52 -34.05 29.41 -56.29
N ASP I 53 -32.89 29.65 -56.88
CA ASP I 53 -31.60 29.32 -56.21
C ASP I 53 -31.46 27.88 -55.89
N TYR I 54 -31.26 27.07 -56.90
CA TYR I 54 -31.06 25.63 -56.73
C TYR I 54 -29.82 25.35 -55.95
N GLN I 55 -29.86 24.35 -55.09
CA GLN I 55 -28.77 24.07 -54.17
C GLN I 55 -28.04 22.88 -54.61
N THR I 56 -26.74 22.84 -54.44
CA THR I 56 -25.99 21.61 -54.93
C THR I 56 -26.12 20.53 -54.05
N PRO I 57 -26.06 19.35 -54.57
CA PRO I 57 -26.32 18.25 -53.70
C PRO I 57 -25.10 18.00 -52.94
N TRP I 58 -25.23 17.30 -51.78
CA TRP I 58 -24.12 17.11 -50.94
C TRP I 58 -23.13 16.16 -51.53
N GLN I 59 -23.65 15.20 -52.30
CA GLN I 59 -22.81 14.26 -53.04
C GLN I 59 -22.48 14.73 -54.40
N ALA I 60 -21.31 14.28 -54.89
CA ALA I 60 -20.90 14.72 -56.18
C ALA I 60 -20.93 13.68 -57.29
N VAL I 61 -21.27 12.45 -56.91
CA VAL I 61 -21.25 11.37 -57.85
C VAL I 61 -22.42 11.43 -58.73
N GLY I 62 -23.51 11.97 -58.28
CA GLY I 62 -24.68 12.12 -59.12
C GLY I 62 -24.44 13.13 -60.21
N ALA I 63 -23.86 14.23 -59.84
CA ALA I 63 -23.65 15.29 -60.81
C ALA I 63 -22.66 14.90 -61.91
N ARG I 64 -21.59 14.21 -61.51
CA ARG I 64 -20.63 13.75 -62.45
C ARG I 64 -21.25 12.69 -63.29
N GLY I 65 -22.04 11.84 -62.67
CA GLY I 65 -22.54 10.63 -63.31
C GLY I 65 -23.53 10.92 -64.39
N LEU I 66 -24.41 11.90 -64.18
CA LEU I 66 -25.46 12.20 -65.19
C LEU I 66 -24.79 12.75 -66.42
N ASN I 67 -23.85 13.67 -66.25
CA ASN I 67 -23.21 14.23 -67.41
C ASN I 67 -22.33 13.23 -68.12
N ASN I 68 -21.66 12.36 -67.39
CA ASN I 68 -20.80 11.35 -68.03
C ASN I 68 -21.62 10.40 -68.82
N LEU I 69 -22.79 10.02 -68.30
CA LEU I 69 -23.62 9.03 -68.98
C LEU I 69 -24.25 9.64 -70.21
N ALA I 70 -24.68 10.89 -70.14
CA ALA I 70 -25.22 11.54 -71.29
C ALA I 70 -24.14 11.75 -72.37
N SER I 71 -22.92 12.05 -71.96
CA SER I 71 -21.86 12.24 -72.92
C SER I 71 -21.47 10.94 -73.62
N LYS I 72 -21.43 9.84 -72.89
CA LYS I 72 -21.05 8.59 -73.51
C LYS I 72 -22.14 8.10 -74.41
N LEU I 73 -23.40 8.33 -74.03
CA LEU I 73 -24.54 7.99 -74.93
C LEU I 73 -24.47 8.81 -76.20
N MET I 74 -24.04 10.05 -76.12
CA MET I 74 -23.99 10.81 -77.33
C MET I 74 -22.81 10.41 -78.20
N LEU I 75 -21.69 10.05 -77.56
CA LEU I 75 -20.49 9.54 -78.29
C LEU I 75 -20.77 8.22 -78.99
N ALA I 76 -21.73 7.46 -78.51
CA ALA I 76 -22.02 6.22 -79.19
C ALA I 76 -23.28 6.24 -80.01
N LEU I 77 -24.06 7.29 -79.91
CA LEU I 77 -25.31 7.31 -80.66
C LEU I 77 -25.38 8.35 -81.76
N PHE I 78 -24.62 9.44 -81.67
CA PHE I 78 -24.59 10.41 -82.74
C PHE I 78 -23.18 10.89 -82.97
N PRO I 79 -22.32 10.08 -83.54
CA PRO I 79 -20.95 10.52 -83.73
C PRO I 79 -20.71 11.44 -84.95
N MET I 80 -19.43 11.67 -85.23
CA MET I 80 -19.01 12.43 -86.39
C MET I 80 -19.27 11.66 -87.68
N GLN I 81 -19.23 10.33 -87.58
CA GLN I 81 -19.32 9.43 -88.74
C GLN I 81 -20.72 9.31 -89.24
N THR I 82 -20.87 8.46 -90.26
CA THR I 82 -22.19 8.06 -90.69
C THR I 82 -22.71 7.08 -89.70
N TRP I 83 -23.90 7.34 -89.15
CA TRP I 83 -24.44 6.47 -88.13
C TRP I 83 -25.72 5.78 -88.49
N MET I 84 -26.29 6.10 -89.66
CA MET I 84 -27.42 5.31 -90.13
C MET I 84 -26.96 4.48 -91.30
N ARG I 85 -27.79 3.52 -91.68
CA ARG I 85 -27.50 2.68 -92.83
C ARG I 85 -28.75 2.50 -93.64
N LEU I 86 -28.65 2.72 -94.94
CA LEU I 86 -29.79 2.62 -95.87
C LEU I 86 -29.55 1.45 -96.82
N THR I 87 -30.41 0.43 -96.75
CA THR I 87 -30.19 -0.82 -97.51
C THR I 87 -31.47 -1.25 -98.19
N ILE I 88 -31.38 -2.40 -98.89
CA ILE I 88 -32.44 -2.87 -99.79
C ILE I 88 -32.85 -4.30 -99.43
N SER I 89 -34.14 -4.61 -99.42
CA SER I 89 -34.56 -5.97 -99.05
C SER I 89 -35.73 -6.47 -99.87
N GLU I 90 -35.83 -7.80 -100.03
CA GLU I 90 -36.97 -8.53 -100.68
C GLU I 90 -37.30 -8.32 -102.16
N TYR I 91 -36.51 -7.47 -102.78
CA TYR I 91 -36.49 -7.31 -104.23
C TYR I 91 -35.04 -7.26 -104.75
N GLU I 92 -34.07 -7.22 -103.84
CA GLU I 92 -32.66 -7.28 -104.18
C GLU I 92 -32.25 -8.69 -104.59
N ALA I 93 -33.08 -9.68 -104.22
CA ALA I 93 -32.88 -11.07 -104.69
C ALA I 93 -33.04 -11.20 -106.21
N LYS I 94 -33.80 -10.29 -106.80
CA LYS I 94 -33.82 -10.12 -108.25
C LYS I 94 -32.47 -9.54 -108.72
N GLN I 95 -31.90 -8.66 -107.91
CA GLN I 95 -30.87 -7.74 -108.36
C GLN I 95 -29.49 -8.18 -107.92
N LEU I 96 -29.37 -8.72 -106.71
CA LEU I 96 -28.05 -9.02 -106.14
C LEU I 96 -27.52 -10.36 -106.62
N LEU I 97 -28.36 -11.11 -107.34
CA LEU I 97 -27.95 -12.42 -107.87
C LEU I 97 -26.85 -12.24 -108.92
N SER I 98 -27.12 -11.38 -109.89
CA SER I 98 -26.15 -10.99 -110.91
C SER I 98 -25.62 -9.60 -110.56
N ASP I 99 -24.73 -9.10 -111.43
CA ASP I 99 -24.17 -7.76 -111.39
C ASP I 99 -23.55 -7.39 -110.03
N PRO I 100 -22.36 -7.93 -109.66
CA PRO I 100 -21.67 -7.35 -108.51
C PRO I 100 -21.16 -5.93 -108.82
N ASP I 101 -21.03 -5.61 -110.11
CA ASP I 101 -20.83 -4.23 -110.55
C ASP I 101 -22.14 -3.42 -110.64
N GLY I 102 -23.27 -4.06 -110.36
CA GLY I 102 -24.56 -3.39 -110.52
C GLY I 102 -25.07 -2.67 -109.31
N LEU I 103 -24.80 -3.23 -108.14
CA LEU I 103 -25.21 -2.62 -106.91
C LEU I 103 -24.28 -1.50 -106.48
N ALA I 104 -23.21 -1.26 -107.24
CA ALA I 104 -22.28 -0.16 -106.93
C ALA I 104 -22.93 1.22 -107.15
N LYS I 105 -23.79 1.32 -108.17
CA LYS I 105 -24.55 2.53 -108.41
C LYS I 105 -25.56 2.80 -107.27
N VAL I 106 -26.13 1.72 -106.77
CA VAL I 106 -27.06 1.79 -105.64
C VAL I 106 -26.33 2.24 -104.37
N ASP I 107 -25.11 1.74 -104.20
CA ASP I 107 -24.28 2.13 -103.07
C ASP I 107 -23.95 3.59 -103.15
N GLU I 108 -23.62 4.08 -104.35
CA GLU I 108 -23.27 5.48 -104.51
C GLU I 108 -24.48 6.38 -104.24
N GLY I 109 -25.67 5.96 -104.73
CA GLY I 109 -26.90 6.74 -104.53
C GLY I 109 -27.27 6.81 -103.04
N LEU I 110 -27.20 5.67 -102.35
CA LEU I 110 -27.55 5.66 -100.96
C LEU I 110 -26.52 6.35 -100.06
N SER I 111 -25.25 6.30 -100.44
CA SER I 111 -24.25 7.06 -99.71
C SER I 111 -24.44 8.58 -99.93
N MET I 112 -24.93 8.96 -101.10
CA MET I 112 -25.31 10.33 -101.35
C MET I 112 -26.45 10.74 -100.41
N VAL I 113 -27.45 9.87 -100.25
CA VAL I 113 -28.60 10.20 -99.40
C VAL I 113 -28.20 10.27 -97.94
N GLU I 114 -27.31 9.37 -97.53
CA GLU I 114 -26.80 9.39 -96.15
C GLU I 114 -25.97 10.63 -95.86
N ARG I 115 -25.18 11.04 -96.84
CA ARG I 115 -24.42 12.24 -96.67
C ARG I 115 -25.31 13.45 -96.56
N ILE I 116 -26.43 13.49 -97.30
CA ILE I 116 -27.28 14.65 -97.28
C ILE I 116 -28.10 14.75 -96.00
N ILE I 117 -28.46 13.60 -95.48
CA ILE I 117 -29.10 13.59 -94.16
C ILE I 117 -28.08 14.08 -93.09
N MET I 118 -26.84 13.55 -93.11
CA MET I 118 -25.82 13.97 -92.17
C MET I 118 -25.50 15.45 -92.27
N ASN I 119 -25.56 15.99 -93.48
CA ASN I 119 -25.28 17.40 -93.62
C ASN I 119 -26.37 18.22 -93.01
N TYR I 120 -27.60 17.74 -93.18
CA TYR I 120 -28.74 18.45 -92.53
C TYR I 120 -28.67 18.33 -91.02
N ILE I 121 -28.07 17.25 -90.51
CA ILE I 121 -27.83 17.12 -89.08
C ILE I 121 -26.82 18.19 -88.62
N GLU I 122 -25.69 18.30 -89.30
CA GLU I 122 -24.64 19.19 -88.82
C GLU I 122 -25.05 20.63 -88.92
N SER I 123 -25.86 20.97 -89.91
CA SER I 123 -26.15 22.37 -90.16
C SER I 123 -27.12 22.96 -89.20
N ASN I 124 -28.15 22.23 -88.91
CA ASN I 124 -29.23 22.77 -88.18
C ASN I 124 -29.09 22.62 -86.68
N SER I 125 -27.93 22.20 -86.20
CA SER I 125 -27.67 22.04 -84.78
C SER I 125 -28.66 21.06 -84.16
N TYR I 126 -28.67 19.83 -84.64
CA TYR I 126 -29.32 18.80 -83.89
C TYR I 126 -28.42 18.27 -82.79
N ARG I 127 -27.10 18.55 -82.80
CA ARG I 127 -26.24 17.97 -81.79
C ARG I 127 -26.51 18.56 -80.42
N VAL I 128 -26.77 19.87 -80.43
CA VAL I 128 -27.02 20.58 -79.18
C VAL I 128 -28.37 20.11 -78.55
N THR I 129 -29.42 20.02 -79.36
CA THR I 129 -30.66 19.62 -78.82
C THR I 129 -30.71 18.13 -78.47
N LEU I 130 -29.93 17.34 -79.15
CA LEU I 130 -29.88 15.96 -78.79
C LEU I 130 -29.14 15.78 -77.50
N PHE I 131 -28.12 16.57 -77.23
CA PHE I 131 -27.43 16.43 -75.95
C PHE I 131 -28.32 16.81 -74.81
N GLU I 132 -29.09 17.87 -75.01
CA GLU I 132 -30.08 18.27 -74.03
C GLU I 132 -31.14 17.16 -73.84
N ALA I 133 -31.56 16.54 -74.92
CA ALA I 133 -32.55 15.53 -74.80
C ALA I 133 -32.01 14.34 -74.11
N LEU I 134 -30.75 14.02 -74.30
CA LEU I 134 -30.18 12.88 -73.59
C LEU I 134 -30.05 13.16 -72.09
N LYS I 135 -29.71 14.40 -71.68
CA LYS I 135 -29.67 14.69 -70.28
C LYS I 135 -31.07 14.57 -69.68
N GLN I 136 -32.11 15.01 -70.43
CA GLN I 136 -33.47 14.84 -69.96
C GLN I 136 -33.85 13.39 -69.87
N LEU I 137 -33.39 12.59 -70.80
CA LEU I 137 -33.79 11.19 -70.86
C LEU I 137 -33.07 10.37 -69.83
N VAL I 138 -31.98 10.88 -69.28
CA VAL I 138 -31.32 10.15 -68.21
C VAL I 138 -31.86 10.62 -66.88
N VAL I 139 -32.05 11.89 -66.65
CA VAL I 139 -32.56 12.29 -65.37
C VAL I 139 -34.03 12.04 -65.24
N ALA I 140 -34.81 12.25 -66.26
CA ALA I 140 -36.22 12.01 -66.19
C ALA I 140 -36.53 10.92 -67.18
N GLY I 141 -37.78 10.57 -67.28
CA GLY I 141 -38.08 9.36 -68.00
C GLY I 141 -38.57 9.58 -69.38
N ASN I 142 -38.89 10.81 -69.75
CA ASN I 142 -39.57 10.99 -70.98
C ASN I 142 -39.21 12.30 -71.64
N VAL I 143 -38.88 12.27 -72.92
CA VAL I 143 -38.59 13.49 -73.69
C VAL I 143 -39.45 13.43 -74.92
N LEU I 144 -39.74 14.58 -75.49
CA LEU I 144 -40.55 14.61 -76.75
C LEU I 144 -39.86 15.52 -77.74
N LEU I 145 -39.30 14.94 -78.80
CA LEU I 145 -38.68 15.77 -79.81
C LEU I 145 -39.73 16.07 -80.89
N TYR I 146 -39.56 17.23 -81.52
CA TYR I 146 -40.37 17.55 -82.69
C TYR I 146 -39.55 18.39 -83.62
N LEU I 147 -39.36 17.82 -84.82
CA LEU I 147 -38.72 18.48 -85.90
C LEU I 147 -39.78 18.93 -86.91
N PRO I 148 -39.83 20.23 -87.25
CA PRO I 148 -40.87 20.76 -88.08
C PRO I 148 -40.61 20.49 -89.55
N GLU I 149 -41.50 20.99 -90.41
CA GLU I 149 -41.20 21.02 -91.84
C GLU I 149 -40.07 22.01 -92.09
N PRO I 150 -39.14 21.69 -92.99
CA PRO I 150 -37.99 22.59 -93.17
C PRO I 150 -38.34 23.91 -93.84
N GLU I 151 -39.18 23.89 -94.86
CA GLU I 151 -39.68 25.13 -95.50
C GLU I 151 -38.55 26.03 -96.01
N GLY I 152 -37.47 25.40 -96.46
CA GLY I 152 -36.31 26.10 -96.99
C GLY I 152 -35.07 25.60 -96.34
N SER I 153 -33.93 26.05 -96.88
CA SER I 153 -32.62 25.66 -96.38
C SER I 153 -32.07 26.66 -95.35
N ASN I 154 -32.95 27.49 -94.82
CA ASN I 154 -32.62 28.39 -93.71
C ASN I 154 -32.52 27.61 -92.39
N TYR I 155 -32.30 28.32 -91.28
CA TYR I 155 -32.03 27.64 -90.02
C TYR I 155 -33.29 27.05 -89.41
N ASN I 156 -33.30 25.74 -89.19
CA ASN I 156 -34.44 25.07 -88.56
C ASN I 156 -33.98 24.08 -87.52
N PRO I 157 -33.92 24.49 -86.26
CA PRO I 157 -33.50 23.60 -85.21
C PRO I 157 -34.67 22.73 -84.78
N MET I 158 -34.44 21.89 -83.76
CA MET I 158 -35.49 20.96 -83.35
C MET I 158 -36.07 21.27 -82.00
N LYS I 159 -37.39 21.45 -81.92
CA LYS I 159 -38.00 21.88 -80.66
C LYS I 159 -38.10 20.72 -79.72
N LEU I 160 -37.50 20.89 -78.54
CA LEU I 160 -37.53 19.85 -77.51
C LEU I 160 -38.74 20.09 -76.63
N TYR I 161 -39.16 19.04 -75.96
CA TYR I 161 -40.19 19.19 -74.97
C TYR I 161 -39.82 18.33 -73.79
N ARG I 162 -39.51 19.00 -72.66
CA ARG I 162 -39.30 18.28 -71.42
C ARG I 162 -40.67 17.89 -70.84
N LEU I 163 -40.64 17.06 -69.80
CA LEU I 163 -41.78 16.26 -69.40
C LEU I 163 -42.91 17.09 -68.93
N SER I 164 -42.63 18.28 -68.46
CA SER I 164 -43.70 19.13 -67.89
C SER I 164 -44.66 19.68 -68.93
N SER I 165 -44.28 19.70 -70.18
CA SER I 165 -45.04 20.45 -71.13
C SER I 165 -45.70 19.61 -72.18
N TYR I 166 -45.74 18.30 -72.02
CA TYR I 166 -46.49 17.46 -72.96
C TYR I 166 -47.11 16.29 -72.25
N VAL I 167 -47.86 15.48 -72.98
CA VAL I 167 -48.45 14.37 -72.38
C VAL I 167 -48.64 13.27 -73.42
N VAL I 168 -48.61 12.00 -73.04
CA VAL I 168 -48.74 10.89 -73.97
C VAL I 168 -49.57 9.80 -73.37
N GLN I 169 -50.61 9.36 -74.07
CA GLN I 169 -51.40 8.21 -73.65
C GLN I 169 -51.08 7.03 -74.57
N ARG I 170 -50.91 5.86 -73.97
CA ARG I 170 -50.61 4.65 -74.70
C ARG I 170 -51.61 3.57 -74.33
N ASP I 171 -51.53 2.45 -75.04
CA ASP I 171 -52.24 1.23 -74.68
C ASP I 171 -51.27 0.28 -74.00
N ALA I 172 -51.64 -0.97 -73.81
CA ALA I 172 -50.71 -1.87 -73.16
C ALA I 172 -49.65 -2.41 -74.10
N PHE I 173 -49.78 -2.18 -75.41
CA PHE I 173 -48.64 -2.39 -76.28
C PHE I 173 -47.54 -1.34 -76.09
N GLY I 174 -47.88 -0.10 -76.42
CA GLY I 174 -46.89 0.92 -76.59
C GLY I 174 -47.22 1.69 -77.84
N ASN I 175 -48.38 1.37 -78.42
CA ASN I 175 -48.90 2.18 -79.48
C ASN I 175 -49.26 3.52 -78.90
N VAL I 176 -48.72 4.59 -79.48
CA VAL I 176 -49.08 5.91 -79.03
C VAL I 176 -50.46 6.27 -79.55
N LEU I 177 -51.42 6.40 -78.64
CA LEU I 177 -52.75 6.78 -79.08
C LEU I 177 -52.84 8.28 -79.33
N GLN I 178 -52.40 9.07 -78.34
CA GLN I 178 -52.50 10.50 -78.45
C GLN I 178 -51.43 11.27 -77.70
N MET I 179 -51.06 12.43 -78.22
CA MET I 179 -50.17 13.29 -77.56
C MET I 179 -50.78 14.74 -77.54
N VAL I 180 -50.46 15.53 -76.53
CA VAL I 180 -50.73 16.90 -76.55
C VAL I 180 -49.52 17.66 -76.02
N THR I 181 -49.07 18.70 -76.73
CA THR I 181 -47.99 19.56 -76.26
C THR I 181 -48.49 20.93 -75.88
N ARG I 182 -47.77 21.63 -75.02
CA ARG I 182 -48.29 22.79 -74.31
C ARG I 182 -47.26 23.89 -74.39
N ASP I 183 -46.85 24.23 -75.61
CA ASP I 183 -45.96 25.37 -75.78
C ASP I 183 -46.63 26.66 -75.29
N GLN I 184 -45.82 27.50 -74.64
CA GLN I 184 -46.24 28.79 -74.19
C GLN I 184 -45.42 29.87 -74.94
N ILE I 185 -46.02 30.48 -75.94
CA ILE I 185 -45.31 31.43 -76.79
C ILE I 185 -45.86 32.81 -76.56
N ALA I 186 -45.05 33.82 -76.72
CA ALA I 186 -45.57 35.21 -76.68
C ALA I 186 -46.38 35.51 -77.93
N PHE I 187 -47.33 36.44 -77.81
CA PHE I 187 -48.16 36.90 -78.93
C PHE I 187 -47.34 37.57 -80.01
N GLY I 188 -46.21 38.14 -79.66
CA GLY I 188 -45.40 38.84 -80.62
C GLY I 188 -44.62 37.91 -81.52
N ALA I 189 -44.17 36.78 -80.98
CA ALA I 189 -43.32 35.88 -81.74
C ALA I 189 -44.07 34.66 -82.24
N LEU I 190 -45.38 34.79 -82.40
CA LEU I 190 -46.17 33.68 -82.95
C LEU I 190 -45.90 33.49 -84.43
N PRO I 191 -46.15 32.30 -84.96
CA PRO I 191 -46.34 32.18 -86.41
C PRO I 191 -47.55 32.99 -86.89
N GLU I 192 -47.51 33.40 -88.16
CA GLU I 192 -48.40 34.43 -88.67
C GLU I 192 -49.85 33.96 -88.74
N ASP I 193 -50.03 32.69 -89.06
CA ASP I 193 -51.38 32.16 -89.16
C ASP I 193 -52.07 32.07 -87.78
N ILE I 194 -51.28 31.85 -86.75
CA ILE I 194 -51.85 31.70 -85.43
C ILE I 194 -52.25 33.05 -84.85
N ARG I 195 -51.55 34.11 -85.25
CA ARG I 195 -51.87 35.46 -84.75
C ARG I 195 -53.25 35.88 -85.21
N LYS I 196 -53.58 35.60 -86.45
CA LYS I 196 -54.90 35.96 -86.96
C LYS I 196 -55.99 35.10 -86.33
N ALA I 197 -55.67 33.84 -86.05
CA ALA I 197 -56.64 32.94 -85.40
C ALA I 197 -56.93 33.40 -83.96
N VAL I 198 -55.90 33.86 -83.26
CA VAL I 198 -56.11 34.38 -81.92
C VAL I 198 -56.83 35.73 -81.97
N GLU I 199 -56.44 36.57 -82.91
CA GLU I 199 -57.02 37.90 -83.02
C GLU I 199 -58.50 37.83 -83.38
N GLY I 200 -58.88 36.79 -84.13
CA GLY I 200 -60.29 36.57 -84.47
C GLY I 200 -61.17 36.22 -83.27
N GLN I 201 -60.56 35.69 -82.21
CA GLN I 201 -61.28 35.36 -80.99
C GLN I 201 -61.77 36.64 -80.31
N GLY I 202 -60.99 37.71 -80.42
CA GLY I 202 -61.45 38.99 -79.92
C GLY I 202 -60.62 39.52 -78.78
N GLY I 203 -60.77 40.82 -78.55
CA GLY I 203 -59.96 41.58 -77.62
C GLY I 203 -58.56 41.83 -78.19
N GLU I 204 -58.08 43.06 -78.05
CA GLU I 204 -56.69 43.35 -78.39
C GLU I 204 -55.76 42.66 -77.38
N LYS I 205 -54.53 42.44 -77.80
CA LYS I 205 -53.57 41.76 -76.94
C LYS I 205 -52.33 42.58 -76.84
N LYS I 206 -51.63 42.48 -75.71
CA LYS I 206 -50.33 43.11 -75.59
C LYS I 206 -49.29 42.30 -76.35
N ALA I 207 -48.09 42.84 -76.49
CA ALA I 207 -47.08 42.06 -77.19
C ALA I 207 -46.55 40.90 -76.32
N ASP I 208 -46.21 41.12 -75.05
CA ASP I 208 -45.61 40.08 -74.26
C ASP I 208 -46.58 39.29 -73.47
N GLU I 209 -47.87 39.40 -73.78
CA GLU I 209 -48.88 38.61 -73.09
C GLU I 209 -48.80 37.14 -73.55
N THR I 210 -48.63 36.24 -72.61
CA THR I 210 -48.36 34.87 -72.98
C THR I 210 -49.59 34.21 -73.48
N ILE I 211 -49.43 33.39 -74.52
CA ILE I 211 -50.52 32.65 -75.12
C ILE I 211 -50.11 31.19 -75.16
N ASP I 212 -50.91 30.35 -74.55
CA ASP I 212 -50.69 28.92 -74.53
C ASP I 212 -51.35 28.24 -75.70
N VAL I 213 -50.55 27.68 -76.59
CA VAL I 213 -51.11 26.85 -77.62
C VAL I 213 -51.14 25.42 -77.12
N TYR I 214 -51.89 24.58 -77.80
CA TYR I 214 -51.89 23.17 -77.51
C TYR I 214 -51.86 22.44 -78.84
N THR I 215 -50.97 21.46 -78.98
CA THR I 215 -50.93 20.68 -80.20
C THR I 215 -51.40 19.29 -79.87
N HIS I 216 -52.38 18.81 -80.61
CA HIS I 216 -52.99 17.52 -80.34
C HIS I 216 -52.78 16.60 -81.53
N ILE I 217 -52.31 15.38 -81.24
CA ILE I 217 -52.06 14.34 -82.24
C ILE I 217 -52.82 13.12 -81.76
N TYR I 218 -53.67 12.54 -82.62
CA TYR I 218 -54.51 11.42 -82.18
C TYR I 218 -54.71 10.39 -83.23
N LEU I 219 -54.89 9.12 -82.80
CA LEU I 219 -55.27 8.03 -83.72
C LEU I 219 -56.70 8.22 -84.18
N ASP I 220 -56.92 7.91 -85.46
CA ASP I 220 -58.24 8.04 -86.03
C ASP I 220 -59.08 6.85 -85.67
N GLU I 221 -60.38 7.06 -85.55
CA GLU I 221 -61.33 6.00 -85.40
C GLU I 221 -61.55 5.27 -86.74
N ASP I 222 -61.22 5.92 -87.85
CA ASP I 222 -61.46 5.35 -89.16
C ASP I 222 -60.21 4.62 -89.67
N SER I 223 -59.13 5.35 -89.82
CA SER I 223 -57.94 4.79 -90.45
C SER I 223 -56.78 4.71 -89.48
N GLY I 224 -55.70 4.09 -89.94
CA GLY I 224 -54.51 3.90 -89.12
C GLY I 224 -53.47 4.97 -89.30
N GLU I 225 -53.88 6.23 -89.39
CA GLU I 225 -52.94 7.34 -89.53
C GLU I 225 -53.27 8.42 -88.49
N TYR I 226 -52.29 9.21 -88.10
CA TYR I 226 -52.51 10.22 -87.08
C TYR I 226 -53.18 11.47 -87.67
N LEU I 227 -53.91 12.18 -86.82
CA LEU I 227 -54.43 13.50 -87.15
C LEU I 227 -53.95 14.52 -86.15
N ARG I 228 -53.46 15.67 -86.61
CA ARG I 228 -53.01 16.76 -85.71
C ARG I 228 -53.75 18.04 -85.93
N TYR I 229 -53.97 18.77 -84.83
CA TYR I 229 -54.48 20.12 -84.89
C TYR I 229 -53.95 20.93 -83.78
N GLU I 230 -54.07 22.25 -83.92
CA GLU I 230 -53.64 23.19 -82.88
C GLU I 230 -54.86 23.81 -82.24
N GLU I 231 -54.68 24.31 -81.04
CA GLU I 231 -55.77 24.93 -80.33
C GLU I 231 -55.24 26.07 -79.49
N VAL I 232 -55.89 27.22 -79.59
CA VAL I 232 -55.61 28.34 -78.72
C VAL I 232 -56.92 28.84 -78.13
N GLU I 233 -56.98 28.85 -76.80
CA GLU I 233 -58.05 29.50 -76.08
C GLU I 233 -59.41 28.77 -76.27
N GLY I 234 -59.38 27.55 -76.81
CA GLY I 234 -60.59 26.76 -76.89
C GLY I 234 -61.21 26.72 -78.28
N MET I 235 -60.37 26.69 -79.30
CA MET I 235 -60.83 26.69 -80.66
C MET I 235 -59.73 26.17 -81.56
N GLU I 236 -60.09 25.30 -82.50
CA GLU I 236 -59.11 24.74 -83.41
C GLU I 236 -58.59 25.82 -84.40
N VAL I 237 -57.29 25.90 -84.52
CA VAL I 237 -56.64 26.96 -85.30
C VAL I 237 -56.83 26.74 -86.77
N GLN I 238 -57.45 27.71 -87.43
CA GLN I 238 -57.72 27.63 -88.87
C GLN I 238 -56.46 27.61 -89.67
N GLY I 239 -56.44 26.74 -90.68
CA GLY I 239 -55.27 26.50 -91.51
C GLY I 239 -54.08 25.86 -90.80
N SER I 240 -54.37 25.04 -89.78
CA SER I 240 -53.32 24.31 -89.10
C SER I 240 -53.59 22.82 -89.00
N ASP I 241 -54.47 22.34 -89.87
CA ASP I 241 -54.85 20.93 -89.93
C ASP I 241 -53.68 20.10 -90.35
N GLY I 242 -53.71 18.84 -89.96
CA GLY I 242 -52.63 17.95 -90.36
C GLY I 242 -53.02 16.50 -90.36
N THR I 243 -52.52 15.79 -91.38
CA THR I 243 -52.67 14.35 -91.47
C THR I 243 -51.30 13.78 -91.58
N TYR I 244 -50.98 12.81 -90.75
CA TYR I 244 -49.67 12.25 -90.75
C TYR I 244 -49.73 10.75 -90.97
N PRO I 245 -48.80 10.19 -91.77
CA PRO I 245 -48.73 8.75 -91.95
C PRO I 245 -48.22 8.04 -90.69
N LYS I 246 -48.39 6.73 -90.67
CA LYS I 246 -48.21 5.95 -89.44
C LYS I 246 -46.75 5.90 -89.00
N GLU I 247 -45.83 5.93 -89.94
CA GLU I 247 -44.44 5.71 -89.65
C GLU I 247 -43.60 6.96 -89.61
N ALA I 248 -44.10 8.04 -90.22
CA ALA I 248 -43.30 9.25 -90.38
C ALA I 248 -43.85 10.38 -89.49
N CYS I 249 -44.13 10.02 -88.25
CA CYS I 249 -44.73 10.95 -87.33
C CYS I 249 -43.65 11.88 -86.85
N PRO I 250 -43.84 13.20 -87.01
CA PRO I 250 -42.76 14.11 -86.68
C PRO I 250 -42.65 14.33 -85.18
N TYR I 251 -43.69 13.99 -84.40
CA TYR I 251 -43.58 14.09 -82.97
C TYR I 251 -43.05 12.72 -82.46
N ILE I 252 -41.83 12.72 -81.92
CA ILE I 252 -41.21 11.51 -81.51
C ILE I 252 -41.15 11.50 -79.97
N PRO I 253 -41.93 10.62 -79.31
CA PRO I 253 -41.82 10.48 -77.87
C PRO I 253 -40.79 9.42 -77.48
N ILE I 254 -39.82 9.79 -76.65
CA ILE I 254 -38.73 8.90 -76.33
C ILE I 254 -38.77 8.52 -74.88
N ARG I 255 -38.71 7.23 -74.60
CA ARG I 255 -38.59 6.67 -73.25
C ARG I 255 -37.20 6.06 -73.08
N MET I 256 -36.63 6.18 -71.90
CA MET I 256 -35.36 5.52 -71.63
C MET I 256 -35.56 4.05 -71.31
N VAL I 257 -36.29 3.72 -70.24
CA VAL I 257 -36.49 2.34 -69.86
C VAL I 257 -37.94 2.01 -69.87
N ARG I 258 -38.34 1.12 -70.76
CA ARG I 258 -39.76 0.87 -70.95
C ARG I 258 -40.29 -0.12 -69.96
N LEU I 259 -41.58 -0.04 -69.69
CA LEU I 259 -42.29 -1.01 -68.85
C LEU I 259 -43.60 -1.37 -69.52
N ASP I 260 -44.03 -2.58 -69.23
CA ASP I 260 -45.20 -3.08 -69.87
C ASP I 260 -46.45 -2.40 -69.32
N GLY I 261 -47.34 -1.98 -70.23
CA GLY I 261 -48.64 -1.45 -69.86
C GLY I 261 -48.55 -0.18 -69.05
N GLU I 262 -47.74 0.71 -69.54
CA GLU I 262 -47.40 1.91 -68.83
C GLU I 262 -46.97 2.98 -69.85
N SER I 263 -47.63 4.11 -69.81
CA SER I 263 -47.59 5.04 -70.93
C SER I 263 -46.35 5.87 -71.02
N TYR I 264 -45.49 5.80 -70.03
CA TYR I 264 -44.35 6.72 -69.94
C TYR I 264 -43.07 5.93 -69.70
N GLY I 265 -42.02 6.65 -69.41
CA GLY I 265 -40.74 6.00 -69.20
C GLY I 265 -40.21 6.31 -67.84
N ARG I 266 -39.35 5.45 -67.34
CA ARG I 266 -38.69 5.71 -66.07
C ARG I 266 -37.22 5.87 -66.26
N SER I 267 -36.67 6.87 -65.64
CA SER I 267 -35.31 7.25 -65.90
C SER I 267 -34.30 6.19 -65.42
N TYR I 268 -33.10 6.29 -65.94
CA TYR I 268 -32.04 5.36 -65.56
C TYR I 268 -31.52 5.73 -64.23
N ILE I 269 -31.63 6.98 -63.79
CA ILE I 269 -31.15 7.37 -62.48
C ILE I 269 -32.07 6.86 -61.36
N GLU I 270 -33.34 6.59 -61.73
CA GLU I 270 -34.30 6.06 -60.77
C GLU I 270 -33.88 4.68 -60.21
N GLU I 271 -33.36 3.84 -61.05
CA GLU I 271 -32.97 2.59 -60.63
C GLU I 271 -31.80 2.62 -59.72
N TYR I 272 -31.03 3.66 -59.72
CA TYR I 272 -29.97 3.70 -58.71
C TYR I 272 -30.17 4.92 -57.83
N LEU I 273 -31.42 5.30 -57.59
CA LEU I 273 -31.69 6.50 -56.78
C LEU I 273 -31.37 6.35 -55.34
N GLY I 274 -31.72 5.21 -54.78
CA GLY I 274 -31.66 5.01 -53.34
C GLY I 274 -30.22 4.98 -52.84
N ASP I 275 -29.36 4.18 -53.46
CA ASP I 275 -27.97 4.25 -53.14
C ASP I 275 -27.41 5.59 -53.48
N LEU I 276 -28.09 6.33 -54.31
CA LEU I 276 -27.70 7.70 -54.53
C LEU I 276 -28.05 8.46 -53.28
N ARG I 277 -29.29 8.37 -52.80
CA ARG I 277 -29.70 9.18 -51.63
C ARG I 277 -29.05 8.68 -50.37
N SER I 278 -28.75 7.43 -50.28
CA SER I 278 -28.02 6.96 -49.11
C SER I 278 -26.65 7.48 -49.14
N LEU I 279 -26.11 7.81 -50.29
CA LEU I 279 -24.84 8.50 -50.33
C LEU I 279 -25.01 9.83 -49.82
N GLU I 280 -26.08 10.49 -50.27
CA GLU I 280 -26.36 11.91 -49.96
C GLU I 280 -26.31 12.10 -48.47
N ASN I 281 -27.16 11.39 -47.70
CA ASN I 281 -27.21 11.51 -46.30
C ASN I 281 -25.87 11.25 -45.73
N LEU I 282 -25.28 10.18 -46.12
CA LEU I 282 -24.02 9.72 -45.50
C LEU I 282 -22.94 10.65 -45.81
N GLN I 283 -23.10 11.43 -46.81
CA GLN I 283 -22.06 12.34 -47.12
C GLN I 283 -22.35 13.67 -46.45
N GLU I 284 -23.63 14.01 -46.36
CA GLU I 284 -24.09 15.27 -45.82
C GLU I 284 -23.53 15.48 -44.46
N ALA I 285 -23.76 14.49 -43.60
CA ALA I 285 -23.31 14.48 -42.21
C ALA I 285 -21.89 14.90 -42.14
N ILE I 286 -21.10 14.30 -43.00
CA ILE I 286 -19.64 14.41 -42.91
C ILE I 286 -19.31 15.88 -43.06
N VAL I 287 -19.92 16.55 -44.01
CA VAL I 287 -19.65 17.93 -44.23
C VAL I 287 -20.10 18.69 -42.99
N LYS I 288 -21.30 18.38 -42.46
CA LYS I 288 -21.79 19.01 -41.25
C LYS I 288 -20.86 18.70 -40.08
N MET I 289 -20.40 17.48 -40.02
CA MET I 289 -19.52 17.13 -38.92
C MET I 289 -18.23 17.76 -39.11
N SER I 290 -17.91 18.26 -40.26
CA SER I 290 -16.67 18.90 -40.37
C SER I 290 -16.81 20.23 -39.79
N MET I 291 -17.96 20.86 -40.01
CA MET I 291 -18.08 22.28 -39.70
C MET I 291 -18.01 22.45 -38.16
N ILE I 292 -18.48 21.47 -37.36
CA ILE I 292 -18.37 21.49 -35.95
C ILE I 292 -16.94 21.59 -35.56
N SER I 293 -16.09 20.89 -36.30
CA SER I 293 -14.63 20.99 -36.05
C SER I 293 -14.07 22.40 -36.32
N SER I 294 -14.78 23.21 -37.08
CA SER I 294 -14.24 24.46 -37.46
C SER I 294 -14.75 25.54 -36.57
N LYS I 295 -14.94 25.23 -35.31
CA LYS I 295 -15.42 26.20 -34.30
C LYS I 295 -14.46 25.99 -33.10
N VAL I 296 -13.50 26.90 -32.94
CA VAL I 296 -12.59 26.85 -31.88
C VAL I 296 -13.32 27.39 -30.66
N ILE I 297 -13.47 26.57 -29.60
CA ILE I 297 -13.91 27.08 -28.31
C ILE I 297 -12.81 26.77 -27.35
N GLY I 298 -12.28 27.78 -26.72
CA GLY I 298 -11.32 27.54 -25.65
C GLY I 298 -11.99 27.29 -24.30
N LEU I 299 -11.87 26.08 -23.78
CA LEU I 299 -12.41 25.81 -22.49
C LEU I 299 -11.39 26.15 -21.41
N VAL I 300 -11.66 27.16 -20.56
CA VAL I 300 -10.78 27.43 -19.44
C VAL I 300 -11.24 26.83 -18.23
N ASN I 301 -10.36 26.18 -17.52
CA ASN I 301 -10.83 25.31 -16.34
C ASN I 301 -10.96 26.14 -15.16
N PRO I 302 -12.13 26.28 -14.61
CA PRO I 302 -12.32 27.16 -13.58
C PRO I 302 -11.57 26.81 -12.36
N ALA I 303 -11.15 25.61 -12.21
CA ALA I 303 -10.49 25.24 -10.98
C ALA I 303 -9.08 25.66 -10.94
N GLY I 304 -8.61 26.25 -12.00
CA GLY I 304 -7.19 26.52 -12.12
C GLY I 304 -6.91 28.00 -11.91
N ILE I 305 -5.76 28.43 -12.45
CA ILE I 305 -5.31 29.69 -12.18
C ILE I 305 -5.45 30.56 -13.36
N THR I 306 -5.22 30.04 -14.57
CA THR I 306 -5.02 30.87 -15.73
C THR I 306 -6.24 31.54 -16.15
N GLN I 307 -6.20 32.82 -16.52
CA GLN I 307 -7.45 33.45 -16.91
C GLN I 307 -7.44 34.37 -18.07
N PRO I 308 -8.43 34.32 -18.91
CA PRO I 308 -8.28 34.90 -20.17
C PRO I 308 -8.37 36.43 -20.25
N ARG I 309 -8.32 37.16 -19.16
CA ARG I 309 -8.02 38.59 -19.34
C ARG I 309 -6.54 38.76 -19.53
N ARG I 310 -5.75 37.70 -19.46
CA ARG I 310 -4.34 37.85 -19.54
C ARG I 310 -3.74 37.14 -20.69
N LEU I 311 -4.41 36.11 -21.22
CA LEU I 311 -3.92 35.55 -22.49
C LEU I 311 -4.17 36.53 -23.61
N THR I 312 -5.32 37.16 -23.65
CA THR I 312 -5.60 37.76 -24.79
C THR I 312 -4.89 39.05 -24.89
N LYS I 313 -4.73 39.79 -23.80
CA LYS I 313 -4.22 41.19 -23.93
C LYS I 313 -2.79 41.22 -24.13
N ALA I 314 -2.13 40.10 -23.92
CA ALA I 314 -0.65 40.09 -24.03
C ALA I 314 -0.18 40.11 -25.43
N GLN I 315 0.87 40.90 -25.75
CA GLN I 315 1.32 40.85 -27.15
C GLN I 315 2.05 39.58 -27.38
N THR I 316 2.57 39.38 -28.59
CA THR I 316 3.20 38.09 -28.86
C THR I 316 4.46 38.01 -28.19
N GLY I 317 4.74 36.87 -27.58
CA GLY I 317 5.90 36.65 -26.78
C GLY I 317 5.89 37.58 -25.56
N ASP I 318 4.80 37.41 -24.85
CA ASP I 318 4.70 38.08 -23.57
C ASP I 318 4.52 37.05 -22.51
N PHE I 319 5.34 37.08 -21.47
CA PHE I 319 5.15 36.14 -20.42
C PHE I 319 3.85 36.49 -19.67
N VAL I 320 3.10 35.49 -19.25
CA VAL I 320 2.03 35.76 -18.46
C VAL I 320 1.65 34.62 -17.61
N THR I 321 0.87 34.81 -16.55
CA THR I 321 0.80 33.80 -15.57
C THR I 321 -0.14 32.80 -15.73
N GLY I 322 0.21 31.54 -15.57
CA GLY I 322 -0.81 30.48 -15.83
C GLY I 322 -0.25 29.13 -16.03
N ARG I 323 -1.08 28.18 -15.86
CA ARG I 323 -0.63 26.88 -16.05
C ARG I 323 -1.19 26.35 -17.36
N PRO I 324 -0.50 25.41 -18.01
CA PRO I 324 -0.95 24.97 -19.24
C PRO I 324 -2.04 23.97 -19.13
N GLU I 325 -2.29 23.34 -17.99
CA GLU I 325 -3.36 22.35 -17.99
C GLU I 325 -4.72 22.98 -17.82
N ASP I 326 -4.80 24.30 -17.77
CA ASP I 326 -6.06 24.92 -17.55
C ASP I 326 -6.79 25.18 -18.81
N ILE I 327 -6.13 25.68 -19.87
CA ILE I 327 -6.86 25.95 -21.09
C ILE I 327 -6.79 24.72 -21.89
N SER I 328 -7.93 24.27 -22.42
CA SER I 328 -7.90 23.22 -23.44
C SER I 328 -8.85 23.65 -24.52
N PHE I 329 -9.03 22.82 -25.53
CA PHE I 329 -9.94 23.23 -26.57
C PHE I 329 -10.89 22.12 -26.89
N LEU I 330 -12.10 22.49 -27.21
CA LEU I 330 -13.23 21.48 -27.32
C LEU I 330 -13.08 20.78 -28.60
N GLN I 331 -12.71 19.49 -28.62
CA GLN I 331 -12.68 18.70 -29.88
C GLN I 331 -13.96 17.97 -30.08
N LEU I 332 -14.06 17.29 -31.20
CA LEU I 332 -15.29 16.52 -31.52
C LEU I 332 -14.82 15.11 -31.78
N GLU I 333 -15.04 14.23 -30.82
CA GLU I 333 -14.33 13.01 -30.81
C GLU I 333 -14.96 11.87 -31.58
N LYS I 334 -15.83 12.16 -32.57
CA LYS I 334 -16.28 11.11 -33.48
C LYS I 334 -15.10 10.71 -34.38
N GLN I 335 -14.45 9.59 -34.05
CA GLN I 335 -13.42 9.09 -34.91
C GLN I 335 -13.82 7.76 -35.49
N ALA I 336 -14.33 6.86 -34.66
CA ALA I 336 -14.80 5.59 -35.17
C ALA I 336 -16.05 5.79 -36.02
N ASP I 337 -16.92 6.72 -35.64
CA ASP I 337 -18.05 7.03 -36.50
C ASP I 337 -17.60 7.66 -37.81
N PHE I 338 -16.58 8.52 -37.78
CA PHE I 338 -16.11 9.10 -38.99
C PHE I 338 -15.47 8.08 -39.93
N THR I 339 -14.73 7.11 -39.40
CA THR I 339 -14.15 6.07 -40.26
C THR I 339 -15.15 5.08 -40.81
N VAL I 340 -16.21 4.79 -40.05
CA VAL I 340 -17.22 3.92 -40.60
C VAL I 340 -18.09 4.65 -41.59
N ALA I 341 -18.30 5.92 -41.39
CA ALA I 341 -19.11 6.69 -42.34
C ALA I 341 -18.38 6.86 -43.64
N LYS I 342 -17.07 7.13 -43.56
CA LYS I 342 -16.29 7.30 -44.77
C LYS I 342 -16.17 5.98 -45.51
N ALA I 343 -16.10 4.88 -44.80
CA ALA I 343 -15.99 3.57 -45.44
C ALA I 343 -17.23 3.22 -46.22
N VAL I 344 -18.37 3.44 -45.65
CA VAL I 344 -19.57 3.12 -46.39
C VAL I 344 -19.84 4.13 -47.47
N SER I 345 -19.39 5.36 -47.30
CA SER I 345 -19.47 6.34 -48.35
C SER I 345 -18.67 5.92 -49.56
N ASP I 346 -17.47 5.43 -49.33
CA ASP I 346 -16.64 5.02 -50.43
C ASP I 346 -17.24 3.80 -51.12
N ALA I 347 -17.68 2.85 -50.32
CA ALA I 347 -18.20 1.64 -50.88
C ALA I 347 -19.49 1.87 -51.62
N ILE I 348 -20.16 3.01 -51.41
CA ILE I 348 -21.35 3.26 -52.17
C ILE I 348 -21.00 4.08 -53.40
N GLU I 349 -19.97 4.91 -53.34
CA GLU I 349 -19.54 5.61 -54.56
C GLU I 349 -18.96 4.62 -55.56
N ALA I 350 -18.39 3.50 -55.10
CA ALA I 350 -17.88 2.51 -56.01
C ALA I 350 -18.97 1.91 -56.87
N ARG I 351 -20.13 1.66 -56.25
CA ARG I 351 -21.25 1.15 -57.00
C ARG I 351 -21.74 2.17 -58.01
N LEU I 352 -21.88 3.40 -57.58
CA LEU I 352 -22.38 4.38 -58.48
C LEU I 352 -21.32 4.69 -59.58
N SER I 353 -20.05 4.46 -59.34
CA SER I 353 -19.07 4.65 -60.38
C SER I 353 -19.11 3.49 -61.44
N PHE I 354 -19.23 2.22 -61.01
CA PHE I 354 -19.47 1.14 -62.01
C PHE I 354 -20.81 1.23 -62.65
N ALA I 355 -21.68 2.09 -62.12
CA ALA I 355 -23.04 2.17 -62.65
C ALA I 355 -23.29 3.31 -63.52
N PHE I 356 -22.51 4.36 -63.38
CA PHE I 356 -22.72 5.54 -64.19
C PHE I 356 -21.58 5.80 -65.19
N MET I 357 -20.68 4.83 -65.32
CA MET I 357 -19.51 4.91 -66.16
C MET I 357 -18.57 6.03 -65.79
N LEU I 358 -18.43 6.32 -64.52
CA LEU I 358 -17.50 7.27 -64.07
C LEU I 358 -16.16 6.52 -64.32
N ASN I 359 -15.06 7.29 -64.39
CA ASN I 359 -13.80 6.73 -64.89
C ASN I 359 -13.18 5.76 -63.88
N SER I 360 -13.21 4.49 -64.29
CA SER I 360 -12.51 3.44 -63.58
C SER I 360 -11.37 2.94 -64.48
N ALA I 361 -10.59 3.90 -65.00
CA ALA I 361 -9.48 3.72 -65.95
C ALA I 361 -9.89 2.99 -67.24
N VAL I 362 -10.85 3.58 -67.94
CA VAL I 362 -11.23 3.09 -69.26
C VAL I 362 -10.90 4.07 -70.39
N GLN I 363 -11.38 5.29 -70.27
CA GLN I 363 -11.31 6.23 -71.37
C GLN I 363 -10.26 7.32 -71.17
N ARG I 364 -9.50 7.22 -70.08
CA ARG I 364 -8.53 8.27 -69.77
C ARG I 364 -7.26 8.19 -70.64
N THR I 365 -6.73 6.97 -70.81
CA THR I 365 -5.40 6.75 -71.37
C THR I 365 -5.34 7.08 -72.86
N GLY I 366 -5.20 8.38 -73.15
CA GLY I 366 -5.07 8.94 -74.51
C GLY I 366 -6.28 8.68 -75.38
N GLU I 367 -7.41 9.31 -75.06
CA GLU I 367 -8.65 9.11 -75.82
C GLU I 367 -8.48 9.72 -77.24
N ARG I 368 -8.89 8.93 -78.25
CA ARG I 368 -8.92 9.44 -79.62
C ARG I 368 -10.33 9.34 -80.21
N VAL I 369 -10.47 9.51 -81.52
CA VAL I 369 -11.78 9.57 -82.18
C VAL I 369 -11.82 8.51 -83.29
N THR I 370 -13.01 7.94 -83.49
CA THR I 370 -13.48 7.28 -84.75
C THR I 370 -12.89 5.96 -85.20
N ALA I 371 -11.75 5.58 -84.63
CA ALA I 371 -11.10 4.33 -84.99
C ALA I 371 -10.98 3.51 -83.70
N GLU I 372 -11.79 2.44 -83.63
CA GLU I 372 -11.93 1.53 -82.47
C GLU I 372 -12.70 2.23 -81.32
N GLU I 373 -12.91 3.55 -81.40
CA GLU I 373 -13.44 4.29 -80.28
C GLU I 373 -14.94 4.12 -80.11
N ILE I 374 -15.67 4.26 -81.23
CA ILE I 374 -17.11 4.18 -81.16
C ILE I 374 -17.58 2.75 -80.90
N ARG I 375 -16.82 1.81 -81.40
CA ARG I 375 -17.04 0.42 -81.10
C ARG I 375 -16.89 0.15 -79.62
N TYR I 376 -15.81 0.67 -79.03
CA TYR I 376 -15.52 0.42 -77.63
C TYR I 376 -16.57 1.09 -76.75
N VAL I 377 -16.98 2.30 -77.10
CA VAL I 377 -17.96 3.01 -76.32
C VAL I 377 -19.30 2.33 -76.35
N ALA I 378 -19.72 1.87 -77.50
CA ALA I 378 -21.01 1.23 -77.57
C ALA I 378 -20.99 -0.15 -76.93
N SER I 379 -19.87 -0.86 -77.02
CA SER I 379 -19.81 -2.18 -76.41
C SER I 379 -19.81 -2.06 -74.90
N GLU I 380 -19.16 -1.06 -74.36
CA GLU I 380 -19.23 -0.85 -72.93
C GLU I 380 -20.60 -0.33 -72.51
N LEU I 381 -21.23 0.56 -73.28
CA LEU I 381 -22.55 1.04 -72.95
C LEU I 381 -23.64 -0.04 -73.04
N GLU I 382 -23.41 -1.11 -73.78
CA GLU I 382 -24.28 -2.25 -73.64
C GLU I 382 -23.82 -3.16 -72.54
N ASP I 383 -22.53 -3.16 -72.15
CA ASP I 383 -22.07 -3.99 -71.04
C ASP I 383 -22.72 -3.53 -69.77
N THR I 384 -22.48 -2.29 -69.39
CA THR I 384 -23.22 -1.73 -68.28
C THR I 384 -24.49 -1.15 -68.84
N LEU I 385 -25.21 -0.38 -68.03
CA LEU I 385 -26.42 0.29 -68.47
C LEU I 385 -27.56 -0.59 -68.98
N GLY I 386 -27.37 -1.89 -69.08
CA GLY I 386 -28.47 -2.75 -69.50
C GLY I 386 -28.78 -2.56 -70.95
N GLY I 387 -30.06 -2.42 -71.28
CA GLY I 387 -30.38 -2.22 -72.68
C GLY I 387 -30.50 -0.77 -73.15
N VAL I 388 -29.72 0.18 -72.62
CA VAL I 388 -29.95 1.55 -72.94
C VAL I 388 -29.60 1.82 -74.39
N TYR I 389 -28.47 1.26 -74.82
CA TYR I 389 -27.97 1.60 -76.14
C TYR I 389 -28.83 0.97 -77.25
N SER I 390 -29.49 -0.13 -76.99
CA SER I 390 -30.26 -0.76 -78.03
C SER I 390 -31.68 -0.27 -77.99
N ILE I 391 -32.28 -0.19 -76.82
CA ILE I 391 -33.64 0.34 -76.69
C ILE I 391 -33.69 1.76 -77.18
N LEU I 392 -32.63 2.50 -76.85
CA LEU I 392 -32.52 3.89 -77.28
C LEU I 392 -32.35 3.99 -78.76
N SER I 393 -31.70 3.02 -79.37
CA SER I 393 -31.51 3.03 -80.82
C SER I 393 -32.80 2.72 -81.57
N GLN I 394 -33.60 1.80 -81.01
CA GLN I 394 -34.88 1.53 -81.64
C GLN I 394 -35.83 2.76 -81.44
N GLU I 395 -35.83 3.37 -80.27
CA GLU I 395 -36.82 4.39 -79.98
C GLU I 395 -36.42 5.73 -80.56
N LEU I 396 -35.12 6.03 -80.59
CA LEU I 396 -34.67 7.36 -80.96
C LEU I 396 -34.19 7.49 -82.40
N GLN I 397 -33.25 6.65 -82.79
CA GLN I 397 -32.62 6.80 -84.09
C GLN I 397 -33.46 6.35 -85.25
N LEU I 398 -34.38 5.38 -85.07
CA LEU I 398 -35.22 5.01 -86.15
C LEU I 398 -36.15 6.12 -86.54
N PRO I 399 -36.83 6.75 -85.61
CA PRO I 399 -37.66 7.86 -86.07
C PRO I 399 -36.87 9.09 -86.48
N LEU I 400 -35.70 9.33 -85.91
CA LEU I 400 -34.96 10.56 -86.30
C LEU I 400 -34.37 10.43 -87.67
N VAL I 401 -34.06 9.23 -88.11
CA VAL I 401 -33.70 9.02 -89.52
C VAL I 401 -34.91 8.98 -90.37
N ARG I 402 -36.00 8.45 -89.86
CA ARG I 402 -37.17 8.19 -90.69
C ARG I 402 -37.90 9.47 -91.04
N VAL I 403 -38.04 10.37 -90.09
CA VAL I 403 -38.68 11.65 -90.35
C VAL I 403 -37.83 12.56 -91.27
N LEU I 404 -36.52 12.53 -91.05
CA LEU I 404 -35.63 13.20 -91.96
C LEU I 404 -35.72 12.65 -93.40
N LEU I 405 -35.64 11.32 -93.50
CA LEU I 405 -35.62 10.66 -94.80
C LEU I 405 -36.90 10.88 -95.51
N LYS I 406 -37.97 11.13 -94.77
CA LYS I 406 -39.25 11.41 -95.44
C LYS I 406 -39.25 12.84 -95.95
N GLN I 407 -39.02 13.78 -95.04
CA GLN I 407 -39.21 15.18 -95.40
C GLN I 407 -38.12 15.72 -96.36
N LEU I 408 -36.85 15.38 -96.12
CA LEU I 408 -35.80 15.86 -96.98
C LEU I 408 -35.89 15.35 -98.42
N GLN I 409 -36.10 14.05 -98.60
CA GLN I 409 -36.22 13.52 -99.94
C GLN I 409 -37.59 13.89 -100.53
N ALA I 410 -38.55 14.26 -99.69
CA ALA I 410 -39.77 14.91 -100.22
C ALA I 410 -39.52 16.35 -100.67
N THR I 411 -38.41 16.96 -100.24
CA THR I 411 -38.04 18.26 -100.74
C THR I 411 -36.94 18.19 -101.84
N GLN I 412 -35.86 17.48 -101.56
CA GLN I 412 -34.66 17.50 -102.42
C GLN I 412 -34.74 16.51 -103.58
N GLN I 413 -33.58 16.20 -104.19
CA GLN I 413 -33.56 15.42 -105.44
C GLN I 413 -33.33 13.94 -105.21
N ILE I 414 -34.12 13.13 -105.92
CA ILE I 414 -33.94 11.69 -105.93
C ILE I 414 -32.93 11.36 -107.05
N PRO I 415 -31.84 10.63 -106.72
CA PRO I 415 -30.87 10.26 -107.76
C PRO I 415 -31.28 9.04 -108.63
N GLU I 416 -30.30 8.60 -109.43
CA GLU I 416 -30.40 7.50 -110.40
C GLU I 416 -31.02 6.14 -109.92
N LEU I 417 -30.77 5.75 -108.67
CA LEU I 417 -30.96 4.39 -108.09
C LEU I 417 -32.34 3.78 -108.33
N PRO I 418 -32.42 2.43 -108.40
CA PRO I 418 -33.67 1.72 -108.87
C PRO I 418 -34.88 1.85 -107.97
N LYS I 419 -35.99 1.26 -108.43
CA LYS I 419 -37.27 1.43 -107.75
C LYS I 419 -37.41 0.57 -106.48
N GLU I 420 -36.51 -0.38 -106.29
CA GLU I 420 -36.50 -1.13 -105.04
C GLU I 420 -35.66 -0.45 -103.96
N ALA I 421 -34.95 0.60 -104.33
CA ALA I 421 -34.16 1.38 -103.37
C ALA I 421 -34.65 2.84 -103.19
N VAL I 422 -35.81 3.18 -103.74
CA VAL I 422 -36.34 4.53 -103.51
C VAL I 422 -36.87 4.66 -102.08
N GLU I 423 -37.53 3.60 -101.60
CA GLU I 423 -38.10 3.51 -100.27
C GLU I 423 -37.30 2.44 -99.51
N PRO I 424 -36.21 2.83 -98.86
CA PRO I 424 -35.25 1.83 -98.35
C PRO I 424 -35.56 1.35 -96.96
N THR I 425 -34.73 0.47 -96.46
CA THR I 425 -34.83 0.06 -95.07
C THR I 425 -33.65 0.63 -94.32
N ILE I 426 -33.85 0.82 -93.01
CA ILE I 426 -32.90 1.56 -92.21
C ILE I 426 -32.35 0.70 -91.11
N SER I 427 -31.04 0.73 -90.90
CA SER I 427 -30.41 0.12 -89.71
C SER I 427 -29.75 1.20 -88.90
N THR I 428 -29.71 1.04 -87.58
CA THR I 428 -29.31 2.17 -86.74
C THR I 428 -28.23 1.91 -85.70
N GLY I 429 -28.26 0.77 -85.09
CA GLY I 429 -27.44 0.57 -83.90
C GLY I 429 -26.02 0.15 -84.23
N LEU I 430 -25.48 -0.84 -83.51
CA LEU I 430 -24.18 -1.36 -83.77
C LEU I 430 -24.08 -2.00 -85.14
N GLU I 431 -25.23 -2.40 -85.71
CA GLU I 431 -25.26 -2.93 -87.05
C GLU I 431 -24.98 -1.84 -88.09
N ALA I 432 -25.12 -0.59 -87.66
CA ALA I 432 -24.96 0.51 -88.60
C ALA I 432 -23.77 1.39 -88.32
N ILE I 433 -22.96 1.07 -87.33
CA ILE I 433 -21.79 1.88 -87.07
C ILE I 433 -20.77 1.54 -88.11
N GLY I 434 -20.15 2.56 -88.67
CA GLY I 434 -19.40 2.35 -89.91
C GLY I 434 -20.39 2.06 -91.01
N ARG I 435 -19.96 1.35 -92.03
CA ARG I 435 -20.90 0.82 -93.01
C ARG I 435 -20.67 -0.68 -93.08
N GLY I 436 -19.37 -1.03 -93.22
CA GLY I 436 -18.87 -2.40 -93.15
C GLY I 436 -19.06 -2.92 -91.74
N GLN I 437 -18.82 -4.21 -91.57
CA GLN I 437 -19.02 -4.79 -90.24
C GLN I 437 -18.02 -4.28 -89.21
N ASP I 438 -16.72 -4.54 -89.43
CA ASP I 438 -15.69 -4.25 -88.41
C ASP I 438 -14.43 -3.76 -89.05
N LEU I 439 -13.86 -2.66 -88.55
CA LEU I 439 -12.57 -2.17 -89.04
C LEU I 439 -11.42 -3.10 -88.70
N ASP I 440 -11.49 -3.69 -87.50
CA ASP I 440 -10.47 -4.61 -87.05
C ASP I 440 -10.50 -5.87 -87.94
N LYS I 441 -11.70 -6.24 -88.38
CA LYS I 441 -11.89 -7.39 -89.27
C LYS I 441 -11.16 -7.15 -90.60
N LEU I 442 -11.39 -6.00 -91.22
CA LEU I 442 -10.77 -5.70 -92.50
C LEU I 442 -9.26 -5.54 -92.35
N GLU I 443 -8.82 -4.94 -91.25
CA GLU I 443 -7.39 -4.74 -91.04
C GLU I 443 -6.64 -6.06 -90.83
N ARG I 444 -7.14 -6.89 -89.93
CA ARG I 444 -6.51 -8.19 -89.70
C ARG I 444 -6.70 -9.15 -90.86
N CYS I 445 -7.75 -8.95 -91.64
CA CYS I 445 -7.97 -9.76 -92.83
C CYS I 445 -6.99 -9.38 -93.96
N VAL I 446 -6.70 -8.09 -94.07
CA VAL I 446 -5.70 -7.65 -95.03
C VAL I 446 -4.30 -8.15 -94.61
N THR I 447 -4.01 -8.14 -93.32
CA THR I 447 -2.72 -8.70 -92.86
C THR I 447 -2.66 -10.21 -93.03
N ALA I 448 -3.80 -10.88 -92.89
CA ALA I 448 -3.86 -12.34 -93.13
C ALA I 448 -3.68 -12.66 -94.62
N TRP I 449 -4.15 -11.77 -95.48
CA TRP I 449 -3.87 -11.90 -96.92
C TRP I 449 -2.42 -11.62 -97.24
N ALA I 450 -1.82 -10.66 -96.54
CA ALA I 450 -0.41 -10.35 -96.72
C ALA I 450 0.49 -11.50 -96.25
N ALA I 451 -0.03 -12.31 -95.33
CA ALA I 451 0.63 -13.55 -94.94
C ALA I 451 0.64 -14.60 -96.06
N LEU I 452 -0.18 -14.41 -97.09
CA LEU I 452 -0.22 -15.29 -98.26
C LEU I 452 0.64 -14.75 -99.41
N ALA I 453 1.76 -14.14 -99.02
CA ALA I 453 2.84 -13.70 -99.89
C ALA I 453 3.40 -14.73 -100.88
N PRO I 454 3.96 -15.89 -100.39
CA PRO I 454 5.15 -16.48 -101.07
C PRO I 454 5.06 -16.81 -102.57
N MET I 455 3.96 -17.41 -103.00
CA MET I 455 3.81 -17.77 -104.40
C MET I 455 2.38 -17.67 -104.86
N ARG I 456 2.19 -17.08 -106.05
CA ARG I 456 0.90 -17.09 -106.76
C ARG I 456 0.52 -18.52 -107.12
N ASP I 457 1.28 -19.10 -108.04
CA ASP I 457 1.03 -20.46 -108.52
C ASP I 457 1.88 -21.42 -107.70
N ASP I 458 1.55 -21.53 -106.41
CA ASP I 458 2.22 -22.44 -105.51
C ASP I 458 1.60 -23.83 -105.71
N PRO I 459 2.40 -24.85 -106.03
CA PRO I 459 1.81 -26.17 -106.25
C PRO I 459 1.32 -26.81 -104.96
N ASP I 460 0.50 -27.85 -105.14
CA ASP I 460 -0.08 -28.69 -104.07
C ASP I 460 -0.97 -27.94 -103.08
N ILE I 461 -1.62 -26.86 -103.52
CA ILE I 461 -2.42 -26.03 -102.63
C ILE I 461 -3.40 -25.22 -103.48
N ASN I 462 -4.44 -24.68 -102.84
CA ASN I 462 -5.33 -23.74 -103.51
C ASN I 462 -5.11 -22.34 -102.95
N LEU I 463 -5.51 -21.34 -103.73
CA LEU I 463 -5.45 -19.97 -103.30
C LEU I 463 -6.82 -19.28 -103.39
N ALA I 464 -7.68 -19.75 -104.29
CA ALA I 464 -8.98 -19.10 -104.53
C ALA I 464 -9.94 -19.28 -103.37
N MET I 465 -9.90 -20.43 -102.73
CA MET I 465 -10.83 -20.72 -101.66
C MET I 465 -10.31 -20.32 -100.29
N ILE I 466 -9.01 -20.39 -100.08
CA ILE I 466 -8.49 -20.16 -98.73
C ILE I 466 -8.47 -18.69 -98.37
N LYS I 467 -8.35 -17.83 -99.36
CA LYS I 467 -8.50 -16.40 -99.14
C LYS I 467 -9.96 -16.12 -98.72
N LEU I 468 -10.91 -16.75 -99.41
CA LEU I 468 -12.32 -16.64 -99.07
C LEU I 468 -12.60 -17.19 -97.67
N ARG I 469 -11.92 -18.27 -97.30
CA ARG I 469 -12.15 -18.91 -95.99
C ARG I 469 -11.57 -18.13 -94.81
N ILE I 470 -10.36 -17.60 -94.99
CA ILE I 470 -9.77 -16.73 -93.98
C ILE I 470 -10.57 -15.42 -93.87
N ALA I 471 -11.08 -14.93 -95.00
CA ALA I 471 -11.95 -13.75 -94.95
C ALA I 471 -13.32 -14.08 -94.34
N ASN I 472 -13.84 -15.30 -94.57
CA ASN I 472 -15.18 -15.64 -94.18
C ASN I 472 -15.26 -16.14 -92.74
N ALA I 473 -14.10 -16.46 -92.15
CA ALA I 473 -14.05 -16.77 -90.71
C ALA I 473 -14.25 -15.50 -89.86
N ILE I 474 -13.65 -14.40 -90.29
CA ILE I 474 -13.86 -13.11 -89.63
C ILE I 474 -15.06 -12.45 -90.30
N GLY I 475 -15.54 -11.36 -89.74
CA GLY I 475 -16.79 -10.74 -90.19
C GLY I 475 -16.69 -9.93 -91.47
N ILE I 476 -16.45 -10.61 -92.60
CA ILE I 476 -16.39 -9.95 -93.90
C ILE I 476 -17.57 -10.46 -94.73
N ASP I 477 -18.20 -9.56 -95.48
CA ASP I 477 -19.30 -9.89 -96.39
C ASP I 477 -18.92 -10.93 -97.46
N THR I 478 -17.72 -10.81 -98.03
CA THR I 478 -17.16 -11.73 -99.03
C THR I 478 -18.02 -11.82 -100.28
N SER I 479 -18.61 -10.70 -100.64
CA SER I 479 -19.57 -10.64 -101.76
C SER I 479 -19.29 -9.44 -102.64
N GLY I 480 -18.05 -9.37 -103.10
CA GLY I 480 -17.54 -8.26 -103.90
C GLY I 480 -16.12 -8.01 -103.48
N ILE I 481 -15.80 -8.45 -102.26
CA ILE I 481 -14.45 -8.58 -101.76
C ILE I 481 -13.65 -9.57 -102.60
N LEU I 482 -14.31 -10.63 -103.07
CA LEU I 482 -13.65 -11.70 -103.82
C LEU I 482 -14.21 -11.78 -105.23
N LEU I 483 -13.34 -12.06 -106.19
CA LEU I 483 -13.79 -12.21 -107.57
C LEU I 483 -14.52 -13.55 -107.75
N THR I 484 -15.63 -13.50 -108.48
CA THR I 484 -16.23 -14.70 -109.05
C THR I 484 -15.88 -14.90 -110.54
N GLU I 485 -16.31 -13.98 -111.39
CA GLU I 485 -16.03 -14.08 -112.84
C GLU I 485 -15.87 -12.71 -113.46
N GLU J 3 -43.67 57.75 -86.69
CA GLU J 3 -42.89 58.78 -85.96
C GLU J 3 -43.17 58.67 -84.46
N LYS J 4 -44.15 57.83 -84.12
CA LYS J 4 -44.34 57.41 -82.75
C LYS J 4 -44.09 55.92 -82.61
N ARG J 5 -43.22 55.52 -81.69
CA ARG J 5 -42.97 54.13 -81.39
C ARG J 5 -44.14 53.52 -80.68
N THR J 6 -44.68 52.45 -81.26
CA THR J 6 -45.84 51.77 -80.71
C THR J 6 -45.46 50.35 -80.38
N GLY J 7 -46.43 49.54 -80.01
CA GLY J 7 -46.13 48.14 -79.77
C GLY J 7 -45.40 48.00 -78.45
N LEU J 8 -44.28 47.29 -78.48
CA LEU J 8 -43.58 46.95 -77.26
C LEU J 8 -42.76 48.08 -76.73
N ALA J 9 -42.48 49.06 -77.59
CA ALA J 9 -41.61 50.19 -77.26
C ALA J 9 -42.42 51.42 -76.94
N GLU J 10 -43.52 51.24 -76.23
CA GLU J 10 -44.52 52.30 -76.05
C GLU J 10 -44.01 53.44 -75.20
N ASP J 11 -43.13 53.15 -74.26
CA ASP J 11 -42.69 54.22 -73.39
C ASP J 11 -41.20 54.56 -73.34
N GLY J 12 -40.48 54.40 -74.44
CA GLY J 12 -39.04 54.73 -74.49
C GLY J 12 -38.18 53.66 -73.84
N ALA J 13 -36.88 53.78 -74.00
CA ALA J 13 -35.94 52.73 -73.61
C ALA J 13 -35.57 52.74 -72.14
N LYS J 14 -35.43 53.92 -71.58
CA LYS J 14 -35.15 54.05 -70.16
C LYS J 14 -36.26 53.49 -69.29
N SER J 15 -37.51 53.68 -69.72
CA SER J 15 -38.63 53.14 -69.00
C SER J 15 -38.65 51.62 -69.03
N VAL J 16 -38.39 51.04 -70.18
CA VAL J 16 -38.39 49.62 -70.29
C VAL J 16 -37.24 49.05 -69.48
N TYR J 17 -36.10 49.73 -69.50
CA TYR J 17 -34.91 49.27 -68.78
C TYR J 17 -35.15 49.28 -67.27
N GLU J 18 -35.72 50.37 -66.76
CA GLU J 18 -36.00 50.42 -65.34
C GLU J 18 -37.11 49.49 -64.94
N ARG J 19 -37.99 49.15 -65.87
CA ARG J 19 -39.05 48.20 -65.52
C ARG J 19 -38.55 46.77 -65.45
N LEU J 20 -37.61 46.41 -66.34
CA LEU J 20 -37.13 45.08 -66.38
C LEU J 20 -35.93 44.85 -65.45
N LYS J 21 -35.38 45.92 -64.86
CA LYS J 21 -34.27 45.78 -63.95
C LYS J 21 -34.65 44.95 -62.72
N ASN J 22 -35.92 45.01 -62.30
CA ASN J 22 -36.39 44.23 -61.17
C ASN J 22 -36.27 42.74 -61.42
N ASP J 23 -36.66 42.30 -62.60
CA ASP J 23 -36.51 40.91 -62.91
C ASP J 23 -35.09 40.57 -63.27
N ARG J 24 -34.25 41.55 -63.58
CA ARG J 24 -32.85 41.25 -63.78
C ARG J 24 -32.19 40.94 -62.49
N ALA J 25 -32.58 41.63 -61.43
CA ALA J 25 -31.82 41.69 -60.17
C ALA J 25 -31.33 40.37 -59.50
N PRO J 26 -32.14 39.31 -59.48
CA PRO J 26 -31.67 38.16 -58.77
C PRO J 26 -30.51 37.48 -59.45
N TYR J 27 -30.46 37.51 -60.77
CA TYR J 27 -29.35 36.96 -61.47
C TYR J 27 -28.10 37.74 -61.14
N GLU J 28 -28.25 39.03 -60.94
CA GLU J 28 -27.12 39.86 -60.56
C GLU J 28 -26.64 39.51 -59.15
N THR J 29 -27.56 39.17 -58.28
CA THR J 29 -27.19 38.78 -56.94
C THR J 29 -26.42 37.50 -56.95
N ARG J 30 -26.88 36.55 -57.77
CA ARG J 30 -26.16 35.28 -57.94
C ARG J 30 -24.79 35.55 -58.48
N ALA J 31 -24.67 36.47 -59.40
CA ALA J 31 -23.39 36.79 -59.97
C ALA J 31 -22.45 37.33 -58.90
N GLN J 32 -22.98 38.14 -58.02
CA GLN J 32 -22.14 38.70 -57.02
C GLN J 32 -21.65 37.62 -56.08
N ASN J 33 -22.50 36.70 -55.72
CA ASN J 33 -22.10 35.64 -54.81
C ASN J 33 -21.05 34.73 -55.47
N CYS J 34 -21.27 34.34 -56.72
CA CYS J 34 -20.32 33.51 -57.38
C CYS J 34 -18.97 34.20 -57.54
N ALA J 35 -19.02 35.48 -57.72
CA ALA J 35 -17.81 36.25 -57.83
C ALA J 35 -17.11 36.31 -56.47
N GLN J 36 -17.85 36.39 -55.38
CA GLN J 36 -17.26 36.51 -54.06
C GLN J 36 -16.58 35.26 -53.69
N TYR J 37 -17.01 34.15 -54.24
CA TYR J 37 -16.33 32.88 -53.90
C TYR J 37 -15.30 32.52 -54.90
N THR J 38 -15.24 33.12 -56.10
CA THR J 38 -14.24 32.66 -57.10
C THR J 38 -13.16 33.59 -57.38
N ILE J 39 -13.47 34.72 -57.91
CA ILE J 39 -12.47 35.80 -58.15
C ILE J 39 -13.27 37.09 -58.01
N PRO J 40 -12.95 37.89 -57.03
CA PRO J 40 -13.91 38.91 -56.60
C PRO J 40 -14.02 40.03 -57.52
N SER J 41 -12.97 40.36 -58.26
CA SER J 41 -13.07 41.46 -59.14
C SER J 41 -13.93 41.29 -60.34
N LEU J 42 -14.20 40.05 -60.71
CA LEU J 42 -14.76 39.69 -62.04
C LEU J 42 -16.15 40.06 -62.19
N PHE J 43 -16.82 40.43 -61.10
CA PHE J 43 -18.18 41.05 -61.20
C PHE J 43 -18.35 41.85 -59.94
N PRO J 44 -18.20 43.17 -60.01
CA PRO J 44 -18.41 44.01 -58.87
C PRO J 44 -19.86 44.14 -58.51
N LYS J 45 -20.11 44.72 -57.34
CA LYS J 45 -21.49 45.15 -57.01
C LYS J 45 -21.75 46.51 -57.57
N ASP J 46 -22.99 46.92 -57.60
CA ASP J 46 -23.27 48.15 -58.34
C ASP J 46 -22.80 49.40 -57.58
N SER J 47 -22.82 49.31 -56.26
CA SER J 47 -22.30 50.37 -55.44
C SER J 47 -20.79 50.22 -55.28
N ASP J 48 -20.34 48.99 -55.05
CA ASP J 48 -18.96 48.75 -54.69
C ASP J 48 -18.04 48.85 -55.88
N ASN J 49 -17.92 50.08 -56.37
CA ASN J 49 -16.91 50.39 -57.34
C ASN J 49 -15.97 51.46 -56.79
N ALA J 50 -14.78 51.55 -57.39
CA ALA J 50 -14.00 52.74 -57.31
C ALA J 50 -13.47 52.74 -55.88
N SER J 51 -12.38 52.01 -55.78
CA SER J 51 -11.57 52.01 -54.56
C SER J 51 -12.21 51.24 -53.42
N THR J 52 -12.47 49.96 -53.68
CA THR J 52 -13.22 49.14 -52.80
C THR J 52 -12.48 47.95 -52.33
N ASP J 53 -11.32 47.65 -52.91
CA ASP J 53 -10.39 46.67 -52.28
C ASP J 53 -10.99 45.32 -52.13
N TYR J 54 -11.16 44.63 -53.23
CA TYR J 54 -11.69 43.27 -53.23
C TYR J 54 -10.79 42.33 -52.49
N GLN J 55 -11.36 41.41 -51.74
CA GLN J 55 -10.59 40.53 -50.88
C GLN J 55 -10.50 39.19 -51.45
N THR J 56 -9.40 38.50 -51.29
CA THR J 56 -9.32 37.12 -51.92
C THR J 56 -10.00 36.16 -51.18
N PRO J 57 -10.50 35.16 -51.83
CA PRO J 57 -11.31 34.24 -51.10
C PRO J 57 -10.41 33.35 -50.37
N TRP J 58 -10.92 32.69 -49.31
CA TRP J 58 -10.08 31.90 -48.50
C TRP J 58 -9.65 30.65 -49.20
N GLN J 59 -10.53 30.15 -50.07
CA GLN J 59 -10.23 29.01 -50.91
C GLN J 59 -9.64 29.39 -52.21
N ALA J 60 -8.81 28.48 -52.76
CA ALA J 60 -8.18 28.79 -53.99
C ALA J 60 -8.66 28.02 -55.21
N VAL J 61 -9.56 27.08 -54.99
CA VAL J 61 -10.03 26.24 -56.03
C VAL J 61 -10.98 26.95 -56.89
N GLY J 62 -11.68 27.90 -56.37
CA GLY J 62 -12.58 28.69 -57.20
C GLY J 62 -11.83 29.56 -58.17
N ALA J 63 -10.81 30.19 -57.67
CA ALA J 63 -10.05 31.11 -58.51
C ALA J 63 -9.33 30.39 -59.65
N ARG J 64 -8.75 29.24 -59.34
CA ARG J 64 -8.09 28.45 -60.33
C ARG J 64 -9.10 27.93 -61.29
N GLY J 65 -10.23 27.52 -60.76
CA GLY J 65 -11.23 26.79 -61.54
C GLY J 65 -11.90 27.63 -62.57
N LEU J 66 -12.20 28.89 -62.24
CA LEU J 66 -12.91 29.76 -63.20
C LEU J 66 -12.01 30.04 -64.37
N ASN J 67 -10.74 30.35 -64.11
CA ASN J 67 -9.84 30.65 -65.19
C ASN J 67 -9.53 29.42 -66.02
N ASN J 68 -9.41 28.27 -65.39
CA ASN J 68 -9.12 27.05 -66.15
C ASN J 68 -10.25 26.70 -67.04
N LEU J 69 -11.48 26.90 -66.55
CA LEU J 69 -12.66 26.51 -67.34
C LEU J 69 -12.85 27.47 -68.49
N ALA J 70 -12.61 28.75 -68.27
CA ALA J 70 -12.71 29.71 -69.35
C ALA J 70 -11.62 29.46 -70.41
N SER J 71 -10.43 29.09 -69.97
CA SER J 71 -9.36 28.84 -70.91
C SER J 71 -9.62 27.59 -71.75
N LYS J 72 -10.15 26.54 -71.14
CA LYS J 72 -10.40 25.33 -71.91
C LYS J 72 -11.53 25.53 -72.85
N LEU J 73 -12.55 26.32 -72.44
CA LEU J 73 -13.65 26.67 -73.37
C LEU J 73 -13.14 27.48 -74.54
N MET J 74 -12.17 28.33 -74.32
CA MET J 74 -11.68 29.08 -75.43
C MET J 74 -10.80 28.25 -76.34
N LEU J 75 -10.04 27.32 -75.76
CA LEU J 75 -9.20 26.37 -76.55
C LEU J 75 -10.05 25.45 -77.40
N ALA J 76 -11.29 25.21 -77.00
CA ALA J 76 -12.11 24.35 -77.82
C ALA J 76 -13.15 25.06 -78.62
N LEU J 77 -13.33 26.34 -78.41
CA LEU J 77 -14.37 27.05 -79.13
C LEU J 77 -13.86 28.10 -80.11
N PHE J 78 -12.67 28.66 -79.90
CA PHE J 78 -12.11 29.59 -80.86
C PHE J 78 -10.65 29.35 -81.03
N PRO J 79 -10.26 28.28 -81.69
CA PRO J 79 -8.83 28.01 -81.83
C PRO J 79 -8.13 28.81 -82.94
N MET J 80 -6.88 28.42 -83.21
CA MET J 80 -6.08 28.99 -84.28
C MET J 80 -6.62 28.58 -85.64
N GLN J 81 -7.23 27.40 -85.69
CA GLN J 81 -7.70 26.78 -86.95
C GLN J 81 -8.95 27.42 -87.45
N THR J 82 -9.45 26.87 -88.56
CA THR J 82 -10.76 27.20 -89.03
C THR J 82 -11.74 26.51 -88.15
N TRP J 83 -12.68 27.25 -87.57
CA TRP J 83 -13.63 26.66 -86.65
C TRP J 83 -15.06 26.73 -87.08
N MET J 84 -15.35 27.41 -88.20
CA MET J 84 -16.69 27.33 -88.76
C MET J 84 -16.64 26.49 -90.02
N ARG J 85 -17.81 26.11 -90.50
CA ARG J 85 -17.90 25.36 -91.74
C ARG J 85 -19.04 25.91 -92.57
N LEU J 86 -18.77 26.19 -93.83
CA LEU J 86 -19.77 26.74 -94.76
C LEU J 86 -20.09 25.72 -95.84
N THR J 87 -21.33 25.25 -95.88
CA THR J 87 -21.70 24.13 -96.78
C THR J 87 -23.00 24.45 -97.50
N ILE J 88 -23.45 23.50 -98.33
CA ILE J 88 -24.55 23.70 -99.27
C ILE J 88 -25.62 22.63 -99.07
N SER J 89 -26.91 22.98 -99.09
CA SER J 89 -27.94 21.96 -98.87
C SER J 89 -29.17 22.19 -99.75
N GLU J 90 -29.90 21.11 -100.06
CA GLU J 90 -31.22 21.11 -100.79
C GLU J 90 -31.31 21.59 -102.23
N TYR J 91 -30.18 22.01 -102.75
CA TYR J 91 -30.02 22.28 -104.17
C TYR J 91 -28.70 21.67 -104.69
N GLU J 92 -27.88 21.14 -103.78
CA GLU J 92 -26.65 20.43 -104.14
C GLU J 92 -26.98 19.05 -104.70
N ALA J 93 -28.20 18.56 -104.46
CA ALA J 93 -28.68 17.32 -105.08
C ALA J 93 -28.81 17.43 -106.60
N LYS J 94 -28.99 18.66 -107.08
CA LYS J 94 -28.85 18.95 -108.50
C LYS J 94 -27.36 18.85 -108.90
N GLN J 95 -26.48 19.24 -108.00
CA GLN J 95 -25.11 19.59 -108.35
C GLN J 95 -24.14 18.49 -107.97
N LEU J 96 -24.36 17.84 -106.84
CA LEU J 96 -23.40 16.87 -106.31
C LEU J 96 -23.56 15.50 -106.94
N LEU J 97 -24.61 15.33 -107.74
CA LEU J 97 -24.86 14.06 -108.41
C LEU J 97 -23.77 13.79 -109.45
N SER J 98 -23.53 14.76 -110.31
CA SER J 98 -22.45 14.72 -111.28
C SER J 98 -21.32 15.63 -110.78
N ASP J 99 -20.27 15.72 -111.59
CA ASP J 99 -19.11 16.60 -111.40
C ASP J 99 -18.48 16.48 -110.01
N PRO J 100 -17.72 15.39 -109.71
CA PRO J 100 -16.89 15.44 -108.50
C PRO J 100 -15.74 16.45 -108.65
N ASP J 101 -15.41 16.81 -109.90
CA ASP J 101 -14.54 17.94 -110.18
C ASP J 101 -15.28 19.29 -110.16
N GLY J 102 -16.59 19.26 -109.96
CA GLY J 102 -17.39 20.49 -110.04
C GLY J 102 -17.54 21.23 -108.74
N LEU J 103 -17.63 20.50 -107.64
CA LEU J 103 -17.76 21.10 -106.36
C LEU J 103 -16.42 21.57 -105.80
N ALA J 104 -15.34 21.34 -106.53
CA ALA J 104 -14.01 21.80 -106.11
C ALA J 104 -13.89 23.33 -106.17
N LYS J 105 -14.54 23.95 -107.16
CA LYS J 105 -14.60 25.39 -107.25
C LYS J 105 -15.40 26.00 -106.09
N VAL J 106 -16.46 25.28 -105.71
CA VAL J 106 -17.29 25.69 -104.59
C VAL J 106 -16.51 25.59 -103.27
N ASP J 107 -15.69 24.54 -103.16
CA ASP J 107 -14.83 24.36 -102.00
C ASP J 107 -13.83 25.48 -101.91
N GLU J 108 -13.24 25.86 -103.05
CA GLU J 108 -12.25 26.92 -103.05
C GLU J 108 -12.88 28.26 -102.67
N GLY J 109 -14.09 28.53 -103.20
CA GLY J 109 -14.80 29.79 -102.91
C GLY J 109 -15.17 29.88 -101.40
N LEU J 110 -15.69 28.79 -100.86
CA LEU J 110 -16.08 28.81 -99.47
C LEU J 110 -14.89 28.81 -98.52
N SER J 111 -13.79 28.18 -98.90
CA SER J 111 -12.58 28.28 -98.09
C SER J 111 -12.01 29.71 -98.13
N MET J 112 -12.17 30.39 -99.25
CA MET J 112 -11.82 31.79 -99.34
C MET J 112 -12.67 32.61 -98.35
N VAL J 113 -13.98 32.34 -98.29
CA VAL J 113 -14.85 33.09 -97.40
C VAL J 113 -14.56 32.80 -95.93
N GLU J 114 -14.24 31.55 -95.64
CA GLU J 114 -13.85 31.17 -94.27
C GLU J 114 -12.54 31.81 -93.84
N ARG J 115 -11.60 31.89 -94.77
CA ARG J 115 -10.36 32.53 -94.46
C ARG J 115 -10.56 34.01 -94.23
N ILE J 116 -11.48 34.65 -94.95
CA ILE J 116 -11.65 36.08 -94.79
C ILE J 116 -12.39 36.43 -93.50
N ILE J 117 -13.29 35.55 -93.12
CA ILE J 117 -13.91 35.73 -91.80
C ILE J 117 -12.85 35.55 -90.69
N MET J 118 -12.02 34.49 -90.77
CA MET J 118 -10.97 34.24 -89.80
C MET J 118 -9.96 35.38 -89.73
N ASN J 119 -9.70 36.01 -90.87
CA ASN J 119 -8.76 37.11 -90.85
C ASN J 119 -9.34 38.29 -90.14
N TYR J 120 -10.64 38.50 -90.35
CA TYR J 120 -11.31 39.60 -89.63
C TYR J 120 -11.40 39.30 -88.15
N ILE J 121 -11.43 38.02 -87.76
CA ILE J 121 -11.35 37.65 -86.37
C ILE J 121 -9.98 38.04 -85.78
N GLU J 122 -8.89 37.64 -86.46
CA GLU J 122 -7.58 37.84 -85.88
C GLU J 122 -7.22 39.31 -85.81
N SER J 123 -7.72 40.10 -86.74
CA SER J 123 -7.27 41.48 -86.84
C SER J 123 -7.89 42.36 -85.81
N ASN J 124 -9.15 42.20 -85.61
CA ASN J 124 -9.86 43.13 -84.80
C ASN J 124 -9.90 42.78 -83.34
N SER J 125 -9.11 41.80 -82.92
CA SER J 125 -9.04 41.40 -81.52
C SER J 125 -10.40 40.96 -81.02
N TYR J 126 -10.99 39.94 -81.62
CA TYR J 126 -12.10 39.30 -81.00
C TYR J 126 -11.64 38.28 -79.97
N ARG J 127 -10.34 37.88 -79.97
CA ARG J 127 -9.93 36.86 -79.02
C ARG J 127 -9.95 37.35 -77.60
N VAL J 128 -9.54 38.61 -77.45
CA VAL J 128 -9.47 39.22 -76.13
C VAL J 128 -10.91 39.41 -75.56
N THR J 129 -11.82 39.92 -76.35
CA THR J 129 -13.14 40.13 -75.86
C THR J 129 -13.93 38.83 -75.69
N LEU J 130 -13.58 37.83 -76.47
CA LEU J 130 -14.24 36.58 -76.26
C LEU J 130 -13.75 35.92 -75.01
N PHE J 131 -12.48 36.10 -74.65
CA PHE J 131 -12.01 35.49 -73.40
C PHE J 131 -12.67 36.14 -72.22
N GLU J 132 -12.81 37.46 -72.29
CA GLU J 132 -13.53 38.19 -71.26
C GLU J 132 -15.01 37.73 -71.19
N ALA J 133 -15.62 37.51 -72.33
CA ALA J 133 -16.99 37.11 -72.33
C ALA J 133 -17.13 35.74 -71.79
N LEU J 134 -16.17 34.87 -72.01
CA LEU J 134 -16.27 33.52 -71.45
C LEU J 134 -16.10 33.55 -69.92
N LYS J 135 -15.21 34.41 -69.38
CA LYS J 135 -15.11 34.51 -67.95
C LYS J 135 -16.42 35.03 -67.37
N GLN J 136 -17.08 35.98 -68.05
CA GLN J 136 -18.36 36.47 -67.60
C GLN J 136 -19.41 35.38 -67.67
N LEU J 137 -19.36 34.57 -68.70
CA LEU J 137 -20.38 33.56 -68.91
C LEU J 137 -20.20 32.38 -67.98
N VAL J 138 -19.03 32.23 -67.38
CA VAL J 138 -18.86 31.17 -66.40
C VAL J 138 -19.18 31.69 -65.03
N VAL J 139 -18.74 32.88 -64.66
CA VAL J 139 -19.05 33.33 -63.34
C VAL J 139 -20.46 33.83 -63.22
N ALA J 140 -20.99 34.50 -64.22
CA ALA J 140 -22.34 34.98 -64.16
C ALA J 140 -23.08 34.29 -65.27
N GLY J 141 -24.34 34.60 -65.41
CA GLY J 141 -25.17 33.78 -66.25
C GLY J 141 -25.40 34.35 -67.60
N ASN J 142 -25.07 35.60 -67.82
CA ASN J 142 -25.51 36.22 -69.02
C ASN J 142 -24.52 37.25 -69.54
N VAL J 143 -24.18 37.19 -70.81
CA VAL J 143 -23.31 38.18 -71.43
C VAL J 143 -24.02 38.68 -72.66
N LEU J 144 -23.67 39.88 -73.10
CA LEU J 144 -24.30 40.43 -74.33
C LEU J 144 -23.21 40.98 -75.21
N LEU J 145 -22.94 40.32 -76.34
CA LEU J 145 -21.95 40.84 -77.25
C LEU J 145 -22.66 41.71 -78.28
N TYR J 146 -21.91 42.70 -78.77
CA TYR J 146 -22.41 43.50 -79.90
C TYR J 146 -21.24 43.93 -80.72
N LEU J 147 -21.29 43.45 -81.97
CA LEU J 147 -20.35 43.83 -82.99
C LEU J 147 -21.01 44.83 -83.93
N PRO J 148 -20.40 46.02 -84.12
CA PRO J 148 -21.00 47.07 -84.88
C PRO J 148 -20.84 46.87 -86.37
N GLU J 149 -21.32 47.83 -87.16
CA GLU J 149 -20.96 47.85 -88.58
C GLU J 149 -19.50 48.18 -88.72
N PRO J 150 -18.79 47.54 -89.66
CA PRO J 150 -17.34 47.77 -89.74
C PRO J 150 -16.96 49.15 -90.24
N GLU J 151 -17.65 49.65 -91.27
CA GLU J 151 -17.45 51.04 -91.76
C GLU J 151 -16.01 51.32 -92.16
N GLY J 152 -15.34 50.28 -92.69
CA GLY J 152 -13.98 50.38 -93.14
C GLY J 152 -13.16 49.28 -92.57
N SER J 153 -11.92 49.17 -93.05
CA SER J 153 -11.00 48.14 -92.60
C SER J 153 -10.08 48.63 -91.46
N ASN J 154 -10.47 49.73 -90.84
CA ASN J 154 -9.80 50.22 -89.64
C ASN J 154 -10.17 49.37 -88.41
N TYR J 155 -9.68 49.76 -87.24
CA TYR J 155 -9.84 48.90 -86.06
C TYR J 155 -11.27 48.96 -85.52
N ASN J 156 -11.93 47.80 -85.45
CA ASN J 156 -13.27 47.71 -84.89
C ASN J 156 -13.40 46.53 -83.98
N PRO J 157 -13.21 46.72 -82.68
CA PRO J 157 -13.35 45.63 -81.74
C PRO J 157 -14.80 45.40 -81.41
N MET J 158 -15.08 44.47 -80.49
CA MET J 158 -16.46 44.12 -80.19
C MET J 158 -16.89 44.55 -78.81
N LYS J 159 -17.95 45.33 -78.69
CA LYS J 159 -18.34 45.88 -77.39
C LYS J 159 -19.04 44.83 -76.60
N LEU J 160 -18.49 44.56 -75.40
CA LEU J 160 -19.08 43.57 -74.50
C LEU J 160 -20.06 44.27 -73.59
N TYR J 161 -20.97 43.51 -73.05
CA TYR J 161 -21.86 44.04 -72.04
C TYR J 161 -22.00 42.99 -70.96
N ARG J 162 -21.47 43.31 -69.78
CA ARG J 162 -21.71 42.45 -68.63
C ARG J 162 -23.11 42.72 -68.09
N LEU J 163 -23.55 41.88 -67.14
CA LEU J 163 -24.95 41.71 -66.84
C LEU J 163 -25.55 42.92 -66.26
N SER J 164 -24.75 43.77 -65.66
CA SER J 164 -25.30 44.98 -64.99
C SER J 164 -25.82 46.03 -65.96
N SER J 165 -25.42 45.99 -67.20
CA SER J 165 -25.66 47.10 -68.05
C SER J 165 -26.60 46.82 -69.19
N TYR J 166 -27.28 45.69 -69.18
CA TYR J 166 -28.29 45.42 -70.21
C TYR J 166 -29.43 44.64 -69.63
N VAL J 167 -30.43 44.38 -70.45
CA VAL J 167 -31.53 43.65 -69.97
C VAL J 167 -32.18 42.90 -71.14
N VAL J 168 -32.79 41.73 -70.90
CA VAL J 168 -33.40 40.93 -71.95
C VAL J 168 -34.69 40.33 -71.48
N GLN J 169 -35.78 40.53 -72.22
CA GLN J 169 -37.05 39.88 -71.93
C GLN J 169 -37.29 38.80 -72.98
N ARG J 170 -37.74 37.63 -72.51
CA ARG J 170 -38.02 36.51 -73.39
C ARG J 170 -39.45 36.03 -73.14
N ASP J 171 -39.88 35.10 -73.97
CA ASP J 171 -41.12 34.35 -73.76
C ASP J 171 -40.76 32.99 -73.19
N ALA J 172 -41.71 32.07 -73.14
CA ALA J 172 -41.37 30.77 -72.60
C ALA J 172 -40.66 29.88 -73.61
N PHE J 173 -40.59 30.27 -74.87
CA PHE J 173 -39.66 29.62 -75.77
C PHE J 173 -38.20 29.98 -75.47
N GLY J 174 -37.87 31.25 -75.66
CA GLY J 174 -36.51 31.67 -75.70
C GLY J 174 -36.35 32.62 -76.86
N ASN J 175 -37.48 32.97 -77.47
CA ASN J 175 -37.49 34.04 -78.42
C ASN J 175 -37.19 35.32 -77.69
N VAL J 176 -36.16 36.03 -78.15
CA VAL J 176 -35.85 37.30 -77.54
C VAL J 176 -36.85 38.35 -78.01
N LEU J 177 -37.68 38.84 -77.09
CA LEU J 177 -38.62 39.86 -77.49
C LEU J 177 -37.96 41.24 -77.55
N GLN J 178 -37.25 41.60 -76.49
CA GLN J 178 -36.64 42.90 -76.42
C GLN J 178 -35.37 42.96 -75.60
N MET J 179 -34.45 43.84 -75.98
CA MET J 179 -33.29 44.08 -75.22
C MET J 179 -33.11 45.63 -75.05
N VAL J 180 -32.51 46.05 -73.95
CA VAL J 180 -32.07 47.38 -73.81
C VAL J 180 -30.68 47.39 -73.21
N THR J 181 -29.73 48.13 -73.79
CA THR J 181 -28.41 48.31 -73.23
C THR J 181 -28.19 49.69 -72.70
N ARG J 182 -27.27 49.87 -71.76
CA ARG J 182 -27.19 51.06 -70.93
C ARG J 182 -25.75 51.50 -70.88
N ASP J 183 -25.17 51.73 -72.06
CA ASP J 183 -23.82 52.30 -72.09
C ASP J 183 -23.81 53.69 -71.47
N GLN J 184 -22.73 53.95 -70.72
CA GLN J 184 -22.50 55.23 -70.12
C GLN J 184 -21.22 55.85 -70.75
N ILE J 185 -21.39 56.77 -71.68
CA ILE J 185 -20.26 57.33 -72.41
C ILE J 185 -20.08 58.77 -72.03
N ALA J 186 -18.87 59.27 -72.06
CA ALA J 186 -18.65 60.72 -71.87
C ALA J 186 -19.16 61.51 -73.06
N PHE J 187 -19.53 62.76 -72.84
CA PHE J 187 -19.97 63.68 -73.89
C PHE J 187 -18.88 63.97 -74.89
N GLY J 188 -17.64 63.88 -74.48
CA GLY J 188 -16.53 64.17 -75.37
C GLY J 188 -16.27 63.09 -76.38
N ALA J 189 -16.44 61.84 -75.97
CA ALA J 189 -16.10 60.72 -76.82
C ALA J 189 -17.32 60.08 -77.47
N LEU J 190 -18.41 60.84 -77.59
CA LEU J 190 -19.60 60.34 -78.26
C LEU J 190 -19.38 60.19 -79.76
N PRO J 191 -20.15 59.33 -80.43
CA PRO J 191 -20.29 59.47 -81.88
C PRO J 191 -20.93 60.81 -82.26
N GLU J 192 -20.63 61.28 -83.46
CA GLU J 192 -20.89 62.66 -83.85
C GLU J 192 -22.37 62.97 -83.97
N ASP J 193 -23.12 62.00 -84.44
CA ASP J 193 -24.57 62.20 -84.59
C ASP J 193 -25.27 62.32 -83.22
N ILE J 194 -24.75 61.63 -82.22
CA ILE J 194 -25.39 61.65 -80.93
C ILE J 194 -25.11 62.95 -80.20
N ARG J 195 -23.96 63.57 -80.47
CA ARG J 195 -23.61 64.84 -79.83
C ARG J 195 -24.58 65.93 -80.22
N LYS J 196 -24.94 65.98 -81.49
CA LYS J 196 -25.88 66.99 -81.94
C LYS J 196 -27.30 66.71 -81.41
N ALA J 197 -27.65 65.44 -81.28
CA ALA J 197 -28.95 65.07 -80.73
C ALA J 197 -29.07 65.46 -79.25
N VAL J 198 -27.98 65.29 -78.50
CA VAL J 198 -27.98 65.69 -77.12
C VAL J 198 -27.95 67.22 -77.01
N GLU J 199 -27.15 67.86 -77.84
CA GLU J 199 -27.00 69.31 -77.80
C GLU J 199 -28.31 70.01 -78.16
N GLY J 200 -29.11 69.37 -79.02
CA GLY J 200 -30.43 69.91 -79.36
C GLY J 200 -31.41 69.90 -78.22
N GLN J 201 -31.20 69.04 -77.23
CA GLN J 201 -32.06 68.98 -76.04
C GLN J 201 -31.89 70.26 -75.22
N GLY J 202 -30.69 70.82 -75.20
CA GLY J 202 -30.49 72.10 -74.56
C GLY J 202 -29.57 72.03 -73.38
N GLY J 203 -29.07 73.21 -73.00
CA GLY J 203 -28.05 73.37 -71.99
C GLY J 203 -26.68 72.97 -72.54
N GLU J 204 -25.66 73.78 -72.26
CA GLU J 204 -24.30 73.38 -72.57
C GLU J 204 -23.87 72.23 -71.65
N LYS J 205 -22.89 71.48 -72.10
CA LYS J 205 -22.43 70.33 -71.33
C LYS J 205 -20.94 70.43 -71.14
N LYS J 206 -20.45 69.88 -70.04
CA LYS J 206 -19.00 69.77 -69.86
C LYS J 206 -18.46 68.65 -70.70
N ALA J 207 -17.14 68.54 -70.80
CA ALA J 207 -16.60 67.44 -71.59
C ALA J 207 -16.76 66.08 -70.85
N ASP J 208 -16.42 65.98 -69.56
CA ASP J 208 -16.44 64.70 -68.90
C ASP J 208 -17.71 64.42 -68.21
N GLU J 209 -18.76 65.18 -68.49
CA GLU J 209 -20.07 64.91 -67.89
C GLU J 209 -20.69 63.65 -68.52
N THR J 210 -21.03 62.70 -67.69
CA THR J 210 -21.45 61.41 -68.21
C THR J 210 -22.81 61.50 -68.78
N ILE J 211 -23.01 60.81 -69.91
CA ILE J 211 -24.30 60.76 -70.58
C ILE J 211 -24.65 59.30 -70.80
N ASP J 212 -25.79 58.90 -70.28
CA ASP J 212 -26.29 57.56 -70.42
C ASP J 212 -27.13 57.41 -71.66
N VAL J 213 -26.67 56.63 -72.62
CA VAL J 213 -27.50 56.28 -73.73
C VAL J 213 -28.26 55.01 -73.40
N TYR J 214 -29.28 54.73 -74.17
CA TYR J 214 -29.98 53.46 -74.05
C TYR J 214 -30.25 52.96 -75.45
N THR J 215 -29.94 51.70 -75.71
CA THR J 215 -30.22 51.12 -76.99
C THR J 215 -31.32 50.12 -76.84
N HIS J 216 -32.38 50.26 -77.61
CA HIS J 216 -33.55 49.40 -77.49
C HIS J 216 -33.75 48.63 -78.78
N ILE J 217 -33.95 47.31 -78.64
CA ILE J 217 -34.19 46.40 -79.76
C ILE J 217 -35.46 45.67 -79.41
N TYR J 218 -36.45 45.66 -80.33
CA TYR J 218 -37.75 45.06 -80.02
C TYR J 218 -38.37 44.37 -81.18
N LEU J 219 -39.16 43.32 -80.90
CA LEU J 219 -39.99 42.66 -81.93
C LEU J 219 -41.11 43.57 -82.37
N ASP J 220 -41.38 43.53 -83.67
CA ASP J 220 -42.44 44.36 -84.21
C ASP J 220 -43.78 43.70 -83.99
N GLU J 221 -44.81 44.51 -83.84
CA GLU J 221 -46.17 44.05 -83.80
C GLU J 221 -46.65 43.65 -85.21
N ASP J 222 -45.99 44.17 -86.24
CA ASP J 222 -46.40 43.92 -87.61
C ASP J 222 -45.64 42.73 -88.20
N SER J 223 -44.33 42.84 -88.28
CA SER J 223 -43.54 41.85 -88.97
C SER J 223 -42.61 41.11 -88.03
N GLY J 224 -41.95 40.09 -88.57
CA GLY J 224 -41.06 39.27 -87.77
C GLY J 224 -39.61 39.70 -87.84
N GLU J 225 -39.35 41.00 -87.77
CA GLU J 225 -37.98 41.51 -87.79
C GLU J 225 -37.80 42.51 -86.63
N TYR J 226 -36.58 42.67 -86.16
CA TYR J 226 -36.34 43.54 -85.03
C TYR J 226 -36.28 45.01 -85.47
N LEU J 227 -36.62 45.90 -84.54
CA LEU J 227 -36.41 47.33 -84.72
C LEU J 227 -35.54 47.88 -83.60
N ARG J 228 -34.54 48.69 -83.93
CA ARG J 228 -33.65 49.31 -82.92
C ARG J 228 -33.67 50.81 -82.98
N TYR J 229 -33.56 51.44 -81.81
CA TYR J 229 -33.34 52.86 -81.71
C TYR J 229 -32.54 53.18 -80.52
N GLU J 230 -32.00 54.40 -80.51
CA GLU J 230 -31.22 54.90 -79.37
C GLU J 230 -32.01 55.97 -78.65
N GLU J 231 -31.68 56.19 -77.40
CA GLU J 231 -32.36 57.19 -76.62
C GLU J 231 -31.40 57.83 -75.66
N VAL J 232 -31.40 59.16 -75.62
CA VAL J 232 -30.64 59.90 -74.63
C VAL J 232 -31.57 60.91 -73.98
N GLU J 233 -31.69 60.81 -72.65
CA GLU J 233 -32.35 61.83 -71.86
C GLU J 233 -33.87 61.88 -72.12
N GLY J 234 -34.42 60.86 -72.80
CA GLY J 234 -35.85 60.79 -72.97
C GLY J 234 -36.35 61.20 -74.34
N MET J 235 -35.57 60.85 -75.36
CA MET J 235 -35.90 61.22 -76.73
C MET J 235 -35.15 60.33 -77.67
N GLU J 236 -35.84 59.85 -78.71
CA GLU J 236 -35.21 58.97 -79.69
C GLU J 236 -34.19 59.76 -80.54
N VAL J 237 -33.00 59.20 -80.66
CA VAL J 237 -31.88 59.88 -81.31
C VAL J 237 -32.06 59.93 -82.80
N GLN J 238 -32.11 61.15 -83.34
CA GLN J 238 -32.30 61.36 -84.79
C GLN J 238 -31.17 60.80 -85.58
N GLY J 239 -31.53 60.14 -86.68
CA GLY J 239 -30.58 59.44 -87.55
C GLY J 239 -29.90 58.24 -86.92
N SER J 240 -30.60 57.57 -86.01
CA SER J 240 -30.08 56.34 -85.42
C SER J 240 -31.04 55.18 -85.49
N ASP J 241 -32.00 55.29 -86.40
CA ASP J 241 -33.01 54.27 -86.62
C ASP J 241 -32.37 53.01 -87.14
N GLY J 242 -33.04 51.90 -86.90
CA GLY J 242 -32.51 50.63 -87.41
C GLY J 242 -33.55 49.56 -87.57
N THR J 243 -33.41 48.81 -88.66
CA THR J 243 -34.23 47.65 -88.92
C THR J 243 -33.30 46.50 -89.10
N TYR J 244 -33.55 45.41 -88.38
CA TYR J 244 -32.68 44.29 -88.46
C TYR J 244 -33.45 43.04 -88.86
N PRO J 245 -32.87 42.19 -89.72
CA PRO J 245 -33.51 40.92 -90.05
C PRO J 245 -33.47 39.92 -88.90
N LYS J 246 -34.25 38.88 -89.02
CA LYS J 246 -34.54 37.98 -87.90
C LYS J 246 -33.32 37.18 -87.46
N GLU J 247 -32.46 36.86 -88.40
CA GLU J 247 -31.36 35.95 -88.14
C GLU J 247 -30.03 36.63 -87.97
N ALA J 248 -29.90 37.87 -88.44
CA ALA J 248 -28.61 38.54 -88.47
C ALA J 248 -28.59 39.69 -87.45
N CYS J 249 -29.07 39.39 -86.27
CA CYS J 249 -29.19 40.40 -85.24
C CYS J 249 -27.81 40.63 -84.65
N PRO J 250 -27.33 41.87 -84.67
CA PRO J 250 -25.96 42.10 -84.23
C PRO J 250 -25.83 42.08 -82.73
N TYR J 251 -26.94 42.22 -81.99
CA TYR J 251 -26.88 42.10 -80.54
C TYR J 251 -27.11 40.61 -80.20
N ILE J 252 -26.08 39.95 -79.67
CA ILE J 252 -26.14 38.56 -79.41
C ILE J 252 -26.17 38.35 -77.89
N PRO J 253 -27.32 37.92 -77.34
CA PRO J 253 -27.36 37.59 -75.92
C PRO J 253 -27.00 36.13 -75.65
N ILE J 254 -26.02 35.89 -74.79
CA ILE J 254 -25.51 34.54 -74.58
C ILE J 254 -25.81 34.09 -73.18
N ARG J 255 -26.40 32.91 -73.06
CA ARG J 255 -26.64 32.23 -71.78
C ARG J 255 -25.74 31.01 -71.69
N MET J 256 -25.24 30.71 -70.49
CA MET J 256 -24.46 29.50 -70.32
C MET J 256 -25.38 28.28 -70.17
N VAL J 257 -26.23 28.25 -69.14
CA VAL J 257 -27.08 27.11 -68.91
C VAL J 257 -28.51 27.54 -68.96
N ARG J 258 -29.25 27.06 -69.94
CA ARG J 258 -30.60 27.55 -70.15
C ARG J 258 -31.59 26.84 -69.28
N LEU J 259 -32.70 27.52 -69.00
CA LEU J 259 -33.83 26.94 -68.27
C LEU J 259 -35.11 27.35 -68.97
N ASP J 260 -36.09 26.49 -68.82
CA ASP J 260 -37.33 26.68 -69.51
C ASP J 260 -38.12 27.82 -68.88
N GLY J 261 -38.63 28.72 -69.72
CA GLY J 261 -39.53 29.78 -69.29
C GLY J 261 -38.87 30.75 -68.34
N GLU J 262 -37.71 31.17 -68.74
CA GLU J 262 -36.87 31.98 -67.89
C GLU J 262 -35.92 32.79 -68.78
N SER J 263 -35.95 34.09 -68.60
CA SER J 263 -35.40 35.00 -69.62
C SER J 263 -33.91 35.11 -69.62
N TYR J 264 -33.25 34.53 -68.64
CA TYR J 264 -31.81 34.76 -68.46
C TYR J 264 -31.09 33.43 -68.32
N GLY J 265 -29.83 33.50 -67.94
CA GLY J 265 -29.05 32.30 -67.81
C GLY J 265 -28.50 32.16 -66.44
N ARG J 266 -28.20 30.94 -66.05
CA ARG J 266 -27.56 30.71 -64.76
C ARG J 266 -26.20 30.15 -64.93
N SER J 267 -25.25 30.69 -64.21
CA SER J 267 -23.87 30.37 -64.42
C SER J 267 -23.54 28.92 -64.09
N TYR J 268 -22.42 28.47 -64.59
CA TYR J 268 -21.96 27.10 -64.32
C TYR J 268 -21.40 27.03 -62.96
N ILE J 269 -20.90 28.13 -62.38
CA ILE J 269 -20.37 28.09 -61.04
C ILE J 269 -21.47 27.99 -59.98
N GLU J 270 -22.69 28.42 -60.36
CA GLU J 270 -23.85 28.33 -59.47
C GLU J 270 -24.17 26.88 -59.07
N GLU J 271 -24.09 25.98 -60.01
CA GLU J 271 -24.37 24.66 -59.74
C GLU J 271 -23.39 24.02 -58.84
N TYR J 272 -22.21 24.53 -58.72
CA TYR J 272 -21.33 23.96 -57.71
C TYR J 272 -20.95 25.01 -56.70
N LEU J 273 -21.86 25.93 -56.41
CA LEU J 273 -21.55 27.02 -55.48
C LEU J 273 -21.42 26.57 -54.06
N GLY J 274 -22.32 25.71 -53.64
CA GLY J 274 -22.44 25.36 -52.23
C GLY J 274 -21.21 24.57 -51.74
N ASP J 275 -20.82 23.53 -52.46
CA ASP J 275 -19.59 22.88 -52.13
C ASP J 275 -18.44 23.79 -52.33
N LEU J 276 -18.63 24.86 -53.06
CA LEU J 276 -17.61 25.87 -53.12
C LEU J 276 -17.61 26.58 -51.79
N ARG J 277 -18.77 27.06 -51.32
CA ARG J 277 -18.78 27.83 -50.06
C ARG J 277 -18.52 26.95 -48.87
N SER J 278 -18.87 25.71 -48.92
CA SER J 278 -18.53 24.82 -47.83
C SER J 278 -17.09 24.61 -47.80
N LEU J 279 -16.38 24.75 -48.91
CA LEU J 279 -14.93 24.73 -48.87
C LEU J 279 -14.47 25.91 -48.22
N GLU J 280 -15.05 27.05 -48.58
CA GLU J 280 -14.62 28.39 -48.10
C GLU J 280 -14.56 28.38 -46.60
N ASN J 281 -15.69 28.10 -45.92
CA ASN J 281 -15.75 28.08 -44.52
C ASN J 281 -14.73 27.15 -43.98
N LEU J 282 -14.72 25.97 -44.49
CA LEU J 282 -13.88 24.89 -43.93
C LEU J 282 -12.47 25.20 -44.13
N GLN J 283 -12.18 26.05 -45.05
CA GLN J 283 -10.81 26.37 -45.26
C GLN J 283 -10.45 27.59 -44.44
N GLU J 284 -11.41 28.50 -44.30
CA GLU J 284 -11.23 29.77 -43.62
C GLU J 284 -10.70 29.54 -42.25
N ALA J 285 -11.44 28.69 -41.51
CA ALA J 285 -11.10 28.33 -40.13
C ALA J 285 -9.67 27.98 -40.01
N ILE J 286 -9.23 27.17 -40.94
CA ILE J 286 -7.91 26.55 -40.85
C ILE J 286 -6.90 27.66 -40.83
N VAL J 287 -7.05 28.64 -41.70
CA VAL J 287 -6.13 29.74 -41.76
C VAL J 287 -6.22 30.48 -40.44
N LYS J 288 -7.45 30.74 -39.94
CA LYS J 288 -7.63 31.40 -38.67
C LYS J 288 -7.04 30.57 -37.54
N MET J 289 -7.22 29.27 -37.62
CA MET J 289 -6.69 28.44 -36.57
C MET J 289 -5.25 28.36 -36.69
N SER J 290 -4.67 28.76 -37.78
CA SER J 290 -3.26 28.71 -37.82
C SER J 290 -2.77 29.87 -37.09
N MET J 291 -3.45 31.00 -37.24
CA MET J 291 -2.89 32.26 -36.77
C MET J 291 -2.83 32.21 -35.22
N ILE J 292 -3.75 31.51 -34.53
CA ILE J 292 -3.72 31.34 -33.12
C ILE J 292 -2.45 30.68 -32.74
N SER J 293 -2.00 29.72 -33.55
CA SER J 293 -0.70 29.08 -33.30
C SER J 293 0.49 30.06 -33.41
N SER J 294 0.31 31.18 -34.08
CA SER J 294 1.40 32.03 -34.30
C SER J 294 1.43 33.13 -33.29
N LYS J 295 1.06 32.83 -32.08
CA LYS J 295 1.06 33.80 -30.96
C LYS J 295 1.74 33.02 -29.79
N VAL J 296 3.00 33.32 -29.55
CA VAL J 296 3.72 32.73 -28.50
C VAL J 296 3.28 33.42 -27.22
N ILE J 297 2.70 32.68 -26.27
CA ILE J 297 2.50 33.21 -24.93
C ILE J 297 3.25 32.30 -24.01
N GLY J 298 4.18 32.85 -23.27
CA GLY J 298 4.84 32.05 -22.24
C GLY J 298 4.06 32.04 -20.93
N LEU J 299 3.56 30.88 -20.55
CA LEU J 299 2.88 30.78 -19.29
C LEU J 299 3.89 30.46 -18.19
N VAL J 300 4.11 31.38 -17.23
CA VAL J 300 4.95 31.07 -16.09
C VAL J 300 4.19 30.64 -14.96
N ASN J 301 4.60 29.58 -14.32
CA ASN J 301 3.71 28.93 -13.26
C ASN J 301 3.94 29.60 -11.98
N PRO J 302 2.96 30.23 -11.41
CA PRO J 302 3.17 30.98 -10.30
C PRO J 302 3.59 30.19 -9.12
N ALA J 303 3.35 28.92 -9.11
CA ALA J 303 3.69 28.15 -7.93
C ALA J 303 5.13 27.82 -7.85
N GLY J 304 5.87 28.21 -8.84
CA GLY J 304 7.25 27.76 -8.94
C GLY J 304 8.21 28.89 -8.56
N ILE J 305 9.44 28.76 -9.06
CA ILE J 305 10.44 29.60 -8.65
C ILE J 305 10.80 30.53 -9.73
N THR J 306 10.81 30.10 -10.98
CA THR J 306 11.45 30.84 -12.03
C THR J 306 10.72 32.07 -12.37
N GLN J 307 11.41 33.19 -12.60
CA GLN J 307 10.64 34.39 -12.89
C GLN J 307 11.16 35.30 -13.94
N PRO J 308 10.32 35.82 -14.78
CA PRO J 308 10.79 36.39 -15.97
C PRO J 308 11.47 37.75 -15.88
N ARG J 309 11.82 38.26 -14.70
CA ARG J 309 12.78 39.36 -14.73
C ARG J 309 14.17 38.80 -14.90
N ARG J 310 14.32 37.50 -14.96
CA ARG J 310 15.64 36.94 -15.03
C ARG J 310 15.87 36.15 -16.25
N LEU J 311 14.82 35.64 -16.89
CA LEU J 311 15.03 35.05 -18.22
C LEU J 311 15.34 36.13 -19.23
N THR J 312 14.66 37.25 -19.18
CA THR J 312 14.77 38.02 -20.24
C THR J 312 16.01 38.80 -20.20
N LYS J 313 16.46 39.26 -19.03
CA LYS J 313 17.59 40.22 -19.01
C LYS J 313 18.87 39.57 -19.21
N ALA J 314 18.89 38.27 -19.13
CA ALA J 314 20.18 37.54 -19.25
C ALA J 314 20.67 37.48 -20.64
N GLN J 315 21.97 37.67 -20.87
CA GLN J 315 22.42 37.55 -22.27
C GLN J 315 22.45 36.12 -22.65
N THR J 316 22.87 35.81 -23.87
CA THR J 316 22.81 34.42 -24.29
C THR J 316 23.83 33.66 -23.65
N GLY J 317 23.49 32.48 -23.18
CA GLY J 317 24.34 31.64 -22.40
C GLY J 317 24.73 32.32 -21.09
N ASP J 318 23.67 32.63 -20.40
CA ASP J 318 23.84 33.13 -19.04
C ASP J 318 23.12 32.22 -18.12
N PHE J 319 23.79 31.72 -17.09
CA PHE J 319 23.13 30.91 -16.14
C PHE J 319 22.13 31.77 -15.35
N VAL J 320 20.96 31.22 -15.05
CA VAL J 320 20.12 31.90 -14.22
C VAL J 320 19.18 31.01 -13.51
N THR J 321 18.54 31.45 -12.42
CA THR J 321 17.95 30.51 -11.57
C THR J 321 16.64 30.13 -11.85
N GLY J 322 16.33 28.85 -11.82
CA GLY J 322 14.93 28.46 -12.21
C GLY J 322 14.77 27.04 -12.56
N ARG J 323 13.58 26.59 -12.50
CA ARG J 323 13.35 25.26 -12.84
C ARG J 323 12.67 25.22 -14.20
N PRO J 324 12.85 24.14 -14.96
CA PRO J 324 12.30 24.10 -16.23
C PRO J 324 10.85 23.75 -16.23
N GLU J 325 10.28 23.22 -15.17
CA GLU J 325 8.87 22.88 -15.27
C GLU J 325 7.97 24.08 -15.02
N ASP J 326 8.54 25.25 -14.82
CA ASP J 326 7.74 26.38 -14.52
C ASP J 326 7.29 27.11 -15.74
N ILE J 327 8.16 27.31 -16.74
CA ILE J 327 7.72 28.02 -17.92
C ILE J 327 7.22 27.02 -18.87
N SER J 328 6.05 27.23 -19.43
CA SER J 328 5.61 26.42 -20.56
C SER J 328 5.05 27.37 -21.58
N PHE J 329 4.53 26.85 -22.67
CA PHE J 329 3.99 27.74 -23.66
C PHE J 329 2.65 27.29 -24.09
N LEU J 330 1.78 28.23 -24.36
CA LEU J 330 0.31 27.92 -24.59
C LEU J 330 0.17 27.38 -25.94
N GLN J 331 -0.13 26.08 -26.11
CA GLN J 331 -0.42 25.51 -27.44
C GLN J 331 -1.89 25.53 -27.73
N LEU J 332 -2.25 25.09 -28.92
CA LEU J 332 -3.68 25.06 -29.32
C LEU J 332 -3.95 23.65 -29.75
N GLU J 333 -4.61 22.89 -28.88
CA GLU J 333 -4.59 21.49 -29.02
C GLU J 333 -5.66 20.90 -29.92
N LYS J 334 -6.23 21.67 -30.85
CA LYS J 334 -7.07 21.07 -31.89
C LYS J 334 -6.20 20.23 -32.83
N GLN J 335 -6.19 18.92 -32.62
CA GLN J 335 -5.50 18.07 -33.55
C GLN J 335 -6.46 17.17 -34.28
N ALA J 336 -7.38 16.55 -33.54
CA ALA J 336 -8.39 15.74 -34.20
C ALA J 336 -9.33 16.61 -35.02
N ASP J 337 -9.66 17.81 -34.52
CA ASP J 337 -10.44 18.71 -35.34
C ASP J 337 -9.68 19.17 -36.57
N PHE J 338 -8.38 19.41 -36.44
CA PHE J 338 -7.61 19.81 -37.58
C PHE J 338 -7.52 18.71 -38.65
N THR J 339 -7.37 17.46 -38.23
CA THR J 339 -7.33 16.36 -39.20
C THR J 339 -8.65 16.05 -39.86
N VAL J 340 -9.75 16.24 -39.13
CA VAL J 340 -11.03 16.04 -39.78
C VAL J 340 -11.39 17.19 -40.67
N ALA J 341 -10.95 18.39 -40.32
CA ALA J 341 -11.25 19.54 -41.17
C ALA J 341 -10.46 19.46 -42.45
N LYS J 342 -9.18 19.05 -42.35
CA LYS J 342 -8.35 18.93 -43.54
C LYS J 342 -8.85 17.81 -44.42
N ALA J 343 -9.38 16.75 -43.84
CA ALA J 343 -9.89 15.62 -44.63
C ALA J 343 -11.08 16.00 -45.44
N VAL J 344 -12.01 16.70 -44.84
CA VAL J 344 -13.17 17.09 -45.60
C VAL J 344 -12.85 18.21 -46.56
N SER J 345 -11.86 19.03 -46.25
CA SER J 345 -11.41 20.03 -47.19
C SER J 345 -10.85 19.40 -48.44
N ASP J 346 -10.06 18.37 -48.27
CA ASP J 346 -9.48 17.72 -49.42
C ASP J 346 -10.57 17.02 -50.24
N ALA J 347 -11.45 16.34 -49.55
CA ALA J 347 -12.47 15.59 -50.25
C ALA J 347 -13.44 16.51 -50.93
N ILE J 348 -13.48 17.79 -50.60
CA ILE J 348 -14.35 18.68 -51.32
C ILE J 348 -13.60 19.35 -52.45
N GLU J 349 -12.28 19.55 -52.30
CA GLU J 349 -11.51 20.06 -53.43
C GLU J 349 -11.43 19.02 -54.56
N ALA J 350 -11.51 17.74 -54.22
CA ALA J 350 -11.49 16.72 -55.24
C ALA J 350 -12.71 16.83 -56.16
N ARG J 351 -13.86 17.12 -55.57
CA ARG J 351 -15.05 17.30 -56.36
C ARG J 351 -14.93 18.52 -57.25
N LEU J 352 -14.47 19.62 -56.67
CA LEU J 352 -14.39 20.80 -57.46
C LEU J 352 -13.24 20.66 -58.52
N SER J 353 -12.26 19.81 -58.32
CA SER J 353 -11.26 19.61 -59.34
C SER J 353 -11.81 18.74 -60.51
N PHE J 354 -12.56 17.63 -60.24
CA PHE J 354 -13.24 16.93 -61.35
C PHE J 354 -14.33 17.73 -61.96
N ALA J 355 -14.70 18.84 -61.34
CA ALA J 355 -15.81 19.64 -61.84
C ALA J 355 -15.44 20.83 -62.58
N PHE J 356 -14.26 21.35 -62.33
CA PHE J 356 -13.82 22.56 -63.00
C PHE J 356 -12.65 22.32 -63.95
N MET J 357 -12.32 21.06 -64.20
CA MET J 357 -11.23 20.65 -65.03
C MET J 357 -9.87 21.11 -64.55
N LEU J 358 -9.68 21.16 -63.26
CA LEU J 358 -8.43 21.49 -62.71
C LEU J 358 -7.62 20.21 -63.04
N ASN J 359 -6.27 20.33 -63.02
CA ASN J 359 -5.43 19.29 -63.59
C ASN J 359 -5.42 18.04 -62.72
N SER J 360 -6.03 17.00 -63.26
CA SER J 360 -5.97 15.68 -62.68
C SER J 360 -5.17 14.78 -63.64
N ALA J 361 -4.00 15.29 -64.05
CA ALA J 361 -3.06 14.68 -65.02
C ALA J 361 -3.72 14.38 -66.38
N VAL J 362 -4.23 15.43 -67.01
CA VAL J 362 -4.73 15.32 -68.37
C VAL J 362 -3.90 16.13 -69.38
N GLN J 363 -3.73 17.41 -69.11
CA GLN J 363 -3.16 18.32 -70.12
C GLN J 363 -1.72 18.71 -69.79
N ARG J 364 -1.17 18.15 -68.72
CA ARG J 364 0.17 18.55 -68.29
C ARG J 364 1.28 17.94 -69.17
N THR J 365 1.16 16.65 -69.49
CA THR J 365 2.24 15.86 -70.08
C THR J 365 2.53 16.27 -71.52
N GLY J 366 3.31 17.36 -71.66
CA GLY J 366 3.76 17.92 -72.95
C GLY J 366 2.63 18.37 -73.84
N GLU J 367 1.93 19.44 -73.45
CA GLU J 367 0.79 19.95 -74.22
C GLU J 367 1.30 20.54 -75.56
N ARG J 368 0.62 20.17 -76.64
CA ARG J 368 0.90 20.76 -77.96
C ARG J 368 -0.34 21.42 -78.53
N VAL J 369 -0.31 21.78 -79.82
CA VAL J 369 -1.39 22.55 -80.46
C VAL J 369 -1.88 21.75 -81.69
N THR J 370 -3.19 21.86 -81.94
CA THR J 370 -3.86 21.65 -83.27
C THR J 370 -3.96 20.27 -83.86
N ALA J 371 -3.18 19.32 -83.35
CA ALA J 371 -3.21 17.95 -83.86
C ALA J 371 -3.56 17.05 -82.68
N GLU J 372 -4.80 16.52 -82.71
CA GLU J 372 -5.43 15.68 -81.67
C GLU J 372 -5.81 16.54 -80.44
N GLU J 373 -5.35 17.78 -80.37
CA GLU J 373 -5.51 18.58 -79.16
C GLU J 373 -6.91 19.16 -79.01
N ILE J 374 -7.42 19.75 -80.10
CA ILE J 374 -8.71 20.37 -80.03
C ILE J 374 -9.83 19.35 -79.94
N ARG J 375 -9.60 18.19 -80.55
CA ARG J 375 -10.48 17.07 -80.41
C ARG J 375 -10.56 16.63 -78.97
N TYR J 376 -9.40 16.48 -78.33
CA TYR J 376 -9.35 15.98 -76.97
C TYR J 376 -9.98 16.98 -76.01
N VAL J 377 -9.72 18.27 -76.23
CA VAL J 377 -10.28 19.28 -75.35
C VAL J 377 -11.77 19.35 -75.46
N ALA J 378 -12.30 19.27 -76.65
CA ALA J 378 -13.73 19.36 -76.79
C ALA J 378 -14.43 18.10 -76.30
N SER J 379 -13.80 16.94 -76.49
CA SER J 379 -14.41 15.71 -76.03
C SER J 379 -14.43 15.64 -74.52
N GLU J 380 -13.41 16.15 -73.87
CA GLU J 380 -13.44 16.22 -72.42
C GLU J 380 -14.40 17.29 -71.94
N LEU J 381 -14.48 18.44 -72.61
CA LEU J 381 -15.42 19.47 -72.21
C LEU J 381 -16.87 19.09 -72.42
N GLU J 382 -17.16 18.12 -73.29
CA GLU J 382 -18.48 17.55 -73.26
C GLU J 382 -18.58 16.41 -72.28
N ASP J 383 -17.48 15.75 -71.91
CA ASP J 383 -17.54 14.70 -70.89
C ASP J 383 -17.95 15.28 -69.58
N THR J 384 -17.15 16.19 -69.06
CA THR J 384 -17.58 16.92 -67.89
C THR J 384 -18.38 18.11 -68.38
N LEU J 385 -18.67 19.04 -67.47
CA LEU J 385 -19.38 20.27 -67.82
C LEU J 385 -20.78 20.10 -68.43
N GLY J 386 -21.24 18.90 -68.67
CA GLY J 386 -22.59 18.73 -69.18
C GLY J 386 -22.69 19.20 -70.60
N GLY J 387 -23.72 19.99 -70.90
CA GLY J 387 -23.85 20.46 -72.28
C GLY J 387 -23.22 21.82 -72.58
N VAL J 388 -22.09 22.21 -71.95
CA VAL J 388 -21.61 23.55 -72.10
C VAL J 388 -21.10 23.75 -73.51
N TYR J 389 -20.37 22.76 -74.00
CA TYR J 389 -19.71 22.94 -75.29
C TYR J 389 -20.69 22.93 -76.46
N SER J 390 -21.83 22.28 -76.32
CA SER J 390 -22.75 22.21 -77.42
C SER J 390 -23.75 23.32 -77.32
N ILE J 391 -24.30 23.58 -76.14
CA ILE J 391 -25.23 24.68 -75.95
C ILE J 391 -24.55 25.99 -76.27
N LEU J 392 -23.29 26.09 -75.86
CA LEU J 392 -22.50 27.27 -76.13
C LEU J 392 -22.23 27.42 -77.59
N SER J 393 -22.09 26.34 -78.31
CA SER J 393 -21.84 26.39 -79.75
C SER J 393 -23.09 26.83 -80.52
N GLN J 394 -24.25 26.38 -80.08
CA GLN J 394 -25.46 26.84 -80.72
C GLN J 394 -25.71 28.34 -80.37
N GLU J 395 -25.49 28.75 -79.14
CA GLU J 395 -25.86 30.09 -78.74
C GLU J 395 -24.83 31.11 -79.16
N LEU J 396 -23.54 30.74 -79.15
CA LEU J 396 -22.48 31.71 -79.38
C LEU J 396 -21.92 31.74 -80.80
N GLN J 397 -21.50 30.58 -81.29
CA GLN J 397 -20.81 30.55 -82.55
C GLN J 397 -21.71 30.68 -83.77
N LEU J 398 -22.98 30.27 -83.68
CA LEU J 398 -23.84 30.48 -84.79
C LEU J 398 -24.10 31.94 -85.06
N PRO J 399 -24.42 32.71 -84.05
CA PRO J 399 -24.58 34.13 -84.38
C PRO J 399 -23.29 34.85 -84.66
N LEU J 400 -22.17 34.43 -84.07
CA LEU J 400 -20.91 35.16 -84.31
C LEU J 400 -20.39 34.91 -85.69
N VAL J 401 -20.67 33.76 -86.27
CA VAL J 401 -20.39 33.54 -87.70
C VAL J 401 -21.42 34.19 -88.53
N ARG J 402 -22.66 34.22 -88.09
CA ARG J 402 -23.75 34.65 -88.94
C ARG J 402 -23.76 36.16 -89.13
N VAL J 403 -23.49 36.91 -88.08
CA VAL J 403 -23.41 38.35 -88.19
C VAL J 403 -22.19 38.81 -89.02
N LEU J 404 -21.06 38.13 -88.80
CA LEU J 404 -19.92 38.37 -89.62
C LEU J 404 -20.18 38.08 -91.12
N LEU J 405 -20.76 36.90 -91.38
CA LEU J 405 -21.00 36.45 -92.74
C LEU J 405 -21.96 37.34 -93.42
N LYS J 406 -22.81 38.01 -92.65
CA LYS J 406 -23.75 38.95 -93.27
C LYS J 406 -23.03 40.24 -93.61
N GLN J 407 -22.42 40.84 -92.60
CA GLN J 407 -21.88 42.19 -92.80
C GLN J 407 -20.62 42.22 -93.69
N LEU J 408 -19.71 41.28 -93.51
CA LEU J 408 -18.51 41.26 -94.30
C LEU J 408 -18.76 41.02 -95.80
N GLN J 409 -19.56 40.02 -96.13
CA GLN J 409 -19.87 39.75 -97.52
C GLN J 409 -20.84 40.81 -98.05
N ALA J 410 -21.54 41.51 -97.18
CA ALA J 410 -22.27 42.72 -97.62
C ALA J 410 -21.32 43.90 -97.90
N THR J 411 -20.08 43.83 -97.41
CA THR J 411 -19.09 44.83 -97.76
C THR J 411 -18.12 44.35 -98.86
N GLN J 412 -17.53 43.17 -98.67
CA GLN J 412 -16.44 42.69 -99.52
C GLN J 412 -16.93 41.99 -100.80
N GLN J 413 -16.04 41.22 -101.44
CA GLN J 413 -16.33 40.66 -102.77
C GLN J 413 -16.86 39.24 -102.72
N ILE J 414 -17.91 38.99 -103.51
CA ILE J 414 -18.46 37.67 -103.70
C ILE J 414 -17.68 36.99 -104.85
N PRO J 415 -17.10 35.81 -104.61
CA PRO J 415 -16.38 35.12 -105.69
C PRO J 415 -17.29 34.35 -106.69
N GLU J 416 -16.61 33.57 -107.54
CA GLU J 416 -17.17 32.76 -108.63
C GLU J 416 -18.41 31.83 -108.31
N LEU J 417 -18.44 31.24 -107.11
CA LEU J 417 -19.30 30.10 -106.69
C LEU J 417 -20.79 30.28 -107.00
N PRO J 418 -21.52 29.16 -107.21
CA PRO J 418 -22.92 29.20 -107.75
C PRO J 418 -23.97 29.81 -106.85
N LYS J 419 -25.19 29.89 -107.35
CA LYS J 419 -26.26 30.59 -106.65
C LYS J 419 -26.87 29.79 -105.50
N GLU J 420 -26.56 28.50 -105.42
CA GLU J 420 -26.97 27.72 -104.26
C GLU J 420 -25.97 27.80 -103.11
N ALA J 421 -24.81 28.40 -103.36
CA ALA J 421 -23.80 28.57 -102.33
C ALA J 421 -23.52 30.07 -101.99
N VAL J 422 -24.34 30.99 -102.47
CA VAL J 422 -24.16 32.39 -102.10
C VAL J 422 -24.63 32.62 -100.65
N GLU J 423 -25.75 31.97 -100.30
CA GLU J 423 -26.36 32.04 -98.99
C GLU J 423 -26.23 30.64 -98.35
N PRO J 424 -25.12 30.39 -97.66
CA PRO J 424 -24.78 28.99 -97.29
C PRO J 424 -25.36 28.58 -95.95
N THR J 425 -25.09 27.35 -95.56
CA THR J 425 -25.45 26.91 -94.23
C THR J 425 -24.19 26.75 -93.43
N ILE J 426 -24.33 26.88 -92.10
CA ILE J 426 -23.19 26.98 -91.23
C ILE J 426 -23.18 25.84 -90.23
N SER J 427 -22.04 25.21 -90.03
CA SER J 427 -21.85 24.25 -88.92
C SER J 427 -20.78 24.77 -88.00
N THR J 428 -20.90 24.50 -86.71
CA THR J 428 -20.04 25.19 -85.74
C THR J 428 -19.28 24.33 -84.74
N GLY J 429 -19.90 23.29 -84.27
CA GLY J 429 -19.33 22.60 -83.11
C GLY J 429 -18.28 21.56 -83.50
N LEU J 430 -18.34 20.37 -82.89
CA LEU J 430 -17.44 19.30 -83.23
C LEU J 430 -17.60 18.84 -84.66
N GLU J 431 -18.76 19.13 -85.26
CA GLU J 431 -18.97 18.81 -86.66
C GLU J 431 -18.16 19.72 -87.56
N ALA J 432 -17.69 20.82 -87.01
CA ALA J 432 -16.97 21.80 -87.80
C ALA J 432 -15.51 21.97 -87.43
N ILE J 433 -15.01 21.18 -86.49
CA ILE J 433 -13.61 21.28 -86.14
C ILE J 433 -12.84 20.59 -87.22
N GLY J 434 -11.76 21.24 -87.67
CA GLY J 434 -11.15 20.81 -88.92
C GLY J 434 -12.10 21.15 -90.05
N ARG J 435 -12.01 20.44 -91.15
CA ARG J 435 -13.04 20.54 -92.18
C ARG J 435 -13.57 19.14 -92.41
N GLY J 436 -12.61 18.22 -92.60
CA GLY J 436 -12.84 16.76 -92.69
C GLY J 436 -13.33 16.28 -91.35
N GLN J 437 -13.76 15.03 -91.33
CA GLN J 437 -14.27 14.48 -90.07
C GLN J 437 -13.20 14.32 -89.00
N ASP J 438 -12.19 13.49 -89.24
CA ASP J 438 -11.21 13.13 -88.21
C ASP J 438 -9.83 13.00 -88.80
N LEU J 439 -8.83 13.62 -88.17
CA LEU J 439 -7.45 13.47 -88.62
C LEU J 439 -6.91 12.07 -88.39
N ASP J 440 -7.32 11.46 -87.27
CA ASP J 440 -6.90 10.12 -86.93
C ASP J 440 -7.49 9.14 -87.96
N LYS J 441 -8.70 9.44 -88.44
CA LYS J 441 -9.38 8.63 -89.46
C LYS J 441 -8.55 8.62 -90.74
N LEU J 442 -8.17 9.79 -91.23
CA LEU J 442 -7.40 9.88 -92.47
C LEU J 442 -6.02 9.27 -92.31
N GLU J 443 -5.41 9.45 -91.15
CA GLU J 443 -4.07 8.91 -90.92
C GLU J 443 -4.08 7.38 -90.89
N ARG J 444 -4.96 6.81 -90.07
CA ARG J 444 -5.05 5.35 -89.99
C ARG J 444 -5.62 4.74 -91.26
N CYS J 445 -6.41 5.51 -92.01
CA CYS J 445 -6.93 5.03 -93.28
C CYS J 445 -5.83 4.99 -94.35
N VAL J 446 -4.95 5.98 -94.33
CA VAL J 446 -3.81 5.97 -95.23
C VAL J 446 -2.86 4.82 -94.88
N THR J 447 -2.65 4.54 -93.60
CA THR J 447 -1.84 3.38 -93.22
C THR J 447 -2.51 2.06 -93.57
N ALA J 448 -3.84 2.02 -93.49
CA ALA J 448 -4.58 0.82 -93.89
C ALA J 448 -4.51 0.61 -95.40
N TRP J 449 -4.44 1.70 -96.17
CA TRP J 449 -4.19 1.60 -97.61
C TRP J 449 -2.77 1.16 -97.90
N ALA J 450 -1.81 1.62 -97.10
CA ALA J 450 -0.42 1.21 -97.25
C ALA J 450 -0.22 -0.27 -96.92
N ALA J 451 -1.12 -0.80 -96.09
CA ALA J 451 -1.17 -2.25 -95.85
C ALA J 451 -1.61 -3.05 -97.10
N LEU J 452 -2.18 -2.36 -98.09
CA LEU J 452 -2.59 -2.99 -99.35
C LEU J 452 -1.51 -2.82 -100.43
N ALA J 453 -0.26 -2.88 -99.98
CA ALA J 453 0.95 -2.95 -100.80
C ALA J 453 0.98 -4.01 -101.90
N PRO J 454 0.88 -5.34 -101.56
CA PRO J 454 1.66 -6.37 -102.31
C PRO J 454 1.50 -6.45 -103.83
N MET J 455 0.26 -6.39 -104.33
CA MET J 455 0.03 -6.49 -105.76
C MET J 455 -1.14 -5.65 -106.19
N ARG J 456 -0.95 -4.92 -107.31
CA ARG J 456 -2.04 -4.23 -108.00
C ARG J 456 -3.07 -5.24 -108.52
N ASP J 457 -2.63 -6.02 -109.51
CA ASP J 457 -3.48 -7.02 -110.15
C ASP J 457 -3.25 -8.36 -109.45
N ASP J 458 -3.66 -8.42 -108.17
CA ASP J 458 -3.56 -9.64 -107.38
C ASP J 458 -4.78 -10.51 -107.74
N PRO J 459 -4.55 -11.76 -108.18
CA PRO J 459 -5.71 -12.59 -108.55
C PRO J 459 -6.50 -13.04 -107.33
N ASP J 460 -7.71 -13.52 -107.63
CA ASP J 460 -8.68 -14.07 -106.66
C ASP J 460 -9.15 -13.08 -105.59
N ILE J 461 -9.17 -11.78 -105.90
CA ILE J 461 -9.50 -10.75 -104.91
C ILE J 461 -9.92 -9.50 -105.65
N ASN J 462 -10.59 -8.59 -104.96
CA ASN J 462 -10.88 -7.26 -105.51
C ASN J 462 -10.03 -6.22 -104.79
N LEU J 463 -9.86 -5.08 -105.44
CA LEU J 463 -9.16 -3.97 -104.87
C LEU J 463 -10.01 -2.69 -104.87
N ALA J 464 -10.95 -2.58 -105.81
CA ALA J 464 -11.75 -1.37 -105.96
C ALA J 464 -12.73 -1.16 -104.83
N MET J 465 -13.30 -2.25 -104.33
CA MET J 465 -14.31 -2.14 -103.29
C MET J 465 -13.73 -2.20 -101.89
N ILE J 466 -12.64 -2.93 -101.70
CA ILE J 466 -12.14 -3.12 -100.33
C ILE J 466 -11.42 -1.89 -99.80
N LYS J 467 -10.85 -1.10 -100.69
CA LYS J 467 -10.30 0.19 -100.30
C LYS J 467 -11.46 1.11 -99.84
N LEU J 468 -12.56 1.09 -100.59
CA LEU J 468 -13.75 1.84 -100.24
C LEU J 468 -14.34 1.36 -98.93
N ARG J 469 -14.30 0.06 -98.68
CA ARG J 469 -14.87 -0.53 -97.46
C ARG J 469 -14.04 -0.25 -96.20
N ILE J 470 -12.72 -0.36 -96.31
CA ILE J 470 -11.83 0.00 -95.21
C ILE J 470 -11.89 1.51 -94.95
N ALA J 471 -12.05 2.30 -96.00
CA ALA J 471 -12.24 3.75 -95.82
C ALA J 471 -13.62 4.07 -95.24
N ASN J 472 -14.65 3.28 -95.61
CA ASN J 472 -16.01 3.60 -95.26
C ASN J 472 -16.40 3.07 -93.89
N ALA J 473 -15.58 2.16 -93.33
CA ALA J 473 -15.75 1.72 -91.95
C ALA J 473 -15.36 2.83 -90.96
N ILE J 474 -14.27 3.54 -91.26
CA ILE J 474 -13.87 4.68 -90.45
C ILE J 474 -14.55 5.91 -91.04
N GLY J 475 -14.46 7.05 -90.35
CA GLY J 475 -15.23 8.23 -90.72
C GLY J 475 -14.69 9.02 -91.90
N ILE J 476 -14.74 8.43 -93.10
CA ILE J 476 -14.31 9.10 -94.32
C ILE J 476 -15.54 9.32 -95.19
N ASP J 477 -15.61 10.48 -95.83
CA ASP J 477 -16.68 10.83 -96.77
C ASP J 477 -16.80 9.85 -97.96
N THR J 478 -15.67 9.42 -98.50
CA THR J 478 -15.58 8.46 -99.62
C THR J 478 -16.31 8.93 -100.86
N SER J 479 -16.27 10.24 -101.10
CA SER J 479 -17.01 10.86 -102.19
C SER J 479 -16.14 11.86 -102.93
N GLY J 480 -14.99 11.35 -103.39
CA GLY J 480 -13.98 12.15 -104.05
C GLY J 480 -12.62 11.64 -103.62
N ILE J 481 -12.63 10.97 -102.46
CA ILE J 481 -11.54 10.15 -101.97
C ILE J 481 -11.29 8.97 -102.92
N LEU J 482 -12.35 8.43 -103.53
CA LEU J 482 -12.25 7.26 -104.39
C LEU J 482 -12.71 7.61 -105.79
N LEU J 483 -12.04 7.05 -106.79
CA LEU J 483 -12.44 7.27 -108.17
C LEU J 483 -13.72 6.50 -108.51
N THR J 484 -14.63 7.16 -109.22
CA THR J 484 -15.70 6.45 -109.92
C THR J 484 -15.43 6.26 -111.41
N GLU J 485 -15.29 7.37 -112.15
CA GLU J 485 -15.03 7.29 -113.61
C GLU J 485 -14.19 8.47 -114.06
N GLU K 3 -5.63 80.38 -79.14
CA GLU K 3 -4.50 80.81 -78.29
C GLU K 3 -4.86 80.70 -76.82
N LYS K 4 -6.14 80.41 -76.57
CA LYS K 4 -6.58 79.99 -75.26
C LYS K 4 -7.10 78.56 -75.30
N ARG K 5 -6.58 77.70 -74.43
CA ARG K 5 -7.05 76.34 -74.31
C ARG K 5 -8.41 76.31 -73.66
N THR K 6 -9.37 75.70 -74.36
CA THR K 6 -10.73 75.63 -73.87
C THR K 6 -11.10 74.17 -73.72
N GLY K 7 -12.37 73.89 -73.45
CA GLY K 7 -12.80 72.52 -73.37
C GLY K 7 -12.29 71.90 -72.08
N LEU K 8 -11.67 70.74 -72.20
CA LEU K 8 -11.28 69.98 -71.03
C LEU K 8 -10.04 70.50 -70.38
N ALA K 9 -9.28 71.32 -71.12
CA ALA K 9 -7.99 71.82 -70.66
C ALA K 9 -8.12 73.26 -70.21
N GLU K 10 -9.20 73.57 -69.50
CA GLU K 10 -9.57 74.95 -69.21
C GLU K 10 -8.62 75.61 -68.23
N ASP K 11 -8.04 74.83 -67.33
CA ASP K 11 -7.17 75.45 -66.34
C ASP K 11 -5.71 75.01 -66.27
N GLY K 12 -5.11 74.64 -67.38
CA GLY K 12 -3.68 74.23 -67.40
C GLY K 12 -3.49 72.81 -66.89
N ALA K 13 -2.28 72.30 -67.03
CA ALA K 13 -1.99 70.90 -66.78
C ALA K 13 -1.74 70.57 -65.32
N LYS K 14 -1.08 71.46 -64.62
CA LYS K 14 -0.84 71.29 -63.20
C LYS K 14 -2.14 71.25 -62.41
N SER K 15 -3.10 72.07 -62.79
CA SER K 15 -4.38 72.07 -62.13
C SER K 15 -5.13 70.77 -62.34
N VAL K 16 -5.13 70.26 -63.56
CA VAL K 16 -5.81 69.03 -63.83
C VAL K 16 -5.12 67.90 -63.08
N TYR K 17 -3.80 67.94 -63.05
CA TYR K 17 -3.03 66.89 -62.39
C TYR K 17 -3.31 66.84 -60.88
N GLU K 18 -3.30 68.01 -60.24
CA GLU K 18 -3.59 68.05 -58.84
C GLU K 18 -5.03 67.73 -58.54
N ARG K 19 -5.92 67.98 -59.49
CA ARG K 19 -7.33 67.63 -59.25
C ARG K 19 -7.58 66.14 -59.36
N LEU K 20 -6.90 65.47 -60.28
CA LEU K 20 -7.12 64.08 -60.47
C LEU K 20 -6.23 63.20 -59.59
N LYS K 21 -5.26 63.80 -58.89
CA LYS K 21 -4.41 63.03 -58.00
C LYS K 21 -5.21 62.38 -56.87
N ASN K 22 -6.30 63.00 -56.45
CA ASN K 22 -7.15 62.44 -55.41
C ASN K 22 -7.76 61.11 -55.83
N ASP K 23 -8.25 61.05 -57.04
CA ASP K 23 -8.77 59.79 -57.52
C ASP K 23 -7.68 58.85 -57.94
N ARG K 24 -6.46 59.33 -58.13
CA ARG K 24 -5.37 58.40 -58.37
C ARG K 24 -5.01 57.68 -57.13
N ALA K 25 -5.07 58.36 -56.00
CA ALA K 25 -4.45 57.90 -54.74
C ALA K 25 -4.70 56.45 -54.23
N PRO K 26 -5.90 55.92 -54.33
CA PRO K 26 -6.09 54.62 -53.75
C PRO K 26 -5.37 53.54 -54.51
N TYR K 27 -5.25 53.69 -55.83
CA TYR K 27 -4.51 52.74 -56.59
C TYR K 27 -3.07 52.77 -56.18
N GLU K 28 -2.57 53.94 -55.84
CA GLU K 28 -1.20 54.07 -55.37
C GLU K 28 -1.02 53.38 -54.02
N THR K 29 -2.05 53.45 -53.18
CA THR K 29 -1.97 52.79 -51.89
C THR K 29 -1.92 51.30 -52.06
N ARG K 30 -2.75 50.79 -52.98
CA ARG K 30 -2.72 49.35 -53.29
C ARG K 30 -1.37 48.97 -53.81
N ALA K 31 -0.78 49.81 -54.63
CA ALA K 31 0.53 49.53 -55.16
C ALA K 31 1.56 49.42 -54.04
N GLN K 32 1.45 50.30 -53.06
CA GLN K 32 2.40 50.26 -52.01
C GLN K 32 2.26 48.99 -51.21
N ASN K 33 1.05 48.58 -50.96
CA ASN K 33 0.82 47.37 -50.18
C ASN K 33 1.34 46.13 -50.93
N CYS K 34 1.03 46.03 -52.23
CA CYS K 34 1.48 44.92 -52.99
C CYS K 34 3.02 44.87 -53.07
N ALA K 35 3.59 46.03 -53.11
CA ALA K 35 5.03 46.11 -53.13
C ALA K 35 5.60 45.68 -51.78
N GLN K 36 4.94 46.00 -50.68
CA GLN K 36 5.45 45.68 -49.36
C GLN K 36 5.41 44.23 -49.13
N TYR K 37 4.53 43.54 -49.82
CA TYR K 37 4.49 42.07 -49.62
C TYR K 37 5.26 41.35 -50.67
N THR K 38 5.66 41.97 -51.79
CA THR K 38 6.38 41.19 -52.84
C THR K 38 7.78 41.49 -53.02
N ILE K 39 8.08 42.67 -53.41
CA ILE K 39 9.50 43.15 -53.53
C ILE K 39 9.41 44.65 -53.23
N PRO K 40 10.03 45.09 -52.17
CA PRO K 40 9.66 46.40 -51.62
C PRO K 40 10.16 47.50 -52.41
N SER K 41 11.27 47.36 -53.12
CA SER K 41 11.77 48.46 -53.85
C SER K 41 11.00 48.86 -55.05
N LEU K 42 10.17 47.96 -55.57
CA LEU K 42 9.58 48.05 -56.94
C LEU K 42 8.55 49.07 -57.02
N PHE K 43 8.09 49.61 -55.90
CA PHE K 43 7.21 50.81 -55.92
C PHE K 43 7.38 51.46 -54.57
N PRO K 44 8.16 52.53 -54.48
CA PRO K 44 8.32 53.24 -53.26
C PRO K 44 7.10 54.02 -52.87
N LYS K 45 7.10 54.52 -51.64
CA LYS K 45 6.09 55.54 -51.25
C LYS K 45 6.56 56.90 -51.66
N ASP K 46 5.67 57.87 -51.63
CA ASP K 46 6.06 59.14 -52.22
C ASP K 46 7.04 59.92 -51.31
N SER K 47 6.91 59.71 -50.02
CA SER K 47 7.84 60.30 -49.08
C SER K 47 9.07 59.42 -48.96
N ASP K 48 8.86 58.10 -48.87
CA ASP K 48 9.92 57.18 -48.54
C ASP K 48 10.85 56.95 -49.72
N ASN K 49 11.56 58.01 -50.06
CA ASN K 49 12.65 57.89 -51.00
C ASN K 49 13.96 58.29 -50.34
N ALA K 50 15.07 57.86 -50.93
CA ALA K 50 16.33 58.50 -50.72
C ALA K 50 16.72 58.09 -49.30
N SER K 51 17.31 56.91 -49.29
CA SER K 51 17.94 56.39 -48.08
C SER K 51 16.96 55.92 -47.03
N THR K 52 16.12 54.97 -47.44
CA THR K 52 15.02 54.53 -46.67
C THR K 52 15.08 53.09 -46.34
N ASP K 53 15.97 52.33 -46.95
CA ASP K 53 16.27 50.95 -46.45
C ASP K 53 15.08 50.07 -46.45
N TYR K 54 14.66 49.66 -47.63
CA TYR K 54 13.54 48.74 -47.78
C TYR K 54 13.83 47.40 -47.16
N GLN K 55 12.84 46.80 -46.52
CA GLN K 55 13.05 45.59 -45.77
C GLN K 55 12.49 44.44 -46.49
N THR K 56 13.13 43.28 -46.42
CA THR K 56 12.56 42.12 -47.21
C THR K 56 11.45 41.54 -46.57
N PRO K 57 10.58 40.98 -47.34
CA PRO K 57 9.39 40.50 -46.71
C PRO K 57 9.70 39.22 -46.10
N TRP K 58 8.88 38.78 -45.12
CA TRP K 58 9.19 37.61 -44.41
C TRP K 58 9.00 36.39 -45.25
N GLN K 59 8.03 36.47 -46.17
CA GLN K 59 7.78 35.42 -47.14
C GLN K 59 8.55 35.59 -48.40
N ALA K 60 8.87 34.46 -49.05
CA ALA K 60 9.63 34.56 -50.24
C ALA K 60 8.90 34.24 -51.54
N VAL K 61 7.65 33.85 -51.41
CA VAL K 61 6.88 33.45 -52.54
C VAL K 61 6.44 34.61 -53.32
N GLY K 62 6.26 35.74 -52.68
CA GLY K 62 5.90 36.95 -53.41
C GLY K 62 7.03 37.44 -54.27
N ALA K 63 8.20 37.44 -53.71
CA ALA K 63 9.35 37.95 -54.44
C ALA K 63 9.70 37.09 -55.66
N ARG K 64 9.63 35.78 -55.49
CA ARG K 64 9.87 34.88 -56.57
C ARG K 64 8.78 35.02 -57.58
N GLY K 65 7.57 35.16 -57.09
CA GLY K 65 6.38 35.09 -57.94
C GLY K 65 6.26 36.26 -58.87
N LEU K 66 6.59 37.48 -58.41
CA LEU K 66 6.45 38.66 -59.24
C LEU K 66 7.43 38.59 -60.37
N ASN K 67 8.67 38.22 -60.09
CA ASN K 67 9.65 38.15 -61.13
C ASN K 67 9.37 37.02 -62.10
N ASN K 68 8.89 35.90 -61.62
CA ASN K 68 8.59 34.77 -62.52
C ASN K 68 7.49 35.12 -63.43
N LEU K 69 6.48 35.84 -62.92
CA LEU K 69 5.31 36.15 -63.74
C LEU K 69 5.66 37.20 -64.77
N ALA K 70 6.48 38.17 -64.39
CA ALA K 70 6.91 39.17 -65.36
C ALA K 70 7.80 38.53 -66.44
N SER K 71 8.63 37.58 -66.06
CA SER K 71 9.49 36.94 -67.02
C SER K 71 8.71 36.07 -68.01
N LYS K 72 7.70 35.35 -67.53
CA LYS K 72 6.95 34.52 -68.43
C LYS K 72 6.10 35.34 -69.33
N LEU K 73 5.57 36.48 -68.83
CA LEU K 73 4.83 37.41 -69.71
C LEU K 73 5.73 37.98 -70.76
N MET K 74 6.98 38.22 -70.45
CA MET K 74 7.83 38.76 -71.49
C MET K 74 8.24 37.71 -72.48
N LEU K 75 8.43 36.46 -72.02
CA LEU K 75 8.73 35.32 -72.92
C LEU K 75 7.59 35.02 -73.86
N ALA K 76 6.37 35.37 -73.48
CA ALA K 76 5.28 35.11 -74.40
C ALA K 76 4.76 36.32 -75.11
N LEU K 77 5.21 37.48 -74.74
CA LEU K 77 4.68 38.69 -75.38
C LEU K 77 5.68 39.45 -76.23
N PHE K 78 6.99 39.33 -75.96
CA PHE K 78 7.97 39.97 -76.81
C PHE K 78 9.14 39.07 -77.01
N PRO K 79 9.00 38.02 -77.81
CA PRO K 79 10.12 37.10 -77.98
C PRO K 79 11.18 37.58 -79.00
N MET K 80 12.10 36.65 -79.31
CA MET K 80 13.12 36.87 -80.30
C MET K 80 12.53 36.93 -81.70
N GLN K 81 11.43 36.20 -81.89
CA GLN K 81 10.78 36.02 -83.20
C GLN K 81 10.03 37.23 -83.63
N THR K 82 9.39 37.11 -84.80
CA THR K 82 8.42 38.10 -85.20
C THR K 82 7.19 37.88 -84.41
N TRP K 83 6.70 38.93 -83.73
CA TRP K 83 5.53 38.78 -82.90
C TRP K 83 4.34 39.58 -83.31
N MET K 84 4.47 40.42 -84.34
CA MET K 84 3.29 41.07 -84.90
C MET K 84 3.00 40.45 -86.25
N ARG K 85 1.81 40.74 -86.76
CA ARG K 85 1.43 40.26 -88.08
C ARG K 85 0.75 41.38 -88.83
N LEU K 86 1.18 41.62 -90.06
CA LEU K 86 0.63 42.68 -90.90
C LEU K 86 -0.09 42.07 -92.10
N THR K 87 -1.40 42.27 -92.19
CA THR K 87 -2.23 41.58 -93.20
C THR K 87 -3.16 42.56 -93.87
N ILE K 88 -3.98 42.04 -94.81
CA ILE K 88 -4.79 42.85 -95.72
C ILE K 88 -6.25 42.42 -95.63
N SER K 89 -7.19 43.36 -95.60
CA SER K 89 -8.61 42.97 -95.50
C SER K 89 -9.53 43.85 -96.34
N GLU K 90 -10.67 43.30 -96.76
CA GLU K 90 -11.79 44.01 -97.48
C GLU K 90 -11.56 44.62 -98.85
N TYR K 91 -10.35 44.50 -99.33
CA TYR K 91 -9.99 44.80 -100.71
C TYR K 91 -9.11 43.69 -101.30
N GLU K 92 -8.70 42.73 -100.47
CA GLU K 92 -7.95 41.55 -100.91
C GLU K 92 -8.88 40.58 -101.63
N ALA K 93 -10.19 40.72 -101.44
CA ALA K 93 -11.19 39.93 -102.19
C ALA K 93 -11.16 40.26 -103.70
N LYS K 94 -10.70 41.46 -104.03
CA LYS K 94 -10.37 41.80 -105.41
C LYS K 94 -9.10 41.02 -105.83
N GLN K 95 -8.18 40.85 -104.88
CA GLN K 95 -6.81 40.51 -105.20
C GLN K 95 -6.51 39.04 -104.95
N LEU K 96 -7.07 38.47 -103.90
CA LEU K 96 -6.72 37.11 -103.50
C LEU K 96 -7.50 36.06 -104.29
N LEU K 97 -8.45 36.52 -105.10
CA LEU K 97 -9.26 35.60 -105.90
C LEU K 97 -8.38 34.93 -106.98
N SER K 98 -7.65 35.76 -107.72
CA SER K 98 -6.68 35.30 -108.70
C SER K 98 -5.28 35.49 -108.10
N ASP K 99 -4.28 35.14 -108.91
CA ASP K 99 -2.85 35.32 -108.61
C ASP K 99 -2.42 34.76 -107.25
N PRO K 100 -2.31 33.42 -107.09
CA PRO K 100 -1.62 32.93 -105.89
C PRO K 100 -0.12 33.26 -105.92
N ASP K 101 0.40 33.52 -107.12
CA ASP K 101 1.73 34.12 -107.27
C ASP K 101 1.74 35.64 -107.09
N GLY K 102 0.57 36.23 -106.88
CA GLY K 102 0.47 37.70 -106.82
C GLY K 102 0.63 38.29 -105.45
N LEU K 103 0.14 37.58 -104.44
CA LEU K 103 0.25 38.03 -103.09
C LEU K 103 1.62 37.73 -102.49
N ALA K 104 2.48 37.08 -103.25
CA ALA K 104 3.85 36.78 -102.78
C ALA K 104 4.70 38.06 -102.65
N LYS K 105 4.48 39.01 -103.57
CA LYS K 105 5.14 40.31 -103.49
C LYS K 105 4.67 41.10 -102.27
N VAL K 106 3.39 40.96 -101.96
CA VAL K 106 2.79 41.59 -100.80
C VAL K 106 3.36 40.99 -99.51
N ASP K 107 3.56 39.67 -99.52
CA ASP K 107 4.16 38.97 -98.39
C ASP K 107 5.58 39.44 -98.19
N GLU K 108 6.33 39.61 -99.28
CA GLU K 108 7.71 40.05 -99.15
C GLU K 108 7.79 41.48 -98.62
N GLY K 109 6.90 42.36 -99.11
CA GLY K 109 6.86 43.75 -98.67
C GLY K 109 6.51 43.86 -97.16
N LEU K 110 5.49 43.11 -96.75
CA LEU K 110 5.10 43.18 -95.36
C LEU K 110 6.08 42.49 -94.42
N SER K 111 6.77 41.45 -94.89
CA SER K 111 7.82 40.87 -94.08
C SER K 111 9.03 41.82 -93.94
N MET K 112 9.27 42.61 -94.98
CA MET K 112 10.26 43.67 -94.90
C MET K 112 9.85 44.69 -93.83
N VAL K 113 8.57 45.08 -93.79
CA VAL K 113 8.14 46.07 -92.81
C VAL K 113 8.17 45.52 -91.40
N GLU K 114 7.83 44.24 -91.25
CA GLU K 114 7.92 43.59 -89.94
C GLU K 114 9.35 43.46 -89.44
N ARG K 115 10.26 43.17 -90.36
CA ARG K 115 11.63 43.08 -89.99
C ARG K 115 12.17 44.44 -89.58
N ILE K 116 11.72 45.53 -90.22
CA ILE K 116 12.25 46.82 -89.89
C ILE K 116 11.71 47.35 -88.57
N ILE K 117 10.47 47.00 -88.29
CA ILE K 117 9.94 47.32 -86.96
C ILE K 117 10.73 46.52 -85.87
N MET K 118 10.94 45.21 -86.09
CA MET K 118 11.70 44.38 -85.15
C MET K 118 13.12 44.87 -84.96
N ASN K 119 13.71 45.41 -86.01
CA ASN K 119 15.06 45.89 -85.88
C ASN K 119 15.09 47.12 -85.03
N TYR K 120 14.07 47.97 -85.21
CA TYR K 120 13.98 49.17 -84.36
C TYR K 120 13.69 48.81 -82.92
N ILE K 121 13.01 47.67 -82.68
CA ILE K 121 12.83 47.16 -81.34
C ILE K 121 14.18 46.76 -80.73
N GLU K 122 14.97 45.96 -81.45
CA GLU K 122 16.19 45.44 -80.86
C GLU K 122 17.21 46.53 -80.62
N SER K 123 17.20 47.56 -81.46
CA SER K 123 18.28 48.54 -81.39
C SER K 123 18.11 49.50 -80.27
N ASN K 124 16.91 49.96 -80.07
CA ASN K 124 16.71 51.03 -79.15
C ASN K 124 16.43 50.58 -77.74
N SER K 125 16.62 49.31 -77.44
CA SER K 125 16.41 48.78 -76.11
C SER K 125 14.98 49.01 -75.65
N TYR K 126 14.01 48.48 -76.37
CA TYR K 126 12.69 48.39 -75.82
C TYR K 126 12.56 47.18 -74.91
N ARG K 127 13.49 46.21 -74.96
CA ARG K 127 13.30 45.01 -74.16
C ARG K 127 13.46 45.31 -72.68
N VAL K 128 14.42 46.18 -72.38
CA VAL K 128 14.70 46.55 -71.00
C VAL K 128 13.50 47.35 -70.41
N THR K 129 13.01 48.32 -71.14
CA THR K 129 11.93 49.10 -70.61
C THR K 129 10.61 48.33 -70.59
N LEU K 130 10.45 47.38 -71.47
CA LEU K 130 9.27 46.59 -71.41
C LEU K 130 9.32 45.65 -70.25
N PHE K 131 10.48 45.14 -69.88
CA PHE K 131 10.53 44.26 -68.71
C PHE K 131 10.22 45.02 -67.46
N GLU K 132 10.73 46.24 -67.38
CA GLU K 132 10.41 47.12 -66.27
C GLU K 132 8.89 47.43 -66.24
N ALA K 133 8.30 47.66 -67.39
CA ALA K 133 6.93 47.98 -67.44
C ALA K 133 6.10 46.80 -67.06
N LEU K 134 6.54 45.60 -67.39
CA LEU K 134 5.77 44.42 -66.98
C LEU K 134 5.85 44.21 -65.46
N LYS K 135 7.01 44.46 -64.83
CA LYS K 135 7.08 44.35 -63.40
C LYS K 135 6.15 45.38 -62.75
N GLN K 136 6.07 46.60 -63.31
CA GLN K 136 5.16 47.60 -62.79
C GLN K 136 3.73 47.17 -62.99
N LEU K 137 3.44 46.54 -64.11
CA LEU K 137 2.06 46.19 -64.42
C LEU K 137 1.60 44.99 -63.65
N VAL K 138 2.52 44.23 -63.08
CA VAL K 138 2.10 43.13 -62.23
C VAL K 138 2.00 43.59 -60.80
N VAL K 139 2.94 44.36 -60.30
CA VAL K 139 2.83 44.76 -58.93
C VAL K 139 1.82 45.88 -58.75
N ALA K 140 1.74 46.82 -59.66
CA ALA K 140 0.79 47.88 -59.53
C ALA K 140 -0.14 47.76 -60.71
N GLY K 141 -1.08 48.66 -60.81
CA GLY K 141 -2.15 48.44 -61.74
C GLY K 141 -2.01 49.19 -63.01
N ASN K 142 -1.10 50.13 -63.08
CA ASN K 142 -1.13 51.01 -64.21
C ASN K 142 0.27 51.47 -64.60
N VAL K 143 0.60 51.39 -65.88
CA VAL K 143 1.88 51.89 -66.38
C VAL K 143 1.56 52.79 -67.53
N LEU K 144 2.46 53.71 -67.83
CA LEU K 144 2.25 54.64 -68.99
C LEU K 144 3.52 54.67 -69.81
N LEU K 145 3.49 54.07 -71.01
CA LEU K 145 4.65 54.14 -71.86
C LEU K 145 4.51 55.35 -72.77
N TYR K 146 5.66 55.90 -73.16
CA TYR K 146 5.68 56.94 -74.17
C TYR K 146 6.94 56.83 -74.95
N LEU K 147 6.74 56.57 -76.25
CA LEU K 147 7.78 56.55 -77.21
C LEU K 147 7.75 57.84 -78.04
N PRO K 148 8.87 58.59 -78.09
CA PRO K 148 8.89 59.88 -78.71
C PRO K 148 9.01 59.78 -80.22
N GLU K 149 9.11 60.93 -80.89
CA GLU K 149 9.49 60.92 -82.30
C GLU K 149 10.94 60.50 -82.40
N PRO K 150 11.30 59.70 -83.42
CA PRO K 150 12.68 59.21 -83.48
C PRO K 150 13.70 60.28 -83.82
N GLU K 151 13.40 61.16 -84.78
CA GLU K 151 14.27 62.31 -85.11
C GLU K 151 15.69 61.89 -85.48
N GLY K 152 15.80 60.73 -86.12
CA GLY K 152 17.07 60.19 -86.57
C GLY K 152 17.20 58.77 -86.14
N SER K 153 18.26 58.12 -86.64
CA SER K 153 18.54 56.74 -86.31
C SER K 153 19.53 56.60 -85.13
N ASN K 154 19.68 57.67 -84.38
CA ASN K 154 20.45 57.65 -83.14
C ASN K 154 19.65 56.95 -82.01
N TYR K 155 20.20 56.93 -80.81
CA TYR K 155 19.59 56.16 -79.74
C TYR K 155 18.35 56.83 -79.18
N ASN K 156 17.20 56.15 -79.24
CA ASN K 156 15.96 56.67 -78.69
C ASN K 156 15.22 55.61 -77.93
N PRO K 157 15.41 55.55 -76.61
CA PRO K 157 14.71 54.57 -75.81
C PRO K 157 13.32 55.05 -75.50
N MET K 158 12.57 54.27 -74.69
CA MET K 158 11.19 54.62 -74.42
C MET K 158 10.95 55.04 -73.00
N LYS K 159 10.40 56.24 -72.79
CA LYS K 159 10.25 56.77 -71.44
C LYS K 159 9.09 56.11 -70.75
N LEU K 160 9.38 55.49 -69.60
CA LEU K 160 8.33 54.83 -68.82
C LEU K 160 7.77 55.81 -67.84
N TYR K 161 6.58 55.54 -67.37
CA TYR K 161 6.01 56.33 -66.31
C TYR K 161 5.32 55.38 -65.36
N ARG K 162 5.88 55.26 -64.15
CA ARG K 162 5.20 54.52 -63.11
C ARG K 162 4.07 55.38 -62.53
N LEU K 163 3.23 54.77 -61.69
CA LEU K 163 1.91 55.27 -61.40
C LEU K 163 1.94 56.55 -60.69
N SER K 164 3.03 56.85 -59.99
CA SER K 164 3.09 58.08 -59.17
C SER K 164 3.20 59.35 -60.01
N SER K 165 3.59 59.24 -61.25
CA SER K 165 3.97 60.43 -61.97
C SER K 165 3.07 60.75 -63.13
N TYR K 166 1.92 60.09 -63.25
CA TYR K 166 0.96 60.46 -64.29
C TYR K 166 -0.43 60.29 -63.80
N VAL K 167 -1.40 60.63 -64.65
CA VAL K 167 -2.74 60.49 -64.25
C VAL K 167 -3.61 60.27 -65.49
N VAL K 168 -4.72 59.53 -65.39
CA VAL K 168 -5.58 59.25 -66.52
C VAL K 168 -7.02 59.31 -66.11
N GLN K 169 -7.83 60.09 -66.82
CA GLN K 169 -9.27 60.11 -66.60
C GLN K 169 -9.96 59.40 -67.78
N ARG K 170 -10.93 58.56 -67.43
CA ARG K 170 -11.68 57.82 -68.44
C ARG K 170 -13.17 58.07 -68.24
N ASP K 171 -13.95 57.56 -69.17
CA ASP K 171 -15.41 57.50 -69.04
C ASP K 171 -15.79 56.09 -68.64
N ALA K 172 -17.07 55.74 -68.68
CA ALA K 172 -17.43 54.38 -68.30
C ALA K 172 -17.19 53.38 -69.41
N PHE K 173 -16.87 53.82 -70.63
CA PHE K 173 -16.33 52.89 -71.60
C PHE K 173 -14.89 52.47 -71.26
N GLY K 174 -13.98 53.42 -71.31
CA GLY K 174 -12.58 53.13 -71.30
C GLY K 174 -11.93 54.00 -72.35
N ASN K 175 -12.72 54.92 -72.91
CA ASN K 175 -12.16 55.94 -73.73
C ASN K 175 -11.31 56.82 -72.85
N VAL K 176 -10.04 56.99 -73.22
CA VAL K 176 -9.19 57.88 -72.49
C VAL K 176 -9.53 59.33 -72.82
N LEU K 177 -10.07 60.06 -71.84
CA LEU K 177 -10.37 61.45 -72.11
C LEU K 177 -9.13 62.32 -72.01
N GLN K 178 -8.37 62.18 -70.93
CA GLN K 178 -7.22 63.00 -70.71
C GLN K 178 -6.13 62.35 -69.89
N MET K 179 -4.88 62.70 -70.17
CA MET K 179 -3.79 62.27 -69.41
C MET K 179 -2.89 63.51 -69.05
N VAL K 180 -2.21 63.46 -67.91
CA VAL K 180 -1.20 64.38 -67.62
C VAL K 180 0.00 63.65 -67.03
N THR K 181 1.21 63.90 -67.54
CA THR K 181 2.42 63.34 -66.96
C THR K 181 3.26 64.38 -66.27
N ARG K 182 4.09 63.99 -65.32
CA ARG K 182 4.70 64.89 -64.37
C ARG K 182 6.17 64.57 -64.27
N ASP K 183 6.84 64.62 -65.41
CA ASP K 183 8.30 64.45 -65.39
C ASP K 183 8.95 65.59 -64.61
N GLN K 184 9.97 65.20 -63.85
CA GLN K 184 10.78 66.15 -63.11
C GLN K 184 12.22 66.12 -63.65
N ILE K 185 12.58 67.10 -64.47
CA ILE K 185 13.86 67.11 -65.14
C ILE K 185 14.70 68.23 -64.59
N ALA K 186 16.00 68.08 -64.58
CA ALA K 186 16.88 69.21 -64.21
C ALA K 186 16.89 70.26 -65.31
N PHE K 187 17.16 71.50 -64.94
CA PHE K 187 17.27 72.62 -65.87
C PHE K 187 18.41 72.45 -66.84
N GLY K 188 19.44 71.72 -66.45
CA GLY K 188 20.59 71.53 -67.31
C GLY K 188 20.35 70.57 -68.43
N ALA K 189 19.57 69.52 -68.17
CA ALA K 189 19.37 68.48 -69.15
C ALA K 189 18.02 68.59 -69.85
N LEU K 190 17.46 69.80 -69.89
CA LEU K 190 16.21 70.00 -70.60
C LEU K 190 16.40 69.93 -72.11
N PRO K 191 15.35 69.63 -72.87
CA PRO K 191 15.37 69.97 -74.30
C PRO K 191 15.47 71.49 -74.50
N GLU K 192 16.03 71.86 -75.66
CA GLU K 192 16.50 73.23 -75.87
C GLU K 192 15.36 74.23 -75.96
N ASP K 193 14.24 73.81 -76.52
CA ASP K 193 13.10 74.70 -76.63
C ASP K 193 12.47 75.01 -75.27
N ILE K 194 12.53 74.05 -74.36
CA ILE K 194 11.93 74.25 -73.07
C ILE K 194 12.76 75.17 -72.19
N ARG K 195 14.07 75.16 -72.39
CA ARG K 195 14.97 76.03 -71.62
C ARG K 195 14.68 77.49 -71.86
N LYS K 196 14.43 77.84 -73.12
CA LYS K 196 14.12 79.22 -73.44
C LYS K 196 12.74 79.62 -72.94
N ALA K 197 11.80 78.67 -72.96
CA ALA K 197 10.46 78.92 -72.45
C ALA K 197 10.48 79.15 -70.93
N VAL K 198 11.30 78.41 -70.21
CA VAL K 198 11.42 78.61 -68.79
C VAL K 198 12.19 79.91 -68.51
N GLU K 199 13.24 80.17 -69.27
CA GLU K 199 14.06 81.34 -69.05
C GLU K 199 13.28 82.61 -69.32
N GLY K 200 12.32 82.56 -70.24
CA GLY K 200 11.45 83.70 -70.52
C GLY K 200 10.51 84.05 -69.37
N GLN K 201 10.24 83.09 -68.49
CA GLN K 201 9.40 83.34 -67.32
C GLN K 201 10.12 84.27 -66.35
N GLY K 202 11.44 84.18 -66.29
CA GLY K 202 12.21 85.12 -65.50
C GLY K 202 12.92 84.49 -64.33
N GLY K 203 13.89 85.23 -63.83
CA GLY K 203 14.81 84.77 -62.81
C GLY K 203 15.84 83.81 -63.40
N GLU K 204 17.11 83.98 -63.04
CA GLU K 204 18.13 83.01 -63.40
C GLU K 204 17.89 81.70 -62.64
N LYS K 205 18.41 80.62 -63.17
CA LYS K 205 18.23 79.32 -62.53
C LYS K 205 19.55 78.66 -62.35
N LYS K 206 19.65 77.83 -61.32
CA LYS K 206 20.87 77.02 -61.15
C LYS K 206 20.84 75.86 -62.13
N ALA K 207 21.94 75.13 -62.24
CA ALA K 207 21.91 74.01 -63.17
C ALA K 207 21.09 72.83 -62.59
N ASP K 208 21.26 72.44 -61.32
CA ASP K 208 20.59 71.27 -60.82
C ASP K 208 19.30 71.57 -60.15
N GLU K 209 18.77 72.77 -60.34
CA GLU K 209 17.47 73.11 -59.76
C GLU K 209 16.35 72.40 -60.54
N THR K 210 15.55 71.64 -59.82
CA THR K 210 14.58 70.78 -60.49
C THR K 210 13.46 71.59 -61.03
N ILE K 211 13.02 71.21 -62.24
CA ILE K 211 11.90 71.86 -62.90
C ILE K 211 10.90 70.78 -63.28
N ASP K 212 9.68 70.95 -62.81
CA ASP K 212 8.62 70.04 -63.10
C ASP K 212 7.87 70.45 -64.34
N VAL K 213 7.95 69.64 -65.39
CA VAL K 213 7.10 69.86 -66.53
C VAL K 213 5.81 69.10 -66.35
N TYR K 214 4.82 69.43 -67.14
CA TYR K 214 3.59 68.66 -67.16
C TYR K 214 3.19 68.50 -68.60
N THR K 215 2.85 67.29 -69.01
CA THR K 215 2.40 67.06 -70.36
C THR K 215 0.94 66.72 -70.30
N HIS K 216 0.13 67.43 -71.06
CA HIS K 216 -1.32 67.24 -71.03
C HIS K 216 -1.80 66.80 -72.40
N ILE K 217 -2.61 65.74 -72.41
CA ILE K 217 -3.21 65.18 -73.63
C ILE K 217 -4.70 65.14 -73.37
N TYR K 218 -5.51 65.71 -74.27
CA TYR K 218 -6.96 65.78 -74.03
C TYR K 218 -7.77 65.62 -75.25
N LEU K 219 -8.99 65.06 -75.09
CA LEU K 219 -9.98 65.00 -76.19
C LEU K 219 -10.49 66.38 -76.51
N ASP K 220 -10.68 66.62 -77.80
CA ASP K 220 -11.18 67.90 -78.25
C ASP K 220 -12.68 67.95 -78.10
N GLU K 221 -13.19 69.15 -77.84
CA GLU K 221 -14.61 69.41 -77.85
C GLU K 221 -15.14 69.45 -79.29
N ASP K 222 -14.26 69.68 -80.27
CA ASP K 222 -14.67 69.82 -81.65
C ASP K 222 -14.56 68.48 -82.38
N SER K 223 -13.35 67.94 -82.44
CA SER K 223 -13.11 66.76 -83.26
C SER K 223 -12.71 65.57 -82.41
N GLY K 224 -12.59 64.42 -83.06
CA GLY K 224 -12.26 63.19 -82.39
C GLY K 224 -10.78 62.87 -82.40
N GLU K 225 -9.93 63.86 -82.19
CA GLU K 225 -8.48 63.64 -82.16
C GLU K 225 -7.90 64.30 -80.89
N TYR K 226 -6.77 63.80 -80.41
CA TYR K 226 -6.20 64.31 -79.19
C TYR K 226 -5.41 65.60 -79.45
N LEU K 227 -5.33 66.44 -78.42
CA LEU K 227 -4.44 67.60 -78.43
C LEU K 227 -3.48 67.53 -77.27
N ARG K 228 -2.19 67.78 -77.50
CA ARG K 228 -1.18 67.78 -76.43
C ARG K 228 -0.46 69.10 -76.32
N TYR K 229 -0.11 69.47 -75.08
CA TYR K 229 0.76 70.58 -74.82
C TYR K 229 1.55 70.34 -73.60
N GLU K 230 2.61 71.14 -73.46
CA GLU K 230 3.48 71.07 -72.27
C GLU K 230 3.26 72.30 -71.43
N GLU K 231 3.61 72.21 -70.16
CA GLU K 231 3.45 73.32 -69.27
C GLU K 231 4.55 73.30 -68.24
N VAL K 232 5.19 74.45 -68.05
CA VAL K 232 6.16 74.63 -66.98
C VAL K 232 5.80 75.89 -66.21
N GLU K 233 5.59 75.72 -64.91
CA GLU K 233 5.46 76.84 -64.00
C GLU K 233 4.16 77.66 -64.24
N GLY K 234 3.24 77.11 -65.03
CA GLY K 234 1.96 77.75 -65.21
C GLY K 234 1.80 78.50 -66.52
N MET K 235 2.36 77.94 -67.58
CA MET K 235 2.32 78.56 -68.89
C MET K 235 2.59 77.51 -69.94
N GLU K 236 1.81 77.54 -71.01
CA GLU K 236 1.98 76.58 -72.08
C GLU K 236 3.31 76.84 -72.85
N VAL K 237 4.08 75.80 -73.04
CA VAL K 237 5.42 75.91 -73.62
C VAL K 237 5.35 76.20 -75.09
N GLN K 238 5.94 77.33 -75.48
CA GLN K 238 5.95 77.76 -76.89
C GLN K 238 6.70 76.81 -77.75
N GLY K 239 6.13 76.53 -78.92
CA GLY K 239 6.67 75.55 -79.87
C GLY K 239 6.64 74.10 -79.39
N SER K 240 5.66 73.77 -78.56
CA SER K 240 5.50 72.40 -78.11
C SER K 240 4.09 71.86 -78.31
N ASP K 241 3.35 72.52 -79.21
CA ASP K 241 1.99 72.15 -79.53
C ASP K 241 1.96 70.81 -80.21
N GLY K 242 0.82 70.14 -80.10
CA GLY K 242 0.70 68.84 -80.74
C GLY K 242 -0.72 68.44 -81.03
N THR K 243 -0.90 67.83 -82.19
CA THR K 243 -2.17 67.26 -82.58
C THR K 243 -1.91 65.82 -82.90
N TYR K 244 -2.69 64.92 -82.32
CA TYR K 244 -2.47 63.54 -82.53
C TYR K 244 -3.72 62.87 -83.06
N PRO K 245 -3.58 61.94 -84.02
CA PRO K 245 -4.74 61.18 -84.50
C PRO K 245 -5.25 60.18 -83.46
N LYS K 246 -6.44 59.67 -83.70
CA LYS K 246 -7.18 58.91 -82.69
C LYS K 246 -6.53 57.58 -82.36
N GLU K 247 -5.87 56.98 -83.35
CA GLU K 247 -5.37 55.63 -83.19
C GLU K 247 -3.89 55.54 -82.94
N ALA K 248 -3.15 56.61 -83.27
CA ALA K 248 -1.69 56.57 -83.23
C ALA K 248 -1.17 57.44 -82.08
N CYS K 249 -1.80 57.30 -80.95
CA CYS K 249 -1.47 58.11 -79.80
C CYS K 249 -0.19 57.58 -79.20
N PRO K 250 0.84 58.43 -79.08
CA PRO K 250 2.11 57.93 -78.63
C PRO K 250 2.14 57.68 -77.13
N TYR K 251 1.20 58.27 -76.37
CA TYR K 251 1.13 57.99 -74.95
C TYR K 251 0.19 56.76 -74.79
N ILE K 252 0.74 55.64 -74.34
CA ILE K 252 -0.01 54.43 -74.24
C ILE K 252 -0.22 54.11 -72.75
N PRO K 253 -1.45 54.24 -72.25
CA PRO K 253 -1.72 53.82 -70.88
C PRO K 253 -2.12 52.36 -70.79
N ILE K 254 -1.43 51.58 -69.96
CA ILE K 254 -1.65 50.15 -69.93
C ILE K 254 -2.21 49.76 -68.58
N ARG K 255 -3.30 48.99 -68.59
CA ARG K 255 -3.90 48.40 -67.41
C ARG K 255 -3.70 46.89 -67.45
N MET K 256 -3.48 46.26 -66.31
CA MET K 256 -3.40 44.82 -66.28
C MET K 256 -4.80 44.19 -66.26
N VAL K 257 -5.61 44.48 -65.24
CA VAL K 257 -6.92 43.86 -65.15
C VAL K 257 -7.95 44.94 -65.14
N ARG K 258 -8.78 44.99 -66.17
CA ARG K 258 -9.71 46.10 -66.31
C ARG K 258 -10.97 45.87 -65.52
N LEU K 259 -11.61 46.97 -65.15
CA LEU K 259 -12.93 46.95 -64.48
C LEU K 259 -13.81 47.98 -65.12
N ASP K 260 -15.10 47.71 -65.08
CA ASP K 260 -16.04 48.55 -65.73
C ASP K 260 -16.22 49.86 -64.96
N GLY K 261 -16.18 50.98 -65.70
CA GLY K 261 -16.48 52.28 -65.13
C GLY K 261 -15.48 52.70 -64.09
N GLU K 262 -14.24 52.55 -64.44
CA GLU K 262 -13.16 52.75 -63.51
C GLU K 262 -11.89 53.08 -64.30
N SER K 263 -11.29 54.22 -63.97
CA SER K 263 -10.32 54.83 -64.88
C SER K 263 -8.97 54.21 -64.88
N TYR K 264 -8.72 53.29 -63.98
CA TYR K 264 -7.37 52.76 -63.77
C TYR K 264 -7.38 51.24 -63.80
N GLY K 265 -6.27 50.65 -63.42
CA GLY K 265 -6.18 49.20 -63.44
C GLY K 265 -5.84 48.69 -62.10
N ARG K 266 -6.19 47.43 -61.85
CA ARG K 266 -5.80 46.79 -60.59
C ARG K 266 -4.88 45.66 -60.85
N SER K 267 -3.83 45.59 -60.06
CA SER K 267 -2.76 44.66 -60.33
C SER K 267 -3.21 43.21 -60.16
N TYR K 268 -2.42 42.32 -60.72
CA TYR K 268 -2.69 40.89 -60.62
C TYR K 268 -2.30 40.41 -59.28
N ILE K 269 -1.36 41.06 -58.57
CA ILE K 269 -0.99 40.63 -57.25
C ILE K 269 -2.06 40.96 -56.21
N GLU K 270 -2.89 41.97 -56.53
CA GLU K 270 -4.00 42.36 -55.65
C GLU K 270 -5.00 41.21 -55.42
N GLU K 271 -5.32 40.50 -56.45
CA GLU K 271 -6.22 39.45 -56.34
C GLU K 271 -5.72 38.34 -55.52
N TYR K 272 -4.45 38.19 -55.36
CA TYR K 272 -3.99 37.15 -54.43
C TYR K 272 -3.21 37.78 -53.30
N LEU K 273 -3.58 38.99 -52.90
CA LEU K 273 -2.83 39.70 -51.85
C LEU K 273 -3.01 39.09 -50.49
N GLY K 274 -4.22 38.74 -50.17
CA GLY K 274 -4.57 38.34 -48.81
C GLY K 274 -3.91 37.01 -48.42
N ASP K 275 -4.03 35.99 -49.26
CA ASP K 275 -3.29 34.80 -49.02
C ASP K 275 -1.84 35.03 -49.11
N LEU K 276 -1.45 36.14 -49.72
CA LEU K 276 -0.07 36.53 -49.66
C LEU K 276 0.20 37.00 -48.26
N ARG K 277 -0.59 37.94 -47.73
CA ARG K 277 -0.30 38.48 -46.39
C ARG K 277 -0.55 37.47 -45.30
N SER K 278 -1.47 36.57 -45.50
CA SER K 278 -1.65 35.51 -44.52
C SER K 278 -0.50 34.62 -44.53
N LEU K 279 0.24 34.52 -45.62
CA LEU K 279 1.50 33.79 -45.59
C LEU K 279 2.44 34.52 -44.80
N GLU K 280 2.51 35.83 -45.03
CA GLU K 280 3.50 36.73 -44.40
C GLU K 280 3.48 36.54 -42.91
N ASN K 281 2.31 36.77 -42.26
CA ASN K 281 2.19 36.64 -40.87
C ASN K 281 2.59 35.28 -40.46
N LEU K 282 2.06 34.30 -41.10
CA LEU K 282 2.25 32.90 -40.68
C LEU K 282 3.62 32.50 -40.84
N GLN K 283 4.34 33.19 -41.66
CA GLN K 283 5.70 32.83 -41.84
C GLN K 283 6.56 33.62 -40.87
N GLU K 284 6.16 34.86 -40.63
CA GLU K 284 6.90 35.80 -39.80
C GLU K 284 7.18 35.20 -38.48
N ALA K 285 6.09 34.75 -37.84
CA ALA K 285 6.13 34.13 -36.51
C ALA K 285 7.20 33.13 -36.44
N ILE K 286 7.24 32.29 -37.46
CA ILE K 286 8.09 31.11 -37.45
C ILE K 286 9.51 31.58 -37.31
N VAL K 287 9.90 32.60 -38.05
CA VAL K 287 11.23 33.10 -37.99
C VAL K 287 11.45 33.65 -36.59
N LYS K 288 10.48 34.42 -36.06
CA LYS K 288 10.58 34.96 -34.71
C LYS K 288 10.64 33.82 -33.70
N MET K 289 9.84 32.80 -33.94
CA MET K 289 9.86 31.70 -32.99
C MET K 289 11.08 30.94 -33.13
N SER K 290 11.84 31.12 -34.17
CA SER K 290 13.05 30.40 -34.22
C SER K 290 14.00 31.10 -33.36
N MET K 291 13.96 32.41 -33.37
CA MET K 291 15.04 33.19 -32.76
C MET K 291 14.99 32.96 -31.23
N ILE K 292 13.80 32.73 -30.62
CA ILE K 292 13.67 32.41 -29.24
C ILE K 292 14.44 31.17 -28.95
N SER K 293 14.42 30.22 -29.87
CA SER K 293 15.23 29.00 -29.70
C SER K 293 16.74 29.27 -29.70
N SER K 294 17.16 30.41 -30.23
CA SER K 294 18.55 30.64 -30.37
C SER K 294 19.05 31.47 -29.24
N LYS K 295 18.52 31.27 -28.07
CA LYS K 295 18.93 31.98 -26.84
C LYS K 295 19.08 30.86 -25.76
N VAL K 296 20.32 30.47 -25.50
CA VAL K 296 20.61 29.51 -24.54
C VAL K 296 20.49 30.19 -23.18
N ILE K 297 19.57 29.73 -22.32
CA ILE K 297 19.58 30.14 -20.92
C ILE K 297 19.75 28.89 -20.12
N GLY K 298 20.79 28.84 -19.32
CA GLY K 298 20.93 27.72 -18.40
C GLY K 298 20.18 27.95 -17.09
N LEU K 299 19.15 27.15 -16.85
CA LEU K 299 18.45 27.26 -15.61
C LEU K 299 19.11 26.37 -14.56
N VAL K 300 19.71 26.97 -13.50
CA VAL K 300 20.23 26.17 -12.40
C VAL K 300 19.30 26.05 -11.32
N ASN K 301 19.11 24.87 -10.82
CA ASN K 301 17.97 24.63 -9.84
C ASN K 301 18.42 24.95 -8.49
N PRO K 302 17.84 25.94 -7.85
CA PRO K 302 18.33 26.35 -6.65
C PRO K 302 18.25 25.34 -5.58
N ALA K 303 17.43 24.36 -5.72
CA ALA K 303 17.30 23.40 -4.64
C ALA K 303 18.38 22.41 -4.60
N GLY K 304 19.27 22.49 -5.55
CA GLY K 304 20.27 21.43 -5.70
C GLY K 304 21.62 21.91 -5.20
N ILE K 305 22.67 21.24 -5.72
CA ILE K 305 23.93 21.44 -5.22
C ILE K 305 24.75 22.19 -6.18
N THR K 306 24.61 21.93 -7.48
CA THR K 306 25.59 22.37 -8.44
C THR K 306 25.56 23.83 -8.63
N GLN K 307 26.72 24.49 -8.74
CA GLN K 307 26.65 25.94 -8.88
C GLN K 307 27.59 26.58 -9.82
N PRO K 308 27.15 27.54 -10.59
CA PRO K 308 27.91 27.92 -11.70
C PRO K 308 29.15 28.76 -11.45
N ARG K 309 29.64 28.92 -10.23
CA ARG K 309 31.01 29.41 -10.12
C ARG K 309 31.97 28.26 -10.37
N ARG K 310 31.47 27.06 -10.59
CA ARG K 310 32.36 25.94 -10.73
C ARG K 310 32.24 25.27 -12.03
N LEU K 311 31.11 25.41 -12.73
CA LEU K 311 31.07 24.93 -14.12
C LEU K 311 31.93 25.82 -14.98
N THR K 312 31.86 27.12 -14.81
CA THR K 312 32.39 27.85 -15.77
C THR K 312 33.85 27.91 -15.65
N LYS K 313 34.40 27.95 -14.44
CA LYS K 313 35.86 28.25 -14.30
C LYS K 313 36.66 27.09 -14.59
N ALA K 314 36.04 25.93 -14.67
CA ALA K 314 36.82 24.68 -14.87
C ALA K 314 37.29 24.54 -16.27
N GLN K 315 38.55 24.09 -16.48
CA GLN K 315 38.95 23.92 -17.89
C GLN K 315 38.29 22.70 -18.43
N THR K 316 38.58 22.36 -19.69
CA THR K 316 37.87 21.22 -20.26
C THR K 316 38.37 20.01 -19.71
N GLY K 317 37.47 19.10 -19.38
CA GLY K 317 37.77 17.87 -18.72
C GLY K 317 38.37 18.13 -17.34
N ASP K 318 37.56 18.85 -16.61
CA ASP K 318 37.88 19.06 -15.21
C ASP K 318 36.76 18.52 -14.38
N PHE K 319 37.06 17.66 -13.42
CA PHE K 319 36.03 17.17 -12.59
C PHE K 319 35.53 18.32 -11.70
N VAL K 320 34.23 18.39 -11.44
CA VAL K 320 33.79 19.30 -10.54
C VAL K 320 32.50 18.91 -9.93
N THR K 321 32.10 19.50 -8.80
CA THR K 321 31.07 18.88 -8.06
C THR K 321 29.77 19.20 -8.38
N GLY K 322 28.87 18.25 -8.49
CA GLY K 322 27.48 18.63 -8.92
C GLY K 322 26.67 17.52 -9.43
N ARG K 323 25.41 17.70 -9.41
CA ARG K 323 24.58 16.70 -9.91
C ARG K 323 24.04 17.14 -11.25
N PRO K 324 23.71 16.20 -12.14
CA PRO K 324 23.28 16.56 -13.40
C PRO K 324 21.85 16.96 -13.43
N GLU K 325 21.03 16.67 -12.43
CA GLU K 325 19.65 17.08 -12.57
C GLU K 325 19.43 18.53 -12.18
N ASP K 326 20.49 19.24 -11.84
CA ASP K 326 20.31 20.59 -11.41
C ASP K 326 20.34 21.56 -12.54
N ILE K 327 21.25 21.41 -13.50
CA ILE K 327 21.28 22.38 -14.59
C ILE K 327 20.39 21.85 -15.65
N SER K 328 19.51 22.66 -16.17
CA SER K 328 18.78 22.29 -17.40
C SER K 328 18.80 23.49 -18.29
N PHE K 329 18.15 23.40 -19.44
CA PHE K 329 18.18 24.54 -20.31
C PHE K 329 16.80 24.84 -20.78
N LEU K 330 16.51 26.12 -20.94
CA LEU K 330 15.09 26.58 -21.19
C LEU K 330 14.78 26.33 -22.59
N GLN K 331 13.89 25.37 -22.91
CA GLN K 331 13.44 25.15 -24.30
C GLN K 331 12.18 25.92 -24.57
N LEU K 332 11.72 25.84 -25.80
CA LEU K 332 10.47 26.56 -26.20
C LEU K 332 9.57 25.49 -26.78
N GLU K 333 8.58 25.07 -26.01
CA GLU K 333 7.93 23.87 -26.31
C GLU K 333 6.75 23.97 -27.26
N LYS K 334 6.68 25.01 -28.11
CA LYS K 334 5.70 25.01 -29.19
C LYS K 334 6.11 23.95 -30.23
N GLN K 335 5.48 22.80 -30.18
CA GLN K 335 5.71 21.82 -31.20
C GLN K 335 4.47 21.58 -32.02
N ALA K 336 3.34 21.42 -31.37
CA ALA K 336 2.09 21.27 -32.10
C ALA K 336 1.73 22.58 -32.81
N ASP K 337 2.00 23.72 -32.18
CA ASP K 337 1.80 24.98 -32.88
C ASP K 337 2.75 25.14 -34.05
N PHE K 338 4.00 24.69 -33.91
CA PHE K 338 4.92 24.78 -35.00
C PHE K 338 4.53 23.89 -36.18
N THR K 339 4.03 22.68 -35.91
CA THR K 339 3.58 21.82 -37.01
C THR K 339 2.31 22.26 -37.69
N VAL K 340 1.40 22.89 -36.94
CA VAL K 340 0.22 23.40 -37.59
C VAL K 340 0.52 24.67 -38.34
N ALA K 341 1.46 25.45 -37.86
CA ALA K 341 1.80 26.69 -38.57
C ALA K 341 2.52 26.36 -39.85
N LYS K 342 3.42 25.38 -39.81
CA LYS K 342 4.15 25.00 -41.00
C LYS K 342 3.22 24.36 -42.01
N ALA K 343 2.22 23.64 -41.55
CA ALA K 343 1.27 22.99 -42.47
C ALA K 343 0.45 24.00 -43.22
N VAL K 344 -0.04 24.98 -42.54
CA VAL K 344 -0.84 25.96 -43.24
C VAL K 344 0.03 26.87 -44.07
N SER K 345 1.28 27.09 -43.67
CA SER K 345 2.21 27.83 -44.48
C SER K 345 2.45 27.14 -45.80
N ASP K 346 2.63 25.84 -45.76
CA ASP K 346 2.88 25.12 -46.98
C ASP K 346 1.64 25.12 -47.87
N ALA K 347 0.51 24.88 -47.26
CA ALA K 347 -0.71 24.82 -48.03
C ALA K 347 -1.07 26.15 -48.61
N ILE K 348 -0.51 27.25 -48.12
CA ILE K 348 -0.80 28.52 -48.73
C ILE K 348 0.25 28.84 -49.78
N GLU K 349 1.48 28.36 -49.62
CA GLU K 349 2.47 28.55 -50.68
C GLU K 349 2.08 27.73 -51.91
N ALA K 350 1.38 26.62 -51.73
CA ALA K 350 0.95 25.83 -52.87
C ALA K 350 -0.01 26.62 -53.76
N ARG K 351 -0.91 27.37 -53.13
CA ARG K 351 -1.82 28.18 -53.89
C ARG K 351 -1.07 29.27 -54.64
N LEU K 352 -0.18 29.95 -53.94
CA LEU K 352 0.52 31.01 -54.57
C LEU K 352 1.50 30.45 -55.65
N SER K 353 1.93 29.21 -55.56
CA SER K 353 2.77 28.66 -56.60
C SER K 353 1.92 28.29 -57.86
N PHE K 354 0.72 27.67 -57.72
CA PHE K 354 -0.16 27.51 -58.90
C PHE K 354 -0.70 28.80 -59.40
N ALA K 355 -0.51 29.87 -58.66
CA ALA K 355 -1.07 31.16 -59.06
C ALA K 355 -0.12 32.09 -59.65
N PHE K 356 1.14 31.94 -59.35
CA PHE K 356 2.14 32.84 -59.88
C PHE K 356 3.11 32.17 -60.87
N MET K 357 2.79 30.94 -61.26
CA MET K 357 3.60 30.13 -62.14
C MET K 357 4.98 29.83 -61.61
N LEU K 358 5.10 29.65 -60.32
CA LEU K 358 6.32 29.25 -59.74
C LEU K 358 6.43 27.79 -60.23
N ASN K 359 7.66 27.24 -60.21
CA ASN K 359 7.92 25.99 -60.90
C ASN K 359 7.28 24.80 -60.17
N SER K 360 6.26 24.25 -60.84
CA SER K 360 5.65 23.02 -60.41
C SER K 360 5.96 21.95 -61.47
N ALA K 361 7.25 21.86 -61.82
CA ALA K 361 7.82 20.98 -62.86
C ALA K 361 7.18 21.17 -64.25
N VAL K 362 7.28 22.41 -64.75
CA VAL K 362 6.86 22.70 -66.11
C VAL K 362 8.02 23.10 -67.03
N GLN K 363 8.78 24.11 -66.61
CA GLN K 363 9.76 24.71 -67.50
C GLN K 363 11.21 24.32 -67.13
N ARG K 364 11.36 23.45 -66.15
CA ARG K 364 12.70 23.10 -65.68
C ARG K 364 13.42 22.12 -66.64
N THR K 365 12.70 21.10 -67.10
CA THR K 365 13.30 19.95 -67.78
C THR K 365 13.82 20.31 -69.17
N GLY K 366 15.03 20.89 -69.18
CA GLY K 366 15.77 21.30 -70.40
C GLY K 366 15.04 22.34 -71.24
N GLU K 367 14.93 23.55 -70.70
CA GLU K 367 14.23 24.64 -71.40
C GLU K 367 15.03 25.03 -72.67
N ARG K 368 14.30 25.17 -73.79
CA ARG K 368 14.91 25.67 -75.02
C ARG K 368 14.17 26.91 -75.51
N VAL K 369 14.44 27.34 -76.75
CA VAL K 369 13.90 28.59 -77.30
C VAL K 369 13.15 28.28 -78.60
N THR K 370 12.07 29.03 -78.84
CA THR K 370 11.46 29.32 -80.17
C THR K 370 10.73 28.23 -80.93
N ALA K 371 10.92 26.97 -80.53
CA ALA K 371 10.27 25.86 -81.19
C ALA K 371 9.46 25.13 -80.11
N GLU K 372 8.12 25.27 -80.22
CA GLU K 372 7.11 24.73 -79.27
C GLU K 372 7.13 25.54 -77.95
N GLU K 373 8.13 26.39 -77.74
CA GLU K 373 8.32 27.03 -76.45
C GLU K 373 7.37 28.19 -76.22
N ILE K 374 7.27 29.07 -77.23
CA ILE K 374 6.44 30.25 -77.08
C ILE K 374 4.95 29.88 -77.10
N ARG K 375 4.63 28.84 -77.84
CA ARG K 375 3.31 28.29 -77.83
C ARG K 375 2.95 27.78 -76.45
N TYR K 376 3.86 27.03 -75.84
CA TYR K 376 3.59 26.42 -74.55
C TYR K 376 3.47 27.50 -73.48
N VAL K 377 4.33 28.51 -73.54
CA VAL K 377 4.30 29.56 -72.56
C VAL K 377 3.02 30.37 -72.64
N ALA K 378 2.59 30.69 -73.83
CA ALA K 378 1.39 31.47 -73.95
C ALA K 378 0.14 30.65 -73.61
N SER K 379 0.14 29.37 -73.93
CA SER K 379 -1.01 28.55 -73.62
C SER K 379 -1.14 28.36 -72.12
N GLU K 380 -0.03 28.22 -71.43
CA GLU K 380 -0.10 28.14 -69.98
C GLU K 380 -0.45 29.50 -69.37
N LEU K 381 0.09 30.60 -69.89
CA LEU K 381 -0.27 31.91 -69.38
C LEU K 381 -1.72 32.30 -69.62
N GLU K 382 -2.39 31.70 -70.59
CA GLU K 382 -3.82 31.84 -70.63
C GLU K 382 -4.51 30.80 -69.78
N ASP K 383 -3.89 29.66 -69.50
CA ASP K 383 -4.50 28.67 -68.62
C ASP K 383 -4.65 29.23 -67.24
N THR K 384 -3.53 29.59 -66.62
CA THR K 384 -3.62 30.31 -65.37
C THR K 384 -3.71 31.77 -65.71
N LEU K 385 -3.57 32.63 -64.71
CA LEU K 385 -3.58 34.06 -64.90
C LEU K 385 -4.84 34.68 -65.52
N GLY K 386 -5.82 33.87 -65.90
CA GLY K 386 -7.05 34.44 -66.42
C GLY K 386 -6.83 35.05 -67.77
N GLY K 387 -7.34 36.26 -67.97
CA GLY K 387 -7.14 36.88 -69.28
C GLY K 387 -5.92 37.78 -69.42
N VAL K 388 -4.79 37.51 -68.77
CA VAL K 388 -3.71 38.44 -68.76
C VAL K 388 -3.09 38.53 -70.13
N TYR K 389 -2.90 37.36 -70.76
CA TYR K 389 -2.17 37.32 -72.01
C TYR K 389 -2.97 37.93 -73.17
N SER K 390 -4.29 37.89 -73.09
CA SER K 390 -5.07 38.40 -74.19
C SER K 390 -5.41 39.85 -73.96
N ILE K 391 -5.83 40.21 -72.75
CA ILE K 391 -6.11 41.60 -72.43
C ILE K 391 -4.87 42.43 -72.61
N LEU K 392 -3.74 41.86 -72.19
CA LEU K 392 -2.47 42.53 -72.32
C LEU K 392 -2.07 42.68 -73.76
N SER K 393 -2.45 41.74 -74.60
CA SER K 393 -2.13 41.83 -76.03
C SER K 393 -2.96 42.90 -76.72
N GLN K 394 -4.22 43.02 -76.34
CA GLN K 394 -5.02 44.08 -76.91
C GLN K 394 -4.53 45.47 -76.40
N GLU K 395 -4.20 45.58 -75.13
CA GLU K 395 -3.89 46.88 -74.57
C GLU K 395 -2.48 47.30 -74.87
N LEU K 396 -1.54 46.36 -74.92
CA LEU K 396 -0.13 46.71 -75.03
C LEU K 396 0.45 46.60 -76.44
N GLN K 397 0.29 45.45 -77.07
CA GLN K 397 0.93 45.22 -78.33
C GLN K 397 0.28 45.89 -79.51
N LEU K 398 -1.04 46.15 -79.47
CA LEU K 398 -1.64 46.88 -80.54
C LEU K 398 -1.14 48.29 -80.64
N PRO K 399 -1.09 49.02 -79.55
CA PRO K 399 -0.53 50.35 -79.71
C PRO K 399 0.97 50.37 -79.89
N LEU K 400 1.70 49.41 -79.38
CA LEU K 400 3.17 49.45 -79.53
C LEU K 400 3.57 49.12 -80.94
N VAL K 401 2.80 48.32 -81.65
CA VAL K 401 3.02 48.14 -83.08
C VAL K 401 2.47 49.31 -83.85
N ARG K 402 1.38 49.88 -83.39
CA ARG K 402 0.68 50.87 -84.18
C ARG K 402 1.42 52.21 -84.20
N VAL K 403 1.96 52.61 -83.07
CA VAL K 403 2.74 53.85 -83.00
C VAL K 403 4.07 53.73 -83.78
N LEU K 404 4.71 52.57 -83.65
CA LEU K 404 5.87 52.30 -84.44
C LEU K 404 5.58 52.34 -85.96
N LEU K 405 4.52 51.63 -86.36
CA LEU K 405 4.15 51.49 -87.76
C LEU K 405 3.78 52.81 -88.32
N LYS K 406 3.32 53.72 -87.48
CA LYS K 406 2.99 55.05 -87.98
C LYS K 406 4.25 55.85 -88.17
N GLN K 407 5.02 55.98 -87.10
CA GLN K 407 6.16 56.90 -87.15
C GLN K 407 7.33 56.41 -88.03
N LEU K 408 7.67 55.12 -87.96
CA LEU K 408 8.75 54.62 -88.76
C LEU K 408 8.48 54.68 -90.27
N GLN K 409 7.31 54.23 -90.72
CA GLN K 409 6.99 54.30 -92.12
C GLN K 409 6.68 55.75 -92.53
N ALA K 410 6.36 56.60 -91.57
CA ALA K 410 6.34 58.05 -91.87
C ALA K 410 7.75 58.65 -92.00
N THR K 411 8.77 57.94 -91.55
CA THR K 411 10.14 58.34 -91.78
C THR K 411 10.81 57.57 -92.93
N GLN K 412 10.74 56.25 -92.89
CA GLN K 412 11.51 55.39 -93.79
C GLN K 412 10.81 55.15 -95.14
N GLN K 413 11.25 54.12 -95.88
CA GLN K 413 10.79 53.91 -97.25
C GLN K 413 9.63 52.94 -97.37
N ILE K 414 8.65 53.32 -98.18
CA ILE K 414 7.53 52.45 -98.51
C ILE K 414 7.95 51.62 -99.73
N PRO K 415 7.86 50.28 -99.64
CA PRO K 415 8.21 49.44 -100.80
C PRO K 415 7.10 49.32 -101.88
N GLU K 416 7.37 48.40 -102.82
CA GLU K 416 6.52 48.09 -103.98
C GLU K 416 4.99 47.86 -103.78
N LEU K 417 4.61 47.23 -102.64
CA LEU K 417 3.28 46.62 -102.37
C LEU K 417 2.08 47.53 -102.64
N PRO K 418 0.92 46.94 -102.98
CA PRO K 418 -0.25 47.71 -103.50
C PRO K 418 -0.92 48.66 -102.53
N LYS K 419 -1.92 49.38 -103.02
CA LYS K 419 -2.56 50.43 -102.23
C LYS K 419 -3.53 49.91 -101.17
N GLU K 420 -3.88 48.64 -101.24
CA GLU K 420 -4.70 48.04 -100.18
C GLU K 420 -3.85 47.50 -99.04
N ALA K 421 -2.53 47.48 -99.23
CA ALA K 421 -1.61 47.03 -98.18
C ALA K 421 -0.66 48.15 -97.67
N VAL K 422 -0.90 49.40 -98.05
CA VAL K 422 -0.09 50.49 -97.51
C VAL K 422 -0.46 50.77 -96.04
N GLU K 423 -1.77 50.72 -95.76
CA GLU K 423 -2.34 50.93 -94.44
C GLU K 423 -2.93 49.59 -93.97
N PRO K 424 -2.11 48.75 -93.34
CA PRO K 424 -2.53 47.35 -93.12
C PRO K 424 -3.30 47.13 -91.84
N THR K 425 -3.68 45.90 -91.61
CA THR K 425 -4.28 45.55 -90.33
C THR K 425 -3.30 44.72 -89.55
N ILE K 426 -3.43 44.75 -88.22
CA ILE K 426 -2.43 44.19 -87.35
C ILE K 426 -3.03 43.10 -86.49
N SER K 427 -2.34 41.97 -86.37
CA SER K 427 -2.69 40.93 -85.39
C SER K 427 -1.56 40.77 -84.41
N THR K 428 -1.87 40.45 -83.17
CA THR K 428 -0.83 40.53 -82.12
C THR K 428 -0.64 39.31 -81.23
N GLY K 429 -1.70 38.65 -80.89
CA GLY K 429 -1.60 37.66 -79.82
C GLY K 429 -1.16 36.30 -80.33
N LEU K 430 -1.83 35.24 -79.87
CA LEU K 430 -1.53 33.90 -80.33
C LEU K 430 -1.83 33.72 -81.80
N GLU K 431 -2.67 34.60 -82.35
CA GLU K 431 -2.94 34.59 -83.79
C GLU K 431 -1.74 35.06 -84.58
N ALA K 432 -0.82 35.74 -83.90
CA ALA K 432 0.32 36.31 -84.58
C ALA K 432 1.66 35.70 -84.20
N ILE K 433 1.66 34.68 -83.36
CA ILE K 433 2.92 34.06 -83.02
C ILE K 433 3.31 33.19 -84.17
N GLY K 434 4.58 33.27 -84.55
CA GLY K 434 4.98 32.73 -85.84
C GLY K 434 4.37 33.61 -86.92
N ARG K 435 4.16 33.07 -88.09
CA ARG K 435 3.36 33.76 -89.10
C ARG K 435 2.24 32.82 -89.50
N GLY K 436 2.64 31.58 -89.79
CA GLY K 436 1.74 30.45 -90.05
C GLY K 436 1.00 30.12 -88.78
N GLN K 437 0.01 29.24 -88.90
CA GLN K 437 -0.76 28.89 -87.71
C GLN K 437 0.05 28.12 -86.66
N ASP K 438 0.53 26.92 -87.02
CA ASP K 438 1.17 26.03 -86.03
C ASP K 438 2.34 25.31 -86.64
N LEU K 439 3.48 25.29 -85.96
CA LEU K 439 4.64 24.53 -86.42
C LEU K 439 4.42 23.02 -86.36
N ASP K 440 3.71 22.59 -85.31
CA ASP K 440 3.41 21.18 -85.14
C ASP K 440 2.46 20.72 -86.27
N LYS K 441 1.58 21.64 -86.70
CA LYS K 441 0.65 21.37 -87.80
C LYS K 441 1.43 21.08 -89.09
N LEU K 442 2.36 21.97 -89.43
CA LEU K 442 3.13 21.81 -90.66
C LEU K 442 4.03 20.58 -90.58
N GLU K 443 4.61 20.32 -89.41
CA GLU K 443 5.50 19.18 -89.26
C GLU K 443 4.75 17.84 -89.40
N ARG K 444 3.66 17.69 -88.65
CA ARG K 444 2.87 16.47 -88.74
C ARG K 444 2.13 16.35 -90.07
N CYS K 445 1.86 17.48 -90.73
CA CYS K 445 1.24 17.45 -92.04
C CYS K 445 2.24 17.00 -93.12
N VAL K 446 3.49 17.42 -92.98
CA VAL K 446 4.52 16.96 -93.88
C VAL K 446 4.78 15.45 -93.67
N THR K 447 4.75 14.98 -92.44
CA THR K 447 4.89 13.54 -92.19
C THR K 447 3.68 12.75 -92.70
N ALA K 448 2.50 13.36 -92.62
CA ALA K 448 1.28 12.73 -93.15
C ALA K 448 1.32 12.66 -94.68
N TRP K 449 1.95 13.65 -95.30
CA TRP K 449 2.20 13.59 -96.75
C TRP K 449 3.24 12.54 -97.10
N ALA K 450 4.25 12.41 -96.25
CA ALA K 450 5.28 11.39 -96.46
C ALA K 450 4.72 9.98 -96.31
N ALA K 451 3.63 9.85 -95.55
CA ALA K 451 2.89 8.60 -95.47
C ALA K 451 2.17 8.25 -96.79
N LEU K 452 2.05 9.23 -97.70
CA LEU K 452 1.46 9.01 -99.02
C LEU K 452 2.53 8.75 -100.08
N ALA K 453 3.57 8.04 -99.65
CA ALA K 453 4.65 7.49 -100.48
C ALA K 453 4.21 6.66 -101.70
N PRO K 454 3.46 5.52 -101.51
CA PRO K 454 3.69 4.32 -102.37
C PRO K 454 3.59 4.50 -103.90
N MET K 455 2.56 5.19 -104.38
CA MET K 455 2.38 5.38 -105.81
C MET K 455 1.79 6.72 -106.14
N ARG K 456 2.36 7.38 -107.16
CA ARG K 456 1.78 8.59 -107.76
C ARG K 456 0.43 8.26 -108.39
N ASP K 457 0.48 7.47 -109.47
CA ASP K 457 -0.72 7.09 -110.21
C ASP K 457 -1.20 5.75 -109.67
N ASP K 458 -1.65 5.76 -108.41
CA ASP K 458 -2.20 4.57 -107.78
C ASP K 458 -3.66 4.45 -108.23
N PRO K 459 -4.04 3.29 -108.81
CA PRO K 459 -5.43 3.18 -109.26
C PRO K 459 -6.41 3.05 -108.11
N ASP K 460 -7.69 3.26 -108.45
CA ASP K 460 -8.85 3.14 -107.54
C ASP K 460 -8.83 4.12 -106.36
N ILE K 461 -8.21 5.28 -106.52
CA ILE K 461 -8.05 6.24 -105.41
C ILE K 461 -7.76 7.61 -106.00
N ASN K 462 -7.95 8.65 -105.20
CA ASN K 462 -7.54 10.00 -105.59
C ASN K 462 -6.33 10.42 -104.76
N LEU K 463 -5.59 11.38 -105.29
CA LEU K 463 -4.47 11.96 -104.58
C LEU K 463 -4.59 13.47 -104.43
N ALA K 464 -5.32 14.13 -105.34
CA ALA K 464 -5.41 15.59 -105.35
C ALA K 464 -6.23 16.12 -104.19
N MET K 465 -7.27 15.40 -103.82
CA MET K 465 -8.16 15.87 -102.77
C MET K 465 -7.75 15.40 -101.39
N ILE K 466 -7.17 14.22 -101.29
CA ILE K 466 -6.89 13.67 -99.96
C ILE K 466 -5.70 14.32 -99.29
N LYS K 467 -4.77 14.82 -100.09
CA LYS K 467 -3.69 15.63 -99.56
C LYS K 467 -4.26 16.95 -98.99
N LEU K 468 -5.21 17.54 -99.73
CA LEU K 468 -5.90 18.75 -99.29
C LEU K 468 -6.72 18.47 -98.02
N ARG K 469 -7.32 17.29 -97.94
CA ARG K 469 -8.18 16.95 -96.79
C ARG K 469 -7.37 16.64 -95.50
N ILE K 470 -6.27 15.92 -95.64
CA ILE K 470 -5.39 15.68 -94.51
C ILE K 470 -4.72 17.00 -94.08
N ALA K 471 -4.41 17.87 -95.03
CA ALA K 471 -3.89 19.19 -94.68
C ALA K 471 -4.96 20.08 -94.06
N ASN K 472 -6.22 19.94 -94.51
CA ASN K 472 -7.28 20.85 -94.11
C ASN K 472 -7.95 20.43 -92.81
N ALA K 473 -7.70 19.18 -92.38
CA ALA K 473 -8.14 18.76 -91.05
C ALA K 473 -7.30 19.41 -89.94
N ILE K 474 -6.00 19.52 -90.16
CA ILE K 474 -5.14 20.23 -89.23
C ILE K 474 -5.10 21.69 -89.66
N GLY K 475 -4.51 22.56 -88.85
CA GLY K 475 -4.59 24.00 -89.07
C GLY K 475 -3.67 24.54 -90.16
N ILE K 476 -3.94 24.19 -91.42
CA ILE K 476 -3.18 24.68 -92.55
C ILE K 476 -4.11 25.57 -93.39
N ASP K 477 -3.56 26.67 -93.89
CA ASP K 477 -4.28 27.60 -94.77
C ASP K 477 -4.81 26.93 -96.06
N THR K 478 -3.99 26.07 -96.67
CA THR K 478 -4.32 25.30 -97.88
C THR K 478 -4.66 26.20 -99.06
N SER K 479 -3.98 27.33 -99.14
CA SER K 479 -4.28 28.35 -100.14
C SER K 479 -2.99 28.86 -100.77
N GLY K 480 -2.22 27.92 -101.29
CA GLY K 480 -0.90 28.18 -101.86
C GLY K 480 0.00 27.03 -101.50
N ILE K 481 -0.39 26.34 -100.43
CA ILE K 481 0.14 25.05 -100.05
C ILE K 481 -0.15 24.01 -101.13
N LEU K 482 -1.31 24.13 -101.78
CA LEU K 482 -1.75 23.14 -102.78
C LEU K 482 -1.91 23.81 -104.13
N LEU K 483 -1.55 23.11 -105.18
CA LEU K 483 -1.71 23.64 -106.54
C LEU K 483 -3.19 23.62 -106.94
N THR K 484 -3.63 24.71 -107.57
CA THR K 484 -4.86 24.70 -108.34
C THR K 484 -4.63 24.56 -109.85
N GLU K 485 -3.96 25.53 -110.47
CA GLU K 485 -3.68 25.48 -111.92
C GLU K 485 -2.36 26.14 -112.24
N GLU L 3 38.24 80.55 -69.33
CA GLU L 3 39.41 80.28 -68.45
C GLU L 3 38.95 80.22 -67.00
N LYS L 4 37.68 80.56 -66.78
CA LYS L 4 37.03 80.27 -65.51
C LYS L 4 35.88 79.31 -65.72
N ARG L 5 35.87 78.21 -64.96
CA ARG L 5 34.80 77.25 -64.99
C ARG L 5 33.56 77.82 -64.34
N THR L 6 32.47 77.83 -65.10
CA THR L 6 31.21 78.39 -64.61
C THR L 6 30.18 77.30 -64.63
N GLY L 7 28.92 77.65 -64.39
CA GLY L 7 27.88 76.67 -64.45
C GLY L 7 27.95 75.75 -63.25
N LEU L 8 27.93 74.45 -63.51
CA LEU L 8 27.85 73.48 -62.43
C LEU L 8 29.15 73.26 -61.74
N ALA L 9 30.23 73.67 -62.39
CA ALA L 9 31.59 73.42 -61.88
C ALA L 9 32.15 74.69 -61.26
N GLU L 10 31.33 75.40 -60.52
CA GLU L 10 31.66 76.75 -60.07
C GLU L 10 32.76 76.76 -59.03
N ASP L 11 32.85 75.70 -58.22
CA ASP L 11 33.85 75.71 -57.18
C ASP L 11 34.90 74.61 -57.16
N GLY L 12 35.31 74.11 -58.32
CA GLY L 12 36.35 73.06 -58.38
C GLY L 12 35.81 71.69 -58.04
N ALA L 13 36.61 70.67 -58.27
CA ALA L 13 36.16 69.28 -58.17
C ALA L 13 36.16 68.72 -56.76
N LYS L 14 37.14 69.10 -55.96
CA LYS L 14 37.19 68.69 -54.58
C LYS L 14 36.00 69.20 -53.78
N SER L 15 35.57 70.43 -54.07
CA SER L 15 34.43 70.99 -53.40
C SER L 15 33.14 70.25 -53.75
N VAL L 16 32.96 69.93 -55.01
CA VAL L 16 31.79 69.24 -55.43
C VAL L 16 31.79 67.84 -54.83
N TYR L 17 32.97 67.23 -54.78
CA TYR L 17 33.10 65.87 -54.26
C TYR L 17 32.75 65.82 -52.76
N GLU L 18 33.29 66.75 -52.00
CA GLU L 18 32.99 66.78 -50.60
C GLU L 18 31.57 67.19 -50.33
N ARG L 19 30.96 67.93 -51.24
CA ARG L 19 29.55 68.30 -51.03
C ARG L 19 28.61 67.14 -51.30
N LEU L 20 28.92 66.32 -52.30
CA LEU L 20 28.07 65.25 -52.65
C LEU L 20 28.37 63.95 -51.88
N LYS L 21 29.47 63.93 -51.12
CA LYS L 21 29.79 62.75 -50.33
C LYS L 21 28.72 62.46 -49.28
N ASN L 22 28.05 63.49 -48.78
CA ASN L 22 26.99 63.31 -47.80
C ASN L 22 25.83 62.50 -48.38
N ASP L 23 25.43 62.82 -49.59
CA ASP L 23 24.38 62.04 -50.20
C ASP L 23 24.90 60.74 -50.73
N ARG L 24 26.21 60.56 -50.87
CA ARG L 24 26.72 59.25 -51.22
C ARG L 24 26.62 58.33 -50.08
N ALA L 25 26.84 58.82 -48.88
CA ALA L 25 27.08 58.00 -47.68
C ALA L 25 26.14 56.81 -47.34
N PRO L 26 24.83 56.95 -47.49
CA PRO L 26 24.01 55.87 -47.07
C PRO L 26 24.15 54.65 -47.95
N TYR L 27 24.39 54.85 -49.24
CA TYR L 27 24.61 53.75 -50.12
C TYR L 27 25.87 53.01 -49.71
N GLU L 28 26.85 53.76 -49.24
CA GLU L 28 28.08 53.16 -48.77
C GLU L 28 27.84 52.33 -47.51
N THR L 29 26.93 52.80 -46.66
CA THR L 29 26.62 52.06 -45.45
C THR L 29 25.93 50.77 -45.79
N ARG L 30 25.01 50.82 -46.76
CA ARG L 30 24.35 49.60 -47.24
C ARG L 30 25.37 48.66 -47.81
N ALA L 31 26.34 49.19 -48.52
CA ALA L 31 27.37 48.35 -49.10
C ALA L 31 28.16 47.65 -48.00
N GLN L 32 28.44 48.35 -46.93
CA GLN L 32 29.20 47.75 -45.89
C GLN L 32 28.42 46.63 -45.23
N ASN L 33 27.14 46.84 -45.03
CA ASN L 33 26.33 45.82 -44.39
C ASN L 33 26.22 44.58 -45.29
N CYS L 34 25.95 44.78 -46.58
CA CYS L 34 25.84 43.67 -47.47
C CYS L 34 27.16 42.89 -47.57
N ALA L 35 28.23 43.61 -47.47
CA ALA L 35 29.52 42.98 -47.49
C ALA L 35 29.75 42.19 -46.20
N GLN L 36 29.27 42.68 -45.07
CA GLN L 36 29.49 42.02 -43.81
C GLN L 36 28.74 40.75 -43.75
N TYR L 37 27.66 40.65 -44.50
CA TYR L 37 26.91 39.38 -44.47
C TYR L 37 27.28 38.49 -45.60
N THR L 38 27.99 38.94 -46.64
CA THR L 38 28.28 38.03 -47.78
C THR L 38 29.67 37.62 -47.93
N ILE L 39 30.52 38.54 -48.19
CA ILE L 39 32.00 38.27 -48.26
C ILE L 39 32.63 39.58 -47.80
N PRO L 40 33.34 39.54 -46.69
CA PRO L 40 33.62 40.80 -45.99
C PRO L 40 34.64 41.60 -46.65
N SER L 41 35.57 41.00 -47.38
CA SER L 41 36.59 41.79 -47.98
C SER L 41 36.17 42.63 -49.13
N LEU L 42 35.03 42.31 -49.74
CA LEU L 42 34.63 42.82 -51.08
C LEU L 42 34.24 44.22 -51.04
N PHE L 43 34.03 44.79 -49.87
CA PHE L 43 33.85 46.26 -49.75
C PHE L 43 34.26 46.61 -48.34
N PRO L 44 35.45 47.14 -48.13
CA PRO L 44 35.88 47.56 -46.83
C PRO L 44 35.17 48.78 -46.35
N LYS L 45 35.36 49.10 -45.07
CA LYS L 45 34.94 50.43 -44.56
C LYS L 45 36.04 51.42 -44.81
N ASP L 46 35.74 52.69 -44.66
CA ASP L 46 36.73 53.67 -45.10
C ASP L 46 37.91 53.77 -44.12
N SER L 47 37.63 53.51 -42.86
CA SER L 47 38.68 53.47 -41.87
C SER L 47 39.32 52.09 -41.85
N ASP L 48 38.50 51.05 -41.91
CA ASP L 48 38.96 49.69 -41.71
C ASP L 48 39.70 49.16 -42.91
N ASN L 49 40.87 49.76 -43.13
CA ASN L 49 41.81 49.22 -44.09
C ASN L 49 43.11 48.87 -43.39
N ALA L 50 43.89 48.00 -44.02
CA ALA L 50 45.29 47.92 -43.74
C ALA L 50 45.36 47.23 -42.39
N SER L 51 45.29 45.92 -42.52
CA SER L 51 45.54 45.03 -41.38
C SER L 51 44.40 45.00 -40.39
N THR L 52 43.22 44.62 -40.90
CA THR L 52 42.02 44.70 -40.17
C THR L 52 41.34 43.40 -40.02
N ASP L 53 41.78 42.36 -40.71
CA ASP L 53 41.35 40.98 -40.38
C ASP L 53 39.88 40.79 -40.47
N TYR L 54 39.38 40.76 -41.69
CA TYR L 54 37.95 40.53 -41.93
C TYR L 54 37.53 39.18 -41.48
N GLN L 55 36.35 39.07 -40.90
CA GLN L 55 35.89 37.83 -40.30
C GLN L 55 34.88 37.19 -41.14
N THR L 56 34.86 35.88 -41.22
CA THR L 56 33.84 35.23 -42.12
C THR L 56 32.57 35.20 -41.56
N PRO L 57 31.57 35.22 -42.37
CA PRO L 57 30.27 35.32 -41.79
C PRO L 57 29.88 33.99 -41.33
N TRP L 58 28.91 33.93 -40.40
CA TRP L 58 28.56 32.68 -39.84
C TRP L 58 27.85 31.81 -40.82
N GLN L 59 27.10 32.46 -41.72
CA GLN L 59 26.41 31.76 -42.79
C GLN L 59 27.23 31.67 -44.02
N ALA L 60 26.98 30.60 -44.80
CA ALA L 60 27.75 30.42 -45.98
C ALA L 60 27.03 30.64 -47.30
N VAL L 61 25.75 30.91 -47.21
CA VAL L 61 24.94 31.06 -48.37
C VAL L 61 25.16 32.35 -49.01
N GLY L 62 25.53 33.36 -48.26
CA GLY L 62 25.84 34.66 -48.83
C GLY L 62 27.10 34.60 -49.64
N ALA L 63 28.10 33.97 -49.09
CA ALA L 63 29.38 33.94 -49.77
C ALA L 63 29.32 33.15 -51.08
N ARG L 64 28.61 32.03 -51.06
CA ARG L 64 28.45 31.24 -52.24
C ARG L 64 27.62 32.00 -53.22
N GLY L 65 26.61 32.67 -52.71
CA GLY L 65 25.58 33.28 -53.56
C GLY L 65 26.09 34.44 -54.34
N LEU L 66 26.94 35.28 -53.73
CA LEU L 66 27.44 36.47 -54.44
C LEU L 66 28.32 36.04 -55.57
N ASN L 67 29.21 35.08 -55.34
CA ASN L 67 30.09 34.65 -56.39
C ASN L 67 29.33 33.91 -57.48
N ASN L 68 28.34 33.12 -57.12
CA ASN L 68 27.58 32.39 -58.14
C ASN L 68 26.83 33.33 -59.00
N LEU L 69 26.27 34.39 -58.41
CA LEU L 69 25.45 35.32 -59.18
C LEU L 69 26.33 36.16 -60.08
N ALA L 70 27.49 36.57 -59.61
CA ALA L 70 28.40 37.30 -60.46
C ALA L 70 28.92 36.43 -61.61
N SER L 71 29.16 35.16 -61.34
CA SER L 71 29.65 34.28 -62.38
C SER L 71 28.59 34.02 -63.45
N LYS L 72 27.35 33.84 -63.05
CA LYS L 72 26.32 33.57 -64.03
C LYS L 72 26.02 34.80 -64.84
N LEU L 73 26.10 35.99 -64.20
CA LEU L 73 25.95 37.25 -64.96
C LEU L 73 27.06 37.42 -65.96
N MET L 74 28.26 36.99 -65.62
CA MET L 74 29.31 37.14 -66.59
C MET L 74 29.20 36.13 -67.71
N LEU L 75 28.73 34.91 -67.39
CA LEU L 75 28.50 33.86 -68.42
C LEU L 75 27.39 34.26 -69.39
N ALA L 76 26.49 35.13 -68.96
CA ALA L 76 25.46 35.53 -69.89
C ALA L 76 25.63 36.91 -70.45
N LEU L 77 26.58 37.65 -69.96
CA LEU L 77 26.72 39.03 -70.45
C LEU L 77 28.02 39.28 -71.21
N PHE L 78 29.09 38.51 -70.97
CA PHE L 78 30.29 38.68 -71.74
C PHE L 78 30.89 37.33 -72.06
N PRO L 79 30.29 36.58 -72.96
CA PRO L 79 30.82 35.26 -73.25
C PRO L 79 32.04 35.25 -74.20
N MET L 80 32.41 34.03 -74.63
CA MET L 80 33.46 33.82 -75.60
C MET L 80 33.03 34.30 -76.98
N GLN L 81 31.73 34.24 -77.24
CA GLN L 81 31.14 34.53 -78.57
C GLN L 81 31.10 36.00 -78.84
N THR L 82 30.54 36.33 -80.01
CA THR L 82 30.20 37.69 -80.30
C THR L 82 28.97 38.03 -79.53
N TRP L 83 29.03 39.10 -78.74
CA TRP L 83 27.89 39.46 -77.91
C TRP L 83 27.26 40.77 -78.22
N MET L 84 27.84 41.55 -79.15
CA MET L 84 27.16 42.75 -79.62
C MET L 84 26.67 42.50 -81.03
N ARG L 85 25.80 43.38 -81.50
CA ARG L 85 25.31 43.28 -82.86
C ARG L 85 25.29 44.66 -83.47
N LEU L 86 25.85 44.78 -84.66
CA LEU L 86 25.93 46.06 -85.38
C LEU L 86 25.06 46.00 -86.63
N THR L 87 24.02 46.83 -86.69
CA THR L 87 23.02 46.74 -87.77
C THR L 87 22.72 48.12 -88.33
N ILE L 88 21.79 48.16 -89.31
CA ILE L 88 21.52 49.36 -90.11
C ILE L 88 20.04 49.71 -90.07
N SER L 89 19.67 50.97 -89.93
CA SER L 89 18.24 51.30 -89.85
C SER L 89 17.92 52.61 -90.58
N GLU L 90 16.67 52.74 -91.06
CA GLU L 90 16.09 53.97 -91.68
C GLU L 90 16.65 54.54 -92.98
N TYR L 91 17.67 53.89 -93.48
CA TYR L 91 18.20 54.11 -94.82
C TYR L 91 18.45 52.78 -95.54
N GLU L 92 18.30 51.66 -94.82
CA GLU L 92 18.40 50.33 -95.39
C GLU L 92 17.16 50.00 -96.22
N ALA L 93 16.07 50.75 -96.00
CA ALA L 93 14.86 50.64 -96.84
C ALA L 93 15.12 51.06 -98.29
N LYS L 94 16.12 51.91 -98.48
CA LYS L 94 16.65 52.18 -99.81
C LYS L 94 17.39 50.94 -100.34
N GLN L 95 18.06 50.23 -99.43
CA GLN L 95 19.11 49.30 -99.79
C GLN L 95 18.65 47.86 -99.72
N LEU L 96 17.82 47.52 -98.73
CA LEU L 96 17.44 46.14 -98.49
C LEU L 96 16.29 45.70 -99.39
N LEU L 97 15.72 46.64 -100.13
CA LEU L 97 14.61 46.32 -101.03
C LEU L 97 15.11 45.43 -102.18
N SER L 98 16.19 45.87 -102.83
CA SER L 98 16.85 45.09 -103.86
C SER L 98 18.14 44.51 -103.25
N ASP L 99 18.88 43.79 -104.10
CA ASP L 99 20.20 43.22 -103.80
C ASP L 99 20.23 42.39 -102.51
N PRO L 100 19.67 41.15 -102.51
CA PRO L 100 19.97 40.26 -101.37
C PRO L 100 21.44 39.83 -101.38
N ASP L 101 22.09 39.92 -102.54
CA ASP L 101 23.54 39.80 -102.63
C ASP L 101 24.28 41.10 -102.28
N GLY L 102 23.54 42.16 -102.00
CA GLY L 102 24.17 43.47 -101.77
C GLY L 102 24.52 43.76 -100.34
N LEU L 103 23.69 43.29 -99.41
CA LEU L 103 23.94 43.48 -98.02
C LEU L 103 24.96 42.48 -97.47
N ALA L 104 25.44 41.57 -98.30
CA ALA L 104 26.45 40.60 -97.88
C ALA L 104 27.82 41.28 -97.62
N LYS L 105 28.14 42.30 -98.42
CA LYS L 105 29.34 43.09 -98.20
C LYS L 105 29.25 43.88 -96.88
N VAL L 106 28.05 44.36 -96.59
CA VAL L 106 27.79 45.08 -95.35
C VAL L 106 27.92 44.15 -94.14
N ASP L 107 27.44 42.91 -94.31
CA ASP L 107 27.57 41.89 -93.28
C ASP L 107 29.04 41.59 -93.02
N GLU L 108 29.82 41.47 -94.09
CA GLU L 108 31.24 41.16 -93.93
C GLU L 108 31.97 42.30 -93.24
N GLY L 109 31.64 43.55 -93.61
CA GLY L 109 32.28 44.74 -93.01
C GLY L 109 31.95 44.85 -91.50
N LEU L 110 30.67 44.65 -91.18
CA LEU L 110 30.28 44.76 -89.79
C LEU L 110 30.76 43.59 -88.94
N SER L 111 30.88 42.41 -89.52
CA SER L 111 31.47 41.29 -88.79
C SER L 111 32.98 41.52 -88.56
N MET L 112 33.62 42.20 -89.50
CA MET L 112 34.99 42.62 -89.32
C MET L 112 35.10 43.59 -88.12
N VAL L 113 34.17 44.54 -88.02
CA VAL L 113 34.23 45.52 -86.94
C VAL L 113 33.91 44.87 -85.59
N GLU L 114 32.98 43.92 -85.59
CA GLU L 114 32.68 43.18 -84.37
C GLU L 114 33.84 42.32 -83.91
N ARG L 115 34.53 41.71 -84.86
CA ARG L 115 35.67 40.93 -84.50
C ARG L 115 36.77 41.80 -83.94
N ILE L 116 36.94 43.03 -84.45
CA ILE L 116 38.03 43.85 -83.97
C ILE L 116 37.74 44.44 -82.60
N ILE L 117 36.48 44.70 -82.35
CA ILE L 117 36.11 45.11 -80.99
C ILE L 117 36.35 43.92 -80.01
N MET L 118 35.91 42.70 -80.37
CA MET L 118 36.11 41.52 -79.54
C MET L 118 37.57 41.23 -79.30
N ASN L 119 38.41 41.51 -80.30
CA ASN L 119 39.82 41.26 -80.12
C ASN L 119 40.41 42.22 -79.13
N TYR L 120 39.94 43.47 -79.21
CA TYR L 120 40.39 44.47 -78.23
C TYR L 120 39.89 44.15 -76.84
N ILE L 121 38.74 43.47 -76.73
CA ILE L 121 38.26 42.98 -75.46
C ILE L 121 39.22 41.91 -74.90
N GLU L 122 39.55 40.90 -75.71
CA GLU L 122 40.33 39.79 -75.20
C GLU L 122 41.74 40.22 -74.83
N SER L 123 42.28 41.19 -75.54
CA SER L 123 43.68 41.51 -75.39
C SER L 123 43.95 42.30 -74.15
N ASN L 124 43.12 43.27 -73.89
CA ASN L 124 43.41 44.20 -72.87
C ASN L 124 42.88 43.81 -71.51
N SER L 125 42.41 42.58 -71.36
CA SER L 125 41.91 42.09 -70.09
C SER L 125 40.75 42.94 -69.60
N TYR L 126 39.68 43.03 -70.37
CA TYR L 126 38.47 43.54 -69.82
C TYR L 126 37.71 42.47 -69.06
N ARG L 127 38.05 41.17 -69.23
CA ARG L 127 37.27 40.14 -68.57
C ARG L 127 37.47 40.17 -67.06
N VAL L 128 38.71 40.43 -66.68
CA VAL L 128 39.07 40.46 -65.26
C VAL L 128 38.40 41.68 -64.57
N THR L 129 38.47 42.85 -65.18
CA THR L 129 37.88 43.99 -64.57
C THR L 129 36.35 43.97 -64.62
N LEU L 130 35.80 43.31 -65.61
CA LEU L 130 34.38 43.21 -65.63
C LEU L 130 33.90 42.25 -64.58
N PHE L 131 34.65 41.19 -64.28
CA PHE L 131 34.21 40.29 -63.22
C PHE L 131 34.24 40.97 -61.89
N GLU L 132 35.27 41.77 -61.67
CA GLU L 132 35.36 42.57 -60.46
C GLU L 132 34.19 43.59 -60.39
N ALA L 133 33.86 44.18 -61.51
CA ALA L 133 32.81 45.14 -61.51
C ALA L 133 31.49 44.49 -61.26
N LEU L 134 31.31 43.27 -61.72
CA LEU L 134 30.04 42.58 -61.45
C LEU L 134 29.93 42.20 -59.96
N LYS L 135 31.04 41.78 -59.31
CA LYS L 135 30.96 41.51 -57.91
C LYS L 135 30.63 42.79 -57.14
N GLN L 136 31.19 43.94 -57.56
CA GLN L 136 30.85 45.20 -56.93
C GLN L 136 29.40 45.55 -57.16
N LEU L 137 28.90 45.27 -58.34
CA LEU L 137 27.55 45.66 -58.69
C LEU L 137 26.52 44.78 -58.05
N VAL L 138 26.92 43.60 -57.58
CA VAL L 138 25.97 42.77 -56.86
C VAL L 138 26.05 43.07 -55.39
N VAL L 139 27.21 43.23 -54.80
CA VAL L 139 27.24 43.50 -53.40
C VAL L 139 26.90 44.93 -53.09
N ALA L 140 27.33 45.88 -53.88
CA ALA L 140 27.01 47.25 -53.63
C ALA L 140 26.22 47.73 -54.81
N GLY L 141 25.84 48.98 -54.79
CA GLY L 141 24.84 49.40 -55.74
C GLY L 141 25.39 50.12 -56.91
N ASN L 142 26.65 50.50 -56.88
CA ASN L 142 27.11 51.38 -57.90
C ASN L 142 28.56 51.13 -58.25
N VAL L 143 28.88 51.03 -59.52
CA VAL L 143 30.27 50.89 -59.97
C VAL L 143 30.48 51.96 -61.01
N LEU L 144 31.74 52.34 -61.21
CA LEU L 144 32.05 53.36 -62.26
C LEU L 144 33.22 52.85 -63.08
N LEU L 145 32.96 52.48 -64.33
CA LEU L 145 34.05 52.05 -65.17
C LEU L 145 34.56 53.26 -65.94
N TYR L 146 35.85 53.21 -66.27
CA TYR L 146 36.43 54.21 -67.16
C TYR L 146 37.52 53.58 -67.96
N LEU L 147 37.28 53.58 -69.28
CA LEU L 147 38.24 53.15 -70.24
C LEU L 147 38.88 54.37 -70.92
N PRO L 148 40.22 54.48 -70.88
CA PRO L 148 40.90 55.65 -71.35
C PRO L 148 41.03 55.65 -72.86
N GLU L 149 41.70 56.67 -73.40
CA GLU L 149 42.11 56.62 -74.81
C GLU L 149 43.17 55.56 -74.97
N PRO L 150 43.14 54.80 -76.07
CA PRO L 150 44.11 53.70 -76.19
C PRO L 150 45.55 54.16 -76.42
N GLU L 151 45.75 55.17 -77.26
CA GLU L 151 47.10 55.77 -77.46
C GLU L 151 48.15 54.75 -77.90
N GLY L 152 47.70 53.76 -78.67
CA GLY L 152 48.57 52.73 -79.19
C GLY L 152 47.98 51.37 -78.91
N SER L 153 48.60 50.36 -79.49
CA SER L 153 48.16 48.97 -79.34
C SER L 153 48.89 48.26 -78.19
N ASN L 154 49.50 49.03 -77.31
CA ASN L 154 50.11 48.51 -76.08
C ASN L 154 49.02 48.18 -75.04
N TYR L 155 49.42 47.77 -73.85
CA TYR L 155 48.46 47.29 -72.87
C TYR L 155 47.67 48.43 -72.23
N ASN L 156 46.34 48.40 -72.36
CA ASN L 156 45.49 49.40 -71.76
C ASN L 156 44.29 48.76 -71.11
N PRO L 157 44.36 48.49 -69.81
CA PRO L 157 43.23 47.90 -69.12
C PRO L 157 42.23 48.96 -68.75
N MET L 158 41.17 48.57 -68.02
CA MET L 158 40.12 49.52 -67.71
C MET L 158 40.05 49.87 -66.24
N LYS L 159 40.13 51.15 -65.91
CA LYS L 159 40.20 51.54 -64.48
C LYS L 159 38.83 51.47 -63.88
N LEU L 160 38.72 50.67 -62.81
CA LEU L 160 37.44 50.52 -62.11
C LEU L 160 37.39 51.55 -61.01
N TYR L 161 36.19 51.86 -60.58
CA TYR L 161 36.03 52.70 -59.42
C TYR L 161 34.90 52.12 -58.58
N ARG L 162 35.28 51.63 -57.40
CA ARG L 162 34.28 51.21 -56.44
C ARG L 162 33.68 52.44 -55.76
N LEU L 163 32.61 52.24 -55.00
CA LEU L 163 31.69 53.30 -54.64
C LEU L 163 32.30 54.31 -53.78
N SER L 164 33.36 53.96 -53.06
CA SER L 164 33.98 54.91 -52.12
C SER L 164 34.73 56.04 -52.80
N SER L 165 35.08 55.90 -54.05
CA SER L 165 36.02 56.80 -54.63
C SER L 165 35.46 57.64 -55.74
N TYR L 166 34.14 57.65 -55.92
CA TYR L 166 33.54 58.55 -56.91
C TYR L 166 32.21 59.03 -56.43
N VAL L 167 31.58 59.89 -57.23
CA VAL L 167 30.32 60.38 -56.84
C VAL L 167 29.52 60.74 -58.09
N VAL L 168 28.20 60.64 -58.07
CA VAL L 168 27.36 60.93 -59.21
C VAL L 168 26.11 61.65 -58.80
N GLN L 169 25.82 62.78 -59.41
CA GLN L 169 24.57 63.50 -59.18
C GLN L 169 23.68 63.34 -60.41
N ARG L 170 22.40 63.06 -60.17
CA ARG L 170 21.44 62.89 -61.25
C ARG L 170 20.24 63.81 -61.01
N ASP L 171 19.36 63.85 -61.99
CA ASP L 171 18.05 64.49 -61.85
C ASP L 171 17.02 63.41 -61.62
N ALA L 172 15.74 63.75 -61.69
CA ALA L 172 14.73 62.72 -61.47
C ALA L 172 14.51 61.83 -62.69
N PHE L 173 15.06 62.18 -63.85
CA PHE L 173 15.15 61.22 -64.92
C PHE L 173 16.16 60.11 -64.65
N GLY L 174 17.43 60.50 -64.59
CA GLY L 174 18.50 59.56 -64.63
C GLY L 174 19.55 60.10 -65.57
N ASN L 175 19.35 61.33 -66.01
CA ASN L 175 20.37 62.03 -66.72
C ASN L 175 21.50 62.29 -65.76
N VAL L 176 22.71 61.86 -66.11
CA VAL L 176 23.84 62.13 -65.27
C VAL L 176 24.27 63.59 -65.44
N LEU L 177 24.12 64.38 -64.39
CA LEU L 177 24.53 65.75 -64.49
C LEU L 177 26.04 65.89 -64.30
N GLN L 178 26.57 65.29 -63.24
CA GLN L 178 27.97 65.42 -62.95
C GLN L 178 28.56 64.24 -62.22
N MET L 179 29.82 63.95 -62.46
CA MET L 179 30.53 62.96 -61.76
C MET L 179 31.90 63.56 -61.27
N VAL L 180 32.42 63.08 -60.14
CA VAL L 180 33.73 63.34 -59.75
C VAL L 180 34.39 62.07 -59.26
N THR L 181 35.59 61.74 -59.74
CA THR L 181 36.35 60.60 -59.25
C THR L 181 37.55 61.02 -58.44
N ARG L 182 38.03 60.17 -57.56
CA ARG L 182 38.96 60.56 -56.49
C ARG L 182 40.08 59.56 -56.45
N ASP L 183 40.74 59.38 -57.59
CA ASP L 183 41.92 58.52 -57.60
C ASP L 183 43.01 59.10 -56.69
N GLN L 184 43.69 58.18 -55.99
CA GLN L 184 44.80 58.53 -55.15
C GLN L 184 46.08 57.86 -55.71
N ILE L 185 46.90 58.63 -56.40
CA ILE L 185 48.07 58.06 -57.08
C ILE L 185 49.31 58.58 -56.40
N ALA L 186 50.37 57.80 -56.42
CA ALA L 186 51.67 58.31 -55.93
C ALA L 186 52.25 59.33 -56.90
N PHE L 187 53.07 60.24 -56.39
CA PHE L 187 53.76 61.25 -57.20
C PHE L 187 54.73 60.64 -58.18
N GLY L 188 55.24 59.46 -57.89
CA GLY L 188 56.20 58.83 -58.76
C GLY L 188 55.57 58.22 -59.99
N ALA L 189 54.38 57.68 -59.85
CA ALA L 189 53.74 56.97 -60.94
C ALA L 189 52.65 57.80 -61.62
N LEU L 190 52.74 59.12 -61.51
CA LEU L 190 51.80 59.99 -62.19
C LEU L 190 52.00 59.98 -63.69
N PRO L 191 50.97 60.32 -64.47
CA PRO L 191 51.23 60.76 -65.86
C PRO L 191 52.09 62.03 -65.89
N GLU L 192 52.81 62.21 -66.99
CA GLU L 192 53.89 63.18 -67.05
C GLU L 192 53.39 64.62 -67.01
N ASP L 193 52.24 64.85 -67.62
CA ASP L 193 51.68 66.20 -67.61
C ASP L 193 51.21 66.64 -66.22
N ILE L 194 50.75 65.68 -65.43
CA ILE L 194 50.25 66.02 -64.12
C ILE L 194 51.39 66.31 -63.14
N ARG L 195 52.54 65.69 -63.35
CA ARG L 195 53.70 65.92 -62.49
C ARG L 195 54.17 67.36 -62.57
N LYS L 196 54.20 67.90 -63.77
CA LYS L 196 54.62 69.28 -63.94
C LYS L 196 53.57 70.25 -63.39
N ALA L 197 52.29 69.89 -63.50
CA ALA L 197 51.22 70.72 -62.96
C ALA L 197 51.28 70.76 -61.42
N VAL L 198 51.59 69.63 -60.81
CA VAL L 198 51.72 69.60 -59.37
C VAL L 198 53.00 70.32 -58.94
N GLU L 199 54.09 70.11 -59.67
CA GLU L 199 55.38 70.70 -59.34
C GLU L 199 55.32 72.21 -59.45
N GLY L 200 54.50 72.72 -60.37
CA GLY L 200 54.31 74.16 -60.50
C GLY L 200 53.62 74.81 -59.32
N GLN L 201 52.87 74.03 -58.55
CA GLN L 201 52.19 74.53 -57.35
C GLN L 201 53.23 74.90 -56.29
N GLY L 202 54.33 74.15 -56.24
CA GLY L 202 55.42 74.51 -55.35
C GLY L 202 55.67 73.49 -54.27
N GLY L 203 56.86 73.61 -53.69
CA GLY L 203 57.38 72.65 -52.74
C GLY L 203 57.85 71.37 -53.45
N GLU L 204 59.02 70.87 -53.07
CA GLU L 204 59.45 69.56 -53.56
C GLU L 204 58.56 68.48 -52.94
N LYS L 205 58.52 67.33 -53.60
CA LYS L 205 57.69 66.24 -53.12
C LYS L 205 58.52 65.00 -53.02
N LYS L 206 58.15 64.12 -52.09
CA LYS L 206 58.79 62.81 -52.02
C LYS L 206 58.26 61.92 -53.13
N ALA L 207 58.87 60.77 -53.34
CA ALA L 207 58.34 59.89 -54.37
C ALA L 207 57.01 59.22 -53.94
N ASP L 208 56.92 58.67 -52.72
CA ASP L 208 55.74 57.94 -52.35
C ASP L 208 54.73 58.74 -51.65
N GLU L 209 54.87 60.07 -51.68
CA GLU L 209 53.86 60.95 -51.08
C GLU L 209 52.58 60.95 -51.92
N THR L 210 51.47 60.62 -51.28
CA THR L 210 50.25 60.41 -52.04
C THR L 210 49.69 61.71 -52.48
N ILE L 211 49.18 61.73 -53.71
CA ILE L 211 48.56 62.91 -54.29
C ILE L 211 47.19 62.51 -54.78
N ASP L 212 46.18 63.20 -54.29
CA ASP L 212 44.81 62.96 -54.68
C ASP L 212 44.43 63.82 -55.87
N VAL L 213 44.15 63.19 -57.00
CA VAL L 213 43.59 63.91 -58.09
C VAL L 213 42.07 63.86 -57.99
N TYR L 214 41.41 64.71 -58.74
CA TYR L 214 39.97 64.66 -58.84
C TYR L 214 39.61 64.86 -60.28
N THR L 215 38.74 64.02 -60.83
CA THR L 215 38.32 64.19 -62.20
C THR L 215 36.87 64.59 -62.17
N HIS L 216 36.55 65.68 -62.83
CA HIS L 216 35.20 66.23 -62.82
C HIS L 216 34.63 66.23 -64.23
N ILE L 217 33.40 65.71 -64.35
CA ILE L 217 32.67 65.65 -65.62
C ILE L 217 31.34 66.31 -65.35
N TYR L 218 30.95 67.29 -66.18
CA TYR L 218 29.72 68.04 -65.92
C TYR L 218 28.99 68.43 -67.15
N LEU L 219 27.65 68.52 -67.05
CA LEU L 219 26.82 69.06 -68.14
C LEU L 219 27.06 70.55 -68.30
N ASP L 220 27.07 70.97 -69.55
CA ASP L 220 27.29 72.38 -69.83
C ASP L 220 25.99 73.14 -69.67
N GLU L 221 26.12 74.40 -69.28
CA GLU L 221 25.01 75.31 -69.25
C GLU L 221 24.63 75.77 -70.68
N ASP L 222 25.57 75.64 -71.62
CA ASP L 222 25.34 76.09 -72.98
C ASP L 222 24.82 74.95 -73.86
N SER L 223 25.63 73.91 -73.99
CA SER L 223 25.30 72.85 -74.94
C SER L 223 25.02 71.54 -74.23
N GLY L 224 24.60 70.55 -75.02
CA GLY L 224 24.26 69.24 -74.48
C GLY L 224 25.39 68.25 -74.55
N GLU L 225 26.61 68.67 -74.23
CA GLU L 225 27.76 67.77 -74.23
C GLU L 225 28.52 67.92 -72.91
N TYR L 226 29.24 66.88 -72.49
CA TYR L 226 29.93 66.92 -71.22
C TYR L 226 31.25 67.69 -71.34
N LEU L 227 31.68 68.26 -70.22
CA LEU L 227 33.02 68.83 -70.10
C LEU L 227 33.77 68.18 -68.96
N ARG L 228 35.02 67.78 -69.18
CA ARG L 228 35.85 67.18 -68.12
C ARG L 228 37.11 67.96 -67.87
N TYR L 229 37.53 67.98 -66.59
CA TYR L 229 38.82 68.49 -66.20
C TYR L 229 39.34 67.77 -65.03
N GLU L 230 40.65 67.93 -64.80
CA GLU L 230 41.31 67.32 -63.64
C GLU L 230 41.68 68.41 -62.65
N GLU L 231 41.86 68.02 -61.41
CA GLU L 231 42.23 68.98 -60.39
C GLU L 231 43.12 68.31 -59.39
N VAL L 232 44.23 68.98 -59.07
CA VAL L 232 45.11 68.55 -57.99
C VAL L 232 45.37 69.73 -57.08
N GLU L 233 45.04 69.56 -55.81
CA GLU L 233 45.43 70.49 -54.77
C GLU L 233 44.71 71.86 -54.91
N GLY L 234 43.67 71.93 -55.75
CA GLY L 234 42.87 73.13 -55.84
C GLY L 234 43.16 73.98 -57.06
N MET L 235 43.44 73.33 -58.18
CA MET L 235 43.77 74.02 -59.41
C MET L 235 43.54 73.09 -60.58
N GLU L 236 42.94 73.61 -61.64
CA GLU L 236 42.68 72.80 -62.81
C GLU L 236 44.00 72.46 -63.55
N VAL L 237 44.17 71.20 -63.86
CA VAL L 237 45.42 70.70 -64.43
C VAL L 237 45.58 71.14 -65.86
N GLN L 238 46.66 71.87 -66.13
CA GLN L 238 46.94 72.38 -67.47
C GLN L 238 47.19 71.28 -68.44
N GLY L 239 46.61 71.44 -69.64
CA GLY L 239 46.65 70.43 -70.69
C GLY L 239 45.90 69.13 -70.39
N SER L 240 44.83 69.25 -69.59
CA SER L 240 44.00 68.09 -69.30
C SER L 240 42.52 68.34 -69.55
N ASP L 241 42.25 69.36 -70.36
CA ASP L 241 40.89 69.75 -70.72
C ASP L 241 40.25 68.65 -71.54
N GLY L 242 38.93 68.62 -71.50
CA GLY L 242 38.23 67.63 -72.29
C GLY L 242 36.80 68.00 -72.61
N THR L 243 36.41 67.69 -73.84
CA THR L 243 35.04 67.85 -74.28
C THR L 243 34.59 66.51 -74.76
N TYR L 244 33.45 66.06 -74.29
CA TYR L 244 32.96 64.77 -74.65
C TYR L 244 31.57 64.87 -75.25
N PRO L 245 31.28 64.09 -76.31
CA PRO L 245 29.94 64.05 -76.86
C PRO L 245 28.96 63.32 -75.95
N LYS L 246 27.68 63.49 -76.23
CA LYS L 246 26.62 63.10 -75.31
C LYS L 246 26.52 61.58 -75.14
N GLU L 247 26.84 60.85 -76.20
CA GLU L 247 26.62 59.42 -76.20
C GLU L 247 27.86 58.59 -75.97
N ALA L 248 29.03 59.19 -76.18
CA ALA L 248 30.27 58.44 -76.15
C ALA L 248 31.10 58.81 -74.93
N CYS L 249 30.43 58.89 -73.80
CA CYS L 249 31.05 59.31 -72.58
C CYS L 249 31.88 58.16 -72.04
N PRO L 250 33.19 58.38 -71.83
CA PRO L 250 34.03 57.26 -71.45
C PRO L 250 33.86 56.89 -69.99
N TYR L 251 33.29 57.78 -69.16
CA TYR L 251 33.02 57.42 -67.79
C TYR L 251 31.59 56.81 -67.76
N ILE L 252 31.50 55.51 -67.45
CA ILE L 252 30.25 54.83 -67.48
C ILE L 252 29.84 54.51 -66.04
N PRO L 253 28.81 55.16 -65.51
CA PRO L 253 28.30 54.79 -64.20
C PRO L 253 27.23 53.71 -64.27
N ILE L 254 27.41 52.61 -63.55
CA ILE L 254 26.51 51.47 -63.67
C ILE L 254 25.77 51.27 -62.38
N ARG L 255 24.46 51.16 -62.47
CA ARG L 255 23.57 50.81 -61.36
C ARG L 255 23.01 49.41 -61.58
N MET L 256 22.84 48.64 -60.52
CA MET L 256 22.21 47.33 -60.66
C MET L 256 20.69 47.48 -60.70
N VAL L 257 20.07 48.02 -59.65
CA VAL L 257 18.62 48.14 -59.62
C VAL L 257 18.24 49.57 -59.47
N ARG L 258 17.59 50.12 -60.48
CA ARG L 258 17.33 51.55 -60.49
C ARG L 258 16.09 51.89 -59.73
N LEU L 259 16.04 53.12 -59.23
CA LEU L 259 14.85 53.67 -58.57
C LEU L 259 14.63 55.07 -59.08
N ASP L 260 13.36 55.46 -59.05
CA ASP L 260 12.98 56.71 -59.59
C ASP L 260 13.44 57.85 -58.68
N GLY L 261 14.04 58.88 -59.28
CA GLY L 261 14.39 60.11 -58.57
C GLY L 261 15.42 59.87 -57.49
N GLU L 262 16.44 59.16 -57.86
CA GLU L 262 17.43 58.71 -56.92
C GLU L 262 18.73 58.46 -57.68
N SER L 263 19.80 59.10 -57.23
CA SER L 263 20.99 59.26 -58.07
C SER L 263 21.86 58.06 -58.14
N TYR L 264 21.58 57.05 -57.36
CA TYR L 264 22.49 55.90 -57.23
C TYR L 264 21.74 54.60 -57.42
N GLY L 265 22.40 53.51 -57.13
CA GLY L 265 21.78 52.21 -57.31
C GLY L 265 21.75 51.46 -56.04
N ARG L 266 20.84 50.52 -55.93
CA ARG L 266 20.79 49.64 -54.76
C ARG L 266 21.05 48.24 -55.14
N SER L 267 21.90 47.58 -54.39
CA SER L 267 22.39 46.28 -54.76
C SER L 267 21.29 45.22 -54.76
N TYR L 268 21.57 44.13 -55.43
CA TYR L 268 20.63 43.02 -55.49
C TYR L 268 20.67 42.27 -54.21
N ILE L 269 21.76 42.30 -53.44
CA ILE L 269 21.81 41.60 -52.18
C ILE L 269 20.99 42.32 -51.09
N GLU L 270 20.77 43.62 -51.30
CA GLU L 270 19.96 44.41 -50.37
C GLU L 270 18.51 43.90 -50.27
N GLU L 271 17.95 43.53 -51.37
CA GLU L 271 16.64 43.06 -51.38
C GLU L 271 16.49 41.76 -50.69
N TYR L 272 17.52 41.00 -50.55
CA TYR L 272 17.35 39.78 -49.75
C TYR L 272 18.30 39.83 -48.57
N LEU L 273 18.54 41.01 -48.02
CA LEU L 273 19.48 41.15 -46.90
C LEU L 273 18.97 40.57 -45.63
N GLY L 274 17.72 40.82 -45.34
CA GLY L 274 17.14 40.52 -44.04
C GLY L 274 17.06 39.00 -43.80
N ASP L 275 16.50 38.26 -44.75
CA ASP L 275 16.55 36.85 -44.65
C ASP L 275 17.94 36.35 -44.73
N LEU L 276 18.85 37.17 -45.21
CA LEU L 276 20.24 36.82 -45.11
C LEU L 276 20.63 36.95 -43.67
N ARG L 277 20.37 38.10 -43.03
CA ARG L 277 20.82 38.29 -41.64
C ARG L 277 20.05 37.44 -40.68
N SER L 278 18.83 37.11 -40.97
CA SER L 278 18.11 36.19 -40.12
C SER L 278 18.68 34.85 -40.23
N LEU L 279 19.32 34.52 -41.33
CA LEU L 279 20.06 33.27 -41.39
C LEU L 279 21.21 33.35 -40.54
N GLU L 280 21.90 34.48 -40.61
CA GLU L 280 23.18 34.71 -39.89
C GLU L 280 22.99 34.41 -38.43
N ASN L 281 22.06 35.10 -37.75
CA ASN L 281 21.80 34.91 -36.38
C ASN L 281 21.48 33.49 -36.13
N LEU L 282 20.57 32.97 -36.88
CA LEU L 282 20.03 31.63 -36.62
C LEU L 282 21.05 30.62 -36.84
N GLN L 283 22.05 30.95 -37.58
CA GLN L 283 23.06 29.99 -37.81
C GLN L 283 24.16 30.15 -36.77
N GLU L 284 24.40 31.40 -36.37
CA GLU L 284 25.47 31.76 -35.45
C GLU L 284 25.34 30.98 -34.21
N ALA L 285 24.14 31.05 -33.61
CA ALA L 285 23.80 30.36 -32.36
C ALA L 285 24.25 28.95 -32.42
N ILE L 286 23.93 28.32 -33.53
CA ILE L 286 24.08 26.88 -33.67
C ILE L 286 25.55 26.57 -33.47
N VAL L 287 26.42 27.34 -34.09
CA VAL L 287 27.82 27.12 -33.98
C VAL L 287 28.22 27.34 -32.54
N LYS L 288 27.72 28.43 -31.92
CA LYS L 288 28.00 28.71 -30.52
C LYS L 288 27.44 27.59 -29.64
N MET L 289 26.26 27.11 -29.98
CA MET L 289 25.69 26.07 -29.17
C MET L 289 26.39 24.83 -29.41
N SER L 290 27.19 24.71 -30.42
CA SER L 290 27.90 23.51 -30.57
C SER L 290 29.03 23.54 -29.64
N MET L 291 29.64 24.72 -29.50
CA MET L 291 30.92 24.79 -28.81
C MET L 291 30.69 24.45 -27.32
N ILE L 292 29.51 24.77 -26.73
CA ILE L 292 29.17 24.42 -25.40
C ILE L 292 29.24 22.95 -25.24
N SER L 293 28.79 22.22 -26.27
CA SER L 293 28.90 20.75 -26.25
C SER L 293 30.35 20.25 -26.23
N SER L 294 31.29 21.08 -26.63
CA SER L 294 32.61 20.62 -26.74
C SER L 294 33.41 20.97 -25.52
N LYS L 295 32.77 20.93 -24.38
CA LYS L 295 33.44 21.23 -23.09
C LYS L 295 32.96 20.07 -22.15
N VAL L 296 33.85 19.10 -21.94
CA VAL L 296 33.56 18.03 -21.09
C VAL L 296 33.73 18.53 -19.67
N ILE L 297 32.66 18.49 -18.86
CA ILE L 297 32.80 18.70 -17.43
C ILE L 297 32.30 17.45 -16.77
N GLY L 298 33.15 16.82 -15.99
CA GLY L 298 32.67 15.68 -15.20
C GLY L 298 32.06 16.12 -13.88
N LEU L 299 30.76 15.91 -13.72
CA LEU L 299 30.15 16.22 -12.47
C LEU L 299 30.24 15.02 -11.53
N VAL L 300 30.98 15.13 -10.43
CA VAL L 300 31.00 14.07 -9.42
C VAL L 300 30.07 14.31 -8.37
N ASN L 301 29.31 13.33 -8.00
CA ASN L 301 28.15 13.57 -7.04
C ASN L 301 28.63 13.50 -5.67
N PRO L 302 28.57 14.57 -4.91
CA PRO L 302 29.15 14.56 -3.67
C PRO L 302 28.53 13.62 -2.73
N ALA L 303 27.34 13.18 -2.97
CA ALA L 303 26.70 12.31 -2.01
C ALA L 303 27.16 10.92 -2.10
N GLY L 304 28.03 10.64 -3.03
CA GLY L 304 28.38 9.26 -3.32
C GLY L 304 29.78 8.95 -2.77
N ILE L 305 30.39 7.92 -3.37
CA ILE L 305 31.55 7.43 -2.85
C ILE L 305 32.69 7.77 -3.73
N THR L 306 32.51 7.75 -5.05
CA THR L 306 33.63 7.76 -5.95
C THR L 306 34.32 9.04 -5.98
N GLN L 307 35.66 9.06 -6.01
CA GLN L 307 36.30 10.36 -5.99
C GLN L 307 37.49 10.55 -6.86
N PRO L 308 37.61 11.67 -7.51
CA PRO L 308 38.51 11.75 -8.57
C PRO L 308 40.00 11.85 -8.24
N ARG L 309 40.43 11.62 -7.02
CA ARG L 309 41.87 11.35 -6.86
C ARG L 309 42.15 9.92 -7.25
N ARG L 310 41.14 9.14 -7.59
CA ARG L 310 41.37 7.76 -7.86
C ARG L 310 41.02 7.37 -9.24
N LEU L 311 40.12 8.11 -9.91
CA LEU L 311 39.93 7.85 -11.34
C LEU L 311 41.16 8.31 -12.10
N THR L 312 41.72 9.44 -11.78
CA THR L 312 42.58 9.91 -12.66
C THR L 312 43.89 9.24 -12.54
N LYS L 313 44.32 8.89 -11.34
CA LYS L 313 45.73 8.41 -11.18
C LYS L 313 45.89 7.03 -11.61
N ALA L 314 44.78 6.35 -11.80
CA ALA L 314 44.87 4.92 -12.16
C ALA L 314 45.27 4.70 -13.56
N GLN L 315 46.16 3.72 -13.83
CA GLN L 315 46.50 3.52 -15.25
C GLN L 315 45.36 2.84 -15.93
N THR L 316 45.51 2.53 -17.22
CA THR L 316 44.36 1.96 -17.91
C THR L 316 44.18 0.61 -17.51
N GLY L 317 42.93 0.22 -17.29
CA GLY L 317 42.57 -1.05 -16.77
C GLY L 317 43.14 -1.26 -15.37
N ASP L 318 42.76 -0.32 -14.56
CA ASP L 318 43.07 -0.44 -13.14
C ASP L 318 41.78 -0.44 -12.38
N PHE L 319 41.57 -1.44 -11.52
CA PHE L 319 40.39 -1.43 -10.74
C PHE L 319 40.48 -0.29 -9.72
N VAL L 320 39.36 0.38 -9.45
CA VAL L 320 39.39 1.29 -8.45
C VAL L 320 38.03 1.53 -7.88
N THR L 321 37.91 2.11 -6.69
CA THR L 321 36.68 2.00 -6.01
C THR L 321 35.72 2.96 -6.29
N GLY L 322 34.48 2.58 -6.50
CA GLY L 322 33.47 3.64 -6.86
C GLY L 322 32.25 3.12 -7.50
N ARG L 323 31.24 3.90 -7.45
CA ARG L 323 30.06 3.48 -8.06
C ARG L 323 29.86 4.27 -9.34
N PRO L 324 29.17 3.70 -10.33
CA PRO L 324 29.03 4.36 -11.54
C PRO L 324 27.98 5.42 -11.52
N GLU L 325 27.08 5.45 -10.55
CA GLU L 325 26.07 6.50 -10.62
C GLU L 325 26.57 7.82 -10.07
N ASP L 326 27.82 7.90 -9.66
CA ASP L 326 28.31 9.10 -9.08
C ASP L 326 28.86 10.04 -10.08
N ILE L 327 29.62 9.56 -11.08
CA ILE L 327 30.17 10.50 -12.04
C ILE L 327 29.19 10.58 -13.14
N SER L 328 28.85 11.78 -13.57
CA SER L 328 28.10 11.93 -14.81
C SER L 328 28.75 13.05 -15.57
N PHE L 329 28.20 13.40 -16.72
CA PHE L 329 28.82 14.48 -17.45
C PHE L 329 27.78 15.47 -17.88
N LEU L 330 28.17 16.72 -17.88
CA LEU L 330 27.17 17.85 -18.07
C LEU L 330 26.84 17.93 -19.48
N GLN L 331 25.61 17.56 -19.91
CA GLN L 331 25.17 17.74 -21.32
C GLN L 331 24.47 19.05 -21.48
N LEU L 332 24.08 19.34 -22.72
CA LEU L 332 23.38 20.61 -23.02
C LEU L 332 22.11 20.20 -23.72
N GLU L 333 21.00 20.23 -22.99
CA GLU L 333 19.86 19.54 -23.43
C GLU L 333 18.92 20.29 -24.35
N LYS L 334 19.42 21.32 -25.07
CA LYS L 334 18.62 21.91 -26.15
C LYS L 334 18.51 20.91 -27.29
N GLN L 335 17.39 20.21 -27.37
CA GLN L 335 17.17 19.35 -28.50
C GLN L 335 16.02 19.84 -29.33
N ALA L 336 14.92 20.19 -28.69
CA ALA L 336 13.80 20.75 -29.44
C ALA L 336 14.16 22.13 -29.98
N ASP L 337 14.91 22.92 -29.23
CA ASP L 337 15.38 24.18 -29.77
C ASP L 337 16.35 23.97 -30.93
N PHE L 338 17.22 22.96 -30.85
CA PHE L 338 18.12 22.70 -31.93
C PHE L 338 17.39 22.24 -33.20
N THR L 339 16.37 21.41 -33.07
CA THR L 339 15.61 20.99 -34.26
C THR L 339 14.74 22.08 -34.88
N VAL L 340 14.23 22.98 -34.05
CA VAL L 340 13.48 24.08 -34.64
C VAL L 340 14.40 25.11 -35.24
N ALA L 341 15.57 25.28 -34.68
CA ALA L 341 16.51 26.24 -35.24
C ALA L 341 17.04 25.74 -36.55
N LYS L 342 17.36 24.46 -36.63
CA LYS L 342 17.87 23.88 -37.86
C LYS L 342 16.79 23.89 -38.93
N ALA L 343 15.54 23.70 -38.55
CA ALA L 343 14.44 23.71 -39.53
C ALA L 343 14.26 25.06 -40.16
N VAL L 344 14.28 26.09 -39.37
CA VAL L 344 14.10 27.39 -39.95
C VAL L 344 15.34 27.84 -40.67
N SER L 345 16.51 27.37 -40.26
CA SER L 345 17.72 27.65 -40.98
C SER L 345 17.66 27.06 -42.37
N ASP L 346 17.18 25.84 -42.49
CA ASP L 346 17.11 25.22 -43.79
C ASP L 346 16.08 25.93 -44.65
N ALA L 347 14.94 26.22 -44.07
CA ALA L 347 13.89 26.84 -44.83
C ALA L 347 14.25 28.23 -45.25
N ILE L 348 15.25 28.85 -44.64
CA ILE L 348 15.65 30.15 -45.11
C ILE L 348 16.77 30.03 -46.12
N GLU L 349 17.61 28.99 -46.02
CA GLU L 349 18.62 28.79 -47.06
C GLU L 349 17.94 28.39 -48.38
N ALA L 350 16.78 27.76 -48.32
CA ALA L 350 16.07 27.40 -49.53
C ALA L 350 15.67 28.63 -50.33
N ARG L 351 15.22 29.66 -49.61
CA ARG L 351 14.86 30.89 -50.26
C ARG L 351 16.08 31.55 -50.88
N LEU L 352 17.16 31.62 -50.12
CA LEU L 352 18.30 32.27 -50.64
C LEU L 352 18.94 31.42 -51.77
N SER L 353 18.71 30.12 -51.82
CA SER L 353 19.22 29.34 -52.92
C SER L 353 18.36 29.56 -54.22
N PHE L 354 17.01 29.60 -54.14
CA PHE L 354 16.23 30.01 -55.32
C PHE L 354 16.42 31.44 -55.68
N ALA L 355 17.06 32.21 -54.82
CA ALA L 355 17.22 33.64 -55.07
C ALA L 355 18.54 34.05 -55.55
N PHE L 356 19.54 33.25 -55.28
CA PHE L 356 20.89 33.60 -55.70
C PHE L 356 21.45 32.65 -56.76
N MET L 357 20.59 31.78 -57.30
CA MET L 357 20.93 30.78 -58.27
C MET L 357 21.97 29.79 -57.80
N LEU L 358 21.92 29.43 -56.53
CA LEU L 358 22.77 28.44 -56.01
C LEU L 358 22.18 27.17 -56.66
N ASN L 359 22.98 26.08 -56.71
CA ASN L 359 22.63 24.94 -57.54
C ASN L 359 21.46 24.16 -56.95
N SER L 360 20.34 24.25 -57.67
CA SER L 360 19.19 23.43 -57.38
C SER L 360 18.98 22.46 -58.57
N ALA L 361 20.08 21.80 -58.92
CA ALA L 361 20.21 20.86 -60.06
C ALA L 361 19.82 21.48 -61.42
N VAL L 362 20.52 22.55 -61.77
CA VAL L 362 20.37 23.17 -63.09
C VAL L 362 21.62 23.04 -63.96
N GLN L 363 22.75 23.49 -63.44
CA GLN L 363 23.95 23.62 -64.25
C GLN L 363 25.00 22.54 -63.95
N ARG L 364 24.65 21.61 -63.07
CA ARG L 364 25.64 20.60 -62.66
C ARG L 364 25.83 19.50 -63.72
N THR L 365 24.73 19.00 -64.29
CA THR L 365 24.72 17.79 -65.10
C THR L 365 25.43 18.00 -66.44
N GLY L 366 26.77 17.90 -66.40
CA GLY L 366 27.67 18.02 -67.57
C GLY L 366 27.58 19.35 -68.27
N GLU L 367 28.05 20.42 -67.60
CA GLU L 367 28.00 21.77 -68.18
C GLU L 367 28.96 21.85 -69.39
N ARG L 368 28.45 22.43 -70.48
CA ARG L 368 29.28 22.70 -71.65
C ARG L 368 29.27 24.19 -72.00
N VAL L 369 29.78 24.56 -73.18
CA VAL L 369 29.94 25.96 -73.57
C VAL L 369 29.20 26.19 -74.89
N THR L 370 28.64 27.40 -75.04
CA THR L 370 28.32 28.08 -76.33
C THR L 370 27.18 27.58 -77.19
N ALA L 371 26.73 26.35 -76.95
CA ALA L 371 25.64 25.78 -77.72
C ALA L 371 24.52 25.43 -76.74
N GLU L 372 23.44 26.21 -76.81
CA GLU L 372 22.25 26.14 -75.93
C GLU L 372 22.59 26.71 -74.53
N GLU L 373 23.87 26.93 -74.23
CA GLU L 373 24.27 27.25 -72.87
C GLU L 373 24.00 28.70 -72.51
N ILE L 374 24.39 29.62 -73.40
CA ILE L 374 24.23 31.03 -73.12
C ILE L 374 22.76 31.45 -73.17
N ARG L 375 22.01 30.78 -74.03
CA ARG L 375 20.59 30.94 -74.07
C ARG L 375 19.96 30.54 -72.74
N TYR L 376 20.35 29.38 -72.24
CA TYR L 376 19.76 28.85 -71.02
C TYR L 376 20.12 29.73 -69.83
N VAL L 377 21.37 30.19 -69.78
CA VAL L 377 21.80 31.02 -68.69
C VAL L 377 21.09 32.35 -68.67
N ALA L 378 20.93 32.95 -69.82
CA ALA L 378 20.27 34.23 -69.84
C ALA L 378 18.77 34.10 -69.58
N SER L 379 18.16 33.03 -70.05
CA SER L 379 16.74 32.85 -69.82
C SER L 379 16.45 32.59 -68.36
N GLU L 380 17.32 31.86 -67.69
CA GLU L 380 17.15 31.67 -66.26
C GLU L 380 17.47 32.96 -65.50
N LEU L 381 18.50 33.70 -65.89
CA LEU L 381 18.81 34.95 -65.23
C LEU L 381 17.75 36.04 -65.42
N GLU L 382 16.92 35.94 -66.44
CA GLU L 382 15.74 36.77 -66.46
C GLU L 382 14.59 36.13 -65.73
N ASP L 383 14.56 34.79 -65.59
CA ASP L 383 13.50 34.14 -64.82
C ASP L 383 13.58 34.56 -63.39
N THR L 384 14.70 34.26 -62.74
CA THR L 384 14.91 34.80 -61.42
C THR L 384 15.56 36.15 -61.58
N LEU L 385 16.05 36.72 -60.49
CA LEU L 385 16.75 37.98 -60.52
C LEU L 385 15.98 39.19 -61.05
N GLY L 386 14.76 39.02 -61.51
CA GLY L 386 13.99 40.17 -61.96
C GLY L 386 14.54 40.73 -63.23
N GLY L 387 14.70 42.05 -63.29
CA GLY L 387 15.24 42.62 -64.52
C GLY L 387 16.75 42.82 -64.56
N VAL L 388 17.57 41.96 -63.95
CA VAL L 388 18.97 42.23 -63.85
C VAL L 388 19.60 42.14 -65.21
N TYR L 389 19.24 41.12 -65.95
CA TYR L 389 19.92 40.84 -67.21
C TYR L 389 19.58 41.88 -68.29
N SER L 390 18.40 42.49 -68.21
CA SER L 390 18.03 43.42 -69.23
C SER L 390 18.42 44.82 -68.84
N ILE L 391 18.18 45.22 -67.59
CA ILE L 391 18.58 46.53 -67.11
C ILE L 391 20.09 46.65 -67.20
N LEU L 392 20.77 45.56 -66.86
CA LEU L 392 22.22 45.54 -66.92
C LEU L 392 22.71 45.62 -68.34
N SER L 393 21.96 45.08 -69.28
CA SER L 393 22.36 45.14 -70.68
C SER L 393 22.19 46.55 -71.26
N GLN L 394 21.12 47.23 -70.84
CA GLN L 394 20.97 48.60 -71.29
C GLN L 394 22.05 49.51 -70.62
N GLU L 395 22.34 49.31 -69.34
CA GLU L 395 23.20 50.22 -68.65
C GLU L 395 24.66 49.93 -68.91
N LEU L 396 25.02 48.67 -69.07
CA LEU L 396 26.42 48.28 -69.15
C LEU L 396 26.95 48.06 -70.56
N GLN L 397 26.27 47.20 -71.32
CA GLN L 397 26.79 46.82 -72.60
C GLN L 397 26.61 47.84 -73.70
N LEU L 398 25.58 48.71 -73.62
CA LEU L 398 25.47 49.74 -74.60
C LEU L 398 26.60 50.72 -74.53
N PRO L 399 26.94 51.23 -73.36
CA PRO L 399 28.09 52.12 -73.37
C PRO L 399 29.41 51.42 -73.57
N LEU L 400 29.56 50.17 -73.16
CA LEU L 400 30.87 49.51 -73.33
C LEU L 400 31.13 49.17 -74.77
N VAL L 401 30.10 48.93 -75.56
CA VAL L 401 30.27 48.82 -77.01
C VAL L 401 30.40 50.16 -77.63
N ARG L 402 29.71 51.14 -77.09
CA ARG L 402 29.62 52.44 -77.76
C ARG L 402 30.91 53.23 -77.63
N VAL L 403 31.53 53.20 -76.46
CA VAL L 403 32.80 53.87 -76.27
C VAL L 403 33.95 53.21 -77.06
N LEU L 404 33.93 51.87 -77.07
CA LEU L 404 34.86 51.16 -77.91
C LEU L 404 34.69 51.48 -79.40
N LEU L 405 33.44 51.44 -79.86
CA LEU L 405 33.13 51.64 -81.27
C LEU L 405 33.48 53.02 -81.68
N LYS L 406 33.47 53.94 -80.73
CA LYS L 406 33.86 55.31 -81.08
C LYS L 406 35.37 55.41 -81.18
N GLN L 407 36.05 55.02 -80.11
CA GLN L 407 37.49 55.28 -80.05
C GLN L 407 38.31 54.38 -81.01
N LEU L 408 37.98 53.08 -81.08
CA LEU L 408 38.71 52.19 -81.94
C LEU L 408 38.58 52.54 -83.44
N GLN L 409 37.37 52.77 -83.91
CA GLN L 409 37.19 53.13 -85.30
C GLN L 409 37.65 54.58 -85.54
N ALA L 410 37.74 55.37 -84.49
CA ALA L 410 38.44 56.67 -84.61
C ALA L 410 39.96 56.51 -84.70
N THR L 411 40.49 55.35 -84.33
CA THR L 411 41.90 55.05 -84.52
C THR L 411 42.16 54.17 -85.75
N GLN L 412 41.45 53.05 -85.86
CA GLN L 412 41.76 52.03 -86.87
C GLN L 412 41.09 52.31 -88.22
N GLN L 413 41.00 51.28 -89.08
CA GLN L 413 40.59 51.46 -90.47
C GLN L 413 39.10 51.20 -90.68
N ILE L 414 38.47 52.09 -91.44
CA ILE L 414 37.09 51.93 -91.87
C ILE L 414 37.11 51.12 -93.18
N PRO L 415 36.38 50.00 -93.24
CA PRO L 415 36.33 49.22 -94.50
C PRO L 415 35.36 49.77 -95.57
N GLU L 416 35.19 48.94 -96.61
CA GLU L 416 34.37 49.21 -97.80
C GLU L 416 32.90 49.73 -97.60
N LEU L 417 32.21 49.26 -96.55
CA LEU L 417 30.74 49.36 -96.34
C LEU L 417 30.16 50.76 -96.49
N PRO L 418 28.86 50.85 -96.89
CA PRO L 418 28.25 52.15 -97.32
C PRO L 418 28.08 53.19 -96.23
N LYS L 419 27.58 54.36 -96.63
CA LYS L 419 27.50 55.50 -95.72
C LYS L 419 26.34 55.42 -94.73
N GLU L 420 25.42 54.50 -94.94
CA GLU L 420 24.36 54.26 -93.95
C GLU L 420 24.78 53.26 -92.88
N ALA L 421 25.93 52.62 -93.08
CA ALA L 421 26.46 51.68 -92.10
C ALA L 421 27.81 52.13 -91.47
N VAL L 422 28.23 53.37 -91.70
CA VAL L 422 29.44 53.86 -91.04
C VAL L 422 29.18 54.13 -89.56
N GLU L 423 28.00 54.69 -89.27
CA GLU L 423 27.53 55.02 -87.94
C GLU L 423 26.34 54.11 -87.62
N PRO L 424 26.62 52.92 -87.09
CA PRO L 424 25.56 51.88 -87.03
C PRO L 424 24.72 51.94 -85.78
N THR L 425 23.77 51.03 -85.68
CA THR L 425 23.02 50.88 -84.45
C THR L 425 23.43 49.61 -83.78
N ILE L 426 23.26 49.57 -82.45
CA ILE L 426 23.81 48.50 -81.66
C ILE L 426 22.72 47.77 -80.93
N SER L 427 22.77 46.43 -80.94
CA SER L 427 21.90 45.61 -80.08
C SER L 427 22.76 44.82 -79.14
N THR L 428 22.27 44.55 -77.94
CA THR L 428 23.16 44.00 -76.90
C THR L 428 22.69 42.76 -76.16
N GLY L 429 21.43 42.69 -75.87
CA GLY L 429 20.97 41.67 -74.93
C GLY L 429 20.71 40.33 -75.60
N LEU L 430 19.60 39.67 -75.26
CA LEU L 430 19.23 38.43 -75.87
C LEU L 430 18.96 38.57 -77.35
N GLU L 431 18.67 39.81 -77.81
CA GLU L 431 18.51 40.07 -79.22
C GLU L 431 19.83 39.97 -79.96
N ALA L 432 20.92 40.04 -79.22
CA ALA L 432 22.24 40.05 -79.84
C ALA L 432 23.08 38.83 -79.54
N ILE L 433 22.55 37.85 -78.82
CA ILE L 433 23.32 36.66 -78.55
C ILE L 433 23.30 35.84 -79.80
N GLY L 434 24.47 35.33 -80.17
CA GLY L 434 24.61 34.80 -81.53
C GLY L 434 24.57 35.96 -82.49
N ARG L 435 24.18 35.73 -83.72
CA ARG L 435 23.87 36.82 -84.63
C ARG L 435 22.46 36.60 -85.13
N GLY L 436 22.21 35.36 -85.57
CA GLY L 436 20.89 34.84 -85.95
C GLY L 436 20.02 34.79 -84.72
N GLN L 437 18.74 34.52 -84.92
CA GLN L 437 17.83 34.48 -83.79
C GLN L 437 18.10 33.30 -82.84
N ASP L 438 17.97 32.07 -83.33
CA ASP L 438 18.03 30.88 -82.46
C ASP L 438 18.73 29.76 -83.16
N LEU L 439 19.69 29.11 -82.48
CA LEU L 439 20.35 27.92 -83.04
C LEU L 439 19.42 26.73 -83.15
N ASP L 440 18.54 26.59 -82.15
CA ASP L 440 17.58 25.50 -82.14
C ASP L 440 16.59 25.69 -83.31
N LYS L 441 16.29 26.94 -83.63
CA LYS L 441 15.41 27.29 -84.74
C LYS L 441 16.01 26.79 -86.06
N LEU L 442 17.27 27.13 -86.31
CA LEU L 442 17.93 26.74 -87.55
C LEU L 442 18.11 25.23 -87.62
N GLU L 443 18.42 24.61 -86.50
CA GLU L 443 18.64 23.16 -86.48
C GLU L 443 17.33 22.39 -86.76
N ARG L 444 16.28 22.72 -86.04
CA ARG L 444 15.00 22.05 -86.25
C ARG L 444 14.36 22.46 -87.59
N CYS L 445 14.71 23.62 -88.11
CA CYS L 445 14.22 24.04 -89.41
C CYS L 445 14.92 23.26 -90.54
N VAL L 446 16.21 23.01 -90.37
CA VAL L 446 16.93 22.19 -91.33
C VAL L 446 16.41 20.74 -91.29
N THR L 447 16.09 20.23 -90.11
CA THR L 447 15.50 18.88 -90.05
C THR L 447 14.09 18.85 -90.62
N ALA L 448 13.35 19.94 -90.46
CA ALA L 448 12.02 20.04 -91.06
C ALA L 448 12.09 20.13 -92.59
N TRP L 449 13.15 20.74 -93.09
CA TRP L 449 13.41 20.71 -94.54
C TRP L 449 13.83 19.34 -95.02
N ALA L 450 14.60 18.63 -94.20
CA ALA L 450 15.01 17.27 -94.52
C ALA L 450 13.83 16.30 -94.53
N ALA L 451 12.78 16.66 -93.78
CA ALA L 451 11.51 15.94 -93.84
C ALA L 451 10.80 16.12 -95.19
N LEU L 452 11.21 17.11 -95.99
CA LEU L 452 10.66 17.36 -97.31
C LEU L 452 11.52 16.71 -98.40
N ALA L 453 12.06 15.54 -98.06
CA ALA L 453 12.77 14.62 -98.96
C ALA L 453 12.04 14.24 -100.27
N PRO L 454 10.82 13.60 -100.20
CA PRO L 454 10.49 12.55 -101.20
C PRO L 454 10.56 12.90 -102.70
N MET L 455 10.02 14.06 -103.08
CA MET L 455 10.03 14.45 -104.48
C MET L 455 10.19 15.94 -104.65
N ARG L 456 11.06 16.33 -105.59
CA ARG L 456 11.18 17.72 -106.05
C ARG L 456 9.86 18.17 -106.70
N ASP L 457 9.58 17.57 -107.87
CA ASP L 457 8.38 17.90 -108.63
C ASP L 457 7.28 16.92 -108.25
N ASP L 458 6.83 17.02 -106.99
CA ASP L 458 5.74 16.20 -106.49
C ASP L 458 4.44 16.85 -106.95
N PRO L 459 3.56 16.11 -107.65
CA PRO L 459 2.32 16.73 -108.11
C PRO L 459 1.34 16.98 -106.97
N ASP L 460 0.35 17.82 -107.28
CA ASP L 460 -0.76 18.20 -106.39
C ASP L 460 -0.33 18.91 -105.09
N ILE L 461 0.79 19.63 -105.13
CA ILE L 461 1.32 20.27 -103.92
C ILE L 461 2.28 21.37 -104.34
N ASN L 462 2.59 22.28 -103.43
CA ASN L 462 3.62 23.29 -103.67
C ASN L 462 4.83 22.97 -102.81
N LEU L 463 5.99 23.50 -103.22
CA LEU L 463 7.21 23.37 -102.46
C LEU L 463 7.83 24.73 -102.14
N ALA L 464 7.57 25.74 -102.97
CA ALA L 464 8.19 27.06 -102.80
C ALA L 464 7.67 27.80 -101.58
N MET L 465 6.39 27.65 -101.29
CA MET L 465 5.80 28.39 -100.19
C MET L 465 5.85 27.64 -98.88
N ILE L 466 5.79 26.31 -98.91
CA ILE L 466 5.69 25.57 -97.66
C ILE L 466 7.02 25.48 -96.93
N LYS L 467 8.11 25.54 -97.66
CA LYS L 467 9.42 25.66 -97.06
C LYS L 467 9.52 27.02 -96.34
N LEU L 468 9.03 28.07 -97.00
CA LEU L 468 8.99 29.41 -96.42
C LEU L 468 8.09 29.44 -95.19
N ARG L 469 6.98 28.70 -95.23
CA ARG L 469 6.01 28.70 -94.12
C ARG L 469 6.49 27.92 -92.89
N ILE L 470 7.11 26.77 -93.11
CA ILE L 470 7.71 26.00 -92.03
C ILE L 470 8.91 26.78 -91.45
N ALA L 471 9.64 27.48 -92.30
CA ALA L 471 10.73 28.33 -91.80
C ALA L 471 10.20 29.56 -91.07
N ASN L 472 9.06 30.11 -91.53
CA ASN L 472 8.56 31.37 -91.02
C ASN L 472 7.70 31.20 -89.77
N ALA L 473 7.29 29.96 -89.49
CA ALA L 473 6.63 29.66 -88.22
C ALA L 473 7.63 29.70 -87.05
N ILE L 474 8.83 29.19 -87.26
CA ILE L 474 9.88 29.27 -86.26
C ILE L 474 10.63 30.57 -86.52
N GLY L 475 11.53 30.95 -85.62
CA GLY L 475 12.18 32.26 -85.68
C GLY L 475 13.29 32.40 -86.70
N ILE L 476 12.95 32.35 -87.99
CA ILE L 476 13.93 32.52 -89.06
C ILE L 476 13.59 33.83 -89.78
N ASP L 477 14.62 34.58 -90.16
CA ASP L 477 14.48 35.81 -90.93
C ASP L 477 13.78 35.63 -92.28
N THR L 478 14.09 34.55 -92.99
CA THR L 478 13.49 34.17 -94.27
C THR L 478 13.70 35.23 -95.34
N SER L 479 14.85 35.89 -95.29
CA SER L 479 15.14 37.02 -96.18
C SER L 479 16.54 36.90 -96.75
N GLY L 480 16.78 35.75 -97.37
CA GLY L 480 18.08 35.40 -97.92
C GLY L 480 18.29 33.92 -97.70
N ILE L 481 17.56 33.41 -96.71
CA ILE L 481 17.37 31.99 -96.49
C ILE L 481 16.66 31.33 -97.68
N LEU L 482 15.74 32.07 -98.31
CA LEU L 482 14.93 31.54 -99.41
C LEU L 482 15.19 32.34 -100.67
N LEU L 483 15.21 31.66 -101.80
CA LEU L 483 15.39 32.34 -103.08
C LEU L 483 14.12 33.09 -103.48
N THR L 484 14.31 34.31 -103.98
CA THR L 484 13.26 35.00 -104.73
C THR L 484 13.46 34.91 -106.26
N GLU L 485 14.56 35.48 -106.76
CA GLU L 485 14.85 35.46 -108.21
C GLU L 485 16.34 35.41 -108.46
N ASN M 42 46.82 15.40 26.94
CA ASN M 42 47.72 16.24 26.14
C ASN M 42 47.76 17.67 26.69
N VAL M 43 47.69 18.63 25.78
CA VAL M 43 47.74 20.05 26.09
C VAL M 43 46.40 20.65 25.68
N GLU M 44 45.96 21.68 26.41
CA GLU M 44 44.83 22.48 25.99
C GLU M 44 45.07 23.11 24.62
N THR M 45 44.03 23.11 23.79
CA THR M 45 44.06 23.75 22.49
C THR M 45 42.87 24.69 22.40
N ALA M 46 43.09 25.88 21.83
CA ALA M 46 42.07 26.93 21.87
C ALA M 46 40.85 26.58 21.04
N ALA M 47 41.01 25.77 19.99
CA ALA M 47 39.88 25.37 19.17
C ALA M 47 39.28 24.05 19.60
N GLU M 48 40.07 23.19 20.25
CA GLU M 48 39.59 21.86 20.64
C GLU M 48 38.58 21.96 21.78
N LEU M 49 38.74 22.96 22.65
CA LEU M 49 37.75 23.19 23.69
C LEU M 49 36.41 23.61 23.10
N SER M 50 36.44 24.39 22.02
CA SER M 50 35.21 24.72 21.32
C SER M 50 34.60 23.49 20.68
N ALA M 51 35.42 22.54 20.24
CA ALA M 51 34.91 21.31 19.67
C ALA M 51 34.21 20.45 20.72
N VAL M 52 34.85 20.29 21.88
CA VAL M 52 34.26 19.50 22.96
C VAL M 52 33.01 20.21 23.51
N ASN M 53 33.00 21.54 23.47
CA ASN M 53 31.82 22.29 23.84
C ASN M 53 30.70 22.10 22.83
N ASP M 54 31.01 22.04 21.54
CA ASP M 54 29.97 21.84 20.54
C ASP M 54 29.50 20.41 20.45
N ILE M 55 30.28 19.45 20.97
CA ILE M 55 29.74 18.12 21.17
C ILE M 55 28.65 18.15 22.22
N LEU M 56 28.91 18.86 23.33
CA LEU M 56 27.91 19.01 24.37
C LEU M 56 26.91 20.10 24.07
N ALA M 57 26.97 20.75 22.91
CA ALA M 57 25.92 21.68 22.53
C ALA M 57 24.66 20.93 22.19
N SER M 58 24.78 19.69 21.74
CA SER M 58 23.61 18.86 21.50
C SER M 58 22.92 18.45 22.79
N ILE M 59 23.66 18.29 23.89
CA ILE M 59 23.10 17.83 25.16
C ILE M 59 23.73 18.63 26.28
N GLY M 60 22.98 19.56 26.88
CA GLY M 60 23.39 20.08 28.15
C GLY M 60 24.34 21.27 28.10
N GLU M 61 25.36 21.23 28.95
CA GLU M 61 26.05 22.44 29.44
C GLU M 61 27.52 22.53 29.05
N PRO M 62 28.09 23.73 28.96
CA PRO M 62 29.50 23.87 28.58
C PRO M 62 30.45 23.52 29.71
N PRO M 63 31.46 22.70 29.46
CA PRO M 63 32.54 22.53 30.44
C PRO M 63 33.64 23.54 30.22
N VAL M 64 34.72 23.47 30.99
CA VAL M 64 35.80 24.45 30.94
C VAL M 64 37.14 23.73 30.90
N SER M 65 37.85 23.87 29.78
CA SER M 65 39.30 23.72 29.62
C SER M 65 39.86 22.31 29.68
N THR M 66 39.07 21.32 30.11
CA THR M 66 39.33 19.87 29.95
C THR M 66 40.69 19.36 30.41
N LEU M 67 41.43 20.13 31.20
CA LEU M 67 42.84 19.81 31.47
C LEU M 67 42.99 19.09 32.81
N GLU M 68 42.48 17.86 32.84
CA GLU M 68 42.65 16.95 33.97
C GLU M 68 42.26 15.55 33.52
N GLY M 69 43.05 14.55 33.91
CA GLY M 69 42.73 13.19 33.53
C GLY M 69 41.54 12.61 34.27
N ASP M 70 41.61 12.58 35.59
CA ASP M 70 40.50 12.17 36.44
C ASP M 70 39.68 13.44 36.71
N ALA M 71 38.63 13.63 35.93
CA ALA M 71 37.98 14.93 35.84
C ALA M 71 36.49 14.78 35.57
N ASN M 72 35.91 15.87 35.05
CA ASN M 72 34.57 15.84 34.46
C ASN M 72 34.50 14.73 33.43
N ALA M 73 33.70 13.71 33.73
CA ALA M 73 33.67 12.52 32.89
C ALA M 73 33.04 12.80 31.55
N ASP M 74 32.11 13.75 31.50
CA ASP M 74 31.43 14.10 30.27
C ASP M 74 32.40 14.72 29.27
N ALA M 75 33.28 15.59 29.76
CA ALA M 75 34.21 16.29 28.88
C ALA M 75 35.29 15.35 28.34
N ALA M 76 35.85 14.50 29.21
CA ALA M 76 36.89 13.59 28.76
C ALA M 76 36.33 12.50 27.85
N ASN M 77 35.07 12.13 28.09
CA ASN M 77 34.42 11.14 27.26
C ASN M 77 34.15 11.68 25.86
N ALA M 78 33.64 12.92 25.79
CA ALA M 78 33.46 13.58 24.50
C ALA M 78 34.78 13.86 23.81
N ARG M 79 35.85 14.10 24.57
CA ARG M 79 37.15 14.32 23.97
C ARG M 79 37.69 13.04 23.34
N ARG M 80 37.43 11.89 23.97
CA ARG M 80 37.81 10.62 23.37
C ARG M 80 37.03 10.36 22.08
N ILE M 81 35.74 10.66 22.07
CA ILE M 81 34.95 10.52 20.84
C ILE M 81 35.46 11.47 19.75
N LEU M 82 35.90 12.65 20.14
CA LEU M 82 36.44 13.63 19.20
C LEU M 82 37.72 13.12 18.55
N ASN M 83 38.65 12.58 19.35
CA ASN M 83 39.88 12.09 18.76
C ASN M 83 39.67 10.81 17.95
N LYS M 84 38.67 10.01 18.30
CA LYS M 84 38.37 8.84 17.48
C LYS M 84 37.82 9.25 16.12
N ILE M 85 36.91 10.22 16.08
CA ILE M 85 36.36 10.66 14.81
C ILE M 85 37.43 11.42 14.01
N ASN M 86 38.40 12.05 14.68
CA ASN M 86 39.53 12.64 13.96
C ASN M 86 40.38 11.57 13.28
N ARG M 87 40.77 10.55 14.05
CA ARG M 87 41.63 9.49 13.54
C ARG M 87 40.91 8.68 12.47
N GLN M 88 39.58 8.67 12.49
CA GLN M 88 38.83 8.02 11.42
C GLN M 88 38.61 8.93 10.22
N ILE M 89 38.50 10.25 10.45
CA ILE M 89 38.13 11.13 9.35
C ILE M 89 39.35 11.52 8.55
N GLN M 90 40.55 11.36 9.10
CA GLN M 90 41.75 11.47 8.31
C GLN M 90 42.18 10.14 7.74
N SER M 91 41.42 9.08 7.98
CA SER M 91 41.77 7.77 7.45
C SER M 91 41.27 7.57 6.04
N ARG M 92 40.25 8.32 5.64
CA ARG M 92 39.59 8.04 4.38
C ARG M 92 40.41 8.46 3.18
N GLY M 93 41.37 9.34 3.37
CA GLY M 93 42.24 9.74 2.28
C GLY M 93 41.71 10.98 1.60
N TRP M 94 42.34 12.11 1.85
CA TRP M 94 42.00 13.33 1.15
C TRP M 94 43.30 13.94 0.62
N THR M 95 43.17 14.82 -0.37
CA THR M 95 44.31 15.18 -1.19
C THR M 95 45.13 16.32 -0.60
N PHE M 96 44.89 16.68 0.64
CA PHE M 96 45.80 17.51 1.42
C PHE M 96 46.50 16.71 2.49
N ASN M 97 45.93 15.60 2.91
CA ASN M 97 46.53 14.72 3.91
C ASN M 97 47.54 13.77 3.30
N ILE M 98 47.31 13.31 2.08
CA ILE M 98 48.17 12.33 1.44
C ILE M 98 49.45 13.04 1.02
N GLU M 99 50.48 12.93 1.83
CA GLU M 99 51.80 13.45 1.49
C GLU M 99 52.46 12.47 0.53
N GLU M 100 52.66 12.88 -0.71
CA GLU M 100 52.84 11.91 -1.79
C GLU M 100 54.18 11.22 -1.81
N GLY M 101 55.25 11.95 -2.08
CA GLY M 101 56.53 11.28 -2.24
C GLY M 101 57.41 11.30 -1.01
N ILE M 102 56.93 10.86 0.14
CA ILE M 102 57.72 11.14 1.33
C ILE M 102 58.72 10.01 1.51
N THR M 103 59.84 10.32 2.14
CA THR M 103 60.95 9.38 2.32
C THR M 103 61.18 9.17 3.81
N LEU M 104 61.11 7.92 4.24
CA LEU M 104 61.41 7.56 5.61
C LEU M 104 62.79 6.92 5.68
N LEU M 105 63.47 7.13 6.80
CA LEU M 105 64.82 6.67 7.01
C LEU M 105 64.91 5.80 8.27
N PRO M 106 65.62 4.70 8.22
CA PRO M 106 65.77 3.85 9.39
C PRO M 106 66.74 4.45 10.39
N ASP M 107 66.73 3.88 11.60
CA ASP M 107 67.71 4.28 12.60
C ASP M 107 69.09 3.77 12.22
N VAL M 108 70.11 4.57 12.51
CA VAL M 108 71.47 4.23 12.08
C VAL M 108 72.02 3.08 12.90
N TYR M 109 71.69 3.01 14.19
CA TYR M 109 72.15 1.89 15.01
C TYR M 109 71.31 0.64 14.79
N SER M 110 69.98 0.76 14.95
CA SER M 110 69.12 -0.41 14.98
C SER M 110 68.84 -0.98 13.61
N ASN M 111 69.03 -0.18 12.54
CA ASN M 111 68.80 -0.59 11.15
C ASN M 111 67.37 -1.07 10.94
N LEU M 112 66.41 -0.31 11.46
CA LEU M 112 65.04 -0.80 11.55
C LEU M 112 64.07 0.36 11.60
N ILE M 113 63.46 0.67 10.46
CA ILE M 113 62.53 1.78 10.29
C ILE M 113 61.22 1.50 11.00
N VAL M 114 60.70 2.51 11.70
CA VAL M 114 59.71 2.32 12.77
C VAL M 114 58.35 2.77 12.28
N TYR M 115 57.41 1.83 12.16
CA TYR M 115 56.00 2.14 11.96
C TYR M 115 55.47 2.79 13.23
N SER M 116 54.53 3.71 13.08
CA SER M 116 53.97 4.37 14.26
C SER M 116 52.46 4.37 14.18
N ASP M 117 51.85 4.64 15.33
CA ASP M 117 50.43 4.92 15.36
C ASP M 117 50.11 6.29 14.78
N ASP M 118 51.12 7.16 14.69
CA ASP M 118 51.00 8.39 13.93
C ASP M 118 50.89 8.09 12.43
N TYR M 119 51.64 7.11 11.95
CA TYR M 119 51.56 6.71 10.55
C TYR M 119 50.24 5.99 10.33
N LEU M 120 49.27 6.71 9.80
CA LEU M 120 47.88 6.29 9.88
C LEU M 120 47.58 5.14 8.91
N SER M 121 47.81 5.35 7.62
CA SER M 121 47.72 4.27 6.66
C SER M 121 48.71 4.55 5.54
N LEU M 122 49.67 3.65 5.34
CA LEU M 122 50.77 3.89 4.42
C LEU M 122 50.73 2.90 3.26
N MET M 123 50.97 3.40 2.05
CA MET M 123 50.96 2.63 0.81
C MET M 123 52.16 3.04 -0.03
N SER M 124 52.44 2.25 -1.06
CA SER M 124 53.56 2.56 -1.93
C SER M 124 53.14 3.50 -3.06
N THR M 125 54.13 3.92 -3.85
CA THR M 125 53.94 5.05 -4.75
C THR M 125 53.10 4.69 -5.96
N SER M 126 53.40 3.56 -6.60
CA SER M 126 52.79 3.27 -7.90
C SER M 126 51.64 2.28 -7.82
N GLY M 127 51.91 1.08 -7.34
CA GLY M 127 50.91 0.03 -7.35
C GLY M 127 51.52 -1.25 -6.81
N GLN M 128 50.66 -2.11 -6.26
CA GLN M 128 51.04 -3.33 -5.54
C GLN M 128 52.01 -2.98 -4.41
N SER M 129 51.46 -2.26 -3.44
CA SER M 129 52.21 -1.80 -2.29
C SER M 129 52.73 -2.96 -1.46
N ILE M 130 53.99 -2.84 -1.04
CA ILE M 130 54.71 -3.96 -0.46
C ILE M 130 55.12 -3.71 0.98
N TYR M 131 54.49 -2.77 1.67
CA TYR M 131 54.90 -2.38 3.01
C TYR M 131 53.76 -2.65 3.97
N VAL M 132 54.04 -3.31 5.10
CA VAL M 132 53.01 -3.59 6.08
C VAL M 132 53.64 -3.60 7.48
N ASN M 133 52.85 -3.26 8.48
CA ASN M 133 53.34 -3.19 9.85
C ASN M 133 53.40 -4.57 10.49
N ARG M 134 54.48 -4.82 11.24
CA ARG M 134 54.78 -6.12 11.84
C ARG M 134 55.64 -5.86 13.07
N GLY M 135 55.02 -5.89 14.24
CA GLY M 135 55.73 -5.64 15.48
C GLY M 135 55.73 -4.19 15.89
N GLY M 136 55.50 -3.30 14.93
CA GLY M 136 55.65 -1.88 15.16
C GLY M 136 56.64 -1.33 14.17
N TYR M 137 57.05 -2.18 13.26
CA TYR M 137 58.10 -1.90 12.29
C TYR M 137 57.57 -2.25 10.90
N VAL M 138 57.90 -1.44 9.89
CA VAL M 138 57.41 -1.72 8.55
C VAL M 138 58.24 -2.84 7.94
N TYR M 139 57.61 -3.62 7.08
CA TYR M 139 58.09 -4.93 6.67
C TYR M 139 57.68 -5.18 5.23
N ASP M 140 58.62 -5.67 4.42
CA ASP M 140 58.35 -6.07 3.05
C ASP M 140 57.65 -7.41 3.07
N ARG M 141 56.60 -7.55 2.27
CA ARG M 141 55.95 -8.85 2.14
C ARG M 141 56.31 -9.54 0.83
N THR M 142 57.18 -8.94 0.03
CA THR M 142 57.76 -9.61 -1.14
C THR M 142 59.24 -9.86 -1.00
N SER M 143 59.99 -8.91 -0.43
CA SER M 143 61.40 -9.15 -0.17
C SER M 143 61.61 -10.02 1.04
N GLN M 144 60.55 -10.22 1.85
CA GLN M 144 60.47 -11.13 2.99
C GLN M 144 61.46 -10.69 4.07
N SER M 145 61.76 -9.39 4.12
CA SER M 145 62.80 -8.89 4.98
C SER M 145 62.31 -7.66 5.73
N ASP M 146 63.01 -7.35 6.81
CA ASP M 146 62.71 -6.22 7.67
C ASP M 146 63.79 -5.17 7.66
N ARG M 147 65.06 -5.58 7.69
CA ARG M 147 66.18 -4.65 7.76
C ARG M 147 66.32 -3.92 6.43
N PHE M 148 66.38 -2.59 6.50
CA PHE M 148 66.53 -1.77 5.30
C PHE M 148 67.88 -1.06 5.34
N ASP M 149 68.58 -1.08 4.20
CA ASP M 149 69.83 -0.34 4.11
C ASP M 149 69.57 1.13 3.86
N SER M 150 68.93 1.46 2.76
CA SER M 150 68.64 2.83 2.40
C SER M 150 67.23 3.20 2.85
N GLY M 151 66.76 4.35 2.41
CA GLY M 151 65.45 4.85 2.80
C GLY M 151 64.31 4.12 2.11
N ILE M 152 63.14 4.76 2.15
CA ILE M 152 61.94 4.13 1.60
C ILE M 152 60.98 5.24 1.18
N THR M 153 60.35 5.05 0.02
CA THR M 153 59.47 6.05 -0.58
C THR M 153 58.02 5.60 -0.45
N VAL M 154 57.22 6.40 0.26
CA VAL M 154 55.88 6.00 0.69
C VAL M 154 54.92 7.17 0.43
N ASN M 155 53.68 6.84 0.01
CA ASN M 155 52.52 7.73 0.17
C ASN M 155 51.97 7.44 1.55
N ILE M 156 52.06 8.41 2.45
CA ILE M 156 51.71 8.15 3.84
C ILE M 156 50.67 9.17 4.27
N ILE M 157 49.89 8.81 5.28
CA ILE M 157 48.98 9.73 5.94
C ILE M 157 49.52 9.92 7.35
N ARG M 158 49.72 11.15 7.75
CA ARG M 158 50.16 11.46 9.09
C ARG M 158 49.00 12.03 9.88
N LEU M 159 48.87 11.57 11.13
CA LEU M 159 47.76 11.99 11.98
C LEU M 159 47.96 13.43 12.41
N ARG M 160 46.96 14.26 12.13
CA ARG M 160 46.99 15.65 12.49
C ARG M 160 45.98 15.91 13.60
N ASP M 161 45.95 17.14 14.08
CA ASP M 161 45.13 17.46 15.23
C ASP M 161 43.70 17.78 14.79
N TYR M 162 42.89 18.26 15.73
CA TYR M 162 41.62 18.87 15.33
C TYR M 162 41.88 20.21 14.65
N ASP M 163 42.94 20.90 15.05
CA ASP M 163 43.47 21.98 14.24
C ASP M 163 44.27 21.34 13.08
N GLU M 164 44.92 22.18 12.27
CA GLU M 164 45.64 21.79 11.05
C GLU M 164 44.74 21.12 10.02
N MET M 165 43.43 21.34 10.09
CA MET M 165 42.45 20.79 9.19
C MET M 165 41.61 21.94 8.65
N PRO M 166 41.03 21.79 7.47
CA PRO M 166 40.12 22.82 6.97
C PRO M 166 38.83 22.86 7.76
N GLU M 167 38.16 24.00 7.69
CA GLU M 167 36.98 24.24 8.52
C GLU M 167 35.81 23.36 8.09
N CYS M 168 35.79 22.97 6.82
CA CYS M 168 34.86 21.95 6.35
C CYS M 168 35.01 20.66 7.14
N PHE M 169 36.24 20.16 7.26
CA PHE M 169 36.47 18.94 7.98
C PHE M 169 36.30 19.12 9.47
N ARG M 170 36.53 20.32 10.01
CA ARG M 170 36.27 20.58 11.43
C ARG M 170 34.79 20.49 11.73
N TYR M 171 33.98 21.08 10.87
CA TYR M 171 32.54 20.97 11.06
C TYR M 171 32.07 19.53 10.85
N TRP M 172 32.74 18.76 9.99
CA TRP M 172 32.29 17.39 9.79
C TRP M 172 32.71 16.47 10.93
N ILE M 173 33.90 16.67 11.52
CA ILE M 173 34.24 15.88 12.71
C ILE M 173 33.35 16.26 13.89
N VAL M 174 33.02 17.55 14.04
CA VAL M 174 32.14 17.96 15.14
C VAL M 174 30.75 17.36 14.98
N THR M 175 30.19 17.35 13.77
CA THR M 175 28.86 16.79 13.59
C THR M 175 28.84 15.27 13.68
N LYS M 176 29.86 14.57 13.17
CA LYS M 176 29.80 13.12 13.26
C LYS M 176 30.08 12.64 14.68
N ALA M 177 30.99 13.32 15.39
CA ALA M 177 31.22 12.97 16.78
C ALA M 177 30.05 13.35 17.64
N SER M 178 29.31 14.39 17.26
CA SER M 178 28.06 14.70 17.94
C SER M 178 27.03 13.62 17.72
N ARG M 179 27.00 13.02 16.53
CA ARG M 179 26.08 11.90 16.29
C ARG M 179 26.46 10.67 17.11
N GLN M 180 27.75 10.39 17.21
CA GLN M 180 28.21 9.27 18.04
C GLN M 180 27.91 9.51 19.51
N PHE M 181 28.17 10.73 19.99
CA PHE M 181 27.92 11.09 21.39
C PHE M 181 26.43 11.07 21.70
N ASN M 182 25.60 11.39 20.72
CA ASN M 182 24.16 11.22 20.82
C ASN M 182 23.79 9.76 20.98
N ASN M 183 24.27 8.92 20.08
CA ASN M 183 23.86 7.52 20.01
C ASN M 183 24.36 6.69 21.17
N ARG M 184 25.40 7.13 21.86
CA ARG M 184 25.95 6.26 22.88
C ARG M 184 25.59 6.67 24.30
N PHE M 185 25.21 7.94 24.55
CA PHE M 185 24.88 8.34 25.90
C PHE M 185 23.47 8.93 26.05
N PHE M 186 23.10 9.92 25.26
CA PHE M 186 21.79 10.56 25.38
C PHE M 186 20.91 10.04 24.25
N GLY M 187 20.30 8.89 24.48
CA GLY M 187 19.60 8.20 23.42
C GLY M 187 18.25 8.78 23.04
N ALA M 188 18.26 9.96 22.47
CA ALA M 188 16.97 10.45 22.04
C ALA M 188 16.84 10.32 20.52
N PRO M 189 15.65 9.95 20.02
CA PRO M 189 15.54 9.58 18.60
C PRO M 189 15.56 10.75 17.61
N GLU M 190 14.90 11.86 17.96
CA GLU M 190 14.74 12.94 17.00
C GLU M 190 16.04 13.71 16.77
N VAL M 191 16.84 13.87 17.83
CA VAL M 191 18.14 14.49 17.66
C VAL M 191 19.09 13.58 16.90
N GLU M 192 18.90 12.27 16.99
CA GLU M 192 19.63 11.33 16.12
C GLU M 192 19.23 11.49 14.67
N GLY M 193 17.94 11.67 14.39
CA GLY M 193 17.51 11.89 13.02
C GLY M 193 18.08 13.16 12.42
N VAL M 194 18.05 14.26 13.19
CA VAL M 194 18.56 15.50 12.63
C VAL M 194 20.09 15.49 12.53
N LEU M 195 20.79 14.80 13.43
CA LEU M 195 22.24 14.73 13.28
C LEU M 195 22.66 13.79 12.16
N GLN M 196 21.85 12.78 11.83
CA GLN M 196 22.14 11.95 10.66
C GLN M 196 21.99 12.76 9.37
N GLU M 197 20.89 13.50 9.25
CA GLU M 197 20.68 14.35 8.07
C GLU M 197 21.78 15.40 7.95
N GLU M 198 22.21 15.95 9.07
CA GLU M 198 23.15 17.04 9.02
C GLU M 198 24.60 16.55 8.88
N GLU M 199 24.88 15.31 9.30
CA GLU M 199 26.13 14.66 8.90
C GLU M 199 26.21 14.46 7.40
N ASP M 200 25.10 14.03 6.79
CA ASP M 200 25.08 13.85 5.34
C ASP M 200 25.33 15.17 4.61
N GLU M 201 24.76 16.27 5.13
CA GLU M 201 25.02 17.58 4.51
C GLU M 201 26.47 18.02 4.72
N ALA M 202 27.06 17.71 5.86
CA ALA M 202 28.45 18.10 6.11
C ALA M 202 29.41 17.33 5.23
N ARG M 203 29.15 16.03 5.04
CA ARG M 203 29.99 15.25 4.13
C ARG M 203 29.80 15.69 2.68
N ARG M 204 28.59 16.12 2.32
CA ARG M 204 28.36 16.72 1.01
C ARG M 204 29.25 17.93 0.78
N LEU M 205 29.27 18.84 1.76
CA LEU M 205 30.16 20.00 1.67
C LEU M 205 31.62 19.60 1.65
N CYS M 206 31.98 18.51 2.30
CA CYS M 206 33.41 18.29 2.41
C CYS M 206 33.93 17.54 1.19
N MET M 207 33.08 16.73 0.56
CA MET M 207 33.38 16.23 -0.77
C MET M 207 33.45 17.35 -1.80
N GLU M 208 32.61 18.38 -1.64
CA GLU M 208 32.73 19.55 -2.51
C GLU M 208 34.06 20.26 -2.31
N TYR M 209 34.51 20.34 -1.05
CA TYR M 209 35.82 20.91 -0.77
C TYR M 209 36.94 20.09 -1.40
N GLU M 210 36.82 18.76 -1.37
CA GLU M 210 37.89 17.95 -1.94
C GLU M 210 37.91 17.99 -3.46
N MET M 211 36.74 17.99 -4.11
CA MET M 211 36.75 18.13 -5.55
C MET M 211 36.94 19.57 -6.01
N ASP M 212 37.02 20.52 -5.08
CA ASP M 212 37.44 21.87 -5.40
C ASP M 212 38.87 22.14 -4.96
N TYR M 213 39.44 21.31 -4.09
CA TYR M 213 40.85 21.38 -3.73
C TYR M 213 41.60 20.45 -4.66
N GLY M 214 42.40 21.00 -5.56
CA GLY M 214 43.12 20.09 -6.43
C GLY M 214 42.29 19.57 -7.58
N GLY M 215 41.95 20.47 -8.50
CA GLY M 215 41.17 20.17 -9.68
C GLY M 215 41.71 19.03 -10.51
N TYR M 216 40.91 17.97 -10.59
CA TYR M 216 41.27 16.74 -11.27
C TYR M 216 40.57 16.70 -12.62
N ASN M 217 41.30 16.97 -13.69
CA ASN M 217 40.76 16.93 -15.04
C ASN M 217 41.10 15.59 -15.68
N MET M 218 40.14 15.06 -16.44
CA MET M 218 40.24 13.68 -16.91
C MET M 218 41.32 13.52 -17.97
N LEU M 219 41.50 14.53 -18.81
CA LEU M 219 42.25 14.31 -20.04
C LEU M 219 43.54 15.10 -20.15
N ASP M 220 43.89 15.93 -19.16
CA ASP M 220 45.15 16.66 -19.23
C ASP M 220 45.96 16.54 -17.96
N GLY M 221 45.53 15.73 -17.00
CA GLY M 221 46.24 15.69 -15.74
C GLY M 221 46.60 14.32 -15.22
N ASP M 222 46.02 13.26 -15.78
CA ASP M 222 46.29 11.93 -15.25
C ASP M 222 47.46 11.28 -16.00
N ALA M 223 47.66 9.99 -15.79
CA ALA M 223 48.82 9.30 -16.32
C ALA M 223 48.57 8.55 -17.61
N PHE M 224 47.35 8.08 -17.84
CA PHE M 224 47.08 7.30 -19.05
C PHE M 224 46.73 8.19 -20.23
N THR M 225 45.68 8.98 -20.11
CA THR M 225 45.24 9.82 -21.22
C THR M 225 45.83 11.23 -21.16
N SER M 226 47.05 11.35 -20.65
CA SER M 226 47.92 12.45 -20.99
C SER M 226 48.66 12.19 -22.28
N GLY M 227 49.21 10.98 -22.42
CA GLY M 227 49.97 10.63 -23.61
C GLY M 227 49.14 10.36 -24.84
N LEU M 228 47.87 10.05 -24.67
CA LEU M 228 47.01 9.81 -25.84
C LEU M 228 46.67 11.11 -26.54
N LEU M 229 46.73 12.23 -25.83
CA LEU M 229 46.47 13.53 -26.45
C LEU M 229 47.73 14.34 -26.67
N THR M 230 48.85 13.69 -26.94
CA THR M 230 50.04 14.38 -27.41
C THR M 230 50.08 14.31 -28.93
N ARG M 231 50.06 15.47 -29.57
CA ARG M 231 50.09 15.53 -31.03
C ARG M 231 51.49 15.84 -31.54
N MET N 41 45.26 -15.72 27.54
CA MET N 41 45.88 -14.76 28.45
C MET N 41 46.97 -13.98 27.72
N ASN N 42 46.91 -12.65 27.79
CA ASN N 42 47.83 -11.78 27.08
C ASN N 42 48.26 -10.64 27.99
N VAL N 43 49.16 -9.81 27.49
CA VAL N 43 49.60 -8.61 28.16
C VAL N 43 48.99 -7.44 27.41
N GLU N 44 48.78 -6.32 28.11
CA GLU N 44 48.08 -5.17 27.53
C GLU N 44 48.91 -4.49 26.44
N THR N 45 48.22 -3.66 25.66
CA THR N 45 48.81 -2.89 24.58
C THR N 45 48.24 -1.48 24.69
N ALA N 46 49.05 -0.48 24.31
CA ALA N 46 48.66 0.91 24.50
C ALA N 46 47.46 1.30 23.64
N ALA N 47 47.24 0.60 22.52
CA ALA N 47 46.10 0.88 21.67
C ALA N 47 44.93 -0.07 21.90
N GLU N 48 45.20 -1.27 22.40
CA GLU N 48 44.14 -2.22 22.69
C GLU N 48 43.27 -1.74 23.84
N LEU N 49 43.85 -0.98 24.77
CA LEU N 49 43.08 -0.40 25.85
C LEU N 49 42.11 0.63 25.33
N SER N 50 42.54 1.45 24.36
CA SER N 50 41.62 2.40 23.74
C SER N 50 40.57 1.69 22.89
N ALA N 51 40.92 0.52 22.34
CA ALA N 51 39.95 -0.25 21.57
C ALA N 51 38.83 -0.79 22.45
N VAL N 52 39.20 -1.48 23.53
CA VAL N 52 38.22 -2.00 24.47
C VAL N 52 37.47 -0.87 25.15
N ASN N 53 38.14 0.27 25.32
CA ASN N 53 37.50 1.44 25.90
C ASN N 53 36.47 2.03 24.95
N ASP N 54 36.70 1.91 23.64
CA ASP N 54 35.68 2.32 22.68
C ASP N 54 34.61 1.28 22.49
N ILE N 55 34.84 0.04 22.92
CA ILE N 55 33.76 -0.93 22.95
C ILE N 55 32.80 -0.63 24.08
N LEU N 56 33.34 -0.38 25.28
CA LEU N 56 32.52 -0.02 26.42
C LEU N 56 31.89 1.35 26.28
N ALA N 57 32.42 2.19 25.38
CA ALA N 57 31.84 3.50 25.16
C ALA N 57 30.55 3.45 24.37
N SER N 58 30.18 2.29 23.83
CA SER N 58 28.86 2.14 23.22
C SER N 58 27.78 2.26 24.27
N ILE N 59 27.86 1.44 25.32
CA ILE N 59 27.02 1.57 26.51
C ILE N 59 27.92 1.36 27.72
N GLY N 60 28.15 2.41 28.50
CA GLY N 60 28.98 2.24 29.68
C GLY N 60 29.93 3.38 29.97
N GLU N 61 30.84 3.18 30.91
CA GLU N 61 31.76 4.19 31.41
C GLU N 61 33.19 3.73 31.15
N PRO N 62 34.14 4.66 31.01
CA PRO N 62 35.49 4.27 30.56
C PRO N 62 36.32 3.62 31.65
N PRO N 63 36.84 2.41 31.40
CA PRO N 63 37.77 1.80 32.36
C PRO N 63 39.21 2.11 32.01
N VAL N 64 40.12 1.81 32.92
CA VAL N 64 41.55 2.08 32.74
C VAL N 64 42.34 0.87 33.23
N SER N 65 43.24 0.37 32.38
CA SER N 65 44.27 -0.62 32.71
C SER N 65 43.66 -1.92 33.24
N THR N 66 43.00 -2.67 32.35
CA THR N 66 42.14 -3.80 32.66
C THR N 66 42.76 -4.85 33.59
N LEU N 67 43.80 -5.56 33.13
CA LEU N 67 44.72 -6.34 33.96
C LEU N 67 44.12 -7.47 34.80
N GLU N 68 42.81 -7.66 34.79
CA GLU N 68 42.14 -8.65 35.62
C GLU N 68 40.86 -9.09 34.94
N GLY N 69 40.38 -10.28 35.35
CA GLY N 69 39.03 -10.67 35.03
C GLY N 69 38.00 -10.19 36.01
N ASP N 70 38.41 -9.39 37.00
CA ASP N 70 37.53 -8.92 38.06
C ASP N 70 37.64 -7.41 38.23
N ALA N 71 38.33 -6.74 37.31
CA ALA N 71 38.38 -5.28 37.36
C ALA N 71 37.03 -4.69 36.98
N ASN N 72 36.50 -5.06 35.82
CA ASN N 72 35.11 -4.85 35.50
C ASN N 72 34.58 -6.12 34.86
N ALA N 73 33.33 -6.46 35.16
CA ALA N 73 32.69 -7.60 34.54
C ALA N 73 32.42 -7.38 33.07
N ASP N 74 32.25 -6.13 32.66
CA ASP N 74 31.96 -5.81 31.27
C ASP N 74 33.20 -5.56 30.44
N ALA N 75 34.33 -5.25 31.08
CA ALA N 75 35.52 -4.87 30.32
C ALA N 75 36.23 -6.08 29.72
N ALA N 76 36.47 -7.10 30.55
CA ALA N 76 37.16 -8.30 30.05
C ALA N 76 36.27 -9.09 29.10
N ASN N 77 34.97 -9.01 29.28
CA ASN N 77 34.04 -9.68 28.39
C ASN N 77 34.06 -9.02 27.00
N ALA N 78 34.12 -7.69 26.99
CA ALA N 78 34.28 -6.98 25.73
C ALA N 78 35.66 -7.18 25.12
N ARG N 79 36.68 -7.43 25.96
CA ARG N 79 38.00 -7.75 25.42
C ARG N 79 38.00 -9.11 24.75
N ARG N 80 37.22 -10.05 25.29
CA ARG N 80 37.05 -11.35 24.63
C ARG N 80 36.31 -11.19 23.30
N ILE N 81 35.28 -10.34 23.28
CA ILE N 81 34.57 -10.07 22.03
C ILE N 81 35.49 -9.40 21.00
N LEU N 82 36.38 -8.53 21.48
CA LEU N 82 37.31 -7.85 20.58
C LEU N 82 38.32 -8.82 19.99
N ASN N 83 38.82 -9.75 20.79
CA ASN N 83 39.74 -10.75 20.24
C ASN N 83 39.02 -11.71 19.30
N LYS N 84 37.74 -11.99 19.53
CA LYS N 84 37.01 -12.85 18.60
C LYS N 84 36.80 -12.16 17.26
N ILE N 85 36.47 -10.86 17.27
CA ILE N 85 36.31 -10.14 16.01
C ILE N 85 37.67 -9.90 15.36
N ASN N 86 38.75 -9.85 16.16
CA ASN N 86 40.09 -9.77 15.61
C ASN N 86 40.45 -11.04 14.86
N ARG N 87 40.06 -12.19 15.40
CA ARG N 87 40.29 -13.44 14.68
C ARG N 87 39.39 -13.54 13.46
N GLN N 88 38.18 -12.99 13.54
CA GLN N 88 37.23 -13.18 12.44
C GLN N 88 37.53 -12.28 11.24
N ILE N 89 37.86 -11.01 11.46
CA ILE N 89 37.89 -10.08 10.33
C ILE N 89 39.12 -10.30 9.46
N GLN N 90 40.14 -10.96 9.97
CA GLN N 90 41.29 -11.37 9.21
C GLN N 90 41.09 -12.72 8.55
N SER N 91 39.92 -13.34 8.71
CA SER N 91 39.62 -14.57 8.00
C SER N 91 39.10 -14.31 6.60
N ARG N 92 38.70 -13.08 6.31
CA ARG N 92 38.10 -12.81 5.02
C ARG N 92 39.16 -12.78 3.93
N GLY N 93 40.42 -12.58 4.30
CA GLY N 93 41.48 -12.57 3.31
C GLY N 93 41.65 -11.18 2.75
N TRP N 94 42.81 -10.57 2.96
CA TRP N 94 43.05 -9.24 2.45
C TRP N 94 44.44 -9.22 1.82
N THR N 95 44.70 -8.20 1.01
CA THR N 95 45.86 -8.19 0.13
C THR N 95 47.15 -7.87 0.86
N PHE N 96 47.10 -7.57 2.15
CA PHE N 96 48.28 -7.42 2.98
C PHE N 96 48.41 -8.52 3.99
N ASN N 97 47.37 -9.32 4.18
CA ASN N 97 47.37 -10.43 5.11
C ASN N 97 47.70 -11.75 4.46
N ILE N 98 47.33 -11.92 3.19
CA ILE N 98 47.66 -13.13 2.46
C ILE N 98 49.13 -13.06 2.11
N GLU N 99 49.95 -13.70 2.92
CA GLU N 99 51.39 -13.75 2.68
C GLU N 99 51.64 -14.84 1.65
N GLU N 100 51.91 -14.44 0.41
CA GLU N 100 51.71 -15.29 -0.76
C GLU N 100 52.58 -16.53 -0.82
N GLY N 101 53.88 -16.37 -1.00
CA GLY N 101 54.72 -17.54 -1.17
C GLY N 101 55.42 -18.03 0.08
N ILE N 102 54.69 -18.38 1.13
CA ILE N 102 55.39 -18.68 2.38
C ILE N 102 55.80 -20.14 2.34
N THR N 103 56.84 -20.47 3.10
CA THR N 103 57.39 -21.82 3.12
C THR N 103 57.50 -22.29 4.55
N LEU N 104 56.83 -23.39 4.85
CA LEU N 104 56.88 -24.00 6.18
C LEU N 104 57.82 -25.19 6.15
N LEU N 105 58.60 -25.34 7.21
CA LEU N 105 59.57 -26.40 7.37
C LEU N 105 59.14 -27.33 8.50
N PRO N 106 59.16 -28.63 8.28
CA PRO N 106 58.77 -29.56 9.33
C PRO N 106 59.90 -29.73 10.35
N ASP N 107 59.59 -30.46 11.41
CA ASP N 107 60.60 -30.80 12.39
C ASP N 107 61.56 -31.83 11.81
N VAL N 108 62.81 -31.75 12.25
CA VAL N 108 63.85 -32.61 11.68
C VAL N 108 63.69 -34.05 12.16
N TYR N 109 63.49 -34.23 13.47
CA TYR N 109 63.36 -35.57 14.01
C TYR N 109 61.95 -36.10 13.88
N SER N 110 60.95 -35.23 14.07
CA SER N 110 59.56 -35.69 14.05
C SER N 110 59.05 -35.95 12.64
N ASN N 111 59.69 -35.35 11.63
CA ASN N 111 59.30 -35.46 10.21
C ASN N 111 57.86 -35.04 10.01
N LEU N 112 57.48 -33.94 10.66
CA LEU N 112 56.07 -33.59 10.79
C LEU N 112 55.97 -32.09 10.99
N ILE N 113 54.95 -31.49 10.37
CA ILE N 113 54.79 -30.05 10.29
C ILE N 113 53.49 -29.64 10.96
N VAL N 114 53.55 -28.59 11.78
CA VAL N 114 52.56 -28.31 12.81
C VAL N 114 51.59 -27.26 12.32
N TYR N 115 50.33 -27.66 12.14
CA TYR N 115 49.23 -26.71 11.97
C TYR N 115 48.96 -26.06 13.31
N SER N 116 48.56 -24.80 13.30
CA SER N 116 48.31 -24.09 14.54
C SER N 116 46.95 -23.41 14.51
N ASP N 117 46.46 -23.09 15.71
CA ASP N 117 45.36 -22.14 15.84
C ASP N 117 45.79 -20.73 15.50
N ASP N 118 47.10 -20.47 15.58
CA ASP N 118 47.63 -19.20 15.07
C ASP N 118 47.54 -19.14 13.56
N TYR N 119 47.71 -20.28 12.88
CA TYR N 119 47.41 -20.35 11.45
C TYR N 119 45.93 -20.20 11.26
N LEU N 120 45.53 -19.38 10.30
CA LEU N 120 44.19 -18.84 10.28
C LEU N 120 43.38 -19.37 9.10
N SER N 121 44.00 -19.40 7.91
CA SER N 121 43.52 -20.17 6.76
C SER N 121 44.70 -20.37 5.84
N LEU N 122 44.99 -21.62 5.48
CA LEU N 122 46.13 -21.91 4.61
C LEU N 122 45.65 -22.63 3.37
N MET N 123 46.04 -22.12 2.21
CA MET N 123 45.66 -22.65 0.91
C MET N 123 46.92 -22.89 0.10
N SER N 124 46.77 -23.55 -1.05
CA SER N 124 47.94 -23.77 -1.88
C SER N 124 48.17 -22.57 -2.80
N THR N 125 49.25 -22.66 -3.58
CA THR N 125 49.69 -21.50 -4.33
C THR N 125 48.91 -21.31 -5.63
N SER N 126 48.69 -22.40 -6.37
CA SER N 126 48.08 -22.26 -7.69
C SER N 126 46.60 -22.60 -7.74
N GLY N 127 46.27 -23.85 -7.43
CA GLY N 127 44.91 -24.30 -7.63
C GLY N 127 44.71 -25.74 -7.19
N GLN N 128 43.49 -26.07 -6.78
CA GLN N 128 43.11 -27.34 -6.17
C GLN N 128 44.01 -27.63 -4.96
N SER N 129 43.80 -26.81 -3.95
CA SER N 129 44.61 -26.83 -2.74
C SER N 129 44.45 -28.13 -1.97
N ILE N 130 45.56 -28.81 -1.73
CA ILE N 130 45.56 -30.17 -1.24
C ILE N 130 45.90 -30.28 0.23
N TYR N 131 45.93 -29.17 0.96
CA TYR N 131 46.42 -29.14 2.33
C TYR N 131 45.25 -28.93 3.28
N VAL N 132 45.14 -29.80 4.29
CA VAL N 132 44.08 -29.69 5.28
C VAL N 132 44.61 -30.17 6.62
N ASN N 133 44.09 -29.58 7.69
CA ASN N 133 44.51 -29.95 9.03
C ASN N 133 43.86 -31.25 9.48
N ARG N 134 44.64 -32.13 10.11
CA ARG N 134 44.08 -33.28 10.83
C ARG N 134 45.00 -33.53 12.01
N GLY N 135 44.41 -33.67 13.20
CA GLY N 135 45.19 -33.94 14.39
C GLY N 135 45.84 -32.74 15.04
N GLY N 136 46.24 -31.77 14.22
CA GLY N 136 47.04 -30.65 14.68
C GLY N 136 48.16 -30.42 13.70
N TYR N 137 48.15 -31.17 12.61
CA TYR N 137 49.22 -31.13 11.62
C TYR N 137 48.59 -31.05 10.23
N VAL N 138 49.31 -30.42 9.30
CA VAL N 138 48.77 -30.30 7.95
C VAL N 138 48.94 -31.63 7.24
N TYR N 139 48.19 -31.85 6.19
CA TYR N 139 48.01 -33.19 5.65
C TYR N 139 47.54 -33.10 4.20
N ASP N 140 48.06 -33.99 3.36
CA ASP N 140 47.74 -34.01 1.94
C ASP N 140 46.59 -34.96 1.73
N ARG N 141 45.48 -34.45 1.21
CA ARG N 141 44.36 -35.33 0.91
C ARG N 141 44.46 -36.01 -0.44
N THR N 142 45.49 -35.71 -1.22
CA THR N 142 45.76 -36.42 -2.46
C THR N 142 46.92 -37.39 -2.35
N SER N 143 48.02 -36.97 -1.72
CA SER N 143 49.12 -37.89 -1.48
C SER N 143 48.77 -38.90 -0.39
N GLN N 144 47.78 -38.57 0.45
CA GLN N 144 47.26 -39.43 1.52
C GLN N 144 48.38 -39.77 2.52
N SER N 145 49.06 -38.74 3.00
CA SER N 145 50.22 -38.92 3.86
C SER N 145 50.51 -37.65 4.64
N ASP N 146 51.24 -37.81 5.73
CA ASP N 146 51.63 -36.70 6.60
C ASP N 146 53.08 -36.85 7.02
N ARG N 147 53.95 -37.17 6.07
CA ARG N 147 55.39 -37.26 6.32
C ARG N 147 56.07 -36.50 5.20
N PHE N 148 56.65 -35.34 5.53
CA PHE N 148 57.20 -34.45 4.52
C PHE N 148 58.73 -34.49 4.57
N ASP N 149 59.35 -34.66 3.40
CA ASP N 149 60.81 -34.63 3.33
C ASP N 149 61.32 -33.20 3.36
N SER N 150 60.90 -32.40 2.39
CA SER N 150 61.24 -31.00 2.29
C SER N 150 60.05 -30.16 2.76
N GLY N 151 60.15 -28.86 2.54
CA GLY N 151 59.15 -27.92 3.03
C GLY N 151 57.85 -27.96 2.27
N ILE N 152 57.06 -26.91 2.47
CA ILE N 152 55.73 -26.84 1.88
C ILE N 152 55.41 -25.37 1.62
N THR N 153 54.97 -25.07 0.39
CA THR N 153 54.78 -23.71 -0.08
C THR N 153 53.29 -23.40 -0.10
N VAL N 154 52.91 -22.37 0.66
CA VAL N 154 51.53 -22.14 1.08
C VAL N 154 51.20 -20.66 0.93
N ASN N 155 49.99 -20.38 0.41
CA ASN N 155 49.31 -19.10 0.63
C ASN N 155 48.72 -19.16 2.03
N ILE N 156 49.44 -18.65 3.01
CA ILE N 156 48.97 -18.74 4.38
C ILE N 156 48.39 -17.38 4.75
N ILE N 157 47.48 -17.39 5.72
CA ILE N 157 47.06 -16.17 6.39
C ILE N 157 47.37 -16.39 7.86
N ARG N 158 48.14 -15.47 8.45
CA ARG N 158 48.53 -15.56 9.84
C ARG N 158 47.65 -14.65 10.69
N LEU N 159 47.55 -14.99 11.96
CA LEU N 159 46.79 -14.17 12.90
C LEU N 159 47.72 -13.10 13.45
N ARG N 160 47.24 -11.86 13.43
CA ARG N 160 47.99 -10.74 13.96
C ARG N 160 47.22 -10.12 15.10
N ASP N 161 47.82 -9.12 15.73
CA ASP N 161 47.20 -8.50 16.89
C ASP N 161 46.12 -7.51 16.45
N TYR N 162 45.53 -6.82 17.44
CA TYR N 162 44.76 -5.62 17.12
C TYR N 162 45.67 -4.55 16.55
N ASP N 163 46.87 -4.41 17.11
CA ASP N 163 47.90 -3.64 16.48
C ASP N 163 48.46 -4.46 15.30
N GLU N 164 49.41 -3.86 14.56
CA GLU N 164 49.94 -4.38 13.30
C GLU N 164 48.87 -4.48 12.22
N MET N 165 47.81 -3.70 12.34
CA MET N 165 46.77 -3.62 11.34
C MET N 165 46.64 -2.16 10.93
N PRO N 166 46.11 -1.86 9.75
CA PRO N 166 45.82 -0.47 9.41
C PRO N 166 44.66 0.08 10.22
N GLU N 167 44.60 1.41 10.27
CA GLU N 167 43.60 2.10 11.06
C GLU N 167 42.19 1.91 10.52
N CYS N 168 42.08 1.65 9.21
CA CYS N 168 40.81 1.24 8.61
C CYS N 168 40.22 0.02 9.29
N PHE N 169 41.03 -1.03 9.39
CA PHE N 169 40.55 -2.25 10.02
C PHE N 169 40.42 -2.13 11.52
N ARG N 170 41.17 -1.23 12.16
CA ARG N 170 40.95 -0.94 13.58
C ARG N 170 39.58 -0.35 13.80
N TYR N 171 39.21 0.64 13.00
CA TYR N 171 37.90 1.26 13.18
C TYR N 171 36.79 0.29 12.84
N TRP N 172 36.95 -0.50 11.79
CA TRP N 172 35.90 -1.46 11.45
C TRP N 172 35.83 -2.61 12.45
N ILE N 173 36.95 -2.95 13.08
CA ILE N 173 36.95 -4.04 14.03
C ILE N 173 36.31 -3.57 15.34
N VAL N 174 36.47 -2.29 15.67
CA VAL N 174 35.84 -1.72 16.85
C VAL N 174 34.35 -1.57 16.63
N THR N 175 33.93 -1.19 15.43
CA THR N 175 32.49 -1.06 15.20
C THR N 175 31.78 -2.40 15.14
N LYS N 176 32.42 -3.42 14.56
CA LYS N 176 31.75 -4.72 14.52
C LYS N 176 31.73 -5.37 15.91
N ALA N 177 32.81 -5.19 16.68
CA ALA N 177 32.79 -5.68 18.06
C ALA N 177 31.83 -4.89 18.92
N SER N 178 31.61 -3.62 18.61
CA SER N 178 30.65 -2.83 19.36
C SER N 178 29.23 -3.28 19.07
N ARG N 179 28.94 -3.60 17.82
CA ARG N 179 27.64 -4.16 17.48
C ARG N 179 27.43 -5.51 18.15
N GLN N 180 28.47 -6.35 18.19
CA GLN N 180 28.35 -7.64 18.87
C GLN N 180 28.20 -7.50 20.38
N PHE N 181 28.83 -6.50 20.99
CA PHE N 181 28.69 -6.26 22.43
C PHE N 181 27.30 -5.74 22.75
N ASN N 182 26.81 -4.82 21.93
CA ASN N 182 25.47 -4.27 22.06
C ASN N 182 24.39 -5.35 21.96
N ASN N 183 24.48 -6.20 20.94
CA ASN N 183 23.45 -7.23 20.74
C ASN N 183 23.50 -8.33 21.76
N ARG N 184 24.54 -8.40 22.58
CA ARG N 184 24.66 -9.48 23.54
C ARG N 184 24.54 -9.03 24.99
N PHE N 185 24.62 -7.73 25.28
CA PHE N 185 24.50 -7.36 26.69
C PHE N 185 23.54 -6.22 26.98
N PHE N 186 23.31 -5.29 26.07
CA PHE N 186 22.36 -4.20 26.29
C PHE N 186 21.56 -3.99 25.00
N GLY N 187 20.95 -5.07 24.52
CA GLY N 187 20.21 -5.03 23.26
C GLY N 187 19.07 -4.04 23.19
N ALA N 188 19.31 -2.96 22.46
CA ALA N 188 18.36 -1.87 22.30
C ALA N 188 18.29 -1.50 20.82
N PRO N 189 17.10 -1.16 20.32
CA PRO N 189 16.92 -1.02 18.86
C PRO N 189 17.64 0.16 18.22
N GLU N 190 17.70 1.29 18.92
CA GLU N 190 18.24 2.51 18.34
C GLU N 190 19.76 2.41 18.16
N VAL N 191 20.45 1.99 19.21
CA VAL N 191 21.90 1.86 19.14
C VAL N 191 22.31 0.72 18.22
N GLU N 192 21.50 -0.33 18.12
CA GLU N 192 21.76 -1.39 17.15
C GLU N 192 21.59 -0.91 15.71
N GLY N 193 20.55 -0.15 15.43
CA GLY N 193 20.35 0.35 14.07
C GLY N 193 21.45 1.30 13.64
N VAL N 194 21.87 2.18 14.55
CA VAL N 194 22.91 3.11 14.16
C VAL N 194 24.28 2.43 14.07
N LEU N 195 24.55 1.41 14.90
CA LEU N 195 25.80 0.68 14.73
C LEU N 195 25.78 -0.21 13.50
N GLN N 196 24.60 -0.64 13.03
CA GLN N 196 24.54 -1.40 11.79
C GLN N 196 24.86 -0.53 10.59
N GLU N 197 24.24 0.66 10.53
CA GLU N 197 24.54 1.63 9.48
C GLU N 197 26.01 2.02 9.49
N GLU N 198 26.56 2.19 10.67
CA GLU N 198 27.92 2.64 10.80
C GLU N 198 28.93 1.52 10.57
N GLU N 199 28.53 0.26 10.80
CA GLU N 199 29.35 -0.87 10.37
C GLU N 199 29.41 -0.97 8.85
N ASP N 200 28.28 -0.73 8.18
CA ASP N 200 28.30 -0.71 6.72
C ASP N 200 29.19 0.39 6.18
N GLU N 201 29.19 1.56 6.83
CA GLU N 201 30.12 2.62 6.44
C GLU N 201 31.58 2.21 6.65
N ALA N 202 31.87 1.52 7.75
CA ALA N 202 33.24 1.09 8.01
C ALA N 202 33.70 0.03 7.02
N ARG N 203 32.80 -0.88 6.63
CA ARG N 203 33.17 -1.89 5.64
C ARG N 203 33.37 -1.27 4.27
N ARG N 204 32.58 -0.24 3.95
CA ARG N 204 32.77 0.52 2.72
C ARG N 204 34.16 1.14 2.66
N LEU N 205 34.56 1.81 3.75
CA LEU N 205 35.89 2.40 3.79
C LEU N 205 36.99 1.35 3.75
N CYS N 206 36.73 0.16 4.29
CA CYS N 206 37.87 -0.74 4.35
C CYS N 206 38.00 -1.54 3.06
N MET N 207 36.89 -1.72 2.33
CA MET N 207 37.00 -2.19 0.96
C MET N 207 37.67 -1.16 0.06
N GLU N 208 37.47 0.14 0.35
CA GLU N 208 38.23 1.16 -0.36
C GLU N 208 39.72 1.05 -0.08
N TYR N 209 40.08 0.76 1.17
CA TYR N 209 41.49 0.55 1.51
C TYR N 209 42.07 -0.66 0.80
N GLU N 210 41.30 -1.75 0.70
CA GLU N 210 41.80 -2.93 0.00
C GLU N 210 41.93 -2.69 -1.50
N MET N 211 40.96 -2.00 -2.11
CA MET N 211 41.08 -1.71 -3.53
C MET N 211 42.12 -0.64 -3.83
N ASP N 212 42.58 0.10 -2.82
CA ASP N 212 43.67 1.03 -3.01
C ASP N 212 45.02 0.42 -2.69
N TYR N 213 45.09 -0.42 -1.67
CA TYR N 213 46.33 -1.14 -1.35
C TYR N 213 46.49 -2.25 -2.37
N GLY N 214 47.50 -2.14 -3.22
CA GLY N 214 47.64 -3.18 -4.22
C GLY N 214 46.72 -3.01 -5.40
N GLY N 215 46.96 -1.97 -6.19
CA GLY N 215 46.21 -1.70 -7.40
C GLY N 215 46.19 -2.84 -8.39
N TYR N 216 45.00 -3.35 -8.65
CA TYR N 216 44.80 -4.51 -9.50
C TYR N 216 44.24 -4.05 -10.84
N ASN N 217 45.11 -3.98 -11.85
CA ASN N 217 44.69 -3.61 -13.19
C ASN N 217 44.36 -4.85 -14.01
N MET N 218 43.32 -4.74 -14.83
CA MET N 218 42.78 -5.91 -15.50
C MET N 218 43.71 -6.41 -16.60
N LEU N 219 44.32 -5.49 -17.34
CA LEU N 219 44.93 -5.86 -18.61
C LEU N 219 46.45 -5.90 -18.58
N ASP N 220 47.10 -5.42 -17.52
CA ASP N 220 48.55 -5.53 -17.45
C ASP N 220 49.03 -6.19 -16.17
N GLY N 221 48.15 -6.78 -15.37
CA GLY N 221 48.58 -7.31 -14.10
C GLY N 221 48.32 -8.77 -13.83
N ASP N 222 47.31 -9.35 -14.46
CA ASP N 222 46.90 -10.72 -14.12
C ASP N 222 47.65 -11.72 -14.98
N ALA N 223 47.17 -12.97 -14.98
CA ALA N 223 47.90 -14.06 -15.62
C ALA N 223 47.39 -14.39 -17.02
N PHE N 224 46.09 -14.25 -17.27
CA PHE N 224 45.56 -14.65 -18.57
C PHE N 224 45.69 -13.53 -19.59
N THR N 225 45.12 -12.36 -19.29
CA THR N 225 45.15 -11.28 -20.27
C THR N 225 46.33 -10.35 -20.08
N SER N 226 47.45 -10.90 -19.63
CA SER N 226 48.75 -10.29 -19.82
C SER N 226 49.43 -10.84 -21.06
N GLY N 227 49.37 -12.17 -21.25
CA GLY N 227 49.97 -12.77 -22.42
C GLY N 227 49.22 -12.50 -23.71
N LEU N 228 47.88 -12.31 -23.61
CA LEU N 228 47.08 -11.99 -24.79
C LEU N 228 47.45 -10.63 -25.36
N LEU N 229 48.00 -9.74 -24.53
CA LEU N 229 48.44 -8.44 -25.00
C LEU N 229 49.94 -8.33 -25.14
N THR N 230 50.62 -9.42 -25.47
CA THR N 230 52.02 -9.35 -25.87
C THR N 230 52.09 -9.28 -27.38
N ARG N 231 52.68 -8.21 -27.89
CA ARG N 231 52.80 -8.03 -29.34
C ARG N 231 54.21 -8.40 -29.81
N ASN O 42 33.78 -36.82 26.35
CA ASN O 42 35.06 -36.86 25.66
C ASN O 42 36.17 -36.24 26.50
N VAL O 43 37.08 -35.54 25.83
CA VAL O 43 38.22 -34.88 26.46
C VAL O 43 38.05 -33.38 26.23
N GLU O 44 38.53 -32.59 27.19
CA GLU O 44 38.62 -31.14 27.01
C GLU O 44 39.48 -30.79 25.80
N THR O 45 39.08 -29.74 25.09
CA THR O 45 39.85 -29.19 24.00
C THR O 45 39.93 -27.68 24.20
N ALA O 46 41.13 -27.12 23.99
CA ALA O 46 41.37 -25.72 24.31
C ALA O 46 40.59 -24.78 23.42
N ALA O 47 40.31 -25.19 22.18
CA ALA O 47 39.50 -24.36 21.30
C ALA O 47 38.02 -24.60 21.51
N GLU O 48 37.63 -25.80 21.93
CA GLU O 48 36.21 -26.14 22.05
C GLU O 48 35.57 -25.44 23.24
N LEU O 49 36.33 -25.27 24.34
CA LEU O 49 35.81 -24.52 25.47
C LEU O 49 35.60 -23.06 25.11
N SER O 50 36.46 -22.51 24.25
CA SER O 50 36.23 -21.17 23.73
C SER O 50 34.99 -21.11 22.87
N ALA O 51 34.68 -22.20 22.16
CA ALA O 51 33.46 -22.24 21.35
C ALA O 51 32.22 -22.26 22.21
N VAL O 52 32.20 -23.12 23.24
CA VAL O 52 31.05 -23.20 24.13
C VAL O 52 30.91 -21.92 24.94
N ASN O 53 32.04 -21.26 25.24
CA ASN O 53 32.00 -19.94 25.85
C ASN O 53 31.41 -18.90 24.91
N ASP O 54 31.76 -18.94 23.63
CA ASP O 54 31.20 -17.98 22.69
C ASP O 54 29.75 -18.27 22.34
N ILE O 55 29.27 -19.48 22.58
CA ILE O 55 27.84 -19.73 22.54
C ILE O 55 27.15 -18.99 23.67
N LEU O 56 27.72 -19.09 24.87
CA LEU O 56 27.19 -18.36 26.01
C LEU O 56 27.66 -16.92 26.06
N ALA O 57 28.46 -16.47 25.09
CA ALA O 57 28.73 -15.04 24.99
C ALA O 57 27.50 -14.30 24.48
N SER O 58 26.62 -15.01 23.79
CA SER O 58 25.37 -14.40 23.36
C SER O 58 24.42 -14.17 24.53
N ILE O 59 24.46 -15.01 25.56
CA ILE O 59 23.57 -14.89 26.72
C ILE O 59 24.37 -15.25 27.97
N GLY O 60 24.67 -14.25 28.80
CA GLY O 60 25.12 -14.57 30.15
C GLY O 60 26.62 -14.73 30.31
N GLU O 61 27.01 -15.74 31.09
CA GLU O 61 28.31 -15.79 31.74
C GLU O 61 29.17 -16.96 31.28
N PRO O 62 30.50 -16.85 31.38
CA PRO O 62 31.38 -17.96 30.96
C PRO O 62 31.34 -19.13 31.92
N PRO O 63 31.21 -20.35 31.42
CA PRO O 63 31.47 -21.52 32.25
C PRO O 63 32.94 -21.90 32.18
N VAL O 64 33.33 -22.99 32.85
CA VAL O 64 34.72 -23.41 32.92
C VAL O 64 34.83 -24.90 32.64
N SER O 65 35.49 -25.24 31.54
CA SER O 65 36.14 -26.52 31.26
C SER O 65 35.24 -27.72 30.98
N THR O 66 33.93 -27.63 31.25
CA THR O 66 32.89 -28.55 30.79
C THR O 66 33.12 -30.05 31.03
N LEU O 67 34.05 -30.42 31.91
CA LEU O 67 34.50 -31.81 31.99
C LEU O 67 33.79 -32.53 33.14
N GLU O 68 32.48 -32.68 32.96
CA GLU O 68 31.64 -33.47 33.86
C GLU O 68 30.33 -33.75 33.14
N GLY O 69 29.85 -34.99 33.26
CA GLY O 69 28.61 -35.36 32.59
C GLY O 69 27.39 -34.77 33.26
N ASP O 70 27.12 -35.17 34.49
CA ASP O 70 26.07 -34.57 35.30
C ASP O 70 26.68 -33.31 35.93
N ALA O 71 26.41 -32.17 35.33
CA ALA O 71 27.15 -30.96 35.61
C ALA O 71 26.28 -29.73 35.46
N ASN O 72 26.93 -28.58 35.27
CA ASN O 72 26.30 -27.39 34.73
C ASN O 72 25.51 -27.75 33.48
N ALA O 73 24.19 -27.59 33.58
CA ALA O 73 23.30 -28.00 32.49
C ALA O 73 23.47 -27.12 31.27
N ASP O 74 23.87 -25.87 31.48
CA ASP O 74 24.04 -24.93 30.40
C ASP O 74 25.22 -25.32 29.51
N ALA O 75 26.31 -25.79 30.12
CA ALA O 75 27.49 -26.13 29.37
C ALA O 75 27.28 -27.39 28.53
N ALA O 76 26.70 -28.43 29.12
CA ALA O 76 26.48 -29.67 28.37
C ALA O 76 25.40 -29.47 27.32
N ASN O 77 24.45 -28.57 27.59
CA ASN O 77 23.39 -28.28 26.64
C ASN O 77 23.93 -27.55 25.41
N ALA O 78 24.75 -26.52 25.63
CA ALA O 78 25.39 -25.83 24.52
C ALA O 78 26.40 -26.73 23.81
N ARG O 79 27.02 -27.67 24.52
CA ARG O 79 27.97 -28.56 23.88
C ARG O 79 27.27 -29.56 22.97
N ARG O 80 26.07 -30.00 23.35
CA ARG O 80 25.28 -30.84 22.46
C ARG O 80 24.83 -30.09 21.22
N ILE O 81 24.42 -28.83 21.38
CA ILE O 81 24.09 -28.00 20.22
C ILE O 81 25.30 -27.79 19.33
N LEU O 82 26.48 -27.63 19.93
CA LEU O 82 27.71 -27.42 19.18
C LEU O 82 28.07 -28.63 18.35
N ASN O 83 27.98 -29.82 18.93
CA ASN O 83 28.32 -31.02 18.17
C ASN O 83 27.28 -31.34 17.11
N LYS O 84 26.01 -30.96 17.34
CA LYS O 84 25.02 -31.17 16.29
C LYS O 84 25.25 -30.23 15.11
N ILE O 85 25.63 -28.99 15.37
CA ILE O 85 25.90 -28.07 14.27
C ILE O 85 27.21 -28.45 13.58
N ASN O 86 28.15 -29.08 14.29
CA ASN O 86 29.34 -29.63 13.64
C ASN O 86 28.99 -30.75 12.68
N ARG O 87 28.16 -31.68 13.15
CA ARG O 87 27.77 -32.82 12.35
C ARG O 87 26.89 -32.40 11.17
N GLN O 88 26.22 -31.26 11.29
CA GLN O 88 25.45 -30.76 10.16
C GLN O 88 26.31 -29.93 9.23
N ILE O 89 27.35 -29.26 9.73
CA ILE O 89 28.06 -28.33 8.90
C ILE O 89 29.19 -29.02 8.15
N GLN O 90 29.59 -30.22 8.60
CA GLN O 90 30.42 -31.06 7.78
C GLN O 90 29.61 -32.01 6.92
N SER O 91 28.28 -31.92 6.99
CA SER O 91 27.44 -32.84 6.24
C SER O 91 27.26 -32.38 4.81
N ARG O 92 27.39 -31.09 4.56
CA ARG O 92 26.93 -30.53 3.29
C ARG O 92 27.87 -30.85 2.15
N GLY O 93 29.11 -31.21 2.45
CA GLY O 93 30.03 -31.58 1.40
C GLY O 93 30.88 -30.41 1.00
N TRP O 94 32.14 -30.41 1.42
CA TRP O 94 33.06 -29.35 1.06
C TRP O 94 34.32 -30.01 0.51
N THR O 95 35.13 -29.22 -0.20
CA THR O 95 36.20 -29.77 -1.00
C THR O 95 37.39 -30.20 -0.17
N PHE O 96 37.49 -29.73 1.07
CA PHE O 96 38.50 -30.20 2.00
C PHE O 96 37.99 -31.37 2.84
N ASN O 97 36.70 -31.69 2.74
CA ASN O 97 36.09 -32.74 3.54
C ASN O 97 35.87 -34.01 2.74
N ILE O 98 35.52 -33.90 1.46
CA ILE O 98 35.20 -35.07 0.66
C ILE O 98 36.52 -35.73 0.29
N GLU O 99 36.91 -36.73 1.05
CA GLU O 99 38.13 -37.48 0.76
C GLU O 99 37.84 -38.41 -0.41
N GLU O 100 38.45 -38.13 -1.56
CA GLU O 100 37.88 -38.57 -2.83
C GLU O 100 37.99 -40.06 -3.11
N GLY O 101 39.18 -40.57 -3.31
CA GLY O 101 39.31 -41.96 -3.68
C GLY O 101 39.63 -42.89 -2.53
N ILE O 102 38.88 -42.86 -1.44
CA ILE O 102 39.38 -43.56 -0.27
C ILE O 102 38.94 -45.01 -0.38
N THR O 103 39.71 -45.90 0.24
CA THR O 103 39.49 -47.34 0.15
C THR O 103 39.21 -47.89 1.54
N LEU O 104 38.09 -48.57 1.68
CA LEU O 104 37.75 -49.27 2.91
C LEU O 104 37.98 -50.77 2.73
N LEU O 105 38.32 -51.42 3.83
CA LEU O 105 38.66 -52.83 3.87
C LEU O 105 37.87 -53.53 4.97
N PRO O 106 37.26 -54.66 4.69
CA PRO O 106 36.44 -55.35 5.68
C PRO O 106 37.31 -56.09 6.69
N ASP O 107 36.66 -56.60 7.72
CA ASP O 107 37.34 -57.45 8.68
C ASP O 107 37.69 -58.79 8.05
N VAL O 108 38.82 -59.37 8.48
CA VAL O 108 39.27 -60.62 7.88
C VAL O 108 38.39 -61.78 8.34
N TYR O 109 38.03 -61.82 9.62
CA TYR O 109 37.17 -62.89 10.12
C TYR O 109 35.72 -62.68 9.68
N SER O 110 35.18 -61.49 9.95
CA SER O 110 33.75 -61.26 9.78
C SER O 110 33.35 -61.09 8.33
N ASN O 111 34.29 -60.72 7.45
CA ASN O 111 34.09 -60.51 6.02
C ASN O 111 33.01 -59.45 5.77
N LEU O 112 33.15 -58.30 6.43
CA LEU O 112 32.08 -57.30 6.45
C LEU O 112 32.64 -55.95 6.87
N ILE O 113 32.57 -54.97 5.97
CA ILE O 113 33.06 -53.61 6.25
C ILE O 113 31.94 -52.82 6.90
N VAL O 114 32.29 -52.06 7.94
CA VAL O 114 31.34 -51.58 8.95
C VAL O 114 31.04 -50.12 8.70
N TYR O 115 29.79 -49.81 8.40
CA TYR O 115 29.29 -48.44 8.36
C TYR O 115 29.33 -47.87 9.77
N SER O 116 29.62 -46.58 9.87
CA SER O 116 29.69 -45.97 11.18
C SER O 116 28.93 -44.67 11.20
N ASP O 117 28.66 -44.18 12.41
CA ASP O 117 28.17 -42.82 12.58
C ASP O 117 29.29 -41.81 12.37
N ASP O 118 30.54 -42.25 12.43
CA ASP O 118 31.66 -41.43 11.97
C ASP O 118 31.59 -41.23 10.47
N TYR O 119 31.21 -42.27 9.72
CA TYR O 119 31.06 -42.17 8.27
C TYR O 119 29.80 -41.36 7.99
N LEU O 120 29.99 -40.09 7.68
CA LEU O 120 28.91 -39.11 7.74
C LEU O 120 27.95 -39.28 6.57
N SER O 121 28.48 -39.30 5.34
CA SER O 121 27.68 -39.60 4.16
C SER O 121 28.61 -40.17 3.11
N LEU O 122 28.32 -41.36 2.59
CA LEU O 122 29.24 -42.02 1.67
C LEU O 122 28.55 -42.28 0.35
N MET O 123 29.23 -41.94 -0.74
CA MET O 123 28.75 -42.07 -2.11
C MET O 123 29.82 -42.77 -2.94
N SER O 124 29.43 -43.26 -4.11
CA SER O 124 30.38 -43.94 -4.98
C SER O 124 31.11 -42.92 -5.85
N THR O 125 32.09 -43.41 -6.60
CA THR O 125 33.06 -42.54 -7.24
C THR O 125 32.48 -41.82 -8.45
N SER O 126 31.79 -42.55 -9.33
CA SER O 126 31.41 -41.97 -10.62
C SER O 126 29.96 -41.49 -10.66
N GLY O 127 29.02 -42.40 -10.43
CA GLY O 127 27.62 -42.08 -10.57
C GLY O 127 26.79 -43.32 -10.36
N GLN O 128 25.52 -43.10 -9.99
CA GLN O 128 24.58 -44.15 -9.56
C GLN O 128 25.20 -44.98 -8.43
N SER O 129 25.36 -44.28 -7.31
CA SER O 129 26.03 -44.83 -6.14
C SER O 129 25.26 -45.99 -5.55
N ILE O 130 25.95 -47.10 -5.33
CA ILE O 130 25.32 -48.38 -5.04
C ILE O 130 25.51 -48.81 -3.60
N TYR O 131 25.80 -47.88 -2.68
CA TYR O 131 26.16 -48.24 -1.32
C TYR O 131 25.19 -47.57 -0.35
N VAL O 132 24.68 -48.35 0.60
CA VAL O 132 23.74 -47.81 1.57
C VAL O 132 23.95 -48.53 2.90
N ASN O 133 23.57 -47.86 3.99
CA ASN O 133 23.68 -48.46 5.31
C ASN O 133 22.48 -49.34 5.64
N ARG O 134 22.76 -50.49 6.26
CA ARG O 134 21.75 -51.53 6.52
C ARG O 134 22.23 -52.32 7.74
N GLY O 135 21.68 -52.00 8.90
CA GLY O 135 22.06 -52.68 10.12
C GLY O 135 23.21 -52.01 10.84
N GLY O 136 24.00 -51.22 10.12
CA GLY O 136 25.22 -50.68 10.64
C GLY O 136 26.35 -51.09 9.74
N TYR O 137 25.98 -51.69 8.62
CA TYR O 137 26.91 -52.30 7.68
C TYR O 137 26.60 -51.78 6.29
N VAL O 138 27.60 -51.72 5.41
CA VAL O 138 27.32 -51.21 4.07
C VAL O 138 26.69 -52.31 3.25
N TYR O 139 26.00 -51.94 2.18
CA TYR O 139 25.13 -52.87 1.48
C TYR O 139 24.93 -52.40 0.04
N ASP O 140 24.95 -53.35 -0.88
CA ASP O 140 24.74 -53.07 -2.30
C ASP O 140 23.27 -53.19 -2.62
N ARG O 141 22.70 -52.15 -3.22
CA ARG O 141 21.32 -52.24 -3.66
C ARG O 141 21.19 -52.69 -5.10
N THR O 142 22.29 -53.04 -5.76
CA THR O 142 22.26 -53.66 -7.07
C THR O 142 22.78 -55.08 -7.06
N SER O 143 23.87 -55.35 -6.35
CA SER O 143 24.37 -56.71 -6.24
C SER O 143 23.51 -57.56 -5.33
N GLN O 144 22.69 -56.92 -4.49
CA GLN O 144 21.74 -57.51 -3.55
C GLN O 144 22.51 -58.41 -2.58
N SER O 145 23.68 -57.93 -2.15
CA SER O 145 24.55 -58.73 -1.30
C SER O 145 25.17 -57.84 -0.23
N ASP O 146 25.79 -58.48 0.75
CA ASP O 146 26.35 -57.81 1.90
C ASP O 146 27.84 -58.09 2.07
N ARG O 147 28.27 -59.33 1.86
CA ARG O 147 29.65 -59.72 2.09
C ARG O 147 30.53 -59.20 0.96
N PHE O 148 31.66 -58.60 1.32
CA PHE O 148 32.62 -58.10 0.36
C PHE O 148 33.92 -58.88 0.45
N ASP O 149 34.40 -59.35 -0.70
CA ASP O 149 35.68 -60.04 -0.72
C ASP O 149 36.84 -59.05 -0.64
N SER O 150 36.95 -58.17 -1.62
CA SER O 150 38.03 -57.20 -1.67
C SER O 150 37.57 -55.89 -1.07
N GLY O 151 38.38 -54.85 -1.23
CA GLY O 151 38.08 -53.54 -0.68
C GLY O 151 36.99 -52.83 -1.45
N ILE O 152 36.90 -51.53 -1.21
CA ILE O 152 35.83 -50.73 -1.80
C ILE O 152 36.30 -49.28 -1.90
N THR O 153 35.99 -48.64 -3.03
CA THR O 153 36.42 -47.27 -3.32
C THR O 153 35.24 -46.34 -3.20
N VAL O 154 35.34 -45.38 -2.28
CA VAL O 154 34.21 -44.55 -1.85
C VAL O 154 34.68 -43.09 -1.77
N ASN O 155 33.80 -42.15 -2.17
CA ASN O 155 33.85 -40.75 -1.74
C ASN O 155 33.16 -40.70 -0.39
N ILE O 156 33.93 -40.54 0.69
CA ILE O 156 33.35 -40.60 2.02
C ILE O 156 33.63 -39.28 2.72
N ILE O 157 32.79 -38.96 3.69
CA ILE O 157 33.04 -37.85 4.60
C ILE O 157 33.25 -38.42 5.99
N ARG O 158 34.34 -38.05 6.62
CA ARG O 158 34.64 -38.50 7.97
C ARG O 158 34.41 -37.34 8.93
N LEU O 159 33.79 -37.64 10.06
CA LEU O 159 33.42 -36.61 11.03
C LEU O 159 34.66 -36.11 11.74
N ARG O 160 34.87 -34.80 11.69
CA ARG O 160 36.01 -34.17 12.32
C ARG O 160 35.50 -33.32 13.49
N ASP O 161 36.45 -32.82 14.27
CA ASP O 161 36.11 -32.15 15.51
C ASP O 161 35.75 -30.68 15.24
N TYR O 162 35.61 -29.89 16.30
CA TYR O 162 35.57 -28.44 16.13
C TYR O 162 36.94 -27.92 15.78
N ASP O 163 37.99 -28.54 16.31
CA ASP O 163 39.33 -28.41 15.75
C ASP O 163 39.37 -29.17 14.42
N GLU O 164 40.48 -29.06 13.69
CA GLU O 164 40.71 -29.62 12.36
C GLU O 164 39.77 -29.06 11.30
N MET O 165 39.15 -27.91 11.56
CA MET O 165 38.34 -27.18 10.61
C MET O 165 38.98 -25.83 10.36
N PRO O 166 38.72 -25.21 9.22
CA PRO O 166 39.18 -23.84 9.01
C PRO O 166 38.41 -22.85 9.87
N GLU O 167 39.04 -21.68 10.05
CA GLU O 167 38.50 -20.67 10.95
C GLU O 167 37.21 -20.07 10.43
N CYS O 168 37.07 -20.02 9.10
CA CYS O 168 35.79 -19.68 8.48
C CYS O 168 34.68 -20.59 8.98
N PHE O 169 34.90 -21.89 8.92
CA PHE O 169 33.88 -22.82 9.36
C PHE O 169 33.74 -22.85 10.87
N ARG O 170 34.78 -22.52 11.62
CA ARG O 170 34.65 -22.40 13.07
C ARG O 170 33.73 -21.25 13.44
N TYR O 171 33.91 -20.11 12.78
CA TYR O 171 33.02 -18.99 13.03
C TYR O 171 31.61 -19.30 12.55
N TRP O 172 31.46 -20.10 11.51
CA TRP O 172 30.11 -20.42 11.05
C TRP O 172 29.40 -21.41 11.96
N ILE O 173 30.12 -22.41 12.49
CA ILE O 173 29.47 -23.31 13.46
C ILE O 173 29.14 -22.57 14.74
N VAL O 174 30.01 -21.66 15.21
CA VAL O 174 29.72 -20.91 16.43
C VAL O 174 28.52 -20.00 16.24
N THR O 175 28.41 -19.34 15.09
CA THR O 175 27.27 -18.44 14.92
C THR O 175 25.96 -19.17 14.63
N LYS O 176 26.00 -20.31 13.91
CA LYS O 176 24.75 -21.02 13.68
C LYS O 176 24.27 -21.71 14.95
N ALA O 177 25.21 -22.26 15.73
CA ALA O 177 24.83 -22.86 17.00
C ALA O 177 24.40 -21.80 17.99
N SER O 178 24.91 -20.58 17.87
CA SER O 178 24.41 -19.49 18.69
C SER O 178 22.99 -19.12 18.30
N ARG O 179 22.66 -19.19 17.01
CA ARG O 179 21.28 -18.95 16.59
C ARG O 179 20.35 -20.03 17.12
N GLN O 180 20.78 -21.30 17.06
CA GLN O 180 19.98 -22.40 17.59
C GLN O 180 19.79 -22.29 19.10
N PHE O 181 20.87 -22.00 19.82
CA PHE O 181 20.82 -21.86 21.27
C PHE O 181 20.00 -20.65 21.70
N ASN O 182 19.99 -19.62 20.87
CA ASN O 182 19.12 -18.47 21.07
C ASN O 182 17.66 -18.86 20.91
N ASN O 183 17.33 -19.55 19.84
CA ASN O 183 15.95 -19.90 19.53
C ASN O 183 15.37 -20.91 20.47
N ARG O 184 16.20 -21.70 21.13
CA ARG O 184 15.64 -22.77 21.93
C ARG O 184 15.58 -22.48 23.42
N PHE O 185 16.41 -21.58 23.94
CA PHE O 185 16.38 -21.32 25.38
C PHE O 185 16.13 -19.87 25.75
N PHE O 186 16.88 -18.92 25.22
CA PHE O 186 16.73 -17.51 25.56
C PHE O 186 15.97 -16.85 24.41
N GLY O 187 14.64 -16.94 24.46
CA GLY O 187 13.83 -16.53 23.34
C GLY O 187 13.66 -15.04 23.17
N ALA O 188 14.70 -14.36 22.79
CA ALA O 188 14.50 -12.94 22.58
C ALA O 188 14.54 -12.61 21.09
N PRO O 189 13.66 -11.70 20.62
CA PRO O 189 13.48 -11.54 19.17
C PRO O 189 14.61 -10.82 18.44
N GLU O 190 15.15 -9.75 19.04
CA GLU O 190 16.10 -8.90 18.32
C GLU O 190 17.46 -9.57 18.18
N VAL O 191 17.89 -10.33 19.19
CA VAL O 191 19.13 -11.06 19.08
C VAL O 191 18.98 -12.21 18.10
N GLU O 192 17.77 -12.74 17.92
CA GLU O 192 17.55 -13.73 16.86
C GLU O 192 17.63 -13.10 15.48
N GLY O 193 17.10 -11.88 15.32
CA GLY O 193 17.23 -11.19 14.04
C GLY O 193 18.67 -10.91 13.68
N VAL O 194 19.46 -10.47 14.66
CA VAL O 194 20.85 -10.14 14.33
C VAL O 194 21.69 -11.41 14.14
N LEU O 195 21.37 -12.51 14.84
CA LEU O 195 22.10 -13.74 14.58
C LEU O 195 21.70 -14.38 13.25
N GLN O 196 20.48 -14.16 12.77
CA GLN O 196 20.10 -14.63 11.45
C GLN O 196 20.87 -13.89 10.36
N GLU O 197 20.91 -12.55 10.45
CA GLU O 197 21.69 -11.75 9.51
C GLU O 197 23.16 -12.12 9.54
N GLU O 198 23.68 -12.40 10.73
CA GLU O 198 25.10 -12.65 10.86
C GLU O 198 25.48 -14.08 10.50
N GLU O 199 24.55 -15.03 10.63
CA GLU O 199 24.74 -16.35 10.03
C GLU O 199 24.81 -16.26 8.51
N ASP O 200 23.94 -15.43 7.91
CA ASP O 200 24.00 -15.24 6.46
C ASP O 200 25.34 -14.66 6.02
N GLU O 201 25.88 -13.72 6.79
CA GLU O 201 27.21 -13.19 6.47
C GLU O 201 28.31 -14.25 6.63
N ALA O 202 28.20 -15.10 7.65
CA ALA O 202 29.21 -16.12 7.86
C ALA O 202 29.18 -17.19 6.76
N ARG O 203 27.98 -17.56 6.32
CA ARG O 203 27.88 -18.50 5.21
C ARG O 203 28.37 -17.89 3.91
N ARG O 204 28.15 -16.58 3.73
CA ARG O 204 28.72 -15.86 2.60
C ARG O 204 30.24 -15.99 2.58
N LEU O 205 30.87 -15.72 3.73
CA LEU O 205 32.32 -15.87 3.83
C LEU O 205 32.77 -17.30 3.63
N CYS O 206 31.95 -18.28 4.01
CA CYS O 206 32.51 -19.61 3.96
C CYS O 206 32.32 -20.24 2.60
N MET O 207 31.28 -19.83 1.87
CA MET O 207 31.22 -20.13 0.45
C MET O 207 32.32 -19.42 -0.34
N GLU O 208 32.71 -18.22 0.09
CA GLU O 208 33.88 -17.58 -0.52
C GLU O 208 35.15 -18.40 -0.28
N TYR O 209 35.27 -18.97 0.92
CA TYR O 209 36.38 -19.86 1.22
C TYR O 209 36.38 -21.09 0.32
N GLU O 210 35.22 -21.72 0.14
CA GLU O 210 35.19 -22.95 -0.66
C GLU O 210 35.38 -22.66 -2.15
N MET O 211 34.84 -21.56 -2.67
CA MET O 211 35.15 -21.23 -4.06
C MET O 211 36.53 -20.63 -4.23
N ASP O 212 37.25 -20.37 -3.13
CA ASP O 212 38.66 -20.01 -3.21
C ASP O 212 39.59 -21.17 -2.88
N TYR O 213 39.20 -22.06 -1.96
CA TYR O 213 39.93 -23.29 -1.69
C TYR O 213 39.65 -24.23 -2.85
N GLY O 214 40.65 -24.54 -3.65
CA GLY O 214 40.36 -25.46 -4.74
C GLY O 214 39.72 -24.80 -5.94
N GLY O 215 40.50 -23.94 -6.62
CA GLY O 215 40.08 -23.24 -7.82
C GLY O 215 39.51 -24.13 -8.91
N TYR O 216 38.23 -23.95 -9.16
CA TYR O 216 37.48 -24.72 -10.14
C TYR O 216 37.33 -23.89 -11.40
N ASN O 217 37.96 -24.33 -12.48
CA ASN O 217 37.84 -23.68 -13.78
C ASN O 217 36.98 -24.52 -14.72
N MET O 218 36.10 -23.84 -15.47
CA MET O 218 35.10 -24.52 -16.28
C MET O 218 35.75 -25.30 -17.42
N LEU O 219 36.62 -24.63 -18.18
CA LEU O 219 37.02 -25.14 -19.48
C LEU O 219 38.38 -25.81 -19.49
N ASP O 220 39.09 -25.89 -18.36
CA ASP O 220 40.37 -26.58 -18.34
C ASP O 220 40.50 -27.56 -17.18
N GLY O 221 39.43 -27.82 -16.44
CA GLY O 221 39.58 -28.66 -15.27
C GLY O 221 38.57 -29.77 -15.07
N ASP O 222 37.46 -29.76 -15.80
CA ASP O 222 36.42 -30.76 -15.57
C ASP O 222 36.62 -31.97 -16.47
N ALA O 223 35.59 -32.81 -16.56
CA ALA O 223 35.68 -34.06 -17.31
C ALA O 223 35.06 -33.97 -18.71
N PHE O 224 34.20 -32.99 -18.98
CA PHE O 224 33.61 -32.92 -20.30
C PHE O 224 34.38 -31.98 -21.21
N THR O 225 34.51 -30.71 -20.84
CA THR O 225 35.20 -29.76 -21.70
C THR O 225 36.68 -29.63 -21.36
N SER O 226 37.29 -30.70 -20.88
CA SER O 226 38.73 -30.89 -20.98
C SER O 226 39.11 -31.43 -22.36
N GLY O 227 38.32 -32.37 -22.87
CA GLY O 227 38.61 -32.97 -24.15
C GLY O 227 38.15 -32.16 -25.34
N LEU O 228 37.07 -31.43 -25.17
CA LEU O 228 36.60 -30.62 -26.29
C LEU O 228 37.61 -29.55 -26.68
N LEU O 229 38.49 -29.16 -25.75
CA LEU O 229 39.52 -28.19 -26.06
C LEU O 229 40.90 -28.82 -26.20
N THR O 230 40.97 -30.06 -26.67
CA THR O 230 42.25 -30.65 -27.07
C THR O 230 42.43 -30.44 -28.57
N ARG O 231 43.48 -29.74 -28.95
CA ARG O 231 43.76 -29.49 -30.36
C ARG O 231 44.82 -30.44 -30.89
N MET P 41 6.47 -51.33 20.51
CA MET P 41 7.50 -51.38 21.54
C MET P 41 8.85 -51.66 20.88
N ASN P 42 9.87 -50.88 21.27
CA ASN P 42 11.19 -50.98 20.68
C ASN P 42 12.25 -50.90 21.77
N VAL P 43 13.49 -51.20 21.40
CA VAL P 43 14.63 -51.11 22.28
C VAL P 43 15.42 -49.87 21.84
N GLU P 44 16.17 -49.28 22.77
CA GLU P 44 16.89 -48.03 22.52
C GLU P 44 18.00 -48.21 21.49
N THR P 45 18.41 -47.08 20.92
CA THR P 45 19.53 -46.99 20.00
C THR P 45 20.39 -45.83 20.47
N ALA P 46 21.71 -45.93 20.28
CA ALA P 46 22.63 -44.94 20.81
C ALA P 46 22.47 -43.58 20.14
N ALA P 47 21.94 -43.54 18.92
CA ALA P 47 21.70 -42.29 18.23
C ALA P 47 20.25 -41.84 18.30
N GLU P 48 19.32 -42.76 18.52
CA GLU P 48 17.92 -42.40 18.67
C GLU P 48 17.69 -41.60 19.94
N LEU P 49 18.48 -41.86 20.98
CA LEU P 49 18.41 -41.08 22.20
C LEU P 49 18.86 -39.64 21.94
N SER P 50 19.89 -39.47 21.12
CA SER P 50 20.31 -38.12 20.75
C SER P 50 19.28 -37.46 19.85
N ALA P 51 18.54 -38.24 19.07
CA ALA P 51 17.49 -37.68 18.23
C ALA P 51 16.35 -37.15 19.08
N VAL P 52 15.83 -37.98 19.99
CA VAL P 52 14.75 -37.55 20.88
C VAL P 52 15.22 -36.44 21.80
N ASN P 53 16.51 -36.44 22.14
CA ASN P 53 17.04 -35.37 22.97
C ASN P 53 17.22 -34.08 22.18
N ASP P 54 17.38 -34.18 20.86
CA ASP P 54 17.37 -32.97 20.05
C ASP P 54 15.95 -32.52 19.72
N ILE P 55 14.96 -33.38 19.91
CA ILE P 55 13.58 -32.91 19.81
C ILE P 55 13.22 -32.07 21.03
N LEU P 56 13.57 -32.56 22.23
CA LEU P 56 13.32 -31.80 23.44
C LEU P 56 14.27 -30.64 23.61
N ALA P 57 15.25 -30.49 22.72
CA ALA P 57 16.15 -29.34 22.78
C ALA P 57 15.42 -28.04 22.45
N SER P 58 14.32 -28.11 21.71
CA SER P 58 13.56 -26.91 21.42
C SER P 58 12.79 -26.43 22.65
N ILE P 59 12.17 -27.36 23.37
CA ILE P 59 11.44 -27.05 24.60
C ILE P 59 11.76 -28.13 25.62
N GLY P 60 12.44 -27.78 26.70
CA GLY P 60 12.65 -28.75 27.76
C GLY P 60 14.10 -28.99 28.12
N GLU P 61 14.33 -29.98 28.98
CA GLU P 61 15.64 -30.32 29.50
C GLU P 61 16.07 -31.67 28.94
N PRO P 62 17.37 -31.96 28.90
CA PRO P 62 17.84 -33.21 28.29
C PRO P 62 17.63 -34.40 29.19
N PRO P 63 16.96 -35.45 28.70
CA PRO P 63 16.83 -36.68 29.49
C PRO P 63 17.91 -37.68 29.12
N VAL P 64 18.01 -38.76 29.89
CA VAL P 64 18.96 -39.83 29.63
C VAL P 64 18.20 -41.15 29.77
N SER P 65 18.34 -42.03 28.77
CA SER P 65 17.90 -43.42 28.81
C SER P 65 16.41 -43.58 29.06
N THR P 66 15.59 -43.23 28.06
CA THR P 66 14.14 -43.12 28.11
C THR P 66 13.43 -44.29 28.81
N LEU P 67 13.47 -45.49 28.23
CA LEU P 67 13.21 -46.76 28.91
C LEU P 67 11.80 -46.98 29.46
N GLU P 68 10.93 -45.96 29.42
CA GLU P 68 9.62 -46.04 30.02
C GLU P 68 8.66 -45.15 29.25
N GLY P 69 7.36 -45.46 29.38
CA GLY P 69 6.33 -44.52 29.00
C GLY P 69 5.93 -43.57 30.10
N ASP P 70 6.57 -43.69 31.27
CA ASP P 70 6.26 -42.87 32.42
C ASP P 70 7.53 -42.20 32.95
N ALA P 71 8.62 -42.27 32.21
CA ALA P 71 9.84 -41.58 32.62
C ALA P 71 9.69 -40.07 32.47
N ASN P 72 9.31 -39.62 31.29
CA ASN P 72 8.85 -38.26 31.07
C ASN P 72 7.67 -38.28 30.12
N ALA P 73 6.70 -37.43 30.41
CA ALA P 73 5.58 -37.28 29.49
C ALA P 73 5.97 -36.55 28.22
N ASP P 74 7.09 -35.82 28.25
CA ASP P 74 7.55 -35.10 27.08
C ASP P 74 8.58 -35.88 26.27
N ALA P 75 9.20 -36.89 26.85
CA ALA P 75 10.21 -37.66 26.12
C ALA P 75 9.57 -38.72 25.24
N ALA P 76 8.66 -39.52 25.80
CA ALA P 76 8.05 -40.60 25.03
C ALA P 76 7.09 -40.06 23.98
N ASN P 77 6.47 -38.93 24.26
CA ASN P 77 5.56 -38.31 23.30
C ASN P 77 6.34 -37.78 22.10
N ALA P 78 7.50 -37.18 22.36
CA ALA P 78 8.38 -36.77 21.28
C ALA P 78 8.99 -37.96 20.56
N ARG P 79 9.15 -39.09 21.24
CA ARG P 79 9.64 -40.28 20.57
C ARG P 79 8.60 -40.85 19.62
N ARG P 80 7.32 -40.74 19.99
CA ARG P 80 6.25 -41.13 19.08
C ARG P 80 6.19 -40.21 17.88
N ILE P 81 6.38 -38.90 18.10
CA ILE P 81 6.43 -37.94 16.98
C ILE P 81 7.63 -38.24 16.08
N LEU P 82 8.75 -38.66 16.67
CA LEU P 82 9.93 -38.98 15.88
C LEU P 82 9.72 -40.21 15.02
N ASN P 83 9.09 -41.25 15.57
CA ASN P 83 8.81 -42.42 14.75
C ASN P 83 7.77 -42.14 13.68
N LYS P 84 6.84 -41.21 13.93
CA LYS P 84 5.88 -40.84 12.88
C LYS P 84 6.58 -40.11 11.74
N ILE P 85 7.47 -39.17 12.05
CA ILE P 85 8.20 -38.46 11.00
C ILE P 85 9.21 -39.39 10.32
N ASN P 86 9.70 -40.40 11.03
CA ASN P 86 10.56 -41.42 10.43
C ASN P 86 9.81 -42.23 9.40
N ARG P 87 8.59 -42.64 9.73
CA ARG P 87 7.78 -43.38 8.77
C ARG P 87 7.36 -42.49 7.61
N GLN P 88 7.18 -41.19 7.85
CA GLN P 88 6.66 -40.32 6.80
C GLN P 88 7.74 -39.86 5.83
N ILE P 89 8.94 -39.52 6.29
CA ILE P 89 9.90 -38.87 5.40
C ILE P 89 10.54 -39.88 4.45
N GLN P 90 10.46 -41.17 4.76
CA GLN P 90 10.88 -42.21 3.85
C GLN P 90 9.77 -42.59 2.89
N SER P 91 8.56 -42.05 3.05
CA SER P 91 7.49 -42.32 2.11
C SER P 91 7.64 -41.54 0.82
N ARG P 92 8.44 -40.48 0.83
CA ARG P 92 8.47 -39.59 -0.31
C ARG P 92 9.21 -40.20 -1.48
N GLY P 93 10.01 -41.22 -1.24
CA GLY P 93 10.72 -41.88 -2.30
C GLY P 93 12.05 -41.22 -2.48
N TRP P 94 13.12 -41.93 -2.12
CA TRP P 94 14.46 -41.41 -2.30
C TRP P 94 15.28 -42.53 -2.92
N THR P 95 16.30 -42.15 -3.68
CA THR P 95 16.91 -43.09 -4.61
C THR P 95 17.93 -44.02 -3.98
N PHE P 96 17.96 -44.10 -2.65
CA PHE P 96 18.66 -45.15 -1.94
C PHE P 96 17.69 -46.08 -1.24
N ASN P 97 16.51 -45.60 -0.88
CA ASN P 97 15.48 -46.37 -0.22
C ASN P 97 14.66 -47.20 -1.19
N ILE P 98 14.45 -46.70 -2.41
CA ILE P 98 13.66 -47.41 -3.40
C ILE P 98 14.49 -48.56 -3.94
N GLU P 99 14.28 -49.75 -3.37
CA GLU P 99 14.97 -50.95 -3.79
C GLU P 99 14.29 -51.47 -5.05
N GLU P 100 15.03 -51.53 -6.16
CA GLU P 100 14.40 -51.58 -7.47
C GLU P 100 13.86 -52.96 -7.84
N GLY P 101 14.72 -53.94 -8.02
CA GLY P 101 14.23 -55.22 -8.49
C GLY P 101 13.97 -56.27 -7.43
N ILE P 102 13.16 -55.99 -6.42
CA ILE P 102 13.09 -56.94 -5.32
C ILE P 102 12.05 -57.99 -5.68
N THR P 103 12.18 -59.18 -5.10
CA THR P 103 11.31 -60.29 -5.43
C THR P 103 10.74 -60.87 -4.14
N LEU P 104 9.43 -60.71 -3.96
CA LEU P 104 8.73 -61.26 -2.81
C LEU P 104 8.25 -62.66 -3.17
N LEU P 105 8.40 -63.58 -2.23
CA LEU P 105 7.98 -64.96 -2.39
C LEU P 105 6.80 -65.27 -1.49
N PRO P 106 5.78 -65.93 -2.00
CA PRO P 106 4.62 -66.27 -1.17
C PRO P 106 4.95 -67.44 -0.25
N ASP P 107 4.04 -67.68 0.69
CA ASP P 107 4.16 -68.86 1.54
C ASP P 107 3.87 -70.12 0.73
N VAL P 108 4.51 -71.21 1.13
CA VAL P 108 4.48 -72.43 0.33
C VAL P 108 3.12 -73.12 0.46
N TYR P 109 2.61 -73.23 1.68
CA TYR P 109 1.32 -73.89 1.87
C TYR P 109 0.17 -72.90 1.74
N SER P 110 0.35 -71.67 2.23
CA SER P 110 -0.73 -70.71 2.23
C SER P 110 -1.05 -70.16 0.86
N ASN P 111 -0.08 -70.23 -0.07
CA ASN P 111 -0.21 -69.77 -1.46
C ASN P 111 -0.62 -68.31 -1.52
N LEU P 112 -0.04 -67.52 -0.62
CA LEU P 112 -0.55 -66.19 -0.32
C LEU P 112 0.60 -65.35 0.19
N ILE P 113 0.68 -64.11 -0.28
CA ILE P 113 1.85 -63.26 -0.11
C ILE P 113 1.47 -62.05 0.73
N VAL P 114 2.30 -61.76 1.74
CA VAL P 114 1.90 -60.94 2.88
C VAL P 114 2.35 -59.51 2.67
N TYR P 115 1.38 -58.61 2.48
CA TYR P 115 1.63 -57.19 2.61
C TYR P 115 1.84 -56.89 4.09
N SER P 116 2.75 -55.97 4.39
CA SER P 116 3.01 -55.64 5.78
C SER P 116 2.93 -54.14 5.98
N ASP P 117 2.80 -53.74 7.24
CA ASP P 117 2.97 -52.36 7.63
C ASP P 117 4.43 -51.92 7.50
N ASP P 118 5.35 -52.88 7.47
CA ASP P 118 6.75 -52.59 7.20
C ASP P 118 6.94 -52.16 5.75
N TYR P 119 6.21 -52.77 4.81
CA TYR P 119 6.25 -52.36 3.42
C TYR P 119 5.61 -50.98 3.31
N LEU P 120 6.37 -49.98 2.88
CA LEU P 120 5.99 -48.60 3.09
C LEU P 120 5.24 -48.05 1.88
N SER P 121 5.68 -48.42 0.67
CA SER P 121 4.92 -48.26 -0.56
C SER P 121 5.51 -49.21 -1.59
N LEU P 122 4.66 -49.94 -2.30
CA LEU P 122 5.15 -50.92 -3.27
C LEU P 122 4.46 -50.66 -4.60
N MET P 123 5.24 -50.72 -5.67
CA MET P 123 4.78 -50.49 -7.03
C MET P 123 5.43 -51.52 -7.95
N SER P 124 4.98 -51.55 -9.20
CA SER P 124 5.55 -52.49 -10.14
C SER P 124 6.83 -51.93 -10.74
N THR P 125 7.44 -52.72 -11.63
CA THR P 125 8.76 -52.37 -12.12
C THR P 125 8.71 -51.35 -13.24
N SER P 126 7.82 -51.53 -14.21
CA SER P 126 7.86 -50.68 -15.39
C SER P 126 6.79 -49.59 -15.40
N GLY P 127 5.53 -49.99 -15.40
CA GLY P 127 4.47 -49.03 -15.60
C GLY P 127 3.10 -49.66 -15.49
N GLN P 128 2.11 -48.88 -15.06
CA GLN P 128 0.76 -49.32 -14.73
C GLN P 128 0.82 -50.44 -13.68
N SER P 129 1.26 -50.03 -12.50
CA SER P 129 1.45 -50.92 -11.37
C SER P 129 0.13 -51.55 -10.92
N ILE P 130 0.11 -52.88 -10.88
CA ILE P 130 -1.13 -53.63 -10.74
C ILE P 130 -1.30 -54.21 -9.34
N TYR P 131 -0.53 -53.77 -8.36
CA TYR P 131 -0.48 -54.39 -7.05
C TYR P 131 -1.06 -53.46 -6.01
N VAL P 132 -1.96 -53.97 -5.18
CA VAL P 132 -2.56 -53.17 -4.12
C VAL P 132 -2.92 -54.10 -2.96
N ASN P 133 -2.85 -53.56 -1.74
CA ASN P 133 -3.14 -54.34 -0.55
C ASN P 133 -4.65 -54.46 -0.32
N ARG P 134 -5.11 -55.68 -0.07
CA ARG P 134 -6.48 -55.90 0.39
C ARG P 134 -6.39 -56.95 1.50
N GLY P 135 -7.01 -56.65 2.64
CA GLY P 135 -7.02 -57.60 3.73
C GLY P 135 -5.77 -57.66 4.57
N GLY P 136 -4.61 -57.50 3.94
CA GLY P 136 -3.34 -57.73 4.59
C GLY P 136 -2.39 -58.39 3.63
N TYR P 137 -2.85 -58.63 2.41
CA TYR P 137 -2.09 -59.33 1.40
C TYR P 137 -2.13 -58.53 0.10
N VAL P 138 -1.07 -58.64 -0.71
CA VAL P 138 -1.06 -57.90 -1.97
C VAL P 138 -1.96 -58.62 -2.96
N TYR P 139 -2.44 -57.88 -3.95
CA TYR P 139 -3.55 -58.33 -4.77
C TYR P 139 -3.50 -57.65 -6.12
N ASP P 140 -3.72 -58.43 -7.18
CA ASP P 140 -3.69 -57.92 -8.54
C ASP P 140 -5.06 -57.37 -8.88
N ARG P 141 -5.14 -56.08 -9.19
CA ARG P 141 -6.42 -55.53 -9.58
C ARG P 141 -6.74 -55.72 -11.05
N THR P 142 -5.81 -56.25 -11.84
CA THR P 142 -6.10 -56.59 -13.23
C THR P 142 -6.26 -58.09 -13.43
N SER P 143 -5.40 -58.91 -12.83
CA SER P 143 -5.62 -60.35 -12.88
C SER P 143 -6.78 -60.78 -12.00
N GLN P 144 -7.16 -59.95 -11.01
CA GLN P 144 -8.34 -60.13 -10.15
C GLN P 144 -8.22 -61.41 -9.32
N SER P 145 -7.08 -61.57 -8.66
CA SER P 145 -6.80 -62.79 -7.92
C SER P 145 -5.71 -62.53 -6.89
N ASP P 146 -5.64 -63.41 -5.89
CA ASP P 146 -4.64 -63.34 -4.84
C ASP P 146 -4.11 -64.74 -4.54
N ARG P 147 -3.83 -65.50 -5.58
CA ARG P 147 -3.23 -66.83 -5.44
C ARG P 147 -2.08 -66.90 -6.41
N PHE P 148 -0.85 -66.82 -5.92
CA PHE P 148 0.31 -66.68 -6.79
C PHE P 148 1.05 -67.99 -6.90
N ASP P 149 1.50 -68.31 -8.12
CA ASP P 149 2.31 -69.50 -8.33
C ASP P 149 3.77 -69.22 -7.98
N SER P 150 4.38 -68.29 -8.69
CA SER P 150 5.76 -67.87 -8.48
C SER P 150 5.77 -66.54 -7.73
N GLY P 151 6.94 -65.94 -7.64
CA GLY P 151 7.13 -64.72 -6.90
C GLY P 151 6.55 -63.50 -7.59
N ILE P 152 6.90 -62.34 -7.05
CA ILE P 152 6.36 -61.07 -7.52
C ILE P 152 7.46 -60.02 -7.45
N THR P 153 7.66 -59.30 -8.56
CA THR P 153 8.80 -58.41 -8.76
C THR P 153 8.36 -56.97 -8.56
N VAL P 154 8.93 -56.30 -7.57
CA VAL P 154 8.37 -55.09 -6.98
C VAL P 154 9.47 -54.04 -6.84
N ASN P 155 9.14 -52.79 -7.19
CA ASN P 155 9.81 -51.60 -6.67
C ASN P 155 9.23 -51.31 -5.30
N ILE P 156 9.99 -51.57 -4.25
CA ILE P 156 9.44 -51.50 -2.91
C ILE P 156 10.20 -50.44 -2.12
N ILE P 157 9.54 -49.91 -1.11
CA ILE P 157 10.20 -49.11 -0.08
C ILE P 157 10.02 -49.83 1.23
N ARG P 158 11.11 -50.25 1.85
CA ARG P 158 11.06 -50.89 3.15
C ARG P 158 11.33 -49.85 4.23
N LEU P 159 10.60 -49.98 5.34
CA LEU P 159 10.73 -49.03 6.44
C LEU P 159 12.01 -49.32 7.20
N ARG P 160 12.79 -48.28 7.44
CA ARG P 160 14.05 -48.40 8.14
C ARG P 160 14.00 -47.60 9.42
N ASP P 161 15.10 -47.63 10.16
CA ASP P 161 15.13 -47.00 11.46
C ASP P 161 15.37 -45.49 11.34
N TYR P 162 15.49 -44.82 12.48
CA TYR P 162 16.17 -43.53 12.48
C TYR P 162 17.61 -43.69 12.07
N ASP P 163 18.26 -44.74 12.56
CA ASP P 163 19.54 -45.15 12.01
C ASP P 163 19.30 -45.84 10.67
N GLU P 164 20.39 -46.26 10.01
CA GLU P 164 20.41 -46.77 8.63
C GLU P 164 19.92 -45.72 7.64
N MET P 165 20.04 -44.45 7.98
CA MET P 165 19.71 -43.35 7.10
C MET P 165 20.93 -42.46 6.99
N PRO P 166 21.06 -41.67 5.93
CA PRO P 166 22.13 -40.67 5.89
C PRO P 166 21.88 -39.55 6.89
N GLU P 167 22.97 -38.87 7.24
CA GLU P 167 22.91 -37.84 8.26
C GLU P 167 22.13 -36.62 7.81
N CYS P 168 22.07 -36.38 6.51
CA CYS P 168 21.16 -35.39 5.93
C CYS P 168 19.73 -35.64 6.35
N PHE P 169 19.24 -36.86 6.14
CA PHE P 169 17.87 -37.20 6.48
C PHE P 169 17.66 -37.31 7.98
N ARG P 170 18.69 -37.64 8.76
CA ARG P 170 18.58 -37.60 10.21
C ARG P 170 18.35 -36.18 10.69
N TYR P 171 19.12 -35.23 10.17
CA TYR P 171 18.98 -33.85 10.60
C TYR P 171 17.65 -33.28 10.13
N TRP P 172 17.20 -33.66 8.93
CA TRP P 172 15.90 -33.17 8.49
C TRP P 172 14.76 -33.85 9.23
N ILE P 173 14.97 -35.08 9.69
CA ILE P 173 13.94 -35.78 10.43
C ILE P 173 13.80 -35.14 11.82
N VAL P 174 14.92 -34.66 12.38
CA VAL P 174 14.90 -34.03 13.69
C VAL P 174 14.29 -32.66 13.59
N THR P 175 14.60 -31.90 12.54
CA THR P 175 14.02 -30.56 12.41
C THR P 175 12.53 -30.61 12.13
N LYS P 176 12.07 -31.56 11.31
CA LYS P 176 10.64 -31.62 11.05
C LYS P 176 9.88 -32.15 12.24
N ALA P 177 10.44 -33.13 12.97
CA ALA P 177 9.78 -33.60 14.18
C ALA P 177 9.84 -32.57 15.28
N SER P 178 10.85 -31.69 15.26
CA SER P 178 10.90 -30.61 16.23
C SER P 178 9.83 -29.57 15.95
N ARG P 179 9.58 -29.28 14.67
CA ARG P 179 8.47 -28.40 14.32
C ARG P 179 7.13 -29.00 14.71
N GLN P 180 6.97 -30.32 14.51
CA GLN P 180 5.75 -30.99 14.91
C GLN P 180 5.57 -31.02 16.43
N PHE P 181 6.66 -31.14 17.19
CA PHE P 181 6.57 -31.13 18.65
C PHE P 181 6.21 -29.73 19.16
N ASN P 182 6.84 -28.72 18.56
CA ASN P 182 6.57 -27.32 18.86
C ASN P 182 5.11 -26.95 18.62
N ASN P 183 4.58 -27.29 17.45
CA ASN P 183 3.21 -26.91 17.11
C ASN P 183 2.15 -27.67 17.86
N ARG P 184 2.52 -28.71 18.58
CA ARG P 184 1.55 -29.51 19.30
C ARG P 184 1.65 -29.42 20.81
N PHE P 185 2.75 -28.89 21.35
CA PHE P 185 2.82 -28.81 22.81
C PHE P 185 3.23 -27.47 23.40
N PHE P 186 4.05 -26.67 22.72
CA PHE P 186 4.46 -25.36 23.21
C PHE P 186 4.39 -24.37 22.03
N GLY P 187 3.24 -24.31 21.39
CA GLY P 187 3.07 -23.48 20.22
C GLY P 187 3.29 -21.99 20.42
N ALA P 188 4.43 -21.51 19.94
CA ALA P 188 4.83 -20.11 20.04
C ALA P 188 5.32 -19.64 18.70
N PRO P 189 5.05 -18.38 18.33
CA PRO P 189 5.27 -17.94 16.94
C PRO P 189 6.73 -17.84 16.53
N GLU P 190 7.60 -17.42 17.45
CA GLU P 190 9.00 -17.20 17.11
C GLU P 190 9.71 -18.52 16.81
N VAL P 191 9.54 -19.50 17.70
CA VAL P 191 10.18 -20.79 17.51
C VAL P 191 9.56 -21.54 16.33
N GLU P 192 8.25 -21.32 16.06
CA GLU P 192 7.65 -21.89 14.86
C GLU P 192 8.22 -21.30 13.58
N GLY P 193 8.40 -19.98 13.54
CA GLY P 193 8.96 -19.36 12.34
C GLY P 193 10.39 -19.79 12.08
N VAL P 194 11.20 -19.89 13.15
CA VAL P 194 12.58 -20.27 12.91
C VAL P 194 12.70 -21.76 12.59
N LEU P 195 11.85 -22.61 13.14
CA LEU P 195 11.89 -24.01 12.76
C LEU P 195 11.33 -24.24 11.36
N GLN P 196 10.45 -23.36 10.87
CA GLN P 196 9.98 -23.47 9.49
C GLN P 196 11.09 -23.11 8.51
N GLU P 197 11.80 -22.01 8.78
CA GLU P 197 12.94 -21.61 7.95
C GLU P 197 14.02 -22.69 7.95
N GLU P 198 14.25 -23.28 9.11
CA GLU P 198 15.33 -24.24 9.22
C GLU P 198 14.92 -25.62 8.70
N GLU P 199 13.62 -25.94 8.69
CA GLU P 199 13.12 -27.10 7.97
C GLU P 199 13.32 -26.95 6.46
N ASP P 200 13.03 -25.76 5.92
CA ASP P 200 13.28 -25.54 4.50
C ASP P 200 14.75 -25.65 4.15
N GLU P 201 15.64 -25.20 5.05
CA GLU P 201 17.07 -25.39 4.82
C GLU P 201 17.46 -26.87 4.84
N ALA P 202 16.87 -27.65 5.75
CA ALA P 202 17.19 -29.07 5.81
C ALA P 202 16.67 -29.81 4.57
N ARG P 203 15.51 -29.41 4.08
CA ARG P 203 14.98 -30.04 2.87
C ARG P 203 15.80 -29.67 1.65
N ARG P 204 16.32 -28.43 1.63
CA ARG P 204 17.24 -28.00 0.57
C ARG P 204 18.48 -28.88 0.54
N LEU P 205 19.09 -29.10 1.71
CA LEU P 205 20.27 -29.96 1.77
C LEU P 205 19.95 -31.40 1.41
N CYS P 206 18.75 -31.86 1.72
CA CYS P 206 18.56 -33.28 1.51
C CYS P 206 18.13 -33.56 0.07
N MET P 207 17.49 -32.59 -0.58
CA MET P 207 17.34 -32.67 -2.04
C MET P 207 18.68 -32.57 -2.75
N GLU P 208 19.63 -31.81 -2.19
CA GLU P 208 20.98 -31.81 -2.75
C GLU P 208 21.63 -33.18 -2.61
N TYR P 209 21.42 -33.84 -1.48
CA TYR P 209 21.92 -35.20 -1.30
C TYR P 209 21.27 -36.17 -2.26
N GLU P 210 19.98 -36.01 -2.54
CA GLU P 210 19.32 -36.91 -3.49
C GLU P 210 19.78 -36.68 -4.91
N MET P 211 19.96 -35.42 -5.32
CA MET P 211 20.47 -35.18 -6.68
C MET P 211 21.94 -35.50 -6.79
N ASP P 212 22.65 -35.64 -5.68
CA ASP P 212 24.05 -36.07 -5.71
C ASP P 212 24.18 -37.59 -5.60
N TYR P 213 23.37 -38.24 -4.79
CA TYR P 213 23.36 -39.70 -4.70
C TYR P 213 22.67 -40.21 -5.95
N GLY P 214 23.38 -40.95 -6.79
CA GLY P 214 22.72 -41.45 -7.97
C GLY P 214 22.60 -40.40 -9.05
N GLY P 215 23.73 -40.01 -9.63
CA GLY P 215 23.78 -39.02 -10.69
C GLY P 215 22.97 -39.34 -11.90
N TYR P 216 22.02 -38.46 -12.21
CA TYR P 216 21.05 -38.66 -13.28
C TYR P 216 21.39 -37.71 -14.40
N ASN P 217 21.97 -38.24 -15.48
CA ASN P 217 22.25 -37.45 -16.66
C ASN P 217 21.15 -37.63 -17.69
N MET P 218 20.87 -36.55 -18.42
CA MET P 218 19.68 -36.50 -19.26
C MET P 218 19.81 -37.40 -20.48
N LEU P 219 21.01 -37.58 -20.99
CA LEU P 219 21.17 -38.12 -22.33
C LEU P 219 21.96 -39.42 -22.41
N ASP P 220 22.53 -39.92 -21.32
CA ASP P 220 23.24 -41.20 -21.40
C ASP P 220 22.79 -42.18 -20.33
N GLY P 221 21.79 -41.83 -19.53
CA GLY P 221 21.43 -42.69 -18.43
C GLY P 221 20.00 -43.18 -18.41
N ASP P 222 19.12 -42.53 -19.16
CA ASP P 222 17.71 -42.88 -19.11
C ASP P 222 17.38 -43.87 -20.23
N ALA P 223 16.09 -44.14 -20.43
CA ALA P 223 15.66 -45.21 -21.31
C ALA P 223 15.29 -44.73 -22.70
N PHE P 224 14.75 -43.52 -22.84
CA PHE P 224 14.31 -43.06 -24.15
C PHE P 224 15.45 -42.47 -24.97
N THR P 225 16.13 -41.46 -24.42
CA THR P 225 17.16 -40.79 -25.20
C THR P 225 18.55 -41.34 -24.90
N SER P 226 18.61 -42.65 -24.64
CA SER P 226 19.84 -43.40 -24.81
C SER P 226 19.89 -44.06 -26.17
N GLY P 227 18.72 -44.44 -26.69
CA GLY P 227 18.65 -45.03 -28.02
C GLY P 227 18.72 -44.02 -29.14
N LEU P 228 18.26 -42.90 -28.85
CA LEU P 228 18.29 -41.88 -29.88
C LEU P 228 19.71 -41.40 -30.16
N LEU P 229 20.61 -41.57 -29.20
CA LEU P 229 22.00 -41.20 -29.42
C LEU P 229 22.91 -42.41 -29.62
N THR P 230 22.40 -43.47 -30.23
CA THR P 230 23.25 -44.57 -30.69
C THR P 230 23.57 -44.34 -32.15
N ARG P 231 24.85 -44.21 -32.47
CA ARG P 231 25.28 -44.00 -33.85
C ARG P 231 25.77 -45.30 -34.48
N ASN Q 42 -16.79 -51.52 15.73
CA ASN Q 42 -16.15 -52.58 14.97
C ASN Q 42 -15.17 -53.35 15.84
N VAL Q 43 -14.00 -53.63 15.29
CA VAL Q 43 -12.93 -54.37 15.94
C VAL Q 43 -11.75 -53.42 16.09
N GLU Q 44 -10.97 -53.61 17.16
CA GLU Q 44 -9.69 -52.92 17.30
C GLU Q 44 -8.77 -53.25 16.14
N THR Q 45 -8.06 -52.25 15.64
CA THR Q 45 -7.06 -52.41 14.62
C THR Q 45 -5.76 -51.76 15.10
N ALA Q 46 -4.63 -52.41 14.84
CA ALA Q 46 -3.36 -51.96 15.39
C ALA Q 46 -2.92 -50.62 14.81
N ALA Q 47 -3.21 -50.37 13.53
CA ALA Q 47 -2.87 -49.10 12.93
C ALA Q 47 -3.92 -48.03 13.21
N GLU Q 48 -5.18 -48.42 13.41
CA GLU Q 48 -6.24 -47.44 13.62
C GLU Q 48 -6.15 -46.83 15.00
N LEU Q 49 -5.65 -47.59 15.98
CA LEU Q 49 -5.38 -47.00 17.30
C LEU Q 49 -4.27 -45.97 17.20
N SER Q 50 -3.26 -46.22 16.38
CA SER Q 50 -2.23 -45.22 16.12
C SER Q 50 -2.81 -44.01 15.40
N ALA Q 51 -3.83 -44.22 14.58
CA ALA Q 51 -4.46 -43.11 13.88
C ALA Q 51 -5.23 -42.22 14.85
N VAL Q 52 -6.07 -42.81 15.69
CA VAL Q 52 -6.86 -42.02 16.65
C VAL Q 52 -5.95 -41.41 17.71
N ASN Q 53 -4.81 -42.08 17.98
CA ASN Q 53 -3.80 -41.50 18.85
C ASN Q 53 -3.13 -40.30 18.20
N ASP Q 54 -2.80 -40.37 16.92
CA ASP Q 54 -2.14 -39.25 16.27
C ASP Q 54 -3.09 -38.10 15.98
N ILE Q 55 -4.40 -38.35 15.96
CA ILE Q 55 -5.34 -37.24 15.96
C ILE Q 55 -5.27 -36.50 17.29
N LEU Q 56 -5.29 -37.24 18.40
CA LEU Q 56 -5.14 -36.64 19.72
C LEU Q 56 -3.70 -36.28 20.04
N ALA Q 57 -2.74 -36.60 19.18
CA ALA Q 57 -1.37 -36.16 19.42
C ALA Q 57 -1.19 -34.69 19.10
N SER Q 58 -2.15 -34.09 18.39
CA SER Q 58 -2.11 -32.66 18.17
C SER Q 58 -2.67 -31.89 19.35
N ILE Q 59 -3.57 -32.48 20.13
CA ILE Q 59 -4.19 -31.81 21.27
C ILE Q 59 -4.28 -32.83 22.40
N GLY Q 60 -3.43 -32.70 23.40
CA GLY Q 60 -3.66 -33.45 24.63
C GLY Q 60 -3.00 -34.82 24.68
N GLU Q 61 -3.76 -35.80 25.18
CA GLU Q 61 -3.19 -37.03 25.72
C GLU Q 61 -3.59 -38.28 24.96
N PRO Q 62 -2.80 -39.35 25.01
CA PRO Q 62 -3.15 -40.58 24.28
C PRO Q 62 -4.25 -41.36 24.97
N PRO Q 63 -5.28 -41.77 24.22
CA PRO Q 63 -6.24 -42.74 24.76
C PRO Q 63 -5.77 -44.16 24.54
N VAL Q 64 -6.56 -45.15 24.96
CA VAL Q 64 -6.16 -46.55 24.91
C VAL Q 64 -7.29 -47.39 24.32
N SER Q 65 -7.02 -47.98 23.16
CA SER Q 65 -7.68 -49.17 22.60
C SER Q 65 -9.10 -48.98 22.09
N THR Q 66 -9.76 -47.85 22.40
CA THR Q 66 -10.99 -47.37 21.78
C THR Q 66 -12.17 -48.33 21.67
N LEU Q 67 -12.15 -49.45 22.39
CA LEU Q 67 -13.11 -50.52 22.17
C LEU Q 67 -14.26 -50.44 23.17
N GLU Q 68 -15.08 -49.40 23.01
CA GLU Q 68 -16.32 -49.24 23.76
C GLU Q 68 -17.16 -48.18 23.08
N GLY Q 69 -18.48 -48.43 22.98
CA GLY Q 69 -19.35 -47.48 22.32
C GLY Q 69 -19.62 -46.24 23.17
N ASP Q 70 -20.30 -46.43 24.28
CA ASP Q 70 -20.51 -45.36 25.26
C ASP Q 70 -19.25 -45.33 26.11
N ALA Q 71 -18.35 -44.40 25.81
CA ALA Q 71 -16.98 -44.48 26.28
C ALA Q 71 -16.37 -43.11 26.49
N ASN Q 72 -15.04 -43.07 26.50
CA ASN Q 72 -14.29 -41.86 26.27
C ASN Q 72 -14.82 -41.16 25.04
N ALA Q 73 -15.41 -39.99 25.24
CA ALA Q 73 -16.07 -39.29 24.15
C ALA Q 73 -15.08 -38.75 23.15
N ASP Q 74 -13.88 -38.42 23.61
CA ASP Q 74 -12.88 -37.79 22.75
C ASP Q 74 -12.34 -38.79 21.74
N ALA Q 75 -12.09 -40.03 22.17
CA ALA Q 75 -11.55 -41.04 21.27
C ALA Q 75 -12.56 -41.48 20.24
N ALA Q 76 -13.82 -41.67 20.66
CA ALA Q 76 -14.86 -42.06 19.70
C ALA Q 76 -15.18 -40.93 18.74
N ASN Q 77 -15.04 -39.69 19.20
CA ASN Q 77 -15.32 -38.54 18.36
C ASN Q 77 -14.24 -38.38 17.29
N ALA Q 78 -12.97 -38.55 17.68
CA ALA Q 78 -11.88 -38.56 16.71
C ALA Q 78 -11.96 -39.75 15.78
N ARG Q 79 -12.45 -40.89 16.27
CA ARG Q 79 -12.61 -42.06 15.40
C ARG Q 79 -13.69 -41.83 14.34
N ARG Q 80 -14.75 -41.09 14.69
CA ARG Q 80 -15.75 -40.73 13.71
C ARG Q 80 -15.19 -39.77 12.67
N ILE Q 81 -14.38 -38.80 13.09
CA ILE Q 81 -13.73 -37.90 12.14
C ILE Q 81 -12.78 -38.68 11.23
N LEU Q 82 -12.10 -39.69 11.78
CA LEU Q 82 -11.17 -40.50 11.01
C LEU Q 82 -11.88 -41.30 9.93
N ASN Q 83 -13.02 -41.91 10.28
CA ASN Q 83 -13.75 -42.68 9.26
C ASN Q 83 -14.42 -41.78 8.23
N LYS Q 84 -14.81 -40.55 8.62
CA LYS Q 84 -15.37 -39.64 7.62
C LYS Q 84 -14.31 -39.17 6.64
N ILE Q 85 -13.10 -38.90 7.11
CA ILE Q 85 -12.04 -38.50 6.20
C ILE Q 85 -11.55 -39.68 5.37
N ASN Q 86 -11.71 -40.92 5.88
CA ASN Q 86 -11.46 -42.10 5.06
C ASN Q 86 -12.45 -42.19 3.90
N ARG Q 87 -13.73 -42.03 4.23
CA ARG Q 87 -14.78 -42.13 3.22
C ARG Q 87 -14.69 -40.99 2.21
N GLN Q 88 -14.14 -39.85 2.61
CA GLN Q 88 -13.95 -38.76 1.67
C GLN Q 88 -12.64 -38.91 0.89
N ILE Q 89 -11.61 -39.52 1.46
CA ILE Q 89 -10.32 -39.54 0.80
C ILE Q 89 -10.24 -40.71 -0.16
N GLN Q 90 -11.14 -41.68 -0.03
CA GLN Q 90 -11.32 -42.68 -1.07
C GLN Q 90 -12.44 -42.31 -2.02
N SER Q 91 -13.04 -41.14 -1.84
CA SER Q 91 -14.15 -40.75 -2.70
C SER Q 91 -13.65 -40.11 -3.98
N ARG Q 92 -12.46 -39.55 -3.97
CA ARG Q 92 -12.03 -38.70 -5.06
C ARG Q 92 -11.63 -39.51 -6.29
N GLY Q 93 -11.34 -40.79 -6.12
CA GLY Q 93 -10.98 -41.60 -7.25
C GLY Q 93 -9.48 -41.61 -7.45
N TRP Q 94 -8.85 -42.74 -7.19
CA TRP Q 94 -7.42 -42.88 -7.43
C TRP Q 94 -7.20 -44.16 -8.22
N THR Q 95 -5.99 -44.30 -8.76
CA THR Q 95 -5.70 -45.32 -9.76
C THR Q 95 -5.57 -46.71 -9.17
N PHE Q 96 -5.52 -46.83 -7.85
CA PHE Q 96 -5.54 -48.11 -7.17
C PHE Q 96 -6.88 -48.39 -6.51
N ASN Q 97 -7.76 -47.41 -6.46
CA ASN Q 97 -9.07 -47.57 -5.87
C ASN Q 97 -10.14 -47.87 -6.91
N ILE Q 98 -10.01 -47.33 -8.11
CA ILE Q 98 -11.00 -47.52 -9.16
C ILE Q 98 -10.78 -48.93 -9.72
N GLU Q 99 -11.54 -49.89 -9.21
CA GLU Q 99 -11.49 -51.24 -9.73
C GLU Q 99 -12.24 -51.26 -11.04
N GLU Q 100 -11.51 -51.44 -12.15
CA GLU Q 100 -12.01 -50.96 -13.44
C GLU Q 100 -13.16 -51.75 -14.04
N GLY Q 101 -12.91 -52.98 -14.44
CA GLY Q 101 -13.96 -53.71 -15.12
C GLY Q 101 -14.76 -54.65 -14.25
N ILE Q 102 -15.31 -54.20 -13.15
CA ILE Q 102 -15.81 -55.19 -12.21
C ILE Q 102 -17.27 -55.48 -12.56
N THR Q 103 -17.73 -56.67 -12.19
CA THR Q 103 -19.07 -57.13 -12.53
C THR Q 103 -19.86 -57.39 -11.26
N LEU Q 104 -21.11 -56.98 -11.26
CA LEU Q 104 -22.01 -57.24 -10.15
C LEU Q 104 -23.17 -58.09 -10.62
N LEU Q 105 -23.62 -59.00 -9.75
CA LEU Q 105 -24.67 -59.96 -10.03
C LEU Q 105 -25.83 -59.74 -9.09
N PRO Q 106 -27.06 -59.79 -9.59
CA PRO Q 106 -28.23 -59.58 -8.73
C PRO Q 106 -28.55 -60.83 -7.93
N ASP Q 107 -29.52 -60.69 -7.04
CA ASP Q 107 -30.02 -61.84 -6.29
C ASP Q 107 -30.82 -62.74 -7.21
N VAL Q 108 -30.81 -64.03 -6.91
CA VAL Q 108 -31.52 -64.98 -7.76
C VAL Q 108 -33.03 -64.89 -7.54
N TYR Q 109 -33.47 -64.82 -6.29
CA TYR Q 109 -34.89 -64.75 -6.01
C TYR Q 109 -35.44 -63.35 -6.29
N SER Q 110 -34.80 -62.32 -5.70
CA SER Q 110 -35.35 -60.97 -5.77
C SER Q 110 -35.15 -60.33 -7.13
N ASN Q 111 -34.17 -60.78 -7.90
CA ASN Q 111 -33.83 -60.26 -9.23
C ASN Q 111 -33.54 -58.76 -9.18
N LEU Q 112 -32.68 -58.37 -8.23
CA LEU Q 112 -32.49 -56.96 -7.92
C LEU Q 112 -31.13 -56.76 -7.26
N ILE Q 113 -30.18 -56.18 -8.01
CA ILE Q 113 -28.82 -55.96 -7.53
C ILE Q 113 -28.78 -54.74 -6.62
N VAL Q 114 -28.09 -54.87 -5.49
CA VAL Q 114 -28.26 -54.01 -4.33
C VAL Q 114 -27.12 -53.01 -4.27
N TYR Q 115 -27.45 -51.73 -4.41
CA TYR Q 115 -26.52 -50.64 -4.12
C TYR Q 115 -26.23 -50.64 -2.64
N SER Q 116 -24.98 -50.36 -2.28
CA SER Q 116 -24.61 -50.33 -0.87
C SER Q 116 -23.96 -49.01 -0.54
N ASP Q 117 -23.88 -48.73 0.76
CA ASP Q 117 -23.05 -47.64 1.23
C ASP Q 117 -21.58 -47.99 1.14
N ASP Q 118 -21.25 -49.28 1.07
CA ASP Q 118 -19.90 -49.70 0.73
C ASP Q 118 -19.55 -49.32 -0.69
N TYR Q 119 -20.51 -49.47 -1.62
CA TYR Q 119 -20.30 -49.06 -3.01
C TYR Q 119 -20.31 -47.53 -3.04
N LEU Q 120 -19.11 -46.96 -3.08
CA LEU Q 120 -18.92 -45.55 -2.72
C LEU Q 120 -19.43 -44.62 -3.82
N SER Q 121 -18.87 -44.72 -5.02
CA SER Q 121 -19.34 -43.92 -6.14
C SER Q 121 -19.11 -44.69 -7.43
N LEU Q 122 -20.19 -45.12 -8.08
CA LEU Q 122 -20.09 -46.03 -9.22
C LEU Q 122 -20.46 -45.30 -10.50
N MET Q 123 -19.62 -45.45 -11.52
CA MET Q 123 -19.82 -44.89 -12.85
C MET Q 123 -19.70 -46.03 -13.85
N SER Q 124 -20.04 -45.76 -15.11
CA SER Q 124 -20.01 -46.82 -16.11
C SER Q 124 -18.69 -46.83 -16.86
N THR Q 125 -18.55 -47.81 -17.76
CA THR Q 125 -17.23 -48.14 -18.32
C THR Q 125 -16.76 -47.10 -19.33
N SER Q 126 -17.60 -46.76 -20.30
CA SER Q 126 -17.14 -45.94 -21.42
C SER Q 126 -17.50 -44.47 -21.28
N GLY Q 127 -18.79 -44.18 -21.18
CA GLY Q 127 -19.24 -42.80 -21.14
C GLY Q 127 -20.75 -42.75 -21.08
N GLN Q 128 -21.26 -41.63 -20.55
CA GLN Q 128 -22.68 -41.40 -20.28
C GLN Q 128 -23.24 -42.52 -19.41
N SER Q 129 -22.76 -42.51 -18.17
CA SER Q 129 -23.09 -43.53 -17.19
C SER Q 129 -24.55 -43.53 -16.84
N ILE Q 130 -25.17 -44.70 -16.89
CA ILE Q 130 -26.62 -44.83 -16.83
C ILE Q 130 -27.10 -45.49 -15.54
N TYR Q 131 -26.29 -45.51 -14.50
CA TYR Q 131 -26.59 -46.25 -13.29
C TYR Q 131 -26.69 -45.27 -12.12
N VAL Q 132 -27.77 -45.38 -11.34
CA VAL Q 132 -27.99 -44.46 -10.23
C VAL Q 132 -28.64 -45.23 -9.09
N ASN Q 133 -28.39 -44.77 -7.86
CA ASN Q 133 -29.00 -45.39 -6.69
C ASN Q 133 -30.41 -44.87 -6.46
N ARG Q 134 -31.31 -45.79 -6.09
CA ARG Q 134 -32.75 -45.50 -5.94
C ARG Q 134 -33.32 -46.56 -5.00
N GLY Q 135 -33.53 -46.18 -3.74
CA GLY Q 135 -34.07 -47.10 -2.76
C GLY Q 135 -33.01 -47.88 -2.03
N GLY Q 136 -31.82 -47.93 -2.59
CA GLY Q 136 -30.77 -48.80 -2.09
C GLY Q 136 -30.44 -49.79 -3.18
N TYR Q 137 -30.99 -49.51 -4.36
CA TYR Q 137 -30.94 -50.42 -5.49
C TYR Q 137 -30.46 -49.65 -6.71
N VAL Q 138 -29.59 -50.26 -7.52
CA VAL Q 138 -29.10 -49.58 -8.70
C VAL Q 138 -30.18 -49.61 -9.77
N TYR Q 139 -30.23 -48.59 -10.61
CA TYR Q 139 -31.38 -48.28 -11.44
C TYR Q 139 -30.92 -47.59 -12.71
N ASP Q 140 -31.54 -47.95 -13.83
CA ASP Q 140 -31.23 -47.37 -15.13
C ASP Q 140 -32.07 -46.13 -15.34
N ARG Q 141 -31.43 -45.03 -15.74
CA ARG Q 141 -32.18 -43.83 -16.05
C ARG Q 141 -32.45 -43.68 -17.55
N THR Q 142 -31.98 -44.63 -18.36
CA THR Q 142 -32.35 -44.70 -19.77
C THR Q 142 -33.26 -45.86 -20.09
N SER Q 143 -33.03 -47.02 -19.50
CA SER Q 143 -33.94 -48.15 -19.72
C SER Q 143 -35.23 -47.97 -18.93
N GLN Q 144 -35.23 -47.07 -17.94
CA GLN Q 144 -36.36 -46.70 -17.09
C GLN Q 144 -36.82 -47.93 -16.32
N SER Q 145 -35.87 -48.78 -15.94
CA SER Q 145 -36.20 -50.06 -15.33
C SER Q 145 -35.22 -50.36 -14.22
N ASP Q 146 -35.64 -51.28 -13.35
CA ASP Q 146 -34.89 -51.64 -12.16
C ASP Q 146 -34.43 -53.09 -12.18
N ARG Q 147 -35.26 -54.01 -12.65
CA ARG Q 147 -34.96 -55.43 -12.63
C ARG Q 147 -33.91 -55.74 -13.69
N PHE Q 148 -32.88 -56.49 -13.30
CA PHE Q 148 -31.82 -56.88 -14.22
C PHE Q 148 -31.82 -58.39 -14.40
N ASP Q 149 -31.87 -58.84 -15.65
CA ASP Q 149 -31.77 -60.26 -15.92
C ASP Q 149 -30.35 -60.76 -15.72
N SER Q 150 -29.41 -60.21 -16.48
CA SER Q 150 -28.02 -60.60 -16.38
C SER Q 150 -27.26 -59.65 -15.48
N GLY Q 151 -25.95 -59.77 -15.45
CA GLY Q 151 -25.10 -58.98 -14.58
C GLY Q 151 -24.94 -57.56 -15.07
N ILE Q 152 -23.92 -56.89 -14.54
CA ILE Q 152 -23.67 -55.49 -14.88
C ILE Q 152 -22.18 -55.22 -14.76
N THR Q 153 -21.66 -54.40 -15.66
CA THR Q 153 -20.23 -54.07 -15.71
C THR Q 153 -20.05 -52.61 -15.33
N VAL Q 154 -19.34 -52.36 -14.23
CA VAL Q 154 -19.27 -51.06 -13.59
C VAL Q 154 -17.81 -50.78 -13.23
N ASN Q 155 -17.40 -49.50 -13.35
CA ASN Q 155 -16.25 -48.95 -12.63
C ASN Q 155 -16.78 -48.56 -11.26
N ILE Q 156 -16.34 -49.24 -10.21
CA ILE Q 156 -16.87 -48.99 -8.89
C ILE Q 156 -15.72 -48.67 -7.97
N ILE Q 157 -16.02 -47.95 -6.89
CA ILE Q 157 -15.08 -47.71 -5.80
C ILE Q 157 -15.65 -48.41 -4.58
N ARG Q 158 -14.83 -49.20 -3.91
CA ARG Q 158 -15.25 -49.90 -2.72
C ARG Q 158 -14.57 -49.27 -1.50
N LEU Q 159 -15.34 -49.09 -0.43
CA LEU Q 159 -14.80 -48.48 0.78
C LEU Q 159 -13.84 -49.43 1.44
N ARG Q 160 -12.61 -48.98 1.61
CA ARG Q 160 -11.59 -49.75 2.30
C ARG Q 160 -11.33 -49.12 3.65
N ASP Q 161 -10.56 -49.82 4.47
CA ASP Q 161 -10.36 -49.39 5.85
C ASP Q 161 -9.27 -48.32 5.91
N TYR Q 162 -8.84 -47.99 7.13
CA TYR Q 162 -7.65 -47.17 7.29
C TYR Q 162 -6.41 -47.94 6.95
N ASP Q 163 -6.41 -49.25 7.24
CA ASP Q 163 -5.46 -50.14 6.62
C ASP Q 163 -5.89 -50.38 5.16
N GLU Q 164 -5.13 -51.21 4.44
CA GLU Q 164 -5.30 -51.48 2.99
C GLU Q 164 -5.11 -50.23 2.14
N MET Q 165 -4.46 -49.20 2.67
CA MET Q 165 -4.14 -47.97 1.95
C MET Q 165 -2.64 -47.76 2.02
N PRO Q 166 -2.07 -47.07 1.05
CA PRO Q 166 -0.64 -46.74 1.14
C PRO Q 166 -0.37 -45.73 2.24
N GLU Q 167 0.91 -45.68 2.64
CA GLU Q 167 1.33 -44.85 3.76
C GLU Q 167 1.19 -43.36 3.45
N CYS Q 168 1.32 -43.01 2.17
CA CYS Q 168 1.01 -41.67 1.70
C CYS Q 168 -0.41 -41.26 2.08
N PHE Q 169 -1.38 -42.09 1.71
CA PHE Q 169 -2.76 -41.76 2.00
C PHE Q 169 -3.07 -41.87 3.49
N ARG Q 170 -2.35 -42.73 4.23
CA ARG Q 170 -2.53 -42.78 5.68
C ARG Q 170 -2.10 -41.47 6.32
N TYR Q 171 -0.95 -40.94 5.91
CA TYR Q 171 -0.52 -39.66 6.44
C TYR Q 171 -1.46 -38.54 6.01
N TRP Q 172 -2.06 -38.64 4.83
CA TRP Q 172 -2.95 -37.57 4.42
C TRP Q 172 -4.31 -37.61 5.10
N ILE Q 173 -4.85 -38.82 5.37
CA ILE Q 173 -6.09 -38.88 6.17
C ILE Q 173 -5.83 -38.44 7.60
N VAL Q 174 -4.67 -38.79 8.17
CA VAL Q 174 -4.36 -38.37 9.55
C VAL Q 174 -4.23 -36.86 9.63
N THR Q 175 -3.59 -36.23 8.63
CA THR Q 175 -3.46 -34.78 8.71
C THR Q 175 -4.76 -34.04 8.40
N LYS Q 176 -5.57 -34.51 7.46
CA LYS Q 176 -6.81 -33.78 7.20
C LYS Q 176 -7.82 -33.99 8.32
N ALA Q 177 -7.85 -35.19 8.91
CA ALA Q 177 -8.70 -35.42 10.06
C ALA Q 177 -8.19 -34.66 11.28
N SER Q 178 -6.88 -34.44 11.37
CA SER Q 178 -6.35 -33.63 12.46
C SER Q 178 -6.74 -32.17 12.27
N ARG Q 179 -6.78 -31.70 11.03
CA ARG Q 179 -7.24 -30.34 10.77
C ARG Q 179 -8.72 -30.17 11.11
N GLN Q 180 -9.53 -31.17 10.75
CA GLN Q 180 -10.96 -31.12 11.11
C GLN Q 180 -11.16 -31.19 12.63
N PHE Q 181 -10.43 -32.07 13.30
CA PHE Q 181 -10.53 -32.20 14.75
C PHE Q 181 -10.02 -30.96 15.47
N ASN Q 182 -9.07 -30.26 14.86
CA ASN Q 182 -8.62 -28.98 15.35
C ASN Q 182 -9.71 -27.93 15.22
N ASN Q 183 -10.31 -27.83 14.03
CA ASN Q 183 -11.27 -26.78 13.75
C ASN Q 183 -12.60 -26.98 14.43
N ARG Q 184 -12.89 -28.17 14.92
CA ARG Q 184 -14.19 -28.38 15.51
C ARG Q 184 -14.19 -28.45 17.02
N PHE Q 185 -13.06 -28.76 17.66
CA PHE Q 185 -13.05 -28.86 19.11
C PHE Q 185 -12.04 -27.96 19.80
N PHE Q 186 -10.76 -28.02 19.43
CA PHE Q 186 -9.72 -27.21 20.08
C PHE Q 186 -9.36 -26.07 19.13
N GLY Q 187 -10.09 -24.97 19.23
CA GLY Q 187 -9.94 -23.90 18.26
C GLY Q 187 -8.74 -23.00 18.46
N ALA Q 188 -7.56 -23.54 18.31
CA ALA Q 188 -6.45 -22.59 18.39
C ALA Q 188 -5.98 -22.21 16.98
N PRO Q 189 -5.65 -20.94 16.75
CA PRO Q 189 -5.42 -20.47 15.37
C PRO Q 189 -4.12 -20.93 14.74
N GLU Q 190 -3.03 -20.94 15.49
CA GLU Q 190 -1.71 -21.21 14.92
C GLU Q 190 -1.54 -22.67 14.54
N VAL Q 191 -2.11 -23.57 15.33
CA VAL Q 191 -2.06 -24.98 14.98
C VAL Q 191 -2.96 -25.27 13.77
N GLU Q 192 -4.02 -24.48 13.60
CA GLU Q 192 -4.80 -24.55 12.36
C GLU Q 192 -4.01 -24.09 11.15
N GLY Q 193 -3.24 -23.01 11.29
CA GLY Q 193 -2.40 -22.56 10.18
C GLY Q 193 -1.35 -23.59 9.78
N VAL Q 194 -0.71 -24.20 10.77
CA VAL Q 194 0.33 -25.16 10.42
C VAL Q 194 -0.26 -26.47 9.91
N LEU Q 195 -1.44 -26.88 10.38
CA LEU Q 195 -2.04 -28.07 9.81
C LEU Q 195 -2.62 -27.83 8.43
N GLN Q 196 -3.00 -26.59 8.10
CA GLN Q 196 -3.41 -26.28 6.73
C GLN Q 196 -2.24 -26.38 5.77
N GLU Q 197 -1.11 -25.74 6.13
CA GLU Q 197 0.10 -25.83 5.31
C GLU Q 197 0.57 -27.28 5.16
N GLU Q 198 0.45 -28.05 6.22
CA GLU Q 198 0.97 -29.40 6.19
C GLU Q 198 0.01 -30.38 5.53
N GLU Q 199 -1.29 -30.07 5.50
CA GLU Q 199 -2.22 -30.80 4.63
C GLU Q 199 -1.88 -30.56 3.17
N ASP Q 200 -1.55 -29.32 2.81
CA ASP Q 200 -1.13 -29.03 1.44
C ASP Q 200 0.11 -29.82 1.05
N GLU Q 201 1.08 -29.92 1.96
CA GLU Q 201 2.26 -30.75 1.68
C GLU Q 201 1.92 -32.24 1.54
N ALA Q 202 0.98 -32.73 2.35
CA ALA Q 202 0.61 -34.14 2.27
C ALA Q 202 -0.13 -34.47 0.99
N ARG Q 203 -1.00 -33.56 0.55
CA ARG Q 203 -1.69 -33.76 -0.72
C ARG Q 203 -0.73 -33.67 -1.89
N ARG Q 204 0.29 -32.81 -1.79
CA ARG Q 204 1.36 -32.77 -2.79
C ARG Q 204 2.06 -34.11 -2.92
N LEU Q 205 2.45 -34.70 -1.78
CA LEU Q 205 3.07 -36.02 -1.80
C LEU Q 205 2.13 -37.09 -2.32
N CYS Q 206 0.82 -36.93 -2.10
CA CYS Q 206 0.01 -38.08 -2.46
C CYS Q 206 -0.42 -37.99 -3.92
N MET Q 207 -0.49 -36.78 -4.47
CA MET Q 207 -0.56 -36.65 -5.92
C MET Q 207 0.71 -37.15 -6.60
N GLU Q 208 1.87 -36.98 -5.95
CA GLU Q 208 3.09 -37.58 -6.48
C GLU Q 208 3.00 -39.10 -6.48
N TYR Q 209 2.41 -39.67 -5.43
CA TYR Q 209 2.20 -41.12 -5.39
C TYR Q 209 1.27 -41.58 -6.49
N GLU Q 210 0.21 -40.82 -6.76
CA GLU Q 210 -0.71 -41.24 -7.82
C GLU Q 210 -0.09 -41.11 -9.21
N MET Q 211 0.63 -40.03 -9.49
CA MET Q 211 1.27 -39.93 -10.79
C MET Q 211 2.52 -40.79 -10.91
N ASP Q 212 2.95 -41.43 -9.83
CA ASP Q 212 3.98 -42.46 -9.92
C ASP Q 212 3.42 -43.87 -9.90
N TYR Q 213 2.26 -44.09 -9.27
CA TYR Q 213 1.57 -45.36 -9.33
C TYR Q 213 0.82 -45.40 -10.66
N GLY Q 214 1.26 -46.23 -11.59
CA GLY Q 214 0.55 -46.24 -12.85
C GLY Q 214 0.93 -45.11 -13.79
N GLY Q 215 2.16 -45.16 -14.29
CA GLY Q 215 2.67 -44.20 -15.25
C GLY Q 215 1.82 -44.04 -16.48
N TYR Q 216 1.19 -42.88 -16.58
CA TYR Q 216 0.28 -42.54 -17.66
C TYR Q 216 1.04 -41.77 -18.72
N ASN Q 217 1.35 -42.43 -19.84
CA ASN Q 217 2.02 -41.78 -20.96
C ASN Q 217 0.99 -41.38 -22.00
N MET Q 218 1.17 -40.20 -22.58
CA MET Q 218 0.17 -39.63 -23.49
C MET Q 218 0.12 -40.40 -24.80
N LEU Q 219 1.26 -40.57 -25.45
CA LEU Q 219 1.29 -40.96 -26.85
C LEU Q 219 1.37 -42.46 -27.07
N ASP Q 220 1.55 -43.26 -26.03
CA ASP Q 220 1.55 -44.71 -26.22
C ASP Q 220 0.60 -45.42 -25.26
N GLY Q 221 -0.27 -44.71 -24.56
CA GLY Q 221 -1.09 -45.38 -23.58
C GLY Q 221 -2.57 -45.08 -23.53
N ASP Q 222 -3.04 -44.03 -24.20
CA ASP Q 222 -4.45 -43.69 -24.12
C ASP Q 222 -5.23 -44.33 -25.26
N ALA Q 223 -6.45 -43.88 -25.48
CA ALA Q 223 -7.30 -44.44 -26.52
C ALA Q 223 -7.32 -43.62 -27.80
N PHE Q 224 -6.97 -42.34 -27.75
CA PHE Q 224 -7.03 -41.54 -28.97
C PHE Q 224 -5.69 -41.55 -29.72
N THR Q 225 -4.62 -41.07 -29.08
CA THR Q 225 -3.34 -40.99 -29.78
C THR Q 225 -2.49 -42.24 -29.57
N SER Q 226 -3.14 -43.38 -29.38
CA SER Q 226 -2.52 -44.68 -29.64
C SER Q 226 -2.64 -45.07 -31.10
N GLY Q 227 -3.86 -44.98 -31.65
CA GLY Q 227 -4.09 -45.37 -33.03
C GLY Q 227 -3.53 -44.41 -34.04
N LEU Q 228 -3.28 -43.02 -33.69
CA LEU Q 228 -2.68 -42.02 -34.58
C LEU Q 228 -1.20 -42.29 -34.81
N LEU Q 229 -0.56 -42.98 -33.88
CA LEU Q 229 0.85 -43.33 -34.04
C LEU Q 229 1.07 -44.79 -34.40
N THR Q 230 0.14 -45.39 -35.13
CA THR Q 230 0.37 -46.70 -35.73
C THR Q 230 0.86 -46.50 -37.15
N ARG Q 231 2.06 -46.99 -37.46
CA ARG Q 231 2.62 -46.86 -38.79
C ARG Q 231 2.45 -48.15 -39.57
N MET R 41 -42.88 -34.80 8.61
CA MET R 41 -42.46 -35.84 9.53
C MET R 41 -41.87 -37.02 8.75
N ASN R 42 -40.73 -37.52 9.21
CA ASN R 42 -40.02 -38.60 8.54
C ASN R 42 -39.54 -39.62 9.57
N VAL R 43 -39.09 -40.76 9.07
CA VAL R 43 -38.52 -41.81 9.90
C VAL R 43 -37.02 -41.80 9.65
N GLU R 44 -36.25 -42.21 10.67
CA GLU R 44 -34.80 -42.12 10.61
C GLU R 44 -34.20 -43.07 9.57
N THR R 45 -33.00 -42.71 9.12
CA THR R 45 -32.21 -43.52 8.21
C THR R 45 -30.83 -43.65 8.84
N ALA R 46 -30.20 -44.83 8.65
CA ALA R 46 -28.95 -45.12 9.34
C ALA R 46 -27.80 -44.22 8.88
N ALA R 47 -27.87 -43.71 7.66
CA ALA R 47 -26.87 -42.76 7.18
C ALA R 47 -27.22 -41.32 7.51
N GLU R 48 -28.51 -41.01 7.60
CA GLU R 48 -28.95 -39.65 7.92
C GLU R 48 -28.58 -39.28 9.35
N LEU R 49 -28.58 -40.26 10.25
CA LEU R 49 -28.16 -40.02 11.62
C LEU R 49 -26.68 -39.68 11.69
N SER R 50 -25.87 -40.33 10.86
CA SER R 50 -24.46 -39.97 10.79
C SER R 50 -24.26 -38.60 10.16
N ALA R 51 -25.14 -38.21 9.24
CA ALA R 51 -25.06 -36.90 8.64
C ALA R 51 -25.36 -35.80 9.66
N VAL R 52 -26.48 -35.93 10.36
CA VAL R 52 -26.85 -34.96 11.40
C VAL R 52 -25.84 -34.98 12.53
N ASN R 53 -25.24 -36.14 12.79
CA ASN R 53 -24.21 -36.24 13.80
C ASN R 53 -22.91 -35.57 13.34
N ASP R 54 -22.70 -35.49 12.03
CA ASP R 54 -21.57 -34.72 11.52
C ASP R 54 -21.88 -33.24 11.40
N ILE R 55 -23.16 -32.85 11.44
CA ILE R 55 -23.47 -31.43 11.52
C ILE R 55 -23.19 -30.90 12.91
N LEU R 56 -23.65 -31.64 13.93
CA LEU R 56 -23.40 -31.26 15.31
C LEU R 56 -21.94 -31.40 15.70
N ALA R 57 -21.16 -32.17 14.95
CA ALA R 57 -19.74 -32.33 15.22
C ALA R 57 -18.94 -31.08 14.89
N SER R 58 -19.53 -30.12 14.18
CA SER R 58 -18.87 -28.85 13.96
C SER R 58 -18.77 -28.05 15.26
N ILE R 59 -19.90 -27.84 15.92
CA ILE R 59 -19.95 -27.26 17.26
C ILE R 59 -20.93 -28.07 18.08
N GLY R 60 -20.45 -28.78 19.08
CA GLY R 60 -21.36 -29.53 19.92
C GLY R 60 -20.94 -30.96 20.20
N GLU R 61 -21.86 -31.75 20.75
CA GLU R 61 -21.62 -33.10 21.22
C GLU R 61 -22.45 -34.07 20.40
N PRO R 62 -22.05 -35.34 20.30
CA PRO R 62 -22.75 -36.27 19.40
C PRO R 62 -24.04 -36.79 20.00
N PRO R 63 -25.17 -36.65 19.30
CA PRO R 63 -26.40 -37.28 19.77
C PRO R 63 -26.56 -38.67 19.19
N VAL R 64 -27.53 -39.44 19.68
CA VAL R 64 -27.82 -40.79 19.20
C VAL R 64 -29.32 -40.94 19.08
N SER R 65 -29.79 -41.34 17.90
CA SER R 65 -31.16 -41.75 17.63
C SER R 65 -32.17 -40.65 17.94
N THR R 66 -32.18 -39.59 17.11
CA THR R 66 -32.88 -38.33 17.33
C THR R 66 -34.33 -38.45 17.80
N LEU R 67 -35.21 -38.99 16.95
CA LEU R 67 -36.52 -39.55 17.34
C LEU R 67 -37.53 -38.59 17.96
N GLU R 68 -37.14 -37.36 18.24
CA GLU R 68 -38.00 -36.40 18.92
C GLU R 68 -37.64 -35.00 18.48
N GLY R 69 -38.60 -34.08 18.63
CA GLY R 69 -38.29 -32.67 18.54
C GLY R 69 -37.82 -32.06 19.85
N ASP R 70 -37.72 -32.88 20.90
CA ASP R 70 -37.32 -32.41 22.23
C ASP R 70 -36.20 -33.27 22.80
N ALA R 71 -35.57 -34.09 21.96
CA ALA R 71 -34.41 -34.86 22.42
C ALA R 71 -33.22 -33.94 22.65
N ASN R 72 -32.75 -33.28 21.59
CA ASN R 72 -31.87 -32.15 21.71
C ASN R 72 -32.50 -30.98 20.96
N ALA R 73 -32.30 -29.78 21.48
CA ALA R 73 -32.76 -28.60 20.78
C ALA R 73 -31.94 -28.32 19.53
N ASP R 74 -30.73 -28.85 19.46
CA ASP R 74 -29.85 -28.62 18.32
C ASP R 74 -29.91 -29.74 17.30
N ALA R 75 -30.30 -30.95 17.68
CA ALA R 75 -30.30 -32.08 16.76
C ALA R 75 -31.41 -31.95 15.71
N ALA R 76 -32.63 -31.68 16.15
CA ALA R 76 -33.73 -31.53 15.21
C ALA R 76 -33.60 -30.24 14.41
N ASN R 77 -32.96 -29.24 15.00
CA ASN R 77 -32.74 -27.98 14.30
C ASN R 77 -31.75 -28.16 13.17
N ALA R 78 -30.65 -28.86 13.44
CA ALA R 78 -29.71 -29.19 12.38
C ALA R 78 -30.29 -30.18 11.37
N ARG R 79 -31.23 -31.03 11.80
CA ARG R 79 -31.89 -31.92 10.85
C ARG R 79 -32.78 -31.13 9.88
N ARG R 80 -33.43 -30.08 10.37
CA ARG R 80 -34.19 -29.20 9.49
C ARG R 80 -33.28 -28.46 8.52
N ILE R 81 -32.14 -27.95 9.01
CA ILE R 81 -31.19 -27.28 8.11
C ILE R 81 -30.63 -28.26 7.08
N LEU R 82 -30.45 -29.52 7.48
CA LEU R 82 -29.93 -30.52 6.57
C LEU R 82 -30.95 -30.88 5.50
N ASN R 83 -32.23 -30.96 5.85
CA ASN R 83 -33.24 -31.22 4.83
C ASN R 83 -33.42 -30.02 3.90
N LYS R 84 -33.19 -28.81 4.40
CA LYS R 84 -33.24 -27.65 3.51
C LYS R 84 -32.10 -27.68 2.50
N ILE R 85 -30.88 -28.02 2.94
CA ILE R 85 -29.77 -28.12 2.01
C ILE R 85 -29.92 -29.36 1.11
N ASN R 86 -30.60 -30.39 1.59
CA ASN R 86 -30.91 -31.56 0.76
C ASN R 86 -31.84 -31.19 -0.37
N ARG R 87 -32.81 -30.31 -0.11
CA ARG R 87 -33.66 -29.81 -1.17
C ARG R 87 -32.88 -28.87 -2.09
N GLN R 88 -31.96 -28.09 -1.54
CA GLN R 88 -31.33 -27.06 -2.35
C GLN R 88 -30.26 -27.60 -3.29
N ILE R 89 -29.46 -28.57 -2.86
CA ILE R 89 -28.30 -28.95 -3.66
C ILE R 89 -28.71 -29.74 -4.89
N GLN R 90 -29.90 -30.31 -4.90
CA GLN R 90 -30.44 -31.00 -6.05
C GLN R 90 -31.21 -30.07 -6.96
N SER R 91 -31.34 -28.80 -6.58
CA SER R 91 -31.98 -27.84 -7.46
C SER R 91 -31.07 -27.39 -8.57
N ARG R 92 -29.75 -27.56 -8.40
CA ARG R 92 -28.82 -26.98 -9.35
C ARG R 92 -28.81 -27.73 -10.67
N GLY R 93 -29.27 -28.98 -10.66
CA GLY R 93 -29.35 -29.74 -11.87
C GLY R 93 -28.07 -30.49 -12.11
N TRP R 94 -28.12 -31.81 -12.03
CA TRP R 94 -26.94 -32.63 -12.24
C TRP R 94 -27.28 -33.71 -13.25
N THR R 95 -26.25 -34.36 -13.77
CA THR R 95 -26.41 -35.27 -14.88
C THR R 95 -27.01 -36.60 -14.47
N PHE R 96 -27.07 -36.90 -13.18
CA PHE R 96 -27.70 -38.10 -12.67
C PHE R 96 -29.09 -37.83 -12.11
N ASN R 97 -29.47 -36.56 -12.01
CA ASN R 97 -30.72 -36.17 -11.39
C ASN R 97 -31.75 -35.69 -12.39
N ILE R 98 -31.32 -35.12 -13.51
CA ILE R 98 -32.25 -34.66 -14.53
C ILE R 98 -32.70 -35.89 -15.30
N GLU R 99 -33.84 -36.45 -14.91
CA GLU R 99 -34.39 -37.64 -15.54
C GLU R 99 -35.04 -37.20 -16.84
N GLU R 100 -34.40 -37.51 -17.97
CA GLU R 100 -34.62 -36.81 -19.22
C GLU R 100 -36.00 -36.95 -19.83
N GLY R 101 -36.35 -38.14 -20.30
CA GLY R 101 -37.61 -38.26 -21.01
C GLY R 101 -38.77 -38.76 -20.19
N ILE R 102 -39.07 -38.15 -19.04
CA ILE R 102 -40.04 -38.77 -18.16
C ILE R 102 -41.43 -38.36 -18.64
N THR R 103 -42.42 -39.20 -18.35
CA THR R 103 -43.77 -38.99 -18.85
C THR R 103 -44.74 -38.96 -17.68
N LEU R 104 -45.36 -37.81 -17.46
CA LEU R 104 -46.39 -37.67 -16.45
C LEU R 104 -47.74 -37.98 -17.08
N LEU R 105 -48.59 -38.66 -16.33
CA LEU R 105 -49.93 -39.02 -16.70
C LEU R 105 -50.93 -38.36 -15.77
N PRO R 106 -51.94 -37.69 -16.30
CA PRO R 106 -52.93 -37.02 -15.44
C PRO R 106 -53.88 -38.02 -14.82
N ASP R 107 -54.68 -37.53 -13.87
CA ASP R 107 -55.74 -38.33 -13.31
C ASP R 107 -56.82 -38.59 -14.36
N VAL R 108 -57.44 -39.76 -14.28
CA VAL R 108 -58.36 -40.19 -15.32
C VAL R 108 -59.67 -39.42 -15.24
N TYR R 109 -60.25 -39.33 -14.06
CA TYR R 109 -61.52 -38.63 -13.91
C TYR R 109 -61.31 -37.13 -13.80
N SER R 110 -60.24 -36.70 -13.13
CA SER R 110 -60.01 -35.28 -12.90
C SER R 110 -59.52 -34.55 -14.15
N ASN R 111 -58.92 -35.29 -15.09
CA ASN R 111 -58.34 -34.76 -16.32
C ASN R 111 -57.31 -33.66 -16.02
N LEU R 112 -56.45 -33.95 -15.04
CA LEU R 112 -55.59 -32.92 -14.48
C LEU R 112 -54.38 -33.58 -13.84
N ILE R 113 -53.20 -32.99 -14.07
CA ILE R 113 -51.93 -33.55 -13.63
C ILE R 113 -51.31 -32.63 -12.58
N VAL R 114 -50.76 -33.23 -11.54
CA VAL R 114 -50.53 -32.56 -10.27
C VAL R 114 -49.04 -32.21 -10.13
N TYR R 115 -48.75 -30.91 -10.07
CA TYR R 115 -47.44 -30.44 -9.66
C TYR R 115 -47.28 -30.70 -8.18
N SER R 116 -46.07 -31.04 -7.75
CA SER R 116 -45.84 -31.33 -6.34
C SER R 116 -44.65 -30.54 -5.83
N ASP R 117 -44.60 -30.40 -4.50
CA ASP R 117 -43.40 -29.94 -3.83
C ASP R 117 -42.29 -30.98 -3.89
N ASP R 118 -42.66 -32.23 -4.14
CA ASP R 118 -41.68 -33.27 -4.43
C ASP R 118 -41.00 -33.01 -5.77
N TYR R 119 -41.75 -32.52 -6.76
CA TYR R 119 -41.15 -32.09 -8.02
C TYR R 119 -40.35 -30.84 -7.76
N LEU R 120 -39.10 -30.83 -8.21
CA LEU R 120 -38.15 -29.82 -7.75
C LEU R 120 -37.99 -28.72 -8.81
N SER R 121 -37.82 -29.10 -10.06
CA SER R 121 -37.94 -28.19 -11.20
C SER R 121 -38.26 -29.02 -12.42
N LEU R 122 -39.26 -28.60 -13.19
CA LEU R 122 -39.67 -29.34 -14.39
C LEU R 122 -39.60 -28.41 -15.58
N MET R 123 -38.98 -28.89 -16.65
CA MET R 123 -38.81 -28.15 -17.89
C MET R 123 -39.22 -29.03 -19.07
N SER R 124 -39.41 -28.41 -20.22
CA SER R 124 -39.75 -29.18 -21.41
C SER R 124 -38.49 -29.79 -22.01
N THR R 125 -38.71 -30.64 -23.02
CA THR R 125 -37.63 -31.50 -23.48
C THR R 125 -36.66 -30.78 -24.41
N SER R 126 -37.16 -29.94 -25.32
CA SER R 126 -36.28 -29.36 -26.31
C SER R 126 -35.93 -27.90 -26.03
N GLY R 127 -36.92 -27.02 -26.00
CA GLY R 127 -36.64 -25.60 -25.92
C GLY R 127 -37.89 -24.77 -25.87
N GLN R 128 -37.80 -23.58 -25.24
CA GLN R 128 -38.92 -22.71 -24.91
C GLN R 128 -39.98 -23.49 -24.13
N SER R 129 -39.56 -23.86 -22.92
CA SER R 129 -40.36 -24.69 -22.04
C SER R 129 -41.65 -24.01 -21.61
N ILE R 130 -42.77 -24.67 -21.90
CA ILE R 130 -44.08 -24.06 -21.81
C ILE R 130 -44.85 -24.50 -20.57
N TYR R 131 -44.16 -24.98 -19.53
CA TYR R 131 -44.82 -25.59 -18.39
C TYR R 131 -44.48 -24.81 -17.13
N VAL R 132 -45.50 -24.42 -16.37
CA VAL R 132 -45.29 -23.76 -15.09
C VAL R 132 -46.47 -24.11 -14.19
N ASN R 133 -46.24 -24.06 -12.88
CA ASN R 133 -47.30 -24.40 -11.96
C ASN R 133 -48.18 -23.20 -11.64
N ARG R 134 -49.48 -23.43 -11.59
CA ARG R 134 -50.43 -22.44 -11.06
C ARG R 134 -51.41 -23.23 -10.19
N GLY R 135 -51.61 -22.76 -8.96
CA GLY R 135 -52.52 -23.40 -8.05
C GLY R 135 -51.99 -24.63 -7.34
N GLY R 136 -51.16 -25.40 -8.03
CA GLY R 136 -50.71 -26.69 -7.55
C GLY R 136 -50.66 -27.67 -8.68
N TYR R 137 -51.03 -27.22 -9.87
CA TYR R 137 -51.08 -28.07 -11.05
C TYR R 137 -50.26 -27.43 -12.17
N VAL R 138 -49.74 -28.26 -13.07
CA VAL R 138 -48.91 -27.72 -14.15
C VAL R 138 -49.83 -27.12 -15.21
N TYR R 139 -49.28 -26.23 -16.03
CA TYR R 139 -50.07 -25.29 -16.80
C TYR R 139 -49.28 -24.77 -17.97
N ASP R 140 -49.95 -24.63 -19.12
CA ASP R 140 -49.34 -24.14 -20.34
C ASP R 140 -49.51 -22.63 -20.40
N ARG R 141 -48.41 -21.91 -20.52
CA ARG R 141 -48.51 -20.47 -20.70
C ARG R 141 -48.60 -20.08 -22.17
N THR R 142 -48.56 -21.03 -23.09
CA THR R 142 -48.78 -20.77 -24.50
C THR R 142 -50.09 -21.34 -25.02
N SER R 143 -50.40 -22.59 -24.69
CA SER R 143 -51.69 -23.14 -25.03
C SER R 143 -52.81 -22.54 -24.19
N GLN R 144 -52.47 -21.96 -23.03
CA GLN R 144 -53.38 -21.23 -22.14
C GLN R 144 -54.50 -22.15 -21.65
N SER R 145 -54.11 -23.27 -21.04
CA SER R 145 -55.07 -24.29 -20.64
C SER R 145 -54.48 -25.14 -19.54
N ASP R 146 -55.36 -25.86 -18.85
CA ASP R 146 -55.00 -26.65 -17.69
C ASP R 146 -55.71 -27.99 -17.74
N ARG R 147 -55.99 -28.48 -18.95
CA ARG R 147 -56.70 -29.74 -19.14
C ARG R 147 -55.90 -30.54 -20.17
N PHE R 148 -55.29 -31.64 -19.73
CA PHE R 148 -54.45 -32.43 -20.61
C PHE R 148 -55.15 -33.74 -20.97
N ASP R 149 -55.22 -34.02 -22.26
CA ASP R 149 -55.86 -35.24 -22.72
C ASP R 149 -54.94 -36.44 -22.55
N SER R 150 -53.76 -36.38 -23.15
CA SER R 150 -52.77 -37.44 -23.06
C SER R 150 -51.68 -37.03 -22.08
N GLY R 151 -50.61 -37.81 -22.04
CA GLY R 151 -49.52 -37.56 -21.13
C GLY R 151 -48.70 -36.34 -21.50
N ILE R 152 -47.56 -36.20 -20.83
CA ILE R 152 -46.71 -35.03 -21.01
C ILE R 152 -45.27 -35.40 -20.73
N THR R 153 -44.38 -35.06 -21.67
CA THR R 153 -42.99 -35.48 -21.64
C THR R 153 -42.13 -34.32 -21.12
N VAL R 154 -41.40 -34.57 -20.04
CA VAL R 154 -40.81 -33.53 -19.20
C VAL R 154 -39.40 -33.96 -18.81
N ASN R 155 -38.45 -33.00 -18.86
CA ASN R 155 -37.20 -33.05 -18.09
C ASN R 155 -37.53 -32.64 -16.66
N ILE R 156 -37.76 -33.60 -15.79
CA ILE R 156 -38.13 -33.27 -14.42
C ILE R 156 -36.94 -33.59 -13.53
N ILE R 157 -36.86 -32.89 -12.41
CA ILE R 157 -35.94 -33.25 -11.34
C ILE R 157 -36.77 -33.62 -10.14
N ARG R 158 -36.66 -34.87 -9.70
CA ARG R 158 -37.39 -35.35 -8.54
C ARG R 158 -36.53 -35.21 -7.29
N LEU R 159 -37.19 -35.03 -6.15
CA LEU R 159 -36.48 -34.86 -4.89
C LEU R 159 -36.14 -36.22 -4.32
N ARG R 160 -34.89 -36.37 -3.90
CA ARG R 160 -34.41 -37.62 -3.33
C ARG R 160 -33.92 -37.36 -1.91
N ASP R 161 -33.55 -38.44 -1.23
CA ASP R 161 -33.21 -38.33 0.17
C ASP R 161 -31.77 -37.84 0.34
N TYR R 162 -31.29 -37.83 1.58
CA TYR R 162 -29.86 -37.77 1.80
C TYR R 162 -29.20 -39.04 1.30
N ASP R 163 -29.83 -40.18 1.54
CA ASP R 163 -29.46 -41.39 0.84
C ASP R 163 -29.97 -41.30 -0.60
N GLU R 164 -29.58 -42.28 -1.43
CA GLU R 164 -29.80 -42.30 -2.89
C GLU R 164 -29.07 -41.16 -3.60
N MET R 165 -28.06 -40.59 -2.96
CA MET R 165 -27.17 -39.61 -3.57
C MET R 165 -25.77 -40.21 -3.58
N PRO R 166 -24.88 -39.75 -4.45
CA PRO R 166 -23.49 -40.17 -4.36
C PRO R 166 -22.81 -39.58 -3.15
N GLU R 167 -21.71 -40.24 -2.75
CA GLU R 167 -20.99 -39.87 -1.53
C GLU R 167 -20.31 -38.51 -1.66
N CYS R 168 -19.95 -38.13 -2.88
CA CYS R 168 -19.48 -36.77 -3.17
C CYS R 168 -20.49 -35.74 -2.69
N PHE R 169 -21.75 -35.91 -3.10
CA PHE R 169 -22.79 -34.97 -2.72
C PHE R 169 -23.19 -35.09 -1.26
N ARG R 170 -23.07 -36.27 -0.65
CA ARG R 170 -23.27 -36.40 0.79
C ARG R 170 -22.26 -35.58 1.55
N TYR R 171 -20.98 -35.66 1.16
CA TYR R 171 -19.96 -34.90 1.85
C TYR R 171 -20.13 -33.41 1.63
N TRP R 172 -20.48 -33.00 0.40
CA TRP R 172 -20.67 -31.57 0.17
C TRP R 172 -21.95 -31.05 0.82
N ILE R 173 -22.95 -31.91 0.99
CA ILE R 173 -24.20 -31.48 1.60
C ILE R 173 -24.01 -31.35 3.10
N VAL R 174 -23.14 -32.19 3.69
CA VAL R 174 -22.85 -32.09 5.11
C VAL R 174 -21.98 -30.88 5.38
N THR R 175 -21.01 -30.59 4.51
CA THR R 175 -20.17 -29.42 4.76
C THR R 175 -20.93 -28.12 4.54
N LYS R 176 -21.87 -28.09 3.60
CA LYS R 176 -22.62 -26.86 3.39
C LYS R 176 -23.64 -26.65 4.51
N ALA R 177 -24.27 -27.74 4.97
CA ALA R 177 -25.17 -27.62 6.10
C ALA R 177 -24.42 -27.31 7.38
N SER R 178 -23.15 -27.72 7.46
CA SER R 178 -22.32 -27.36 8.60
C SER R 178 -22.01 -25.88 8.60
N ARG R 179 -21.71 -25.31 7.42
CA ARG R 179 -21.51 -23.87 7.34
C ARG R 179 -22.78 -23.11 7.69
N GLN R 180 -23.93 -23.60 7.22
CA GLN R 180 -25.21 -22.94 7.53
C GLN R 180 -25.58 -23.05 9.01
N PHE R 181 -25.24 -24.17 9.66
CA PHE R 181 -25.50 -24.32 11.09
C PHE R 181 -24.59 -23.42 11.91
N ASN R 182 -23.30 -23.39 11.54
CA ASN R 182 -22.30 -22.53 12.15
C ASN R 182 -22.69 -21.06 12.09
N ASN R 183 -23.08 -20.58 10.91
CA ASN R 183 -23.38 -19.16 10.76
C ASN R 183 -24.70 -18.76 11.38
N ARG R 184 -25.48 -19.69 11.87
CA ARG R 184 -26.76 -19.36 12.46
C ARG R 184 -26.86 -19.66 13.94
N PHE R 185 -25.93 -20.44 14.51
CA PHE R 185 -26.07 -20.74 15.93
C PHE R 185 -24.81 -20.59 16.78
N PHE R 186 -23.61 -20.74 16.23
CA PHE R 186 -22.37 -20.48 16.97
C PHE R 186 -21.42 -19.71 16.05
N GLY R 187 -21.91 -18.58 15.53
CA GLY R 187 -21.14 -17.79 14.59
C GLY R 187 -19.81 -17.29 15.09
N ALA R 188 -18.74 -17.93 14.62
CA ALA R 188 -17.37 -17.63 14.99
C ALA R 188 -16.52 -17.60 13.74
N PRO R 189 -15.57 -16.66 13.64
CA PRO R 189 -14.90 -16.41 12.36
C PRO R 189 -13.97 -17.51 11.89
N GLU R 190 -13.32 -18.20 12.82
CA GLU R 190 -12.33 -19.21 12.46
C GLU R 190 -12.99 -20.44 11.84
N VAL R 191 -14.01 -20.97 12.52
CA VAL R 191 -14.72 -22.13 12.01
C VAL R 191 -15.52 -21.79 10.76
N GLU R 192 -15.99 -20.53 10.63
CA GLU R 192 -16.62 -20.09 9.39
C GLU R 192 -15.64 -20.04 8.23
N GLY R 193 -14.44 -19.49 8.44
CA GLY R 193 -13.48 -19.42 7.36
C GLY R 193 -13.02 -20.80 6.90
N VAL R 194 -12.83 -21.71 7.86
CA VAL R 194 -12.36 -23.02 7.44
C VAL R 194 -13.50 -23.84 6.81
N LEU R 195 -14.75 -23.65 7.24
CA LEU R 195 -15.84 -24.34 6.54
C LEU R 195 -16.13 -23.74 5.18
N GLN R 196 -15.81 -22.46 4.97
CA GLN R 196 -15.97 -21.87 3.64
C GLN R 196 -14.94 -22.44 2.67
N GLU R 197 -13.68 -22.48 3.10
CA GLU R 197 -12.62 -23.09 2.29
C GLU R 197 -12.92 -24.55 1.98
N GLU R 198 -13.43 -25.26 2.97
CA GLU R 198 -13.67 -26.68 2.80
C GLU R 198 -14.96 -26.97 2.03
N GLU R 199 -15.93 -26.04 2.04
CA GLU R 199 -17.06 -26.12 1.13
C GLU R 199 -16.62 -25.94 -0.32
N ASP R 200 -15.73 -24.97 -0.57
CA ASP R 200 -15.22 -24.81 -1.93
C ASP R 200 -14.46 -26.03 -2.40
N GLU R 201 -13.72 -26.70 -1.50
CA GLU R 201 -13.07 -27.96 -1.86
C GLU R 201 -14.08 -29.06 -2.19
N ALA R 202 -15.15 -29.15 -1.41
CA ALA R 202 -16.17 -30.17 -1.68
C ALA R 202 -16.90 -29.90 -2.99
N ARG R 203 -17.13 -28.63 -3.31
CA ARG R 203 -17.77 -28.31 -4.58
C ARG R 203 -16.84 -28.59 -5.75
N ARG R 204 -15.54 -28.37 -5.56
CA ARG R 204 -14.54 -28.77 -6.55
C ARG R 204 -14.61 -30.26 -6.85
N LEU R 205 -14.63 -31.08 -5.79
CA LEU R 205 -14.73 -32.52 -5.97
C LEU R 205 -16.05 -32.93 -6.59
N CYS R 206 -17.12 -32.21 -6.33
CA CYS R 206 -18.38 -32.74 -6.82
C CYS R 206 -18.64 -32.27 -8.24
N MET R 207 -18.06 -31.13 -8.64
CA MET R 207 -18.03 -30.80 -10.06
C MET R 207 -17.11 -31.74 -10.83
N GLU R 208 -16.06 -32.25 -10.19
CA GLU R 208 -15.26 -33.30 -10.83
C GLU R 208 -16.09 -34.57 -11.03
N TYR R 209 -16.94 -34.90 -10.06
CA TYR R 209 -17.86 -36.03 -10.21
C TYR R 209 -18.85 -35.80 -11.35
N GLU R 210 -19.39 -34.59 -11.46
CA GLU R 210 -20.35 -34.31 -12.54
C GLU R 210 -19.68 -34.32 -13.90
N MET R 211 -18.45 -33.81 -14.01
CA MET R 211 -17.77 -33.86 -15.29
C MET R 211 -17.18 -35.23 -15.57
N ASP R 212 -17.21 -36.14 -14.60
CA ASP R 212 -16.80 -37.51 -14.83
C ASP R 212 -17.98 -38.44 -15.05
N TYR R 213 -19.04 -38.31 -14.27
CA TYR R 213 -20.29 -39.03 -14.51
C TYR R 213 -20.91 -38.46 -15.76
N GLY R 214 -21.17 -39.30 -16.75
CA GLY R 214 -21.82 -38.75 -17.92
C GLY R 214 -20.87 -38.00 -18.83
N GLY R 215 -19.96 -38.73 -19.46
CA GLY R 215 -18.94 -38.17 -20.33
C GLY R 215 -19.45 -37.32 -21.47
N TYR R 216 -18.95 -36.11 -21.56
CA TYR R 216 -19.40 -35.12 -22.52
C TYR R 216 -18.25 -34.75 -23.42
N ASN R 217 -18.30 -35.18 -24.68
CA ASN R 217 -17.32 -34.81 -25.67
C ASN R 217 -17.90 -33.78 -26.63
N MET R 218 -17.05 -32.85 -27.07
CA MET R 218 -17.52 -31.69 -27.81
C MET R 218 -18.00 -32.08 -29.21
N LEU R 219 -17.30 -33.00 -29.86
CA LEU R 219 -17.44 -33.16 -31.30
C LEU R 219 -18.04 -34.50 -31.73
N ASP R 220 -18.31 -35.42 -30.81
CA ASP R 220 -18.93 -36.69 -31.22
C ASP R 220 -20.15 -37.05 -30.40
N GLY R 221 -20.62 -36.17 -29.53
CA GLY R 221 -21.73 -36.54 -28.67
C GLY R 221 -22.89 -35.60 -28.61
N ASP R 222 -22.72 -34.36 -29.09
CA ASP R 222 -23.78 -33.37 -28.95
C ASP R 222 -24.68 -33.37 -30.18
N ALA R 223 -25.50 -32.33 -30.32
CA ALA R 223 -26.53 -32.29 -31.34
C ALA R 223 -26.12 -31.55 -32.60
N PHE R 224 -25.32 -30.48 -32.48
CA PHE R 224 -24.99 -29.69 -33.66
C PHE R 224 -23.79 -30.24 -34.40
N THR R 225 -22.66 -30.40 -33.71
CA THR R 225 -21.46 -30.86 -34.40
C THR R 225 -21.28 -32.37 -34.31
N SER R 226 -22.40 -33.10 -34.28
CA SER R 226 -22.39 -34.50 -34.67
C SER R 226 -22.67 -34.65 -36.16
N GLY R 227 -23.51 -33.78 -36.71
CA GLY R 227 -23.82 -33.83 -38.13
C GLY R 227 -22.77 -33.19 -39.00
N LEU R 228 -22.18 -32.11 -38.45
CA LEU R 228 -21.15 -31.45 -39.23
C LEU R 228 -19.97 -32.38 -39.51
N LEU R 229 -19.77 -33.40 -38.68
CA LEU R 229 -18.70 -34.36 -38.89
C LEU R 229 -19.21 -35.69 -39.42
N THR R 230 -20.28 -35.68 -40.19
CA THR R 230 -20.68 -36.88 -40.93
C THR R 230 -20.12 -36.79 -42.34
N ARG R 231 -19.28 -37.76 -42.70
CA ARG R 231 -18.68 -37.78 -44.03
C ARG R 231 -19.41 -38.75 -44.95
N ASN S 42 -54.15 -13.88 5.59
CA ASN S 42 -54.64 -14.80 4.58
C ASN S 42 -54.93 -16.18 5.17
N VAL S 43 -54.50 -17.21 4.46
CA VAL S 43 -54.70 -18.60 4.85
C VAL S 43 -53.33 -19.21 5.10
N GLU S 44 -53.26 -20.17 6.03
CA GLU S 44 -52.07 -20.97 6.21
C GLU S 44 -51.71 -21.71 4.92
N THR S 45 -50.42 -21.79 4.64
CA THR S 45 -49.90 -22.54 3.51
C THR S 45 -48.80 -23.46 4.02
N ALA S 46 -48.79 -24.69 3.53
CA ALA S 46 -47.89 -25.71 4.07
C ALA S 46 -46.44 -25.41 3.81
N ALA S 47 -46.13 -24.71 2.72
CA ALA S 47 -44.75 -24.35 2.43
C ALA S 47 -44.36 -22.98 2.96
N GLU S 48 -45.35 -22.09 3.13
CA GLU S 48 -45.05 -20.73 3.59
C GLU S 48 -44.63 -20.70 5.04
N LEU S 49 -45.16 -21.63 5.84
CA LEU S 49 -44.71 -21.74 7.23
C LEU S 49 -43.26 -22.19 7.31
N SER S 50 -42.83 -23.04 6.39
CA SER S 50 -41.43 -23.41 6.31
C SER S 50 -40.57 -22.23 5.90
N ALA S 51 -41.12 -21.33 5.07
CA ALA S 51 -40.38 -20.14 4.68
C ALA S 51 -40.20 -19.19 5.85
N VAL S 52 -41.27 -18.94 6.61
CA VAL S 52 -41.19 -18.05 7.76
C VAL S 52 -40.32 -18.68 8.85
N ASN S 53 -40.31 -20.02 8.92
CA ASN S 53 -39.41 -20.70 9.83
C ASN S 53 -37.96 -20.57 9.39
N ASP S 54 -37.69 -20.64 8.09
CA ASP S 54 -36.30 -20.52 7.63
C ASP S 54 -35.82 -19.08 7.62
N ILE S 55 -36.72 -18.10 7.67
CA ILE S 55 -36.29 -16.74 7.95
C ILE S 55 -35.75 -16.67 9.37
N LEU S 56 -36.48 -17.27 10.31
CA LEU S 56 -36.03 -17.32 11.68
C LEU S 56 -35.01 -18.42 11.94
N ALA S 57 -34.60 -19.16 10.92
CA ALA S 57 -33.49 -20.10 11.12
C ALA S 57 -32.19 -19.36 11.29
N SER S 58 -32.08 -18.17 10.71
CA SER S 58 -30.91 -17.34 10.93
C SER S 58 -30.82 -16.80 12.35
N ILE S 59 -31.96 -16.57 13.01
CA ILE S 59 -31.98 -15.98 14.35
C ILE S 59 -33.05 -16.70 15.16
N GLY S 60 -32.63 -17.54 16.10
CA GLY S 60 -33.58 -17.97 17.12
C GLY S 60 -34.44 -19.17 16.77
N GLU S 61 -35.72 -19.07 17.10
CA GLU S 61 -36.57 -20.24 17.34
C GLU S 61 -37.74 -20.39 16.37
N PRO S 62 -38.24 -21.61 16.16
CA PRO S 62 -39.36 -21.81 15.22
C PRO S 62 -40.69 -21.38 15.81
N PRO S 63 -41.49 -20.61 15.06
CA PRO S 63 -42.87 -20.37 15.47
C PRO S 63 -43.79 -21.43 14.90
N VAL S 64 -45.10 -21.31 15.13
CA VAL S 64 -46.07 -22.31 14.70
C VAL S 64 -47.26 -21.63 14.04
N SER S 65 -47.42 -21.87 12.74
CA SER S 65 -48.65 -21.78 11.97
C SER S 65 -49.15 -20.37 11.64
N THR S 66 -48.61 -19.33 12.28
CA THR S 66 -48.74 -17.92 11.91
C THR S 66 -50.16 -17.38 11.69
N LEU S 67 -51.19 -18.10 12.15
CA LEU S 67 -52.56 -17.78 11.75
C LEU S 67 -53.26 -16.95 12.84
N GLU S 68 -52.79 -15.71 12.98
CA GLU S 68 -53.41 -14.71 13.83
C GLU S 68 -52.83 -13.35 13.46
N GLY S 69 -53.69 -12.33 13.41
CA GLY S 69 -53.22 -11.01 13.06
C GLY S 69 -52.45 -10.36 14.19
N ASP S 70 -53.08 -10.19 15.34
CA ASP S 70 -52.42 -9.69 16.54
C ASP S 70 -51.83 -10.91 17.25
N ALA S 71 -50.54 -11.15 17.01
CA ALA S 71 -49.94 -12.43 17.33
C ALA S 71 -48.49 -12.29 17.71
N ASN S 72 -47.75 -13.40 17.59
CA ASN S 72 -46.30 -13.40 17.63
C ASN S 72 -45.76 -12.39 16.63
N ALA S 73 -45.15 -11.33 17.16
CA ALA S 73 -44.74 -10.21 16.32
C ALA S 73 -43.60 -10.60 15.39
N ASP S 74 -42.77 -11.53 15.84
CA ASP S 74 -41.63 -11.98 15.05
C ASP S 74 -42.09 -12.71 13.80
N ALA S 75 -43.11 -13.56 13.94
CA ALA S 75 -43.59 -14.33 12.81
C ALA S 75 -44.32 -13.47 11.78
N ALA S 76 -45.17 -12.55 12.24
CA ALA S 76 -45.91 -11.71 11.30
C ALA S 76 -44.98 -10.70 10.64
N ASN S 77 -43.96 -10.28 11.36
CA ASN S 77 -42.98 -9.35 10.79
C ASN S 77 -42.14 -10.02 9.71
N ALA S 78 -41.68 -11.25 9.96
CA ALA S 78 -40.98 -12.01 8.94
C ALA S 78 -41.89 -12.38 7.77
N ARG S 79 -43.18 -12.57 8.04
CA ARG S 79 -44.10 -12.87 6.95
C ARG S 79 -44.31 -11.67 6.05
N ARG S 80 -44.32 -10.46 6.62
CA ARG S 80 -44.36 -9.26 5.81
C ARG S 80 -43.12 -9.09 4.95
N ILE S 81 -41.94 -9.37 5.53
CA ILE S 81 -40.70 -9.32 4.74
C ILE S 81 -40.72 -10.37 3.63
N LEU S 82 -41.31 -11.53 3.90
CA LEU S 82 -41.42 -12.59 2.91
C LEU S 82 -42.28 -12.17 1.73
N ASN S 83 -43.45 -11.58 2.01
CA ASN S 83 -44.31 -11.16 0.90
C ASN S 83 -43.74 -9.97 0.15
N LYS S 84 -42.97 -9.12 0.83
CA LYS S 84 -42.33 -8.02 0.10
C LYS S 84 -41.26 -8.53 -0.84
N ILE S 85 -40.44 -9.49 -0.40
CA ILE S 85 -39.41 -10.03 -1.28
C ILE S 85 -40.04 -10.87 -2.38
N ASN S 86 -41.22 -11.46 -2.14
CA ASN S 86 -41.95 -12.13 -3.21
C ASN S 86 -42.40 -11.15 -4.28
N ARG S 87 -43.06 -10.07 -3.84
CA ARG S 87 -43.59 -9.07 -4.77
C ARG S 87 -42.47 -8.33 -5.50
N GLN S 88 -41.28 -8.32 -4.92
CA GLN S 88 -40.13 -7.74 -5.61
C GLN S 88 -39.44 -8.76 -6.51
N ILE S 89 -39.46 -10.04 -6.14
CA ILE S 89 -38.68 -11.01 -6.90
C ILE S 89 -39.45 -11.50 -8.11
N GLN S 90 -40.76 -11.31 -8.13
CA GLN S 90 -41.51 -11.52 -9.36
C GLN S 90 -41.63 -10.25 -10.17
N SER S 91 -41.02 -9.16 -9.73
CA SER S 91 -41.09 -7.91 -10.46
C SER S 91 -40.03 -7.83 -11.54
N ARG S 92 -38.95 -8.59 -11.40
CA ARG S 92 -37.82 -8.40 -12.28
C ARG S 92 -38.05 -8.94 -13.67
N GLY S 93 -39.01 -9.83 -13.82
CA GLY S 93 -39.33 -10.34 -15.13
C GLY S 93 -38.60 -11.62 -15.42
N TRP S 94 -39.30 -12.74 -15.36
CA TRP S 94 -38.72 -14.01 -15.73
C TRP S 94 -39.67 -14.70 -16.71
N THR S 95 -39.15 -15.65 -17.48
CA THR S 95 -39.84 -16.11 -18.66
C THR S 95 -40.85 -17.21 -18.38
N PHE S 96 -41.18 -17.46 -17.12
CA PHE S 96 -42.34 -18.22 -16.75
C PHE S 96 -43.42 -17.35 -16.15
N ASN S 97 -43.06 -16.19 -15.62
CA ASN S 97 -44.02 -15.25 -15.07
C ASN S 97 -44.65 -14.36 -16.13
N ILE S 98 -43.90 -14.02 -17.17
CA ILE S 98 -44.40 -13.10 -18.20
C ILE S 98 -45.38 -13.88 -19.07
N GLU S 99 -46.66 -13.71 -18.79
CA GLU S 99 -47.71 -14.30 -19.61
C GLU S 99 -47.87 -13.41 -20.84
N GLU S 100 -47.54 -13.94 -22.01
CA GLU S 100 -47.22 -13.08 -23.14
C GLU S 100 -48.42 -12.41 -23.80
N GLY S 101 -49.28 -13.19 -24.43
CA GLY S 101 -50.36 -12.57 -25.17
C GLY S 101 -51.68 -12.49 -24.45
N ILE S 102 -51.73 -11.94 -23.24
CA ILE S 102 -52.96 -12.13 -22.49
C ILE S 102 -53.92 -11.00 -22.86
N THR S 103 -55.21 -11.28 -22.73
CA THR S 103 -56.26 -10.34 -23.13
C THR S 103 -57.11 -10.01 -21.92
N LEU S 104 -57.20 -8.73 -21.61
CA LEU S 104 -58.05 -8.26 -20.53
C LEU S 104 -59.32 -7.64 -21.13
N LEU S 105 -60.41 -7.74 -20.38
CA LEU S 105 -61.71 -7.29 -20.80
C LEU S 105 -62.30 -6.33 -19.79
N PRO S 106 -62.90 -5.22 -20.23
CA PRO S 106 -63.52 -4.28 -19.31
C PRO S 106 -64.84 -4.82 -18.79
N ASP S 107 -65.34 -4.16 -17.76
CA ASP S 107 -66.67 -4.50 -17.24
C ASP S 107 -67.74 -4.05 -18.22
N VAL S 108 -68.81 -4.84 -18.32
CA VAL S 108 -69.85 -4.57 -19.31
C VAL S 108 -70.67 -3.35 -18.91
N TYR S 109 -70.92 -3.16 -17.62
CA TYR S 109 -71.67 -1.99 -17.17
C TYR S 109 -70.78 -0.75 -17.13
N SER S 110 -69.66 -0.84 -16.41
CA SER S 110 -68.86 0.36 -16.11
C SER S 110 -68.02 0.82 -17.29
N ASN S 111 -67.75 -0.08 -18.25
CA ASN S 111 -66.93 0.20 -19.45
C ASN S 111 -65.54 0.69 -19.06
N LEU S 112 -64.91 0.00 -18.12
CA LEU S 112 -63.70 0.53 -17.49
C LEU S 112 -62.87 -0.61 -16.92
N ILE S 113 -61.84 -1.00 -17.66
CA ILE S 113 -60.95 -2.11 -17.31
C ILE S 113 -60.06 -1.75 -16.14
N VAL S 114 -59.91 -2.67 -15.20
CA VAL S 114 -59.47 -2.37 -13.84
C VAL S 114 -58.03 -2.83 -13.65
N TYR S 115 -57.12 -1.89 -13.44
CA TYR S 115 -55.77 -2.18 -12.98
C TYR S 115 -55.85 -2.70 -11.56
N SER S 116 -54.95 -3.63 -11.21
CA SER S 116 -54.97 -4.16 -9.87
C SER S 116 -53.57 -4.13 -9.28
N ASP S 117 -53.50 -4.30 -7.96
CA ASP S 117 -52.24 -4.54 -7.30
C ASP S 117 -51.73 -5.95 -7.57
N ASP S 118 -52.63 -6.84 -8.01
CA ASP S 118 -52.21 -8.14 -8.52
C ASP S 118 -51.47 -7.97 -9.85
N TYR S 119 -51.92 -7.05 -10.69
CA TYR S 119 -51.24 -6.77 -11.96
C TYR S 119 -49.95 -6.05 -11.65
N LEU S 120 -48.85 -6.80 -11.65
CA LEU S 120 -47.62 -6.34 -11.02
C LEU S 120 -46.92 -5.28 -11.86
N SER S 121 -46.57 -5.61 -13.10
CA SER S 121 -46.06 -4.61 -14.04
C SER S 121 -46.48 -5.00 -15.44
N LEU S 122 -47.25 -4.14 -16.12
CA LEU S 122 -47.85 -4.50 -17.39
C LEU S 122 -47.30 -3.61 -18.49
N MET S 123 -47.01 -4.22 -19.64
CA MET S 123 -46.45 -3.57 -20.82
C MET S 123 -47.18 -4.07 -22.05
N SER S 124 -46.98 -3.39 -23.18
CA SER S 124 -47.63 -3.80 -24.41
C SER S 124 -46.78 -4.82 -25.16
N THR S 125 -47.35 -5.33 -26.25
CA THR S 125 -46.82 -6.54 -26.88
C THR S 125 -45.53 -6.27 -27.66
N SER S 126 -45.51 -5.21 -28.46
CA SER S 126 -44.41 -5.02 -29.39
C SER S 126 -43.37 -4.02 -28.92
N GLY S 127 -43.80 -2.77 -28.70
CA GLY S 127 -42.87 -1.70 -28.38
C GLY S 127 -43.63 -0.41 -28.27
N GLN S 128 -43.06 0.53 -27.48
CA GLN S 128 -43.69 1.79 -27.10
C GLN S 128 -45.06 1.53 -26.47
N SER S 129 -44.99 0.91 -25.29
CA SER S 129 -46.17 0.54 -24.54
C SER S 129 -46.97 1.76 -24.13
N ILE S 130 -48.28 1.66 -24.27
CA ILE S 130 -49.16 2.82 -24.16
C ILE S 130 -50.17 2.68 -23.01
N TYR S 131 -49.89 1.82 -22.04
CA TYR S 131 -50.85 1.55 -20.97
C TYR S 131 -50.21 1.93 -19.64
N VAL S 132 -50.95 2.68 -18.81
CA VAL S 132 -50.44 3.07 -17.51
C VAL S 132 -51.60 3.19 -16.53
N ASN S 133 -51.32 2.95 -15.25
CA ASN S 133 -52.35 2.98 -14.22
C ASN S 133 -52.66 4.41 -13.79
N ARG S 134 -53.94 4.70 -13.61
CA ARG S 134 -54.45 6.05 -13.31
C ARG S 134 -55.76 5.88 -12.55
N GLY S 135 -55.70 6.03 -11.23
CA GLY S 135 -56.87 5.88 -10.41
C GLY S 135 -57.08 4.47 -9.91
N GLY S 136 -56.48 3.50 -10.59
CA GLY S 136 -56.74 2.11 -10.32
C GLY S 136 -57.22 1.45 -11.58
N TYR S 137 -57.18 2.21 -12.67
CA TYR S 137 -57.72 1.82 -13.95
C TYR S 137 -56.65 2.06 -15.01
N VAL S 138 -56.54 1.15 -15.98
CA VAL S 138 -55.51 1.32 -17.00
C VAL S 138 -55.97 2.37 -18.00
N TYR S 139 -55.02 3.09 -18.58
CA TYR S 139 -55.25 4.34 -19.27
C TYR S 139 -54.26 4.48 -20.41
N ASP S 140 -54.75 4.86 -21.58
CA ASP S 140 -53.91 5.15 -22.74
C ASP S 140 -53.27 6.51 -22.55
N ARG S 141 -51.97 6.59 -22.82
CA ARG S 141 -51.30 7.88 -22.78
C ARG S 141 -51.06 8.44 -24.17
N THR S 142 -51.52 7.77 -25.22
CA THR S 142 -51.53 8.32 -26.57
C THR S 142 -52.93 8.55 -27.10
N SER S 143 -53.85 7.63 -26.82
CA SER S 143 -55.24 7.86 -27.22
C SER S 143 -55.94 8.84 -26.28
N GLN S 144 -55.32 9.12 -25.12
CA GLN S 144 -55.71 10.13 -24.15
C GLN S 144 -57.08 9.77 -23.57
N SER S 145 -57.39 8.48 -23.53
CA SER S 145 -58.72 8.04 -23.15
C SER S 145 -58.61 6.89 -22.16
N ASP S 146 -59.72 6.66 -21.46
CA ASP S 146 -59.82 5.62 -20.46
C ASP S 146 -60.83 4.55 -20.84
N ARG S 147 -61.98 4.93 -21.40
CA ARG S 147 -63.04 4.00 -21.73
C ARG S 147 -62.61 3.15 -22.91
N PHE S 148 -62.72 1.83 -22.77
CA PHE S 148 -62.37 0.90 -23.84
C PHE S 148 -63.61 0.17 -24.32
N ASP S 149 -63.76 0.08 -25.63
CA ASP S 149 -64.87 -0.69 -26.19
C ASP S 149 -64.55 -2.18 -26.17
N SER S 150 -63.50 -2.58 -26.87
CA SER S 150 -63.12 -3.98 -26.94
C SER S 150 -62.05 -4.27 -25.90
N GLY S 151 -61.44 -5.45 -25.99
CA GLY S 151 -60.45 -5.88 -25.04
C GLY S 151 -59.11 -5.20 -25.23
N ILE S 152 -58.08 -5.80 -24.64
CA ILE S 152 -56.74 -5.21 -24.67
C ILE S 152 -55.72 -6.32 -24.55
N THR S 153 -54.65 -6.23 -25.34
CA THR S 153 -53.61 -7.25 -25.42
C THR S 153 -52.36 -6.77 -24.71
N VAL S 154 -51.95 -7.48 -23.67
CA VAL S 154 -50.92 -7.04 -22.74
C VAL S 154 -49.97 -8.19 -22.45
N ASN S 155 -48.65 -7.89 -22.33
CA ASN S 155 -47.69 -8.72 -21.62
C ASN S 155 -47.78 -8.31 -20.16
N ILE S 156 -48.30 -9.19 -19.31
CA ILE S 156 -48.56 -8.80 -17.94
C ILE S 156 -47.81 -9.76 -17.02
N ILE S 157 -47.54 -9.29 -15.81
CA ILE S 157 -47.02 -10.13 -14.74
C ILE S 157 -48.10 -10.21 -13.67
N ARG S 158 -48.46 -11.41 -13.30
CA ARG S 158 -49.45 -11.61 -12.25
C ARG S 158 -48.75 -12.08 -10.98
N LEU S 159 -49.16 -11.51 -9.85
CA LEU S 159 -48.53 -11.82 -8.58
C LEU S 159 -48.91 -13.23 -8.15
N ARG S 160 -47.91 -14.06 -7.89
CA ARG S 160 -48.12 -15.41 -7.45
C ARG S 160 -47.68 -15.55 -6.01
N ASP S 161 -47.88 -16.74 -5.46
CA ASP S 161 -47.65 -16.93 -4.03
C ASP S 161 -46.18 -17.25 -3.79
N TYR S 162 -45.85 -17.64 -2.56
CA TYR S 162 -44.56 -18.27 -2.32
C TYR S 162 -44.51 -19.66 -2.91
N ASP S 163 -45.66 -20.33 -2.95
CA ASP S 163 -45.81 -21.49 -3.82
C ASP S 163 -46.03 -20.98 -5.25
N GLU S 164 -46.28 -21.89 -6.19
CA GLU S 164 -46.41 -21.63 -7.63
C GLU S 164 -45.14 -21.04 -8.23
N MET S 165 -44.00 -21.22 -7.58
CA MET S 165 -42.70 -20.74 -8.03
C MET S 165 -41.74 -21.91 -8.05
N PRO S 166 -40.71 -21.86 -8.88
CA PRO S 166 -39.68 -22.90 -8.85
C PRO S 166 -38.87 -22.84 -7.58
N GLU S 167 -38.26 -23.98 -7.25
CA GLU S 167 -37.55 -24.12 -5.99
C GLU S 167 -36.29 -23.26 -5.95
N CYS S 168 -35.72 -22.98 -7.13
CA CYS S 168 -34.67 -21.98 -7.25
C CYS S 168 -35.12 -20.63 -6.70
N PHE S 169 -36.26 -20.16 -7.18
CA PHE S 169 -36.75 -18.87 -6.72
C PHE S 169 -37.24 -18.91 -5.29
N ARG S 170 -37.71 -20.07 -4.80
CA ARG S 170 -38.08 -20.19 -3.40
C ARG S 170 -36.87 -20.05 -2.50
N TYR S 171 -35.77 -20.70 -2.86
CA TYR S 171 -34.56 -20.53 -2.10
C TYR S 171 -34.02 -19.12 -2.21
N TRP S 172 -34.23 -18.45 -3.33
CA TRP S 172 -33.72 -17.09 -3.44
C TRP S 172 -34.56 -16.08 -2.68
N ILE S 173 -35.89 -16.24 -2.64
CA ILE S 173 -36.70 -15.37 -1.79
C ILE S 173 -36.40 -15.62 -0.31
N VAL S 174 -36.20 -16.89 0.08
CA VAL S 174 -35.88 -17.18 1.48
C VAL S 174 -34.54 -16.56 1.88
N THR S 175 -33.52 -16.66 1.02
CA THR S 175 -32.23 -16.09 1.39
C THR S 175 -32.22 -14.57 1.34
N LYS S 176 -32.91 -13.94 0.39
CA LYS S 176 -32.86 -12.48 0.36
C LYS S 176 -33.72 -11.88 1.47
N ALA S 177 -34.85 -12.52 1.78
CA ALA S 177 -35.65 -12.05 2.90
C ALA S 177 -34.96 -12.33 4.22
N SER S 178 -34.15 -13.38 4.28
CA SER S 178 -33.32 -13.60 5.46
C SER S 178 -32.27 -12.52 5.60
N ARG S 179 -31.72 -12.02 4.49
CA ARG S 179 -30.77 -10.92 4.56
C ARG S 179 -31.44 -9.64 5.03
N GLN S 180 -32.64 -9.35 4.54
CA GLN S 180 -33.39 -8.19 4.99
C GLN S 180 -33.75 -8.29 6.47
N PHE S 181 -34.22 -9.47 6.90
CA PHE S 181 -34.59 -9.69 8.29
C PHE S 181 -33.38 -9.61 9.21
N ASN S 182 -32.22 -10.01 8.70
CA ASN S 182 -30.96 -9.81 9.40
C ASN S 182 -30.66 -8.32 9.58
N ASN S 183 -30.70 -7.57 8.47
CA ASN S 183 -30.27 -6.19 8.48
C ASN S 183 -31.20 -5.26 9.23
N ARG S 184 -32.44 -5.66 9.44
CA ARG S 184 -33.36 -4.72 10.05
C ARG S 184 -33.65 -4.99 11.53
N PHE S 185 -33.43 -6.22 12.01
CA PHE S 185 -33.72 -6.50 13.41
C PHE S 185 -32.53 -7.04 14.19
N PHE S 186 -31.87 -8.09 13.74
CA PHE S 186 -30.76 -8.70 14.46
C PHE S 186 -29.47 -8.26 13.77
N GLY S 187 -28.99 -7.07 14.14
CA GLY S 187 -27.88 -6.47 13.42
C GLY S 187 -26.53 -7.07 13.70
N ALA S 188 -26.31 -8.28 13.29
CA ALA S 188 -24.97 -8.78 13.51
C ALA S 188 -24.19 -8.79 12.18
N PRO S 189 -22.90 -8.44 12.21
CA PRO S 189 -22.19 -8.20 10.94
C PRO S 189 -21.82 -9.45 10.15
N GLU S 190 -21.37 -10.51 10.84
CA GLU S 190 -20.85 -11.68 10.14
C GLU S 190 -21.94 -12.48 9.45
N VAL S 191 -23.12 -12.55 10.07
CA VAL S 191 -24.24 -13.22 9.43
C VAL S 191 -24.75 -12.40 8.25
N GLU S 192 -24.60 -11.07 8.30
CA GLU S 192 -24.86 -10.24 7.12
C GLU S 192 -23.88 -10.52 5.99
N GLY S 193 -22.60 -10.70 6.32
CA GLY S 193 -21.62 -11.03 5.28
C GLY S 193 -21.91 -12.36 4.61
N VAL S 194 -22.24 -13.38 5.41
CA VAL S 194 -22.48 -14.69 4.80
C VAL S 194 -23.82 -14.71 4.06
N LEU S 195 -24.84 -13.96 4.50
CA LEU S 195 -26.07 -13.92 3.74
C LEU S 195 -25.96 -13.09 2.48
N GLN S 196 -25.06 -12.10 2.43
CA GLN S 196 -24.80 -11.39 1.18
C GLN S 196 -24.14 -12.30 0.16
N GLU S 197 -23.10 -13.03 0.58
CA GLU S 197 -22.43 -13.99 -0.30
C GLU S 197 -23.39 -15.07 -0.79
N GLU S 198 -24.27 -15.52 0.09
CA GLU S 198 -25.13 -16.63 -0.27
C GLU S 198 -26.35 -16.18 -1.05
N GLU S 199 -26.77 -14.92 -0.92
CA GLU S 199 -27.71 -14.33 -1.85
C GLU S 199 -27.14 -14.27 -3.26
N ASP S 200 -25.86 -13.87 -3.37
CA ASP S 200 -25.23 -13.82 -4.68
C ASP S 200 -25.16 -15.21 -5.32
N GLU S 201 -24.89 -16.24 -4.52
CA GLU S 201 -24.89 -17.59 -5.08
C GLU S 201 -26.29 -18.05 -5.47
N ALA S 202 -27.32 -17.66 -4.72
CA ALA S 202 -28.69 -18.05 -5.05
C ALA S 202 -29.17 -17.37 -6.34
N ARG S 203 -28.82 -16.10 -6.51
CA ARG S 203 -29.17 -15.41 -7.75
C ARG S 203 -28.40 -15.98 -8.94
N ARG S 204 -27.15 -16.42 -8.71
CA ARG S 204 -26.39 -17.13 -9.74
C ARG S 204 -27.13 -18.37 -10.21
N LEU S 205 -27.59 -19.20 -9.26
CA LEU S 205 -28.37 -20.37 -9.62
C LEU S 205 -29.68 -20.01 -10.29
N CYS S 206 -30.25 -18.87 -9.96
CA CYS S 206 -31.60 -18.67 -10.50
C CYS S 206 -31.53 -18.04 -11.88
N MET S 207 -30.48 -17.26 -12.16
CA MET S 207 -30.16 -16.90 -13.53
C MET S 207 -29.81 -18.11 -14.38
N GLU S 208 -29.14 -19.10 -13.78
CA GLU S 208 -28.90 -20.34 -14.52
C GLU S 208 -30.19 -21.06 -14.84
N TYR S 209 -31.15 -21.04 -13.90
CA TYR S 209 -32.47 -21.61 -14.16
C TYR S 209 -33.19 -20.87 -15.27
N GLU S 210 -33.06 -19.54 -15.31
CA GLU S 210 -33.78 -18.80 -16.36
C GLU S 210 -33.13 -18.98 -17.72
N MET S 211 -31.81 -19.00 -17.80
CA MET S 211 -31.20 -19.28 -19.10
C MET S 211 -31.20 -20.76 -19.46
N ASP S 212 -31.69 -21.63 -18.58
CA ASP S 212 -31.97 -23.00 -18.92
C ASP S 212 -33.46 -23.27 -19.11
N TYR S 213 -34.32 -22.37 -18.64
CA TYR S 213 -35.76 -22.43 -18.91
C TYR S 213 -36.01 -21.60 -20.16
N GLY S 214 -36.38 -22.24 -21.25
CA GLY S 214 -36.63 -21.43 -22.43
C GLY S 214 -35.38 -21.01 -23.15
N GLY S 215 -34.69 -21.98 -23.75
CA GLY S 215 -33.49 -21.77 -24.52
C GLY S 215 -33.58 -20.73 -25.59
N TYR S 216 -32.80 -19.66 -25.41
CA TYR S 216 -32.81 -18.51 -26.29
C TYR S 216 -31.60 -18.58 -27.21
N ASN S 217 -31.82 -18.93 -28.47
CA ASN S 217 -30.74 -19.00 -29.45
C ASN S 217 -30.75 -17.74 -30.30
N MET S 218 -29.54 -17.25 -30.61
CA MET S 218 -29.40 -15.92 -31.20
C MET S 218 -29.92 -15.88 -32.62
N LEU S 219 -29.73 -16.96 -33.38
CA LEU S 219 -29.86 -16.87 -34.82
C LEU S 219 -31.00 -17.69 -35.40
N ASP S 220 -31.76 -18.42 -34.59
CA ASP S 220 -32.88 -19.18 -35.13
C ASP S 220 -34.17 -18.98 -34.33
N GLY S 221 -34.17 -18.08 -33.36
CA GLY S 221 -35.34 -17.94 -32.53
C GLY S 221 -35.88 -16.53 -32.36
N ASP S 222 -35.10 -15.52 -32.68
CA ASP S 222 -35.54 -14.15 -32.45
C ASP S 222 -36.26 -13.60 -33.68
N ALA S 223 -36.50 -12.29 -33.69
CA ALA S 223 -37.32 -11.67 -34.73
C ALA S 223 -36.52 -11.05 -35.85
N PHE S 224 -35.31 -10.57 -35.58
CA PHE S 224 -34.54 -9.89 -36.62
C PHE S 224 -33.74 -10.88 -37.46
N THR S 225 -32.85 -11.64 -36.82
CA THR S 225 -32.00 -12.57 -37.55
C THR S 225 -32.58 -13.96 -37.63
N SER S 226 -33.91 -14.06 -37.68
CA SER S 226 -34.57 -15.22 -38.25
C SER S 226 -34.67 -15.08 -39.77
N GLY S 227 -35.08 -13.90 -40.23
CA GLY S 227 -35.27 -13.68 -41.66
C GLY S 227 -33.97 -13.50 -42.44
N LEU S 228 -32.90 -13.14 -41.76
CA LEU S 228 -31.64 -13.00 -42.47
C LEU S 228 -31.05 -14.35 -42.85
N LEU S 229 -31.42 -15.42 -42.13
CA LEU S 229 -30.95 -16.74 -42.46
C LEU S 229 -32.02 -17.60 -43.13
N THR S 230 -32.90 -16.99 -43.90
CA THR S 230 -33.79 -17.74 -44.78
C THR S 230 -33.16 -17.82 -46.15
N ARG S 231 -32.91 -19.03 -46.63
CA ARG S 231 -32.30 -19.22 -47.95
C ARG S 231 -33.37 -19.60 -48.97
N MET T 41 -52.37 17.21 4.03
CA MET T 41 -53.32 16.32 4.66
C MET T 41 -54.02 15.47 3.61
N ASN T 42 -54.01 14.15 3.82
CA ASN T 42 -54.56 13.19 2.87
C ASN T 42 -55.36 12.12 3.60
N VAL T 43 -55.98 11.24 2.83
CA VAL T 43 -56.69 10.09 3.37
C VAL T 43 -55.84 8.86 3.04
N GLU T 44 -55.99 7.82 3.86
CA GLU T 44 -55.15 6.64 3.73
C GLU T 44 -55.41 5.86 2.46
N THR T 45 -54.50 4.95 2.15
CA THR T 45 -54.57 4.08 1.00
C THR T 45 -54.13 2.71 1.46
N ALA T 46 -54.70 1.66 0.87
CA ALA T 46 -54.46 0.29 1.31
C ALA T 46 -53.02 -0.15 1.08
N ALA T 47 -52.33 0.46 0.12
CA ALA T 47 -50.94 0.14 -0.14
C ALA T 47 -49.96 1.12 0.48
N GLU T 48 -50.40 2.36 0.71
CA GLU T 48 -49.55 3.35 1.34
C GLU T 48 -49.26 3.00 2.80
N LEU T 49 -50.21 2.31 3.45
CA LEU T 49 -49.98 1.84 4.80
C LEU T 49 -48.89 0.78 4.84
N SER T 50 -48.88 -0.13 3.86
CA SER T 50 -47.81 -1.11 3.78
C SER T 50 -46.49 -0.46 3.40
N ALA T 51 -46.54 0.65 2.66
CA ALA T 51 -45.32 1.37 2.30
C ALA T 51 -44.68 2.00 3.53
N VAL T 52 -45.46 2.79 4.28
CA VAL T 52 -44.96 3.41 5.50
C VAL T 52 -44.60 2.36 6.52
N ASN T 53 -45.30 1.23 6.50
CA ASN T 53 -44.99 0.13 7.40
C ASN T 53 -43.67 -0.53 7.03
N ASP T 54 -43.32 -0.53 5.75
CA ASP T 54 -42.00 -1.01 5.36
C ASP T 54 -40.92 0.05 5.55
N ILE T 55 -41.29 1.32 5.73
CA ILE T 55 -40.30 2.31 6.12
C ILE T 55 -39.93 2.12 7.59
N LEU T 56 -40.93 1.97 8.44
CA LEU T 56 -40.69 1.73 9.86
C LEU T 56 -40.08 0.36 10.12
N ALA T 57 -40.19 -0.56 9.17
CA ALA T 57 -39.60 -1.88 9.32
C ALA T 57 -38.09 -1.88 9.17
N SER T 58 -37.50 -0.76 8.73
CA SER T 58 -36.05 -0.64 8.74
C SER T 58 -35.52 -0.64 10.17
N ILE T 59 -36.03 0.25 11.00
CA ILE T 59 -35.78 0.26 12.44
C ILE T 59 -37.11 0.56 13.13
N GLY T 60 -37.67 -0.42 13.82
CA GLY T 60 -38.93 -0.17 14.51
C GLY T 60 -39.93 -1.31 14.47
N GLU T 61 -41.15 -1.04 14.91
CA GLU T 61 -42.23 -2.00 15.05
C GLU T 61 -43.40 -1.60 14.16
N PRO T 62 -44.22 -2.56 13.72
CA PRO T 62 -45.23 -2.25 12.69
C PRO T 62 -46.43 -1.51 13.26
N PRO T 63 -46.77 -0.34 12.71
CA PRO T 63 -48.01 0.33 13.13
C PRO T 63 -49.16 -0.03 12.23
N VAL T 64 -50.38 0.35 12.61
CA VAL T 64 -51.59 0.04 11.87
C VAL T 64 -52.49 1.26 11.87
N SER T 65 -52.93 1.68 10.66
CA SER T 65 -53.97 2.68 10.45
C SER T 65 -53.62 4.03 11.06
N THR T 66 -52.64 4.71 10.47
CA THR T 66 -51.97 5.89 11.02
C THR T 66 -52.90 6.99 11.51
N LEU T 67 -53.63 7.64 10.59
CA LEU T 67 -54.81 8.47 10.90
C LEU T 67 -54.62 9.69 11.79
N GLU T 68 -53.42 9.89 12.34
CA GLU T 68 -53.15 10.96 13.29
C GLU T 68 -51.70 11.37 13.17
N GLY T 69 -51.40 12.59 13.65
CA GLY T 69 -50.04 12.98 13.89
C GLY T 69 -49.52 12.60 15.27
N ASP T 70 -50.35 11.90 16.05
CA ASP T 70 -50.00 11.52 17.42
C ASP T 70 -50.22 10.03 17.65
N ALA T 71 -50.45 9.26 16.58
CA ALA T 71 -50.54 7.82 16.73
C ALA T 71 -49.18 7.21 17.03
N ASN T 72 -48.20 7.50 16.17
CA ASN T 72 -46.80 7.30 16.50
C ASN T 72 -46.01 8.51 16.03
N ALA T 73 -45.02 8.89 16.82
CA ALA T 73 -44.16 10.00 16.42
C ALA T 73 -43.28 9.64 15.24
N ASP T 74 -42.98 8.36 15.05
CA ASP T 74 -42.13 7.94 13.95
C ASP T 74 -42.91 7.58 12.69
N ALA T 75 -44.20 7.30 12.81
CA ALA T 75 -44.97 6.84 11.67
C ALA T 75 -45.32 7.97 10.72
N ALA T 76 -45.88 9.06 11.26
CA ALA T 76 -46.27 10.19 10.41
C ALA T 76 -45.05 10.91 9.86
N ASN T 77 -43.94 10.88 10.59
CA ASN T 77 -42.70 11.48 10.12
C ASN T 77 -42.15 10.70 8.94
N ALA T 78 -42.23 9.37 9.01
CA ALA T 78 -41.84 8.55 7.87
C ALA T 78 -42.82 8.67 6.73
N ARG T 79 -44.09 8.97 7.01
CA ARG T 79 -45.05 9.22 5.94
C ARG T 79 -44.74 10.51 5.21
N ARG T 80 -44.25 11.51 5.95
CA ARG T 80 -43.79 12.74 5.30
C ARG T 80 -42.55 12.49 4.45
N ILE T 81 -41.63 11.66 4.94
CA ILE T 81 -40.46 11.29 4.14
C ILE T 81 -40.87 10.53 2.88
N LEU T 82 -41.89 9.68 3.01
CA LEU T 82 -42.36 8.90 1.87
C LEU T 82 -43.01 9.79 0.82
N ASN T 83 -43.78 10.79 1.24
CA ASN T 83 -44.36 11.70 0.26
C ASN T 83 -43.29 12.60 -0.36
N LYS T 84 -42.22 12.92 0.38
CA LYS T 84 -41.15 13.71 -0.23
C LYS T 84 -40.40 12.91 -1.29
N ILE T 85 -40.13 11.63 -1.02
CA ILE T 85 -39.47 10.79 -2.03
C ILE T 85 -40.42 10.48 -3.17
N ASN T 86 -41.72 10.47 -2.91
CA ASN T 86 -42.72 10.33 -3.96
C ASN T 86 -42.70 11.51 -4.91
N ARG T 87 -42.55 12.71 -4.36
CA ARG T 87 -42.43 13.88 -5.22
C ARG T 87 -41.09 13.90 -5.93
N GLN T 88 -40.03 13.38 -5.30
CA GLN T 88 -38.71 13.48 -5.90
C GLN T 88 -38.48 12.48 -7.02
N ILE T 89 -38.90 11.22 -6.86
CA ILE T 89 -38.46 10.19 -7.80
C ILE T 89 -39.19 10.31 -9.13
N GLN T 90 -40.32 11.01 -9.16
CA GLN T 90 -41.03 11.32 -10.38
C GLN T 90 -40.53 12.61 -11.01
N SER T 91 -39.54 13.26 -10.42
CA SER T 91 -38.94 14.42 -11.04
C SER T 91 -37.87 14.06 -12.05
N ARG T 92 -37.42 12.82 -12.03
CA ARG T 92 -36.32 12.44 -12.92
C ARG T 92 -36.81 12.29 -14.35
N GLY T 93 -38.11 12.10 -14.54
CA GLY T 93 -38.65 11.99 -15.87
C GLY T 93 -38.59 10.55 -16.34
N TRP T 94 -39.74 9.94 -16.59
CA TRP T 94 -39.79 8.56 -17.02
C TRP T 94 -40.76 8.46 -18.18
N THR T 95 -40.66 7.36 -18.93
CA THR T 95 -41.33 7.25 -20.21
C THR T 95 -42.82 6.98 -20.08
N PHE T 96 -43.34 6.80 -18.87
CA PHE T 96 -44.76 6.68 -18.62
C PHE T 96 -45.30 7.88 -17.85
N ASN T 97 -44.42 8.71 -17.32
CA ASN T 97 -44.79 9.89 -16.57
C ASN T 97 -44.78 11.14 -17.43
N ILE T 98 -43.90 11.21 -18.42
CA ILE T 98 -43.87 12.35 -19.32
C ILE T 98 -45.05 12.22 -20.27
N GLU T 99 -46.12 12.91 -19.95
CA GLU T 99 -47.32 12.91 -20.78
C GLU T 99 -47.08 13.90 -21.90
N GLU T 100 -46.82 13.38 -23.11
CA GLU T 100 -46.12 14.13 -24.15
C GLU T 100 -46.85 15.35 -24.69
N GLY T 101 -47.95 15.15 -25.39
CA GLY T 101 -48.60 16.27 -26.01
C GLY T 101 -49.76 16.85 -25.23
N ILE T 102 -49.55 17.32 -24.00
CA ILE T 102 -50.70 17.71 -23.20
C ILE T 102 -51.04 19.16 -23.54
N THR T 103 -52.30 19.54 -23.34
CA THR T 103 -52.77 20.86 -23.67
C THR T 103 -53.48 21.46 -22.48
N LEU T 104 -52.98 22.59 -22.01
CA LEU T 104 -53.57 23.31 -20.90
C LEU T 104 -54.38 24.47 -21.43
N LEU T 105 -55.53 24.70 -20.82
CA LEU T 105 -56.46 25.75 -21.18
C LEU T 105 -56.54 26.78 -20.07
N PRO T 106 -56.43 28.07 -20.39
CA PRO T 106 -56.52 29.10 -19.37
C PRO T 106 -57.96 29.34 -18.95
N ASP T 107 -58.11 30.17 -17.92
CA ASP T 107 -59.44 30.57 -17.50
C ASP T 107 -60.05 31.52 -18.52
N VAL T 108 -61.37 31.45 -18.66
CA VAL T 108 -62.04 32.24 -19.68
C VAL T 108 -62.08 33.71 -19.31
N TYR T 109 -62.45 34.02 -18.06
CA TYR T 109 -62.54 35.41 -17.65
C TYR T 109 -61.19 35.94 -17.21
N SER T 110 -60.39 35.12 -16.53
CA SER T 110 -59.12 35.60 -15.99
C SER T 110 -58.05 35.74 -17.06
N ASN T 111 -58.21 35.04 -18.19
CA ASN T 111 -57.26 35.04 -19.31
C ASN T 111 -55.86 34.63 -18.85
N LEU T 112 -55.82 33.60 -18.00
CA LEU T 112 -54.62 33.29 -17.24
C LEU T 112 -54.63 31.81 -16.90
N ILE T 113 -53.46 31.19 -16.97
CA ILE T 113 -53.31 29.74 -16.84
C ILE T 113 -52.42 29.42 -15.64
N VAL T 114 -52.86 28.44 -14.84
CA VAL T 114 -52.41 28.29 -13.46
C VAL T 114 -51.34 27.21 -13.40
N TYR T 115 -50.12 27.62 -13.05
CA TYR T 115 -49.08 26.69 -12.65
C TYR T 115 -49.42 26.16 -11.27
N SER T 116 -49.08 24.91 -11.01
CA SER T 116 -49.40 24.33 -9.71
C SER T 116 -48.17 23.67 -9.10
N ASP T 117 -48.25 23.46 -7.78
CA ASP T 117 -47.33 22.56 -7.12
C ASP T 117 -47.61 21.11 -7.48
N ASP T 118 -48.82 20.82 -7.95
CA ASP T 118 -49.11 19.52 -8.51
C ASP T 118 -48.38 19.31 -9.84
N TYR T 119 -48.21 20.39 -10.62
CA TYR T 119 -47.34 20.34 -11.79
C TYR T 119 -45.92 20.20 -11.30
N LEU T 120 -45.18 19.29 -11.93
CA LEU T 120 -43.96 18.78 -11.31
C LEU T 120 -42.72 19.24 -12.09
N SER T 121 -42.76 19.15 -13.42
CA SER T 121 -41.82 19.81 -14.31
C SER T 121 -42.49 19.91 -15.67
N LEU T 122 -42.57 21.11 -16.23
CA LEU T 122 -43.23 21.30 -17.51
C LEU T 122 -42.24 21.93 -18.49
N MET T 123 -42.11 21.32 -19.66
CA MET T 123 -41.20 21.74 -20.71
C MET T 123 -41.98 21.87 -22.00
N SER T 124 -41.35 22.42 -23.03
CA SER T 124 -42.04 22.54 -24.29
C SER T 124 -41.89 21.27 -25.11
N THR T 125 -42.52 21.26 -26.29
CA THR T 125 -42.63 20.03 -27.06
C THR T 125 -41.37 19.75 -27.86
N SER T 126 -40.83 20.77 -28.54
CA SER T 126 -39.73 20.51 -29.45
C SER T 126 -38.36 20.89 -28.90
N GLY T 127 -38.17 22.17 -28.59
CA GLY T 127 -36.85 22.63 -28.23
C GLY T 127 -36.82 24.10 -27.87
N GLN T 128 -35.88 24.48 -27.00
CA GLN T 128 -35.77 25.82 -26.41
C GLN T 128 -37.10 26.20 -25.74
N SER T 129 -37.37 25.48 -24.67
CA SER T 129 -38.61 25.59 -23.92
C SER T 129 -38.77 26.95 -23.27
N ILE T 130 -39.86 27.63 -23.60
CA ILE T 130 -40.04 29.04 -23.28
C ILE T 130 -40.98 29.26 -22.10
N TYR T 131 -41.34 28.22 -21.37
CA TYR T 131 -42.37 28.30 -20.35
C TYR T 131 -41.72 28.21 -18.98
N VAL T 132 -42.03 29.15 -18.09
CA VAL T 132 -41.50 29.16 -16.74
C VAL T 132 -42.54 29.74 -15.80
N ASN T 133 -42.55 29.27 -14.56
CA ASN T 133 -43.49 29.74 -13.57
C ASN T 133 -43.07 31.08 -12.99
N ARG T 134 -44.03 32.00 -12.84
CA ARG T 134 -43.80 33.22 -12.07
C ARG T 134 -45.14 33.56 -11.41
N GLY T 135 -45.11 33.81 -10.11
CA GLY T 135 -46.31 34.18 -9.38
C GLY T 135 -47.21 33.02 -8.99
N GLY T 136 -47.24 31.98 -9.80
CA GLY T 136 -48.17 30.89 -9.63
C GLY T 136 -48.78 30.54 -10.98
N TYR T 137 -48.29 31.19 -12.02
CA TYR T 137 -48.82 31.06 -13.36
C TYR T 137 -47.67 30.85 -14.33
N VAL T 138 -47.93 30.13 -15.42
CA VAL T 138 -46.86 29.90 -16.40
C VAL T 138 -46.70 31.17 -17.23
N TYR T 139 -45.55 31.32 -17.87
CA TYR T 139 -45.13 32.61 -18.40
C TYR T 139 -44.09 32.40 -19.49
N ASP T 140 -44.20 33.19 -20.56
CA ASP T 140 -43.30 33.09 -21.69
C ASP T 140 -42.14 34.05 -21.48
N ARG T 141 -40.92 33.51 -21.41
CA ARG T 141 -39.76 34.38 -21.28
C ARG T 141 -39.28 34.94 -22.60
N THR T 142 -39.88 34.55 -23.71
CA THR T 142 -39.59 35.15 -25.01
C THR T 142 -40.67 36.10 -25.49
N SER T 143 -41.93 35.72 -25.35
CA SER T 143 -43.01 36.66 -25.67
C SER T 143 -43.13 37.76 -24.64
N GLN T 144 -42.61 37.52 -23.42
CA GLN T 144 -42.57 38.48 -22.31
C GLN T 144 -44.00 38.88 -21.92
N SER T 145 -44.85 37.88 -21.69
CA SER T 145 -46.26 38.11 -21.45
C SER T 145 -46.87 36.90 -20.76
N ASP T 146 -48.00 37.14 -20.10
CA ASP T 146 -48.74 36.11 -19.39
C ASP T 146 -50.23 36.27 -19.65
N ARG T 147 -50.60 36.49 -20.90
CA ARG T 147 -52.01 36.57 -21.30
C ARG T 147 -52.17 35.68 -22.53
N PHE T 148 -52.85 34.57 -22.38
CA PHE T 148 -52.94 33.58 -23.45
C PHE T 148 -54.34 33.59 -24.06
N ASP T 149 -54.40 33.64 -25.39
CA ASP T 149 -55.68 33.58 -26.07
C ASP T 149 -56.19 32.14 -26.14
N SER T 150 -55.41 31.27 -26.77
CA SER T 150 -55.70 29.86 -26.87
C SER T 150 -54.86 29.09 -25.87
N GLY T 151 -54.87 27.76 -25.99
CA GLY T 151 -54.21 26.90 -25.04
C GLY T 151 -52.70 26.90 -25.18
N ILE T 152 -52.10 25.89 -24.57
CA ILE T 152 -50.65 25.78 -24.52
C ILE T 152 -50.27 24.30 -24.49
N THR T 153 -49.35 23.92 -25.37
CA THR T 153 -49.01 22.51 -25.60
C THR T 153 -47.65 22.22 -24.95
N VAL T 154 -47.65 21.28 -24.02
CA VAL T 154 -46.59 21.12 -23.03
C VAL T 154 -46.26 19.63 -22.88
N ASN T 155 -44.96 19.33 -22.82
CA ASN T 155 -44.45 18.10 -22.21
C ASN T 155 -44.52 18.29 -20.71
N ILE T 156 -45.60 17.85 -20.08
CA ILE T 156 -45.74 18.08 -18.66
C ILE T 156 -45.42 16.77 -17.96
N ILE T 157 -45.02 16.88 -16.70
CA ILE T 157 -44.94 15.74 -15.80
C ILE T 157 -45.86 16.07 -14.64
N ARG T 158 -46.82 15.21 -14.36
CA ARG T 158 -47.77 15.41 -13.28
C ARG T 158 -47.35 14.59 -12.06
N LEU T 159 -47.80 15.04 -10.90
CA LEU T 159 -47.53 14.33 -9.66
C LEU T 159 -48.62 13.28 -9.46
N ARG T 160 -48.20 12.07 -9.17
CA ARG T 160 -49.13 10.98 -8.92
C ARG T 160 -48.93 10.47 -7.50
N ASP T 161 -49.76 9.52 -7.10
CA ASP T 161 -49.71 9.02 -5.74
C ASP T 161 -48.57 8.02 -5.58
N TYR T 162 -48.46 7.44 -4.39
CA TYR T 162 -47.66 6.23 -4.25
C TYR T 162 -48.27 5.09 -5.04
N ASP T 163 -49.59 4.99 -5.03
CA ASP T 163 -50.27 4.14 -5.99
C ASP T 163 -50.26 4.83 -7.35
N GLU T 164 -50.81 4.16 -8.37
CA GLU T 164 -50.75 4.54 -9.79
C GLU T 164 -49.30 4.57 -10.30
N MET T 165 -48.41 3.82 -9.66
CA MET T 165 -47.05 3.67 -10.12
C MET T 165 -46.78 2.19 -10.29
N PRO T 166 -45.80 1.80 -11.10
CA PRO T 166 -45.43 0.39 -11.17
C PRO T 166 -44.72 -0.06 -9.90
N GLU T 167 -44.73 -1.38 -9.71
CA GLU T 167 -44.17 -1.98 -8.50
C GLU T 167 -42.66 -1.80 -8.40
N CYS T 168 -41.99 -1.65 -9.55
CA CYS T 168 -40.58 -1.28 -9.60
C CYS T 168 -40.33 0.01 -8.83
N PHE T 169 -41.07 1.06 -9.18
CA PHE T 169 -40.88 2.34 -8.52
C PHE T 169 -41.41 2.35 -7.10
N ARG T 170 -42.38 1.48 -6.77
CA ARG T 170 -42.80 1.33 -5.38
C ARG T 170 -41.67 0.78 -4.53
N TYR T 171 -41.00 -0.26 -5.01
CA TYR T 171 -39.91 -0.84 -4.25
C TYR T 171 -38.74 0.12 -4.15
N TRP T 172 -38.43 0.82 -5.24
CA TRP T 172 -37.31 1.76 -5.18
C TRP T 172 -37.65 2.99 -4.35
N ILE T 173 -38.93 3.37 -4.29
CA ILE T 173 -39.31 4.54 -3.53
C ILE T 173 -39.31 4.20 -2.04
N VAL T 174 -39.61 2.94 -1.70
CA VAL T 174 -39.56 2.51 -0.31
C VAL T 174 -38.12 2.37 0.14
N THR T 175 -37.24 1.88 -0.72
CA THR T 175 -35.84 1.75 -0.31
C THR T 175 -35.15 3.11 -0.18
N LYS T 176 -35.46 4.05 -1.06
CA LYS T 176 -34.81 5.36 -0.93
C LYS T 176 -35.37 6.13 0.27
N ALA T 177 -36.67 5.99 0.52
CA ALA T 177 -37.24 6.61 1.72
C ALA T 177 -36.76 5.92 2.98
N SER T 178 -36.45 4.63 2.90
CA SER T 178 -35.92 3.92 4.06
C SER T 178 -34.51 4.38 4.38
N ARG T 179 -33.70 4.60 3.34
CA ARG T 179 -32.37 5.15 3.54
C ARG T 179 -32.44 6.56 4.13
N GLN T 180 -33.38 7.38 3.64
CA GLN T 180 -33.54 8.72 4.18
C GLN T 180 -34.05 8.72 5.61
N PHE T 181 -34.90 7.76 5.98
CA PHE T 181 -35.39 7.66 7.35
C PHE T 181 -34.28 7.20 8.29
N ASN T 182 -33.51 6.22 7.84
CA ASN T 182 -32.35 5.71 8.58
C ASN T 182 -31.32 6.79 8.84
N ASN T 183 -30.95 7.55 7.82
CA ASN T 183 -29.92 8.58 7.99
C ASN T 183 -30.38 9.77 8.79
N ARG T 184 -31.66 9.89 9.07
CA ARG T 184 -32.16 11.04 9.79
C ARG T 184 -32.68 10.73 11.18
N PHE T 185 -32.90 9.46 11.53
CA PHE T 185 -33.40 9.21 12.88
C PHE T 185 -32.67 8.12 13.66
N PHE T 186 -32.10 7.11 13.02
CA PHE T 186 -31.35 6.07 13.72
C PHE T 186 -30.09 5.77 12.92
N GLY T 187 -29.30 6.81 12.64
CA GLY T 187 -28.10 6.67 11.83
C GLY T 187 -27.07 5.69 12.34
N ALA T 188 -26.99 4.54 11.69
CA ALA T 188 -26.09 3.46 12.03
C ALA T 188 -25.41 2.97 10.77
N PRO T 189 -24.12 2.62 10.85
CA PRO T 189 -23.34 2.35 9.63
C PRO T 189 -23.73 1.11 8.86
N GLU T 190 -24.11 0.04 9.57
CA GLU T 190 -24.38 -1.24 8.92
C GLU T 190 -25.67 -1.18 8.11
N VAL T 191 -26.74 -0.67 8.72
CA VAL T 191 -28.01 -0.59 8.02
C VAL T 191 -27.97 0.46 6.91
N GLU T 192 -27.16 1.52 7.08
CA GLU T 192 -26.97 2.48 6.00
C GLU T 192 -26.22 1.89 4.82
N GLY T 193 -25.16 1.11 5.09
CA GLY T 193 -24.41 0.50 3.99
C GLY T 193 -25.24 -0.51 3.22
N VAL T 194 -26.05 -1.31 3.93
CA VAL T 194 -26.82 -2.30 3.22
C VAL T 194 -28.01 -1.65 2.49
N LEU T 195 -28.59 -0.57 3.03
CA LEU T 195 -29.64 0.12 2.28
C LEU T 195 -29.07 0.91 1.11
N GLN T 196 -27.80 1.30 1.15
CA GLN T 196 -27.19 1.96 -0.01
C GLN T 196 -26.98 0.97 -1.14
N GLU T 197 -26.42 -0.21 -0.83
CA GLU T 197 -26.27 -1.26 -1.82
C GLU T 197 -27.61 -1.69 -2.40
N GLU T 198 -28.61 -1.76 -1.55
CA GLU T 198 -29.91 -2.23 -1.98
C GLU T 198 -30.70 -1.14 -2.71
N GLU T 199 -30.40 0.13 -2.46
CA GLU T 199 -30.94 1.21 -3.30
C GLU T 199 -30.35 1.15 -4.69
N ASP T 200 -29.04 0.89 -4.80
CA ASP T 200 -28.44 0.75 -6.12
C ASP T 200 -29.04 -0.42 -6.89
N GLU T 201 -29.33 -1.53 -6.19
CA GLU T 201 -30.03 -2.63 -6.85
C GLU T 201 -31.43 -2.24 -7.32
N ALA T 202 -32.15 -1.46 -6.51
CA ALA T 202 -33.49 -1.03 -6.91
C ALA T 202 -33.46 -0.08 -8.09
N ARG T 203 -32.46 0.81 -8.14
CA ARG T 203 -32.35 1.72 -9.27
C ARG T 203 -31.95 0.99 -10.53
N ARG T 204 -31.12 -0.06 -10.39
CA ARG T 204 -30.79 -0.91 -11.52
C ARG T 204 -32.03 -1.57 -12.10
N LEU T 205 -32.87 -2.15 -11.24
CA LEU T 205 -34.10 -2.77 -11.71
C LEU T 205 -35.06 -1.75 -12.31
N CYS T 206 -35.04 -0.51 -11.82
CA CYS T 206 -36.06 0.37 -12.34
C CYS T 206 -35.61 1.05 -13.63
N MET T 207 -34.30 1.19 -13.83
CA MET T 207 -33.79 1.53 -15.15
C MET T 207 -34.04 0.41 -16.15
N GLU T 208 -34.01 -0.85 -15.69
CA GLU T 208 -34.41 -1.95 -16.57
C GLU T 208 -35.89 -1.84 -16.96
N TYR T 209 -36.74 -1.44 -16.01
CA TYR T 209 -38.15 -1.25 -16.33
C TYR T 209 -38.34 -0.11 -17.32
N GLU T 210 -37.58 0.98 -17.18
CA GLU T 210 -37.71 2.08 -18.13
C GLU T 210 -37.19 1.71 -19.51
N MET T 211 -36.07 0.98 -19.59
CA MET T 211 -35.58 0.58 -20.89
C MET T 211 -36.41 -0.53 -21.51
N ASP T 212 -37.27 -1.19 -20.73
CA ASP T 212 -38.20 -2.17 -21.28
C ASP T 212 -39.55 -1.55 -21.63
N TYR T 213 -40.04 -0.63 -20.81
CA TYR T 213 -41.27 0.09 -21.12
C TYR T 213 -40.96 1.10 -22.21
N GLY T 214 -41.51 0.89 -23.39
CA GLY T 214 -41.19 1.84 -24.44
C GLY T 214 -39.86 1.58 -25.09
N GLY T 215 -39.76 0.47 -25.81
CA GLY T 215 -38.56 0.11 -26.56
C GLY T 215 -38.11 1.16 -27.54
N TYR T 216 -36.91 1.66 -27.32
CA TYR T 216 -36.33 2.74 -28.10
C TYR T 216 -35.27 2.17 -29.03
N ASN T 217 -35.62 2.01 -30.30
CA ASN T 217 -34.67 1.53 -31.30
C ASN T 217 -34.00 2.70 -32.00
N MET T 218 -32.71 2.55 -32.28
CA MET T 218 -31.91 3.66 -32.76
C MET T 218 -32.27 4.04 -34.18
N LEU T 219 -32.52 3.04 -35.04
CA LEU T 219 -32.53 3.29 -36.48
C LEU T 219 -33.92 3.28 -37.10
N ASP T 220 -34.97 2.90 -36.38
CA ASP T 220 -36.30 2.97 -36.95
C ASP T 220 -37.29 3.72 -36.07
N GLY T 221 -36.82 4.42 -35.03
CA GLY T 221 -37.77 5.05 -34.13
C GLY T 221 -37.58 6.53 -33.85
N ASP T 222 -36.39 7.07 -34.06
CA ASP T 222 -36.14 8.45 -33.69
C ASP T 222 -36.42 9.38 -34.87
N ALA T 223 -35.97 10.62 -34.77
CA ALA T 223 -36.33 11.64 -35.75
C ALA T 223 -35.27 11.87 -36.82
N PHE T 224 -33.99 11.73 -36.49
CA PHE T 224 -32.96 12.02 -37.48
C PHE T 224 -32.66 10.82 -38.36
N THR T 225 -32.29 9.69 -37.75
CA THR T 225 -31.92 8.53 -38.55
C THR T 225 -33.09 7.59 -38.79
N SER T 226 -34.29 8.17 -38.91
CA SER T 226 -35.40 7.52 -39.58
C SER T 226 -35.47 7.94 -41.04
N GLY T 227 -35.29 9.23 -41.31
CA GLY T 227 -35.33 9.72 -42.67
C GLY T 227 -34.10 9.36 -43.49
N LEU T 228 -32.93 9.22 -42.80
CA LEU T 228 -31.72 8.81 -43.50
C LEU T 228 -31.84 7.39 -44.04
N LEU T 229 -32.71 6.57 -43.45
CA LEU T 229 -32.93 5.22 -43.95
C LEU T 229 -34.23 5.06 -44.71
N THR T 230 -34.68 6.10 -45.39
CA THR T 230 -35.77 5.98 -46.34
C THR T 230 -35.20 5.77 -47.73
N ARG T 231 -35.52 4.64 -48.34
CA ARG T 231 -35.03 4.34 -49.69
C ARG T 231 -36.09 4.63 -50.74
N ASN U 42 -41.06 38.33 5.98
CA ASN U 42 -41.93 38.28 4.80
C ASN U 42 -43.30 37.73 5.16
N VAL U 43 -43.85 36.95 4.23
CA VAL U 43 -45.16 36.33 4.36
C VAL U 43 -44.95 34.82 4.38
N GLU U 44 -45.81 34.10 5.10
CA GLU U 44 -45.84 32.65 5.03
C GLU U 44 -46.10 32.17 3.62
N THR U 45 -45.46 31.06 3.25
CA THR U 45 -45.70 30.41 1.97
C THR U 45 -45.88 28.92 2.25
N ALA U 46 -46.89 28.32 1.60
CA ALA U 46 -47.28 26.94 1.91
C ALA U 46 -46.20 25.95 1.52
N ALA U 47 -45.40 26.26 0.49
CA ALA U 47 -44.30 25.38 0.11
C ALA U 47 -43.04 25.66 0.92
N GLU U 48 -42.85 26.91 1.35
CA GLU U 48 -41.62 27.29 2.03
C GLU U 48 -41.56 26.72 3.45
N LEU U 49 -42.71 26.63 4.12
CA LEU U 49 -42.74 25.99 5.43
C LEU U 49 -42.43 24.51 5.32
N SER U 50 -42.85 23.87 4.23
CA SER U 50 -42.44 22.49 3.98
C SER U 50 -40.95 22.38 3.74
N ALA U 51 -40.35 23.41 3.15
CA ALA U 51 -38.91 23.40 2.93
C ALA U 51 -38.15 23.53 4.24
N VAL U 52 -38.56 24.47 5.09
CA VAL U 52 -37.91 24.66 6.38
C VAL U 52 -38.16 23.46 7.28
N ASN U 53 -39.31 22.80 7.11
CA ASN U 53 -39.57 21.55 7.80
C ASN U 53 -38.65 20.43 7.31
N ASP U 54 -38.42 20.35 6.00
CA ASP U 54 -37.54 19.31 5.48
C ASP U 54 -36.07 19.59 5.77
N ILE U 55 -35.71 20.83 6.07
CA ILE U 55 -34.39 21.11 6.62
C ILE U 55 -34.27 20.48 8.00
N LEU U 56 -35.30 20.67 8.82
CA LEU U 56 -35.33 20.06 10.14
C LEU U 56 -35.79 18.62 10.11
N ALA U 57 -36.13 18.07 8.94
CA ALA U 57 -36.36 16.64 8.87
C ALA U 57 -35.05 15.88 9.00
N SER U 58 -33.94 16.53 8.69
CA SER U 58 -32.63 15.93 8.90
C SER U 58 -32.28 15.80 10.37
N ILE U 59 -32.74 16.74 11.20
CA ILE U 59 -32.44 16.74 12.64
C ILE U 59 -33.68 17.18 13.38
N GLY U 60 -34.33 16.27 14.09
CA GLY U 60 -35.31 16.69 15.08
C GLY U 60 -36.73 16.84 14.57
N GLU U 61 -37.39 17.91 15.02
CA GLU U 61 -38.85 17.98 15.05
C GLU U 61 -39.41 19.10 14.16
N PRO U 62 -40.65 18.97 13.69
CA PRO U 62 -41.23 20.00 12.83
C PRO U 62 -41.59 21.26 13.61
N PRO U 63 -41.23 22.43 13.10
CA PRO U 63 -41.81 23.67 13.64
C PRO U 63 -43.09 24.02 12.92
N VAL U 64 -43.71 25.16 13.26
CA VAL U 64 -44.99 25.55 12.68
C VAL U 64 -44.93 27.01 12.26
N SER U 65 -45.05 27.24 10.96
CA SER U 65 -45.50 28.47 10.31
C SER U 65 -44.54 29.66 10.33
N THR U 66 -43.47 29.62 11.14
CA THR U 66 -42.32 30.53 11.09
C THR U 66 -42.60 32.03 11.08
N LEU U 67 -43.80 32.45 11.44
CA LEU U 67 -44.22 33.84 11.21
C LEU U 67 -44.05 34.67 12.47
N GLU U 68 -42.79 34.83 12.87
CA GLU U 68 -42.39 35.71 13.95
C GLU U 68 -40.90 35.96 13.85
N GLY U 69 -40.49 37.21 14.04
CA GLY U 69 -39.08 37.54 13.93
C GLY U 69 -38.26 37.03 15.12
N ASP U 70 -38.54 37.54 16.31
CA ASP U 70 -37.95 37.04 17.55
C ASP U 70 -38.80 35.84 17.95
N ALA U 71 -38.32 34.65 17.64
CA ALA U 71 -39.15 33.45 17.68
C ALA U 71 -38.32 32.23 18.02
N ASN U 72 -38.84 31.06 17.67
CA ASN U 72 -38.06 29.84 17.56
C ASN U 72 -36.81 30.11 16.75
N ALA U 73 -35.65 29.98 17.42
CA ALA U 73 -34.38 30.30 16.78
C ALA U 73 -34.04 29.32 15.68
N ASP U 74 -34.53 28.08 15.82
CA ASP U 74 -34.23 27.04 14.85
C ASP U 74 -34.91 27.33 13.52
N ALA U 75 -36.14 27.83 13.56
CA ALA U 75 -36.89 28.10 12.34
C ALA U 75 -36.31 29.28 11.57
N ALA U 76 -36.02 30.38 12.26
CA ALA U 76 -35.46 31.54 11.57
C ALA U 76 -34.04 31.27 11.10
N ASN U 77 -33.33 30.43 11.83
CA ASN U 77 -31.96 30.07 11.45
C ASN U 77 -31.95 29.23 10.18
N ALA U 78 -32.80 28.21 10.12
CA ALA U 78 -32.91 27.41 8.90
C ALA U 78 -33.51 28.22 7.75
N ARG U 79 -34.35 29.20 8.05
CA ARG U 79 -34.92 30.01 6.98
C ARG U 79 -33.87 30.94 6.39
N ARG U 80 -32.94 31.44 7.20
CA ARG U 80 -31.83 32.22 6.66
C ARG U 80 -30.91 31.36 5.80
N ILE U 81 -30.63 30.12 6.24
CA ILE U 81 -29.84 29.21 5.42
C ILE U 81 -30.56 28.88 4.11
N LEU U 82 -31.88 28.76 4.17
CA LEU U 82 -32.69 28.45 2.98
C LEU U 82 -32.62 29.58 1.96
N ASN U 83 -32.79 30.82 2.42
CA ASN U 83 -32.74 31.93 1.47
C ASN U 83 -31.34 32.19 0.95
N LYS U 84 -30.30 31.86 1.73
CA LYS U 84 -28.95 31.99 1.20
C LYS U 84 -28.67 30.95 0.12
N ILE U 85 -29.15 29.72 0.30
CA ILE U 85 -28.94 28.71 -0.72
C ILE U 85 -29.83 29.00 -1.94
N ASN U 86 -30.96 29.67 -1.76
CA ASN U 86 -31.75 30.13 -2.90
C ASN U 86 -31.00 31.17 -3.71
N ARG U 87 -30.43 32.16 -3.01
CA ARG U 87 -29.71 33.23 -3.68
C ARG U 87 -28.43 32.72 -4.33
N GLN U 88 -27.89 31.62 -3.82
CA GLN U 88 -26.72 31.03 -4.48
C GLN U 88 -27.12 30.10 -5.61
N ILE U 89 -28.28 29.47 -5.53
CA ILE U 89 -28.61 28.45 -6.51
C ILE U 89 -29.28 29.06 -7.73
N GLN U 90 -29.80 30.27 -7.61
CA GLN U 90 -30.20 31.03 -8.78
C GLN U 90 -29.08 31.91 -9.28
N SER U 91 -27.91 31.86 -8.64
CA SER U 91 -26.82 32.72 -9.04
C SER U 91 -26.04 32.14 -10.21
N ARG U 92 -26.08 30.82 -10.38
CA ARG U 92 -25.14 30.17 -11.26
C ARG U 92 -25.49 30.37 -12.72
N GLY U 93 -26.73 30.72 -13.02
CA GLY U 93 -27.12 30.98 -14.38
C GLY U 93 -27.74 29.75 -15.02
N TRP U 94 -29.05 29.76 -15.17
CA TRP U 94 -29.75 28.67 -15.80
C TRP U 94 -30.64 29.23 -16.89
N THR U 95 -31.08 28.37 -17.80
CA THR U 95 -31.70 28.83 -19.03
C THR U 95 -33.12 29.31 -18.82
N PHE U 96 -33.75 28.95 -17.71
CA PHE U 96 -35.04 29.49 -17.34
C PHE U 96 -34.92 30.72 -16.46
N ASN U 97 -33.71 31.08 -16.06
CA ASN U 97 -33.47 32.20 -15.17
C ASN U 97 -32.90 33.41 -15.90
N ILE U 98 -32.04 33.19 -16.89
CA ILE U 98 -31.37 34.28 -17.58
C ILE U 98 -32.40 34.88 -18.54
N GLU U 99 -33.06 35.94 -18.11
CA GLU U 99 -34.03 36.64 -18.95
C GLU U 99 -33.25 37.46 -19.97
N GLU U 100 -33.32 37.06 -21.24
CA GLU U 100 -32.25 37.40 -22.17
C GLU U 100 -32.20 38.86 -22.61
N GLY U 101 -33.18 39.32 -23.34
CA GLY U 101 -33.12 40.67 -23.84
C GLY U 101 -33.88 41.69 -23.04
N ILE U 102 -33.66 41.78 -21.74
CA ILE U 102 -34.61 42.56 -20.96
C ILE U 102 -34.14 44.01 -20.99
N THR U 103 -35.08 44.94 -20.84
CA THR U 103 -34.81 46.36 -20.95
C THR U 103 -35.14 47.05 -19.64
N LEU U 104 -34.17 47.75 -19.09
CA LEU U 104 -34.38 48.57 -17.91
C LEU U 104 -34.47 50.04 -18.30
N LEU U 105 -35.25 50.79 -17.52
CA LEU U 105 -35.54 52.18 -17.74
C LEU U 105 -35.29 52.98 -16.48
N PRO U 106 -34.60 54.10 -16.59
CA PRO U 106 -34.26 54.89 -15.40
C PRO U 106 -35.47 55.70 -14.92
N ASP U 107 -35.29 56.34 -13.77
CA ASP U 107 -36.31 57.24 -13.26
C ASP U 107 -36.32 58.51 -14.09
N VAL U 108 -37.51 59.10 -14.24
CA VAL U 108 -37.65 60.29 -15.08
C VAL U 108 -37.03 61.50 -14.40
N TYR U 109 -37.25 61.66 -13.09
CA TYR U 109 -36.66 62.79 -12.38
C TYR U 109 -35.18 62.57 -12.14
N SER U 110 -34.82 61.43 -11.55
CA SER U 110 -33.45 61.21 -11.08
C SER U 110 -32.47 60.91 -12.20
N ASN U 111 -32.97 60.45 -13.35
CA ASN U 111 -32.16 60.11 -14.53
C ASN U 111 -31.11 59.05 -14.20
N LEU U 112 -31.53 57.97 -13.56
CA LEU U 112 -30.60 57.00 -13.00
C LEU U 112 -31.31 55.68 -12.75
N ILE U 113 -30.89 54.62 -13.45
CA ILE U 113 -31.47 53.30 -13.28
C ILE U 113 -30.76 52.57 -12.15
N VAL U 114 -31.53 51.91 -11.29
CA VAL U 114 -31.12 51.54 -9.95
C VAL U 114 -30.78 50.05 -9.91
N TYR U 115 -29.51 49.75 -9.61
CA TYR U 115 -29.08 48.39 -9.31
C TYR U 115 -29.73 47.95 -8.01
N SER U 116 -30.06 46.68 -7.92
CA SER U 116 -30.71 46.18 -6.72
C SER U 116 -30.04 44.89 -6.26
N ASP U 117 -30.33 44.52 -5.02
CA ASP U 117 -29.99 43.19 -4.54
C ASP U 117 -30.92 42.14 -5.12
N ASP U 118 -32.07 42.57 -5.64
CA ASP U 118 -32.90 41.69 -6.45
C ASP U 118 -32.20 41.36 -7.76
N TYR U 119 -31.51 42.33 -8.36
CA TYR U 119 -30.75 42.11 -9.60
C TYR U 119 -29.52 41.30 -9.24
N LEU U 120 -29.58 40.00 -9.47
CA LEU U 120 -28.65 39.06 -8.88
C LEU U 120 -27.28 39.14 -9.54
N SER U 121 -27.24 39.04 -10.86
CA SER U 121 -26.01 39.26 -11.61
C SER U 121 -26.38 39.70 -13.00
N LEU U 122 -25.88 40.85 -13.45
CA LEU U 122 -26.30 41.41 -14.73
C LEU U 122 -25.10 41.56 -15.65
N MET U 123 -25.27 41.12 -16.89
CA MET U 123 -24.24 41.14 -17.93
C MET U 123 -24.83 41.74 -19.20
N SER U 124 -23.97 42.13 -20.13
CA SER U 124 -24.45 42.70 -21.37
C SER U 124 -24.75 41.60 -22.38
N THR U 125 -25.32 42.01 -23.51
CA THR U 125 -25.94 41.05 -24.43
C THR U 125 -24.91 40.25 -25.22
N SER U 126 -23.89 40.91 -25.77
CA SER U 126 -23.02 40.23 -26.71
C SER U 126 -21.70 39.78 -26.09
N GLY U 127 -20.93 40.73 -25.58
CA GLY U 127 -19.60 40.42 -25.07
C GLY U 127 -18.92 41.69 -24.62
N GLN U 128 -17.95 41.53 -23.73
CA GLN U 128 -17.26 42.62 -23.03
C GLN U 128 -18.27 43.53 -22.36
N SER U 129 -18.92 42.94 -21.36
CA SER U 129 -20.01 43.58 -20.64
C SER U 129 -19.54 44.80 -19.87
N ILE U 130 -20.24 45.92 -20.08
CA ILE U 130 -19.76 47.23 -19.66
C ILE U 130 -20.56 47.78 -18.48
N TYR U 131 -21.22 46.93 -17.70
CA TYR U 131 -22.13 47.39 -16.67
C TYR U 131 -21.67 46.84 -15.32
N VAL U 132 -21.60 47.71 -14.32
CA VAL U 132 -21.17 47.28 -12.99
C VAL U 132 -21.92 48.11 -11.94
N ASN U 133 -22.06 47.55 -10.75
CA ASN U 133 -22.72 48.26 -9.65
C ASN U 133 -21.74 49.19 -8.93
N ARG U 134 -22.23 50.38 -8.59
CA ARG U 134 -21.41 51.46 -8.02
C ARG U 134 -22.36 52.34 -7.19
N GLY U 135 -22.36 52.14 -5.89
CA GLY U 135 -23.21 52.92 -5.01
C GLY U 135 -24.57 52.29 -4.79
N GLY U 136 -24.98 51.43 -5.71
CA GLY U 136 -26.33 50.90 -5.71
C GLY U 136 -26.96 51.23 -7.05
N TYR U 137 -26.13 51.73 -7.95
CA TYR U 137 -26.55 52.24 -9.24
C TYR U 137 -25.68 51.61 -10.32
N VAL U 138 -26.21 51.43 -11.52
CA VAL U 138 -25.40 50.80 -12.56
C VAL U 138 -24.47 51.85 -13.15
N TYR U 139 -23.40 51.40 -13.77
CA TYR U 139 -22.29 52.28 -14.12
C TYR U 139 -21.51 51.69 -15.28
N ASP U 140 -21.11 52.56 -16.21
CA ASP U 140 -20.33 52.15 -17.37
C ASP U 140 -18.85 52.28 -17.04
N ARG U 141 -18.10 51.20 -17.23
CA ARG U 141 -16.66 51.26 -17.04
C ARG U 141 -15.92 51.59 -18.33
N THR U 142 -16.63 51.87 -19.42
CA THR U 142 -16.03 52.37 -20.64
C THR U 142 -16.47 53.77 -20.98
N SER U 143 -17.76 54.08 -20.83
CA SER U 143 -18.22 55.43 -21.08
C SER U 143 -17.82 56.38 -19.97
N GLN U 144 -17.46 55.83 -18.79
CA GLN U 144 -16.98 56.53 -17.60
C GLN U 144 -18.08 57.49 -17.14
N SER U 145 -19.33 57.03 -17.20
CA SER U 145 -20.46 57.88 -16.88
C SER U 145 -21.49 57.07 -16.11
N ASP U 146 -22.45 57.80 -15.53
CA ASP U 146 -23.47 57.21 -14.69
C ASP U 146 -24.88 57.47 -15.19
N ARG U 147 -25.16 58.68 -15.67
CA ARG U 147 -26.50 59.06 -16.09
C ARG U 147 -26.82 58.43 -17.43
N PHE U 148 -28.01 57.84 -17.55
CA PHE U 148 -28.46 57.24 -18.79
C PHE U 148 -29.65 58.01 -19.33
N ASP U 149 -29.60 58.36 -20.61
CA ASP U 149 -30.72 59.02 -21.24
C ASP U 149 -31.83 58.02 -21.58
N SER U 150 -31.52 57.06 -22.43
CA SER U 150 -32.50 56.07 -22.84
C SER U 150 -32.37 54.82 -21.99
N GLY U 151 -33.06 53.76 -22.39
CA GLY U 151 -33.06 52.52 -21.65
C GLY U 151 -31.75 51.76 -21.82
N ILE U 152 -31.81 50.47 -21.45
CA ILE U 152 -30.60 49.65 -21.46
C ILE U 152 -31.01 48.19 -21.62
N THR U 153 -30.27 47.45 -22.44
CA THR U 153 -30.56 46.07 -22.77
C THR U 153 -29.56 45.16 -22.06
N VAL U 154 -30.05 44.29 -21.20
CA VAL U 154 -29.24 43.52 -20.26
C VAL U 154 -29.73 42.07 -20.25
N ASN U 155 -28.78 41.11 -20.15
CA ASN U 155 -29.04 39.76 -19.66
C ASN U 155 -29.00 39.84 -18.15
N ILE U 156 -30.14 39.73 -17.48
CA ILE U 156 -30.18 39.93 -16.05
C ILE U 156 -30.77 38.67 -15.42
N ILE U 157 -30.44 38.46 -14.16
CA ILE U 157 -31.07 37.42 -13.35
C ILE U 157 -31.84 38.12 -12.24
N ARG U 158 -33.11 37.79 -12.11
CA ARG U 158 -33.95 38.34 -11.06
C ARG U 158 -34.16 37.29 -9.99
N LEU U 159 -34.09 37.72 -8.74
CA LEU U 159 -34.19 36.78 -7.62
C LEU U 159 -35.63 36.31 -7.47
N ARG U 160 -35.82 35.01 -7.49
CA ARG U 160 -37.12 34.40 -7.34
C ARG U 160 -37.19 33.67 -6.01
N ASP U 161 -38.38 33.21 -5.66
CA ASP U 161 -38.61 32.66 -4.34
C ASP U 161 -38.20 31.19 -4.31
N TYR U 162 -38.55 30.50 -3.22
CA TYR U 162 -38.47 29.04 -3.23
C TYR U 162 -39.58 28.46 -4.08
N ASP U 163 -40.73 29.11 -4.10
CA ASP U 163 -41.71 28.91 -5.16
C ASP U 163 -41.16 29.55 -6.44
N GLU U 164 -41.86 29.35 -7.57
CA GLU U 164 -41.48 29.79 -8.92
C GLU U 164 -40.19 29.15 -9.41
N MET U 165 -39.76 28.04 -8.81
CA MET U 165 -38.64 27.25 -9.26
C MET U 165 -39.14 25.86 -9.63
N PRO U 166 -38.44 25.16 -10.50
CA PRO U 166 -38.78 23.76 -10.77
C PRO U 166 -38.48 22.86 -9.58
N GLU U 167 -39.14 21.71 -9.57
CA GLU U 167 -39.07 20.78 -8.45
C GLU U 167 -37.69 20.17 -8.31
N CYS U 168 -36.99 20.01 -9.44
CA CYS U 168 -35.57 19.64 -9.42
C CYS U 168 -34.77 20.61 -8.58
N PHE U 169 -34.91 21.89 -8.85
CA PHE U 169 -34.17 22.89 -8.10
C PHE U 169 -34.68 23.04 -6.68
N ARG U 170 -35.97 22.76 -6.42
CA ARG U 170 -36.45 22.78 -5.04
C ARG U 170 -35.81 21.69 -4.22
N TYR U 171 -35.71 20.49 -4.78
CA TYR U 171 -35.03 19.41 -4.09
C TYR U 171 -33.56 19.70 -3.93
N TRP U 172 -32.95 20.41 -4.89
CA TRP U 172 -31.53 20.71 -4.76
C TRP U 172 -31.25 21.80 -3.72
N ILE U 173 -32.11 22.83 -3.62
CA ILE U 173 -31.93 23.82 -2.57
C ILE U 173 -32.18 23.20 -1.19
N VAL U 174 -33.19 22.33 -1.07
CA VAL U 174 -33.47 21.69 0.21
C VAL U 174 -32.32 20.79 0.63
N THR U 175 -31.74 20.03 -0.29
CA THR U 175 -30.66 19.14 0.12
C THR U 175 -29.34 19.87 0.35
N LYS U 176 -29.04 20.94 -0.40
CA LYS U 176 -27.79 21.65 -0.13
C LYS U 176 -27.90 22.48 1.14
N ALA U 177 -29.06 23.07 1.39
CA ALA U 177 -29.26 23.79 2.65
C ALA U 177 -29.31 22.82 3.82
N SER U 178 -29.75 21.58 3.60
CA SER U 178 -29.67 20.59 4.65
C SER U 178 -28.23 20.21 4.94
N ARG U 179 -27.37 20.16 3.91
CA ARG U 179 -25.95 19.93 4.15
C ARG U 179 -25.31 21.07 4.93
N GLN U 180 -25.66 22.31 4.58
CA GLN U 180 -25.13 23.48 5.30
C GLN U 180 -25.62 23.50 6.75
N PHE U 181 -26.90 23.25 6.96
CA PHE U 181 -27.48 23.25 8.30
C PHE U 181 -26.94 22.11 9.13
N ASN U 182 -26.60 20.99 8.48
CA ASN U 182 -25.92 19.89 9.13
C ASN U 182 -24.53 20.30 9.59
N ASN U 183 -23.75 20.89 8.69
CA ASN U 183 -22.37 21.23 8.99
C ASN U 183 -22.23 22.35 9.99
N ARG U 184 -23.24 23.17 10.16
CA ARG U 184 -23.05 24.32 11.02
C ARG U 184 -23.64 24.16 12.41
N PHE U 185 -24.63 23.30 12.61
CA PHE U 185 -25.23 23.17 13.93
C PHE U 185 -25.18 21.76 14.50
N PHE U 186 -25.67 20.75 13.78
CA PHE U 186 -25.70 19.37 14.28
C PHE U 186 -24.53 18.63 13.64
N GLY U 187 -23.35 18.76 14.24
CA GLY U 187 -22.15 18.27 13.61
C GLY U 187 -21.96 16.77 13.66
N ALA U 188 -22.75 16.05 12.94
CA ALA U 188 -22.50 14.61 12.96
C ALA U 188 -21.91 14.16 11.64
N PRO U 189 -20.93 13.23 11.67
CA PRO U 189 -20.15 12.93 10.45
C PRO U 189 -20.88 12.13 9.38
N GLU U 190 -21.63 11.10 9.78
CA GLU U 190 -22.21 10.17 8.82
C GLU U 190 -23.35 10.80 8.04
N VAL U 191 -24.16 11.63 8.70
CA VAL U 191 -25.23 12.33 8.00
C VAL U 191 -24.65 13.40 7.07
N GLU U 192 -23.47 13.94 7.39
CA GLU U 192 -22.79 14.82 6.44
C GLU U 192 -22.29 14.07 5.22
N GLY U 193 -21.76 12.85 5.41
CA GLY U 193 -21.35 12.05 4.27
C GLY U 193 -22.51 11.71 3.35
N VAL U 194 -23.65 11.33 3.93
CA VAL U 194 -24.76 10.96 3.07
C VAL U 194 -25.42 12.19 2.44
N LEU U 195 -25.41 13.35 3.10
CA LEU U 195 -25.93 14.54 2.45
C LEU U 195 -25.00 15.07 1.36
N GLN U 196 -23.68 14.83 1.48
CA GLN U 196 -22.77 15.20 0.40
C GLN U 196 -23.01 14.34 -0.84
N GLU U 197 -23.11 13.02 -0.65
CA GLU U 197 -23.43 12.12 -1.76
C GLU U 197 -24.77 12.47 -2.40
N GLU U 198 -25.73 12.84 -1.57
CA GLU U 198 -27.07 13.07 -2.08
C GLU U 198 -27.24 14.46 -2.70
N GLU U 199 -26.42 15.44 -2.27
CA GLU U 199 -26.32 16.69 -3.02
C GLU U 199 -25.74 16.46 -4.40
N ASP U 200 -24.72 15.60 -4.49
CA ASP U 200 -24.15 15.28 -5.81
C ASP U 200 -25.19 14.64 -6.72
N GLU U 201 -26.02 13.76 -6.17
CA GLU U 201 -27.10 13.18 -6.99
C GLU U 201 -28.14 14.22 -7.39
N ALA U 202 -28.46 15.16 -6.51
CA ALA U 202 -29.44 16.19 -6.85
C ALA U 202 -28.92 17.14 -7.92
N ARG U 203 -27.64 17.49 -7.84
CA ARG U 203 -27.04 18.34 -8.88
C ARG U 203 -26.95 17.61 -10.20
N ARG U 204 -26.70 16.28 -10.15
CA ARG U 204 -26.75 15.46 -11.36
C ARG U 204 -28.11 15.55 -12.03
N LEU U 205 -29.19 15.38 -11.24
CA LEU U 205 -30.54 15.51 -11.79
C LEU U 205 -30.82 16.91 -12.29
N CYS U 206 -30.23 17.92 -11.68
CA CYS U 206 -30.69 19.24 -12.08
C CYS U 206 -29.92 19.75 -13.29
N MET U 207 -28.68 19.29 -13.46
CA MET U 207 -28.00 19.47 -14.74
C MET U 207 -28.67 18.68 -15.85
N GLU U 208 -29.24 17.50 -15.53
CA GLU U 208 -30.04 16.79 -16.52
C GLU U 208 -31.27 17.60 -16.92
N TYR U 209 -31.88 18.28 -15.95
CA TYR U 209 -33.00 19.17 -16.24
C TYR U 209 -32.58 20.31 -17.15
N GLU U 210 -31.46 20.96 -16.87
CA GLU U 210 -31.06 22.10 -17.69
C GLU U 210 -30.58 21.68 -19.08
N MET U 211 -29.91 20.54 -19.22
CA MET U 211 -29.60 20.08 -20.57
C MET U 211 -30.80 19.45 -21.26
N ASP U 212 -31.91 19.26 -20.55
CA ASP U 212 -33.15 18.87 -21.20
C ASP U 212 -34.11 20.04 -21.39
N TYR U 213 -34.15 21.00 -20.47
CA TYR U 213 -34.91 22.23 -20.66
C TYR U 213 -34.13 23.08 -21.66
N GLY U 214 -34.69 23.32 -22.83
CA GLY U 214 -33.95 24.14 -23.76
C GLY U 214 -32.89 23.40 -24.53
N GLY U 215 -33.31 22.49 -25.40
CA GLY U 215 -32.45 21.69 -26.25
C GLY U 215 -31.44 22.47 -27.05
N TYR U 216 -30.18 22.27 -26.72
CA TYR U 216 -29.06 22.96 -27.34
C TYR U 216 -28.41 22.02 -28.34
N ASN U 217 -28.48 22.37 -29.63
CA ASN U 217 -27.84 21.59 -30.67
C ASN U 217 -26.64 22.37 -31.23
N MET U 218 -25.55 21.64 -31.48
CA MET U 218 -24.28 22.26 -31.84
C MET U 218 -24.35 22.93 -33.20
N LEU U 219 -24.84 22.20 -34.19
CA LEU U 219 -24.63 22.59 -35.58
C LEU U 219 -25.85 23.23 -36.24
N ASP U 220 -26.97 23.37 -35.53
CA ASP U 220 -28.12 24.03 -36.13
C ASP U 220 -28.71 25.11 -35.22
N GLY U 221 -28.06 25.46 -34.13
CA GLY U 221 -28.68 26.40 -33.21
C GLY U 221 -27.82 27.53 -32.69
N ASP U 222 -26.51 27.49 -32.88
CA ASP U 222 -25.64 28.51 -32.31
C ASP U 222 -25.42 29.65 -33.31
N ALA U 223 -24.43 30.48 -33.02
CA ALA U 223 -24.16 31.66 -33.85
C ALA U 223 -23.01 31.47 -34.82
N PHE U 224 -22.13 30.49 -34.61
CA PHE U 224 -21.02 30.31 -35.55
C PHE U 224 -21.36 29.29 -36.63
N THR U 225 -21.66 28.05 -36.23
CA THR U 225 -21.93 27.02 -37.23
C THR U 225 -23.42 26.89 -37.53
N SER U 226 -24.16 27.99 -37.45
CA SER U 226 -25.40 28.15 -38.17
C SER U 226 -25.15 28.54 -39.63
N GLY U 227 -24.21 29.45 -39.84
CA GLY U 227 -23.92 29.92 -41.18
C GLY U 227 -23.00 29.01 -41.98
N LEU U 228 -22.12 28.32 -41.29
CA LEU U 228 -21.22 27.43 -42.02
C LEU U 228 -22.00 26.32 -42.71
N LEU U 229 -23.19 25.99 -42.21
CA LEU U 229 -24.01 24.98 -42.85
C LEU U 229 -25.18 25.56 -43.61
N THR U 230 -25.02 26.75 -44.19
CA THR U 230 -26.00 27.27 -45.14
C THR U 230 -25.52 26.93 -46.55
N ARG U 231 -26.34 26.18 -47.28
CA ARG U 231 -25.98 25.80 -48.64
C ARG U 231 -26.70 26.67 -49.65
N MET V 41 -13.57 52.83 11.12
CA MET V 41 -14.95 52.94 11.59
C MET V 41 -15.88 53.12 10.40
N ASN V 42 -16.98 52.38 10.39
CA ASN V 42 -17.93 52.39 9.29
C ASN V 42 -19.35 52.38 9.83
N VAL V 43 -20.31 52.62 8.92
CA VAL V 43 -21.72 52.59 9.24
C VAL V 43 -22.27 51.30 8.62
N GLU V 44 -23.36 50.78 9.19
CA GLU V 44 -23.92 49.50 8.76
C GLU V 44 -24.48 49.57 7.34
N THR V 45 -24.63 48.38 6.76
CA THR V 45 -25.26 48.20 5.46
C THR V 45 -26.25 47.06 5.62
N ALA V 46 -27.36 47.12 4.88
CA ALA V 46 -28.45 46.17 5.06
C ALA V 46 -28.05 44.75 4.64
N ALA V 47 -27.05 44.61 3.78
CA ALA V 47 -26.57 43.31 3.37
C ALA V 47 -25.29 42.88 4.08
N GLU V 48 -24.53 43.85 4.60
CA GLU V 48 -23.33 43.52 5.36
C GLU V 48 -23.68 42.85 6.67
N LEU V 49 -24.83 43.19 7.25
CA LEU V 49 -25.30 42.52 8.45
C LEU V 49 -25.64 41.06 8.16
N SER V 50 -26.23 40.80 7.00
CA SER V 50 -26.47 39.41 6.61
C SER V 50 -25.17 38.69 6.30
N ALA V 51 -24.16 39.41 5.84
CA ALA V 51 -22.86 38.79 5.58
C ALA V 51 -22.18 38.37 6.87
N VAL V 52 -22.10 39.28 7.84
CA VAL V 52 -21.52 38.97 9.14
C VAL V 52 -22.36 37.93 9.86
N ASN V 53 -23.66 37.92 9.62
CA ASN V 53 -24.52 36.94 10.24
C ASN V 53 -24.38 35.58 9.57
N ASP V 54 -23.94 35.55 8.31
CA ASP V 54 -23.62 34.28 7.69
C ASP V 54 -22.20 33.83 8.03
N ILE V 55 -21.37 34.71 8.56
CA ILE V 55 -20.09 34.26 9.10
C ILE V 55 -20.31 33.54 10.42
N LEU V 56 -21.10 34.14 11.31
CA LEU V 56 -21.41 33.50 12.58
C LEU V 56 -22.37 32.33 12.43
N ALA V 57 -22.90 32.09 11.22
CA ALA V 57 -23.75 30.94 11.00
C ALA V 57 -22.99 29.64 11.12
N SER V 58 -21.68 29.65 10.92
CA SER V 58 -20.89 28.44 11.10
C SER V 58 -20.73 28.09 12.58
N ILE V 59 -20.46 29.09 13.41
CA ILE V 59 -20.33 28.91 14.85
C ILE V 59 -21.03 30.07 15.54
N GLY V 60 -22.12 29.80 16.25
CA GLY V 60 -22.74 30.84 17.03
C GLY V 60 -24.20 31.11 16.71
N GLU V 61 -24.75 32.14 17.32
CA GLU V 61 -26.15 32.52 17.20
C GLU V 61 -26.27 33.79 16.37
N PRO V 62 -27.41 34.04 15.75
CA PRO V 62 -27.55 35.22 14.88
C PRO V 62 -27.72 36.51 15.67
N PRO V 63 -26.87 37.51 15.42
CA PRO V 63 -27.08 38.81 16.06
C PRO V 63 -27.88 39.75 15.18
N VAL V 64 -28.27 40.90 15.75
CA VAL V 64 -29.00 41.93 15.01
C VAL V 64 -28.34 43.26 15.34
N SER V 65 -28.03 44.04 14.30
CA SER V 65 -27.62 45.44 14.40
C SER V 65 -26.37 45.66 15.24
N THR V 66 -25.21 45.24 14.71
CA THR V 66 -23.92 45.17 15.42
C THR V 66 -23.57 46.41 16.23
N LEU V 67 -23.33 47.55 15.58
CA LEU V 67 -23.36 48.89 16.19
C LEU V 67 -22.32 49.18 17.27
N GLU V 68 -21.54 48.18 17.71
CA GLU V 68 -20.61 48.34 18.81
C GLU V 68 -19.44 47.40 18.61
N GLY V 69 -18.32 47.75 19.25
CA GLY V 69 -17.24 46.79 19.43
C GLY V 69 -17.38 45.95 20.67
N ASP V 70 -18.46 46.16 21.43
CA ASP V 70 -18.70 45.44 22.69
C ASP V 70 -20.08 44.79 22.67
N ALA V 71 -20.75 44.79 21.53
CA ALA V 71 -22.04 44.12 21.42
C ALA V 71 -21.87 42.61 21.50
N ASN V 72 -21.01 42.05 20.64
CA ASN V 72 -20.54 40.69 20.78
C ASN V 72 -19.06 40.66 20.46
N ALA V 73 -18.32 39.85 21.21
CA ALA V 73 -16.91 39.66 20.91
C ALA V 73 -16.71 38.85 19.63
N ASP V 74 -17.72 38.10 19.20
CA ASP V 74 -17.61 37.30 18.00
C ASP V 74 -18.18 37.99 16.77
N ALA V 75 -19.06 38.97 16.95
CA ALA V 75 -19.64 39.64 15.79
C ALA V 75 -18.67 40.64 15.17
N ALA V 76 -18.06 41.49 15.99
CA ALA V 76 -17.16 42.51 15.46
C ALA V 76 -15.85 41.90 14.99
N ASN V 77 -15.44 40.80 15.60
CA ASN V 77 -14.23 40.13 15.18
C ASN V 77 -14.43 39.47 13.81
N ALA V 78 -15.59 38.87 13.61
CA ALA V 78 -15.92 38.35 12.28
C ALA V 78 -16.14 39.46 11.27
N ARG V 79 -16.57 40.64 11.72
CA ARG V 79 -16.71 41.76 10.80
C ARG V 79 -15.34 42.26 10.34
N ARG V 80 -14.35 42.21 11.24
CA ARG V 80 -12.98 42.54 10.84
C ARG V 80 -12.43 41.51 9.86
N ILE V 81 -12.72 40.22 10.09
CA ILE V 81 -12.31 39.17 9.16
C ILE V 81 -13.00 39.36 7.80
N LEU V 82 -14.25 39.81 7.82
CA LEU V 82 -14.98 40.03 6.58
C LEU V 82 -14.40 41.19 5.78
N ASN V 83 -14.03 42.28 6.46
CA ASN V 83 -13.42 43.38 5.73
C ASN V 83 -12.02 43.03 5.24
N LYS V 84 -11.31 42.14 5.94
CA LYS V 84 -10.01 41.70 5.44
C LYS V 84 -10.16 40.86 4.18
N ILE V 85 -11.13 39.93 4.17
CA ILE V 85 -11.34 39.12 2.97
C ILE V 85 -11.94 39.96 1.84
N ASN V 86 -12.68 41.01 2.19
CA ASN V 86 -13.17 41.95 1.19
C ASN V 86 -12.03 42.69 0.51
N ARG V 87 -11.07 43.15 1.29
CA ARG V 87 -9.91 43.81 0.71
C ARG V 87 -9.04 42.84 -0.08
N GLN V 88 -9.02 41.57 0.34
CA GLN V 88 -8.12 40.63 -0.32
C GLN V 88 -8.69 40.06 -1.61
N ILE V 89 -9.98 39.75 -1.67
CA ILE V 89 -10.49 39.01 -2.83
C ILE V 89 -10.63 39.92 -4.04
N GLN V 90 -10.66 41.23 -3.85
CA GLN V 90 -10.61 42.17 -4.94
C GLN V 90 -9.19 42.50 -5.37
N SER V 91 -8.20 41.97 -4.66
CA SER V 91 -6.82 42.18 -5.08
C SER V 91 -6.42 41.29 -6.23
N ARG V 92 -7.18 40.22 -6.47
CA ARG V 92 -6.73 39.22 -7.43
C ARG V 92 -6.88 39.71 -8.85
N GLY V 93 -7.68 40.74 -9.07
CA GLY V 93 -7.87 41.28 -10.39
C GLY V 93 -9.02 40.59 -11.06
N TRP V 94 -10.11 41.30 -11.26
CA TRP V 94 -11.27 40.75 -11.92
C TRP V 94 -11.73 41.78 -12.93
N THR V 95 -12.32 41.33 -14.03
CA THR V 95 -12.45 42.16 -15.22
C THR V 95 -13.63 43.11 -15.16
N PHE V 96 -14.22 43.32 -13.99
CA PHE V 96 -15.14 44.41 -13.73
C PHE V 96 -14.55 45.43 -12.78
N ASN V 97 -13.64 44.99 -11.91
CA ASN V 97 -12.98 45.85 -10.94
C ASN V 97 -11.81 46.60 -11.55
N ILE V 98 -11.11 46.00 -12.50
CA ILE V 98 -9.95 46.63 -13.11
C ILE V 98 -10.44 47.73 -14.05
N GLU V 99 -10.46 48.95 -13.56
CA GLU V 99 -10.89 50.11 -14.34
C GLU V 99 -9.73 50.52 -15.22
N GLU V 100 -9.93 50.47 -16.55
CA GLU V 100 -8.79 50.42 -17.46
C GLU V 100 -8.11 51.76 -17.69
N GLY V 101 -8.80 52.71 -18.31
CA GLY V 101 -8.13 53.96 -18.64
C GLY V 101 -8.32 55.09 -17.67
N ILE V 102 -8.03 54.93 -16.39
CA ILE V 102 -8.42 55.97 -15.45
C ILE V 102 -7.29 57.01 -15.41
N THR V 103 -7.64 58.24 -15.07
CA THR V 103 -6.68 59.34 -15.07
C THR V 103 -6.71 60.04 -13.72
N LEU V 104 -5.62 59.91 -12.97
CA LEU V 104 -5.46 60.58 -11.70
C LEU V 104 -4.85 61.96 -11.93
N LEU V 105 -5.38 62.95 -11.26
CA LEU V 105 -4.91 64.32 -11.35
C LEU V 105 -4.21 64.73 -10.06
N PRO V 106 -3.07 65.38 -10.14
CA PRO V 106 -2.36 65.81 -8.94
C PRO V 106 -3.03 67.04 -8.34
N ASP V 107 -2.61 67.38 -7.13
CA ASP V 107 -3.05 68.62 -6.51
C ASP V 107 -2.41 69.81 -7.23
N VAL V 108 -3.14 70.93 -7.25
CA VAL V 108 -2.75 72.07 -8.06
C VAL V 108 -1.56 72.79 -7.43
N TYR V 109 -1.61 73.02 -6.12
CA TYR V 109 -0.51 73.72 -5.45
C TYR V 109 0.56 72.75 -4.99
N SER V 110 0.17 71.57 -4.52
CA SER V 110 1.12 70.62 -3.96
C SER V 110 1.99 69.98 -5.01
N ASN V 111 1.51 69.94 -6.27
CA ASN V 111 2.22 69.37 -7.43
C ASN V 111 2.58 67.91 -7.17
N LEU V 112 1.66 67.19 -6.55
CA LEU V 112 1.97 65.91 -5.94
C LEU V 112 0.69 65.09 -5.90
N ILE V 113 0.81 63.81 -6.21
CA ILE V 113 -0.34 62.95 -6.50
C ILE V 113 -0.40 61.81 -5.49
N VAL V 114 -1.57 61.60 -4.92
CA VAL V 114 -1.72 60.91 -3.65
C VAL V 114 -2.07 59.45 -3.90
N TYR V 115 -1.13 58.55 -3.58
CA TYR V 115 -1.44 57.14 -3.43
C TYR V 115 -2.27 56.98 -2.17
N SER V 116 -3.24 56.07 -2.20
CA SER V 116 -4.07 55.86 -1.03
C SER V 116 -4.10 54.38 -0.68
N ASP V 117 -4.54 54.12 0.55
CA ASP V 117 -4.90 52.76 0.94
C ASP V 117 -6.16 52.29 0.25
N ASP V 118 -6.96 53.23 -0.26
CA ASP V 118 -8.11 52.88 -1.08
C ASP V 118 -7.69 52.32 -2.43
N TYR V 119 -6.61 52.85 -3.02
CA TYR V 119 -6.06 52.30 -4.25
C TYR V 119 -5.46 50.95 -3.95
N LEU V 120 -6.00 49.90 -4.58
CA LEU V 120 -5.76 48.55 -4.10
C LEU V 120 -4.58 47.91 -4.82
N SER V 121 -4.46 48.16 -6.13
CA SER V 121 -3.24 47.90 -6.89
C SER V 121 -3.32 48.74 -8.16
N LEU V 122 -2.23 49.44 -8.49
CA LEU V 122 -2.24 50.31 -9.66
C LEU V 122 -1.05 49.95 -10.55
N MET V 123 -1.29 49.89 -11.85
CA MET V 123 -0.31 49.55 -12.86
C MET V 123 -0.48 50.48 -14.05
N SER V 124 0.46 50.41 -14.98
CA SER V 124 0.37 51.25 -16.16
C SER V 124 -0.54 50.62 -17.20
N THR V 125 -0.68 51.30 -18.34
CA THR V 125 -1.67 50.88 -19.31
C THR V 125 -1.16 49.77 -20.21
N SER V 126 0.07 49.89 -20.71
CA SER V 126 0.53 48.94 -21.71
C SER V 126 1.49 47.88 -21.16
N GLY V 127 2.63 48.30 -20.64
CA GLY V 127 3.66 47.36 -20.29
C GLY V 127 4.86 48.03 -19.66
N GLN V 128 5.55 47.30 -18.79
CA GLN V 128 6.64 47.81 -17.93
C GLN V 128 6.14 49.02 -17.12
N SER V 129 5.23 48.70 -16.23
CA SER V 129 4.58 49.69 -15.37
C SER V 129 5.59 50.37 -14.46
N ILE V 130 5.62 51.70 -14.52
CA ILE V 130 6.68 52.50 -13.93
C ILE V 130 6.25 53.19 -12.65
N TYR V 131 5.11 52.83 -12.09
CA TYR V 131 4.52 53.57 -10.98
C TYR V 131 4.58 52.74 -9.72
N VAL V 132 5.06 53.34 -8.62
CA VAL V 132 5.13 52.65 -7.34
C VAL V 132 4.99 53.67 -6.22
N ASN V 133 4.39 53.24 -5.13
CA ASN V 133 4.17 54.13 -3.99
C ASN V 133 5.43 54.29 -3.15
N ARG V 134 5.77 55.55 -2.84
CA ARG V 134 6.82 55.83 -1.86
C ARG V 134 6.28 56.97 -1.00
N GLY V 135 6.35 56.80 0.32
CA GLY V 135 5.92 57.84 1.23
C GLY V 135 4.42 57.95 1.44
N GLY V 136 3.64 57.70 0.41
CA GLY V 136 2.23 57.97 0.43
C GLY V 136 1.79 58.53 -0.91
N TYR V 137 2.73 58.65 -1.83
CA TYR V 137 2.49 59.24 -3.14
C TYR V 137 3.06 58.34 -4.22
N VAL V 138 2.45 58.35 -5.40
CA VAL V 138 2.96 57.51 -6.48
C VAL V 138 4.21 58.15 -7.05
N TYR V 139 5.06 57.34 -7.66
CA TYR V 139 6.43 57.74 -7.96
C TYR V 139 6.93 56.93 -9.15
N ASP V 140 7.60 57.62 -10.07
CA ASP V 140 8.15 57.00 -11.26
C ASP V 140 9.51 56.45 -10.93
N ARG V 141 9.70 55.14 -11.07
CA ARG V 141 11.01 54.58 -10.81
C ARG V 141 11.93 54.64 -12.02
N THR V 142 11.44 55.08 -13.18
CA THR V 142 12.30 55.31 -14.33
C THR V 142 12.56 56.78 -14.59
N SER V 143 11.55 57.63 -14.48
CA SER V 143 11.79 59.06 -14.56
C SER V 143 12.46 59.60 -13.30
N GLN V 144 12.37 58.87 -12.19
CA GLN V 144 13.07 59.14 -10.93
C GLN V 144 12.63 60.49 -10.35
N SER V 145 11.32 60.69 -10.24
CA SER V 145 10.77 61.96 -9.79
C SER V 145 9.34 61.77 -9.32
N ASP V 146 8.88 62.72 -8.51
CA ASP V 146 7.52 62.73 -7.98
C ASP V 146 6.95 64.14 -8.06
N ARG V 147 7.15 64.81 -9.18
CA ARG V 147 6.59 66.14 -9.42
C ARG V 147 5.97 66.10 -10.80
N PHE V 148 4.64 66.03 -10.88
CA PHE V 148 3.97 65.79 -12.15
C PHE V 148 3.37 67.09 -12.68
N ASP V 149 3.49 67.28 -14.00
CA ASP V 149 2.88 68.43 -14.64
C ASP V 149 1.41 68.16 -14.94
N SER V 150 1.14 67.15 -15.75
CA SER V 150 -0.20 66.72 -16.11
C SER V 150 -0.55 65.46 -15.33
N GLY V 151 -1.68 64.86 -15.69
CA GLY V 151 -2.19 63.70 -14.99
C GLY V 151 -1.39 62.44 -15.25
N ILE V 152 -1.97 61.32 -14.82
CA ILE V 152 -1.31 60.03 -14.89
C ILE V 152 -2.35 58.97 -15.22
N THR V 153 -2.06 58.15 -16.24
CA THR V 153 -3.04 57.23 -16.82
C THR V 153 -2.75 55.82 -16.33
N VAL V 154 -3.71 55.23 -15.63
CA VAL V 154 -3.47 54.08 -14.75
C VAL V 154 -4.54 53.03 -15.01
N ASN V 155 -4.13 51.75 -15.07
CA ASN V 155 -4.98 50.60 -14.79
C ASN V 155 -5.05 50.45 -13.28
N ILE V 156 -6.19 50.79 -12.67
CA ILE V 156 -6.25 50.84 -11.22
C ILE V 156 -7.29 49.84 -10.76
N ILE V 157 -7.15 49.41 -9.51
CA ILE V 157 -8.20 48.69 -8.80
C ILE V 157 -8.58 49.53 -7.60
N ARG V 158 -9.82 49.99 -7.56
CA ARG V 158 -10.32 50.74 -6.42
C ARG V 158 -11.05 49.80 -5.47
N LEU V 159 -10.87 50.03 -4.18
CA LEU V 159 -11.47 49.19 -3.16
C LEU V 159 -12.95 49.51 -3.04
N ARG V 160 -13.77 48.48 -3.07
CA ARG V 160 -15.21 48.63 -3.00
C ARG V 160 -15.73 47.95 -1.74
N ASP V 161 -17.04 48.03 -1.56
CA ASP V 161 -17.64 47.52 -0.33
C ASP V 161 -17.83 46.00 -0.43
N TYR V 162 -18.44 45.43 0.61
CA TYR V 162 -19.07 44.13 0.45
C TYR V 162 -20.21 44.23 -0.55
N ASP V 163 -20.98 45.30 -0.49
CA ASP V 163 -21.90 45.63 -1.56
C ASP V 163 -21.10 46.20 -2.73
N GLU V 164 -21.79 46.54 -3.83
CA GLU V 164 -21.20 46.93 -5.12
C GLU V 164 -20.35 45.81 -5.71
N MET V 165 -20.65 44.57 -5.35
CA MET V 165 -19.98 43.40 -5.90
C MET V 165 -21.05 42.48 -6.45
N PRO V 166 -20.73 41.60 -7.38
CA PRO V 166 -21.70 40.58 -7.79
C PRO V 166 -21.92 39.56 -6.68
N GLU V 167 -23.08 38.90 -6.76
CA GLU V 167 -23.49 37.96 -5.73
C GLU V 167 -22.60 36.72 -5.68
N CYS V 168 -22.00 36.36 -6.82
CA CYS V 168 -20.96 35.36 -6.86
C CYS V 168 -19.83 35.67 -5.89
N PHE V 169 -19.28 36.88 -5.98
CA PHE V 169 -18.19 37.26 -5.12
C PHE V 169 -18.63 37.50 -3.69
N ARG V 170 -19.90 37.90 -3.46
CA ARG V 170 -20.42 37.98 -2.10
C ARG V 170 -20.43 36.61 -1.44
N TYR V 171 -20.94 35.61 -2.16
CA TYR V 171 -21.00 34.27 -1.60
C TYR V 171 -19.62 33.69 -1.39
N TRP V 172 -18.69 33.97 -2.31
CA TRP V 172 -17.33 33.47 -2.12
C TRP V 172 -16.61 34.23 -1.02
N ILE V 173 -16.97 35.50 -0.81
CA ILE V 173 -16.35 36.28 0.25
C ILE V 173 -16.83 35.77 1.60
N VAL V 174 -18.09 35.32 1.67
CA VAL V 174 -18.63 34.81 2.91
C VAL V 174 -18.07 33.44 3.21
N THR V 175 -17.91 32.59 2.19
CA THR V 175 -17.36 31.26 2.45
C THR V 175 -15.90 31.32 2.84
N LYS V 176 -15.12 32.21 2.22
CA LYS V 176 -13.70 32.26 2.58
C LYS V 176 -13.51 32.92 3.94
N ALA V 177 -14.33 33.93 4.26
CA ALA V 177 -14.24 34.53 5.59
C ALA V 177 -14.78 33.59 6.65
N SER V 178 -15.70 32.70 6.28
CA SER V 178 -16.18 31.70 7.22
C SER V 178 -15.11 30.67 7.52
N ARG V 179 -14.34 30.27 6.50
CA ARG V 179 -13.20 29.39 6.73
C ARG V 179 -12.15 30.06 7.61
N GLN V 180 -11.90 31.35 7.38
CA GLN V 180 -10.94 32.09 8.21
C GLN V 180 -11.44 32.25 9.64
N PHE V 181 -12.74 32.41 9.84
CA PHE V 181 -13.29 32.53 11.19
C PHE V 181 -13.21 31.20 11.93
N ASN V 182 -13.54 30.12 11.22
CA ASN V 182 -13.45 28.75 11.73
C ASN V 182 -12.04 28.40 12.17
N ASN V 183 -11.05 28.64 11.32
CA ASN V 183 -9.67 28.25 11.62
C ASN V 183 -9.03 29.10 12.69
N ARG V 184 -9.65 30.20 13.09
CA ARG V 184 -9.06 31.07 14.08
C ARG V 184 -9.80 31.12 15.40
N PHE V 185 -11.04 30.61 15.47
CA PHE V 185 -11.73 30.67 16.76
C PHE V 185 -12.37 29.37 17.22
N PHE V 186 -12.85 28.51 16.33
CA PHE V 186 -13.45 27.24 16.72
C PHE V 186 -12.92 26.15 15.78
N GLY V 187 -11.58 26.05 15.69
CA GLY V 187 -10.95 25.12 14.78
C GLY V 187 -11.28 23.66 15.01
N ALA V 188 -12.10 23.10 14.14
CA ALA V 188 -12.54 21.72 14.18
C ALA V 188 -12.41 21.11 12.79
N PRO V 189 -12.03 19.84 12.70
CA PRO V 189 -11.65 19.28 11.40
C PRO V 189 -12.79 19.10 10.40
N GLU V 190 -13.98 18.75 10.90
CA GLU V 190 -15.11 18.48 10.01
C GLU V 190 -15.60 19.75 9.33
N VAL V 191 -15.80 20.80 10.11
CA VAL V 191 -16.27 22.06 9.56
C VAL V 191 -15.19 22.71 8.70
N GLU V 192 -13.90 22.49 9.02
CA GLU V 192 -12.82 22.97 8.15
C GLU V 192 -12.82 22.26 6.81
N GLY V 193 -12.98 20.93 6.81
CA GLY V 193 -12.99 20.21 5.56
C GLY V 193 -14.17 20.58 4.67
N VAL V 194 -15.34 20.76 5.27
CA VAL V 194 -16.48 21.08 4.43
C VAL V 194 -16.44 22.53 3.96
N LEU V 195 -15.87 23.45 4.75
CA LEU V 195 -15.71 24.81 4.25
C LEU V 195 -14.61 24.92 3.21
N GLN V 196 -13.62 24.02 3.24
CA GLN V 196 -12.61 24.02 2.19
C GLN V 196 -13.20 23.56 0.87
N GLU V 197 -13.98 22.47 0.91
CA GLU V 197 -14.67 21.98 -0.29
C GLU V 197 -15.62 23.03 -0.85
N GLU V 198 -16.31 23.71 0.04
CA GLU V 198 -17.31 24.67 -0.41
C GLU V 198 -16.69 26.01 -0.82
N GLU V 199 -15.50 26.33 -0.30
CA GLU V 199 -14.73 27.44 -0.85
C GLU V 199 -14.26 27.16 -2.27
N ASP V 200 -13.79 25.93 -2.53
CA ASP V 200 -13.41 25.59 -3.89
C ASP V 200 -14.59 25.63 -4.85
N GLU V 201 -15.79 25.24 -4.38
CA GLU V 201 -16.98 25.39 -5.21
C GLU V 201 -17.31 26.85 -5.50
N ALA V 202 -17.16 27.72 -4.50
CA ALA V 202 -17.43 29.14 -4.70
C ALA V 202 -16.43 29.76 -5.66
N ARG V 203 -15.16 29.36 -5.57
CA ARG V 203 -14.16 29.88 -6.49
C ARG V 203 -14.40 29.38 -7.91
N ARG V 204 -14.87 28.14 -8.04
CA ARG V 204 -15.27 27.60 -9.34
C ARG V 204 -16.35 28.45 -9.98
N LEU V 205 -17.40 28.75 -9.21
CA LEU V 205 -18.47 29.60 -9.74
C LEU V 205 -18.00 31.00 -10.04
N CYS V 206 -17.03 31.51 -9.30
CA CYS V 206 -16.75 32.91 -9.54
C CYS V 206 -15.74 33.07 -10.67
N MET V 207 -14.90 32.06 -10.90
CA MET V 207 -14.15 32.01 -12.15
C MET V 207 -15.06 31.83 -13.35
N GLU V 208 -16.18 31.10 -13.19
CA GLU V 208 -17.14 31.02 -14.27
C GLU V 208 -17.77 32.38 -14.55
N TYR V 209 -18.06 33.15 -13.49
CA TYR V 209 -18.56 34.51 -13.67
C TYR V 209 -17.53 35.40 -14.35
N GLU V 210 -16.25 35.23 -14.02
CA GLU V 210 -15.23 36.06 -14.67
C GLU V 210 -15.04 35.69 -16.13
N MET V 211 -15.06 34.40 -16.47
CA MET V 211 -14.94 34.04 -17.88
C MET V 211 -16.22 34.31 -18.65
N ASP V 212 -17.33 34.53 -17.96
CA ASP V 212 -18.57 34.93 -18.63
C ASP V 212 -18.71 36.44 -18.73
N TYR V 213 -18.30 37.18 -17.70
CA TYR V 213 -18.30 38.64 -17.76
C TYR V 213 -17.14 39.06 -18.63
N GLY V 214 -17.41 39.72 -19.75
CA GLY V 214 -16.30 40.12 -20.57
C GLY V 214 -15.75 38.98 -21.40
N GLY V 215 -16.52 38.52 -22.38
CA GLY V 215 -16.15 37.43 -23.25
C GLY V 215 -14.88 37.67 -24.03
N TYR V 216 -13.92 36.78 -23.82
CA TYR V 216 -12.59 36.90 -24.38
C TYR V 216 -12.41 35.84 -25.46
N ASN V 217 -12.47 36.27 -26.72
CA ASN V 217 -12.24 35.37 -27.84
C ASN V 217 -10.80 35.48 -28.31
N MET V 218 -10.25 34.35 -28.76
CA MET V 218 -8.81 34.24 -28.99
C MET V 218 -8.39 35.03 -30.22
N LEU V 219 -9.27 35.14 -31.22
CA LEU V 219 -8.81 35.55 -32.54
C LEU V 219 -9.47 36.83 -33.07
N ASP V 220 -10.45 37.40 -32.38
CA ASP V 220 -11.02 38.65 -32.86
C ASP V 220 -11.07 39.73 -31.79
N GLY V 221 -10.50 39.48 -30.62
CA GLY V 221 -10.64 40.44 -29.55
C GLY V 221 -9.34 40.95 -28.96
N ASP V 222 -8.24 40.26 -29.20
CA ASP V 222 -6.98 40.65 -28.58
C ASP V 222 -6.19 41.55 -29.52
N ALA V 223 -4.93 41.82 -29.17
CA ALA V 223 -4.14 42.81 -29.87
C ALA V 223 -3.23 42.22 -30.93
N PHE V 224 -2.70 41.02 -30.72
CA PHE V 224 -1.75 40.45 -31.67
C PHE V 224 -2.45 39.78 -32.83
N THR V 225 -3.31 38.81 -32.56
CA THR V 225 -3.93 38.06 -33.64
C THR V 225 -5.30 38.61 -34.01
N SER V 226 -5.44 39.92 -33.92
CA SER V 226 -6.47 40.64 -34.66
C SER V 226 -5.91 41.18 -35.97
N GLY V 227 -4.62 41.51 -35.98
CA GLY V 227 -3.98 41.97 -37.19
C GLY V 227 -3.57 40.87 -38.13
N LEU V 228 -3.30 39.79 -37.57
CA LEU V 228 -2.92 38.67 -38.42
C LEU V 228 -4.09 38.16 -39.24
N LEU V 229 -5.31 38.39 -38.79
CA LEU V 229 -6.49 37.98 -39.54
C LEU V 229 -7.19 39.14 -40.21
N THR V 230 -6.45 40.16 -40.64
CA THR V 230 -6.99 41.19 -41.50
C THR V 230 -6.66 40.83 -42.94
N ARG V 231 -7.69 40.65 -43.77
CA ARG V 231 -7.49 40.30 -45.17
C ARG V 231 -7.65 41.52 -46.06
N ASN W 42 9.50 53.04 16.73
CA ASN W 42 9.24 54.02 15.67
C ASN W 42 8.00 54.85 15.98
N VAL W 43 7.18 55.05 14.96
CA VAL W 43 5.95 55.82 15.03
C VAL W 43 4.80 54.86 14.75
N GLU W 44 3.64 55.13 15.37
CA GLU W 44 2.42 54.43 15.00
C GLU W 44 2.09 54.65 13.53
N THR W 45 1.64 53.58 12.88
CA THR W 45 1.17 53.64 11.50
C THR W 45 -0.22 53.02 11.46
N ALA W 46 -1.11 53.61 10.66
CA ALA W 46 -2.51 53.18 10.67
C ALA W 46 -2.68 51.79 10.07
N ALA W 47 -1.88 51.43 9.07
CA ALA W 47 -1.95 50.10 8.50
C ALA W 47 -1.15 49.08 9.30
N GLU W 48 -0.08 49.52 9.97
CA GLU W 48 0.76 48.59 10.70
C GLU W 48 0.08 48.10 11.97
N LEU W 49 -0.78 48.93 12.57
CA LEU W 49 -1.60 48.46 13.68
C LEU W 49 -2.57 47.39 13.21
N SER W 50 -3.14 47.55 12.02
CA SER W 50 -3.96 46.50 11.44
C SER W 50 -3.17 45.25 11.15
N ALA W 51 -1.88 45.41 10.82
CA ALA W 51 -1.03 44.26 10.57
C ALA W 51 -0.78 43.47 11.85
N VAL W 52 -0.35 44.15 12.92
CA VAL W 52 -0.07 43.48 14.17
C VAL W 52 -1.36 42.95 14.80
N ASN W 53 -2.48 43.60 14.51
CA ASN W 53 -3.79 43.09 14.90
C ASN W 53 -4.14 41.81 14.15
N ASP W 54 -3.90 41.77 12.84
CA ASP W 54 -4.23 40.57 12.07
C ASP W 54 -3.27 39.42 12.31
N ILE W 55 -2.07 39.71 12.84
CA ILE W 55 -1.24 38.61 13.34
C ILE W 55 -1.89 37.99 14.57
N LEU W 56 -2.33 38.83 15.50
CA LEU W 56 -3.05 38.35 16.68
C LEU W 56 -4.49 37.99 16.39
N ALA W 57 -4.98 38.21 15.17
CA ALA W 57 -6.34 37.77 14.86
C ALA W 57 -6.38 36.28 14.60
N SER W 58 -5.23 35.65 14.43
CA SER W 58 -5.19 34.19 14.34
C SER W 58 -5.22 33.54 15.71
N ILE W 59 -4.72 34.21 16.74
CA ILE W 59 -4.66 33.66 18.09
C ILE W 59 -5.04 34.76 19.06
N GLY W 60 -6.24 34.73 19.61
CA GLY W 60 -6.54 35.58 20.74
C GLY W 60 -7.14 36.94 20.38
N GLU W 61 -6.65 37.98 21.07
CA GLU W 61 -7.38 39.23 21.21
C GLU W 61 -6.65 40.42 20.58
N PRO W 62 -7.37 41.47 20.20
CA PRO W 62 -6.73 42.64 19.58
C PRO W 62 -6.00 43.50 20.60
N PRO W 63 -4.75 43.86 20.33
CA PRO W 63 -4.09 44.89 21.14
C PRO W 63 -4.39 46.27 20.61
N VAL W 64 -3.83 47.31 21.24
CA VAL W 64 -4.15 48.70 20.89
C VAL W 64 -2.87 49.50 20.77
N SER W 65 -2.59 49.98 19.57
CA SER W 65 -1.74 51.13 19.24
C SER W 65 -0.24 50.93 19.41
N THR W 66 0.20 49.85 20.07
CA THR W 66 1.57 49.33 20.08
C THR W 66 2.70 50.32 20.40
N LEU W 67 2.39 51.48 20.94
CA LEU W 67 3.39 52.55 21.05
C LEU W 67 4.00 52.58 22.46
N GLU W 68 4.78 51.55 22.76
CA GLU W 68 5.58 51.48 23.98
C GLU W 68 6.61 50.38 23.81
N GLY W 69 7.84 50.64 24.26
CA GLY W 69 8.90 49.65 24.12
C GLY W 69 8.76 48.51 25.11
N ASP W 70 8.89 48.80 26.40
CA ASP W 70 8.64 47.83 27.45
C ASP W 70 7.14 47.85 27.69
N ALA W 71 6.44 46.88 27.11
CA ALA W 71 5.00 46.98 26.95
C ALA W 71 4.34 45.62 27.00
N ASN W 72 3.13 45.56 26.44
CA ASN W 72 2.51 44.32 26.01
C ASN W 72 3.51 43.52 25.19
N ALA W 73 3.93 42.38 25.73
CA ALA W 73 4.99 41.60 25.10
C ALA W 73 4.50 40.94 23.82
N ASP W 74 3.21 40.64 23.76
CA ASP W 74 2.67 39.93 22.61
C ASP W 74 2.64 40.81 21.37
N ALA W 75 2.25 42.08 21.55
CA ALA W 75 2.16 43.00 20.42
C ALA W 75 3.54 43.36 19.88
N ALA W 76 4.50 43.61 20.78
CA ALA W 76 5.85 43.93 20.33
C ALA W 76 6.52 42.73 19.70
N ASN W 77 6.18 41.53 20.18
CA ASN W 77 6.77 40.32 19.63
C ASN W 77 6.24 40.05 18.22
N ALA W 78 4.94 40.23 18.02
CA ALA W 78 4.37 40.12 16.67
C ALA W 78 4.85 41.24 15.77
N ARG W 79 5.12 42.42 16.32
CA ARG W 79 5.66 43.51 15.50
C ARG W 79 7.07 43.20 15.03
N ARG W 80 7.87 42.52 15.87
CA ARG W 80 9.19 42.09 15.44
C ARG W 80 9.11 41.04 14.34
N ILE W 81 8.18 40.09 14.48
CA ILE W 81 7.98 39.11 13.41
C ILE W 81 7.52 39.77 12.12
N LEU W 82 6.70 40.82 12.24
CA LEU W 82 6.19 41.54 11.07
C LEU W 82 7.32 42.25 10.34
N ASN W 83 8.22 42.91 11.08
CA ASN W 83 9.32 43.60 10.41
C ASN W 83 10.35 42.63 9.86
N LYS W 84 10.52 41.45 10.47
CA LYS W 84 11.43 40.47 9.89
C LYS W 84 10.88 39.90 8.60
N ILE W 85 9.56 39.64 8.54
CA ILE W 85 9.00 39.13 7.30
C ILE W 85 8.94 40.24 6.25
N ASN W 86 8.88 41.50 6.66
CA ASN W 86 9.03 42.60 5.69
C ASN W 86 10.42 42.61 5.08
N ARG W 87 11.44 42.50 5.93
CA ARG W 87 12.83 42.53 5.46
C ARG W 87 13.15 41.31 4.62
N GLN W 88 12.46 40.20 4.85
CA GLN W 88 12.66 39.02 4.01
C GLN W 88 11.84 39.09 2.74
N ILE W 89 10.66 39.71 2.77
CA ILE W 89 9.78 39.66 1.62
C ILE W 89 10.14 40.74 0.61
N GLN W 90 10.92 41.73 1.03
CA GLN W 90 11.54 42.64 0.08
C GLN W 90 12.96 42.21 -0.26
N SER W 91 13.40 41.08 0.26
CA SER W 91 14.76 40.63 -0.02
C SER W 91 14.85 39.87 -1.31
N ARG W 92 13.75 39.28 -1.76
CA ARG W 92 13.81 38.34 -2.85
C ARG W 92 13.99 39.02 -4.20
N GLY W 93 13.69 40.30 -4.29
CA GLY W 93 13.86 41.00 -5.54
C GLY W 93 12.59 40.97 -6.36
N TRP W 94 11.94 42.11 -6.49
CA TRP W 94 10.75 42.20 -7.32
C TRP W 94 10.90 43.39 -8.25
N THR W 95 10.04 43.46 -9.25
CA THR W 95 10.23 44.38 -10.37
C THR W 95 9.89 45.81 -10.02
N PHE W 96 9.28 46.05 -8.87
CA PHE W 96 9.04 47.39 -8.36
C PHE W 96 9.97 47.76 -7.22
N ASN W 97 10.74 46.79 -6.72
CA ASN W 97 11.67 47.03 -5.64
C ASN W 97 13.09 47.27 -6.14
N ILE W 98 13.48 46.61 -7.23
CA ILE W 98 14.83 46.73 -7.76
C ILE W 98 14.89 48.07 -8.49
N GLU W 99 15.38 49.08 -7.79
CA GLU W 99 15.57 50.39 -8.41
C GLU W 99 16.81 50.30 -9.27
N GLU W 100 16.64 50.38 -10.60
CA GLU W 100 17.63 49.79 -11.49
C GLU W 100 18.94 50.56 -11.61
N GLY W 101 18.91 51.75 -12.18
CA GLY W 101 20.16 52.43 -12.41
C GLY W 101 20.52 53.46 -11.38
N ILE W 102 20.54 53.12 -10.10
CA ILE W 102 20.61 54.20 -9.13
C ILE W 102 22.08 54.48 -8.85
N THR W 103 22.37 55.70 -8.42
CA THR W 103 23.73 56.16 -8.19
C THR W 103 23.91 56.55 -6.75
N LEU W 104 25.04 56.17 -6.17
CA LEU W 104 25.37 56.54 -4.81
C LEU W 104 26.64 57.38 -4.82
N LEU W 105 26.69 58.37 -3.92
CA LEU W 105 27.78 59.32 -3.81
C LEU W 105 28.43 59.21 -2.45
N PRO W 106 29.76 59.23 -2.38
CA PRO W 106 30.44 59.12 -1.10
C PRO W 106 30.42 60.46 -0.35
N ASP W 107 30.91 60.40 0.89
CA ASP W 107 31.06 61.62 1.67
C ASP W 107 32.19 62.46 1.11
N VAL W 108 32.07 63.79 1.27
CA VAL W 108 33.10 64.67 0.72
C VAL W 108 34.36 64.62 1.57
N TYR W 109 34.22 64.66 2.89
CA TYR W 109 35.40 64.64 3.76
C TYR W 109 35.97 63.24 3.87
N SER W 110 35.14 62.26 4.24
CA SER W 110 35.63 60.92 4.54
C SER W 110 36.02 60.15 3.29
N ASN W 111 35.45 60.51 2.13
CA ASN W 111 35.70 59.86 0.84
C ASN W 111 35.39 58.37 0.90
N LEU W 112 34.22 58.03 1.44
CA LEU W 112 33.90 56.64 1.75
C LEU W 112 32.40 56.46 1.78
N ILE W 113 31.85 55.87 0.72
CA ILE W 113 30.42 55.64 0.57
C ILE W 113 29.97 54.50 1.47
N VAL W 114 28.85 54.71 2.17
CA VAL W 114 28.49 53.97 3.37
C VAL W 114 27.41 52.96 3.03
N TYR W 115 27.73 51.68 3.17
CA TYR W 115 26.76 50.60 3.12
C TYR W 115 25.85 50.73 4.34
N SER W 116 24.57 50.45 4.14
CA SER W 116 23.63 50.55 5.25
C SER W 116 22.87 49.23 5.40
N ASP W 117 22.24 49.07 6.56
CA ASP W 117 21.26 48.01 6.73
C ASP W 117 19.98 48.32 5.97
N ASP W 118 19.75 49.60 5.65
CA ASP W 118 18.68 49.97 4.74
C ASP W 118 18.97 49.45 3.34
N TYR W 119 20.22 49.53 2.90
CA TYR W 119 20.63 49.00 1.60
C TYR W 119 20.61 47.48 1.71
N LEU W 120 19.54 46.88 1.23
CA LEU W 120 19.18 45.51 1.58
C LEU W 120 20.09 44.50 0.90
N SER W 121 20.11 44.47 -0.43
CA SER W 121 20.99 43.58 -1.16
C SER W 121 21.36 44.23 -2.49
N LEU W 122 22.62 44.62 -2.65
CA LEU W 122 23.03 45.43 -3.79
C LEU W 122 23.90 44.60 -4.72
N MET W 123 23.58 44.64 -6.01
CA MET W 123 24.30 43.97 -7.07
C MET W 123 24.67 45.01 -8.13
N SER W 124 25.50 44.63 -9.09
CA SER W 124 25.91 45.59 -10.10
C SER W 124 25.04 45.51 -11.34
N THR W 125 25.30 46.41 -12.29
CA THR W 125 24.36 46.66 -13.38
C THR W 125 24.35 45.53 -14.40
N SER W 126 25.52 45.12 -14.89
CA SER W 126 25.56 44.20 -16.01
C SER W 126 25.80 42.75 -15.60
N GLY W 127 26.93 42.49 -14.94
CA GLY W 127 27.29 41.13 -14.59
C GLY W 127 28.62 41.12 -13.88
N GLN W 128 28.84 40.06 -13.09
CA GLN W 128 30.01 39.88 -12.23
C GLN W 128 30.16 41.09 -11.29
N SER W 129 29.20 41.18 -10.40
CA SER W 129 29.09 42.28 -9.47
C SER W 129 30.27 42.34 -8.51
N ILE W 130 30.88 43.52 -8.40
CA ILE W 130 32.16 43.68 -7.73
C ILE W 130 32.05 44.46 -6.43
N TYR W 131 30.86 44.57 -5.85
CA TYR W 131 30.63 45.42 -4.69
C TYR W 131 30.22 44.55 -3.52
N VAL W 132 30.85 44.75 -2.36
CA VAL W 132 30.56 43.93 -1.19
C VAL W 132 30.67 44.81 0.06
N ASN W 133 29.92 44.46 1.09
CA ASN W 133 29.98 45.19 2.34
C ASN W 133 31.14 44.72 3.20
N ARG W 134 31.82 45.67 3.84
CA ARG W 134 33.05 45.44 4.60
C ARG W 134 33.19 46.58 5.61
N GLY W 135 32.84 46.32 6.86
CA GLY W 135 32.94 47.33 7.89
C GLY W 135 31.69 48.16 8.04
N GLY W 136 30.84 48.14 7.01
CA GLY W 136 29.70 49.03 6.95
C GLY W 136 29.88 49.90 5.73
N TYR W 137 30.87 49.54 4.93
CA TYR W 137 31.32 50.34 3.80
C TYR W 137 31.39 49.45 2.57
N VAL W 138 30.96 49.98 1.42
CA VAL W 138 31.02 49.19 0.19
C VAL W 138 32.46 49.15 -0.31
N TYR W 139 32.82 48.05 -0.95
CA TYR W 139 34.21 47.70 -1.17
C TYR W 139 34.33 46.89 -2.45
N ASP W 140 35.38 47.16 -3.22
CA ASP W 140 35.64 46.47 -4.47
C ASP W 140 36.48 45.22 -4.20
N ARG W 141 36.05 44.10 -4.72
CA ARG W 141 36.83 42.88 -4.59
C ARG W 141 37.71 42.62 -5.80
N THR W 142 37.65 43.46 -6.82
CA THR W 142 38.59 43.41 -7.94
C THR W 142 39.58 44.56 -7.93
N SER W 143 39.13 45.78 -7.61
CA SER W 143 40.06 46.88 -7.51
C SER W 143 40.89 46.81 -6.23
N GLN W 144 40.45 45.99 -5.26
CA GLN W 144 41.10 45.72 -3.98
C GLN W 144 41.21 47.02 -3.21
N SER W 145 40.21 47.89 -3.34
CA SER W 145 40.27 49.22 -2.76
C SER W 145 38.91 49.60 -2.20
N ASP W 146 38.94 50.59 -1.31
CA ASP W 146 37.75 51.04 -0.60
C ASP W 146 37.37 52.47 -0.93
N ARG W 147 38.35 53.35 -1.07
CA ARG W 147 38.09 54.76 -1.32
C ARG W 147 37.62 54.96 -2.75
N PHE W 148 36.54 55.73 -2.91
CA PHE W 148 35.99 56.00 -4.24
C PHE W 148 36.10 57.49 -4.53
N ASP W 149 36.67 57.83 -5.68
CA ASP W 149 36.74 59.22 -6.10
C ASP W 149 35.38 59.71 -6.57
N SER W 150 34.83 59.08 -7.60
CA SER W 150 33.54 59.47 -8.14
C SER W 150 32.45 58.57 -7.57
N GLY W 151 31.26 58.68 -8.12
CA GLY W 151 30.11 57.95 -7.63
C GLY W 151 30.14 56.48 -8.02
N ILE W 152 28.98 55.84 -7.90
CA ILE W 152 28.87 54.42 -8.19
C ILE W 152 27.46 54.13 -8.70
N THR W 153 27.35 53.22 -9.66
CA THR W 153 26.09 52.86 -10.29
C THR W 153 25.73 51.43 -9.89
N VAL W 154 24.61 51.27 -9.19
CA VAL W 154 24.24 50.03 -8.53
C VAL W 154 22.76 49.76 -8.81
N ASN W 155 22.42 48.46 -8.98
CA ASN W 155 21.06 47.95 -8.76
C ASN W 155 20.95 47.69 -7.26
N ILE W 156 20.12 48.46 -6.58
CA ILE W 156 20.04 48.33 -5.14
C ILE W 156 18.58 48.08 -4.77
N ILE W 157 18.38 47.47 -3.60
CA ILE W 157 17.07 47.31 -3.00
C ILE W 157 17.08 48.14 -1.72
N ARG W 158 16.07 48.97 -1.55
CA ARG W 158 15.95 49.78 -0.36
C ARG W 158 14.80 49.26 0.49
N LEU W 159 15.03 49.18 1.80
CA LEU W 159 14.02 48.66 2.72
C LEU W 159 12.88 49.64 2.81
N ARG W 160 11.69 49.19 2.46
CA ARG W 160 10.49 49.99 2.58
C ARG W 160 9.68 49.47 3.74
N ASP W 161 8.63 50.23 4.10
CA ASP W 161 7.87 49.91 5.29
C ASP W 161 6.83 48.84 4.98
N TYR W 162 5.91 48.61 5.92
CA TYR W 162 4.76 47.77 5.63
C TYR W 162 3.79 48.50 4.72
N ASP W 163 3.70 49.81 4.86
CA ASP W 163 3.11 50.63 3.82
C ASP W 163 4.13 50.75 2.68
N GLU W 164 3.77 51.50 1.62
CA GLU W 164 4.54 51.63 0.38
C GLU W 164 4.71 50.32 -0.36
N MET W 165 3.87 49.33 -0.08
CA MET W 165 3.87 48.04 -0.75
C MET W 165 2.47 47.81 -1.31
N PRO W 166 2.35 47.02 -2.37
CA PRO W 166 1.02 46.66 -2.86
C PRO W 166 0.29 45.75 -1.90
N GLU W 167 -1.04 45.71 -2.07
CA GLU W 167 -1.91 44.98 -1.17
C GLU W 167 -1.68 43.47 -1.27
N CYS W 168 -1.26 43.01 -2.44
CA CYS W 168 -0.80 41.63 -2.61
C CYS W 168 0.31 41.29 -1.63
N PHE W 169 1.35 42.11 -1.62
CA PHE W 169 2.47 41.83 -0.73
C PHE W 169 2.13 42.07 0.72
N ARG W 170 1.17 42.97 1.01
CA ARG W 170 0.71 43.15 2.39
C ARG W 170 0.02 41.91 2.90
N TYR W 171 -0.84 41.32 2.09
CA TYR W 171 -1.48 40.09 2.49
C TYR W 171 -0.48 38.95 2.61
N TRP W 172 0.57 38.95 1.80
CA TRP W 172 1.53 37.86 1.89
C TRP W 172 2.46 38.01 3.09
N ILE W 173 2.86 39.23 3.46
CA ILE W 173 3.64 39.39 4.68
C ILE W 173 2.79 39.08 5.91
N VAL W 174 1.51 39.45 5.90
CA VAL W 174 0.64 39.15 7.03
C VAL W 174 0.45 37.65 7.19
N THR W 175 0.27 36.92 6.08
CA THR W 175 0.10 35.48 6.21
C THR W 175 1.38 34.74 6.56
N LYS W 176 2.55 35.15 6.02
CA LYS W 176 3.76 34.42 6.38
C LYS W 176 4.19 34.75 7.81
N ALA W 177 3.99 35.99 8.24
CA ALA W 177 4.27 36.34 9.63
C ALA W 177 3.28 35.69 10.56
N SER W 178 2.04 35.46 10.11
CA SER W 178 1.09 34.73 10.93
C SER W 178 1.49 33.27 11.05
N ARG W 179 2.05 32.69 10.00
CA ARG W 179 2.55 31.32 10.09
C ARG W 179 3.74 31.21 11.03
N GLN W 180 4.65 32.19 10.98
CA GLN W 180 5.77 32.21 11.91
C GLN W 180 5.32 32.40 13.35
N PHE W 181 4.38 33.33 13.58
CA PHE W 181 3.86 33.59 14.92
C PHE W 181 3.07 32.40 15.45
N ASN W 182 2.46 31.64 14.56
CA ASN W 182 1.81 30.40 14.92
C ASN W 182 2.84 29.36 15.36
N ASN W 183 3.88 29.17 14.55
CA ASN W 183 4.84 28.12 14.81
C ASN W 183 5.76 28.40 15.97
N ARG W 184 5.83 29.64 16.42
CA ARG W 184 6.77 29.93 17.49
C ARG W 184 6.12 30.13 18.85
N PHE W 185 4.83 30.47 18.91
CA PHE W 185 4.20 30.70 20.21
C PHE W 185 2.98 29.84 20.47
N PHE W 186 1.99 29.85 19.59
CA PHE W 186 0.75 29.08 19.79
C PHE W 186 0.79 27.86 18.89
N GLY W 187 1.36 26.78 19.38
CA GLY W 187 1.63 25.63 18.54
C GLY W 187 0.45 24.72 18.28
N ALA W 188 -0.57 25.23 17.65
CA ALA W 188 -1.61 24.27 17.30
C ALA W 188 -1.42 23.76 15.88
N PRO W 189 -1.65 22.46 15.64
CA PRO W 189 -1.26 21.88 14.33
C PRO W 189 -2.16 22.26 13.16
N GLU W 190 -3.47 22.30 13.38
CA GLU W 190 -4.40 22.48 12.28
C GLU W 190 -4.37 23.90 11.72
N VAL W 191 -4.18 24.89 12.59
CA VAL W 191 -4.05 26.26 12.13
C VAL W 191 -2.71 26.45 11.41
N GLU W 192 -1.69 25.67 11.77
CA GLU W 192 -0.46 25.65 10.99
C GLU W 192 -0.66 25.07 9.60
N GLY W 193 -1.44 23.99 9.50
CA GLY W 193 -1.73 23.42 8.19
C GLY W 193 -2.49 24.39 7.28
N VAL W 194 -3.47 25.07 7.85
CA VAL W 194 -4.26 25.97 6.99
C VAL W 194 -3.47 27.25 6.67
N LEU W 195 -2.60 27.72 7.57
CA LEU W 195 -1.78 28.87 7.20
C LEU W 195 -0.67 28.51 6.22
N GLN W 196 -0.22 27.26 6.20
CA GLN W 196 0.74 26.83 5.17
C GLN W 196 0.09 26.83 3.80
N GLU W 197 -1.10 26.21 3.70
CA GLU W 197 -1.84 26.20 2.44
C GLU W 197 -2.17 27.61 1.97
N GLU W 198 -2.50 28.48 2.91
CA GLU W 198 -2.93 29.81 2.55
C GLU W 198 -1.76 30.75 2.27
N GLU W 199 -0.58 30.47 2.83
CA GLU W 199 0.64 31.13 2.37
C GLU W 199 0.96 30.76 0.94
N ASP W 200 0.78 29.48 0.58
CA ASP W 200 1.00 29.07 -0.80
C ASP W 200 0.06 29.79 -1.76
N GLU W 201 -1.21 29.97 -1.35
CA GLU W 201 -2.15 30.73 -2.18
C GLU W 201 -1.74 32.21 -2.30
N ALA W 202 -1.23 32.78 -1.21
CA ALA W 202 -0.85 34.20 -1.25
C ALA W 202 0.39 34.41 -2.13
N ARG W 203 1.35 33.49 -2.06
CA ARG W 203 2.51 33.60 -2.93
C ARG W 203 2.14 33.38 -4.39
N ARG W 204 1.15 32.51 -4.66
CA ARG W 204 0.62 32.36 -6.00
C ARG W 204 0.07 33.68 -6.53
N LEU W 205 -0.76 34.35 -5.73
CA LEU W 205 -1.28 35.65 -6.13
C LEU W 205 -0.19 36.69 -6.29
N CYS W 206 0.89 36.58 -5.53
CA CYS W 206 1.80 37.71 -5.60
C CYS W 206 2.82 37.50 -6.72
N MET W 207 3.08 36.25 -7.08
CA MET W 207 3.77 35.98 -8.34
C MET W 207 2.93 36.40 -9.54
N GLU W 208 1.59 36.26 -9.44
CA GLU W 208 0.72 36.79 -10.49
C GLU W 208 0.84 38.30 -10.59
N TYR W 209 0.93 38.98 -9.44
CA TYR W 209 1.13 40.43 -9.44
C TYR W 209 2.46 40.82 -10.08
N GLU W 210 3.52 40.05 -9.80
CA GLU W 210 4.82 40.39 -10.40
C GLU W 210 4.85 40.12 -11.90
N MET W 211 4.29 39.02 -12.36
CA MET W 211 4.28 38.79 -13.80
C MET W 211 3.21 39.61 -14.52
N ASP W 212 2.36 40.33 -13.79
CA ASP W 212 1.48 41.31 -14.40
C ASP W 212 2.02 42.73 -14.27
N TYR W 213 2.81 43.03 -13.24
CA TYR W 213 3.49 44.31 -13.12
C TYR W 213 4.73 44.25 -13.98
N GLY W 214 4.73 44.97 -15.08
CA GLY W 214 5.92 44.89 -15.92
C GLY W 214 5.96 43.69 -16.82
N GLY W 215 5.05 43.66 -17.80
CA GLY W 215 4.98 42.60 -18.80
C GLY W 215 6.29 42.35 -19.53
N TYR W 216 6.87 41.20 -19.25
CA TYR W 216 8.15 40.79 -19.80
C TYR W 216 7.89 39.91 -21.01
N ASN W 217 8.10 40.46 -22.20
CA ASN W 217 7.98 39.70 -23.44
C ASN W 217 9.35 39.24 -23.90
N MET W 218 9.41 38.00 -24.40
CA MET W 218 10.68 37.38 -24.74
C MET W 218 11.30 38.04 -25.96
N LEU W 219 10.55 38.10 -27.05
CA LEU W 219 11.13 38.37 -28.36
C LEU W 219 11.19 39.85 -28.73
N ASP W 220 10.59 40.74 -27.93
CA ASP W 220 10.70 42.16 -28.22
C ASP W 220 11.17 42.97 -27.03
N GLY W 221 11.65 42.34 -25.96
CA GLY W 221 11.97 43.11 -24.78
C GLY W 221 13.29 42.85 -24.09
N ASP W 222 13.97 41.75 -24.40
CA ASP W 222 15.21 41.44 -23.69
C ASP W 222 16.41 42.01 -24.44
N ALA W 223 17.61 41.56 -24.07
CA ALA W 223 18.83 42.05 -24.68
C ALA W 223 19.38 41.12 -25.76
N PHE W 224 19.01 39.83 -25.76
CA PHE W 224 19.56 38.93 -26.76
C PHE W 224 18.68 38.85 -27.99
N THR W 225 17.43 38.40 -27.84
CA THR W 225 16.57 38.24 -29.01
C THR W 225 15.74 39.49 -29.29
N SER W 226 16.27 40.66 -28.96
CA SER W 226 15.84 41.91 -29.57
C SER W 226 16.60 42.17 -30.87
N GLY W 227 17.93 42.06 -30.83
CA GLY W 227 18.73 42.31 -32.00
C GLY W 227 18.64 41.25 -33.07
N LEU W 228 18.23 39.90 -32.73
CA LEU W 228 18.05 38.83 -33.70
C LEU W 228 16.82 39.04 -34.56
N LEU W 229 15.84 39.80 -34.06
CA LEU W 229 14.66 40.11 -34.84
C LEU W 229 14.65 41.52 -35.39
N THR W 230 15.81 42.07 -35.70
CA THR W 230 15.88 43.32 -36.46
C THR W 230 16.05 42.99 -37.92
N ARG W 231 15.10 43.42 -38.75
CA ARG W 231 15.17 43.16 -40.18
C ARG W 231 15.67 44.39 -40.94
N MET X 41 35.77 36.28 22.98
CA MET X 41 35.02 37.39 23.53
C MET X 41 34.84 38.48 22.48
N ASN X 42 33.62 39.00 22.35
CA ASN X 42 33.28 40.00 21.35
C ASN X 42 32.44 41.10 21.99
N VAL X 43 32.27 42.18 21.24
CA VAL X 43 31.42 43.29 21.66
C VAL X 43 30.17 43.23 20.79
N GLU X 44 29.05 43.72 21.33
CA GLU X 44 27.76 43.59 20.67
C GLU X 44 27.69 44.43 19.39
N THR X 45 26.78 44.02 18.51
CA THR X 45 26.48 44.72 17.28
C THR X 45 24.96 44.87 17.24
N ALA X 46 24.49 46.01 16.70
CA ALA X 46 23.08 46.34 16.76
C ALA X 46 22.22 45.39 15.94
N ALA X 47 22.78 44.76 14.91
CA ALA X 47 22.07 43.76 14.15
C ALA X 47 22.22 42.36 14.72
N GLU X 48 23.35 42.09 15.38
CA GLU X 48 23.57 40.77 15.98
C GLU X 48 22.62 40.52 17.14
N LEU X 49 22.26 41.58 17.86
CA LEU X 49 21.29 41.45 18.94
C LEU X 49 19.92 41.09 18.39
N SER X 50 19.55 41.65 17.24
CA SER X 50 18.29 41.26 16.61
C SER X 50 18.36 39.84 16.08
N ALA X 51 19.54 39.38 15.67
CA ALA X 51 19.70 38.02 15.21
C ALA X 51 19.51 37.02 16.35
N VAL X 52 20.22 37.24 17.46
CA VAL X 52 20.10 36.38 18.62
C VAL X 52 18.70 36.47 19.21
N ASN X 53 18.07 37.64 19.08
CA ASN X 53 16.70 37.81 19.55
C ASN X 53 15.72 37.07 18.63
N ASP X 54 16.09 36.86 17.37
CA ASP X 54 15.28 36.03 16.50
C ASP X 54 15.58 34.55 16.65
N ILE X 55 16.71 34.20 17.27
CA ILE X 55 16.93 32.79 17.60
C ILE X 55 16.06 32.39 18.78
N LEU X 56 16.05 33.23 19.82
CA LEU X 56 15.23 32.95 20.99
C LEU X 56 13.74 33.10 20.70
N ALA X 57 13.38 33.78 19.62
CA ALA X 57 11.98 33.92 19.25
C ALA X 57 11.37 32.63 18.74
N SER X 58 12.19 31.63 18.43
CA SER X 58 11.65 30.33 18.08
C SER X 58 11.02 29.65 19.29
N ILE X 59 11.77 29.54 20.38
CA ILE X 59 11.26 29.06 21.66
C ILE X 59 11.79 29.97 22.74
N GLY X 60 10.93 30.76 23.37
CA GLY X 60 11.40 31.61 24.44
C GLY X 60 10.92 33.04 24.38
N GLU X 61 11.54 33.90 25.18
CA GLU X 61 11.14 35.28 25.38
C GLU X 61 12.27 36.20 24.93
N PRO X 62 11.96 37.44 24.54
CA PRO X 62 12.99 38.31 23.95
C PRO X 62 13.92 38.91 25.01
N PRO X 63 15.24 38.73 24.87
CA PRO X 63 16.16 39.43 25.76
C PRO X 63 16.59 40.76 25.18
N VAL X 64 17.26 41.58 25.97
CA VAL X 64 17.75 42.89 25.54
C VAL X 64 19.17 43.06 26.06
N SER X 65 20.10 43.36 25.16
CA SER X 65 21.47 43.77 25.47
C SER X 65 22.22 42.72 26.27
N THR X 66 22.56 41.59 25.63
CA THR X 66 23.08 40.37 26.24
C THR X 66 24.19 40.57 27.27
N LEU X 67 25.36 41.04 26.84
CA LEU X 67 26.38 41.66 27.69
C LEU X 67 27.01 40.78 28.77
N GLU X 68 26.52 39.57 28.97
CA GLU X 68 26.98 38.69 30.03
C GLU X 68 26.82 37.25 29.61
N GLY X 69 27.61 36.37 30.24
CA GLY X 69 27.34 34.95 30.15
C GLY X 69 26.34 34.45 31.17
N ASP X 70 25.81 35.35 32.00
CA ASP X 70 24.88 35.00 33.07
C ASP X 70 23.64 35.89 33.02
N ALA X 71 23.44 36.62 31.92
CA ALA X 71 22.21 37.40 31.79
C ALA X 71 21.02 36.49 31.56
N ASN X 72 21.04 35.73 30.47
CA ASN X 72 20.17 34.58 30.30
C ASN X 72 21.03 33.38 30.00
N ALA X 73 20.60 32.21 30.49
CA ALA X 73 21.30 30.98 30.16
C ALA X 73 21.09 30.58 28.71
N ASP X 74 20.03 31.08 28.08
CA ASP X 74 19.72 30.73 26.71
C ASP X 74 20.24 31.76 25.70
N ALA X 75 20.45 33.00 26.12
CA ALA X 75 20.87 34.04 25.18
C ALA X 75 22.31 33.84 24.72
N ALA X 76 23.23 33.64 25.66
CA ALA X 76 24.62 33.42 25.29
C ALA X 76 24.81 32.08 24.64
N ASN X 77 23.97 31.12 24.97
CA ASN X 77 24.03 29.79 24.37
C ASN X 77 23.62 29.84 22.91
N ALA X 78 22.54 30.56 22.62
CA ALA X 78 22.14 30.77 21.24
C ALA X 78 23.12 31.66 20.50
N ARG X 79 23.80 32.56 21.21
CA ARG X 79 24.82 33.38 20.55
C ARG X 79 26.02 32.54 20.14
N ARG X 80 26.37 31.54 20.95
CA ARG X 80 27.42 30.60 20.55
C ARG X 80 27.01 29.76 19.36
N ILE X 81 25.76 29.28 19.35
CA ILE X 81 25.27 28.51 18.21
C ILE X 81 25.22 29.38 16.94
N LEU X 82 24.91 30.67 17.12
CA LEU X 82 24.86 31.57 15.98
C LEU X 82 26.25 31.85 15.43
N ASN X 83 27.25 32.00 16.29
CA ASN X 83 28.61 32.18 15.77
C ASN X 83 29.14 30.91 15.12
N LYS X 84 28.70 29.74 15.59
CA LYS X 84 29.09 28.51 14.91
C LYS X 84 28.49 28.43 13.51
N ILE X 85 27.21 28.78 13.36
CA ILE X 85 26.60 28.78 12.03
C ILE X 85 27.16 29.92 11.17
N ASN X 86 27.59 31.01 11.80
CA ASN X 86 28.24 32.10 11.08
C ASN X 86 29.56 31.65 10.50
N ARG X 87 30.29 30.82 11.23
CA ARG X 87 31.50 30.25 10.68
C ARG X 87 31.19 29.22 9.60
N GLN X 88 30.10 28.47 9.78
CA GLN X 88 29.85 27.35 8.87
C GLN X 88 29.31 27.80 7.52
N ILE X 89 28.42 28.78 7.47
CA ILE X 89 27.71 29.06 6.22
C ILE X 89 28.63 29.76 5.22
N GLN X 90 29.73 30.35 5.67
CA GLN X 90 30.72 30.95 4.81
C GLN X 90 31.79 29.95 4.40
N SER X 91 31.73 28.72 4.92
CA SER X 91 32.65 27.70 4.49
C SER X 91 32.29 27.14 3.13
N ARG X 92 31.04 27.30 2.72
CA ARG X 92 30.58 26.62 1.51
C ARG X 92 31.15 27.25 0.26
N GLY X 93 31.58 28.50 0.36
CA GLY X 93 32.19 29.15 -0.78
C GLY X 93 31.16 29.86 -1.61
N TRP X 94 31.20 31.19 -1.64
CA TRP X 94 30.24 31.95 -2.40
C TRP X 94 31.00 32.94 -3.26
N THR X 95 30.30 33.53 -4.23
CA THR X 95 30.96 34.35 -5.24
C THR X 95 31.34 35.72 -4.72
N PHE X 96 30.85 36.12 -3.56
CA PHE X 96 31.23 37.38 -2.94
C PHE X 96 32.23 37.18 -1.82
N ASN X 97 32.51 35.94 -1.45
CA ASN X 97 33.36 35.62 -0.32
C ASN X 97 34.72 35.07 -0.75
N ILE X 98 34.79 34.39 -1.88
CA ILE X 98 36.06 33.87 -2.37
C ILE X 98 36.81 35.03 -2.98
N GLU X 99 37.68 35.65 -2.18
CA GLU X 99 38.47 36.78 -2.63
C GLU X 99 39.62 36.25 -3.48
N GLU X 100 39.52 36.45 -4.79
CA GLU X 100 40.25 35.64 -5.77
C GLU X 100 41.77 35.76 -5.73
N GLY X 101 42.29 36.91 -6.11
CA GLY X 101 43.73 36.99 -6.22
C GLY X 101 44.45 37.57 -5.03
N ILE X 102 44.22 37.07 -3.82
CA ILE X 102 44.73 37.80 -2.67
C ILE X 102 46.18 37.38 -2.46
N THR X 103 46.97 38.25 -1.86
CA THR X 103 48.40 38.04 -1.71
C THR X 103 48.79 38.13 -0.25
N LEU X 104 49.21 37.02 0.33
CA LEU X 104 49.71 36.99 1.69
C LEU X 104 51.21 37.26 1.67
N LEU X 105 51.66 38.01 2.66
CA LEU X 105 53.05 38.37 2.85
C LEU X 105 53.54 37.82 4.19
N PRO X 106 54.66 37.13 4.19
CA PRO X 106 55.18 36.56 5.43
C PRO X 106 55.80 37.63 6.31
N ASP X 107 56.12 37.24 7.55
CA ASP X 107 56.85 38.12 8.44
C ASP X 107 58.27 38.30 7.93
N VAL X 108 58.82 39.49 8.16
CA VAL X 108 60.11 39.84 7.58
C VAL X 108 61.24 39.11 8.28
N TYR X 109 61.26 39.14 9.62
CA TYR X 109 62.32 38.47 10.35
C TYR X 109 62.06 36.97 10.49
N SER X 110 60.79 36.60 10.69
CA SER X 110 60.46 35.20 10.92
C SER X 110 60.53 34.35 9.66
N ASN X 111 60.40 34.99 8.48
CA ASN X 111 60.41 34.33 7.17
C ASN X 111 59.32 33.25 7.10
N LEU X 112 58.13 33.61 7.58
CA LEU X 112 57.09 32.62 7.82
C LEU X 112 55.74 33.31 7.82
N ILE X 113 54.76 32.68 7.15
CA ILE X 113 53.44 33.25 6.95
C ILE X 113 52.41 32.40 7.71
N VAL X 114 51.48 33.08 8.36
CA VAL X 114 50.70 32.52 9.46
C VAL X 114 49.30 32.15 8.99
N TYR X 115 48.98 30.86 9.04
CA TYR X 115 47.61 30.39 8.88
C TYR X 115 46.83 30.79 10.14
N SER X 116 45.57 31.14 9.97
CA SER X 116 44.77 31.55 11.10
C SER X 116 43.45 30.79 11.13
N ASP X 117 42.84 30.76 12.32
CA ASP X 117 41.45 30.34 12.45
C ASP X 117 40.50 31.35 11.83
N ASP X 118 40.97 32.59 11.65
CA ASP X 118 40.23 33.57 10.88
C ASP X 118 40.18 33.18 9.40
N TYR X 119 41.28 32.62 8.88
CA TYR X 119 41.27 32.09 7.52
C TYR X 119 40.40 30.83 7.52
N LEU X 120 39.46 30.76 6.58
CA LEU X 120 38.40 29.77 6.68
C LEU X 120 38.67 28.58 5.77
N SER X 121 39.07 28.84 4.53
CA SER X 121 39.63 27.84 3.64
C SER X 121 40.48 28.56 2.60
N LEU X 122 41.70 28.09 2.38
CA LEU X 122 42.59 28.73 1.41
C LEU X 122 43.01 27.71 0.37
N MET X 123 42.92 28.07 -0.90
CA MET X 123 43.29 27.22 -2.02
C MET X 123 44.17 28.00 -2.97
N SER X 124 44.83 27.28 -3.88
CA SER X 124 45.65 27.96 -4.86
C SER X 124 44.79 28.49 -5.99
N THR X 125 45.43 29.25 -6.88
CA THR X 125 44.68 30.05 -7.84
C THR X 125 44.18 29.22 -9.02
N SER X 126 45.01 28.33 -9.55
CA SER X 126 44.63 27.63 -10.76
C SER X 126 44.15 26.20 -10.54
N GLY X 127 45.03 25.35 -10.01
CA GLY X 127 44.71 23.94 -9.94
C GLY X 127 45.80 23.13 -9.28
N GLN X 128 45.42 22.02 -8.65
CA GLN X 128 46.29 21.19 -7.79
C GLN X 128 46.92 22.06 -6.70
N SER X 129 46.04 22.52 -5.82
CA SER X 129 46.39 23.45 -4.76
C SER X 129 47.35 22.83 -3.77
N ILE X 130 48.51 23.48 -3.62
CA ILE X 130 49.65 22.90 -2.91
C ILE X 130 49.81 23.47 -1.51
N TYR X 131 48.77 24.02 -0.92
CA TYR X 131 48.88 24.75 0.34
C TYR X 131 48.02 24.08 1.39
N VAL X 132 48.61 23.77 2.56
CA VAL X 132 47.86 23.22 3.68
C VAL X 132 48.55 23.68 4.96
N ASN X 133 47.78 23.75 6.03
CA ASN X 133 48.35 24.19 7.30
C ASN X 133 48.99 23.03 8.06
N ARG X 134 50.16 23.30 8.65
CA ARG X 134 50.77 22.38 9.62
C ARG X 134 51.28 23.26 10.75
N GLY X 135 50.92 22.91 11.98
CA GLY X 135 51.38 23.65 13.14
C GLY X 135 50.60 24.92 13.43
N GLY X 136 50.17 25.61 12.38
CA GLY X 136 49.59 26.93 12.52
C GLY X 136 50.05 27.81 11.38
N TYR X 137 50.88 27.26 10.51
CA TYR X 137 51.45 27.99 9.40
C TYR X 137 51.17 27.25 8.10
N VAL X 138 51.11 27.98 6.98
CA VAL X 138 50.83 27.33 5.71
C VAL X 138 52.08 26.65 5.21
N TYR X 139 51.92 25.68 4.32
CA TYR X 139 52.95 24.69 4.05
C TYR X 139 52.72 24.06 2.69
N ASP X 140 53.81 23.84 1.96
CA ASP X 140 53.78 23.22 0.65
C ASP X 140 53.92 21.71 0.81
N ARG X 141 52.97 20.96 0.29
CA ARG X 141 53.11 19.51 0.29
C ARG X 141 53.81 18.99 -0.95
N THR X 142 54.18 19.88 -1.89
CA THR X 142 54.98 19.48 -3.04
C THR X 142 56.39 20.03 -2.99
N SER X 143 56.55 21.32 -2.67
CA SER X 143 57.89 21.86 -2.47
C SER X 143 58.52 21.36 -1.19
N GLN X 144 57.70 20.88 -0.24
CA GLN X 144 58.13 20.25 1.02
C GLN X 144 58.96 21.23 1.85
N SER X 145 58.36 22.39 2.14
CA SER X 145 59.08 23.45 2.81
C SER X 145 58.09 24.40 3.48
N ASP X 146 58.60 25.18 4.42
CA ASP X 146 57.79 26.07 5.24
C ASP X 146 58.49 27.41 5.38
N ARG X 147 59.26 27.79 4.37
CA ARG X 147 60.01 29.04 4.38
C ARG X 147 59.75 29.74 3.06
N PHE X 148 59.04 30.86 3.09
CA PHE X 148 58.67 31.55 1.87
C PHE X 148 59.47 32.83 1.73
N ASP X 149 60.10 33.00 0.57
CA ASP X 149 60.91 34.20 0.33
C ASP X 149 60.01 35.39 -0.01
N SER X 150 59.21 35.25 -1.06
CA SER X 150 58.30 36.28 -1.50
C SER X 150 56.89 35.94 -1.05
N GLY X 151 55.91 36.70 -1.54
CA GLY X 151 54.53 36.51 -1.17
C GLY X 151 53.93 35.25 -1.74
N ILE X 152 52.61 35.15 -1.61
CA ILE X 152 51.90 33.95 -2.03
C ILE X 152 50.48 34.32 -2.43
N THR X 153 50.08 33.88 -3.62
CA THR X 153 48.81 34.26 -4.23
C THR X 153 47.80 33.14 -4.04
N VAL X 154 46.67 33.47 -3.40
CA VAL X 154 45.75 32.50 -2.81
C VAL X 154 44.32 32.93 -3.10
N ASN X 155 43.47 31.95 -3.45
CA ASN X 155 42.02 32.05 -3.31
C ASN X 155 41.69 31.77 -1.85
N ILE X 156 41.52 32.82 -1.04
CA ILE X 156 41.28 32.61 0.37
C ILE X 156 39.82 32.99 0.65
N ILE X 157 39.27 32.39 1.69
CA ILE X 157 37.99 32.81 2.22
C ILE X 157 38.25 33.33 3.63
N ARG X 158 37.99 34.60 3.86
CA ARG X 158 38.16 35.21 5.18
C ARG X 158 36.84 35.17 5.94
N LEU X 159 36.95 35.07 7.26
CA LEU X 159 35.76 35.00 8.11
C LEU X 159 35.23 36.40 8.34
N ARG X 160 33.93 36.57 8.17
CA ARG X 160 33.28 37.84 8.37
C ARG X 160 32.23 37.71 9.46
N ASP X 161 31.61 38.83 9.81
CA ASP X 161 30.70 38.85 10.94
C ASP X 161 29.32 38.34 10.52
N TYR X 162 28.36 38.44 11.44
CA TYR X 162 26.96 38.38 11.03
C TYR X 162 26.60 39.58 10.18
N ASP X 163 27.10 40.75 10.56
CA ASP X 163 27.10 41.90 9.67
C ASP X 163 28.17 41.67 8.60
N GLU X 164 28.20 42.57 7.61
CA GLU X 164 29.02 42.48 6.39
C GLU X 164 28.64 41.26 5.54
N MET X 165 27.44 40.74 5.72
CA MET X 165 26.88 39.70 4.88
C MET X 165 25.64 40.24 4.23
N PRO X 166 25.20 39.70 3.10
CA PRO X 166 23.91 40.09 2.54
C PRO X 166 22.75 39.59 3.40
N GLU X 167 21.61 40.26 3.24
CA GLU X 167 20.43 39.99 4.05
C GLU X 167 19.85 38.61 3.77
N CYS X 168 20.02 38.11 2.55
CA CYS X 168 19.70 36.73 2.21
C CYS X 168 20.39 35.76 3.15
N PHE X 169 21.70 35.92 3.32
CA PHE X 169 22.47 35.04 4.19
C PHE X 169 22.21 35.29 5.66
N ARG X 170 21.85 36.53 6.04
CA ARG X 170 21.43 36.79 7.41
C ARG X 170 20.17 36.01 7.75
N TYR X 171 19.19 36.04 6.84
CA TYR X 171 17.95 35.32 7.10
C TYR X 171 18.19 33.81 7.10
N TRP X 172 19.01 33.30 6.19
CA TRP X 172 19.25 31.87 6.19
C TRP X 172 20.11 31.45 7.37
N ILE X 173 20.97 32.33 7.87
CA ILE X 173 21.82 31.98 8.99
C ILE X 173 21.00 31.97 10.27
N VAL X 174 19.98 32.83 10.35
CA VAL X 174 19.11 32.86 11.51
C VAL X 174 18.17 31.67 11.50
N THR X 175 17.68 31.28 10.33
CA THR X 175 16.78 30.12 10.28
C THR X 175 17.54 28.82 10.52
N LYS X 176 18.80 28.73 10.08
CA LYS X 176 19.54 27.50 10.34
C LYS X 176 19.97 27.41 11.78
N ALA X 177 20.38 28.55 12.37
CA ALA X 177 20.71 28.54 13.79
C ALA X 177 19.46 28.34 14.64
N SER X 178 18.29 28.73 14.13
CA SER X 178 17.05 28.46 14.84
C SER X 178 16.73 26.98 14.84
N ARG X 179 16.95 26.30 13.71
CA ARG X 179 16.79 24.85 13.67
C ARG X 179 17.77 24.15 14.60
N GLN X 180 19.02 24.62 14.63
CA GLN X 180 20.02 24.02 15.51
C GLN X 180 19.72 24.26 16.98
N PHE X 181 19.17 25.42 17.33
CA PHE X 181 18.79 25.71 18.71
C PHE X 181 17.60 24.88 19.15
N ASN X 182 16.60 24.79 18.26
CA ASN X 182 15.41 23.97 18.47
C ASN X 182 15.75 22.51 18.70
N ASN X 183 16.60 21.93 17.86
CA ASN X 183 16.91 20.51 17.97
C ASN X 183 17.83 20.18 19.12
N ARG X 184 18.34 21.17 19.83
CA ARG X 184 19.24 20.92 20.93
C ARG X 184 18.70 21.36 22.28
N PHE X 185 17.64 22.17 22.33
CA PHE X 185 17.15 22.60 23.64
C PHE X 185 15.66 22.49 23.87
N PHE X 186 14.81 22.56 22.85
CA PHE X 186 13.37 22.37 23.01
C PHE X 186 12.90 21.49 21.85
N GLY X 187 13.52 20.33 21.67
CA GLY X 187 13.22 19.45 20.57
C GLY X 187 11.79 18.97 20.50
N ALA X 188 11.04 19.53 19.56
CA ALA X 188 9.64 19.25 19.34
C ALA X 188 9.40 19.09 17.85
N PRO X 189 8.57 18.11 17.44
CA PRO X 189 8.51 17.74 16.03
C PRO X 189 7.89 18.77 15.10
N GLU X 190 6.90 19.53 15.60
CA GLU X 190 6.19 20.48 14.76
C GLU X 190 7.08 21.66 14.39
N VAL X 191 7.73 22.26 15.39
CA VAL X 191 8.61 23.40 15.14
C VAL X 191 9.86 22.96 14.37
N GLU X 192 10.31 21.72 14.58
CA GLU X 192 11.41 21.17 13.77
C GLU X 192 11.03 21.01 12.31
N GLY X 193 9.85 20.46 12.04
CA GLY X 193 9.43 20.27 10.65
C GLY X 193 9.24 21.59 9.93
N VAL X 194 8.68 22.58 10.62
CA VAL X 194 8.46 23.84 9.92
C VAL X 194 9.77 24.62 9.77
N LEU X 195 10.71 24.49 10.71
CA LEU X 195 12.00 25.13 10.50
C LEU X 195 12.84 24.43 9.45
N GLN X 196 12.62 23.12 9.23
CA GLN X 196 13.32 22.42 8.16
C GLN X 196 12.81 22.88 6.79
N GLU X 197 11.48 22.95 6.63
CA GLU X 197 10.89 23.46 5.40
C GLU X 197 11.33 24.89 5.12
N GLU X 198 11.39 25.69 6.17
CA GLU X 198 11.71 27.09 5.99
C GLU X 198 13.20 27.34 5.83
N GLU X 199 14.06 26.43 6.33
CA GLU X 199 15.47 26.46 5.98
C GLU X 199 15.69 26.14 4.52
N ASP X 200 14.97 25.13 3.99
CA ASP X 200 15.08 24.84 2.56
C ASP X 200 14.62 26.01 1.71
N GLU X 201 13.58 26.74 2.15
CA GLU X 201 13.17 27.94 1.43
C GLU X 201 14.25 29.03 1.47
N ALA X 202 14.89 29.22 2.62
CA ALA X 202 15.94 30.23 2.72
C ALA X 202 17.15 29.86 1.88
N ARG X 203 17.48 28.56 1.80
CA ARG X 203 18.59 28.14 0.96
C ARG X 203 18.26 28.31 -0.52
N ARG X 204 16.99 28.08 -0.88
CA ARG X 204 16.52 28.36 -2.23
C ARG X 204 16.74 29.83 -2.60
N LEU X 205 16.33 30.73 -1.71
CA LEU X 205 16.52 32.15 -1.97
C LEU X 205 17.99 32.53 -2.01
N CYS X 206 18.83 31.86 -1.23
CA CYS X 206 20.18 32.36 -1.20
C CYS X 206 21.03 31.78 -2.32
N MET X 207 20.66 30.60 -2.82
CA MET X 207 21.22 30.15 -4.08
C MET X 207 20.74 30.99 -5.24
N GLU X 208 19.52 31.53 -5.17
CA GLU X 208 19.11 32.51 -6.19
C GLU X 208 19.96 33.77 -6.13
N TYR X 209 20.31 34.20 -4.92
CA TYR X 209 21.23 35.33 -4.76
C TYR X 209 22.61 35.03 -5.34
N GLU X 210 23.13 33.82 -5.10
CA GLU X 210 24.45 33.47 -5.62
C GLU X 210 24.42 33.33 -7.14
N MET X 211 23.35 32.79 -7.72
CA MET X 211 23.29 32.72 -9.17
C MET X 211 22.89 34.04 -9.79
N ASP X 212 22.52 35.03 -8.98
CA ASP X 212 22.28 36.37 -9.50
C ASP X 212 23.46 37.30 -9.28
N TYR X 213 24.09 37.27 -8.10
CA TYR X 213 25.32 37.98 -7.85
C TYR X 213 26.41 37.32 -8.67
N GLY X 214 27.08 38.07 -9.53
CA GLY X 214 28.16 37.43 -10.25
C GLY X 214 27.67 36.58 -11.40
N GLY X 215 27.13 37.23 -12.42
CA GLY X 215 26.57 36.57 -13.58
C GLY X 215 27.50 35.65 -14.33
N TYR X 216 27.06 34.41 -14.51
CA TYR X 216 27.87 33.36 -15.09
C TYR X 216 27.20 32.88 -16.37
N ASN X 217 27.80 33.21 -17.51
CA ASN X 217 27.33 32.73 -18.79
C ASN X 217 28.24 31.63 -19.32
N MET X 218 27.64 30.64 -19.99
CA MET X 218 28.36 29.43 -20.37
C MET X 218 29.39 29.71 -21.44
N LEU X 219 29.05 30.55 -22.41
CA LEU X 219 29.81 30.60 -23.66
C LEU X 219 30.55 31.91 -23.92
N ASP X 220 30.43 32.90 -23.05
CA ASP X 220 31.18 34.14 -23.28
C ASP X 220 31.95 34.61 -22.05
N GLY X 221 31.98 33.82 -20.98
CA GLY X 221 32.62 34.29 -19.77
C GLY X 221 33.64 33.37 -19.14
N ASP X 222 33.65 32.10 -19.52
CA ASP X 222 34.53 31.14 -18.85
C ASP X 222 35.87 31.05 -19.56
N ALA X 223 36.65 30.03 -19.24
CA ALA X 223 38.02 29.91 -19.71
C ALA X 223 38.16 29.05 -20.96
N PHE X 224 37.37 27.99 -21.10
CA PHE X 224 37.57 27.08 -22.23
C PHE X 224 36.81 27.54 -23.46
N THR X 225 35.50 27.75 -23.34
CA THR X 225 34.72 28.12 -24.52
C THR X 225 34.55 29.63 -24.64
N SER X 226 35.56 30.38 -24.22
CA SER X 226 35.77 31.74 -24.69
C SER X 226 36.64 31.76 -25.93
N GLY X 227 37.63 30.87 -25.98
CA GLY X 227 38.51 30.79 -27.12
C GLY X 227 37.93 30.05 -28.31
N LEU X 228 37.13 29.01 -27.97
CA LEU X 228 36.51 28.26 -29.05
C LEU X 228 35.59 29.13 -29.88
N LEU X 229 35.07 30.22 -29.31
CA LEU X 229 34.22 31.14 -30.05
C LEU X 229 34.93 32.43 -30.42
N THR X 230 36.23 32.37 -30.67
CA THR X 230 36.94 33.50 -31.27
C THR X 230 37.01 33.29 -32.76
N ARG X 231 36.45 34.20 -33.54
CA ARG X 231 36.46 34.10 -34.99
C ARG X 231 37.54 34.98 -35.58
N ALA Y 2 -24.95 -0.96 18.23
CA ALA Y 2 -24.54 -2.10 17.42
C ALA Y 2 -24.59 -3.38 18.22
N LEU Y 3 -25.82 -3.91 18.35
CA LEU Y 3 -26.12 -5.22 18.91
C LEU Y 3 -25.63 -5.36 20.35
N ILE Y 4 -26.24 -4.61 21.23
CA ILE Y 4 -25.93 -4.60 22.65
C ILE Y 4 -26.75 -5.70 23.32
N SER Y 5 -26.19 -6.33 24.35
CA SER Y 5 -26.95 -7.25 25.18
C SER Y 5 -26.63 -7.06 26.65
N GLN Y 6 -27.65 -7.21 27.48
CA GLN Y 6 -27.51 -7.18 28.93
C GLN Y 6 -28.16 -8.44 29.49
N SER Y 7 -27.91 -8.70 30.76
CA SER Y 7 -28.55 -9.82 31.44
C SER Y 7 -28.88 -9.37 32.86
N ILE Y 8 -30.11 -8.91 33.04
CA ILE Y 8 -30.61 -8.59 34.38
C ILE Y 8 -30.78 -9.91 35.12
N LYS Y 9 -29.88 -10.19 36.06
CA LYS Y 9 -29.74 -11.57 36.50
C LYS Y 9 -30.44 -11.88 37.81
N ASN Y 10 -30.81 -10.90 38.62
CA ASN Y 10 -31.39 -11.20 39.94
C ASN Y 10 -32.67 -10.43 40.16
N LEU Y 11 -33.79 -10.96 39.69
CA LEU Y 11 -35.06 -10.24 39.80
C LEU Y 11 -35.70 -10.37 41.18
N LYS Y 12 -34.93 -10.11 42.23
CA LYS Y 12 -35.50 -9.93 43.55
C LYS Y 12 -36.30 -8.63 43.59
N GLY Y 13 -35.64 -7.50 43.38
CA GLY Y 13 -36.30 -6.32 42.87
C GLY Y 13 -37.29 -5.63 43.76
N GLY Y 14 -38.55 -5.81 43.44
CA GLY Y 14 -39.59 -5.01 44.04
C GLY Y 14 -39.89 -3.79 43.22
N ILE Y 15 -41.13 -3.33 43.33
CA ILE Y 15 -41.59 -2.17 42.60
C ILE Y 15 -40.78 -0.95 42.98
N SER Y 16 -40.58 -0.06 42.02
CA SER Y 16 -40.04 1.26 42.32
C SER Y 16 -40.65 2.24 41.36
N GLN Y 17 -41.39 3.21 41.89
CA GLN Y 17 -42.02 4.21 41.05
C GLN Y 17 -41.13 5.40 40.80
N GLN Y 18 -39.81 5.23 40.89
CA GLN Y 18 -38.87 6.18 40.35
C GLN Y 18 -39.00 6.20 38.83
N PRO Y 19 -38.52 7.25 38.17
CA PRO Y 19 -38.55 7.26 36.70
C PRO Y 19 -37.65 6.22 36.04
N ASP Y 20 -37.67 6.21 34.71
CA ASP Y 20 -36.98 5.15 33.98
C ASP Y 20 -35.48 5.30 34.08
N ILE Y 21 -34.97 6.50 33.88
CA ILE Y 21 -33.55 6.74 34.05
C ILE Y 21 -33.37 7.18 35.49
N LEU Y 22 -33.65 6.27 36.44
CA LEU Y 22 -33.27 6.41 37.84
C LEU Y 22 -32.93 5.07 38.44
N ARG Y 23 -33.54 4.01 37.90
CA ARG Y 23 -33.68 2.78 38.64
C ARG Y 23 -32.37 2.01 38.73
N TYR Y 24 -32.39 1.00 39.57
CA TYR Y 24 -31.41 -0.07 39.57
C TYR Y 24 -31.84 -1.03 38.47
N PRO Y 25 -31.12 -2.12 38.21
CA PRO Y 25 -31.77 -3.20 37.48
C PRO Y 25 -32.84 -3.90 38.31
N ASP Y 26 -33.47 -4.89 37.72
CA ASP Y 26 -34.24 -5.94 38.38
C ASP Y 26 -35.49 -5.52 39.14
N GLN Y 27 -35.82 -4.23 39.15
CA GLN Y 27 -36.85 -3.79 40.08
C GLN Y 27 -38.27 -4.05 39.56
N GLY Y 28 -38.70 -3.38 38.51
CA GLY Y 28 -40.07 -3.56 38.10
C GLY Y 28 -40.96 -2.39 38.38
N SER Y 29 -42.08 -2.29 37.68
CA SER Y 29 -42.97 -1.15 37.86
C SER Y 29 -44.28 -1.50 38.53
N ARG Y 30 -44.71 -2.75 38.47
CA ARG Y 30 -45.72 -3.26 39.38
C ARG Y 30 -45.62 -4.78 39.47
N GLN Y 31 -45.78 -5.28 40.70
CA GLN Y 31 -45.59 -6.68 41.07
C GLN Y 31 -46.73 -7.08 41.98
N VAL Y 32 -47.58 -7.99 41.53
CA VAL Y 32 -48.75 -8.41 42.27
C VAL Y 32 -48.64 -9.89 42.54
N ASN Y 33 -48.93 -10.29 43.79
CA ASN Y 33 -48.96 -11.67 44.26
C ASN Y 33 -47.62 -12.37 44.12
N GLY Y 34 -46.53 -11.63 44.06
CA GLY Y 34 -45.22 -12.20 43.88
C GLY Y 34 -44.53 -12.50 45.21
N TRP Y 35 -43.37 -13.11 45.10
CA TRP Y 35 -42.57 -13.47 46.26
C TRP Y 35 -41.13 -13.64 45.83
N SER Y 36 -40.28 -12.73 46.27
CA SER Y 36 -38.93 -12.61 45.73
C SER Y 36 -37.93 -13.20 46.71
N SER Y 37 -37.75 -14.51 46.65
CA SER Y 37 -36.76 -15.11 47.49
C SER Y 37 -35.37 -14.86 46.94
N GLU Y 38 -34.36 -15.15 47.75
CA GLU Y 38 -32.98 -14.87 47.37
C GLU Y 38 -32.47 -15.86 46.32
N THR Y 39 -32.46 -17.14 46.67
CA THR Y 39 -31.87 -18.14 45.77
C THR Y 39 -32.82 -18.49 44.64
N GLU Y 40 -33.97 -19.05 44.97
CA GLU Y 40 -35.01 -19.18 43.97
C GLU Y 40 -35.54 -17.80 43.63
N GLY Y 41 -35.78 -17.57 42.35
CA GLY Y 41 -35.90 -16.21 41.87
C GLY Y 41 -37.13 -15.42 42.26
N LEU Y 42 -38.29 -15.79 41.72
CA LEU Y 42 -39.49 -14.97 41.87
C LEU Y 42 -40.68 -15.90 41.70
N GLN Y 43 -41.34 -16.23 42.80
CA GLN Y 43 -42.33 -17.27 42.80
C GLN Y 43 -43.74 -16.69 42.83
N LYS Y 44 -44.70 -17.52 42.43
CA LYS Y 44 -46.07 -17.24 42.81
C LYS Y 44 -46.22 -17.48 44.31
N ARG Y 45 -46.98 -16.62 44.97
CA ARG Y 45 -47.09 -16.59 46.43
C ARG Y 45 -47.76 -17.86 46.94
N PRO Y 46 -47.56 -18.21 48.22
CA PRO Y 46 -48.21 -19.40 48.76
C PRO Y 46 -49.71 -19.28 48.78
N PRO Y 47 -50.41 -20.38 48.59
CA PRO Y 47 -51.79 -20.31 48.06
C PRO Y 47 -52.95 -20.18 49.01
N LEU Y 48 -52.77 -19.76 50.26
CA LEU Y 48 -53.86 -19.40 51.18
C LEU Y 48 -54.81 -20.57 51.47
N VAL Y 49 -54.34 -21.55 52.24
CA VAL Y 49 -55.16 -22.72 52.58
C VAL Y 49 -56.34 -22.30 53.45
N PHE Y 50 -57.52 -22.80 53.12
CA PHE Y 50 -58.74 -22.42 53.81
C PHE Y 50 -58.82 -23.04 55.19
N LEU Y 51 -59.34 -22.27 56.14
CA LEU Y 51 -59.77 -22.74 57.44
C LEU Y 51 -61.19 -22.22 57.66
N ASN Y 52 -61.81 -22.61 58.77
CA ASN Y 52 -63.25 -22.47 58.95
C ASN Y 52 -63.68 -21.01 59.00
N THR Y 53 -64.84 -20.73 58.42
CA THR Y 53 -65.35 -19.38 58.34
C THR Y 53 -65.82 -18.89 59.71
N LEU Y 54 -66.14 -17.61 59.77
CA LEU Y 54 -66.45 -16.98 61.04
C LEU Y 54 -67.91 -16.57 61.14
N GLY Y 55 -68.41 -15.77 60.21
CA GLY Y 55 -69.81 -15.42 60.23
C GLY Y 55 -70.27 -14.63 59.03
N ASP Y 56 -71.18 -13.68 59.24
CA ASP Y 56 -71.68 -12.84 58.16
C ASP Y 56 -70.71 -11.71 57.85
N ASN Y 57 -71.17 -10.71 57.10
CA ASN Y 57 -70.32 -9.59 56.76
C ASN Y 57 -70.03 -8.73 57.97
N GLY Y 58 -71.03 -8.49 58.79
CA GLY Y 58 -70.83 -7.69 59.99
C GLY Y 58 -70.68 -8.54 61.22
N ALA Y 59 -70.18 -9.75 61.06
CA ALA Y 59 -69.93 -10.61 62.22
C ALA Y 59 -68.77 -10.07 63.04
N LEU Y 60 -67.81 -9.46 62.37
CA LEU Y 60 -66.83 -8.62 63.05
C LEU Y 60 -67.23 -7.18 62.77
N GLY Y 61 -66.54 -6.26 63.42
CA GLY Y 61 -66.84 -4.85 63.28
C GLY Y 61 -66.49 -4.33 61.91
N GLN Y 62 -66.86 -3.08 61.66
CA GLN Y 62 -66.53 -2.47 60.38
C GLN Y 62 -65.04 -2.23 60.26
N ALA Y 63 -64.34 -2.01 61.37
CA ALA Y 63 -62.88 -1.87 61.36
C ALA Y 63 -62.31 -2.33 62.68
N PRO Y 64 -62.26 -3.64 62.91
CA PRO Y 64 -61.94 -4.16 64.25
C PRO Y 64 -60.45 -4.16 64.54
N TYR Y 65 -60.13 -4.54 65.77
CA TYR Y 65 -58.76 -4.65 66.25
C TYR Y 65 -58.47 -6.11 66.54
N ILE Y 66 -57.36 -6.62 66.01
CA ILE Y 66 -57.03 -8.03 66.07
C ILE Y 66 -55.69 -8.17 66.76
N HIS Y 67 -55.54 -9.18 67.61
CA HIS Y 67 -54.26 -9.40 68.27
C HIS Y 67 -54.09 -10.89 68.53
N LEU Y 68 -53.07 -11.48 67.93
CA LEU Y 68 -52.85 -12.91 68.05
C LEU Y 68 -52.10 -13.22 69.34
N ILE Y 69 -52.38 -14.39 69.91
CA ILE Y 69 -51.81 -14.79 71.18
C ILE Y 69 -51.09 -16.12 70.97
N ASN Y 70 -49.79 -16.15 71.21
CA ASN Y 70 -49.02 -17.39 71.24
C ASN Y 70 -48.50 -17.61 72.65
N ARG Y 71 -49.30 -18.24 73.51
CA ARG Y 71 -48.76 -18.66 74.78
C ARG Y 71 -47.92 -19.93 74.61
N ASP Y 72 -48.54 -20.98 74.08
CA ASP Y 72 -47.81 -22.23 73.90
C ASP Y 72 -47.92 -22.71 72.47
N GLU Y 73 -47.45 -23.92 72.21
CA GLU Y 73 -47.62 -24.54 70.90
C GLU Y 73 -49.01 -25.11 70.71
N HIS Y 74 -49.74 -25.36 71.80
CA HIS Y 74 -51.10 -25.88 71.74
C HIS Y 74 -52.06 -24.93 72.43
N GLU Y 75 -51.77 -23.64 72.39
CA GLU Y 75 -52.64 -22.64 72.99
C GLU Y 75 -52.49 -21.37 72.17
N GLN Y 76 -53.35 -21.19 71.16
CA GLN Y 76 -53.22 -20.13 70.19
C GLN Y 76 -54.60 -19.55 69.92
N TYR Y 77 -54.72 -18.22 69.99
CA TYR Y 77 -56.03 -17.59 69.91
C TYR Y 77 -55.92 -16.26 69.19
N TYR Y 78 -56.97 -15.91 68.47
CA TYR Y 78 -57.21 -14.54 68.05
C TYR Y 78 -57.94 -13.77 69.14
N ALA Y 79 -58.13 -12.49 68.89
CA ALA Y 79 -58.95 -11.63 69.73
C ALA Y 79 -59.41 -10.46 68.90
N VAL Y 80 -60.65 -10.51 68.42
CA VAL Y 80 -61.20 -9.46 67.59
C VAL Y 80 -62.01 -8.53 68.47
N PHE Y 81 -61.75 -7.24 68.35
CA PHE Y 81 -62.45 -6.22 69.12
C PHE Y 81 -63.44 -5.50 68.20
N THR Y 82 -64.62 -6.07 68.10
CA THR Y 82 -65.77 -5.45 67.48
C THR Y 82 -66.12 -4.17 68.24
N GLY Y 83 -66.82 -3.25 67.57
CA GLY Y 83 -67.31 -2.06 68.23
C GLY Y 83 -68.32 -2.32 69.33
N SER Y 84 -68.88 -3.53 69.40
CA SER Y 84 -69.73 -3.95 70.50
C SER Y 84 -69.26 -5.34 70.93
N GLY Y 85 -68.34 -5.39 71.87
CA GLY Y 85 -67.97 -6.64 72.51
C GLY Y 85 -66.79 -7.32 71.85
N ILE Y 86 -66.47 -8.50 72.39
CA ILE Y 86 -65.32 -9.28 71.94
C ILE Y 86 -65.80 -10.62 71.46
N ARG Y 87 -65.31 -11.06 70.31
CA ARG Y 87 -65.32 -12.45 69.91
C ARG Y 87 -63.89 -12.95 69.98
N VAL Y 88 -63.73 -14.26 70.16
CA VAL Y 88 -62.39 -14.86 70.20
C VAL Y 88 -62.42 -16.11 69.35
N PHE Y 89 -61.52 -16.19 68.37
CA PHE Y 89 -61.47 -17.34 67.49
C PHE Y 89 -60.20 -18.14 67.74
N ASP Y 90 -60.33 -19.45 67.63
CA ASP Y 90 -59.18 -20.33 67.69
C ASP Y 90 -58.41 -20.24 66.39
N LEU Y 91 -57.22 -20.82 66.38
CA LEU Y 91 -56.47 -20.81 65.14
C LEU Y 91 -56.89 -21.91 64.19
N SER Y 92 -57.79 -22.80 64.61
CA SER Y 92 -58.32 -23.79 63.70
C SER Y 92 -59.64 -23.37 63.10
N GLY Y 93 -60.22 -22.28 63.56
CA GLY Y 93 -61.42 -21.79 62.94
C GLY Y 93 -62.65 -21.89 63.83
N ASN Y 94 -62.46 -22.34 65.06
CA ASN Y 94 -63.57 -22.50 65.99
C ASN Y 94 -63.85 -21.16 66.68
N GLU Y 95 -64.63 -21.20 67.74
CA GLU Y 95 -64.93 -19.98 68.47
C GLU Y 95 -65.18 -20.31 69.93
N LYS Y 96 -64.50 -19.61 70.82
CA LYS Y 96 -64.75 -19.69 72.24
C LYS Y 96 -65.73 -18.59 72.63
N GLN Y 97 -66.33 -18.73 73.80
CA GLN Y 97 -67.25 -17.71 74.28
C GLN Y 97 -66.52 -16.69 75.15
N VAL Y 98 -67.05 -15.47 75.17
CA VAL Y 98 -66.42 -14.35 75.86
C VAL Y 98 -67.40 -13.87 76.92
N ARG Y 99 -67.13 -14.20 78.18
CA ARG Y 99 -68.00 -13.78 79.26
C ARG Y 99 -67.72 -12.34 79.65
N TYR Y 100 -68.62 -11.78 80.45
CA TYR Y 100 -68.52 -10.39 80.90
C TYR Y 100 -69.06 -10.29 82.31
N PRO Y 101 -68.32 -10.77 83.31
CA PRO Y 101 -68.87 -10.79 84.68
C PRO Y 101 -68.90 -9.43 85.34
N ASN Y 102 -68.13 -8.47 84.86
CA ASN Y 102 -68.08 -7.12 85.43
C ASN Y 102 -68.83 -6.13 84.57
N GLY Y 103 -69.51 -6.60 83.53
CA GLY Y 103 -70.12 -5.72 82.56
C GLY Y 103 -69.09 -5.28 81.52
N SER Y 104 -69.49 -5.12 80.26
CA SER Y 104 -68.46 -4.80 79.29
C SER Y 104 -68.10 -3.33 79.35
N ASN Y 105 -68.95 -2.46 78.79
CA ASN Y 105 -68.95 -0.99 78.94
C ASN Y 105 -67.60 -0.31 78.76
N TYR Y 106 -66.64 -1.01 78.15
CA TYR Y 106 -65.26 -0.57 78.03
C TYR Y 106 -64.67 -0.89 76.67
N ILE Y 107 -65.29 -1.82 75.94
CA ILE Y 107 -64.88 -2.12 74.59
C ILE Y 107 -65.74 -1.36 73.58
N LYS Y 108 -66.90 -0.85 74.01
CA LYS Y 108 -67.85 -0.19 73.12
C LYS Y 108 -67.30 1.14 72.66
N THR Y 109 -66.79 1.17 71.43
CA THR Y 109 -66.20 2.36 70.84
C THR Y 109 -66.58 2.39 69.37
N ALA Y 110 -66.80 3.59 68.84
CA ALA Y 110 -67.14 3.74 67.43
C ALA Y 110 -65.97 3.37 66.52
N ASN Y 111 -64.74 3.49 66.99
CA ASN Y 111 -63.56 3.18 66.19
C ASN Y 111 -62.59 2.37 67.05
N PRO Y 112 -62.65 1.06 66.99
CA PRO Y 112 -61.90 0.26 67.95
C PRO Y 112 -60.41 0.16 67.67
N ARG Y 113 -59.99 0.20 66.42
CA ARG Y 113 -58.56 0.09 66.14
C ARG Y 113 -57.81 1.38 66.41
N ASN Y 114 -58.49 2.51 66.43
CA ASN Y 114 -57.89 3.78 66.78
C ASN Y 114 -57.82 3.97 68.28
N ASP Y 115 -58.50 3.16 69.03
CA ASP Y 115 -58.79 3.60 70.38
C ASP Y 115 -58.57 2.53 71.44
N LEU Y 116 -58.71 1.25 71.10
CA LEU Y 116 -58.42 0.18 72.04
C LEU Y 116 -57.03 -0.38 71.77
N ARG Y 117 -56.44 -0.98 72.79
CA ARG Y 117 -55.18 -1.69 72.66
C ARG Y 117 -55.28 -3.06 73.30
N MET Y 118 -54.23 -3.86 73.07
CA MET Y 118 -54.03 -5.10 73.80
C MET Y 118 -52.54 -5.40 73.86
N VAL Y 119 -52.02 -5.58 75.06
CA VAL Y 119 -50.63 -5.98 75.26
C VAL Y 119 -50.63 -7.29 76.02
N THR Y 120 -50.03 -8.31 75.43
CA THR Y 120 -50.14 -9.67 75.94
C THR Y 120 -48.78 -10.15 76.42
N VAL Y 121 -48.73 -10.60 77.67
CA VAL Y 121 -47.49 -11.11 78.26
C VAL Y 121 -47.75 -12.57 78.58
N ALA Y 122 -46.75 -13.29 79.08
CA ALA Y 122 -46.84 -14.74 79.19
C ALA Y 122 -47.83 -15.19 80.26
N ASP Y 123 -48.09 -14.36 81.26
CA ASP Y 123 -48.99 -14.76 82.33
C ASP Y 123 -50.33 -14.04 82.28
N TYR Y 124 -50.36 -12.80 81.81
CA TYR Y 124 -51.57 -12.00 81.81
C TYR Y 124 -51.82 -11.44 80.42
N THR Y 125 -53.03 -10.97 80.21
CA THR Y 125 -53.35 -10.10 79.09
C THR Y 125 -53.89 -8.78 79.62
N PHE Y 126 -53.73 -7.72 78.85
CA PHE Y 126 -54.17 -6.41 79.28
C PHE Y 126 -54.74 -5.67 78.09
N ILE Y 127 -55.92 -5.08 78.25
CA ILE Y 127 -56.51 -4.24 77.23
C ILE Y 127 -56.72 -2.85 77.81
N VAL Y 128 -56.43 -1.83 77.00
CA VAL Y 128 -56.53 -0.45 77.42
C VAL Y 128 -57.41 0.29 76.44
N ASN Y 129 -58.43 0.96 76.95
CA ASN Y 129 -59.17 1.92 76.18
C ASN Y 129 -58.48 3.28 76.30
N ARG Y 130 -58.22 3.92 75.17
CA ARG Y 130 -57.55 5.21 75.15
C ARG Y 130 -58.54 6.36 75.18
N ASN Y 131 -59.80 6.08 75.47
CA ASN Y 131 -60.80 7.11 75.51
C ASN Y 131 -61.42 7.26 76.89
N VAL Y 132 -61.25 6.29 77.77
CA VAL Y 132 -61.86 6.33 79.09
C VAL Y 132 -60.88 6.97 80.06
N VAL Y 133 -61.31 8.07 80.67
CA VAL Y 133 -60.50 8.76 81.65
C VAL Y 133 -60.56 7.98 82.96
N ALA Y 134 -59.40 7.68 83.52
CA ALA Y 134 -59.31 6.93 84.77
C ALA Y 134 -59.79 7.82 85.91
N GLN Y 135 -60.98 7.55 86.41
CA GLN Y 135 -61.57 8.45 87.39
C GLN Y 135 -61.15 8.11 88.80
N LYS Y 136 -61.06 9.15 89.62
CA LYS Y 136 -60.79 9.01 91.04
C LYS Y 136 -61.98 8.39 91.74
N ASN Y 137 -61.72 7.42 92.62
CA ASN Y 137 -62.79 6.86 93.43
C ASN Y 137 -63.14 7.86 94.51
N THR Y 138 -64.41 8.23 94.57
CA THR Y 138 -64.97 8.90 95.72
C THR Y 138 -65.70 7.85 96.54
N LYS Y 139 -66.39 8.31 97.60
CA LYS Y 139 -67.26 7.53 98.51
C LYS Y 139 -66.62 6.24 99.04
N SER Y 140 -65.28 6.21 99.13
CA SER Y 140 -64.58 5.12 99.78
C SER Y 140 -63.42 5.62 100.61
N VAL Y 141 -63.63 6.71 101.34
CA VAL Y 141 -62.58 7.25 102.19
C VAL Y 141 -62.33 6.33 103.37
N ASN Y 142 -61.16 6.46 103.98
CA ASN Y 142 -60.81 5.58 105.09
C ASN Y 142 -61.65 5.88 106.31
N LEU Y 143 -61.50 7.07 106.85
CA LEU Y 143 -62.33 7.53 107.94
C LEU Y 143 -63.10 8.75 107.48
N PRO Y 144 -64.40 8.82 107.71
CA PRO Y 144 -65.26 9.79 107.03
C PRO Y 144 -64.94 11.25 107.26
N ASN Y 145 -64.98 11.70 108.50
CA ASN Y 145 -64.69 13.09 108.82
C ASN Y 145 -63.44 13.23 109.66
N TYR Y 146 -63.41 12.56 110.82
CA TYR Y 146 -62.29 12.50 111.75
C TYR Y 146 -61.84 13.89 112.17
N ASN Y 147 -62.64 14.55 113.01
CA ASN Y 147 -62.17 15.75 113.70
C ASN Y 147 -60.86 15.41 114.40
N PRO Y 148 -59.74 15.95 113.94
CA PRO Y 148 -58.44 15.45 114.38
C PRO Y 148 -58.06 15.88 115.77
N ASN Y 149 -58.84 16.74 116.40
CA ASN Y 149 -58.64 17.04 117.81
C ASN Y 149 -59.97 16.92 118.54
N GLN Y 150 -60.66 15.80 118.32
CA GLN Y 150 -61.87 15.49 119.06
C GLN Y 150 -61.62 14.56 120.23
N ASP Y 151 -60.69 13.63 120.11
CA ASP Y 151 -60.31 12.74 121.19
C ASP Y 151 -59.10 13.30 121.89
N GLY Y 152 -58.63 12.58 122.90
CA GLY Y 152 -57.43 12.99 123.60
C GLY Y 152 -57.04 11.95 124.63
N LEU Y 153 -55.76 11.98 125.00
CA LEU Y 153 -55.22 11.05 125.98
C LEU Y 153 -54.39 11.78 127.03
N ILE Y 154 -54.64 11.46 128.29
CA ILE Y 154 -53.81 11.86 129.41
C ILE Y 154 -53.21 10.60 130.01
N ASN Y 155 -51.92 10.39 129.78
CA ASN Y 155 -51.22 9.27 130.41
C ASN Y 155 -51.03 9.58 131.88
N VAL Y 156 -50.95 8.55 132.71
CA VAL Y 156 -50.62 8.70 134.12
C VAL Y 156 -49.52 7.71 134.46
N ARG Y 157 -48.56 8.16 135.27
CA ARG Y 157 -47.39 7.36 135.58
C ARG Y 157 -46.98 7.43 137.06
N GLY Y 158 -47.83 7.97 137.92
CA GLY Y 158 -47.68 7.66 139.33
C GLY Y 158 -47.09 8.62 140.36
N GLY Y 159 -47.51 9.89 140.38
CA GLY Y 159 -47.47 10.61 141.64
C GLY Y 159 -46.23 11.37 142.09
N GLN Y 160 -45.39 10.70 142.89
CA GLN Y 160 -44.16 11.23 143.51
C GLN Y 160 -44.41 12.32 144.55
N TYR Y 161 -45.26 12.02 145.54
CA TYR Y 161 -45.24 12.64 146.89
C TYR Y 161 -45.41 14.15 146.89
N GLY Y 162 -46.50 14.60 146.32
CA GLY Y 162 -46.96 15.95 146.53
C GLY Y 162 -46.62 16.87 145.40
N ARG Y 163 -47.55 16.94 144.46
CA ARG Y 163 -47.53 17.85 143.33
C ARG Y 163 -48.97 18.06 142.91
N GLU Y 164 -49.20 19.06 142.09
CA GLU Y 164 -50.52 19.30 141.55
C GLU Y 164 -50.67 18.62 140.21
N LEU Y 165 -51.85 18.04 139.98
CA LEU Y 165 -52.16 17.35 138.73
C LEU Y 165 -53.39 18.00 138.11
N ILE Y 166 -53.18 18.83 137.10
CA ILE Y 166 -54.21 19.68 136.54
C ILE Y 166 -54.37 19.36 135.07
N VAL Y 167 -55.61 19.13 134.63
CA VAL Y 167 -55.88 18.80 133.24
C VAL Y 167 -56.82 19.85 132.65
N HIS Y 168 -56.28 20.78 131.85
CA HIS Y 168 -57.09 21.78 131.15
C HIS Y 168 -57.74 21.13 129.94
N ILE Y 169 -59.06 21.11 129.93
CA ILE Y 169 -59.84 20.82 128.74
C ILE Y 169 -60.69 22.04 128.46
N ASN Y 170 -60.63 22.54 127.22
CA ASN Y 170 -61.51 23.57 126.67
C ASN Y 170 -61.35 24.91 127.40
N GLY Y 171 -60.24 25.10 128.10
CA GLY Y 171 -59.99 26.38 128.72
C GLY Y 171 -60.17 26.42 130.21
N LYS Y 172 -61.12 25.65 130.73
CA LYS Y 172 -61.40 25.65 132.16
C LYS Y 172 -60.36 24.83 132.90
N ASP Y 173 -60.37 24.95 134.23
CA ASP Y 173 -59.38 24.28 135.09
C ASP Y 173 -59.99 22.99 135.65
N VAL Y 174 -60.17 22.04 134.74
CA VAL Y 174 -60.81 20.78 135.08
C VAL Y 174 -59.82 19.92 135.85
N ALA Y 175 -60.33 19.12 136.79
CA ALA Y 175 -59.64 17.96 137.37
C ALA Y 175 -58.35 18.26 138.09
N LYS Y 176 -58.44 18.96 139.22
CA LYS Y 176 -57.30 19.23 140.08
C LYS Y 176 -57.18 18.14 141.14
N TYR Y 177 -55.94 17.74 141.42
CA TYR Y 177 -55.68 16.89 142.58
C TYR Y 177 -54.27 17.11 143.07
N LYS Y 178 -54.12 17.15 144.38
CA LYS Y 178 -52.82 17.25 145.05
C LYS Y 178 -52.49 15.90 145.66
N ILE Y 179 -51.37 15.32 145.25
CA ILE Y 179 -50.81 14.14 145.94
C ILE Y 179 -50.46 14.54 147.36
N PRO Y 180 -50.70 13.71 148.36
CA PRO Y 180 -50.45 14.14 149.75
C PRO Y 180 -49.00 14.37 150.14
N ASP Y 181 -48.79 14.68 151.42
CA ASP Y 181 -47.49 15.10 151.91
C ASP Y 181 -46.48 13.96 151.90
N GLY Y 182 -46.94 12.73 152.08
CA GLY Y 182 -46.05 11.60 152.19
C GLY Y 182 -45.57 11.31 153.59
N SER Y 183 -46.11 12.01 154.58
CA SER Y 183 -45.65 11.81 155.95
C SER Y 183 -46.22 10.55 156.57
N GLN Y 184 -47.52 10.39 156.49
CA GLN Y 184 -48.16 9.19 157.01
C GLN Y 184 -47.95 8.03 156.04
N PRO Y 185 -47.77 6.81 156.56
CA PRO Y 185 -47.40 5.70 155.68
C PRO Y 185 -48.54 5.19 154.81
N GLU Y 186 -49.77 5.61 155.07
CA GLU Y 186 -50.86 5.13 154.22
C GLU Y 186 -50.98 5.96 152.96
N HIS Y 187 -50.29 7.11 152.89
CA HIS Y 187 -50.35 7.94 151.69
C HIS Y 187 -49.53 7.39 150.54
N VAL Y 188 -48.88 6.24 150.70
CA VAL Y 188 -48.13 5.68 149.59
C VAL Y 188 -49.09 5.02 148.62
N ASN Y 189 -50.33 4.73 149.05
CA ASN Y 189 -51.33 4.20 148.14
C ASN Y 189 -51.73 5.20 147.08
N ASN Y 190 -51.60 6.49 147.36
CA ASN Y 190 -52.12 7.50 146.48
C ASN Y 190 -51.19 7.84 145.31
N THR Y 191 -50.03 7.21 145.23
CA THR Y 191 -49.16 7.38 144.07
C THR Y 191 -49.28 6.22 143.10
N ASP Y 192 -50.24 5.32 143.35
CA ASP Y 192 -50.66 4.33 142.38
C ASP Y 192 -51.16 5.04 141.12
N ALA Y 193 -50.80 4.50 139.96
CA ALA Y 193 -51.17 5.17 138.72
C ALA Y 193 -52.65 4.98 138.40
N GLN Y 194 -53.20 3.82 138.71
CA GLN Y 194 -54.59 3.56 138.37
C GLN Y 194 -55.54 4.24 139.32
N TRP Y 195 -55.17 4.35 140.60
CA TRP Y 195 -55.98 5.10 141.54
C TRP Y 195 -56.01 6.57 141.16
N LEU Y 196 -54.86 7.10 140.75
CA LEU Y 196 -54.77 8.47 140.29
C LEU Y 196 -55.55 8.66 139.01
N ALA Y 197 -55.54 7.66 138.14
CA ALA Y 197 -56.30 7.74 136.89
C ALA Y 197 -57.79 7.76 137.15
N GLU Y 198 -58.26 6.92 138.07
CA GLU Y 198 -59.69 6.87 138.35
C GLU Y 198 -60.15 8.12 139.09
N GLU Y 199 -59.30 8.69 139.94
CA GLU Y 199 -59.66 9.96 140.58
C GLU Y 199 -59.70 11.11 139.58
N LEU Y 200 -58.72 11.17 138.68
CA LEU Y 200 -58.71 12.19 137.64
C LEU Y 200 -59.89 12.02 136.71
N ALA Y 201 -60.30 10.79 136.43
CA ALA Y 201 -61.45 10.57 135.56
C ALA Y 201 -62.76 10.88 136.28
N LYS Y 202 -62.82 10.68 137.60
CA LYS Y 202 -64.03 11.06 138.32
C LYS Y 202 -64.19 12.57 138.36
N GLN Y 203 -63.09 13.28 138.62
CA GLN Y 203 -63.07 14.75 138.47
C GLN Y 203 -63.46 15.17 137.06
N MET Y 204 -62.99 14.42 136.06
CA MET Y 204 -63.25 14.73 134.66
C MET Y 204 -64.72 14.58 134.32
N ARG Y 205 -65.36 13.50 134.79
CA ARG Y 205 -66.77 13.28 134.51
C ARG Y 205 -67.63 14.29 135.25
N THR Y 206 -67.25 14.66 136.47
CA THR Y 206 -68.07 15.62 137.19
C THR Y 206 -67.91 17.04 136.67
N ASN Y 207 -66.77 17.39 136.10
CA ASN Y 207 -66.53 18.77 135.71
C ASN Y 207 -66.66 18.97 134.20
N LEU Y 208 -67.15 17.97 133.48
CA LEU Y 208 -67.52 18.14 132.09
C LEU Y 208 -68.89 17.51 131.87
N SER Y 209 -69.56 17.94 130.80
CA SER Y 209 -70.98 17.60 130.69
C SER Y 209 -71.20 16.21 130.12
N ASP Y 210 -70.88 16.00 128.85
CA ASP Y 210 -71.15 14.69 128.27
C ASP Y 210 -69.90 13.82 128.28
N TRP Y 211 -68.91 14.22 127.46
CA TRP Y 211 -67.47 13.97 127.58
C TRP Y 211 -67.07 12.60 128.11
N THR Y 212 -67.43 11.54 127.39
CA THR Y 212 -67.20 10.18 127.86
C THR Y 212 -65.71 9.88 127.94
N VAL Y 213 -65.22 9.59 129.15
CA VAL Y 213 -63.83 9.27 129.39
C VAL Y 213 -63.77 7.89 130.04
N ASN Y 214 -62.72 7.13 129.70
CA ASN Y 214 -62.55 5.78 130.20
C ASN Y 214 -61.20 5.66 130.88
N VAL Y 215 -61.16 4.89 131.95
CA VAL Y 215 -59.92 4.62 132.67
C VAL Y 215 -59.28 3.42 131.98
N GLY Y 216 -58.26 3.66 131.18
CA GLY Y 216 -57.59 2.60 130.46
C GLY Y 216 -56.56 1.89 131.32
N GLN Y 217 -55.62 1.25 130.64
CA GLN Y 217 -54.47 0.66 131.32
C GLN Y 217 -53.53 1.73 131.85
N GLY Y 218 -53.17 2.69 131.01
CA GLY Y 218 -52.27 3.74 131.46
C GLY Y 218 -52.66 5.12 130.97
N PHE Y 219 -53.96 5.36 130.82
CA PHE Y 219 -54.42 6.61 130.24
C PHE Y 219 -55.82 6.92 130.73
N ILE Y 220 -56.27 8.13 130.41
CA ILE Y 220 -57.69 8.44 130.35
C ILE Y 220 -57.96 9.08 128.99
N HIS Y 221 -59.13 8.74 128.42
CA HIS Y 221 -59.42 8.89 127.00
C HIS Y 221 -60.56 9.89 126.84
N VAL Y 222 -60.19 11.18 126.78
CA VAL Y 222 -61.18 12.25 126.77
C VAL Y 222 -61.77 12.40 125.38
N THR Y 223 -63.08 12.20 125.26
CA THR Y 223 -63.80 12.29 123.99
C THR Y 223 -64.79 13.45 124.03
N ALA Y 224 -64.99 14.08 122.88
CA ALA Y 224 -65.98 15.14 122.74
C ALA Y 224 -67.22 14.61 122.06
N PRO Y 225 -68.42 14.99 122.50
CA PRO Y 225 -69.64 14.28 122.08
C PRO Y 225 -70.22 14.75 120.76
N SER Y 226 -69.44 14.60 119.69
CA SER Y 226 -69.83 14.80 118.28
C SER Y 226 -70.27 16.22 117.95
N GLY Y 227 -70.11 17.17 118.87
CA GLY Y 227 -70.39 18.56 118.62
C GLY Y 227 -69.10 19.36 118.66
N GLN Y 228 -68.87 19.96 119.82
CA GLN Y 228 -67.70 20.76 120.11
C GLN Y 228 -66.41 19.92 120.08
N GLN Y 229 -65.28 20.62 120.15
CA GLN Y 229 -63.96 20.00 120.06
C GLN Y 229 -63.20 20.27 121.34
N ILE Y 230 -61.92 19.88 121.35
CA ILE Y 230 -61.04 20.14 122.48
C ILE Y 230 -60.67 21.61 122.53
N ASP Y 231 -59.96 22.07 121.49
CA ASP Y 231 -59.61 23.45 121.15
C ASP Y 231 -58.54 24.05 122.07
N SER Y 232 -58.22 23.36 123.16
CA SER Y 232 -57.14 23.72 124.08
C SER Y 232 -56.88 22.56 125.02
N PHE Y 233 -55.62 22.15 125.14
CA PHE Y 233 -55.33 20.87 125.80
C PHE Y 233 -53.93 20.99 126.39
N THR Y 234 -53.85 21.34 127.67
CA THR Y 234 -52.56 21.37 128.34
C THR Y 234 -52.72 20.74 129.70
N THR Y 235 -51.60 20.39 130.32
CA THR Y 235 -51.60 19.60 131.54
C THR Y 235 -50.43 20.03 132.40
N LYS Y 236 -50.72 20.78 133.46
CA LYS Y 236 -49.67 21.16 134.39
C LYS Y 236 -49.22 19.93 135.17
N ASP Y 237 -47.99 19.50 134.91
CA ASP Y 237 -47.50 18.22 135.39
C ASP Y 237 -47.25 18.25 136.89
N GLY Y 238 -46.68 19.33 137.39
CA GLY Y 238 -46.38 19.42 138.80
C GLY Y 238 -44.97 18.96 139.11
N TYR Y 239 -44.62 17.80 138.58
CA TYR Y 239 -43.26 17.30 138.56
C TYR Y 239 -42.70 17.79 137.24
N ALA Y 240 -41.64 17.17 136.73
CA ALA Y 240 -41.16 17.48 135.40
C ALA Y 240 -42.10 16.88 134.37
N ASP Y 241 -41.66 16.81 133.11
CA ASP Y 241 -42.50 16.32 132.02
C ASP Y 241 -42.89 14.85 132.18
N GLN Y 242 -42.24 14.11 133.07
CA GLN Y 242 -42.35 12.66 133.15
C GLN Y 242 -43.31 12.18 134.24
N LEU Y 243 -44.36 12.92 134.55
CA LEU Y 243 -45.33 12.41 135.51
C LEU Y 243 -46.66 12.09 134.85
N ILE Y 244 -47.33 13.06 134.23
CA ILE Y 244 -48.50 12.79 133.41
C ILE Y 244 -48.33 13.53 132.09
N ASN Y 245 -48.66 12.87 130.99
CA ASN Y 245 -48.36 13.36 129.66
C ASN Y 245 -49.62 13.69 128.90
N PRO Y 246 -49.80 14.91 128.49
CA PRO Y 246 -50.84 15.21 127.50
C PRO Y 246 -50.41 14.80 126.11
N VAL Y 247 -50.96 13.71 125.60
CA VAL Y 247 -50.59 13.21 124.28
C VAL Y 247 -51.81 13.20 123.39
N THR Y 248 -51.62 13.57 122.14
CA THR Y 248 -52.66 13.77 121.16
C THR Y 248 -52.38 12.93 119.94
N HIS Y 249 -53.09 13.20 118.85
CA HIS Y 249 -52.91 12.47 117.61
C HIS Y 249 -51.66 12.89 116.82
N TYR Y 250 -50.72 13.61 117.42
CA TYR Y 250 -49.64 14.25 116.68
C TYR Y 250 -48.30 14.15 117.41
N ALA Y 251 -47.87 12.97 117.83
CA ALA Y 251 -46.57 12.86 118.46
C ALA Y 251 -45.45 13.10 117.43
N GLN Y 252 -44.30 13.59 117.90
CA GLN Y 252 -43.32 14.11 116.96
C GLN Y 252 -42.15 13.17 116.70
N SER Y 253 -42.18 11.95 117.18
CA SER Y 253 -41.16 10.96 116.82
C SER Y 253 -41.80 9.60 116.95
N PHE Y 254 -41.02 8.55 116.78
CA PHE Y 254 -41.55 7.24 117.09
C PHE Y 254 -41.28 6.86 118.53
N SER Y 255 -40.25 7.42 119.16
CA SER Y 255 -39.97 7.12 120.55
C SER Y 255 -41.02 7.72 121.47
N LYS Y 256 -41.28 9.02 121.32
CA LYS Y 256 -42.37 9.64 122.05
C LYS Y 256 -43.66 9.16 121.41
N LEU Y 257 -44.28 8.19 122.04
CA LEU Y 257 -45.53 7.59 121.57
C LEU Y 257 -46.10 6.87 122.78
N PRO Y 258 -47.38 7.03 123.08
CA PRO Y 258 -47.91 6.61 124.38
C PRO Y 258 -47.95 5.10 124.49
N PRO Y 259 -47.87 4.56 125.71
CA PRO Y 259 -47.78 3.10 125.89
C PRO Y 259 -49.02 2.31 125.51
N ASN Y 260 -50.22 2.62 126.00
CA ASN Y 260 -51.36 1.79 125.60
C ASN Y 260 -52.08 2.35 124.38
N ALA Y 261 -52.70 3.55 124.52
CA ALA Y 261 -53.39 4.25 123.44
C ALA Y 261 -54.44 3.40 122.72
N PRO Y 262 -55.67 3.32 123.24
CA PRO Y 262 -56.59 2.21 122.95
C PRO Y 262 -56.93 2.01 121.48
N ASN Y 263 -57.54 0.85 121.20
CA ASN Y 263 -57.35 0.07 119.96
C ASN Y 263 -57.47 0.91 118.70
N GLY Y 264 -58.53 1.68 118.58
CA GLY Y 264 -58.61 2.56 117.43
C GLY Y 264 -57.98 3.90 117.74
N TYR Y 265 -56.71 4.08 117.37
CA TYR Y 265 -56.05 5.34 117.65
C TYR Y 265 -55.04 5.61 116.56
N MET Y 266 -54.88 6.87 116.21
CA MET Y 266 -53.98 7.26 115.14
C MET Y 266 -53.03 8.33 115.65
N VAL Y 267 -51.79 8.29 115.18
CA VAL Y 267 -50.80 9.30 115.50
C VAL Y 267 -50.11 9.74 114.21
N LYS Y 268 -50.15 11.04 113.93
CA LYS Y 268 -49.37 11.62 112.85
C LYS Y 268 -47.96 11.90 113.34
N ILE Y 269 -47.04 11.00 113.00
CA ILE Y 269 -45.65 11.21 113.36
C ILE Y 269 -45.04 12.26 112.46
N VAL Y 270 -44.53 13.33 113.04
CA VAL Y 270 -44.07 14.49 112.29
C VAL Y 270 -42.60 14.71 112.56
N GLY Y 271 -41.79 14.62 111.52
CA GLY Y 271 -40.50 15.27 111.54
C GLY Y 271 -39.39 14.60 112.31
N ASP Y 272 -39.09 15.17 113.49
CA ASP Y 272 -37.94 15.01 114.39
C ASP Y 272 -36.70 15.72 113.84
N ALA Y 273 -36.77 16.19 112.59
CA ALA Y 273 -35.75 17.04 111.94
C ALA Y 273 -34.35 16.42 111.97
N SER Y 274 -34.26 15.10 111.95
CA SER Y 274 -32.99 14.39 111.96
C SER Y 274 -32.71 13.65 110.67
N LYS Y 275 -33.75 13.07 110.08
CA LYS Y 275 -33.65 12.42 108.78
C LYS Y 275 -34.57 13.13 107.81
N SER Y 276 -34.18 13.15 106.54
CA SER Y 276 -35.00 13.74 105.49
C SER Y 276 -36.15 12.79 105.24
N ALA Y 277 -37.22 12.95 106.01
CA ALA Y 277 -38.30 11.98 106.02
C ALA Y 277 -39.64 12.70 105.97
N ASP Y 278 -40.59 12.10 105.28
CA ASP Y 278 -41.96 12.61 105.28
C ASP Y 278 -42.67 12.21 106.57
N GLN Y 279 -43.95 12.52 106.61
CA GLN Y 279 -44.74 12.41 107.81
C GLN Y 279 -45.75 11.28 107.64
N TYR Y 280 -45.61 10.26 108.46
CA TYR Y 280 -46.31 8.99 108.26
C TYR Y 280 -47.24 8.71 109.43
N TYR Y 281 -48.27 7.91 109.17
CA TYR Y 281 -49.29 7.69 110.20
C TYR Y 281 -49.18 6.26 110.73
N VAL Y 282 -49.41 6.10 112.03
CA VAL Y 282 -49.20 4.82 112.71
C VAL Y 282 -50.38 4.52 113.62
N ARG Y 283 -50.92 3.30 113.51
CA ARG Y 283 -52.08 2.87 114.28
C ARG Y 283 -51.66 1.82 115.28
N TYR Y 284 -52.31 1.81 116.44
CA TYR Y 284 -52.10 0.80 117.47
C TYR Y 284 -53.08 -0.36 117.28
N ASP Y 285 -52.69 -1.54 117.76
CA ASP Y 285 -53.56 -2.71 117.81
C ASP Y 285 -53.58 -3.26 119.22
N ALA Y 286 -54.75 -3.69 119.67
CA ALA Y 286 -54.89 -4.11 121.06
C ALA Y 286 -54.67 -5.60 121.26
N GLU Y 287 -55.05 -6.43 120.29
CA GLU Y 287 -54.80 -7.86 120.41
C GLU Y 287 -53.31 -8.14 120.36
N ARG Y 288 -52.64 -7.55 119.39
CA ARG Y 288 -51.20 -7.64 119.28
C ARG Y 288 -50.62 -6.25 119.52
N LYS Y 289 -49.85 -6.11 120.60
CA LYS Y 289 -49.46 -4.79 121.07
C LYS Y 289 -48.31 -4.28 120.21
N VAL Y 290 -48.67 -3.72 119.07
CA VAL Y 290 -47.71 -3.24 118.07
C VAL Y 290 -48.02 -1.80 117.73
N TRP Y 291 -47.28 -1.25 116.77
CA TRP Y 291 -47.60 0.04 116.18
C TRP Y 291 -47.25 -0.07 114.69
N THR Y 292 -48.22 -0.44 113.89
CA THR Y 292 -48.04 -0.58 112.46
C THR Y 292 -48.51 0.69 111.76
N GLU Y 293 -48.13 0.85 110.50
CA GLU Y 293 -48.46 2.04 109.76
C GLU Y 293 -49.75 1.83 108.96
N THR Y 294 -50.60 2.85 108.95
CA THR Y 294 -51.89 2.76 108.26
C THR Y 294 -52.12 4.04 107.46
N LEU Y 295 -53.34 4.23 107.01
CA LEU Y 295 -53.67 5.26 106.05
C LEU Y 295 -53.74 6.63 106.69
N GLY Y 296 -54.08 7.61 105.87
CA GLY Y 296 -54.53 8.90 106.34
C GLY Y 296 -55.96 8.86 106.82
N TRP Y 297 -56.43 10.01 107.31
CA TRP Y 297 -57.78 10.02 107.88
C TRP Y 297 -58.85 10.20 106.81
N ASN Y 298 -58.86 11.34 106.14
CA ASN Y 298 -59.91 11.65 105.18
C ASN Y 298 -59.42 11.53 103.75
N THR Y 299 -58.58 10.53 103.49
CA THR Y 299 -58.08 10.30 102.14
C THR Y 299 -58.82 9.15 101.47
N GLU Y 300 -58.79 9.16 100.14
CA GLU Y 300 -59.33 8.06 99.35
C GLU Y 300 -58.23 7.05 99.08
N ASP Y 301 -58.63 5.80 98.88
CA ASP Y 301 -57.63 4.74 98.79
C ASP Y 301 -57.92 3.74 97.69
N GLN Y 302 -58.51 4.19 96.59
CA GLN Y 302 -58.87 3.26 95.53
C GLN Y 302 -58.95 4.03 94.23
N VAL Y 303 -58.78 3.31 93.13
CA VAL Y 303 -59.17 3.81 91.82
C VAL Y 303 -60.34 2.95 91.39
N LEU Y 304 -61.28 3.55 90.64
CA LEU Y 304 -62.64 3.02 90.47
C LEU Y 304 -62.82 1.64 89.84
N TRP Y 305 -61.75 0.96 89.45
CA TRP Y 305 -61.76 -0.43 88.96
C TRP Y 305 -62.54 -0.67 87.67
N GLU Y 306 -63.13 0.37 87.10
CA GLU Y 306 -63.85 0.28 85.85
C GLU Y 306 -63.29 1.20 84.80
N THR Y 307 -62.75 2.35 85.20
CA THR Y 307 -62.08 3.25 84.29
C THR Y 307 -60.61 2.91 84.17
N MET Y 308 -60.19 1.82 84.77
CA MET Y 308 -58.83 1.31 84.68
C MET Y 308 -58.77 0.30 83.54
N PRO Y 309 -57.59 -0.13 83.08
CA PRO Y 309 -57.55 -1.22 82.10
C PRO Y 309 -58.01 -2.54 82.68
N HIS Y 310 -58.87 -3.22 81.94
CA HIS Y 310 -59.32 -4.56 82.28
C HIS Y 310 -58.32 -5.60 81.83
N ALA Y 311 -58.72 -6.86 81.87
CA ALA Y 311 -57.88 -7.96 81.44
C ALA Y 311 -58.76 -8.97 80.71
N LEU Y 312 -58.13 -10.05 80.27
CA LEU Y 312 -58.84 -11.10 79.52
C LEU Y 312 -58.12 -12.41 79.83
N VAL Y 313 -58.64 -13.13 80.80
CA VAL Y 313 -57.98 -14.30 81.36
C VAL Y 313 -58.85 -15.51 81.06
N ARG Y 314 -58.23 -16.59 80.61
CA ARG Y 314 -58.99 -17.81 80.36
C ARG Y 314 -59.10 -18.66 81.60
N ALA Y 315 -60.20 -19.39 81.68
CA ALA Y 315 -60.39 -20.37 82.73
C ALA Y 315 -60.04 -21.75 82.19
N ALA Y 316 -60.17 -22.75 83.06
CA ALA Y 316 -59.93 -24.13 82.64
C ALA Y 316 -61.10 -24.70 81.85
N ASP Y 317 -62.24 -24.00 81.79
CA ASP Y 317 -63.38 -24.50 81.05
C ASP Y 317 -63.15 -24.41 79.54
N GLY Y 318 -62.36 -23.43 79.11
CA GLY Y 318 -62.07 -23.29 77.70
C GLY Y 318 -62.39 -21.91 77.17
N ASN Y 319 -63.41 -21.28 77.72
CA ASN Y 319 -63.81 -19.97 77.25
C ASN Y 319 -62.98 -18.87 77.90
N PHE Y 320 -63.03 -17.68 77.30
CA PHE Y 320 -62.27 -16.54 77.79
C PHE Y 320 -63.15 -15.67 78.66
N ASP Y 321 -62.66 -15.36 79.86
CA ASP Y 321 -63.32 -14.36 80.70
C ASP Y 321 -62.74 -12.98 80.40
N PHE Y 322 -63.45 -11.97 80.89
CA PHE Y 322 -63.07 -10.57 80.67
C PHE Y 322 -63.24 -9.85 82.00
N LYS Y 323 -62.19 -9.87 82.79
CA LYS Y 323 -62.23 -9.54 84.21
C LYS Y 323 -61.73 -8.12 84.39
N TRP Y 324 -62.15 -7.47 85.46
CA TRP Y 324 -61.36 -6.30 85.79
C TRP Y 324 -60.10 -6.70 86.54
N LEU Y 325 -59.26 -5.72 86.82
CA LEU Y 325 -58.07 -5.96 87.62
C LEU Y 325 -58.24 -5.31 88.98
N GLU Y 326 -58.00 -6.09 90.02
CA GLU Y 326 -58.11 -5.59 91.39
C GLU Y 326 -56.88 -4.75 91.70
N TRP Y 327 -56.95 -3.48 91.36
CA TRP Y 327 -55.87 -2.56 91.69
C TRP Y 327 -55.87 -2.32 93.19
N SER Y 328 -54.73 -2.57 93.82
CA SER Y 328 -54.62 -2.71 95.26
C SER Y 328 -54.90 -1.40 95.98
N PRO Y 329 -55.42 -1.46 97.21
CA PRO Y 329 -55.73 -0.22 97.92
C PRO Y 329 -54.49 0.55 98.32
N LYS Y 330 -54.62 1.87 98.28
CA LYS Y 330 -53.59 2.77 98.76
C LYS Y 330 -53.38 2.58 100.24
N SER Y 331 -52.13 2.62 100.67
CA SER Y 331 -51.85 2.44 102.09
C SER Y 331 -50.62 3.26 102.46
N CYS Y 332 -50.55 3.62 103.74
CA CYS Y 332 -49.39 4.24 104.37
C CYS Y 332 -49.02 5.57 103.73
N GLY Y 333 -49.91 6.54 103.87
CA GLY Y 333 -49.59 7.88 103.42
C GLY Y 333 -50.79 8.80 103.51
N ASP Y 334 -50.66 9.97 102.90
CA ASP Y 334 -51.72 10.97 102.84
C ASP Y 334 -51.99 11.34 101.39
N VAL Y 335 -52.81 12.38 101.21
CA VAL Y 335 -52.98 12.95 99.88
C VAL Y 335 -51.74 13.75 99.51
N ASP Y 336 -51.16 14.46 100.47
CA ASP Y 336 -50.07 15.39 100.21
C ASP Y 336 -48.70 14.74 100.29
N THR Y 337 -48.60 13.50 100.76
CA THR Y 337 -47.31 12.82 100.81
C THR Y 337 -47.29 11.47 100.11
N ASN Y 338 -48.45 10.88 99.82
CA ASN Y 338 -48.55 9.70 98.97
C ASN Y 338 -49.40 10.13 97.80
N PRO Y 339 -48.77 10.66 96.74
CA PRO Y 339 -49.54 11.37 95.71
C PRO Y 339 -50.37 10.42 94.88
N TRP Y 340 -51.41 10.99 94.27
CA TRP Y 340 -52.16 10.26 93.27
C TRP Y 340 -51.25 9.90 92.09
N PRO Y 341 -51.45 8.76 91.48
CA PRO Y 341 -50.38 8.19 90.65
C PRO Y 341 -50.20 8.80 89.27
N SER Y 342 -50.69 10.02 89.04
CA SER Y 342 -50.47 10.83 87.85
C SER Y 342 -51.04 10.18 86.58
N PHE Y 343 -52.03 9.32 86.71
CA PHE Y 343 -52.85 8.95 85.58
C PHE Y 343 -54.33 8.96 85.95
N VAL Y 344 -54.68 9.51 87.09
CA VAL Y 344 -56.03 9.45 87.59
C VAL Y 344 -56.84 10.68 87.19
N GLY Y 345 -56.36 11.43 86.21
CA GLY Y 345 -57.13 12.56 85.72
C GLY Y 345 -57.06 12.63 84.21
N SER Y 346 -56.48 11.61 83.60
CA SER Y 346 -56.26 11.63 82.17
C SER Y 346 -56.35 10.20 81.67
N SER Y 347 -55.86 9.96 80.47
CA SER Y 347 -56.05 8.71 79.76
C SER Y 347 -54.78 7.87 79.77
N ILE Y 348 -54.96 6.56 79.74
CA ILE Y 348 -53.87 5.60 79.64
C ILE Y 348 -53.81 5.13 78.19
N ASN Y 349 -52.60 4.99 77.66
CA ASN Y 349 -52.45 4.61 76.27
C ASN Y 349 -51.80 3.25 76.05
N ASP Y 350 -51.02 2.72 76.99
CA ASP Y 350 -50.29 1.50 76.73
C ASP Y 350 -49.95 0.79 78.03
N VAL Y 351 -49.78 -0.52 77.94
CA VAL Y 351 -49.27 -1.35 79.03
C VAL Y 351 -47.90 -1.84 78.60
N PHE Y 352 -46.92 -1.72 79.50
CA PHE Y 352 -45.57 -2.14 79.16
C PHE Y 352 -44.85 -2.59 80.41
N PHE Y 353 -44.06 -3.64 80.26
CA PHE Y 353 -43.29 -4.22 81.34
C PHE Y 353 -41.84 -3.77 81.25
N PHE Y 354 -41.25 -3.47 82.39
CA PHE Y 354 -39.90 -2.95 82.44
C PHE Y 354 -39.28 -3.21 83.80
N ARG Y 355 -38.42 -4.23 83.89
CA ARG Y 355 -37.69 -4.62 85.10
C ARG Y 355 -38.67 -4.91 86.24
N ASN Y 356 -39.46 -5.96 86.05
CA ASN Y 356 -40.43 -6.50 87.01
C ASN Y 356 -41.57 -5.51 87.30
N ARG Y 357 -41.69 -4.42 86.57
CA ARG Y 357 -42.63 -3.38 86.90
C ARG Y 357 -43.65 -3.23 85.78
N LEU Y 358 -44.92 -3.36 86.13
CA LEU Y 358 -45.97 -3.02 85.19
C LEU Y 358 -45.99 -1.52 85.02
N GLY Y 359 -46.32 -1.07 83.83
CA GLY Y 359 -46.22 0.34 83.56
C GLY Y 359 -47.28 0.86 82.62
N PHE Y 360 -47.70 2.09 82.85
CA PHE Y 360 -48.63 2.73 81.94
C PHE Y 360 -47.99 4.00 81.39
N LEU Y 361 -48.41 4.35 80.18
CA LEU Y 361 -48.19 5.68 79.68
C LEU Y 361 -49.39 6.54 80.08
N SER Y 362 -49.33 7.82 79.78
CA SER Y 362 -50.32 8.76 80.27
C SER Y 362 -50.36 9.96 79.37
N GLY Y 363 -50.91 11.06 79.89
CA GLY Y 363 -50.89 12.32 79.14
C GLY Y 363 -49.50 12.75 78.75
N GLU Y 364 -48.57 12.74 79.70
CA GLU Y 364 -47.18 12.95 79.33
C GLU Y 364 -46.30 12.09 80.24
N ASN Y 365 -46.92 11.28 81.08
CA ASN Y 365 -46.22 10.68 82.20
C ASN Y 365 -45.95 9.21 81.95
N ILE Y 366 -45.01 8.67 82.72
CA ILE Y 366 -44.69 7.24 82.75
C ILE Y 366 -44.81 6.78 84.19
N ILE Y 367 -45.65 5.78 84.43
CA ILE Y 367 -46.00 5.36 85.77
C ILE Y 367 -45.71 3.87 85.89
N LEU Y 368 -44.58 3.53 86.50
CA LEU Y 368 -44.18 2.15 86.69
C LEU Y 368 -44.62 1.69 88.07
N SER Y 369 -44.98 0.42 88.19
CA SER Y 369 -45.59 -0.11 89.42
C SER Y 369 -44.52 -0.62 90.37
N ARG Y 370 -44.93 -1.35 91.40
CA ARG Y 370 -43.99 -1.87 92.38
C ARG Y 370 -43.28 -3.09 91.80
N THR Y 371 -42.09 -3.37 92.34
CA THR Y 371 -41.19 -4.36 91.75
C THR Y 371 -41.75 -5.77 91.84
N ALA Y 372 -42.17 -6.20 93.02
CA ALA Y 372 -42.63 -7.58 93.12
C ALA Y 372 -44.07 -7.74 92.65
N LYS Y 373 -44.90 -6.74 92.84
CA LYS Y 373 -46.35 -6.86 92.72
C LYS Y 373 -46.81 -5.91 91.63
N TYR Y 374 -47.48 -6.47 90.60
CA TYR Y 374 -47.81 -5.70 89.42
C TYR Y 374 -48.93 -4.70 89.68
N PHE Y 375 -49.92 -5.09 90.45
CA PHE Y 375 -51.13 -4.29 90.56
C PHE Y 375 -51.07 -3.40 91.80
N ASN Y 376 -50.05 -2.55 91.88
CA ASN Y 376 -49.86 -1.72 93.07
C ASN Y 376 -49.04 -0.51 92.66
N PHE Y 377 -49.62 0.69 92.78
CA PHE Y 377 -48.95 1.92 92.41
C PHE Y 377 -48.65 2.82 93.60
N TYR Y 378 -48.37 2.25 94.74
CA TYR Y 378 -48.14 3.02 95.95
C TYR Y 378 -47.00 2.34 96.70
N PRO Y 379 -46.14 3.13 97.34
CA PRO Y 379 -45.07 2.53 98.14
C PRO Y 379 -45.63 1.83 99.37
N ALA Y 380 -44.82 0.94 99.94
CA ALA Y 380 -45.29 0.16 101.09
C ALA Y 380 -45.40 1.00 102.34
N SER Y 381 -44.56 2.04 102.44
CA SER Y 381 -44.56 2.92 103.59
C SER Y 381 -43.86 4.20 103.18
N ILE Y 382 -44.50 5.35 103.41
CA ILE Y 382 -43.83 6.60 103.03
C ILE Y 382 -42.81 7.02 104.06
N ALA Y 383 -42.77 6.35 105.20
CA ALA Y 383 -41.56 6.32 106.01
C ALA Y 383 -40.63 5.29 105.41
N ASN Y 384 -39.35 5.65 105.31
CA ASN Y 384 -38.28 4.77 104.86
C ASN Y 384 -38.51 4.26 103.43
N LEU Y 385 -38.38 5.18 102.48
CA LEU Y 385 -38.36 4.88 101.04
C LEU Y 385 -37.41 3.75 100.73
N SER Y 386 -37.92 2.69 100.10
CA SER Y 386 -37.31 1.38 100.15
C SER Y 386 -36.97 0.82 98.77
N ASP Y 387 -36.60 1.69 97.83
CA ASP Y 387 -35.97 1.33 96.55
C ASP Y 387 -36.79 0.45 95.62
N ASP Y 388 -38.01 0.12 95.99
CA ASP Y 388 -38.92 -0.65 95.16
C ASP Y 388 -40.20 0.11 94.90
N ASP Y 389 -40.23 1.38 95.25
CA ASP Y 389 -41.43 2.17 95.20
C ASP Y 389 -41.77 2.53 93.75
N PRO Y 390 -43.03 2.74 93.45
CA PRO Y 390 -43.41 3.16 92.10
C PRO Y 390 -42.89 4.55 91.79
N ILE Y 391 -42.58 4.76 90.51
CA ILE Y 391 -41.92 5.96 90.05
C ILE Y 391 -42.84 6.73 89.11
N ASP Y 392 -42.77 8.05 89.16
CA ASP Y 392 -43.60 8.92 88.33
C ASP Y 392 -42.67 9.90 87.63
N VAL Y 393 -42.20 9.54 86.44
CA VAL Y 393 -41.26 10.36 85.71
C VAL Y 393 -42.00 11.00 84.56
N ALA Y 394 -42.26 12.30 84.68
CA ALA Y 394 -42.87 13.03 83.59
C ALA Y 394 -41.85 13.25 82.50
N VAL Y 395 -42.27 13.04 81.26
CA VAL Y 395 -41.38 13.18 80.13
C VAL Y 395 -41.12 14.65 79.91
N SER Y 396 -39.90 15.08 80.19
CA SER Y 396 -39.51 16.48 80.14
C SER Y 396 -39.07 16.81 78.73
N THR Y 397 -39.86 17.63 78.04
CA THR Y 397 -39.59 18.00 76.68
C THR Y 397 -39.51 19.52 76.57
N ASN Y 398 -39.09 19.96 75.40
CA ASN Y 398 -39.22 21.36 75.03
C ASN Y 398 -40.60 21.64 74.47
N ARG Y 399 -41.20 20.65 73.80
CA ARG Y 399 -42.41 20.79 73.02
C ARG Y 399 -43.46 19.80 73.54
N ILE Y 400 -44.58 19.66 72.83
CA ILE Y 400 -45.67 18.84 73.30
C ILE Y 400 -45.48 17.41 72.80
N ALA Y 401 -45.63 16.43 73.69
CA ALA Y 401 -45.45 15.03 73.31
C ALA Y 401 -46.30 14.17 74.23
N ILE Y 402 -47.36 13.56 73.69
CA ILE Y 402 -48.23 12.69 74.46
C ILE Y 402 -47.88 11.25 74.11
N LEU Y 403 -47.52 10.47 75.12
CA LEU Y 403 -46.94 9.15 74.92
C LEU Y 403 -47.96 8.17 74.36
N LYS Y 404 -47.53 7.36 73.39
CA LYS Y 404 -48.47 6.51 72.70
C LYS Y 404 -48.02 5.06 72.55
N TYR Y 405 -46.72 4.78 72.58
CA TYR Y 405 -46.29 3.39 72.47
C TYR Y 405 -45.05 3.15 73.33
N ALA Y 406 -44.67 1.89 73.43
CA ALA Y 406 -43.49 1.48 74.18
C ALA Y 406 -42.95 0.22 73.56
N VAL Y 407 -41.80 0.31 72.90
CA VAL Y 407 -41.23 -0.81 72.15
C VAL Y 407 -39.82 -1.07 72.64
N PRO Y 408 -39.49 -2.28 73.04
CA PRO Y 408 -38.11 -2.57 73.43
C PRO Y 408 -37.22 -2.76 72.23
N PHE Y 409 -36.08 -2.07 72.18
CA PHE Y 409 -35.30 -2.04 70.96
C PHE Y 409 -33.92 -2.68 71.08
N SER Y 410 -33.02 -2.12 71.87
CA SER Y 410 -31.68 -2.70 71.97
C SER Y 410 -31.30 -3.07 73.40
N GLU Y 411 -31.34 -2.12 74.30
CA GLU Y 411 -31.14 -2.42 75.71
C GLU Y 411 -32.04 -1.56 76.57
N GLU Y 412 -33.03 -0.90 75.99
CA GLU Y 412 -33.47 0.36 76.55
C GLU Y 412 -34.94 0.45 76.88
N LEU Y 413 -35.81 -0.23 76.13
CA LEU Y 413 -37.27 -0.09 76.21
C LEU Y 413 -37.64 1.36 75.98
N LEU Y 414 -37.43 1.84 74.76
CA LEU Y 414 -37.68 3.25 74.49
C LEU Y 414 -39.15 3.47 74.14
N ILE Y 415 -39.62 4.69 74.34
CA ILE Y 415 -41.04 5.02 74.37
C ILE Y 415 -41.29 6.14 73.39
N TRP Y 416 -42.22 5.93 72.47
CA TRP Y 416 -42.43 6.84 71.34
C TRP Y 416 -43.68 7.68 71.51
N SER Y 417 -43.64 8.90 70.98
CA SER Y 417 -44.83 9.74 71.04
C SER Y 417 -44.85 10.73 69.88
N ASP Y 418 -45.33 10.29 68.72
CA ASP Y 418 -46.04 11.11 67.73
C ASP Y 418 -45.22 12.24 67.09
N GLU Y 419 -44.19 12.74 67.76
CA GLU Y 419 -43.27 13.68 67.15
C GLU Y 419 -41.85 13.52 67.67
N ALA Y 420 -41.64 12.84 68.80
CA ALA Y 420 -40.32 12.61 69.36
C ALA Y 420 -40.27 11.19 69.89
N GLN Y 421 -39.09 10.77 70.34
CA GLN Y 421 -38.85 9.40 70.77
C GLN Y 421 -37.97 9.43 72.00
N PHE Y 422 -38.31 8.62 73.01
CA PHE Y 422 -37.78 8.78 74.35
C PHE Y 422 -37.24 7.47 74.88
N VAL Y 423 -35.99 7.48 75.37
CA VAL Y 423 -35.35 6.30 75.93
C VAL Y 423 -35.42 6.33 77.45
N LEU Y 424 -35.90 5.24 78.04
CA LEU Y 424 -36.17 5.15 79.47
C LEU Y 424 -35.17 4.18 80.08
N THR Y 425 -34.02 4.69 80.49
CA THR Y 425 -33.05 3.92 81.25
C THR Y 425 -32.55 4.78 82.41
N ALA Y 426 -31.97 4.13 83.41
CA ALA Y 426 -31.52 4.84 84.59
C ALA Y 426 -30.00 4.85 84.68
N SER Y 427 -29.49 5.70 85.55
CA SER Y 427 -28.06 5.79 85.84
C SER Y 427 -27.84 5.39 87.29
N GLY Y 428 -27.36 4.18 87.50
CA GLY Y 428 -27.18 3.66 88.85
C GLY Y 428 -27.67 2.24 89.03
N THR Y 429 -28.68 2.07 89.87
CA THR Y 429 -29.26 0.77 90.16
C THR Y 429 -30.21 0.38 89.03
N LEU Y 430 -31.10 -0.59 89.27
CA LEU Y 430 -32.17 -0.86 88.32
C LEU Y 430 -33.04 0.34 88.05
N THR Y 431 -33.82 0.70 89.06
CA THR Y 431 -34.85 1.72 88.99
C THR Y 431 -35.11 2.16 90.41
N SER Y 432 -34.77 3.39 90.71
CA SER Y 432 -35.15 4.04 91.96
C SER Y 432 -36.03 5.19 91.55
N LYS Y 433 -36.31 6.12 92.46
CA LYS Y 433 -36.83 7.41 92.04
C LYS Y 433 -35.88 8.11 91.05
N SER Y 434 -34.59 7.84 91.11
CA SER Y 434 -33.62 8.30 90.11
C SER Y 434 -33.62 7.38 88.89
N VAL Y 435 -34.43 7.76 87.89
CA VAL Y 435 -34.49 7.09 86.59
C VAL Y 435 -34.49 8.17 85.50
N GLU Y 436 -33.54 8.06 84.57
CA GLU Y 436 -33.38 9.10 83.55
C GLU Y 436 -34.37 8.91 82.42
N LEU Y 437 -34.55 9.96 81.62
CA LEU Y 437 -35.42 9.92 80.46
C LEU Y 437 -34.99 11.03 79.51
N ASN Y 438 -34.55 10.66 78.31
CA ASN Y 438 -34.02 11.61 77.36
C ASN Y 438 -34.60 11.32 75.99
N LEU Y 439 -34.59 12.32 75.12
CA LEU Y 439 -35.13 12.16 73.77
C LEU Y 439 -34.00 12.02 72.78
N THR Y 440 -33.98 10.90 72.07
CA THR Y 440 -32.90 10.67 71.10
C THR Y 440 -33.19 11.31 69.75
N THR Y 441 -34.21 10.84 69.06
CA THR Y 441 -34.42 11.20 67.68
C THR Y 441 -35.86 11.69 67.50
N GLN Y 442 -36.01 12.87 66.92
CA GLN Y 442 -37.29 13.56 66.91
C GLN Y 442 -38.07 13.30 65.62
N PHE Y 443 -38.27 12.03 65.27
CA PHE Y 443 -38.96 11.65 64.04
C PHE Y 443 -40.47 11.64 64.22
N ASP Y 444 -41.18 11.67 63.10
CA ASP Y 444 -42.64 11.67 63.10
C ASP Y 444 -43.17 10.27 62.86
N VAL Y 445 -44.18 9.89 63.62
CA VAL Y 445 -44.69 8.52 63.64
C VAL Y 445 -46.20 8.54 63.81
N GLN Y 446 -46.89 7.75 63.00
CA GLN Y 446 -48.33 7.69 63.02
C GLN Y 446 -48.82 6.95 64.25
N ASP Y 447 -49.99 7.34 64.73
CA ASP Y 447 -50.49 6.94 66.05
C ASP Y 447 -51.37 5.70 66.01
N ARG Y 448 -51.55 5.08 64.85
CA ARG Y 448 -52.52 4.01 64.72
C ARG Y 448 -51.89 2.69 64.33
N ALA Y 449 -50.57 2.59 64.37
CA ALA Y 449 -49.87 1.36 64.08
C ALA Y 449 -48.81 1.13 65.14
N ARG Y 450 -48.66 -0.08 65.50
CA ARG Y 450 -47.71 -0.34 66.56
C ARG Y 450 -46.36 -0.64 65.94
N PRO Y 451 -45.30 0.05 66.35
CA PRO Y 451 -43.98 -0.20 65.78
C PRO Y 451 -43.46 -1.60 66.08
N PHE Y 452 -43.32 -2.38 65.02
CA PHE Y 452 -43.05 -3.81 65.10
C PHE Y 452 -41.58 -4.06 64.84
N GLY Y 453 -40.99 -4.95 65.63
CA GLY Y 453 -39.57 -5.24 65.54
C GLY Y 453 -39.36 -6.61 64.90
N ILE Y 454 -38.35 -6.68 64.04
CA ILE Y 454 -38.05 -7.95 63.39
C ILE Y 454 -36.70 -8.47 63.85
N GLY Y 455 -35.64 -7.74 63.52
CA GLY Y 455 -34.33 -8.18 63.92
C GLY Y 455 -33.67 -7.16 64.81
N ARG Y 456 -32.68 -6.48 64.26
CA ARG Y 456 -32.08 -5.34 64.93
C ARG Y 456 -32.88 -4.07 64.67
N ASN Y 457 -33.88 -4.13 63.80
CA ASN Y 457 -34.63 -2.95 63.41
C ASN Y 457 -36.02 -2.98 64.04
N VAL Y 458 -36.71 -1.84 63.92
CA VAL Y 458 -38.12 -1.71 64.30
C VAL Y 458 -38.80 -0.88 63.22
N TYR Y 459 -39.88 -1.40 62.65
CA TYR Y 459 -40.52 -0.76 61.52
C TYR Y 459 -41.80 -0.05 61.95
N PHE Y 460 -42.09 1.08 61.32
CA PHE Y 460 -43.17 1.94 61.76
C PHE Y 460 -43.60 2.82 60.61
N ALA Y 461 -44.72 3.50 60.77
CA ALA Y 461 -45.31 4.32 59.72
C ALA Y 461 -45.15 5.79 60.06
N SER Y 462 -45.37 6.63 59.06
CA SER Y 462 -45.22 8.07 59.23
C SER Y 462 -46.40 8.77 58.59
N PRO Y 463 -46.86 9.87 59.17
CA PRO Y 463 -48.02 10.55 58.61
C PRO Y 463 -47.72 11.50 57.48
N ARG Y 464 -47.64 10.99 56.25
CA ARG Y 464 -47.89 11.88 55.12
C ARG Y 464 -49.38 12.13 55.01
N SER Y 465 -49.76 13.04 54.12
CA SER Y 465 -51.17 13.33 53.92
C SER Y 465 -51.87 12.16 53.26
N SER Y 466 -51.47 11.83 52.04
CA SER Y 466 -51.87 10.61 51.37
C SER Y 466 -50.61 9.92 50.91
N PHE Y 467 -50.71 8.60 50.69
CA PHE Y 467 -49.63 7.73 50.24
C PHE Y 467 -48.45 7.76 51.21
N THR Y 468 -48.69 7.18 52.38
CA THR Y 468 -47.78 7.28 53.50
C THR Y 468 -46.53 6.44 53.30
N SER Y 469 -45.68 6.44 54.32
CA SER Y 469 -44.34 5.93 54.24
C SER Y 469 -44.09 4.96 55.38
N ILE Y 470 -43.05 4.14 55.24
CA ILE Y 470 -42.60 3.23 56.29
C ILE Y 470 -41.12 3.48 56.50
N HIS Y 471 -40.68 3.47 57.74
CA HIS Y 471 -39.30 3.80 58.08
C HIS Y 471 -38.63 2.69 58.87
N ARG Y 472 -37.39 2.40 58.48
CA ARG Y 472 -36.51 1.53 59.25
C ARG Y 472 -35.83 2.31 60.34
N TYR Y 473 -35.81 1.78 61.56
CA TYR Y 473 -35.30 2.48 62.71
C TYR Y 473 -34.06 1.76 63.23
N TYR Y 474 -32.91 2.41 63.10
CA TYR Y 474 -31.60 1.82 63.33
C TYR Y 474 -31.18 1.90 64.79
N ALA Y 475 -30.10 1.18 65.07
CA ALA Y 475 -29.09 1.62 66.01
C ALA Y 475 -27.79 1.67 65.21
N VAL Y 476 -27.15 2.83 65.17
CA VAL Y 476 -26.04 3.01 64.24
C VAL Y 476 -24.82 2.22 64.72
N GLN Y 477 -23.89 2.03 63.81
CA GLN Y 477 -22.74 1.20 64.12
C GLN Y 477 -21.67 1.98 64.87
N ASP Y 478 -21.44 3.23 64.51
CA ASP Y 478 -20.22 3.91 64.91
C ASP Y 478 -20.30 4.42 66.35
N VAL Y 479 -21.38 5.10 66.70
CA VAL Y 479 -21.46 5.72 68.02
C VAL Y 479 -21.88 4.62 68.98
N SER Y 480 -21.83 4.90 70.28
CA SER Y 480 -22.38 3.98 71.27
C SER Y 480 -23.90 3.88 71.15
N SER Y 481 -24.61 4.98 71.35
CA SER Y 481 -26.05 4.93 71.56
C SER Y 481 -26.79 5.99 70.75
N VAL Y 482 -26.49 6.10 69.46
CA VAL Y 482 -27.20 7.02 68.59
C VAL Y 482 -28.19 6.24 67.75
N LYS Y 483 -29.45 6.65 67.80
CA LYS Y 483 -30.50 6.05 67.00
C LYS Y 483 -30.66 6.80 65.68
N ASN Y 484 -31.36 6.17 64.74
CA ASN Y 484 -31.50 6.71 63.41
C ASN Y 484 -32.74 6.09 62.76
N ALA Y 485 -33.36 6.84 61.86
CA ALA Y 485 -34.49 6.33 61.12
C ALA Y 485 -34.34 6.68 59.65
N GLU Y 486 -34.19 5.67 58.81
CA GLU Y 486 -34.06 5.88 57.39
C GLU Y 486 -35.45 5.83 56.76
N ASP Y 487 -35.52 5.69 55.45
CA ASP Y 487 -36.79 5.66 54.74
C ASP Y 487 -36.72 4.50 53.74
N ILE Y 488 -37.53 3.46 53.97
CA ILE Y 488 -37.47 2.30 53.10
C ILE Y 488 -38.64 2.33 52.14
N THR Y 489 -39.31 3.47 52.07
CA THR Y 489 -40.16 3.80 50.93
C THR Y 489 -39.63 5.03 50.21
N SER Y 490 -38.34 5.33 50.36
CA SER Y 490 -37.74 6.49 49.73
C SER Y 490 -37.71 6.38 48.21
N HIS Y 491 -37.73 5.16 47.69
CA HIS Y 491 -37.80 4.96 46.26
C HIS Y 491 -39.15 4.43 45.81
N VAL Y 492 -40.02 4.05 46.74
CA VAL Y 492 -41.41 3.78 46.38
C VAL Y 492 -42.34 4.61 47.24
N PRO Y 493 -42.56 5.87 46.96
CA PRO Y 493 -43.73 6.53 47.52
C PRO Y 493 -44.89 6.28 46.60
N ASN Y 494 -46.06 6.85 46.90
CA ASN Y 494 -47.26 6.74 46.10
C ASN Y 494 -47.68 5.29 45.92
N TYR Y 495 -47.55 4.50 46.99
CA TYR Y 495 -47.87 3.09 46.90
C TYR Y 495 -48.66 2.52 48.07
N ILE Y 496 -48.60 3.10 49.27
CA ILE Y 496 -49.34 2.59 50.42
C ILE Y 496 -50.28 3.67 50.94
N PRO Y 497 -51.60 3.49 50.81
CA PRO Y 497 -52.51 4.63 50.71
C PRO Y 497 -52.68 5.62 51.87
N ASN Y 498 -53.31 5.29 53.00
CA ASN Y 498 -53.24 6.30 54.06
C ASN Y 498 -53.14 5.75 55.46
N GLY Y 499 -53.95 4.75 55.79
CA GLY Y 499 -54.02 4.39 57.17
C GLY Y 499 -53.37 3.07 57.47
N VAL Y 500 -52.15 3.08 57.96
CA VAL Y 500 -51.46 1.86 58.35
C VAL Y 500 -52.02 1.47 59.71
N PHE Y 501 -52.81 0.40 59.76
CA PHE Y 501 -53.38 -0.02 61.02
C PHE Y 501 -52.83 -1.32 61.53
N SER Y 502 -51.96 -1.99 60.79
CA SER Y 502 -51.33 -3.19 61.28
C SER Y 502 -50.00 -3.36 60.57
N ILE Y 503 -48.97 -3.73 61.32
CA ILE Y 503 -47.67 -4.04 60.75
C ILE Y 503 -47.31 -5.45 61.18
N CYS Y 504 -47.19 -6.35 60.21
CA CYS Y 504 -46.92 -7.75 60.46
C CYS Y 504 -45.41 -7.98 60.46
N GLY Y 505 -45.04 -9.24 60.38
CA GLY Y 505 -43.65 -9.58 60.13
C GLY Y 505 -43.37 -10.99 60.57
N SER Y 506 -42.20 -11.47 60.19
CA SER Y 506 -41.68 -12.73 60.65
C SER Y 506 -40.19 -12.73 60.45
N GLY Y 507 -39.46 -13.06 61.50
CA GLY Y 507 -38.03 -13.17 61.37
C GLY Y 507 -37.56 -14.41 60.65
N THR Y 508 -38.44 -15.38 60.43
CA THR Y 508 -38.03 -16.60 59.77
C THR Y 508 -37.90 -16.41 58.28
N GLU Y 509 -38.98 -16.01 57.62
CA GLU Y 509 -38.96 -15.81 56.18
C GLU Y 509 -38.53 -14.41 55.78
N ASN Y 510 -38.20 -13.55 56.76
CA ASN Y 510 -37.55 -12.26 56.55
C ASN Y 510 -38.40 -11.29 55.71
N PHE Y 511 -39.56 -10.91 56.24
CA PHE Y 511 -40.32 -9.84 55.60
C PHE Y 511 -41.02 -8.99 56.65
N CYS Y 512 -41.51 -7.84 56.19
CA CYS Y 512 -42.42 -6.99 56.94
C CYS Y 512 -43.56 -6.62 56.02
N SER Y 513 -44.78 -6.70 56.51
CA SER Y 513 -45.90 -6.30 55.67
C SER Y 513 -46.78 -5.33 56.43
N VAL Y 514 -47.61 -4.63 55.66
CA VAL Y 514 -48.39 -3.52 56.15
C VAL Y 514 -49.77 -3.56 55.52
N LEU Y 515 -50.80 -3.56 56.36
CA LEU Y 515 -52.17 -3.43 55.93
C LEU Y 515 -52.56 -1.96 55.92
N SER Y 516 -53.62 -1.64 55.19
CA SER Y 516 -53.97 -0.24 55.07
C SER Y 516 -55.46 -0.08 54.83
N HIS Y 517 -56.06 0.91 55.49
CA HIS Y 517 -57.46 1.26 55.29
C HIS Y 517 -57.54 2.42 54.31
N GLY Y 518 -56.93 2.22 53.15
CA GLY Y 518 -57.11 3.15 52.07
C GLY Y 518 -57.32 2.42 50.78
N ASP Y 519 -57.02 1.13 50.80
CA ASP Y 519 -57.20 0.21 49.69
C ASP Y 519 -57.10 -1.19 50.29
N PRO Y 520 -58.12 -1.65 51.01
CA PRO Y 520 -57.92 -2.75 51.97
C PRO Y 520 -57.82 -4.13 51.35
N SER Y 521 -57.67 -4.25 50.04
CA SER Y 521 -57.52 -5.54 49.41
C SER Y 521 -56.06 -5.93 49.24
N LYS Y 522 -55.14 -5.18 49.83
CA LYS Y 522 -53.74 -5.30 49.52
C LYS Y 522 -52.92 -5.51 50.79
N ILE Y 523 -52.09 -6.53 50.80
CA ILE Y 523 -51.10 -6.74 51.85
C ILE Y 523 -49.75 -6.30 51.29
N PHE Y 524 -49.22 -5.21 51.79
CA PHE Y 524 -48.04 -4.58 51.20
C PHE Y 524 -46.77 -5.21 51.78
N MET Y 525 -46.24 -6.21 51.09
CA MET Y 525 -45.09 -6.98 51.55
C MET Y 525 -43.81 -6.20 51.32
N TYR Y 526 -42.87 -6.28 52.26
CA TYR Y 526 -41.53 -5.73 52.14
C TYR Y 526 -40.56 -6.82 52.53
N LYS Y 527 -40.00 -7.54 51.55
CA LYS Y 527 -39.10 -8.64 51.84
C LYS Y 527 -37.66 -8.18 51.77
N PHE Y 528 -36.89 -8.50 52.81
CA PHE Y 528 -35.52 -8.05 52.95
C PHE Y 528 -34.64 -9.23 53.27
N LEU Y 529 -33.33 -9.03 53.11
CA LEU Y 529 -32.35 -10.05 53.48
C LEU Y 529 -31.04 -9.35 53.79
N TYR Y 530 -30.67 -9.33 55.07
CA TYR Y 530 -29.37 -8.84 55.46
C TYR Y 530 -28.33 -9.94 55.33
N LEU Y 531 -27.13 -9.55 54.89
CA LEU Y 531 -26.05 -10.50 54.71
C LEU Y 531 -24.75 -9.72 54.81
N ASN Y 532 -23.95 -10.03 55.82
CA ASN Y 532 -22.72 -9.30 56.19
C ASN Y 532 -23.00 -7.82 56.45
N GLU Y 533 -24.06 -7.56 57.22
CA GLU Y 533 -24.45 -6.25 57.74
C GLU Y 533 -24.81 -5.24 56.65
N GLU Y 534 -24.98 -5.68 55.42
CA GLU Y 534 -25.39 -4.80 54.32
C GLU Y 534 -26.66 -5.36 53.70
N LEU Y 535 -27.64 -4.49 53.49
CA LEU Y 535 -28.93 -4.95 53.03
C LEU Y 535 -28.88 -5.17 51.53
N ARG Y 536 -29.39 -6.32 51.08
CA ARG Y 536 -29.21 -6.76 49.70
C ARG Y 536 -30.53 -6.96 48.96
N GLN Y 537 -31.66 -6.62 49.58
CA GLN Y 537 -32.95 -6.81 48.90
C GLN Y 537 -33.97 -5.85 49.50
N GLN Y 538 -34.26 -4.76 48.80
CA GLN Y 538 -35.36 -3.87 49.14
C GLN Y 538 -36.49 -4.16 48.17
N SER Y 539 -37.27 -5.18 48.46
CA SER Y 539 -38.35 -5.57 47.56
C SER Y 539 -39.69 -5.15 48.12
N TRP Y 540 -40.58 -4.79 47.23
CA TRP Y 540 -41.96 -4.49 47.57
C TRP Y 540 -42.88 -5.26 46.63
N SER Y 541 -44.08 -5.54 47.11
CA SER Y 541 -45.12 -6.12 46.30
C SER Y 541 -46.42 -5.75 46.97
N HIS Y 542 -47.53 -6.28 46.46
CA HIS Y 542 -48.75 -6.31 47.23
C HIS Y 542 -49.60 -7.51 46.82
N TRP Y 543 -50.06 -8.24 47.82
CA TRP Y 543 -50.86 -9.43 47.58
C TRP Y 543 -52.34 -9.06 47.53
N ASP Y 544 -52.99 -9.40 46.43
CA ASP Y 544 -54.44 -9.33 46.33
C ASP Y 544 -55.02 -10.72 46.50
N PHE Y 545 -56.16 -10.80 47.15
CA PHE Y 545 -56.85 -12.05 47.37
C PHE Y 545 -58.15 -12.08 46.60
N GLY Y 546 -58.16 -11.42 45.46
CA GLY Y 546 -59.37 -11.23 44.68
C GLY Y 546 -59.90 -9.84 44.97
N GLU Y 547 -60.58 -9.27 43.97
CA GLU Y 547 -61.13 -7.93 44.14
C GLU Y 547 -62.35 -7.99 45.05
N ASN Y 548 -62.69 -6.82 45.62
CA ASN Y 548 -63.79 -6.62 46.56
C ASN Y 548 -63.66 -7.54 47.77
N VAL Y 549 -62.43 -7.72 48.27
CA VAL Y 549 -62.15 -8.59 49.42
C VAL Y 549 -61.27 -7.81 50.38
N GLN Y 550 -61.74 -7.61 51.61
CA GLN Y 550 -61.04 -6.80 52.59
C GLN Y 550 -60.23 -7.68 53.52
N VAL Y 551 -58.93 -7.41 53.60
CA VAL Y 551 -58.02 -8.14 54.49
C VAL Y 551 -57.96 -7.34 55.78
N LEU Y 552 -58.54 -7.88 56.84
CA LEU Y 552 -58.73 -7.13 58.06
C LEU Y 552 -57.85 -7.61 59.20
N ALA Y 553 -56.94 -8.54 58.94
CA ALA Y 553 -55.86 -8.86 59.86
C ALA Y 553 -54.72 -9.59 59.18
N CYS Y 554 -53.59 -9.66 59.87
CA CYS Y 554 -52.39 -10.35 59.43
C CYS Y 554 -51.45 -10.56 60.61
N GLN Y 555 -51.21 -11.81 60.97
CA GLN Y 555 -50.18 -12.14 61.94
C GLN Y 555 -49.50 -13.41 61.46
N SER Y 556 -48.35 -13.71 62.05
CA SER Y 556 -47.56 -14.84 61.54
C SER Y 556 -46.89 -15.53 62.72
N ILE Y 557 -47.35 -16.75 63.02
CA ILE Y 557 -46.58 -17.67 63.82
C ILE Y 557 -45.56 -18.23 62.85
N SER Y 558 -44.53 -18.92 63.35
CA SER Y 558 -43.17 -18.98 62.82
C SER Y 558 -43.00 -18.91 61.31
N SER Y 559 -43.71 -19.74 60.57
CA SER Y 559 -43.69 -19.61 59.12
C SER Y 559 -45.06 -19.82 58.53
N ASP Y 560 -46.11 -19.56 59.30
CA ASP Y 560 -47.47 -19.70 58.84
C ASP Y 560 -48.20 -18.39 59.12
N MET Y 561 -48.66 -17.73 58.06
CA MET Y 561 -49.31 -16.43 58.17
C MET Y 561 -50.82 -16.64 58.20
N TYR Y 562 -51.39 -16.61 59.40
CA TYR Y 562 -52.83 -16.79 59.58
C TYR Y 562 -53.55 -15.48 59.32
N VAL Y 563 -54.45 -15.49 58.34
CA VAL Y 563 -55.07 -14.28 57.83
C VAL Y 563 -56.58 -14.46 57.88
N ILE Y 564 -57.28 -13.58 58.57
CA ILE Y 564 -58.71 -13.49 58.35
C ILE Y 564 -58.94 -12.45 57.27
N LEU Y 565 -59.96 -12.67 56.46
CA LEU Y 565 -60.20 -11.80 55.32
C LEU Y 565 -61.67 -11.77 55.03
N ARG Y 566 -62.17 -10.59 54.71
CA ARG Y 566 -63.59 -10.32 54.65
C ARG Y 566 -64.03 -10.23 53.19
N ASN Y 567 -65.06 -10.99 52.85
CA ASN Y 567 -65.69 -10.92 51.55
C ASN Y 567 -66.78 -9.85 51.62
N GLU Y 568 -67.65 -9.76 50.64
CA GLU Y 568 -68.83 -8.94 50.81
C GLU Y 568 -70.01 -9.76 51.28
N PHE Y 569 -69.77 -10.98 51.74
CA PHE Y 569 -70.83 -11.78 52.33
C PHE Y 569 -70.44 -12.44 53.64
N ASN Y 570 -69.15 -12.70 53.86
CA ASN Y 570 -68.72 -13.52 54.99
C ASN Y 570 -67.47 -12.93 55.59
N THR Y 571 -66.83 -13.72 56.45
CA THR Y 571 -65.54 -13.39 57.05
C THR Y 571 -64.81 -14.71 57.27
N PHE Y 572 -63.60 -14.81 56.74
CA PHE Y 572 -62.92 -16.09 56.61
C PHE Y 572 -61.83 -16.23 57.66
N LEU Y 573 -61.05 -17.29 57.52
CA LEU Y 573 -59.79 -17.46 58.21
C LEU Y 573 -58.93 -18.41 57.38
N ALA Y 574 -57.62 -18.19 57.40
CA ALA Y 574 -56.79 -18.84 56.40
C ALA Y 574 -55.42 -19.18 56.98
N ARG Y 575 -54.56 -19.70 56.12
CA ARG Y 575 -53.22 -20.11 56.51
C ARG Y 575 -52.32 -20.09 55.29
N ILE Y 576 -51.38 -19.16 55.26
CA ILE Y 576 -50.41 -19.03 54.18
C ILE Y 576 -49.12 -19.65 54.65
N SER Y 577 -48.77 -20.80 54.09
CA SER Y 577 -47.62 -21.59 54.52
C SER Y 577 -46.49 -21.43 53.53
N PHE Y 578 -45.30 -21.10 54.04
CA PHE Y 578 -44.16 -20.84 53.19
C PHE Y 578 -43.36 -22.09 52.86
N THR Y 579 -44.02 -23.25 52.80
CA THR Y 579 -43.38 -24.49 52.40
C THR Y 579 -42.87 -24.40 50.97
N LYS Y 580 -41.83 -25.18 50.67
CA LYS Y 580 -41.17 -25.04 49.39
C LYS Y 580 -41.70 -26.04 48.36
N ASN Y 581 -41.62 -27.34 48.67
CA ASN Y 581 -42.15 -28.37 47.78
C ASN Y 581 -43.18 -29.25 48.47
N ALA Y 582 -43.47 -29.00 49.74
CA ALA Y 582 -44.42 -29.82 50.47
C ALA Y 582 -45.84 -29.56 49.98
N ILE Y 583 -46.75 -30.41 50.41
CA ILE Y 583 -48.12 -30.41 49.92
C ILE Y 583 -49.00 -29.88 51.04
N ASP Y 584 -49.89 -28.94 50.71
CA ASP Y 584 -50.71 -28.28 51.72
C ASP Y 584 -51.74 -29.23 52.31
N LEU Y 585 -52.67 -29.69 51.49
CA LEU Y 585 -53.69 -30.60 51.98
C LEU Y 585 -53.35 -32.03 51.60
N GLN Y 586 -53.98 -32.97 52.29
CA GLN Y 586 -53.67 -34.39 52.08
C GLN Y 586 -54.20 -34.84 50.73
N GLY Y 587 -53.29 -35.21 49.84
CA GLY Y 587 -53.62 -35.47 48.44
C GLY Y 587 -52.87 -34.49 47.59
N GLU Y 588 -53.55 -33.81 46.65
CA GLU Y 588 -53.06 -32.66 45.90
C GLU Y 588 -51.72 -32.86 45.22
N PRO Y 589 -51.69 -33.54 44.07
CA PRO Y 589 -50.43 -34.02 43.50
C PRO Y 589 -49.35 -32.98 43.17
N TYR Y 590 -49.67 -31.68 43.14
CA TYR Y 590 -48.59 -30.74 42.80
C TYR Y 590 -48.61 -29.41 43.55
N ARG Y 591 -49.25 -29.30 44.72
CA ARG Y 591 -49.42 -28.06 45.48
C ARG Y 591 -50.11 -26.99 44.64
N ALA Y 592 -51.38 -27.19 44.37
CA ALA Y 592 -52.11 -26.33 43.46
C ALA Y 592 -52.26 -24.93 44.03
N PHE Y 593 -51.75 -23.93 43.32
CA PHE Y 593 -51.90 -22.54 43.73
C PHE Y 593 -53.34 -22.12 43.48
N MET Y 594 -54.09 -21.90 44.57
CA MET Y 594 -55.55 -21.87 44.50
C MET Y 594 -56.24 -20.73 45.22
N ASP Y 595 -55.54 -19.95 46.06
CA ASP Y 595 -56.00 -18.67 46.64
C ASP Y 595 -57.10 -18.83 47.70
N MET Y 596 -57.70 -20.02 47.79
CA MET Y 596 -58.60 -20.57 48.80
C MET Y 596 -58.46 -22.05 48.55
N LYS Y 597 -58.52 -22.88 49.58
CA LYS Y 597 -58.19 -24.28 49.32
C LYS Y 597 -58.91 -25.20 50.30
N ILE Y 598 -59.99 -25.82 49.84
CA ILE Y 598 -60.69 -26.80 50.63
C ILE Y 598 -60.30 -28.19 50.19
N ARG Y 599 -60.69 -29.18 50.98
CA ARG Y 599 -60.57 -30.58 50.62
C ARG Y 599 -61.96 -31.18 50.83
N TYR Y 600 -62.72 -31.28 49.75
CA TYR Y 600 -64.12 -31.64 49.82
C TYR Y 600 -64.33 -33.04 49.29
N THR Y 601 -65.21 -33.77 49.95
CA THR Y 601 -65.68 -35.06 49.46
C THR Y 601 -67.08 -34.86 48.90
N ILE Y 602 -67.30 -35.34 47.69
CA ILE Y 602 -68.59 -35.16 47.03
C ILE Y 602 -69.63 -36.00 47.74
N PRO Y 603 -70.79 -35.46 48.10
CA PRO Y 603 -71.79 -36.25 48.81
C PRO Y 603 -72.50 -37.25 47.92
N SER Y 604 -73.51 -37.92 48.47
CA SER Y 604 -74.17 -39.01 47.75
C SER Y 604 -75.01 -38.46 46.60
N GLY Y 605 -76.03 -37.67 46.91
CA GLY Y 605 -76.91 -37.25 45.84
C GLY Y 605 -76.52 -35.92 45.24
N THR Y 606 -75.71 -35.97 44.18
CA THR Y 606 -75.42 -34.81 43.33
C THR Y 606 -75.49 -35.12 41.85
N TYR Y 607 -75.35 -36.38 41.44
CA TYR Y 607 -75.19 -36.74 40.04
C TYR Y 607 -76.55 -37.04 39.42
N ASN Y 608 -77.01 -36.16 38.54
CA ASN Y 608 -78.20 -36.47 37.76
C ASN Y 608 -77.84 -37.54 36.74
N ASP Y 609 -78.64 -38.61 36.72
CA ASP Y 609 -78.34 -39.72 35.81
C ASP Y 609 -78.65 -39.37 34.37
N ASP Y 610 -79.53 -38.39 34.15
CA ASP Y 610 -79.87 -37.99 32.79
C ASP Y 610 -78.72 -37.25 32.12
N THR Y 611 -78.30 -36.14 32.71
CA THR Y 611 -77.19 -35.37 32.15
C THR Y 611 -75.88 -35.98 32.62
N PHE Y 612 -74.77 -35.31 32.31
CA PHE Y 612 -73.45 -35.86 32.56
C PHE Y 612 -72.76 -35.26 33.77
N THR Y 613 -73.23 -34.12 34.26
CA THR Y 613 -72.51 -33.37 35.28
C THR Y 613 -73.04 -33.67 36.68
N THR Y 614 -72.20 -33.37 37.67
CA THR Y 614 -72.60 -33.35 39.07
C THR Y 614 -72.80 -31.91 39.51
N SER Y 615 -73.56 -31.72 40.59
CA SER Y 615 -73.89 -30.40 41.07
C SER Y 615 -73.24 -30.19 42.44
N ILE Y 616 -72.11 -29.52 42.45
CA ILE Y 616 -71.42 -29.17 43.69
C ILE Y 616 -71.86 -27.77 44.09
N HIS Y 617 -72.25 -27.60 45.34
CA HIS Y 617 -72.89 -26.36 45.81
C HIS Y 617 -71.89 -25.61 46.68
N ILE Y 618 -71.41 -24.46 46.19
CA ILE Y 618 -70.31 -23.77 46.85
C ILE Y 618 -70.63 -23.14 48.22
N PRO Y 619 -71.88 -22.81 48.62
CA PRO Y 619 -72.07 -22.53 50.05
C PRO Y 619 -71.94 -23.72 50.96
N THR Y 620 -71.96 -24.96 50.46
CA THR Y 620 -71.77 -26.10 51.32
C THR Y 620 -70.32 -26.54 51.42
N ILE Y 621 -69.54 -26.38 50.34
CA ILE Y 621 -68.14 -26.78 50.41
C ILE Y 621 -67.30 -25.77 51.16
N TYR Y 622 -67.81 -24.55 51.31
CA TYR Y 622 -67.22 -23.49 52.11
C TYR Y 622 -68.20 -23.18 53.22
N GLY Y 623 -67.95 -22.10 53.95
CA GLY Y 623 -68.90 -21.65 54.93
C GLY Y 623 -70.16 -21.12 54.29
N ALA Y 624 -70.01 -20.13 53.42
CA ALA Y 624 -71.14 -19.48 52.78
C ALA Y 624 -70.65 -18.83 51.49
N ASN Y 625 -71.43 -17.88 50.98
CA ASN Y 625 -71.34 -17.41 49.61
C ASN Y 625 -70.02 -16.70 49.33
N PHE Y 626 -69.80 -16.44 48.05
CA PHE Y 626 -68.62 -15.79 47.50
C PHE Y 626 -69.02 -14.55 46.71
N GLY Y 627 -68.03 -13.94 46.09
CA GLY Y 627 -68.27 -12.77 45.26
C GLY Y 627 -68.03 -13.10 43.80
N ARG Y 628 -66.86 -12.72 43.29
CA ARG Y 628 -66.53 -13.00 41.91
C ARG Y 628 -65.06 -13.39 41.80
N GLY Y 629 -64.79 -14.27 40.84
CA GLY Y 629 -63.46 -14.82 40.65
C GLY Y 629 -63.55 -16.07 39.82
N LYS Y 630 -62.37 -16.57 39.44
CA LYS Y 630 -62.28 -17.75 38.60
C LYS Y 630 -61.96 -18.95 39.48
N ILE Y 631 -62.74 -20.01 39.34
CA ILE Y 631 -62.71 -21.14 40.27
C ILE Y 631 -62.17 -22.37 39.56
N THR Y 632 -61.16 -22.98 40.17
CA THR Y 632 -60.46 -24.12 39.59
C THR Y 632 -60.72 -25.34 40.46
N VAL Y 633 -61.05 -26.45 39.82
CA VAL Y 633 -61.35 -27.71 40.48
C VAL Y 633 -60.31 -28.73 40.08
N LEU Y 634 -59.63 -29.31 41.07
CA LEU Y 634 -58.53 -30.23 40.85
C LEU Y 634 -58.86 -31.56 41.51
N GLU Y 635 -58.41 -32.65 40.88
CA GLU Y 635 -58.74 -34.03 41.24
C GLU Y 635 -57.44 -34.77 41.55
N PRO Y 636 -57.45 -36.00 42.08
CA PRO Y 636 -56.17 -36.68 42.33
C PRO Y 636 -55.42 -37.12 41.08
N ASP Y 637 -56.07 -37.10 39.93
CA ASP Y 637 -55.39 -37.24 38.64
C ASP Y 637 -54.87 -35.87 38.23
N GLY Y 638 -54.48 -35.72 36.97
CA GLY Y 638 -54.09 -34.40 36.50
C GLY Y 638 -55.26 -33.59 35.98
N LYS Y 639 -56.47 -33.93 36.41
CA LYS Y 639 -57.67 -33.30 35.87
C LYS Y 639 -57.85 -31.92 36.48
N ILE Y 640 -57.85 -30.91 35.62
CA ILE Y 640 -57.98 -29.52 36.01
C ILE Y 640 -59.12 -28.93 35.21
N THR Y 641 -60.20 -28.58 35.88
CA THR Y 641 -61.31 -27.93 35.21
C THR Y 641 -61.46 -26.51 35.71
N VAL Y 642 -61.54 -25.57 34.77
CA VAL Y 642 -61.63 -24.15 35.08
C VAL Y 642 -63.05 -23.70 34.84
N PHE Y 643 -63.66 -23.10 35.85
CA PHE Y 643 -65.01 -22.57 35.75
C PHE Y 643 -64.96 -21.05 35.74
N GLU Y 644 -65.54 -20.44 34.72
CA GLU Y 644 -65.58 -18.99 34.70
C GLU Y 644 -66.69 -18.49 35.62
N GLN Y 645 -66.60 -17.22 35.96
CA GLN Y 645 -67.59 -16.64 36.86
C GLN Y 645 -68.87 -16.36 36.10
N PRO Y 646 -70.01 -16.38 36.79
CA PRO Y 646 -71.25 -15.91 36.17
C PRO Y 646 -71.24 -14.40 36.05
N THR Y 647 -72.23 -13.88 35.31
CA THR Y 647 -72.27 -12.45 35.04
C THR Y 647 -72.63 -11.65 36.28
N ALA Y 648 -73.60 -12.13 37.06
CA ALA Y 648 -73.84 -11.52 38.36
C ALA Y 648 -72.79 -11.97 39.36
N GLY Y 649 -72.51 -13.27 39.37
CA GLY Y 649 -71.33 -13.79 40.05
C GLY Y 649 -71.57 -14.42 41.39
N TRP Y 650 -71.68 -15.77 41.40
CA TRP Y 650 -71.61 -16.66 42.57
C TRP Y 650 -72.61 -16.31 43.67
N ASN Y 651 -73.63 -15.54 43.36
CA ASN Y 651 -74.78 -15.39 44.22
C ASN Y 651 -76.08 -15.65 43.48
N SER Y 652 -76.13 -15.36 42.19
CA SER Y 652 -77.25 -15.79 41.37
C SER Y 652 -77.08 -17.24 40.91
N ASP Y 653 -75.85 -17.64 40.61
CA ASP Y 653 -75.54 -19.01 40.21
C ASP Y 653 -74.52 -19.56 41.19
N PRO Y 654 -74.95 -20.14 42.29
CA PRO Y 654 -74.01 -20.66 43.26
C PRO Y 654 -73.56 -22.07 42.96
N TRP Y 655 -73.78 -22.56 41.76
CA TRP Y 655 -73.51 -23.95 41.44
C TRP Y 655 -72.18 -24.09 40.72
N LEU Y 656 -71.72 -25.34 40.65
CA LEU Y 656 -70.40 -25.65 40.11
C LEU Y 656 -70.54 -26.97 39.37
N ARG Y 657 -70.59 -26.92 38.04
CA ARG Y 657 -71.07 -28.03 37.22
C ARG Y 657 -69.89 -28.91 36.80
N LEU Y 658 -69.44 -29.75 37.72
CA LEU Y 658 -68.32 -30.63 37.45
C LEU Y 658 -68.77 -31.77 36.55
N SER Y 659 -68.04 -32.01 35.46
CA SER Y 659 -68.45 -32.97 34.45
C SER Y 659 -67.85 -34.35 34.73
N GLY Y 660 -68.70 -35.36 34.79
CA GLY Y 660 -68.35 -36.73 35.10
C GLY Y 660 -69.27 -37.27 36.17
N ASN Y 661 -69.00 -38.49 36.60
CA ASN Y 661 -69.74 -39.10 37.70
C ASN Y 661 -68.87 -39.07 38.94
N LEU Y 662 -69.31 -38.32 39.93
CA LEU Y 662 -68.57 -38.10 41.17
C LEU Y 662 -69.40 -38.66 42.32
N GLU Y 663 -69.19 -39.92 42.66
CA GLU Y 663 -69.87 -40.49 43.83
C GLU Y 663 -69.17 -40.02 45.10
N GLY Y 664 -67.92 -40.44 45.28
CA GLY Y 664 -67.09 -39.89 46.32
C GLY Y 664 -65.64 -39.97 45.92
N ARG Y 665 -64.99 -38.80 45.89
CA ARG Y 665 -63.63 -38.67 45.37
C ARG Y 665 -63.11 -37.32 45.82
N MET Y 666 -61.85 -37.25 46.19
CA MET Y 666 -61.30 -36.05 46.78
C MET Y 666 -61.17 -34.95 45.74
N VAL Y 667 -61.84 -33.83 45.99
CA VAL Y 667 -61.93 -32.74 45.05
C VAL Y 667 -61.41 -31.48 45.71
N TYR Y 668 -60.41 -30.85 45.09
CA TYR Y 668 -59.77 -29.65 45.62
C TYR Y 668 -60.22 -28.44 44.81
N ILE Y 669 -60.88 -27.51 45.46
CA ILE Y 669 -61.50 -26.39 44.77
C ILE Y 669 -60.91 -25.11 45.31
N GLY Y 670 -60.56 -24.19 44.41
CA GLY Y 670 -60.09 -22.90 44.87
C GLY Y 670 -60.23 -21.82 43.83
N PHE Y 671 -59.82 -20.62 44.20
CA PHE Y 671 -59.82 -19.48 43.30
C PHE Y 671 -58.56 -19.53 42.44
N ASN Y 672 -58.23 -18.42 41.80
CA ASN Y 672 -56.98 -18.34 41.07
C ASN Y 672 -56.21 -17.09 41.45
N ILE Y 673 -54.90 -17.26 41.63
CA ILE Y 673 -53.98 -16.16 41.82
C ILE Y 673 -53.99 -15.29 40.57
N ASN Y 674 -53.88 -13.99 40.76
CA ASN Y 674 -53.66 -13.07 39.63
C ASN Y 674 -52.25 -12.53 39.79
N PHE Y 675 -51.30 -13.25 39.21
CA PHE Y 675 -49.89 -12.86 39.29
C PHE Y 675 -49.54 -11.94 38.14
N VAL Y 676 -49.02 -10.77 38.46
CA VAL Y 676 -48.65 -9.76 37.46
C VAL Y 676 -47.28 -9.22 37.83
N TYR Y 677 -46.40 -9.09 36.85
CA TYR Y 677 -45.09 -8.49 37.09
C TYR Y 677 -44.62 -7.83 35.81
N GLU Y 678 -44.25 -6.55 35.88
CA GLU Y 678 -43.59 -5.90 34.77
C GLU Y 678 -42.10 -5.89 35.03
N PHE Y 679 -41.30 -5.88 33.96
CA PHE Y 679 -39.87 -6.07 34.16
C PHE Y 679 -39.16 -4.78 34.56
N SER Y 680 -39.15 -3.82 33.64
CA SER Y 680 -38.86 -2.39 33.79
C SER Y 680 -38.94 -1.88 32.38
N LYS Y 681 -38.77 -0.59 32.18
CA LYS Y 681 -38.47 -0.11 30.84
C LYS Y 681 -37.05 -0.57 30.55
N PHE Y 682 -36.88 -1.43 29.55
CA PHE Y 682 -35.56 -1.91 29.19
C PHE Y 682 -34.68 -0.80 28.66
N LEU Y 683 -33.56 -0.52 29.32
CA LEU Y 683 -32.55 0.36 28.75
C LEU Y 683 -31.20 -0.05 29.31
N ILE Y 684 -30.14 0.65 28.87
CA ILE Y 684 -28.78 0.36 29.30
C ILE Y 684 -28.63 0.67 30.78
N LYS Y 685 -28.19 -0.32 31.55
CA LYS Y 685 -27.94 -0.10 32.97
C LYS Y 685 -26.55 -0.63 33.27
N GLN Y 686 -25.58 0.28 33.36
CA GLN Y 686 -24.19 -0.06 33.62
C GLN Y 686 -23.76 0.47 34.97
N THR Y 687 -22.95 -0.31 35.67
CA THR Y 687 -22.58 0.02 37.05
C THR Y 687 -21.50 1.09 37.04
N ALA Y 688 -21.74 2.17 37.77
CA ALA Y 688 -20.85 3.34 37.73
C ALA Y 688 -19.85 3.25 38.86
N ASP Y 689 -18.94 2.27 38.73
CA ASP Y 689 -17.72 2.11 39.54
C ASP Y 689 -18.04 1.93 41.03
N ASP Y 690 -18.70 0.80 41.32
CA ASP Y 690 -18.83 0.24 42.67
C ASP Y 690 -19.58 1.17 43.62
N GLY Y 691 -20.88 1.30 43.38
CA GLY Y 691 -21.72 1.94 44.37
C GLY Y 691 -22.91 2.72 43.87
N SER Y 692 -23.02 2.91 42.57
CA SER Y 692 -24.17 3.60 42.00
C SER Y 692 -24.51 2.97 40.67
N THR Y 693 -25.78 3.00 40.32
CA THR Y 693 -26.25 2.48 39.04
C THR Y 693 -26.75 3.66 38.22
N SER Y 694 -25.93 4.13 37.30
CA SER Y 694 -26.31 5.18 36.38
C SER Y 694 -26.73 4.54 35.07
N THR Y 695 -27.92 4.88 34.61
CA THR Y 695 -28.46 4.28 33.41
C THR Y 695 -28.37 5.28 32.27
N GLU Y 696 -28.26 4.77 31.06
CA GLU Y 696 -27.82 5.57 29.91
C GLU Y 696 -29.03 5.96 29.08
N ASP Y 697 -29.22 7.27 28.91
CA ASP Y 697 -30.42 7.83 28.32
C ASP Y 697 -30.21 8.29 26.89
N ILE Y 698 -29.00 8.75 26.55
CA ILE Y 698 -28.76 9.39 25.26
C ILE Y 698 -28.81 8.35 24.16
N GLY Y 699 -29.60 8.63 23.14
CA GLY Y 699 -29.62 7.76 21.98
C GLY Y 699 -30.86 6.89 21.95
N ARG Y 700 -31.07 6.27 20.79
CA ARG Y 700 -32.22 5.42 20.55
C ARG Y 700 -31.78 3.97 20.63
N LEU Y 701 -32.45 3.19 21.45
CA LEU Y 701 -32.16 1.78 21.61
C LEU Y 701 -33.30 0.97 21.01
N GLN Y 702 -33.10 0.43 19.83
CA GLN Y 702 -34.11 -0.40 19.19
C GLN Y 702 -33.91 -1.84 19.64
N LEU Y 703 -34.87 -2.36 20.42
CA LEU Y 703 -34.79 -3.72 20.89
C LEU Y 703 -34.98 -4.71 19.74
N ARG Y 704 -34.43 -5.90 19.92
CA ARG Y 704 -34.72 -7.00 19.03
C ARG Y 704 -35.44 -8.13 19.76
N ARG Y 705 -34.87 -8.67 20.84
CA ARG Y 705 -35.47 -9.78 21.54
C ARG Y 705 -35.27 -9.61 23.04
N ALA Y 706 -35.90 -10.50 23.80
CA ALA Y 706 -35.74 -10.61 25.24
C ALA Y 706 -36.00 -12.04 25.64
N TRP Y 707 -35.72 -12.36 26.90
CA TRP Y 707 -35.92 -13.73 27.35
C TRP Y 707 -36.23 -13.76 28.83
N VAL Y 708 -36.82 -14.87 29.28
CA VAL Y 708 -37.14 -15.11 30.67
C VAL Y 708 -36.56 -16.45 31.07
N ASN Y 709 -35.56 -16.45 31.94
CA ASN Y 709 -35.02 -17.68 32.47
C ASN Y 709 -35.96 -18.23 33.54
N TYR Y 710 -36.49 -19.41 33.29
CA TYR Y 710 -37.42 -20.06 34.20
C TYR Y 710 -36.85 -21.40 34.65
N GLU Y 711 -37.14 -21.77 35.90
CA GLU Y 711 -36.55 -22.96 36.51
C GLU Y 711 -37.63 -23.73 37.24
N ASN Y 712 -37.98 -24.90 36.69
CA ASN Y 712 -38.95 -25.84 37.26
C ASN Y 712 -40.31 -25.19 37.43
N SER Y 713 -40.83 -24.65 36.33
CA SER Y 713 -42.01 -23.79 36.37
C SER Y 713 -43.06 -24.30 35.39
N GLY Y 714 -44.22 -23.67 35.43
CA GLY Y 714 -45.35 -24.11 34.64
C GLY Y 714 -45.55 -23.29 33.39
N THR Y 715 -46.78 -22.89 33.13
CA THR Y 715 -47.11 -22.12 31.94
C THR Y 715 -47.42 -20.68 32.29
N PHE Y 716 -46.96 -19.75 31.45
CA PHE Y 716 -47.19 -18.34 31.68
C PHE Y 716 -47.22 -17.58 30.36
N ASP Y 717 -47.59 -16.30 30.43
CA ASP Y 717 -47.94 -15.51 29.26
C ASP Y 717 -47.28 -14.14 29.31
N ILE Y 718 -46.30 -13.91 28.44
CA ILE Y 718 -45.49 -12.68 28.48
C ILE Y 718 -46.14 -11.69 27.53
N TYR Y 719 -47.03 -10.85 28.06
CA TYR Y 719 -47.67 -9.83 27.25
C TYR Y 719 -46.69 -8.70 26.97
N VAL Y 720 -46.71 -8.22 25.73
CA VAL Y 720 -45.84 -7.14 25.28
C VAL Y 720 -46.71 -6.05 24.67
N GLU Y 721 -46.67 -4.86 25.25
CA GLU Y 721 -47.44 -3.74 24.73
C GLU Y 721 -46.50 -2.74 24.12
N ASN Y 722 -47.03 -1.94 23.20
CA ASN Y 722 -46.29 -0.94 22.45
C ASN Y 722 -47.07 0.36 22.55
N GLN Y 723 -46.73 1.33 21.71
CA GLN Y 723 -47.54 2.54 21.64
C GLN Y 723 -48.95 2.24 21.17
N SER Y 724 -49.09 1.54 20.05
CA SER Y 724 -50.40 1.23 19.50
C SER Y 724 -50.45 -0.22 19.02
N SER Y 725 -49.96 -1.15 19.84
CA SER Y 725 -49.94 -2.53 19.44
C SER Y 725 -50.06 -3.42 20.68
N ASN Y 726 -50.28 -4.70 20.44
CA ASN Y 726 -50.46 -5.66 21.51
C ASN Y 726 -49.98 -7.03 21.03
N TRP Y 727 -49.37 -7.80 21.92
CA TRP Y 727 -48.89 -9.13 21.61
C TRP Y 727 -49.02 -10.03 22.84
N LYS Y 728 -49.18 -11.33 22.60
CA LYS Y 728 -49.53 -12.22 23.72
C LYS Y 728 -48.37 -13.12 24.17
N TYR Y 729 -47.80 -13.92 23.26
CA TYR Y 729 -46.61 -14.75 23.51
C TYR Y 729 -46.81 -15.74 24.66
N THR Y 730 -47.67 -16.73 24.44
CA THR Y 730 -47.85 -17.77 25.44
C THR Y 730 -46.61 -18.65 25.54
N MET Y 731 -46.60 -19.52 26.53
CA MET Y 731 -45.50 -20.45 26.70
C MET Y 731 -46.07 -21.72 27.33
N ALA Y 732 -46.11 -22.80 26.56
CA ALA Y 732 -46.77 -24.02 26.97
C ALA Y 732 -45.87 -24.80 27.93
N GLY Y 733 -46.22 -26.06 28.19
CA GLY Y 733 -45.43 -26.88 29.07
C GLY Y 733 -44.17 -27.40 28.42
N ALA Y 734 -43.63 -28.48 28.99
CA ALA Y 734 -42.43 -29.09 28.45
C ALA Y 734 -42.71 -30.10 27.34
N ARG Y 735 -43.92 -30.08 26.79
CA ARG Y 735 -44.45 -30.96 25.71
C ARG Y 735 -43.96 -32.41 25.70
N ARG Y 745 -48.74 -34.86 31.10
CA ARG Y 745 -49.09 -34.58 32.49
C ARG Y 745 -48.82 -33.12 32.84
N LEU Y 746 -48.12 -32.90 33.94
CA LEU Y 746 -47.72 -31.58 34.37
C LEU Y 746 -46.68 -30.99 33.43
N ASN Y 747 -45.53 -31.66 33.33
CA ASN Y 747 -44.39 -31.29 32.50
C ASN Y 747 -43.88 -29.88 32.84
N LEU Y 748 -43.38 -29.76 34.06
CA LEU Y 748 -42.67 -28.54 34.44
C LEU Y 748 -41.31 -28.52 33.77
N GLY Y 749 -40.96 -27.36 33.19
CA GLY Y 749 -39.75 -27.22 32.41
C GLY Y 749 -38.73 -26.29 33.04
N THR Y 750 -37.50 -26.42 32.57
CA THR Y 750 -36.38 -25.72 33.18
C THR Y 750 -35.50 -25.11 32.07
N GLY Y 751 -36.12 -24.39 31.15
CA GLY Y 751 -35.36 -23.87 30.03
C GLY Y 751 -35.28 -22.36 29.97
N GLN Y 752 -35.37 -21.80 28.77
CA GLN Y 752 -35.24 -20.36 28.55
C GLN Y 752 -36.14 -19.97 27.39
N TYR Y 753 -37.27 -19.35 27.69
CA TYR Y 753 -38.20 -18.92 26.66
C TYR Y 753 -37.74 -17.58 26.11
N ARG Y 754 -37.64 -17.49 24.79
CA ARG Y 754 -37.02 -16.36 24.10
C ARG Y 754 -38.07 -15.70 23.22
N PHE Y 755 -38.57 -14.55 23.64
CA PHE Y 755 -39.64 -13.89 22.92
C PHE Y 755 -39.14 -12.61 22.30
N PRO Y 756 -39.62 -12.27 21.12
CA PRO Y 756 -39.19 -11.02 20.50
C PRO Y 756 -40.00 -9.82 20.95
N VAL Y 757 -39.31 -8.75 21.32
CA VAL Y 757 -39.91 -7.46 21.56
C VAL Y 757 -39.23 -6.46 20.65
N VAL Y 758 -40.02 -5.73 19.89
CA VAL Y 758 -39.49 -4.83 18.87
C VAL Y 758 -40.04 -3.44 19.13
N GLY Y 759 -39.15 -2.46 19.19
CA GLY Y 759 -39.63 -1.11 19.39
C GLY Y 759 -38.51 -0.15 19.75
N ASN Y 760 -38.86 0.84 20.57
CA ASN Y 760 -37.98 1.94 20.90
C ASN Y 760 -37.32 1.76 22.26
N ALA Y 761 -37.83 0.83 23.08
CA ALA Y 761 -37.42 0.48 24.44
C ALA Y 761 -37.71 1.59 25.45
N LYS Y 762 -38.18 2.73 24.97
CA LYS Y 762 -38.73 3.78 25.80
C LYS Y 762 -40.24 3.70 25.78
N PHE Y 763 -40.79 2.83 24.95
CA PHE Y 763 -42.21 2.64 24.81
C PHE Y 763 -42.65 1.20 24.89
N ASN Y 764 -41.74 0.24 24.87
CA ASN Y 764 -42.12 -1.14 25.13
C ASN Y 764 -42.26 -1.37 26.62
N THR Y 765 -43.17 -2.26 26.98
CA THR Y 765 -43.40 -2.60 28.37
C THR Y 765 -43.87 -4.04 28.41
N VAL Y 766 -43.02 -4.92 28.93
CA VAL Y 766 -43.29 -6.35 28.95
C VAL Y 766 -43.81 -6.73 30.32
N TYR Y 767 -44.88 -7.50 30.37
CA TYR Y 767 -45.42 -7.89 31.66
C TYR Y 767 -45.93 -9.32 31.62
N ILE Y 768 -45.67 -10.05 32.71
CA ILE Y 768 -45.88 -11.48 32.78
C ILE Y 768 -47.10 -11.78 33.64
N LEU Y 769 -48.02 -12.55 33.08
CA LEU Y 769 -49.20 -13.06 33.77
C LEU Y 769 -49.02 -14.55 34.01
N SER Y 770 -49.78 -15.06 34.99
CA SER Y 770 -49.92 -16.48 35.20
C SER Y 770 -51.14 -16.74 36.04
N ASP Y 771 -52.01 -17.61 35.57
CA ASP Y 771 -53.20 -17.99 36.31
C ASP Y 771 -53.34 -19.49 36.48
N GLU Y 772 -52.58 -20.27 35.73
CA GLU Y 772 -52.94 -21.67 35.51
C GLU Y 772 -52.30 -22.60 36.53
N THR Y 773 -52.40 -22.29 37.82
CA THR Y 773 -52.38 -23.26 38.93
C THR Y 773 -50.99 -23.89 39.16
N THR Y 774 -50.05 -23.63 38.28
CA THR Y 774 -48.73 -24.21 38.33
C THR Y 774 -47.73 -23.22 38.88
N PRO Y 775 -46.68 -23.68 39.54
CA PRO Y 775 -45.66 -22.75 40.04
C PRO Y 775 -44.89 -22.09 38.91
N LEU Y 776 -44.25 -20.99 39.27
CA LEU Y 776 -43.55 -20.13 38.33
C LEU Y 776 -42.30 -19.62 39.02
N ASN Y 777 -41.13 -19.83 38.43
CA ASN Y 777 -39.89 -19.37 39.04
C ASN Y 777 -39.09 -18.61 37.98
N ILE Y 778 -39.27 -17.29 37.93
CA ILE Y 778 -38.48 -16.47 37.02
C ILE Y 778 -37.17 -16.14 37.71
N ILE Y 779 -36.07 -16.75 37.26
CA ILE Y 779 -34.79 -16.57 37.93
C ILE Y 779 -33.90 -15.55 37.25
N GLY Y 780 -34.32 -14.98 36.13
CA GLY Y 780 -33.54 -13.95 35.49
C GLY Y 780 -34.11 -13.59 34.14
N CYS Y 781 -33.65 -12.47 33.61
CA CYS Y 781 -34.09 -12.04 32.30
C CYS Y 781 -32.92 -11.37 31.60
N GLY Y 782 -33.20 -10.81 30.43
CA GLY Y 782 -32.16 -10.13 29.68
C GLY Y 782 -32.66 -9.88 28.28
N TRP Y 783 -32.04 -8.89 27.64
CA TRP Y 783 -32.52 -8.41 26.36
C TRP Y 783 -31.38 -8.26 25.39
N GLU Y 784 -31.71 -7.79 24.18
CA GLU Y 784 -30.75 -7.77 23.08
C GLU Y 784 -31.19 -6.70 22.10
N GLY Y 785 -30.55 -5.53 22.17
CA GLY Y 785 -31.00 -4.37 21.41
C GLY Y 785 -30.06 -3.94 20.31
N ASN Y 786 -30.18 -2.71 19.79
CA ASN Y 786 -29.30 -2.25 18.72
C ASN Y 786 -28.44 -1.08 19.18
N TYR Y 787 -29.04 0.03 19.62
CA TYR Y 787 -28.36 1.18 20.25
C TYR Y 787 -27.27 1.83 19.42
N LEU Y 788 -27.65 2.57 18.38
CA LEU Y 788 -26.72 3.53 17.79
C LEU Y 788 -26.87 4.87 18.48
N ARG Y 789 -25.73 5.52 18.71
CA ARG Y 789 -25.68 6.79 19.44
C ARG Y 789 -25.00 7.85 18.59
N ARG Y 790 -25.73 8.89 18.21
CA ARG Y 790 -25.17 9.96 17.40
C ARG Y 790 -24.60 11.07 18.28
N SER Y 791 -23.70 10.70 19.18
CA SER Y 791 -22.96 11.63 20.01
C SER Y 791 -21.73 10.88 20.55
N SER Y 792 -21.07 11.48 21.54
CA SER Y 792 -19.99 10.80 22.24
C SER Y 792 -20.10 11.18 23.72
N GLY Y 793 -19.08 10.84 24.50
CA GLY Y 793 -19.18 11.00 25.93
C GLY Y 793 -18.48 12.24 26.45
N ILE Y 794 -17.30 12.06 27.01
CA ILE Y 794 -16.45 13.11 27.60
C ILE Y 794 -17.19 13.94 28.65
N ALA Z 2 3.30 19.68 23.62
CA ALA Z 2 2.49 19.99 22.47
C ALA Z 2 1.16 20.59 22.89
N LEU Z 3 1.20 21.88 23.22
CA LEU Z 3 0.05 22.72 23.48
C LEU Z 3 -0.80 22.19 24.64
N ILE Z 4 -0.24 22.23 25.82
CA ILE Z 4 -0.88 21.79 27.06
C ILE Z 4 -1.67 22.95 27.63
N SER Z 5 -2.81 22.67 28.26
CA SER Z 5 -3.55 23.68 28.99
C SER Z 5 -4.05 23.12 30.31
N GLN Z 6 -4.04 23.96 31.33
CA GLN Z 6 -4.59 23.65 32.64
C GLN Z 6 -5.56 24.76 33.01
N SER Z 7 -6.35 24.52 34.06
CA SER Z 7 -7.25 25.54 34.58
C SER Z 7 -7.24 25.43 36.09
N ILE Z 8 -6.40 26.24 36.74
CA ILE Z 8 -6.40 26.33 38.19
C ILE Z 8 -7.69 27.05 38.59
N LYS Z 9 -8.65 26.30 39.13
CA LYS Z 9 -10.01 26.82 39.15
C LYS Z 9 -10.45 27.40 40.47
N ASN Z 10 -9.76 27.14 41.58
CA ASN Z 10 -10.24 27.61 42.88
C ASN Z 10 -9.13 28.30 43.65
N LEU Z 11 -8.92 29.60 43.39
CA LEU Z 11 -7.82 30.31 44.04
C LEU Z 11 -8.14 30.76 45.45
N LYS Z 12 -8.65 29.84 46.27
CA LYS Z 12 -8.73 30.07 47.71
C LYS Z 12 -7.33 30.11 48.30
N GLY Z 13 -6.59 29.01 48.20
CA GLY Z 13 -5.14 29.05 48.23
C GLY Z 13 -4.46 29.46 49.51
N GLY Z 14 -3.96 30.67 49.52
CA GLY Z 14 -3.08 31.08 50.58
C GLY Z 14 -1.63 30.84 50.20
N ILE Z 15 -0.76 31.66 50.78
CA ILE Z 15 0.66 31.58 50.53
C ILE Z 15 1.18 30.22 50.97
N SER Z 16 2.19 29.73 50.25
CA SER Z 16 2.93 28.58 50.72
C SER Z 16 4.35 28.73 50.26
N GLN Z 17 5.29 28.81 51.19
CA GLN Z 17 6.69 28.97 50.86
C GLN Z 17 7.39 27.63 50.68
N GLN Z 18 6.65 26.58 50.35
CA GLN Z 18 7.22 25.37 49.83
C GLN Z 18 7.85 25.65 48.46
N PRO Z 19 8.75 24.80 47.98
CA PRO Z 19 9.30 25.00 46.64
C PRO Z 19 8.30 24.83 45.52
N ASP Z 20 8.76 25.01 44.28
CA ASP Z 20 7.85 25.05 43.14
C ASP Z 20 7.30 23.67 42.84
N ILE Z 21 8.15 22.65 42.83
CA ILE Z 21 7.69 21.28 42.64
C ILE Z 21 7.44 20.73 44.05
N LEU Z 22 6.48 21.31 44.76
CA LEU Z 22 5.93 20.75 45.99
C LEU Z 22 4.45 21.05 46.10
N ARG Z 23 4.03 22.16 45.50
CA ARG Z 23 2.80 22.81 45.91
C ARG Z 23 1.57 22.05 45.43
N TYR Z 24 0.43 22.47 45.96
CA TYR Z 24 -0.86 22.15 45.40
C TYR Z 24 -1.08 23.14 44.27
N PRO Z 25 -2.19 23.11 43.54
CA PRO Z 25 -2.56 24.29 42.77
C PRO Z 25 -2.97 25.44 43.65
N ASP Z 26 -3.32 26.55 43.04
CA ASP Z 26 -4.09 27.66 43.59
C ASP Z 26 -3.48 28.42 44.75
N GLN Z 27 -2.28 28.06 45.19
CA GLN Z 27 -1.81 28.62 46.44
C GLN Z 27 -1.23 30.03 46.31
N GLY Z 28 -0.11 30.19 45.62
CA GLY Z 28 0.47 31.51 45.59
C GLY Z 28 1.73 31.66 46.40
N SER Z 29 2.54 32.66 46.09
CA SER Z 29 3.80 32.83 46.79
C SER Z 29 3.83 34.05 47.69
N ARG Z 30 3.00 35.05 47.44
CA ARG Z 30 2.68 36.07 48.44
C ARG Z 30 1.34 36.71 48.11
N GLN Z 31 0.55 36.95 49.15
CA GLN Z 31 -0.82 37.44 49.08
C GLN Z 31 -0.99 38.51 50.14
N VAL Z 32 -1.22 39.74 49.73
CA VAL Z 32 -1.33 40.87 50.64
C VAL Z 32 -2.71 41.48 50.48
N ASN Z 33 -3.37 41.75 51.61
CA ASN Z 33 -4.67 42.42 51.70
C ASN Z 33 -5.78 41.64 51.01
N GLY Z 34 -5.61 40.33 50.85
CA GLY Z 34 -6.57 39.51 50.16
C GLY Z 34 -7.58 38.91 51.12
N TRP Z 35 -8.55 38.22 50.54
CA TRP Z 35 -9.61 37.58 51.29
C TRP Z 35 -10.22 36.48 50.45
N SER Z 36 -9.98 35.24 50.85
CA SER Z 36 -10.27 34.09 50.00
C SER Z 36 -11.53 33.41 50.47
N SER Z 37 -12.67 33.91 50.02
CA SER Z 37 -13.91 33.24 50.38
C SER Z 37 -14.08 31.99 49.53
N GLU Z 38 -15.06 31.17 49.93
CA GLU Z 38 -15.28 29.90 49.25
C GLU Z 38 -15.93 30.08 47.89
N THR Z 39 -17.12 30.66 47.88
CA THR Z 39 -17.88 30.76 46.64
C THR Z 39 -17.36 31.89 45.77
N GLU Z 40 -17.45 33.12 46.25
CA GLU Z 40 -16.75 34.20 45.59
C GLU Z 40 -15.26 34.01 45.78
N GLY Z 41 -14.50 34.26 44.72
CA GLY Z 41 -13.15 33.76 44.65
C GLY Z 41 -12.11 34.37 45.57
N LEU Z 42 -11.73 35.61 45.30
CA LEU Z 42 -10.59 36.21 45.99
C LEU Z 42 -10.79 37.73 45.92
N GLN Z 43 -11.17 38.31 47.04
CA GLN Z 43 -11.62 39.69 47.05
C GLN Z 43 -10.55 40.61 47.62
N LYS Z 44 -10.68 41.89 47.32
CA LYS Z 44 -10.00 42.88 48.12
C LYS Z 44 -10.67 42.94 49.48
N ARG Z 45 -9.87 43.09 50.54
CA ARG Z 45 -10.33 42.99 51.91
C ARG Z 45 -11.27 44.12 52.25
N PRO Z 46 -12.12 43.98 53.28
CA PRO Z 46 -13.02 45.05 53.67
C PRO Z 46 -12.28 46.29 54.13
N PRO Z 47 -12.82 47.47 53.87
CA PRO Z 47 -11.99 48.67 53.79
C PRO Z 47 -11.72 49.49 55.03
N LEU Z 48 -11.90 48.97 56.26
CA LEU Z 48 -11.48 49.62 57.50
C LEU Z 48 -12.14 50.98 57.73
N VAL Z 49 -13.43 50.97 58.07
CA VAL Z 49 -14.17 52.20 58.31
C VAL Z 49 -13.63 52.90 59.55
N PHE Z 50 -13.43 54.20 59.44
CA PHE Z 50 -12.83 54.99 60.53
C PHE Z 50 -13.81 55.19 61.67
N LEU Z 51 -13.29 55.13 62.88
CA LEU Z 51 -13.96 55.59 64.09
C LEU Z 51 -13.01 56.51 64.82
N ASN Z 52 -13.47 57.09 65.93
CA ASN Z 52 -12.80 58.24 66.54
C ASN Z 52 -11.42 57.89 67.07
N THR Z 53 -10.48 58.81 66.93
CA THR Z 53 -9.11 58.59 67.36
C THR Z 53 -9.00 58.58 68.87
N LEU Z 54 -7.82 58.22 69.35
CA LEU Z 54 -7.63 58.01 70.77
C LEU Z 54 -6.71 59.05 71.39
N GLY Z 55 -5.49 59.20 70.87
CA GLY Z 55 -4.60 60.22 71.38
C GLY Z 55 -3.32 60.37 70.59
N ASP Z 56 -2.22 60.66 71.29
CA ASP Z 56 -0.93 60.80 70.65
C ASP Z 56 -0.29 59.44 70.38
N ASN Z 57 1.01 59.44 70.06
CA ASN Z 57 1.70 58.19 69.79
C ASN Z 57 1.85 57.37 71.06
N GLY Z 58 2.18 58.01 72.17
CA GLY Z 58 2.33 57.30 73.41
C GLY Z 58 1.11 57.43 74.30
N ALA Z 59 -0.05 57.62 73.69
CA ALA Z 59 -1.28 57.69 74.47
C ALA Z 59 -1.63 56.32 75.04
N LEU Z 60 -1.29 55.27 74.32
CA LEU Z 60 -1.25 53.94 74.88
C LEU Z 60 0.21 53.59 75.11
N GLY Z 61 0.45 52.46 75.75
CA GLY Z 61 1.79 52.05 76.06
C GLY Z 61 2.56 51.65 74.83
N GLN Z 62 3.86 51.38 75.03
CA GLN Z 62 4.67 50.95 73.91
C GLN Z 62 4.27 49.56 73.43
N ALA Z 63 3.76 48.72 74.32
CA ALA Z 63 3.27 47.39 73.95
C ALA Z 63 2.16 46.97 74.90
N PRO Z 64 0.96 47.54 74.74
CA PRO Z 64 -0.08 47.38 75.76
C PRO Z 64 -0.83 46.05 75.61
N TYR Z 65 -1.72 45.82 76.56
CA TYR Z 65 -2.57 44.64 76.59
C TYR Z 65 -4.01 45.07 76.41
N ILE Z 66 -4.71 44.44 75.47
CA ILE Z 66 -6.05 44.85 75.07
C ILE Z 66 -6.98 43.68 75.30
N HIS Z 67 -8.20 43.96 75.79
CA HIS Z 67 -9.16 42.89 75.98
C HIS Z 67 -10.57 43.44 75.79
N LEU Z 68 -11.28 42.93 74.79
CA LEU Z 68 -12.60 43.44 74.47
C LEU Z 68 -13.64 42.79 75.38
N ILE Z 69 -14.69 43.53 75.69
CA ILE Z 69 -15.73 43.09 76.59
C ILE Z 69 -17.07 43.17 75.86
N ASN Z 70 -17.73 42.04 75.70
CA ASN Z 70 -19.10 41.98 75.20
C ASN Z 70 -20.02 41.47 76.30
N ARG Z 71 -20.50 42.37 77.16
CA ARG Z 71 -21.54 41.94 78.07
C ARG Z 71 -22.89 41.88 77.36
N ASP Z 72 -23.31 42.99 76.77
CA ASP Z 72 -24.59 43.02 76.08
C ASP Z 72 -24.42 43.53 74.66
N GLU Z 73 -25.54 43.76 73.98
CA GLU Z 73 -25.51 44.37 72.66
C GLU Z 73 -25.32 45.87 72.72
N HIS Z 74 -25.59 46.48 73.88
CA HIS Z 74 -25.43 47.92 74.06
C HIS Z 74 -24.48 48.19 75.23
N GLU Z 75 -23.51 47.31 75.43
CA GLU Z 75 -22.53 47.49 76.49
C GLU Z 75 -21.24 46.82 76.02
N GLN Z 76 -20.37 47.60 75.37
CA GLN Z 76 -19.19 47.08 74.71
C GLN Z 76 -18.02 48.00 75.00
N TYR Z 77 -16.90 47.45 75.44
CA TYR Z 77 -15.79 48.26 75.89
C TYR Z 77 -14.47 47.60 75.54
N TYR Z 78 -13.47 48.42 75.25
CA TYR Z 78 -12.08 48.00 75.29
C TYR Z 78 -11.53 48.11 76.69
N ALA Z 79 -10.28 47.66 76.85
CA ALA Z 79 -9.53 47.83 78.07
C ALA Z 79 -8.06 47.75 77.73
N VAL Z 80 -7.41 48.90 77.62
CA VAL Z 80 -5.99 48.95 77.28
C VAL Z 80 -5.19 49.08 78.57
N PHE Z 81 -4.19 48.22 78.71
CA PHE Z 81 -3.32 48.23 79.88
C PHE Z 81 -1.98 48.83 79.49
N THR Z 82 -1.91 50.15 79.60
CA THR Z 82 -0.67 50.90 79.49
C THR Z 82 0.26 50.48 80.62
N GLY Z 83 1.56 50.70 80.44
CA GLY Z 83 2.51 50.44 81.49
C GLY Z 83 2.35 51.31 82.73
N SER Z 84 1.55 52.38 82.63
CA SER Z 84 1.17 53.19 83.78
C SER Z 84 -0.33 53.43 83.70
N GLY Z 85 -1.11 52.53 84.29
CA GLY Z 85 -2.53 52.76 84.47
C GLY Z 85 -3.37 52.16 83.35
N ILE Z 86 -4.67 52.40 83.45
CA ILE Z 86 -5.65 51.86 82.51
C ILE Z 86 -6.39 53.01 81.85
N ARG Z 87 -6.54 52.94 80.54
CA ARG Z 87 -7.54 53.69 79.82
C ARG Z 87 -8.60 52.71 79.35
N VAL Z 88 -9.82 53.19 79.13
CA VAL Z 88 -10.90 52.34 78.64
C VAL Z 88 -11.62 53.09 77.54
N PHE Z 89 -11.72 52.47 76.38
CA PHE Z 89 -12.38 53.10 75.25
C PHE Z 89 -13.67 52.38 74.92
N ASP Z 90 -14.67 53.17 74.51
CA ASP Z 90 -15.91 52.62 74.02
C ASP Z 90 -15.71 52.06 72.63
N LEU Z 91 -16.69 51.33 72.13
CA LEU Z 91 -16.55 50.84 70.77
C LEU Z 91 -16.94 51.86 69.73
N SER Z 92 -17.44 53.01 70.14
CA SER Z 92 -17.72 54.07 69.21
C SER Z 92 -16.58 55.08 69.12
N GLY Z 93 -15.59 54.97 69.99
CA GLY Z 93 -14.45 55.85 69.89
C GLY Z 93 -14.32 56.83 71.02
N ASN Z 94 -15.22 56.75 71.99
CA ASN Z 94 -15.22 57.66 73.12
C ASN Z 94 -14.24 57.16 74.17
N GLU Z 95 -14.31 57.72 75.37
CA GLU Z 95 -13.45 57.28 76.45
C GLU Z 95 -14.13 57.48 77.79
N LYS Z 96 -14.17 56.43 78.59
CA LYS Z 96 -14.63 56.51 79.96
C LYS Z 96 -13.44 56.76 80.87
N GLN Z 97 -13.73 57.20 82.10
CA GLN Z 97 -12.66 57.43 83.06
C GLN Z 97 -12.44 56.20 83.92
N VAL Z 98 -11.21 56.03 84.39
CA VAL Z 98 -10.80 54.86 85.14
C VAL Z 98 -10.36 55.33 86.52
N ARG Z 99 -11.20 55.09 87.54
CA ARG Z 99 -10.87 55.51 88.88
C ARG Z 99 -9.93 54.50 89.53
N TYR Z 100 -9.37 54.89 90.67
CA TYR Z 100 -8.43 54.06 91.41
C TYR Z 100 -8.62 54.31 92.89
N PRO Z 101 -9.69 53.78 93.49
CA PRO Z 101 -9.98 54.09 94.90
C PRO Z 101 -9.06 53.37 95.86
N ASN Z 102 -8.43 52.28 95.45
CA ASN Z 102 -7.55 51.51 96.31
C ASN Z 102 -6.09 51.76 95.98
N GLY Z 103 -5.81 52.70 95.09
CA GLY Z 103 -4.47 52.91 94.59
C GLY Z 103 -4.18 51.94 93.46
N SER Z 104 -3.42 52.36 92.44
CA SER Z 104 -3.24 51.43 91.34
C SER Z 104 -2.20 50.39 91.67
N ASN Z 105 -0.92 50.75 91.61
CA ASN Z 105 0.25 50.01 92.13
C ASN Z 105 0.30 48.52 91.76
N TYR Z 106 -0.47 48.12 90.75
CA TYR Z 106 -0.65 46.74 90.36
C TYR Z 106 -0.67 46.56 88.86
N ILE Z 107 -0.92 47.64 88.12
CA ILE Z 107 -0.86 47.61 86.68
C ILE Z 107 0.51 48.10 86.18
N LYS Z 108 1.26 48.78 87.04
CA LYS Z 108 2.54 49.38 86.65
C LYS Z 108 3.57 48.29 86.41
N THR Z 109 3.83 48.01 85.13
CA THR Z 109 4.77 46.98 84.73
C THR Z 109 5.49 47.47 83.48
N ALA Z 110 6.77 47.13 83.37
CA ALA Z 110 7.54 47.51 82.20
C ALA Z 110 7.06 46.81 80.93
N ASN Z 111 6.47 45.63 81.05
CA ASN Z 111 6.00 44.87 79.90
C ASN Z 111 4.60 44.34 80.21
N PRO Z 112 3.57 45.05 79.84
CA PRO Z 112 2.22 44.68 80.30
C PRO Z 112 1.61 43.49 79.60
N ARG Z 113 1.92 43.26 78.33
CA ARG Z 113 1.31 42.12 77.64
C ARG Z 113 1.96 40.80 78.02
N ASN Z 114 3.19 40.83 78.52
CA ASN Z 114 3.85 39.64 79.00
C ASN Z 114 3.44 39.29 80.42
N ASP Z 115 2.79 40.19 81.09
CA ASP Z 115 2.79 40.05 82.53
C ASP Z 115 1.43 40.27 83.18
N LEU Z 116 0.56 41.06 82.58
CA LEU Z 116 -0.80 41.22 83.09
C LEU Z 116 -1.76 40.35 82.31
N ARG Z 117 -2.88 40.01 82.93
CA ARG Z 117 -3.95 39.29 82.26
C ARG Z 117 -5.28 39.98 82.53
N MET Z 118 -6.31 39.52 81.83
CA MET Z 118 -7.69 39.86 82.11
C MET Z 118 -8.59 38.72 81.68
N VAL Z 119 -9.40 38.22 82.60
CA VAL Z 119 -10.40 37.20 82.30
C VAL Z 119 -11.75 37.76 82.66
N THR Z 120 -12.65 37.83 81.69
CA THR Z 120 -13.90 38.53 81.85
C THR Z 120 -15.05 37.53 81.79
N VAL Z 121 -15.91 37.56 82.80
CA VAL Z 121 -17.06 36.68 82.87
C VAL Z 121 -18.28 37.59 82.86
N ALA Z 122 -19.50 37.02 82.86
CA ALA Z 122 -20.69 37.81 82.62
C ALA Z 122 -21.03 38.75 83.77
N ASP Z 123 -20.60 38.43 84.98
CA ASP Z 123 -20.92 39.28 86.12
C ASP Z 123 -19.74 40.08 86.64
N TYR Z 124 -18.53 39.55 86.52
CA TYR Z 124 -17.34 40.20 87.07
C TYR Z 124 -16.27 40.30 86.00
N THR Z 125 -15.28 41.14 86.27
CA THR Z 125 -14.03 41.11 85.54
C THR Z 125 -12.90 40.86 86.53
N PHE Z 126 -11.81 40.29 86.04
CA PHE Z 126 -10.69 39.96 86.90
C PHE Z 126 -9.41 40.24 86.15
N ILE Z 127 -8.47 40.93 86.78
CA ILE Z 127 -7.15 41.14 86.22
C ILE Z 127 -6.11 40.56 87.16
N VAL Z 128 -5.11 39.91 86.60
CA VAL Z 128 -4.07 39.25 87.37
C VAL Z 128 -2.72 39.77 86.91
N ASN Z 129 -1.91 40.24 87.84
CA ASN Z 129 -0.52 40.49 87.57
C ASN Z 129 0.26 39.22 87.84
N ARG Z 130 1.09 38.81 86.89
CA ARG Z 130 1.89 37.60 87.01
C ARG Z 130 3.24 37.88 87.61
N ASN Z 131 3.44 39.06 88.17
CA ASN Z 131 4.72 39.40 88.75
C ASN Z 131 4.62 39.68 90.24
N VAL Z 132 3.42 39.92 90.76
CA VAL Z 132 3.23 40.26 92.16
C VAL Z 132 3.00 38.99 92.94
N VAL Z 133 3.86 38.72 93.90
CA VAL Z 133 3.74 37.56 94.77
C VAL Z 133 2.66 37.85 95.78
N ALA Z 134 1.71 36.92 95.91
CA ALA Z 134 0.60 37.07 96.84
C ALA Z 134 1.13 36.90 98.26
N GLN Z 135 1.23 37.99 99.00
CA GLN Z 135 1.88 37.93 100.29
C GLN Z 135 0.91 37.57 101.40
N LYS Z 136 1.44 36.87 102.39
CA LYS Z 136 0.70 36.53 103.59
C LYS Z 136 0.44 37.78 104.41
N ASN Z 137 -0.79 37.93 104.90
CA ASN Z 137 -1.09 39.02 105.80
C ASN Z 137 -0.50 38.70 107.17
N THR Z 138 0.34 39.58 107.67
CA THR Z 138 0.70 39.60 109.07
C THR Z 138 -0.15 40.64 109.77
N LYS Z 139 0.14 40.89 111.05
CA LYS Z 139 -0.46 41.91 111.94
C LYS Z 139 -1.98 41.93 111.92
N SER Z 140 -2.62 40.79 111.63
CA SER Z 140 -4.06 40.64 111.73
C SER Z 140 -4.43 39.30 112.31
N VAL Z 141 -3.71 38.84 113.33
CA VAL Z 141 -4.01 37.56 113.96
C VAL Z 141 -5.31 37.67 114.74
N ASN Z 142 -5.93 36.52 115.01
CA ASN Z 142 -7.20 36.52 115.71
C ASN Z 142 -7.03 36.95 117.15
N LEU Z 143 -6.29 36.16 117.91
CA LEU Z 143 -5.96 36.51 119.27
C LEU Z 143 -4.44 36.61 119.37
N PRO Z 144 -3.92 37.68 119.97
CA PRO Z 144 -2.50 38.02 119.83
C PRO Z 144 -1.51 36.98 120.33
N ASN Z 145 -1.57 36.64 121.61
CA ASN Z 145 -0.65 35.67 122.18
C ASN Z 145 -1.39 34.42 122.63
N TYR Z 146 -2.36 34.58 123.53
CA TYR Z 146 -3.23 33.53 124.05
C TYR Z 146 -2.42 32.41 124.67
N ASN Z 147 -1.83 32.66 125.85
CA ASN Z 147 -1.29 31.57 126.66
C ASN Z 147 -2.38 30.54 126.86
N PRO Z 148 -2.25 29.35 126.25
CA PRO Z 148 -3.37 28.43 126.16
C PRO Z 148 -3.68 27.72 127.46
N ASN Z 149 -2.86 27.88 128.48
CA ASN Z 149 -3.20 27.39 129.80
C ASN Z 149 -3.00 28.50 130.82
N GLN Z 150 -3.56 29.68 130.53
CA GLN Z 150 -3.56 30.79 131.47
C GLN Z 150 -4.86 30.88 132.24
N ASP Z 151 -5.98 30.57 131.62
CA ASP Z 151 -7.27 30.55 132.29
C ASP Z 151 -7.58 29.14 132.73
N GLY Z 152 -8.74 28.97 133.37
CA GLY Z 152 -9.17 27.65 133.78
C GLY Z 152 -10.55 27.70 134.35
N LEU Z 153 -11.22 26.54 134.34
CA LEU Z 153 -12.57 26.41 134.86
C LEU Z 153 -12.70 25.22 135.78
N ILE Z 154 -13.32 25.44 136.93
CA ILE Z 154 -13.74 24.39 137.84
C ILE Z 154 -15.26 24.43 137.90
N ASN Z 155 -15.91 23.45 137.27
CA ASN Z 155 -17.36 23.33 137.38
C ASN Z 155 -17.71 22.83 138.76
N VAL Z 156 -18.90 23.17 139.23
CA VAL Z 156 -19.41 22.64 140.48
C VAL Z 156 -20.84 22.13 140.25
N ARG Z 157 -21.16 20.99 140.84
CA ARG Z 157 -22.45 20.34 140.59
C ARG Z 157 -23.09 19.78 141.85
N GLY Z 158 -22.59 20.13 143.03
CA GLY Z 158 -23.41 19.98 144.21
C GLY Z 158 -23.25 18.88 145.25
N GLY Z 159 -22.02 18.59 145.71
CA GLY Z 159 -21.89 18.04 147.05
C GLY Z 159 -21.96 16.55 147.31
N GLN Z 160 -23.16 16.07 147.64
CA GLN Z 160 -23.47 14.68 148.00
C GLN Z 160 -22.83 14.21 149.32
N TYR Z 161 -23.07 14.96 150.40
CA TYR Z 161 -23.05 14.48 151.80
C TYR Z 161 -21.73 13.87 152.24
N GLY Z 162 -20.68 14.66 152.13
CA GLY Z 162 -19.45 14.36 152.80
C GLY Z 162 -18.42 13.74 151.89
N ARG Z 163 -17.63 14.63 151.30
CA ARG Z 163 -16.47 14.29 150.49
C ARG Z 163 -15.53 15.49 150.56
N GLU Z 164 -14.31 15.29 150.12
CA GLU Z 164 -13.35 16.37 150.05
C GLU Z 164 -13.37 17.00 148.68
N LEU Z 165 -13.27 18.33 148.65
CA LEU Z 165 -13.25 19.10 147.40
C LEU Z 165 -11.96 19.89 147.35
N ILE Z 166 -11.01 19.43 146.56
CA ILE Z 166 -9.65 19.96 146.55
C ILE Z 166 -9.32 20.45 145.16
N VAL Z 167 -8.82 21.67 145.04
CA VAL Z 167 -8.47 22.25 143.74
C VAL Z 167 -7.00 22.60 143.73
N HIS Z 168 -6.18 21.77 143.08
CA HIS Z 168 -4.75 22.07 142.92
C HIS Z 168 -4.56 23.09 141.82
N ILE Z 169 -4.02 24.24 142.18
CA ILE Z 169 -3.49 25.19 141.22
C ILE Z 169 -2.01 25.36 141.51
N ASN Z 170 -1.18 25.21 140.47
CA ASN Z 170 0.25 25.52 140.47
C ASN Z 170 1.02 24.64 141.45
N GLY Z 171 0.45 23.50 141.84
CA GLY Z 171 1.19 22.56 142.66
C GLY Z 171 0.76 22.52 144.11
N LYS Z 172 0.35 23.66 144.66
CA LYS Z 172 -0.06 23.71 146.05
C LYS Z 172 -1.45 23.13 146.24
N ASP Z 173 -1.82 22.93 147.50
CA ASP Z 173 -3.10 22.31 147.84
C ASP Z 173 -4.11 23.39 148.20
N VAL Z 174 -4.49 24.14 147.17
CA VAL Z 174 -5.39 25.27 147.34
C VAL Z 174 -6.82 24.75 147.55
N ALA Z 175 -7.59 25.48 148.36
CA ALA Z 175 -9.05 25.39 148.40
C ALA Z 175 -9.62 24.03 148.79
N LYS Z 176 -9.40 23.63 150.04
CA LYS Z 176 -9.98 22.41 150.58
C LYS Z 176 -11.31 22.70 151.24
N TYR Z 177 -12.28 21.82 151.05
CA TYR Z 177 -13.51 21.87 151.83
C TYR Z 177 -14.12 20.48 151.95
N LYS Z 178 -14.62 20.18 153.13
CA LYS Z 178 -15.33 18.93 153.41
C LYS Z 178 -16.81 19.23 153.53
N ILE Z 179 -17.63 18.61 152.69
CA ILE Z 179 -19.08 18.63 152.87
C ILE Z 179 -19.41 17.95 154.19
N PRO Z 180 -20.36 18.45 154.97
CA PRO Z 180 -20.61 17.86 156.29
C PRO Z 180 -21.18 16.46 156.30
N ASP Z 181 -21.47 15.96 157.51
CA ASP Z 181 -21.87 14.58 157.70
C ASP Z 181 -23.23 14.27 157.11
N GLY Z 182 -24.12 15.25 157.09
CA GLY Z 182 -25.48 15.04 156.65
C GLY Z 182 -26.43 14.60 157.74
N SER Z 183 -25.98 14.59 158.99
CA SER Z 183 -26.83 14.12 160.08
C SER Z 183 -27.86 15.17 160.48
N GLN Z 184 -27.41 16.38 160.74
CA GLN Z 184 -28.31 17.45 161.09
C GLN Z 184 -29.02 17.97 159.83
N PRO Z 185 -30.29 18.36 159.95
CA PRO Z 185 -31.05 18.69 158.75
C PRO Z 185 -30.67 20.02 158.13
N GLU Z 186 -29.88 20.86 158.83
CA GLU Z 186 -29.52 22.13 158.22
C GLU Z 186 -28.32 21.98 157.31
N HIS Z 187 -27.64 20.83 157.34
CA HIS Z 187 -26.50 20.61 156.47
C HIS Z 187 -26.89 20.33 155.03
N VAL Z 188 -28.18 20.32 154.70
CA VAL Z 188 -28.55 20.09 153.32
C VAL Z 188 -28.34 21.37 152.52
N ASN Z 189 -28.21 22.50 153.19
CA ASN Z 189 -27.90 23.75 152.50
C ASN Z 189 -26.50 23.73 151.89
N ASN Z 190 -25.61 22.94 152.45
CA ASN Z 190 -24.21 22.99 152.03
C ASN Z 190 -23.92 22.18 150.78
N THR Z 191 -24.90 21.49 150.21
CA THR Z 191 -24.72 20.81 148.94
C THR Z 191 -25.28 21.61 147.78
N ASP Z 192 -25.72 22.84 148.05
CA ASP Z 192 -26.00 23.82 147.01
C ASP Z 192 -24.75 24.05 146.17
N ALA Z 193 -24.93 24.16 144.86
CA ALA Z 193 -23.76 24.29 144.00
C ALA Z 193 -23.17 25.69 144.06
N GLN Z 194 -24.02 26.71 144.21
CA GLN Z 194 -23.51 28.07 144.21
C GLN Z 194 -22.89 28.44 145.55
N TRP Z 195 -23.42 27.90 146.64
CA TRP Z 195 -22.79 28.11 147.94
C TRP Z 195 -21.42 27.45 147.98
N LEU Z 196 -21.33 26.26 147.40
CA LEU Z 196 -20.06 25.55 147.30
C LEU Z 196 -19.10 26.28 146.39
N ALA Z 197 -19.62 26.89 145.32
CA ALA Z 197 -18.79 27.65 144.40
C ALA Z 197 -18.23 28.89 145.06
N GLU Z 198 -19.06 29.60 145.83
CA GLU Z 198 -18.59 30.81 146.48
C GLU Z 198 -17.62 30.49 147.62
N GLU Z 199 -17.81 29.37 148.31
CA GLU Z 199 -16.83 28.98 149.34
C GLU Z 199 -15.51 28.56 148.71
N LEU Z 200 -15.56 27.80 147.61
CA LEU Z 200 -14.33 27.42 146.91
C LEU Z 200 -13.63 28.63 146.34
N ALA Z 201 -14.39 29.63 145.89
CA ALA Z 201 -13.76 30.83 145.35
C ALA Z 201 -13.20 31.71 146.45
N LYS Z 202 -13.80 31.71 147.64
CA LYS Z 202 -13.24 32.46 148.75
C LYS Z 202 -11.93 31.85 149.22
N GLN Z 203 -11.91 30.51 149.34
CA GLN Z 203 -10.65 29.78 149.56
C GLN Z 203 -9.62 30.08 148.48
N MET Z 204 -10.09 30.18 147.23
CA MET Z 204 -9.21 30.42 146.09
C MET Z 204 -8.59 31.80 146.15
N ARG Z 205 -9.38 32.82 146.48
CA ARG Z 205 -8.86 34.19 146.57
C ARG Z 205 -7.93 34.34 147.75
N THR Z 206 -8.22 33.66 148.87
CA THR Z 206 -7.32 33.81 150.02
C THR Z 206 -6.03 33.04 149.84
N ASN Z 207 -6.02 31.95 149.08
CA ASN Z 207 -4.85 31.10 149.01
C ASN Z 207 -4.08 31.29 147.71
N LEU Z 208 -4.44 32.31 146.92
CA LEU Z 208 -3.64 32.72 145.78
C LEU Z 208 -3.49 34.24 145.80
N SER Z 209 -2.47 34.73 145.12
CA SER Z 209 -2.09 36.12 145.32
C SER Z 209 -2.96 37.08 144.50
N ASP Z 210 -2.81 37.06 143.18
CA ASP Z 210 -3.57 38.02 142.39
C ASP Z 210 -4.82 37.37 141.82
N TRP Z 211 -4.62 36.43 140.90
CA TRP Z 211 -5.49 35.30 140.54
C TRP Z 211 -7.00 35.56 140.56
N THR Z 212 -7.46 36.49 139.72
CA THR Z 212 -8.85 36.91 139.74
C THR Z 212 -9.77 35.77 139.32
N VAL Z 213 -10.64 35.36 140.22
CA VAL Z 213 -11.60 34.28 139.98
C VAL Z 213 -13.00 34.83 140.20
N ASN Z 214 -13.95 34.36 139.40
CA ASN Z 214 -15.33 34.82 139.48
C ASN Z 214 -16.25 33.63 139.70
N VAL Z 215 -17.29 33.85 140.47
CA VAL Z 215 -18.31 32.83 140.71
C VAL Z 215 -19.32 32.97 139.59
N GLY Z 216 -19.27 32.07 138.63
CA GLY Z 216 -20.18 32.11 137.51
C GLY Z 216 -21.51 31.46 137.82
N GLN Z 217 -22.22 31.06 136.77
CA GLN Z 217 -23.43 30.28 136.92
C GLN Z 217 -23.14 28.88 137.42
N GLY Z 218 -22.18 28.19 136.79
CA GLY Z 218 -21.87 26.85 137.22
C GLY Z 218 -20.39 26.56 137.23
N PHE Z 219 -19.57 27.57 137.52
CA PHE Z 219 -18.13 27.41 137.43
C PHE Z 219 -17.45 28.40 138.36
N ILE Z 220 -16.14 28.23 138.51
CA ILE Z 220 -15.25 29.30 138.92
C ILE Z 220 -14.12 29.40 137.91
N HIS Z 221 -13.70 30.62 137.62
CA HIS Z 221 -12.93 30.98 136.42
C HIS Z 221 -11.56 31.47 136.86
N VAL Z 222 -10.63 30.54 137.02
CA VAL Z 222 -9.31 30.85 137.57
C VAL Z 222 -8.43 31.46 136.49
N THR Z 223 -8.00 32.69 136.69
CA THR Z 223 -7.16 33.43 135.76
C THR Z 223 -5.79 33.68 136.36
N ALA Z 224 -4.77 33.69 135.52
CA ALA Z 224 -3.42 34.03 135.95
C ALA Z 224 -3.09 35.46 135.52
N PRO Z 225 -2.41 36.23 136.36
CA PRO Z 225 -2.33 37.69 136.14
C PRO Z 225 -1.21 38.11 135.19
N SER Z 226 -1.29 37.65 133.95
CA SER Z 226 -0.44 38.06 132.82
C SER Z 226 1.04 37.77 133.00
N GLY Z 227 1.43 37.05 134.04
CA GLY Z 227 2.79 36.63 134.24
C GLY Z 227 2.89 35.13 134.12
N GLN Z 228 2.86 34.49 135.29
CA GLN Z 228 2.92 33.04 135.44
C GLN Z 228 1.69 32.36 134.83
N GLN Z 229 1.76 31.03 134.75
CA GLN Z 229 0.72 30.21 134.14
C GLN Z 229 0.14 29.27 135.19
N ILE Z 230 -0.72 28.36 134.73
CA ILE Z 230 -1.29 27.34 135.59
C ILE Z 230 -0.25 26.28 135.90
N ASP Z 231 0.20 25.58 134.86
CA ASP Z 231 1.32 24.63 134.81
C ASP Z 231 1.03 23.30 135.51
N SER Z 232 -0.07 23.22 136.25
CA SER Z 232 -0.56 22.01 136.90
C SER Z 232 -1.98 22.24 137.39
N PHE Z 233 -2.91 21.36 137.04
CA PHE Z 233 -4.31 21.66 137.24
C PHE Z 233 -5.04 20.33 137.43
N THR Z 234 -5.24 19.93 138.67
CA THR Z 234 -6.00 18.72 138.95
C THR Z 234 -6.95 19.00 140.08
N THR Z 235 -7.94 18.14 140.24
CA THR Z 235 -9.04 18.38 141.17
C THR Z 235 -9.49 17.05 141.74
N LYS Z 236 -9.13 16.79 143.00
CA LYS Z 236 -9.60 15.60 143.67
C LYS Z 236 -11.09 15.72 143.95
N ASP Z 237 -11.87 14.90 143.24
CA ASP Z 237 -13.32 15.06 143.23
C ASP Z 237 -13.94 14.65 144.55
N GLY Z 238 -13.47 13.56 145.13
CA GLY Z 238 -14.03 13.09 146.37
C GLY Z 238 -15.13 12.06 146.14
N TYR Z 239 -16.05 12.41 145.26
CA TYR Z 239 -17.03 11.48 144.73
C TYR Z 239 -16.40 10.93 143.48
N ALA Z 240 -17.19 10.38 142.56
CA ALA Z 240 -16.65 9.99 141.26
C ALA Z 240 -16.38 11.23 140.42
N ASP Z 241 -16.17 11.03 139.12
CA ASP Z 241 -15.83 12.13 138.22
C ASP Z 241 -16.93 13.18 138.10
N GLN Z 242 -18.14 12.88 138.55
CA GLN Z 242 -19.33 13.68 138.29
C GLN Z 242 -19.71 14.61 139.44
N LEU Z 243 -18.75 15.11 140.21
CA LEU Z 243 -19.11 16.07 141.24
C LEU Z 243 -18.57 17.46 140.92
N ILE Z 244 -17.26 17.62 140.78
CA ILE Z 244 -16.68 18.86 140.28
C ILE Z 244 -15.66 18.52 139.20
N ASN Z 245 -15.67 19.27 138.11
CA ASN Z 245 -14.92 18.92 136.92
C ASN Z 245 -13.83 19.94 136.67
N PRO Z 246 -12.59 19.54 136.64
CA PRO Z 246 -11.55 20.41 136.10
C PRO Z 246 -11.56 20.42 134.59
N VAL Z 247 -12.06 21.49 133.99
CA VAL Z 247 -12.15 21.58 132.53
C VAL Z 247 -11.31 22.75 132.05
N THR Z 248 -10.64 22.55 130.94
CA THR Z 248 -9.67 23.47 130.39
C THR Z 248 -10.07 23.80 128.95
N HIS Z 249 -9.14 24.40 128.22
CA HIS Z 249 -9.37 24.76 126.83
C HIS Z 249 -9.27 23.59 125.86
N TYR Z 250 -9.28 22.34 126.33
CA TYR Z 250 -8.97 21.19 125.51
C TYR Z 250 -9.87 19.99 125.78
N ALA Z 251 -11.19 20.17 125.75
CA ALA Z 251 -12.07 19.02 125.93
C ALA Z 251 -11.98 18.07 124.73
N GLN Z 252 -12.22 16.79 124.97
CA GLN Z 252 -11.88 15.79 123.96
C GLN Z 252 -13.06 15.29 123.14
N SER Z 253 -14.24 15.86 123.28
CA SER Z 253 -15.36 15.52 122.41
C SER Z 253 -16.26 16.74 122.37
N PHE Z 254 -17.41 16.60 121.71
CA PHE Z 254 -18.38 17.67 121.81
C PHE Z 254 -19.33 17.46 122.97
N SER Z 255 -19.53 16.21 123.41
CA SER Z 255 -20.41 15.94 124.54
C SER Z 255 -19.78 16.43 125.83
N LYS Z 256 -18.54 16.03 126.10
CA LYS Z 256 -17.82 16.57 127.24
C LYS Z 256 -17.44 18.00 126.90
N LEU Z 257 -18.20 18.94 127.41
CA LEU Z 257 -18.00 20.35 127.17
C LEU Z 257 -18.79 21.05 128.26
N PRO Z 258 -18.21 22.05 128.94
CA PRO Z 258 -18.81 22.55 130.18
C PRO Z 258 -20.09 23.32 129.91
N PRO Z 259 -21.01 23.37 130.88
CA PRO Z 259 -22.32 23.99 130.64
C PRO Z 259 -22.31 25.50 130.43
N ASN Z 260 -21.70 26.31 131.31
CA ASN Z 260 -21.77 27.76 131.04
C ASN Z 260 -20.55 28.24 130.27
N ALA Z 261 -19.35 28.17 130.87
CA ALA Z 261 -18.08 28.55 130.25
C ALA Z 261 -18.08 29.96 129.66
N PRO Z 262 -17.80 30.99 130.47
CA PRO Z 262 -18.23 32.37 130.18
C PRO Z 262 -17.72 32.93 128.86
N ASN Z 263 -18.33 34.07 128.47
CA ASN Z 263 -18.60 34.45 127.08
C ASN Z 263 -17.40 34.29 126.16
N GLY Z 264 -16.26 34.84 126.54
CA GLY Z 264 -15.09 34.61 125.72
C GLY Z 264 -14.36 33.37 126.18
N TYR Z 265 -14.61 32.24 125.53
CA TYR Z 265 -13.96 31.01 125.93
C TYR Z 265 -13.78 30.13 124.70
N MET Z 266 -12.67 29.41 124.65
CA MET Z 266 -12.34 28.57 123.51
C MET Z 266 -12.06 27.17 124.00
N VAL Z 267 -12.44 26.18 123.19
CA VAL Z 267 -12.13 24.78 123.48
C VAL Z 267 -11.61 24.14 122.21
N LYS Z 268 -10.41 23.56 122.29
CA LYS Z 268 -9.87 22.74 121.21
C LYS Z 268 -10.43 21.33 121.35
N ILE Z 269 -11.43 21.02 120.54
CA ILE Z 269 -12.00 19.68 120.55
C ILE Z 269 -11.05 18.76 119.80
N VAL Z 270 -10.60 17.70 120.47
CA VAL Z 270 -9.56 16.82 119.95
C VAL Z 270 -10.11 15.41 119.84
N GLY Z 271 -10.15 14.90 118.63
CA GLY Z 271 -10.18 13.47 118.45
C GLY Z 271 -11.48 12.76 118.68
N ASP Z 272 -11.56 12.07 119.84
CA ASP Z 272 -12.51 11.04 120.30
C ASP Z 272 -12.25 9.69 119.63
N ALA Z 273 -11.38 9.67 118.60
CA ALA Z 273 -10.89 8.46 117.93
C ALA Z 273 -12.00 7.55 117.41
N SER Z 274 -13.13 8.14 117.03
CA SER Z 274 -14.26 7.40 116.50
C SER Z 274 -14.54 7.69 115.04
N LYS Z 275 -14.36 8.93 114.63
CA LYS Z 275 -14.46 9.33 113.24
C LYS Z 275 -13.14 9.88 112.78
N SER Z 276 -12.84 9.71 111.50
CA SER Z 276 -11.62 10.25 110.92
C SER Z 276 -11.82 11.74 110.76
N ALA Z 277 -11.50 12.49 111.82
CA ALA Z 277 -11.85 13.89 111.89
C ALA Z 277 -10.66 14.69 112.39
N ASP Z 278 -10.51 15.89 111.87
CA ASP Z 278 -9.51 16.80 112.39
C ASP Z 278 -9.99 17.46 113.68
N GLN Z 279 -9.21 18.40 114.15
CA GLN Z 279 -9.38 18.99 115.46
C GLN Z 279 -9.83 20.43 115.30
N TYR Z 280 -11.04 20.73 115.75
CA TYR Z 280 -11.72 21.97 115.44
C TYR Z 280 -11.98 22.77 116.70
N TYR Z 281 -12.11 24.09 116.56
CA TYR Z 281 -12.21 24.94 117.73
C TYR Z 281 -13.63 25.50 117.83
N VAL Z 282 -14.14 25.61 119.05
CA VAL Z 282 -15.54 25.98 119.29
C VAL Z 282 -15.60 27.03 120.39
N ARG Z 283 -16.35 28.12 120.13
CA ARG Z 283 -16.48 29.23 121.06
C ARG Z 283 -17.90 29.27 121.60
N TYR Z 284 -18.05 29.70 122.85
CA TYR Z 284 -19.34 29.89 123.49
C TYR Z 284 -19.81 31.33 123.28
N ASP Z 285 -21.13 31.51 123.30
CA ASP Z 285 -21.75 32.84 123.30
C ASP Z 285 -22.71 32.95 124.47
N ALA Z 286 -22.72 34.12 125.11
CA ALA Z 286 -23.51 34.27 126.32
C ALA Z 286 -24.91 34.80 126.08
N GLU Z 287 -25.09 35.66 125.07
CA GLU Z 287 -26.42 36.15 124.74
C GLU Z 287 -27.28 35.02 124.19
N ARG Z 288 -26.73 34.26 123.26
CA ARG Z 288 -27.38 33.08 122.73
C ARG Z 288 -26.56 31.86 123.15
N LYS Z 289 -27.17 31.00 123.96
CA LYS Z 289 -26.40 29.95 124.63
C LYS Z 289 -26.16 28.81 123.64
N VAL Z 290 -25.13 28.98 122.84
CA VAL Z 290 -24.78 28.05 121.77
C VAL Z 290 -23.33 27.64 121.90
N TRP Z 291 -22.86 26.85 120.96
CA TRP Z 291 -21.44 26.54 120.82
C TRP Z 291 -21.13 26.49 119.33
N THR Z 292 -20.74 27.62 118.76
CA THR Z 292 -20.42 27.70 117.35
C THR Z 292 -18.91 27.56 117.17
N GLU Z 293 -18.49 27.32 115.93
CA GLU Z 293 -17.09 27.09 115.64
C GLU Z 293 -16.43 28.39 115.21
N THR Z 294 -15.23 28.64 115.70
CA THR Z 294 -14.50 29.87 115.41
C THR Z 294 -13.05 29.52 115.07
N LEU Z 295 -12.21 30.55 115.04
CA LEU Z 295 -10.86 30.42 114.50
C LEU Z 295 -9.92 29.73 115.48
N GLY Z 296 -8.67 29.64 115.07
CA GLY Z 296 -7.58 29.32 115.95
C GLY Z 296 -7.17 30.51 116.79
N TRP Z 297 -6.20 30.29 117.66
CA TRP Z 297 -5.82 31.36 118.58
C TRP Z 297 -4.83 32.33 117.93
N ASN Z 298 -3.64 31.86 117.61
CA ASN Z 298 -2.58 32.72 117.09
C ASN Z 298 -2.38 32.53 115.60
N THR Z 299 -3.46 32.35 114.87
CA THR Z 299 -3.39 32.19 113.42
C THR Z 299 -3.78 33.48 112.71
N GLU Z 300 -3.31 33.62 111.48
CA GLU Z 300 -3.71 34.73 110.63
C GLU Z 300 -4.92 34.31 109.80
N ASP Z 301 -5.72 35.30 109.40
CA ASP Z 301 -6.99 34.98 108.78
C ASP Z 301 -7.28 35.87 107.57
N GLN Z 302 -6.27 36.28 106.84
CA GLN Z 302 -6.51 37.19 105.73
C GLN Z 302 -5.37 37.04 104.75
N VAL Z 303 -5.63 37.38 103.50
CA VAL Z 303 -4.59 37.62 102.53
C VAL Z 303 -4.64 39.11 102.23
N LEU Z 304 -3.48 39.72 101.96
CA LEU Z 304 -3.28 41.17 102.05
C LEU Z 304 -4.11 42.09 101.16
N TRP Z 305 -5.00 41.55 100.32
CA TRP Z 305 -5.97 42.31 99.52
C TRP Z 305 -5.37 43.26 98.48
N GLU Z 306 -4.05 43.32 98.39
CA GLU Z 306 -3.36 44.14 97.41
C GLU Z 306 -2.46 43.33 96.52
N THR Z 307 -1.89 42.25 97.04
CA THR Z 307 -1.10 41.33 96.24
C THR Z 307 -1.97 40.26 95.62
N MET Z 308 -3.26 40.36 95.77
CA MET Z 308 -4.24 39.46 95.18
C MET Z 308 -4.70 40.05 93.85
N PRO Z 309 -5.39 39.31 92.99
CA PRO Z 309 -5.95 39.93 91.79
C PRO Z 309 -7.06 40.91 92.12
N HIS Z 310 -6.99 42.08 91.50
CA HIS Z 310 -8.02 43.09 91.60
C HIS Z 310 -9.16 42.81 90.64
N ALA Z 311 -10.04 43.77 90.45
CA ALA Z 311 -11.16 43.65 89.54
C ALA Z 311 -11.36 45.00 88.86
N LEU Z 312 -12.37 45.06 87.99
CA LEU Z 312 -12.66 46.27 87.23
C LEU Z 312 -14.17 46.27 86.97
N VAL Z 313 -14.89 46.95 87.84
CA VAL Z 313 -16.35 46.90 87.87
C VAL Z 313 -16.87 48.29 87.52
N ARG Z 314 -17.87 48.34 86.66
CA ARG Z 314 -18.46 49.62 86.32
C ARG Z 314 -19.57 49.99 87.29
N ALA Z 315 -19.74 51.29 87.49
CA ALA Z 315 -20.84 51.81 88.26
C ALA Z 315 -21.94 52.27 87.31
N ALA Z 316 -23.03 52.76 87.89
CA ALA Z 316 -24.12 53.30 87.08
C ALA Z 316 -23.81 54.68 86.54
N ASP Z 317 -22.72 55.31 86.98
CA ASP Z 317 -22.39 56.64 86.48
C ASP Z 317 -21.87 56.58 85.06
N GLY Z 318 -21.23 55.48 84.68
CA GLY Z 318 -20.73 55.33 83.33
C GLY Z 318 -19.26 54.99 83.28
N ASN Z 319 -18.49 55.47 84.24
CA ASN Z 319 -17.07 55.22 84.26
C ASN Z 319 -16.75 53.89 84.90
N PHE Z 320 -15.53 53.41 84.66
CA PHE Z 320 -15.08 52.13 85.20
C PHE Z 320 -14.30 52.34 86.49
N ASP Z 321 -14.68 51.62 87.53
CA ASP Z 321 -13.88 51.58 88.74
C ASP Z 321 -12.87 50.45 88.66
N PHE Z 322 -11.90 50.49 89.58
CA PHE Z 322 -10.83 49.50 89.62
C PHE Z 322 -10.64 49.13 91.08
N LYS Z 323 -11.39 48.13 91.51
CA LYS Z 323 -11.61 47.83 92.91
C LYS Z 323 -10.71 46.68 93.31
N TRP Z 324 -10.37 46.58 94.59
CA TRP Z 324 -9.86 45.28 94.98
C TRP Z 324 -11.01 44.29 95.21
N LEU Z 325 -10.65 43.05 95.48
CA LEU Z 325 -11.64 42.06 95.83
C LEU Z 325 -11.53 41.72 97.29
N GLU Z 326 -12.65 41.76 97.99
CA GLU Z 326 -12.68 41.45 99.42
C GLU Z 326 -12.63 39.93 99.57
N TRP Z 327 -11.42 39.40 99.60
CA TRP Z 327 -11.24 37.97 99.83
C TRP Z 327 -11.56 37.66 101.28
N SER Z 328 -12.50 36.74 101.50
CA SER Z 328 -13.18 36.53 102.76
C SER Z 328 -12.23 36.03 103.84
N PRO Z 329 -12.50 36.35 105.09
CA PRO Z 329 -11.60 35.92 106.17
C PRO Z 329 -11.63 34.43 106.37
N LYS Z 330 -10.47 33.89 106.71
CA LYS Z 330 -10.34 32.49 107.10
C LYS Z 330 -11.12 32.23 108.37
N SER Z 331 -11.78 31.07 108.43
CA SER Z 331 -12.56 30.75 109.60
C SER Z 331 -12.53 29.25 109.81
N CYS Z 332 -12.72 28.85 111.07
CA CYS Z 332 -12.94 27.47 111.49
C CYS Z 332 -11.76 26.56 111.13
N GLY Z 333 -10.62 26.82 111.76
CA GLY Z 333 -9.48 25.95 111.60
C GLY Z 333 -8.24 26.51 112.25
N ASP Z 334 -7.11 25.89 111.95
CA ASP Z 334 -5.81 26.32 112.45
C ASP Z 334 -4.86 26.54 111.29
N VAL Z 335 -3.59 26.75 111.61
CA VAL Z 335 -2.56 26.77 110.58
C VAL Z 335 -2.30 25.36 110.09
N ASP Z 336 -2.30 24.39 111.00
CA ASP Z 336 -1.90 23.02 110.69
C ASP Z 336 -3.06 22.16 110.21
N THR Z 337 -4.29 22.63 110.30
CA THR Z 337 -5.43 21.85 109.81
C THR Z 337 -6.30 22.59 108.82
N ASN Z 338 -6.20 23.92 108.72
CA ASN Z 338 -6.83 24.70 107.67
C ASN Z 338 -5.69 25.36 106.92
N PRO Z 339 -5.13 24.68 105.92
CA PRO Z 339 -3.85 25.12 105.36
C PRO Z 339 -3.96 26.41 104.58
N TRP Z 340 -2.84 27.09 104.44
CA TRP Z 340 -2.77 28.23 103.55
C TRP Z 340 -3.02 27.76 102.12
N PRO Z 341 -3.66 28.58 101.30
CA PRO Z 341 -4.30 28.05 100.10
C PRO Z 341 -3.37 27.76 98.92
N SER Z 342 -2.06 27.61 99.16
CA SER Z 342 -1.06 27.16 98.20
C SER Z 342 -0.90 28.12 97.03
N PHE Z 343 -1.24 29.39 97.21
CA PHE Z 343 -0.78 30.42 96.29
C PHE Z 343 -0.27 31.63 97.05
N VAL Z 344 -0.08 31.53 98.36
CA VAL Z 344 0.27 32.66 99.17
C VAL Z 344 1.78 32.78 99.35
N GLY Z 345 2.55 32.12 98.51
CA GLY Z 345 3.99 32.28 98.55
C GLY Z 345 4.56 32.38 97.16
N SER Z 346 3.70 32.46 96.17
CA SER Z 346 4.12 32.43 94.79
C SER Z 346 3.15 33.28 93.98
N SER Z 347 3.18 33.12 92.66
CA SER Z 347 2.48 34.00 91.75
C SER Z 347 1.24 33.33 91.19
N ILE Z 348 0.24 34.14 90.88
CA ILE Z 348 -0.99 33.70 90.22
C ILE Z 348 -0.88 34.04 88.75
N ASN Z 349 -1.33 33.14 87.88
CA ASN Z 349 -1.21 33.38 86.45
C ASN Z 349 -2.52 33.52 85.72
N ASP Z 350 -3.63 33.00 86.24
CA ASP Z 350 -4.87 33.02 85.48
C ASP Z 350 -6.07 32.91 86.41
N VAL Z 351 -7.20 33.43 85.94
CA VAL Z 351 -8.49 33.26 86.58
C VAL Z 351 -9.34 32.38 85.69
N PHE Z 352 -9.98 31.37 86.27
CA PHE Z 352 -10.78 30.47 85.46
C PHE Z 352 -11.91 29.91 86.31
N PHE Z 353 -13.06 29.77 85.67
CA PHE Z 353 -14.27 29.27 86.30
C PHE Z 353 -14.46 27.80 85.93
N PHE Z 354 -14.89 27.02 86.90
CA PHE Z 354 -15.06 25.59 86.70
C PHE Z 354 -16.03 25.02 87.72
N ARG Z 355 -17.27 24.77 87.28
CA ARG Z 355 -18.34 24.20 88.12
C ARG Z 355 -18.59 25.03 89.37
N ASN Z 356 -19.05 26.26 89.13
CA ASN Z 356 -19.41 27.24 90.17
C ASN Z 356 -18.22 27.69 91.01
N ARG Z 357 -17.00 27.34 90.63
CA ARG Z 357 -15.85 27.61 91.48
C ARG Z 357 -14.88 28.54 90.77
N LEU Z 358 -14.58 29.66 91.41
CA LEU Z 358 -13.51 30.51 90.92
C LEU Z 358 -12.20 29.79 91.16
N GLY Z 359 -11.25 30.00 90.27
CA GLY Z 359 -10.03 29.24 90.36
C GLY Z 359 -8.81 30.01 89.92
N PHE Z 360 -7.69 29.74 90.55
CA PHE Z 360 -6.43 30.32 90.14
C PHE Z 360 -5.46 29.22 89.78
N LEU Z 361 -4.55 29.56 88.88
CA LEU Z 361 -3.36 28.77 88.69
C LEU Z 361 -2.28 29.32 89.62
N SER Z 362 -1.14 28.67 89.64
CA SER Z 362 -0.11 29.00 90.63
C SER Z 362 1.23 28.54 90.11
N GLY Z 363 2.19 28.41 91.02
CA GLY Z 363 3.48 27.86 90.65
C GLY Z 363 3.39 26.48 90.01
N GLU Z 364 2.64 25.58 90.62
CA GLU Z 364 2.36 24.33 89.95
C GLU Z 364 0.94 23.89 90.32
N ASN Z 365 0.24 24.71 91.07
CA ASN Z 365 -0.96 24.28 91.76
C ASN Z 365 -2.21 24.81 91.06
N ILE Z 366 -3.35 24.17 91.37
CA ILE Z 366 -4.67 24.61 90.95
C ILE Z 366 -5.53 24.76 92.19
N ILE Z 367 -6.07 25.95 92.39
CA ILE Z 367 -6.76 26.29 93.63
C ILE Z 367 -8.15 26.76 93.28
N LEU Z 368 -9.14 25.89 93.43
CA LEU Z 368 -10.53 26.21 93.15
C LEU Z 368 -11.22 26.64 94.43
N SER Z 369 -12.17 27.57 94.31
CA SER Z 369 -12.79 28.21 95.47
C SER Z 369 -14.01 27.42 95.93
N ARG Z 370 -14.81 28.01 96.81
CA ARG Z 370 -15.99 27.33 97.31
C ARG Z 370 -17.09 27.40 96.26
N THR Z 371 -18.04 26.46 96.36
CA THR Z 371 -19.04 26.25 95.31
C THR Z 371 -19.99 27.42 95.19
N ALA Z 372 -20.59 27.85 96.27
CA ALA Z 372 -21.57 28.92 96.16
C ALA Z 372 -20.93 30.29 96.08
N LYS Z 373 -19.80 30.48 96.75
CA LYS Z 373 -19.24 31.80 97.01
C LYS Z 373 -17.87 31.87 96.37
N TYR Z 374 -17.68 32.84 95.47
CA TYR Z 374 -16.46 32.88 94.68
C TYR Z 374 -15.25 33.32 95.48
N PHE Z 375 -15.42 34.28 96.37
CA PHE Z 375 -14.29 34.90 97.02
C PHE Z 375 -14.03 34.25 98.39
N ASN Z 376 -13.78 32.95 98.38
CA ASN Z 376 -13.61 32.22 99.64
C ASN Z 376 -12.80 30.96 99.35
N PHE Z 377 -11.61 30.86 99.93
CA PHE Z 377 -10.74 29.71 99.71
C PHE Z 377 -10.54 28.86 100.95
N TYR Z 378 -11.56 28.77 101.79
CA TYR Z 378 -11.46 28.04 103.03
C TYR Z 378 -12.76 27.30 103.23
N PRO Z 379 -12.72 26.09 103.78
CA PRO Z 379 -13.97 25.37 104.07
C PRO Z 379 -14.74 26.04 105.20
N ALA Z 380 -16.03 25.72 105.26
CA ALA Z 380 -16.88 26.37 106.25
C ALA Z 380 -16.59 25.89 107.65
N SER Z 381 -16.14 24.65 107.78
CA SER Z 381 -15.82 24.07 109.07
C SER Z 381 -14.90 22.89 108.82
N ILE Z 382 -13.76 22.83 109.51
CA ILE Z 382 -12.88 21.69 109.29
C ILE Z 382 -13.34 20.47 110.06
N ALA Z 383 -14.32 20.63 110.94
CA ALA Z 383 -15.15 19.51 111.33
C ALA Z 383 -16.18 19.29 110.26
N ASN Z 384 -16.39 18.02 109.89
CA ASN Z 384 -17.42 17.59 108.95
C ASN Z 384 -17.23 18.23 107.57
N LEU Z 385 -16.18 17.78 106.88
CA LEU Z 385 -15.92 18.09 105.47
C LEU Z 385 -17.16 17.87 104.63
N SER Z 386 -17.58 18.92 103.92
CA SER Z 386 -18.96 19.03 103.45
C SER Z 386 -19.07 19.19 101.94
N ASP Z 387 -18.17 18.55 101.19
CA ASP Z 387 -18.28 18.34 99.73
C ASP Z 387 -18.31 19.60 98.88
N ASP Z 388 -18.21 20.78 99.49
CA ASP Z 388 -18.15 22.04 98.77
C ASP Z 388 -16.88 22.79 99.09
N ASP Z 389 -15.94 22.15 99.74
CA ASP Z 389 -14.75 22.79 100.24
C ASP Z 389 -13.80 23.08 99.08
N PRO Z 390 -12.97 24.10 99.21
CA PRO Z 390 -11.97 24.39 98.19
C PRO Z 390 -10.93 23.28 98.11
N ILE Z 391 -10.42 23.07 96.89
CA ILE Z 391 -9.54 21.96 96.59
C ILE Z 391 -8.17 22.49 96.17
N ASP Z 392 -7.12 21.76 96.54
CA ASP Z 392 -5.75 22.15 96.23
C ASP Z 392 -5.10 20.95 95.57
N VAL Z 393 -5.16 20.87 94.26
CA VAL Z 393 -4.62 19.74 93.52
C VAL Z 393 -3.36 20.20 92.83
N ALA Z 394 -2.21 19.77 93.35
CA ALA Z 394 -0.95 20.07 92.70
C ALA Z 394 -0.82 19.21 91.45
N VAL Z 395 -0.36 19.83 90.38
CA VAL Z 395 -0.22 19.14 89.11
C VAL Z 395 0.97 18.21 89.22
N SER Z 396 0.69 16.91 89.23
CA SER Z 396 1.71 15.89 89.45
C SER Z 396 2.30 15.52 88.10
N THR Z 397 3.56 15.87 87.90
CA THR Z 397 4.25 15.62 86.66
C THR Z 397 5.51 14.81 86.92
N ASN Z 398 6.13 14.38 85.82
CA ASN Z 398 7.47 13.85 85.88
C ASN Z 398 8.49 14.96 85.83
N ARG Z 399 8.17 16.05 85.13
CA ARG Z 399 9.09 17.12 84.78
C ARG Z 399 8.53 18.44 85.30
N ILE Z 400 9.15 19.55 84.93
CA ILE Z 400 8.76 20.86 85.46
C ILE Z 400 7.68 21.45 84.57
N ALA Z 401 6.62 21.96 85.19
CA ALA Z 401 5.52 22.56 84.43
C ALA Z 401 4.82 23.59 85.30
N ILE Z 402 4.97 24.87 84.95
CA ILE Z 402 4.34 25.97 85.67
C ILE Z 402 3.13 26.42 84.89
N LEU Z 403 1.96 26.37 85.53
CA LEU Z 403 0.70 26.55 84.82
C LEU Z 403 0.51 27.99 84.34
N LYS Z 404 0.01 28.14 83.12
CA LYS Z 404 -0.04 29.46 82.52
C LYS Z 404 -1.39 29.81 81.88
N TYR Z 405 -2.18 28.83 81.48
CA TYR Z 405 -3.48 29.16 80.90
C TYR Z 405 -4.51 28.11 81.29
N ALA Z 406 -5.77 28.40 80.95
CA ALA Z 406 -6.88 27.49 81.21
C ALA Z 406 -7.94 27.73 80.14
N VAL Z 407 -8.10 26.78 79.24
CA VAL Z 407 -9.00 26.95 78.11
C VAL Z 407 -10.01 25.80 78.09
N PRO Z 408 -11.29 26.07 78.06
CA PRO Z 408 -12.26 24.97 77.97
C PRO Z 408 -12.37 24.45 76.55
N PHE Z 409 -12.27 23.14 76.36
CA PHE Z 409 -12.15 22.61 75.02
C PHE Z 409 -13.30 21.73 74.57
N SER Z 410 -13.51 20.57 75.20
CA SER Z 410 -14.60 19.70 74.77
C SER Z 410 -15.57 19.37 75.88
N GLU Z 411 -15.10 18.83 76.97
CA GLU Z 411 -15.95 18.63 78.14
C GLU Z 411 -15.15 18.86 79.41
N GLU Z 412 -13.98 19.47 79.33
CA GLU Z 412 -12.94 19.14 80.28
C GLU Z 412 -12.35 20.33 81.04
N LEU Z 413 -12.27 21.50 80.42
CA LEU Z 413 -11.58 22.68 80.93
C LEU Z 413 -10.12 22.31 81.19
N LEU Z 414 -9.38 22.03 80.14
CA LEU Z 414 -8.01 21.58 80.32
C LEU Z 414 -7.08 22.79 80.46
N ILE Z 415 -5.93 22.54 81.09
CA ILE Z 415 -5.06 23.60 81.59
C ILE Z 415 -3.66 23.38 81.04
N TRP Z 416 -3.10 24.41 80.40
CA TRP Z 416 -1.86 24.27 79.65
C TRP Z 416 -0.69 24.91 80.38
N SER Z 417 0.49 24.33 80.20
CA SER Z 417 1.68 24.93 80.80
C SER Z 417 2.92 24.59 79.98
N ASP Z 418 3.18 25.37 78.94
CA ASP Z 418 4.52 25.69 78.43
C ASP Z 418 5.34 24.50 77.90
N GLU Z 419 5.07 23.29 78.34
CA GLU Z 419 5.67 22.11 77.77
C GLU Z 419 4.75 20.90 77.81
N ALA Z 420 3.69 20.93 78.62
CA ALA Z 420 2.73 19.84 78.71
C ALA Z 420 1.35 20.43 78.82
N GLN Z 421 0.34 19.57 78.80
CA GLN Z 421 -1.06 19.98 78.77
C GLN Z 421 -1.87 19.07 79.68
N PHE Z 422 -2.75 19.64 80.49
CA PHE Z 422 -3.33 18.93 81.63
C PHE Z 422 -4.83 19.06 81.63
N VAL Z 423 -5.54 17.93 81.73
CA VAL Z 423 -7.00 17.89 81.76
C VAL Z 423 -7.48 17.76 83.20
N LEU Z 424 -8.39 18.63 83.60
CA LEU Z 424 -8.87 18.73 84.98
C LEU Z 424 -10.32 18.28 85.01
N THR Z 425 -10.53 16.97 85.20
CA THR Z 425 -11.87 16.43 85.43
C THR Z 425 -11.78 15.44 86.59
N ALA Z 426 -12.94 15.14 87.17
CA ALA Z 426 -12.96 14.25 88.33
C ALA Z 426 -13.64 12.93 87.98
N SER Z 427 -13.46 11.96 88.87
CA SER Z 427 -14.10 10.66 88.75
C SER Z 427 -15.05 10.49 89.93
N GLY Z 428 -16.34 10.66 89.68
CA GLY Z 428 -17.32 10.59 90.74
C GLY Z 428 -18.35 11.68 90.68
N THR Z 429 -18.38 12.54 91.69
CA THR Z 429 -19.31 13.65 91.80
C THR Z 429 -18.82 14.81 90.92
N LEU Z 430 -19.33 16.02 91.14
CA LEU Z 430 -18.76 17.19 90.49
C LEU Z 430 -17.28 17.37 90.80
N THR Z 431 -17.03 17.74 92.04
CA THR Z 431 -15.71 18.12 92.52
C THR Z 431 -15.74 17.96 94.02
N SER Z 432 -14.97 17.01 94.53
CA SER Z 432 -14.73 16.87 95.95
C SER Z 432 -13.25 17.10 96.12
N LYS Z 433 -12.68 16.76 97.28
CA LYS Z 433 -11.24 16.61 97.37
C LYS Z 433 -10.70 15.58 96.37
N SER Z 434 -11.51 14.60 95.99
CA SER Z 434 -11.18 13.66 94.91
C SER Z 434 -11.50 14.26 93.55
N VAL Z 435 -10.48 14.89 92.94
CA VAL Z 435 -10.54 15.44 91.59
C VAL Z 435 -9.26 15.03 90.86
N GLU Z 436 -9.42 14.39 89.70
CA GLU Z 436 -8.26 13.86 88.98
C GLU Z 436 -7.59 14.94 88.16
N LEU Z 437 -6.35 14.68 87.74
CA LEU Z 437 -5.59 15.59 86.91
C LEU Z 437 -4.52 14.78 86.19
N ASN Z 438 -4.59 14.75 84.86
CA ASN Z 438 -3.67 13.93 84.08
C ASN Z 438 -3.18 14.75 82.90
N LEU Z 439 -2.04 14.35 82.35
CA LEU Z 439 -1.45 15.05 81.22
C LEU Z 439 -1.70 14.27 79.94
N THR Z 440 -2.38 14.89 78.99
CA THR Z 440 -2.67 14.21 77.74
C THR Z 440 -1.54 14.30 76.74
N THR Z 441 -1.26 15.50 76.26
CA THR Z 441 -0.35 15.68 75.13
C THR Z 441 0.72 16.69 75.50
N GLN Z 442 1.98 16.30 75.31
CA GLN Z 442 3.11 17.07 75.84
C GLN Z 442 3.69 18.03 74.79
N PHE Z 443 2.84 18.87 74.20
CA PHE Z 443 3.27 19.81 73.16
C PHE Z 443 3.85 21.08 73.75
N ASP Z 444 4.58 21.81 72.92
CA ASP Z 444 5.20 23.07 73.33
C ASP Z 444 4.35 24.25 72.89
N VAL Z 445 4.19 25.21 73.79
CA VAL Z 445 3.27 26.32 73.61
C VAL Z 445 3.87 27.60 74.19
N GLN Z 446 3.80 28.68 73.42
CA GLN Z 446 4.37 29.95 73.83
C GLN Z 446 3.52 30.59 74.92
N ASP Z 447 4.17 31.33 75.80
CA ASP Z 447 3.57 31.79 77.04
C ASP Z 447 2.94 33.17 76.95
N ARG Z 448 2.92 33.78 75.77
CA ARG Z 448 2.49 35.17 75.65
C ARG Z 448 1.26 35.33 74.76
N ALA Z 449 0.61 34.23 74.42
CA ALA Z 449 -0.61 34.28 73.62
C ALA Z 449 -1.64 33.35 74.25
N ARG Z 450 -2.84 33.78 74.24
CA ARG Z 450 -3.84 32.96 74.88
C ARG Z 450 -4.45 32.04 73.85
N PRO Z 451 -4.46 30.73 74.11
CA PRO Z 451 -5.04 29.78 73.15
C PRO Z 451 -6.52 30.00 72.91
N PHE Z 452 -6.85 30.39 71.70
CA PHE Z 452 -8.18 30.86 71.33
C PHE Z 452 -8.93 29.75 70.61
N GLY Z 453 -10.19 29.59 70.94
CA GLY Z 453 -11.02 28.54 70.39
C GLY Z 453 -12.01 29.11 69.39
N ILE Z 454 -12.19 28.40 68.28
CA ILE Z 454 -13.14 28.83 67.28
C ILE Z 454 -14.30 27.88 67.18
N GLY Z 455 -14.04 26.65 66.77
CA GLY Z 455 -15.11 25.69 66.65
C GLY Z 455 -14.87 24.51 67.55
N ARG Z 456 -14.52 23.38 66.94
CA ARG Z 456 -14.08 22.23 67.69
C ARG Z 456 -12.59 22.30 67.99
N ASN Z 457 -11.89 23.30 67.46
CA ASN Z 457 -10.47 23.42 67.61
C ASN Z 457 -10.11 24.53 68.58
N VAL Z 458 -8.84 24.59 68.97
CA VAL Z 458 -8.26 25.68 69.73
C VAL Z 458 -6.89 26.00 69.15
N TYR Z 459 -6.66 27.24 68.79
CA TYR Z 459 -5.44 27.62 68.08
C TYR Z 459 -4.47 28.31 69.03
N PHE Z 460 -3.18 28.07 68.81
CA PHE Z 460 -2.16 28.53 69.74
C PHE Z 460 -0.82 28.59 69.02
N ALA Z 461 0.15 29.21 69.67
CA ALA Z 461 1.46 29.43 69.07
C ALA Z 461 2.49 28.52 69.71
N SER Z 462 3.64 28.41 69.07
CA SER Z 462 4.71 27.55 69.56
C SER Z 462 6.03 28.29 69.47
N PRO Z 463 6.92 28.07 70.42
CA PRO Z 463 8.19 28.80 70.42
C PRO Z 463 9.25 28.20 69.51
N ARG Z 464 9.24 28.54 68.23
CA ARG Z 464 10.49 28.46 67.49
C ARG Z 464 11.38 29.63 67.87
N SER Z 465 12.61 29.61 67.38
CA SER Z 465 13.53 30.71 67.67
C SER Z 465 13.10 31.98 66.95
N SER Z 466 13.09 31.94 65.64
CA SER Z 466 12.50 32.96 64.82
C SER Z 466 11.54 32.29 63.84
N PHE Z 467 10.58 33.07 63.34
CA PHE Z 467 9.56 32.61 62.39
C PHE Z 467 8.72 31.47 62.96
N THR Z 468 7.93 31.83 63.97
CA THR Z 468 7.22 30.85 64.79
C THR Z 468 6.05 30.21 64.03
N SER Z 469 5.33 29.36 64.74
CA SER Z 469 4.36 28.47 64.14
C SER Z 469 3.04 28.61 64.88
N ILE Z 470 1.97 28.13 64.25
CA ILE Z 470 0.64 28.07 64.85
C ILE Z 470 0.13 26.65 64.69
N HIS Z 471 -0.52 26.12 65.73
CA HIS Z 471 -0.95 24.73 65.73
C HIS Z 471 -2.44 24.61 65.98
N ARG Z 472 -3.08 23.73 65.21
CA ARG Z 472 -4.45 23.31 65.44
C ARG Z 472 -4.48 22.19 66.46
N TYR Z 473 -5.37 22.31 67.44
CA TYR Z 473 -5.42 21.37 68.55
C TYR Z 473 -6.73 20.61 68.50
N TYR Z 474 -6.65 19.31 68.22
CA TYR Z 474 -7.78 18.45 67.92
C TYR Z 474 -8.42 17.87 69.17
N ALA Z 475 -9.57 17.26 68.94
CA ALA Z 475 -9.98 16.05 69.63
C ALA Z 475 -10.21 15.02 68.54
N VAL Z 476 -9.51 13.90 68.62
CA VAL Z 476 -9.50 12.98 67.50
C VAL Z 476 -10.84 12.27 67.39
N GLN Z 477 -11.06 11.66 66.24
CA GLN Z 477 -12.37 11.05 66.00
C GLN Z 477 -12.45 9.64 66.59
N ASP Z 478 -11.37 8.87 66.51
CA ASP Z 478 -11.48 7.44 66.71
C ASP Z 478 -11.53 7.07 68.20
N VAL Z 479 -10.64 7.63 69.00
CA VAL Z 479 -10.56 7.23 70.40
C VAL Z 479 -11.65 8.01 71.12
N SER Z 480 -11.90 7.67 72.39
CA SER Z 480 -12.78 8.47 73.22
C SER Z 480 -12.18 9.85 73.50
N SER Z 481 -11.03 9.87 74.17
CA SER Z 481 -10.54 11.12 74.76
C SER Z 481 -9.04 11.32 74.49
N VAL Z 482 -8.62 11.17 73.25
CA VAL Z 482 -7.24 11.43 72.88
C VAL Z 482 -7.16 12.78 72.18
N LYS Z 483 -6.29 13.65 72.68
CA LYS Z 483 -6.06 14.96 72.09
C LYS Z 483 -4.90 14.88 71.10
N ASN Z 484 -4.79 15.91 70.27
CA ASN Z 484 -3.79 15.93 69.22
C ASN Z 484 -3.54 17.37 68.80
N ALA Z 485 -2.33 17.64 68.34
CA ALA Z 485 -2.00 18.97 67.84
C ALA Z 485 -1.24 18.84 66.53
N GLU Z 486 -1.85 19.32 65.45
CA GLU Z 486 -1.22 19.29 64.15
C GLU Z 486 -0.43 20.58 63.95
N ASP Z 487 -0.05 20.86 62.72
CA ASP Z 487 0.72 22.07 62.41
C ASP Z 487 0.10 22.70 61.18
N ILE Z 488 -0.50 23.88 61.34
CA ILE Z 488 -1.18 24.52 60.24
C ILE Z 488 -0.31 25.63 59.68
N THR Z 489 0.96 25.65 60.09
CA THR Z 489 2.00 26.34 59.36
C THR Z 489 3.05 25.37 58.86
N SER Z 490 2.69 24.09 58.72
CA SER Z 490 3.62 23.08 58.26
C SER Z 490 4.06 23.30 56.83
N HIS Z 491 3.25 23.99 56.03
CA HIS Z 491 3.63 24.33 54.68
C HIS Z 491 3.93 25.80 54.51
N VAL Z 492 3.65 26.62 55.51
CA VAL Z 492 4.15 28.00 55.50
C VAL Z 492 4.93 28.26 56.78
N PRO Z 493 6.17 27.87 56.89
CA PRO Z 493 7.01 28.48 57.92
C PRO Z 493 7.64 29.71 57.32
N ASN Z 494 8.49 30.39 58.09
CA ASN Z 494 9.20 31.59 57.65
C ASN Z 494 8.25 32.69 57.23
N TYR Z 495 7.16 32.84 57.98
CA TYR Z 495 6.15 33.83 57.61
C TYR Z 495 5.60 34.63 58.78
N ILE Z 496 5.63 34.15 60.03
CA ILE Z 496 5.10 34.90 61.16
C ILE Z 496 6.22 35.11 62.19
N PRO Z 497 6.68 36.35 62.38
CA PRO Z 497 8.05 36.58 62.85
C PRO Z 497 8.51 36.09 64.22
N ASN Z 498 8.12 36.65 65.35
CA ASN Z 498 8.54 35.96 66.57
C ASN Z 498 7.52 35.98 67.70
N GLY Z 499 6.93 37.12 67.97
CA GLY Z 499 6.16 37.19 69.18
C GLY Z 499 4.68 37.26 68.94
N VAL Z 500 4.00 36.14 69.05
CA VAL Z 500 2.56 36.11 68.91
C VAL Z 500 1.98 36.61 70.22
N PHE Z 501 1.40 37.81 70.21
CA PHE Z 501 0.86 38.36 71.44
C PHE Z 501 -0.65 38.48 71.42
N SER Z 502 -1.30 38.14 70.31
CA SER Z 502 -2.76 38.13 70.29
C SER Z 502 -3.21 37.17 69.20
N ILE Z 503 -4.23 36.38 69.50
CA ILE Z 503 -4.83 35.47 68.55
C ILE Z 503 -6.31 35.82 68.48
N CYS Z 504 -6.75 36.29 67.32
CA CYS Z 504 -8.12 36.71 67.11
C CYS Z 504 -8.95 35.54 66.63
N GLY Z 505 -10.14 35.86 66.12
CA GLY Z 505 -10.91 34.86 65.42
C GLY Z 505 -12.36 35.26 65.39
N SER Z 506 -13.12 34.54 64.58
CA SER Z 506 -14.57 34.67 64.54
C SER Z 506 -15.12 33.41 63.94
N GLY Z 507 -16.09 32.82 64.61
CA GLY Z 507 -16.75 31.66 64.06
C GLY Z 507 -17.72 31.96 62.95
N THR Z 508 -18.07 33.23 62.75
CA THR Z 508 -19.02 33.56 61.71
C THR Z 508 -18.37 33.55 60.34
N GLU Z 509 -17.34 34.35 60.14
CA GLU Z 509 -16.67 34.42 58.85
C GLU Z 509 -15.55 33.39 58.72
N ASN Z 510 -15.33 32.57 59.74
CA ASN Z 510 -14.45 31.39 59.71
C ASN Z 510 -13.00 31.75 59.41
N PHE Z 511 -12.36 32.49 60.32
CA PHE Z 511 -10.93 32.68 60.23
C PHE Z 511 -10.30 32.75 61.61
N CYS Z 512 -8.98 32.65 61.62
CA CYS Z 512 -8.15 32.91 62.78
C CYS Z 512 -7.03 33.83 62.35
N SER Z 513 -6.74 34.85 63.13
CA SER Z 513 -5.64 35.71 62.77
C SER Z 513 -4.72 35.89 63.96
N VAL Z 514 -3.51 36.36 63.67
CA VAL Z 514 -2.43 36.41 64.63
C VAL Z 514 -1.66 37.70 64.43
N LEU Z 515 -1.52 38.48 65.49
CA LEU Z 515 -0.66 39.64 65.50
C LEU Z 515 0.72 39.25 65.99
N SER Z 516 1.70 40.09 65.70
CA SER Z 516 3.07 39.71 66.04
C SER Z 516 3.92 40.94 66.28
N HIS Z 517 4.76 40.88 67.31
CA HIS Z 517 5.71 41.94 67.61
C HIS Z 517 7.07 41.55 67.02
N GLY Z 518 7.05 41.27 65.73
CA GLY Z 518 8.30 41.09 65.02
C GLY Z 518 8.24 41.80 63.69
N ASP Z 519 7.04 42.17 63.30
CA ASP Z 519 6.76 42.93 62.09
C ASP Z 519 5.33 43.45 62.25
N PRO Z 520 5.12 44.46 63.09
CA PRO Z 520 3.79 44.73 63.64
C PRO Z 520 2.82 45.41 62.68
N SER Z 521 3.13 45.51 61.40
CA SER Z 521 2.22 46.09 60.44
C SER Z 521 1.35 45.05 59.78
N LYS Z 522 1.37 43.82 60.25
CA LYS Z 522 0.76 42.70 59.54
C LYS Z 522 -0.21 41.95 60.44
N ILE Z 523 -1.42 41.75 59.95
CA ILE Z 523 -2.39 40.87 60.58
C ILE Z 523 -2.41 39.56 59.80
N PHE Z 524 -1.91 38.50 60.39
CA PHE Z 524 -1.69 37.25 59.68
C PHE Z 524 -2.95 36.40 59.69
N MET Z 525 -3.76 36.53 58.65
CA MET Z 525 -5.05 35.86 58.56
C MET Z 525 -4.87 34.40 58.18
N TYR Z 526 -5.68 33.53 58.77
CA TYR Z 526 -5.75 32.11 58.41
C TYR Z 526 -7.23 31.77 58.22
N LYS Z 527 -7.70 31.77 56.98
CA LYS Z 527 -9.10 31.51 56.72
C LYS Z 527 -9.31 30.05 56.36
N PHE Z 528 -10.27 29.41 57.03
CA PHE Z 528 -10.54 28.00 56.89
C PHE Z 528 -12.01 27.78 56.62
N LEU Z 529 -12.35 26.59 56.17
CA LEU Z 529 -13.75 26.20 55.97
C LEU Z 529 -13.84 24.69 56.08
N TYR Z 530 -14.44 24.21 57.16
CA TYR Z 530 -14.73 22.79 57.28
C TYR Z 530 -16.04 22.46 56.58
N LEU Z 531 -16.07 21.30 55.94
CA LEU Z 531 -17.26 20.87 55.21
C LEU Z 531 -17.20 19.35 55.15
N ASN Z 532 -18.17 18.68 55.78
CA ASN Z 532 -18.22 17.23 55.96
C ASN Z 532 -16.97 16.71 56.66
N GLU Z 533 -16.57 17.38 57.74
CA GLU Z 533 -15.51 17.01 58.67
C GLU Z 533 -14.13 16.96 58.02
N GLU Z 534 -13.96 17.46 56.81
CA GLU Z 534 -12.68 17.51 56.13
C GLU Z 534 -12.37 18.96 55.78
N LEU Z 535 -11.15 19.39 56.08
CA LEU Z 535 -10.82 20.79 55.90
C LEU Z 535 -10.49 21.05 54.44
N ARG Z 536 -11.06 22.11 53.88
CA ARG Z 536 -11.00 22.35 52.44
C ARG Z 536 -10.33 23.66 52.08
N GLN Z 537 -9.79 24.40 53.05
CA GLN Z 537 -9.15 25.68 52.75
C GLN Z 537 -8.13 26.00 53.83
N GLN Z 538 -6.86 25.80 53.53
CA GLN Z 538 -5.77 26.26 54.39
C GLN Z 538 -5.18 27.50 53.74
N SER Z 539 -5.80 28.63 53.97
CA SER Z 539 -5.33 29.86 53.34
C SER Z 539 -4.62 30.74 54.34
N TRP Z 540 -3.61 31.43 53.86
CA TRP Z 540 -2.90 32.43 54.63
C TRP Z 540 -2.81 33.71 53.83
N SER Z 541 -2.70 34.82 54.54
CA SER Z 541 -2.44 36.11 53.93
C SER Z 541 -1.82 36.97 55.02
N HIS Z 542 -1.60 38.24 54.71
CA HIS Z 542 -1.39 39.21 55.77
C HIS Z 542 -1.87 40.58 55.32
N TRP Z 543 -2.63 41.22 56.18
CA TRP Z 543 -3.19 42.52 55.88
C TRP Z 543 -2.23 43.61 56.34
N ASP Z 544 -1.85 44.49 55.43
CA ASP Z 544 -1.12 45.71 55.76
C ASP Z 544 -2.09 46.87 55.72
N PHE Z 545 -1.91 47.81 56.63
CA PHE Z 545 -2.73 49.00 56.70
C PHE Z 545 -1.92 50.22 56.34
N GLY Z 546 -0.95 50.04 55.46
CA GLY Z 546 0.00 51.09 55.14
C GLY Z 546 1.29 50.83 55.91
N GLU Z 547 2.39 51.23 55.32
CA GLU Z 547 3.68 51.03 55.97
C GLU Z 547 3.83 51.99 57.14
N ASN Z 548 4.73 51.63 58.06
CA ASN Z 548 5.03 52.36 59.29
C ASN Z 548 3.78 52.55 60.14
N VAL Z 549 2.93 51.54 60.21
CA VAL Z 549 1.68 51.57 60.97
C VAL Z 549 1.59 50.31 61.81
N GLN Z 550 1.52 50.48 63.13
CA GLN Z 550 1.54 49.35 64.04
C GLN Z 550 0.12 48.96 64.45
N VAL Z 551 -0.23 47.71 64.24
CA VAL Z 551 -1.54 47.19 64.61
C VAL Z 551 -1.38 46.57 65.99
N LEU Z 552 -1.95 47.21 67.00
CA LEU Z 552 -1.69 46.85 68.38
C LEU Z 552 -2.87 46.20 69.06
N ALA Z 553 -3.95 45.91 68.32
CA ALA Z 553 -5.00 45.02 68.79
C ALA Z 553 -5.85 44.50 67.65
N CYS Z 554 -6.64 43.47 67.95
CA CYS Z 554 -7.56 42.83 67.03
C CYS Z 554 -8.56 41.99 67.81
N GLN Z 555 -9.84 42.35 67.76
CA GLN Z 555 -10.90 41.52 68.27
C GLN Z 555 -12.07 41.62 67.31
N SER Z 556 -13.03 40.72 67.45
CA SER Z 556 -14.11 40.66 66.47
C SER Z 556 -15.40 40.28 67.18
N ILE Z 557 -16.32 41.24 67.29
CA ILE Z 557 -17.71 40.94 67.58
C ILE Z 557 -18.25 40.47 66.25
N SER Z 558 -19.44 39.87 66.24
CA SER Z 558 -19.89 38.79 65.36
C SER Z 558 -19.36 38.79 63.93
N SER Z 559 -19.47 39.91 63.24
CA SER Z 559 -18.87 40.00 61.92
C SER Z 559 -18.23 41.36 61.71
N ASP Z 560 -17.85 42.03 62.78
CA ASP Z 560 -17.20 43.34 62.71
C ASP Z 560 -15.91 43.27 63.50
N MET Z 561 -14.79 43.47 62.82
CA MET Z 561 -13.47 43.37 63.44
C MET Z 561 -13.02 44.76 63.84
N TYR Z 562 -13.18 45.10 65.12
CA TYR Z 562 -12.78 46.39 65.64
C TYR Z 562 -11.29 46.40 65.94
N VAL Z 563 -10.56 47.29 65.29
CA VAL Z 563 -9.10 47.29 65.30
C VAL Z 563 -8.63 48.67 65.72
N ILE Z 564 -7.84 48.74 66.79
CA ILE Z 564 -7.07 49.96 67.00
C ILE Z 564 -5.73 49.77 66.34
N LEU Z 565 -5.18 50.86 65.83
CA LEU Z 565 -3.95 50.76 65.05
C LEU Z 565 -3.19 52.06 65.20
N ARG Z 566 -1.88 51.94 65.36
CA ARG Z 566 -1.02 53.03 65.77
C ARG Z 566 -0.25 53.55 64.57
N ASN Z 567 -0.31 54.85 64.35
CA ASN Z 567 0.49 55.52 63.34
C ASN Z 567 1.82 55.92 63.98
N GLU Z 568 2.62 56.74 63.35
CA GLU Z 568 3.74 57.33 64.05
C GLU Z 568 3.39 58.69 64.61
N PHE Z 569 2.12 59.02 64.65
CA PHE Z 569 1.70 60.26 65.28
C PHE Z 569 0.51 60.09 66.21
N ASN Z 570 -0.34 59.09 65.99
CA ASN Z 570 -1.60 58.99 66.70
C ASN Z 570 -1.88 57.54 67.06
N THR Z 571 -3.11 57.28 67.48
CA THR Z 571 -3.60 55.94 67.74
C THR Z 571 -5.08 55.93 67.41
N PHE Z 572 -5.50 55.02 66.55
CA PHE Z 572 -6.80 55.08 65.91
C PHE Z 572 -7.76 54.08 66.54
N LEU Z 573 -8.94 53.96 65.92
CA LEU Z 573 -9.86 52.88 66.16
C LEU Z 573 -10.72 52.71 64.91
N ALA Z 574 -11.10 51.48 64.61
CA ALA Z 574 -11.63 51.21 63.28
C ALA Z 574 -12.71 50.13 63.36
N ARG Z 575 -13.20 49.76 62.18
CA ARG Z 575 -14.25 48.76 62.06
C ARG Z 575 -14.18 48.12 60.69
N ILE Z 576 -13.80 46.86 60.63
CA ILE Z 576 -13.72 46.10 59.39
C ILE Z 576 -14.96 45.24 59.30
N SER Z 577 -15.85 45.58 58.39
CA SER Z 577 -17.15 44.92 58.27
C SER Z 577 -17.15 44.00 57.08
N PHE Z 578 -17.57 42.76 57.29
CA PHE Z 578 -17.54 41.74 56.25
C PHE Z 578 -18.80 41.73 55.40
N THR Z 579 -19.45 42.87 55.24
CA THR Z 579 -20.61 42.98 54.37
C THR Z 579 -20.24 42.69 52.93
N LYS Z 580 -21.22 42.21 52.17
CA LYS Z 580 -20.94 41.74 50.82
C LYS Z 580 -21.16 42.82 49.77
N ASN Z 581 -22.38 43.35 49.69
CA ASN Z 581 -22.69 44.42 48.77
C ASN Z 581 -23.23 45.67 49.46
N ALA Z 582 -23.36 45.63 50.78
CA ALA Z 582 -23.89 46.77 51.51
C ALA Z 582 -22.89 47.92 51.51
N ILE Z 583 -23.36 49.07 51.95
CA ILE Z 583 -22.60 50.30 51.90
C ILE Z 583 -22.18 50.65 53.31
N ASP Z 584 -20.91 51.00 53.49
CA ASP Z 584 -20.38 51.25 54.83
C ASP Z 584 -20.94 52.53 55.42
N LEU Z 585 -20.63 53.66 54.80
CA LEU Z 585 -21.11 54.93 55.31
C LEU Z 585 -22.31 55.40 54.50
N GLN Z 586 -23.07 56.32 55.06
CA GLN Z 586 -24.31 56.78 54.42
C GLN Z 586 -23.97 57.63 53.21
N GLY Z 587 -24.34 57.15 52.03
CA GLY Z 587 -23.91 57.73 50.77
C GLY Z 587 -23.12 56.70 50.02
N GLU Z 588 -21.92 57.06 49.52
CA GLU Z 588 -20.90 56.16 48.99
C GLU Z 588 -21.40 55.21 47.92
N PRO Z 589 -21.56 55.65 46.69
CA PRO Z 589 -22.29 54.88 45.68
C PRO Z 589 -21.78 53.48 45.34
N TYR Z 590 -20.55 53.10 45.72
CA TYR Z 590 -20.11 51.76 45.36
C TYR Z 590 -19.26 51.02 46.39
N ARG Z 591 -19.32 51.36 47.68
CA ARG Z 591 -18.49 50.80 48.76
C ARG Z 591 -17.01 50.97 48.44
N ALA Z 592 -16.53 52.19 48.51
CA ALA Z 592 -15.18 52.51 48.09
C ALA Z 592 -14.17 51.87 49.02
N PHE Z 593 -13.30 51.03 48.48
CA PHE Z 593 -12.23 50.41 49.25
C PHE Z 593 -11.17 51.47 49.54
N MET Z 594 -11.06 51.87 50.80
CA MET Z 594 -10.39 53.12 51.15
C MET Z 594 -9.41 53.05 52.32
N ASP Z 595 -9.36 51.97 53.10
CA ASP Z 595 -8.32 51.65 54.09
C ASP Z 595 -8.35 52.54 55.34
N MET Z 596 -9.13 53.63 55.28
CA MET Z 596 -9.55 54.55 56.32
C MET Z 596 -10.76 55.20 55.67
N LYS Z 597 -11.79 55.55 56.44
CA LYS Z 597 -12.99 55.99 55.73
C LYS Z 597 -13.80 56.94 56.62
N ILE Z 598 -13.69 58.23 56.33
CA ILE Z 598 -14.48 59.23 57.01
C ILE Z 598 -15.65 59.64 56.13
N ARG Z 599 -16.59 60.37 56.72
CA ARG Z 599 -17.67 61.00 56.00
C ARG Z 599 -17.65 62.46 56.41
N TYR Z 600 -17.02 63.30 55.60
CA TYR Z 600 -16.73 64.67 55.98
C TYR Z 600 -17.63 65.62 55.19
N THR Z 601 -18.09 66.66 55.86
CA THR Z 601 -18.77 67.76 55.22
C THR Z 601 -17.81 68.93 55.14
N ILE Z 602 -17.68 69.50 53.95
CA ILE Z 602 -16.74 70.61 53.75
C ILE Z 602 -17.25 71.84 54.49
N PRO Z 603 -16.43 72.50 55.28
CA PRO Z 603 -16.92 73.67 56.02
C PRO Z 603 -17.13 74.89 55.15
N SER Z 604 -17.45 76.04 55.76
CA SER Z 604 -17.80 77.22 55.00
C SER Z 604 -16.58 77.82 54.31
N GLY Z 605 -15.60 78.27 55.09
CA GLY Z 605 -14.49 78.94 54.45
C GLY Z 605 -13.34 78.02 54.13
N THR Z 606 -13.34 77.49 52.91
CA THR Z 606 -12.20 76.77 52.35
C THR Z 606 -11.89 77.16 50.91
N TYR Z 607 -12.84 77.71 50.18
CA TYR Z 607 -12.72 77.93 48.74
C TYR Z 607 -12.16 79.32 48.49
N ASN Z 608 -10.92 79.39 48.02
CA ASN Z 608 -10.38 80.66 47.55
C ASN Z 608 -11.05 81.01 46.23
N ASP Z 609 -11.60 82.23 46.16
CA ASP Z 609 -12.31 82.64 44.95
C ASP Z 609 -11.37 82.90 43.80
N ASP Z 610 -10.10 83.20 44.09
CA ASP Z 610 -9.14 83.46 43.03
C ASP Z 610 -8.77 82.19 42.29
N THR Z 611 -8.24 81.21 43.00
CA THR Z 611 -7.87 79.94 42.37
C THR Z 611 -9.12 79.06 42.28
N PHE Z 612 -8.93 77.81 41.85
CA PHE Z 612 -10.04 76.92 41.56
C PHE Z 612 -10.27 75.88 42.65
N THR Z 613 -9.30 75.65 43.53
CA THR Z 613 -9.35 74.53 44.46
C THR Z 613 -9.88 74.96 45.82
N THR Z 614 -10.35 73.98 46.58
CA THR Z 614 -10.66 74.14 48.00
C THR Z 614 -9.53 73.54 48.82
N SER Z 615 -9.45 73.97 50.07
CA SER Z 615 -8.37 73.53 50.96
C SER Z 615 -8.98 72.70 52.10
N ILE Z 616 -8.91 71.39 51.96
CA ILE Z 616 -9.35 70.47 53.00
C ILE Z 616 -8.15 70.11 53.84
N HIS Z 617 -8.29 70.21 55.16
CA HIS Z 617 -7.17 70.08 56.10
C HIS Z 617 -7.29 68.74 56.81
N ILE Z 618 -6.37 67.82 56.50
CA ILE Z 618 -6.50 66.45 57.00
C ILE Z 618 -6.33 66.25 58.52
N PRO Z 619 -5.67 67.09 59.32
CA PRO Z 619 -5.86 66.95 60.76
C PRO Z 619 -7.25 67.31 61.27
N THR Z 620 -8.07 68.01 60.49
CA THR Z 620 -9.42 68.31 60.95
C THR Z 620 -10.43 67.27 60.51
N ILE Z 621 -10.25 66.66 59.34
CA ILE Z 621 -11.20 65.64 58.90
C ILE Z 621 -10.99 64.33 59.63
N TYR Z 622 -9.82 64.12 60.21
CA TYR Z 622 -9.49 63.01 61.07
C TYR Z 622 -9.20 63.56 62.45
N GLY Z 623 -8.67 62.71 63.32
CA GLY Z 623 -8.26 63.19 64.62
C GLY Z 623 -7.05 64.09 64.50
N ALA Z 624 -5.98 63.57 63.92
CA ALA Z 624 -4.72 64.31 63.81
C ALA Z 624 -3.93 63.71 62.65
N ASN Z 625 -2.63 63.98 62.65
CA ASN Z 625 -1.78 63.83 61.47
C ASN Z 625 -1.65 62.37 61.01
N PHE Z 626 -1.07 62.21 59.84
CA PHE Z 626 -0.84 60.96 59.17
C PHE Z 626 0.65 60.78 58.87
N GLY Z 627 0.96 59.70 58.18
CA GLY Z 627 2.32 59.43 57.77
C GLY Z 627 2.46 59.56 56.27
N ARG Z 628 2.47 58.44 55.57
CA ARG Z 628 2.59 58.46 54.13
C ARG Z 628 1.69 57.41 53.51
N GLY Z 629 1.18 57.72 52.32
CA GLY Z 629 0.22 56.88 51.64
C GLY Z 629 -0.48 57.68 50.56
N LYS Z 630 -1.25 56.97 49.75
CA LYS Z 630 -1.98 57.58 48.65
C LYS Z 630 -3.41 57.79 49.07
N ILE Z 631 -3.92 59.01 48.89
CA ILE Z 631 -5.20 59.43 49.45
C ILE Z 631 -6.19 59.65 48.32
N THR Z 632 -7.35 59.03 48.44
CA THR Z 632 -8.39 59.05 47.42
C THR Z 632 -9.59 59.78 47.98
N VAL Z 633 -10.15 60.70 47.19
CA VAL Z 633 -11.30 61.50 47.58
C VAL Z 633 -12.45 61.14 46.65
N LEU Z 634 -13.57 60.74 47.22
CA LEU Z 634 -14.73 60.28 46.48
C LEU Z 634 -15.93 61.15 46.84
N GLU Z 635 -16.80 61.37 45.85
CA GLU Z 635 -17.94 62.30 45.92
C GLU Z 635 -19.22 61.51 45.65
N PRO Z 636 -20.43 62.06 45.83
CA PRO Z 636 -21.63 61.28 45.53
C PRO Z 636 -21.86 61.01 44.05
N ASP Z 637 -21.14 61.70 43.17
CA ASP Z 637 -21.09 61.34 41.76
C ASP Z 637 -20.03 60.25 41.58
N GLY Z 638 -19.61 60.00 40.35
CA GLY Z 638 -18.53 59.07 40.14
C GLY Z 638 -17.16 59.74 40.19
N LYS Z 639 -17.08 60.89 40.84
CA LYS Z 639 -15.86 61.69 40.85
C LYS Z 639 -14.85 61.08 41.80
N ILE Z 640 -13.70 60.68 41.28
CA ILE Z 640 -12.64 60.05 42.04
C ILE Z 640 -11.37 60.83 41.76
N THR Z 641 -10.85 61.51 42.77
CA THR Z 641 -9.60 62.22 42.63
C THR Z 641 -8.55 61.58 43.50
N VAL Z 642 -7.39 61.31 42.90
CA VAL Z 642 -6.29 60.64 43.57
C VAL Z 642 -5.21 61.65 43.87
N PHE Z 643 -4.82 61.76 45.13
CA PHE Z 643 -3.77 62.66 45.55
C PHE Z 643 -2.53 61.87 45.92
N GLU Z 644 -1.41 62.19 45.30
CA GLU Z 644 -0.18 61.51 45.66
C GLU Z 644 0.38 62.10 46.94
N GLN Z 645 1.27 61.35 47.57
CA GLN Z 645 1.85 61.80 48.82
C GLN Z 645 2.91 62.86 48.55
N PRO Z 646 3.12 63.76 49.49
CA PRO Z 646 4.27 64.67 49.40
C PRO Z 646 5.57 63.93 49.67
N THR Z 647 6.67 64.61 49.40
CA THR Z 647 7.98 63.97 49.52
C THR Z 647 8.34 63.73 50.98
N ALA Z 648 8.09 64.70 51.85
CA ALA Z 648 8.23 64.45 53.28
C ALA Z 648 7.04 63.64 53.79
N GLY Z 649 5.84 64.04 53.40
CA GLY Z 649 4.67 63.20 53.55
C GLY Z 649 3.75 63.56 54.70
N TRP Z 650 2.70 64.33 54.39
CA TRP Z 650 1.50 64.56 55.23
C TRP Z 650 1.81 65.11 56.62
N ASN Z 651 3.00 65.65 56.82
CA ASN Z 651 3.31 66.46 57.98
C ASN Z 651 3.92 67.79 57.59
N SER Z 652 4.64 67.85 56.47
CA SER Z 652 5.06 69.13 55.93
C SER Z 652 3.95 69.76 55.08
N ASP Z 653 3.20 68.94 54.36
CA ASP Z 653 2.07 69.40 53.54
C ASP Z 653 0.83 68.67 54.02
N PRO Z 654 0.14 69.20 55.01
CA PRO Z 654 -1.05 68.52 55.52
C PRO Z 654 -2.30 68.88 54.75
N TRP Z 655 -2.17 69.45 53.58
CA TRP Z 655 -3.33 69.95 52.85
C TRP Z 655 -3.76 68.96 51.77
N LEU Z 656 -4.96 69.20 51.26
CA LEU Z 656 -5.59 68.30 50.31
C LEU Z 656 -6.36 69.17 49.32
N ARG Z 657 -5.81 69.34 48.11
CA ARG Z 657 -6.24 70.40 47.21
C ARG Z 657 -7.31 69.88 46.26
N LEU Z 658 -8.54 69.80 46.77
CA LEU Z 658 -9.65 69.31 45.98
C LEU Z 658 -10.09 70.37 44.98
N SER Z 659 -10.20 70.00 43.71
CA SER Z 659 -10.46 70.95 42.64
C SER Z 659 -11.95 71.08 42.38
N GLY Z 660 -12.45 72.31 42.42
CA GLY Z 660 -13.84 72.65 42.25
C GLY Z 660 -14.28 73.58 43.36
N ASN Z 661 -15.57 73.91 43.37
CA ASN Z 661 -16.15 74.71 44.44
C ASN Z 661 -16.95 73.78 45.35
N LEU Z 662 -16.49 73.67 46.59
CA LEU Z 662 -17.09 72.77 47.57
C LEU Z 662 -17.59 73.62 48.73
N GLU Z 663 -18.86 74.03 48.66
CA GLU Z 663 -19.46 74.74 49.79
C GLU Z 663 -19.83 73.76 50.89
N GLY Z 664 -20.78 72.88 50.59
CA GLY Z 664 -21.05 71.76 51.47
C GLY Z 664 -21.59 70.59 50.66
N ARG Z 665 -20.89 69.46 50.76
CA ARG Z 665 -21.18 68.30 49.93
C ARG Z 665 -20.43 67.13 50.54
N MET Z 666 -21.06 65.96 50.55
CA MET Z 666 -20.50 64.81 51.25
C MET Z 666 -19.27 64.30 50.54
N VAL Z 667 -18.16 64.28 51.24
CA VAL Z 667 -16.87 63.93 50.67
C VAL Z 667 -16.28 62.77 51.45
N TYR Z 668 -15.97 61.68 50.76
CA TYR Z 668 -15.43 60.47 51.39
C TYR Z 668 -13.96 60.36 51.07
N ILE Z 669 -13.12 60.38 52.10
CA ILE Z 669 -11.69 60.45 51.93
C ILE Z 669 -11.07 59.23 52.59
N GLY Z 670 -10.13 58.58 51.90
CA GLY Z 670 -9.44 57.49 52.51
C GLY Z 670 -8.10 57.20 51.86
N PHE Z 671 -7.42 56.19 52.40
CA PHE Z 671 -6.15 55.75 51.87
C PHE Z 671 -6.42 54.80 50.70
N ASN Z 672 -5.41 54.04 50.30
CA ASN Z 672 -5.62 53.00 49.29
C ASN Z 672 -5.05 51.68 49.76
N ILE Z 673 -5.81 50.63 49.51
CA ILE Z 673 -5.37 49.26 49.70
C ILE Z 673 -4.19 48.99 48.78
N ASN Z 674 -3.22 48.24 49.25
CA ASN Z 674 -2.15 47.73 48.39
C ASN Z 674 -2.36 46.23 48.27
N PHE Z 675 -3.15 45.82 47.28
CA PHE Z 675 -3.47 44.42 47.07
C PHE Z 675 -2.44 43.81 46.14
N VAL Z 676 -1.80 42.73 46.58
CA VAL Z 676 -0.77 42.05 45.81
C VAL Z 676 -1.04 40.56 45.91
N TYR Z 677 -0.94 39.85 44.80
CA TYR Z 677 -1.10 38.41 44.80
C TYR Z 677 -0.30 37.82 43.65
N GLU Z 678 0.57 36.87 43.94
CA GLU Z 678 1.24 36.11 42.90
C GLU Z 678 0.51 34.78 42.71
N PHE Z 679 0.57 34.23 41.51
CA PHE Z 679 -0.28 33.08 41.24
C PHE Z 679 0.35 31.79 41.74
N SER Z 680 1.47 31.40 41.14
CA SER Z 680 2.47 30.42 41.56
C SER Z 680 3.45 30.42 40.41
N LYS Z 681 4.52 29.66 40.50
CA LYS Z 681 5.26 29.33 39.30
C LYS Z 681 4.38 28.36 38.53
N PHE Z 682 3.96 28.76 37.33
CA PHE Z 682 3.12 27.92 36.50
C PHE Z 682 3.86 26.67 36.04
N LEU Z 683 3.38 25.49 36.41
CA LEU Z 683 3.88 24.25 35.83
C LEU Z 683 2.75 23.23 35.86
N ILE Z 684 3.05 22.03 35.34
CA ILE Z 684 2.06 20.95 35.28
C ILE Z 684 1.72 20.49 36.68
N LYS Z 685 0.44 20.50 37.02
CA LYS Z 685 -0.01 20.01 38.31
C LYS Z 685 -1.14 19.03 38.07
N GLN Z 686 -0.83 17.74 38.11
CA GLN Z 686 -1.80 16.69 37.87
C GLN Z 686 -2.03 15.89 39.14
N THR Z 687 -3.28 15.49 39.36
CA THR Z 687 -3.67 14.83 40.61
C THR Z 687 -3.24 13.38 40.58
N ALA Z 688 -2.49 12.96 41.59
CA ALA Z 688 -1.89 11.62 41.61
C ALA Z 688 -2.81 10.66 42.36
N ASP Z 689 -3.96 10.39 41.72
CA ASP Z 689 -4.91 9.32 42.08
C ASP Z 689 -5.45 9.50 43.51
N ASP Z 690 -6.21 10.58 43.67
CA ASP Z 690 -7.11 10.81 44.81
C ASP Z 690 -6.35 10.87 46.14
N GLY Z 691 -5.61 11.96 46.32
CA GLY Z 691 -5.08 12.24 47.63
C GLY Z 691 -3.73 12.93 47.71
N SER Z 692 -3.06 13.09 46.58
CA SER Z 692 -1.80 13.82 46.56
C SER Z 692 -1.70 14.58 45.26
N THR Z 693 -1.00 15.71 45.30
CA THR Z 693 -0.77 16.52 44.12
C THR Z 693 0.72 16.48 43.80
N SER Z 694 1.08 15.64 42.85
CA SER Z 694 2.45 15.56 42.37
C SER Z 694 2.58 16.40 41.12
N THR Z 695 3.54 17.31 41.12
CA THR Z 695 3.70 18.22 40.00
C THR Z 695 4.90 17.79 39.17
N GLU Z 696 4.87 18.11 37.89
CA GLU Z 696 5.75 17.47 36.91
C GLU Z 696 6.89 18.41 36.58
N ASP Z 697 8.11 17.94 36.81
CA ASP Z 697 9.31 18.77 36.74
C ASP Z 697 10.12 18.53 35.48
N ILE Z 698 10.11 17.32 34.95
CA ILE Z 698 10.99 16.95 33.85
C ILE Z 698 10.56 17.64 32.58
N GLY Z 699 11.48 18.31 31.93
CA GLY Z 699 11.19 18.90 30.65
C GLY Z 699 11.01 20.40 30.74
N ARG Z 700 11.01 21.03 29.58
CA ARG Z 700 10.88 22.48 29.45
C ARG Z 700 9.47 22.81 29.03
N LEU Z 701 8.81 23.67 29.77
CA LEU Z 701 7.45 24.10 29.48
C LEU Z 701 7.49 25.55 29.05
N GLN Z 702 7.38 25.80 27.75
CA GLN Z 702 7.35 27.15 27.23
C GLN Z 702 5.91 27.65 27.23
N LEU Z 703 5.61 28.63 28.07
CA LEU Z 703 4.27 29.18 28.14
C LEU Z 703 3.96 29.97 26.89
N ARG Z 704 2.66 30.08 26.59
CA ARG Z 704 2.19 30.98 25.56
C ARG Z 704 1.31 32.07 26.14
N ARG Z 705 0.23 31.71 26.84
CA ARG Z 705 -0.70 32.70 27.38
C ARG Z 705 -1.17 32.26 28.76
N ALA Z 706 -1.92 33.14 29.41
CA ALA Z 706 -2.59 32.87 30.67
C ALA Z 706 -3.82 33.76 30.75
N TRP Z 707 -4.65 33.54 31.75
CA TRP Z 707 -5.87 34.33 31.87
C TRP Z 707 -6.28 34.43 33.32
N VAL Z 708 -7.12 35.43 33.61
CA VAL Z 708 -7.68 35.65 34.93
C VAL Z 708 -9.19 35.78 34.79
N ASN Z 709 -9.92 34.80 35.32
CA ASN Z 709 -11.37 34.87 35.34
C ASN Z 709 -11.81 35.83 36.44
N TYR Z 710 -12.47 36.91 36.06
CA TYR Z 710 -12.94 37.91 37.00
C TYR Z 710 -14.45 38.04 36.92
N GLU Z 711 -15.08 38.31 38.06
CA GLU Z 711 -16.55 38.32 38.16
C GLU Z 711 -16.99 39.55 38.93
N ASN Z 712 -17.61 40.50 38.22
CA ASN Z 712 -18.18 41.72 38.79
C ASN Z 712 -17.11 42.54 39.49
N SER Z 713 -16.05 42.86 38.75
CA SER Z 713 -14.85 43.44 39.33
C SER Z 713 -14.47 44.72 38.60
N GLY Z 714 -13.46 45.40 39.12
CA GLY Z 714 -13.07 46.69 38.60
C GLY Z 714 -11.85 46.60 37.72
N THR Z 715 -10.88 47.49 37.91
CA THR Z 715 -9.68 47.54 37.10
C THR Z 715 -8.48 47.04 37.89
N PHE Z 716 -7.61 46.29 37.22
CA PHE Z 716 -6.42 45.76 37.86
C PHE Z 716 -5.30 45.58 36.84
N ASP Z 717 -4.10 45.25 37.34
CA ASP Z 717 -2.87 45.30 36.55
C ASP Z 717 -2.05 44.04 36.77
N ILE Z 718 -1.96 43.19 35.75
CA ILE Z 718 -1.31 41.89 35.88
C ILE Z 718 0.14 42.07 35.43
N TYR Z 719 1.02 42.35 36.39
CA TYR Z 719 2.43 42.49 36.08
C TYR Z 719 3.05 41.13 35.84
N VAL Z 720 3.91 41.06 34.82
CA VAL Z 720 4.59 39.82 34.44
C VAL Z 720 6.08 40.11 34.39
N GLU Z 721 6.85 39.40 35.22
CA GLU Z 721 8.29 39.58 35.25
C GLU Z 721 8.94 38.34 34.67
N ASN Z 722 10.16 38.52 34.18
CA ASN Z 722 10.93 37.49 33.53
C ASN Z 722 12.32 37.49 34.18
N GLN Z 723 13.28 36.83 33.55
CA GLN Z 723 14.66 36.93 34.02
C GLN Z 723 15.18 38.35 33.91
N SER Z 724 15.06 38.95 32.74
CA SER Z 724 15.56 40.31 32.52
C SER Z 724 14.56 41.11 31.72
N SER Z 725 13.29 41.07 32.10
CA SER Z 725 12.26 41.79 31.37
C SER Z 725 11.14 42.17 32.31
N ASN Z 726 10.26 43.04 31.84
CA ASN Z 726 9.14 43.53 32.62
C ASN Z 726 7.98 43.86 31.70
N TRP Z 727 6.76 43.60 32.16
CA TRP Z 727 5.55 43.89 31.39
C TRP Z 727 4.44 44.30 32.33
N LYS Z 728 3.50 45.12 31.83
CA LYS Z 728 2.52 45.70 32.72
C LYS Z 728 1.12 45.12 32.59
N TYR Z 729 0.52 45.13 31.39
CA TYR Z 729 -0.76 44.50 31.06
C TYR Z 729 -1.90 45.01 31.93
N THR Z 730 -2.28 46.26 31.72
CA THR Z 730 -3.42 46.81 32.42
C THR Z 730 -4.71 46.18 31.93
N MET Z 731 -5.80 46.48 32.63
CA MET Z 731 -7.11 45.98 32.23
C MET Z 731 -8.13 47.02 32.65
N ALA Z 732 -8.74 47.68 31.68
CA ALA Z 732 -9.62 48.80 31.94
C ALA Z 732 -11.00 48.30 32.36
N GLY Z 733 -11.98 49.19 32.37
CA GLY Z 733 -13.32 48.82 32.76
C GLY Z 733 -14.05 48.07 31.66
N ALA Z 734 -15.39 48.08 31.77
CA ALA Z 734 -16.21 47.41 30.78
C ALA Z 734 -16.53 48.28 29.58
N ARG Z 735 -15.79 49.40 29.40
CA ARG Z 735 -15.91 50.41 28.33
C ARG Z 735 -17.31 50.72 27.81
N ARG Z 745 -19.25 55.38 33.53
CA ARG Z 745 -19.37 55.36 34.98
C ARG Z 745 -18.40 54.37 35.59
N LEU Z 746 -18.92 53.52 36.48
CA LEU Z 746 -18.14 52.46 37.10
C LEU Z 746 -17.75 51.39 36.08
N ASN Z 747 -18.77 50.76 35.50
CA ASN Z 747 -18.65 49.69 34.50
C ASN Z 747 -17.83 48.51 35.04
N LEU Z 748 -18.38 47.86 36.07
CA LEU Z 748 -17.80 46.62 36.52
C LEU Z 748 -18.12 45.51 35.52
N GLY Z 749 -17.12 44.70 35.18
CA GLY Z 749 -17.24 43.70 34.16
C GLY Z 749 -17.13 42.29 34.70
N THR Z 750 -17.59 41.34 33.88
CA THR Z 750 -17.71 39.95 34.31
C THR Z 750 -17.18 39.03 33.21
N GLY Z 751 -15.99 39.33 32.70
CA GLY Z 751 -15.47 38.56 31.59
C GLY Z 751 -14.24 37.73 31.90
N GLN Z 752 -13.29 37.69 30.97
CA GLN Z 752 -12.09 36.89 31.09
C GLN Z 752 -10.96 37.61 30.36
N TYR Z 753 -10.07 38.23 31.12
CA TYR Z 753 -8.94 38.95 30.54
C TYR Z 753 -7.83 37.95 30.24
N ARG Z 754 -7.32 37.99 29.02
CA ARG Z 754 -6.41 36.98 28.50
C ARG Z 754 -5.09 37.66 28.14
N PHE Z 755 -4.08 37.46 28.98
CA PHE Z 755 -2.81 38.14 28.78
C PHE Z 755 -1.73 37.16 28.39
N PRO Z 756 -0.82 37.54 27.52
CA PRO Z 756 0.25 36.64 27.15
C PRO Z 756 1.43 36.68 28.09
N VAL Z 757 1.88 35.51 28.52
CA VAL Z 757 3.13 35.35 29.25
C VAL Z 757 3.99 34.37 28.47
N VAL Z 758 5.22 34.79 28.17
CA VAL Z 758 6.10 34.02 27.31
C VAL Z 758 7.39 33.77 28.07
N GLY Z 759 7.81 32.51 28.13
CA GLY Z 759 9.06 32.23 28.79
C GLY Z 759 9.23 30.74 29.05
N ASN Z 760 9.91 30.46 30.15
CA ASN Z 760 10.33 29.11 30.51
C ASN Z 760 9.42 28.47 31.53
N ALA Z 761 8.56 29.26 32.18
CA ALA Z 761 7.61 28.92 33.25
C ALA Z 761 8.29 28.49 34.54
N LYS Z 762 9.61 28.38 34.52
CA LYS Z 762 10.41 28.23 35.71
C LYS Z 762 11.00 29.57 36.09
N PHE Z 763 10.81 30.59 35.25
CA PHE Z 763 11.32 31.91 35.49
C PHE Z 763 10.28 33.00 35.32
N ASN Z 764 9.10 32.68 34.79
CA ASN Z 764 8.03 33.66 34.79
C ASN Z 764 7.36 33.72 36.15
N THR Z 765 6.89 34.90 36.51
CA THR Z 765 6.20 35.09 37.77
C THR Z 765 5.19 36.21 37.57
N VAL Z 766 3.91 35.85 37.59
CA VAL Z 766 2.83 36.79 37.30
C VAL Z 766 2.25 37.26 38.63
N TYR Z 767 2.04 38.56 38.78
CA TYR Z 767 1.49 39.05 40.02
C TYR Z 767 0.53 40.20 39.77
N ILE Z 768 -0.57 40.21 40.51
CA ILE Z 768 -1.69 41.10 40.27
C ILE Z 768 -1.72 42.19 41.33
N LEU Z 769 -1.77 43.43 40.87
CA LEU Z 769 -1.94 44.60 41.71
C LEU Z 769 -3.33 45.17 41.52
N SER Z 770 -3.79 45.94 42.49
CA SER Z 770 -4.99 46.75 42.35
C SER Z 770 -4.97 47.83 43.41
N ASP Z 771 -5.15 49.06 43.00
CA ASP Z 771 -5.23 50.18 43.91
C ASP Z 771 -6.47 51.02 43.73
N GLU Z 772 -7.18 50.86 42.62
CA GLU Z 772 -8.11 51.88 42.16
C GLU Z 772 -9.52 51.67 42.68
N THR Z 773 -9.69 51.45 43.99
CA THR Z 773 -10.89 51.77 44.76
C THR Z 773 -12.08 50.87 44.43
N THR Z 774 -11.97 50.03 43.42
CA THR Z 774 -13.03 49.18 42.93
C THR Z 774 -12.82 47.76 43.41
N PRO Z 775 -13.90 47.00 43.61
CA PRO Z 775 -13.74 45.61 44.04
C PRO Z 775 -13.12 44.75 42.93
N LEU Z 776 -12.60 43.62 43.37
CA LEU Z 776 -11.86 42.70 42.52
C LEU Z 776 -12.22 41.29 42.94
N ASN Z 777 -12.68 40.47 42.01
CA ASN Z 777 -13.05 39.09 42.34
C ASN Z 777 -12.37 38.16 41.34
N ILE Z 778 -11.20 37.66 41.68
CA ILE Z 778 -10.52 36.69 40.83
C ILE Z 778 -11.06 35.31 41.18
N ILE Z 779 -11.88 34.73 40.30
CA ILE Z 779 -12.51 33.46 40.61
C ILE Z 779 -11.80 32.27 39.99
N GLY Z 780 -10.74 32.49 39.22
CA GLY Z 780 -9.99 31.38 38.67
C GLY Z 780 -8.97 31.87 37.68
N CYS Z 781 -8.04 30.98 37.35
CA CYS Z 781 -7.02 31.30 36.37
C CYS Z 781 -6.72 30.06 35.56
N GLY Z 782 -5.71 30.15 34.71
CA GLY Z 782 -5.33 29.02 33.88
C GLY Z 782 -4.39 29.49 32.80
N TRP Z 783 -3.62 28.55 32.29
CA TRP Z 783 -2.54 28.89 31.36
C TRP Z 783 -2.57 27.94 30.17
N GLU Z 784 -1.60 28.15 29.28
CA GLU Z 784 -1.60 27.45 27.99
C GLU Z 784 -0.16 27.41 27.50
N GLY Z 785 0.51 26.28 27.68
CA GLY Z 785 1.93 26.18 27.40
C GLY Z 785 2.28 25.29 26.22
N ASN Z 786 3.54 24.85 26.09
CA ASN Z 786 3.93 24.00 24.98
C ASN Z 786 4.36 22.62 25.46
N TYR Z 787 5.39 22.53 26.32
CA TYR Z 787 5.82 21.31 26.99
C TYR Z 787 6.19 20.14 26.09
N LEU Z 788 7.34 20.23 25.43
CA LEU Z 788 7.96 19.03 24.86
C LEU Z 788 8.88 18.39 25.90
N ARG Z 789 8.85 17.07 25.96
CA ARG Z 789 9.63 16.31 26.94
C ARG Z 789 10.51 15.30 26.23
N ARG Z 790 11.82 15.47 26.35
CA ARG Z 790 12.77 14.54 25.73
C ARG Z 790 13.12 13.40 26.66
N SER Z 791 12.11 12.70 27.14
CA SER Z 791 12.25 11.49 27.94
C SER Z 791 10.93 10.75 27.91
N SER Z 792 10.77 9.76 28.78
CA SER Z 792 9.50 9.09 28.96
C SER Z 792 9.33 8.81 30.45
N GLY Z 793 8.34 8.00 30.80
CA GLY Z 793 7.99 7.83 32.19
C GLY Z 793 8.54 6.56 32.79
N ILE Z 794 7.67 5.55 32.93
CA ILE Z 794 7.97 4.24 33.51
C ILE Z 794 8.59 4.34 34.89
N ALA AA 2 -16.57 17.63 19.25
CA ALA AA 2 -17.18 16.85 18.18
C ALA AA 2 -18.41 16.13 18.70
N LEU AA 3 -19.52 16.88 18.79
CA LEU AA 3 -20.86 16.39 19.08
C LEU AA 3 -20.93 15.67 20.42
N ILE AA 4 -20.75 16.41 21.48
CA ILE AA 4 -20.79 15.91 22.84
C ILE AA 4 -22.23 15.94 23.33
N SER AA 5 -22.62 14.98 24.15
CA SER AA 5 -23.92 15.03 24.81
C SER AA 5 -23.80 14.60 26.27
N GLN AA 6 -24.58 15.25 27.12
CA GLN AA 6 -24.69 14.90 28.52
C GLN AA 6 -26.17 14.73 28.85
N SER AA 7 -26.45 14.18 30.01
CA SER AA 7 -27.83 14.04 30.49
C SER AA 7 -27.82 14.31 31.98
N ILE AA 8 -28.11 15.56 32.35
CA ILE AA 8 -28.29 15.92 33.75
C ILE AA 8 -29.60 15.27 34.21
N LYS AA 9 -29.51 14.21 35.00
CA LYS AA 9 -30.66 13.34 35.13
C LYS AA 9 -31.48 13.55 36.39
N ASN AA 10 -30.96 14.22 37.42
CA ASN AA 10 -31.71 14.34 38.67
C ASN AA 10 -31.76 15.78 39.13
N LEU AA 11 -32.73 16.55 38.63
CA LEU AA 11 -32.81 17.97 38.99
C LEU AA 11 -33.45 18.21 40.34
N LYS AA 12 -32.99 17.51 41.37
CA LYS AA 12 -33.33 17.86 42.74
C LYS AA 12 -32.66 19.19 43.10
N GLY AA 13 -31.34 19.22 43.09
CA GLY AA 13 -30.62 20.46 42.90
C GLY AA 13 -30.69 21.51 43.98
N GLY AA 14 -31.46 22.53 43.71
CA GLY AA 14 -31.41 23.71 44.55
C GLY AA 14 -30.42 24.72 44.01
N ILE AA 15 -30.71 25.99 44.30
CA ILE AA 15 -29.87 27.08 43.87
C ILE AA 15 -28.47 26.94 44.44
N SER AA 16 -27.48 27.38 43.68
CA SER AA 16 -26.13 27.52 44.22
C SER AA 16 -25.48 28.69 43.53
N GLN AA 17 -25.14 29.72 44.30
CA GLN AA 17 -24.51 30.90 43.74
C GLN AA 17 -23.00 30.79 43.70
N GLN AA 18 -22.47 29.56 43.66
CA GLN AA 18 -21.11 29.32 43.27
C GLN AA 18 -20.93 29.69 41.79
N PRO AA 19 -19.70 29.93 41.34
CA PRO AA 19 -19.49 30.21 39.92
C PRO AA 19 -19.80 29.03 38.99
N ASP AA 20 -19.62 29.26 37.69
CA ASP AA 20 -20.05 28.28 36.71
C ASP AA 20 -19.15 27.05 36.73
N ILE AA 21 -17.85 27.26 36.76
CA ILE AA 21 -16.91 26.14 36.88
C ILE AA 21 -16.66 25.96 38.37
N LEU AA 22 -17.71 25.59 39.12
CA LEU AA 22 -17.60 25.10 40.48
C LEU AA 22 -18.65 24.04 40.76
N ARG AA 23 -19.77 24.11 40.06
CA ARG AA 23 -20.99 23.50 40.53
C ARG AA 23 -20.97 22.00 40.36
N TYR AA 24 -21.95 21.36 40.97
CA TYR AA 24 -22.33 19.99 40.67
C TYR AA 24 -23.20 20.07 39.42
N PRO AA 25 -23.70 18.95 38.89
CA PRO AA 25 -24.85 19.07 37.99
C PRO AA 25 -26.10 19.51 38.72
N ASP AA 26 -27.19 19.63 37.98
CA ASP AA 26 -28.57 19.65 38.46
C ASP AA 26 -28.98 20.80 39.37
N GLN AA 27 -28.07 21.72 39.68
CA GLN AA 27 -28.38 22.66 40.74
C GLN AA 27 -29.26 23.82 40.28
N GLY AA 28 -28.77 24.70 39.43
CA GLY AA 28 -29.58 25.85 39.09
C GLY AA 28 -29.10 27.15 39.67
N SER AA 29 -29.50 28.27 39.08
CA SER AA 29 -29.03 29.55 39.55
C SER AA 29 -30.11 30.38 40.23
N ARG AA 30 -31.38 30.13 39.93
CA ARG AA 30 -32.48 30.58 40.78
C ARG AA 30 -33.71 29.72 40.55
N GLN AA 31 -34.39 29.39 41.64
CA GLN AA 31 -35.52 28.47 41.68
C GLN AA 31 -36.59 29.09 42.57
N VAL AA 32 -37.73 29.44 41.99
CA VAL AA 32 -38.81 30.10 42.72
C VAL AA 32 -40.03 29.21 42.66
N ASN AA 33 -40.69 29.04 43.80
CA ASN AA 33 -41.94 28.29 43.96
C ASN AA 33 -41.82 26.83 43.60
N GLY AA 34 -40.60 26.29 43.62
CA GLY AA 34 -40.37 24.92 43.24
C GLY AA 34 -40.45 23.98 44.42
N TRP AA 35 -40.34 22.70 44.10
CA TRP AA 35 -40.40 21.64 45.10
C TRP AA 35 -39.72 20.40 44.57
N SER AA 36 -38.58 20.06 45.12
CA SER AA 36 -37.69 19.07 44.52
C SER AA 36 -37.80 17.76 45.29
N SER AA 37 -38.80 16.96 44.93
CA SER AA 37 -38.92 15.68 45.57
C SER AA 37 -37.89 14.72 44.99
N GLU AA 38 -37.73 13.57 45.65
CA GLU AA 38 -36.71 12.61 45.24
C GLU AA 38 -37.13 11.86 43.98
N THR AA 39 -38.25 11.15 44.04
CA THR AA 39 -38.64 10.30 42.92
C THR AA 39 -39.27 11.11 41.80
N GLU AA 40 -40.39 11.76 42.08
CA GLU AA 40 -40.90 12.75 41.15
C GLU AA 40 -39.96 13.94 41.15
N GLY AA 41 -39.71 14.48 39.97
CA GLY AA 41 -38.56 15.35 39.79
C GLY AA 41 -38.60 16.72 40.42
N LEU AA 42 -39.44 17.60 39.90
CA LEU AA 42 -39.41 19.01 40.31
C LEU AA 42 -40.78 19.59 40.02
N GLN AA 43 -41.55 19.80 41.06
CA GLN AA 43 -42.96 20.12 40.91
C GLN AA 43 -43.22 21.59 41.15
N LYS AA 44 -44.35 22.06 40.66
CA LYS AA 44 -44.88 23.30 41.18
C LYS AA 44 -45.39 23.06 42.59
N ARG AA 45 -45.16 24.03 43.48
CA ARG AA 45 -45.41 23.89 44.91
C ARG AA 45 -46.90 23.73 45.19
N PRO AA 46 -47.28 23.17 46.34
CA PRO AA 46 -48.69 23.04 46.66
C PRO AA 46 -49.38 24.37 46.80
N PRO AA 47 -50.64 24.46 46.43
CA PRO AA 47 -51.23 25.74 46.02
C PRO AA 47 -51.87 26.65 47.07
N LEU AA 48 -51.60 26.49 48.37
CA LEU AA 48 -52.01 27.43 49.41
C LEU AA 48 -53.53 27.61 49.51
N VAL AA 49 -54.23 26.60 50.02
CA VAL AA 49 -55.67 26.64 50.16
C VAL AA 49 -56.06 27.71 51.18
N PHE AA 50 -57.07 28.51 50.83
CA PHE AA 50 -57.49 29.63 51.66
C PHE AA 50 -58.25 29.16 52.88
N LEU AA 51 -58.01 29.82 54.00
CA LEU AA 51 -58.82 29.74 55.20
C LEU AA 51 -59.15 31.16 55.62
N ASN AA 52 -59.97 31.30 56.66
CA ASN AA 52 -60.63 32.56 56.97
C ASN AA 52 -59.64 33.65 57.36
N THR AA 53 -59.93 34.87 56.92
CA THR AA 53 -59.05 36.01 57.17
C THR AA 53 -59.09 36.42 58.63
N LEU AA 54 -58.19 37.32 58.99
CA LEU AA 54 -58.01 37.69 60.39
C LEU AA 54 -58.44 39.11 60.67
N GLY AA 55 -57.91 40.09 59.97
CA GLY AA 55 -58.34 41.46 60.16
C GLY AA 55 -57.74 42.45 59.18
N ASP AA 56 -57.45 43.65 59.65
CA ASP AA 56 -56.85 44.68 58.81
C ASP AA 56 -55.35 44.47 58.69
N ASN AA 57 -54.65 45.49 58.19
CA ASN AA 57 -53.20 45.38 58.04
C ASN AA 57 -52.51 45.37 59.39
N GLY AA 58 -52.96 46.20 60.31
CA GLY AA 58 -52.35 46.23 61.62
C GLY AA 58 -53.16 45.47 62.64
N ALA AA 59 -53.90 44.46 62.18
CA ALA AA 59 -54.65 43.63 63.12
C ALA AA 59 -53.71 42.78 63.96
N LEU AA 60 -52.60 42.37 63.37
CA LEU AA 60 -51.48 41.86 64.14
C LEU AA 60 -50.43 42.96 64.20
N GLY AA 61 -49.40 42.71 64.98
CA GLY AA 61 -48.36 43.71 65.17
C GLY AA 61 -47.53 43.90 63.91
N GLN AA 62 -46.65 44.88 63.97
CA GLN AA 62 -45.78 45.13 62.83
C GLN AA 62 -44.77 44.00 62.65
N ALA AA 63 -44.39 43.32 63.74
CA ALA AA 63 -43.50 42.16 63.67
C ALA AA 63 -43.78 41.22 64.82
N PRO AA 64 -44.88 40.49 64.76
CA PRO AA 64 -45.35 39.73 65.93
C PRO AA 64 -44.62 38.42 66.10
N TYR AA 65 -44.96 37.75 67.21
CA TYR AA 65 -44.40 36.45 67.55
C TYR AA 65 -45.51 35.42 67.52
N ILE AA 66 -45.28 34.32 66.81
CA ILE AA 66 -46.31 33.31 66.54
C ILE AA 66 -45.81 31.99 67.11
N HIS AA 67 -46.72 31.22 67.71
CA HIS AA 67 -46.33 29.91 68.21
C HIS AA 67 -47.52 28.97 68.15
N LEU AA 68 -47.40 27.92 67.36
CA LEU AA 68 -48.50 26.98 67.15
C LEU AA 68 -48.55 25.99 68.30
N ILE AA 69 -49.76 25.54 68.63
CA ILE AA 69 -50.00 24.63 69.75
C ILE AA 69 -50.70 23.41 69.21
N ASN AA 70 -50.08 22.24 69.35
CA ASN AA 70 -50.73 20.96 69.06
C ASN AA 70 -50.84 20.18 70.35
N ARG AA 71 -51.91 20.40 71.11
CA ARG AA 71 -52.17 19.50 72.23
C ARG AA 71 -52.78 18.20 71.74
N ASP AA 72 -53.89 18.27 71.04
CA ASP AA 72 -54.53 17.07 70.55
C ASP AA 72 -54.79 17.16 69.05
N GLU AA 73 -55.53 16.19 68.52
CA GLU AA 73 -55.93 16.25 67.12
C GLU AA 73 -57.12 17.18 66.91
N HIS AA 74 -57.86 17.49 67.96
CA HIS AA 74 -59.01 18.39 67.88
C HIS AA 74 -58.83 19.57 68.83
N GLU AA 75 -57.57 19.98 69.04
CA GLU AA 75 -57.28 21.13 69.91
C GLU AA 75 -56.01 21.77 69.36
N GLN AA 76 -56.17 22.74 68.47
CA GLN AA 76 -55.06 23.34 67.75
C GLN AA 76 -55.25 24.85 67.69
N TYR AA 77 -54.23 25.59 68.05
CA TYR AA 77 -54.36 27.03 68.19
C TYR AA 77 -53.08 27.73 67.77
N TYR AA 78 -53.24 28.92 67.22
CA TYR AA 78 -52.15 29.88 67.11
C TYR AA 78 -52.05 30.70 68.38
N ALA AA 79 -51.03 31.55 68.42
CA ALA AA 79 -50.86 32.53 69.49
C ALA AA 79 -50.00 33.65 68.95
N VAL AA 80 -50.62 34.75 68.55
CA VAL AA 80 -49.90 35.90 68.00
C VAL AA 80 -49.68 36.90 69.12
N PHE AA 81 -48.44 37.35 69.27
CA PHE AA 81 -48.06 38.32 70.28
C PHE AA 81 -47.84 39.66 69.60
N THR AA 82 -48.92 40.41 69.47
CA THR AA 82 -48.92 41.80 69.06
C THR AA 82 -48.14 42.61 70.10
N GLY AA 83 -47.62 43.77 69.69
CA GLY AA 83 -46.99 44.67 70.62
C GLY AA 83 -47.90 45.22 71.71
N SER AA 84 -49.22 45.07 71.55
CA SER AA 84 -50.18 45.40 72.59
C SER AA 84 -51.16 44.24 72.69
N GLY AA 85 -50.85 43.27 73.54
CA GLY AA 85 -51.80 42.22 73.86
C GLY AA 85 -51.66 40.99 73.00
N ILE AA 86 -52.56 40.04 73.24
CA ILE AA 86 -52.54 38.74 72.58
C ILE AA 86 -53.86 38.56 71.85
N ARG AA 87 -53.79 38.12 70.59
CA ARG AA 87 -54.90 37.51 69.91
C ARG AA 87 -54.60 36.03 69.78
N VAL AA 88 -55.63 35.20 69.66
CA VAL AA 88 -55.45 33.76 69.49
C VAL AA 88 -56.38 33.30 68.40
N PHE AA 89 -55.83 32.66 67.37
CA PHE AA 89 -56.64 32.19 66.27
C PHE AA 89 -56.70 30.68 66.25
N ASP AA 90 -57.84 30.15 65.87
CA ASP AA 90 -57.99 28.71 65.66
C ASP AA 90 -57.32 28.32 64.37
N LEU AA 91 -57.19 27.02 64.15
CA LEU AA 91 -56.60 26.60 62.89
C LEU AA 91 -57.61 26.57 61.76
N SER AA 92 -58.88 26.82 62.04
CA SER AA 92 -59.86 26.91 60.99
C SER AA 92 -60.11 28.35 60.58
N GLY AA 93 -59.56 29.31 61.29
CA GLY AA 93 -59.69 30.69 60.88
C GLY AA 93 -60.54 31.54 61.81
N ASN AA 94 -61.01 30.94 62.90
CA ASN AA 94 -61.86 31.64 63.85
C ASN AA 94 -60.98 32.43 64.81
N GLU AA 95 -61.58 32.91 65.89
CA GLU AA 95 -60.82 33.64 66.89
C GLU AA 95 -61.44 33.46 68.26
N LYS AA 96 -60.62 33.06 69.23
CA LYS AA 96 -61.03 33.00 70.62
C LYS AA 96 -60.68 34.32 71.29
N GLN AA 97 -61.28 34.57 72.45
CA GLN AA 97 -60.98 35.78 73.20
C GLN AA 97 -59.88 35.53 74.21
N VAL AA 98 -59.13 36.58 74.52
CA VAL AA 98 -57.96 36.48 75.39
C VAL AA 98 -58.23 37.38 76.59
N ARG AA 99 -58.53 36.77 77.73
CA ARG AA 99 -58.80 37.55 78.93
C ARG AA 99 -57.50 37.96 79.59
N TYR AA 100 -57.62 38.88 80.56
CA TYR AA 100 -56.46 39.40 81.29
C TYR AA 100 -56.87 39.68 82.72
N PRO AA 101 -57.03 38.64 83.55
CA PRO AA 101 -57.54 38.86 84.91
C PRO AA 101 -56.51 39.47 85.84
N ASN AA 102 -55.23 39.37 85.52
CA ASN AA 102 -54.16 39.90 86.36
C ASN AA 102 -53.59 41.18 85.79
N GLY AA 103 -54.18 41.70 84.72
CA GLY AA 103 -53.62 42.83 83.99
C GLY AA 103 -52.57 42.34 83.01
N SER AA 104 -52.47 42.98 81.85
CA SER AA 104 -51.51 42.43 80.90
C SER AA 104 -50.09 42.84 81.25
N ASN AA 105 -49.72 44.09 80.94
CA ASN AA 105 -48.53 44.81 81.39
C ASN AA 105 -47.21 44.02 81.27
N TYR AA 106 -47.21 42.96 80.46
CA TYR AA 106 -46.10 42.02 80.36
C TYR AA 106 -45.86 41.61 78.92
N ILE AA 107 -46.86 41.79 78.05
CA ILE AA 107 -46.70 41.52 76.63
C ILE AA 107 -46.35 42.79 75.88
N LYS AA 108 -46.60 43.95 76.48
CA LYS AA 108 -46.42 45.24 75.83
C LYS AA 108 -44.94 45.52 75.62
N THR AA 109 -44.48 45.31 74.39
CA THR AA 109 -43.08 45.50 74.03
C THR AA 109 -43.04 46.09 72.63
N ALA AA 110 -42.06 46.97 72.38
CA ALA AA 110 -41.91 47.57 71.06
C ALA AA 110 -41.48 46.54 70.01
N ASN AA 111 -40.80 45.47 70.42
CA ASN AA 111 -40.32 44.45 69.50
C ASN AA 111 -40.62 43.08 70.08
N PRO AA 112 -41.74 42.49 69.75
CA PRO AA 112 -42.17 41.28 70.47
C PRO AA 112 -41.43 40.01 70.08
N ARG AA 113 -40.99 39.89 68.83
CA ARG AA 113 -40.30 38.67 68.44
C ARG AA 113 -38.86 38.63 68.94
N ASN AA 114 -38.28 39.77 69.24
CA ASN AA 114 -36.95 39.84 69.81
C ASN AA 114 -36.97 39.62 71.31
N ASP AA 115 -38.11 39.67 71.91
CA ASP AA 115 -38.09 39.91 73.34
C ASP AA 115 -39.04 39.01 74.14
N LEU AA 116 -40.12 38.55 73.53
CA LEU AA 116 -41.00 37.61 74.20
C LEU AA 116 -40.71 36.20 73.74
N ARG AA 117 -41.05 35.21 74.57
CA ARG AA 117 -40.97 33.81 74.19
C ARG AA 117 -42.26 33.10 74.53
N MET AA 118 -42.37 31.85 74.07
CA MET AA 118 -43.41 30.93 74.50
C MET AA 118 -42.88 29.52 74.39
N VAL AA 119 -42.93 28.77 75.49
CA VAL AA 119 -42.58 27.36 75.52
C VAL AA 119 -43.79 26.59 75.98
N THR AA 120 -44.24 25.66 75.15
CA THR AA 120 -45.51 24.99 75.36
C THR AA 120 -45.27 23.52 75.64
N VAL AA 121 -45.80 23.03 76.75
CA VAL AA 121 -45.67 21.63 77.13
C VAL AA 121 -47.09 21.07 77.15
N ALA AA 122 -47.23 19.77 77.42
CA ALA AA 122 -48.52 19.10 77.23
C ALA AA 122 -49.57 19.53 78.24
N ASP AA 123 -49.16 20.00 79.42
CA ASP AA 123 -50.12 20.40 80.44
C ASP AA 123 -50.21 21.89 80.63
N TYR AA 124 -49.12 22.62 80.43
CA TYR AA 124 -49.09 24.05 80.68
C TYR AA 124 -48.53 24.78 79.47
N THR AA 125 -48.75 26.08 79.44
CA THR AA 125 -48.02 26.97 78.55
C THR AA 125 -47.28 28.00 79.40
N PHE AA 126 -46.19 28.53 78.85
CA PHE AA 126 -45.38 29.48 79.58
C PHE AA 126 -44.89 30.53 78.61
N ILE AA 127 -45.03 31.80 78.98
CA ILE AA 127 -44.48 32.89 78.20
C ILE AA 127 -43.51 33.67 79.07
N VAL AA 128 -42.38 34.08 78.48
CA VAL AA 128 -41.34 34.78 79.19
C VAL AA 128 -41.03 36.07 78.45
N ASN AA 129 -41.08 37.18 79.17
CA ASN AA 129 -40.54 38.43 78.66
C ASN AA 129 -39.08 38.49 79.03
N ARG AA 130 -38.22 38.78 78.03
CA ARG AA 130 -36.79 38.87 78.24
C ARG AA 130 -36.35 40.28 78.59
N ASN AA 131 -37.29 41.15 78.89
CA ASN AA 131 -36.94 42.51 79.22
C ASN AA 131 -37.34 42.89 80.64
N VAL AA 132 -38.21 42.11 81.28
CA VAL AA 132 -38.69 42.42 82.62
C VAL AA 132 -37.78 41.75 83.64
N VAL AA 133 -37.17 42.55 84.49
CA VAL AA 133 -36.31 42.05 85.54
C VAL AA 133 -37.19 41.49 86.65
N ALA AA 134 -36.91 40.26 87.05
CA ALA AA 134 -37.68 39.61 88.11
C ALA AA 134 -37.35 40.27 89.44
N GLN AA 135 -38.27 41.05 89.96
CA GLN AA 135 -37.97 41.84 91.14
C GLN AA 135 -38.24 41.07 92.42
N LYS AA 136 -37.44 41.38 93.43
CA LYS AA 136 -37.62 40.85 94.76
C LYS AA 136 -38.87 41.43 95.39
N ASN AA 137 -39.67 40.58 96.02
CA ASN AA 137 -40.82 41.07 96.77
C ASN AA 137 -40.33 41.69 98.07
N THR AA 138 -40.68 42.94 98.28
CA THR AA 138 -40.59 43.55 99.58
C THR AA 138 -41.98 43.50 100.22
N LYS AA 139 -42.10 44.15 101.38
CA LYS AA 139 -43.35 44.35 102.17
C LYS AA 139 -44.17 43.07 102.37
N SER AA 140 -43.51 41.91 102.37
CA SER AA 140 -44.16 40.65 102.70
C SER AA 140 -43.24 39.78 103.55
N VAL AA 141 -42.54 40.37 104.52
CA VAL AA 141 -41.66 39.62 105.39
C VAL AA 141 -42.49 38.74 106.32
N ASN AA 142 -41.86 37.71 106.87
CA ASN AA 142 -42.57 36.78 107.74
C ASN AA 142 -42.94 37.46 109.05
N LEU AA 143 -41.93 37.83 109.81
CA LEU AA 143 -42.15 38.58 111.02
C LEU AA 143 -41.44 39.92 110.89
N PRO AA 144 -42.12 41.02 111.22
CA PRO AA 144 -41.65 42.36 110.81
C PRO AA 144 -40.28 42.77 111.33
N ASN AA 145 -40.11 42.82 112.64
CA ASN AA 145 -38.84 43.22 113.22
C ASN AA 145 -38.20 42.07 113.98
N TYR AA 146 -38.90 41.53 114.98
CA TYR AA 146 -38.50 40.38 115.79
C TYR AA 146 -37.17 40.64 116.47
N ASN AA 147 -37.15 41.50 117.48
CA ASN AA 147 -36.01 41.58 118.38
C ASN AA 147 -35.72 40.18 118.91
N PRO AA 148 -34.60 39.59 118.49
CA PRO AA 148 -34.40 38.15 118.73
C PRO AA 148 -34.04 37.81 120.15
N ASN AA 149 -33.83 38.80 121.00
CA ASN AA 149 -33.68 38.55 122.42
C ASN AA 149 -34.58 39.49 123.20
N GLN AA 150 -35.85 39.56 122.80
CA GLN AA 150 -36.86 40.30 123.52
C GLN AA 150 -37.68 39.42 124.45
N ASP AA 151 -37.96 38.20 124.07
CA ASP AA 151 -38.65 37.25 124.91
C ASP AA 151 -37.65 36.37 125.63
N GLY AA 152 -38.16 35.45 126.43
CA GLY AA 152 -37.29 34.52 127.12
C GLY AA 152 -38.10 33.50 127.88
N LEU AA 153 -37.47 32.36 128.16
CA LEU AA 153 -38.10 31.27 128.89
C LEU AA 153 -37.21 30.76 130.00
N ILE AA 154 -37.80 30.60 131.18
CA ILE AA 154 -37.19 29.91 132.31
C ILE AA 154 -38.03 28.67 132.58
N ASN AA 155 -37.50 27.50 132.23
CA ASN AA 155 -38.16 26.25 132.56
C ASN AA 155 -38.02 25.99 134.04
N VAL AA 156 -38.96 25.27 134.62
CA VAL AA 156 -38.86 24.83 136.01
C VAL AA 156 -39.16 23.34 136.06
N ARG AA 157 -38.40 22.61 136.88
CA ARG AA 157 -38.51 21.15 136.92
C ARG AA 157 -38.46 20.60 138.35
N GLY AA 158 -38.57 21.46 139.37
CA GLY AA 158 -38.96 20.93 140.67
C GLY AA 158 -38.00 20.75 141.83
N GLY AA 159 -37.15 21.72 142.15
CA GLY AA 159 -36.71 21.85 143.54
C GLY AA 159 -35.49 21.09 144.05
N GLN AA 160 -35.74 19.92 144.63
CA GLN AA 160 -34.74 19.03 145.26
C GLN AA 160 -34.10 19.61 146.53
N TYR AA 161 -34.94 20.02 147.49
CA TYR AA 161 -34.61 20.08 148.93
C TYR AA 161 -33.43 20.98 149.27
N GLY AA 162 -33.55 22.23 148.88
CA GLY AA 162 -32.69 23.26 149.40
C GLY AA 162 -31.57 23.62 148.47
N ARG AA 163 -31.86 24.60 147.63
CA ARG AA 163 -30.91 25.24 146.72
C ARG AA 163 -31.43 26.63 146.46
N GLU AA 164 -30.59 27.46 145.88
CA GLU AA 164 -31.01 28.80 145.50
C GLU AA 164 -31.46 28.80 144.05
N LEU AA 165 -32.53 29.55 143.78
CA LEU AA 165 -33.09 29.68 142.44
C LEU AA 165 -33.09 31.15 142.07
N ILE AA 166 -32.14 31.56 141.23
CA ILE AA 166 -31.88 32.97 140.94
C ILE AA 166 -32.02 33.19 139.44
N VAL AA 167 -32.79 34.19 139.05
CA VAL AA 167 -33.01 34.50 137.64
C VAL AA 167 -32.54 35.92 137.36
N HIS AA 168 -31.35 36.05 136.75
CA HIS AA 168 -30.84 37.36 136.33
C HIS AA 168 -31.55 37.79 135.05
N ILE AA 169 -32.26 38.91 135.13
CA ILE AA 169 -32.73 39.62 133.96
C ILE AA 169 -32.12 41.01 134.00
N ASN AA 170 -31.48 41.41 132.90
CA ASN AA 170 -30.99 42.76 132.64
C ASN AA 170 -29.90 43.17 133.62
N GLY AA 171 -29.26 42.21 134.27
CA GLY AA 171 -28.14 42.54 135.13
C GLY AA 171 -28.42 42.46 136.60
N LYS AA 172 -29.64 42.80 137.01
CA LYS AA 172 -30.00 42.78 138.42
C LYS AA 172 -30.25 41.37 138.90
N ASP AA 173 -30.35 41.22 140.22
CA ASP AA 173 -30.52 39.91 140.85
C ASP AA 173 -32.00 39.68 141.16
N VAL AA 174 -32.76 39.52 140.09
CA VAL AA 174 -34.20 39.36 140.20
C VAL AA 174 -34.52 37.96 140.70
N ALA AA 175 -35.60 37.84 141.48
CA ALA AA 175 -36.29 36.57 141.75
C ALA AA 175 -35.46 35.50 142.44
N LYS AA 176 -35.10 35.75 143.69
CA LYS AA 176 -34.39 34.77 144.51
C LYS AA 176 -35.40 33.94 145.30
N TYR AA 177 -35.13 32.64 145.40
CA TYR AA 177 -35.88 31.80 146.33
C TYR AA 177 -35.03 30.63 146.76
N LYS AA 178 -35.11 30.30 148.04
CA LYS AA 178 -34.44 29.14 148.62
C LYS AA 178 -35.49 28.08 148.92
N ILE AA 179 -35.32 26.90 148.32
CA ILE AA 179 -36.13 25.73 148.70
C ILE AA 179 -35.81 25.39 150.15
N PRO AA 180 -36.79 25.01 150.96
CA PRO AA 180 -36.50 24.79 152.39
C PRO AA 180 -35.60 23.60 152.71
N ASP AA 181 -35.43 23.36 154.01
CA ASP AA 181 -34.46 22.38 154.49
C ASP AA 181 -34.88 20.95 154.18
N GLY AA 182 -36.18 20.70 154.11
CA GLY AA 182 -36.69 19.36 153.93
C GLY AA 182 -36.88 18.58 155.19
N SER AA 183 -36.73 19.21 156.36
CA SER AA 183 -36.84 18.49 157.62
C SER AA 183 -38.29 18.24 157.98
N GLN AA 184 -39.11 19.28 157.96
CA GLN AA 184 -40.51 19.13 158.26
C GLN AA 184 -41.24 18.53 157.06
N PRO AA 185 -42.25 17.69 157.29
CA PRO AA 185 -42.86 16.97 156.16
C PRO AA 185 -43.74 17.83 155.30
N GLU AA 186 -44.08 19.04 155.72
CA GLU AA 186 -44.93 19.86 154.86
C GLU AA 186 -44.12 20.61 153.82
N HIS AA 187 -42.79 20.59 153.94
CA HIS AA 187 -41.93 21.27 152.96
C HIS AA 187 -41.79 20.49 151.66
N VAL AA 188 -42.45 19.33 151.54
CA VAL AA 188 -42.36 18.61 150.28
C VAL AA 188 -43.29 19.26 149.26
N ASN AA 189 -44.22 20.09 149.70
CA ASN AA 189 -45.07 20.82 148.77
C ASN AA 189 -44.28 21.85 147.98
N ASN AA 190 -43.17 22.33 148.51
CA ASN AA 190 -42.45 23.43 147.89
C ASN AA 190 -41.53 23.00 146.78
N THR AA 191 -41.43 21.71 146.48
CA THR AA 191 -40.67 21.26 145.33
C THR AA 191 -41.57 20.93 144.15
N ASP AA 192 -42.85 21.26 144.26
CA ASP AA 192 -43.77 21.29 143.13
C ASP AA 192 -43.25 22.27 142.09
N ALA AA 193 -43.35 21.89 140.82
CA ALA AA 193 -42.78 22.76 139.79
C ALA AA 193 -43.67 23.97 139.53
N GLN AA 194 -44.99 23.80 139.62
CA GLN AA 194 -45.88 24.91 139.33
C GLN AA 194 -45.94 25.90 140.47
N TRP AA 195 -45.85 25.42 141.71
CA TRP AA 195 -45.77 26.33 142.84
C TRP AA 195 -44.51 27.15 142.78
N LEU AA 196 -43.41 26.51 142.41
CA LEU AA 196 -42.13 27.19 142.26
C LEU AA 196 -42.20 28.18 141.10
N ALA AA 197 -42.90 27.80 140.04
CA ALA AA 197 -43.05 28.70 138.88
C ALA AA 197 -43.86 29.93 139.25
N GLU AA 198 -44.95 29.76 140.00
CA GLU AA 198 -45.77 30.91 140.35
C GLU AA 198 -45.07 31.79 141.37
N GLU AA 199 -44.26 31.21 142.27
CA GLU AA 199 -43.49 32.05 143.18
C GLU AA 199 -42.39 32.82 142.46
N LEU AA 200 -41.70 32.16 141.53
CA LEU AA 200 -40.69 32.85 140.73
C LEU AA 200 -41.31 33.93 139.86
N ALA AA 201 -42.51 33.70 139.35
CA ALA AA 201 -43.18 34.71 138.55
C ALA AA 201 -43.71 35.86 139.39
N LYS AA 202 -44.09 35.60 140.64
CA LYS AA 202 -44.52 36.69 141.51
C LYS AA 202 -43.34 37.58 141.88
N GLN AA 203 -42.20 36.96 142.22
CA GLN AA 203 -40.94 37.69 142.37
C GLN AA 203 -40.59 38.47 141.11
N MET AA 204 -40.82 37.87 139.95
CA MET AA 204 -40.49 38.48 138.67
C MET AA 204 -41.34 39.72 138.40
N ARG AA 205 -42.65 39.62 138.68
CA ARG AA 205 -43.53 40.76 138.45
C ARG AA 205 -43.25 41.88 139.45
N THR AA 206 -42.91 41.54 140.69
CA THR AA 206 -42.64 42.59 141.65
C THR AA 206 -41.29 43.26 141.43
N ASN AA 207 -40.31 42.55 140.87
CA ASN AA 207 -38.97 43.10 140.77
C ASN AA 207 -38.65 43.57 139.35
N LEU AA 208 -39.65 43.61 138.47
CA LEU AA 208 -39.49 44.25 137.17
C LEU AA 208 -40.71 45.13 136.92
N SER AA 209 -40.54 46.10 136.01
CA SER AA 209 -41.55 47.14 135.92
C SER AA 209 -42.75 46.73 135.09
N ASP AA 210 -42.57 46.57 133.78
CA ASP AA 210 -43.73 46.24 132.96
C ASP AA 210 -43.80 44.75 132.70
N TRP AA 211 -42.83 44.24 131.93
CA TRP AA 211 -42.31 42.87 131.90
C TRP AA 211 -43.32 41.75 132.08
N THR AA 212 -44.30 41.65 131.19
CA THR AA 212 -45.39 40.69 131.34
C THR AA 212 -44.86 39.26 131.25
N VAL AA 213 -45.03 38.52 132.33
CA VAL AA 213 -44.61 37.13 132.42
C VAL AA 213 -45.84 36.27 132.74
N ASN AA 214 -45.87 35.07 132.18
CA ASN AA 214 -46.99 34.16 132.37
C ASN AA 214 -46.48 32.83 132.92
N VAL AA 215 -47.27 32.22 133.80
CA VAL AA 215 -46.95 30.92 134.35
C VAL AA 215 -47.51 29.90 133.39
N GLY AA 216 -46.66 29.29 132.58
CA GLY AA 216 -47.10 28.31 131.62
C GLY AA 216 -47.27 26.93 132.24
N GLN AA 217 -47.23 25.92 131.37
CA GLN AA 217 -47.22 24.54 131.83
C GLN AA 217 -45.90 24.19 132.51
N GLY AA 218 -44.79 24.50 131.88
CA GLY AA 218 -43.51 24.19 132.47
C GLY AA 218 -42.49 25.29 132.31
N PHE AA 219 -42.94 26.54 132.31
CA PHE AA 219 -42.04 27.65 132.04
C PHE AA 219 -42.58 28.92 132.68
N ILE AA 220 -41.76 29.96 132.65
CA ILE AA 220 -42.23 31.33 132.76
C ILE AA 220 -41.65 32.12 131.59
N HIS AA 221 -42.45 33.03 131.04
CA HIS AA 221 -42.27 33.60 129.70
C HIS AA 221 -42.00 35.08 129.84
N VAL AA 222 -40.72 35.43 130.02
CA VAL AA 222 -40.33 36.81 130.31
C VAL AA 222 -40.32 37.61 129.02
N THR AA 223 -41.15 38.65 128.95
CA THR AA 223 -41.27 39.52 127.79
C THR AA 223 -40.81 40.93 128.14
N ALA AA 224 -40.23 41.60 127.17
CA ALA AA 224 -39.83 42.99 127.32
C ALA AA 224 -40.84 43.91 126.63
N PRO AA 225 -41.20 45.05 127.21
CA PRO AA 225 -42.38 45.79 126.75
C PRO AA 225 -42.09 46.74 125.59
N SER AA 226 -41.65 46.18 124.46
CA SER AA 226 -41.49 46.84 123.17
C SER AA 226 -40.47 48.00 123.18
N GLY AA 227 -39.73 48.17 124.26
CA GLY AA 227 -38.67 49.15 124.32
C GLY AA 227 -37.33 48.46 124.45
N GLN AA 228 -36.88 48.35 125.69
CA GLN AA 228 -35.64 47.72 126.07
C GLN AA 228 -35.66 46.21 125.77
N GLN AA 229 -34.50 45.58 125.91
CA GLN AA 229 -34.30 44.17 125.61
C GLN AA 229 -33.87 43.43 126.87
N ILE AA 230 -33.53 42.16 126.70
CA ILE AA 230 -33.02 41.34 127.79
C ILE AA 230 -31.58 41.76 128.13
N ASP AA 231 -30.68 41.57 127.16
CA ASP AA 231 -29.29 42.02 127.10
C ASP AA 231 -28.37 41.25 128.05
N SER AA 232 -28.94 40.45 128.95
CA SER AA 232 -28.19 39.57 129.85
C SER AA 232 -29.18 38.60 130.50
N PHE AA 233 -28.89 37.30 130.44
CA PHE AA 233 -29.89 36.31 130.80
C PHE AA 233 -29.16 35.08 131.31
N THR AA 234 -29.01 34.97 132.62
CA THR AA 234 -28.39 33.79 133.20
C THR AA 234 -29.21 33.37 134.40
N THR AA 235 -29.01 32.15 134.84
CA THR AA 235 -29.85 31.55 135.87
C THR AA 235 -29.00 30.62 136.71
N LYS AA 236 -28.68 31.05 137.92
CA LYS AA 236 -27.95 30.21 138.86
C LYS AA 236 -28.86 29.08 139.32
N ASP AA 237 -28.53 27.86 138.89
CA ASP AA 237 -29.43 26.72 139.06
C ASP AA 237 -29.49 26.28 140.50
N GLY AA 238 -28.36 26.25 141.19
CA GLY AA 238 -28.33 25.80 142.56
C GLY AA 238 -28.03 24.32 142.66
N TYR AA 239 -28.74 23.53 141.88
CA TYR AA 239 -28.44 22.13 141.67
C TYR AA 239 -27.55 22.11 140.43
N ALA AA 240 -27.44 21.00 139.75
CA ALA AA 240 -26.73 20.96 138.48
C ALA AA 240 -27.58 21.64 137.40
N ASP AA 241 -27.22 21.44 136.15
CA ASP AA 241 -27.90 22.09 135.04
C ASP AA 241 -29.38 21.67 134.90
N GLN AA 242 -29.78 20.58 135.57
CA GLN AA 242 -31.07 19.94 135.35
C GLN AA 242 -32.14 20.33 136.36
N LEU AA 243 -32.11 21.55 136.90
CA LEU AA 243 -33.19 21.95 137.80
C LEU AA 243 -34.05 23.04 137.17
N ILE AA 244 -33.50 24.19 136.82
CA ILE AA 244 -34.22 25.19 136.04
C ILE AA 244 -33.31 25.64 134.90
N ASN AA 245 -33.88 25.77 133.71
CA ASN AA 245 -33.12 25.98 132.49
C ASN AA 245 -33.39 27.36 131.92
N PRO AA 246 -32.40 28.17 131.78
CA PRO AA 246 -32.54 29.38 130.95
C PRO AA 246 -32.46 29.05 129.48
N VAL AA 247 -33.59 29.05 128.78
CA VAL AA 247 -33.61 28.71 127.37
C VAL AA 247 -34.14 29.90 126.58
N THR AA 248 -33.55 30.12 125.43
CA THR AA 248 -33.78 31.28 124.58
C THR AA 248 -34.17 30.81 123.20
N HIS AA 249 -34.14 31.73 122.25
CA HIS AA 249 -34.48 31.42 120.87
C HIS AA 249 -33.37 30.71 120.10
N TYR AA 250 -32.34 30.18 120.77
CA TYR AA 250 -31.14 29.69 120.12
C TYR AA 250 -30.62 28.38 120.72
N ALA AA 251 -31.46 27.37 120.85
CA ALA AA 251 -30.96 26.09 121.35
C ALA AA 251 -30.04 25.44 120.32
N GLN AA 252 -29.08 24.64 120.80
CA GLN AA 252 -27.99 24.20 119.94
C GLN AA 252 -28.12 22.80 119.39
N SER AA 253 -29.24 22.13 119.60
CA SER AA 253 -29.48 20.83 118.98
C SER AA 253 -30.99 20.67 118.87
N PHE AA 254 -31.43 19.50 118.41
CA PHE AA 254 -32.85 19.24 118.48
C PHE AA 254 -33.24 18.59 119.79
N SER AA 255 -32.32 17.89 120.44
CA SER AA 255 -32.63 17.26 121.72
C SER AA 255 -32.80 18.30 122.82
N LYS AA 256 -31.83 19.20 122.96
CA LYS AA 256 -31.99 20.32 123.87
C LYS AA 256 -32.97 21.28 123.25
N LEU AA 257 -34.21 21.22 123.70
CA LEU AA 257 -35.29 22.05 123.20
C LEU AA 257 -36.38 21.97 124.26
N PRO AA 258 -36.96 23.09 124.68
CA PRO AA 258 -37.78 23.11 125.88
C PRO AA 258 -39.09 22.37 125.68
N PRO AA 259 -39.68 21.82 126.75
CA PRO AA 259 -40.87 20.99 126.60
C PRO AA 259 -42.14 21.71 126.15
N ASN AA 260 -42.56 22.80 126.77
CA ASN AA 260 -43.81 23.42 126.29
C ASN AA 260 -43.52 24.52 125.26
N ALA AA 261 -42.88 25.62 125.70
CA ALA AA 261 -42.49 26.75 124.84
C ALA AA 261 -43.65 27.33 124.03
N PRO AA 262 -44.43 28.25 124.60
CA PRO AA 262 -45.81 28.52 124.14
C PRO AA 262 -45.93 28.96 122.69
N ASN AA 263 -47.19 28.94 122.22
CA ASN AA 263 -47.56 28.60 120.84
C ASN AA 263 -46.74 29.34 119.78
N GLY AA 264 -46.62 30.64 119.90
CA GLY AA 264 -45.76 31.34 118.97
C GLY AA 264 -44.36 31.42 119.52
N TYR AA 265 -43.49 30.50 119.11
CA TYR AA 265 -42.12 30.52 119.60
C TYR AA 265 -41.21 29.98 118.53
N MET AA 266 -40.01 30.53 118.45
CA MET AA 266 -39.05 30.15 117.43
C MET AA 266 -37.73 29.78 118.09
N VAL AA 267 -37.05 28.80 117.53
CA VAL AA 267 -35.72 28.40 117.99
C VAL AA 267 -34.81 28.26 116.79
N LYS AA 268 -33.70 28.99 116.79
CA LYS AA 268 -32.64 28.80 115.80
C LYS AA 268 -31.76 27.65 116.25
N ILE AA 269 -31.97 26.48 115.67
CA ILE AA 269 -31.12 25.34 115.97
C ILE AA 269 -29.79 25.51 115.26
N VAL AA 270 -28.70 25.50 116.03
CA VAL AA 270 -27.39 25.82 115.52
C VAL AA 270 -26.47 24.64 115.73
N GLY AA 271 -25.96 24.09 114.64
CA GLY AA 271 -24.75 23.30 114.71
C GLY AA 271 -24.84 21.90 115.24
N ASP AA 272 -24.39 21.74 116.50
CA ASP AA 272 -24.05 20.51 117.25
C ASP AA 272 -22.71 19.92 116.79
N ALA AA 273 -22.17 20.42 115.67
CA ALA AA 273 -20.84 20.09 115.14
C ALA AA 273 -20.62 18.59 114.96
N SER AA 274 -21.69 17.86 114.65
CA SER AA 274 -21.61 16.42 114.42
C SER AA 274 -21.91 16.03 112.99
N LYS AA 275 -22.84 16.72 112.35
CA LYS AA 275 -23.14 16.53 110.95
C LYS AA 275 -22.88 17.83 110.21
N SER AA 276 -22.49 17.71 108.95
CA SER AA 276 -22.26 18.88 108.11
C SER AA 276 -23.64 19.43 107.74
N ALA AA 277 -24.17 20.29 108.60
CA ALA AA 277 -25.55 20.72 108.47
C ALA AA 277 -25.64 22.22 108.67
N ASP AA 278 -26.54 22.85 107.93
CA ASP AA 278 -26.83 24.26 108.14
C ASP AA 278 -27.72 24.45 109.36
N GLN AA 279 -28.14 25.69 109.54
CA GLN AA 279 -28.83 26.11 110.75
C GLN AA 279 -30.27 26.43 110.42
N TYR AA 280 -31.18 25.66 110.99
CA TYR AA 280 -32.57 25.65 110.57
C TYR AA 280 -33.48 26.10 111.71
N TYR AA 281 -34.65 26.62 111.36
CA TYR AA 281 -35.51 27.20 112.38
C TYR AA 281 -36.73 26.32 112.59
N VAL AA 282 -37.17 26.20 113.84
CA VAL AA 282 -38.24 25.27 114.22
C VAL AA 282 -39.25 25.97 115.12
N ARG AA 283 -40.53 25.84 114.79
CA ARG AA 283 -41.61 26.48 115.53
C ARG AA 283 -42.43 25.42 116.25
N TYR AA 284 -42.95 25.78 117.42
CA TYR AA 284 -43.83 24.93 118.21
C TYR AA 284 -45.29 25.20 117.84
N ASP AA 285 -46.15 24.20 118.02
CA ASP AA 285 -47.59 24.34 117.88
C ASP AA 285 -48.27 23.86 119.15
N ALA AA 286 -49.31 24.55 119.58
CA ALA AA 286 -49.94 24.23 120.85
C ALA AA 286 -51.10 23.27 120.72
N GLU AA 287 -51.86 23.33 119.63
CA GLU AA 287 -52.94 22.39 119.41
C GLU AA 287 -52.41 20.99 119.19
N ARG AA 288 -51.41 20.88 118.33
CA ARG AA 288 -50.71 19.63 118.11
C ARG AA 288 -49.28 19.79 118.60
N LYS AA 289 -48.92 19.03 119.63
CA LYS AA 289 -47.66 19.28 120.34
C LYS AA 289 -46.51 18.69 119.54
N VAL AA 290 -46.06 19.48 118.57
CA VAL AA 290 -45.02 19.07 117.63
C VAL AA 290 -43.92 20.12 117.62
N TRP AA 291 -42.93 19.92 116.76
CA TRP AA 291 -41.92 20.93 116.48
C TRP AA 291 -41.61 20.83 114.98
N THR AA 292 -42.32 21.60 114.18
CA THR AA 292 -42.13 21.62 112.74
C THR AA 292 -41.20 22.78 112.36
N GLU AA 293 -40.70 22.75 111.15
CA GLU AA 293 -39.76 23.75 110.69
C GLU AA 293 -40.48 24.86 109.97
N THR AA 294 -40.09 26.10 110.22
CA THR AA 294 -40.73 27.27 109.62
C THR AA 294 -39.66 28.23 109.13
N LEU AA 295 -40.08 29.45 108.81
CA LEU AA 295 -39.24 30.41 108.12
C LEU AA 295 -38.22 31.04 109.04
N GLY AA 296 -37.45 31.97 108.47
CA GLY AA 296 -36.68 32.91 109.23
C GLY AA 296 -37.53 34.02 109.79
N TRP AA 297 -36.88 34.92 110.54
CA TRP AA 297 -37.66 35.97 111.19
C TRP AA 297 -37.92 37.14 110.25
N ASN AA 298 -36.87 37.85 109.85
CA ASN AA 298 -37.02 39.05 109.04
C ASN AA 298 -36.65 38.81 107.59
N THR AA 299 -37.01 37.64 107.07
CA THR AA 299 -36.74 37.33 105.68
C THR AA 299 -38.00 37.49 104.82
N GLU AA 300 -37.78 37.70 103.53
CA GLU AA 300 -38.87 37.74 102.57
C GLU AA 300 -39.10 36.34 102.01
N ASP AA 301 -40.33 36.08 101.57
CA ASP AA 301 -40.69 34.73 101.21
C ASP AA 301 -41.52 34.67 99.93
N GLN AA 302 -41.29 35.57 98.99
CA GLN AA 302 -42.10 35.59 97.79
C GLN AA 302 -41.31 36.26 96.69
N VAL AA 303 -41.65 35.94 95.47
CA VAL AA 303 -41.25 36.74 94.32
C VAL AA 303 -42.52 37.38 93.79
N LEU AA 304 -42.40 38.60 93.24
CA LEU AA 304 -43.54 39.51 93.06
C LEU AA 304 -44.69 39.09 92.17
N TRP AA 305 -44.65 37.89 91.57
CA TRP AA 305 -45.75 37.30 90.81
C TRP AA 305 -46.16 38.05 89.55
N GLU AA 306 -45.51 39.16 89.24
CA GLU AA 306 -45.79 39.95 88.05
C GLU AA 306 -44.57 40.12 87.19
N THR AA 307 -43.39 40.16 87.79
CA THR AA 307 -42.15 40.19 87.06
C THR AA 307 -41.64 38.80 86.76
N MET AA 308 -42.42 37.79 87.08
CA MET AA 308 -42.12 36.39 86.79
C MET AA 308 -42.79 36.03 85.47
N PRO AA 309 -42.46 34.89 84.86
CA PRO AA 309 -43.20 34.47 83.66
C PRO AA 309 -44.64 34.11 83.97
N HIS AA 310 -45.55 34.63 83.16
CA HIS AA 310 -46.96 34.29 83.25
C HIS AA 310 -47.24 32.98 82.52
N ALA AA 311 -48.51 32.69 82.32
CA ALA AA 311 -48.94 31.50 81.60
C ALA AA 311 -50.14 31.85 80.75
N LEU AA 312 -50.67 30.86 80.04
CA LEU AA 312 -51.79 31.06 79.13
C LEU AA 312 -52.56 29.74 79.10
N VAL AA 313 -53.58 29.66 79.94
CA VAL AA 313 -54.30 28.42 80.19
C VAL AA 313 -55.73 28.60 79.70
N ARG AA 314 -56.25 27.61 79.00
CA ARG AA 314 -57.62 27.69 78.53
C ARG AA 314 -58.58 27.15 79.58
N ALA AA 315 -59.77 27.70 79.57
CA ALA AA 315 -60.86 27.21 80.40
C ALA AA 315 -61.76 26.30 79.56
N ALA AA 316 -62.79 25.76 80.21
CA ALA AA 316 -63.76 24.96 79.48
C ALA AA 316 -64.73 25.78 78.67
N ASP AA 317 -64.73 27.11 78.85
CA ASP AA 317 -65.64 27.96 78.09
C ASP AA 317 -65.22 28.05 76.63
N GLY AA 318 -63.93 27.95 76.36
CA GLY AA 318 -63.45 28.01 75.00
C GLY AA 318 -62.38 29.07 74.78
N ASN AA 319 -62.47 30.16 75.53
CA ASN AA 319 -61.51 31.24 75.37
C ASN AA 319 -60.25 30.96 76.18
N PHE AA 320 -59.18 31.69 75.85
CA PHE AA 320 -57.90 31.55 76.52
C PHE AA 320 -57.75 32.58 77.62
N ASP AA 321 -57.41 32.13 78.82
CA ASP AA 321 -57.04 33.03 79.89
C ASP AA 321 -55.55 33.29 79.86
N PHE AA 322 -55.13 34.32 80.60
CA PHE AA 322 -53.73 34.72 80.65
C PHE AA 322 -53.42 35.01 82.11
N LYS AA 323 -53.00 33.97 82.82
CA LYS AA 323 -52.95 33.93 84.25
C LYS AA 323 -51.52 34.19 84.71
N TRP AA 324 -51.34 34.69 85.92
CA TRP AA 324 -49.99 34.55 86.44
C TRP AA 324 -49.79 33.16 86.99
N LEU AA 325 -48.57 32.89 87.42
CA LEU AA 325 -48.27 31.62 88.06
C LEU AA 325 -48.02 31.86 89.55
N GLU AA 326 -48.68 31.09 90.39
CA GLU AA 326 -48.53 31.21 91.83
C GLU AA 326 -47.24 30.52 92.23
N TRP AA 327 -46.14 31.28 92.17
CA TRP AA 327 -44.85 30.76 92.61
C TRP AA 327 -44.86 30.64 94.12
N SER AA 328 -44.58 29.44 94.61
CA SER AA 328 -44.86 29.03 95.98
C SER AA 328 -44.00 29.81 96.97
N PRO AA 329 -44.49 30.01 98.19
CA PRO AA 329 -43.72 30.77 99.17
C PRO AA 329 -42.50 30.04 99.64
N LYS AA 330 -41.45 30.82 99.89
CA LYS AA 330 -40.22 30.31 100.47
C LYS AA 330 -40.49 29.79 101.87
N SER AA 331 -39.86 28.67 102.22
CA SER AA 331 -40.06 28.10 103.54
C SER AA 331 -38.80 27.42 103.99
N CYS AA 332 -38.65 27.33 105.31
CA CYS AA 332 -37.61 26.54 105.98
C CYS AA 332 -36.21 27.00 105.61
N GLY AA 333 -35.87 28.22 106.01
CA GLY AA 333 -34.51 28.70 105.84
C GLY AA 333 -34.39 30.15 106.20
N ASP AA 334 -33.25 30.74 105.84
CA ASP AA 334 -32.96 32.14 106.06
C ASP AA 334 -32.58 32.80 104.75
N VAL AA 335 -32.10 34.05 104.85
CA VAL AA 335 -31.52 34.70 103.69
C VAL AA 335 -30.15 34.11 103.41
N ASP AA 336 -29.38 33.82 104.46
CA ASP AA 336 -28.00 33.39 104.33
C ASP AA 336 -27.84 31.89 104.18
N THR AA 337 -28.89 31.11 104.37
CA THR AA 337 -28.80 29.66 104.18
C THR AA 337 -29.82 29.09 103.21
N ASN AA 338 -30.88 29.83 102.89
CA ASN AA 338 -31.79 29.46 101.82
C ASN AA 338 -31.71 30.60 100.82
N PRO AA 339 -30.78 30.51 99.86
CA PRO AA 339 -30.44 31.69 99.06
C PRO AA 339 -31.55 32.07 98.10
N TRP AA 340 -31.52 33.33 97.69
CA TRP AA 340 -32.38 33.77 96.62
C TRP AA 340 -32.03 33.02 95.34
N PRO AA 341 -33.01 32.72 94.50
CA PRO AA 341 -32.80 31.66 93.50
C PRO AA 341 -32.00 32.04 92.28
N SER AA 342 -31.20 33.12 92.35
CA SER AA 342 -30.23 33.53 91.34
C SER AA 342 -30.87 33.90 90.00
N PHE AA 343 -32.15 34.29 90.02
CA PHE AA 343 -32.73 34.99 88.89
C PHE AA 343 -33.54 36.20 89.35
N VAL AA 344 -33.43 36.57 90.61
CA VAL AA 344 -34.26 37.60 91.17
C VAL AA 344 -33.58 38.97 91.11
N GLY AA 345 -32.56 39.10 90.27
CA GLY AA 345 -31.95 40.40 90.08
C GLY AA 345 -31.64 40.65 88.62
N SER AA 346 -32.09 39.75 87.77
CA SER AA 346 -31.76 39.81 86.37
C SER AA 346 -32.93 39.24 85.58
N SER AA 347 -32.69 38.90 84.32
CA SER AA 347 -33.74 38.57 83.38
C SER AA 347 -33.79 37.07 83.13
N ILE AA 348 -34.98 36.57 82.83
CA ILE AA 348 -35.20 35.18 82.45
C ILE AA 348 -35.34 35.13 80.95
N ASN AA 349 -34.75 34.12 80.32
CA ASN AA 349 -34.80 34.04 78.86
C ASN AA 349 -35.56 32.85 78.32
N ASP AA 350 -35.73 31.77 79.08
CA ASP AA 350 -36.34 30.58 78.50
C ASP AA 350 -36.95 29.71 79.61
N VAL AA 351 -37.95 28.93 79.24
CA VAL AA 351 -38.53 27.89 80.08
C VAL AA 351 -38.16 26.56 79.47
N PHE AA 352 -37.67 25.63 80.29
CA PHE AA 352 -37.28 24.33 79.79
C PHE AA 352 -37.45 23.29 80.86
N PHE AA 353 -37.90 22.12 80.44
CA PHE AA 353 -38.15 20.99 81.32
C PHE AA 353 -36.98 20.01 81.23
N PHE AA 354 -36.60 19.47 82.36
CA PHE AA 354 -35.46 18.56 82.43
C PHE AA 354 -35.56 17.68 83.66
N ARG AA 355 -35.97 16.42 83.47
CA ARG AA 355 -36.10 15.41 84.52
C ARG AA 355 -37.02 15.90 85.64
N ASN AA 356 -38.29 16.07 85.28
CA ASN AA 356 -39.39 16.47 86.18
C ASN AA 356 -39.20 17.87 86.74
N ARG AA 357 -38.24 18.64 86.26
CA ARG AA 357 -37.92 19.93 86.87
C ARG AA 357 -38.15 21.05 85.88
N LEU AA 358 -38.98 22.01 86.27
CA LEU AA 358 -39.11 23.23 85.50
C LEU AA 358 -37.83 24.01 85.66
N GLY AA 359 -37.45 24.72 84.61
CA GLY AA 359 -36.17 25.39 84.64
C GLY AA 359 -36.16 26.70 83.91
N PHE AA 360 -35.38 27.64 84.42
CA PHE AA 360 -35.19 28.90 83.74
C PHE AA 360 -33.72 29.10 83.42
N LEU AA 361 -33.46 29.82 82.35
CA LEU AA 361 -32.16 30.39 82.13
C LEU AA 361 -32.13 31.76 82.78
N SER AA 362 -30.97 32.41 82.76
CA SER AA 362 -30.79 33.63 83.51
C SER AA 362 -29.66 34.43 82.88
N GLY AA 363 -29.10 35.36 83.65
CA GLY AA 363 -27.93 36.09 83.20
C GLY AA 363 -26.77 35.19 82.81
N GLU AA 364 -26.43 34.24 83.67
CA GLU AA 364 -25.48 33.23 83.27
C GLU AA 364 -25.87 31.89 83.91
N ASN AA 365 -27.00 31.88 84.60
CA ASN AA 365 -27.30 30.79 85.51
C ASN AA 365 -28.36 29.87 84.94
N ILE AA 366 -28.43 28.66 85.51
CA ILE AA 366 -29.47 27.68 85.21
C ILE AA 366 -30.13 27.31 86.53
N ILE AA 367 -31.44 27.48 86.61
CA ILE AA 367 -32.17 27.35 87.85
C ILE AA 367 -33.28 26.33 87.63
N LEU AA 368 -33.07 25.10 88.07
CA LEU AA 368 -34.05 24.04 87.94
C LEU AA 368 -34.86 23.95 89.22
N SER AA 369 -36.15 23.60 89.09
CA SER AA 369 -37.08 23.64 90.22
C SER AA 369 -37.09 22.32 90.96
N ARG AA 370 -38.07 22.14 91.85
CA ARG AA 370 -38.16 20.91 92.63
C ARG AA 370 -38.72 19.79 91.75
N THR AA 371 -38.42 18.55 92.13
CA THR AA 371 -38.69 17.39 91.30
C THR AA 371 -40.18 17.14 91.12
N ALA AA 372 -40.93 17.09 92.20
CA ALA AA 372 -42.35 16.77 92.05
C ALA AA 372 -43.16 17.99 91.65
N LYS AA 373 -42.78 19.17 92.10
CA LYS AA 373 -43.62 20.35 92.06
C LYS AA 373 -42.92 21.41 91.22
N TYR AA 374 -43.58 21.86 90.16
CA TYR AA 374 -42.93 22.73 89.19
C TYR AA 374 -42.72 24.14 89.72
N PHE AA 375 -43.68 24.67 90.46
CA PHE AA 375 -43.66 26.07 90.83
C PHE AA 375 -43.06 26.25 92.22
N ASN AA 376 -41.83 25.80 92.40
CA ASN AA 376 -41.20 25.86 93.72
C ASN AA 376 -39.69 25.84 93.53
N PHE AA 377 -39.02 26.91 93.94
CA PHE AA 377 -37.57 27.01 93.80
C PHE AA 377 -36.83 27.01 95.12
N TYR AA 378 -37.34 26.30 96.10
CA TYR AA 378 -36.75 26.27 97.42
C TYR AA 378 -36.83 24.85 97.93
N PRO AA 379 -35.81 24.40 98.67
CA PRO AA 379 -35.88 23.06 99.25
C PRO AA 379 -36.92 22.98 100.34
N ALA AA 380 -37.33 21.75 100.65
CA ALA AA 380 -38.40 21.56 101.63
C ALA AA 380 -37.93 21.87 103.04
N SER AA 381 -36.65 21.66 103.30
CA SER AA 381 -36.07 21.90 104.61
C SER AA 381 -34.57 22.03 104.43
N ILE AA 382 -33.97 23.10 104.95
CA ILE AA 382 -32.53 23.22 104.80
C ILE AA 382 -31.79 22.39 105.82
N ALA AA 383 -32.49 21.83 106.79
CA ALA AA 383 -32.00 20.66 107.49
C ALA AA 383 -32.29 19.45 106.61
N ASN AA 384 -31.30 18.57 106.51
CA ASN AA 384 -31.41 17.28 105.81
C ASN AA 384 -31.76 17.47 104.32
N LEU AA 385 -30.78 17.98 103.58
CA LEU AA 385 -30.81 18.06 102.12
C LEU AA 385 -31.22 16.73 101.51
N SER AA 386 -32.28 16.75 100.71
CA SER AA 386 -33.07 15.55 100.44
C SER AA 386 -33.16 15.22 98.95
N ASP AA 387 -32.09 15.50 98.19
CA ASP AA 387 -31.89 14.99 96.83
C ASP AA 387 -32.91 15.41 95.78
N ASP AA 388 -33.89 16.22 96.17
CA ASP AA 388 -34.88 16.74 95.24
C ASP AA 388 -34.89 18.26 95.24
N ASP AA 389 -33.89 18.86 95.86
CA ASP AA 389 -33.82 20.29 96.05
C ASP AA 389 -33.50 20.99 94.75
N PRO AA 390 -33.95 22.22 94.58
CA PRO AA 390 -33.59 22.98 93.38
C PRO AA 390 -32.10 23.29 93.33
N ILE AA 391 -31.59 23.35 92.11
CA ILE AA 391 -30.15 23.47 91.88
C ILE AA 391 -29.86 24.79 91.18
N ASP AA 392 -28.72 25.38 91.51
CA ASP AA 392 -28.30 26.66 90.94
C ASP AA 392 -26.89 26.48 90.41
N VAL AA 393 -26.77 26.10 89.14
CA VAL AA 393 -25.48 25.83 88.54
C VAL AA 393 -25.16 26.97 87.60
N ALA AA 394 -24.23 27.83 88.01
CA ALA AA 394 -23.78 28.90 87.14
C ALA AA 394 -22.90 28.32 86.06
N VAL AA 395 -23.12 28.78 84.83
CA VAL AA 395 -22.37 28.28 83.68
C VAL AA 395 -20.96 28.84 83.78
N SER AA 396 -20.00 27.96 84.05
CA SER AA 396 -18.62 28.34 84.28
C SER AA 396 -17.90 28.37 82.95
N THR AA 397 -17.52 29.56 82.51
CA THR AA 397 -16.87 29.75 81.23
C THR AA 397 -15.54 30.46 81.45
N ASN AA 398 -14.78 30.53 80.36
CA ASN AA 398 -13.62 31.39 80.31
C ASN AA 398 -14.03 32.80 79.92
N ARG AA 399 -15.07 32.92 79.11
CA ARG AA 399 -15.47 34.16 78.46
C ARG AA 399 -16.93 34.47 78.82
N ILE AA 400 -17.52 35.47 78.18
CA ILE AA 400 -18.87 35.91 78.53
C ILE AA 400 -19.88 35.11 77.73
N ALA AA 401 -20.91 34.60 78.40
CA ALA AA 401 -21.95 33.82 77.72
C ALA AA 401 -23.24 33.95 78.49
N ILE AA 402 -24.23 34.63 77.92
CA ILE AA 402 -25.53 34.81 78.53
C ILE AA 402 -26.51 33.85 77.86
N LEU AA 403 -27.12 32.98 78.66
CA LEU AA 403 -27.89 31.87 78.14
C LEU AA 403 -29.17 32.33 77.46
N LYS AA 404 -29.48 31.73 76.31
CA LYS AA 404 -30.59 32.21 75.51
C LYS AA 404 -31.54 31.13 75.03
N TYR AA 405 -31.11 29.88 74.91
CA TYR AA 405 -32.03 28.83 74.49
C TYR AA 405 -31.71 27.53 75.19
N ALA AA 406 -32.58 26.55 75.00
CA ALA AA 406 -32.41 25.21 75.56
C ALA AA 406 -33.10 24.22 74.65
N VAL AA 407 -32.32 23.41 73.95
CA VAL AA 407 -32.86 22.50 72.95
C VAL AA 407 -32.41 21.09 73.27
N PRO AA 408 -33.31 20.13 73.38
CA PRO AA 408 -32.89 18.75 73.61
C PRO AA 408 -32.41 18.09 72.33
N PHE AA 409 -31.23 17.48 72.36
CA PHE AA 409 -30.62 17.03 71.12
C PHE AA 409 -30.44 15.52 70.99
N SER AA 410 -29.62 14.91 71.84
CA SER AA 410 -29.43 13.47 71.72
C SER AA 410 -29.73 12.72 73.00
N GLU AA 411 -29.09 13.07 74.09
CA GLU AA 411 -29.45 12.51 75.38
C GLU AA 411 -29.32 13.58 76.47
N GLU AA 412 -29.21 14.84 76.12
CA GLU AA 412 -28.46 15.75 76.95
C GLU AA 412 -29.20 16.99 77.39
N LEU AA 413 -30.12 17.52 76.58
CA LEU AA 413 -30.78 18.80 76.78
C LEU AA 413 -29.72 19.89 76.89
N LEU AA 414 -29.02 20.16 75.80
CA LEU AA 414 -27.94 21.12 75.84
C LEU AA 414 -28.48 22.53 75.64
N ILE AA 415 -27.72 23.51 76.14
CA ILE AA 415 -28.18 24.87 76.33
C ILE AA 415 -27.23 25.82 75.63
N TRP AA 416 -27.77 26.66 74.75
CA TRP AA 416 -26.95 27.47 73.86
C TRP AA 416 -26.93 28.93 74.29
N SER AA 417 -25.80 29.59 74.03
CA SER AA 417 -25.73 31.02 74.35
C SER AA 417 -24.74 31.71 73.42
N ASP AA 418 -25.19 32.11 72.23
CA ASP AA 418 -24.73 33.27 71.49
C ASP AA 418 -23.25 33.26 71.04
N GLU AA 419 -22.39 32.52 71.73
CA GLU AA 419 -21.03 32.31 71.28
C GLU AA 419 -20.50 30.94 71.66
N ALA AA 420 -21.12 30.23 72.60
CA ALA AA 420 -20.71 28.90 73.01
C ALA AA 420 -21.95 28.06 73.22
N GLN AA 421 -21.75 26.78 73.49
CA GLN AA 421 -22.83 25.82 73.60
C GLN AA 421 -22.54 24.86 74.75
N PHE AA 422 -23.55 24.59 75.58
CA PHE AA 422 -23.31 23.99 76.89
C PHE AA 422 -24.22 22.79 77.09
N VAL AA 423 -23.63 21.66 77.48
CA VAL AA 423 -24.36 20.42 77.74
C VAL AA 423 -24.60 20.25 79.22
N LEU AA 424 -25.86 20.01 79.60
CA LEU AA 424 -26.28 19.95 81.00
C LEU AA 424 -26.66 18.51 81.32
N THR AA 425 -25.68 17.71 81.75
CA THR AA 425 -25.93 16.38 82.27
C THR AA 425 -25.13 16.19 83.54
N ALA AA 426 -25.51 15.21 84.34
CA ALA AA 426 -24.86 14.98 85.61
C ALA AA 426 -24.07 13.68 85.59
N SER AA 427 -23.21 13.52 86.60
CA SER AA 427 -22.42 12.31 86.79
C SER AA 427 -22.86 11.68 88.11
N GLY AA 428 -23.67 10.63 88.03
CA GLY AA 428 -24.19 10.00 89.22
C GLY AA 428 -25.66 9.67 89.12
N THR AA 429 -26.47 10.29 89.98
CA THR AA 429 -27.91 10.09 90.02
C THR AA 429 -28.57 10.90 88.90
N LEU AA 430 -29.88 11.13 89.00
CA LEU AA 430 -30.53 12.06 88.08
C LEU AA 430 -29.93 13.44 88.14
N THR AA 431 -30.19 14.11 89.25
CA THR AA 431 -29.87 15.51 89.45
C THR AA 431 -29.85 15.71 90.95
N SER AA 432 -28.67 16.00 91.49
CA SER AA 432 -28.52 16.43 92.87
C SER AA 432 -27.95 17.82 92.77
N LYS AA 433 -27.44 18.37 93.88
CA LYS AA 433 -26.56 19.53 93.78
C LYS AA 433 -25.35 19.25 92.90
N SER AA 434 -24.90 17.99 92.81
CA SER AA 434 -23.86 17.57 91.88
C SER AA 434 -24.45 17.32 90.49
N VAL AA 435 -24.41 18.36 89.64
CA VAL AA 435 -24.81 18.30 88.23
C VAL AA 435 -23.75 19.01 87.41
N GLU AA 436 -23.20 18.32 86.42
CA GLU AA 436 -22.11 18.87 85.63
C GLU AA 436 -22.62 19.80 84.55
N LEU AA 437 -21.71 20.61 84.01
CA LEU AA 437 -22.02 21.53 82.92
C LEU AA 437 -20.74 21.87 82.21
N ASN AA 438 -20.64 21.51 80.93
CA ASN AA 438 -19.43 21.71 80.17
C ASN AA 438 -19.77 22.29 78.81
N LEU AA 439 -18.80 22.92 78.17
CA LEU AA 439 -19.02 23.54 76.86
C LEU AA 439 -18.40 22.66 75.79
N THR AA 440 -19.22 22.20 74.85
CA THR AA 440 -18.70 21.34 73.80
C THR AA 440 -18.12 22.12 72.63
N THR AA 441 -18.96 22.87 71.93
CA THR AA 441 -18.56 23.48 70.67
C THR AA 441 -18.87 24.96 70.70
N GLN AA 442 -17.88 25.79 70.40
CA GLN AA 442 -17.97 27.21 70.62
C GLN AA 442 -18.41 27.97 69.35
N PHE AA 443 -19.53 27.56 68.75
CA PHE AA 443 -20.02 28.16 67.52
C PHE AA 443 -20.84 29.41 67.80
N ASP AA 444 -21.03 30.21 66.76
CA ASP AA 444 -21.80 31.45 66.86
C ASP AA 444 -23.22 31.24 66.36
N VAL AA 445 -24.17 31.78 67.10
CA VAL AA 445 -25.59 31.52 66.87
C VAL AA 445 -26.39 32.80 67.13
N GLN AA 446 -27.31 33.11 66.22
CA GLN AA 446 -28.11 34.32 66.32
C GLN AA 446 -29.16 34.15 67.40
N ASP AA 447 -29.52 35.26 68.03
CA ASP AA 447 -30.31 35.25 69.26
C ASP AA 447 -31.80 35.39 69.02
N ARG AA 448 -32.25 35.43 67.77
CA ARG AA 448 -33.64 35.74 67.48
C ARG AA 448 -34.36 34.62 66.78
N ALA AA 449 -33.76 33.43 66.72
CA ALA AA 449 -34.37 32.26 66.11
C ALA AA 449 -34.17 31.08 67.04
N ARG AA 450 -35.16 30.28 67.12
CA ARG AA 450 -35.05 29.16 68.04
C ARG AA 450 -34.50 27.97 67.28
N PRO AA 451 -33.42 27.36 67.75
CA PRO AA 451 -32.85 26.20 67.05
C PRO AA 451 -33.80 25.02 67.00
N PHE AA 452 -34.23 24.68 65.79
CA PHE AA 452 -35.29 23.72 65.56
C PHE AA 452 -34.70 22.39 65.15
N GLY AA 453 -35.25 21.31 65.69
CA GLY AA 453 -34.74 19.98 65.45
C GLY AA 453 -35.69 19.22 64.51
N ILE AA 454 -35.10 18.48 63.59
CA ILE AA 454 -35.91 17.69 62.67
C ILE AA 454 -35.70 16.21 62.92
N GLY AA 455 -34.49 15.73 62.68
CA GLY AA 455 -34.22 14.33 62.88
C GLY AA 455 -33.15 14.12 63.92
N ARG AA 456 -31.99 13.72 63.47
CA ARG AA 456 -30.82 13.67 64.33
C ARG AA 456 -30.12 15.03 64.39
N ASN AA 457 -30.57 15.99 63.60
CA ASN AA 457 -29.92 17.29 63.52
C ASN AA 457 -30.76 18.35 64.22
N VAL AA 458 -30.16 19.52 64.40
CA VAL AA 458 -30.84 20.72 64.89
C VAL AA 458 -30.34 21.90 64.06
N TYR AA 459 -31.26 22.64 63.46
CA TYR AA 459 -30.89 23.70 62.54
C TYR AA 459 -31.02 25.06 63.19
N PHE AA 460 -30.13 25.98 62.85
CA PHE AA 460 -30.05 27.26 63.53
C PHE AA 460 -29.35 28.26 62.62
N ALA AA 461 -29.41 29.53 63.00
CA ALA AA 461 -28.86 30.60 62.19
C ALA AA 461 -27.60 31.15 62.82
N SER AA 462 -26.86 31.93 62.04
CA SER AA 462 -25.60 32.50 62.50
C SER AA 462 -25.54 33.96 62.10
N PRO AA 463 -24.95 34.79 62.93
CA PRO AA 463 -24.90 36.22 62.62
C PRO AA 463 -23.78 36.63 61.69
N ARG AA 464 -23.98 36.51 60.38
CA ARG AA 464 -23.21 37.35 59.48
C ARG AA 464 -23.75 38.77 59.54
N SER AA 465 -23.06 39.70 58.88
CA SER AA 465 -23.53 41.08 58.84
C SER AA 465 -24.79 41.20 57.99
N SER AA 466 -24.67 40.88 56.72
CA SER AA 466 -25.80 40.73 55.84
C SER AA 466 -25.66 39.39 55.14
N PHE AA 467 -26.79 38.86 54.65
CA PHE AA 467 -26.88 37.58 53.95
C PHE AA 467 -26.38 36.42 54.83
N THR AA 468 -27.17 36.15 55.87
CA THR AA 468 -26.77 35.24 56.93
C THR AA 468 -26.79 33.79 56.46
N SER AA 469 -26.49 32.90 57.40
CA SER AA 469 -26.21 31.51 57.12
C SER AA 469 -27.06 30.62 58.02
N ILE AA 470 -27.19 29.36 57.64
CA ILE AA 470 -27.87 28.35 58.42
C ILE AA 470 -26.92 27.16 58.58
N HIS AA 471 -26.88 26.58 59.77
CA HIS AA 471 -25.93 25.53 60.07
C HIS AA 471 -26.62 24.26 60.56
N ARG AA 472 -26.16 23.12 60.04
CA ARG AA 472 -26.54 21.81 60.54
C ARG AA 472 -25.67 21.44 61.72
N TYR AA 473 -26.31 20.97 62.79
CA TYR AA 473 -25.61 20.69 64.04
C TYR AA 473 -25.65 19.19 64.31
N TYR AA 474 -24.48 18.55 64.23
CA TYR AA 474 -24.31 17.10 64.26
C TYR AA 474 -24.25 16.54 65.66
N ALA AA 475 -24.33 15.23 65.72
CA ALA AA 475 -23.57 14.42 66.65
C ALA AA 475 -22.73 13.48 65.80
N VAL AA 476 -21.41 13.52 65.96
CA VAL AA 476 -20.55 12.83 65.02
C VAL AA 476 -20.64 11.32 65.23
N GLN AA 477 -20.17 10.58 64.23
CA GLN AA 477 -20.31 9.14 64.30
C GLN AA 477 -19.21 8.50 65.12
N ASP AA 478 -17.98 8.99 65.01
CA ASP AA 478 -16.84 8.22 65.46
C ASP AA 478 -16.66 8.31 66.98
N VAL AA 479 -16.72 9.50 67.54
CA VAL AA 479 -16.43 9.67 68.96
C VAL AA 479 -17.71 9.30 69.70
N SER AA 480 -17.63 9.18 71.02
CA SER AA 480 -18.84 9.02 71.82
C SER AA 480 -19.70 10.28 71.78
N SER AA 481 -19.18 11.41 72.27
CA SER AA 481 -20.01 12.57 72.56
C SER AA 481 -19.38 13.87 72.04
N VAL AA 482 -18.95 13.88 70.80
CA VAL AA 482 -18.42 15.09 70.19
C VAL AA 482 -19.47 15.69 69.26
N LYS AA 483 -19.79 16.96 69.48
CA LYS AA 483 -20.74 17.68 68.64
C LYS AA 483 -20.00 18.40 67.54
N ASN AA 484 -20.76 18.84 66.53
CA ASN AA 484 -20.17 19.47 65.35
C ASN AA 484 -21.25 20.31 64.68
N ALA AA 485 -20.81 21.35 63.99
CA ALA AA 485 -21.72 22.20 63.25
C ALA AA 485 -21.13 22.49 61.88
N GLU AA 486 -21.78 21.99 60.84
CA GLU AA 486 -21.34 22.23 59.48
C GLU AA 486 -22.01 23.49 58.95
N ASP AA 487 -21.96 23.71 57.64
CA ASP AA 487 -22.57 24.88 57.04
C ASP AA 487 -23.35 24.41 55.82
N ILE AA 488 -24.67 24.53 55.87
CA ILE AA 488 -25.50 24.06 54.78
C ILE AA 488 -25.94 25.23 53.93
N THR AA 489 -25.32 26.39 54.14
CA THR AA 489 -25.32 27.45 53.16
C THR AA 489 -23.90 27.74 52.68
N SER AA 490 -23.01 26.76 52.81
CA SER AA 490 -21.62 26.95 52.39
C SER AA 490 -21.48 27.11 50.89
N HIS AA 491 -22.43 26.61 50.12
CA HIS AA 491 -22.43 26.81 48.69
C HIS AA 491 -23.51 27.77 48.24
N VAL AA 492 -24.42 28.17 49.12
CA VAL AA 492 -25.33 29.26 48.80
C VAL AA 492 -25.24 30.33 49.89
N PRO AA 493 -24.26 31.20 49.89
CA PRO AA 493 -24.41 32.43 50.66
C PRO AA 493 -25.08 33.44 49.78
N ASN AA 494 -25.26 34.66 50.29
CA ASN AA 494 -25.87 35.77 49.56
C ASN AA 494 -27.28 35.42 49.10
N TYR AA 495 -28.03 34.74 49.96
CA TYR AA 495 -29.37 34.32 49.60
C TYR AA 495 -30.43 34.51 50.67
N ILE AA 496 -30.08 34.55 51.96
CA ILE AA 496 -31.07 34.73 53.03
C ILE AA 496 -30.74 35.99 53.83
N PRO AA 497 -31.56 37.03 53.75
CA PRO AA 497 -31.06 38.40 53.96
C PRO AA 497 -30.49 38.84 55.30
N ASN AA 498 -31.25 39.02 56.38
CA ASN AA 498 -30.52 39.29 57.62
C ASN AA 498 -31.15 38.69 58.86
N GLY AA 499 -32.45 38.82 59.02
CA GLY AA 499 -33.00 38.46 60.30
C GLY AA 499 -33.82 37.21 60.28
N VAL AA 500 -33.23 36.09 60.67
CA VAL AA 500 -33.96 34.84 60.75
C VAL AA 500 -34.77 34.89 62.03
N PHE AA 501 -36.09 35.01 61.90
CA PHE AA 501 -36.93 35.08 63.08
C PHE AA 501 -37.81 33.87 63.26
N SER AA 502 -37.80 32.92 62.34
CA SER AA 502 -38.55 31.70 62.52
C SER AA 502 -37.90 30.61 61.70
N ILE AA 503 -37.77 29.42 62.28
CA ILE AA 503 -37.27 28.25 61.59
C ILE AA 503 -38.33 27.17 61.67
N CYS AA 504 -38.88 26.79 60.52
CA CYS AA 504 -39.95 25.81 60.45
C CYS AA 504 -39.36 24.42 60.31
N GLY AA 505 -40.21 23.48 59.93
CA GLY AA 505 -39.73 22.18 59.52
C GLY AA 505 -40.83 21.16 59.64
N SER AA 506 -40.56 19.99 59.08
CA SER AA 506 -41.43 18.84 59.24
C SER AA 506 -40.60 17.61 58.93
N GLY AA 507 -40.65 16.64 59.84
CA GLY AA 507 -39.98 15.40 59.59
C GLY AA 507 -40.66 14.49 58.61
N THR AA 508 -41.91 14.80 58.24
CA THR AA 508 -42.63 13.94 57.31
C THR AA 508 -42.17 14.19 55.88
N GLU AA 509 -42.31 15.42 55.40
CA GLU AA 509 -41.93 15.74 54.04
C GLU AA 509 -40.47 16.14 53.91
N ASN AA 510 -39.72 16.13 55.03
CA ASN AA 510 -38.25 16.26 55.05
C ASN AA 510 -37.77 17.60 54.50
N PHE AA 511 -38.13 18.69 55.17
CA PHE AA 511 -37.55 19.98 54.83
C PHE AA 511 -37.36 20.82 56.08
N CYS AA 512 -36.58 21.89 55.90
CA CYS AA 512 -36.45 22.96 56.88
C CYS AA 512 -36.60 24.27 56.14
N SER AA 513 -37.37 25.19 56.69
CA SER AA 513 -37.50 26.47 56.03
C SER AA 513 -37.26 27.59 57.02
N VAL AA 514 -37.01 28.77 56.49
CA VAL AA 514 -36.54 29.91 57.26
C VAL AA 514 -37.21 31.16 56.72
N LEU AA 515 -37.87 31.88 57.61
CA LEU AA 515 -38.42 33.20 57.31
C LEU AA 515 -37.38 34.26 57.64
N SER AA 516 -37.56 35.45 57.07
CA SER AA 516 -36.54 36.47 57.27
C SER AA 516 -37.16 37.85 57.18
N HIS AA 517 -36.74 38.74 58.07
CA HIS AA 517 -37.16 40.14 58.05
C HIS AA 517 -36.08 40.95 57.34
N GLY AA 518 -35.76 40.53 56.13
CA GLY AA 518 -34.91 41.34 55.29
C GLY AA 518 -35.45 41.37 53.88
N ASP AA 519 -36.37 40.45 53.61
CA ASP AA 519 -37.09 40.34 52.35
C ASP AA 519 -38.29 39.44 52.62
N PRO AA 520 -39.31 39.95 53.30
CA PRO AA 520 -40.27 39.08 53.99
C PRO AA 520 -41.28 38.41 53.09
N SER AA 521 -41.12 38.44 51.78
CA SER AA 521 -42.03 37.77 50.88
C SER AA 521 -41.57 36.38 50.53
N LYS AA 522 -40.54 35.87 51.20
CA LYS AA 522 -39.86 34.66 50.78
C LYS AA 522 -39.80 33.66 51.92
N ILE AA 523 -40.22 32.43 51.65
CA ILE AA 523 -40.03 31.31 52.56
C ILE AA 523 -38.88 30.48 52.02
N PHE AA 524 -37.75 30.50 52.70
CA PHE AA 524 -36.52 29.90 52.19
C PHE AA 524 -36.47 28.42 52.52
N MET AA 525 -36.93 27.58 51.60
CA MET AA 525 -37.03 26.14 51.81
C MET AA 525 -35.68 25.48 51.66
N TYR AA 526 -35.41 24.49 52.51
CA TYR AA 526 -34.21 23.64 52.40
C TYR AA 526 -34.69 22.20 52.49
N LYS AA 527 -34.85 21.54 51.34
CA LYS AA 527 -35.35 20.18 51.35
C LYS AA 527 -34.19 19.20 51.27
N PHE AA 528 -34.21 18.21 52.16
CA PHE AA 528 -33.13 17.25 52.30
C PHE AA 528 -33.71 15.85 52.30
N LEU AA 529 -32.83 14.87 52.10
CA LEU AA 529 -33.23 13.46 52.18
C LEU AA 529 -32.01 12.64 52.54
N TYR AA 530 -31.99 12.12 53.76
CA TYR AA 530 -30.94 11.20 54.17
C TYR AA 530 -31.30 9.79 53.74
N LEU AA 531 -30.29 9.04 53.30
CA LEU AA 531 -30.49 7.68 52.85
C LEU AA 531 -29.17 6.95 53.03
N ASN AA 532 -29.17 5.94 53.90
CA ASN AA 532 -27.97 5.20 54.33
C ASN AA 532 -26.91 6.13 54.91
N GLU AA 533 -27.35 7.03 55.79
CA GLU AA 533 -26.54 7.93 56.60
C GLU AA 533 -25.72 8.94 55.79
N GLU AA 534 -25.98 9.06 54.49
CA GLU AA 534 -25.31 10.03 53.64
C GLU AA 534 -26.35 10.94 53.01
N LEU AA 535 -26.09 12.24 53.05
CA LEU AA 535 -27.10 13.19 52.59
C LEU AA 535 -27.04 13.28 51.08
N ARG AA 536 -28.20 13.22 50.43
CA ARG AA 536 -28.27 13.08 48.98
C ARG AA 536 -29.02 14.22 48.31
N GLN AA 537 -29.44 15.25 49.05
CA GLN AA 537 -30.16 16.36 48.45
C GLN AA 537 -29.97 17.61 49.30
N GLN AA 538 -29.11 18.51 48.87
CA GLN AA 538 -28.98 19.84 49.46
C GLN AA 538 -29.67 20.82 48.53
N SER AA 539 -30.99 20.92 48.65
CA SER AA 539 -31.74 21.79 47.76
C SER AA 539 -32.17 23.04 48.49
N TRP AA 540 -32.21 24.14 47.76
CA TRP AA 540 -32.74 25.40 48.24
C TRP AA 540 -33.72 25.95 47.23
N SER AA 541 -34.65 26.74 47.72
CA SER AA 541 -35.57 27.48 46.88
C SER AA 541 -36.04 28.66 47.69
N HIS AA 542 -36.98 29.42 47.16
CA HIS AA 542 -37.78 30.31 48.00
C HIS AA 542 -39.15 30.49 47.40
N TRP AA 543 -40.16 30.37 48.24
CA TRP AA 543 -41.53 30.48 47.81
C TRP AA 543 -41.99 31.93 47.94
N ASP AA 544 -42.46 32.49 46.85
CA ASP AA 544 -43.15 33.78 46.86
C ASP AA 544 -44.64 33.55 46.76
N PHE AA 545 -45.39 34.37 47.47
CA PHE AA 545 -46.85 34.29 47.45
C PHE AA 545 -47.44 35.51 46.78
N GLY AA 546 -46.71 36.05 45.82
CA GLY AA 546 -47.08 37.29 45.19
C GLY AA 546 -46.24 38.40 45.78
N GLU AA 547 -45.96 39.42 44.99
CA GLU AA 547 -45.16 40.53 45.47
C GLU AA 547 -45.98 41.38 46.43
N ASN AA 548 -45.25 42.16 47.25
CA ASN AA 548 -45.80 43.04 48.28
C ASN AA 548 -46.68 42.26 49.27
N VAL AA 549 -46.27 41.05 49.63
CA VAL AA 549 -47.01 40.19 50.53
C VAL AA 549 -46.03 39.66 51.59
N GLN AA 550 -46.30 39.95 52.85
CA GLN AA 550 -45.40 39.60 53.94
C GLN AA 550 -45.84 38.31 54.60
N VAL AA 551 -44.95 37.33 54.66
CA VAL AA 551 -45.21 36.06 55.31
C VAL AA 551 -44.70 36.18 56.73
N LEU AA 552 -45.61 36.22 57.68
CA LEU AA 552 -45.26 36.56 59.05
C LEU AA 552 -45.36 35.39 59.99
N ALA AA 553 -45.64 34.18 59.49
CA ALA AA 553 -45.48 32.95 60.25
C ALA AA 553 -45.40 31.73 59.35
N CYS AA 554 -44.96 30.62 59.93
CA CYS AA 554 -44.84 29.34 59.28
C CYS AA 554 -44.71 28.24 60.31
N GLN AA 555 -45.68 27.34 60.38
CA GLN AA 555 -45.57 26.14 61.19
C GLN AA 555 -46.20 25.00 60.41
N SER AA 556 -45.94 23.78 60.83
CA SER AA 556 -46.40 22.64 60.05
C SER AA 556 -46.79 21.51 61.00
N ILE AA 557 -48.10 21.24 61.07
CA ILE AA 557 -48.60 19.99 61.61
C ILE AA 557 -48.39 19.01 60.46
N SER AA 558 -48.51 17.71 60.73
CA SER AA 558 -47.77 16.61 60.12
C SER AA 558 -47.40 16.76 58.66
N SER AA 559 -48.36 17.07 57.81
CA SER AA 559 -48.03 17.35 56.41
C SER AA 559 -48.83 18.52 55.88
N ASP AA 560 -49.28 19.41 56.76
CA ASP AA 560 -50.03 20.58 56.38
C ASP AA 560 -49.36 21.80 56.98
N MET AA 561 -48.89 22.69 56.12
CA MET AA 561 -48.16 23.88 56.55
C MET AA 561 -49.13 25.05 56.64
N TYR AA 562 -49.58 25.35 57.84
CA TYR AA 562 -50.50 26.46 58.08
C TYR AA 562 -49.74 27.77 58.16
N VAL AA 563 -50.08 28.69 57.26
CA VAL AA 563 -49.31 29.90 57.06
C VAL AA 563 -50.26 31.08 57.18
N ILE AA 564 -49.99 32.02 58.08
CA ILE AA 564 -50.63 33.32 57.97
C ILE AA 564 -49.73 34.21 57.16
N LEU AA 565 -50.33 35.10 56.40
CA LEU AA 565 -49.55 35.92 55.49
C LEU AA 565 -50.25 37.25 55.31
N ARG AA 566 -49.48 38.31 55.28
CA ARG AA 566 -49.98 39.67 55.37
C ARG AA 566 -49.93 40.32 54.00
N ASN AA 567 -51.05 40.87 53.58
CA ASN AA 567 -51.13 41.67 52.37
C ASN AA 567 -50.82 43.11 52.74
N GLU AA 568 -51.06 44.06 51.86
CA GLU AA 568 -51.02 45.45 52.28
C GLU AA 568 -52.39 45.95 52.64
N PHE AA 569 -53.34 45.07 52.82
CA PHE AA 569 -54.66 45.47 53.29
C PHE AA 569 -55.20 44.58 54.40
N ASN AA 570 -54.78 43.32 54.48
CA ASN AA 570 -55.40 42.37 55.38
C ASN AA 570 -54.35 41.49 56.00
N THR AA 571 -54.81 40.41 56.63
CA THR AA 571 -53.94 39.38 57.19
C THR AA 571 -54.69 38.06 57.08
N PHE AA 572 -54.07 37.08 56.46
CA PHE AA 572 -54.76 35.88 56.02
C PHE AA 572 -54.47 34.70 56.93
N LEU AA 573 -54.93 33.53 56.52
CA LEU AA 573 -54.52 32.26 57.08
C LEU AA 573 -54.74 31.19 56.01
N ALA AA 574 -53.88 30.19 55.97
CA ALA AA 574 -53.83 29.32 54.81
C ALA AA 574 -53.49 27.91 55.21
N ARG AA 575 -53.34 27.05 54.20
CA ARG AA 575 -53.04 25.64 54.41
C ARG AA 575 -52.38 25.09 53.16
N ILE AA 576 -51.10 24.77 53.27
CA ILE AA 576 -50.33 24.20 52.18
C ILE AA 576 -50.24 22.70 52.42
N SER AA 577 -50.95 21.93 51.60
CA SER AA 577 -51.06 20.49 51.79
C SER AA 577 -50.20 19.76 50.77
N PHE AA 578 -49.38 18.84 51.25
CA PHE AA 578 -48.43 18.13 50.40
C PHE AA 578 -49.02 16.89 49.76
N THR AA 579 -50.32 16.88 49.51
CA THR AA 579 -50.97 15.78 48.81
C THR AA 579 -50.43 15.64 47.40
N LYS AA 580 -50.48 14.42 46.88
CA LYS AA 580 -49.84 14.13 45.60
C LYS AA 580 -50.81 14.25 44.43
N ASN AA 581 -51.89 13.48 44.44
CA ASN AA 581 -52.90 13.58 43.41
C ASN AA 581 -54.28 13.89 43.95
N ALA AA 582 -54.42 14.05 45.26
CA ALA AA 582 -55.71 14.33 45.87
C ALA AA 582 -56.15 15.74 45.53
N ILE AA 583 -57.42 16.01 45.83
CA ILE AA 583 -58.06 17.26 45.46
C ILE AA 583 -58.23 18.09 46.73
N ASP AA 584 -57.87 19.36 46.66
CA ASP AA 584 -57.89 20.22 47.83
C ASP AA 584 -59.31 20.53 48.28
N LEU AA 585 -60.06 21.21 47.45
CA LEU AA 585 -61.44 21.55 47.79
C LEU AA 585 -62.40 20.60 47.10
N GLN AA 586 -63.63 20.55 47.61
CA GLN AA 586 -64.62 19.61 47.09
C GLN AA 586 -65.08 20.07 45.71
N GLY AA 587 -64.79 19.26 44.70
CA GLY AA 587 -64.98 19.64 43.31
C GLY AA 587 -63.62 19.64 42.63
N GLU AA 588 -63.28 20.72 41.91
CA GLU AA 588 -61.94 21.01 41.39
C GLU AA 588 -61.32 19.88 40.59
N PRO AA 589 -61.70 19.71 39.33
CA PRO AA 589 -61.35 18.50 38.59
C PRO AA 589 -59.87 18.16 38.41
N TYR AA 590 -58.93 19.08 38.67
CA TYR AA 590 -57.54 18.70 38.48
C TYR AA 590 -56.53 19.25 39.48
N ARG AA 591 -56.95 19.64 40.69
CA ARG AA 591 -56.11 20.28 41.71
C ARG AA 591 -55.46 21.54 41.16
N ALA AA 592 -56.24 22.58 40.95
CA ALA AA 592 -55.77 23.78 40.29
C ALA AA 592 -54.77 24.51 41.16
N PHE AA 593 -53.56 24.70 40.64
CA PHE AA 593 -52.53 25.45 41.34
C PHE AA 593 -52.88 26.93 41.30
N MET AA 594 -53.25 27.49 42.45
CA MET AA 594 -53.99 28.75 42.47
C MET AA 594 -53.49 29.79 43.48
N ASP AA 595 -52.60 29.45 44.41
CA ASP AA 595 -51.85 30.38 45.29
C ASP AA 595 -52.71 31.06 46.36
N MET AA 596 -54.03 30.95 46.24
CA MET AA 596 -55.12 31.27 47.16
C MET AA 596 -56.25 30.45 46.59
N LYS AA 597 -57.13 29.93 47.42
CA LYS AA 597 -58.10 28.98 46.84
C LYS AA 597 -59.38 28.97 47.66
N ILE AA 598 -60.41 29.65 47.15
CA ILE AA 598 -61.71 29.63 47.76
C ILE AA 598 -62.62 28.67 47.01
N ARG AA 599 -63.76 28.37 47.60
CA ARG AA 599 -64.82 27.63 46.94
C ARG AA 599 -66.08 28.47 47.11
N TYR AA 600 -66.41 29.25 46.09
CA TYR AA 600 -67.46 30.25 46.17
C TYR AA 600 -68.66 29.81 45.38
N THR AA 601 -69.84 30.09 45.92
CA THR AA 601 -71.09 29.93 45.21
C THR AA 601 -71.57 31.31 44.80
N ILE AA 602 -71.90 31.45 43.53
CA ILE AA 602 -72.34 32.76 43.01
C ILE AA 602 -73.69 33.10 43.60
N PRO AA 603 -73.89 34.29 44.15
CA PRO AA 603 -75.18 34.62 44.73
C PRO AA 603 -76.27 34.88 43.71
N SER AA 604 -77.44 35.31 44.17
CA SER AA 604 -78.59 35.45 43.27
C SER AA 604 -78.41 36.63 42.32
N GLY AA 605 -78.33 37.83 42.86
CA GLY AA 605 -78.27 38.97 41.97
C GLY AA 605 -76.87 39.41 41.64
N THR AA 606 -76.33 38.88 40.54
CA THR AA 606 -75.09 39.36 39.94
C THR AA 606 -75.15 39.51 38.43
N TYR AA 607 -76.08 38.83 37.77
CA TYR AA 607 -76.09 38.74 36.31
C TYR AA 607 -76.97 39.85 35.74
N ASN AA 608 -76.34 40.83 35.10
CA ASN AA 608 -77.11 41.81 34.35
C ASN AA 608 -77.67 41.15 33.10
N ASP AA 609 -78.99 41.29 32.90
CA ASP AA 609 -79.63 40.64 31.77
C ASP AA 609 -79.28 41.32 30.45
N ASP AA 610 -78.88 42.60 30.50
CA ASP AA 610 -78.54 43.31 29.29
C ASP AA 610 -77.21 42.81 28.73
N THR AA 611 -76.14 42.92 29.51
CA THR AA 611 -74.84 42.46 29.05
C THR AA 611 -74.73 40.95 29.29
N PHE AA 612 -73.55 40.40 29.05
CA PHE AA 612 -73.35 38.95 29.08
C PHE AA 612 -72.66 38.47 30.35
N THR AA 613 -72.02 39.36 31.10
CA THR AA 613 -71.17 38.96 32.21
C THR AA 613 -71.89 39.01 33.54
N THR AA 614 -71.36 38.29 34.52
CA THR AA 614 -71.76 38.41 35.92
C THR AA 614 -70.71 39.21 36.67
N SER AA 615 -71.11 39.78 37.79
CA SER AA 615 -70.24 40.65 38.58
C SER AA 615 -69.92 39.96 39.91
N ILE AA 616 -68.78 39.33 39.99
CA ILE AA 616 -68.30 38.72 41.22
C ILE AA 616 -67.41 39.72 41.93
N HIS AA 617 -67.66 39.94 43.22
CA HIS AA 617 -67.03 41.01 43.98
C HIS AA 617 -65.99 40.39 44.92
N ILE AA 618 -64.72 40.63 44.65
CA ILE AA 618 -63.64 39.96 45.38
C ILE AA 618 -63.49 40.31 46.86
N PRO AA 619 -63.92 41.46 47.41
CA PRO AA 619 -64.00 41.53 48.87
C PRO AA 619 -65.06 40.66 49.51
N THR AA 620 -66.03 40.16 48.75
CA THR AA 620 -67.02 39.27 49.35
C THR AA 620 -66.64 37.80 49.23
N ILE AA 621 -65.95 37.41 48.18
CA ILE AA 621 -65.56 36.00 48.05
C ILE AA 621 -64.38 35.67 48.95
N TYR AA 622 -63.64 36.68 49.39
CA TYR AA 622 -62.57 36.57 50.35
C TYR AA 622 -62.98 37.39 51.57
N GLY AA 623 -62.05 37.59 52.48
CA GLY AA 623 -62.32 38.45 53.60
C GLY AA 623 -62.44 39.89 53.17
N ALA AA 624 -61.40 40.41 52.53
CA ALA AA 624 -61.36 41.80 52.11
C ALA AA 624 -60.36 41.92 50.97
N ASN AA 625 -59.90 43.16 50.73
CA ASN AA 625 -59.25 43.54 49.48
C ASN AA 625 -57.92 42.83 49.27
N PHE AA 626 -57.40 42.97 48.05
CA PHE AA 626 -56.16 42.40 47.58
C PHE AA 626 -55.22 43.49 47.11
N GLY AA 627 -54.09 43.06 46.56
CA GLY AA 627 -53.13 43.98 46.01
C GLY AA 627 -53.06 43.86 44.51
N ARG AA 628 -52.05 43.15 44.02
CA ARG AA 628 -51.91 42.96 42.58
C ARG AA 628 -51.45 41.53 42.30
N GLY AA 629 -51.90 41.02 41.15
CA GLY AA 629 -51.64 39.65 40.76
C GLY AA 629 -52.62 39.23 39.69
N LYS AA 630 -52.37 38.06 39.14
CA LYS AA 630 -53.19 37.52 38.06
C LYS AA 630 -54.15 36.51 38.64
N ILE AA 631 -55.44 36.66 38.34
CA ILE AA 631 -56.50 35.91 39.00
C ILE AA 631 -57.14 34.95 38.01
N THR AA 632 -57.22 33.69 38.40
CA THR AA 632 -57.72 32.62 37.55
C THR AA 632 -59.01 32.09 38.16
N VAL AA 633 -60.02 31.92 37.31
CA VAL AA 633 -61.34 31.44 37.72
C VAL AA 633 -61.58 30.10 37.05
N LEU AA 634 -61.86 29.08 37.84
CA LEU AA 634 -62.04 27.72 37.36
C LEU AA 634 -63.42 27.22 37.73
N GLU AA 635 -63.99 26.39 36.86
CA GLU AA 635 -65.38 25.92 36.94
C GLU AA 635 -65.37 24.39 36.99
N PRO AA 636 -66.49 23.70 37.26
CA PRO AA 636 -66.43 22.23 37.27
C PRO AA 636 -66.22 21.59 35.91
N ASP AA 637 -66.37 22.35 34.83
CA ASP AA 637 -65.94 21.91 33.50
C ASP AA 637 -64.46 22.22 33.35
N GLY AA 638 -63.94 22.18 32.14
CA GLY AA 638 -62.57 22.58 31.93
C GLY AA 638 -62.43 24.07 31.67
N LYS AA 639 -63.40 24.86 32.10
CA LYS AA 639 -63.43 26.28 31.79
C LYS AA 639 -62.45 27.02 32.69
N ILE AA 640 -61.47 27.67 32.06
CA ILE AA 640 -60.44 28.42 32.76
C ILE AA 640 -60.41 29.81 32.18
N THR AA 641 -60.79 30.80 32.97
CA THR AA 641 -60.73 32.17 32.53
C THR AA 641 -59.68 32.93 33.33
N VAL AA 642 -58.80 33.62 32.62
CA VAL AA 642 -57.70 34.35 33.23
C VAL AA 642 -58.03 35.84 33.18
N PHE AA 643 -57.99 36.48 34.34
CA PHE AA 643 -58.24 37.91 34.45
C PHE AA 643 -56.94 38.63 34.77
N GLU AA 644 -56.58 39.60 33.93
CA GLU AA 644 -55.39 40.36 34.22
C GLU AA 644 -55.69 41.40 35.30
N GLN AA 645 -54.63 41.91 35.90
CA GLN AA 645 -54.78 42.88 36.96
C GLN AA 645 -55.10 44.25 36.36
N PRO AA 646 -55.82 45.08 37.11
CA PRO AA 646 -55.98 46.47 36.69
C PRO AA 646 -54.69 47.24 36.89
N THR AA 647 -54.67 48.47 36.35
CA THR AA 647 -53.45 49.26 36.39
C THR AA 647 -53.15 49.76 37.80
N ALA AA 648 -54.17 50.21 38.52
CA ALA AA 648 -53.98 50.51 39.93
C ALA AA 648 -53.95 49.22 40.74
N GLY AA 649 -54.89 48.31 40.47
CA GLY AA 649 -54.81 46.95 40.93
C GLY AA 649 -55.67 46.60 42.12
N TRP AA 650 -56.86 46.04 41.85
CA TRP AA 650 -57.73 45.33 42.79
C TRP AA 650 -58.12 46.16 44.01
N ASN AA 651 -57.97 47.47 43.94
CA ASN AA 651 -58.57 48.38 44.89
C ASN AA 651 -59.36 49.49 44.21
N SER AA 652 -58.96 49.88 43.00
CA SER AA 652 -59.79 50.76 42.20
C SER AA 652 -60.85 49.97 41.43
N ASP AA 653 -60.50 48.77 40.96
CA ASP AA 653 -61.43 47.89 40.26
C ASP AA 653 -61.49 46.57 41.03
N PRO AA 654 -62.36 46.47 42.00
CA PRO AA 654 -62.45 45.24 42.79
C PRO AA 654 -63.37 44.21 42.17
N TRP AA 655 -63.70 44.36 40.90
CA TRP AA 655 -64.68 43.48 40.28
C TRP AA 655 -64.00 42.40 39.46
N LEU AA 656 -64.79 41.39 39.10
CA LEU AA 656 -64.29 40.21 38.40
C LEU AA 656 -65.37 39.80 37.41
N ARG AA 657 -65.15 40.09 36.13
CA ARG AA 657 -66.21 40.07 35.13
C ARG AA 657 -66.27 38.70 34.45
N LEU AA 658 -66.88 37.75 35.14
CA LEU AA 658 -66.99 36.40 34.61
C LEU AA 658 -68.06 36.36 33.53
N SER AA 659 -67.71 35.80 32.36
CA SER AA 659 -68.58 35.84 31.20
C SER AA 659 -69.46 34.60 31.14
N GLY AA 660 -70.77 34.81 31.04
CA GLY AA 660 -71.78 33.77 31.03
C GLY AA 660 -72.87 34.10 32.02
N ASN AA 661 -73.82 33.19 32.17
CA ASN AA 661 -74.88 33.33 33.15
C ASN AA 661 -74.57 32.40 34.32
N LEU AA 662 -74.32 32.98 35.48
CA LEU AA 662 -73.94 32.24 36.68
C LEU AA 662 -75.01 32.49 37.73
N GLU AA 663 -76.01 31.62 37.79
CA GLU AA 663 -77.00 31.71 38.85
C GLU AA 663 -76.44 31.13 40.14
N GLY AA 664 -76.16 29.84 40.14
CA GLY AA 664 -75.42 29.23 41.22
C GLY AA 664 -74.65 28.03 40.71
N ARG AA 665 -73.35 28.07 40.89
CA ARG AA 665 -72.45 27.06 40.31
C ARG AA 665 -71.11 27.22 41.00
N MET AA 666 -70.44 26.11 41.29
CA MET AA 666 -69.23 26.15 42.10
C MET AA 666 -68.10 26.78 41.30
N VAL AA 667 -67.53 27.86 41.82
CA VAL AA 667 -66.53 28.64 41.14
C VAL AA 667 -65.28 28.72 42.01
N TYR AA 668 -64.15 28.29 41.49
CA TYR AA 668 -62.89 28.27 42.21
C TYR AA 668 -62.00 29.38 41.71
N ILE AA 669 -61.65 30.31 42.58
CA ILE AA 669 -60.93 31.51 42.19
C ILE AA 669 -59.63 31.55 42.95
N GLY AA 670 -58.54 31.87 42.24
CA GLY AA 670 -57.28 32.03 42.93
C GLY AA 670 -56.29 32.87 42.16
N PHE AA 671 -55.12 33.05 42.75
CA PHE AA 671 -54.04 33.78 42.11
C PHE AA 671 -53.29 32.84 41.17
N ASN AA 672 -52.09 33.22 40.76
CA ASN AA 672 -51.26 32.31 39.99
C ASN AA 672 -49.87 32.21 40.58
N ILE AA 673 -49.36 30.99 40.63
CA ILE AA 673 -47.98 30.73 40.97
C ILE AA 673 -47.07 31.38 39.94
N ASN AA 674 -45.95 31.92 40.39
CA ASN AA 674 -44.90 32.37 39.48
C ASN AA 674 -43.74 31.42 39.65
N PHE AA 675 -43.74 30.35 38.87
CA PHE AA 675 -42.71 29.33 38.94
C PHE AA 675 -41.58 29.69 37.99
N VAL AA 676 -40.36 29.79 38.50
CA VAL AA 676 -39.18 30.14 37.73
C VAL AA 676 -38.07 29.18 38.11
N TYR AA 677 -37.34 28.67 37.12
CA TYR AA 677 -36.19 27.82 37.39
C TYR AA 677 -35.20 27.95 36.25
N GLU AA 678 -33.95 28.27 36.57
CA GLU AA 678 -32.89 28.23 35.58
C GLU AA 678 -32.14 26.92 35.73
N PHE AA 679 -31.55 26.43 34.64
CA PHE AA 679 -31.00 25.08 34.69
C PHE AA 679 -29.61 25.06 35.30
N SER AA 680 -28.65 25.68 34.62
CA SER AA 680 -27.33 26.12 35.06
C SER AA 680 -26.74 26.69 33.79
N LYS AA 681 -25.54 27.24 33.85
CA LYS AA 681 -24.79 27.43 32.62
C LYS AA 681 -24.37 26.05 32.16
N PHE AA 682 -24.86 25.64 30.99
CA PHE AA 682 -24.53 24.33 30.44
C PHE AA 682 -23.04 24.24 30.10
N LEU AA 683 -22.33 23.31 30.73
CA LEU AA 683 -20.98 22.99 30.30
C LEU AA 683 -20.70 21.54 30.66
N ILE AA 684 -19.49 21.07 30.31
CA ILE AA 684 -19.09 19.70 30.58
C ILE AA 684 -18.98 19.48 32.07
N LYS AA 685 -19.68 18.48 32.58
CA LYS AA 685 -19.57 18.13 33.99
C LYS AA 685 -19.32 16.63 34.08
N GLN AA 686 -18.07 16.26 34.30
CA GLN AA 686 -17.66 14.86 34.38
C GLN AA 686 -17.20 14.54 35.79
N THR AA 687 -17.53 13.34 36.25
CA THR AA 687 -17.26 12.95 37.64
C THR AA 687 -15.80 12.57 37.79
N ALA AA 688 -15.12 13.21 38.73
CA ALA AA 688 -13.67 13.04 38.89
C ALA AA 688 -13.39 11.94 39.91
N ASP AA 689 -13.72 10.71 39.51
CA ASP AA 689 -13.33 9.46 40.18
C ASP AA 689 -13.86 9.39 41.62
N ASP AA 690 -15.20 9.33 41.71
CA ASP AA 690 -15.94 8.94 42.90
C ASP AA 690 -15.67 9.89 44.09
N GLY AA 691 -16.22 11.09 43.97
CA GLY AA 691 -16.27 11.96 45.13
C GLY AA 691 -16.16 13.45 44.89
N SER AA 692 -15.87 13.85 43.65
CA SER AA 692 -15.82 15.26 43.33
C SER AA 692 -16.33 15.46 41.91
N THR AA 693 -16.93 16.62 41.67
CA THR AA 693 -17.41 16.97 40.35
C THR AA 693 -16.57 18.13 39.84
N SER AA 694 -15.61 17.81 38.98
CA SER AA 694 -14.79 18.82 38.34
C SER AA 694 -15.35 19.08 36.95
N THR AA 695 -15.62 20.34 36.65
CA THR AA 695 -16.23 20.70 35.39
C THR AA 695 -15.17 21.32 34.49
N GLU AA 696 -15.37 21.17 33.19
CA GLU AA 696 -14.31 21.39 32.21
C GLU AA 696 -14.48 22.75 31.55
N ASP AA 697 -13.46 23.58 31.69
CA ASP AA 697 -13.54 24.98 31.31
C ASP AA 697 -12.82 25.29 30.00
N ILE AA 698 -11.76 24.55 29.69
CA ILE AA 698 -10.90 24.87 28.55
C ILE AA 698 -11.64 24.58 27.26
N GLY AA 699 -11.67 25.57 26.37
CA GLY AA 699 -12.24 25.34 25.07
C GLY AA 699 -13.62 25.96 24.94
N ARG AA 700 -14.07 26.03 23.69
CA ARG AA 700 -15.36 26.63 23.35
C ARG AA 700 -16.35 25.51 23.09
N LEU AA 701 -17.49 25.55 23.77
CA LEU AA 701 -18.54 24.57 23.61
C LEU AA 701 -19.73 25.23 22.93
N GLN AA 702 -19.91 24.99 21.65
CA GLN AA 702 -21.03 25.54 20.92
C GLN AA 702 -22.21 24.57 21.04
N LEU AA 703 -23.25 25.00 21.75
CA LEU AA 703 -24.43 24.16 21.91
C LEU AA 703 -25.18 24.03 20.60
N ARG AA 704 -25.93 22.93 20.49
CA ARG AA 704 -26.88 22.77 19.39
C ARG AA 704 -28.31 22.71 19.92
N ARG AA 705 -28.61 21.77 20.82
CA ARG AA 705 -29.97 21.60 21.31
C ARG AA 705 -29.94 21.27 22.80
N ALA AA 706 -31.12 21.23 23.39
CA ALA AA 706 -31.33 20.80 24.75
C ALA AA 706 -32.74 20.23 24.86
N TRP AA 707 -33.04 19.63 26.00
CA TRP AA 707 -34.37 19.04 26.16
C TRP AA 707 -34.77 19.04 27.62
N VAL AA 708 -36.07 18.91 27.86
CA VAL AA 708 -36.65 18.83 29.20
C VAL AA 708 -37.53 17.59 29.25
N ASN AA 709 -37.13 16.61 30.04
CA ASN AA 709 -37.95 15.43 30.27
C ASN AA 709 -39.06 15.77 31.24
N TYR AA 710 -40.31 15.68 30.78
CA TYR AA 710 -41.47 15.98 31.60
C TYR AA 710 -42.35 14.76 31.72
N GLU AA 711 -43.00 14.61 32.87
CA GLU AA 711 -43.78 13.41 33.19
C GLU AA 711 -45.12 13.82 33.80
N ASN AA 712 -46.19 13.63 33.04
CA ASN AA 712 -47.57 13.88 33.47
C ASN AA 712 -47.76 15.34 33.86
N SER AA 713 -47.41 16.24 32.94
CA SER AA 713 -47.32 17.66 33.24
C SER AA 713 -48.15 18.45 32.24
N GLY AA 714 -48.24 19.76 32.49
CA GLY AA 714 -49.08 20.62 31.71
C GLY AA 714 -48.32 21.42 30.68
N THR AA 715 -48.59 22.71 30.58
CA THR AA 715 -47.94 23.57 29.61
C THR AA 715 -46.93 24.50 30.28
N PHE AA 716 -45.80 24.71 29.64
CA PHE AA 716 -44.76 25.58 30.17
C PHE AA 716 -43.96 26.20 29.05
N ASP AA 717 -43.08 27.15 29.41
CA ASP AA 717 -42.43 28.04 28.46
C ASP AA 717 -40.94 28.14 28.76
N ILE AA 718 -40.10 27.58 27.89
CA ILE AA 718 -38.66 27.50 28.14
C ILE AA 718 -38.03 28.71 27.47
N TYR AA 719 -37.87 29.79 28.23
CA TYR AA 719 -37.23 30.98 27.69
C TYR AA 719 -35.73 30.78 27.59
N VAL AA 720 -35.14 31.23 26.49
CA VAL AA 720 -33.72 31.11 26.23
C VAL AA 720 -33.18 32.48 25.91
N GLU AA 721 -32.24 32.96 26.73
CA GLU AA 721 -31.63 34.26 26.52
C GLU AA 721 -30.20 34.06 26.06
N ASN AA 722 -29.67 35.06 25.38
CA ASN AA 722 -28.35 35.07 24.80
C ASN AA 722 -27.67 36.35 25.24
N GLN AA 723 -26.56 36.70 24.59
CA GLN AA 723 -25.95 38.01 24.83
C GLN AA 723 -26.87 39.13 24.41
N SER AA 724 -27.37 39.09 23.18
CA SER AA 724 -28.25 40.13 22.67
C SER AA 724 -29.40 39.53 21.90
N SER AA 725 -30.05 38.53 22.47
CA SER AA 725 -31.16 37.88 21.78
C SER AA 725 -32.14 37.33 22.80
N ASN AA 726 -33.30 36.92 22.32
CA ASN AA 726 -34.35 36.39 23.17
C ASN AA 726 -35.18 35.39 22.37
N TRP AA 727 -35.63 34.34 23.05
CA TRP AA 727 -36.46 33.31 22.42
C TRP AA 727 -37.46 32.77 23.43
N LYS AA 728 -38.60 32.29 22.95
CA LYS AA 728 -39.69 31.95 23.87
C LYS AA 728 -39.91 30.45 24.03
N TYR AA 729 -40.15 29.71 22.94
CA TYR AA 729 -40.26 28.25 22.93
C TYR AA 729 -41.36 27.72 23.86
N THR AA 730 -42.60 28.00 23.49
CA THR AA 730 -43.72 27.46 24.25
C THR AA 730 -43.82 25.95 24.07
N MET AA 731 -44.70 25.35 24.87
CA MET AA 731 -44.94 23.91 24.76
C MET AA 731 -46.38 23.67 25.14
N ALA AA 732 -47.20 23.28 24.16
CA ALA AA 732 -48.63 23.16 24.35
C ALA AA 732 -48.95 21.85 25.06
N GLY AA 733 -50.22 21.47 25.06
CA GLY AA 733 -50.64 20.24 25.69
C GLY AA 733 -50.31 19.02 24.86
N ALA AA 734 -51.03 17.93 25.16
CA ALA AA 734 -50.83 16.69 24.43
C ALA AA 734 -51.66 16.61 23.15
N ARG AA 735 -52.21 17.75 22.68
CA ARG AA 735 -53.05 17.93 21.49
C ARG AA 735 -54.01 16.80 21.13
N ARG AA 745 -59.36 18.72 26.21
CA ARG AA 745 -59.51 18.92 27.64
C ARG AA 745 -58.20 19.37 28.28
N LEU AA 746 -57.81 18.69 29.35
CA LEU AA 746 -56.55 18.95 30.02
C LEU AA 746 -55.37 18.52 29.16
N ASN AA 747 -55.33 17.23 28.84
CA ASN AA 747 -54.29 16.58 28.03
C ASN AA 747 -52.89 16.79 28.63
N LEU AA 748 -52.70 16.23 29.81
CA LEU AA 748 -51.37 16.17 30.39
C LEU AA 748 -50.54 15.13 29.64
N GLY AA 749 -49.30 15.50 29.31
CA GLY AA 749 -48.43 14.68 28.49
C GLY AA 749 -47.21 14.19 29.24
N THR AA 750 -46.60 13.15 28.67
CA THR AA 750 -45.52 12.44 29.34
C THR AA 750 -44.39 12.19 28.33
N GLY AA 751 -43.98 13.23 27.62
CA GLY AA 751 -42.98 13.05 26.59
C GLY AA 751 -41.65 13.73 26.86
N GLN AA 752 -41.06 14.30 25.80
CA GLN AA 752 -39.75 14.94 25.88
C GLN AA 752 -39.73 16.08 24.89
N TYR AA 753 -39.83 17.31 25.39
CA TYR AA 753 -39.81 18.50 24.54
C TYR AA 753 -38.37 18.87 24.26
N ARG AA 754 -38.05 19.04 22.99
CA ARG AA 754 -36.68 19.19 22.51
C ARG AA 754 -36.54 20.57 21.87
N PHE AA 755 -35.89 21.50 22.57
CA PHE AA 755 -35.80 22.86 22.07
C PHE AA 755 -34.37 23.18 21.69
N PRO AA 756 -34.17 23.95 20.64
CA PRO AA 756 -32.80 24.32 20.28
C PRO AA 756 -32.28 25.53 21.02
N VAL AA 757 -31.09 25.42 21.58
CA VAL AA 757 -30.35 26.53 22.13
C VAL AA 757 -29.01 26.60 21.40
N VAL AA 758 -28.70 27.77 20.86
CA VAL AA 758 -27.52 27.95 20.03
C VAL AA 758 -26.67 29.06 20.62
N GLY AA 759 -25.41 28.79 20.83
CA GLY AA 759 -24.55 29.84 21.34
C GLY AA 759 -23.22 29.30 21.82
N ASN AA 760 -22.69 29.95 22.84
CA ASN AA 760 -21.35 29.71 23.35
C ASN AA 760 -21.35 28.84 24.58
N ALA AA 761 -22.53 28.66 25.22
CA ALA AA 761 -22.79 27.91 26.44
C ALA AA 761 -22.17 28.54 27.68
N LYS AA 762 -21.38 29.59 27.49
CA LYS AA 762 -20.91 30.44 28.55
C LYS AA 762 -21.77 31.69 28.62
N PHE AA 763 -22.67 31.86 27.66
CA PHE AA 763 -23.55 33.01 27.58
C PHE AA 763 -25.01 32.64 27.40
N ASN AA 764 -25.33 31.39 27.11
CA ASN AA 764 -26.71 30.96 27.09
C ASN AA 764 -27.20 30.73 28.51
N THR AA 765 -28.47 31.00 28.72
CA THR AA 765 -29.09 30.79 30.02
C THR AA 765 -30.55 30.46 29.80
N VAL AA 766 -30.92 29.22 30.05
CA VAL AA 766 -32.26 28.72 29.78
C VAL AA 766 -33.06 28.73 31.08
N TYR AA 767 -34.28 29.26 31.03
CA TYR AA 767 -35.07 29.30 32.25
C TYR AA 767 -36.52 29.02 31.95
N ILE AA 768 -37.16 28.26 32.84
CA ILE AA 768 -38.49 27.72 32.61
C ILE AA 768 -39.51 28.46 33.47
N LEU AA 769 -40.55 28.95 32.82
CA LEU AA 769 -41.70 29.57 33.47
C LEU AA 769 -42.89 28.64 33.38
N SER AA 770 -43.86 28.86 34.27
CA SER AA 770 -45.16 28.22 34.17
C SER AA 770 -46.13 29.00 35.03
N ASP AA 771 -47.25 29.38 34.44
CA ASP AA 771 -48.29 30.07 35.16
C ASP AA 771 -49.65 29.41 35.01
N GLU AA 772 -49.81 28.50 34.07
CA GLU AA 772 -51.13 28.14 33.58
C GLU AA 772 -51.73 26.96 34.33
N THR AA 773 -51.72 26.99 35.68
CA THR AA 773 -52.68 26.30 36.55
C THR AA 773 -52.52 24.78 36.54
N THR AA 774 -51.67 24.25 35.68
CA THR AA 774 -51.48 22.83 35.51
C THR AA 774 -50.20 22.39 36.18
N PRO AA 775 -50.13 21.15 36.66
CA PRO AA 775 -48.89 20.67 37.29
C PRO AA 775 -47.77 20.53 36.27
N LEU AA 776 -46.56 20.48 36.80
CA LEU AA 776 -45.34 20.47 36.02
C LEU AA 776 -44.36 19.55 36.73
N ASN AA 777 -43.84 18.55 36.03
CA ASN AA 777 -42.88 17.62 36.63
C ASN AA 777 -41.68 17.51 35.70
N ILE AA 778 -40.66 18.32 35.95
CA ILE AA 778 -39.42 18.22 35.18
C ILE AA 778 -38.56 17.15 35.85
N ILE AA 779 -38.43 15.99 35.19
CA ILE AA 779 -37.71 14.88 35.80
C ILE AA 779 -36.28 14.75 35.30
N GLY AA 780 -35.86 15.58 34.35
CA GLY AA 780 -34.49 15.54 33.89
C GLY AA 780 -34.29 16.43 32.70
N CYS AA 781 -33.04 16.69 32.38
CA CYS AA 781 -32.71 17.50 31.23
C CYS AA 781 -31.44 16.95 30.60
N GLY AA 782 -30.94 17.66 29.62
CA GLY AA 782 -29.72 17.25 28.95
C GLY AA 782 -29.55 18.04 27.66
N TRP AA 783 -28.31 18.11 27.21
CA TRP AA 783 -27.98 18.98 26.10
C TRP AA 783 -27.11 18.24 25.10
N GLU AA 784 -26.71 18.96 24.05
CA GLU AA 784 -26.04 18.34 22.92
C GLU AA 784 -25.22 19.42 22.22
N GLY AA 785 -23.91 19.46 22.49
CA GLY AA 785 -23.07 20.54 22.03
C GLY AA 785 -22.05 20.14 20.98
N ASN AA 786 -21.01 20.93 20.75
CA ASN AA 786 -20.00 20.61 19.75
C ASN AA 786 -18.63 20.38 20.38
N TYR AA 787 -18.08 21.37 21.08
CA TYR AA 787 -16.86 21.27 21.89
C TYR AA 787 -15.62 20.81 21.15
N LEU AA 788 -15.04 21.67 20.32
CA LEU AA 788 -13.67 21.47 19.88
C LEU AA 788 -12.71 22.14 20.86
N ARG AA 789 -11.60 21.47 21.14
CA ARG AA 789 -10.62 21.94 22.12
C ARG AA 789 -9.26 22.03 21.46
N ARG AA 790 -8.71 23.24 21.37
CA ARG AA 790 -7.39 23.43 20.77
C ARG AA 790 -6.29 23.35 21.81
N SER AA 791 -6.27 22.25 22.56
CA SER AA 791 -5.22 21.95 23.52
C SER AA 791 -5.29 20.44 23.81
N SER AA 792 -4.58 20.02 24.85
CA SER AA 792 -4.70 18.64 25.32
C SER AA 792 -4.65 18.68 26.85
N GLY AA 793 -4.50 17.51 27.46
CA GLY AA 793 -4.63 17.43 28.90
C GLY AA 793 -3.30 17.37 29.62
N ILE AA 794 -2.92 16.18 30.05
CA ILE AA 794 -1.68 15.89 30.78
C ILE AA 794 -1.53 16.75 32.03
N ALA BA 2 14.77 3.08 26.98
CA ALA BA 2 14.77 4.12 25.98
C ALA BA 2 14.51 5.48 26.61
N LEU BA 3 15.57 6.03 27.20
CA LEU BA 3 15.63 7.39 27.71
C LEU BA 3 14.59 7.65 28.79
N ILE BA 4 14.74 7.00 29.91
CA ILE BA 4 13.85 7.11 31.06
C ILE BA 4 14.32 8.28 31.92
N SER BA 5 13.40 8.99 32.54
CA SER BA 5 13.75 10.00 33.53
C SER BA 5 12.82 9.93 34.73
N GLN BA 6 13.39 10.17 35.90
CA GLN BA 6 12.65 10.27 37.14
C GLN BA 6 13.01 11.58 37.81
N SER BA 7 12.25 11.95 38.82
CA SER BA 7 12.56 13.14 39.62
C SER BA 7 12.24 12.82 41.07
N ILE BA 8 13.26 12.41 41.81
CA ILE BA 8 13.14 12.22 43.25
C ILE BA 8 13.00 13.60 43.87
N LYS BA 9 11.80 13.95 44.30
CA LYS BA 9 11.52 15.35 44.52
C LYS BA 9 11.59 15.80 45.97
N ASN BA 10 11.55 14.90 46.95
CA ASN BA 10 11.52 15.33 48.35
C ASN BA 10 12.56 14.61 49.17
N LEU BA 11 13.80 15.11 49.17
CA LEU BA 11 14.88 14.43 49.89
C LEU BA 11 14.87 14.70 51.38
N LYS BA 12 13.72 14.52 52.02
CA LYS BA 12 13.67 14.46 53.47
C LYS BA 12 14.35 13.19 53.96
N GLY BA 13 13.82 12.04 53.59
CA GLY BA 13 14.61 10.83 53.53
C GLY BA 13 15.11 10.24 54.82
N GLY BA 14 16.39 10.41 55.05
CA GLY BA 14 17.05 9.70 56.11
C GLY BA 14 17.66 8.42 55.60
N ILE BA 15 18.72 7.98 56.27
CA ILE BA 15 19.43 6.78 55.92
C ILE BA 15 18.50 5.58 56.01
N SER BA 16 18.72 4.60 55.14
CA SER BA 16 18.07 3.31 55.30
C SER BA 16 19.02 2.25 54.79
N GLN BA 17 19.44 1.35 55.66
CA GLN BA 17 20.35 0.30 55.27
C GLN BA 17 19.63 -0.94 54.77
N GLN BA 18 18.40 -0.78 54.28
CA GLN BA 18 17.76 -1.79 53.46
C GLN BA 18 18.52 -1.94 52.15
N PRO BA 19 18.35 -3.06 51.45
CA PRO BA 19 19.01 -3.20 50.14
C PRO BA 19 18.49 -2.25 49.07
N ASP BA 20 19.08 -2.35 47.89
CA ASP BA 20 18.80 -1.37 46.84
C ASP BA 20 17.39 -1.54 46.30
N ILE BA 21 16.99 -2.77 46.01
CA ILE BA 21 15.63 -3.02 45.57
C ILE BA 21 14.83 -3.33 46.83
N LEU BA 22 14.70 -2.34 47.72
CA LEU BA 22 13.76 -2.36 48.82
C LEU BA 22 13.23 -0.98 49.11
N ARG BA 23 14.02 0.03 48.79
CA ARG BA 23 13.87 1.34 49.41
C ARG BA 23 12.66 2.08 48.86
N TYR BA 24 12.34 3.16 49.54
CA TYR BA 24 11.47 4.21 49.02
C TYR BA 24 12.35 5.08 48.13
N PRO BA 25 11.84 6.12 47.49
CA PRO BA 25 12.76 7.15 47.01
C PRO BA 25 13.38 7.94 48.15
N ASP BA 26 14.23 8.89 47.80
CA ASP BA 26 14.66 10.02 48.64
C ASP BA 26 15.46 9.69 49.89
N GLN BA 27 15.73 8.41 50.16
CA GLN BA 27 16.25 8.07 51.47
C GLN BA 27 17.76 8.32 51.59
N GLY BA 28 18.58 7.56 50.89
CA GLY BA 28 20.00 7.73 51.10
C GLY BA 28 20.67 6.60 51.83
N SER BA 29 21.98 6.46 51.68
CA SER BA 29 22.67 5.36 52.32
C SER BA 29 23.58 5.80 53.46
N ARG BA 30 24.02 7.05 53.48
CA ARG BA 30 24.55 7.66 54.69
C ARG BA 30 24.45 9.18 54.60
N GLN BA 31 24.07 9.79 55.71
CA GLN BA 31 23.78 11.22 55.84
C GLN BA 31 24.43 11.71 57.12
N VAL BA 32 25.41 12.60 56.99
CA VAL BA 32 26.16 13.09 58.12
C VAL BA 32 25.98 14.61 58.18
N ASN BA 33 25.71 15.11 59.39
CA ASN BA 33 25.56 16.53 59.70
C ASN BA 33 24.42 17.19 58.95
N GLY BA 34 23.45 16.43 58.50
CA GLY BA 34 22.35 16.96 57.73
C GLY BA 34 21.18 17.35 58.60
N TRP BA 35 20.18 17.93 57.95
CA TRP BA 35 18.97 18.37 58.62
C TRP BA 35 17.85 18.48 57.61
N SER BA 36 16.88 17.59 57.71
CA SER BA 36 15.89 17.40 56.66
C SER BA 36 14.58 18.04 57.06
N SER BA 37 14.47 19.35 56.81
CA SER BA 37 13.22 20.01 57.10
C SER BA 37 12.19 19.67 56.03
N GLU BA 38 10.94 20.02 56.30
CA GLU BA 38 9.86 19.68 55.39
C GLU BA 38 9.87 20.56 54.15
N THR BA 39 9.73 21.86 54.33
CA THR BA 39 9.60 22.76 53.19
C THR BA 39 10.94 23.03 52.55
N GLU BA 40 11.86 23.64 53.28
CA GLU BA 40 13.23 23.70 52.82
C GLU BA 40 13.83 22.31 52.86
N GLY BA 41 14.59 21.96 51.84
CA GLY BA 41 14.88 20.57 51.57
C GLY BA 41 15.81 19.85 52.52
N LEU BA 42 17.09 20.18 52.50
CA LEU BA 42 18.09 19.42 53.23
C LEU BA 42 19.26 20.35 53.49
N GLN BA 43 19.40 20.78 54.73
CA GLN BA 43 20.32 21.84 55.06
C GLN BA 43 21.56 21.30 55.74
N LYS BA 44 22.61 22.11 55.73
CA LYS BA 44 23.68 21.89 56.68
C LYS BA 44 23.18 22.27 58.06
N ARG BA 45 23.57 21.48 59.06
CA ARG BA 45 23.04 21.59 60.42
C ARG BA 45 23.45 22.91 61.06
N PRO BA 46 22.74 23.37 62.08
CA PRO BA 46 23.11 24.61 62.74
C PRO BA 46 24.47 24.53 63.41
N PRO BA 47 25.21 25.61 63.46
CA PRO BA 47 26.67 25.53 63.56
C PRO BA 47 27.32 25.50 64.94
N LEU BA 48 26.60 25.19 66.03
CA LEU BA 48 27.19 24.95 67.35
C LEU BA 48 27.95 26.15 67.92
N VAL BA 49 27.22 27.19 68.32
CA VAL BA 49 27.83 28.39 68.87
C VAL BA 49 28.51 28.07 70.19
N PHE BA 50 29.73 28.58 70.36
CA PHE BA 50 30.54 28.29 71.53
C PHE BA 50 30.04 29.02 72.76
N LEU BA 51 30.09 28.35 73.90
CA LEU BA 51 29.93 28.94 75.21
C LEU BA 51 31.09 28.47 76.06
N ASN BA 52 31.19 28.97 77.29
CA ASN BA 52 32.40 28.88 78.08
C ASN BA 52 32.75 27.44 78.44
N THR BA 53 34.05 27.13 78.43
CA THR BA 53 34.50 25.78 78.71
C THR BA 53 34.35 25.43 80.18
N LEU BA 54 34.59 24.17 80.48
CA LEU BA 54 34.30 23.66 81.82
C LEU BA 54 35.56 23.29 82.57
N GLY BA 55 36.41 22.42 82.01
CA GLY BA 55 37.66 22.09 82.67
C GLY BA 55 38.56 21.21 81.84
N ASP BA 56 39.27 20.31 82.51
CA ASP BA 56 40.18 19.38 81.83
C ASP BA 56 39.41 18.21 81.24
N ASN BA 57 40.14 17.16 80.84
CA ASN BA 57 39.48 15.99 80.27
C ASN BA 57 38.69 15.24 81.32
N GLY BA 58 39.24 15.10 82.51
CA GLY BA 58 38.54 14.40 83.56
C GLY BA 58 37.88 15.35 84.54
N ALA BA 59 37.52 16.55 84.07
CA ALA BA 59 36.81 17.49 84.92
C ALA BA 59 35.41 17.00 85.21
N LEU BA 60 34.81 16.31 84.27
CA LEU BA 60 33.63 15.52 84.52
C LEU BA 60 34.06 14.07 84.57
N GLY BA 61 33.15 13.19 84.94
CA GLY BA 61 33.46 11.78 85.07
C GLY BA 61 33.71 11.14 83.73
N GLN BA 62 34.13 9.88 83.79
CA GLN BA 62 34.37 9.15 82.54
C GLN BA 62 33.06 8.87 81.81
N ALA BA 63 31.95 8.74 82.54
CA ALA BA 63 30.64 8.56 81.92
C ALA BA 63 29.55 9.13 82.83
N PRO BA 64 29.45 10.45 82.88
CA PRO BA 64 28.61 11.09 83.91
C PRO BA 64 27.13 11.09 83.53
N TYR BA 65 26.33 11.57 84.47
CA TYR BA 65 24.89 11.69 84.30
C TYR BA 65 24.52 13.16 84.32
N ILE BA 66 23.77 13.60 83.32
CA ILE BA 66 23.46 15.00 83.10
C ILE BA 66 21.95 15.18 83.15
N HIS BA 67 21.48 16.26 83.76
CA HIS BA 67 20.05 16.51 83.78
C HIS BA 67 19.80 18.01 83.82
N LEU BA 68 19.16 18.53 82.78
CA LEU BA 68 18.93 19.97 82.66
C LEU BA 68 17.72 20.37 83.47
N ILE BA 69 17.74 21.58 84.01
CA ILE BA 69 16.69 22.09 84.87
C ILE BA 69 16.16 23.38 84.25
N ASN BA 70 14.89 23.41 83.91
CA ASN BA 70 14.20 24.64 83.51
C ASN BA 70 13.13 24.96 84.53
N ARG BA 71 13.50 25.68 85.58
CA ARG BA 71 12.47 26.20 86.46
C ARG BA 71 11.82 27.44 85.85
N ASP BA 72 12.61 28.45 85.53
CA ASP BA 72 12.06 29.66 84.95
C ASP BA 72 12.78 30.02 83.66
N GLU BA 73 12.50 31.20 83.12
CA GLU BA 73 13.22 31.68 81.96
C GLU BA 73 14.57 32.28 82.34
N HIS BA 74 14.77 32.62 83.61
CA HIS BA 74 16.02 33.17 84.08
C HIS BA 74 16.59 32.30 85.20
N GLU BA 75 16.32 31.00 85.15
CA GLU BA 75 16.83 30.08 86.16
C GLU BA 75 17.02 28.73 85.47
N GLN BA 76 18.22 28.50 84.95
CA GLN BA 76 18.50 27.34 84.11
C GLN BA 76 19.85 26.77 84.50
N TYR BA 77 19.90 25.46 84.74
CA TYR BA 77 21.10 24.85 85.28
C TYR BA 77 21.28 23.46 84.70
N TYR BA 78 22.54 23.06 84.54
CA TYR BA 78 22.91 21.67 84.39
C TYR BA 78 23.10 21.02 85.74
N ALA BA 79 23.34 19.71 85.71
CA ALA BA 79 23.70 18.95 86.91
C ALA BA 79 24.45 17.72 86.45
N VAL BA 80 25.77 17.76 86.54
CA VAL BA 80 26.62 16.64 86.12
C VAL BA 80 26.95 15.81 87.35
N PHE BA 81 26.74 14.51 87.24
CA PHE BA 81 27.02 13.58 88.34
C PHE BA 81 28.29 12.80 87.98
N THR BA 82 29.41 13.39 88.36
CA THR BA 82 30.71 12.74 88.33
C THR BA 82 30.67 11.54 89.29
N GLY BA 83 31.57 10.57 89.06
CA GLY BA 83 31.70 9.45 89.98
C GLY BA 83 32.16 9.83 91.37
N SER BA 84 32.66 11.05 91.56
CA SER BA 84 32.96 11.59 92.89
C SER BA 84 32.39 13.00 92.96
N GLY BA 85 31.14 13.12 93.39
CA GLY BA 85 30.56 14.41 93.70
C GLY BA 85 29.79 15.00 92.55
N ILE BA 86 29.30 16.22 92.78
CA ILE BA 86 28.46 16.93 91.82
C ILE BA 86 29.13 18.25 91.47
N ARG BA 87 29.19 18.56 90.18
CA ARG BA 87 29.40 19.91 89.71
C ARG BA 87 28.09 20.39 89.11
N VAL BA 88 27.89 21.70 89.09
CA VAL BA 88 26.68 22.27 88.51
C VAL BA 88 27.09 23.45 87.64
N PHE BA 89 26.70 23.43 86.38
CA PHE BA 89 27.05 24.48 85.46
C PHE BA 89 25.81 25.28 85.06
N ASP BA 90 26.01 26.58 84.90
CA ASP BA 90 24.97 27.44 84.39
C ASP BA 90 24.81 27.22 82.90
N LEU BA 91 23.76 27.78 82.33
CA LEU BA 91 23.61 27.63 80.89
C LEU BA 91 24.41 28.66 80.12
N SER BA 92 25.06 29.59 80.80
CA SER BA 92 25.95 30.52 80.13
C SER BA 92 27.39 30.08 80.19
N GLY BA 93 27.70 29.04 80.94
CA GLY BA 93 29.05 28.52 80.95
C GLY BA 93 29.77 28.71 82.26
N ASN BA 94 29.08 29.27 83.24
CA ASN BA 94 29.69 29.54 84.55
C ASN BA 94 29.62 28.27 85.39
N GLU BA 95 29.89 28.42 86.69
CA GLU BA 95 29.81 27.27 87.58
C GLU BA 95 29.43 27.74 88.97
N LYS BA 96 28.41 27.11 89.53
CA LYS BA 96 28.03 27.32 90.93
C LYS BA 96 28.73 26.28 91.79
N GLN BA 97 28.78 26.54 93.09
CA GLN BA 97 29.38 25.57 94.01
C GLN BA 97 28.34 24.63 94.57
N VAL BA 98 28.78 23.42 94.92
CA VAL BA 98 27.89 22.36 95.37
C VAL BA 98 28.32 22.00 96.79
N ARG BA 99 27.53 22.43 97.77
CA ARG BA 99 27.85 22.12 99.15
C ARG BA 99 27.40 20.71 99.51
N TYR BA 100 27.86 20.24 100.66
CA TYR BA 100 27.55 18.90 101.16
C TYR BA 100 27.44 18.94 102.67
N PRO BA 101 26.35 19.49 103.21
CA PRO BA 101 26.26 19.64 104.66
C PRO BA 101 25.98 18.35 105.39
N ASN BA 102 25.47 17.33 104.71
CA ASN BA 102 25.15 16.05 105.33
C ASN BA 102 26.17 15.00 104.97
N GLY BA 103 27.25 15.38 104.27
CA GLY BA 103 28.19 14.42 103.74
C GLY BA 103 27.71 13.89 102.41
N SER BA 104 28.60 13.62 101.46
CA SER BA 104 28.08 13.19 100.18
C SER BA 104 27.69 11.73 100.21
N ASN BA 105 28.68 10.82 100.14
CA ASN BA 105 28.59 9.38 100.41
C ASN BA 105 27.42 8.65 99.72
N TYR BA 106 26.84 9.28 98.71
CA TYR BA 106 25.63 8.81 98.05
C TYR BA 106 25.70 8.99 96.55
N ILE BA 107 26.58 9.86 96.07
CA ILE BA 107 26.80 10.03 94.65
C ILE BA 107 27.98 9.20 94.19
N LYS BA 108 28.83 8.76 95.11
CA LYS BA 108 30.06 8.04 94.77
C LYS BA 108 29.74 6.66 94.24
N THR BA 109 29.81 6.51 92.92
CA THR BA 109 29.50 5.26 92.24
C THR BA 109 30.47 5.11 91.08
N ALA BA 110 30.87 3.87 90.82
CA ALA BA 110 31.77 3.61 89.70
C ALA BA 110 31.12 3.87 88.35
N ASN BA 111 29.80 3.77 88.26
CA ASN BA 111 29.08 3.98 87.00
C ASN BA 111 27.85 4.84 87.28
N PRO BA 112 27.97 6.14 87.14
CA PRO BA 112 26.88 7.02 87.61
C PRO BA 112 25.66 7.07 86.72
N ARG BA 113 25.82 6.90 85.41
CA ARG BA 113 24.65 6.95 84.54
C ARG BA 113 23.83 5.69 84.58
N ASN BA 114 24.42 4.58 84.99
CA ASN BA 114 23.69 3.33 85.17
C ASN BA 114 22.99 3.27 86.50
N ASP BA 115 23.30 4.15 87.40
CA ASP BA 115 22.97 3.84 88.77
C ASP BA 115 22.35 5.00 89.54
N LEU BA 116 22.64 6.24 89.17
CA LEU BA 116 22.00 7.38 89.80
C LEU BA 116 20.87 7.89 88.91
N ARG BA 117 19.91 8.58 89.54
CA ARG BA 117 18.84 9.23 88.80
C ARG BA 117 18.68 10.67 89.30
N MET BA 118 17.86 11.42 88.58
CA MET BA 118 17.38 12.72 89.03
C MET BA 118 16.02 12.98 88.42
N VAL BA 119 15.04 13.27 89.27
CA VAL BA 119 13.70 13.65 88.82
C VAL BA 119 13.41 15.02 89.39
N THR BA 120 13.13 15.98 88.52
CA THR BA 120 13.04 17.38 88.90
C THR BA 120 11.62 17.86 88.70
N VAL BA 121 11.04 18.43 89.76
CA VAL BA 121 9.69 18.96 89.71
C VAL BA 121 9.82 20.45 89.99
N ALA BA 122 8.71 21.19 89.94
CA ALA BA 122 8.77 22.65 89.96
C ALA BA 122 9.22 23.21 91.30
N ASP BA 123 9.01 22.48 92.39
CA ASP BA 123 9.38 22.99 93.70
C ASP BA 123 10.59 22.29 94.30
N TYR BA 124 10.80 21.02 93.99
CA TYR BA 124 11.88 20.26 94.58
C TYR BA 124 12.68 19.57 93.49
N THR BA 125 13.86 19.11 93.86
CA THR BA 125 14.61 18.15 93.06
C THR BA 125 14.85 16.90 93.90
N PHE BA 126 15.01 15.77 93.22
CA PHE BA 126 15.19 14.51 93.91
C PHE BA 126 16.20 13.69 93.15
N ILE BA 127 17.18 13.14 93.86
CA ILE BA 127 18.14 12.21 93.26
C ILE BA 127 18.06 10.88 93.99
N VAL BA 128 18.13 9.80 93.24
CA VAL BA 128 18.00 8.46 93.77
C VAL BA 128 19.20 7.64 93.34
N ASN BA 129 19.89 7.05 94.30
CA ASN BA 129 20.88 6.03 94.00
C ASN BA 129 20.17 4.69 93.94
N ARG BA 130 20.41 3.94 92.86
CA ARG BA 130 19.79 2.64 92.67
C ARG BA 130 20.65 1.52 93.22
N ASN BA 131 21.65 1.85 94.00
CA ASN BA 131 22.52 0.84 94.55
C ASN BA 131 22.49 0.82 96.07
N VAL BA 132 21.99 1.87 96.71
CA VAL BA 132 21.97 1.96 98.16
C VAL BA 132 20.67 1.39 98.67
N VAL BA 133 20.76 0.36 99.50
CA VAL BA 133 19.59 -0.26 100.10
C VAL BA 133 19.11 0.64 101.23
N ALA BA 134 17.83 0.96 101.21
CA ALA BA 134 17.23 1.82 102.23
C ALA BA 134 17.16 1.04 103.54
N GLN BA 135 18.02 1.38 104.48
CA GLN BA 135 18.12 0.58 105.69
C GLN BA 135 17.14 1.04 106.76
N LYS BA 136 16.69 0.07 107.55
CA LYS BA 136 15.83 0.33 108.69
C LYS BA 136 16.63 1.04 109.78
N ASN BA 137 16.04 2.07 110.36
CA ASN BA 137 16.67 2.72 111.50
C ASN BA 137 16.51 1.84 112.72
N THR BA 138 17.61 1.49 113.34
CA THR BA 138 17.62 0.94 114.68
C THR BA 138 17.94 2.07 115.64
N LYS BA 139 18.11 1.72 116.92
CA LYS BA 139 18.53 2.61 118.05
C LYS BA 139 17.74 3.92 118.13
N SER BA 140 16.50 3.93 117.65
CA SER BA 140 15.61 5.06 117.82
C SER BA 140 14.19 4.61 118.12
N VAL BA 141 14.04 3.59 118.98
CA VAL BA 141 12.73 3.10 119.33
C VAL BA 141 12.02 4.14 120.21
N ASN BA 142 10.69 4.03 120.27
CA ASN BA 142 9.92 5.00 121.03
C ASN BA 142 10.16 4.82 122.52
N LEU BA 143 9.77 3.68 123.05
CA LEU BA 143 10.04 3.35 124.42
C LEU BA 143 10.90 2.09 124.44
N PRO BA 144 11.98 2.08 125.22
CA PRO BA 144 13.03 1.07 125.06
C PRO BA 144 12.62 -0.38 125.26
N ASN BA 145 12.11 -0.72 126.43
CA ASN BA 145 11.68 -2.07 126.71
C ASN BA 145 10.19 -2.16 126.95
N TYR BA 146 9.68 -1.40 127.92
CA TYR BA 146 8.27 -1.28 128.27
C TYR BA 146 7.66 -2.63 128.58
N ASN BA 147 8.01 -3.20 129.74
CA ASN BA 147 7.26 -4.33 130.27
C ASN BA 147 5.79 -3.95 130.31
N PRO BA 148 4.96 -4.57 129.46
CA PRO BA 148 3.61 -4.05 129.25
C PRO BA 148 2.66 -4.36 130.38
N ASN BA 149 3.08 -5.15 131.36
CA ASN BA 149 2.30 -5.33 132.56
C ASN BA 149 3.18 -5.11 133.78
N GLN BA 150 3.92 -4.01 133.78
CA GLN BA 150 4.71 -3.61 134.93
C GLN BA 150 3.99 -2.58 135.80
N ASP BA 151 3.24 -1.68 135.21
CA ASP BA 151 2.45 -0.71 135.94
C ASP BA 151 1.03 -1.23 136.10
N GLY BA 152 0.19 -0.44 136.75
CA GLY BA 152 -1.19 -0.80 136.90
C GLY BA 152 -1.97 0.31 137.57
N LEU BA 153 -3.28 0.29 137.35
CA LEU BA 153 -4.17 1.29 137.93
C LEU BA 153 -5.39 0.64 138.58
N ILE BA 154 -5.69 1.09 139.79
CA ILE BA 154 -6.93 0.76 140.48
C ILE BA 154 -7.70 2.06 140.65
N ASN BA 155 -8.76 2.23 139.88
CA ASN BA 155 -9.64 3.37 140.05
C ASN BA 155 -10.45 3.20 141.31
N VAL BA 156 -10.86 4.29 141.93
CA VAL BA 156 -11.76 4.26 143.07
C VAL BA 156 -12.88 5.25 142.82
N ARG BA 157 -14.11 4.86 143.18
CA ARG BA 157 -15.29 5.67 142.89
C ARG BA 157 -16.28 5.72 144.05
N GLY BA 158 -15.89 5.27 145.23
CA GLY BA 158 -16.62 5.70 146.41
C GLY BA 158 -17.62 4.83 147.17
N GLY BA 159 -17.27 3.57 147.47
CA GLY BA 159 -17.86 2.96 148.66
C GLY BA 159 -19.19 2.22 148.60
N GLN BA 160 -20.28 2.95 148.91
CA GLN BA 160 -21.67 2.45 148.98
C GLN BA 160 -21.91 1.46 150.12
N TYR BA 161 -21.56 1.86 151.35
CA TYR BA 161 -22.16 1.37 152.61
C TYR BA 161 -22.04 -0.13 152.82
N GLY BA 162 -20.82 -0.61 152.81
CA GLY BA 162 -20.52 -1.92 153.32
C GLY BA 162 -20.36 -2.95 152.23
N ARG BA 163 -19.12 -3.09 151.79
CA ARG BA 163 -18.68 -4.10 150.85
C ARG BA 163 -17.20 -4.31 151.11
N GLU BA 164 -16.66 -5.37 150.56
CA GLU BA 164 -15.24 -5.63 150.66
C GLU BA 164 -14.52 -5.07 149.45
N LEU BA 165 -13.35 -4.48 149.69
CA LEU BA 165 -12.52 -3.91 148.65
C LEU BA 165 -11.16 -4.59 148.68
N ILE BA 166 -10.93 -5.50 147.75
CA ILE BA 166 -9.77 -6.39 147.76
C ILE BA 166 -8.99 -6.19 146.47
N VAL BA 167 -7.67 -5.98 146.58
CA VAL BA 167 -6.83 -5.77 145.42
C VAL BA 167 -5.75 -6.85 145.38
N HIS BA 168 -5.93 -7.85 144.53
CA HIS BA 168 -4.91 -8.89 144.33
C HIS BA 168 -3.79 -8.35 143.46
N ILE BA 169 -2.59 -8.30 144.02
CA ILE BA 169 -1.37 -8.10 143.25
C ILE BA 169 -0.50 -9.33 143.48
N ASN BA 170 -0.05 -9.93 142.38
CA ASN BA 170 0.96 -10.98 142.35
C ASN BA 170 0.48 -12.25 143.06
N GLY BA 171 -0.82 -12.40 143.22
CA GLY BA 171 -1.34 -13.64 143.79
C GLY BA 171 -1.82 -13.53 145.22
N LYS BA 172 -1.16 -12.71 146.02
CA LYS BA 172 -1.52 -12.56 147.41
C LYS BA 172 -2.77 -11.70 147.58
N ASP BA 173 -3.32 -11.71 148.79
CA ASP BA 173 -4.57 -10.99 149.08
C ASP BA 173 -4.23 -9.65 149.72
N VAL BA 174 -3.66 -8.77 148.90
CA VAL BA 174 -3.21 -7.48 149.37
C VAL BA 174 -4.41 -6.57 149.56
N ALA BA 175 -4.33 -5.68 150.55
CA ALA BA 175 -5.18 -4.49 150.67
C ALA BA 175 -6.67 -4.74 150.80
N LYS BA 176 -7.08 -5.34 151.92
CA LYS BA 176 -8.48 -5.56 152.23
C LYS BA 176 -9.03 -4.39 153.03
N TYR BA 177 -10.26 -3.98 152.71
CA TYR BA 177 -10.97 -3.04 153.57
C TYR BA 177 -12.46 -3.24 153.43
N LYS BA 178 -13.16 -3.16 154.55
CA LYS BA 178 -14.62 -3.23 154.60
C LYS BA 178 -15.15 -1.84 154.90
N ILE BA 179 -15.99 -1.33 154.00
CA ILE BA 179 -16.75 -0.10 154.27
C ILE BA 179 -17.70 -0.38 155.43
N PRO BA 180 -17.88 0.54 156.36
CA PRO BA 180 -18.70 0.23 157.55
C PRO BA 180 -20.19 0.02 157.30
N ASP BA 181 -20.93 -0.19 158.39
CA ASP BA 181 -22.33 -0.58 158.31
C ASP BA 181 -23.21 0.52 157.76
N GLY BA 182 -22.85 1.77 158.01
CA GLY BA 182 -23.68 2.90 157.63
C GLY BA 182 -24.70 3.30 158.66
N SER BA 183 -24.65 2.70 159.85
CA SER BA 183 -25.65 3.01 160.86
C SER BA 183 -25.37 4.34 161.55
N GLN BA 184 -24.16 4.51 162.02
CA GLN BA 184 -23.78 5.77 162.65
C GLN BA 184 -23.54 6.82 161.59
N PRO BA 185 -23.89 8.09 161.87
CA PRO BA 185 -23.83 9.11 160.82
C PRO BA 185 -22.43 9.55 160.48
N GLU BA 186 -21.42 9.19 161.28
CA GLU BA 186 -20.07 9.61 160.94
C GLU BA 186 -19.43 8.67 159.93
N HIS BA 187 -20.06 7.52 159.67
CA HIS BA 187 -19.50 6.58 158.69
C HIS BA 187 -19.75 7.01 157.26
N VAL BA 188 -20.38 8.16 157.03
CA VAL BA 188 -20.56 8.60 155.66
C VAL BA 188 -19.27 9.19 155.13
N ASN BA 189 -18.34 9.53 156.03
CA ASN BA 189 -17.03 10.00 155.59
C ASN BA 189 -16.23 8.92 154.90
N ASN BA 190 -16.50 7.66 155.20
CA ASN BA 190 -15.66 6.58 154.72
C ASN BA 190 -16.01 6.13 153.31
N THR BA 191 -17.01 6.73 152.68
CA THR BA 191 -17.31 6.44 151.28
C THR BA 191 -16.76 7.51 150.36
N ASP BA 192 -15.99 8.45 150.91
CA ASP BA 192 -15.17 9.35 150.13
C ASP BA 192 -14.20 8.55 149.28
N ALA BA 193 -14.01 8.97 148.03
CA ALA BA 193 -13.16 8.20 147.14
C ALA BA 193 -11.68 8.39 147.46
N GLN BA 194 -11.29 9.58 147.88
CA GLN BA 194 -9.88 9.83 148.13
C GLN BA 194 -9.45 9.26 149.46
N TRP BA 195 -10.34 9.27 150.46
CA TRP BA 195 -10.02 8.61 151.72
C TRP BA 195 -9.86 7.12 151.52
N LEU BA 196 -10.73 6.53 150.71
CA LEU BA 196 -10.65 5.13 150.38
C LEU BA 196 -9.40 4.83 149.58
N ALA BA 197 -9.01 5.75 148.70
CA ALA BA 197 -7.80 5.59 147.90
C ALA BA 197 -6.56 5.62 148.78
N GLU BA 198 -6.51 6.54 149.74
CA GLU BA 198 -5.34 6.64 150.59
C GLU BA 198 -5.26 5.47 151.56
N GLU BA 199 -6.42 4.95 152.02
CA GLU BA 199 -6.37 3.76 152.86
C GLU BA 199 -5.95 2.54 152.08
N LEU BA 200 -6.45 2.38 150.86
CA LEU BA 200 -6.02 1.26 150.01
C LEU BA 200 -4.55 1.37 149.66
N ALA BA 201 -4.05 2.59 149.47
CA ALA BA 201 -2.63 2.75 149.17
C ALA BA 201 -1.76 2.53 150.40
N LYS BA 202 -2.26 2.84 151.59
CA LYS BA 202 -1.49 2.56 152.80
C LYS BA 202 -1.39 1.06 153.03
N GLN BA 203 -2.51 0.34 152.86
CA GLN BA 203 -2.49 -1.12 152.85
C GLN BA 203 -1.54 -1.66 151.78
N MET BA 204 -1.53 -1.02 150.62
CA MET BA 204 -0.70 -1.45 149.49
C MET BA 204 0.78 -1.29 149.81
N ARG BA 205 1.17 -0.16 150.40
CA ARG BA 205 2.58 0.06 150.74
C ARG BA 205 3.02 -0.85 151.86
N THR BA 206 2.13 -1.13 152.82
CA THR BA 206 2.55 -2.01 153.91
C THR BA 206 2.61 -3.47 153.50
N ASN BA 207 1.81 -3.88 152.53
CA ASN BA 207 1.73 -5.31 152.20
C ASN BA 207 2.49 -5.63 150.92
N LEU BA 208 3.27 -4.69 150.39
CA LEU BA 208 4.19 -4.98 149.31
C LEU BA 208 5.54 -4.34 149.63
N SER BA 209 6.59 -4.86 149.01
CA SER BA 209 7.93 -4.50 149.48
C SER BA 209 8.40 -3.16 148.94
N ASP BA 210 8.66 -3.07 147.64
CA ASP BA 210 9.17 -1.81 147.12
C ASP BA 210 8.06 -0.97 146.51
N TRP BA 211 7.50 -1.47 145.39
CA TRP BA 211 6.16 -1.23 144.87
C TRP BA 211 5.59 0.18 145.04
N THR BA 212 6.24 1.18 144.45
CA THR BA 212 5.86 2.57 144.66
C THR BA 212 4.49 2.84 144.06
N VAL BA 213 3.55 3.22 144.92
CA VAL BA 213 2.19 3.54 144.52
C VAL BA 213 1.88 4.98 144.94
N ASN BA 214 1.10 5.67 144.13
CA ASN BA 214 0.75 7.06 144.39
C ASN BA 214 -0.76 7.21 144.41
N VAL BA 215 -1.24 8.08 145.29
CA VAL BA 215 -2.65 8.39 145.38
C VAL BA 215 -2.91 9.51 144.38
N GLY BA 216 -3.49 9.18 143.24
CA GLY BA 216 -3.77 10.16 142.22
C GLY BA 216 -5.06 10.91 142.49
N GLN BA 217 -5.61 11.48 141.42
CA GLN BA 217 -6.92 12.10 141.48
C GLN BA 217 -8.02 11.06 141.65
N GLY BA 218 -8.01 10.02 140.83
CA GLY BA 218 -9.04 9.01 140.95
C GLY BA 218 -8.49 7.61 140.79
N PHE BA 219 -7.27 7.37 141.24
CA PHE BA 219 -6.63 6.08 141.02
C PHE BA 219 -5.58 5.83 142.09
N ILE BA 220 -5.05 4.62 142.10
CA ILE BA 220 -3.76 4.33 142.68
C ILE BA 220 -2.94 3.58 141.63
N HIS BA 221 -1.64 3.88 141.59
CA HIS BA 221 -0.76 3.61 140.44
C HIS BA 221 0.31 2.62 140.87
N VAL BA 222 -0.01 1.34 140.78
CA VAL BA 222 0.86 0.28 141.29
C VAL BA 222 1.98 0.02 140.30
N THR BA 223 3.22 0.24 140.74
CA THR BA 223 4.41 0.05 139.92
C THR BA 223 5.26 -1.08 140.48
N ALA BA 224 5.92 -1.80 139.58
CA ALA BA 224 6.85 -2.85 139.98
C ALA BA 224 8.28 -2.36 139.85
N PRO BA 225 9.17 -2.68 140.79
CA PRO BA 225 10.46 -1.98 140.87
C PRO BA 225 11.54 -2.56 139.97
N SER BA 226 11.30 -2.52 138.65
CA SER BA 226 12.25 -2.83 137.58
C SER BA 226 12.76 -4.27 137.60
N GLY BA 227 12.20 -5.14 138.44
CA GLY BA 227 12.54 -6.54 138.44
C GLY BA 227 11.35 -7.36 138.02
N GLN BA 228 10.62 -7.85 139.02
CA GLN BA 228 9.41 -8.64 138.85
C GLN BA 228 8.29 -7.84 138.18
N GLN BA 229 7.22 -8.54 137.82
CA GLN BA 229 6.08 -7.98 137.13
C GLN BA 229 4.83 -8.13 137.99
N ILE BA 230 3.68 -7.78 137.41
CA ILE BA 230 2.40 -7.95 138.08
C ILE BA 230 2.01 -9.42 138.09
N ASP BA 231 1.81 -9.99 136.89
CA ASP BA 231 1.61 -11.40 136.55
C ASP BA 231 0.24 -11.93 136.98
N SER BA 232 -0.51 -11.16 137.77
CA SER BA 232 -1.88 -11.46 138.17
C SER BA 232 -2.49 -10.21 138.79
N PHE BA 233 -3.68 -9.82 138.33
CA PHE BA 233 -4.19 -8.51 138.68
C PHE BA 233 -5.72 -8.59 138.63
N THR BA 234 -6.34 -8.82 139.77
CA THR BA 234 -7.79 -8.84 139.84
C THR BA 234 -8.22 -8.07 141.07
N THR BA 235 -9.49 -7.69 141.10
CA THR BA 235 -9.99 -6.80 142.14
C THR BA 235 -11.43 -7.17 142.44
N LYS BA 236 -11.64 -7.82 143.58
CA LYS BA 236 -12.98 -8.14 144.02
C LYS BA 236 -13.70 -6.85 144.42
N ASP BA 237 -14.69 -6.48 143.61
CA ASP BA 237 -15.31 -5.17 143.73
C ASP BA 237 -16.18 -5.07 144.96
N GLY BA 238 -16.94 -6.11 145.27
CA GLY BA 238 -17.82 -6.09 146.42
C GLY BA 238 -19.20 -5.62 146.05
N TYR BA 239 -19.28 -4.51 145.33
CA TYR BA 239 -20.49 -4.06 144.69
C TYR BA 239 -20.44 -4.66 143.30
N ALA BA 240 -21.17 -4.11 142.34
CA ALA BA 240 -21.04 -4.55 140.95
C ALA BA 240 -19.73 -4.02 140.38
N ASP BA 241 -19.60 -4.08 139.06
CA ASP BA 241 -18.36 -3.67 138.40
C ASP BA 241 -18.04 -2.19 138.57
N GLN BA 242 -19.00 -1.39 139.03
CA GLN BA 242 -18.90 0.07 139.02
C GLN BA 242 -18.49 0.66 140.37
N LEU BA 243 -17.69 -0.03 141.16
CA LEU BA 243 -17.21 0.59 142.39
C LEU BA 243 -15.72 0.88 142.34
N ILE BA 244 -14.87 -0.13 142.15
CA ILE BA 244 -13.45 0.08 141.89
C ILE BA 244 -13.06 -0.78 140.69
N ASN BA 245 -12.28 -0.20 139.79
CA ASN BA 245 -12.00 -0.81 138.50
C ASN BA 245 -10.53 -1.20 138.40
N PRO BA 246 -10.22 -2.43 138.21
CA PRO BA 246 -8.87 -2.80 137.79
C PRO BA 246 -8.65 -2.54 136.32
N VAL BA 247 -7.91 -1.48 136.00
CA VAL BA 247 -7.67 -1.11 134.61
C VAL BA 247 -6.18 -1.14 134.33
N THR BA 248 -5.84 -1.63 133.16
CA THR BA 248 -4.48 -1.91 132.74
C THR BA 248 -4.19 -1.16 131.44
N HIS BA 249 -3.10 -1.53 130.79
CA HIS BA 249 -2.71 -0.91 129.54
C HIS BA 249 -3.50 -1.42 128.33
N TYR BA 250 -4.63 -2.12 128.52
CA TYR BA 250 -5.31 -2.83 127.46
C TYR BA 250 -6.83 -2.69 127.53
N ALA BA 251 -7.36 -1.48 127.62
CA ALA BA 251 -8.82 -1.35 127.62
C ALA BA 251 -9.39 -1.69 126.24
N GLN BA 252 -10.63 -2.17 126.21
CA GLN BA 252 -11.13 -2.79 125.00
C GLN BA 252 -12.06 -1.91 124.16
N SER BA 253 -12.22 -0.65 124.51
CA SER BA 253 -12.96 0.28 123.67
C SER BA 253 -12.40 1.67 123.94
N PHE BA 254 -13.01 2.68 123.36
CA PHE BA 254 -12.66 4.03 123.74
C PHE BA 254 -13.50 4.53 124.89
N SER BA 255 -14.71 3.99 125.07
CA SER BA 255 -15.56 4.42 126.17
C SER BA 255 -15.01 3.92 127.50
N LYS BA 256 -14.74 2.63 127.59
CA LYS BA 256 -14.07 2.09 128.76
C LYS BA 256 -12.63 2.54 128.70
N LEU BA 257 -12.31 3.57 129.45
CA LEU BA 257 -10.98 4.15 129.51
C LEU BA 257 -10.97 4.99 130.78
N PRO BA 258 -9.94 4.88 131.61
CA PRO BA 258 -10.01 5.43 132.96
C PRO BA 258 -9.99 6.95 132.95
N PRO BA 259 -10.57 7.59 133.97
CA PRO BA 259 -10.69 9.05 133.95
C PRO BA 259 -9.40 9.84 134.07
N ASN BA 260 -8.53 9.58 135.06
CA ASN BA 260 -7.32 10.41 135.11
C ASN BA 260 -6.16 9.75 134.37
N ALA BA 261 -5.67 8.59 134.87
CA ALA BA 261 -4.60 7.80 134.25
C ALA BA 261 -3.33 8.61 133.98
N PRO BA 262 -2.44 8.76 134.96
CA PRO BA 262 -1.46 9.86 135.00
C PRO BA 262 -0.52 9.93 133.80
N ASN BA 263 0.16 11.08 133.71
CA ASN BA 263 0.55 11.73 132.46
C ASN BA 263 1.18 10.80 131.43
N GLY BA 264 2.18 10.04 131.85
CA GLY BA 264 2.72 9.06 130.93
C GLY BA 264 1.99 7.75 131.05
N TYR BA 265 1.01 7.50 130.19
CA TYR BA 265 0.25 6.27 130.28
C TYR BA 265 -0.20 5.88 128.89
N MET BA 266 -0.23 4.58 128.62
CA MET BA 266 -0.58 4.07 127.31
C MET BA 266 -1.69 3.05 127.46
N VAL BA 267 -2.59 3.01 126.50
CA VAL BA 267 -3.65 2.00 126.45
C VAL BA 267 -3.74 1.45 125.04
N LYS BA 268 -3.61 0.13 124.91
CA LYS BA 268 -3.85 -0.57 123.66
C LYS BA 268 -5.34 -0.81 123.53
N ILE BA 269 -6.02 0.03 122.75
CA ILE BA 269 -7.44 -0.18 122.50
C ILE BA 269 -7.61 -1.32 121.51
N VAL BA 270 -8.35 -2.34 121.91
CA VAL BA 270 -8.46 -3.57 121.15
C VAL BA 270 -9.92 -3.80 120.78
N GLY BA 271 -10.20 -3.82 119.49
CA GLY BA 271 -11.38 -4.49 119.02
C GLY BA 271 -12.70 -3.77 119.17
N ASP BA 272 -13.49 -4.23 120.17
CA ASP BA 272 -14.91 -4.02 120.46
C ASP BA 272 -15.82 -4.80 119.50
N ALA BA 273 -15.23 -5.39 118.44
CA ALA BA 273 -15.88 -6.30 117.50
C ALA BA 273 -17.15 -5.72 116.88
N SER BA 274 -17.20 -4.40 116.70
CA SER BA 274 -18.33 -3.73 116.11
C SER BA 274 -18.01 -3.11 114.76
N LYS BA 275 -16.82 -2.56 114.62
CA LYS BA 275 -16.35 -2.04 113.35
C LYS BA 275 -15.11 -2.81 112.93
N SER BA 276 -14.92 -2.94 111.63
CA SER BA 276 -13.75 -3.61 111.09
C SER BA 276 -12.57 -2.66 111.27
N ALA BA 277 -11.94 -2.74 112.43
CA ALA BA 277 -10.94 -1.75 112.83
C ALA BA 277 -9.73 -2.44 113.41
N ASP BA 278 -8.56 -1.88 113.14
CA ASP BA 278 -7.35 -2.37 113.78
C ASP BA 278 -7.25 -1.84 115.20
N GLN BA 279 -6.10 -2.11 115.81
CA GLN BA 279 -5.90 -1.88 117.22
C GLN BA 279 -4.90 -0.76 117.40
N TYR BA 280 -5.35 0.34 117.99
CA TYR BA 280 -4.61 1.59 117.99
C TYR BA 280 -4.26 2.00 119.42
N TYR BA 281 -3.21 2.80 119.55
CA TYR BA 281 -2.72 3.12 120.89
C TYR BA 281 -3.00 4.58 121.20
N VAL BA 282 -3.37 4.87 122.45
CA VAL BA 282 -3.83 6.20 122.86
C VAL BA 282 -3.13 6.60 124.15
N ARG BA 283 -2.57 7.81 124.18
CA ARG BA 283 -1.84 8.33 125.34
C ARG BA 283 -2.63 9.47 125.96
N TYR BA 284 -2.53 9.59 127.29
CA TYR BA 284 -3.14 10.68 128.03
C TYR BA 284 -2.16 11.83 128.17
N ASP BA 285 -2.68 13.05 128.32
CA ASP BA 285 -1.90 14.23 128.64
C ASP BA 285 -2.48 14.90 129.87
N ALA BA 286 -1.61 15.39 130.74
CA ALA BA 286 -2.06 15.94 132.01
C ALA BA 286 -2.32 17.44 131.98
N GLU BA 287 -1.55 18.19 131.19
CA GLU BA 287 -1.79 19.62 131.06
C GLU BA 287 -3.10 19.87 130.34
N ARG BA 288 -3.32 19.18 129.24
CA ARG BA 288 -4.57 19.24 128.51
C ARG BA 288 -5.23 17.86 128.61
N LYS BA 289 -6.38 17.79 129.26
CA LYS BA 289 -6.96 16.52 129.63
C LYS BA 289 -7.65 15.91 128.42
N VAL BA 290 -6.84 15.25 127.59
CA VAL BA 290 -7.28 14.67 126.34
C VAL BA 290 -6.88 13.21 126.28
N TRP BA 291 -7.16 12.57 125.15
CA TRP BA 291 -6.65 11.24 124.87
C TRP BA 291 -6.33 11.20 123.38
N THR BA 292 -5.09 11.52 123.03
CA THR BA 292 -4.65 11.52 121.65
C THR BA 292 -3.95 10.21 121.35
N GLU BA 293 -3.75 9.94 120.06
CA GLU BA 293 -3.16 8.69 119.64
C GLU BA 293 -1.66 8.85 119.45
N THR BA 294 -0.90 7.86 119.90
CA THR BA 294 0.56 7.91 119.82
C THR BA 294 1.07 6.57 119.31
N LEU BA 295 2.38 6.37 119.44
CA LEU BA 295 3.06 5.26 118.82
C LEU BA 295 2.82 3.95 119.54
N GLY BA 296 3.47 2.91 119.04
CA GLY BA 296 3.65 1.67 119.76
C GLY BA 296 4.73 1.78 120.81
N TRP BA 297 4.93 0.70 121.55
CA TRP BA 297 5.90 0.76 122.64
C TRP BA 297 7.32 0.52 122.15
N ASN BA 298 7.60 -0.68 121.66
CA ASN BA 298 8.95 -1.05 121.27
C ASN BA 298 9.12 -1.08 119.76
N THR BA 299 8.50 -0.12 119.08
CA THR BA 299 8.62 -0.03 117.64
C THR BA 299 9.60 1.07 117.24
N GLU BA 300 10.14 0.95 116.04
CA GLU BA 300 10.98 1.98 115.46
C GLU BA 300 10.13 2.95 114.66
N ASP BA 301 10.60 4.18 114.53
CA ASP BA 301 9.76 5.22 113.93
C ASP BA 301 10.52 6.11 112.98
N GLN BA 302 11.51 5.58 112.28
CA GLN BA 302 12.30 6.42 111.40
C GLN BA 302 12.92 5.54 110.33
N VAL BA 303 13.24 6.14 109.22
CA VAL BA 303 14.14 5.54 108.24
C VAL BA 303 15.41 6.38 108.28
N LEU BA 304 16.57 5.75 108.05
CA LEU BA 304 17.87 6.29 108.44
C LEU BA 304 18.34 7.60 107.82
N TRP BA 305 17.55 8.23 106.96
CA TRP BA 305 17.80 9.57 106.41
C TRP BA 305 19.05 9.70 105.55
N GLU BA 306 19.80 8.63 105.37
CA GLU BA 306 21.00 8.63 104.56
C GLU BA 306 20.93 7.60 103.46
N THR BA 307 20.25 6.49 103.69
CA THR BA 307 20.01 5.49 102.66
C THR BA 307 18.73 5.79 101.89
N MET BA 308 18.12 6.92 102.15
CA MET BA 308 16.94 7.40 101.44
C MET BA 308 17.40 8.30 100.31
N PRO BA 309 16.53 8.67 99.36
CA PRO BA 309 16.94 9.66 98.36
C PRO BA 309 17.14 11.04 98.96
N HIS BA 310 18.24 11.66 98.59
CA HIS BA 310 18.53 13.03 98.98
C HIS BA 310 17.84 14.02 98.05
N ALA BA 311 18.21 15.28 98.15
CA ALA BA 311 17.66 16.32 97.30
C ALA BA 311 18.78 17.28 96.94
N LEU BA 312 18.43 18.32 96.18
CA LEU BA 312 19.41 19.29 95.70
C LEU BA 312 18.65 20.61 95.55
N VAL BA 313 18.72 21.43 96.60
CA VAL BA 313 17.91 22.63 96.71
C VAL BA 313 18.85 23.82 96.71
N ARG BA 314 18.50 24.85 95.95
CA ARG BA 314 19.32 26.05 95.92
C ARG BA 314 18.90 27.01 97.02
N ALA BA 315 19.88 27.77 97.49
CA ALA BA 315 19.62 28.84 98.43
C ALA BA 315 19.57 30.17 97.68
N ALA BA 316 19.33 31.24 98.43
CA ALA BA 316 19.32 32.57 97.82
C ALA BA 316 20.73 33.09 97.56
N ASP BA 317 21.76 32.41 98.06
CA ASP BA 317 23.12 32.87 97.83
C ASP BA 317 23.56 32.63 96.39
N GLY BA 318 23.01 31.61 95.75
CA GLY BA 318 23.35 31.34 94.37
C GLY BA 318 23.84 29.92 94.14
N ASN BA 319 24.51 29.36 95.14
CA ASN BA 319 25.05 28.02 95.00
C ASN BA 319 23.99 26.97 95.33
N PHE BA 320 24.27 25.73 94.91
CA PHE BA 320 23.36 24.63 95.13
C PHE BA 320 23.76 23.85 96.38
N ASP BA 321 22.80 23.63 97.27
CA ASP BA 321 23.02 22.73 98.39
C ASP BA 321 22.59 21.32 98.01
N PHE BA 322 23.00 20.37 98.83
CA PHE BA 322 22.73 18.95 98.59
C PHE BA 322 22.30 18.36 99.93
N LYS BA 323 21.01 18.43 100.20
CA LYS BA 323 20.44 18.23 101.51
C LYS BA 323 19.88 16.82 101.59
N TRP BA 324 19.78 16.27 102.79
CA TRP BA 324 18.91 15.11 102.86
C TRP BA 324 17.45 15.56 102.95
N LEU BA 325 16.56 14.59 102.94
CA LEU BA 325 15.15 14.88 103.12
C LEU BA 325 14.71 14.36 104.47
N GLU BA 326 14.05 15.22 105.25
CA GLU BA 326 13.56 14.85 106.56
C GLU BA 326 12.30 14.02 106.40
N TRP BA 327 12.49 12.71 106.23
CA TRP BA 327 11.35 11.82 106.14
C TRP BA 327 10.70 11.70 107.51
N SER BA 328 9.41 11.99 107.58
CA SER BA 328 8.69 12.26 108.82
C SER BA 328 8.62 11.01 109.69
N PRO BA 329 8.56 11.20 111.01
CA PRO BA 329 8.51 10.03 111.90
C PRO BA 329 7.21 9.28 111.79
N LYS BA 330 7.31 7.96 111.93
CA LYS BA 330 6.16 7.09 112.00
C LYS BA 330 5.33 7.41 113.24
N SER BA 331 4.02 7.38 113.10
CA SER BA 331 3.16 7.67 114.22
C SER BA 331 1.88 6.88 114.11
N CYS BA 332 1.27 6.63 115.26
CA CYS BA 332 -0.06 6.04 115.39
C CYS BA 332 -0.15 4.65 114.77
N GLY BA 333 0.57 3.70 115.36
CA GLY BA 333 0.46 2.33 114.94
C GLY BA 333 1.47 1.45 115.61
N ASP BA 334 1.60 0.23 115.11
CA ASP BA 334 2.56 -0.75 115.60
C ASP BA 334 3.42 -1.24 114.45
N VAL BA 335 4.21 -2.28 114.73
CA VAL BA 335 4.92 -2.96 113.66
C VAL BA 335 3.94 -3.82 112.85
N ASP BA 336 3.00 -4.45 113.54
CA ASP BA 336 2.11 -5.42 112.93
C ASP BA 336 0.85 -4.79 112.36
N THR BA 337 0.57 -3.52 112.63
CA THR BA 337 -0.59 -2.86 112.06
C THR BA 337 -0.29 -1.58 111.30
N ASN BA 338 0.89 -1.00 111.48
CA ASN BA 338 1.37 0.11 110.66
C ASN BA 338 2.64 -0.41 110.00
N PRO BA 339 2.51 -1.04 108.83
CA PRO BA 339 3.62 -1.83 108.30
C PRO BA 339 4.76 -0.94 107.82
N TRP BA 340 5.94 -1.54 107.76
CA TRP BA 340 7.06 -0.88 107.12
C TRP BA 340 6.75 -0.67 105.64
N PRO BA 341 7.22 0.43 105.07
CA PRO BA 341 6.62 0.90 103.82
C PRO BA 341 7.03 0.17 102.55
N SER BA 342 7.55 -1.05 102.67
CA SER BA 342 7.85 -1.97 101.56
C SER BA 342 8.91 -1.43 100.61
N PHE BA 343 9.77 -0.54 101.08
CA PHE BA 343 11.00 -0.25 100.38
C PHE BA 343 12.18 -0.21 101.33
N VAL BA 344 12.00 -0.64 102.57
CA VAL BA 344 13.01 -0.51 103.60
C VAL BA 344 13.88 -1.76 103.69
N GLY BA 345 13.85 -2.60 102.67
CA GLY BA 345 14.73 -3.75 102.66
C GLY BA 345 15.32 -3.96 101.28
N SER BA 346 15.08 -3.01 100.38
CA SER BA 346 15.49 -3.16 99.00
C SER BA 346 15.81 -1.77 98.47
N SER BA 347 15.88 -1.66 97.16
CA SER BA 347 16.38 -0.47 96.48
C SER BA 347 15.25 0.34 95.88
N ILE BA 348 15.46 1.65 95.82
CA ILE BA 348 14.53 2.58 95.18
C ILE BA 348 15.10 2.91 93.80
N ASN BA 349 14.24 2.98 92.79
CA ASN BA 349 14.71 3.23 91.45
C ASN BA 349 14.24 4.55 90.85
N ASP BA 350 13.15 5.15 91.33
CA ASP BA 350 12.62 6.33 90.66
C ASP BA 350 11.77 7.14 91.63
N VAL BA 351 11.69 8.44 91.37
CA VAL BA 351 10.77 9.34 92.04
C VAL BA 351 9.72 9.77 91.04
N PHE BA 352 8.46 9.71 91.42
CA PHE BA 352 7.40 10.08 90.51
C PHE BA 352 6.21 10.62 91.28
N PHE BA 353 5.58 11.63 90.71
CA PHE BA 353 4.44 12.29 91.31
C PHE BA 353 3.16 11.80 90.64
N PHE BA 354 2.13 11.60 91.46
CA PHE BA 354 0.87 11.06 90.96
C PHE BA 354 -0.26 11.43 91.90
N ARG BA 355 -1.06 12.43 91.51
CA ARG BA 355 -2.22 12.92 92.26
C ARG BA 355 -1.82 13.32 93.68
N ASN BA 356 -1.01 14.38 93.75
CA ASN BA 356 -0.53 15.01 94.99
C ASN BA 356 0.36 14.08 95.82
N ARG BA 357 0.76 12.92 95.30
CA ARG BA 357 1.45 11.94 96.11
C ARG BA 357 2.84 11.71 95.55
N LEU BA 358 3.86 11.90 96.39
CA LEU BA 358 5.19 11.50 96.02
C LEU BA 358 5.25 9.98 96.01
N GLY BA 359 6.05 9.44 95.12
CA GLY BA 359 6.04 8.00 94.96
C GLY BA 359 7.39 7.43 94.61
N PHE BA 360 7.66 6.24 95.11
CA PHE BA 360 8.87 5.53 94.75
C PHE BA 360 8.50 4.21 94.09
N LEU BA 361 9.39 3.76 93.21
CA LEU BA 361 9.38 2.38 92.79
C LEU BA 361 10.27 1.60 93.74
N SER BA 362 10.32 0.29 93.56
CA SER BA 362 10.98 -0.58 94.50
C SER BA 362 11.39 -1.86 93.82
N GLY BA 363 11.64 -2.90 94.62
CA GLY BA 363 11.91 -4.21 94.05
C GLY BA 363 10.81 -4.72 93.14
N GLU BA 364 9.57 -4.63 93.60
CA GLU BA 364 8.46 -4.90 92.69
C GLU BA 364 7.30 -3.98 93.06
N ASN BA 365 7.52 -3.10 94.01
CA ASN BA 365 6.42 -2.41 94.66
C ASN BA 365 6.31 -0.97 94.19
N ILE BA 366 5.14 -0.39 94.43
CA ILE BA 366 4.87 1.03 94.19
C ILE BA 366 4.38 1.63 95.50
N ILE BA 367 5.06 2.66 95.98
CA ILE BA 367 4.80 3.20 97.31
C ILE BA 367 4.52 4.69 97.15
N LEU BA 368 3.25 5.06 97.19
CA LEU BA 368 2.83 6.44 97.07
C LEU BA 368 2.64 7.03 98.47
N SER BA 369 2.94 8.32 98.62
CA SER BA 369 2.98 8.97 99.92
C SER BA 369 1.61 9.53 100.28
N ARG BA 370 1.56 10.36 101.32
CA ARG BA 370 0.30 10.95 101.75
C ARG BA 370 -0.07 12.09 100.81
N THR BA 371 -1.37 12.40 100.77
CA THR BA 371 -1.91 13.32 99.78
C THR BA 371 -1.41 14.74 99.95
N ALA BA 372 -1.53 15.29 101.15
CA ALA BA 372 -1.13 16.67 101.33
C ALA BA 372 0.38 16.82 101.50
N LYS BA 373 1.03 15.85 102.12
CA LYS BA 373 2.39 15.99 102.62
C LYS BA 373 3.26 14.96 101.92
N TYR BA 374 4.30 15.45 101.24
CA TYR BA 374 5.09 14.57 100.38
C TYR BA 374 5.98 13.63 101.18
N PHE BA 375 6.56 14.10 102.26
CA PHE BA 375 7.58 13.34 102.96
C PHE BA 375 6.98 12.56 104.12
N ASN BA 376 6.01 11.69 103.83
CA ASN BA 376 5.31 10.98 104.89
C ASN BA 376 4.72 9.72 104.28
N PHE BA 377 5.17 8.55 104.74
CA PHE BA 377 4.70 7.27 104.23
C PHE BA 377 3.90 6.48 105.25
N TYR BA 378 3.17 7.14 106.11
CA TYR BA 378 2.43 6.48 107.17
C TYR BA 378 1.09 7.19 107.29
N PRO BA 379 0.03 6.46 107.57
CA PRO BA 379 -1.27 7.11 107.78
C PRO BA 379 -1.29 7.91 109.06
N ALA BA 380 -2.23 8.84 109.16
CA ALA BA 380 -2.29 9.73 110.31
C ALA BA 380 -2.75 9.00 111.56
N SER BA 381 -3.56 7.97 111.39
CA SER BA 381 -4.08 7.18 112.50
C SER BA 381 -4.55 5.87 111.95
N ILE BA 382 -4.11 4.75 112.53
CA ILE BA 382 -4.56 3.46 112.02
C ILE BA 382 -5.94 3.11 112.54
N ALA BA 383 -6.46 3.87 113.49
CA ALA BA 383 -7.89 3.95 113.70
C ALA BA 383 -8.45 4.91 112.67
N ASN BA 384 -9.56 4.51 112.06
CA ASN BA 384 -10.33 5.34 111.12
C ASN BA 384 -9.50 5.72 109.90
N LEU BA 385 -9.23 4.71 109.06
CA LEU BA 385 -8.62 4.88 107.73
C LEU BA 385 -9.33 5.97 106.95
N SER BA 386 -8.57 6.97 106.51
CA SER BA 386 -9.12 8.27 106.17
C SER BA 386 -8.83 8.70 104.73
N ASP BA 387 -8.78 7.74 103.81
CA ASP BA 387 -8.80 7.98 102.35
C ASP BA 387 -7.63 8.78 101.79
N ASP BA 388 -6.68 9.17 102.62
CA ASP BA 388 -5.49 9.88 102.19
C ASP BA 388 -4.24 9.13 102.58
N ASP BA 389 -4.38 7.89 103.01
CA ASP BA 389 -3.30 7.11 103.55
C ASP BA 389 -2.38 6.65 102.42
N PRO BA 390 -1.11 6.44 102.71
CA PRO BA 390 -0.20 5.90 101.71
C PRO BA 390 -0.56 4.48 101.31
N ILE BA 391 -0.29 4.16 100.06
CA ILE BA 391 -0.73 2.90 99.46
C ILE BA 391 0.49 2.07 99.08
N ASP BA 392 0.38 0.76 99.22
CA ASP BA 392 1.46 -0.16 98.90
C ASP BA 392 0.91 -1.22 97.96
N VAL BA 393 1.00 -0.98 96.66
CA VAL BA 393 0.44 -1.87 95.67
C VAL BA 393 1.59 -2.61 95.01
N ALA BA 394 1.75 -3.88 95.34
CA ALA BA 394 2.75 -4.69 94.69
C ALA BA 394 2.29 -5.03 93.29
N VAL BA 395 3.21 -4.92 92.33
CA VAL BA 395 2.89 -5.18 90.94
C VAL BA 395 2.71 -6.67 90.77
N SER BA 396 1.47 -7.09 90.52
CA SER BA 396 1.13 -8.50 90.45
C SER BA 396 1.32 -8.96 89.03
N THR BA 397 2.30 -9.83 88.82
CA THR BA 397 2.64 -10.32 87.50
C THR BA 397 2.58 -11.84 87.51
N ASN BA 398 2.70 -12.40 86.31
CA ASN BA 398 2.94 -13.81 86.16
C ASN BA 398 4.43 -14.11 86.28
N ARG BA 399 5.26 -13.18 85.85
CA ARG BA 399 6.70 -13.37 85.68
C ARG BA 399 7.44 -12.32 86.50
N ILE BA 400 8.76 -12.23 86.32
CA ILE BA 400 9.57 -11.33 87.15
C ILE BA 400 9.63 -9.97 86.48
N ALA BA 401 9.41 -8.91 87.27
CA ALA BA 401 9.44 -7.55 86.73
C ALA BA 401 9.83 -6.59 87.84
N ILE BA 402 11.02 -6.02 87.75
CA ILE BA 402 11.51 -5.06 88.74
C ILE BA 402 11.37 -3.67 88.15
N LEU BA 403 10.62 -2.80 88.83
CA LEU BA 403 10.22 -1.52 88.28
C LEU BA 403 11.39 -0.57 88.13
N LYS BA 404 11.43 0.14 87.00
CA LYS BA 404 12.61 0.94 86.70
C LYS BA 404 12.29 2.37 86.25
N TYR BA 405 11.11 2.63 85.69
CA TYR BA 405 10.78 3.98 85.29
C TYR BA 405 9.31 4.27 85.51
N ALA BA 406 8.94 5.54 85.33
CA ALA BA 406 7.56 5.98 85.45
C ALA BA 406 7.36 7.18 84.55
N VAL BA 407 6.61 7.00 83.48
CA VAL BA 407 6.45 8.04 82.47
C VAL BA 407 4.96 8.32 82.27
N PRO BA 408 4.51 9.55 82.38
CA PRO BA 408 3.10 9.84 82.12
C PRO BA 408 2.81 9.91 80.64
N PHE BA 409 1.79 9.21 80.18
CA PHE BA 409 1.61 9.05 78.75
C PHE BA 409 0.33 9.66 78.20
N SER BA 410 -0.84 9.17 78.59
CA SER BA 410 -2.07 9.72 78.05
C SER BA 410 -3.02 10.20 79.14
N GLU BA 411 -3.40 9.33 80.05
CA GLU BA 411 -4.18 9.75 81.21
C GLU BA 411 -3.74 8.99 82.44
N GLU BA 412 -2.61 8.32 82.41
CA GLU BA 412 -2.48 7.11 83.20
C GLU BA 412 -1.29 7.08 84.14
N LEU BA 413 -0.17 7.70 83.78
CA LEU BA 413 1.10 7.61 84.49
C LEU BA 413 1.52 6.15 84.57
N LEU BA 414 1.83 5.55 83.43
CA LEU BA 414 2.14 4.13 83.41
C LEU BA 414 3.62 3.93 83.74
N ILE BA 415 3.93 2.73 84.23
CA ILE BA 415 5.19 2.42 84.89
C ILE BA 415 5.82 1.22 84.22
N TRP BA 416 7.07 1.38 83.77
CA TRP BA 416 7.71 0.37 82.93
C TRP BA 416 8.75 -0.42 83.69
N SER BA 417 8.92 -1.69 83.31
CA SER BA 417 9.95 -2.49 83.94
C SER BA 417 10.45 -3.58 82.98
N ASP BA 418 11.39 -3.24 82.12
CA ASP BA 418 12.42 -4.13 81.60
C ASP BA 418 11.94 -5.33 80.77
N GLU BA 419 10.71 -5.78 80.98
CA GLU BA 419 10.12 -6.79 80.12
C GLU BA 419 8.62 -6.62 79.97
N ALA BA 420 7.97 -5.84 80.84
CA ALA BA 420 6.54 -5.59 80.76
C ALA BA 420 6.29 -4.13 81.09
N GLN BA 421 5.04 -3.71 80.95
CA GLN BA 421 4.67 -2.31 81.11
C GLN BA 421 3.34 -2.23 81.84
N PHE BA 422 3.25 -1.33 82.83
CA PHE BA 422 2.18 -1.39 83.82
C PHE BA 422 1.50 -0.04 83.95
N VAL BA 423 0.16 -0.03 83.86
CA VAL BA 423 -0.64 1.18 83.98
C VAL BA 423 -1.21 1.28 85.38
N LEU BA 424 -1.02 2.43 86.02
CA LEU BA 424 -1.39 2.65 87.41
C LEU BA 424 -2.53 3.66 87.45
N THR BA 425 -3.76 3.15 87.37
CA THR BA 425 -4.95 3.97 87.58
C THR BA 425 -5.91 3.22 88.47
N ALA BA 426 -6.84 3.94 89.07
CA ALA BA 426 -7.78 3.33 90.01
C ALA BA 426 -9.18 3.29 89.43
N SER BA 427 -10.04 2.52 90.08
CA SER BA 427 -11.46 2.42 89.73
C SER BA 427 -12.26 2.94 90.90
N GLY BA 428 -12.76 4.17 90.79
CA GLY BA 428 -13.49 4.79 91.87
C GLY BA 428 -13.10 6.23 92.12
N THR BA 429 -12.54 6.51 93.29
CA THR BA 429 -12.11 7.83 93.69
C THR BA 429 -10.76 8.14 93.04
N LEU BA 430 -10.04 9.15 93.55
CA LEU BA 430 -8.66 9.35 93.13
C LEU BA 430 -7.78 8.15 93.37
N THR BA 431 -7.52 7.90 94.64
CA THR BA 431 -6.58 6.90 95.11
C THR BA 431 -6.96 6.59 96.53
N SER BA 432 -7.42 5.38 96.77
CA SER BA 432 -7.63 4.85 98.12
C SER BA 432 -6.67 3.69 98.22
N LYS BA 433 -6.83 2.85 99.25
CA LYS BA 433 -6.22 1.52 99.20
C LYS BA 433 -6.65 0.73 97.97
N SER BA 434 -7.85 0.99 97.45
CA SER BA 434 -8.30 0.41 96.18
C SER BA 434 -7.76 1.22 95.00
N VAL BA 435 -6.61 0.77 94.47
CA VAL BA 435 -5.99 1.32 93.27
C VAL BA 435 -5.55 0.16 92.39
N GLU BA 436 -6.00 0.15 91.14
CA GLU BA 436 -5.73 -0.96 90.25
C GLU BA 436 -4.35 -0.86 89.63
N LEU BA 437 -3.87 -1.97 89.08
CA LEU BA 437 -2.58 -2.02 88.41
C LEU BA 437 -2.60 -3.21 87.47
N ASN BA 438 -2.47 -2.96 86.17
CA ASN BA 438 -2.56 -4.01 85.17
C ASN BA 438 -1.44 -3.83 84.17
N LEU BA 439 -1.10 -4.90 83.46
CA LEU BA 439 -0.03 -4.86 82.47
C LEU BA 439 -0.63 -4.82 81.08
N THR BA 440 -0.32 -3.77 80.32
CA THR BA 440 -0.88 -3.66 78.98
C THR BA 440 -0.06 -4.40 77.94
N THR BA 441 1.17 -3.96 77.72
CA THR BA 441 1.96 -4.46 76.60
C THR BA 441 3.31 -4.92 77.10
N GLN BA 442 3.68 -6.15 76.75
CA GLN BA 442 4.83 -6.81 77.34
C GLN BA 442 6.10 -6.66 76.49
N PHE BA 443 6.45 -5.42 76.14
CA PHE BA 443 7.60 -5.13 75.30
C PHE BA 443 8.89 -5.08 76.11
N ASP BA 444 10.02 -5.19 75.41
CA ASP BA 444 11.32 -5.16 76.03
C ASP BA 444 11.93 -3.78 75.92
N VAL BA 445 12.54 -3.31 77.00
CA VAL BA 445 13.00 -1.94 77.12
C VAL BA 445 14.31 -1.92 77.91
N GLN BA 446 15.29 -1.18 77.41
CA GLN BA 446 16.60 -1.09 78.04
C GLN BA 446 16.52 -0.24 79.30
N ASP BA 447 17.36 -0.56 80.26
CA ASP BA 447 17.25 -0.03 81.62
C ASP BA 447 18.10 1.21 81.85
N ARG BA 448 18.77 1.73 80.83
CA ARG BA 448 19.73 2.80 81.04
C ARG BA 448 19.35 4.08 80.30
N ALA BA 449 18.13 4.15 79.76
CA ALA BA 449 17.65 5.33 79.08
C ALA BA 449 16.25 5.63 79.57
N ARG BA 450 15.97 6.87 79.72
CA ARG BA 450 14.66 7.21 80.25
C ARG BA 450 13.72 7.43 79.10
N PRO BA 451 12.58 6.74 79.07
CA PRO BA 451 11.63 6.92 77.96
C PRO BA 451 11.06 8.33 77.88
N PHE BA 452 11.41 9.01 76.80
CA PHE BA 452 11.16 10.43 76.63
C PHE BA 452 9.93 10.63 75.74
N GLY BA 453 9.08 11.58 76.12
CA GLY BA 453 7.85 11.83 75.41
C GLY BA 453 7.97 13.13 74.62
N ILE BA 454 7.43 13.11 73.41
CA ILE BA 454 7.45 14.31 72.59
C ILE BA 454 6.05 14.83 72.37
N GLY BA 455 5.22 14.06 71.69
CA GLY BA 455 3.86 14.51 71.45
C GLY BA 455 2.87 13.56 72.06
N ARG BA 456 2.20 12.81 71.20
CA ARG BA 456 1.35 11.73 71.66
C ARG BA 456 2.15 10.45 71.87
N ASN BA 457 3.42 10.45 71.51
CA ASN BA 457 4.25 9.27 71.58
C ASN BA 457 5.23 9.37 72.75
N VAL BA 458 5.88 8.25 73.05
CA VAL BA 458 7.00 8.17 73.99
C VAL BA 458 8.06 7.27 73.39
N TYR BA 459 9.29 7.75 73.28
CA TYR BA 459 10.35 7.03 72.60
C TYR BA 459 11.30 6.39 73.59
N PHE BA 460 11.80 5.20 73.26
CA PHE BA 460 12.59 4.42 74.19
C PHE BA 460 13.44 3.44 73.41
N ALA BA 461 14.38 2.81 74.10
CA ALA BA 461 15.32 1.91 73.48
C ALA BA 461 15.01 0.47 73.84
N SER BA 462 15.62 -0.46 73.12
CA SER BA 462 15.39 -1.87 73.33
C SER BA 462 16.71 -2.61 73.32
N PRO BA 463 16.85 -3.64 74.14
CA PRO BA 463 18.14 -4.35 74.20
C PRO BA 463 18.32 -5.40 73.13
N ARG BA 464 18.79 -5.00 71.96
CA ARG BA 464 19.48 -5.97 71.12
C ARG BA 464 20.87 -6.21 71.68
N SER BA 465 21.58 -7.18 71.12
CA SER BA 465 22.94 -7.47 71.57
C SER BA 465 23.88 -6.34 71.17
N SER BA 466 24.03 -6.13 69.87
CA SER BA 466 24.70 -4.97 69.33
C SER BA 466 23.78 -4.34 68.32
N PHE BA 467 24.00 -3.05 68.05
CA PHE BA 467 23.23 -2.24 67.10
C PHE BA 467 21.74 -2.21 67.46
N THR BA 468 21.47 -1.53 68.58
CA THR BA 468 20.16 -1.54 69.21
C THR BA 468 19.14 -0.75 68.42
N SER BA 469 17.94 -0.69 68.97
CA SER BA 469 16.77 -0.19 68.28
C SER BA 469 16.08 0.86 69.11
N ILE BA 470 15.22 1.64 68.47
CA ILE BA 470 14.38 2.64 69.14
C ILE BA 470 12.94 2.38 68.71
N HIS BA 471 12.01 2.50 69.65
CA HIS BA 471 10.62 2.16 69.39
C HIS BA 471 9.70 3.32 69.71
N ARG BA 472 8.74 3.56 68.81
CA ARG BA 472 7.64 4.48 69.04
C ARG BA 472 6.53 3.77 69.80
N TYR BA 473 6.03 4.41 70.85
CA TYR BA 473 5.05 3.81 71.73
C TYR BA 473 3.72 4.54 71.60
N TYR BA 474 2.72 3.87 71.05
CA TYR BA 474 1.44 4.44 70.65
C TYR BA 474 0.44 4.49 71.78
N ALA BA 475 -0.64 5.20 71.52
CA ALA BA 475 -1.97 4.84 71.96
C ALA BA 475 -2.79 4.70 70.70
N VAL BA 476 -3.38 3.52 70.49
CA VAL BA 476 -3.99 3.24 69.19
C VAL BA 476 -5.27 4.04 69.03
N GLN BA 477 -5.73 4.12 67.79
CA GLN BA 477 -6.89 4.95 67.52
C GLN BA 477 -8.19 4.22 67.80
N ASP BA 478 -8.26 2.93 67.49
CA ASP BA 478 -9.55 2.28 67.39
C ASP BA 478 -10.10 1.89 68.76
N VAL BA 479 -9.29 1.28 69.60
CA VAL BA 479 -9.79 0.78 70.88
C VAL BA 479 -9.81 1.96 71.82
N SER BA 480 -10.42 1.80 73.00
CA SER BA 480 -10.32 2.82 74.04
C SER BA 480 -8.90 2.94 74.57
N SER BA 481 -8.37 1.87 75.15
CA SER BA 481 -7.15 1.97 75.95
C SER BA 481 -6.16 0.85 75.63
N VAL BA 482 -5.88 0.62 74.36
CA VAL BA 482 -4.88 -0.36 73.96
C VAL BA 482 -3.61 0.36 73.56
N LYS BA 483 -2.49 -0.02 74.18
CA LYS BA 483 -1.19 0.55 73.86
C LYS BA 483 -0.51 -0.32 72.80
N ASN BA 484 0.54 0.24 72.20
CA ASN BA 484 1.24 -0.42 71.10
C ASN BA 484 2.63 0.17 71.00
N ALA BA 485 3.56 -0.65 70.51
CA ALA BA 485 4.92 -0.18 70.29
C ALA BA 485 5.40 -0.67 68.93
N GLU BA 486 5.65 0.25 68.03
CA GLU BA 486 6.15 -0.08 66.71
C GLU BA 486 7.66 -0.05 66.74
N ASP BA 487 8.29 -0.04 65.57
CA ASP BA 487 9.74 -0.03 65.48
C ASP BA 487 10.13 1.03 64.45
N ILE BA 488 10.77 2.09 64.90
CA ILE BA 488 11.13 3.17 64.00
C ILE BA 488 12.59 3.08 63.63
N THR BA 489 13.21 1.95 63.96
CA THR BA 489 14.45 1.54 63.32
C THR BA 489 14.26 0.24 62.56
N SER BA 490 13.02 -0.06 62.16
CA SER BA 490 12.72 -1.29 61.45
C SER BA 490 13.34 -1.31 60.06
N HIS BA 491 13.61 -0.15 59.49
CA HIS BA 491 14.29 -0.07 58.21
C HIS BA 491 15.71 0.43 58.34
N VAL BA 492 16.11 0.92 59.52
CA VAL BA 492 17.52 1.18 59.76
C VAL BA 492 17.97 0.44 61.01
N PRO BA 493 18.28 -0.84 60.96
CA PRO BA 493 19.08 -1.40 62.03
C PRO BA 493 20.53 -1.23 61.67
N ASN BA 494 21.43 -1.74 62.49
CA ASN BA 494 22.88 -1.67 62.27
C ASN BA 494 23.36 -0.23 62.16
N TYR BA 495 22.80 0.64 63.00
CA TYR BA 495 23.15 2.05 62.93
C TYR BA 495 23.37 2.73 64.27
N ILE BA 496 22.81 2.26 65.38
CA ILE BA 496 22.98 2.89 66.69
C ILE BA 496 23.60 1.88 67.65
N PRO BA 497 24.84 2.07 68.08
CA PRO BA 497 25.69 0.94 68.48
C PRO BA 497 25.33 0.06 69.68
N ASN BA 498 25.42 0.50 70.94
CA ASN BA 498 24.88 -0.41 71.95
C ASN BA 498 24.21 0.27 73.12
N GLY BA 499 24.82 1.30 73.67
CA GLY BA 499 24.29 1.79 74.92
C GLY BA 499 23.61 3.12 74.80
N VAL BA 500 22.29 3.12 74.71
CA VAL BA 500 21.53 4.35 74.66
C VAL BA 500 21.46 4.88 76.08
N PHE BA 501 22.17 5.96 76.37
CA PHE BA 501 22.17 6.50 77.72
C PHE BA 501 21.47 7.85 77.83
N SER BA 502 21.01 8.41 76.72
CA SER BA 502 20.25 9.65 76.79
C SER BA 502 19.37 9.73 75.57
N ILE BA 503 18.12 10.14 75.76
CA ILE BA 503 17.18 10.37 74.68
C ILE BA 503 16.71 11.81 74.77
N CYS BA 504 17.04 12.62 73.77
CA CYS BA 504 16.71 14.02 73.76
C CYS BA 504 15.36 14.23 73.10
N GLY BA 505 15.08 15.48 72.75
CA GLY BA 505 13.95 15.75 71.90
C GLY BA 505 13.53 17.19 72.06
N SER BA 506 12.64 17.60 71.16
CA SER BA 506 12.01 18.90 71.26
C SER BA 506 10.73 18.85 70.43
N GLY BA 507 9.64 19.26 71.04
CA GLY BA 507 8.40 19.34 70.30
C GLY BA 507 8.30 20.48 69.34
N THR BA 508 9.21 21.45 69.43
CA THR BA 508 9.15 22.61 68.55
C THR BA 508 9.67 22.27 67.17
N GLU BA 509 10.92 21.84 67.09
CA GLU BA 509 11.52 21.51 65.80
C GLU BA 509 11.26 20.07 65.37
N ASN BA 510 10.54 19.30 66.19
CA ASN BA 510 10.02 17.97 65.84
C ASN BA 510 11.12 16.96 65.54
N PHE BA 511 11.94 16.65 66.53
CA PHE BA 511 12.87 15.54 66.39
C PHE BA 511 13.05 14.80 67.70
N CYS BA 512 13.66 13.64 67.60
CA CYS BA 512 14.14 12.87 68.74
C CYS BA 512 15.56 12.44 68.43
N SER BA 513 16.46 12.58 69.39
CA SER BA 513 17.81 12.14 69.15
C SER BA 513 18.27 11.26 70.28
N VAL BA 514 19.33 10.52 70.02
CA VAL BA 514 19.81 9.46 70.90
C VAL BA 514 21.32 9.48 70.91
N LEU BA 515 21.89 9.57 72.10
CA LEU BA 515 23.31 9.43 72.32
C LEU BA 515 23.64 7.97 72.60
N SER BA 516 24.90 7.60 72.43
CA SER BA 516 25.24 6.20 72.59
C SER BA 516 26.69 6.06 73.04
N HIS BA 517 26.92 5.14 73.98
CA HIS BA 517 28.27 4.81 74.42
C HIS BA 517 28.74 3.56 73.67
N GLY BA 518 28.68 3.65 72.35
CA GLY BA 518 29.30 2.62 71.54
C GLY BA 518 30.06 3.24 70.40
N ASP BA 519 29.79 4.53 70.18
CA ASP BA 519 30.45 5.36 69.18
C ASP BA 519 30.12 6.79 69.55
N PRO BA 520 30.74 7.34 70.60
CA PRO BA 520 30.18 8.51 71.27
C PRO BA 520 30.39 9.83 70.55
N SER BA 521 30.82 9.83 69.30
CA SER BA 521 30.97 11.06 68.56
C SER BA 521 29.74 11.39 67.74
N LYS BA 522 28.65 10.68 67.95
CA LYS BA 522 27.50 10.75 67.05
C LYS BA 522 26.24 11.05 67.83
N ILE BA 523 25.49 12.05 67.39
CA ILE BA 523 24.15 12.34 67.88
C ILE BA 523 23.17 11.83 66.86
N PHE BA 524 22.46 10.76 67.18
CA PHE BA 524 21.62 10.07 66.20
C PHE BA 524 20.24 10.72 66.12
N MET BA 525 20.08 11.65 65.17
CA MET BA 525 18.85 12.42 65.03
C MET BA 525 17.78 11.59 64.34
N TYR BA 526 16.54 11.75 64.79
CA TYR BA 526 15.36 11.17 64.15
C TYR BA 526 14.34 12.28 63.99
N LYS BA 527 14.27 12.88 62.80
CA LYS BA 527 13.35 13.99 62.60
C LYS BA 527 12.07 13.50 61.95
N PHE BA 528 10.94 13.88 62.52
CA PHE BA 528 9.63 13.42 62.10
C PHE BA 528 8.72 14.61 61.90
N LEU BA 529 7.60 14.37 61.22
CA LEU BA 529 6.58 15.41 61.05
C LEU BA 529 5.24 14.71 60.83
N TYR BA 530 4.37 14.80 61.82
CA TYR BA 530 3.01 14.31 61.67
C TYR BA 530 2.15 15.37 61.01
N LEU BA 531 1.25 14.93 60.14
CA LEU BA 531 0.37 15.83 59.41
C LEU BA 531 -0.85 15.04 59.02
N ASN BA 532 -2.02 15.43 59.57
CA ASN BA 532 -3.30 14.71 59.44
C ASN BA 532 -3.19 13.27 59.92
N GLU BA 533 -2.57 13.10 61.09
CA GLU BA 533 -2.46 11.84 61.84
C GLU BA 533 -1.69 10.75 61.11
N GLU BA 534 -1.00 11.07 60.03
CA GLU BA 534 -0.18 10.12 59.29
C GLU BA 534 1.24 10.63 59.23
N LEU BA 535 2.20 9.77 59.54
CA LEU BA 535 3.59 10.21 59.63
C LEU BA 535 4.18 10.31 58.24
N ARG BA 536 4.86 11.42 57.95
CA ARG BA 536 5.29 11.74 56.61
C ARG BA 536 6.80 11.90 56.49
N GLN BA 537 7.56 11.63 57.56
CA GLN BA 537 9.01 11.79 57.49
C GLN BA 537 9.66 10.90 58.53
N GLN BA 538 10.20 9.77 58.12
CA GLN BA 538 11.03 8.92 58.98
C GLN BA 538 12.48 9.14 58.56
N SER BA 539 13.07 10.21 59.07
CA SER BA 539 14.43 10.53 58.69
C SER BA 539 15.40 10.19 59.80
N TRP BA 540 16.59 9.77 59.42
CA TRP BA 540 17.69 9.53 60.33
C TRP BA 540 18.92 10.23 59.81
N SER BA 541 19.81 10.59 60.73
CA SER BA 541 21.11 11.11 60.40
C SER BA 541 21.99 10.83 61.59
N HIS BA 542 23.22 11.33 61.56
CA HIS BA 542 24.00 11.45 62.78
C HIS BA 542 24.96 12.63 62.67
N TRP BA 543 24.98 13.45 63.69
CA TRP BA 543 25.81 14.63 63.71
C TRP BA 543 27.16 14.28 64.32
N ASP BA 544 28.24 14.55 63.59
CA ASP BA 544 29.58 14.49 64.13
C ASP BA 544 30.06 15.90 64.40
N PHE BA 545 30.81 16.06 65.47
CA PHE BA 545 31.36 17.35 65.85
C PHE BA 545 32.87 17.33 65.70
N GLY BA 546 33.35 16.56 64.75
CA GLY BA 546 34.78 16.34 64.59
C GLY BA 546 35.12 14.98 65.19
N GLU BA 547 36.13 14.34 64.64
CA GLU BA 547 36.54 13.05 65.15
C GLU BA 547 37.26 13.20 66.48
N ASN BA 548 37.28 12.09 67.23
CA ASN BA 548 37.88 12.00 68.57
C ASN BA 548 37.26 13.03 69.53
N VAL BA 549 35.95 13.22 69.43
CA VAL BA 549 35.22 14.18 70.26
C VAL BA 549 33.99 13.47 70.81
N GLN BA 550 33.90 13.40 72.14
CA GLN BA 550 32.83 12.67 72.80
C GLN BA 550 31.70 13.61 73.21
N VAL BA 551 30.48 13.32 72.75
CA VAL BA 551 29.32 14.10 73.11
C VAL BA 551 28.68 13.42 74.30
N LEU BA 552 28.77 14.06 75.46
CA LEU BA 552 28.40 13.42 76.71
C LEU BA 552 27.13 13.98 77.31
N ALA BA 553 26.44 14.87 76.60
CA ALA BA 553 25.07 15.25 76.95
C ALA BA 553 24.35 15.91 75.79
N CYS BA 554 23.04 16.00 75.92
CA CYS BA 554 22.15 16.62 74.95
C CYS BA 554 20.81 16.92 75.59
N GLN BA 555 20.45 18.20 75.69
CA GLN BA 555 19.12 18.60 76.10
C GLN BA 555 18.73 19.79 75.26
N SER BA 556 17.45 20.14 75.28
CA SER BA 556 16.98 21.19 74.38
C SER BA 556 15.88 21.97 75.08
N ILE BA 557 16.19 23.22 75.44
CA ILE BA 557 15.17 24.20 75.76
C ILE BA 557 14.69 24.65 74.39
N SER BA 558 13.55 25.36 74.35
CA SER BA 558 12.54 25.35 73.28
C SER BA 558 13.04 25.14 71.86
N SER BA 559 14.02 25.91 71.43
CA SER BA 559 14.61 25.66 70.12
C SER BA 559 16.11 25.85 70.15
N ASP BA 560 16.71 25.67 71.32
CA ASP BA 560 18.15 25.79 71.49
C ASP BA 560 18.66 24.53 72.16
N MET BA 561 19.51 23.79 71.46
CA MET BA 561 20.02 22.51 71.96
C MET BA 561 21.38 22.76 72.61
N TYR BA 562 21.39 22.85 73.93
CA TYR BA 562 22.62 23.07 74.69
C TYR BA 562 23.35 21.76 74.89
N VAL BA 563 24.58 21.70 74.39
CA VAL BA 563 25.34 20.46 74.31
C VAL BA 563 26.67 20.68 74.98
N ILE BA 564 27.00 19.86 75.97
CA ILE BA 564 28.40 19.79 76.39
C ILE BA 564 29.04 18.66 75.61
N LEU BA 565 30.31 18.83 75.31
CA LEU BA 565 30.98 17.87 74.46
C LEU BA 565 32.46 17.84 74.82
N ARG BA 566 33.02 16.64 74.86
CA ARG BA 566 34.32 16.39 75.43
C ARG BA 566 35.34 16.19 74.33
N ASN BA 567 36.42 16.94 74.39
CA ASN BA 567 37.55 16.76 73.48
C ASN BA 567 38.48 15.73 74.12
N GLU BA 568 39.70 15.57 73.61
CA GLU BA 568 40.68 14.79 74.35
C GLU BA 568 41.54 15.68 75.20
N PHE BA 569 41.17 16.92 75.40
CA PHE BA 569 41.88 17.78 76.31
C PHE BA 569 40.98 18.56 77.26
N ASN BA 570 39.73 18.81 76.89
CA ASN BA 570 38.88 19.72 77.66
C ASN BA 570 37.47 19.15 77.70
N THR BA 571 36.54 20.02 78.14
CA THR BA 571 35.12 19.71 78.14
C THR BA 571 34.38 21.02 77.93
N PHE BA 572 33.53 21.06 76.92
CA PHE BA 572 32.99 22.30 76.40
C PHE BA 572 31.55 22.52 76.86
N LEU BA 573 30.93 23.55 76.31
CA LEU BA 573 29.50 23.75 76.38
C LEU BA 573 29.10 24.61 75.19
N ALA BA 574 27.91 24.38 74.65
CA ALA BA 574 27.59 24.91 73.34
C ALA BA 574 26.12 25.26 73.25
N ARG BA 575 25.72 25.70 72.05
CA ARG BA 575 24.34 26.11 71.81
C ARG BA 575 24.06 25.97 70.32
N ILE BA 576 23.21 25.02 69.98
CA ILE BA 576 22.79 24.77 68.61
C ILE BA 576 21.43 25.41 68.42
N SER BA 577 21.38 26.49 67.66
CA SER BA 577 20.16 27.29 67.50
C SER BA 577 19.56 27.02 66.13
N PHE BA 578 18.27 26.72 66.10
CA PHE BA 578 17.58 26.36 64.87
C PHE BA 578 17.04 27.55 64.12
N THR BA 579 17.68 28.72 64.26
CA THR BA 579 17.30 29.91 63.52
C THR BA 579 17.46 29.68 62.01
N LYS BA 580 16.65 30.40 61.24
CA LYS BA 580 16.60 30.15 59.80
C LYS BA 580 17.54 31.06 59.02
N ASN BA 581 17.36 32.38 59.14
CA ASN BA 581 18.25 33.33 58.49
C ASN BA 581 18.89 34.30 59.46
N ALA BA 582 18.60 34.17 60.76
CA ALA BA 582 19.17 35.06 61.75
C ALA BA 582 20.65 34.79 61.93
N ILE BA 583 21.31 35.70 62.63
CA ILE BA 583 22.76 35.68 62.78
C ILE BA 583 23.06 35.26 64.21
N ASP BA 584 23.99 34.33 64.38
CA ASP BA 584 24.29 33.78 65.69
C ASP BA 584 24.99 34.79 66.58
N LEU BA 585 26.18 35.20 66.20
CA LEU BA 585 26.92 36.16 66.99
C LEU BA 585 26.80 37.55 66.38
N GLN BA 586 27.09 38.56 67.18
CA GLN BA 586 26.93 39.94 66.74
C GLN BA 586 28.00 40.29 65.71
N GLY BA 587 27.57 40.56 64.49
CA GLY BA 587 28.46 40.70 63.35
C GLY BA 587 28.12 39.63 62.35
N GLU BA 588 29.13 38.89 61.86
CA GLU BA 588 28.99 37.65 61.08
C GLU BA 588 28.07 37.78 59.87
N PRO BA 589 28.55 38.34 58.77
CA PRO BA 589 27.66 38.74 57.67
C PRO BA 589 26.81 37.67 57.00
N TYR BA 590 27.08 36.37 57.23
CA TYR BA 590 26.24 35.38 56.55
C TYR BA 590 25.92 34.12 57.35
N ARG BA 591 25.98 34.13 58.68
CA ARG BA 591 25.79 32.96 59.55
C ARG BA 591 26.75 31.85 59.17
N ALA BA 592 28.02 32.04 59.47
CA ALA BA 592 29.05 31.11 59.04
C ALA BA 592 28.91 29.79 59.74
N PHE BA 593 28.73 28.71 58.97
CA PHE BA 593 28.67 27.36 59.53
C PHE BA 593 30.06 26.94 59.96
N MET BA 594 30.28 26.84 61.28
CA MET BA 594 31.62 26.85 61.83
C MET BA 594 31.91 25.79 62.88
N ASP BA 595 30.92 25.06 63.41
CA ASP BA 595 31.05 23.86 64.25
C ASP BA 595 31.60 24.13 65.65
N MET BA 596 32.11 25.33 65.88
CA MET BA 596 32.52 25.98 67.13
C MET BA 596 32.51 27.44 66.71
N LYS BA 597 32.16 28.36 67.59
CA LYS BA 597 32.00 29.72 67.08
C LYS BA 597 32.24 30.73 68.20
N ILE BA 598 33.43 31.33 68.19
CA ILE BA 598 33.75 32.39 69.11
C ILE BA 598 33.61 33.75 68.42
N ARG BA 599 33.64 34.80 69.21
CA ARG BA 599 33.72 36.16 68.72
C ARG BA 599 34.89 36.79 69.44
N TYR BA 600 36.05 36.82 68.79
CA TYR BA 600 37.28 37.21 69.42
C TYR BA 600 37.72 38.57 68.91
N THR BA 601 38.26 39.37 69.81
CA THR BA 601 38.92 40.62 69.46
C THR BA 601 40.43 40.39 69.57
N ILE BA 602 41.14 40.76 68.53
CA ILE BA 602 42.59 40.56 68.50
C ILE BA 602 43.25 41.49 69.52
N PRO BA 603 44.13 40.99 70.39
CA PRO BA 603 44.74 41.87 71.38
C PRO BA 603 45.78 42.80 70.80
N SER BA 604 46.47 43.54 71.66
CA SER BA 604 47.40 44.56 71.19
C SER BA 604 48.64 43.95 70.57
N GLY BA 605 49.42 43.21 71.35
CA GLY BA 605 50.65 42.70 70.80
C GLY BA 605 50.54 41.31 70.22
N THR BA 606 50.26 41.26 68.92
CA THR BA 606 50.34 40.02 68.14
C THR BA 606 51.04 40.20 66.80
N TYR BA 607 51.12 41.41 66.27
CA TYR BA 607 51.57 41.65 64.90
C TYR BA 607 53.07 41.91 64.91
N ASN BA 608 53.85 40.97 64.39
CA ASN BA 608 55.26 41.24 64.16
C ASN BA 608 55.40 42.20 63.00
N ASP BA 609 56.15 43.29 63.22
CA ASP BA 609 56.29 44.30 62.18
C ASP BA 609 57.18 43.82 61.05
N ASP BA 610 58.05 42.85 61.31
CA ASP BA 610 58.94 42.33 60.27
C ASP BA 610 58.16 41.52 59.25
N THR BA 611 57.51 40.45 59.70
CA THR BA 611 56.73 39.62 58.79
C THR BA 611 55.35 40.24 58.59
N PHE BA 612 54.47 39.53 57.90
CA PHE BA 612 53.18 40.08 57.50
C PHE BA 612 52.02 39.56 58.36
N THR BA 613 52.22 38.48 59.10
CA THR BA 613 51.13 37.81 59.78
C THR BA 613 51.01 38.24 61.23
N THR BA 614 49.83 38.02 61.80
CA THR BA 614 49.59 38.13 63.23
C THR BA 614 49.54 36.74 63.84
N SER BA 615 49.77 36.67 65.14
CA SER BA 615 49.83 35.38 65.84
C SER BA 615 48.65 35.29 66.81
N ILE BA 616 47.61 34.61 66.40
CA ILE BA 616 46.46 34.35 67.24
C ILE BA 616 46.65 33.00 67.91
N HIS BA 617 46.48 32.95 69.22
CA HIS BA 617 46.82 31.78 70.03
C HIS BA 617 45.53 31.08 70.45
N ILE BA 618 45.28 29.90 69.91
CA ILE BA 618 43.99 29.22 70.10
C ILE BA 618 43.69 28.73 71.52
N PRO BA 619 44.63 28.47 72.45
CA PRO BA 619 44.20 28.32 73.83
C PRO BA 619 43.70 29.59 74.49
N THR BA 620 43.97 30.76 73.94
CA THR BA 620 43.45 31.98 74.54
C THR BA 620 42.11 32.40 73.96
N ILE BA 621 41.86 32.13 72.68
CA ILE BA 621 40.58 32.51 72.10
C ILE BA 621 39.48 31.55 72.52
N TYR BA 622 39.84 30.35 72.97
CA TYR BA 622 38.94 29.37 73.53
C TYR BA 622 39.36 29.17 74.98
N GLY BA 623 38.79 28.15 75.62
CA GLY BA 623 39.22 27.82 76.95
C GLY BA 623 40.63 27.26 76.96
N ALA BA 624 40.83 26.19 76.20
CA ALA BA 624 42.13 25.51 76.17
C ALA BA 624 42.21 24.74 74.86
N ASN BA 625 43.13 23.76 74.82
CA ASN BA 625 43.61 23.17 73.58
C ASN BA 625 42.53 22.40 72.83
N PHE BA 626 42.87 22.04 71.60
CA PHE BA 626 42.03 21.31 70.67
C PHE BA 626 42.71 20.02 70.24
N GLY BA 627 42.07 19.33 69.31
CA GLY BA 627 42.61 18.11 68.76
C GLY BA 627 43.02 18.30 67.33
N ARG BA 628 42.18 17.85 66.40
CA ARG BA 628 42.48 18.00 64.99
C ARG BA 628 41.20 18.35 64.23
N GLY BA 629 41.38 19.13 63.17
CA GLY BA 629 40.28 19.64 62.39
C GLY BA 629 40.73 20.82 61.56
N LYS BA 630 39.85 21.25 60.67
CA LYS BA 630 40.14 22.35 59.77
C LYS BA 630 39.51 23.61 60.32
N ILE BA 631 40.29 24.68 60.44
CA ILE BA 631 39.89 25.88 61.17
C ILE BA 631 39.72 27.02 60.17
N THR BA 632 38.56 27.68 60.24
CA THR BA 632 38.20 28.75 59.32
C THR BA 632 38.09 30.03 60.11
N VAL BA 633 38.69 31.09 59.56
CA VAL BA 633 38.70 32.42 60.18
C VAL BA 633 37.94 33.37 59.29
N LEU BA 634 36.92 34.02 59.84
CA LEU BA 634 36.04 34.90 59.10
C LEU BA 634 36.09 36.30 59.70
N GLU BA 635 35.96 37.31 58.84
CA GLU BA 635 36.14 38.72 59.19
C GLU BA 635 34.85 39.47 58.84
N PRO BA 636 34.65 40.74 59.22
CA PRO BA 636 33.40 41.42 58.83
C PRO BA 636 33.27 41.73 57.35
N ASP BA 637 34.36 41.61 56.60
CA ASP BA 637 34.29 41.62 55.15
C ASP BA 637 33.96 40.21 54.67
N GLY BA 638 34.15 39.93 53.38
CA GLY BA 638 33.97 38.58 52.92
C GLY BA 638 35.24 37.75 53.01
N LYS BA 639 36.16 38.14 53.88
CA LYS BA 639 37.46 37.51 53.97
C LYS BA 639 37.33 36.18 54.71
N ILE BA 640 37.67 35.10 54.03
CA ILE BA 640 37.59 33.75 54.57
C ILE BA 640 38.95 33.12 54.39
N THR BA 641 39.64 32.85 55.48
CA THR BA 641 40.92 32.17 55.40
C THR BA 641 40.81 30.80 56.04
N VAL BA 642 41.27 29.78 55.32
CA VAL BA 642 41.19 28.40 55.76
C VAL BA 642 42.57 27.94 56.19
N PHE BA 643 42.68 27.46 57.42
CA PHE BA 643 43.92 26.95 57.95
C PHE BA 643 43.85 25.44 58.06
N GLU BA 644 44.80 24.75 57.44
CA GLU BA 644 44.82 23.30 57.58
C GLU BA 644 45.41 22.92 58.92
N GLN BA 645 45.17 21.67 59.30
CA GLN BA 645 45.66 21.19 60.57
C GLN BA 645 47.15 20.86 60.47
N PRO BA 646 47.88 20.98 61.56
CA PRO BA 646 49.26 20.47 61.59
C PRO BA 646 49.28 18.95 61.60
N THR BA 647 50.46 18.40 61.41
CA THR BA 647 50.59 16.95 61.31
C THR BA 647 50.37 16.27 62.65
N ALA BA 648 50.92 16.83 63.72
CA ALA BA 648 50.57 16.36 65.05
C ALA BA 648 49.20 16.87 65.47
N GLY BA 649 48.96 18.16 65.24
CA GLY BA 649 47.63 18.72 65.30
C GLY BA 649 47.27 19.47 66.56
N TRP BA 650 47.41 20.80 66.48
CA TRP BA 650 46.86 21.79 67.43
C TRP BA 650 47.29 21.58 68.88
N ASN BA 651 48.33 20.80 69.11
CA ASN BA 651 49.00 20.74 70.39
C ASN BA 651 50.49 20.96 70.26
N SER BA 652 51.08 20.56 69.14
CA SER BA 652 52.45 20.95 68.84
C SER BA 652 52.52 22.34 68.23
N ASP BA 653 51.55 22.70 67.40
CA ASP BA 653 51.47 24.02 66.77
C ASP BA 653 50.13 24.62 67.17
N PRO BA 654 50.07 25.30 68.30
CA PRO BA 654 48.80 25.89 68.72
C PRO BA 654 48.56 27.27 68.14
N TRP BA 655 49.29 27.64 67.11
CA TRP BA 655 49.21 28.99 66.59
C TRP BA 655 48.31 29.05 65.35
N LEU BA 656 47.94 30.27 64.98
CA LEU BA 656 47.00 30.51 63.90
C LEU BA 656 47.47 31.77 63.18
N ARG BA 657 48.08 31.59 62.00
CA ARG BA 657 48.88 32.64 61.37
C ARG BA 657 48.02 33.44 60.41
N LEU BA 658 47.23 34.36 60.97
CA LEU BA 658 46.35 35.19 60.17
C LEU BA 658 47.16 36.26 59.45
N SER BA 659 46.98 36.38 58.14
CA SER BA 659 47.80 37.26 57.32
C SER BA 659 47.17 38.64 57.20
N GLY BA 660 47.93 39.68 57.53
CA GLY BA 660 47.51 41.05 57.53
C GLY BA 660 47.89 41.70 58.84
N ASN BA 661 47.49 42.96 59.01
CA ASN BA 661 47.70 43.67 60.25
C ASN BA 661 46.38 43.74 61.01
N LEU BA 662 46.34 43.08 62.15
CA LEU BA 662 45.13 42.97 62.96
C LEU BA 662 45.41 43.64 64.31
N GLU BA 663 45.09 44.93 64.42
CA GLU BA 663 45.22 45.60 65.70
C GLU BA 663 44.03 45.25 66.59
N GLY BA 664 42.84 45.65 66.18
CA GLY BA 664 41.63 45.18 66.81
C GLY BA 664 40.49 45.18 65.82
N ARG BA 665 39.90 44.02 65.62
CA ARG BA 665 38.89 43.82 64.58
C ARG BA 665 38.21 42.50 64.88
N MET BA 666 36.90 42.44 64.68
CA MET BA 666 36.12 41.28 65.10
C MET BA 666 36.44 40.09 64.20
N VAL BA 667 36.91 39.02 64.80
CA VAL BA 667 37.37 37.84 64.09
C VAL BA 667 36.59 36.62 64.57
N TYR BA 668 35.94 35.93 63.65
CA TYR BA 668 35.12 34.77 63.96
C TYR BA 668 35.84 33.51 63.53
N ILE BA 669 36.14 32.64 64.48
CA ILE BA 669 36.98 31.48 64.23
C ILE BA 669 36.18 30.23 64.57
N GLY BA 670 36.24 29.24 63.70
CA GLY BA 670 35.58 27.99 64.02
C GLY BA 670 36.14 26.82 63.24
N PHE BA 671 35.58 25.65 63.51
CA PHE BA 671 35.95 24.44 62.80
C PHE BA 671 35.18 24.38 61.48
N ASN BA 672 35.13 23.22 60.86
CA ASN BA 672 34.31 23.05 59.68
C ASN BA 672 33.42 21.83 59.81
N ILE BA 673 32.16 21.99 59.38
CA ILE BA 673 31.23 20.88 59.26
C ILE BA 673 31.76 19.91 58.22
N ASN BA 674 31.56 18.62 58.45
CA ASN BA 674 31.82 17.61 57.44
C ASN BA 674 30.47 17.05 57.02
N PHE BA 675 29.87 17.69 56.03
CA PHE BA 675 28.55 17.30 55.54
C PHE BA 675 28.71 16.27 54.43
N VAL BA 676 28.08 15.10 54.59
CA VAL BA 676 28.15 14.02 53.63
C VAL BA 676 26.74 13.49 53.43
N TYR BA 677 26.37 13.24 52.18
CA TYR BA 677 25.08 12.64 51.89
C TYR BA 677 25.17 11.87 50.59
N GLU BA 678 24.79 10.60 50.61
CA GLU BA 678 24.65 9.82 49.39
C GLU BA 678 23.19 9.81 48.99
N PHE BA 679 22.93 9.69 47.68
CA PHE BA 679 21.55 9.87 47.23
C PHE BA 679 20.73 8.61 47.40
N SER BA 680 21.08 7.57 46.66
CA SER BA 680 20.72 6.16 46.81
C SER BA 680 21.40 5.53 45.62
N LYS BA 681 21.30 4.22 45.47
CA LYS BA 681 21.60 3.63 44.18
C LYS BA 681 20.44 4.01 43.28
N PHE BA 682 20.73 4.78 42.23
CA PHE BA 682 19.70 5.21 41.29
C PHE BA 682 19.11 4.03 40.53
N LEU BA 683 17.81 3.79 40.67
CA LEU BA 683 17.12 2.84 39.81
C LEU BA 683 15.67 3.28 39.70
N ILE BA 684 14.89 2.52 38.92
CA ILE BA 684 13.48 2.81 38.70
C ILE BA 684 12.71 2.64 39.99
N LYS BA 685 12.01 3.68 40.41
CA LYS BA 685 11.16 3.59 41.60
C LYS BA 685 9.78 4.11 41.23
N GLN BA 686 8.85 3.19 40.97
CA GLN BA 686 7.50 3.52 40.58
C GLN BA 686 6.51 3.11 41.66
N THR BA 687 5.50 3.93 41.88
CA THR BA 687 4.57 3.72 42.98
C THR BA 687 3.57 2.64 42.61
N ALA BA 688 3.46 1.63 43.47
CA ALA BA 688 2.65 0.44 43.16
C ALA BA 688 1.26 0.62 43.74
N ASP BA 689 0.52 1.56 43.15
CA ASP BA 689 -0.92 1.76 43.33
C ASP BA 689 -1.28 2.08 44.80
N ASP BA 690 -0.78 3.25 45.24
CA ASP BA 690 -1.23 3.93 46.46
C ASP BA 690 -0.98 3.10 47.71
N GLY BA 691 0.30 2.98 48.07
CA GLY BA 691 0.62 2.44 49.38
C GLY BA 691 1.89 1.63 49.51
N SER BA 692 2.56 1.34 48.40
CA SER BA 692 3.82 0.63 48.44
C SER BA 692 4.71 1.14 47.32
N THR BA 693 6.01 1.12 47.56
CA THR BA 693 6.99 1.52 46.56
C THR BA 693 7.77 0.29 46.15
N SER BA 694 7.41 -0.28 45.01
CA SER BA 694 8.12 -1.40 44.44
C SER BA 694 9.08 -0.87 43.38
N THR BA 695 10.34 -1.23 43.51
CA THR BA 695 11.36 -0.73 42.60
C THR BA 695 11.75 -1.83 41.63
N GLU BA 696 12.17 -1.43 40.45
CA GLU BA 696 12.24 -2.33 39.30
C GLU BA 696 13.68 -2.77 39.09
N ASP BA 697 13.90 -4.09 39.15
CA ASP BA 697 15.23 -4.67 39.18
C ASP BA 697 15.65 -5.27 37.84
N ILE BA 698 14.69 -5.78 37.06
CA ILE BA 698 15.01 -6.54 35.86
C ILE BA 698 15.55 -5.60 34.79
N GLY BA 699 16.69 -5.94 34.23
CA GLY BA 699 17.22 -5.19 33.13
C GLY BA 699 18.37 -4.30 33.55
N ARG BA 700 19.07 -3.78 32.55
CA ARG BA 700 20.23 -2.94 32.75
C ARG BA 700 19.83 -1.49 32.50
N LEU BA 701 20.10 -0.63 33.45
CA LEU BA 701 19.79 0.79 33.35
C LEU BA 701 21.09 1.56 33.23
N GLN BA 702 21.44 1.99 32.03
CA GLN BA 702 22.63 2.79 31.81
C GLN BA 702 22.29 4.26 32.00
N LEU BA 703 22.83 4.85 33.06
CA LEU BA 703 22.59 6.26 33.33
C LEU BA 703 23.27 7.14 32.29
N ARG BA 704 22.72 8.33 32.12
CA ARG BA 704 23.39 9.36 31.35
C ARG BA 704 23.75 10.55 32.20
N ARG BA 705 22.78 11.18 32.88
CA ARG BA 705 23.05 12.37 33.67
C ARG BA 705 22.22 12.32 34.96
N ALA BA 706 22.48 13.28 35.82
CA ALA BA 706 21.72 13.51 37.03
C ALA BA 706 21.81 14.99 37.39
N TRP BA 707 21.04 15.41 38.37
CA TRP BA 707 21.05 16.82 38.74
C TRP BA 707 20.70 16.98 40.21
N VAL BA 708 21.06 18.14 40.75
CA VAL BA 708 20.76 18.51 42.13
C VAL BA 708 20.09 19.87 42.11
N ASN BA 709 18.82 19.92 42.48
CA ASN BA 709 18.11 21.19 42.61
C ASN BA 709 18.53 21.85 43.92
N TYR BA 710 19.14 23.02 43.82
CA TYR BA 710 19.60 23.76 44.98
C TYR BA 710 18.92 25.13 45.02
N GLU BA 711 18.66 25.60 46.23
CA GLU BA 711 17.89 26.83 46.43
C GLU BA 711 18.57 27.69 47.48
N ASN BA 712 19.14 28.82 47.03
CA ASN BA 712 19.79 29.82 47.88
C ASN BA 712 20.94 29.21 48.67
N SER BA 713 21.87 28.59 47.96
CA SER BA 713 22.90 27.76 48.56
C SER BA 713 24.28 28.20 48.08
N GLY BA 714 25.30 27.59 48.67
CA GLY BA 714 26.67 28.00 48.42
C GLY BA 714 27.36 27.07 47.45
N THR BA 715 28.58 26.68 47.77
CA THR BA 715 29.37 25.80 46.90
C THR BA 715 29.46 24.41 47.49
N PHE BA 716 29.39 23.40 46.62
CA PHE BA 716 29.48 22.01 47.04
C PHE BA 716 30.05 21.15 45.94
N ASP BA 717 30.33 19.88 46.28
CA ASP BA 717 31.13 19.00 45.43
C ASP BA 717 30.48 17.62 45.33
N ILE BA 718 29.97 17.30 44.14
CA ILE BA 718 29.20 16.07 43.94
C ILE BA 718 30.17 15.00 43.45
N TYR BA 719 30.72 14.24 44.39
CA TYR BA 719 31.63 13.16 44.02
C TYR BA 719 30.86 11.99 43.45
N VAL BA 720 31.38 11.40 42.39
CA VAL BA 720 30.77 10.27 41.70
C VAL BA 720 31.79 9.15 41.63
N GLU BA 721 31.48 8.01 42.23
CA GLU BA 721 32.38 6.87 42.20
C GLU BA 721 31.77 5.79 41.33
N ASN BA 722 32.63 4.93 40.80
CA ASN BA 722 32.26 3.85 39.90
C ASN BA 722 32.89 2.58 40.45
N GLN BA 723 32.93 1.53 39.63
CA GLN BA 723 33.66 0.34 40.01
C GLN BA 723 35.15 0.63 40.17
N SER BA 724 35.77 1.22 39.16
CA SER BA 724 37.20 1.52 39.20
C SER BA 724 37.47 2.91 38.65
N SER BA 725 36.71 3.89 39.10
CA SER BA 725 36.88 5.24 38.62
C SER BA 725 36.47 6.24 39.70
N ASN BA 726 36.80 7.50 39.47
CA ASN BA 726 36.52 8.56 40.42
C ASN BA 726 36.32 9.86 39.66
N TRP BA 727 35.41 10.69 40.14
CA TRP BA 727 35.14 11.99 39.53
C TRP BA 727 34.74 13.00 40.60
N LYS BA 728 35.02 14.28 40.36
CA LYS BA 728 34.87 15.26 41.43
C LYS BA 728 33.65 16.18 41.26
N TYR BA 729 33.53 16.88 40.13
CA TYR BA 729 32.38 17.72 39.77
C TYR BA 729 32.08 18.80 40.80
N THR BA 730 32.97 19.78 40.88
CA THR BA 730 32.72 20.91 41.76
C THR BA 730 31.59 21.77 41.24
N MET BA 731 31.17 22.72 42.06
CA MET BA 731 30.12 23.65 41.66
C MET BA 731 30.39 24.97 42.36
N ALA BA 732 30.78 25.98 41.57
CA ALA BA 732 31.22 27.25 42.13
C ALA BA 732 30.01 28.10 42.54
N GLY BA 733 30.24 29.37 42.79
CA GLY BA 733 29.17 30.26 43.19
C GLY BA 733 28.32 30.69 42.01
N ALA BA 734 27.62 31.81 42.20
CA ALA BA 734 26.77 32.34 41.15
C ALA BA 734 27.52 33.25 40.18
N ARG BA 735 28.86 33.22 40.21
CA ARG BA 735 29.80 34.00 39.38
C ARG BA 735 29.41 35.44 39.04
N ARG BA 745 31.46 38.45 45.72
CA ARG BA 745 31.17 38.30 47.14
C ARG BA 745 30.75 36.87 47.47
N LEU BA 746 29.64 36.74 48.18
CA LEU BA 746 29.07 35.45 48.51
C LEU BA 746 28.52 34.76 47.27
N ASN BA 747 27.55 35.40 46.64
CA ASN BA 747 26.86 34.92 45.44
C ASN BA 747 26.22 33.55 45.65
N LEU BA 748 25.25 33.52 46.54
CA LEU BA 748 24.42 32.33 46.69
C LEU BA 748 23.47 32.22 45.50
N GLY BA 749 23.37 31.02 44.94
CA GLY BA 749 22.61 30.78 43.73
C GLY BA 749 21.41 29.89 43.95
N THR BA 750 20.50 29.95 42.99
CA THR BA 750 19.21 29.29 43.12
C THR BA 750 18.88 28.56 41.80
N GLY BA 751 19.82 27.78 41.29
CA GLY BA 751 19.61 27.14 40.01
C GLY BA 751 19.52 25.63 40.06
N GLN BA 752 20.11 24.96 39.07
CA GLN BA 752 20.05 23.51 38.95
C GLN BA 752 21.36 23.05 38.31
N TYR BA 753 22.24 22.47 39.12
CA TYR BA 753 23.50 21.97 38.64
C TYR BA 753 23.30 20.58 38.06
N ARG BA 754 23.78 20.37 36.84
CA ARG BA 754 23.49 19.18 36.06
C ARG BA 754 24.80 18.46 35.77
N PHE BA 755 25.04 17.35 36.47
CA PHE BA 755 26.30 16.66 36.34
C PHE BA 755 26.10 15.31 35.67
N PRO BA 756 27.03 14.88 34.84
CA PRO BA 756 26.88 13.57 34.21
C PRO BA 756 27.40 12.44 35.07
N VAL BA 757 26.59 11.39 35.21
CA VAL BA 757 27.00 10.14 35.81
C VAL BA 757 26.75 9.05 34.77
N VAL BA 758 27.78 8.26 34.49
CA VAL BA 758 27.73 7.27 33.43
C VAL BA 758 28.08 5.92 34.03
N GLY BA 759 27.23 4.93 33.79
CA GLY BA 759 27.56 3.62 34.30
C GLY BA 759 26.37 2.68 34.23
N ASN BA 760 26.31 1.77 35.19
CA ASN BA 760 25.36 0.68 35.21
C ASN BA 760 24.18 0.97 36.13
N ALA BA 761 24.31 1.98 37.01
CA ALA BA 761 23.36 2.43 38.03
C ALA BA 761 23.18 1.43 39.16
N LYS BA 762 23.77 0.26 39.03
CA LYS BA 762 23.90 -0.70 40.10
C LYS BA 762 25.27 -0.59 40.72
N PHE BA 763 26.14 0.22 40.13
CA PHE BA 763 27.49 0.41 40.60
C PHE BA 763 27.89 1.87 40.73
N ASN BA 764 27.09 2.80 40.24
CA ASN BA 764 27.35 4.20 40.51
C ASN BA 764 26.85 4.57 41.89
N THR BA 765 27.54 5.51 42.52
CA THR BA 765 27.15 5.98 43.84
C THR BA 765 27.58 7.42 43.95
N VAL BA 766 26.62 8.32 43.98
CA VAL BA 766 26.88 9.76 43.98
C VAL BA 766 26.77 10.27 45.41
N TYR BA 767 27.74 11.07 45.84
CA TYR BA 767 27.67 11.58 47.20
C TYR BA 767 28.17 13.01 47.26
N ILE BA 768 27.50 13.82 48.07
CA ILE BA 768 27.69 15.26 48.08
C ILE BA 768 28.44 15.66 49.36
N LEU BA 769 29.52 16.39 49.18
CA LEU BA 769 30.28 16.99 50.26
C LEU BA 769 30.06 18.49 50.27
N SER BA 770 30.33 19.10 51.42
CA SER BA 770 30.40 20.54 51.53
C SER BA 770 31.15 20.88 52.81
N ASP BA 771 32.16 21.73 52.66
CA ASP BA 771 32.92 22.20 53.81
C ASP BA 771 33.01 23.72 53.88
N GLU BA 772 32.65 24.41 52.81
CA GLU BA 772 33.10 25.80 52.64
C GLU BA 772 32.10 26.79 53.20
N THR BA 773 31.64 26.61 54.45
CA THR BA 773 31.16 27.67 55.35
C THR BA 773 29.83 28.28 54.91
N THR BA 774 29.35 27.93 53.74
CA THR BA 774 28.14 28.49 53.16
C THR BA 774 26.99 27.53 53.32
N PRO BA 775 25.76 28.02 53.42
CA PRO BA 775 24.62 27.13 53.53
C PRO BA 775 24.38 26.36 52.24
N LEU BA 776 23.63 25.27 52.37
CA LEU BA 776 23.37 24.32 51.30
C LEU BA 776 21.94 23.85 51.45
N ASN BA 777 21.15 23.98 50.40
CA ASN BA 777 19.76 23.55 50.44
C ASN BA 777 19.47 22.69 49.23
N ILE BA 778 19.63 21.37 49.37
CA ILE BA 778 19.28 20.45 48.29
C ILE BA 778 17.79 20.17 48.39
N ILE BA 779 17.01 20.71 47.45
CA ILE BA 779 15.56 20.56 47.52
C ILE BA 779 15.03 19.47 46.63
N GLY BA 780 15.87 18.82 45.84
CA GLY BA 780 15.42 17.71 45.03
C GLY BA 780 16.51 17.25 44.09
N CYS BA 781 16.29 16.08 43.51
CA CYS BA 781 17.25 15.54 42.56
C CYS BA 781 16.48 14.79 41.49
N GLY BA 782 17.21 14.12 40.62
CA GLY BA 782 16.59 13.37 39.55
C GLY BA 782 17.63 12.99 38.52
N TRP BA 783 17.32 11.95 37.77
CA TRP BA 783 18.30 11.37 36.88
C TRP BA 783 17.67 11.11 35.52
N GLU BA 784 18.47 10.54 34.62
CA GLU BA 784 18.08 10.40 33.22
C GLU BA 784 18.87 9.25 32.62
N GLY BA 785 18.25 8.08 32.52
CA GLY BA 785 18.95 6.87 32.13
C GLY BA 785 18.56 6.33 30.77
N ASN BA 786 18.87 5.07 30.47
CA ASN BA 786 18.52 4.49 29.18
C ASN BA 786 17.52 3.34 29.31
N TYR BA 787 17.86 2.29 30.06
CA TYR BA 787 16.96 1.20 30.44
C TYR BA 787 16.31 0.44 29.29
N LEU BA 788 17.07 -0.38 28.58
CA LEU BA 788 16.49 -1.40 27.74
C LEU BA 788 16.28 -2.67 28.54
N ARG BA 789 15.15 -3.33 28.32
CA ARG BA 789 14.77 -4.53 29.07
C ARG BA 789 14.49 -5.66 28.11
N ARG BA 790 15.30 -6.72 28.17
CA ARG BA 790 15.10 -7.87 27.30
C ARG BA 790 14.20 -8.91 27.94
N SER BA 791 13.01 -8.48 28.34
CA SER BA 791 11.96 -9.34 28.85
C SER BA 791 10.65 -8.58 28.75
N SER BA 792 9.61 -9.10 29.41
CA SER BA 792 8.34 -8.38 29.52
C SER BA 792 7.81 -8.62 30.93
N GLY BA 793 6.56 -8.25 31.15
CA GLY BA 793 6.03 -8.27 32.50
C GLY BA 793 5.16 -9.47 32.78
N ILE BA 794 3.84 -9.27 32.77
CA ILE BA 794 2.81 -10.28 33.02
C ILE BA 794 3.02 -10.99 34.35
N ALA CA 2 6.40 -15.51 25.97
CA ALA CA 2 7.42 -14.83 25.20
C ALA CA 2 8.33 -14.03 26.12
N LEU CA 3 9.26 -14.75 26.75
CA LEU CA 3 10.36 -14.21 27.54
C LEU CA 3 9.87 -13.37 28.71
N ILE CA 4 9.24 -14.01 29.65
CA ILE CA 4 8.70 -13.40 30.85
C ILE CA 4 9.81 -13.36 31.91
N SER CA 5 9.83 -12.32 32.74
CA SER CA 5 10.71 -12.29 33.89
C SER CA 5 10.00 -11.73 35.11
N GLN CA 6 10.32 -12.28 36.26
CA GLN CA 6 9.83 -11.81 37.54
C GLN CA 6 11.03 -11.58 38.44
N SER CA 7 10.78 -10.92 39.57
CA SER CA 7 11.84 -10.72 40.56
C SER CA 7 11.20 -10.85 41.94
N ILE CA 8 11.27 -12.06 42.50
CA ILE CA 8 10.82 -12.29 43.88
C ILE CA 8 11.83 -11.58 44.79
N LYS CA 9 11.42 -10.45 45.36
CA LYS CA 9 12.43 -9.55 45.90
C LYS CA 9 12.62 -9.63 47.40
N ASN CA 10 11.71 -10.22 48.16
CA ASN CA 10 11.84 -10.21 49.62
C ASN CA 10 11.66 -11.60 50.19
N LEU CA 11 12.74 -12.39 50.22
CA LEU CA 11 12.63 -13.77 50.69
C LEU CA 11 12.62 -13.88 52.22
N LYS CA 12 11.78 -13.10 52.88
CA LYS CA 12 11.49 -13.33 54.29
C LYS CA 12 10.71 -14.63 54.45
N GLY CA 13 9.51 -14.69 53.86
CA GLY CA 13 8.93 -15.96 53.50
C GLY CA 13 8.51 -16.90 54.59
N GLY CA 14 9.29 -17.93 54.78
CA GLY CA 14 8.87 -19.03 55.61
C GLY CA 14 8.19 -20.10 54.79
N ILE CA 15 8.29 -21.33 55.29
CA ILE CA 15 7.70 -22.47 54.64
C ILE CA 15 6.19 -22.30 54.55
N SER CA 16 5.62 -22.83 53.48
CA SER CA 16 4.17 -22.95 53.41
C SER CA 16 3.85 -24.19 52.61
N GLN CA 17 3.19 -25.16 53.24
CA GLN CA 17 2.83 -26.40 52.58
C GLN CA 17 1.49 -26.31 51.87
N GLN CA 18 1.06 -25.11 51.51
CA GLN CA 18 -0.01 -24.94 50.55
C GLN CA 18 0.45 -25.44 49.19
N PRO CA 19 -0.47 -25.73 48.27
CA PRO CA 19 -0.05 -26.15 46.92
C PRO CA 19 0.64 -25.05 46.12
N ASP CA 20 1.03 -25.39 44.90
CA ASP CA 20 1.86 -24.50 44.11
C ASP CA 20 1.06 -23.29 43.63
N ILE CA 21 -0.14 -23.52 43.12
CA ILE CA 21 -1.00 -22.42 42.73
C ILE CA 21 -1.86 -22.11 43.96
N LEU CA 22 -1.22 -21.65 45.03
CA LEU CA 22 -1.90 -21.05 46.18
C LEU CA 22 -1.06 -19.95 46.79
N ARG CA 23 0.26 -20.06 46.63
CA ARG CA 23 1.18 -19.38 47.52
C ARG CA 23 1.25 -17.89 47.22
N TYR CA 24 1.89 -17.19 48.14
CA TYR CA 24 2.39 -15.85 47.90
C TYR CA 24 3.71 -16.02 47.17
N PRO CA 25 4.41 -14.94 46.81
CA PRO CA 25 5.84 -15.12 46.50
C PRO CA 25 6.64 -15.45 47.73
N ASP CA 26 7.94 -15.64 47.54
CA ASP CA 26 8.99 -15.59 48.55
C ASP CA 26 8.94 -16.64 49.65
N GLN CA 27 7.97 -17.55 49.63
CA GLN CA 27 7.78 -18.38 50.79
C GLN CA 27 8.74 -19.56 50.87
N GLY CA 28 8.65 -20.52 49.96
CA GLY CA 28 9.51 -21.68 50.11
C GLY CA 28 8.80 -22.93 50.54
N SER CA 29 9.39 -24.09 50.29
CA SER CA 29 8.74 -25.34 50.62
C SER CA 29 9.41 -26.08 51.76
N ARG CA 30 10.69 -25.83 52.02
CA ARG CA 30 11.31 -26.19 53.29
C ARG CA 30 12.53 -25.32 53.52
N GLN CA 31 12.69 -24.89 54.77
CA GLN CA 31 13.71 -23.94 55.22
C GLN CA 31 14.28 -24.46 56.52
N VAL CA 32 15.56 -24.83 56.52
CA VAL CA 32 16.21 -25.41 57.69
C VAL CA 32 17.36 -24.50 58.08
N ASN CA 33 17.47 -24.22 59.38
CA ASN CA 33 18.55 -23.44 60.00
C ASN CA 33 18.62 -22.02 59.48
N GLY CA 34 17.52 -21.49 58.94
CA GLY CA 34 17.51 -20.17 58.38
C GLY CA 34 17.09 -19.12 59.39
N TRP CA 35 17.15 -17.88 58.94
CA TRP CA 35 16.79 -16.74 59.77
C TRP CA 35 16.45 -15.57 58.88
N SER CA 36 15.17 -15.20 58.87
CA SER CA 36 14.66 -14.28 57.86
C SER CA 36 14.46 -12.91 58.48
N SER CA 37 15.52 -12.13 58.52
CA SER CA 37 15.38 -10.78 59.03
C SER CA 37 14.72 -9.90 57.98
N GLU CA 38 14.31 -8.71 58.41
CA GLU CA 38 13.59 -7.80 57.52
C GLU CA 38 14.52 -7.16 56.48
N THR CA 39 15.52 -6.42 56.96
CA THR CA 39 16.37 -5.67 56.05
C THR CA 39 17.40 -6.58 55.38
N GLU CA 40 18.28 -7.17 56.17
CA GLU CA 40 19.12 -8.22 55.64
C GLU CA 40 18.25 -9.43 55.35
N GLY CA 41 18.51 -10.08 54.21
CA GLY CA 41 17.54 -10.98 53.65
C GLY CA 41 17.28 -12.29 54.36
N LEU CA 42 18.23 -13.20 54.32
CA LEU CA 42 18.01 -14.56 54.79
C LEU CA 42 19.36 -15.13 55.18
N GLN CA 43 19.61 -15.24 56.47
CA GLN CA 43 20.94 -15.55 56.96
C GLN CA 43 21.03 -16.99 57.41
N LYS CA 44 22.26 -17.47 57.51
CA LYS CA 44 22.50 -18.66 58.32
C LYS CA 44 22.35 -18.27 59.77
N ARG CA 45 21.74 -19.16 60.56
CA ARG CA 45 21.36 -18.89 61.94
C ARG CA 45 22.59 -18.68 62.81
N PRO CA 46 22.46 -18.02 63.96
CA PRO CA 46 23.60 -17.82 64.84
C PRO CA 46 24.14 -19.13 65.39
N PRO CA 47 25.43 -19.22 65.60
CA PRO CA 47 26.10 -20.53 65.60
C PRO CA 47 26.23 -21.32 66.88
N LEU CA 48 25.43 -21.05 67.93
CA LEU CA 48 25.34 -21.90 69.13
C LEU CA 48 26.66 -22.03 69.88
N VAL CA 49 27.09 -20.96 70.55
CA VAL CA 49 28.34 -20.97 71.30
C VAL CA 49 28.24 -21.93 72.47
N PHE CA 50 29.28 -22.75 72.65
CA PHE CA 50 29.29 -23.77 73.69
C PHE CA 50 29.44 -23.17 75.07
N LEU CA 51 28.74 -23.75 76.03
CA LEU CA 51 28.97 -23.54 77.45
C LEU CA 51 29.06 -24.91 78.09
N ASN CA 52 29.35 -24.94 79.39
CA ASN CA 52 29.79 -26.16 80.07
C ASN CA 52 28.71 -27.23 80.08
N THR CA 53 29.13 -28.48 79.93
CA THR CA 53 28.20 -29.60 79.88
C THR CA 53 27.61 -29.88 81.25
N LEU CA 54 26.63 -30.77 81.27
CA LEU CA 54 25.86 -31.01 82.47
C LEU CA 54 26.10 -32.40 83.05
N GLY CA 55 25.89 -33.45 82.26
CA GLY CA 55 26.17 -34.78 82.75
C GLY CA 55 26.03 -35.86 81.69
N ASP CA 56 25.54 -37.03 82.11
CA ASP CA 56 25.33 -38.13 81.19
C ASP CA 56 24.04 -37.97 80.42
N ASN CA 57 23.60 -39.05 79.75
CA ASN CA 57 22.36 -38.98 78.99
C ASN CA 57 21.16 -38.86 79.90
N GLY CA 58 21.15 -39.61 81.00
CA GLY CA 58 20.04 -39.53 81.93
C GLY CA 58 20.36 -38.66 83.12
N ALA CA 59 21.24 -37.68 82.95
CA ALA CA 59 21.53 -36.75 84.02
C ALA CA 59 20.34 -35.85 84.30
N LEU CA 60 19.59 -35.53 83.26
CA LEU CA 60 18.27 -34.96 83.43
C LEU CA 60 17.27 -36.07 83.14
N GLY CA 61 16.00 -35.79 83.38
CA GLY CA 61 14.97 -36.78 83.19
C GLY CA 61 14.76 -37.10 81.72
N GLN CA 62 13.91 -38.09 81.48
CA GLN CA 62 13.61 -38.44 80.10
C GLN CA 62 12.79 -37.35 79.42
N ALA CA 63 11.99 -36.60 80.17
CA ALA CA 63 11.24 -35.47 79.62
C ALA CA 63 11.03 -34.42 80.69
N PRO CA 64 12.07 -33.66 81.04
CA PRO CA 64 12.01 -32.81 82.23
C PRO CA 64 11.29 -31.50 81.96
N TYR CA 65 11.13 -30.73 83.03
CA TYR CA 65 10.51 -29.41 83.00
C TYR CA 65 11.56 -28.37 83.35
N ILE CA 66 11.68 -27.34 82.51
CA ILE CA 66 12.73 -26.34 82.62
C ILE CA 66 12.08 -24.99 82.80
N HIS CA 67 12.65 -24.15 83.66
CA HIS CA 67 12.11 -22.80 83.84
C HIS CA 67 13.23 -21.85 84.20
N LEU CA 68 13.48 -20.87 83.34
CA LEU CA 68 14.59 -19.94 83.55
C LEU CA 68 14.16 -18.85 84.51
N ILE CA 69 15.12 -18.35 85.29
CA ILE CA 69 14.88 -17.34 86.31
C ILE CA 69 15.76 -16.14 86.02
N ASN CA 70 15.17 -14.99 85.77
CA ASN CA 70 15.90 -13.72 85.68
C ASN CA 70 15.47 -12.83 86.82
N ARG CA 71 16.11 -12.97 87.98
CA ARG CA 71 15.88 -11.97 89.02
C ARG CA 71 16.66 -10.70 88.73
N ASP CA 72 17.97 -10.81 88.57
CA ASP CA 72 18.79 -9.64 88.30
C ASP CA 72 19.66 -9.86 87.07
N GLU CA 73 20.57 -8.93 86.82
CA GLU CA 73 21.53 -9.11 85.74
C GLU CA 73 22.68 -10.02 86.15
N HIS CA 74 22.89 -10.23 87.44
CA HIS CA 74 23.94 -11.11 87.93
C HIS CA 74 23.34 -12.21 88.81
N GLU CA 75 22.12 -12.61 88.50
CA GLU CA 75 21.46 -13.69 89.25
C GLU CA 75 20.54 -14.40 88.28
N GLN CA 76 21.03 -15.45 87.63
CA GLN CA 76 20.34 -16.13 86.55
C GLN CA 76 20.50 -17.63 86.73
N TYR CA 77 19.40 -18.37 86.68
CA TYR CA 77 19.44 -19.78 87.00
C TYR CA 77 18.45 -20.53 86.13
N TYR CA 78 18.80 -21.77 85.80
CA TYR CA 78 17.84 -22.76 85.33
C TYR CA 78 17.19 -23.46 86.50
N ALA CA 79 16.23 -24.32 86.18
CA ALA CA 79 15.61 -25.21 87.15
C ALA CA 79 15.03 -26.39 86.40
N VAL CA 80 15.74 -27.51 86.40
CA VAL CA 80 15.31 -28.71 85.70
C VAL CA 80 14.60 -29.61 86.70
N PHE CA 81 13.41 -30.07 86.34
CA PHE CA 81 12.63 -30.96 87.18
C PHE CA 81 12.69 -32.36 86.59
N THR CA 82 13.71 -33.09 87.00
CA THR CA 82 13.84 -34.51 86.76
C THR CA 82 12.68 -35.25 87.43
N GLY CA 83 12.37 -36.44 86.95
CA GLY CA 83 11.37 -37.28 87.59
C GLY CA 83 11.72 -37.71 89.00
N SER CA 84 12.98 -37.55 89.41
CA SER CA 84 13.40 -37.77 90.79
C SER CA 84 14.27 -36.59 91.20
N GLY CA 85 13.65 -35.55 91.74
CA GLY CA 85 14.39 -34.45 92.35
C GLY CA 85 14.66 -33.31 91.40
N ILE CA 86 15.38 -32.31 91.92
CA ILE CA 86 15.68 -31.09 91.19
C ILE CA 86 17.18 -30.95 91.09
N ARG CA 87 17.67 -30.62 89.90
CA ARG CA 87 18.98 -30.05 89.70
C ARG CA 87 18.79 -28.60 89.31
N VAL CA 88 19.78 -27.77 89.58
CA VAL CA 88 19.72 -26.35 89.21
C VAL CA 88 21.05 -25.96 88.59
N PHE CA 89 21.01 -25.43 87.39
CA PHE CA 89 22.22 -25.04 86.69
C PHE CA 89 22.29 -23.53 86.56
N ASP CA 90 23.51 -23.02 86.67
CA ASP CA 90 23.76 -21.61 86.42
C ASP CA 90 23.71 -21.35 84.93
N LEU CA 91 23.71 -20.08 84.56
CA LEU CA 91 23.73 -19.78 83.14
C LEU CA 91 25.13 -19.83 82.55
N SER CA 92 26.15 -20.02 83.37
CA SER CA 92 27.49 -20.20 82.85
C SER CA 92 27.86 -21.65 82.71
N GLY CA 93 27.04 -22.57 83.21
CA GLY CA 93 27.31 -23.97 83.02
C GLY CA 93 27.66 -24.70 84.28
N ASN CA 94 27.63 -24.00 85.41
CA ASN CA 94 27.97 -24.61 86.69
C ASN CA 94 26.76 -25.33 87.26
N GLU CA 95 26.83 -25.69 88.53
CA GLU CA 95 25.70 -26.35 89.17
C GLU CA 95 25.68 -26.02 90.65
N LYS CA 96 24.53 -25.57 91.13
CA LYS CA 96 24.31 -25.37 92.55
C LYS CA 96 23.68 -26.64 93.12
N GLN CA 97 23.72 -26.77 94.44
CA GLN CA 97 23.10 -27.91 95.10
C GLN CA 97 21.68 -27.59 95.52
N VAL CA 98 20.84 -28.62 95.56
CA VAL CA 98 19.42 -28.48 95.84
C VAL CA 98 19.14 -29.26 97.12
N ARG CA 99 18.93 -28.55 98.22
CA ARG CA 99 18.64 -29.22 99.49
C ARG CA 99 17.17 -29.59 99.57
N TYR CA 100 16.86 -30.41 100.56
CA TYR CA 100 15.49 -30.90 100.77
C TYR CA 100 15.24 -31.03 102.26
N PRO CA 101 15.06 -29.92 102.97
CA PRO CA 101 14.92 -30.01 104.44
C PRO CA 101 13.58 -30.55 104.89
N ASN CA 102 12.56 -30.51 104.05
CA ASN CA 102 11.23 -30.98 104.40
C ASN CA 102 10.93 -32.33 103.75
N GLY CA 103 11.91 -32.92 103.08
CA GLY CA 103 11.69 -34.12 102.30
C GLY CA 103 11.18 -33.74 100.92
N SER CA 104 11.57 -34.48 99.88
CA SER CA 104 11.13 -34.04 98.57
C SER CA 104 9.69 -34.45 98.31
N ASN CA 105 9.45 -35.73 97.99
CA ASN CA 105 8.16 -36.43 97.95
C ASN CA 105 7.04 -35.68 97.20
N TYR CA 106 7.39 -34.69 96.39
CA TYR CA 106 6.47 -33.80 95.73
C TYR CA 106 6.88 -33.51 94.30
N ILE CA 107 8.15 -33.75 93.96
CA ILE CA 107 8.62 -33.61 92.60
C ILE CA 107 8.60 -34.95 91.89
N LYS CA 108 8.54 -36.05 92.64
CA LYS CA 108 8.63 -37.39 92.08
C LYS CA 108 7.37 -37.72 91.28
N THR CA 109 7.48 -37.64 89.96
CA THR CA 109 6.38 -37.88 89.06
C THR CA 109 6.92 -38.59 87.83
N ALA CA 110 6.13 -39.51 87.27
CA ALA CA 110 6.54 -40.21 86.07
C ALA CA 110 6.62 -39.30 84.85
N ASN CA 111 5.85 -38.22 84.83
CA ASN CA 111 5.84 -37.29 83.71
C ASN CA 111 5.88 -35.86 84.25
N PRO CA 112 7.05 -35.28 84.38
CA PRO CA 112 7.16 -34.00 85.09
C PRO CA 112 6.68 -32.80 84.32
N ARG CA 113 6.82 -32.79 82.99
CA ARG CA 113 6.38 -31.62 82.23
C ARG CA 113 4.88 -31.57 82.07
N ASN CA 114 4.20 -32.70 82.19
CA ASN CA 114 2.75 -32.74 82.13
C ASN CA 114 2.13 -32.38 83.48
N ASP CA 115 2.91 -32.36 84.51
CA ASP CA 115 2.27 -32.46 85.81
C ASP CA 115 2.80 -31.48 86.85
N LEU CA 116 4.05 -31.05 86.74
CA LEU CA 116 4.59 -30.04 87.62
C LEU CA 116 4.54 -28.68 86.95
N ARG CA 117 4.52 -27.63 87.76
CA ARG CA 117 4.63 -26.27 87.26
C ARG CA 117 5.67 -25.50 88.06
N MET CA 118 5.99 -24.30 87.58
CA MET CA 118 6.76 -23.32 88.32
C MET CA 118 6.36 -21.93 87.88
N VAL CA 119 5.96 -21.09 88.82
CA VAL CA 119 5.65 -19.70 88.57
C VAL CA 119 6.56 -18.86 89.43
N THR CA 120 7.35 -18.00 88.80
CA THR CA 120 8.42 -17.29 89.48
C THR CA 120 8.11 -15.80 89.49
N VAL CA 121 8.13 -15.20 90.68
CA VAL CA 121 7.87 -13.78 90.84
C VAL CA 121 9.16 -13.19 91.41
N ALA CA 122 9.19 -11.86 91.60
CA ALA CA 122 10.45 -11.20 91.92
C ALA CA 122 10.96 -11.51 93.32
N ASP CA 123 10.08 -11.88 94.24
CA ASP CA 123 10.50 -12.17 95.60
C ASP CA 123 10.47 -13.64 95.96
N TYR CA 124 9.55 -14.41 95.37
CA TYR CA 124 9.39 -15.81 95.70
C TYR CA 124 9.40 -16.65 94.44
N THR CA 125 9.57 -17.95 94.62
CA THR CA 125 9.28 -18.92 93.60
C THR CA 125 8.22 -19.89 94.12
N PHE CA 126 7.46 -20.48 93.22
CA PHE CA 126 6.40 -21.39 93.62
C PHE CA 126 6.34 -22.53 92.63
N ILE CA 127 6.30 -23.76 93.13
CA ILE CA 127 6.11 -24.92 92.29
C ILE CA 127 4.84 -25.63 92.72
N VAL CA 128 4.07 -26.12 91.76
CA VAL CA 128 2.80 -26.78 92.00
C VAL CA 128 2.82 -28.13 91.33
N ASN CA 129 2.54 -29.17 92.09
CA ASN CA 129 2.25 -30.47 91.51
C ASN CA 129 0.75 -30.53 91.22
N ARG CA 130 0.40 -30.92 90.00
CA ARG CA 130 -0.99 -31.02 89.57
C ARG CA 130 -1.56 -32.39 89.82
N ASN CA 131 -0.86 -33.22 90.57
CA ASN CA 131 -1.33 -34.56 90.84
C ASN CA 131 -1.59 -34.79 92.33
N VAL CA 132 -1.06 -33.95 93.20
CA VAL CA 132 -1.21 -34.14 94.64
C VAL CA 132 -2.45 -33.39 95.10
N VAL CA 133 -3.38 -34.13 95.68
CA VAL CA 133 -4.60 -33.54 96.22
C VAL CA 133 -4.27 -32.88 97.53
N ALA CA 134 -4.67 -31.62 97.68
CA ALA CA 134 -4.41 -30.86 98.90
C ALA CA 134 -5.29 -31.40 100.00
N GLN CA 135 -4.70 -32.13 100.94
CA GLN CA 135 -5.49 -32.81 101.94
C GLN CA 135 -5.77 -31.93 103.14
N LYS CA 136 -6.94 -32.17 103.73
CA LYS CA 136 -7.33 -31.51 104.97
C LYS CA 136 -6.48 -32.01 106.12
N ASN CA 137 -6.01 -31.08 106.95
CA ASN CA 137 -5.30 -31.49 108.15
C ASN CA 137 -6.31 -32.00 109.17
N THR CA 138 -6.12 -33.22 109.62
CA THR CA 138 -6.77 -33.72 110.81
C THR CA 138 -5.78 -33.58 111.97
N LYS CA 139 -6.18 -34.12 113.13
CA LYS CA 139 -5.39 -34.22 114.39
C LYS CA 139 -4.71 -32.91 114.81
N SER CA 140 -5.28 -31.77 114.42
CA SER CA 140 -4.82 -30.48 114.88
C SER CA 140 -5.99 -29.55 115.18
N VAL CA 141 -7.04 -30.08 115.80
CA VAL CA 141 -8.19 -29.25 116.14
C VAL CA 141 -7.83 -28.29 117.25
N ASN CA 142 -8.62 -27.23 117.39
CA ASN CA 142 -8.32 -26.21 118.39
C ASN CA 142 -8.56 -26.75 119.79
N LEU CA 143 -9.81 -27.08 120.08
CA LEU CA 143 -10.15 -27.72 121.32
C LEU CA 143 -10.75 -29.07 121.02
N PRO CA 144 -10.30 -30.13 121.71
CA PRO CA 144 -10.58 -31.51 121.26
C PRO CA 144 -12.05 -31.90 121.17
N ASN CA 145 -12.76 -31.83 122.29
CA ASN CA 145 -14.17 -32.21 122.30
C ASN CA 145 -15.05 -31.01 122.61
N TYR CA 146 -14.83 -30.37 123.76
CA TYR CA 146 -15.51 -29.16 124.21
C TYR CA 146 -17.02 -29.38 124.28
N ASN CA 147 -17.48 -30.15 125.25
CA ASN CA 147 -18.90 -30.17 125.58
C ASN CA 147 -19.36 -28.75 125.81
N PRO CA 148 -20.18 -28.20 124.90
CA PRO CA 148 -20.43 -26.76 124.90
C PRO CA 148 -21.36 -26.30 126.00
N ASN CA 149 -21.94 -27.21 126.76
CA ASN CA 149 -22.68 -26.85 127.95
C ASN CA 149 -22.21 -27.69 129.12
N GLN CA 150 -20.89 -27.77 129.31
CA GLN CA 150 -20.31 -28.42 130.47
C GLN CA 150 -19.96 -27.45 131.57
N ASP CA 151 -19.51 -26.25 131.23
CA ASP CA 151 -19.21 -25.23 132.21
C ASP CA 151 -20.41 -24.31 132.35
N GLY CA 152 -20.28 -23.31 133.21
CA GLY CA 152 -21.34 -22.33 133.37
C GLY CA 152 -20.91 -21.24 134.32
N LEU CA 153 -21.58 -20.09 134.19
CA LEU CA 153 -21.29 -18.93 135.02
C LEU CA 153 -22.56 -18.34 135.59
N ILE CA 154 -22.53 -18.06 136.89
CA ILE CA 154 -23.55 -17.29 137.59
C ILE CA 154 -22.89 -16.00 138.08
N ASN CA 155 -23.19 -14.89 137.43
CA ASN CA 155 -22.70 -13.60 137.89
C ASN CA 155 -23.47 -13.22 139.15
N VAL CA 156 -22.85 -12.42 140.00
CA VAL CA 156 -23.52 -11.87 141.17
C VAL CA 156 -23.24 -10.36 141.22
N ARG CA 157 -24.26 -9.59 141.56
CA ARG CA 157 -24.15 -8.13 141.53
C ARG CA 157 -24.80 -7.46 142.74
N GLY CA 158 -25.15 -8.21 143.78
CA GLY CA 158 -25.35 -7.57 145.06
C GLY CA 158 -26.71 -7.30 145.69
N GLY CA 159 -27.63 -8.26 145.70
CA GLY CA 159 -28.63 -8.26 146.77
C GLY CA 159 -29.93 -7.50 146.63
N GLN CA 160 -29.93 -6.27 147.17
CA GLN CA 160 -31.08 -5.35 147.23
C GLN CA 160 -32.21 -5.83 148.14
N TYR CA 161 -31.88 -6.13 149.40
CA TYR CA 161 -32.79 -6.07 150.56
C TYR CA 161 -34.02 -6.97 150.45
N GLY CA 162 -33.78 -8.24 150.24
CA GLY CA 162 -34.80 -9.23 150.45
C GLY CA 162 -35.41 -9.70 149.16
N ARG CA 163 -34.82 -10.75 148.61
CA ARG CA 163 -35.30 -11.47 147.45
C ARG CA 163 -34.74 -12.88 147.56
N GLU CA 164 -35.27 -13.78 146.75
CA GLU CA 164 -34.76 -15.13 146.71
C GLU CA 164 -33.72 -15.26 145.60
N LEU CA 165 -32.66 -16.00 145.88
CA LEU CA 165 -31.60 -16.24 144.92
C LEU CA 165 -31.45 -17.74 144.73
N ILE CA 166 -31.97 -18.24 143.60
CA ILE CA 166 -32.10 -19.66 143.36
C ILE CA 166 -31.34 -20.02 142.09
N VAL CA 167 -30.50 -21.05 142.15
CA VAL CA 167 -29.70 -21.46 141.01
C VAL CA 167 -30.04 -22.91 140.67
N HIS CA 168 -30.85 -23.12 139.63
CA HIS CA 168 -31.16 -24.47 139.15
C HIS CA 168 -29.99 -25.01 138.34
N ILE CA 169 -29.40 -26.09 138.82
CA ILE CA 169 -28.49 -26.90 138.03
C ILE CA 169 -29.09 -28.29 137.92
N ASN CA 170 -29.20 -28.80 136.69
CA ASN CA 170 -29.56 -30.18 136.37
C ASN CA 170 -30.98 -30.53 136.83
N GLY CA 171 -31.81 -29.52 137.05
CA GLY CA 171 -33.19 -29.79 137.37
C GLY CA 171 -33.57 -29.57 138.82
N LYS CA 172 -32.65 -29.86 139.73
CA LYS CA 172 -32.93 -29.71 141.15
C LYS CA 172 -32.88 -28.24 141.57
N ASP CA 173 -33.35 -27.98 142.78
CA ASP CA 173 -33.44 -26.62 143.30
C ASP CA 173 -32.23 -26.33 144.20
N VAL CA 174 -31.07 -26.24 143.54
CA VAL CA 174 -29.81 -26.06 144.25
C VAL CA 174 -29.71 -24.61 144.70
N ALA CA 175 -29.07 -24.41 145.85
CA ALA CA 175 -28.53 -23.11 146.28
C ALA CA 175 -29.55 -21.99 146.46
N LYS CA 176 -30.43 -22.13 147.44
CA LYS CA 176 -31.39 -21.10 147.79
C LYS CA 176 -30.81 -20.19 148.86
N TYR CA 177 -31.06 -18.88 148.73
CA TYR CA 177 -30.77 -17.96 149.81
C TYR CA 177 -31.70 -16.75 149.73
N LYS CA 178 -32.17 -16.31 150.88
CA LYS CA 178 -33.00 -15.12 151.02
C LYS CA 178 -32.15 -14.02 151.64
N ILE CA 179 -32.02 -12.91 150.92
CA ILE CA 179 -31.44 -11.69 151.50
C ILE CA 179 -32.33 -11.23 152.64
N PRO CA 180 -31.80 -10.76 153.76
CA PRO CA 180 -32.66 -10.42 154.90
C PRO CA 180 -33.58 -9.22 154.71
N ASP CA 181 -34.30 -8.87 155.78
CA ASP CA 181 -35.35 -7.87 155.71
C ASP CA 181 -34.80 -6.47 155.47
N GLY CA 182 -33.61 -6.20 155.95
CA GLY CA 182 -33.03 -4.87 155.88
C GLY CA 182 -33.40 -3.98 157.04
N SER CA 183 -34.04 -4.51 158.07
CA SER CA 183 -34.46 -3.68 159.19
C SER CA 183 -33.29 -3.36 160.12
N GLN CA 184 -32.58 -4.38 160.54
CA GLN CA 184 -31.43 -4.18 161.40
C GLN CA 184 -30.25 -3.68 160.57
N PRO CA 185 -29.42 -2.80 161.14
CA PRO CA 185 -28.37 -2.17 160.32
C PRO CA 185 -27.22 -3.08 159.99
N GLU CA 186 -27.11 -4.25 160.62
CA GLU CA 186 -26.00 -5.13 160.29
C GLU CA 186 -26.31 -5.97 159.07
N HIS CA 187 -27.56 -5.97 158.61
CA HIS CA 187 -27.92 -6.75 157.42
C HIS CA 187 -27.47 -6.09 156.13
N VAL CA 188 -26.81 -4.94 156.19
CA VAL CA 188 -26.33 -4.33 154.96
C VAL CA 188 -25.08 -5.05 154.48
N ASN CA 189 -24.43 -5.81 155.37
CA ASN CA 189 -23.29 -6.62 154.95
C ASN CA 189 -23.68 -7.72 153.99
N ASN CA 190 -24.92 -8.17 154.05
CA ASN CA 190 -25.32 -9.34 153.29
C ASN CA 190 -25.68 -9.04 151.84
N THR CA 191 -25.62 -7.77 151.42
CA THR CA 191 -25.80 -7.44 150.02
C THR CA 191 -24.48 -7.21 149.31
N ASP CA 192 -23.37 -7.50 150.00
CA ASP CA 192 -22.07 -7.60 149.37
C ASP CA 192 -22.10 -8.69 148.31
N ALA CA 193 -21.47 -8.42 147.16
CA ALA CA 193 -21.55 -9.39 146.06
C ALA CA 193 -20.66 -10.60 146.33
N GLN CA 194 -19.51 -10.40 146.96
CA GLN CA 194 -18.60 -11.52 147.17
C GLN CA 194 -19.05 -12.40 148.32
N TRP CA 195 -19.66 -11.81 149.34
CA TRP CA 195 -20.22 -12.61 150.42
C TRP CA 195 -21.37 -13.47 149.90
N LEU CA 196 -22.19 -12.88 149.04
CA LEU CA 196 -23.28 -13.60 148.40
C LEU CA 196 -22.76 -14.68 147.48
N ALA CA 197 -21.66 -14.40 146.79
CA ALA CA 197 -21.05 -15.37 145.90
C ALA CA 197 -20.49 -16.56 146.68
N GLU CA 198 -19.83 -16.30 147.81
CA GLU CA 198 -19.26 -17.38 148.58
C GLU CA 198 -20.35 -18.20 149.28
N GLU CA 199 -21.45 -17.56 149.68
CA GLU CA 199 -22.55 -18.33 150.26
C GLU CA 199 -23.24 -19.18 149.20
N LEU CA 200 -23.46 -18.63 148.00
CA LEU CA 200 -24.06 -19.40 146.92
C LEU CA 200 -23.14 -20.54 146.49
N ALA CA 201 -21.83 -20.33 146.54
CA ALA CA 201 -20.91 -21.40 146.19
C ALA CA 201 -20.81 -22.46 147.27
N LYS CA 202 -21.00 -22.08 148.54
CA LYS CA 202 -21.00 -23.08 149.60
C LYS CA 202 -22.24 -23.95 149.50
N GLN CA 203 -23.40 -23.32 149.26
CA GLN CA 203 -24.62 -24.06 148.93
C GLN CA 203 -24.43 -24.96 147.71
N MET CA 204 -23.70 -24.46 146.72
CA MET CA 204 -23.47 -25.19 145.48
C MET CA 204 -22.60 -26.43 145.72
N ARG CA 205 -21.54 -26.29 146.51
CA ARG CA 205 -20.67 -27.43 146.79
C ARG CA 205 -21.37 -28.45 147.66
N THR CA 206 -22.20 -28.00 148.60
CA THR CA 206 -22.88 -28.98 149.45
C THR CA 206 -24.01 -29.69 148.73
N ASN CA 207 -24.64 -29.05 147.75
CA ASN CA 207 -25.82 -29.64 147.13
C ASN CA 207 -25.51 -30.24 145.76
N LEU CA 208 -24.25 -30.33 145.39
CA LEU CA 208 -23.84 -31.08 144.22
C LEU CA 208 -22.66 -31.96 144.58
N SER CA 209 -22.44 -33.01 143.79
CA SER CA 209 -21.51 -34.05 144.23
C SER CA 209 -20.05 -33.68 143.96
N ASP CA 210 -19.65 -33.64 142.69
CA ASP CA 210 -18.25 -33.36 142.42
C ASP CA 210 -18.04 -31.89 142.08
N TRP CA 211 -18.59 -31.48 140.93
CA TRP CA 211 -19.01 -30.13 140.56
C TRP CA 211 -18.15 -28.97 141.07
N THR CA 212 -16.89 -28.93 140.66
CA THR CA 212 -15.95 -27.95 141.17
C THR CA 212 -16.35 -26.54 140.75
N VAL CA 213 -16.65 -25.69 141.72
CA VAL CA 213 -17.04 -24.31 141.50
C VAL CA 213 -16.06 -23.41 142.23
N ASN CA 214 -15.75 -22.25 141.64
CA ASN CA 214 -14.81 -21.31 142.22
C ASN CA 214 -15.48 -19.96 142.37
N VAL CA 215 -15.13 -19.26 143.43
CA VAL CA 215 -15.62 -17.92 143.68
C VAL CA 215 -14.68 -16.98 142.97
N GLY CA 216 -15.10 -16.46 141.83
CA GLY CA 216 -14.27 -15.55 141.06
C GLY CA 216 -14.35 -14.13 141.57
N GLN CA 217 -14.00 -13.20 140.69
CA GLN CA 217 -14.18 -11.79 140.97
C GLN CA 217 -15.65 -11.40 140.98
N GLY CA 218 -16.40 -11.80 139.96
CA GLY CA 218 -17.79 -11.45 139.92
C GLY CA 218 -18.67 -12.58 139.44
N PHE CA 219 -18.29 -13.82 139.74
CA PHE CA 219 -19.01 -14.97 139.21
C PHE CA 219 -18.82 -16.15 140.13
N ILE CA 220 -19.58 -17.21 139.86
CA ILE CA 220 -19.22 -18.57 140.28
C ILE CA 220 -19.26 -19.45 139.04
N HIS CA 221 -18.32 -20.39 138.96
CA HIS CA 221 -17.92 -21.09 137.73
C HIS CA 221 -18.26 -22.56 137.88
N VAL CA 222 -19.49 -22.92 137.53
CA VAL CA 222 -19.99 -24.27 137.74
C VAL CA 222 -19.49 -25.19 136.65
N THR CA 223 -18.72 -26.20 137.03
CA THR CA 223 -18.12 -27.18 136.11
C THR CA 223 -18.72 -28.55 136.36
N ALA CA 224 -18.84 -29.33 135.30
CA ALA CA 224 -19.30 -30.71 135.39
C ALA CA 224 -18.11 -31.66 135.28
N PRO CA 225 -18.06 -32.73 136.06
CA PRO CA 225 -16.81 -33.50 136.21
C PRO CA 225 -16.60 -34.55 135.13
N SER CA 226 -16.49 -34.10 133.88
CA SER CA 226 -16.11 -34.89 132.70
C SER CA 226 -17.05 -36.04 132.38
N GLY CA 227 -18.19 -36.14 133.04
CA GLY CA 227 -19.20 -37.13 132.74
C GLY CA 227 -20.44 -36.46 132.22
N GLN CA 228 -21.38 -36.25 133.14
CA GLN CA 228 -22.65 -35.60 132.89
C GLN CA 228 -22.47 -34.13 132.50
N GLN CA 229 -23.57 -33.51 132.07
CA GLN CA 229 -23.59 -32.14 131.58
C GLN CA 229 -24.49 -31.31 132.47
N ILE CA 230 -24.71 -30.05 132.06
CA ILE CA 230 -25.63 -29.17 132.75
C ILE CA 230 -27.07 -29.57 132.48
N ASP CA 231 -27.47 -29.48 131.21
CA ASP CA 231 -28.71 -29.96 130.60
C ASP CA 231 -29.93 -29.13 130.99
N SER CA 232 -29.80 -28.25 131.97
CA SER CA 232 -30.83 -27.30 132.39
C SER CA 232 -30.19 -26.26 133.30
N PHE CA 233 -30.41 -24.98 133.01
CA PHE CA 233 -29.64 -23.94 133.68
C PHE CA 233 -30.50 -22.69 133.70
N THR CA 234 -31.18 -22.46 134.81
CA THR CA 234 -31.96 -21.25 134.97
C THR CA 234 -31.73 -20.71 136.36
N THR CA 235 -32.08 -19.45 136.57
CA THR CA 235 -31.74 -18.74 137.79
C THR CA 235 -32.86 -17.76 138.11
N LYS CA 236 -33.67 -18.10 139.11
CA LYS CA 236 -34.71 -17.18 139.55
C LYS CA 236 -34.06 -16.00 140.25
N ASP CA 237 -34.15 -14.83 139.62
CA ASP CA 237 -33.39 -13.66 140.05
C ASP CA 237 -33.94 -13.09 141.34
N GLY CA 238 -35.25 -13.03 141.47
CA GLY CA 238 -35.86 -12.46 142.65
C GLY CA 238 -36.14 -10.99 142.49
N TYR CA 239 -35.15 -10.25 142.02
CA TYR CA 239 -35.30 -8.88 141.57
C TYR CA 239 -35.58 -8.99 140.08
N ALA CA 240 -35.37 -7.94 139.31
CA ALA CA 240 -35.47 -8.03 137.87
C ALA CA 240 -34.25 -8.79 137.33
N ASP CA 241 -34.04 -8.71 136.02
CA ASP CA 241 -32.95 -9.44 135.38
C ASP CA 241 -31.56 -9.00 135.85
N GLN CA 242 -31.45 -7.86 136.53
CA GLN CA 242 -30.18 -7.22 136.81
C GLN CA 242 -29.66 -7.49 138.23
N LEU CA 243 -29.94 -8.65 138.80
CA LEU CA 243 -29.35 -8.96 140.11
C LEU CA 243 -28.33 -10.07 140.01
N ILE CA 244 -28.70 -11.26 139.55
CA ILE CA 244 -27.74 -12.32 139.25
C ILE CA 244 -28.08 -12.89 137.87
N ASN CA 245 -27.05 -13.10 137.06
CA ASN CA 245 -27.23 -13.44 135.66
C ASN CA 245 -26.77 -14.85 135.38
N PRO CA 246 -27.62 -15.71 134.91
CA PRO CA 246 -27.17 -16.97 134.34
C PRO CA 246 -26.60 -16.78 132.94
N VAL CA 247 -25.28 -16.81 132.80
CA VAL CA 247 -24.65 -16.61 131.50
C VAL CA 247 -23.86 -17.84 131.13
N THR CA 248 -23.91 -18.18 129.85
CA THR CA 248 -23.37 -19.40 129.30
C THR CA 248 -22.41 -19.05 128.17
N HIS CA 249 -22.05 -20.05 127.39
CA HIS CA 249 -21.14 -19.87 126.28
C HIS CA 249 -21.81 -19.25 125.04
N TYR CA 250 -23.01 -18.67 125.16
CA TYR CA 250 -23.81 -18.27 124.01
C TYR CA 250 -24.51 -16.92 124.22
N ALA CA 251 -23.78 -15.89 124.59
CA ALA CA 251 -24.42 -14.58 124.72
C ALA CA 251 -24.81 -14.04 123.34
N GLN CA 252 -25.86 -13.22 123.30
CA GLN CA 252 -26.47 -12.88 122.01
C GLN CA 252 -26.08 -11.53 121.46
N SER CA 253 -25.16 -10.83 122.07
CA SER CA 253 -24.64 -9.58 121.50
C SER CA 253 -23.23 -9.41 122.01
N PHE CA 254 -22.61 -8.27 121.70
CA PHE CA 254 -21.35 -7.98 122.34
C PHE CA 254 -21.54 -7.20 123.63
N SER CA 255 -22.64 -6.47 123.76
CA SER CA 255 -22.90 -5.72 124.98
C SER CA 255 -23.22 -6.65 126.13
N LYS CA 256 -24.18 -7.55 125.94
CA LYS CA 256 -24.46 -8.58 126.92
C LYS CA 256 -23.32 -9.58 126.86
N LEU CA 257 -22.40 -9.46 127.80
CA LEU CA 257 -21.21 -10.30 127.88
C LEU CA 257 -20.69 -10.11 129.30
N PRO CA 258 -20.36 -11.18 130.01
CA PRO CA 258 -20.14 -11.07 131.45
C PRO CA 258 -18.86 -10.33 131.76
N PRO CA 259 -18.76 -9.68 132.92
CA PRO CA 259 -17.61 -8.84 133.23
C PRO CA 259 -16.28 -9.57 133.43
N ASN CA 260 -16.19 -10.60 134.27
CA ASN CA 260 -14.87 -11.24 134.43
C ASN CA 260 -14.71 -12.41 133.48
N ALA CA 261 -15.50 -13.50 133.68
CA ALA CA 261 -15.51 -14.70 132.84
C ALA CA 261 -14.13 -15.32 132.66
N PRO CA 262 -13.67 -16.18 133.60
CA PRO CA 262 -12.24 -16.46 133.80
C PRO CA 262 -11.53 -17.02 132.59
N ASN CA 263 -10.18 -17.01 132.69
CA ASN CA 263 -9.25 -16.80 131.58
C ASN CA 263 -9.56 -17.64 130.35
N GLY CA 264 -9.74 -18.93 130.52
CA GLY CA 264 -10.13 -19.72 129.37
C GLY CA 264 -11.64 -19.78 129.27
N TYR CA 265 -12.23 -18.92 128.45
CA TYR CA 265 -13.68 -18.92 128.32
C TYR CA 265 -14.03 -18.50 126.91
N MET CA 266 -15.09 -19.08 126.38
CA MET CA 266 -15.52 -18.81 125.02
C MET CA 266 -16.98 -18.42 125.02
N VAL CA 267 -17.35 -17.49 124.13
CA VAL CA 267 -18.73 -17.10 123.95
C VAL CA 267 -19.04 -17.07 122.46
N LYS CA 268 -20.05 -17.82 122.06
CA LYS CA 268 -20.58 -17.74 120.69
C LYS CA 268 -21.56 -16.57 120.61
N ILE CA 269 -21.09 -15.45 120.07
CA ILE CA 269 -21.96 -14.31 119.89
C ILE CA 269 -22.87 -14.57 118.69
N VAL CA 270 -24.17 -14.51 118.92
CA VAL CA 270 -25.15 -14.90 117.92
C VAL CA 270 -26.05 -13.73 117.61
N GLY CA 271 -26.02 -13.28 116.36
CA GLY CA 271 -27.14 -12.52 115.84
C GLY CA 271 -27.25 -11.07 116.24
N ASP CA 272 -28.19 -10.80 117.15
CA ASP CA 272 -28.81 -9.53 117.58
C ASP CA 272 -29.79 -9.00 116.55
N ALA CA 273 -29.83 -9.61 115.36
CA ALA CA 273 -30.79 -9.36 114.29
C ALA CA 273 -30.87 -7.89 113.88
N SER CA 274 -29.77 -7.16 113.99
CA SER CA 274 -29.72 -5.75 113.64
C SER CA 274 -28.83 -5.49 112.44
N LYS CA 275 -27.72 -6.21 112.33
CA LYS CA 275 -26.85 -6.13 111.17
C LYS CA 275 -26.79 -7.50 110.51
N SER CA 276 -26.60 -7.50 109.20
CA SER CA 276 -26.47 -8.75 108.46
C SER CA 276 -25.09 -9.30 108.76
N ALA CA 277 -25.00 -10.08 109.84
CA ALA CA 277 -23.71 -10.49 110.35
C ALA CA 277 -23.74 -11.96 110.70
N ASP CA 278 -22.61 -12.64 110.47
CA ASP CA 278 -22.47 -14.02 110.91
C ASP CA 278 -22.19 -14.08 112.40
N GLN CA 279 -21.91 -15.28 112.86
CA GLN CA 279 -21.82 -15.58 114.28
C GLN CA 279 -20.38 -15.90 114.63
N TYR CA 280 -19.78 -15.06 115.45
CA TYR CA 280 -18.35 -15.07 115.68
C TYR CA 280 -18.03 -15.40 117.12
N TYR CA 281 -16.82 -15.92 117.37
CA TYR CA 281 -16.50 -16.39 118.69
C TYR CA 281 -15.46 -15.47 119.33
N VAL CA 282 -15.59 -15.23 120.63
CA VAL CA 282 -14.78 -14.25 121.35
C VAL CA 282 -14.27 -14.85 122.65
N ARG CA 283 -12.96 -14.72 122.90
CA ARG CA 283 -12.32 -15.28 124.08
C ARG CA 283 -11.86 -14.15 124.99
N TYR CA 284 -11.90 -14.39 126.30
CA TYR CA 284 -11.42 -13.45 127.29
C TYR CA 284 -9.95 -13.73 127.62
N ASP CA 285 -9.23 -12.69 128.06
CA ASP CA 285 -7.87 -12.82 128.55
C ASP CA 285 -7.79 -12.20 129.94
N ALA CA 286 -7.05 -12.84 130.83
CA ALA CA 286 -7.02 -12.40 132.23
C ALA CA 286 -5.89 -11.43 132.52
N GLU CA 287 -4.74 -11.58 131.86
CA GLU CA 287 -3.65 -10.63 132.05
C GLU CA 287 -4.02 -9.27 131.50
N ARG CA 288 -4.55 -9.25 130.29
CA ARG CA 288 -5.05 -8.04 129.68
C ARG CA 288 -6.57 -8.18 129.52
N LYS CA 289 -7.32 -7.34 130.23
CA LYS CA 289 -8.75 -7.56 130.36
C LYS CA 289 -9.44 -7.07 129.09
N VAL CA 290 -9.45 -7.94 128.09
CA VAL CA 290 -9.98 -7.65 126.77
C VAL CA 290 -10.99 -8.71 126.39
N TRP CA 291 -11.52 -8.60 125.17
CA TRP CA 291 -12.33 -9.66 124.57
C TRP CA 291 -11.96 -9.71 123.09
N THR CA 292 -10.99 -10.53 122.74
CA THR CA 292 -10.56 -10.67 121.36
C THR CA 292 -11.26 -11.87 120.73
N GLU CA 293 -11.19 -11.96 119.41
CA GLU CA 293 -11.87 -13.02 118.69
C GLU CA 293 -10.92 -14.19 118.44
N THR CA 294 -11.42 -15.40 118.62
CA THR CA 294 -10.60 -16.60 118.46
C THR CA 294 -11.38 -17.63 117.65
N LEU CA 295 -10.89 -18.86 117.64
CA LEU CA 295 -11.37 -19.89 116.74
C LEU CA 295 -12.70 -20.46 117.20
N GLY CA 296 -13.17 -21.45 116.44
CA GLY CA 296 -14.21 -22.34 116.87
C GLY CA 296 -13.70 -23.38 117.84
N TRP CA 297 -14.62 -24.21 118.32
CA TRP CA 297 -14.22 -25.18 119.33
C TRP CA 297 -13.61 -26.43 118.71
N ASN CA 298 -14.39 -27.19 117.95
CA ASN CA 298 -13.95 -28.46 117.39
C ASN CA 298 -13.65 -28.36 115.90
N THR CA 299 -13.08 -27.24 115.49
CA THR CA 299 -12.73 -27.05 114.09
C THR CA 299 -11.23 -27.27 113.88
N GLU CA 300 -10.88 -27.60 112.65
CA GLU CA 300 -9.48 -27.69 112.25
C GLU CA 300 -9.00 -26.35 111.72
N ASP CA 301 -7.70 -26.11 111.82
CA ASP CA 301 -7.19 -24.78 111.53
C ASP CA 301 -5.89 -24.82 110.73
N GLN CA 302 -5.72 -25.81 109.87
CA GLN CA 302 -4.46 -25.91 109.14
C GLN CA 302 -4.73 -26.70 107.87
N VAL CA 303 -3.89 -26.48 106.88
CA VAL CA 303 -3.77 -27.38 105.75
C VAL CA 303 -2.42 -28.04 105.87
N LEU CA 304 -2.32 -29.30 105.45
CA LEU CA 304 -1.24 -30.21 105.85
C LEU CA 304 0.20 -29.85 105.50
N TRP CA 305 0.45 -28.71 104.83
CA TRP CA 305 1.78 -28.16 104.56
C TRP CA 305 2.68 -29.01 103.68
N GLU CA 306 2.19 -30.17 103.23
CA GLU CA 306 2.94 -31.05 102.34
C GLU CA 306 2.20 -31.31 101.06
N THR CA 307 0.87 -31.33 101.10
CA THR CA 307 0.06 -31.45 99.91
C THR CA 307 -0.24 -30.09 99.29
N MET CA 308 0.36 -29.05 99.83
CA MET CA 308 0.24 -27.69 99.33
C MET CA 308 1.40 -27.44 98.38
N PRO CA 309 1.40 -26.36 97.59
CA PRO CA 309 2.59 -26.04 96.79
C PRO CA 309 3.75 -25.62 97.66
N HIS CA 310 4.92 -26.18 97.36
CA HIS CA 310 6.16 -25.81 98.01
C HIS CA 310 6.76 -24.57 97.37
N ALA CA 311 8.00 -24.27 97.70
CA ALA CA 311 8.71 -23.14 97.13
C ALA CA 311 10.16 -23.55 96.90
N LEU CA 312 10.95 -22.62 96.40
CA LEU CA 312 12.36 -22.87 96.09
C LEU CA 312 13.09 -21.54 96.28
N VAL CA 313 13.66 -21.37 97.46
CA VAL CA 313 14.23 -20.10 97.88
C VAL CA 313 15.73 -20.30 98.07
N ARG CA 314 16.51 -19.36 97.56
CA ARG CA 314 17.95 -19.45 97.75
C ARG CA 314 18.38 -18.80 99.04
N ALA CA 315 19.45 -19.32 99.61
CA ALA CA 315 20.09 -18.74 100.76
C ALA CA 315 21.27 -17.90 100.31
N ALA CA 316 21.95 -17.29 101.28
CA ALA CA 316 23.14 -16.52 100.98
C ALA CA 316 24.35 -17.40 100.74
N ASP CA 317 24.25 -18.70 101.01
CA ASP CA 317 25.39 -19.59 100.80
C ASP CA 317 25.63 -19.84 99.32
N GLY CA 318 24.57 -19.79 98.51
CA GLY CA 318 24.72 -19.97 97.08
C GLY CA 318 23.83 -21.06 96.53
N ASN CA 319 23.56 -22.08 97.33
CA ASN CA 319 22.73 -23.19 96.89
C ASN CA 319 21.26 -22.87 97.04
N PHE CA 320 20.43 -23.64 96.36
CA PHE CA 320 18.98 -23.47 96.40
C PHE CA 320 18.36 -24.40 97.43
N ASP CA 321 17.55 -23.85 98.31
CA ASP CA 321 16.74 -24.67 99.20
C ASP CA 321 15.39 -24.95 98.55
N PHE CA 322 14.68 -25.91 99.13
CA PHE CA 322 13.38 -26.34 98.61
C PHE CA 322 12.48 -26.50 99.82
N LYS CA 323 11.81 -25.42 100.17
CA LYS CA 323 11.15 -25.25 101.45
C LYS CA 323 9.67 -25.49 101.27
N TRP CA 324 8.98 -25.89 102.33
CA TRP CA 324 7.54 -25.73 102.20
C TRP CA 324 7.14 -24.30 102.50
N LEU CA 325 5.86 -24.01 102.33
CA LEU CA 325 5.33 -22.71 102.67
C LEU CA 325 4.47 -22.82 103.91
N GLU CA 326 4.74 -21.95 104.89
CA GLU CA 326 3.98 -21.95 106.13
C GLU CA 326 2.65 -21.26 105.87
N TRP CA 327 1.67 -22.05 105.42
CA TRP CA 327 0.32 -21.51 105.23
C TRP CA 327 -0.31 -21.26 106.57
N SER CA 328 -0.75 -20.03 106.79
CA SER CA 328 -1.08 -19.49 108.10
C SER CA 328 -2.29 -20.19 108.70
N PRO CA 329 -2.37 -20.27 110.03
CA PRO CA 329 -3.49 -20.97 110.65
C PRO CA 329 -4.79 -20.22 110.47
N LYS CA 330 -5.86 -20.99 110.31
CA LYS CA 330 -7.21 -20.45 110.27
C LYS CA 330 -7.56 -19.80 111.60
N SER CA 331 -8.25 -18.68 111.55
CA SER CA 331 -8.62 -17.99 112.77
C SER CA 331 -9.94 -17.29 112.57
N CYS CA 332 -10.63 -17.08 113.69
CA CYS CA 332 -11.84 -16.26 113.77
C CYS CA 332 -12.97 -16.79 112.88
N GLY CA 333 -13.47 -17.96 113.21
CA GLY CA 333 -14.62 -18.48 112.51
C GLY CA 333 -14.93 -19.91 112.91
N ASP CA 334 -15.81 -20.54 112.16
CA ASP CA 334 -16.20 -21.93 112.36
C ASP CA 334 -16.00 -22.71 111.08
N VAL CA 335 -16.49 -23.94 111.08
CA VAL CA 335 -16.55 -24.72 109.84
C VAL CA 335 -17.65 -24.17 108.95
N ASP CA 336 -18.78 -23.81 109.54
CA ASP CA 336 -19.97 -23.43 108.79
C ASP CA 336 -20.02 -21.95 108.46
N THR CA 337 -19.13 -21.13 109.01
CA THR CA 337 -19.11 -19.71 108.67
C THR CA 337 -17.77 -19.21 108.19
N ASN CA 338 -16.67 -19.94 108.41
CA ASN CA 338 -15.38 -19.65 107.81
C ASN CA 338 -15.06 -20.87 106.97
N PRO CA 339 -15.48 -20.90 105.71
CA PRO CA 339 -15.48 -22.15 104.95
C PRO CA 339 -14.08 -22.59 104.60
N TRP CA 340 -13.95 -23.88 104.32
CA TRP CA 340 -12.72 -24.40 103.77
C TRP CA 340 -12.48 -23.77 102.40
N PRO CA 341 -11.23 -23.52 102.03
CA PRO CA 341 -10.96 -22.57 100.96
C PRO CA 341 -11.18 -23.08 99.54
N SER CA 342 -11.95 -24.15 99.37
CA SER CA 342 -12.40 -24.67 98.07
C SER CA 342 -11.25 -25.14 97.19
N PHE CA 343 -10.12 -25.51 97.78
CA PHE CA 343 -9.13 -26.29 97.06
C PHE CA 343 -8.62 -27.44 97.93
N VAL CA 344 -9.27 -27.70 99.06
CA VAL CA 344 -8.77 -28.67 100.01
C VAL CA 344 -9.37 -30.04 99.78
N GLY CA 345 -9.95 -30.28 98.61
CA GLY CA 345 -10.44 -31.59 98.29
C GLY CA 345 -10.12 -31.97 96.86
N SER CA 346 -9.31 -31.14 96.21
CA SER CA 346 -9.02 -31.33 94.81
C SER CA 346 -7.61 -30.82 94.55
N SER CA 347 -7.28 -30.60 93.29
CA SER CA 347 -5.93 -30.32 92.86
C SER CA 347 -5.75 -28.85 92.53
N ILE CA 348 -4.53 -28.36 92.72
CA ILE CA 348 -4.14 -27.01 92.35
C ILE CA 348 -3.37 -27.09 91.05
N ASN CA 349 -3.61 -26.16 90.14
CA ASN CA 349 -2.96 -26.19 88.84
C ASN CA 349 -2.00 -25.04 88.57
N ASP CA 350 -2.14 -23.90 89.24
CA ASP CA 350 -1.34 -22.74 88.88
C ASP CA 350 -1.24 -21.77 90.05
N VAL CA 351 -0.16 -21.02 90.07
CA VAL CA 351 0.03 -19.90 90.99
C VAL CA 351 -0.02 -18.62 90.17
N PHE CA 352 -0.79 -17.64 90.62
CA PHE CA 352 -0.90 -16.40 89.88
C PHE CA 352 -1.19 -15.26 90.83
N PHE CA 353 -0.58 -14.13 90.54
CA PHE CA 353 -0.71 -12.91 91.32
C PHE CA 353 -1.70 -11.97 90.67
N PHE CA 354 -2.52 -11.33 91.48
CA PHE CA 354 -3.56 -10.46 90.97
C PHE CA 354 -3.98 -9.46 92.04
N ARG CA 355 -3.50 -8.22 91.93
CA ARG CA 355 -3.82 -7.11 92.84
C ARG CA 355 -3.47 -7.48 94.28
N ASN CA 356 -2.17 -7.66 94.52
CA ASN CA 356 -1.57 -7.96 95.82
C ASN CA 356 -2.01 -9.32 96.38
N ARG CA 357 -2.70 -10.15 95.61
CA ARG CA 357 -3.27 -11.37 96.13
C ARG CA 357 -2.66 -12.57 95.44
N LEU CA 358 -2.09 -13.47 96.24
CA LEU CA 358 -1.67 -14.75 95.70
C LEU CA 358 -2.92 -15.55 95.37
N GLY CA 359 -2.82 -16.35 94.33
CA GLY CA 359 -4.00 -17.04 93.87
C GLY CA 359 -3.72 -18.42 93.32
N PHE CA 360 -4.66 -19.32 93.52
CA PHE CA 360 -4.58 -20.64 92.94
C PHE CA 360 -5.77 -20.88 92.04
N LEU CA 361 -5.56 -21.72 91.04
CA LEU CA 361 -6.66 -22.32 90.33
C LEU CA 361 -6.99 -23.64 91.04
N SER CA 362 -8.03 -24.30 90.57
CA SER CA 362 -8.56 -25.47 91.27
C SER CA 362 -9.32 -26.33 90.30
N GLY CA 363 -10.18 -27.20 90.84
CA GLY CA 363 -11.05 -27.99 89.99
C GLY CA 363 -11.92 -27.14 89.08
N GLU CA 364 -12.57 -26.13 89.62
CA GLU CA 364 -13.24 -25.18 88.75
C GLU CA 364 -13.12 -23.79 89.38
N ASN CA 365 -12.42 -23.69 90.49
CA ASN CA 365 -12.50 -22.52 91.35
C ASN CA 365 -11.29 -21.63 91.19
N ILE CA 366 -11.44 -20.37 91.63
CA ILE CA 366 -10.36 -19.40 91.72
C ILE CA 366 -10.31 -18.91 93.15
N ILE CA 367 -9.16 -19.05 93.79
CA ILE CA 367 -9.03 -18.78 95.22
C ILE CA 367 -7.91 -17.77 95.41
N LEU CA 368 -8.27 -16.51 95.61
CA LEU CA 368 -7.30 -15.44 95.82
C LEU CA 368 -7.12 -15.23 97.31
N SER CA 369 -5.90 -14.87 97.71
CA SER CA 369 -5.53 -14.79 99.12
C SER CA 369 -5.82 -13.41 99.68
N ARG CA 370 -5.30 -13.12 100.87
CA ARG CA 370 -5.54 -11.84 101.50
C ARG CA 370 -4.63 -10.79 100.85
N THR CA 371 -5.03 -9.52 100.96
CA THR CA 371 -4.41 -8.43 100.22
C THR CA 371 -2.99 -8.18 100.67
N ALA CA 372 -2.76 -8.01 101.97
CA ALA CA 372 -1.41 -7.69 102.40
C ALA CA 372 -0.53 -8.91 102.50
N LYS CA 373 -1.10 -10.05 102.85
CA LYS CA 373 -0.34 -11.22 103.28
C LYS CA 373 -0.64 -12.36 102.31
N TYR CA 374 0.40 -12.89 101.68
CA TYR CA 374 0.21 -13.86 100.61
C TYR CA 374 -0.23 -15.22 101.13
N PHE CA 375 0.32 -15.65 102.25
CA PHE CA 375 0.10 -17.02 102.69
C PHE CA 375 -1.03 -17.09 103.71
N ASN CA 376 -2.22 -16.65 103.31
CA ASN CA 376 -3.35 -16.60 104.23
C ASN CA 376 -4.63 -16.63 103.41
N PHE CA 377 -5.44 -17.67 103.59
CA PHE CA 377 -6.69 -17.82 102.84
C PHE CA 377 -7.92 -17.71 103.72
N TYR CA 378 -7.86 -16.90 104.76
CA TYR CA 378 -8.96 -16.78 105.68
C TYR CA 378 -9.09 -15.32 106.05
N PRO CA 379 -10.30 -14.81 106.24
CA PRO CA 379 -10.46 -13.43 106.67
C PRO CA 379 -9.99 -13.23 108.10
N ALA CA 380 -9.72 -11.97 108.44
CA ALA CA 380 -9.18 -11.68 109.76
C ALA CA 380 -10.20 -11.87 110.85
N SER CA 381 -11.48 -11.66 110.52
CA SER CA 381 -12.57 -11.80 111.48
C SER CA 381 -13.84 -11.97 110.68
N ILE CA 382 -14.62 -13.00 111.00
CA ILE CA 382 -15.87 -13.16 110.24
C ILE CA 382 -16.96 -12.26 110.78
N ALA CA 383 -16.72 -11.61 111.90
CA ALA CA 383 -17.44 -10.38 112.22
C ALA CA 383 -16.79 -9.25 111.45
N ASN CA 384 -17.61 -8.40 110.86
CA ASN CA 384 -17.18 -7.18 110.16
C ASN CA 384 -16.24 -7.49 108.99
N LEU CA 385 -16.82 -8.09 107.94
CA LEU CA 385 -16.17 -8.29 106.65
C LEU CA 385 -15.51 -7.01 106.15
N SER CA 386 -14.21 -7.09 105.88
CA SER CA 386 -13.37 -5.91 105.88
C SER CA 386 -12.64 -5.70 104.55
N ASP CA 387 -13.28 -6.07 103.43
CA ASP CA 387 -12.88 -5.69 102.08
C ASP CA 387 -11.51 -6.18 101.61
N ASP CA 388 -10.80 -6.93 102.45
CA ASP CA 388 -9.52 -7.51 102.09
C ASP CA 388 -9.56 -9.03 102.22
N ASP CA 389 -10.74 -9.59 102.39
CA ASP CA 389 -10.90 -10.99 102.68
C ASP CA 389 -10.65 -11.81 101.42
N PRO CA 390 -10.20 -13.05 101.58
CA PRO CA 390 -10.03 -13.92 100.42
C PRO CA 390 -11.35 -14.26 99.76
N ILE CA 391 -11.30 -14.43 98.45
CA ILE CA 391 -12.50 -14.61 97.63
C ILE CA 391 -12.49 -15.99 97.00
N ASP CA 392 -13.68 -16.57 96.86
CA ASP CA 392 -13.84 -17.90 96.29
C ASP CA 392 -14.87 -17.79 95.18
N VAL CA 393 -14.43 -17.54 93.96
CA VAL CA 393 -15.34 -17.35 92.84
C VAL CA 393 -15.25 -18.57 91.96
N ALA CA 394 -16.29 -19.41 92.01
CA ALA CA 394 -16.34 -20.55 91.13
C ALA CA 394 -16.66 -20.09 89.72
N VAL CA 395 -15.95 -20.66 88.76
CA VAL CA 395 -16.14 -20.28 87.37
C VAL CA 395 -17.46 -20.85 86.89
N SER CA 396 -18.41 -19.97 86.65
CA SER CA 396 -19.77 -20.36 86.31
C SER CA 396 -19.85 -20.53 84.80
N THR CA 397 -20.03 -21.76 84.35
CA THR CA 397 -20.08 -22.07 82.94
C THR CA 397 -21.39 -22.78 82.62
N ASN CA 398 -21.62 -22.96 81.33
CA ASN CA 398 -22.66 -23.85 80.87
C ASN CA 398 -22.15 -25.28 80.81
N ARG CA 399 -20.86 -25.45 80.53
CA ARG CA 399 -20.24 -26.73 80.23
C ARG CA 399 -19.09 -26.98 81.21
N ILE CA 400 -18.30 -28.02 80.97
CA ILE CA 400 -17.25 -28.41 81.91
C ILE CA 400 -15.96 -27.66 81.54
N ALA CA 401 -15.31 -27.07 82.55
CA ALA CA 401 -14.07 -26.33 82.31
C ALA CA 401 -13.23 -26.37 83.57
N ILE CA 402 -12.11 -27.07 83.53
CA ILE CA 402 -11.19 -27.18 84.66
C ILE CA 402 -10.01 -26.26 84.39
N LEU CA 403 -9.79 -25.31 85.30
CA LEU CA 403 -8.84 -24.23 85.05
C LEU CA 403 -7.40 -24.73 85.03
N LYS CA 404 -6.62 -24.22 84.08
CA LYS CA 404 -5.28 -24.76 83.87
C LYS CA 404 -4.19 -23.71 83.75
N TYR CA 405 -4.51 -22.48 83.36
CA TYR CA 405 -3.48 -21.45 83.26
C TYR CA 405 -4.04 -20.09 83.64
N ALA CA 406 -3.15 -19.13 83.76
CA ALA CA 406 -3.52 -17.75 84.07
C ALA CA 406 -2.48 -16.83 83.46
N VAL CA 407 -2.86 -16.10 82.43
CA VAL CA 407 -1.94 -15.27 81.68
C VAL CA 407 -2.45 -13.84 81.64
N PRO CA 408 -1.67 -12.85 82.04
CA PRO CA 408 -2.12 -11.47 81.95
C PRO CA 408 -2.00 -10.95 80.54
N PHE CA 409 -3.06 -10.35 80.00
CA PHE CA 409 -3.08 -10.03 78.59
C PHE CA 409 -3.15 -8.55 78.27
N SER CA 410 -4.23 -7.87 78.62
CA SER CA 410 -4.33 -6.45 78.30
C SER CA 410 -4.58 -5.59 79.52
N GLU CA 411 -5.64 -5.86 80.26
CA GLU CA 411 -5.86 -5.18 81.52
C GLU CA 411 -6.46 -6.13 82.53
N GLU CA 412 -6.43 -7.44 82.29
CA GLU CA 412 -7.49 -8.28 82.79
C GLU CA 412 -7.04 -9.46 83.62
N LEU CA 413 -5.87 -10.04 83.33
CA LEU CA 413 -5.38 -11.28 83.90
C LEU CA 413 -6.41 -12.38 83.65
N LEU CA 414 -6.58 -12.77 82.39
CA LEU CA 414 -7.60 -13.73 82.05
C LEU CA 414 -7.05 -15.15 82.23
N ILE CA 415 -7.97 -16.08 82.43
CA ILE CA 415 -7.66 -17.42 82.93
C ILE CA 415 -8.24 -18.45 81.97
N TRP CA 416 -7.38 -19.36 81.48
CA TRP CA 416 -7.77 -20.25 80.40
C TRP CA 416 -8.00 -21.66 80.91
N SER CA 417 -8.93 -22.37 80.26
CA SER CA 417 -9.15 -23.77 80.64
C SER CA 417 -9.66 -24.57 79.44
N ASP CA 418 -8.76 -25.05 78.61
CA ASP CA 418 -8.89 -26.29 77.84
C ASP CA 418 -10.02 -26.34 76.82
N GLU CA 419 -11.09 -25.56 76.99
CA GLU CA 419 -12.12 -25.42 75.98
C GLU CA 419 -12.73 -24.03 75.97
N ALA CA 420 -12.54 -23.24 77.04
CA ALA CA 420 -13.07 -21.88 77.10
C ALA CA 420 -12.03 -21.00 77.75
N GLN CA 421 -12.30 -19.70 77.79
CA GLN CA 421 -11.34 -18.71 78.26
C GLN CA 421 -12.08 -17.67 79.10
N PHE CA 422 -11.53 -17.30 80.25
CA PHE CA 422 -12.28 -16.59 81.27
C PHE CA 422 -11.53 -15.36 81.74
N VAL CA 423 -12.19 -14.20 81.73
CA VAL CA 423 -11.62 -12.94 82.16
C VAL CA 423 -12.04 -12.64 83.59
N LEU CA 424 -11.07 -12.33 84.44
CA LEU CA 424 -11.28 -12.14 85.87
C LEU CA 424 -11.04 -10.68 86.20
N THR CA 425 -12.09 -9.87 86.09
CA THR CA 425 -12.07 -8.48 86.56
C THR CA 425 -13.33 -8.20 87.34
N ALA CA 426 -13.30 -7.14 88.13
CA ALA CA 426 -14.43 -6.82 88.97
C ALA CA 426 -15.12 -5.53 88.50
N SER CA 427 -16.31 -5.31 89.02
CA SER CA 427 -17.09 -4.10 88.76
C SER CA 427 -17.24 -3.35 90.08
N GLY CA 428 -16.45 -2.30 90.26
CA GLY CA 428 -16.48 -1.55 91.50
C GLY CA 428 -15.10 -1.20 92.01
N THR CA 429 -14.75 -1.73 93.18
CA THR CA 429 -13.46 -1.49 93.82
C THR CA 429 -12.41 -2.38 93.16
N LEU CA 430 -11.27 -2.57 93.83
CA LEU CA 430 -10.30 -3.57 93.35
C LEU CA 430 -10.89 -4.96 93.29
N THR CA 431 -11.15 -5.52 94.45
CA THR CA 431 -11.56 -6.90 94.62
C THR CA 431 -12.22 -6.97 95.98
N SER CA 432 -13.53 -7.22 95.99
CA SER CA 432 -14.25 -7.54 97.20
C SER CA 432 -14.76 -8.95 96.99
N LYS CA 433 -15.70 -9.40 97.82
CA LYS CA 433 -16.48 -10.58 97.45
C LYS CA 433 -17.20 -10.40 96.12
N SER CA 434 -17.53 -9.17 95.74
CA SER CA 434 -18.07 -8.86 94.42
C SER CA 434 -16.94 -8.71 93.39
N VAL CA 435 -16.63 -9.82 92.70
CA VAL CA 435 -15.66 -9.89 91.61
C VAL CA 435 -16.29 -10.69 90.48
N GLU CA 436 -16.34 -10.10 89.28
CA GLU CA 436 -17.01 -10.74 88.16
C GLU CA 436 -16.10 -11.76 87.49
N LEU CA 437 -16.70 -12.63 86.68
CA LEU CA 437 -15.98 -13.64 85.93
C LEU CA 437 -16.84 -14.07 84.76
N ASN CA 438 -16.37 -13.82 83.55
CA ASN CA 438 -17.15 -14.10 82.36
C ASN CA 438 -16.27 -14.80 81.34
N LEU CA 439 -16.88 -15.50 80.40
CA LEU CA 439 -16.14 -16.22 79.38
C LEU CA 439 -16.22 -15.47 78.06
N THR CA 440 -15.07 -15.08 77.53
CA THR CA 440 -15.07 -14.31 76.28
C THR CA 440 -15.12 -15.22 75.05
N THR CA 441 -14.08 -16.01 74.84
CA THR CA 441 -13.90 -16.73 73.60
C THR CA 441 -13.66 -18.19 73.89
N GLN CA 442 -14.45 -19.06 73.26
CA GLN CA 442 -14.50 -20.47 73.62
C GLN CA 442 -13.57 -21.32 72.74
N PHE CA 443 -12.30 -20.95 72.65
CA PHE CA 443 -11.34 -21.64 71.81
C PHE CA 443 -10.73 -22.84 72.52
N ASP CA 444 -10.13 -23.74 71.73
CA ASP CA 444 -9.51 -24.94 72.26
C ASP CA 444 -8.01 -24.75 72.40
N VAL CA 445 -7.46 -25.21 73.52
CA VAL CA 445 -6.09 -24.94 73.90
C VAL CA 445 -5.51 -26.17 74.59
N GLN CA 446 -4.30 -26.55 74.18
CA GLN CA 446 -3.64 -27.72 74.73
C GLN CA 446 -3.15 -27.44 76.14
N ASP CA 447 -3.11 -28.48 76.96
CA ASP CA 447 -2.93 -28.34 78.39
C ASP CA 447 -1.48 -28.49 78.84
N ARG CA 448 -0.54 -28.62 77.91
CA ARG CA 448 0.83 -28.93 78.27
C ARG CA 448 1.82 -27.85 77.85
N ALA CA 449 1.32 -26.69 77.42
CA ALA CA 449 2.16 -25.57 77.04
C ALA CA 449 1.61 -24.32 77.67
N ARG CA 450 2.48 -23.49 78.11
CA ARG CA 450 2.00 -22.30 78.78
C ARG CA 450 1.85 -21.19 77.76
N PRO CA 451 0.69 -20.56 77.66
CA PRO CA 451 0.50 -19.47 76.70
C PRO CA 451 1.40 -18.28 76.94
N PHE CA 452 2.31 -18.05 76.02
CA PHE CA 452 3.40 -17.10 76.18
C PHE CA 452 3.06 -15.81 75.44
N GLY CA 453 3.35 -14.67 76.07
CA GLY CA 453 3.02 -13.38 75.51
C GLY CA 453 4.29 -12.69 75.00
N ILE CA 454 4.17 -12.04 73.85
CA ILE CA 454 5.31 -11.33 73.30
C ILE CA 454 5.04 -9.84 73.29
N GLY CA 455 4.06 -9.41 72.53
CA GLY CA 455 3.76 -7.99 72.48
C GLY CA 455 2.36 -7.73 72.94
N ARG CA 456 1.50 -7.39 71.98
CA ARG CA 456 0.08 -7.28 72.26
C ARG CA 456 -0.60 -8.64 72.13
N ASN CA 457 0.13 -9.66 71.70
CA ASN CA 457 -0.45 -10.97 71.47
C ASN CA 457 -0.03 -11.95 72.56
N VAL CA 458 -0.67 -13.12 72.56
CA VAL CA 458 -0.29 -14.25 73.40
C VAL CA 458 -0.40 -15.50 72.55
N TYR CA 459 0.66 -16.28 72.47
CA TYR CA 459 0.71 -17.43 71.58
C TYR CA 459 0.53 -18.73 72.35
N PHE CA 460 -0.15 -19.69 71.73
CA PHE CA 460 -0.54 -20.91 72.41
C PHE CA 460 -0.80 -22.00 71.39
N ALA CA 461 -0.95 -23.22 71.87
CA ALA CA 461 -1.10 -24.37 71.01
C ALA CA 461 -2.53 -24.88 71.09
N SER CA 462 -2.89 -25.75 70.13
CA SER CA 462 -4.23 -26.29 70.06
C SER CA 462 -4.15 -27.79 69.80
N PRO CA 463 -5.06 -28.56 70.37
CA PRO CA 463 -5.00 -30.01 70.20
C PRO CA 463 -5.62 -30.52 68.91
N ARG CA 464 -4.87 -30.51 67.82
CA ARG CA 464 -5.21 -31.45 66.76
C ARG CA 464 -4.76 -32.85 67.16
N SER CA 465 -5.13 -33.84 66.36
CA SER CA 465 -4.72 -35.21 66.65
C SER CA 465 -3.22 -35.38 66.43
N SER CA 466 -2.78 -35.18 65.20
CA SER CA 466 -1.37 -35.08 64.88
C SER CA 466 -1.18 -33.81 64.07
N PHE CA 467 0.06 -33.31 64.08
CA PHE CA 467 0.47 -32.09 63.37
C PHE CA 467 -0.33 -30.87 63.84
N THR CA 468 -0.06 -30.50 65.08
CA THR CA 468 -0.85 -29.49 65.79
C THR CA 468 -0.60 -28.09 65.26
N SER CA 469 -1.26 -27.13 65.90
CA SER CA 469 -1.36 -25.78 65.39
C SER CA 469 -0.96 -24.81 66.48
N ILE CA 470 -0.66 -23.57 66.08
CA ILE CA 470 -0.35 -22.48 66.99
C ILE CA 470 -1.27 -21.31 66.63
N HIS CA 471 -1.80 -20.62 67.62
CA HIS CA 471 -2.76 -19.56 67.39
C HIS CA 471 -2.32 -18.25 68.01
N ARG CA 472 -2.50 -17.17 67.25
CA ARG CA 472 -2.33 -15.82 67.74
C ARG CA 472 -3.61 -15.36 68.41
N TYR CA 473 -3.49 -14.78 69.60
CA TYR CA 473 -4.65 -14.40 70.40
C TYR CA 473 -4.70 -12.88 70.53
N TYR CA 474 -5.70 -12.28 69.90
CA TYR CA 474 -5.83 -10.84 69.73
C TYR CA 474 -6.48 -10.16 70.91
N ALA CA 475 -6.42 -8.84 70.87
CA ALA CA 475 -7.49 -7.97 71.32
C ALA CA 475 -7.85 -7.12 70.11
N VAL CA 476 -9.11 -7.18 69.69
CA VAL CA 476 -9.48 -6.59 68.41
C VAL CA 476 -9.45 -5.06 68.51
N GLN CA 477 -9.44 -4.42 67.35
CA GLN CA 477 -9.31 -2.98 67.34
C GLN CA 477 -10.64 -2.29 67.55
N ASP CA 478 -11.71 -2.82 66.98
CA ASP CA 478 -12.93 -2.03 66.82
C ASP CA 478 -13.74 -1.98 68.11
N VAL CA 479 -13.96 -3.13 68.75
CA VAL CA 479 -14.83 -3.17 69.93
C VAL CA 479 -13.97 -2.72 71.09
N SER CA 480 -14.60 -2.49 72.24
CA SER CA 480 -13.85 -2.23 73.47
C SER CA 480 -13.08 -3.47 73.92
N SER CA 481 -13.79 -4.55 74.23
CA SER CA 481 -13.19 -5.66 74.95
C SER CA 481 -13.56 -7.01 74.33
N VAL CA 482 -13.42 -7.15 73.03
CA VAL CA 482 -13.67 -8.42 72.36
C VAL CA 482 -12.33 -9.07 72.03
N LYS CA 483 -12.16 -10.32 72.47
CA LYS CA 483 -10.96 -11.09 72.19
C LYS CA 483 -11.17 -11.92 70.94
N ASN CA 484 -10.07 -12.43 70.41
CA ASN CA 484 -10.09 -13.17 69.15
C ASN CA 484 -8.86 -14.05 69.07
N ALA CA 485 -8.99 -15.16 68.37
CA ALA CA 485 -7.85 -16.05 68.16
C ALA CA 485 -7.81 -16.47 66.70
N GLU CA 486 -6.76 -16.07 66.00
CA GLU CA 486 -6.59 -16.42 64.60
C GLU CA 486 -5.78 -17.71 64.54
N ASP CA 487 -5.27 -18.04 63.36
CA ASP CA 487 -4.49 -19.26 63.17
C ASP CA 487 -3.25 -18.89 62.37
N ILE CA 488 -2.09 -18.97 63.00
CA ILE CA 488 -0.85 -18.58 62.32
C ILE CA 488 -0.12 -19.81 61.85
N THR CA 489 -0.79 -20.96 61.89
CA THR CA 489 -0.39 -22.11 61.08
C THR CA 489 -1.47 -22.47 60.09
N SER CA 490 -2.32 -21.50 59.72
CA SER CA 490 -3.40 -21.75 58.77
C SER CA 490 -2.89 -22.05 57.38
N HIS CA 491 -1.69 -21.60 57.04
CA HIS CA 491 -1.08 -21.92 55.78
C HIS CA 491 0.08 -22.90 55.92
N VAL CA 492 0.51 -23.20 57.14
CA VAL CA 492 1.44 -24.30 57.33
C VAL CA 492 0.87 -25.26 58.37
N PRO CA 493 -0.03 -26.16 58.02
CA PRO CA 493 -0.25 -27.30 58.90
C PRO CA 493 0.72 -28.37 58.48
N ASN CA 494 0.63 -29.54 59.12
CA ASN CA 494 1.48 -30.69 58.82
C ASN CA 494 2.95 -30.37 58.98
N TYR CA 495 3.28 -29.60 60.02
CA TYR CA 495 4.65 -29.18 60.22
C TYR CA 495 5.14 -29.26 61.67
N ILE CA 496 4.28 -29.19 62.68
CA ILE CA 496 4.71 -29.25 64.08
C ILE CA 496 4.05 -30.44 64.76
N PRO CA 497 4.80 -31.47 65.13
CA PRO CA 497 4.23 -32.83 65.23
C PRO CA 497 3.13 -33.16 66.24
N ASN CA 498 3.36 -33.22 67.55
CA ASN CA 498 2.18 -33.40 68.38
C ASN CA 498 2.21 -32.67 69.71
N GLY CA 499 3.32 -32.77 70.42
CA GLY CA 499 3.27 -32.29 71.78
C GLY CA 499 4.05 -31.03 71.99
N VAL CA 500 3.37 -29.89 71.99
CA VAL CA 500 4.02 -28.62 72.26
C VAL CA 500 4.21 -28.54 73.77
N PHE CA 501 5.45 -28.64 74.23
CA PHE CA 501 5.70 -28.60 75.66
C PHE CA 501 6.45 -27.35 76.10
N SER CA 502 6.85 -26.49 75.17
CA SER CA 502 7.47 -25.24 75.55
C SER CA 502 7.26 -24.24 74.43
N ILE CA 503 6.93 -23.02 74.79
CA ILE CA 503 6.79 -21.93 73.85
C ILE CA 503 7.73 -20.81 74.28
N CYS CA 504 8.73 -20.52 73.46
CA CYS CA 504 9.74 -19.54 73.76
C CYS CA 504 9.30 -18.17 73.25
N GLY CA 505 10.25 -17.25 73.19
CA GLY CA 505 10.01 -16.01 72.51
C GLY CA 505 10.98 -14.96 72.99
N SER CA 506 10.99 -13.85 72.27
CA SER CA 506 11.74 -12.67 72.67
C SER CA 506 11.15 -11.48 71.95
N GLY CA 507 10.83 -10.44 72.70
CA GLY CA 507 10.35 -9.23 72.07
C GLY CA 507 11.41 -8.42 71.40
N THR CA 508 12.69 -8.73 71.63
CA THR CA 508 13.75 -7.94 71.02
C THR CA 508 13.94 -8.32 69.56
N GLU CA 509 14.25 -9.59 69.30
CA GLU CA 509 14.47 -10.04 67.94
C GLU CA 509 13.20 -10.47 67.24
N ASN CA 510 12.05 -10.38 67.92
CA ASN CA 510 10.72 -10.54 67.33
C ASN CA 510 10.49 -11.93 66.74
N PHE CA 511 10.51 -12.95 67.59
CA PHE CA 511 10.09 -14.28 67.15
C PHE CA 511 9.37 -15.02 68.27
N CYS CA 512 8.72 -16.10 67.88
CA CYS CA 512 8.16 -17.08 68.80
C CYS CA 512 8.59 -18.45 68.31
N SER CA 513 9.04 -19.30 69.21
CA SER CA 513 9.41 -20.64 68.79
C SER CA 513 8.74 -21.66 69.69
N VAL CA 514 8.71 -22.89 69.19
CA VAL CA 514 7.94 -23.97 69.79
C VAL CA 514 8.76 -25.24 69.71
N LEU CA 515 8.96 -25.88 70.86
CA LEU CA 515 9.55 -27.20 70.93
C LEU CA 515 8.45 -28.25 70.87
N SER CA 516 8.83 -29.48 70.55
CA SER CA 516 7.81 -30.49 70.39
C SER CA 516 8.38 -31.87 70.69
N HIS CA 517 7.59 -32.69 71.39
CA HIS CA 517 7.96 -34.08 71.67
C HIS CA 517 7.27 -34.98 70.65
N GLY CA 518 7.51 -34.66 69.38
CA GLY CA 518 7.09 -35.56 68.33
C GLY CA 518 8.18 -35.70 67.30
N ASP CA 519 9.14 -34.80 67.37
CA ASP CA 519 10.33 -34.78 66.53
C ASP CA 519 11.32 -33.85 67.21
N PRO CA 520 11.94 -34.27 68.31
CA PRO CA 520 12.53 -33.31 69.26
C PRO CA 520 13.85 -32.71 68.82
N SER CA 521 14.26 -32.86 67.57
CA SER CA 521 15.48 -32.27 67.09
C SER CA 521 15.24 -30.91 66.46
N LYS CA 522 14.03 -30.37 66.57
CA LYS CA 522 13.62 -29.21 65.80
C LYS CA 522 13.09 -28.12 66.71
N ILE CA 523 13.62 -26.91 66.55
CA ILE CA 523 13.08 -25.72 67.18
C ILE CA 523 12.29 -24.96 66.12
N PHE CA 524 10.98 -24.93 66.26
CA PHE CA 524 10.10 -24.41 65.21
C PHE CA 524 9.95 -22.90 65.37
N MET CA 525 10.76 -22.14 64.66
CA MET CA 525 10.80 -20.70 64.77
C MET CA 525 9.65 -20.08 63.99
N TYR CA 526 9.06 -19.02 64.54
CA TYR CA 526 8.05 -18.21 63.88
C TYR CA 526 8.47 -16.75 64.03
N LYS CA 527 9.12 -16.19 63.01
CA LYS CA 527 9.59 -14.83 63.09
C LYS CA 527 8.60 -13.87 62.44
N PHE CA 528 8.25 -12.82 63.17
CA PHE CA 528 7.24 -11.86 62.75
C PHE CA 528 7.79 -10.46 62.86
N LEU CA 529 7.10 -9.52 62.23
CA LEU CA 529 7.46 -8.11 62.35
C LEU CA 529 6.20 -7.28 62.08
N TYR CA 530 5.68 -6.65 63.12
CA TYR CA 530 4.59 -5.73 62.95
C TYR CA 530 5.12 -4.35 62.60
N LEU CA 531 4.40 -3.66 61.71
CA LEU CA 531 4.82 -2.34 61.27
C LEU CA 531 3.56 -1.63 60.80
N ASN CA 532 3.20 -0.54 61.49
CA ASN CA 532 1.95 0.21 61.29
C ASN CA 532 0.72 -0.69 61.45
N GLU CA 533 0.73 -1.50 62.51
CA GLU CA 533 -0.38 -2.34 62.97
C GLU CA 533 -0.78 -3.43 61.98
N GLU CA 534 0.01 -3.67 60.94
CA GLU CA 534 -0.25 -4.71 59.97
C GLU CA 534 0.93 -5.65 59.92
N LEU CA 535 0.67 -6.96 59.98
CA LEU CA 535 1.75 -7.92 60.07
C LEU CA 535 2.34 -8.15 58.69
N ARG CA 536 3.66 -8.12 58.60
CA ARG CA 536 4.36 -8.11 57.32
C ARG CA 536 5.29 -9.29 57.13
N GLN CA 537 5.32 -10.25 58.07
CA GLN CA 537 6.22 -11.39 57.93
C GLN CA 537 5.66 -12.56 58.74
N GLN CA 538 5.05 -13.51 58.05
CA GLN CA 538 4.65 -14.78 58.65
C GLN CA 538 5.66 -15.83 58.20
N SER CA 539 6.79 -15.90 58.88
CA SER CA 539 7.83 -16.82 58.48
C SER CA 539 7.89 -18.00 59.43
N TRP CA 540 8.22 -19.15 58.88
CA TRP CA 540 8.46 -20.35 59.65
C TRP CA 540 9.77 -20.97 59.21
N SER CA 541 10.38 -21.70 60.12
CA SER CA 541 11.56 -22.49 59.82
C SER CA 541 11.61 -23.58 60.87
N HIS CA 542 12.68 -24.37 60.85
CA HIS CA 542 13.01 -25.17 62.02
C HIS CA 542 14.51 -25.37 62.09
N TRP CA 543 15.07 -25.15 63.27
CA TRP CA 543 16.48 -25.28 63.48
C TRP CA 543 16.81 -26.70 63.92
N ASP CA 544 17.71 -27.35 63.19
CA ASP CA 544 18.28 -28.62 63.60
C ASP CA 544 19.68 -28.37 64.14
N PHE CA 545 20.05 -29.10 65.16
CA PHE CA 545 21.36 -28.99 65.77
C PHE CA 545 22.16 -30.26 65.52
N GLY CA 546 21.91 -30.89 64.39
CA GLY CA 546 22.48 -32.19 64.10
C GLY CA 546 21.44 -33.25 64.38
N GLU CA 547 21.51 -34.35 63.62
CA GLU CA 547 20.56 -35.42 63.82
C GLU CA 547 20.88 -36.18 65.10
N ASN CA 548 19.85 -36.88 65.60
CA ASN CA 548 19.89 -37.66 66.85
C ASN CA 548 20.28 -36.78 68.04
N VAL CA 549 19.77 -35.55 68.08
CA VAL CA 549 20.07 -34.59 69.14
C VAL CA 549 18.76 -34.00 69.61
N GLN CA 550 18.45 -34.17 70.90
CA GLN CA 550 17.17 -33.74 71.45
C GLN CA 550 17.32 -32.39 72.13
N VAL CA 551 16.50 -31.42 71.71
CA VAL CA 551 16.50 -30.10 72.29
C VAL CA 551 15.42 -30.10 73.36
N LEU CA 552 15.83 -30.04 74.61
CA LEU CA 552 14.93 -30.26 75.72
C LEU CA 552 14.64 -29.00 76.52
N ALA CA 553 15.13 -27.84 76.06
CA ALA CA 553 14.68 -26.55 76.57
C ALA CA 553 15.03 -25.43 75.62
N CYS CA 554 14.41 -24.28 75.85
CA CYS CA 554 14.60 -23.05 75.10
C CYS CA 554 14.05 -21.87 75.89
N GLN CA 555 14.92 -20.95 76.29
CA GLN CA 555 14.50 -19.68 76.85
C GLN CA 555 15.43 -18.61 76.31
N SER CA 556 15.04 -17.36 76.48
CA SER CA 556 15.80 -16.28 75.88
C SER CA 556 15.79 -15.07 76.80
N ILE CA 557 16.94 -14.78 77.39
CA ILE CA 557 17.18 -13.47 77.98
C ILE CA 557 17.51 -12.60 76.77
N SER CA 558 17.52 -11.27 76.95
CA SER CA 558 17.13 -10.24 75.98
C SER CA 558 17.42 -10.54 74.52
N SER CA 559 18.66 -10.91 74.19
CA SER CA 559 18.94 -11.31 72.83
C SER CA 559 19.87 -12.50 72.80
N ASP CA 560 19.88 -13.30 73.85
CA ASP CA 560 20.71 -14.49 73.94
C ASP CA 560 19.81 -15.67 74.30
N MET CA 561 19.74 -16.64 73.41
CA MET CA 561 18.87 -17.80 73.58
C MET CA 561 19.69 -18.94 74.18
N TYR CA 562 19.58 -19.12 75.49
CA TYR CA 562 20.28 -20.18 76.19
C TYR CA 562 19.54 -21.50 76.05
N VAL CA 563 20.21 -22.49 75.48
CA VAL CA 563 19.58 -23.73 75.07
C VAL CA 563 20.36 -24.88 75.68
N ILE CA 564 19.70 -25.72 76.47
CA ILE CA 564 20.30 -27.02 76.77
C ILE CA 564 19.81 -28.00 75.73
N LEU CA 565 20.66 -28.94 75.38
CA LEU CA 565 20.34 -29.85 74.29
C LEU CA 565 21.02 -31.18 74.55
N ARG CA 566 20.32 -32.26 74.29
CA ARG CA 566 20.70 -33.59 74.71
C ARG CA 566 21.23 -34.36 73.51
N ASN CA 567 22.42 -34.93 73.66
CA ASN CA 567 22.99 -35.82 72.67
C ASN CA 567 22.51 -37.24 73.00
N GLU CA 568 23.09 -38.26 72.40
CA GLU CA 568 22.84 -39.60 72.88
C GLU CA 568 23.92 -40.05 73.84
N PHE CA 569 24.73 -39.13 74.33
CA PHE CA 569 25.70 -39.46 75.35
C PHE CA 569 25.74 -38.47 76.51
N ASN CA 570 25.34 -37.22 76.28
CA ASN CA 570 25.55 -36.18 77.27
C ASN CA 570 24.34 -35.25 77.30
N THR CA 571 24.51 -34.12 77.97
CA THR CA 571 23.51 -33.05 78.01
C THR CA 571 24.26 -31.75 78.11
N PHE CA 572 23.98 -30.83 77.20
CA PHE CA 572 24.82 -29.66 76.99
C PHE CA 572 24.19 -28.41 77.59
N LEU CA 573 24.80 -27.27 77.31
CA LEU CA 573 24.22 -25.96 77.52
C LEU CA 573 24.90 -25.00 76.56
N ALA CA 574 24.15 -24.02 76.08
CA ALA CA 574 24.64 -23.26 74.93
C ALA CA 574 24.17 -21.82 75.02
N ARG CA 575 24.50 -21.06 73.97
CA ARG CA 575 24.17 -19.65 73.90
C ARG CA 575 24.11 -19.23 72.46
N ILE CA 576 22.91 -18.91 71.97
CA ILE CA 576 22.70 -18.45 70.60
C ILE CA 576 22.55 -16.95 70.66
N SER CA 577 23.54 -16.23 70.15
CA SER CA 577 23.60 -14.79 70.24
C SER CA 577 23.26 -14.17 68.90
N PHE CA 578 22.33 -13.22 68.89
CA PHE CA 578 21.87 -12.61 67.66
C PHE CA 578 22.68 -11.42 67.22
N THR CA 579 23.97 -11.42 67.55
CA THR CA 579 24.89 -10.37 67.10
C THR CA 579 25.01 -10.36 65.59
N LYS CA 580 25.30 -9.18 65.04
CA LYS CA 580 25.27 -9.03 63.59
C LYS CA 580 26.64 -9.24 62.96
N ASN CA 581 27.63 -8.45 63.36
CA ASN CA 581 28.99 -8.61 62.88
C ASN CA 581 30.00 -8.85 63.99
N ALA CA 582 29.55 -8.88 65.23
CA ALA CA 582 30.44 -9.08 66.36
C ALA CA 582 30.97 -10.51 66.37
N ILE CA 583 31.97 -10.73 67.20
CA ILE CA 583 32.69 -11.99 67.25
C ILE CA 583 32.29 -12.70 68.54
N ASP CA 584 31.97 -13.99 68.44
CA ASP CA 584 31.47 -14.74 69.58
C ASP CA 584 32.55 -14.97 70.61
N LEU CA 585 33.58 -15.72 70.25
CA LEU CA 585 34.66 -15.99 71.18
C LEU CA 585 35.85 -15.10 70.88
N GLN CA 586 36.74 -14.98 71.86
CA GLN CA 586 37.88 -14.07 71.73
C GLN CA 586 38.88 -14.63 70.73
N GLY CA 587 39.06 -13.92 69.62
CA GLY CA 587 39.81 -14.42 68.49
C GLY CA 587 38.88 -14.51 67.30
N GLU CA 588 38.85 -15.65 66.60
CA GLU CA 588 37.86 -16.01 65.59
C GLU CA 588 37.67 -14.97 64.50
N PRO CA 589 38.55 -14.91 63.52
CA PRO CA 589 38.59 -13.77 62.59
C PRO CA 589 37.33 -13.47 61.77
N TYR CA 590 36.35 -14.39 61.69
CA TYR CA 590 35.18 -14.05 60.88
C TYR CA 590 33.83 -14.54 61.40
N ARG CA 591 33.68 -14.82 62.70
CA ARG CA 591 32.47 -15.38 63.32
C ARG CA 591 32.09 -16.69 62.65
N ALA CA 592 32.87 -17.73 62.90
CA ALA CA 592 32.71 -19.00 62.21
C ALA CA 592 31.41 -19.66 62.63
N PHE CA 593 30.53 -19.92 61.66
CA PHE CA 593 29.29 -20.63 61.92
C PHE CA 593 29.60 -22.10 62.16
N MET CA 594 29.44 -22.55 63.40
CA MET CA 594 30.06 -23.78 63.85
C MET CA 594 29.17 -24.73 64.63
N ASP CA 595 27.97 -24.34 65.07
CA ASP CA 595 26.90 -25.19 65.60
C ASP CA 595 27.20 -25.77 67.00
N MET CA 596 28.45 -25.63 67.44
CA MET CA 596 29.03 -25.86 68.76
C MET CA 596 30.31 -25.07 68.67
N LYS CA 597 30.76 -24.44 69.75
CA LYS CA 597 31.90 -23.55 69.56
C LYS CA 597 32.71 -23.43 70.84
N ILE CA 598 33.84 -24.14 70.88
CA ILE CA 598 34.76 -24.04 71.99
C ILE CA 598 35.92 -23.13 71.61
N ARG CA 599 36.71 -22.76 72.60
CA ARG CA 599 37.97 -22.06 72.40
C ARG CA 599 39.01 -22.86 73.16
N TYR CA 600 39.73 -23.72 72.45
CA TYR CA 600 40.61 -24.68 73.07
C TYR CA 600 42.06 -24.29 72.83
N THR CA 601 42.88 -24.50 73.85
CA THR CA 601 44.32 -24.37 73.72
C THR CA 601 44.90 -25.77 73.68
N ILE CA 602 45.75 -26.03 72.70
CA ILE CA 602 46.33 -27.37 72.53
C ILE CA 602 47.30 -27.62 73.68
N PRO CA 603 47.22 -28.76 74.35
CA PRO CA 603 48.13 -29.01 75.47
C PRO CA 603 49.55 -29.34 75.02
N SER CA 604 50.40 -29.70 75.98
CA SER CA 604 51.82 -29.90 75.68
C SER CA 604 52.04 -31.16 74.86
N GLY CA 605 51.71 -32.31 75.40
CA GLY CA 605 52.02 -33.53 74.69
C GLY CA 605 50.88 -34.01 73.83
N THR CA 606 50.88 -33.59 72.55
CA THR CA 606 49.99 -34.15 71.53
C THR CA 606 50.70 -34.44 70.23
N TYR CA 607 51.84 -33.81 69.95
CA TYR CA 607 52.48 -33.84 68.64
C TYR CA 607 53.48 -34.98 68.60
N ASN CA 608 53.17 -36.02 67.84
CA ASN CA 608 54.17 -37.06 67.59
C ASN CA 608 55.23 -36.49 66.64
N ASP CA 609 56.49 -36.63 67.05
CA ASP CA 609 57.57 -36.07 66.23
C ASP CA 609 57.80 -36.87 64.97
N ASP CA 610 57.39 -38.14 64.96
CA ASP CA 610 57.59 -38.97 63.78
C ASP CA 610 56.65 -38.55 62.66
N THR CA 611 55.34 -38.61 62.91
CA THR CA 611 54.37 -38.22 61.90
C THR CA 611 54.19 -36.69 61.93
N PHE CA 612 53.24 -36.18 61.17
CA PHE CA 612 53.08 -34.75 60.99
C PHE CA 612 51.92 -34.17 61.79
N THR CA 613 51.00 -35.00 62.27
CA THR CA 613 49.77 -34.52 62.86
C THR CA 613 49.85 -34.45 64.38
N THR CA 614 48.97 -33.64 64.97
CA THR CA 614 48.73 -33.63 66.40
C THR CA 614 47.45 -34.39 66.70
N SER CA 615 47.31 -34.84 67.93
CA SER CA 615 46.17 -35.65 68.35
C SER CA 615 45.33 -34.86 69.36
N ILE CA 616 44.27 -34.24 68.87
CA ILE CA 616 43.32 -33.53 69.72
C ILE CA 616 42.20 -34.49 70.07
N HIS CA 617 41.87 -34.59 71.35
CA HIS CA 617 40.95 -35.60 71.86
C HIS CA 617 39.63 -34.92 72.21
N ILE CA 618 38.58 -35.22 71.44
CA ILE CA 618 37.32 -34.49 71.59
C ILE CA 618 36.53 -34.72 72.88
N PRO CA 619 36.67 -35.80 73.66
CA PRO CA 619 36.11 -35.75 75.02
C PRO CA 619 36.82 -34.80 75.96
N THR CA 620 38.03 -34.34 75.65
CA THR CA 620 38.69 -33.39 76.53
C THR CA 620 38.42 -31.95 76.15
N ILE CA 621 38.26 -31.65 74.86
CA ILE CA 621 37.99 -30.28 74.46
C ILE CA 621 36.55 -29.90 74.74
N TYR CA 622 35.67 -30.87 74.90
CA TYR CA 622 34.29 -30.71 75.30
C TYR CA 622 34.13 -31.40 76.65
N GLY CA 623 32.88 -31.54 77.08
CA GLY CA 623 32.64 -32.29 78.29
C GLY CA 623 32.90 -33.76 78.07
N ALA CA 624 32.21 -34.35 77.10
CA ALA CA 624 32.33 -35.78 76.84
C ALA CA 624 31.92 -36.02 75.39
N ASN CA 625 31.59 -37.28 75.08
CA ASN CA 625 31.52 -37.78 73.72
C ASN CA 625 30.42 -37.12 72.89
N PHE CA 626 30.48 -37.38 71.60
CA PHE CA 626 29.56 -36.88 70.58
C PHE CA 626 28.89 -38.02 69.85
N GLY CA 627 28.12 -37.68 68.84
CA GLY CA 627 27.46 -38.65 68.02
C GLY CA 627 28.04 -38.67 66.62
N ARG CA 628 27.37 -38.02 65.69
CA ARG CA 628 27.85 -37.96 64.31
C ARG CA 628 27.60 -36.58 63.74
N GLY CA 629 28.49 -36.16 62.86
CA GLY CA 629 28.46 -34.83 62.27
C GLY CA 629 29.80 -34.50 61.69
N LYS CA 630 29.84 -33.38 60.98
CA LYS CA 630 31.05 -32.92 60.31
C LYS CA 630 31.68 -31.84 61.17
N ILE CA 631 32.97 -32.00 61.44
CA ILE CA 631 33.68 -31.18 62.43
C ILE CA 631 34.69 -30.30 61.73
N THR CA 632 34.63 -29.00 62.00
CA THR CA 632 35.46 -28.00 61.36
C THR CA 632 36.38 -27.39 62.40
N VAL CA 633 37.66 -27.28 62.07
CA VAL CA 633 38.67 -26.73 62.95
C VAL CA 633 39.21 -25.46 62.32
N LEU CA 634 39.15 -24.36 63.07
CA LEU CA 634 39.54 -23.05 62.59
C LEU CA 634 40.65 -22.49 63.48
N GLU CA 635 41.56 -21.73 62.87
CA GLU CA 635 42.77 -21.23 63.49
C GLU CA 635 42.78 -19.71 63.40
N PRO CA 636 43.69 -18.96 64.05
CA PRO CA 636 43.67 -17.50 63.91
C PRO CA 636 44.07 -17.00 62.54
N ASP CA 637 44.64 -17.84 61.69
CA ASP CA 637 44.85 -17.53 60.29
C ASP CA 637 43.55 -17.88 59.54
N GLY CA 638 43.61 -17.96 58.22
CA GLY CA 638 42.44 -18.41 57.49
C GLY CA 638 42.39 -19.92 57.32
N LYS CA 639 43.08 -20.64 58.20
CA LYS CA 639 43.21 -22.09 58.06
C LYS CA 639 41.93 -22.76 58.50
N ILE CA 640 41.30 -23.49 57.58
CA ILE CA 640 40.05 -24.18 57.84
C ILE CA 640 40.26 -25.63 57.43
N THR CA 641 40.23 -26.53 58.39
CA THR CA 641 40.34 -27.95 58.09
C THR CA 641 39.03 -28.64 58.43
N VAL CA 642 38.52 -29.42 57.48
CA VAL CA 642 37.26 -30.11 57.62
C VAL CA 642 37.54 -31.59 57.84
N PHE CA 643 37.01 -32.13 58.93
CA PHE CA 643 37.14 -33.53 59.26
C PHE CA 643 35.82 -34.25 59.05
N GLU CA 644 35.84 -35.29 58.24
CA GLU CA 644 34.62 -36.06 58.05
C GLU CA 644 34.41 -36.98 59.24
N GLN CA 645 33.18 -37.46 59.37
CA GLN CA 645 32.84 -38.33 60.48
C GLN CA 645 33.36 -39.73 60.21
N PRO CA 646 33.68 -40.49 61.25
CA PRO CA 646 33.98 -41.91 61.07
C PRO CA 646 32.70 -42.68 60.76
N THR CA 647 32.90 -43.95 60.38
CA THR CA 647 31.76 -44.76 59.96
C THR CA 647 30.87 -45.14 61.15
N ALA CA 648 31.48 -45.50 62.27
CA ALA CA 648 30.69 -45.67 63.49
C ALA CA 648 30.36 -44.32 64.09
N GLY CA 649 31.35 -43.43 64.17
CA GLY CA 649 31.10 -42.03 64.43
C GLY CA 649 31.38 -41.56 65.83
N TRP CA 650 32.57 -40.99 66.04
CA TRP CA 650 32.97 -40.20 67.20
C TRP CA 650 32.80 -40.91 68.54
N ASN CA 651 32.65 -42.21 68.53
CA ASN CA 651 32.77 -43.03 69.72
C ASN CA 651 33.76 -44.17 69.55
N SER CA 652 33.90 -44.68 68.32
CA SER CA 652 34.98 -45.61 68.03
C SER CA 652 36.28 -44.86 67.73
N ASP CA 653 36.19 -43.72 67.06
CA ASP CA 653 37.34 -42.89 66.73
C ASP CA 653 37.10 -41.51 67.33
N PRO CA 654 37.47 -41.31 68.59
CA PRO CA 654 37.23 -40.01 69.21
C PRO CA 654 38.36 -39.02 68.96
N TRP CA 655 39.19 -39.27 67.97
CA TRP CA 655 40.37 -38.44 67.75
C TRP CA 655 40.12 -37.44 66.63
N LEU CA 656 41.01 -36.46 66.55
CA LEU CA 656 40.88 -35.35 65.61
C LEU CA 656 42.29 -35.00 65.14
N ARG CA 657 42.63 -35.42 63.92
CA ARG CA 657 44.02 -35.47 63.47
C ARG CA 657 44.38 -34.16 62.77
N LEU CA 658 44.67 -33.14 63.56
CA LEU CA 658 45.01 -31.84 63.01
C LEU CA 658 46.44 -31.87 62.49
N SER CA 659 46.64 -31.44 61.25
CA SER CA 659 47.94 -31.56 60.58
C SER CA 659 48.78 -30.31 60.79
N GLY CA 660 49.99 -30.49 61.28
CA GLY CA 660 50.94 -29.45 61.61
C GLY CA 660 51.49 -29.67 63.00
N ASN CA 661 52.30 -28.73 63.45
CA ASN CA 661 52.83 -28.76 64.81
C ASN CA 661 52.08 -27.74 65.63
N LEU CA 662 51.34 -28.22 66.62
CA LEU CA 662 50.50 -27.38 67.47
C LEU CA 662 51.01 -27.51 68.90
N GLU CA 663 51.90 -26.61 69.30
CA GLU CA 663 52.35 -26.60 70.69
C GLU CA 663 51.31 -25.92 71.55
N GLY CA 664 51.08 -24.64 71.33
CA GLY CA 664 49.96 -23.95 71.93
C GLY CA 664 49.51 -22.82 71.03
N ARG CA 665 48.24 -22.86 70.63
CA ARG CA 665 47.71 -21.93 69.65
C ARG CA 665 46.19 -22.06 69.71
N MET CA 666 45.49 -20.94 69.59
CA MET CA 666 44.05 -20.93 69.79
C MET CA 666 43.35 -21.64 68.65
N VAL CA 667 42.60 -22.68 68.98
CA VAL CA 667 41.97 -23.55 68.00
C VAL CA 667 40.47 -23.57 68.26
N TYR CA 668 39.68 -23.21 67.26
CA TYR CA 668 38.23 -23.14 67.38
C TYR CA 668 37.61 -24.32 66.64
N ILE CA 669 36.90 -25.17 67.36
CA ILE CA 669 36.40 -26.42 66.82
C ILE CA 669 34.90 -26.42 66.94
N GLY CA 670 34.21 -26.82 65.87
CA GLY CA 670 32.77 -26.94 65.96
C GLY CA 670 32.20 -27.86 64.91
N PHE CA 671 30.88 -28.03 64.96
CA PHE CA 671 30.16 -28.83 63.99
C PHE CA 671 29.91 -27.97 62.75
N ASN CA 672 28.99 -28.42 61.90
CA ASN CA 672 28.59 -27.60 60.76
C ASN CA 672 27.07 -27.48 60.69
N ILE CA 673 26.63 -26.27 60.40
CA ILE CA 673 25.23 -26.00 60.11
C ILE CA 673 24.84 -26.77 58.85
N ASN CA 674 23.62 -27.27 58.82
CA ASN CA 674 23.05 -27.84 57.60
C ASN CA 674 21.94 -26.90 57.16
N PHE CA 675 22.30 -25.90 56.36
CA PHE CA 675 21.36 -24.90 55.89
C PHE CA 675 20.74 -25.37 54.58
N VAL CA 676 19.42 -25.43 54.54
CA VAL CA 676 18.68 -25.88 53.37
C VAL CA 676 17.53 -24.92 53.15
N TYR CA 677 17.31 -24.51 51.91
CA TYR CA 677 16.17 -23.66 51.59
C TYR CA 677 15.76 -23.91 50.15
N GLU CA 678 14.49 -24.22 49.93
CA GLU CA 678 13.95 -24.29 48.58
C GLU CA 678 13.23 -22.98 48.29
N PHE CA 679 13.18 -22.61 47.01
CA PHE CA 679 12.68 -21.27 46.70
C PHE CA 679 11.17 -21.23 46.65
N SER CA 680 10.58 -21.93 45.68
CA SER CA 680 9.19 -22.35 45.54
C SER CA 680 9.19 -23.05 44.20
N LYS CA 681 8.06 -23.60 43.79
CA LYS CA 681 7.91 -23.92 42.39
C LYS CA 681 7.76 -22.60 41.67
N PHE CA 682 8.71 -22.29 40.79
CA PHE CA 682 8.67 -21.04 40.04
C PHE CA 682 7.49 -21.00 39.08
N LEU CA 683 6.58 -20.04 39.26
CA LEU CA 683 5.55 -19.79 38.27
C LEU CA 683 5.17 -18.31 38.34
N ILE CA 684 4.25 -17.90 37.48
CA ILE CA 684 3.79 -16.52 37.41
C ILE CA 684 3.05 -16.16 38.69
N LYS CA 685 3.48 -15.11 39.36
CA LYS CA 685 2.80 -14.64 40.56
C LYS CA 685 2.56 -13.15 40.41
N GLN CA 686 1.34 -12.78 40.03
CA GLN CA 686 0.97 -11.39 39.80
C GLN CA 686 -0.05 -10.95 40.83
N THR CA 687 0.08 -9.71 41.29
CA THR CA 687 -0.74 -9.20 42.38
C THR CA 687 -2.13 -8.84 41.87
N ALA CA 688 -3.16 -9.41 42.48
CA ALA CA 688 -4.53 -9.26 41.99
C ALA CA 688 -5.20 -8.07 42.69
N ASP CA 689 -4.70 -6.88 42.36
CA ASP CA 689 -5.32 -5.58 42.69
C ASP CA 689 -5.46 -5.38 44.20
N ASP CA 690 -4.28 -5.29 44.84
CA ASP CA 690 -4.11 -4.77 46.21
C ASP CA 690 -4.87 -5.61 47.25
N GLY CA 691 -4.35 -6.81 47.48
CA GLY CA 691 -4.83 -7.57 48.62
C GLY CA 691 -4.85 -9.08 48.49
N SER CA 692 -4.59 -9.59 47.29
CA SER CA 692 -4.54 -11.04 47.10
C SER CA 692 -3.47 -11.34 46.06
N THR CA 693 -2.85 -12.50 46.21
CA THR CA 693 -1.85 -12.97 45.25
C THR CA 693 -2.42 -14.18 44.54
N SER CA 694 -2.91 -13.96 43.33
CA SER CA 694 -3.39 -15.05 42.48
C SER CA 694 -2.30 -15.40 41.50
N THR CA 695 -1.96 -16.69 41.46
CA THR CA 695 -0.87 -17.15 40.62
C THR CA 695 -1.46 -17.86 39.41
N GLU CA 696 -0.72 -17.83 38.31
CA GLU CA 696 -1.27 -18.14 37.00
C GLU CA 696 -0.85 -19.55 36.60
N ASP CA 697 -1.85 -20.40 36.36
CA ASP CA 697 -1.65 -21.83 36.17
C ASP CA 697 -1.74 -22.26 34.72
N ILE CA 698 -2.56 -21.58 33.91
CA ILE CA 698 -2.85 -22.02 32.56
C ILE CA 698 -1.62 -21.83 31.68
N GLY CA 699 -1.23 -22.88 30.99
CA GLY CA 699 -0.15 -22.76 30.04
C GLY CA 699 1.13 -23.37 30.56
N ARG CA 700 2.08 -23.54 29.65
CA ARG CA 700 3.37 -24.13 29.94
C ARG CA 700 4.40 -23.03 30.03
N LEU CA 701 5.13 -22.98 31.13
CA LEU CA 701 6.18 -21.99 31.34
C LEU CA 701 7.51 -22.70 31.31
N GLN CA 702 8.23 -22.56 30.20
CA GLN CA 702 9.56 -23.15 30.09
C GLN CA 702 10.58 -22.15 30.61
N LEU CA 703 11.21 -22.49 31.72
CA LEU CA 703 12.23 -21.63 32.31
C LEU CA 703 13.48 -21.59 31.44
N ARG CA 704 14.22 -20.51 31.55
CA ARG CA 704 15.55 -20.42 30.97
C ARG CA 704 16.61 -20.27 32.04
N ARG CA 705 16.53 -19.26 32.89
CA ARG CA 705 17.55 -19.02 33.91
C ARG CA 705 16.89 -18.56 35.19
N ALA CA 706 17.71 -18.45 36.23
CA ALA CA 706 17.32 -17.88 37.52
C ALA CA 706 18.55 -17.29 38.17
N TRP CA 707 18.36 -16.57 39.27
CA TRP CA 707 19.49 -15.95 39.93
C TRP CA 707 19.24 -15.81 41.41
N VAL CA 708 20.32 -15.63 42.17
CA VAL CA 708 20.27 -15.43 43.61
C VAL CA 708 21.07 -14.18 43.93
N ASN CA 709 20.38 -13.13 44.38
CA ASN CA 709 21.06 -11.92 44.82
C ASN CA 709 21.64 -12.16 46.21
N TYR CA 710 22.96 -12.08 46.32
CA TYR CA 710 23.65 -12.28 47.58
C TYR CA 710 24.43 -11.04 47.96
N GLU CA 711 24.52 -10.77 49.26
CA GLU CA 711 25.12 -9.54 49.77
C GLU CA 711 26.04 -9.86 50.92
N ASN CA 712 27.35 -9.71 50.69
CA ASN CA 712 28.41 -9.90 51.68
C ASN CA 712 28.38 -11.32 52.25
N SER CA 713 28.44 -12.30 51.35
CA SER CA 713 28.21 -13.69 51.70
C SER CA 713 29.37 -14.57 51.24
N GLY CA 714 29.31 -15.83 51.61
CA GLY CA 714 30.40 -16.75 51.34
C GLY CA 714 30.13 -17.64 50.17
N THR CA 715 30.38 -18.93 50.30
CA THR CA 715 30.19 -19.89 49.23
C THR CA 715 28.98 -20.77 49.49
N PHE CA 716 28.23 -21.06 48.43
CA PHE CA 716 27.05 -21.90 48.55
C PHE CA 716 26.78 -22.64 47.25
N ASP CA 717 25.82 -23.57 47.30
CA ASP CA 717 25.62 -24.55 46.23
C ASP CA 717 24.14 -24.66 45.87
N ILE CA 718 23.77 -24.19 44.69
CA ILE CA 718 22.36 -24.12 44.29
C ILE CA 718 22.05 -25.39 43.52
N TYR CA 719 21.56 -26.40 44.23
CA TYR CA 719 21.19 -27.65 43.59
C TYR CA 719 19.88 -27.49 42.83
N VAL CA 720 19.81 -28.05 41.63
CA VAL CA 720 18.64 -27.98 40.77
C VAL CA 720 18.26 -29.38 40.38
N GLU CA 721 17.05 -29.80 40.75
CA GLU CA 721 16.57 -31.13 40.42
C GLU CA 721 15.48 -31.01 39.38
N ASN CA 722 15.27 -32.07 38.63
CA ASN CA 722 14.31 -32.15 37.55
C ASN CA 722 13.49 -33.41 37.76
N GLN CA 723 12.75 -33.83 36.73
CA GLN CA 723 12.08 -35.12 36.81
C GLN CA 723 13.07 -36.27 36.93
N SER CA 724 14.04 -36.32 36.02
CA SER CA 724 15.03 -37.40 36.04
C SER CA 724 16.42 -36.84 35.78
N SER CA 725 16.79 -35.77 36.48
CA SER CA 725 18.08 -35.16 36.28
C SER CA 725 18.55 -34.50 37.57
N ASN CA 726 19.81 -34.12 37.60
CA ASN CA 726 20.42 -33.50 38.76
C ASN CA 726 21.52 -32.55 38.32
N TRP CA 727 21.66 -31.44 39.02
CA TRP CA 727 22.70 -30.45 38.72
C TRP CA 727 23.18 -29.80 40.01
N LYS CA 728 24.44 -29.35 40.02
CA LYS CA 728 25.03 -28.91 41.28
C LYS CA 728 25.18 -27.40 41.39
N TYR CA 729 25.89 -26.75 40.45
CA TYR CA 729 26.02 -25.29 40.35
C TYR CA 729 26.63 -24.66 41.61
N THR CA 730 27.90 -24.95 41.84
CA THR CA 730 28.60 -24.32 42.95
C THR CA 730 28.80 -22.83 42.70
N MET CA 731 29.27 -22.15 43.73
CA MET CA 731 29.55 -20.73 43.60
C MET CA 731 30.70 -20.41 44.56
N ALA CA 732 31.86 -20.09 43.98
CA ALA CA 732 33.08 -19.94 44.76
C ALA CA 732 33.10 -18.56 45.41
N GLY CA 733 34.25 -18.15 45.92
CA GLY CA 733 34.38 -16.86 46.56
C GLY CA 733 34.46 -15.73 45.56
N ALA CA 734 35.01 -14.60 46.04
CA ALA CA 734 35.17 -13.44 45.19
C ALA CA 734 36.46 -13.46 44.39
N ARG CA 735 37.12 -14.62 44.30
CA ARG CA 735 38.40 -14.90 43.61
C ARG CA 735 39.45 -13.78 43.60
N ARG CA 745 42.08 -15.14 50.62
CA ARG CA 745 41.59 -15.20 51.99
C ARG CA 745 40.13 -15.63 52.04
N LEU CA 746 39.33 -14.86 52.78
CA LEU CA 746 37.89 -15.07 52.87
C LEU CA 746 37.22 -14.76 51.54
N ASN CA 747 37.33 -13.49 51.13
CA ASN CA 747 36.75 -12.94 49.91
C ASN CA 747 35.24 -13.13 49.86
N LEU CA 748 34.56 -12.46 50.80
CA LEU CA 748 33.12 -12.39 50.74
C LEU CA 748 32.70 -11.43 49.62
N GLY CA 749 31.72 -11.85 48.82
CA GLY CA 749 31.31 -11.13 47.64
C GLY CA 749 29.89 -10.59 47.75
N THR CA 750 29.60 -9.62 46.89
CA THR CA 750 28.35 -8.87 46.96
C THR CA 750 27.77 -8.74 45.55
N GLY CA 751 27.68 -9.85 44.83
CA GLY CA 751 27.22 -9.78 43.46
C GLY CA 751 25.89 -10.46 43.19
N GLN CA 752 25.79 -11.13 42.04
CA GLN CA 752 24.56 -11.79 41.61
C GLN CA 752 24.95 -13.02 40.81
N TYR CA 753 24.80 -14.19 41.42
CA TYR CA 753 25.12 -15.45 40.75
C TYR CA 753 23.93 -15.86 39.90
N ARG CA 754 24.18 -16.17 38.64
CA ARG CA 754 23.14 -16.38 37.64
C ARG CA 754 23.27 -17.81 37.13
N PHE CA 755 22.37 -18.69 37.55
CA PHE CA 755 22.46 -20.08 37.19
C PHE CA 755 21.32 -20.48 36.27
N PRO CA 756 21.57 -21.34 35.31
CA PRO CA 756 20.49 -21.77 34.43
C PRO CA 756 19.68 -22.92 34.99
N VAL CA 757 18.36 -22.77 34.95
CA VAL CA 757 17.44 -23.86 35.24
C VAL CA 757 16.54 -24.02 34.03
N VAL CA 758 16.46 -25.23 33.51
CA VAL CA 758 15.75 -25.51 32.27
C VAL CA 758 14.72 -26.57 32.54
N GLY CA 759 13.48 -26.32 32.15
CA GLY CA 759 12.47 -27.34 32.34
C GLY CA 759 11.07 -26.78 32.16
N ASN CA 760 10.14 -27.35 32.91
CA ASN CA 760 8.72 -27.09 32.77
C ASN CA 760 8.21 -26.11 33.81
N ALA CA 761 9.01 -25.85 34.86
CA ALA CA 761 8.74 -24.99 36.02
C ALA CA 761 7.63 -25.52 36.92
N LYS CA 762 6.98 -26.60 36.50
CA LYS CA 762 6.08 -27.37 37.33
C LYS CA 762 6.81 -28.58 37.87
N PHE CA 763 8.03 -28.82 37.41
CA PHE CA 763 8.82 -29.94 37.82
C PHE CA 763 10.24 -29.57 38.24
N ASN CA 764 10.67 -28.34 38.00
CA ASN CA 764 11.94 -27.90 38.55
C ASN CA 764 11.78 -27.53 40.01
N THR CA 765 12.84 -27.76 40.77
CA THR CA 765 12.84 -27.41 42.19
C THR CA 765 14.26 -27.07 42.57
N VAL CA 766 14.51 -25.80 42.85
CA VAL CA 766 15.85 -25.32 43.15
C VAL CA 766 16.01 -25.20 44.65
N TYR CA 767 17.12 -25.70 45.17
CA TYR CA 767 17.32 -25.62 46.61
C TYR CA 767 18.77 -25.33 46.93
N ILE CA 768 18.98 -24.49 47.94
CA ILE CA 768 20.29 -23.94 48.26
C ILE CA 768 20.83 -24.58 49.53
N LEU CA 769 22.04 -25.11 49.44
CA LEU CA 769 22.78 -25.64 50.56
C LEU CA 769 23.92 -24.70 50.92
N SER CA 770 24.41 -24.82 52.14
CA SER CA 770 25.64 -24.18 52.56
C SER CA 770 26.14 -24.85 53.81
N ASP CA 771 27.39 -25.26 53.80
CA ASP CA 771 28.01 -25.86 54.96
C ASP CA 771 29.31 -25.20 55.34
N GLU CA 772 29.88 -24.36 54.48
CA GLU CA 772 31.29 -24.02 54.57
C GLU CA 772 31.54 -22.77 55.40
N THR CA 773 30.95 -22.68 56.60
CA THR CA 773 31.46 -21.91 57.74
C THR CA 773 31.35 -20.38 57.54
N THR CA 774 30.97 -19.95 56.34
CA THR CA 774 30.89 -18.55 55.98
C THR CA 774 29.45 -18.08 56.01
N PRO CA 775 29.21 -16.81 56.29
CA PRO CA 775 27.84 -16.30 56.29
C PRO CA 775 27.26 -16.26 54.88
N LEU CA 776 25.94 -16.20 54.84
CA LEU CA 776 25.17 -16.28 53.61
C LEU CA 776 24.00 -15.32 53.75
N ASN CA 777 23.85 -14.40 52.80
CA ASN CA 777 22.75 -13.44 52.85
C ASN CA 777 22.05 -13.43 51.50
N ILE CA 778 21.01 -14.23 51.35
CA ILE CA 778 20.23 -14.23 50.13
C ILE CA 778 19.19 -13.12 50.26
N ILE CA 779 19.37 -12.02 49.51
CA ILE CA 779 18.48 -10.89 49.65
C ILE CA 779 17.41 -10.83 48.57
N GLY CA 780 17.42 -11.74 47.62
CA GLY CA 780 16.37 -11.78 46.62
C GLY CA 780 16.69 -12.77 45.54
N CYS CA 781 15.68 -13.09 44.74
CA CYS CA 781 15.86 -14.00 43.63
C CYS CA 781 14.99 -13.54 42.48
N GLY CA 782 14.95 -14.34 41.44
CA GLY CA 782 14.15 -14.01 40.28
C GLY CA 782 14.53 -14.92 39.13
N TRP CA 783 13.59 -15.06 38.20
CA TRP CA 783 13.75 -16.02 37.13
C TRP CA 783 13.41 -15.39 35.79
N GLU CA 784 13.48 -16.22 34.75
CA GLU CA 784 13.37 -15.71 33.38
C GLU CA 784 12.90 -16.86 32.50
N GLY CA 785 11.61 -16.89 32.19
CA GLY CA 785 11.01 -18.03 31.51
C GLY CA 785 10.56 -17.74 30.09
N ASN CA 786 9.70 -18.59 29.51
CA ASN CA 786 9.23 -18.37 28.15
C ASN CA 786 7.72 -18.11 28.11
N TYR CA 787 6.90 -19.06 28.60
CA TYR CA 787 5.45 -18.89 28.80
C TYR CA 787 4.65 -18.53 27.54
N LEU CA 788 4.47 -19.47 26.63
CA LEU CA 788 3.43 -19.34 25.63
C LEU CA 788 2.13 -19.95 26.17
N ARG CA 789 1.01 -19.27 25.89
CA ARG CA 789 -0.28 -19.67 26.38
C ARG CA 789 -1.25 -19.84 25.22
N ARG CA 790 -1.73 -21.06 25.02
CA ARG CA 790 -2.67 -21.34 23.93
C ARG CA 790 -4.10 -21.20 24.40
N SER CA 791 -4.42 -20.02 24.95
CA SER CA 791 -5.78 -19.65 25.34
C SER CA 791 -5.81 -18.14 25.50
N SER CA 792 -6.88 -17.63 26.09
CA SER CA 792 -6.96 -16.22 26.43
C SER CA 792 -7.65 -16.12 27.79
N GLY CA 793 -8.02 -14.92 28.19
CA GLY CA 793 -8.52 -14.69 29.53
C GLY CA 793 -10.02 -14.60 29.60
N ILE CA 794 -10.53 -13.38 29.71
CA ILE CA 794 -11.95 -13.05 29.83
C ILE CA 794 -12.64 -13.80 30.96
N ALA DA 2 -13.48 -17.57 21.59
CA ALA DA 2 -12.25 -17.96 20.92
C ALA DA 2 -11.24 -18.49 21.93
N LEU DA 3 -11.45 -19.75 22.33
CA LEU DA 3 -10.53 -20.54 23.13
C LEU DA 3 -10.25 -19.90 24.49
N ILE DA 4 -11.26 -19.84 25.31
CA ILE DA 4 -11.21 -19.29 26.65
C ILE DA 4 -10.76 -20.37 27.61
N SER DA 5 -9.99 -20.01 28.64
CA SER DA 5 -9.67 -20.93 29.71
C SER DA 5 -9.76 -20.25 31.06
N GLN DA 6 -10.22 -21.00 32.05
CA GLN DA 6 -10.26 -20.56 33.43
C GLN DA 6 -9.58 -21.61 34.28
N SER DA 7 -9.31 -21.27 35.53
CA SER DA 7 -8.74 -22.22 36.48
C SER DA 7 -9.40 -21.98 37.83
N ILE DA 8 -10.44 -22.74 38.12
CA ILE DA 8 -11.07 -22.70 39.44
C ILE DA 8 -10.08 -23.36 40.41
N LYS DA 9 -9.43 -22.54 41.24
CA LYS DA 9 -8.23 -23.03 41.88
C LYS DA 9 -8.41 -23.50 43.32
N ASN DA 10 -9.50 -23.14 43.99
CA ASN DA 10 -9.63 -23.49 45.41
C ASN DA 10 -10.97 -24.14 45.69
N LEU DA 11 -11.08 -25.44 45.48
CA LEU DA 11 -12.36 -26.12 45.65
C LEU DA 11 -12.68 -26.44 47.11
N LYS DA 12 -12.56 -25.44 47.98
CA LYS DA 12 -13.12 -25.54 49.32
C LYS DA 12 -14.64 -25.56 49.26
N GLY DA 13 -15.23 -24.48 48.75
CA GLY DA 13 -16.55 -24.55 48.17
C GLY DA 13 -17.72 -24.85 49.06
N GLY DA 14 -18.20 -26.07 48.97
CA GLY DA 14 -19.46 -26.40 49.58
C GLY DA 14 -20.60 -26.22 48.60
N ILE DA 15 -21.65 -27.00 48.82
CA ILE DA 15 -22.83 -26.97 47.98
C ILE DA 15 -23.46 -25.59 48.03
N SER DA 16 -24.05 -25.19 46.92
CA SER DA 16 -24.90 -24.01 46.92
C SER DA 16 -25.99 -24.23 45.90
N GLN DA 17 -27.24 -24.25 46.35
CA GLN DA 17 -28.37 -24.46 45.47
C GLN DA 17 -28.90 -23.16 44.89
N GLN DA 18 -28.06 -22.13 44.82
CA GLN DA 18 -28.33 -20.98 43.99
C GLN DA 18 -28.31 -21.39 42.53
N PRO DA 19 -28.92 -20.60 41.62
CA PRO DA 19 -28.84 -20.94 40.20
C PRO DA 19 -27.44 -20.84 39.61
N ASP DA 20 -27.35 -21.15 38.32
CA ASP DA 20 -26.05 -21.26 37.68
C ASP DA 20 -25.38 -19.91 37.53
N ILE DA 21 -26.13 -18.91 37.06
CA ILE DA 21 -25.60 -17.56 36.97
C ILE DA 21 -25.97 -16.88 38.29
N LEU DA 22 -25.42 -17.38 39.39
CA LEU DA 22 -25.43 -16.69 40.68
C LEU DA 22 -24.15 -16.95 41.45
N ARG DA 23 -23.53 -18.10 41.18
CA ARG DA 23 -22.61 -18.69 42.13
C ARG DA 23 -21.28 -17.96 42.15
N TYR DA 24 -20.49 -18.31 43.16
CA TYR DA 24 -19.07 -18.01 43.18
C TYR DA 24 -18.41 -19.09 42.34
N PRO DA 25 -17.09 -19.10 42.16
CA PRO DA 25 -16.45 -20.34 41.73
C PRO DA 25 -16.48 -21.40 42.81
N ASP DA 26 -15.93 -22.55 42.49
CA ASP DA 26 -15.49 -23.59 43.42
C ASP DA 26 -16.55 -24.26 44.28
N GLN DA 27 -17.81 -23.89 44.13
CA GLN DA 27 -18.79 -24.35 45.09
C GLN DA 27 -19.28 -25.77 44.86
N GLY DA 28 -20.01 -26.01 43.77
CA GLY DA 28 -20.54 -27.34 43.61
C GLY DA 28 -22.03 -27.44 43.81
N SER DA 29 -22.65 -28.48 43.28
CA SER DA 29 -24.09 -28.62 43.39
C SER DA 29 -24.54 -29.74 44.29
N ARG DA 30 -23.69 -30.75 44.51
CA ARG DA 30 -23.85 -31.67 45.63
C ARG DA 30 -22.51 -32.31 45.97
N GLN DA 31 -22.24 -32.44 47.26
CA GLN DA 31 -20.99 -32.90 47.83
C GLN DA 31 -21.31 -33.87 48.96
N VAL DA 32 -20.95 -35.14 48.79
CA VAL DA 32 -21.27 -36.17 49.76
C VAL DA 32 -19.96 -36.77 50.26
N ASN DA 33 -19.86 -36.93 51.58
CA ASN DA 33 -18.72 -37.56 52.28
C ASN DA 33 -17.42 -36.82 52.06
N GLY DA 34 -17.48 -35.54 51.72
CA GLY DA 34 -16.29 -34.76 51.45
C GLY DA 34 -15.78 -34.05 52.69
N TRP DA 35 -14.64 -33.40 52.52
CA TRP DA 35 -13.99 -32.67 53.59
C TRP DA 35 -13.06 -31.64 53.00
N SER DA 36 -13.42 -30.38 53.14
CA SER DA 36 -12.78 -29.30 52.39
C SER DA 36 -11.82 -28.55 53.30
N SER DA 37 -10.61 -29.07 53.44
CA SER DA 37 -9.63 -28.35 54.22
C SER DA 37 -9.09 -27.18 53.43
N GLU DA 38 -8.36 -26.30 54.13
CA GLU DA 38 -7.85 -25.09 53.50
C GLU DA 38 -6.68 -25.38 52.57
N THR DA 39 -5.60 -25.94 53.13
CA THR DA 39 -4.40 -26.13 52.34
C THR DA 39 -4.51 -27.34 51.42
N GLU DA 40 -4.66 -28.52 52.01
CA GLU DA 40 -5.03 -29.68 51.21
C GLU DA 40 -6.46 -29.50 50.73
N GLY DA 41 -6.69 -29.86 49.47
CA GLY DA 41 -7.88 -29.39 48.79
C GLY DA 41 -9.22 -29.93 49.22
N LEU DA 42 -9.48 -31.20 48.93
CA LEU DA 42 -10.80 -31.77 49.12
C LEU DA 42 -10.63 -33.27 49.28
N GLN DA 43 -10.78 -33.75 50.50
CA GLN DA 43 -10.41 -35.11 50.82
C GLN DA 43 -11.64 -36.00 50.96
N LYS DA 44 -11.41 -37.30 50.86
CA LYS DA 44 -12.39 -38.23 51.37
C LYS DA 44 -12.37 -38.16 52.89
N ARG DA 45 -13.54 -38.22 53.50
CA ARG DA 45 -13.71 -37.99 54.94
C ARG DA 45 -13.02 -39.08 55.75
N PRO DA 46 -12.71 -38.83 57.02
CA PRO DA 46 -12.08 -39.84 57.85
C PRO DA 46 -12.97 -41.04 58.06
N PRO DA 47 -12.40 -42.23 58.17
CA PRO DA 47 -13.14 -43.45 57.84
C PRO DA 47 -13.93 -44.17 58.92
N LEU DA 48 -14.27 -43.53 60.04
CA LEU DA 48 -15.21 -44.08 61.04
C LEU DA 48 -14.73 -45.40 61.66
N VAL DA 49 -13.71 -45.33 62.51
CA VAL DA 49 -13.17 -46.52 63.16
C VAL DA 49 -14.20 -47.12 64.09
N PHE DA 50 -14.36 -48.44 64.04
CA PHE DA 50 -15.37 -49.13 64.82
C PHE DA 50 -14.98 -49.20 66.28
N LEU DA 51 -15.98 -49.05 67.15
CA LEU DA 51 -15.89 -49.38 68.56
C LEU DA 51 -17.09 -50.25 68.90
N ASN DA 52 -17.15 -50.74 70.14
CA ASN DA 52 -18.04 -51.83 70.50
C ASN DA 52 -19.51 -51.45 70.37
N THR DA 53 -20.31 -52.41 69.93
CA THR DA 53 -21.73 -52.18 69.70
C THR DA 53 -22.48 -52.05 71.02
N LEU DA 54 -23.75 -51.67 70.91
CA LEU DA 54 -24.53 -51.33 72.09
C LEU DA 54 -25.64 -52.33 72.33
N GLY DA 55 -26.52 -52.55 71.37
CA GLY DA 55 -27.56 -53.54 71.53
C GLY DA 55 -28.39 -53.78 70.29
N ASP DA 56 -29.68 -54.02 70.47
CA ASP DA 56 -30.58 -54.25 69.35
C ASP DA 56 -31.01 -52.94 68.72
N ASN DA 57 -32.06 -52.99 67.88
CA ASN DA 57 -32.54 -51.78 67.24
C ASN DA 57 -33.19 -50.85 68.24
N GLY DA 58 -33.99 -51.40 69.14
CA GLY DA 58 -34.64 -50.58 70.13
C GLY DA 58 -33.92 -50.61 71.47
N ALA DA 59 -32.61 -50.83 71.43
CA ALA DA 59 -31.83 -50.80 72.68
C ALA DA 59 -31.74 -49.39 73.21
N LEU DA 60 -31.71 -48.42 72.32
CA LEU DA 60 -31.96 -47.04 72.69
C LEU DA 60 -33.37 -46.70 72.24
N GLY DA 61 -33.83 -45.52 72.61
CA GLY DA 61 -35.18 -45.11 72.29
C GLY DA 61 -35.34 -44.83 70.80
N GLN DA 62 -36.58 -44.58 70.42
CA GLN DA 62 -36.84 -44.27 69.03
C GLN DA 62 -36.25 -42.92 68.64
N ALA DA 63 -36.15 -41.98 69.59
CA ALA DA 63 -35.51 -40.69 69.34
C ALA DA 63 -34.90 -40.16 70.62
N PRO DA 64 -33.78 -40.73 71.06
CA PRO DA 64 -33.26 -40.44 72.40
C PRO DA 64 -32.50 -39.14 72.46
N TYR DA 65 -32.09 -38.79 73.69
CA TYR DA 65 -31.31 -37.59 73.97
C TYR DA 65 -29.94 -38.02 74.46
N ILE DA 66 -28.89 -37.46 73.86
CA ILE DA 66 -27.51 -37.87 74.10
C ILE DA 66 -26.75 -36.67 74.61
N HIS DA 67 -25.87 -36.88 75.59
CA HIS DA 67 -25.06 -35.77 76.08
C HIS DA 67 -23.72 -36.31 76.56
N LEU DA 68 -22.64 -35.89 75.92
CA LEU DA 68 -21.32 -36.40 76.24
C LEU DA 68 -20.75 -35.65 77.44
N ILE DA 69 -19.95 -36.34 78.24
CA ILE DA 69 -19.39 -35.80 79.46
C ILE DA 69 -17.87 -35.90 79.38
N ASN DA 70 -17.18 -34.77 79.42
CA ASN DA 70 -15.72 -34.75 79.55
C ASN DA 70 -15.36 -34.12 80.88
N ARG DA 71 -15.31 -34.93 81.94
CA ARG DA 71 -14.74 -34.41 83.17
C ARG DA 71 -13.23 -34.38 83.11
N ASP DA 72 -12.61 -35.53 82.85
CA ASP DA 72 -11.17 -35.59 82.78
C ASP DA 72 -10.72 -36.22 81.47
N GLU DA 73 -9.42 -36.50 81.37
CA GLU DA 73 -8.90 -37.22 80.21
C GLU DA 73 -9.12 -38.72 80.33
N HIS DA 74 -9.38 -39.22 81.53
CA HIS DA 74 -9.64 -40.63 81.76
C HIS DA 74 -11.00 -40.82 82.43
N GLU DA 75 -11.95 -39.95 82.12
CA GLU DA 75 -13.29 -40.05 82.66
C GLU DA 75 -14.24 -39.45 81.63
N GLN DA 76 -14.76 -40.30 80.74
CA GLN DA 76 -15.54 -39.87 79.59
C GLN DA 76 -16.73 -40.79 79.44
N TYR DA 77 -17.92 -40.20 79.31
CA TYR DA 77 -19.14 -41.01 79.31
C TYR DA 77 -20.16 -40.41 78.37
N TYR DA 78 -20.97 -41.26 77.76
CA TYR DA 78 -22.23 -40.87 77.16
C TYR DA 78 -23.33 -40.86 78.20
N ALA DA 79 -24.51 -40.42 77.77
CA ALA DA 79 -25.72 -40.51 78.57
C ALA DA 79 -26.91 -40.48 77.62
N VAL DA 80 -27.47 -41.65 77.33
CA VAL DA 80 -28.60 -41.77 76.44
C VAL DA 80 -29.88 -41.79 77.26
N PHE DA 81 -30.83 -40.95 76.89
CA PHE DA 81 -32.12 -40.87 77.57
C PHE DA 81 -33.17 -41.53 76.70
N THR DA 82 -33.31 -42.83 76.87
CA THR DA 82 -34.39 -43.61 76.33
C THR DA 82 -35.71 -43.11 76.91
N GLY DA 83 -36.81 -43.36 76.20
CA GLY DA 83 -38.13 -43.04 76.72
C GLY DA 83 -38.51 -43.80 77.98
N SER DA 84 -37.78 -44.85 78.33
CA SER DA 84 -37.94 -45.55 79.60
C SER DA 84 -36.55 -45.76 80.19
N GLY DA 85 -36.08 -44.80 80.98
CA GLY DA 85 -34.87 -44.99 81.75
C GLY DA 85 -33.63 -44.48 81.06
N ILE DA 86 -32.50 -44.68 81.73
CA ILE DA 86 -31.21 -44.19 81.26
C ILE DA 86 -30.29 -45.39 81.08
N ARG DA 87 -29.58 -45.43 79.96
CA ARG DA 87 -28.38 -46.23 79.80
C ARG DA 87 -27.21 -45.26 79.75
N VAL DA 88 -26.03 -45.73 80.12
CA VAL DA 88 -24.82 -44.92 80.06
C VAL DA 88 -23.71 -45.75 79.45
N PHE DA 89 -23.11 -45.24 78.38
CA PHE DA 89 -22.05 -45.96 77.71
C PHE DA 89 -20.72 -45.24 77.90
N ASP DA 90 -19.67 -46.03 78.03
CA ASP DA 90 -18.33 -45.50 78.07
C ASP DA 90 -17.90 -45.08 76.67
N LEU DA 91 -16.78 -44.37 76.58
CA LEU DA 91 -16.32 -44.01 75.26
C LEU DA 91 -15.54 -45.11 74.59
N SER DA 92 -15.28 -46.21 75.27
CA SER DA 92 -14.66 -47.35 74.64
C SER DA 92 -15.66 -48.39 74.17
N GLY DA 93 -16.93 -48.22 74.52
CA GLY DA 93 -17.94 -49.12 74.02
C GLY DA 93 -18.55 -50.00 75.07
N ASN DA 94 -18.16 -49.82 76.32
CA ASN DA 94 -18.66 -50.62 77.42
C ASN DA 94 -19.99 -50.04 77.90
N GLU DA 95 -20.44 -50.50 79.06
CA GLU DA 95 -21.68 -49.97 79.61
C GLU DA 95 -21.63 -50.05 81.13
N LYS DA 96 -21.93 -48.93 81.77
CA LYS DA 96 -22.09 -48.88 83.21
C LYS DA 96 -23.56 -49.07 83.55
N GLN DA 97 -23.85 -49.40 84.80
CA GLN DA 97 -25.22 -49.55 85.24
C GLN DA 97 -25.76 -48.25 85.80
N VAL DA 98 -27.07 -48.07 85.70
CA VAL DA 98 -27.74 -46.84 86.09
C VAL DA 98 -28.73 -47.21 87.19
N ARG DA 99 -28.40 -46.86 88.43
CA ARG DA 99 -29.29 -47.16 89.54
C ARG DA 99 -30.39 -46.12 89.63
N TYR DA 100 -31.38 -46.42 90.46
CA TYR DA 100 -32.55 -45.54 90.64
C TYR DA 100 -33.01 -45.65 92.08
N PRO DA 101 -32.28 -45.06 93.03
CA PRO DA 101 -32.65 -45.23 94.45
C PRO DA 101 -33.86 -44.45 94.86
N ASN DA 102 -34.23 -43.42 94.12
CA ASN DA 102 -35.38 -42.58 94.44
C ASN DA 102 -36.57 -42.90 93.56
N GLY DA 103 -36.45 -43.92 92.72
CA GLY DA 103 -37.46 -44.19 91.70
C GLY DA 103 -37.22 -43.35 90.48
N SER DA 104 -37.48 -43.86 89.28
CA SER DA 104 -37.15 -43.05 88.13
C SER DA 104 -38.21 -41.99 87.89
N ASN DA 105 -39.36 -42.38 87.32
CA ASN DA 105 -40.61 -41.62 87.22
C ASN DA 105 -40.47 -40.18 86.72
N TYR DA 106 -39.33 -39.85 86.12
CA TYR DA 106 -38.97 -38.50 85.73
C TYR DA 106 -38.31 -38.46 84.37
N ILE DA 107 -37.79 -39.60 83.90
CA ILE DA 107 -37.23 -39.70 82.56
C ILE DA 107 -38.27 -40.24 81.59
N LYS DA 108 -39.32 -40.87 82.10
CA LYS DA 108 -40.33 -41.53 81.26
C LYS DA 108 -41.13 -40.49 80.49
N THR DA 109 -40.82 -40.32 79.22
CA THR DA 109 -41.48 -39.35 78.36
C THR DA 109 -41.60 -39.96 76.98
N ALA DA 110 -42.71 -39.66 76.29
CA ALA DA 110 -42.91 -40.16 74.94
C ALA DA 110 -41.92 -39.57 73.94
N ASN DA 111 -41.41 -38.37 74.20
CA ASN DA 111 -40.48 -37.70 73.31
C ASN DA 111 -39.34 -37.11 74.13
N PRO DA 112 -38.25 -37.83 74.30
CA PRO DA 112 -37.24 -37.40 75.26
C PRO DA 112 -36.35 -36.27 74.79
N ARG DA 113 -36.09 -36.15 73.49
CA ARG DA 113 -35.23 -35.07 73.03
C ARG DA 113 -35.95 -33.74 72.98
N ASN DA 114 -37.26 -33.74 72.91
CA ASN DA 114 -38.04 -32.53 72.94
C ASN DA 114 -38.27 -32.06 74.37
N ASP DA 115 -38.00 -32.87 75.33
CA ASP DA 115 -38.61 -32.60 76.62
C ASP DA 115 -37.65 -32.74 77.80
N LEU DA 116 -36.63 -33.55 77.70
CA LEU DA 116 -35.62 -33.65 78.74
C LEU DA 116 -34.41 -32.82 78.38
N ARG DA 117 -33.65 -32.42 79.40
CA ARG DA 117 -32.39 -31.74 79.19
C ARG DA 117 -31.32 -32.37 80.06
N MET DA 118 -30.07 -31.96 79.82
CA MET DA 118 -28.95 -32.25 80.70
C MET DA 118 -27.93 -31.13 80.59
N VAL DA 119 -27.58 -30.54 81.72
CA VAL DA 119 -26.53 -29.52 81.79
C VAL DA 119 -25.47 -30.03 82.75
N THR DA 120 -24.25 -30.15 82.26
CA THR DA 120 -23.19 -30.82 83.00
C THR DA 120 -22.11 -29.81 83.35
N VAL DA 121 -21.77 -29.73 84.63
CA VAL DA 121 -20.74 -28.82 85.11
C VAL DA 121 -19.65 -29.71 85.70
N ALA DA 122 -18.55 -29.13 86.17
CA ALA DA 122 -17.37 -29.90 86.53
C ALA DA 122 -17.58 -30.73 87.80
N ASP DA 123 -18.48 -30.31 88.68
CA ASP DA 123 -18.70 -31.05 89.91
C ASP DA 123 -20.01 -31.82 89.94
N TYR DA 124 -21.03 -31.33 89.27
CA TYR DA 124 -22.35 -31.94 89.31
C TYR DA 124 -22.87 -32.17 87.91
N THR DA 125 -23.89 -33.00 87.80
CA THR DA 125 -24.71 -33.06 86.61
C THR DA 125 -26.15 -32.75 86.99
N PHE DA 126 -26.92 -32.24 86.03
CA PHE DA 126 -28.30 -31.86 86.30
C PHE DA 126 -29.14 -32.22 85.10
N ILE DA 127 -30.26 -32.88 85.33
CA ILE DA 127 -31.22 -33.17 84.28
C ILE DA 127 -32.54 -32.53 84.63
N VAL DA 128 -33.21 -31.95 83.64
CA VAL DA 128 -34.47 -31.24 83.83
C VAL DA 128 -35.50 -31.82 82.88
N ASN DA 129 -36.63 -32.23 83.42
CA ASN DA 129 -37.78 -32.54 82.60
C ASN DA 129 -38.57 -31.25 82.40
N ARG DA 130 -38.90 -30.95 81.15
CA ARG DA 130 -39.66 -29.75 80.81
C ARG DA 130 -41.15 -30.00 80.80
N ASN DA 131 -41.59 -31.13 81.31
CA ASN DA 131 -42.99 -31.44 81.32
C ASN DA 131 -43.54 -31.59 82.74
N VAL DA 132 -42.69 -31.76 83.74
CA VAL DA 132 -43.13 -31.97 85.10
C VAL DA 132 -43.22 -30.63 85.80
N VAL DA 133 -44.41 -30.30 86.27
CA VAL DA 133 -44.65 -29.06 86.99
C VAL DA 133 -44.11 -29.23 88.40
N ALA DA 134 -43.28 -28.29 88.83
CA ALA DA 134 -42.68 -28.33 90.16
C ALA DA 134 -43.76 -28.04 91.19
N GLN DA 135 -44.20 -29.06 91.91
CA GLN DA 135 -45.33 -28.90 92.79
C GLN DA 135 -44.92 -28.42 94.17
N LYS DA 136 -45.81 -27.65 94.77
CA LYS DA 136 -45.65 -27.19 96.14
C LYS DA 136 -45.79 -28.36 97.10
N ASN DA 137 -44.89 -28.43 98.07
CA ASN DA 137 -45.02 -29.44 99.12
C ASN DA 137 -46.14 -29.00 100.07
N THR DA 138 -47.12 -29.86 100.23
CA THR DA 138 -48.05 -29.76 101.33
C THR DA 138 -47.60 -30.72 102.43
N LYS DA 139 -48.43 -30.86 103.47
CA LYS DA 139 -48.28 -31.77 104.62
C LYS DA 139 -46.89 -31.76 105.26
N SER DA 140 -46.17 -30.65 105.17
CA SER DA 140 -44.92 -30.47 105.86
C SER DA 140 -44.79 -29.06 106.43
N VAL DA 141 -45.88 -28.54 106.99
CA VAL DA 141 -45.85 -27.20 107.57
C VAL DA 141 -45.01 -27.22 108.84
N ASN DA 142 -44.55 -26.03 109.24
CA ASN DA 142 -43.68 -25.94 110.42
C ASN DA 142 -44.47 -26.24 111.68
N LEU DA 143 -45.44 -25.40 111.98
CA LEU DA 143 -46.34 -25.64 113.09
C LEU DA 143 -47.75 -25.76 112.54
N PRO DA 144 -48.50 -26.79 112.96
CA PRO DA 144 -49.73 -27.16 112.24
C PRO DA 144 -50.82 -26.11 112.18
N ASN DA 145 -51.30 -25.65 113.33
CA ASN DA 145 -52.35 -24.65 113.35
C ASN DA 145 -51.87 -23.35 113.98
N TYR DA 146 -51.37 -23.41 115.21
CA TYR DA 146 -50.79 -22.30 115.96
C TYR DA 146 -51.77 -21.15 116.07
N ASN DA 147 -52.80 -21.30 116.90
CA ASN DA 147 -53.61 -20.16 117.30
C ASN DA 147 -52.69 -19.09 117.86
N PRO DA 148 -52.54 -17.97 117.14
CA PRO DA 148 -51.46 -17.03 117.47
C PRO DA 148 -51.71 -16.20 118.70
N ASN DA 149 -52.90 -16.29 119.28
CA ASN DA 149 -53.15 -15.69 120.57
C ASN DA 149 -53.78 -16.71 121.50
N GLN DA 150 -53.19 -17.89 121.58
CA GLN DA 150 -53.60 -18.91 122.53
C GLN DA 150 -52.76 -18.91 123.80
N ASP DA 151 -51.47 -18.63 123.68
CA ASP DA 151 -50.60 -18.53 124.83
C ASP DA 151 -50.48 -17.07 125.25
N GLY DA 152 -49.70 -16.82 126.29
CA GLY DA 152 -49.47 -15.46 126.73
C GLY DA 152 -48.44 -15.44 127.85
N LEU DA 153 -47.82 -14.27 128.01
CA LEU DA 153 -46.82 -14.08 129.04
C LEU DA 153 -47.07 -12.80 129.82
N ILE DA 154 -47.01 -12.90 131.14
CA ILE DA 154 -47.00 -11.76 132.05
C ILE DA 154 -45.65 -11.76 132.76
N ASN DA 155 -44.78 -10.84 132.38
CA ASN DA 155 -43.51 -10.68 133.08
C ASN DA 155 -43.77 -10.05 134.43
N VAL DA 156 -42.91 -10.32 135.40
CA VAL DA 156 -42.96 -9.67 136.70
C VAL DA 156 -41.57 -9.16 137.04
N ARG DA 157 -41.50 -7.95 137.62
CA ARG DA 157 -40.22 -7.32 137.88
C ARG DA 157 -40.17 -6.63 139.24
N GLY DA 158 -41.14 -6.88 140.12
CA GLY DA 158 -40.89 -6.61 141.53
C GLY DA 158 -41.47 -5.42 142.28
N GLY DA 159 -42.76 -5.13 142.15
CA GLY DA 159 -43.44 -4.46 143.25
C GLY DA 159 -43.46 -2.96 143.38
N GLN DA 160 -42.51 -2.41 144.16
CA GLN DA 160 -42.35 -1.00 144.49
C GLN DA 160 -43.49 -0.43 145.35
N TYR DA 161 -43.75 -1.08 146.50
CA TYR DA 161 -44.35 -0.47 147.71
C TYR DA 161 -45.72 0.15 147.48
N GLY DA 162 -46.63 -0.66 147.01
CA GLY DA 162 -48.03 -0.33 147.06
C GLY DA 162 -48.56 0.18 145.74
N ARG DA 163 -49.04 -0.77 144.95
CA ARG DA 163 -49.73 -0.53 143.70
C ARG DA 163 -50.64 -1.73 143.47
N GLU DA 164 -51.55 -1.60 142.52
CA GLU DA 164 -52.41 -2.70 142.16
C GLU DA 164 -51.81 -3.45 140.99
N LEU DA 165 -51.92 -4.78 141.02
CA LEU DA 165 -51.42 -5.64 139.97
C LEU DA 165 -52.58 -6.48 139.45
N ILE DA 166 -53.09 -6.11 138.29
CA ILE DA 166 -54.33 -6.67 137.75
C ILE DA 166 -54.03 -7.27 136.39
N VAL DA 167 -54.46 -8.52 136.17
CA VAL DA 167 -54.23 -9.21 134.91
C VAL DA 167 -55.57 -9.59 134.30
N HIS DA 168 -56.03 -8.84 133.30
CA HIS DA 168 -57.24 -9.18 132.57
C HIS DA 168 -56.97 -10.31 131.59
N ILE DA 169 -57.64 -11.42 131.78
CA ILE DA 169 -57.71 -12.47 130.77
C ILE DA 169 -59.19 -12.63 130.43
N ASN DA 170 -59.49 -12.59 129.13
CA ASN DA 170 -60.78 -12.93 128.54
C ASN DA 170 -61.88 -11.98 129.01
N GLY DA 171 -61.52 -10.80 129.49
CA GLY DA 171 -62.52 -9.81 129.83
C GLY DA 171 -62.75 -9.63 131.32
N LYS DA 172 -62.63 -10.71 132.09
CA LYS DA 172 -62.86 -10.64 133.52
C LYS DA 172 -61.67 -10.01 134.23
N ASP DA 173 -61.87 -9.68 135.51
CA ASP DA 173 -60.85 -9.01 136.31
C ASP DA 173 -60.11 -10.05 137.16
N VAL DA 174 -59.33 -10.87 136.46
CA VAL DA 174 -58.62 -11.96 137.11
C VAL DA 174 -57.42 -11.40 137.85
N ALA DA 175 -57.07 -12.04 138.98
CA ALA DA 175 -55.77 -11.92 139.63
C ALA DA 175 -55.40 -10.52 140.11
N LYS DA 176 -56.12 -10.01 141.10
CA LYS DA 176 -55.80 -8.74 141.73
C LYS DA 176 -54.89 -8.94 142.92
N TYR DA 177 -53.91 -8.05 143.08
CA TYR DA 177 -53.14 -8.01 144.31
C TYR DA 177 -52.61 -6.61 144.55
N LYS DA 178 -52.66 -6.19 145.81
CA LYS DA 178 -52.11 -4.92 146.24
C LYS DA 178 -50.83 -5.17 147.02
N ILE DA 179 -49.73 -4.61 146.56
CA ILE DA 179 -48.48 -4.59 147.34
C ILE DA 179 -48.73 -3.79 148.61
N PRO DA 180 -48.22 -4.20 149.76
CA PRO DA 180 -48.55 -3.49 151.00
C PRO DA 180 -48.00 -2.08 151.12
N ASP DA 181 -48.25 -1.47 152.29
CA ASP DA 181 -47.95 -0.06 152.51
C ASP DA 181 -46.45 0.21 152.55
N GLY DA 182 -45.66 -0.75 152.99
CA GLY DA 182 -44.25 -0.55 153.16
C GLY DA 182 -43.84 0.01 154.51
N SER DA 183 -44.78 0.12 155.44
CA SER DA 183 -44.47 0.70 156.74
C SER DA 183 -43.73 -0.29 157.64
N GLN DA 184 -44.27 -1.48 157.78
CA GLN DA 184 -43.62 -2.49 158.57
C GLN DA 184 -42.46 -3.11 157.80
N PRO DA 185 -41.37 -3.46 158.48
CA PRO DA 185 -40.17 -3.89 157.75
C PRO DA 185 -40.28 -5.29 157.16
N GLU DA 186 -41.30 -6.06 157.52
CA GLU DA 186 -41.41 -7.39 156.93
C GLU DA 186 -42.10 -7.35 155.59
N HIS DA 187 -42.70 -6.21 155.22
CA HIS DA 187 -43.35 -6.10 153.92
C HIS DA 187 -42.38 -5.93 152.77
N VAL DA 188 -41.07 -5.93 153.03
CA VAL DA 188 -40.14 -5.81 151.92
C VAL DA 188 -40.01 -7.16 151.23
N ASN DA 189 -40.45 -8.23 151.88
CA ASN DA 189 -40.45 -9.54 151.24
C ASN DA 189 -41.45 -9.60 150.09
N ASN DA 190 -42.48 -8.78 150.13
CA ASN DA 190 -43.57 -8.90 149.16
C ASN DA 190 -43.28 -8.21 147.85
N THR DA 191 -42.14 -7.56 147.69
CA THR DA 191 -41.75 -7.00 146.41
C THR DA 191 -40.75 -7.88 145.68
N ASP DA 192 -40.51 -9.08 146.21
CA ASP DA 192 -39.82 -10.14 145.49
C ASP DA 192 -40.60 -10.47 144.23
N ALA DA 193 -39.88 -10.69 143.13
CA ALA DA 193 -40.57 -10.92 141.86
C ALA DA 193 -41.16 -12.32 141.80
N GLN DA 194 -40.48 -13.30 142.38
CA GLN DA 194 -40.97 -14.67 142.28
C GLN DA 194 -42.11 -14.92 143.24
N TRP DA 195 -42.09 -14.29 144.41
CA TRP DA 195 -43.22 -14.38 145.33
C TRP DA 195 -44.45 -13.76 144.71
N LEU DA 196 -44.27 -12.62 144.06
CA LEU DA 196 -45.35 -11.95 143.36
C LEU DA 196 -45.84 -12.79 142.20
N ALA DA 197 -44.92 -13.46 141.51
CA ALA DA 197 -45.30 -14.33 140.40
C ALA DA 197 -46.11 -15.51 140.86
N GLU DA 198 -45.72 -16.13 141.98
CA GLU DA 198 -46.45 -17.29 142.46
C GLU DA 198 -47.79 -16.90 143.04
N GLU DA 199 -47.90 -15.71 143.65
CA GLU DA 199 -49.21 -15.26 144.12
C GLU DA 199 -50.13 -14.91 142.95
N LEU DA 200 -49.60 -14.26 141.92
CA LEU DA 200 -50.40 -13.95 140.74
C LEU DA 200 -50.81 -15.24 140.02
N ALA DA 201 -49.96 -16.26 140.02
CA ALA DA 201 -50.32 -17.51 139.38
C ALA DA 201 -51.31 -18.31 140.22
N LYS DA 202 -51.28 -18.17 141.54
CA LYS DA 202 -52.27 -18.85 142.37
C LYS DA 202 -53.65 -18.21 142.18
N GLN DA 203 -53.69 -16.88 142.15
CA GLN DA 203 -54.91 -16.16 141.76
C GLN DA 203 -55.37 -16.57 140.37
N MET DA 204 -54.43 -16.77 139.44
CA MET DA 204 -54.73 -17.12 138.07
C MET DA 204 -55.36 -18.51 137.98
N ARG DA 205 -54.80 -19.48 138.70
CA ARG DA 205 -55.33 -20.83 138.68
C ARG DA 205 -56.69 -20.90 139.36
N THR DA 206 -56.90 -20.13 140.43
CA THR DA 206 -58.19 -20.19 141.09
C THR DA 206 -59.28 -19.46 140.31
N ASN DA 207 -58.93 -18.43 139.54
CA ASN DA 207 -59.95 -17.63 138.89
C ASN DA 207 -60.09 -17.96 137.41
N LEU DA 208 -59.45 -19.02 136.94
CA LEU DA 208 -59.70 -19.55 135.61
C LEU DA 208 -59.86 -21.06 135.70
N SER DA 209 -60.51 -21.63 134.69
CA SER DA 209 -60.96 -23.02 134.84
C SER DA 209 -59.85 -24.02 134.55
N ASP DA 210 -59.42 -24.12 133.30
CA ASP DA 210 -58.40 -25.13 133.00
C ASP DA 210 -57.02 -24.52 132.96
N TRP DA 211 -56.79 -23.65 131.97
CA TRP DA 211 -55.82 -22.56 131.92
C TRP DA 211 -54.48 -22.78 132.60
N THR DA 212 -53.72 -23.77 132.13
CA THR DA 212 -52.48 -24.16 132.78
C THR DA 212 -51.45 -23.04 132.69
N VAL DA 213 -51.03 -22.53 133.85
CA VAL DA 213 -50.05 -21.47 133.94
C VAL DA 213 -48.88 -21.97 134.78
N ASN DA 214 -47.67 -21.55 134.42
CA ASN DA 214 -46.47 -21.98 135.12
C ASN DA 214 -45.71 -20.76 135.61
N VAL DA 215 -45.10 -20.88 136.77
CA VAL DA 215 -44.27 -19.83 137.34
C VAL DA 215 -42.88 -20.03 136.78
N GLY DA 216 -42.49 -19.23 135.80
CA GLY DA 216 -41.19 -19.36 135.18
C GLY DA 216 -40.10 -18.65 135.99
N GLN DA 217 -39.02 -18.33 135.30
CA GLN DA 217 -37.97 -17.52 135.88
C GLN DA 217 -38.42 -16.08 136.07
N GLY DA 218 -38.99 -15.48 135.06
CA GLY DA 218 -39.43 -14.11 135.19
C GLY DA 218 -40.77 -13.85 134.54
N PHE DA 219 -41.65 -14.85 134.53
CA PHE DA 219 -42.91 -14.73 133.82
C PHE DA 219 -43.95 -15.63 134.46
N ILE DA 220 -45.19 -15.48 134.01
CA ILE DA 220 -46.20 -16.53 134.11
C ILE DA 220 -46.78 -16.74 132.72
N HIS DA 221 -47.07 -17.99 132.38
CA HIS DA 221 -47.25 -18.46 131.02
C HIS DA 221 -48.69 -18.95 130.86
N VAL DA 222 -49.58 -18.03 130.52
CA VAL DA 222 -51.01 -18.31 130.49
C VAL DA 222 -51.35 -19.02 129.19
N THR DA 223 -51.86 -20.25 129.29
CA THR DA 223 -52.24 -21.08 128.16
C THR DA 223 -53.74 -21.31 128.14
N ALA DA 224 -54.30 -21.42 126.95
CA ALA DA 224 -55.70 -21.74 126.79
C ALA DA 224 -55.86 -23.20 126.39
N PRO DA 225 -56.84 -23.92 126.92
CA PRO DA 225 -56.84 -25.39 126.82
C PRO DA 225 -57.47 -25.91 125.54
N SER DA 226 -56.86 -25.56 124.40
CA SER DA 226 -57.13 -26.09 123.06
C SER DA 226 -58.55 -25.81 122.56
N GLY DA 227 -59.33 -25.01 123.27
CA GLY DA 227 -60.65 -24.60 122.82
C GLY DA 227 -60.66 -23.12 122.55
N GLN DA 228 -61.11 -22.37 123.55
CA GLN DA 228 -61.20 -20.92 123.53
C GLN DA 228 -59.82 -20.28 123.44
N GLN DA 229 -59.81 -18.96 123.23
CA GLN DA 229 -58.60 -18.17 123.05
C GLN DA 229 -58.51 -17.13 124.15
N ILE DA 230 -57.51 -16.26 124.03
CA ILE DA 230 -57.34 -15.14 124.96
C ILE DA 230 -58.40 -14.08 124.70
N ASP DA 231 -58.35 -13.49 123.50
CA ASP DA 231 -59.31 -12.57 122.90
C ASP DA 231 -59.33 -11.19 123.54
N SER DA 232 -58.64 -11.02 124.68
CA SER DA 232 -58.46 -9.74 125.36
C SER DA 232 -57.39 -9.90 126.42
N PHE DA 233 -56.39 -9.03 126.42
CA PHE DA 233 -55.21 -9.28 127.24
C PHE DA 233 -54.61 -7.93 127.60
N THR DA 234 -54.94 -7.42 128.77
CA THR DA 234 -54.36 -6.17 129.23
C THR DA 234 -53.98 -6.33 130.69
N THR DA 235 -53.13 -5.44 131.18
CA THR DA 235 -52.55 -5.57 132.49
C THR DA 235 -52.36 -4.19 133.09
N LYS DA 236 -53.22 -3.83 134.04
CA LYS DA 236 -53.06 -2.58 134.74
C LYS DA 236 -51.82 -2.64 135.64
N ASP DA 237 -50.80 -1.87 135.27
CA ASP DA 237 -49.50 -2.01 135.89
C ASP DA 237 -49.49 -1.47 137.30
N GLY DA 238 -50.14 -0.35 137.52
CA GLY DA 238 -50.16 0.25 138.84
C GLY DA 238 -49.04 1.27 139.02
N TYR DA 239 -47.84 0.87 138.65
CA TYR DA 239 -46.70 1.77 138.51
C TYR DA 239 -46.72 2.20 137.05
N ALA DA 240 -45.62 2.67 136.52
CA ALA DA 240 -45.53 2.94 135.09
C ALA DA 240 -45.46 1.63 134.32
N ASP DA 241 -45.08 1.70 133.05
CA ASP DA 241 -45.03 0.52 132.20
C ASP DA 241 -44.00 -0.52 132.65
N GLN DA 242 -43.09 -0.14 133.55
CA GLN DA 242 -41.92 -0.95 133.89
C GLN DA 242 -42.09 -1.76 135.16
N LEU DA 243 -43.30 -2.21 135.49
CA LEU DA 243 -43.43 -3.07 136.67
C LEU DA 243 -43.81 -4.49 136.27
N ILE DA 244 -44.94 -4.70 135.60
CA ILE DA 244 -45.27 -5.99 135.01
C ILE DA 244 -45.73 -5.75 133.58
N ASN DA 245 -45.25 -6.60 132.67
CA ASN DA 245 -45.42 -6.38 131.24
C ASN DA 245 -46.32 -7.44 130.63
N PRO DA 246 -47.42 -7.07 130.04
CA PRO DA 246 -48.16 -7.99 129.19
C PRO DA 246 -47.49 -8.13 127.83
N VAL DA 247 -46.82 -9.25 127.59
CA VAL DA 247 -46.11 -9.47 126.35
C VAL DA 247 -46.68 -10.70 125.66
N THR DA 248 -46.81 -10.61 124.35
CA THR DA 248 -47.47 -11.59 123.51
C THR DA 248 -46.51 -12.04 122.43
N HIS DA 249 -47.05 -12.72 121.43
CA HIS DA 249 -46.24 -13.21 120.32
C HIS DA 249 -45.90 -12.13 119.29
N TYR DA 250 -46.06 -10.83 119.61
CA TYR DA 250 -45.97 -9.76 118.63
C TYR DA 250 -45.24 -8.53 119.16
N ALA DA 251 -44.05 -8.69 119.71
CA ALA DA 251 -43.31 -7.50 120.15
C ALA DA 251 -42.86 -6.67 118.95
N GLN DA 252 -42.71 -5.36 119.14
CA GLN DA 252 -42.56 -4.47 118.01
C GLN DA 252 -41.14 -4.01 117.72
N SER DA 253 -40.15 -4.56 118.40
CA SER DA 253 -38.76 -4.27 118.07
C SER DA 253 -37.94 -5.47 118.52
N PHE DA 254 -36.64 -5.37 118.41
CA PHE DA 254 -35.81 -6.40 119.01
C PHE DA 254 -35.45 -6.07 120.45
N SER DA 255 -35.43 -4.78 120.81
CA SER DA 255 -35.12 -4.40 122.18
C SER DA 255 -36.24 -4.78 123.13
N LYS DA 256 -37.46 -4.39 122.80
CA LYS DA 256 -38.62 -4.84 123.56
C LYS DA 256 -38.84 -6.30 123.22
N LEU DA 257 -38.40 -7.17 124.09
CA LEU DA 257 -38.51 -8.61 123.91
C LEU DA 257 -38.27 -9.20 125.30
N PRO DA 258 -39.10 -10.13 125.75
CA PRO DA 258 -39.10 -10.52 127.15
C PRO DA 258 -37.85 -11.28 127.53
N PRO DA 259 -37.43 -11.23 128.80
CA PRO DA 259 -36.16 -11.84 129.19
C PRO DA 259 -36.11 -13.35 129.15
N ASN DA 260 -37.04 -14.09 129.74
CA ASN DA 260 -36.90 -15.55 129.67
C ASN DA 260 -37.68 -16.13 128.49
N ALA DA 261 -39.02 -16.04 128.52
CA ALA DA 261 -39.92 -16.49 127.44
C ALA DA 261 -39.69 -17.95 127.04
N PRO DA 262 -40.31 -18.92 127.74
CA PRO DA 262 -39.82 -20.31 127.78
C PRO DA 262 -39.73 -21.00 126.43
N ASN DA 263 -39.04 -22.15 126.44
CA ASN DA 263 -38.21 -22.64 125.34
C ASN DA 263 -38.89 -22.60 123.98
N GLY DA 264 -40.10 -23.12 123.89
CA GLY DA 264 -40.80 -22.99 122.64
C GLY DA 264 -41.63 -21.72 122.62
N TYR DA 265 -41.10 -20.65 122.04
CA TYR DA 265 -41.83 -19.40 122.01
C TYR DA 265 -41.46 -18.65 120.74
N MET DA 266 -42.43 -17.95 120.18
CA MET DA 266 -42.23 -17.23 118.94
C MET DA 266 -42.66 -15.79 119.12
N VAL DA 267 -41.96 -14.88 118.48
CA VAL DA 267 -42.32 -13.46 118.47
C VAL DA 267 -42.23 -12.95 117.05
N LYS DA 268 -43.34 -12.38 116.56
CA LYS DA 268 -43.35 -11.67 115.28
C LYS DA 268 -42.87 -10.26 115.53
N ILE DA 269 -41.62 -9.99 115.19
CA ILE DA 269 -41.08 -8.65 115.32
C ILE DA 269 -41.60 -7.81 114.16
N VAL DA 270 -42.27 -6.71 114.48
CA VAL DA 270 -42.97 -5.91 113.49
C VAL DA 270 -42.40 -4.51 113.50
N GLY DA 271 -41.83 -4.09 112.39
CA GLY DA 271 -41.71 -2.68 112.11
C GLY DA 271 -40.61 -1.92 112.81
N ASP DA 272 -41.02 -1.14 113.83
CA ASP DA 272 -40.33 -0.06 114.56
C ASP DA 272 -40.26 1.22 113.72
N ALA DA 273 -40.61 1.14 112.43
CA ALA DA 273 -40.74 2.27 111.50
C ALA DA 273 -39.50 3.15 111.43
N SER DA 274 -38.32 2.56 111.62
CA SER DA 274 -37.06 3.27 111.56
C SER DA 274 -36.20 2.85 110.39
N LYS DA 275 -36.20 1.57 110.06
CA LYS DA 275 -35.52 1.06 108.89
C LYS DA 275 -36.53 0.44 107.96
N SER DA 276 -36.26 0.50 106.66
CA SER DA 276 -37.12 -0.12 105.66
C SER DA 276 -36.89 -1.62 105.75
N ALA DA 277 -37.66 -2.27 106.62
CA ALA DA 277 -37.39 -3.66 106.95
C ALA DA 277 -38.71 -4.43 106.98
N ASP DA 278 -38.64 -5.68 106.55
CA ASP DA 278 -39.79 -6.56 106.67
C ASP DA 278 -39.92 -7.08 108.09
N GLN DA 279 -40.84 -8.00 108.27
CA GLN DA 279 -41.26 -8.46 109.57
C GLN DA 279 -40.81 -9.90 109.75
N TYR DA 280 -39.92 -10.13 110.70
CA TYR DA 280 -39.21 -11.39 110.82
C TYR DA 280 -39.52 -12.07 112.14
N TYR DA 281 -39.37 -13.38 112.18
CA TYR DA 281 -39.79 -14.13 113.35
C TYR DA 281 -38.56 -14.65 114.09
N VAL DA 282 -38.62 -14.63 115.43
CA VAL DA 282 -37.48 -14.96 116.28
C VAL DA 282 -37.90 -15.92 117.39
N ARG DA 283 -37.14 -17.00 117.57
CA ARG DA 283 -37.44 -18.03 118.55
C ARG DA 283 -36.39 -18.00 119.65
N TYR DA 284 -36.81 -18.30 120.87
CA TYR DA 284 -35.91 -18.41 122.01
C TYR DA 284 -35.42 -19.85 122.17
N ASP DA 285 -34.24 -20.01 122.77
CA ASP DA 285 -33.71 -21.31 123.14
C ASP DA 285 -33.35 -21.31 124.61
N ALA DA 286 -33.63 -22.40 125.30
CA ALA DA 286 -33.44 -22.44 126.75
C ALA DA 286 -32.08 -22.96 127.16
N GLU DA 287 -31.50 -23.90 126.41
CA GLU DA 287 -30.17 -24.39 126.73
C GLU DA 287 -29.14 -23.29 126.51
N ARG DA 288 -29.23 -22.63 125.37
CA ARG DA 288 -28.38 -21.49 125.06
C ARG DA 288 -29.28 -20.25 124.98
N LYS DA 289 -29.07 -19.31 125.89
CA LYS DA 289 -30.01 -18.22 126.07
C LYS DA 289 -29.78 -17.18 124.99
N VAL DA 290 -30.38 -17.44 123.83
CA VAL DA 290 -30.22 -16.62 122.64
C VAL DA 290 -31.59 -16.23 122.10
N TRP DA 291 -31.59 -15.53 120.97
CA TRP DA 291 -32.81 -15.28 120.22
C TRP DA 291 -32.44 -15.35 118.74
N THR DA 292 -32.57 -16.53 118.16
CA THR DA 292 -32.27 -16.74 116.76
C THR DA 292 -33.54 -16.65 115.94
N GLU DA 293 -33.39 -16.53 114.63
CA GLU DA 293 -34.53 -16.37 113.74
C GLU DA 293 -34.97 -17.72 113.19
N THR DA 294 -36.28 -17.93 113.15
CA THR DA 294 -36.83 -19.20 112.68
C THR DA 294 -37.98 -18.91 111.72
N LEU DA 295 -38.75 -19.95 111.42
CA LEU DA 295 -39.75 -19.91 110.35
C LEU DA 295 -40.99 -19.14 110.77
N GLY DA 296 -41.95 -19.12 109.85
CA GLY DA 296 -43.30 -18.74 110.16
C GLY DA 296 -44.06 -19.86 110.85
N TRP DA 297 -45.31 -19.59 111.20
CA TRP DA 297 -46.06 -20.58 111.95
C TRP DA 297 -46.70 -21.62 111.04
N ASN DA 298 -47.63 -21.21 110.19
CA ASN DA 298 -48.38 -22.13 109.35
C ASN DA 298 -47.92 -22.08 107.90
N THR DA 299 -46.62 -21.94 107.69
CA THR DA 299 -46.07 -21.91 106.35
C THR DA 299 -45.43 -23.25 105.99
N GLU DA 300 -45.35 -23.51 104.70
CA GLU DA 300 -44.64 -24.68 104.19
C GLU DA 300 -43.19 -24.32 103.94
N ASP DA 301 -42.31 -25.32 104.00
CA ASP DA 301 -40.89 -25.04 103.96
C ASP DA 301 -40.12 -26.02 103.09
N GLN DA 302 -40.73 -26.51 102.02
CA GLN DA 302 -40.06 -27.51 101.20
C GLN DA 302 -40.67 -27.47 99.82
N VAL DA 303 -39.90 -27.91 98.84
CA VAL DA 303 -40.43 -28.26 97.54
C VAL DA 303 -40.29 -29.77 97.43
N LEU DA 304 -41.24 -30.43 96.74
CA LEU DA 304 -41.49 -31.86 96.87
C LEU DA 304 -40.38 -32.84 96.51
N TRP DA 305 -39.20 -32.36 96.08
CA TRP DA 305 -38.00 -33.17 95.85
C TRP DA 305 -38.11 -34.22 94.74
N GLU DA 306 -39.28 -34.31 94.09
CA GLU DA 306 -39.49 -35.23 92.99
C GLU DA 306 -39.92 -34.53 91.73
N THR DA 307 -40.62 -33.42 91.86
CA THR DA 307 -40.98 -32.59 90.73
C THR DA 307 -39.91 -31.55 90.44
N MET DA 308 -38.80 -31.61 91.14
CA MET DA 308 -37.65 -30.75 90.95
C MET DA 308 -36.68 -31.45 90.00
N PRO DA 309 -35.67 -30.78 89.45
CA PRO DA 309 -34.66 -31.49 88.67
C PRO DA 309 -33.82 -32.42 89.53
N HIS DA 310 -33.64 -33.64 89.03
CA HIS DA 310 -32.77 -34.62 89.66
C HIS DA 310 -31.33 -34.39 89.26
N ALA DA 311 -30.47 -35.35 89.56
CA ALA DA 311 -29.07 -35.30 89.20
C ALA DA 311 -28.62 -36.69 88.79
N LEU DA 312 -27.34 -36.80 88.45
CA LEU DA 312 -26.78 -38.07 88.00
C LEU DA 312 -25.30 -38.07 88.41
N VAL DA 313 -25.03 -38.65 89.56
CA VAL DA 313 -23.73 -38.57 90.21
C VAL DA 313 -23.14 -39.97 90.24
N ARG DA 314 -21.87 -40.09 89.90
CA ARG DA 314 -21.21 -41.38 89.96
C ARG DA 314 -20.63 -41.64 91.34
N ALA DA 315 -20.59 -42.90 91.69
CA ALA DA 315 -19.93 -43.34 92.91
C ALA DA 315 -18.54 -43.85 92.57
N ALA DA 316 -17.82 -44.28 93.60
CA ALA DA 316 -16.51 -44.86 93.38
C ALA DA 316 -16.57 -46.29 92.89
N ASP DA 317 -17.76 -46.90 92.88
CA ASP DA 317 -17.87 -48.27 92.40
C ASP DA 317 -17.74 -48.35 90.89
N GLY DA 318 -18.13 -47.29 90.19
CA GLY DA 318 -18.00 -47.27 88.75
C GLY DA 318 -19.30 -46.97 88.04
N ASN DA 319 -20.41 -47.39 88.62
CA ASN DA 319 -21.71 -47.18 88.00
C ASN DA 319 -22.24 -45.78 88.33
N PHE DA 320 -23.23 -45.35 87.55
CA PHE DA 320 -23.84 -44.05 87.73
C PHE DA 320 -25.09 -44.16 88.56
N ASP DA 321 -25.19 -43.34 89.60
CA ASP DA 321 -26.44 -43.21 90.35
C ASP DA 321 -27.29 -42.10 89.75
N PHE DA 322 -28.55 -42.08 90.16
CA PHE DA 322 -29.51 -41.11 89.65
C PHE DA 322 -30.30 -40.62 90.85
N LYS DA 323 -29.79 -39.57 91.48
CA LYS DA 323 -30.18 -39.15 92.81
C LYS DA 323 -31.15 -37.97 92.67
N TRP DA 324 -32.00 -37.77 93.67
CA TRP DA 324 -32.60 -36.45 93.67
C TRP DA 324 -31.65 -35.44 94.29
N LEU DA 325 -32.06 -34.19 94.28
CA LEU DA 325 -31.29 -33.14 94.92
C LEU DA 325 -32.02 -32.67 96.16
N GLU DA 326 -31.29 -32.63 97.28
CA GLU DA 326 -31.86 -32.19 98.54
C GLU DA 326 -31.95 -30.67 98.53
N TRP DA 327 -33.05 -30.16 97.99
CA TRP DA 327 -33.28 -28.71 98.00
C TRP DA 327 -33.60 -28.28 99.41
N SER DA 328 -32.83 -27.32 99.91
CA SER DA 328 -32.74 -26.99 101.32
C SER DA 328 -34.06 -26.41 101.84
N PRO DA 329 -34.36 -26.61 103.13
CA PRO DA 329 -35.63 -26.11 103.66
C PRO DA 329 -35.65 -24.60 103.73
N LYS DA 330 -36.84 -24.06 103.49
CA LYS DA 330 -37.09 -22.63 103.65
C LYS DA 330 -36.92 -22.24 105.11
N SER DA 331 -36.33 -21.08 105.34
CA SER DA 331 -36.12 -20.63 106.71
C SER DA 331 -36.20 -19.12 106.75
N CYS DA 332 -36.56 -18.61 107.93
CA CYS DA 332 -36.52 -17.18 108.28
C CYS DA 332 -37.41 -16.34 107.36
N GLY DA 333 -38.72 -16.57 107.46
CA GLY DA 333 -39.66 -15.73 106.75
C GLY DA 333 -41.07 -16.26 106.87
N ASP DA 334 -41.95 -15.69 106.05
CA ASP DA 334 -43.35 -16.10 105.99
C ASP DA 334 -43.71 -16.44 104.55
N VAL DA 335 -45.01 -16.65 104.32
CA VAL DA 335 -45.50 -16.78 102.95
C VAL DA 335 -45.49 -15.42 102.27
N ASP DA 336 -45.86 -14.38 103.00
CA ASP DA 336 -46.06 -13.05 102.45
C ASP DA 336 -44.79 -12.21 102.42
N THR DA 337 -43.73 -12.65 103.09
CA THR DA 337 -42.48 -11.89 103.05
C THR DA 337 -41.27 -12.70 102.59
N ASN DA 338 -41.36 -14.03 102.59
CA ASN DA 338 -40.35 -14.89 101.97
C ASN DA 338 -41.07 -15.64 100.87
N PRO DA 339 -41.14 -15.07 99.67
CA PRO DA 339 -42.07 -15.57 98.66
C PRO DA 339 -41.65 -16.93 98.13
N TRP DA 340 -42.62 -17.64 97.58
CA TRP DA 340 -42.33 -18.85 96.85
C TRP DA 340 -41.48 -18.51 95.63
N PRO DA 341 -40.57 -19.39 95.24
CA PRO DA 341 -39.47 -18.95 94.38
C PRO DA 341 -39.80 -18.78 92.90
N SER DA 342 -41.08 -18.64 92.55
CA SER DA 342 -41.56 -18.30 91.21
C SER DA 342 -41.22 -19.36 90.17
N PHE DA 343 -41.03 -20.61 90.59
CA PHE DA 343 -41.06 -21.72 89.66
C PHE DA 343 -41.88 -22.88 90.23
N VAL DA 344 -42.60 -22.64 91.32
CA VAL DA 344 -43.29 -23.72 92.00
C VAL DA 344 -44.74 -23.85 91.53
N GLY DA 345 -45.06 -23.28 90.39
CA GLY DA 345 -46.38 -23.47 89.82
C GLY DA 345 -46.31 -23.70 88.34
N SER DA 346 -45.10 -23.85 87.82
CA SER DA 346 -44.89 -23.96 86.39
C SER DA 346 -43.69 -24.86 86.15
N SER DA 347 -43.15 -24.81 84.95
CA SER DA 347 -42.14 -25.75 84.50
C SER DA 347 -40.77 -25.11 84.47
N ILE DA 348 -39.75 -25.93 84.69
CA ILE DA 348 -38.36 -25.52 84.58
C ILE DA 348 -37.83 -26.00 83.24
N ASN DA 349 -37.03 -25.18 82.58
CA ASN DA 349 -36.54 -25.53 81.27
C ASN DA 349 -35.03 -25.72 81.17
N ASP DA 350 -34.24 -25.13 82.07
CA ASP DA 350 -32.80 -25.18 81.92
C ASP DA 350 -32.10 -24.98 83.25
N VAL DA 351 -30.90 -25.52 83.36
CA VAL DA 351 -30.00 -25.26 84.48
C VAL DA 351 -28.84 -24.44 83.95
N PHE DA 352 -28.50 -23.37 84.66
CA PHE DA 352 -27.41 -22.54 84.21
C PHE DA 352 -26.73 -21.88 85.40
N PHE DA 353 -25.41 -21.78 85.31
CA PHE DA 353 -24.59 -21.19 86.34
C PHE DA 353 -24.22 -19.77 85.96
N PHE DA 354 -24.23 -18.89 86.95
CA PHE DA 354 -23.96 -17.48 86.71
C PHE DA 354 -23.51 -16.81 87.99
N ARG DA 355 -22.20 -16.57 88.11
CA ARG DA 355 -21.57 -15.90 89.26
C ARG DA 355 -21.90 -16.62 90.56
N ASN DA 356 -21.41 -17.85 90.67
CA ASN DA 356 -21.54 -18.73 91.83
C ASN DA 356 -22.99 -19.13 92.12
N ARG DA 357 -23.93 -18.84 91.24
CA ARG DA 357 -25.33 -19.05 91.53
C ARG DA 357 -25.92 -20.06 90.56
N LEU DA 358 -26.49 -21.12 91.11
CA LEU DA 358 -27.27 -22.03 90.29
C LEU DA 358 -28.54 -21.32 89.88
N GLY DA 359 -29.02 -21.63 88.69
CA GLY DA 359 -30.15 -20.90 88.17
C GLY DA 359 -31.07 -21.72 87.32
N PHE DA 360 -32.36 -21.42 87.39
CA PHE DA 360 -33.33 -22.06 86.53
C PHE DA 360 -34.04 -21.01 85.69
N LEU DA 361 -34.47 -21.44 84.53
CA LEU DA 361 -35.46 -20.69 83.79
C LEU DA 361 -36.84 -21.19 84.21
N SER DA 362 -37.87 -20.56 83.68
CA SER DA 362 -39.21 -20.82 84.16
C SER DA 362 -40.20 -20.44 83.08
N GLY DA 363 -41.46 -20.24 83.47
CA GLY DA 363 -42.46 -19.75 82.54
C GLY DA 363 -42.07 -18.45 81.89
N GLU DA 364 -41.65 -17.47 82.67
CA GLU DA 364 -41.07 -16.28 82.08
C GLU DA 364 -39.94 -15.79 82.97
N ASN DA 365 -39.64 -16.53 84.02
CA ASN DA 365 -38.83 -16.01 85.12
C ASN DA 365 -37.42 -16.56 85.08
N ILE DA 366 -36.52 -15.88 85.78
CA ILE DA 366 -35.15 -16.33 86.00
C ILE DA 366 -34.92 -16.35 87.50
N ILE DA 367 -34.52 -17.51 88.02
CA ILE DA 367 -34.44 -17.73 89.46
C ILE DA 367 -33.03 -18.20 89.78
N LEU DA 368 -32.19 -17.30 90.26
CA LEU DA 368 -30.83 -17.62 90.62
C LEU DA 368 -30.76 -17.92 92.11
N SER DA 369 -29.87 -18.84 92.50
CA SER DA 369 -29.82 -19.35 93.87
C SER DA 369 -28.90 -18.50 94.72
N ARG DA 370 -28.56 -19.00 95.91
CA ARG DA 370 -27.70 -18.26 96.82
C ARG DA 370 -26.25 -18.39 96.34
N THR DA 371 -25.42 -17.43 96.75
CA THR DA 371 -24.07 -17.29 96.21
C THR DA 371 -23.17 -18.45 96.61
N ALA DA 372 -23.10 -18.77 97.90
CA ALA DA 372 -22.19 -19.83 98.30
C ALA DA 372 -22.76 -21.21 98.08
N LYS DA 373 -24.07 -21.36 98.21
CA LYS DA 373 -24.72 -22.67 98.33
C LYS DA 373 -25.69 -22.82 97.18
N TYR DA 374 -25.49 -23.87 96.37
CA TYR DA 374 -26.25 -24.01 95.13
C TYR DA 374 -27.70 -24.39 95.38
N PHE DA 375 -27.94 -25.26 96.34
CA PHE DA 375 -29.26 -25.85 96.49
C PHE DA 375 -30.08 -25.09 97.55
N ASN DA 376 -30.27 -23.79 97.33
CA ASN DA 376 -30.95 -22.97 98.32
C ASN DA 376 -31.52 -21.75 97.60
N PHE DA 377 -32.85 -21.62 97.60
CA PHE DA 377 -33.52 -20.51 96.93
C PHE DA 377 -34.20 -19.56 97.89
N TYR DA 378 -33.64 -19.37 99.07
CA TYR DA 378 -34.25 -18.54 100.08
C TYR DA 378 -33.14 -17.75 100.75
N PRO DA 379 -33.39 -16.51 101.13
CA PRO DA 379 -32.37 -15.74 101.85
C PRO DA 379 -32.17 -16.29 103.25
N ALA DA 380 -31.03 -15.95 103.84
CA ALA DA 380 -30.68 -16.49 105.14
C ALA DA 380 -31.55 -15.89 106.24
N SER DA 381 -31.99 -14.65 106.06
CA SER DA 381 -32.81 -13.96 107.03
C SER DA 381 -33.51 -12.82 106.30
N ILE DA 382 -34.84 -12.72 106.43
CA ILE DA 382 -35.51 -11.62 105.76
C ILE DA 382 -35.40 -10.34 106.54
N ALA DA 383 -34.90 -10.39 107.76
CA ALA DA 383 -34.30 -9.23 108.37
C ALA DA 383 -32.89 -9.08 107.82
N ASN DA 384 -32.52 -7.86 107.47
CA ASN DA 384 -31.18 -7.49 107.02
C ASN DA 384 -30.77 -8.25 105.75
N LEU DA 385 -31.42 -7.88 104.65
CA LEU DA 385 -31.07 -8.32 103.30
C LEU DA 385 -29.57 -8.15 103.04
N SER DA 386 -28.92 -9.25 102.69
CA SER DA 386 -27.47 -9.38 102.87
C SER DA 386 -26.73 -9.67 101.57
N ASP DA 387 -27.21 -9.12 100.44
CA ASP DA 387 -26.48 -9.04 99.17
C ASP DA 387 -26.11 -10.37 98.52
N ASP DA 388 -26.49 -11.49 99.13
CA ASP DA 388 -26.25 -12.80 98.57
C ASP DA 388 -27.56 -13.56 98.38
N ASP DA 389 -28.67 -12.87 98.52
CA ASP DA 389 -29.98 -13.49 98.50
C ASP DA 389 -30.35 -13.90 97.09
N PRO DA 390 -31.17 -14.93 96.95
CA PRO DA 390 -31.65 -15.31 95.61
C PRO DA 390 -32.53 -14.25 95.00
N ILE DA 391 -32.46 -14.16 93.68
CA ILE DA 391 -33.11 -13.10 92.93
C ILE DA 391 -34.18 -13.69 92.02
N ASP DA 392 -35.27 -12.95 91.84
CA ASP DA 392 -36.38 -13.38 91.00
C ASP DA 392 -36.67 -12.26 90.02
N VAL DA 393 -36.05 -12.31 88.85
CA VAL DA 393 -36.20 -11.26 87.86
C VAL DA 393 -37.05 -11.79 86.73
N ALA DA 394 -38.30 -11.35 86.68
CA ALA DA 394 -39.17 -11.73 85.58
C ALA DA 394 -38.75 -10.99 84.32
N VAL DA 395 -38.70 -11.71 83.22
CA VAL DA 395 -38.28 -11.13 81.95
C VAL DA 395 -39.38 -10.22 81.47
N SER DA 396 -39.11 -8.92 81.48
CA SER DA 396 -40.10 -7.91 81.15
C SER DA 396 -40.05 -7.67 79.65
N THR DA 397 -41.12 -8.06 78.96
CA THR DA 397 -41.20 -7.95 77.52
C THR DA 397 -42.44 -7.14 77.16
N ASN DA 398 -42.51 -6.82 75.87
CA ASN DA 398 -43.74 -6.30 75.31
C ASN DA 398 -44.67 -7.44 74.90
N ARG DA 399 -44.10 -8.57 74.52
CA ARG DA 399 -44.80 -9.69 73.91
C ARG DA 399 -44.54 -10.96 74.74
N ILE DA 400 -44.96 -12.11 74.23
CA ILE DA 400 -44.87 -13.35 74.98
C ILE DA 400 -43.53 -14.00 74.70
N ALA DA 401 -42.84 -14.43 75.77
CA ALA DA 401 -41.53 -15.07 75.61
C ALA DA 401 -41.30 -16.02 76.77
N ILE DA 402 -41.31 -17.31 76.50
CA ILE DA 402 -41.07 -18.33 77.52
C ILE DA 402 -39.64 -18.83 77.38
N LEU DA 403 -38.86 -18.70 78.44
CA LEU DA 403 -37.42 -18.92 78.38
C LEU DA 403 -37.08 -20.38 78.15
N LYS DA 404 -36.11 -20.63 77.27
CA LYS DA 404 -35.82 -22.00 76.87
C LYS DA 404 -34.35 -22.38 76.90
N TYR DA 405 -33.43 -21.43 76.80
CA TYR DA 405 -32.02 -21.78 76.85
C TYR DA 405 -31.24 -20.68 77.55
N ALA DA 406 -29.96 -20.97 77.81
CA ALA DA 406 -29.05 -20.02 78.43
C ALA DA 406 -27.65 -20.33 77.96
N VAL DA 407 -27.08 -19.46 77.14
CA VAL DA 407 -25.79 -19.71 76.52
C VAL DA 407 -24.85 -18.56 76.82
N PRO DA 408 -23.68 -18.79 77.37
CA PRO DA 408 -22.74 -17.69 77.60
C PRO DA 408 -22.03 -17.30 76.33
N PHE DA 409 -22.01 -16.02 76.00
CA PHE DA 409 -21.54 -15.61 74.69
C PHE DA 409 -20.29 -14.74 74.70
N SER DA 410 -20.34 -13.53 75.26
CA SER DA 410 -19.16 -12.69 75.26
C SER DA 410 -18.75 -12.25 76.64
N GLU DA 411 -19.64 -11.61 77.38
CA GLU DA 411 -19.37 -11.30 78.77
C GLU DA 411 -20.63 -11.43 79.60
N GLU DA 412 -21.67 -12.07 79.08
CA GLU DA 412 -23.01 -11.68 79.45
C GLU DA 412 -23.87 -12.80 79.99
N LEU DA 413 -23.71 -14.03 79.50
CA LEU DA 413 -24.59 -15.17 79.77
C LEU DA 413 -26.01 -14.80 79.36
N LEU DA 414 -26.22 -14.64 78.06
CA LEU DA 414 -27.53 -14.20 77.59
C LEU DA 414 -28.46 -15.40 77.43
N ILE DA 415 -29.76 -15.13 77.49
CA ILE DA 415 -30.78 -16.15 77.67
C ILE DA 415 -31.80 -16.02 76.55
N TRP DA 416 -32.05 -17.10 75.84
CA TRP DA 416 -32.85 -17.05 74.62
C TRP DA 416 -34.23 -17.65 74.83
N SER DA 417 -35.22 -17.11 74.10
CA SER DA 417 -36.55 -17.67 74.18
C SER DA 417 -37.32 -17.44 72.88
N ASP DA 418 -37.13 -18.32 71.91
CA ASP DA 418 -38.12 -18.70 70.90
C ASP DA 418 -38.61 -17.59 69.97
N GLU DA 419 -38.53 -16.33 70.38
CA GLU DA 419 -38.82 -15.21 69.51
C GLU DA 419 -37.97 -14.00 69.83
N ALA DA 420 -37.36 -13.92 71.01
CA ALA DA 420 -36.51 -12.81 71.40
C ALA DA 420 -35.31 -13.37 72.15
N GLN DA 421 -34.38 -12.49 72.48
CA GLN DA 421 -33.12 -12.89 73.10
C GLN DA 421 -32.75 -11.88 74.17
N PHE DA 422 -32.32 -12.36 75.34
CA PHE DA 422 -32.27 -11.54 76.53
C PHE DA 422 -30.90 -11.63 77.20
N VAL DA 423 -30.29 -10.48 77.48
CA VAL DA 423 -28.99 -10.41 78.13
C VAL DA 423 -29.17 -10.14 79.62
N LEU DA 424 -28.53 -10.96 80.45
CA LEU DA 424 -28.69 -10.92 81.91
C LEU DA 424 -27.38 -10.44 82.52
N THR DA 425 -27.24 -9.13 82.66
CA THR DA 425 -26.13 -8.54 83.40
C THR DA 425 -26.67 -7.45 84.30
N ALA DA 426 -25.88 -7.08 85.30
CA ALA DA 426 -26.33 -6.09 86.26
C ALA DA 426 -25.54 -4.79 86.12
N SER DA 427 -26.06 -3.75 86.77
CA SER DA 427 -25.41 -2.45 86.82
C SER DA 427 -25.05 -2.15 88.26
N GLY DA 428 -23.78 -2.32 88.61
CA GLY DA 428 -23.35 -2.14 89.98
C GLY DA 428 -22.41 -3.21 90.46
N THR DA 429 -22.84 -3.97 91.46
CA THR DA 429 -22.06 -5.05 92.05
C THR DA 429 -22.16 -6.29 91.15
N LEU DA 430 -21.81 -7.47 91.68
CA LEU DA 430 -22.07 -8.70 90.96
C LEU DA 430 -23.54 -8.89 90.62
N THR DA 431 -24.32 -9.15 91.66
CA THR DA 431 -25.72 -9.52 91.57
C THR DA 431 -26.33 -9.22 92.92
N SER DA 432 -27.22 -8.24 92.96
CA SER DA 432 -28.05 -7.98 94.12
C SER DA 432 -29.46 -8.23 93.65
N LYS DA 433 -30.45 -7.79 94.42
CA LYS DA 433 -31.80 -7.67 93.88
C LYS DA 433 -31.84 -6.74 92.66
N SER DA 434 -30.91 -5.78 92.57
CA SER DA 434 -30.75 -4.94 91.38
C SER DA 434 -29.88 -5.66 90.35
N VAL DA 435 -30.55 -6.36 89.42
CA VAL DA 435 -29.94 -7.03 88.27
C VAL DA 435 -30.77 -6.71 87.04
N GLU DA 436 -30.13 -6.17 86.01
CA GLU DA 436 -30.85 -5.74 84.82
C GLU DA 436 -31.13 -6.90 83.89
N LEU DA 437 -32.06 -6.70 82.96
CA LEU DA 437 -32.41 -7.69 81.95
C LEU DA 437 -33.06 -6.98 80.79
N ASN DA 438 -32.43 -7.05 79.62
CA ASN DA 438 -32.90 -6.33 78.45
C ASN DA 438 -32.86 -7.25 77.25
N LEU DA 439 -33.65 -6.93 76.22
CA LEU DA 439 -33.71 -7.75 75.02
C LEU DA 439 -32.92 -7.08 73.91
N THR DA 440 -31.92 -7.77 73.40
CA THR DA 440 -31.10 -7.18 72.34
C THR DA 440 -31.69 -7.39 70.96
N THR DA 441 -31.78 -8.64 70.51
CA THR DA 441 -32.12 -8.93 69.14
C THR DA 441 -33.27 -9.92 69.10
N GLN DA 442 -34.30 -9.59 68.35
CA GLN DA 442 -35.57 -10.31 68.42
C GLN DA 442 -35.67 -11.38 67.30
N PHE DA 443 -34.67 -12.25 67.21
CA PHE DA 443 -34.63 -13.28 66.18
C PHE DA 443 -35.42 -14.51 66.58
N ASP DA 444 -35.74 -15.34 65.58
CA ASP DA 444 -36.50 -16.55 65.79
C ASP DA 444 -35.58 -17.75 65.88
N VAL DA 445 -35.84 -18.64 66.84
CA VAL DA 445 -34.94 -19.74 67.16
C VAL DA 445 -35.76 -20.96 67.54
N GLN DA 446 -35.40 -22.11 66.99
CA GLN DA 446 -36.11 -23.36 67.21
C GLN DA 446 -35.82 -23.87 68.62
N ASP DA 447 -36.79 -24.55 69.20
CA ASP DA 447 -36.79 -24.89 70.61
C ASP DA 447 -36.22 -26.26 70.92
N ARG DA 448 -35.70 -26.97 69.92
CA ARG DA 448 -35.29 -28.34 70.11
C ARG DA 448 -33.81 -28.56 69.86
N ALA DA 449 -33.04 -27.49 69.73
CA ALA DA 449 -31.60 -27.58 69.54
C ALA DA 449 -30.93 -26.59 70.46
N ARG DA 450 -29.85 -26.98 71.00
CA ARG DA 450 -29.20 -26.10 71.93
C ARG DA 450 -28.19 -25.25 71.19
N PRO DA 451 -28.26 -23.93 71.30
CA PRO DA 451 -27.31 -23.06 70.61
C PRO DA 451 -25.88 -23.26 71.04
N PHE DA 452 -25.07 -23.77 70.13
CA PHE DA 452 -23.72 -24.23 70.41
C PHE DA 452 -22.72 -23.18 69.98
N GLY DA 453 -21.70 -22.96 70.82
CA GLY DA 453 -20.70 -21.94 70.57
C GLY DA 453 -19.39 -22.59 70.14
N ILE DA 454 -18.74 -21.96 69.16
CA ILE DA 454 -17.47 -22.48 68.70
C ILE DA 454 -16.35 -21.50 69.03
N GLY DA 455 -16.39 -20.33 68.44
CA GLY DA 455 -15.35 -19.36 68.71
C GLY DA 455 -15.94 -18.11 69.31
N ARG DA 456 -15.96 -17.05 68.52
CA ARG DA 456 -16.66 -15.84 68.90
C ARG DA 456 -18.14 -15.92 68.53
N ASN DA 457 -18.55 -16.97 67.85
CA ASN DA 457 -19.92 -17.10 67.38
C ASN DA 457 -20.67 -18.14 68.21
N VAL DA 458 -21.99 -18.18 68.00
CA VAL DA 458 -22.87 -19.22 68.55
C VAL DA 458 -23.85 -19.60 67.47
N TYR DA 459 -23.94 -20.89 67.15
CA TYR DA 459 -24.75 -21.35 66.03
C TYR DA 459 -26.04 -21.97 66.52
N PHE DA 460 -27.11 -21.77 65.76
CA PHE DA 460 -28.44 -22.17 66.21
C PHE DA 460 -29.33 -22.33 64.99
N ALA DA 461 -30.51 -22.90 65.21
CA ALA DA 461 -31.43 -23.19 64.13
C ALA DA 461 -32.62 -22.25 64.19
N SER DA 462 -33.39 -22.23 63.10
CA SER DA 462 -34.54 -21.35 63.01
C SER DA 462 -35.72 -22.13 62.44
N PRO DA 463 -36.92 -21.83 62.89
CA PRO DA 463 -38.08 -22.59 62.40
C PRO DA 463 -38.65 -22.10 61.08
N ARG DA 464 -38.10 -22.55 59.97
CA ARG DA 464 -38.89 -22.55 58.76
C ARG DA 464 -39.89 -23.70 58.83
N SER DA 465 -40.79 -23.75 57.86
CA SER DA 465 -41.77 -24.83 57.82
C SER DA 465 -41.10 -26.16 57.47
N SER DA 466 -40.53 -26.23 56.29
CA SER DA 466 -39.66 -27.31 55.90
C SER DA 466 -38.37 -26.71 55.37
N PHE DA 467 -37.30 -27.51 55.40
CA PHE DA 467 -35.96 -27.12 54.94
C PHE DA 467 -35.42 -25.92 55.71
N THR DA 468 -35.15 -26.17 56.99
CA THR DA 468 -34.83 -25.11 57.94
C THR DA 468 -33.45 -24.52 57.70
N SER DA 469 -33.08 -23.60 58.57
CA SER DA 469 -31.92 -22.74 58.37
C SER DA 469 -31.05 -22.78 59.61
N ILE DA 470 -29.80 -22.35 59.46
CA ILE DA 470 -28.86 -22.21 60.57
C ILE DA 470 -28.30 -20.79 60.52
N HIS DA 471 -28.15 -20.16 61.67
CA HIS DA 471 -27.74 -18.77 61.73
C HIS DA 471 -26.49 -18.60 62.59
N ARG DA 472 -25.57 -17.78 62.09
CA ARG DA 472 -24.41 -17.32 62.84
C ARG DA 472 -24.80 -16.12 63.68
N TYR DA 473 -24.43 -16.12 64.95
CA TYR DA 473 -24.83 -15.09 65.90
C TYR DA 473 -23.61 -14.30 66.34
N TYR DA 474 -23.54 -13.03 65.93
CA TYR DA 474 -22.38 -12.17 66.07
C TYR DA 474 -22.32 -11.48 67.41
N ALA DA 475 -21.17 -10.87 67.65
CA ALA DA 475 -21.06 -9.60 68.34
C ALA DA 475 -20.37 -8.68 67.37
N VAL DA 476 -21.02 -7.55 67.04
CA VAL DA 476 -20.53 -6.74 65.94
C VAL DA 476 -19.26 -6.00 66.35
N GLN DA 477 -18.55 -5.50 65.36
CA GLN DA 477 -17.26 -4.89 65.64
C GLN DA 477 -17.40 -3.44 66.09
N ASP DA 478 -18.34 -2.71 65.48
CA ASP DA 478 -18.29 -1.25 65.59
C ASP DA 478 -18.86 -0.76 66.91
N VAL DA 479 -20.03 -1.25 67.30
CA VAL DA 479 -20.69 -0.74 68.49
C VAL DA 479 -20.03 -1.43 69.68
N SER DA 480 -20.34 -0.97 70.89
CA SER DA 480 -19.91 -1.68 72.08
C SER DA 480 -20.61 -3.03 72.21
N SER DA 481 -21.93 -3.02 72.32
CA SER DA 481 -22.66 -4.22 72.75
C SER DA 481 -23.89 -4.48 71.89
N VAL DA 482 -23.74 -4.45 70.58
CA VAL DA 482 -24.85 -4.77 69.68
C VAL DA 482 -24.64 -6.17 69.13
N LYS DA 483 -25.65 -7.02 69.28
CA LYS DA 483 -25.63 -8.37 68.77
C LYS DA 483 -26.26 -8.40 67.38
N ASN DA 484 -26.03 -9.50 66.68
CA ASN DA 484 -26.48 -9.63 65.30
C ASN DA 484 -26.56 -11.11 64.96
N ALA DA 485 -27.45 -11.45 64.04
CA ALA DA 485 -27.57 -12.82 63.57
C ALA DA 485 -27.69 -12.82 62.06
N GLU DA 486 -26.71 -13.39 61.39
CA GLU DA 486 -26.72 -13.48 59.95
C GLU DA 486 -27.35 -14.81 59.55
N ASP DA 487 -27.18 -15.20 58.29
CA ASP DA 487 -27.77 -16.45 57.80
C ASP DA 487 -26.70 -17.17 57.02
N ILE DA 488 -26.25 -18.31 57.53
CA ILE DA 488 -25.17 -19.04 56.87
C ILE DA 488 -25.75 -20.21 56.10
N THR DA 489 -27.07 -20.22 55.94
CA THR DA 489 -27.71 -21.01 54.90
C THR DA 489 -28.43 -20.10 53.91
N SER DA 490 -28.02 -18.83 53.81
CA SER DA 490 -28.65 -17.89 52.91
C SER DA 490 -28.43 -18.23 51.45
N HIS DA 491 -27.37 -18.97 51.14
CA HIS DA 491 -27.14 -19.44 49.80
C HIS DA 491 -27.37 -20.93 49.65
N VAL DA 492 -27.56 -21.65 50.75
CA VAL DA 492 -28.03 -23.03 50.65
C VAL DA 492 -29.29 -23.21 51.48
N PRO DA 493 -30.46 -22.82 51.02
CA PRO DA 493 -31.66 -23.36 51.64
C PRO DA 493 -32.00 -24.65 50.94
N ASN DA 494 -33.11 -25.27 51.32
CA ASN DA 494 -33.59 -26.52 50.73
C ASN DA 494 -32.57 -27.63 50.86
N TYR DA 495 -31.91 -27.69 52.02
CA TYR DA 495 -30.87 -28.69 52.21
C TYR DA 495 -30.88 -29.38 53.57
N ILE DA 496 -31.43 -28.79 54.63
CA ILE DA 496 -31.45 -29.42 55.95
C ILE DA 496 -32.90 -29.57 56.41
N PRO DA 497 -33.43 -30.79 56.50
CA PRO DA 497 -34.87 -31.00 56.35
C PRO DA 497 -35.88 -30.41 57.34
N ASN DA 498 -36.00 -30.85 58.58
CA ASN DA 498 -36.90 -30.07 59.43
C ASN DA 498 -36.46 -29.96 60.89
N GLY DA 499 -36.06 -31.06 61.48
CA GLY DA 499 -35.89 -31.02 62.91
C GLY DA 499 -34.44 -31.08 63.33
N VAL DA 500 -33.86 -29.93 63.62
CA VAL DA 500 -32.49 -29.88 64.11
C VAL DA 500 -32.53 -30.26 65.58
N PHE DA 501 -32.04 -31.44 65.92
CA PHE DA 501 -32.09 -31.87 67.31
C PHE DA 501 -30.71 -31.96 67.95
N SER DA 502 -29.64 -31.71 67.20
CA SER DA 502 -28.32 -31.68 67.80
C SER DA 502 -27.43 -30.80 66.93
N ILE DA 503 -26.63 -29.97 67.56
CA ILE DA 503 -25.65 -29.15 66.88
C ILE DA 503 -24.29 -29.46 67.48
N CYS DA 504 -23.40 -30.03 66.67
CA CYS DA 504 -22.08 -30.44 67.11
C CYS DA 504 -21.10 -29.30 66.93
N GLY DA 505 -19.83 -29.64 67.01
CA GLY DA 505 -18.80 -28.69 66.62
C GLY DA 505 -17.49 -29.07 67.24
N SER DA 506 -16.44 -28.39 66.78
CA SER DA 506 -15.12 -28.50 67.36
C SER DA 506 -14.33 -27.29 66.95
N GLY DA 507 -13.74 -26.62 67.93
CA GLY DA 507 -12.88 -25.51 67.61
C GLY DA 507 -11.54 -25.88 67.05
N THR DA 508 -11.16 -27.15 67.13
CA THR DA 508 -9.87 -27.56 66.63
C THR DA 508 -9.86 -27.67 65.11
N GLU DA 509 -10.72 -28.53 64.57
CA GLU DA 509 -10.79 -28.71 63.13
C GLU DA 509 -11.72 -27.73 62.44
N ASN DA 510 -12.35 -26.82 63.20
CA ASN DA 510 -13.09 -25.68 62.68
C ASN DA 510 -14.29 -26.08 61.83
N PHE DA 511 -15.26 -26.75 62.44
CA PHE DA 511 -16.52 -26.99 61.76
C PHE DA 511 -17.69 -26.93 62.74
N CYS DA 512 -18.88 -26.86 62.17
CA CYS DA 512 -20.14 -27.03 62.89
C CYS DA 512 -20.98 -28.00 62.10
N SER DA 513 -21.60 -28.96 62.77
CA SER DA 513 -22.46 -29.88 62.05
C SER DA 513 -23.80 -29.97 62.75
N VAL DA 514 -24.76 -30.49 62.02
CA VAL DA 514 -26.16 -30.48 62.42
C VAL DA 514 -26.80 -31.79 62.02
N LEU DA 515 -27.39 -32.47 62.98
CA LEU DA 515 -28.20 -33.64 62.74
C LEU DA 515 -29.64 -33.24 62.53
N SER DA 516 -30.42 -34.12 61.94
CA SER DA 516 -31.79 -33.74 61.63
C SER DA 516 -32.69 -34.96 61.59
N HIS DA 517 -33.89 -34.82 62.16
CA HIS DA 517 -34.91 -35.87 62.11
C HIS DA 517 -35.88 -35.56 60.96
N GLY DA 518 -35.30 -35.40 59.78
CA GLY DA 518 -36.12 -35.30 58.60
C GLY DA 518 -35.52 -36.13 57.49
N ASP DA 519 -34.27 -36.52 57.69
CA ASP DA 519 -33.51 -37.37 56.79
C ASP DA 519 -32.31 -37.85 57.59
N PRO DA 520 -32.49 -38.78 58.52
CA PRO DA 520 -31.52 -38.96 59.61
C PRO DA 520 -30.25 -39.71 59.22
N SER DA 521 -30.00 -39.93 57.95
CA SER DA 521 -28.77 -40.57 57.52
C SER DA 521 -27.67 -39.58 57.21
N LYS DA 522 -27.87 -38.31 57.52
CA LYS DA 522 -27.00 -37.25 57.04
C LYS DA 522 -26.49 -36.41 58.19
N ILE DA 523 -25.18 -36.22 58.25
CA ILE DA 523 -24.55 -35.27 59.16
C ILE DA 523 -24.17 -34.04 58.35
N PHE DA 524 -24.87 -32.94 58.57
CA PHE DA 524 -24.74 -31.76 57.72
C PHE DA 524 -23.58 -30.88 58.20
N MET DA 525 -22.40 -31.08 57.62
CA MET DA 525 -21.18 -30.40 58.03
C MET DA 525 -21.17 -28.99 57.48
N TYR DA 526 -20.66 -28.05 58.28
CA TYR DA 526 -20.42 -26.68 57.87
C TYR DA 526 -19.00 -26.33 58.29
N LYS DA 527 -18.05 -26.42 57.38
CA LYS DA 527 -16.65 -26.15 57.72
C LYS DA 527 -16.28 -24.73 57.35
N PHE DA 528 -15.68 -24.03 58.31
CA PHE DA 528 -15.36 -22.63 58.17
C PHE DA 528 -13.91 -22.41 58.54
N LEU DA 529 -13.38 -21.23 58.17
CA LEU DA 529 -12.03 -20.85 58.56
C LEU DA 529 -11.96 -19.32 58.56
N TYR DA 530 -11.86 -18.75 59.74
CA TYR DA 530 -11.62 -17.32 59.85
C TYR DA 530 -10.14 -17.03 59.76
N LEU DA 531 -9.81 -15.92 59.09
CA LEU DA 531 -8.42 -15.54 58.91
C LEU DA 531 -8.41 -14.03 58.69
N ASN DA 532 -7.80 -13.30 59.61
CA ASN DA 532 -7.80 -11.83 59.66
C ASN DA 532 -9.21 -11.26 59.72
N GLU DA 533 -10.05 -11.85 60.57
CA GLU DA 533 -11.40 -11.42 60.92
C GLU DA 533 -12.37 -11.45 59.74
N GLU DA 534 -12.01 -12.07 58.62
CA GLU DA 534 -12.89 -12.20 57.48
C GLU DA 534 -13.04 -13.67 57.15
N LEU DA 535 -14.28 -14.11 56.95
CA LEU DA 535 -14.53 -15.53 56.76
C LEU DA 535 -14.21 -15.91 55.33
N ARG DA 536 -13.48 -17.01 55.16
CA ARG DA 536 -12.92 -17.37 53.87
C ARG DA 536 -13.39 -18.74 53.37
N GLN DA 537 -14.32 -19.39 54.08
CA GLN DA 537 -14.78 -20.71 53.65
C GLN DA 537 -16.18 -20.95 54.21
N GLN DA 538 -17.20 -20.80 53.38
CA GLN DA 538 -18.56 -21.20 53.73
C GLN DA 538 -18.84 -22.50 53.00
N SER DA 539 -18.40 -23.60 53.57
CA SER DA 539 -18.58 -24.88 52.92
C SER DA 539 -19.67 -25.69 53.59
N TRP DA 540 -20.39 -26.45 52.79
CA TRP DA 540 -21.38 -27.39 53.26
C TRP DA 540 -21.15 -28.73 52.62
N SER DA 541 -21.57 -29.78 53.31
CA SER DA 541 -21.57 -31.12 52.77
C SER DA 541 -22.61 -31.89 53.56
N HIS DA 542 -22.71 -33.19 53.30
CA HIS DA 542 -23.37 -34.07 54.25
C HIS DA 542 -22.77 -35.46 54.17
N TRP DA 543 -22.47 -36.01 55.33
CA TRP DA 543 -21.86 -37.31 55.42
C TRP DA 543 -22.95 -38.38 55.52
N ASP DA 544 -22.92 -39.35 54.61
CA ASP DA 544 -23.74 -40.54 54.70
C ASP DA 544 -22.86 -41.68 55.18
N PHE DA 545 -23.45 -42.54 56.00
CA PHE DA 545 -22.75 -43.70 56.53
C PHE DA 545 -23.36 -44.97 55.96
N GLY DA 546 -23.86 -44.89 54.75
CA GLY DA 546 -24.60 -45.97 54.14
C GLY DA 546 -26.07 -45.67 54.26
N GLU DA 547 -26.84 -46.16 53.29
CA GLU DA 547 -28.28 -45.92 53.32
C GLU DA 547 -28.93 -46.77 54.39
N ASN DA 548 -30.13 -46.36 54.79
CA ASN DA 548 -30.94 -46.98 55.84
C ASN DA 548 -30.18 -47.07 57.16
N VAL DA 549 -29.42 -46.03 57.50
CA VAL DA 549 -28.62 -45.98 58.72
C VAL DA 549 -28.87 -44.65 59.40
N GLN DA 550 -29.37 -44.68 60.62
CA GLN DA 550 -29.75 -43.49 61.35
C GLN DA 550 -28.65 -43.04 62.28
N VAL DA 551 -28.21 -41.80 62.13
CA VAL DA 551 -27.18 -41.22 62.98
C VAL DA 551 -27.90 -40.49 64.10
N LEU DA 552 -27.82 -41.02 65.30
CA LEU DA 552 -28.65 -40.55 66.40
C LEU DA 552 -27.85 -39.81 67.45
N ALA DA 553 -26.56 -39.57 67.23
CA ALA DA 553 -25.79 -38.63 68.03
C ALA DA 553 -24.52 -38.18 67.31
N CYS DA 554 -23.93 -37.12 67.83
CA CYS DA 554 -22.68 -36.55 67.35
C CYS DA 554 -22.10 -35.62 68.39
N GLN DA 555 -20.92 -35.97 68.91
CA GLN DA 555 -20.17 -35.07 69.77
C GLN DA 555 -18.70 -35.22 69.41
N SER DA 556 -17.88 -34.29 69.87
CA SER DA 556 -16.49 -34.31 69.44
C SER DA 556 -15.62 -33.84 70.61
N ILE DA 557 -14.85 -34.77 71.18
CA ILE DA 557 -13.71 -34.42 72.00
C ILE DA 557 -12.63 -34.06 71.00
N SER DA 558 -11.55 -33.43 71.45
CA SER DA 558 -10.74 -32.43 70.75
C SER DA 558 -10.61 -32.57 69.25
N SER DA 559 -10.23 -33.74 68.76
CA SER DA 559 -10.23 -33.96 67.33
C SER DA 559 -10.72 -35.35 66.98
N ASP DA 560 -11.55 -35.92 67.84
CA ASP DA 560 -12.13 -37.24 67.62
C ASP DA 560 -13.63 -37.13 67.78
N MET DA 561 -14.36 -37.41 66.70
CA MET DA 561 -15.81 -37.28 66.69
C MET DA 561 -16.43 -38.65 66.97
N TYR DA 562 -16.83 -38.86 68.23
CA TYR DA 562 -17.45 -40.11 68.64
C TYR DA 562 -18.92 -40.12 68.27
N VAL DA 563 -19.31 -41.09 67.44
CA VAL DA 563 -20.64 -41.11 66.84
C VAL DA 563 -21.27 -42.45 67.14
N ILE DA 564 -22.44 -42.45 67.77
CA ILE DA 564 -23.26 -43.66 67.74
C ILE DA 564 -24.18 -43.56 66.55
N LEU DA 565 -24.48 -44.69 65.95
CA LEU DA 565 -25.25 -44.69 64.73
C LEU DA 565 -26.04 -45.99 64.65
N ARG DA 566 -27.29 -45.88 64.21
CA ARG DA 566 -28.26 -46.95 64.31
C ARG DA 566 -28.46 -47.59 62.95
N ASN DA 567 -28.33 -48.90 62.90
CA ASN DA 567 -28.63 -49.67 61.71
C ASN DA 567 -30.11 -50.03 61.76
N GLU DA 568 -30.58 -50.93 60.91
CA GLU DA 568 -31.91 -51.47 61.12
C GLU DA 568 -31.86 -52.77 61.89
N PHE DA 569 -30.74 -53.08 62.50
CA PHE DA 569 -30.65 -54.25 63.36
C PHE DA 569 -29.97 -53.97 64.69
N ASN DA 570 -29.09 -52.98 64.76
CA ASN DA 570 -28.25 -52.79 65.94
C ASN DA 570 -28.13 -51.30 66.25
N THR DA 571 -27.18 -51.00 67.12
CA THR DA 571 -26.82 -49.62 67.46
C THR DA 571 -25.34 -49.60 67.79
N PHE DA 572 -24.58 -48.76 67.11
CA PHE DA 572 -23.14 -48.86 67.10
C PHE DA 572 -22.51 -47.80 67.99
N LEU DA 573 -21.19 -47.70 67.92
CA LEU DA 573 -20.43 -46.58 68.44
C LEU DA 573 -19.12 -46.51 67.66
N ALA DA 574 -18.62 -45.31 67.45
CA ALA DA 574 -17.56 -45.14 66.46
C ALA DA 574 -16.61 -44.04 66.88
N ARG DA 575 -15.65 -43.76 66.00
CA ARG DA 575 -14.63 -42.76 66.26
C ARG DA 575 -14.09 -42.26 64.93
N ILE DA 576 -14.39 -41.01 64.61
CA ILE DA 576 -13.92 -40.36 63.39
C ILE DA 576 -12.74 -39.49 63.77
N SER DA 577 -11.55 -39.89 63.36
CA SER DA 577 -10.31 -39.23 63.75
C SER DA 577 -9.78 -38.40 62.59
N PHE DA 578 -9.47 -37.14 62.86
CA PHE DA 578 -9.03 -36.23 61.81
C PHE DA 578 -7.53 -36.25 61.59
N THR DA 579 -6.90 -37.40 61.82
CA THR DA 579 -5.48 -37.57 61.55
C THR DA 579 -5.19 -37.41 60.07
N LYS DA 580 -3.97 -36.98 59.76
CA LYS DA 580 -3.64 -36.63 58.38
C LYS DA 580 -3.00 -37.80 57.63
N ASN DA 581 -1.88 -38.31 58.12
CA ASN DA 581 -1.23 -39.47 57.52
C ASN DA 581 -1.07 -40.62 58.49
N ALA DA 582 -1.51 -40.48 59.72
CA ALA DA 582 -1.37 -41.52 60.71
C ALA DA 582 -2.29 -42.68 60.39
N ILE DA 583 -2.08 -43.79 61.09
CA ILE DA 583 -2.76 -45.03 60.83
C ILE DA 583 -3.75 -45.26 61.95
N ASP DA 584 -5.00 -45.63 61.59
CA ASP DA 584 -6.05 -45.76 62.59
C ASP DA 584 -5.83 -46.98 63.48
N LEU DA 585 -5.86 -48.16 62.89
CA LEU DA 585 -5.66 -49.38 63.67
C LEU DA 585 -4.24 -49.88 63.49
N GLN DA 586 -3.81 -50.74 64.41
CA GLN DA 586 -2.44 -51.23 64.40
C GLN DA 586 -2.24 -52.19 63.24
N GLY DA 587 -1.39 -51.80 62.29
CA GLY DA 587 -1.25 -52.50 61.03
C GLY DA 587 -1.63 -51.56 59.92
N GLU DA 588 -2.50 -51.99 58.99
CA GLU DA 588 -3.18 -51.16 57.99
C GLU DA 588 -2.24 -50.29 57.17
N PRO DA 589 -1.58 -50.85 56.17
CA PRO DA 589 -0.48 -50.15 55.50
C PRO DA 589 -0.78 -48.80 54.84
N TYR DA 590 -2.04 -48.41 54.64
CA TYR DA 590 -2.26 -47.11 54.01
C TYR DA 590 -3.44 -46.30 54.50
N ARG DA 591 -3.95 -46.53 55.72
CA ARG DA 591 -5.15 -45.89 56.29
C ARG DA 591 -6.35 -46.12 55.38
N ALA DA 592 -6.84 -47.33 55.35
CA ALA DA 592 -7.89 -47.71 54.41
C ALA DA 592 -9.19 -47.02 54.77
N PHE DA 593 -9.72 -46.24 53.84
CA PHE DA 593 -11.01 -45.58 54.01
C PHE DA 593 -12.12 -46.63 53.92
N MET DA 594 -12.76 -46.92 55.04
CA MET DA 594 -13.54 -48.14 55.18
C MET DA 594 -14.92 -47.99 55.80
N ASP DA 595 -15.29 -46.85 56.38
CA ASP DA 595 -16.64 -46.47 56.81
C ASP DA 595 -17.16 -47.24 58.02
N MET DA 596 -16.47 -48.31 58.40
CA MET DA 596 -16.54 -49.14 59.60
C MET DA 596 -15.18 -49.81 59.59
N LYS DA 597 -14.58 -50.07 60.74
CA LYS DA 597 -13.21 -50.55 60.67
C LYS DA 597 -12.87 -51.40 61.89
N ILE DA 598 -12.87 -52.71 61.71
CA ILE DA 598 -12.47 -53.63 62.74
C ILE DA 598 -11.05 -54.10 62.49
N ARG DA 599 -10.47 -54.75 63.48
CA ARG DA 599 -9.19 -55.43 63.35
C ARG DA 599 -9.43 -56.84 63.85
N TYR DA 600 -9.66 -57.76 62.93
CA TYR DA 600 -10.09 -59.10 63.26
C TYR DA 600 -8.97 -60.08 63.02
N THR DA 601 -8.87 -61.06 63.91
CA THR DA 601 -7.99 -62.20 63.72
C THR DA 601 -8.86 -63.39 63.34
N ILE DA 602 -8.49 -64.07 62.27
CA ILE DA 602 -9.27 -65.21 61.79
C ILE DA 602 -9.14 -66.35 62.78
N PRO DA 603 -10.24 -66.97 63.21
CA PRO DA 603 -10.14 -68.06 64.19
C PRO DA 603 -9.60 -69.34 63.59
N SER DA 604 -9.59 -70.42 64.39
CA SER DA 604 -8.98 -71.66 63.95
C SER DA 604 -9.79 -72.34 62.86
N GLY DA 605 -11.02 -72.74 63.18
CA GLY DA 605 -11.77 -73.48 62.20
C GLY DA 605 -12.65 -72.62 61.33
N THR DA 606 -12.12 -72.20 60.19
CA THR DA 606 -12.90 -71.56 59.13
C THR DA 606 -12.57 -72.07 57.74
N TYR DA 607 -11.41 -72.68 57.54
CA TYR DA 607 -10.91 -73.02 56.21
C TYR DA 607 -11.33 -74.44 55.87
N ASN DA 608 -12.26 -74.57 54.92
CA ASN DA 608 -12.57 -75.89 54.38
C ASN DA 608 -11.40 -76.35 53.52
N ASP DA 609 -10.90 -77.56 53.79
CA ASP DA 609 -9.75 -78.06 53.05
C ASP DA 609 -10.11 -78.44 51.63
N ASP DA 610 -11.39 -78.74 51.37
CA ASP DA 610 -11.81 -79.12 50.04
C ASP DA 610 -11.80 -77.92 49.10
N THR DA 611 -12.56 -76.88 49.42
CA THR DA 611 -12.59 -75.69 48.59
C THR DA 611 -11.42 -74.78 48.96
N PHE DA 612 -11.38 -73.59 48.37
CA PHE DA 612 -10.24 -72.71 48.51
C PHE DA 612 -10.48 -71.57 49.50
N THR DA 613 -11.72 -71.28 49.85
CA THR DA 613 -12.06 -70.09 50.61
C THR DA 613 -12.17 -70.39 52.10
N THR DA 614 -12.05 -69.33 52.90
CA THR DA 614 -12.37 -69.36 54.33
C THR DA 614 -13.73 -68.70 54.54
N SER DA 615 -14.35 -69.03 55.66
CA SER DA 615 -15.70 -68.53 55.97
C SER DA 615 -15.61 -67.60 57.17
N ILE DA 616 -15.59 -66.30 56.90
CA ILE DA 616 -15.62 -65.28 57.94
C ILE DA 616 -17.06 -64.87 58.16
N HIS DA 617 -17.49 -64.85 59.41
CA HIS DA 617 -18.90 -64.66 59.76
C HIS DA 617 -19.08 -63.26 60.33
N ILE DA 618 -19.76 -62.39 59.59
CA ILE DA 618 -19.84 -60.97 59.96
C ILE DA 618 -20.63 -60.64 61.23
N PRO DA 619 -21.58 -61.43 61.75
CA PRO DA 619 -22.02 -61.16 63.13
C PRO DA 619 -21.00 -61.44 64.20
N THR DA 620 -19.93 -62.19 63.91
CA THR DA 620 -18.91 -62.42 64.93
C THR DA 620 -17.79 -61.41 64.87
N ILE DA 621 -17.44 -60.90 63.69
CA ILE DA 621 -16.37 -59.92 63.61
C ILE DA 621 -16.85 -58.54 64.06
N TYR DA 622 -18.15 -58.31 64.07
CA TYR DA 622 -18.80 -57.13 64.59
C TYR DA 622 -19.66 -57.57 65.77
N GLY DA 623 -20.49 -56.65 66.25
CA GLY DA 623 -21.43 -57.03 67.27
C GLY DA 623 -22.49 -57.95 66.74
N ALA DA 624 -23.20 -57.51 65.71
CA ALA DA 624 -24.30 -58.28 65.14
C ALA DA 624 -24.51 -57.80 63.70
N ASN DA 625 -25.69 -58.10 63.16
CA ASN DA 625 -25.95 -58.07 61.73
C ASN DA 625 -25.85 -56.67 61.14
N PHE DA 626 -25.86 -56.62 59.81
CA PHE DA 626 -25.75 -55.43 59.00
C PHE DA 626 -26.96 -55.31 58.09
N GLY DA 627 -26.93 -54.30 57.23
CA GLY DA 627 -27.98 -54.10 56.25
C GLY DA 627 -27.48 -54.37 54.86
N ARG DA 628 -27.16 -53.31 54.12
CA ARG DA 628 -26.66 -53.46 52.78
C ARG DA 628 -25.55 -52.45 52.52
N GLY DA 629 -24.59 -52.86 51.69
CA GLY DA 629 -23.42 -52.07 51.41
C GLY DA 629 -22.34 -52.94 50.82
N LYS DA 630 -21.28 -52.29 50.36
CA LYS DA 630 -20.17 -52.98 49.73
C LYS DA 630 -19.05 -53.12 50.74
N ILE DA 631 -18.54 -54.34 50.90
CA ILE DA 631 -17.64 -54.68 51.99
C ILE DA 631 -16.26 -54.99 51.42
N THR DA 632 -15.24 -54.33 51.97
CA THR DA 632 -13.87 -54.43 51.49
C THR DA 632 -13.04 -55.08 52.58
N VAL DA 633 -12.22 -56.05 52.20
CA VAL DA 633 -11.36 -56.78 53.10
C VAL DA 633 -9.92 -56.50 52.73
N LEU DA 634 -9.14 -56.02 53.69
CA LEU DA 634 -7.77 -55.61 53.47
C LEU DA 634 -6.85 -56.42 54.38
N GLU DA 635 -5.65 -56.71 53.88
CA GLU DA 635 -4.67 -57.60 54.51
C GLU DA 635 -3.38 -56.82 54.74
N PRO DA 636 -2.38 -57.33 55.48
CA PRO DA 636 -1.14 -56.55 55.66
C PRO DA 636 -0.31 -56.41 54.40
N ASP DA 637 -0.58 -57.18 53.36
CA ASP DA 637 -0.02 -56.96 52.04
C ASP DA 637 -0.88 -55.92 51.32
N GLY DA 638 -0.73 -55.78 50.02
CA GLY DA 638 -1.61 -54.90 49.29
C GLY DA 638 -2.86 -55.58 48.80
N LYS DA 639 -3.25 -56.68 49.45
CA LYS DA 639 -4.37 -57.48 49.00
C LYS DA 639 -5.67 -56.80 49.38
N ILE DA 640 -6.47 -56.49 48.38
CA ILE DA 640 -7.74 -55.81 48.55
C ILE DA 640 -8.80 -56.64 47.84
N THR DA 641 -9.71 -57.24 48.59
CA THR DA 641 -10.80 -57.99 47.99
C THR DA 641 -12.11 -57.29 48.26
N VAL DA 642 -12.89 -57.09 47.21
CA VAL DA 642 -14.16 -56.38 47.28
C VAL DA 642 -15.28 -57.40 47.17
N PHE DA 643 -16.17 -57.40 48.15
CA PHE DA 643 -17.32 -58.29 48.16
C PHE DA 643 -18.58 -57.49 47.89
N GLU DA 644 -19.33 -57.88 46.87
CA GLU DA 644 -20.59 -57.20 46.62
C GLU DA 644 -21.65 -57.68 47.60
N GLN DA 645 -22.72 -56.90 47.70
CA GLN DA 645 -23.77 -57.24 48.63
C GLN DA 645 -24.65 -58.35 48.02
N PRO DA 646 -25.27 -59.17 48.86
CA PRO DA 646 -26.28 -60.10 48.36
C PRO DA 646 -27.54 -59.36 47.99
N THR DA 647 -28.45 -60.09 47.33
CA THR DA 647 -29.67 -59.46 46.83
C THR DA 647 -30.62 -59.10 47.96
N ALA DA 648 -30.78 -59.98 48.93
CA ALA DA 648 -31.50 -59.61 50.15
C ALA DA 648 -30.64 -58.74 51.04
N GLY DA 649 -29.38 -59.14 51.23
CA GLY DA 649 -28.37 -58.28 51.80
C GLY DA 649 -28.05 -58.52 53.25
N TRP DA 650 -26.97 -59.28 53.49
CA TRP DA 650 -26.26 -59.41 54.78
C TRP DA 650 -27.15 -59.84 55.94
N ASN DA 651 -28.33 -60.38 55.66
CA ASN DA 651 -29.10 -61.10 56.65
C ASN DA 651 -29.52 -62.47 56.16
N SER DA 652 -29.70 -62.64 54.85
CA SER DA 652 -29.87 -63.98 54.29
C SER DA 652 -28.52 -64.64 54.06
N ASP DA 653 -27.50 -63.89 53.66
CA ASP DA 653 -26.15 -64.40 53.45
C ASP DA 653 -25.22 -63.60 54.34
N PRO DA 654 -25.04 -64.02 55.57
CA PRO DA 654 -24.16 -63.28 56.48
C PRO DA 654 -22.71 -63.69 56.36
N TRP DA 655 -22.34 -64.37 55.30
CA TRP DA 655 -20.99 -64.90 55.18
C TRP DA 655 -20.12 -64.00 54.31
N LEU DA 656 -18.81 -64.25 54.38
CA LEU DA 656 -17.82 -63.44 53.71
C LEU DA 656 -16.72 -64.37 53.24
N ARG DA 657 -16.71 -64.67 51.94
CA ARG DA 657 -15.95 -65.80 51.39
C ARG DA 657 -14.56 -65.33 50.96
N LEU DA 658 -13.67 -65.19 51.93
CA LEU DA 658 -12.32 -64.74 51.65
C LEU DA 658 -11.53 -65.88 51.04
N SER DA 659 -10.88 -65.62 49.90
CA SER DA 659 -10.20 -66.66 49.14
C SER DA 659 -8.74 -66.78 49.55
N GLY DA 660 -8.33 -68.00 49.91
CA GLY DA 660 -7.01 -68.33 50.38
C GLY DA 660 -7.10 -69.13 51.65
N ASN DA 661 -5.95 -69.43 52.24
CA ASN DA 661 -5.90 -70.13 53.52
C ASN DA 661 -5.56 -69.11 54.61
N LEU DA 662 -6.49 -68.90 55.50
CA LEU DA 662 -6.36 -67.91 56.57
C LEU DA 662 -6.41 -68.64 57.90
N GLU DA 663 -5.25 -69.02 58.43
CA GLU DA 663 -5.20 -69.62 59.75
C GLU DA 663 -5.31 -68.53 60.81
N GLY DA 664 -4.31 -67.67 60.87
CA GLY DA 664 -4.42 -66.47 61.67
C GLY DA 664 -3.57 -65.37 61.09
N ARG DA 665 -4.21 -64.25 60.77
CA ARG DA 665 -3.58 -63.16 60.05
C ARG DA 665 -4.48 -61.95 60.17
N MET DA 666 -3.89 -60.77 60.34
CA MET DA 666 -4.67 -59.58 60.64
C MET DA 666 -5.47 -59.15 59.41
N VAL DA 667 -6.78 -59.10 59.56
CA VAL DA 667 -7.70 -58.83 58.47
C VAL DA 667 -8.54 -57.61 58.83
N TYR DA 668 -8.51 -56.60 57.98
CA TYR DA 668 -9.23 -55.35 58.20
C TYR DA 668 -10.42 -55.30 57.27
N ILE DA 669 -11.62 -55.23 57.84
CA ILE DA 669 -12.84 -55.35 57.08
C ILE DA 669 -13.67 -54.09 57.31
N GLY DA 670 -14.20 -53.53 56.22
CA GLY DA 670 -15.07 -52.39 56.38
C GLY DA 670 -16.00 -52.19 55.21
N PHE DA 671 -16.83 -51.16 55.31
CA PHE DA 671 -17.73 -50.78 54.24
C PHE DA 671 -16.97 -49.93 53.22
N ASN DA 672 -17.70 -49.24 52.37
CA ASN DA 672 -17.06 -48.30 51.46
C ASN DA 672 -17.74 -46.95 51.51
N ILE DA 673 -16.92 -45.90 51.52
CA ILE DA 673 -17.39 -44.54 51.39
C ILE DA 673 -18.04 -44.37 50.02
N ASN DA 674 -19.11 -43.60 49.97
CA ASN DA 674 -19.70 -43.19 48.69
C ASN DA 674 -19.42 -41.70 48.55
N PHE DA 675 -18.28 -41.37 47.96
CA PHE DA 675 -17.88 -39.99 47.77
C PHE DA 675 -18.39 -39.48 46.44
N VAL DA 676 -19.15 -38.38 46.47
CA VAL DA 676 -19.74 -37.78 45.28
C VAL DA 676 -19.50 -36.28 45.35
N TYR DA 677 -19.09 -35.69 44.25
CA TYR DA 677 -18.93 -34.24 44.18
C TYR DA 677 -19.15 -33.78 42.76
N GLU DA 678 -20.04 -32.82 42.56
CA GLU DA 678 -20.18 -32.17 41.27
C GLU DA 678 -19.42 -30.86 41.31
N PHE DA 679 -18.95 -30.41 40.14
CA PHE DA 679 -18.05 -29.26 40.16
C PHE DA 679 -18.79 -27.95 40.23
N SER DA 680 -19.54 -27.64 39.17
CA SER DA 680 -20.60 -26.65 39.04
C SER DA 680 -21.00 -26.77 37.59
N LYS DA 681 -21.99 -26.03 37.14
CA LYS DA 681 -22.14 -25.82 35.72
C LYS DA 681 -21.00 -24.90 35.31
N PHE DA 682 -20.11 -25.41 34.45
CA PHE DA 682 -18.98 -24.62 33.98
C PHE DA 682 -19.43 -23.43 33.15
N LEU DA 683 -19.13 -22.22 33.58
CA LEU DA 683 -19.31 -21.05 32.74
C LEU DA 683 -18.28 -20.01 33.15
N ILE DA 684 -18.30 -18.87 32.45
CA ILE DA 684 -17.37 -17.77 32.71
C ILE DA 684 -17.65 -17.19 34.08
N LYS DA 685 -16.63 -17.14 34.94
CA LYS DA 685 -16.77 -16.52 36.25
C LYS DA 685 -15.62 -15.55 36.43
N GLN DA 686 -15.90 -14.27 36.22
CA GLN DA 686 -14.89 -13.22 36.32
C GLN DA 686 -15.21 -12.30 37.50
N THR DA 687 -14.17 -11.86 38.19
CA THR DA 687 -14.34 -11.09 39.42
C THR DA 687 -14.68 -9.65 39.08
N ALA DA 688 -15.78 -9.16 39.63
CA ALA DA 688 -16.31 -7.84 39.28
C ALA DA 688 -15.77 -6.80 40.25
N ASP DA 689 -14.46 -6.56 40.16
CA ASP DA 689 -13.74 -5.44 40.79
C ASP DA 689 -13.86 -5.48 42.31
N ASP DA 690 -13.27 -6.54 42.89
CA ASP DA 690 -12.95 -6.65 44.32
C ASP DA 690 -14.20 -6.60 45.19
N GLY DA 691 -14.97 -7.68 45.13
CA GLY DA 691 -16.02 -7.86 46.11
C GLY DA 691 -17.28 -8.57 45.67
N SER DA 692 -17.41 -8.84 44.37
CA SER DA 692 -18.55 -9.59 43.88
C SER DA 692 -18.10 -10.46 42.73
N THR DA 693 -18.77 -11.59 42.58
CA THR DA 693 -18.50 -12.51 41.49
C THR DA 693 -19.70 -12.53 40.57
N SER DA 694 -19.61 -11.80 39.47
CA SER DA 694 -20.64 -11.79 38.45
C SER DA 694 -20.23 -12.73 37.34
N THR DA 695 -21.11 -13.66 37.01
CA THR DA 695 -20.80 -14.67 36.02
C THR DA 695 -21.53 -14.33 34.73
N GLU DA 696 -20.95 -14.75 33.61
CA GLU DA 696 -21.31 -14.23 32.30
C GLU DA 696 -22.23 -15.22 31.59
N ASP DA 697 -23.43 -14.76 31.25
CA ASP DA 697 -24.49 -15.61 30.74
C ASP DA 697 -24.69 -15.51 29.25
N ILE DA 698 -24.42 -14.34 28.66
CA ILE DA 698 -24.75 -14.09 27.27
C ILE DA 698 -23.82 -14.89 26.36
N GLY DA 699 -24.39 -15.63 25.44
CA GLY DA 699 -23.59 -16.32 24.46
C GLY DA 699 -23.50 -17.81 24.77
N ARG DA 700 -23.02 -18.55 23.77
CA ARG DA 700 -22.87 -19.98 23.84
C ARG DA 700 -21.42 -20.32 24.09
N LEU DA 701 -21.17 -21.10 25.13
CA LEU DA 701 -19.81 -21.52 25.47
C LEU DA 701 -19.69 -23.01 25.20
N GLN DA 702 -19.05 -23.37 24.10
CA GLN DA 702 -18.82 -24.77 23.78
C GLN DA 702 -17.53 -25.24 24.43
N LEU DA 703 -17.64 -26.12 25.40
CA LEU DA 703 -16.48 -26.64 26.08
C LEU DA 703 -15.67 -27.54 25.16
N ARG DA 704 -14.38 -27.64 25.45
CA ARG DA 704 -13.53 -28.63 24.81
C ARG DA 704 -13.00 -29.65 25.82
N ARG DA 705 -12.32 -29.20 26.87
CA ARG DA 705 -11.73 -30.11 27.84
C ARG DA 705 -11.88 -29.54 29.24
N ALA DA 706 -11.50 -30.35 30.22
CA ALA DA 706 -11.43 -29.96 31.61
C ALA DA 706 -10.36 -30.82 32.29
N TRP DA 707 -10.04 -30.49 33.53
CA TRP DA 707 -9.01 -31.24 34.23
C TRP DA 707 -9.25 -31.20 35.72
N VAL DA 708 -8.64 -32.16 36.43
CA VAL DA 708 -8.71 -32.25 37.87
C VAL DA 708 -7.29 -32.35 38.40
N ASN DA 709 -6.83 -31.32 39.11
CA ASN DA 709 -5.52 -31.36 39.75
C ASN DA 709 -5.62 -32.21 41.02
N TYR DA 710 -4.89 -33.31 41.05
CA TYR DA 710 -4.87 -34.21 42.18
C TYR DA 710 -3.48 -34.31 42.77
N GLU DA 711 -3.40 -34.47 44.09
CA GLU DA 711 -2.13 -34.45 44.80
C GLU DA 711 -2.08 -35.59 45.80
N ASN DA 712 -1.23 -36.59 45.52
CA ASN DA 712 -0.98 -37.74 46.38
C ASN DA 712 -2.27 -38.52 46.63
N SER DA 713 -2.92 -38.92 45.53
CA SER DA 713 -4.27 -39.48 45.59
C SER DA 713 -4.32 -40.82 44.89
N GLY DA 714 -5.46 -41.47 44.99
CA GLY DA 714 -5.63 -42.80 44.46
C GLY DA 714 -6.35 -42.82 43.13
N THR DA 715 -7.32 -43.71 42.98
CA THR DA 715 -8.06 -43.85 41.75
C THR DA 715 -9.47 -43.31 41.89
N PHE DA 716 -9.96 -42.64 40.85
CA PHE DA 716 -11.30 -42.07 40.87
C PHE DA 716 -11.86 -42.01 39.46
N ASP DA 717 -13.16 -41.67 39.37
CA ASP DA 717 -13.93 -41.80 38.14
C ASP DA 717 -14.75 -40.55 37.87
N ILE DA 718 -14.38 -39.80 36.84
CA ILE DA 718 -15.00 -38.51 36.56
C ILE DA 718 -16.12 -38.75 35.56
N TYR DA 719 -17.33 -38.96 36.06
CA TYR DA 719 -18.47 -39.17 35.20
C TYR DA 719 -18.91 -37.84 34.59
N VAL DA 720 -19.24 -37.87 33.31
CA VAL DA 720 -19.67 -36.69 32.56
C VAL DA 720 -21.00 -37.01 31.90
N GLU DA 721 -22.03 -36.25 32.26
CA GLU DA 721 -23.35 -36.46 31.69
C GLU DA 721 -23.67 -35.29 30.77
N ASN DA 722 -24.56 -35.53 29.83
CA ASN DA 722 -24.97 -34.57 28.82
C ASN DA 722 -26.49 -34.55 28.82
N GLN DA 723 -27.08 -33.95 27.77
CA GLN DA 723 -28.52 -34.04 27.62
C GLN DA 723 -28.98 -35.48 27.43
N SER DA 724 -28.39 -36.18 26.47
CA SER DA 724 -28.77 -37.56 26.19
C SER DA 724 -27.54 -38.42 25.96
N SER DA 725 -26.55 -38.31 26.85
CA SER DA 725 -25.33 -39.07 26.70
C SER DA 725 -24.72 -39.35 28.06
N ASN DA 726 -23.75 -40.23 28.08
CA ASN DA 726 -23.07 -40.63 29.31
C ASN DA 726 -21.64 -41.02 29.00
N TRP DA 727 -20.73 -40.70 29.91
CA TRP DA 727 -19.32 -41.03 29.76
C TRP DA 727 -18.71 -41.34 31.12
N LYS DA 728 -17.68 -42.18 31.14
CA LYS DA 728 -17.18 -42.66 32.42
C LYS DA 728 -15.85 -42.06 32.85
N TYR DA 729 -14.80 -42.16 32.01
CA TYR DA 729 -13.49 -41.53 32.22
C TYR DA 729 -12.82 -41.94 33.54
N THR DA 730 -12.43 -43.20 33.61
CA THR DA 730 -11.70 -43.67 34.79
C THR DA 730 -10.31 -43.06 34.85
N MET DA 731 -9.64 -43.28 35.97
CA MET DA 731 -8.28 -42.78 36.12
C MET DA 731 -7.55 -43.77 37.03
N ALA DA 732 -6.60 -44.49 36.47
CA ALA DA 732 -5.93 -45.57 37.18
C ALA DA 732 -4.87 -45.02 38.11
N GLY DA 733 -4.00 -45.87 38.62
CA GLY DA 733 -2.94 -45.44 39.50
C GLY DA 733 -1.80 -44.78 38.76
N ALA DA 734 -0.64 -44.75 39.42
CA ALA DA 734 0.55 -44.16 38.83
C ALA DA 734 1.32 -45.13 37.96
N ARG DA 735 0.71 -46.27 37.59
CA ARG DA 735 1.26 -47.37 36.76
C ARG DA 735 2.74 -47.70 36.93
N ARG DA 745 1.96 -51.79 43.30
CA ARG DA 745 1.44 -51.64 44.66
C ARG DA 745 0.31 -50.61 44.72
N LEU DA 746 0.43 -49.68 45.65
CA LEU DA 746 -0.51 -48.58 45.79
C LEU DA 746 -0.40 -47.63 44.62
N ASN DA 747 0.77 -47.02 44.48
CA ASN DA 747 1.10 -46.05 43.43
C ASN DA 747 0.16 -44.85 43.46
N LEU DA 748 0.23 -44.10 44.55
CA LEU DA 748 -0.45 -42.83 44.61
C LEU DA 748 0.28 -41.81 43.75
N GLY DA 749 -0.47 -41.05 42.94
CA GLY DA 749 0.10 -40.13 41.98
C GLY DA 749 -0.20 -38.69 42.30
N THR DA 750 0.58 -37.81 41.67
CA THR DA 750 0.54 -36.39 41.99
C THR DA 750 0.55 -35.59 40.69
N GLY DA 751 -0.32 -35.95 39.75
CA GLY DA 751 -0.29 -35.29 38.46
C GLY DA 751 -1.52 -34.46 38.14
N GLN DA 752 -1.97 -34.52 36.89
CA GLN DA 752 -3.10 -33.73 36.41
C GLN DA 752 -3.82 -34.54 35.35
N TYR DA 753 -4.97 -35.11 35.70
CA TYR DA 753 -5.75 -35.90 34.76
C TYR DA 753 -6.61 -34.95 33.93
N ARG DA 754 -6.55 -35.12 32.62
CA ARG DA 754 -7.13 -34.17 31.66
C ARG DA 754 -8.18 -34.91 30.85
N PHE DA 755 -9.45 -34.66 31.14
CA PHE DA 755 -10.52 -35.37 30.48
C PHE DA 755 -11.32 -34.45 29.58
N PRO DA 756 -11.77 -34.93 28.45
CA PRO DA 756 -12.57 -34.08 27.57
C PRO DA 756 -14.03 -34.06 27.93
N VAL DA 757 -14.60 -32.87 28.01
CA VAL DA 757 -16.04 -32.68 28.12
C VAL DA 757 -16.46 -31.79 26.96
N VAL DA 758 -17.45 -32.24 26.21
CA VAL DA 758 -17.87 -31.57 24.99
C VAL DA 758 -19.36 -31.28 25.09
N GLY DA 759 -19.72 -30.03 24.86
CA GLY DA 759 -21.14 -29.72 24.89
C GLY DA 759 -21.38 -28.22 24.92
N ASN DA 760 -22.46 -27.85 25.59
CA ASN DA 760 -22.96 -26.49 25.61
C ASN DA 760 -22.55 -25.74 26.87
N ALA DA 761 -22.07 -26.45 27.89
CA ALA DA 761 -21.67 -25.99 29.23
C ALA DA 761 -22.82 -25.47 30.06
N LYS DA 762 -24.00 -25.39 29.48
CA LYS DA 762 -25.24 -25.15 30.18
C LYS DA 762 -25.96 -26.47 30.41
N PHE DA 763 -25.45 -27.53 29.81
CA PHE DA 763 -26.03 -28.85 29.93
C PHE DA 763 -25.05 -29.94 30.31
N ASN DA 764 -23.75 -29.64 30.31
CA ASN DA 764 -22.79 -30.59 30.86
C ASN DA 764 -22.78 -30.52 32.37
N THR DA 765 -22.53 -31.65 32.99
CA THR DA 765 -22.45 -31.72 34.45
C THR DA 765 -21.47 -32.82 34.80
N VAL DA 766 -20.32 -32.44 35.33
CA VAL DA 766 -19.25 -33.38 35.63
C VAL DA 766 -19.29 -33.72 37.10
N TYR DA 767 -19.20 -34.99 37.44
CA TYR DA 767 -19.24 -35.37 38.84
C TYR DA 767 -18.28 -36.51 39.12
N ILE DA 768 -17.61 -36.44 40.26
CA ILE DA 768 -16.51 -37.32 40.60
C ILE DA 768 -16.95 -38.31 41.67
N LEU DA 769 -16.74 -39.59 41.39
CA LEU DA 769 -16.97 -40.68 42.32
C LEU DA 769 -15.64 -41.22 42.78
N SER DA 770 -15.66 -41.90 43.92
CA SER DA 770 -14.53 -42.69 44.39
C SER DA 770 -15.03 -43.67 45.43
N ASP DA 771 -14.71 -44.94 45.25
CA ASP DA 771 -15.05 -45.97 46.20
C ASP DA 771 -13.86 -46.80 46.64
N GLU DA 772 -12.75 -46.72 45.93
CA GLU DA 772 -11.73 -47.76 46.01
C GLU DA 772 -10.68 -47.47 47.06
N THR DA 773 -11.09 -47.14 48.29
CA THR DA 773 -10.33 -47.36 49.53
C THR DA 773 -9.09 -46.47 49.65
N THR DA 774 -8.75 -45.73 48.61
CA THR DA 774 -7.56 -44.91 48.57
C THR DA 774 -7.92 -43.45 48.79
N PRO DA 775 -7.03 -42.66 49.35
CA PRO DA 775 -7.31 -41.24 49.54
C PRO DA 775 -7.39 -40.49 48.21
N LEU DA 776 -8.02 -39.33 48.28
CA LEU DA 776 -8.32 -38.51 47.12
C LEU DA 776 -8.15 -37.06 47.52
N ASN DA 777 -7.31 -36.31 46.81
CA ASN DA 777 -7.09 -34.90 47.15
C ASN DA 777 -7.25 -34.09 45.87
N ILE DA 778 -8.45 -33.58 45.63
CA ILE DA 778 -8.68 -32.70 44.49
C ILE DA 778 -8.31 -31.29 44.92
N ILE DA 779 -7.19 -30.78 44.42
CA ILE DA 779 -6.72 -29.47 44.85
C ILE DA 779 -7.08 -28.35 43.89
N GLY DA 780 -7.71 -28.66 42.76
CA GLY DA 780 -8.13 -27.62 41.85
C GLY DA 780 -8.64 -28.21 40.56
N CYS DA 781 -9.32 -27.37 39.79
CA CYS DA 781 -9.82 -27.81 38.50
C CYS DA 781 -9.73 -26.64 37.53
N GLY DA 782 -10.28 -26.83 36.34
CA GLY DA 782 -10.25 -25.79 35.35
C GLY DA 782 -10.64 -26.37 34.00
N TRP DA 783 -11.11 -25.49 33.13
CA TRP DA 783 -11.68 -25.93 31.87
C TRP DA 783 -11.14 -25.10 30.72
N GLU DA 784 -11.63 -25.40 29.53
CA GLU DA 784 -11.07 -24.83 28.31
C GLU DA 784 -12.16 -24.86 27.24
N GLY DA 785 -12.81 -23.72 27.02
CA GLY DA 785 -13.98 -23.68 26.15
C GLY DA 785 -13.77 -22.90 24.86
N ASN DA 786 -14.85 -22.51 24.17
CA ASN DA 786 -14.71 -21.77 22.92
C ASN DA 786 -15.28 -20.35 23.04
N TYR DA 787 -16.56 -20.21 23.37
CA TYR DA 787 -17.22 -18.94 23.70
C TYR DA 787 -17.16 -17.86 22.62
N LEU DA 788 -17.90 -18.02 21.53
CA LEU DA 788 -18.20 -16.91 20.66
C LEU DA 788 -19.46 -16.20 21.14
N ARG DA 789 -19.44 -14.87 21.08
CA ARG DA 789 -20.53 -14.05 21.57
C ARG DA 789 -21.01 -13.12 20.46
N ARG DA 790 -22.26 -13.29 20.03
CA ARG DA 790 -22.82 -12.45 18.98
C ARG DA 790 -23.52 -11.24 19.56
N SER DA 791 -22.80 -10.48 20.37
CA SER DA 791 -23.25 -9.21 20.92
C SER DA 791 -22.02 -8.45 21.40
N SER DA 792 -22.23 -7.38 22.15
CA SER DA 792 -21.14 -6.67 22.80
C SER DA 792 -21.62 -6.26 24.19
N GLY DA 793 -20.86 -5.41 24.85
CA GLY DA 793 -21.14 -5.10 26.24
C GLY DA 793 -21.86 -3.79 26.44
N ILE DA 794 -21.12 -2.76 26.84
CA ILE DA 794 -21.61 -1.41 27.11
C ILE DA 794 -22.76 -1.39 28.10
#